data_6X66
#
_entry.id   6X66
#
_cell.length_a   1.00
_cell.length_b   1.00
_cell.length_c   1.00
_cell.angle_alpha   90.00
_cell.angle_beta   90.00
_cell.angle_gamma   90.00
#
_symmetry.space_group_name_H-M   'P 1'
#
loop_
_entity.id
_entity.type
_entity.pdbx_description
1 polymer DotC
2 polymer DotD
3 polymer 'Type IV secretion protein IcmK'
4 polymer 'Inner membrane lipoprotein YiaD'
5 polymer 'Type IV secretion system unknown protein fragment'
6 polymer 'Outer membrane protein, OmpA family protein'
#
loop_
_entity_poly.entity_id
_entity_poly.type
_entity_poly.pdbx_seq_one_letter_code
_entity_poly.pdbx_strand_id
1 'polypeptide(L)'
;MRKFILSLSILLSALLVACSSRNHYGDTGSLAGLQAMADSKYTRAQKKQKMGKIREMALKETALSVGAQAGLAWRAKIID
EQLNKQARNLDAIYDFNSLVLEHNILPPVLLEGRNTLNLADAQSIRISDRTYKVAKQAHFITTPPTWRQYLWMDYVKPEA
PNVTLLPKTKAEKEIWCIYTERGWKNGIDQANTILEENIARIKEDFGGMILYRKLLAMNMVSPPYVSHTDLGVTGDGSEI
HIDDRVLRITALPELNVNSAEWRAAVAKDENALERFKNMEKLANQAKIVITNKSWQPIIAPVS
;
AC,BC,CC,DC,EC,FC,GC,HC,IC,JC,KC,LC,MC
2 'polypeptide(L)'
;MNNNKIVIMFIFSALLAGCAGTMKFKKPPINNPSDDATIKLAEAAVSVSDSMLEMAKVEKVITPPSKDNTLTIPNAYNLQ
ARASVDWSGPIEELTARIAKAAHFRFRVLGKSPSVPVLISISTKDESLAEILRDIDYQAGKKASIHVYPNSQVVELRYAK
IYS
;
AD,Ad,BD,Bd,CD,Cd,DD,Dd,ED,Ed,FD,Fd,GD,Gd,HD,Hd,ID,Id,JD,Jd,KD,Kd,LD,Ld,MD,Md
3 'polypeptide(L)'
;MMKKYDQLCKYCLVIGLTFSMSCSIYAADQSDDAQQALQQLRMLQQKLSQNPSPDAQSGAGDGGDNAASDSTQQPNQSGQ
ANAPAANQTATAGGDGQIISQDDAEVIDKKAFKDMTRNLYPLNPEQVVKLKQIYETSEYAKAATPGTPPKPTATSQFVNL
SPGSTPPVIRLSQGFVSSLVFLDSTGAPWPIAAYDLGDPSSFNIQWDKTSNTLMIQATKLYNYGNLAVRLRGLNTPVMLT
LIPGQKAVDYRVDLRVQGYGPNAKSMPTEEGIPPSANDLLLHVLEGVPPPGSRRLVVSGGDARAWLSNEKMYVRTNLTIL
SPGWLASMTSADGTHAYEMQKSPVLLVSWHGKVMQLKVEGL
;
AH,BH,CH,DH,EH,FH,GH,HH,IH,JH,KH,LH,MH
4 'polypeptide(L)'
;MRSLRTNYIYVLFKTTGLLFLLLLSACNRSGYIPENEVPKLPCRVDGACDATIIKMMTDLNKKGIKVASVGQNYLISIPA
SALFADQSPRLNWASYSLLNEIAAFLKQFRKIAITVTSYSSKYVSVKRERALTLARSRVVSEYLWSQGVDSRIIFTQGLG
SDKPITSYTLGGDRSPNARVEITFRRAVA
;
AK,BK,CK,DK,EK,FK,GK,HK,IK,JK,KK,LK,MK
5 'polypeptide(L)'
;(UNK)(UNK)(UNK)(UNK)(UNK)(UNK)(UNK)(UNK)(UNK)(UNK)(UNK)(UNK)(UNK)(UNK)(UNK)(UNK)
(UNK)(UNK)(UNK)(UNK)(UNK)(UNK)(UNK)(UNK)(UNK)(UNK)(UNK)(UNK)(UNK)(UNK)(UNK)(UNK)
(UNK)(UNK)(UNK)(UNK)(UNK)(UNK)(UNK)(UNK)(UNK)(UNK)(UNK)(UNK)(UNK)(UNK)(UNK)(UNK)
(UNK)(UNK)(UNK)(UNK)(UNK)(UNK)(UNK)(UNK)(UNK)(UNK)(UNK)(UNK)(UNK)(UNK)(UNK)(UNK)
(UNK)(UNK)(UNK)(UNK)(UNK)(UNK)(UNK)(UNK)(UNK)(UNK)(UNK)(UNK)(UNK)(UNK)(UNK)(UNK)
(UNK)(UNK)(UNK)(UNK)(UNK)(UNK)(UNK)(UNK)(UNK)(UNK)(UNK)(UNK)(UNK)(UNK)(UNK)(UNK)
(UNK)(UNK)(UNK)(UNK)(UNK)(UNK)(UNK)(UNK)(UNK)(UNK)(UNK)(UNK)(UNK)(UNK)(UNK)(UNK)
(UNK)(UNK)(UNK)(UNK)(UNK)(UNK)(UNK)(UNK)(UNK)(UNK)(UNK)(UNK)(UNK)(UNK)(UNK)(UNK)
(UNK)(UNK)(UNK)(UNK)(UNK)(UNK)(UNK)(UNK)(UNK)(UNK)(UNK)(UNK)(UNK)(UNK)(UNK)(UNK)
(UNK)(UNK)(UNK)(UNK)(UNK)(UNK)(UNK)(UNK)(UNK)(UNK)(UNK)(UNK)(UNK)(UNK)(UNK)(UNK)
(UNK)(UNK)(UNK)(UNK)(UNK)(UNK)(UNK)(UNK)(UNK)(UNK)(UNK)(UNK)(UNK)(UNK)(UNK)(UNK)
(UNK)(UNK)(UNK)(UNK)(UNK)(UNK)(UNK)(UNK)(UNK)(UNK)(UNK)(UNK)(UNK)(UNK)(UNK)(UNK)
(UNK)(UNK)(UNK)(UNK)(UNK)(UNK)(UNK)(UNK)(UNK)(UNK)(UNK)(UNK)(UNK)(UNK)(UNK)(UNK)
(UNK)(UNK)(UNK)(UNK)(UNK)(UNK)(UNK)(UNK)(UNK)(UNK)(UNK)(UNK)(UNK)(UNK)(UNK)(UNK)
(UNK)(UNK)(UNK)(UNK)(UNK)(UNK)(UNK)(UNK)(UNK)(UNK)(UNK)(UNK)(UNK)(UNK)(UNK)(UNK)
(UNK)(UNK)(UNK)(UNK)(UNK)(UNK)(UNK)(UNK)(UNK)(UNK)(UNK)(UNK)(UNK)(UNK)(UNK)(UNK)
(UNK)(UNK)(UNK)(UNK)(UNK)(UNK)(UNK)(UNK)(UNK)(UNK)(UNK)(UNK)(UNK)(UNK)(UNK)(UNK)
(UNK)(UNK)(UNK)(UNK)(UNK)(UNK)(UNK)(UNK)(UNK)(UNK)(UNK)(UNK)(UNK)(UNK)(UNK)(UNK)
(UNK)(UNK)(UNK)(UNK)(UNK)(UNK)(UNK)(UNK)(UNK)(UNK)(UNK)(UNK)(UNK)(UNK)(UNK)(UNK)
(UNK)(UNK)(UNK)(UNK)(UNK)(UNK)(UNK)(UNK)(UNK)(UNK)(UNK)(UNK)(UNK)(UNK)(UNK)(UNK)
(UNK)(UNK)(UNK)(UNK)(UNK)(UNK)(UNK)(UNK)(UNK)(UNK)
;
AX,AY,AZ,BX,BY,BZ,CX,CY,CZ,DX,DY,DZ,EX,EY,EZ,FX,FY,FZ,GX,GY,GZ,HX,HY,HZ,IX,IY,IZ,JX,JY,JZ,KX,KY,KZ,LX,LY,LZ,MX,MY,MZ
6 'polypeptide(L)'
;MRNLMRCLIMIKSLIKGVDMSRKLAKTRILGYGLMICFLAGCFHPPYNNFQPDRRAVKRVGVDTGIGAVAGAIASGTASG
TLIGAAAGGTVGLVASIYRDSKRKIIRDLQKQDIQYVEYGDTRTLIIPTDKYFMFSSPRLNEICYPGLNNVIRLLNFYPQ
STIYVAGFTDNVGSRSHKRKLSQAQAETMMTFLWANGIAAKRLKAEGYGDKNAISDNAIIHGSAQNRRIEIQWFTSPAQP
PQPQMAYVK
;
AA,BA,CA,DA,EA,FA,GA,HA,IA,JA,KA,LA,QA
#
# COMPACT_ATOMS: atom_id res chain seq x y z
N ALA A 58 -56.78 49.51 10.83
CA ALA A 58 -56.07 48.58 11.69
C ALA A 58 -56.69 48.62 13.08
N LEU A 59 -56.05 49.39 13.98
CA LEU A 59 -56.67 49.84 15.22
C LEU A 59 -57.98 50.51 14.91
N LYS A 60 -57.92 51.28 13.85
CA LYS A 60 -59.03 51.76 13.08
C LYS A 60 -60.08 50.69 12.85
N GLU A 61 -59.75 49.65 12.07
CA GLU A 61 -60.77 48.71 11.63
C GLU A 61 -61.30 47.90 12.78
N THR A 62 -60.48 47.62 13.77
CA THR A 62 -61.04 46.95 14.92
C THR A 62 -61.87 47.85 15.80
N ALA A 63 -61.63 49.16 15.80
CA ALA A 63 -62.54 50.03 16.52
C ALA A 63 -63.90 50.05 15.82
N LEU A 64 -63.86 50.09 14.50
CA LEU A 64 -65.05 49.88 13.68
C LEU A 64 -65.76 48.59 14.02
N SER A 65 -65.03 47.49 14.02
CA SER A 65 -65.65 46.19 14.16
C SER A 65 -66.08 45.92 15.58
N VAL A 66 -65.42 46.56 16.54
CA VAL A 66 -65.94 46.63 17.89
C VAL A 66 -67.30 47.27 17.89
N GLY A 67 -67.45 48.37 17.16
CA GLY A 67 -68.78 48.91 17.02
C GLY A 67 -69.76 48.05 16.27
N ALA A 68 -69.26 47.28 15.29
CA ALA A 68 -70.11 46.70 14.26
C ALA A 68 -71.08 45.71 14.85
N GLN A 69 -70.55 44.65 15.46
CA GLN A 69 -71.37 43.69 16.15
C GLN A 69 -72.12 44.31 17.33
N ALA A 70 -71.56 45.36 17.94
CA ALA A 70 -72.19 45.97 19.11
C ALA A 70 -73.52 46.60 18.77
N GLY A 71 -73.51 47.52 17.82
CA GLY A 71 -74.75 48.09 17.35
C GLY A 71 -75.64 47.08 16.68
N LEU A 72 -75.04 46.09 16.01
CA LEU A 72 -75.83 45.04 15.36
C LEU A 72 -76.67 44.27 16.35
N ALA A 73 -76.05 43.78 17.41
CA ALA A 73 -76.77 42.99 18.37
C ALA A 73 -77.64 43.87 19.25
N TRP A 74 -77.21 45.11 19.47
CA TRP A 74 -78.01 46.07 20.20
C TRP A 74 -79.34 46.27 19.49
N ARG A 75 -79.25 46.50 18.21
CA ARG A 75 -80.41 46.62 17.35
C ARG A 75 -81.25 45.37 17.36
N ALA A 76 -80.59 44.21 17.37
CA ALA A 76 -81.31 42.94 17.33
C ALA A 76 -82.15 42.75 18.57
N LYS A 77 -81.60 43.13 19.72
CA LYS A 77 -82.39 43.05 20.95
C LYS A 77 -83.56 44.00 20.89
N ILE A 78 -83.35 45.18 20.28
CA ILE A 78 -84.42 46.17 20.22
C ILE A 78 -85.57 45.64 19.38
N ILE A 79 -85.28 45.30 18.13
CA ILE A 79 -86.27 44.75 17.21
C ILE A 79 -86.96 43.52 17.75
N ASP A 80 -86.28 42.76 18.59
CA ASP A 80 -86.93 41.63 19.20
C ASP A 80 -87.99 42.08 20.21
N GLU A 81 -87.76 43.16 21.00
CA GLU A 81 -88.91 43.49 21.86
C GLU A 81 -90.05 44.13 21.09
N GLN A 82 -89.79 44.85 20.01
CA GLN A 82 -90.99 45.42 19.40
C GLN A 82 -91.74 44.37 18.61
N LEU A 83 -91.03 43.34 18.15
CA LEU A 83 -91.69 42.14 17.67
C LEU A 83 -92.61 41.58 18.73
N ASN A 84 -92.11 41.47 19.95
CA ASN A 84 -92.91 40.85 21.00
C ASN A 84 -94.12 41.67 21.37
N LYS A 85 -94.00 42.98 21.41
CA LYS A 85 -95.19 43.72 21.83
C LYS A 85 -96.23 43.76 20.73
N GLN A 86 -95.86 43.64 19.48
CA GLN A 86 -96.89 43.64 18.48
C GLN A 86 -97.16 42.27 17.93
N ALA A 87 -96.76 41.27 18.73
CA ALA A 87 -96.94 39.88 18.36
C ALA A 87 -98.38 39.56 18.04
N ARG A 88 -99.30 40.07 18.84
CA ARG A 88 -100.71 39.98 18.58
C ARG A 88 -101.09 40.55 17.25
N ASN A 89 -100.48 41.65 16.95
CA ASN A 89 -100.82 42.37 15.76
C ASN A 89 -100.26 41.63 14.58
N LEU A 90 -99.13 40.99 14.81
CA LEU A 90 -98.42 40.27 13.77
C LEU A 90 -99.23 39.14 13.20
N ASP A 91 -99.65 38.20 14.02
CA ASP A 91 -100.47 37.13 13.52
C ASP A 91 -101.87 37.60 13.23
N ALA A 92 -102.27 38.69 13.89
CA ALA A 92 -103.55 39.28 13.67
C ALA A 92 -103.66 39.71 12.22
N ILE A 93 -102.53 40.15 11.69
CA ILE A 93 -102.37 40.16 10.26
C ILE A 93 -102.31 38.73 9.75
N TYR A 94 -101.28 38.00 10.15
CA TYR A 94 -100.88 36.77 9.45
C TYR A 94 -101.49 35.52 10.05
N ASP A 95 -102.80 35.49 9.92
CA ASP A 95 -103.60 34.30 10.19
C ASP A 95 -103.42 33.28 9.06
N PHE A 96 -102.47 32.37 9.24
CA PHE A 96 -102.14 31.44 8.17
C PHE A 96 -103.19 30.39 7.96
N ASN A 97 -103.77 29.94 9.05
CA ASN A 97 -104.75 28.87 9.05
C ASN A 97 -105.98 29.21 8.24
N SER A 98 -106.28 30.49 8.18
CA SER A 98 -107.29 30.99 7.27
C SER A 98 -106.93 30.67 5.84
N LEU A 99 -105.65 30.59 5.55
CA LEU A 99 -105.21 30.29 4.22
C LEU A 99 -104.94 28.82 4.02
N VAL A 100 -104.83 28.04 5.07
CA VAL A 100 -104.50 26.64 4.84
C VAL A 100 -105.73 25.90 4.33
N LEU A 101 -105.48 24.71 3.83
CA LEU A 101 -106.51 23.98 3.12
C LEU A 101 -107.13 22.91 3.99
N GLU A 102 -107.92 22.07 3.33
CA GLU A 102 -108.83 21.10 3.93
C GLU A 102 -108.12 20.03 4.72
N HIS A 103 -106.99 19.57 4.24
CA HIS A 103 -106.30 18.46 4.84
C HIS A 103 -105.00 18.99 5.39
N ASN A 104 -105.12 20.18 6.00
CA ASN A 104 -104.08 21.18 6.30
C ASN A 104 -102.95 21.15 5.28
N ILE A 105 -103.35 21.30 4.03
CA ILE A 105 -102.41 21.48 2.95
C ILE A 105 -102.05 22.94 2.96
N LEU A 106 -100.81 23.24 3.27
CA LEU A 106 -100.35 24.60 3.09
C LEU A 106 -100.30 24.89 1.59
N PRO A 107 -100.98 25.93 1.14
CA PRO A 107 -101.14 26.17 -0.30
C PRO A 107 -99.88 26.79 -0.89
N PRO A 108 -99.65 26.63 -2.19
CA PRO A 108 -98.39 27.09 -2.78
C PRO A 108 -98.36 28.60 -2.93
N VAL A 109 -97.16 29.14 -3.14
CA VAL A 109 -97.01 30.57 -3.26
C VAL A 109 -96.91 30.93 -4.73
N LEU A 110 -97.78 31.79 -5.21
CA LEU A 110 -97.84 32.06 -6.63
C LEU A 110 -97.30 33.45 -6.88
N LEU A 111 -96.72 33.66 -8.05
CA LEU A 111 -96.03 34.89 -8.35
C LEU A 111 -96.58 35.57 -9.57
N GLU A 112 -96.84 36.85 -9.40
CA GLU A 112 -97.38 37.77 -10.38
C GLU A 112 -96.30 38.21 -11.35
N GLY A 113 -96.69 38.55 -12.57
CA GLY A 113 -95.79 39.19 -13.50
C GLY A 113 -96.45 40.12 -14.49
N ARG A 114 -95.97 41.35 -14.56
CA ARG A 114 -96.37 42.24 -15.64
C ARG A 114 -95.17 42.74 -16.40
N ASN A 115 -95.47 43.01 -17.67
CA ASN A 115 -94.59 43.52 -18.73
C ASN A 115 -93.17 42.99 -18.63
N THR A 116 -93.10 41.69 -18.52
CA THR A 116 -91.84 40.98 -18.47
C THR A 116 -91.23 41.15 -19.84
N LEU A 117 -90.53 42.24 -20.02
CA LEU A 117 -89.79 42.41 -21.24
C LEU A 117 -88.35 42.15 -20.92
N ASN A 118 -87.89 41.03 -21.38
CA ASN A 118 -86.48 40.88 -21.58
C ASN A 118 -86.26 41.23 -23.02
N LEU A 119 -85.44 42.23 -23.27
CA LEU A 119 -84.86 42.22 -24.60
C LEU A 119 -83.88 41.07 -24.49
N ALA A 120 -83.95 40.17 -25.45
CA ALA A 120 -82.77 39.36 -25.61
C ALA A 120 -81.63 40.26 -26.05
N ASP A 121 -81.90 41.11 -27.02
CA ASP A 121 -80.81 41.78 -27.66
C ASP A 121 -81.35 42.94 -28.46
N ALA A 122 -80.48 43.49 -29.28
CA ALA A 122 -80.76 44.56 -30.19
C ALA A 122 -81.71 44.15 -31.30
N GLN A 123 -81.88 42.87 -31.50
CA GLN A 123 -82.57 42.36 -32.65
C GLN A 123 -83.90 41.73 -32.28
N SER A 124 -84.07 41.35 -31.04
CA SER A 124 -85.24 40.59 -30.67
C SER A 124 -85.55 40.83 -29.22
N ILE A 125 -86.81 41.07 -28.93
CA ILE A 125 -87.23 41.25 -27.57
C ILE A 125 -88.33 40.27 -27.30
N ARG A 126 -88.66 40.13 -26.04
CA ARG A 126 -89.63 39.13 -25.64
C ARG A 126 -90.27 39.57 -24.35
N ILE A 127 -91.56 39.73 -24.43
CA ILE A 127 -92.35 40.31 -23.38
C ILE A 127 -93.56 39.44 -23.12
N SER A 128 -93.79 39.13 -21.87
CA SER A 128 -95.17 38.87 -21.55
C SER A 128 -95.76 40.12 -20.95
N ASP A 129 -97.00 40.30 -21.27
CA ASP A 129 -97.86 41.19 -20.51
C ASP A 129 -97.95 40.79 -19.06
N ARG A 130 -97.82 39.50 -18.76
CA ARG A 130 -98.44 38.96 -17.57
C ARG A 130 -97.92 37.55 -17.41
N THR A 131 -97.69 37.13 -16.19
CA THR A 131 -96.81 36.00 -15.94
C THR A 131 -97.10 35.43 -14.56
N TYR A 132 -97.10 34.12 -14.41
CA TYR A 132 -97.28 33.54 -13.10
C TYR A 132 -96.29 32.45 -12.80
N LYS A 133 -95.75 32.50 -11.62
CA LYS A 133 -94.77 31.54 -11.19
C LYS A 133 -95.27 30.80 -9.98
N VAL A 134 -95.54 29.53 -10.14
CA VAL A 134 -95.87 28.73 -8.98
C VAL A 134 -94.56 28.41 -8.31
N ALA A 135 -94.46 28.75 -7.05
CA ALA A 135 -93.32 28.38 -6.24
C ALA A 135 -93.85 27.66 -5.02
N LYS A 136 -93.02 26.75 -4.50
CA LYS A 136 -93.21 26.06 -3.22
C LYS A 136 -94.58 25.38 -3.15
N GLN A 137 -94.73 24.35 -3.98
CA GLN A 137 -95.99 23.69 -4.26
C GLN A 137 -96.66 23.17 -2.98
N ALA A 138 -98.00 23.12 -3.03
CA ALA A 138 -98.86 22.79 -1.90
C ALA A 138 -98.46 21.47 -1.25
N HIS A 139 -98.61 21.41 0.06
CA HIS A 139 -98.07 20.25 0.75
C HIS A 139 -98.80 20.04 2.06
N PHE A 140 -98.71 18.82 2.58
CA PHE A 140 -99.22 18.55 3.91
C PHE A 140 -98.40 19.33 4.90
N ILE A 141 -99.03 20.12 5.74
CA ILE A 141 -98.29 20.78 6.79
C ILE A 141 -98.81 20.18 8.07
N THR A 142 -97.96 20.10 9.09
CA THR A 142 -98.51 19.82 10.39
C THR A 142 -98.97 21.09 11.06
N THR A 143 -98.02 21.85 11.53
CA THR A 143 -98.35 23.03 12.25
C THR A 143 -98.21 24.21 11.31
N PRO A 144 -99.21 25.06 11.25
CA PRO A 144 -99.21 26.14 10.28
C PRO A 144 -98.17 27.18 10.63
N PRO A 145 -97.71 27.95 9.67
CA PRO A 145 -96.63 28.88 9.91
C PRO A 145 -97.03 30.01 10.82
N THR A 146 -96.04 30.64 11.40
CA THR A 146 -96.27 31.82 12.21
C THR A 146 -95.65 32.98 11.47
N TRP A 147 -95.31 34.01 12.20
CA TRP A 147 -94.28 34.90 11.68
C TRP A 147 -92.95 34.73 12.35
N ARG A 148 -92.93 34.32 13.62
CA ARG A 148 -91.70 34.36 14.42
C ARG A 148 -90.67 33.44 13.87
N GLN A 149 -91.12 32.45 13.13
CA GLN A 149 -90.32 31.71 12.20
C GLN A 149 -89.61 32.61 11.20
N TYR A 150 -90.09 33.83 10.93
CA TYR A 150 -89.55 34.62 9.83
C TYR A 150 -89.02 35.94 10.34
N LEU A 151 -89.47 36.34 11.50
CA LEU A 151 -89.17 37.69 11.91
C LEU A 151 -88.46 37.79 13.21
N TRP A 152 -88.52 36.77 14.05
CA TRP A 152 -87.79 36.82 15.29
C TRP A 152 -86.32 36.88 14.98
N MET A 153 -85.77 38.07 15.06
CA MET A 153 -84.36 38.24 14.79
C MET A 153 -83.60 37.58 15.91
N ASP A 154 -82.50 36.96 15.56
CA ASP A 154 -81.66 36.34 16.57
C ASP A 154 -81.01 37.43 17.37
N TYR A 155 -80.90 37.21 18.65
CA TYR A 155 -80.15 38.08 19.51
C TYR A 155 -79.14 37.25 20.26
N VAL A 156 -77.89 37.62 20.15
CA VAL A 156 -76.86 37.17 21.05
C VAL A 156 -76.20 38.41 21.62
N LYS A 157 -75.57 38.27 22.77
CA LYS A 157 -74.86 39.41 23.33
C LYS A 157 -73.38 39.14 23.36
N PRO A 158 -72.57 39.85 22.58
CA PRO A 158 -71.13 39.87 22.86
C PRO A 158 -70.72 41.18 23.52
N GLU A 159 -69.86 41.08 24.53
CA GLU A 159 -69.03 42.18 25.01
C GLU A 159 -67.55 41.85 24.93
N ALA A 160 -67.16 41.01 23.97
CA ALA A 160 -65.79 40.50 23.90
C ALA A 160 -64.92 41.44 23.09
N PRO A 161 -63.92 42.09 23.68
CA PRO A 161 -63.02 42.91 22.89
C PRO A 161 -61.96 42.07 22.20
N LYS A 173 -57.32 55.78 20.10
CA LYS A 173 -58.09 55.98 21.31
C LYS A 173 -59.37 56.78 21.03
N GLU A 174 -59.23 58.00 20.51
CA GLU A 174 -60.43 58.66 20.04
C GLU A 174 -60.95 57.98 18.78
N ILE A 175 -60.06 57.38 17.99
CA ILE A 175 -60.50 56.55 16.89
C ILE A 175 -61.22 55.33 17.42
N TRP A 176 -60.79 54.80 18.57
CA TRP A 176 -61.52 53.72 19.20
C TRP A 176 -62.94 54.13 19.49
N CYS A 177 -63.12 55.28 20.14
CA CYS A 177 -64.46 55.64 20.55
C CYS A 177 -65.33 55.99 19.35
N ILE A 178 -64.81 56.77 18.41
CA ILE A 178 -65.66 57.17 17.30
C ILE A 178 -65.91 56.04 16.32
N TYR A 179 -64.99 55.11 16.14
CA TYR A 179 -65.29 54.08 15.18
C TYR A 179 -66.14 53.01 15.80
N THR A 180 -66.09 52.92 17.11
CA THR A 180 -67.07 52.10 17.77
C THR A 180 -68.46 52.67 17.61
N GLU A 181 -68.63 53.98 17.68
CA GLU A 181 -69.99 54.43 17.36
C GLU A 181 -70.32 54.33 15.89
N ARG A 182 -69.31 54.44 15.03
CA ARG A 182 -69.49 54.21 13.62
C ARG A 182 -70.12 52.86 13.37
N GLY A 183 -69.41 51.83 13.80
CA GLY A 183 -69.90 50.48 13.65
C GLY A 183 -71.18 50.24 14.42
N TRP A 184 -71.36 50.97 15.53
CA TRP A 184 -72.61 50.93 16.26
C TRP A 184 -73.76 51.29 15.34
N LYS A 185 -73.65 52.41 14.65
CA LYS A 185 -74.62 52.78 13.63
C LYS A 185 -74.72 51.76 12.51
N ASN A 186 -73.58 51.21 12.15
CA ASN A 186 -73.49 50.37 10.98
C ASN A 186 -74.19 49.04 11.22
N GLY A 187 -73.94 48.44 12.37
CA GLY A 187 -74.63 47.22 12.70
C GLY A 187 -76.10 47.45 12.89
N ILE A 188 -76.46 48.62 13.44
CA ILE A 188 -77.85 49.01 13.55
C ILE A 188 -78.53 48.94 12.20
N ASP A 189 -78.00 49.65 11.23
CA ASP A 189 -78.82 49.73 10.07
C ASP A 189 -78.66 48.56 9.13
N GLN A 190 -77.57 47.81 9.24
CA GLN A 190 -77.56 46.58 8.48
C GLN A 190 -78.56 45.60 9.07
N ALA A 191 -78.76 45.64 10.38
CA ALA A 191 -79.81 44.81 10.96
C ALA A 191 -81.17 45.28 10.51
N ASN A 192 -81.32 46.57 10.30
CA ASN A 192 -82.57 47.11 9.83
C ASN A 192 -82.89 46.60 8.45
N THR A 193 -81.88 46.58 7.61
CA THR A 193 -82.05 46.00 6.29
C THR A 193 -82.37 44.53 6.37
N ILE A 194 -81.74 43.84 7.30
CA ILE A 194 -81.99 42.43 7.51
C ILE A 194 -83.44 42.22 7.84
N LEU A 195 -83.92 43.02 8.77
CA LEU A 195 -85.30 43.05 9.18
C LEU A 195 -86.22 43.27 8.02
N GLU A 196 -85.87 44.26 7.21
CA GLU A 196 -86.62 44.61 6.02
C GLU A 196 -86.77 43.42 5.11
N GLU A 197 -85.69 42.70 4.95
CA GLU A 197 -85.70 41.53 4.11
C GLU A 197 -86.57 40.45 4.68
N ASN A 198 -86.58 40.35 6.00
CA ASN A 198 -87.41 39.34 6.64
C ASN A 198 -88.86 39.62 6.37
N ILE A 199 -89.19 40.89 6.44
CA ILE A 199 -90.54 41.35 6.18
C ILE A 199 -90.92 41.03 4.77
N ALA A 200 -90.02 41.30 3.85
CA ALA A 200 -90.31 41.06 2.45
C ALA A 200 -90.51 39.59 2.18
N ARG A 201 -89.78 38.76 2.90
CA ARG A 201 -89.94 37.34 2.75
C ARG A 201 -91.31 36.91 3.20
N ILE A 202 -91.77 37.47 4.31
CA ILE A 202 -93.07 37.02 4.74
C ILE A 202 -94.17 37.58 3.85
N LYS A 203 -93.93 38.75 3.23
CA LYS A 203 -94.84 39.26 2.22
C LYS A 203 -95.06 38.25 1.15
N GLU A 204 -93.96 37.93 0.49
CA GLU A 204 -94.02 37.22 -0.76
C GLU A 204 -94.56 35.82 -0.55
N ASP A 205 -94.31 35.28 0.64
CA ASP A 205 -95.04 34.09 1.03
C ASP A 205 -96.52 34.35 1.07
N PHE A 206 -96.93 35.33 1.84
CA PHE A 206 -98.33 35.40 2.20
C PHE A 206 -99.16 35.75 1.01
N GLY A 207 -98.67 36.73 0.26
CA GLY A 207 -99.23 37.08 -1.01
C GLY A 207 -99.21 35.93 -1.97
N GLY A 208 -98.20 35.07 -1.89
CA GLY A 208 -98.19 33.95 -2.78
C GLY A 208 -99.32 32.97 -2.54
N MET A 209 -99.56 32.61 -1.28
CA MET A 209 -100.67 31.69 -1.08
C MET A 209 -102.01 32.36 -1.28
N ILE A 210 -102.06 33.67 -1.07
CA ILE A 210 -103.23 34.44 -1.44
C ILE A 210 -103.52 34.23 -2.90
N LEU A 211 -102.49 34.39 -3.71
CA LEU A 211 -102.64 34.25 -5.14
C LEU A 211 -102.97 32.84 -5.54
N TYR A 212 -102.60 31.87 -4.72
CA TYR A 212 -103.05 30.53 -5.01
C TYR A 212 -104.54 30.44 -4.88
N ARG A 213 -105.04 30.97 -3.78
CA ARG A 213 -106.47 30.96 -3.59
C ARG A 213 -107.16 31.84 -4.60
N LYS A 214 -106.43 32.82 -5.09
CA LYS A 214 -106.93 33.67 -6.15
C LYS A 214 -107.13 32.90 -7.42
N LEU A 215 -106.10 32.28 -7.93
CA LEU A 215 -106.27 31.65 -9.23
C LEU A 215 -107.04 30.38 -9.14
N LEU A 216 -107.09 29.83 -7.95
CA LEU A 216 -108.02 28.78 -7.72
C LEU A 216 -109.42 29.32 -7.80
N ALA A 217 -109.61 30.52 -7.29
CA ALA A 217 -110.89 31.16 -7.51
C ALA A 217 -111.04 31.59 -8.94
N MET A 218 -109.96 31.71 -9.66
CA MET A 218 -110.07 32.19 -11.02
C MET A 218 -110.10 31.07 -12.01
N ASN A 219 -110.12 29.83 -11.54
CA ASN A 219 -109.89 28.64 -12.33
C ASN A 219 -108.56 28.69 -13.03
N MET A 220 -107.63 29.45 -12.49
CA MET A 220 -106.40 29.62 -13.21
C MET A 220 -105.37 28.69 -12.66
N VAL A 221 -105.60 28.15 -11.47
CA VAL A 221 -104.85 26.99 -11.03
C VAL A 221 -105.84 25.91 -10.61
N SER A 222 -105.29 24.74 -10.37
CA SER A 222 -105.98 23.51 -10.05
C SER A 222 -105.94 23.30 -8.53
N PRO A 223 -106.83 22.47 -7.98
CA PRO A 223 -106.74 22.15 -6.57
C PRO A 223 -105.65 21.15 -6.30
N PRO A 224 -105.30 20.93 -5.04
CA PRO A 224 -104.65 19.66 -4.70
C PRO A 224 -105.67 18.54 -4.71
N TYR A 225 -105.53 17.67 -5.69
CA TYR A 225 -106.37 16.49 -5.84
C TYR A 225 -105.70 15.36 -5.07
N VAL A 226 -106.38 14.84 -4.05
CA VAL A 226 -105.76 13.87 -3.16
C VAL A 226 -106.48 12.53 -3.28
N SER A 227 -105.92 11.52 -2.65
CA SER A 227 -106.63 10.29 -2.34
C SER A 227 -106.30 9.93 -0.90
N HIS A 228 -107.32 9.93 -0.06
CA HIS A 228 -107.20 9.32 1.26
C HIS A 228 -107.68 7.90 1.09
N THR A 229 -106.78 6.96 1.28
CA THR A 229 -107.18 5.57 1.34
C THR A 229 -107.09 5.13 2.80
N ASP A 230 -108.10 4.43 3.26
CA ASP A 230 -108.15 4.10 4.66
C ASP A 230 -107.98 2.60 4.84
N LEU A 231 -107.51 2.23 6.02
CA LEU A 231 -107.28 0.87 6.43
C LEU A 231 -107.95 0.67 7.77
N GLY A 232 -108.47 -0.53 7.97
CA GLY A 232 -109.16 -0.85 9.20
C GLY A 232 -108.21 -1.12 10.33
N VAL A 233 -108.52 -2.14 11.12
CA VAL A 233 -107.56 -2.58 12.13
C VAL A 233 -106.35 -3.13 11.42
N THR A 234 -105.21 -2.54 11.69
CA THR A 234 -103.99 -2.99 11.06
C THR A 234 -103.02 -3.36 12.14
N GLY A 235 -102.43 -4.53 11.99
CA GLY A 235 -101.34 -4.91 12.86
C GLY A 235 -101.51 -6.29 13.44
N ASP A 236 -100.48 -6.71 14.14
CA ASP A 236 -100.26 -8.10 14.50
C ASP A 236 -100.66 -8.35 15.95
N GLY A 237 -100.28 -9.52 16.47
CA GLY A 237 -100.53 -9.83 17.85
C GLY A 237 -99.73 -9.01 18.83
N SER A 238 -98.65 -8.37 18.38
CA SER A 238 -97.95 -7.48 19.29
C SER A 238 -98.22 -6.03 19.04
N GLU A 239 -98.65 -5.69 17.84
CA GLU A 239 -98.87 -4.29 17.54
C GLU A 239 -100.13 -4.27 16.73
N ILE A 240 -101.09 -3.45 17.08
CA ILE A 240 -102.17 -3.18 16.15
C ILE A 240 -102.36 -1.70 16.02
N HIS A 241 -103.04 -1.34 14.95
CA HIS A 241 -103.55 0.01 14.78
C HIS A 241 -104.97 -0.17 14.31
N ILE A 242 -105.89 0.38 15.07
CA ILE A 242 -107.31 0.14 14.89
C ILE A 242 -107.83 0.84 13.64
N ASP A 243 -107.33 2.02 13.34
CA ASP A 243 -107.66 2.62 12.05
C ASP A 243 -106.49 3.40 11.48
N ASP A 244 -106.03 2.97 10.33
CA ASP A 244 -104.93 3.63 9.65
C ASP A 244 -105.43 4.33 8.40
N ARG A 245 -105.60 5.62 8.48
CA ARG A 245 -105.75 6.37 7.27
C ARG A 245 -104.38 6.73 6.74
N VAL A 246 -104.21 6.58 5.44
CA VAL A 246 -103.07 7.15 4.76
C VAL A 246 -103.61 8.09 3.70
N LEU A 247 -102.94 9.21 3.56
CA LEU A 247 -103.39 10.23 2.65
C LEU A 247 -102.26 10.58 1.73
N ARG A 248 -102.48 10.38 0.46
CA ARG A 248 -101.55 10.84 -0.52
C ARG A 248 -102.19 11.98 -1.26
N ILE A 249 -101.37 12.94 -1.61
CA ILE A 249 -101.81 14.04 -2.43
C ILE A 249 -101.47 13.60 -3.84
N THR A 250 -102.49 13.21 -4.59
CA THR A 250 -102.23 12.65 -5.90
C THR A 250 -101.78 13.73 -6.87
N ALA A 251 -102.64 14.70 -7.15
CA ALA A 251 -102.32 15.74 -8.12
C ALA A 251 -102.14 17.08 -7.42
N LEU A 252 -100.99 17.70 -7.63
CA LEU A 252 -100.68 18.97 -7.00
C LEU A 252 -101.44 20.10 -7.66
N PRO A 253 -101.54 21.24 -6.98
CA PRO A 253 -101.96 22.46 -7.68
C PRO A 253 -101.00 22.81 -8.79
N GLU A 254 -101.55 23.38 -9.86
CA GLU A 254 -100.81 23.76 -11.06
C GLU A 254 -101.64 24.74 -11.88
N LEU A 255 -100.95 25.62 -12.60
CA LEU A 255 -101.62 26.58 -13.46
C LEU A 255 -102.25 25.89 -14.65
N ASN A 256 -103.56 26.05 -14.82
CA ASN A 256 -104.16 25.47 -16.02
C ASN A 256 -103.76 26.31 -17.21
N VAL A 257 -103.77 25.70 -18.39
CA VAL A 257 -103.30 26.41 -19.56
C VAL A 257 -104.42 26.66 -20.55
N ASN A 258 -105.47 25.88 -20.53
CA ASN A 258 -106.61 26.22 -21.35
C ASN A 258 -107.34 27.30 -20.58
N SER A 259 -107.13 28.52 -21.01
CA SER A 259 -107.66 29.67 -20.32
C SER A 259 -109.12 29.89 -20.59
N ALA A 260 -109.68 29.15 -21.53
CA ALA A 260 -111.09 29.25 -21.86
C ALA A 260 -111.97 28.92 -20.69
N GLU A 261 -111.48 28.08 -19.80
CA GLU A 261 -112.24 27.57 -18.68
C GLU A 261 -112.00 28.41 -17.47
N TRP A 262 -111.43 29.59 -17.65
CA TRP A 262 -111.13 30.40 -16.51
C TRP A 262 -112.36 31.04 -15.94
N ARG A 263 -112.13 31.90 -14.99
CA ARG A 263 -113.20 32.51 -14.25
C ARG A 263 -112.83 33.97 -14.13
N ALA A 264 -113.58 34.83 -14.79
CA ALA A 264 -113.22 36.24 -14.84
C ALA A 264 -114.30 37.05 -14.16
N ALA A 265 -114.02 37.52 -12.98
CA ALA A 265 -115.03 38.15 -12.16
C ALA A 265 -115.00 39.65 -12.39
N VAL A 266 -116.13 40.17 -12.82
CA VAL A 266 -116.35 41.60 -12.79
C VAL A 266 -116.78 41.93 -11.39
N ALA A 267 -116.53 43.14 -10.94
CA ALA A 267 -116.98 43.53 -9.61
C ALA A 267 -117.78 44.81 -9.71
N LYS A 268 -118.46 45.15 -8.62
CA LYS A 268 -119.38 46.29 -8.62
C LYS A 268 -119.20 47.15 -7.39
N PHE B 25 -110.26 60.09 39.21
CA PHE B 25 -109.69 60.57 37.95
C PHE B 25 -108.98 59.42 37.22
N LYS B 26 -109.27 59.31 35.92
CA LYS B 26 -108.89 58.13 35.16
C LYS B 26 -107.56 58.30 34.47
N LYS B 27 -107.14 57.21 33.83
CA LYS B 27 -105.87 57.07 33.16
C LYS B 27 -106.09 56.69 31.70
N PRO B 28 -105.13 57.00 30.84
CA PRO B 28 -105.21 56.55 29.47
C PRO B 28 -105.03 55.04 29.37
N PRO B 29 -105.42 54.44 28.26
CA PRO B 29 -105.28 53.00 28.12
C PRO B 29 -103.82 52.58 28.06
N ILE B 30 -103.62 51.31 28.34
CA ILE B 30 -102.29 50.79 28.51
C ILE B 30 -101.70 50.35 27.18
N ASN B 31 -102.40 49.46 26.48
CA ASN B 31 -101.97 48.99 25.17
C ASN B 31 -102.62 49.82 24.07
N ASN B 32 -102.39 51.09 24.15
CA ASN B 32 -103.13 52.00 23.30
C ASN B 32 -102.54 52.06 21.90
N PRO B 33 -103.35 52.35 20.90
CA PRO B 33 -102.81 52.81 19.63
C PRO B 33 -102.55 54.30 19.71
N SER B 34 -101.40 54.73 20.22
CA SER B 34 -101.12 56.16 20.36
C SER B 34 -99.85 56.52 19.64
N ASP B 35 -99.57 55.82 18.57
CA ASP B 35 -98.38 56.12 17.81
C ASP B 35 -98.71 55.92 16.36
N ASP B 36 -98.22 56.83 15.54
CA ASP B 36 -98.75 57.03 14.21
C ASP B 36 -98.55 55.83 13.31
N ALA B 37 -97.52 55.03 13.53
CA ALA B 37 -97.49 53.77 12.81
C ALA B 37 -98.51 52.82 13.37
N THR B 38 -98.56 52.77 14.69
CA THR B 38 -99.22 51.70 15.40
C THR B 38 -100.69 51.72 15.19
N ILE B 39 -101.22 52.93 15.08
CA ILE B 39 -102.62 53.04 14.76
C ILE B 39 -102.89 52.38 13.44
N LYS B 40 -102.11 52.74 12.42
CA LYS B 40 -102.33 52.31 11.06
C LYS B 40 -102.20 50.82 10.94
N LEU B 41 -101.26 50.29 11.71
CA LEU B 41 -101.19 48.87 11.98
C LEU B 41 -102.51 48.34 12.47
N ALA B 42 -103.08 48.98 13.48
CA ALA B 42 -104.21 48.36 14.15
C ALA B 42 -105.44 48.33 13.26
N GLU B 43 -105.70 49.42 12.54
CA GLU B 43 -106.83 49.26 11.63
C GLU B 43 -106.51 48.42 10.42
N ALA B 44 -105.24 48.30 10.06
CA ALA B 44 -104.89 47.32 9.05
C ALA B 44 -105.26 45.93 9.51
N ALA B 45 -105.03 45.67 10.79
CA ALA B 45 -105.36 44.38 11.38
C ALA B 45 -106.85 44.13 11.35
N VAL B 46 -107.62 45.15 11.69
CA VAL B 46 -109.03 44.87 11.73
C VAL B 46 -109.58 44.76 10.33
N SER B 47 -108.97 45.48 9.41
CA SER B 47 -109.34 45.43 8.02
C SER B 47 -109.12 44.06 7.45
N VAL B 48 -107.96 43.49 7.74
CA VAL B 48 -107.70 42.21 7.14
C VAL B 48 -108.50 41.14 7.84
N SER B 49 -108.80 41.37 9.10
CA SER B 49 -109.59 40.43 9.86
C SER B 49 -110.97 40.31 9.31
N ASP B 50 -111.58 41.44 9.01
CA ASP B 50 -112.91 41.34 8.46
C ASP B 50 -112.87 40.80 7.06
N SER B 51 -111.80 41.07 6.35
CA SER B 51 -111.70 40.52 5.02
C SER B 51 -111.59 39.02 5.07
N MET B 52 -110.81 38.48 6.00
CA MET B 52 -110.81 37.02 6.10
C MET B 52 -112.13 36.53 6.65
N LEU B 53 -112.77 37.37 7.45
CA LEU B 53 -114.05 37.02 8.01
C LEU B 53 -115.09 36.75 6.95
N GLU B 54 -115.25 37.69 6.08
CA GLU B 54 -116.13 37.41 4.97
C GLU B 54 -115.57 36.50 3.90
N MET B 55 -114.25 36.30 3.83
CA MET B 55 -113.74 35.18 3.06
C MET B 55 -114.32 33.90 3.56
N ALA B 56 -114.23 33.67 4.85
CA ALA B 56 -114.75 32.46 5.43
C ALA B 56 -116.26 32.46 5.37
N LYS B 57 -116.86 33.63 5.40
CA LYS B 57 -118.29 33.70 5.30
C LYS B 57 -118.75 33.23 3.95
N VAL B 58 -118.08 33.67 2.90
CA VAL B 58 -118.54 33.34 1.58
C VAL B 58 -118.17 31.92 1.24
N GLU B 59 -117.16 31.36 1.90
CA GLU B 59 -116.89 29.96 1.62
C GLU B 59 -117.33 29.02 2.73
N LYS B 60 -118.06 29.51 3.72
CA LYS B 60 -118.50 28.64 4.81
C LYS B 60 -119.80 27.98 4.38
N VAL B 61 -119.69 26.87 3.68
CA VAL B 61 -120.89 26.13 3.31
C VAL B 61 -121.40 25.38 4.53
N ILE B 62 -122.68 25.52 4.82
CA ILE B 62 -123.22 24.87 6.00
C ILE B 62 -124.46 24.07 5.64
N THR B 63 -125.10 23.48 6.65
CA THR B 63 -126.35 22.77 6.50
C THR B 63 -127.49 23.50 7.20
N PRO B 64 -128.71 23.42 6.68
CA PRO B 64 -129.85 23.95 7.42
C PRO B 64 -130.24 22.98 8.51
N PRO B 65 -130.61 23.48 9.70
CA PRO B 65 -131.02 22.59 10.78
C PRO B 65 -132.30 21.82 10.49
N SER B 66 -133.09 22.27 9.52
CA SER B 66 -134.23 21.50 9.07
C SER B 66 -133.88 20.51 7.97
N LYS B 67 -132.68 20.55 7.44
CA LYS B 67 -132.28 19.55 6.48
C LYS B 67 -130.89 19.08 6.81
N ASP B 68 -130.69 18.73 8.07
CA ASP B 68 -129.39 18.22 8.52
C ASP B 68 -129.30 16.70 8.54
N ASN B 69 -130.44 16.00 8.45
CA ASN B 69 -130.54 14.56 8.20
C ASN B 69 -129.95 13.66 9.29
N THR B 70 -129.55 14.22 10.43
CA THR B 70 -129.01 13.40 11.49
C THR B 70 -130.13 12.82 12.34
N LEU B 71 -129.77 11.88 13.21
CA LEU B 71 -130.76 11.22 14.05
C LEU B 71 -131.29 12.16 15.12
N THR B 72 -132.56 12.01 15.44
CA THR B 72 -133.10 12.79 16.51
C THR B 72 -132.96 12.05 17.82
N ILE B 73 -133.39 12.72 18.87
CA ILE B 73 -133.46 12.07 20.16
C ILE B 73 -134.81 11.39 20.24
N PRO B 74 -134.85 10.07 20.37
CA PRO B 74 -136.11 9.34 20.27
C PRO B 74 -136.87 9.28 21.58
N ASN B 75 -136.37 9.95 22.61
CA ASN B 75 -137.06 10.35 23.85
C ASN B 75 -137.73 9.21 24.61
N ALA B 76 -137.27 7.97 24.48
CA ALA B 76 -137.75 6.93 25.37
C ALA B 76 -137.12 7.11 26.74
N TYR B 77 -137.88 6.80 27.78
CA TYR B 77 -137.32 6.90 29.11
C TYR B 77 -136.31 5.82 29.38
N ASN B 78 -136.43 4.69 28.68
CA ASN B 78 -135.36 3.71 28.69
C ASN B 78 -134.12 4.27 28.04
N LEU B 79 -134.29 5.08 27.02
CA LEU B 79 -133.14 5.77 26.47
C LEU B 79 -132.58 6.79 27.43
N GLN B 80 -133.44 7.38 28.25
CA GLN B 80 -133.00 8.45 29.13
C GLN B 80 -132.27 7.86 30.30
N ALA B 81 -130.97 7.63 30.09
CA ALA B 81 -130.10 7.17 31.16
C ALA B 81 -128.68 7.51 30.79
N ARG B 82 -127.86 7.71 31.82
CA ARG B 82 -126.48 8.13 31.62
C ARG B 82 -125.50 6.97 31.72
N ALA B 83 -124.58 6.91 30.77
CA ALA B 83 -123.67 5.78 30.57
C ALA B 83 -122.22 6.23 30.63
N SER B 84 -121.31 5.29 30.34
CA SER B 84 -119.88 5.58 30.37
C SER B 84 -119.15 4.59 29.48
N VAL B 85 -118.80 4.99 28.26
CA VAL B 85 -118.18 4.04 27.34
C VAL B 85 -116.96 4.68 26.72
N ASP B 86 -115.85 3.96 26.72
CA ASP B 86 -114.82 4.15 25.71
C ASP B 86 -114.63 2.87 24.93
N TRP B 87 -114.71 2.99 23.62
CA TRP B 87 -114.59 1.84 22.76
C TRP B 87 -114.36 2.30 21.35
N SER B 88 -113.61 1.51 20.62
CA SER B 88 -113.56 1.75 19.21
C SER B 88 -113.72 0.44 18.47
N GLY B 89 -114.23 0.54 17.27
CA GLY B 89 -114.25 -0.59 16.39
C GLY B 89 -115.56 -0.61 15.66
N PRO B 90 -116.04 -1.82 15.37
CA PRO B 90 -117.19 -1.95 14.48
C PRO B 90 -118.50 -1.83 15.22
N ILE B 91 -119.35 -0.98 14.68
CA ILE B 91 -120.43 -0.33 15.39
C ILE B 91 -121.53 -1.28 15.83
N GLU B 92 -121.77 -2.34 15.08
CA GLU B 92 -122.94 -3.18 15.23
C GLU B 92 -122.92 -3.94 16.55
N GLU B 93 -121.74 -4.33 16.99
CA GLU B 93 -121.60 -4.95 18.29
C GLU B 93 -121.95 -3.98 19.39
N LEU B 94 -121.44 -2.76 19.28
CA LEU B 94 -121.65 -1.76 20.31
C LEU B 94 -123.11 -1.37 20.40
N THR B 95 -123.78 -1.30 19.27
CA THR B 95 -125.18 -0.95 19.34
C THR B 95 -126.03 -2.08 19.86
N ALA B 96 -125.64 -3.33 19.63
CA ALA B 96 -126.33 -4.41 20.32
C ALA B 96 -126.16 -4.30 21.83
N ARG B 97 -124.93 -4.02 22.26
CA ARG B 97 -124.63 -3.85 23.67
C ARG B 97 -125.40 -2.71 24.28
N ILE B 98 -125.51 -1.60 23.58
CA ILE B 98 -126.24 -0.51 24.16
C ILE B 98 -127.74 -0.70 24.03
N ALA B 99 -128.21 -1.51 23.07
CA ALA B 99 -129.63 -1.78 22.98
C ALA B 99 -130.09 -2.58 24.17
N LYS B 100 -129.31 -3.58 24.53
CA LYS B 100 -129.66 -4.32 25.72
C LYS B 100 -129.34 -3.53 26.98
N ALA B 101 -128.45 -2.54 26.90
CA ALA B 101 -128.39 -1.59 27.99
C ALA B 101 -129.67 -0.80 28.09
N ALA B 102 -130.28 -0.52 26.97
CA ALA B 102 -131.52 0.24 26.92
C ALA B 102 -132.74 -0.62 27.09
N HIS B 103 -132.55 -1.93 27.29
CA HIS B 103 -133.61 -2.93 27.22
C HIS B 103 -134.32 -2.85 25.89
N PHE B 104 -133.56 -2.65 24.83
CA PHE B 104 -134.21 -2.54 23.55
C PHE B 104 -133.82 -3.70 22.66
N ARG B 105 -134.74 -4.01 21.77
CA ARG B 105 -134.42 -4.99 20.75
C ARG B 105 -133.61 -4.29 19.69
N PHE B 106 -132.72 -5.04 19.06
CA PHE B 106 -131.87 -4.52 18.00
C PHE B 106 -132.03 -5.35 16.75
N ARG B 107 -132.39 -4.70 15.67
CA ARG B 107 -132.33 -5.33 14.38
C ARG B 107 -131.44 -4.51 13.47
N VAL B 108 -130.93 -5.18 12.45
CA VAL B 108 -130.04 -4.58 11.49
C VAL B 108 -130.58 -4.86 10.10
N LEU B 109 -130.66 -3.82 9.30
CA LEU B 109 -131.08 -3.92 7.92
C LEU B 109 -129.87 -3.61 7.05
N GLY B 110 -129.76 -4.33 5.96
CA GLY B 110 -128.57 -4.28 5.16
C GLY B 110 -127.57 -5.30 5.67
N LYS B 111 -126.42 -5.30 5.02
CA LYS B 111 -125.35 -6.20 5.37
C LYS B 111 -124.10 -5.42 5.74
N SER B 112 -123.33 -5.97 6.61
CA SER B 112 -122.09 -5.31 6.96
C SER B 112 -121.04 -5.55 5.88
N PRO B 113 -120.22 -4.57 5.59
CA PRO B 113 -119.25 -4.69 4.51
C PRO B 113 -118.05 -5.50 4.97
N SER B 114 -117.18 -5.80 4.02
CA SER B 114 -115.93 -6.48 4.33
C SER B 114 -115.06 -5.62 5.22
N VAL B 115 -114.83 -4.38 4.82
CA VAL B 115 -114.22 -3.49 5.79
C VAL B 115 -115.33 -3.07 6.75
N PRO B 116 -115.12 -3.22 8.03
CA PRO B 116 -116.15 -2.83 8.97
C PRO B 116 -116.13 -1.34 9.13
N VAL B 117 -117.30 -0.81 9.34
CA VAL B 117 -117.41 0.61 9.64
C VAL B 117 -117.05 0.80 11.10
N LEU B 118 -116.08 1.66 11.35
CA LEU B 118 -115.44 1.73 12.65
C LEU B 118 -115.77 3.03 13.31
N ILE B 119 -115.94 2.99 14.61
CA ILE B 119 -116.23 4.21 15.33
C ILE B 119 -115.27 4.27 16.49
N SER B 120 -115.37 5.32 17.28
CA SER B 120 -114.43 5.56 18.37
C SER B 120 -115.06 6.56 19.31
N ILE B 121 -115.29 6.15 20.56
CA ILE B 121 -115.98 6.98 21.53
C ILE B 121 -115.27 6.84 22.86
N SER B 122 -115.05 7.97 23.54
CA SER B 122 -114.52 7.94 24.90
C SER B 122 -115.28 8.96 25.74
N THR B 123 -116.29 8.48 26.46
CA THR B 123 -117.07 9.32 27.33
C THR B 123 -117.35 8.63 28.65
N LYS B 124 -117.58 9.45 29.67
CA LYS B 124 -117.70 8.93 31.02
C LYS B 124 -119.06 9.19 31.66
N ASP B 125 -119.86 10.09 31.11
CA ASP B 125 -121.15 10.40 31.72
C ASP B 125 -122.05 11.02 30.64
N GLU B 126 -123.04 10.26 30.20
CA GLU B 126 -123.62 10.56 28.91
C GLU B 126 -124.85 9.72 28.64
N SER B 127 -125.75 10.28 27.86
CA SER B 127 -126.96 9.56 27.54
C SER B 127 -126.88 8.80 26.24
N LEU B 128 -127.51 7.62 26.31
CA LEU B 128 -127.50 6.59 25.29
C LEU B 128 -127.92 7.12 23.94
N ALA B 129 -128.89 8.03 23.96
CA ALA B 129 -129.37 8.64 22.75
C ALA B 129 -128.26 9.43 22.07
N GLU B 130 -127.48 10.18 22.82
CA GLU B 130 -126.47 10.92 22.09
C GLU B 130 -125.28 10.06 21.73
N ILE B 131 -125.11 8.90 22.38
CA ILE B 131 -124.28 7.90 21.73
C ILE B 131 -124.81 7.55 20.36
N LEU B 132 -126.10 7.24 20.31
CA LEU B 132 -126.70 6.82 19.06
C LEU B 132 -126.60 7.90 18.00
N ARG B 133 -126.73 9.14 18.44
CA ARG B 133 -126.58 10.28 17.57
C ARG B 133 -125.16 10.36 17.05
N ASP B 134 -124.20 10.19 17.95
CA ASP B 134 -122.81 10.31 17.54
C ASP B 134 -122.42 9.22 16.58
N ILE B 135 -122.88 8.01 16.83
CA ILE B 135 -122.46 6.95 15.95
C ILE B 135 -123.21 6.95 14.66
N ASP B 136 -124.41 7.51 14.65
CA ASP B 136 -125.08 7.69 13.38
C ASP B 136 -124.33 8.71 12.56
N TYR B 137 -123.84 9.74 13.24
CA TYR B 137 -122.98 10.74 12.63
C TYR B 137 -121.70 10.11 12.13
N GLN B 138 -121.15 9.20 12.90
CA GLN B 138 -119.88 8.63 12.50
C GLN B 138 -120.07 7.57 11.46
N ALA B 139 -121.23 6.97 11.42
CA ALA B 139 -121.57 6.09 10.34
C ALA B 139 -121.71 6.88 9.06
N GLY B 140 -122.29 8.06 9.18
CA GLY B 140 -122.44 8.96 8.08
C GLY B 140 -123.32 8.34 7.04
N LYS B 141 -122.78 8.18 5.84
CA LYS B 141 -123.52 7.59 4.76
C LYS B 141 -123.25 6.12 4.60
N LYS B 142 -122.26 5.60 5.32
CA LYS B 142 -122.02 4.18 5.27
C LYS B 142 -123.16 3.42 5.91
N ALA B 143 -123.68 3.97 6.99
CA ALA B 143 -124.72 3.31 7.75
C ALA B 143 -125.50 4.37 8.50
N SER B 144 -126.57 3.94 9.13
CA SER B 144 -127.36 4.87 9.90
C SER B 144 -128.13 4.16 10.96
N ILE B 145 -128.70 4.96 11.84
CA ILE B 145 -129.45 4.48 12.97
C ILE B 145 -130.86 4.96 12.82
N HIS B 146 -131.80 4.03 12.93
CA HIS B 146 -133.16 4.40 13.21
C HIS B 146 -133.52 3.85 14.58
N VAL B 147 -134.31 4.62 15.32
CA VAL B 147 -134.80 4.17 16.61
C VAL B 147 -136.31 4.24 16.58
N TYR B 148 -136.96 3.11 16.81
CA TYR B 148 -138.40 3.15 16.94
C TYR B 148 -138.72 2.90 18.41
N PRO B 149 -138.99 3.93 19.20
CA PRO B 149 -139.21 3.72 20.63
C PRO B 149 -140.59 3.22 20.95
N ASN B 150 -141.49 3.19 19.97
CA ASN B 150 -142.81 2.63 20.23
C ASN B 150 -142.72 1.13 20.38
N SER B 151 -141.93 0.48 19.56
CA SER B 151 -141.66 -0.94 19.68
C SER B 151 -140.33 -1.19 20.37
N GLN B 152 -139.62 -0.13 20.75
CA GLN B 152 -138.42 -0.17 21.57
C GLN B 152 -137.31 -0.99 20.92
N VAL B 153 -137.00 -0.61 19.69
CA VAL B 153 -135.99 -1.25 18.88
C VAL B 153 -135.06 -0.18 18.36
N VAL B 154 -133.79 -0.52 18.27
CA VAL B 154 -132.89 0.22 17.40
C VAL B 154 -132.58 -0.62 16.18
N GLU B 155 -132.40 0.07 15.08
CA GLU B 155 -132.24 -0.56 13.77
C GLU B 155 -131.02 0.06 13.13
N LEU B 156 -130.02 -0.77 12.88
CA LEU B 156 -128.86 -0.33 12.15
C LEU B 156 -129.08 -0.63 10.69
N ARG B 157 -129.12 0.41 9.87
CA ARG B 157 -129.26 0.24 8.45
C ARG B 157 -127.91 0.48 7.79
N TYR B 158 -127.60 -0.32 6.80
CA TYR B 158 -126.36 -0.13 6.08
C TYR B 158 -126.64 0.64 4.81
N ALA B 159 -125.60 0.89 4.02
CA ALA B 159 -125.78 1.54 2.75
C ALA B 159 -125.95 0.50 1.65
N ILE C 272 -95.68 3.17 0.97
CA ILE C 272 -96.50 3.16 2.17
C ILE C 272 -95.78 3.81 3.31
N PRO C 273 -96.41 4.85 3.87
CA PRO C 273 -95.83 5.55 5.00
C PRO C 273 -95.78 4.67 6.24
N PRO C 274 -94.93 5.02 7.20
CA PRO C 274 -95.00 4.36 8.50
C PRO C 274 -96.14 4.92 9.32
N SER C 275 -96.61 4.09 10.25
CA SER C 275 -97.78 4.40 11.06
C SER C 275 -97.52 5.61 11.91
N ALA C 276 -96.60 5.44 12.83
CA ALA C 276 -96.02 6.46 13.63
C ALA C 276 -94.75 5.85 14.15
N ASN C 277 -94.14 6.50 15.10
CA ASN C 277 -93.12 5.80 15.84
C ASN C 277 -93.80 4.96 16.88
N ASP C 278 -93.26 3.78 17.09
CA ASP C 278 -93.62 3.14 18.33
C ASP C 278 -92.86 3.69 19.50
N LEU C 279 -91.79 4.43 19.24
CA LEU C 279 -91.19 5.14 20.34
C LEU C 279 -92.08 6.24 20.82
N LEU C 280 -92.98 6.71 19.98
CA LEU C 280 -94.08 7.50 20.46
C LEU C 280 -94.89 6.75 21.49
N LEU C 281 -95.04 5.44 21.35
CA LEU C 281 -95.80 4.74 22.36
C LEU C 281 -95.04 4.70 23.67
N HIS C 282 -93.72 4.78 23.61
CA HIS C 282 -92.94 4.80 24.83
C HIS C 282 -92.94 6.18 25.45
N VAL C 283 -92.73 7.19 24.64
CA VAL C 283 -92.68 8.50 25.21
C VAL C 283 -94.06 9.07 25.34
N LEU C 284 -95.06 8.28 24.99
CA LEU C 284 -96.42 8.61 25.34
C LEU C 284 -96.57 8.73 26.82
N GLU C 285 -95.97 7.82 27.53
CA GLU C 285 -95.79 7.93 28.96
C GLU C 285 -94.41 8.48 29.21
N GLY C 286 -94.04 8.53 30.46
CA GLY C 286 -92.85 9.22 30.79
C GLY C 286 -91.56 8.48 30.58
N VAL C 287 -91.52 7.33 29.90
CA VAL C 287 -90.20 6.77 29.68
C VAL C 287 -89.53 7.58 28.56
N PRO C 288 -88.25 7.85 28.68
CA PRO C 288 -87.49 8.26 27.53
C PRO C 288 -87.37 7.09 26.58
N PRO C 289 -87.04 7.35 25.32
CA PRO C 289 -86.69 6.27 24.43
C PRO C 289 -85.38 5.64 24.89
N PRO C 290 -85.09 4.44 24.44
CA PRO C 290 -83.75 3.88 24.67
C PRO C 290 -82.68 4.76 24.08
N GLY C 291 -81.62 4.98 24.86
CA GLY C 291 -80.48 5.75 24.45
C GLY C 291 -80.79 7.22 24.23
N SER C 292 -81.36 7.88 25.21
CA SER C 292 -81.81 9.22 24.94
C SER C 292 -81.14 10.19 25.87
N ARG C 293 -81.23 11.46 25.52
CA ARG C 293 -80.62 12.44 26.39
C ARG C 293 -81.75 13.32 26.88
N ARG C 294 -81.79 13.50 28.19
CA ARG C 294 -82.82 14.33 28.77
C ARG C 294 -82.57 15.76 28.38
N LEU C 295 -83.43 16.28 27.55
CA LEU C 295 -83.29 17.66 27.17
C LEU C 295 -83.83 18.49 28.29
N VAL C 296 -82.97 19.41 28.74
CA VAL C 296 -83.28 20.21 29.90
C VAL C 296 -84.35 21.20 29.49
N VAL C 297 -85.56 20.94 29.94
CA VAL C 297 -86.68 21.77 29.61
C VAL C 297 -86.83 22.83 30.68
N SER C 298 -86.75 24.09 30.30
CA SER C 298 -86.86 25.15 31.27
C SER C 298 -88.03 26.06 30.90
N GLY C 299 -88.94 26.22 31.85
CA GLY C 299 -90.09 27.08 31.71
C GLY C 299 -91.42 26.38 31.58
N GLY C 300 -91.47 25.07 31.72
CA GLY C 300 -92.70 24.37 31.41
C GLY C 300 -92.62 22.92 31.81
N ASP C 301 -93.72 22.22 31.60
CA ASP C 301 -93.91 20.91 32.19
C ASP C 301 -93.73 19.81 31.16
N ALA C 302 -93.12 20.14 30.05
CA ALA C 302 -93.09 19.14 29.02
C ALA C 302 -91.73 18.51 29.14
N ARG C 303 -91.62 17.24 28.87
CA ARG C 303 -90.29 16.70 28.96
C ARG C 303 -89.84 16.17 27.62
N ALA C 304 -88.57 16.39 27.35
CA ALA C 304 -88.04 16.18 26.03
C ALA C 304 -86.81 15.31 26.09
N TRP C 305 -86.73 14.41 25.13
CA TRP C 305 -85.55 13.60 24.96
C TRP C 305 -85.02 13.71 23.57
N LEU C 306 -83.72 13.81 23.51
CA LEU C 306 -82.98 13.71 22.27
C LEU C 306 -82.78 12.24 22.02
N SER C 307 -83.43 11.71 21.01
CA SER C 307 -83.21 10.32 20.67
C SER C 307 -82.08 10.23 19.66
N ASN C 308 -82.33 10.73 18.45
CA ASN C 308 -81.33 10.72 17.39
C ASN C 308 -81.62 11.91 16.48
N GLU C 309 -81.13 13.07 16.89
CA GLU C 309 -81.46 14.41 16.38
C GLU C 309 -82.95 14.77 16.60
N LYS C 310 -83.77 13.80 16.96
CA LYS C 310 -85.19 13.95 16.96
C LYS C 310 -85.55 14.05 18.41
N MET C 311 -86.02 15.20 18.83
CA MET C 311 -86.56 15.16 20.16
C MET C 311 -87.91 14.50 20.07
N TYR C 312 -88.18 13.74 21.09
CA TYR C 312 -89.51 13.27 21.33
C TYR C 312 -89.90 14.04 22.55
N VAL C 313 -91.00 14.72 22.48
CA VAL C 313 -91.44 15.47 23.63
C VAL C 313 -92.79 14.95 24.05
N ARG C 314 -92.92 14.69 25.34
CA ARG C 314 -94.22 14.46 25.93
C ARG C 314 -94.68 15.81 26.42
N THR C 315 -95.97 16.02 26.32
CA THR C 315 -96.63 17.11 27.02
C THR C 315 -98.10 16.82 27.07
N ASN C 316 -98.81 17.76 27.67
CA ASN C 316 -100.20 17.89 27.36
C ASN C 316 -100.46 19.19 26.61
N LEU C 317 -99.47 20.06 26.51
CA LEU C 317 -99.63 21.38 25.91
C LEU C 317 -99.70 21.28 24.40
N THR C 318 -100.02 22.38 23.75
CA THR C 318 -100.37 22.31 22.34
C THR C 318 -99.26 22.85 21.49
N ILE C 319 -98.55 21.96 20.80
CA ILE C 319 -97.32 22.36 20.10
C ILE C 319 -97.68 23.25 18.92
N LEU C 320 -96.92 24.31 18.77
CA LEU C 320 -97.23 25.34 17.81
C LEU C 320 -96.16 25.56 16.78
N SER C 321 -94.95 25.94 17.18
CA SER C 321 -94.05 26.39 16.13
C SER C 321 -93.50 25.27 15.25
N PRO C 322 -92.77 24.28 15.76
CA PRO C 322 -91.92 23.54 14.85
C PRO C 322 -92.62 22.43 14.08
N GLY C 323 -93.54 21.68 14.63
CA GLY C 323 -94.16 20.63 13.84
C GLY C 323 -93.34 19.37 13.81
N TRP C 324 -94.02 18.29 14.10
CA TRP C 324 -93.43 17.00 14.38
C TRP C 324 -93.35 16.21 13.11
N LEU C 325 -92.59 15.14 13.14
CA LEU C 325 -92.85 14.15 12.13
C LEU C 325 -93.95 13.23 12.55
N ALA C 326 -94.06 12.98 13.82
CA ALA C 326 -95.17 12.13 14.18
C ALA C 326 -95.79 12.70 15.42
N SER C 327 -97.09 12.70 15.41
CA SER C 327 -97.80 13.14 16.57
C SER C 327 -98.64 12.02 17.10
N MET C 328 -99.02 12.21 18.31
CA MET C 328 -99.35 11.14 19.18
C MET C 328 -100.11 11.68 20.33
N THR C 329 -101.19 11.02 20.66
CA THR C 329 -101.68 11.38 21.96
C THR C 329 -102.12 10.12 22.63
N SER C 330 -102.33 10.23 23.92
CA SER C 330 -102.65 9.12 24.76
C SER C 330 -104.14 8.89 24.70
N ALA C 331 -104.63 8.09 25.63
CA ALA C 331 -106.05 8.10 25.86
C ALA C 331 -106.49 9.38 26.51
N ASP C 332 -105.63 10.00 27.33
CA ASP C 332 -106.05 11.17 28.08
C ASP C 332 -105.57 12.47 27.48
N GLY C 333 -105.19 12.48 26.22
CA GLY C 333 -104.70 13.72 25.67
C GLY C 333 -103.25 14.00 25.94
N THR C 334 -102.49 13.00 26.32
CA THR C 334 -101.07 13.25 26.45
C THR C 334 -100.42 13.12 25.10
N HIS C 335 -99.79 14.18 24.68
CA HIS C 335 -99.21 14.12 23.37
C HIS C 335 -97.79 13.64 23.50
N ALA C 336 -97.42 12.89 22.50
CA ALA C 336 -96.04 12.72 22.16
C ALA C 336 -95.86 13.26 20.76
N TYR C 337 -94.79 14.00 20.60
CA TYR C 337 -94.46 14.54 19.30
C TYR C 337 -93.03 14.14 19.00
N GLU C 338 -92.88 13.42 17.90
CA GLU C 338 -91.61 13.08 17.34
C GLU C 338 -91.27 14.23 16.42
N MET C 339 -90.39 15.08 16.93
CA MET C 339 -90.22 16.49 16.64
C MET C 339 -88.77 16.74 16.25
N GLN C 340 -88.64 17.60 15.27
CA GLN C 340 -87.35 18.00 14.83
C GLN C 340 -86.74 18.92 15.87
N LYS C 341 -85.45 19.18 15.72
CA LYS C 341 -84.77 19.73 16.88
C LYS C 341 -85.01 21.23 16.95
N SER C 342 -85.64 21.63 18.01
CA SER C 342 -85.62 23.04 18.19
C SER C 342 -84.90 23.35 19.48
N PRO C 343 -84.19 24.47 19.51
CA PRO C 343 -83.84 25.07 20.80
C PRO C 343 -85.02 25.71 21.49
N VAL C 344 -86.02 26.13 20.73
CA VAL C 344 -87.06 27.02 21.22
C VAL C 344 -88.39 26.45 20.80
N LEU C 345 -89.27 26.27 21.76
CA LEU C 345 -90.49 25.52 21.54
C LEU C 345 -91.68 26.43 21.76
N LEU C 346 -92.70 26.21 20.98
CA LEU C 346 -93.90 27.00 21.14
C LEU C 346 -95.07 26.13 21.47
N VAL C 347 -95.73 26.43 22.56
CA VAL C 347 -97.04 25.88 22.74
C VAL C 347 -98.01 27.00 22.95
N SER C 348 -99.27 26.69 22.76
CA SER C 348 -100.33 27.49 23.30
C SER C 348 -100.72 26.84 24.60
N TRP C 349 -100.89 27.67 25.60
CA TRP C 349 -101.17 27.23 26.95
C TRP C 349 -102.66 27.31 27.19
N HIS C 350 -103.23 28.50 27.07
CA HIS C 350 -104.66 28.67 27.32
C HIS C 350 -105.27 29.66 26.36
N GLY C 351 -104.90 29.59 25.09
CA GLY C 351 -105.11 30.72 24.24
C GLY C 351 -104.08 31.81 24.40
N LYS C 352 -103.39 31.83 25.54
CA LYS C 352 -102.09 32.45 25.67
C LYS C 352 -101.07 31.51 25.06
N VAL C 353 -99.96 32.06 24.60
CA VAL C 353 -98.94 31.28 23.91
C VAL C 353 -97.62 31.41 24.65
N MET C 354 -96.93 30.30 24.82
CA MET C 354 -95.68 30.24 25.55
C MET C 354 -94.55 29.81 24.64
N GLN C 355 -93.50 30.62 24.65
CA GLN C 355 -92.16 30.22 24.26
C GLN C 355 -91.60 29.34 25.36
N LEU C 356 -90.71 28.43 24.98
CA LEU C 356 -90.07 27.53 25.94
C LEU C 356 -88.64 27.28 25.50
N LYS C 357 -87.68 27.38 26.41
CA LYS C 357 -86.32 27.13 26.02
C LYS C 357 -85.92 25.73 26.39
N VAL C 358 -85.11 25.10 25.57
CA VAL C 358 -84.52 23.83 25.93
C VAL C 358 -83.02 24.00 25.99
N GLU C 359 -82.37 23.05 26.64
CA GLU C 359 -80.92 22.99 26.68
C GLU C 359 -80.52 21.61 26.19
N GLY C 360 -79.50 21.57 25.33
CA GLY C 360 -79.09 20.33 24.73
C GLY C 360 -80.14 19.91 23.74
N LEU D 41 -82.15 35.55 33.56
CA LEU D 41 -82.64 34.52 34.46
C LEU D 41 -84.16 34.56 34.58
N PRO D 42 -84.79 33.39 34.66
CA PRO D 42 -86.26 33.33 34.81
C PRO D 42 -86.74 33.87 36.16
N CYS D 43 -88.06 33.99 36.28
CA CYS D 43 -88.65 34.80 37.33
C CYS D 43 -88.81 34.06 38.65
N ARG D 44 -88.42 34.71 39.74
CA ARG D 44 -88.97 34.39 41.04
C ARG D 44 -90.35 35.00 41.15
N VAL D 45 -90.39 36.31 41.23
CA VAL D 45 -91.63 37.06 41.21
C VAL D 45 -91.96 37.33 39.75
N ASP D 46 -93.23 37.27 39.44
CA ASP D 46 -93.73 37.71 38.13
C ASP D 46 -94.09 39.19 38.18
N GLY D 47 -93.12 40.01 38.61
CA GLY D 47 -93.32 41.43 38.73
C GLY D 47 -94.34 41.82 39.78
N ALA D 48 -94.44 41.08 40.87
CA ALA D 48 -95.45 41.38 41.87
C ALA D 48 -94.92 40.99 43.23
N CYS D 49 -95.53 41.55 44.26
CA CYS D 49 -95.18 41.16 45.61
C CYS D 49 -96.43 40.96 46.42
N ASP D 50 -96.42 39.86 47.17
CA ASP D 50 -97.54 39.50 48.00
C ASP D 50 -97.77 40.52 49.10
N ALA D 51 -96.70 41.22 49.51
CA ALA D 51 -96.83 42.33 50.44
C ALA D 51 -97.67 43.46 49.85
N THR D 52 -97.45 43.77 48.59
CA THR D 52 -98.28 44.77 47.94
C THR D 52 -99.72 44.33 47.86
N ILE D 53 -99.90 43.05 47.53
CA ILE D 53 -101.21 42.43 47.50
C ILE D 53 -101.93 42.59 48.82
N ILE D 54 -101.26 42.27 49.91
CA ILE D 54 -101.95 42.34 51.18
C ILE D 54 -102.12 43.78 51.64
N LYS D 55 -101.21 44.68 51.24
CA LYS D 55 -101.42 46.10 51.44
C LYS D 55 -102.71 46.55 50.78
N MET D 56 -103.01 45.96 49.61
CA MET D 56 -104.24 46.34 48.94
C MET D 56 -105.42 45.92 49.79
N MET D 57 -105.54 44.59 50.03
CA MET D 57 -106.77 44.06 50.66
C MET D 57 -107.03 44.70 52.00
N THR D 58 -105.94 44.94 52.77
CA THR D 58 -106.08 45.71 53.98
C THR D 58 -106.71 47.05 53.73
N ASP D 59 -106.17 47.81 52.79
CA ASP D 59 -106.62 49.18 52.69
C ASP D 59 -108.00 49.29 52.04
N LEU D 60 -108.31 48.39 51.12
CA LEU D 60 -109.59 48.46 50.42
C LEU D 60 -110.69 47.77 51.18
N ASN D 61 -110.33 47.04 52.20
CA ASN D 61 -111.39 46.63 53.09
C ASN D 61 -111.47 47.55 54.29
N LYS D 62 -110.40 48.30 54.58
CA LYS D 62 -110.52 49.50 55.40
C LYS D 62 -111.46 50.48 54.74
N LYS D 63 -111.36 50.57 53.43
CA LYS D 63 -112.27 51.29 52.58
C LYS D 63 -113.49 50.47 52.23
N GLY D 64 -113.55 49.23 52.69
CA GLY D 64 -114.78 48.51 52.74
C GLY D 64 -115.15 47.79 51.48
N ILE D 65 -114.46 48.03 50.39
CA ILE D 65 -114.82 47.36 49.16
C ILE D 65 -114.33 45.94 49.24
N LYS D 66 -115.25 45.01 49.17
CA LYS D 66 -115.01 43.77 49.89
C LYS D 66 -114.29 42.79 49.00
N VAL D 67 -113.16 42.31 49.48
CA VAL D 67 -112.40 41.28 48.80
C VAL D 67 -112.76 39.96 49.47
N ALA D 68 -113.27 39.03 48.70
CA ALA D 68 -113.27 37.64 49.10
C ALA D 68 -112.03 36.96 48.54
N SER D 69 -111.42 36.12 49.36
CA SER D 69 -110.20 35.46 48.96
C SER D 69 -110.31 34.02 49.42
N VAL D 70 -110.95 33.20 48.61
CA VAL D 70 -111.61 32.01 49.12
C VAL D 70 -111.21 30.80 48.28
N GLY D 71 -110.67 29.80 48.95
CA GLY D 71 -110.13 28.64 48.27
C GLY D 71 -109.04 29.11 47.35
N GLN D 72 -109.30 29.02 46.06
CA GLN D 72 -108.39 29.62 45.12
C GLN D 72 -109.04 30.77 44.40
N ASN D 73 -110.35 30.91 44.50
CA ASN D 73 -111.01 31.94 43.73
C ASN D 73 -111.09 33.22 44.54
N TYR D 74 -110.99 34.33 43.86
CA TYR D 74 -110.93 35.61 44.52
C TYR D 74 -111.99 36.49 43.89
N LEU D 75 -112.67 37.23 44.75
CA LEU D 75 -113.88 37.96 44.40
C LEU D 75 -113.77 39.34 44.99
N ILE D 76 -114.31 40.34 44.30
CA ILE D 76 -114.57 41.61 44.95
C ILE D 76 -116.02 41.98 44.72
N SER D 77 -116.69 42.26 45.81
CA SER D 77 -118.03 42.81 45.80
C SER D 77 -117.87 44.29 46.09
N ILE D 78 -118.68 45.08 45.41
CA ILE D 78 -118.61 46.52 45.49
C ILE D 78 -120.04 47.02 45.58
N PRO D 79 -120.34 47.95 46.46
CA PRO D 79 -121.60 48.69 46.33
C PRO D 79 -121.56 49.52 45.07
N ALA D 80 -122.63 49.42 44.27
CA ALA D 80 -122.71 50.19 43.04
C ALA D 80 -122.92 51.68 43.29
N SER D 81 -123.31 52.05 44.51
CA SER D 81 -123.61 53.42 44.83
C SER D 81 -122.39 54.31 44.77
N ALA D 82 -121.23 53.76 45.12
CA ALA D 82 -120.02 54.54 45.03
C ALA D 82 -119.59 54.79 43.61
N LEU D 83 -120.16 54.06 42.64
CA LEU D 83 -119.67 54.10 41.27
C LEU D 83 -120.66 54.68 40.28
N PHE D 84 -121.78 54.02 40.10
CA PHE D 84 -122.77 54.55 39.20
C PHE D 84 -123.61 55.53 39.98
N ALA D 85 -124.23 56.43 39.25
CA ALA D 85 -125.20 57.27 39.92
C ALA D 85 -126.51 56.51 39.93
N ASP D 86 -127.51 57.18 40.49
CA ASP D 86 -128.83 56.65 40.75
C ASP D 86 -129.50 56.16 39.48
N GLN D 87 -129.64 54.83 39.36
CA GLN D 87 -130.22 54.14 38.22
C GLN D 87 -129.49 54.42 36.91
N SER D 88 -128.25 54.86 37.01
CA SER D 88 -127.57 55.24 35.79
C SER D 88 -126.56 54.16 35.53
N PRO D 89 -126.32 53.84 34.33
CA PRO D 89 -125.08 53.15 33.99
C PRO D 89 -123.97 54.15 33.74
N ARG D 90 -123.85 55.13 34.61
CA ARG D 90 -122.97 56.25 34.36
C ARG D 90 -122.10 56.44 35.57
N LEU D 91 -120.80 56.39 35.34
CA LEU D 91 -119.82 56.47 36.39
C LEU D 91 -119.46 57.90 36.66
N ASN D 92 -118.80 58.14 37.78
CA ASN D 92 -118.32 59.47 38.04
C ASN D 92 -116.80 59.54 38.01
N TRP D 93 -116.29 60.61 38.60
CA TRP D 93 -114.93 61.03 38.32
C TRP D 93 -113.92 60.39 39.23
N ALA D 94 -113.99 60.70 40.53
CA ALA D 94 -112.98 60.30 41.49
C ALA D 94 -112.98 58.81 41.76
N SER D 95 -114.02 58.13 41.29
CA SER D 95 -114.10 56.68 41.25
C SER D 95 -112.95 56.04 40.53
N TYR D 96 -112.42 56.70 39.51
CA TYR D 96 -111.53 56.02 38.60
C TYR D 96 -110.17 55.75 39.18
N SER D 97 -109.75 56.51 40.20
CA SER D 97 -108.59 56.14 40.99
C SER D 97 -108.78 54.77 41.59
N LEU D 98 -109.95 54.56 42.16
CA LEU D 98 -110.27 53.28 42.78
C LEU D 98 -110.40 52.19 41.74
N LEU D 99 -111.04 52.50 40.62
CA LEU D 99 -111.22 51.52 39.57
C LEU D 99 -109.91 51.08 38.95
N ASN D 100 -109.00 52.00 38.84
CA ASN D 100 -107.76 51.64 38.21
C ASN D 100 -106.86 50.90 39.19
N GLU D 101 -106.97 51.20 40.49
CA GLU D 101 -106.16 50.44 41.42
C GLU D 101 -106.74 49.05 41.66
N ILE D 102 -108.03 48.87 41.35
CA ILE D 102 -108.54 47.53 41.14
C ILE D 102 -107.80 46.83 40.03
N ALA D 103 -107.71 47.47 38.86
CA ALA D 103 -107.01 46.82 37.74
C ALA D 103 -105.56 46.56 38.05
N ALA D 104 -104.97 47.45 38.85
CA ALA D 104 -103.62 47.27 39.35
C ALA D 104 -103.53 46.02 40.18
N PHE D 105 -104.54 45.77 40.98
CA PHE D 105 -104.52 44.50 41.68
C PHE D 105 -104.75 43.34 40.73
N LEU D 106 -105.53 43.57 39.69
CA LEU D 106 -105.86 42.48 38.78
C LEU D 106 -104.66 42.00 38.03
N LYS D 107 -103.72 42.88 37.81
CA LYS D 107 -102.42 42.50 37.31
C LYS D 107 -101.64 41.60 38.25
N GLN D 108 -102.00 41.51 39.52
CA GLN D 108 -101.14 40.77 40.41
C GLN D 108 -101.20 39.26 40.22
N PHE D 109 -102.10 38.74 39.41
CA PHE D 109 -102.14 37.31 39.25
C PHE D 109 -102.17 36.89 37.81
N ARG D 110 -101.61 35.74 37.56
CA ARG D 110 -101.82 35.09 36.29
C ARG D 110 -103.27 34.62 36.36
N LYS D 111 -104.07 34.98 35.37
CA LYS D 111 -105.47 34.59 35.34
C LYS D 111 -105.97 34.41 33.93
N ILE D 112 -107.11 33.77 33.80
CA ILE D 112 -107.63 33.32 32.52
C ILE D 112 -108.90 34.05 32.15
N ALA D 113 -109.92 33.91 32.99
CA ALA D 113 -111.24 34.44 32.69
C ALA D 113 -111.65 35.29 33.87
N ILE D 114 -112.32 36.38 33.58
CA ILE D 114 -112.85 37.24 34.61
C ILE D 114 -114.33 37.40 34.35
N THR D 115 -115.14 37.11 35.36
CA THR D 115 -116.56 37.31 35.22
C THR D 115 -116.97 38.49 36.06
N VAL D 116 -117.71 39.39 35.45
CA VAL D 116 -118.32 40.48 36.17
C VAL D 116 -119.83 40.40 36.01
N THR D 117 -120.50 40.50 37.13
CA THR D 117 -121.92 40.71 37.14
C THR D 117 -122.23 41.88 38.04
N SER D 118 -123.37 42.45 37.82
CA SER D 118 -123.80 43.53 38.68
C SER D 118 -125.25 43.29 39.05
N TYR D 119 -125.64 43.81 40.19
CA TYR D 119 -127.02 43.67 40.59
C TYR D 119 -127.55 45.00 41.04
N SER D 120 -128.82 45.19 40.80
CA SER D 120 -129.45 46.44 41.18
C SER D 120 -130.77 46.16 41.83
N SER D 121 -131.07 46.91 42.89
CA SER D 121 -132.36 46.88 43.53
C SER D 121 -133.47 47.21 42.54
N LYS D 122 -134.58 46.49 42.68
CA LYS D 122 -135.62 46.49 41.68
C LYS D 122 -136.28 47.86 41.63
N TYR D 123 -136.26 48.47 40.46
CA TYR D 123 -136.64 49.86 40.36
C TYR D 123 -137.91 50.09 39.57
N VAL D 124 -137.93 49.72 38.29
CA VAL D 124 -139.13 49.97 37.51
C VAL D 124 -139.60 48.72 36.77
N SER D 125 -138.77 48.15 35.91
CA SER D 125 -139.29 47.10 35.05
C SER D 125 -138.19 46.13 34.71
N VAL D 126 -138.52 44.85 34.82
CA VAL D 126 -137.55 43.76 34.93
C VAL D 126 -136.57 43.77 33.77
N LYS D 127 -137.07 44.16 32.61
CA LYS D 127 -136.28 44.51 31.48
C LYS D 127 -135.27 45.58 31.82
N ARG D 128 -135.68 46.66 32.51
CA ARG D 128 -134.68 47.70 32.64
C ARG D 128 -133.75 47.46 33.80
N GLU D 129 -134.12 46.66 34.79
CA GLU D 129 -133.06 46.46 35.77
C GLU D 129 -132.05 45.47 35.24
N ARG D 130 -132.51 44.49 34.44
CA ARG D 130 -131.61 43.74 33.59
C ARG D 130 -130.74 44.64 32.76
N ALA D 131 -131.36 45.63 32.12
CA ALA D 131 -130.62 46.50 31.24
C ALA D 131 -129.65 47.37 32.02
N LEU D 132 -130.07 47.88 33.16
CA LEU D 132 -129.25 48.81 33.90
C LEU D 132 -128.03 48.11 34.44
N THR D 133 -128.26 46.95 35.01
CA THR D 133 -127.16 46.13 35.44
C THR D 133 -126.27 45.70 34.30
N LEU D 134 -126.88 45.32 33.17
CA LEU D 134 -126.12 44.82 32.04
C LEU D 134 -125.23 45.90 31.46
N ALA D 135 -125.77 47.09 31.37
CA ALA D 135 -125.01 48.22 30.91
C ALA D 135 -123.94 48.60 31.92
N ARG D 136 -124.28 48.55 33.21
CA ARG D 136 -123.34 48.91 34.25
C ARG D 136 -122.14 48.00 34.22
N SER D 137 -122.42 46.71 34.09
CA SER D 137 -121.42 45.68 33.94
C SER D 137 -120.58 45.91 32.71
N ARG D 138 -121.24 46.13 31.57
CA ARG D 138 -120.47 46.23 30.36
C ARG D 138 -119.65 47.50 30.31
N VAL D 139 -120.04 48.56 31.02
CA VAL D 139 -119.25 49.77 30.91
C VAL D 139 -118.03 49.69 31.82
N VAL D 140 -118.18 49.09 32.99
CA VAL D 140 -116.97 48.99 33.78
C VAL D 140 -116.07 47.89 33.21
N SER D 141 -116.66 46.90 32.55
CA SER D 141 -115.91 45.86 31.88
C SER D 141 -115.14 46.40 30.71
N GLU D 142 -115.80 47.24 29.92
CA GLU D 142 -115.13 47.94 28.83
C GLU D 142 -113.96 48.71 29.38
N TYR D 143 -114.17 49.41 30.50
CA TYR D 143 -113.10 50.23 31.04
C TYR D 143 -111.93 49.39 31.48
N LEU D 144 -112.19 48.31 32.16
CA LEU D 144 -111.01 47.62 32.64
C LEU D 144 -110.40 46.73 31.58
N TRP D 145 -111.18 46.27 30.61
CA TRP D 145 -110.62 45.59 29.46
C TRP D 145 -109.71 46.50 28.68
N SER D 146 -110.13 47.73 28.52
CA SER D 146 -109.26 48.74 27.97
C SER D 146 -108.06 48.93 28.86
N GLN D 147 -108.27 48.83 30.16
CA GLN D 147 -107.19 48.96 31.08
C GLN D 147 -106.41 47.66 31.08
N GLY D 148 -105.58 47.47 32.08
CA GLY D 148 -104.84 46.23 32.14
C GLY D 148 -105.73 45.04 32.44
N VAL D 149 -105.98 44.22 31.43
CA VAL D 149 -106.54 42.91 31.63
C VAL D 149 -105.55 41.86 31.23
N ASP D 150 -105.35 40.94 32.13
CA ASP D 150 -104.53 39.78 31.88
C ASP D 150 -105.40 38.55 31.70
N SER D 151 -106.70 38.75 31.70
CA SER D 151 -107.57 37.66 31.38
C SER D 151 -107.51 37.35 29.91
N ARG D 152 -107.88 36.13 29.57
CA ARG D 152 -108.14 35.88 28.18
C ARG D 152 -109.58 36.17 27.84
N ILE D 153 -110.46 35.97 28.80
CA ILE D 153 -111.90 36.07 28.57
C ILE D 153 -112.46 36.98 29.65
N ILE D 154 -113.36 37.87 29.28
CA ILE D 154 -114.19 38.52 30.27
C ILE D 154 -115.64 38.25 29.92
N PHE D 155 -116.32 37.52 30.79
CA PHE D 155 -117.75 37.37 30.72
C PHE D 155 -118.40 38.49 31.50
N THR D 156 -119.48 39.05 30.97
CA THR D 156 -120.15 40.15 31.62
C THR D 156 -121.67 40.04 31.53
N GLN D 157 -122.31 40.32 32.67
CA GLN D 157 -123.75 40.45 32.81
C GLN D 157 -124.11 41.03 34.18
N GLY D 158 -125.41 41.18 34.38
CA GLY D 158 -125.93 41.67 35.65
C GLY D 158 -127.42 41.46 35.66
N LEU D 159 -127.97 41.34 36.86
CA LEU D 159 -129.39 41.08 36.99
C LEU D 159 -130.03 42.04 37.97
N GLY D 160 -131.32 42.22 37.84
CA GLY D 160 -131.96 43.20 38.68
C GLY D 160 -132.19 42.77 40.09
N SER D 161 -131.10 42.55 40.84
CA SER D 161 -131.11 41.96 42.19
C SER D 161 -132.02 40.75 42.25
N ASP D 162 -131.95 39.90 41.24
CA ASP D 162 -132.78 38.70 41.19
C ASP D 162 -132.36 37.72 42.25
N LYS D 163 -131.15 37.90 42.75
CA LYS D 163 -130.58 37.14 43.82
C LYS D 163 -130.05 38.16 44.81
N PRO D 164 -130.95 38.77 45.57
CA PRO D 164 -130.51 39.75 46.54
C PRO D 164 -129.79 39.05 47.67
N ILE D 165 -128.67 39.60 48.10
CA ILE D 165 -127.94 38.99 49.20
C ILE D 165 -128.42 39.51 50.54
N THR D 166 -129.14 40.60 50.54
CA THR D 166 -129.94 40.96 51.69
C THR D 166 -131.36 41.09 51.22
N SER D 167 -132.28 40.83 52.12
CA SER D 167 -133.64 41.27 51.90
C SER D 167 -133.98 42.48 52.74
N TYR D 168 -133.07 42.96 53.59
CA TYR D 168 -133.20 44.32 54.07
C TYR D 168 -133.11 45.25 52.88
N THR D 169 -134.22 45.87 52.56
CA THR D 169 -134.46 46.49 51.27
C THR D 169 -134.69 47.98 51.42
N LEU D 170 -133.77 48.61 52.17
CA LEU D 170 -133.83 49.99 52.66
C LEU D 170 -134.23 51.01 51.60
N GLY D 171 -133.94 50.75 50.33
CA GLY D 171 -134.51 51.51 49.26
C GLY D 171 -134.06 50.99 47.91
N GLY D 172 -133.71 51.93 47.06
CA GLY D 172 -133.24 51.61 45.74
C GLY D 172 -131.74 51.57 45.75
N ASP D 173 -131.12 52.65 45.30
CA ASP D 173 -129.70 52.61 44.98
C ASP D 173 -128.82 52.95 46.16
N ARG D 174 -129.35 52.94 47.37
CA ARG D 174 -128.44 52.81 48.49
C ARG D 174 -128.45 51.42 49.09
N SER D 175 -129.20 50.51 48.50
CA SER D 175 -129.13 49.12 48.93
C SER D 175 -127.80 48.52 48.55
N PRO D 176 -127.27 47.62 49.36
CA PRO D 176 -126.18 46.76 48.90
C PRO D 176 -126.58 45.78 47.83
N ASN D 177 -127.86 45.55 47.58
CA ASN D 177 -128.21 44.73 46.43
C ASN D 177 -128.00 45.48 45.13
N ALA D 178 -127.89 46.79 45.20
CA ALA D 178 -127.23 47.56 44.16
C ALA D 178 -125.73 47.43 44.40
N ARG D 179 -125.04 46.83 43.45
CA ARG D 179 -123.74 46.24 43.67
C ARG D 179 -123.19 45.78 42.35
N VAL D 180 -121.90 45.50 42.37
CA VAL D 180 -121.23 44.93 41.22
C VAL D 180 -120.14 44.03 41.76
N GLU D 181 -119.95 42.91 41.11
CA GLU D 181 -119.16 41.83 41.64
C GLU D 181 -118.31 41.24 40.55
N ILE D 182 -117.08 40.91 40.92
CA ILE D 182 -116.09 40.39 39.98
C ILE D 182 -115.49 39.15 40.58
N THR D 183 -115.56 38.06 39.85
CA THR D 183 -114.93 36.83 40.26
C THR D 183 -113.82 36.49 39.30
N PHE D 184 -112.78 35.85 39.84
CA PHE D 184 -111.85 35.10 39.03
C PHE D 184 -111.29 33.99 39.89
N ARG D 185 -110.60 33.08 39.25
CA ARG D 185 -109.73 32.13 39.92
C ARG D 185 -108.31 32.43 39.51
N ARG D 186 -107.44 32.64 40.50
CA ARG D 186 -106.03 32.91 40.22
C ARG D 186 -105.44 31.70 39.54
N ALA D 187 -105.01 31.88 38.31
CA ALA D 187 -104.51 30.76 37.54
C ALA D 187 -103.14 30.38 38.07
N VAL D 188 -103.04 29.15 38.56
CA VAL D 188 -101.85 28.45 39.05
C VAL D 188 -100.89 29.29 39.89
N UNK E 1 -178.17 77.13 16.20
CA UNK E 1 -176.95 77.23 17.00
C UNK E 1 -175.85 76.31 16.46
N UNK E 2 -176.02 75.01 16.65
CA UNK E 2 -174.99 74.04 16.31
C UNK E 2 -174.94 73.78 14.80
N UNK E 3 -174.20 72.75 14.41
CA UNK E 3 -174.09 72.41 12.99
C UNK E 3 -174.78 71.06 12.79
N UNK E 4 -175.99 71.10 12.23
CA UNK E 4 -176.81 69.91 12.00
C UNK E 4 -177.50 70.03 10.64
N UNK E 5 -176.82 69.55 9.60
CA UNK E 5 -177.42 69.40 8.28
C UNK E 5 -176.64 68.33 7.54
N UNK E 6 -177.31 67.65 6.62
CA UNK E 6 -176.66 66.78 5.63
C UNK E 6 -177.02 67.39 4.28
N UNK E 7 -176.28 68.42 3.92
CA UNK E 7 -176.69 69.39 2.92
C UNK E 7 -175.45 70.00 2.31
N UNK E 8 -175.60 71.18 1.74
CA UNK E 8 -174.50 72.08 1.49
C UNK E 8 -174.69 73.25 2.45
N UNK E 9 -174.16 73.13 3.68
CA UNK E 9 -174.14 74.28 4.57
C UNK E 9 -173.26 75.38 4.01
N UNK E 10 -172.11 75.00 3.45
CA UNK E 10 -171.28 75.72 2.48
C UNK E 10 -170.62 76.98 3.00
N UNK E 11 -171.07 77.48 4.14
CA UNK E 11 -170.64 78.78 4.64
C UNK E 11 -170.91 78.75 6.13
N UNK E 12 -169.86 78.46 6.89
CA UNK E 12 -169.94 78.56 8.33
C UNK E 12 -168.57 79.08 8.75
N UNK E 13 -168.43 80.40 8.73
CA UNK E 13 -167.36 81.07 9.45
C UNK E 13 -167.94 81.53 10.79
N UNK E 14 -168.45 80.57 11.54
CA UNK E 14 -169.26 80.82 12.72
C UNK E 14 -168.84 79.89 13.84
N UNK E 15 -168.95 80.38 15.08
CA UNK E 15 -168.65 79.63 16.29
C UNK E 15 -169.96 79.17 16.93
N UNK E 16 -170.02 77.89 17.28
CA UNK E 16 -171.22 77.30 17.84
C UNK E 16 -171.40 77.65 19.32
N UNK E 17 -172.56 77.26 19.87
CA UNK E 17 -173.11 77.78 21.11
C UNK E 17 -172.81 76.90 22.32
N UNK E 18 -173.40 77.28 23.45
CA UNK E 18 -173.49 76.39 24.59
C UNK E 18 -174.49 75.30 24.29
N UNK E 19 -174.14 74.08 24.71
CA UNK E 19 -174.88 72.85 24.40
C UNK E 19 -175.09 72.71 22.89
N UNK E 20 -174.06 73.02 22.11
CA UNK E 20 -174.19 72.95 20.67
C UNK E 20 -173.65 71.62 20.18
N UNK E 21 -174.58 70.70 19.91
CA UNK E 21 -174.23 69.40 19.36
C UNK E 21 -174.04 69.53 17.86
N UNK E 22 -172.89 70.05 17.47
CA UNK E 22 -172.57 70.28 16.06
C UNK E 22 -172.26 68.92 15.43
N UNK E 23 -173.31 68.20 15.07
CA UNK E 23 -173.21 66.88 14.45
C UNK E 23 -173.44 66.95 12.95
N UNK E 24 -172.62 67.73 12.25
CA UNK E 24 -172.90 68.04 10.85
C UNK E 24 -172.54 66.89 9.91
N UNK E 25 -173.30 66.81 8.81
CA UNK E 25 -172.94 65.99 7.66
C UNK E 25 -173.09 66.82 6.38
N UNK E 26 -173.11 68.14 6.51
CA UNK E 26 -173.38 69.02 5.39
C UNK E 26 -172.10 69.41 4.69
N UNK E 27 -172.23 69.77 3.42
CA UNK E 27 -171.08 70.29 2.68
C UNK E 27 -170.85 71.72 3.16
N UNK E 28 -169.74 71.92 3.87
CA UNK E 28 -169.33 73.25 4.34
C UNK E 28 -168.06 73.62 3.59
N UNK E 29 -168.23 74.40 2.51
CA UNK E 29 -167.08 74.81 1.70
C UNK E 29 -166.23 75.80 2.45
N UNK E 30 -166.82 76.90 2.90
CA UNK E 30 -166.14 77.81 3.81
C UNK E 30 -166.38 77.29 5.22
N UNK E 31 -165.59 76.30 5.61
CA UNK E 31 -165.73 75.65 6.90
C UNK E 31 -164.70 76.18 7.88
N UNK E 32 -165.18 76.78 8.95
CA UNK E 32 -164.33 77.17 10.08
C UNK E 32 -165.23 77.10 11.31
N UNK E 33 -165.18 75.96 12.01
CA UNK E 33 -166.11 75.68 13.09
C UNK E 33 -165.37 75.66 14.43
N UNK E 34 -165.49 76.75 15.18
CA UNK E 34 -164.96 76.80 16.53
C UNK E 34 -166.09 76.63 17.54
N UNK E 35 -166.57 75.39 17.64
CA UNK E 35 -167.69 75.05 18.52
C UNK E 35 -167.31 75.21 19.99
N UNK E 36 -168.31 75.50 20.84
CA UNK E 36 -168.03 75.90 22.21
C UNK E 36 -168.41 74.88 23.27
N UNK E 37 -169.53 74.19 23.11
CA UNK E 37 -169.94 73.27 24.15
C UNK E 37 -170.77 72.17 23.53
N UNK E 38 -170.59 70.96 24.07
CA UNK E 38 -171.21 69.72 23.61
C UNK E 38 -170.92 69.46 22.15
N UNK E 39 -169.72 69.80 21.70
CA UNK E 39 -169.36 69.68 20.29
C UNK E 39 -169.35 68.21 19.90
N UNK E 40 -170.11 67.89 18.87
CA UNK E 40 -170.51 66.52 18.60
C UNK E 40 -170.20 66.14 17.17
N UNK E 41 -168.99 66.46 16.73
CA UNK E 41 -168.57 66.32 15.34
C UNK E 41 -168.52 64.86 14.90
N UNK E 42 -169.20 64.56 13.79
CA UNK E 42 -169.11 63.27 13.08
C UNK E 42 -169.45 63.52 11.62
N UNK E 43 -168.44 63.70 10.78
CA UNK E 43 -168.68 64.14 9.41
C UNK E 43 -167.82 63.36 8.41
N UNK E 44 -168.30 63.35 7.17
CA UNK E 44 -167.61 62.71 6.04
C UNK E 44 -167.53 63.76 4.92
N UNK E 45 -166.49 64.57 4.94
CA UNK E 45 -166.37 65.69 4.02
C UNK E 45 -164.91 66.00 3.74
N UNK E 46 -164.68 67.20 3.20
CA UNK E 46 -163.33 67.70 2.94
C UNK E 46 -163.32 69.18 3.30
N UNK E 47 -162.72 69.53 4.43
CA UNK E 47 -162.68 70.90 4.91
C UNK E 47 -161.56 71.70 4.29
N UNK E 48 -160.44 71.03 3.98
CA UNK E 48 -159.24 71.52 3.31
C UNK E 48 -158.45 72.53 4.12
N UNK E 49 -159.00 73.08 5.19
CA UNK E 49 -158.27 74.05 6.00
C UNK E 49 -158.70 74.01 7.44
N UNK E 50 -159.06 72.86 7.99
CA UNK E 50 -159.65 72.85 9.32
C UNK E 50 -158.59 73.19 10.35
N UNK E 51 -158.66 74.43 10.81
CA UNK E 51 -157.90 74.87 11.96
C UNK E 51 -158.91 74.88 13.10
N UNK E 52 -159.11 73.72 13.67
CA UNK E 52 -160.13 73.55 14.70
C UNK E 52 -159.60 73.93 16.07
N UNK E 53 -160.44 74.61 16.84
CA UNK E 53 -160.24 74.83 18.26
C UNK E 53 -161.31 74.07 19.01
N UNK E 54 -160.96 73.48 20.15
CA UNK E 54 -161.89 72.62 20.88
C UNK E 54 -161.93 72.94 22.36
N UNK E 55 -163.13 73.21 22.85
CA UNK E 55 -163.43 73.31 24.28
C UNK E 55 -163.97 71.97 24.79
N UNK E 56 -164.53 71.95 26.00
CA UNK E 56 -164.93 70.71 26.64
C UNK E 56 -166.14 70.07 25.96
N UNK E 57 -166.31 68.77 26.22
CA UNK E 57 -167.34 67.92 25.62
C UNK E 57 -167.27 67.95 24.10
N UNK E 58 -166.05 67.95 23.58
CA UNK E 58 -165.84 67.93 22.15
C UNK E 58 -165.56 66.49 21.79
N UNK E 59 -166.62 65.72 21.57
CA UNK E 59 -166.53 64.47 20.86
C UNK E 59 -166.39 64.82 19.40
N UNK E 60 -165.28 64.45 18.80
CA UNK E 60 -165.01 64.80 17.43
C UNK E 60 -164.66 63.55 16.65
N UNK E 61 -165.15 63.48 15.41
CA UNK E 61 -164.97 62.31 14.55
C UNK E 61 -165.10 62.78 13.10
N UNK E 62 -164.00 62.74 12.36
CA UNK E 62 -163.98 63.40 11.06
C UNK E 62 -163.15 62.67 10.02
N UNK E 63 -163.50 62.86 8.75
CA UNK E 63 -162.76 62.39 7.59
C UNK E 63 -162.40 63.52 6.64
N UNK E 64 -162.16 64.71 7.18
CA UNK E 64 -161.87 65.90 6.40
C UNK E 64 -160.52 66.47 6.76
N UNK E 65 -159.95 67.27 5.87
CA UNK E 65 -158.58 67.73 6.03
C UNK E 65 -158.50 68.82 7.09
N UNK E 66 -157.61 68.61 8.05
CA UNK E 66 -157.36 69.61 9.07
C UNK E 66 -156.00 70.24 8.86
N UNK E 67 -155.88 71.44 9.36
CA UNK E 67 -154.61 72.14 9.26
C UNK E 67 -154.03 72.43 10.62
N UNK E 68 -154.87 72.85 11.55
CA UNK E 68 -154.38 73.15 12.87
C UNK E 68 -155.36 72.59 13.87
N UNK E 69 -154.86 72.23 15.05
CA UNK E 69 -155.71 71.79 16.13
C UNK E 69 -155.23 72.39 17.44
N UNK E 70 -156.15 73.02 18.15
CA UNK E 70 -155.84 73.68 19.42
C UNK E 70 -156.85 73.21 20.47
N UNK E 71 -156.36 72.98 21.68
CA UNK E 71 -157.14 72.36 22.73
C UNK E 71 -157.16 73.21 23.99
N UNK E 72 -158.37 73.43 24.53
CA UNK E 72 -158.54 74.27 25.70
C UNK E 72 -158.66 73.50 27.01
N UNK E 73 -159.68 72.65 27.19
CA UNK E 73 -159.92 72.08 28.51
C UNK E 73 -159.76 70.57 28.56
N UNK E 74 -160.62 69.81 27.88
CA UNK E 74 -160.62 68.35 27.90
C UNK E 74 -161.58 67.85 26.83
N UNK E 75 -161.11 67.01 25.93
CA UNK E 75 -161.90 66.63 24.77
C UNK E 75 -161.49 65.26 24.28
N UNK E 76 -162.22 64.77 23.27
CA UNK E 76 -162.04 63.42 22.76
C UNK E 76 -162.13 63.48 21.24
N UNK E 77 -160.99 63.35 20.58
CA UNK E 77 -160.97 63.46 19.13
C UNK E 77 -160.71 62.11 18.47
N UNK E 78 -161.27 61.96 17.27
CA UNK E 78 -161.12 60.77 16.42
C UNK E 78 -161.23 61.27 14.99
N UNK E 79 -160.08 61.56 14.38
CA UNK E 79 -160.08 62.30 13.12
C UNK E 79 -159.15 61.68 12.09
N UNK E 80 -159.35 62.08 10.82
CA UNK E 80 -158.54 61.67 9.67
C UNK E 80 -158.20 62.88 8.78
N UNK E 81 -157.05 63.51 9.04
CA UNK E 81 -156.58 64.66 8.28
C UNK E 81 -155.43 64.27 7.34
N UNK E 82 -155.04 65.21 6.48
CA UNK E 82 -154.06 64.83 5.46
C UNK E 82 -152.87 65.75 5.32
N UNK E 83 -153.04 67.07 5.40
CA UNK E 83 -152.03 67.96 4.86
C UNK E 83 -151.01 68.40 5.90
N UNK E 84 -151.44 69.16 6.89
CA UNK E 84 -150.50 69.71 7.84
C UNK E 84 -151.19 69.80 9.18
N UNK E 85 -150.39 69.95 10.22
CA UNK E 85 -150.95 70.01 11.55
C UNK E 85 -150.04 70.85 12.40
N UNK E 86 -150.50 72.03 12.73
CA UNK E 86 -149.92 72.81 13.80
C UNK E 86 -150.70 72.38 15.03
N UNK E 87 -150.01 71.79 16.00
CA UNK E 87 -150.66 71.23 17.18
C UNK E 87 -150.36 72.07 18.42
N UNK E 88 -151.41 72.39 19.17
CA UNK E 88 -151.22 73.10 20.43
C UNK E 88 -152.31 72.68 21.41
N UNK E 89 -151.91 72.26 22.61
CA UNK E 89 -152.81 71.48 23.45
C UNK E 89 -152.81 71.94 24.90
N UNK E 90 -153.92 71.63 25.58
CA UNK E 90 -153.99 71.63 27.04
C UNK E 90 -154.98 70.57 27.53
N UNK E 91 -154.44 69.52 28.15
CA UNK E 91 -155.16 68.61 29.05
C UNK E 91 -156.30 67.84 28.39
N UNK E 92 -156.10 67.29 27.21
CA UNK E 92 -157.20 66.60 26.56
C UNK E 92 -156.73 65.25 26.05
N UNK E 93 -157.54 64.66 25.18
CA UNK E 93 -157.23 63.39 24.56
C UNK E 93 -157.65 63.42 23.10
N UNK E 94 -156.73 63.08 22.23
CA UNK E 94 -157.05 63.13 20.82
C UNK E 94 -156.51 61.89 20.16
N UNK E 95 -157.22 61.42 19.17
CA UNK E 95 -156.77 60.34 18.33
C UNK E 95 -156.90 60.76 16.88
N UNK E 96 -155.87 60.47 16.11
CA UNK E 96 -155.84 60.78 14.69
C UNK E 96 -155.40 59.53 13.94
N UNK E 97 -155.76 59.45 12.67
CA UNK E 97 -155.58 58.20 11.93
C UNK E 97 -154.65 58.31 10.74
N UNK E 98 -155.00 59.11 9.72
CA UNK E 98 -154.47 58.97 8.38
C UNK E 98 -153.12 59.64 8.24
N UNK E 99 -152.51 59.51 7.06
CA UNK E 99 -151.19 60.06 6.79
C UNK E 99 -151.32 61.58 6.71
N UNK E 100 -150.78 62.26 7.71
CA UNK E 100 -150.70 63.71 7.71
C UNK E 100 -149.28 64.15 8.06
N UNK E 101 -149.11 65.45 8.23
CA UNK E 101 -147.80 66.02 8.54
C UNK E 101 -147.96 66.97 9.72
N UNK E 102 -147.78 66.45 10.92
CA UNK E 102 -147.67 67.32 12.08
C UNK E 102 -146.39 68.08 11.94
N UNK E 103 -146.51 69.38 11.67
CA UNK E 103 -145.33 70.21 11.61
C UNK E 103 -144.68 70.29 12.97
N UNK E 104 -145.45 70.60 13.99
CA UNK E 104 -144.90 70.72 15.33
C UNK E 104 -145.97 70.42 16.36
N UNK E 105 -145.50 70.06 17.55
CA UNK E 105 -146.36 69.92 18.72
C UNK E 105 -145.72 70.62 19.90
N UNK E 106 -146.50 71.46 20.57
CA UNK E 106 -146.06 72.18 21.75
C UNK E 106 -147.11 71.97 22.84
N UNK E 107 -146.70 71.38 23.95
CA UNK E 107 -147.64 71.02 25.00
C UNK E 107 -147.16 71.61 26.31
N UNK E 108 -148.02 72.40 26.94
CA UNK E 108 -147.76 72.89 28.29
C UNK E 108 -148.56 72.12 29.33
N UNK E 109 -149.27 71.08 28.93
CA UNK E 109 -150.24 70.44 29.82
C UNK E 109 -150.37 68.96 29.45
N UNK E 110 -151.48 68.34 29.86
CA UNK E 110 -151.66 66.90 29.84
C UNK E 110 -152.36 66.46 28.56
N UNK E 111 -151.59 65.90 27.64
CA UNK E 111 -152.11 65.55 26.33
C UNK E 111 -152.04 64.04 26.15
N UNK E 112 -153.17 63.44 25.82
CA UNK E 112 -153.20 62.07 25.36
C UNK E 112 -153.34 62.12 23.85
N UNK E 113 -152.25 62.46 23.18
CA UNK E 113 -152.28 62.63 21.75
C UNK E 113 -151.83 61.36 21.07
N UNK E 114 -152.63 60.91 20.10
CA UNK E 114 -152.33 59.68 19.40
C UNK E 114 -152.55 59.90 17.91
N UNK E 115 -151.79 59.16 17.12
CA UNK E 115 -151.99 59.12 15.68
C UNK E 115 -151.52 57.78 15.17
N UNK E 116 -152.42 57.08 14.49
CA UNK E 116 -152.11 55.79 13.91
C UNK E 116 -151.14 55.89 12.75
N UNK E 117 -151.26 56.91 11.90
CA UNK E 117 -150.28 57.12 10.85
C UNK E 117 -149.90 58.58 10.87
N UNK E 118 -148.64 58.86 10.59
CA UNK E 118 -148.15 60.21 10.45
C UNK E 118 -146.89 60.15 9.59
N UNK E 119 -147.00 60.55 8.32
CA UNK E 119 -145.84 60.57 7.44
C UNK E 119 -145.39 62.02 7.32
N UNK E 120 -144.79 62.53 8.38
CA UNK E 120 -144.24 63.87 8.39
C UNK E 120 -142.73 63.75 8.21
N UNK E 121 -142.04 64.85 8.41
CA UNK E 121 -140.59 64.83 8.30
C UNK E 121 -139.89 65.30 9.57
N UNK E 122 -140.13 66.54 9.98
CA UNK E 122 -139.40 67.12 11.11
C UNK E 122 -140.43 67.38 12.19
N UNK E 123 -140.67 66.38 13.00
CA UNK E 123 -141.57 66.52 14.12
C UNK E 123 -140.78 67.17 15.23
N UNK E 124 -141.05 68.44 15.45
CA UNK E 124 -140.44 69.16 16.55
C UNK E 124 -141.45 69.20 17.67
N UNK E 125 -141.06 68.70 18.83
CA UNK E 125 -141.93 68.63 19.98
C UNK E 125 -141.28 69.33 21.15
N UNK E 126 -141.96 70.31 21.71
CA UNK E 126 -141.53 70.93 22.94
C UNK E 126 -142.53 70.62 24.04
N UNK E 127 -142.01 70.22 25.19
CA UNK E 127 -142.84 69.68 26.25
C UNK E 127 -142.64 70.46 27.54
N UNK E 128 -143.75 70.69 28.26
CA UNK E 128 -143.75 71.41 29.53
C UNK E 128 -144.65 70.68 30.51
N UNK E 129 -144.04 69.73 31.23
CA UNK E 129 -144.39 69.15 32.53
C UNK E 129 -145.50 68.10 32.57
N UNK E 130 -146.30 67.88 31.52
CA UNK E 130 -147.40 66.96 31.81
C UNK E 130 -147.78 65.95 30.73
N UNK E 131 -147.55 66.22 29.46
CA UNK E 131 -148.20 65.44 28.41
C UNK E 131 -147.65 64.02 28.30
N UNK E 132 -148.40 63.18 27.62
CA UNK E 132 -147.94 61.85 27.30
C UNK E 132 -148.56 61.50 25.95
N UNK E 133 -147.84 61.82 24.90
CA UNK E 133 -148.34 61.58 23.56
C UNK E 133 -147.66 60.35 23.01
N UNK E 134 -148.39 59.62 22.20
CA UNK E 134 -147.87 58.42 21.58
C UNK E 134 -148.43 58.39 20.18
N UNK E 135 -147.65 58.89 19.24
CA UNK E 135 -148.03 58.84 17.82
C UNK E 135 -146.90 58.16 17.08
N UNK E 136 -147.24 57.29 16.13
CA UNK E 136 -146.22 56.44 15.51
C UNK E 136 -146.66 55.94 14.13
N UNK E 137 -146.12 56.53 13.07
CA UNK E 137 -145.86 55.72 11.88
C UNK E 137 -144.45 55.80 11.30
N UNK E 138 -144.09 56.97 10.74
CA UNK E 138 -142.88 57.07 9.91
C UNK E 138 -142.53 58.55 9.70
N UNK E 139 -141.42 59.00 10.28
CA UNK E 139 -140.97 60.38 10.16
C UNK E 139 -139.57 60.43 9.58
N UNK E 140 -138.98 61.63 9.58
CA UNK E 140 -137.60 61.78 9.17
C UNK E 140 -136.73 62.37 10.26
N UNK E 141 -137.12 63.47 10.85
CA UNK E 141 -136.27 64.15 11.81
C UNK E 141 -137.14 64.40 13.04
N UNK E 142 -136.97 63.58 14.05
CA UNK E 142 -137.72 63.74 15.27
C UNK E 142 -136.87 64.44 16.30
N UNK E 143 -137.24 65.67 16.63
CA UNK E 143 -136.50 66.43 17.62
C UNK E 143 -137.44 66.80 18.75
N UNK E 144 -136.98 66.61 19.97
CA UNK E 144 -137.86 66.82 21.13
C UNK E 144 -137.09 67.53 22.24
N UNK E 145 -137.53 68.72 22.55
CA UNK E 145 -137.10 69.44 23.73
C UNK E 145 -138.10 69.14 24.83
N UNK E 146 -137.78 68.16 25.67
CA UNK E 146 -138.61 67.88 26.83
C UNK E 146 -138.03 68.68 27.98
N UNK E 147 -138.38 69.96 28.02
CA UNK E 147 -138.02 70.80 29.16
C UNK E 147 -139.11 70.69 30.21
N UNK E 148 -139.25 69.49 30.77
CA UNK E 148 -140.55 69.03 31.23
C UNK E 148 -140.39 68.15 32.46
N UNK E 149 -141.48 67.49 32.84
CA UNK E 149 -141.49 66.37 33.78
C UNK E 149 -142.45 65.30 33.30
N UNK E 150 -142.46 65.02 32.01
CA UNK E 150 -143.58 64.32 31.40
C UNK E 150 -143.11 63.05 30.71
N UNK E 151 -144.03 62.44 29.97
CA UNK E 151 -143.78 61.18 29.32
C UNK E 151 -143.90 61.37 27.82
N UNK E 152 -143.17 60.57 27.08
CA UNK E 152 -143.07 60.71 25.64
C UNK E 152 -142.95 59.32 25.07
N UNK E 153 -144.07 58.73 24.72
CA UNK E 153 -144.07 57.37 24.21
C UNK E 153 -143.95 57.39 22.70
N UNK E 154 -143.20 56.44 22.17
CA UNK E 154 -143.04 56.30 20.74
C UNK E 154 -142.64 54.89 20.40
N UNK E 155 -143.47 54.24 19.61
CA UNK E 155 -143.07 53.09 18.82
C UNK E 155 -142.92 53.48 17.36
N UNK E 156 -142.32 54.65 17.12
CA UNK E 156 -142.27 55.31 15.82
C UNK E 156 -140.90 55.11 15.16
N UNK E 157 -140.90 55.00 13.82
CA UNK E 157 -139.68 54.75 13.04
C UNK E 157 -139.30 55.97 12.20
N UNK E 158 -138.41 56.80 12.72
CA UNK E 158 -137.81 57.90 11.97
C UNK E 158 -136.35 57.62 11.65
N UNK E 159 -135.83 58.33 10.65
CA UNK E 159 -134.43 58.12 10.32
C UNK E 159 -133.50 58.80 11.31
N UNK E 160 -133.76 60.08 11.61
CA UNK E 160 -132.86 60.87 12.41
C UNK E 160 -133.59 61.40 13.62
N UNK E 161 -132.89 61.42 14.74
CA UNK E 161 -133.50 61.87 15.98
C UNK E 161 -132.53 62.75 16.73
N UNK E 162 -133.09 63.76 17.37
CA UNK E 162 -132.38 64.59 18.33
C UNK E 162 -133.36 64.84 19.47
N UNK E 163 -133.18 64.10 20.55
CA UNK E 163 -134.07 64.17 21.71
C UNK E 163 -133.27 64.57 22.92
N UNK E 164 -133.68 65.64 23.56
CA UNK E 164 -133.02 66.14 24.76
C UNK E 164 -134.05 66.36 25.85
N UNK E 165 -133.78 65.81 27.04
CA UNK E 165 -134.67 65.89 28.18
C UNK E 165 -133.98 66.55 29.38
N UNK E 166 -134.68 67.50 30.00
CA UNK E 166 -134.07 68.42 30.94
C UNK E 166 -134.00 67.90 32.37
N UNK E 167 -135.11 67.41 32.93
CA UNK E 167 -135.12 66.97 34.33
C UNK E 167 -136.28 66.00 34.52
N UNK E 168 -135.96 64.72 34.66
CA UNK E 168 -136.89 63.68 35.12
C UNK E 168 -138.09 63.49 34.21
N UNK E 169 -137.83 63.42 32.91
CA UNK E 169 -138.86 63.01 31.99
C UNK E 169 -138.60 61.58 31.56
N UNK E 170 -139.58 60.99 30.90
CA UNK E 170 -139.47 59.61 30.47
C UNK E 170 -139.74 59.56 28.99
N UNK E 171 -138.78 59.07 28.23
CA UNK E 171 -138.92 59.06 26.78
C UNK E 171 -138.63 57.67 26.25
N UNK E 172 -139.54 57.19 25.42
CA UNK E 172 -139.37 55.94 24.71
C UNK E 172 -139.39 56.28 23.24
N UNK E 173 -138.26 56.07 22.58
CA UNK E 173 -138.09 56.44 21.19
C UNK E 173 -137.50 55.30 20.38
N UNK E 174 -137.38 55.53 19.07
CA UNK E 174 -136.78 54.59 18.13
C UNK E 174 -136.36 55.34 16.87
N UNK E 175 -135.14 55.08 16.37
CA UNK E 175 -134.57 55.76 15.20
C UNK E 175 -133.98 54.76 14.21
N UNK E 176 -133.95 55.14 12.93
CA UNK E 176 -133.39 54.25 11.91
C UNK E 176 -131.92 54.53 11.67
N UNK E 177 -131.60 55.72 11.18
CA UNK E 177 -130.22 56.02 10.86
C UNK E 177 -129.46 56.65 12.00
N UNK E 178 -130.01 57.67 12.62
CA UNK E 178 -129.24 58.41 13.62
C UNK E 178 -130.07 58.58 14.88
N UNK E 179 -129.48 58.23 16.00
CA UNK E 179 -130.04 58.56 17.30
C UNK E 179 -129.16 59.62 17.92
N UNK E 180 -129.77 60.72 18.33
CA UNK E 180 -129.07 61.77 19.00
C UNK E 180 -129.80 61.97 20.31
N UNK E 181 -129.11 61.75 21.41
CA UNK E 181 -129.79 61.64 22.68
C UNK E 181 -129.03 62.35 23.78
N UNK E 182 -129.73 63.22 24.50
CA UNK E 182 -129.16 63.93 25.63
C UNK E 182 -130.12 63.85 26.81
N UNK E 183 -129.60 63.43 27.97
CA UNK E 183 -130.43 63.29 29.16
C UNK E 183 -129.83 64.05 30.33
N UNK E 184 -130.69 64.66 31.13
CA UNK E 184 -130.24 65.25 32.40
C UNK E 184 -131.26 64.89 33.46
N UNK E 185 -130.82 64.14 34.46
CA UNK E 185 -131.64 63.69 35.59
C UNK E 185 -132.89 62.93 35.17
N UNK E 186 -132.88 62.30 34.00
CA UNK E 186 -134.10 61.80 33.40
C UNK E 186 -133.85 60.40 32.87
N UNK E 187 -134.86 59.82 32.23
CA UNK E 187 -134.74 58.47 31.71
C UNK E 187 -135.04 58.48 30.24
N UNK E 188 -134.09 58.01 29.46
CA UNK E 188 -134.30 57.82 28.05
C UNK E 188 -134.41 56.32 27.86
N UNK E 189 -135.62 55.82 27.92
CA UNK E 189 -135.87 54.42 27.65
C UNK E 189 -135.73 54.26 26.15
N UNK E 190 -134.51 54.26 25.67
CA UNK E 190 -134.25 54.30 24.24
C UNK E 190 -134.55 52.92 23.70
N UNK E 191 -135.80 52.71 23.34
CA UNK E 191 -136.40 51.40 23.26
C UNK E 191 -135.86 50.55 22.12
N UNK E 192 -135.07 51.11 21.24
CA UNK E 192 -134.53 50.32 20.16
C UNK E 192 -133.12 50.77 19.89
N UNK E 193 -132.55 50.28 18.79
CA UNK E 193 -131.18 50.59 18.40
C UNK E 193 -131.14 51.24 17.01
N UNK E 194 -130.37 52.33 16.89
CA UNK E 194 -130.21 53.06 15.63
C UNK E 194 -129.08 52.48 14.80
N UNK E 195 -128.98 52.95 13.55
CA UNK E 195 -127.79 52.64 12.77
C UNK E 195 -126.57 53.28 13.38
N UNK E 196 -126.71 54.49 13.88
CA UNK E 196 -125.64 55.12 14.61
C UNK E 196 -126.28 55.84 15.77
N UNK E 197 -125.97 55.39 16.95
CA UNK E 197 -126.59 55.89 18.16
C UNK E 197 -125.59 56.77 18.87
N UNK E 198 -126.08 57.82 19.50
CA UNK E 198 -125.21 58.71 20.26
C UNK E 198 -126.01 59.28 21.42
N UNK E 199 -125.38 59.35 22.58
CA UNK E 199 -126.05 59.84 23.76
C UNK E 199 -125.03 60.41 24.71
N UNK E 200 -125.48 61.31 25.57
CA UNK E 200 -124.72 61.72 26.74
C UNK E 200 -125.67 61.97 27.91
N UNK E 201 -125.26 61.56 29.09
CA UNK E 201 -126.08 61.66 30.28
C UNK E 201 -125.42 62.61 31.29
N UNK E 202 -126.21 63.54 31.79
CA UNK E 202 -125.78 64.57 32.73
C UNK E 202 -126.04 64.11 34.16
N UNK E 203 -126.05 65.06 35.10
CA UNK E 203 -126.22 64.80 36.53
C UNK E 203 -127.46 63.97 36.80
N UNK E 204 -127.21 62.75 37.27
CA UNK E 204 -128.22 61.75 37.64
C UNK E 204 -129.09 61.30 36.48
N UNK E 205 -128.52 61.26 35.27
CA UNK E 205 -129.29 60.90 34.09
C UNK E 205 -129.03 59.47 33.67
N UNK E 206 -130.00 58.88 32.98
CA UNK E 206 -129.92 57.47 32.57
C UNK E 206 -130.59 57.27 31.21
N UNK E 207 -129.78 56.99 30.19
CA UNK E 207 -130.31 56.67 28.88
C UNK E 207 -130.37 55.16 28.70
N UNK E 208 -131.39 54.58 29.28
CA UNK E 208 -131.56 53.14 29.24
C UNK E 208 -131.95 52.75 27.83
N UNK E 209 -130.97 52.34 27.04
CA UNK E 209 -131.23 51.95 25.66
C UNK E 209 -131.94 50.62 25.67
N UNK E 210 -133.25 50.68 25.88
CA UNK E 210 -134.01 49.51 26.27
C UNK E 210 -134.43 48.70 25.06
N UNK E 211 -133.45 48.13 24.37
CA UNK E 211 -133.77 47.25 23.28
C UNK E 211 -134.36 45.95 23.82
N UNK E 212 -135.11 45.26 22.98
CA UNK E 212 -135.80 44.05 23.41
C UNK E 212 -134.81 42.90 23.46
N UNK E 213 -134.31 42.59 24.64
CA UNK E 213 -133.48 41.41 24.83
C UNK E 213 -134.30 40.17 24.56
N UNK E 214 -133.60 39.10 24.20
CA UNK E 214 -134.17 37.85 23.68
C UNK E 214 -135.08 38.13 22.49
N UNK E 215 -134.45 38.54 21.42
CA UNK E 215 -135.14 38.56 20.16
C UNK E 215 -135.02 37.20 19.48
N UNK E 216 -135.50 37.11 18.25
CA UNK E 216 -135.23 35.90 17.48
C UNK E 216 -134.06 36.11 16.53
N UNK E 217 -133.90 37.33 16.00
CA UNK E 217 -132.65 37.76 15.37
C UNK E 217 -132.48 39.26 15.51
N UNK E 218 -131.93 39.72 16.61
CA UNK E 218 -131.52 41.11 16.70
C UNK E 218 -130.03 41.17 16.41
N UNK E 219 -129.65 41.94 15.42
CA UNK E 219 -128.24 42.16 15.16
C UNK E 219 -127.64 42.98 16.30
N UNK E 220 -126.39 42.68 16.64
CA UNK E 220 -125.79 43.30 17.80
C UNK E 220 -125.16 44.64 17.44
N UNK E 221 -124.67 45.33 18.47
CA UNK E 221 -124.07 46.66 18.32
C UNK E 221 -122.73 46.52 17.64
N UNK E 222 -122.55 47.20 16.51
CA UNK E 222 -121.34 47.06 15.72
C UNK E 222 -120.23 47.93 16.27
N UNK E 223 -119.05 47.84 15.65
CA UNK E 223 -117.91 48.65 16.05
C UNK E 223 -118.16 50.11 15.79
N UNK E 224 -118.92 50.42 14.76
CA UNK E 224 -119.39 51.77 14.59
C UNK E 224 -120.49 52.12 15.58
N UNK E 225 -121.22 51.13 16.09
CA UNK E 225 -122.26 51.43 17.07
C UNK E 225 -121.79 51.14 18.48
N UNK E 226 -120.51 50.84 18.66
CA UNK E 226 -119.96 50.46 19.95
C UNK E 226 -119.84 51.70 20.82
N UNK E 227 -120.79 51.86 21.72
CA UNK E 227 -120.77 52.93 22.68
C UNK E 227 -120.49 52.37 24.07
N UNK E 228 -120.33 53.27 25.03
CA UNK E 228 -120.34 52.87 26.43
C UNK E 228 -121.75 52.94 26.93
N UNK F 1 -156.82 47.65 8.55
CA UNK F 1 -155.86 46.95 9.40
C UNK F 1 -154.51 47.62 9.27
N UNK F 2 -154.32 48.33 8.18
CA UNK F 2 -153.10 49.08 7.98
C UNK F 2 -153.45 50.41 7.34
N UNK F 3 -152.72 51.45 7.73
CA UNK F 3 -152.76 52.70 6.99
C UNK F 3 -151.71 52.53 5.90
N UNK F 4 -152.11 51.78 4.87
CA UNK F 4 -151.20 51.20 3.92
C UNK F 4 -151.14 52.05 2.67
N UNK F 5 -150.13 51.78 1.85
CA UNK F 5 -150.01 52.43 0.56
C UNK F 5 -150.18 51.40 -0.55
N UNK F 6 -150.76 51.85 -1.66
CA UNK F 6 -150.89 51.05 -2.87
C UNK F 6 -149.62 51.05 -3.69
N UNK F 7 -148.54 51.65 -3.18
CA UNK F 7 -147.23 51.67 -3.80
C UNK F 7 -146.54 50.33 -3.57
N UNK F 8 -145.24 50.27 -3.82
CA UNK F 8 -144.51 49.02 -3.70
C UNK F 8 -144.32 48.63 -2.23
N UNK F 9 -145.44 48.26 -1.59
CA UNK F 9 -145.47 47.52 -0.33
C UNK F 9 -144.88 48.27 0.87
N UNK F 10 -145.43 49.45 1.17
CA UNK F 10 -145.13 50.18 2.40
C UNK F 10 -146.43 50.51 3.12
N UNK F 11 -146.38 50.52 4.46
CA UNK F 11 -147.61 50.69 5.24
C UNK F 11 -147.30 51.17 6.64
N UNK F 12 -147.96 52.23 7.06
CA UNK F 12 -148.31 52.26 8.47
C UNK F 12 -149.32 51.16 8.70
N UNK F 13 -149.33 50.61 9.91
CA UNK F 13 -150.13 49.42 10.11
C UNK F 13 -150.59 49.34 11.55
N UNK F 14 -151.84 48.95 11.73
CA UNK F 14 -152.53 49.17 12.98
C UNK F 14 -152.80 47.85 13.69
N UNK F 15 -151.78 47.00 13.78
CA UNK F 15 -151.94 45.80 14.60
C UNK F 15 -151.88 46.14 16.08
N UNK F 16 -150.67 46.43 16.59
CA UNK F 16 -150.50 47.09 17.87
C UNK F 16 -149.72 48.38 17.68
N UNK F 17 -148.54 48.27 17.08
CA UNK F 17 -147.82 49.40 16.50
C UNK F 17 -146.98 48.79 15.41
N UNK F 18 -147.41 48.92 14.16
CA UNK F 18 -146.78 48.12 13.12
C UNK F 18 -146.49 48.97 11.89
N UNK F 19 -145.47 48.56 11.15
CA UNK F 19 -145.11 49.20 9.89
C UNK F 19 -145.05 48.08 8.86
N UNK F 20 -146.18 47.80 8.22
CA UNK F 20 -146.28 46.66 7.32
C UNK F 20 -145.65 47.04 5.98
N UNK F 21 -144.45 46.54 5.75
CA UNK F 21 -143.76 46.80 4.49
C UNK F 21 -143.20 45.49 3.95
N UNK F 22 -143.51 45.19 2.69
CA UNK F 22 -142.95 44.04 2.02
C UNK F 22 -141.93 44.52 0.97
N UNK F 23 -141.40 43.62 0.15
CA UNK F 23 -140.19 43.87 -0.64
C UNK F 23 -140.44 44.20 -2.11
N UNK F 24 -141.57 43.74 -2.69
CA UNK F 24 -141.99 44.04 -4.07
C UNK F 24 -141.00 43.56 -5.13
N UNK F 25 -140.27 42.48 -4.81
CA UNK F 25 -139.44 41.80 -5.79
C UNK F 25 -139.84 40.35 -5.96
N UNK F 26 -140.22 39.68 -4.88
CA UNK F 26 -140.95 38.42 -4.96
C UNK F 26 -142.46 38.61 -4.91
N UNK F 27 -142.90 39.84 -4.58
CA UNK F 27 -144.31 40.28 -4.65
C UNK F 27 -145.24 39.46 -3.77
N UNK F 28 -144.99 39.52 -2.46
CA UNK F 28 -145.89 38.89 -1.48
C UNK F 28 -146.79 39.93 -0.82
N UNK F 29 -147.50 40.69 -1.65
CA UNK F 29 -148.36 41.77 -1.16
C UNK F 29 -149.82 41.31 -1.04
N UNK F 30 -150.03 40.28 -0.21
CA UNK F 30 -151.37 39.79 0.03
C UNK F 30 -152.07 40.48 1.20
N UNK F 31 -151.32 41.31 1.95
CA UNK F 31 -151.82 42.07 3.11
C UNK F 31 -152.43 41.17 4.18
N UNK F 32 -151.74 40.07 4.48
CA UNK F 32 -152.09 39.24 5.64
C UNK F 32 -150.80 38.70 6.24
N UNK F 33 -150.17 39.49 7.10
CA UNK F 33 -148.87 39.14 7.66
C UNK F 33 -148.80 39.70 9.07
N UNK F 34 -147.96 39.08 9.89
CA UNK F 34 -147.92 39.33 11.33
C UNK F 34 -146.52 39.76 11.74
N UNK F 35 -146.35 41.04 12.03
CA UNK F 35 -145.06 41.59 12.43
C UNK F 35 -145.03 41.85 13.93
N UNK F 36 -143.99 41.36 14.61
CA UNK F 36 -143.84 41.57 16.06
C UNK F 36 -142.39 41.92 16.39
N UNK F 37 -142.20 42.50 17.58
CA UNK F 37 -140.95 43.16 17.97
C UNK F 37 -140.01 42.27 18.78
N UNK F 38 -139.72 41.06 18.28
CA UNK F 38 -138.56 40.29 18.74
C UNK F 38 -137.90 39.64 17.54
N UNK F 39 -137.93 40.36 16.41
CA UNK F 39 -137.50 39.90 15.08
C UNK F 39 -138.22 38.63 14.65
N UNK F 40 -139.55 38.76 14.55
CA UNK F 40 -140.40 37.68 14.05
C UNK F 40 -141.52 38.31 13.23
N UNK F 41 -141.51 38.04 11.91
CA UNK F 41 -142.56 38.49 11.00
C UNK F 41 -143.07 37.27 10.23
N UNK F 42 -144.19 36.73 10.68
CA UNK F 42 -144.81 35.57 10.04
C UNK F 42 -145.69 36.06 8.90
N UNK F 43 -145.18 35.93 7.68
CA UNK F 43 -145.96 36.19 6.48
C UNK F 43 -146.48 34.87 5.93
N UNK F 44 -147.02 34.89 4.70
CA UNK F 44 -147.71 33.71 4.17
C UNK F 44 -146.86 32.88 3.22
N UNK F 45 -146.51 33.41 2.04
CA UNK F 45 -145.82 32.63 1.02
C UNK F 45 -144.36 32.40 1.39
N UNK F 46 -143.68 33.46 1.81
CA UNK F 46 -142.28 33.41 2.23
C UNK F 46 -142.11 34.41 3.37
N UNK F 47 -140.87 34.81 3.64
CA UNK F 47 -140.59 35.88 4.59
C UNK F 47 -140.37 37.19 3.82
N UNK F 48 -141.07 38.24 4.26
CA UNK F 48 -141.03 39.53 3.58
C UNK F 48 -140.74 40.65 4.58
N UNK F 49 -140.03 41.68 4.10
CA UNK F 49 -139.61 42.78 4.95
C UNK F 49 -139.39 44.04 4.10
N UNK F 50 -139.01 45.12 4.76
CA UNK F 50 -138.76 46.39 4.08
C UNK F 50 -137.40 46.37 3.39
N UNK F 51 -137.17 47.37 2.55
CA UNK F 51 -135.97 47.42 1.69
C UNK F 51 -134.77 47.83 2.52
N UNK F 52 -133.80 46.91 2.66
CA UNK F 52 -132.56 47.18 3.36
C UNK F 52 -131.38 46.46 2.72
N UNK G 1 -92.54 37.79 47.03
CA UNK G 1 -92.08 36.43 46.80
C UNK G 1 -93.02 35.44 47.46
N UNK G 2 -92.72 35.13 48.71
CA UNK G 2 -93.67 34.55 49.65
C UNK G 2 -93.55 35.37 50.93
N UNK G 3 -92.80 36.46 50.83
CA UNK G 3 -92.30 37.17 51.98
C UNK G 3 -93.39 38.07 52.53
N UNK G 4 -93.50 38.08 53.86
CA UNK G 4 -94.43 38.83 54.67
C UNK G 4 -95.89 38.42 54.47
N UNK G 5 -96.18 37.47 53.58
CA UNK G 5 -97.53 36.92 53.53
C UNK G 5 -97.71 36.02 54.74
N UNK G 6 -96.90 34.98 54.79
CA UNK G 6 -96.41 34.38 56.01
C UNK G 6 -95.09 33.75 55.63
N UNK G 7 -94.66 32.76 56.40
CA UNK G 7 -93.46 32.05 56.02
C UNK G 7 -93.69 31.29 54.72
N UNK G 8 -92.66 31.18 53.90
CA UNK G 8 -92.74 30.37 52.70
C UNK G 8 -92.85 28.92 53.13
N UNK G 9 -94.08 28.44 53.25
CA UNK G 9 -94.32 27.19 53.96
C UNK G 9 -93.76 26.01 53.19
N UNK G 10 -94.34 25.71 52.05
CA UNK G 10 -93.68 24.82 51.13
C UNK G 10 -93.19 25.67 49.99
N UNK G 11 -92.63 25.02 48.99
CA UNK G 11 -92.40 25.66 47.71
C UNK G 11 -93.02 24.67 46.73
N UNK G 12 -94.28 24.92 46.40
CA UNK G 12 -95.15 23.88 45.87
C UNK G 12 -94.66 23.45 44.50
N UNK G 13 -94.38 22.18 44.38
CA UNK G 13 -94.02 21.63 43.09
C UNK G 13 -95.23 21.69 42.17
N UNK G 14 -94.93 21.75 40.88
CA UNK G 14 -95.87 22.10 39.83
C UNK G 14 -96.57 23.41 40.14
N UNK G 15 -95.81 24.35 40.71
CA UNK G 15 -96.36 25.63 41.12
C UNK G 15 -95.23 26.60 41.41
N UNK G 16 -95.60 27.71 42.01
CA UNK G 16 -94.69 28.68 42.57
C UNK G 16 -94.28 28.21 43.97
N UNK G 17 -93.71 29.11 44.75
CA UNK G 17 -93.56 28.83 46.17
C UNK G 17 -94.90 28.87 46.87
N UNK G 18 -94.91 28.43 48.12
CA UNK G 18 -96.12 28.47 48.95
C UNK G 18 -95.82 29.21 50.24
N UNK G 19 -96.31 30.43 50.35
CA UNK G 19 -96.27 31.10 51.64
C UNK G 19 -97.24 30.41 52.59
N UNK G 20 -97.06 30.64 53.88
CA UNK G 20 -97.97 30.06 54.86
C UNK G 20 -99.23 30.88 55.01
N UNK G 21 -99.39 31.94 54.23
CA UNK G 21 -100.68 32.59 54.09
C UNK G 21 -101.46 31.99 52.92
N UNK G 22 -100.86 31.94 51.73
CA UNK G 22 -101.53 31.41 50.55
C UNK G 22 -100.49 30.88 49.59
N UNK G 23 -100.95 30.43 48.43
CA UNK G 23 -100.05 30.00 47.37
C UNK G 23 -99.32 31.21 46.85
N UNK G 24 -98.00 31.18 46.93
CA UNK G 24 -97.24 32.41 46.76
C UNK G 24 -96.99 32.69 45.29
N UNK G 25 -96.33 33.81 45.04
CA UNK G 25 -96.04 34.25 43.69
C UNK G 25 -94.61 33.96 43.26
N UNK G 26 -93.73 33.64 44.21
CA UNK G 26 -92.35 33.32 43.89
C UNK G 26 -92.30 32.01 43.14
N UNK G 27 -92.08 32.09 41.84
CA UNK G 27 -92.14 30.93 40.96
C UNK G 27 -91.05 29.94 41.34
N UNK G 28 -91.43 28.67 41.51
CA UNK G 28 -90.53 27.73 42.15
C UNK G 28 -89.52 27.12 41.18
N UNK G 29 -89.98 26.38 40.19
CA UNK G 29 -89.13 25.45 39.47
C UNK G 29 -88.57 26.06 38.20
N UNK G 30 -87.51 25.44 37.68
CA UNK G 30 -87.11 25.72 36.31
C UNK G 30 -88.10 25.13 35.33
N UNK G 31 -88.77 24.06 35.72
CA UNK G 31 -89.85 23.52 34.93
C UNK G 31 -91.16 24.22 35.24
N UNK G 32 -91.13 25.20 36.13
CA UNK G 32 -92.34 25.95 36.40
C UNK G 32 -92.60 26.92 35.26
N UNK G 33 -93.85 27.38 35.16
CA UNK G 33 -94.27 28.27 34.08
C UNK G 33 -94.00 29.71 34.44
N UNK G 34 -92.72 30.01 34.65
CA UNK G 34 -92.25 31.37 34.56
C UNK G 34 -92.50 31.82 33.13
N UNK G 35 -92.97 33.05 32.97
CA UNK G 35 -93.45 33.52 31.67
C UNK G 35 -92.25 33.80 30.75
N UNK G 36 -92.10 32.96 29.74
CA UNK G 36 -91.08 33.14 28.72
C UNK G 36 -91.68 33.75 27.47
N UNK G 37 -91.15 34.90 27.08
CA UNK G 37 -91.54 35.53 25.83
C UNK G 37 -90.36 36.12 25.07
N UNK G 38 -89.15 36.00 25.57
CA UNK G 38 -87.99 36.62 24.92
C UNK G 38 -86.81 35.66 24.94
N UNK G 39 -86.70 34.83 23.91
CA UNK G 39 -85.50 34.04 23.73
C UNK G 39 -84.34 34.94 23.35
N UNK G 40 -83.12 34.46 23.58
CA UNK G 40 -81.93 35.24 23.25
C UNK G 40 -80.83 34.29 22.82
N UNK G 41 -80.73 34.04 21.51
CA UNK G 41 -79.76 33.09 21.01
C UNK G 41 -79.49 33.34 19.54
N UNK G 42 -78.50 32.65 19.02
CA UNK G 42 -78.21 32.68 17.60
C UNK G 42 -79.00 31.60 16.90
N UNK G 43 -79.63 31.98 15.80
CA UNK G 43 -80.51 31.13 15.00
C UNK G 43 -81.66 30.56 15.84
N UNK G 44 -82.00 31.29 16.91
CA UNK G 44 -83.17 31.00 17.71
C UNK G 44 -84.40 31.35 16.90
N UNK G 45 -85.44 30.54 17.07
CA UNK G 45 -86.71 30.56 16.34
C UNK G 45 -86.54 30.21 14.86
N UNK G 46 -85.32 30.17 14.37
CA UNK G 46 -84.95 29.28 13.29
C UNK G 46 -84.53 28.01 13.98
N UNK G 47 -84.15 27.02 13.19
CA UNK G 47 -83.33 26.01 13.80
C UNK G 47 -82.01 26.65 14.19
N UNK G 48 -81.43 26.19 15.28
CA UNK G 48 -80.21 26.77 15.81
C UNK G 48 -79.02 26.43 14.93
N UNK G 49 -77.83 26.68 15.44
CA UNK G 49 -76.63 26.57 14.61
C UNK G 49 -76.29 25.12 14.33
N UNK G 50 -76.29 24.74 13.06
CA UNK G 50 -75.57 23.54 12.65
C UNK G 50 -74.10 23.85 12.87
N UNK G 51 -73.54 23.36 13.97
CA UNK G 51 -72.24 23.84 14.41
C UNK G 51 -71.06 23.22 13.67
N UNK G 52 -71.26 22.73 12.46
CA UNK G 52 -70.24 22.02 11.70
C UNK G 52 -69.10 22.89 11.19
N UNK G 53 -69.28 24.20 11.06
CA UNK G 53 -68.29 25.04 10.41
C UNK G 53 -67.62 26.00 11.40
N UNK G 54 -66.88 26.99 10.85
CA UNK G 54 -66.25 28.06 11.64
C UNK G 54 -66.14 29.33 10.78
N UNK G 55 -66.97 30.33 11.06
CA UNK G 55 -66.92 31.60 10.34
C UNK G 55 -67.41 32.70 11.28
N UNK G 56 -67.29 33.95 10.84
CA UNK G 56 -67.90 35.05 11.57
C UNK G 56 -69.41 34.91 11.52
N UNK G 57 -69.96 34.74 10.33
CA UNK G 57 -71.34 34.34 10.22
C UNK G 57 -71.49 32.88 10.60
N UNK G 58 -72.68 32.51 11.02
CA UNK G 58 -72.97 31.15 11.46
C UNK G 58 -74.10 30.61 10.61
N UNK G 59 -74.03 29.33 10.27
CA UNK G 59 -75.10 28.68 9.55
C UNK G 59 -76.03 28.01 10.53
N UNK G 60 -77.33 28.13 10.27
CA UNK G 60 -78.29 27.46 11.12
C UNK G 60 -78.30 25.97 10.82
N UNK G 61 -78.99 25.22 11.66
CA UNK G 61 -79.37 23.87 11.27
C UNK G 61 -80.41 23.89 10.18
N UNK G 62 -81.15 24.98 10.06
CA UNK G 62 -81.95 25.26 8.90
C UNK G 62 -81.15 25.96 7.82
N UNK G 63 -79.82 26.02 7.97
CA UNK G 63 -78.88 26.59 7.00
C UNK G 63 -79.18 28.04 6.67
N UNK G 64 -79.69 28.77 7.64
CA UNK G 64 -79.86 30.20 7.50
C UNK G 64 -78.60 30.84 8.04
N UNK G 65 -78.17 31.91 7.40
CA UNK G 65 -76.95 32.58 7.82
C UNK G 65 -77.25 33.48 9.00
N UNK G 66 -76.58 33.25 10.12
CA UNK G 66 -76.74 34.11 11.28
C UNK G 66 -75.98 35.38 11.01
N UNK G 67 -76.58 36.25 10.21
CA UNK G 67 -76.00 37.54 9.96
C UNK G 67 -76.07 38.41 11.19
N UNK G 68 -77.08 38.21 12.04
CA UNK G 68 -77.11 38.85 13.34
C UNK G 68 -76.01 38.34 14.24
N UNK G 69 -75.45 37.18 13.96
CA UNK G 69 -74.31 36.69 14.70
C UNK G 69 -73.08 36.66 13.82
N UNK G 70 -73.01 37.53 12.85
CA UNK G 70 -71.86 37.54 11.95
C UNK G 70 -70.78 38.50 12.44
N LYS H 24 -94.96 81.67 17.57
CA LYS H 24 -95.21 80.33 18.06
C LYS H 24 -96.14 79.59 17.11
N PHE H 25 -95.80 78.35 16.79
CA PHE H 25 -96.52 77.64 15.73
C PHE H 25 -96.39 76.15 15.91
N LYS H 26 -97.50 75.43 15.71
CA LYS H 26 -97.53 73.98 15.92
C LYS H 26 -98.55 73.35 14.98
N LYS H 27 -98.14 72.32 14.26
CA LYS H 27 -99.09 71.44 13.59
C LYS H 27 -99.71 70.51 14.62
N PRO H 28 -100.97 70.11 14.41
CA PRO H 28 -101.73 69.46 15.49
C PRO H 28 -101.21 68.08 15.89
N PRO H 29 -101.17 67.08 14.99
CA PRO H 29 -101.19 65.73 15.58
C PRO H 29 -99.81 65.23 16.00
N ILE H 30 -99.38 65.73 17.15
CA ILE H 30 -98.07 65.44 17.72
C ILE H 30 -98.17 64.11 18.45
N ASN H 31 -97.71 63.04 17.81
CA ASN H 31 -97.91 61.69 18.30
C ASN H 31 -96.74 61.22 19.13
N ASN H 32 -96.68 59.93 19.37
CA ASN H 32 -95.52 59.33 19.97
C ASN H 32 -94.43 59.19 18.93
N PRO H 33 -93.20 59.08 19.35
CA PRO H 33 -92.14 58.79 18.38
C PRO H 33 -92.19 57.35 17.91
N SER H 34 -92.41 57.14 16.63
CA SER H 34 -92.41 55.80 16.06
C SER H 34 -90.99 55.32 15.79
N ASP H 35 -90.87 54.13 15.22
CA ASP H 35 -89.61 53.71 14.64
C ASP H 35 -89.81 52.96 13.34
N ASP H 36 -88.71 52.93 12.58
CA ASP H 36 -88.68 52.42 11.22
C ASP H 36 -89.14 50.99 11.10
N ALA H 37 -88.87 50.22 12.14
CA ALA H 37 -89.20 48.83 12.16
C ALA H 37 -90.69 48.66 11.99
N THR H 38 -91.42 49.20 12.95
CA THR H 38 -92.85 49.11 12.88
C THR H 38 -93.42 49.92 11.75
N ILE H 39 -92.64 50.87 11.26
CA ILE H 39 -93.05 51.59 10.08
C ILE H 39 -93.11 50.65 8.91
N LYS H 40 -92.03 49.94 8.64
CA LYS H 40 -92.03 49.11 7.46
C LYS H 40 -92.91 47.91 7.64
N LEU H 41 -93.17 47.55 8.89
CA LEU H 41 -94.28 46.67 9.19
C LEU H 41 -95.59 47.25 8.71
N ALA H 42 -95.80 48.53 8.90
CA ALA H 42 -97.09 49.07 8.56
C ALA H 42 -97.29 49.10 7.06
N GLU H 43 -96.28 49.52 6.32
CA GLU H 43 -96.51 49.46 4.89
C GLU H 43 -96.50 48.07 4.33
N ALA H 44 -95.88 47.12 5.03
CA ALA H 44 -96.17 45.74 4.71
C ALA H 44 -97.64 45.47 4.83
N ALA H 45 -98.18 45.87 5.97
CA ALA H 45 -99.47 45.39 6.37
C ALA H 45 -100.56 45.96 5.50
N VAL H 46 -100.38 47.20 5.09
CA VAL H 46 -101.49 47.81 4.40
C VAL H 46 -101.57 47.30 2.99
N SER H 47 -100.42 46.95 2.44
CA SER H 47 -100.35 46.43 1.10
C SER H 47 -100.96 45.05 1.05
N VAL H 48 -100.64 44.22 2.02
CA VAL H 48 -101.29 42.93 1.99
C VAL H 48 -102.75 43.06 2.39
N SER H 49 -103.08 44.07 3.16
CA SER H 49 -104.42 44.28 3.63
C SER H 49 -105.34 44.63 2.49
N ASP H 50 -104.94 45.56 1.68
CA ASP H 50 -105.87 45.91 0.64
C ASP H 50 -105.83 44.92 -0.50
N SER H 51 -104.75 44.13 -0.58
CA SER H 51 -104.86 42.89 -1.34
C SER H 51 -106.01 42.05 -0.81
N MET H 52 -106.17 42.01 0.50
CA MET H 52 -107.29 41.28 1.07
C MET H 52 -108.61 41.84 0.72
N LEU H 53 -108.69 43.15 0.75
CA LEU H 53 -109.92 43.82 0.41
C LEU H 53 -110.35 43.47 -1.00
N GLU H 54 -109.45 43.67 -1.96
CA GLU H 54 -109.78 43.43 -3.34
C GLU H 54 -110.03 41.96 -3.61
N MET H 55 -109.15 41.11 -3.07
CA MET H 55 -109.17 39.70 -3.16
C MET H 55 -110.50 39.22 -2.83
N ALA H 56 -110.90 39.66 -1.69
CA ALA H 56 -111.99 39.05 -1.05
C ALA H 56 -113.27 39.51 -1.69
N LYS H 57 -113.25 40.74 -2.22
CA LYS H 57 -114.36 41.18 -3.04
C LYS H 57 -114.50 40.28 -4.24
N VAL H 58 -113.37 39.82 -4.76
CA VAL H 58 -113.44 39.03 -5.96
C VAL H 58 -114.05 37.68 -5.68
N GLU H 59 -113.78 37.15 -4.50
CA GLU H 59 -114.46 35.89 -4.23
C GLU H 59 -115.90 36.07 -3.87
N LYS H 60 -116.25 37.15 -3.20
CA LYS H 60 -117.66 37.31 -2.90
C LYS H 60 -118.46 37.67 -4.13
N VAL H 61 -117.80 38.03 -5.23
CA VAL H 61 -118.53 38.17 -6.48
C VAL H 61 -118.46 36.93 -7.36
N ILE H 62 -117.40 36.11 -7.26
CA ILE H 62 -117.43 34.91 -8.07
C ILE H 62 -118.42 33.95 -7.46
N THR H 63 -118.63 34.04 -6.17
CA THR H 63 -119.51 33.13 -5.54
C THR H 63 -120.53 33.91 -4.74
N PRO H 64 -121.80 33.58 -4.89
CA PRO H 64 -122.83 34.22 -4.10
C PRO H 64 -122.93 33.55 -2.75
N PRO H 65 -122.89 34.30 -1.69
CA PRO H 65 -123.18 33.72 -0.38
C PRO H 65 -124.67 33.51 -0.19
N SER H 66 -125.10 32.24 -0.15
CA SER H 66 -126.53 31.97 -0.23
C SER H 66 -127.24 32.11 1.11
N LYS H 67 -126.61 31.74 2.22
CA LYS H 67 -127.31 31.80 3.49
C LYS H 67 -126.32 31.97 4.64
N ASP H 68 -126.86 32.44 5.75
CA ASP H 68 -126.11 32.80 6.94
C ASP H 68 -125.80 31.58 7.76
N ASN H 69 -125.38 31.80 9.01
CA ASN H 69 -125.33 30.78 10.02
C ASN H 69 -126.15 31.15 11.24
N THR H 70 -126.92 32.22 11.16
CA THR H 70 -127.72 32.56 12.31
C THR H 70 -128.95 31.68 12.39
N LEU H 71 -129.33 31.04 11.31
CA LEU H 71 -130.45 30.12 11.40
C LEU H 71 -130.06 28.85 12.12
N THR H 72 -128.78 28.53 12.10
CA THR H 72 -128.31 27.40 12.85
C THR H 72 -127.65 27.82 14.14
N ILE H 73 -127.41 29.11 14.31
CA ILE H 73 -127.18 29.64 15.65
C ILE H 73 -128.12 30.80 15.89
N PRO H 74 -129.34 30.56 16.32
CA PRO H 74 -130.21 31.66 16.73
C PRO H 74 -129.92 32.07 18.16
N ASN H 75 -130.45 33.22 18.53
CA ASN H 75 -130.11 33.82 19.80
C ASN H 75 -131.02 33.28 20.90
N ALA H 76 -130.67 33.60 22.15
CA ALA H 76 -131.51 33.23 23.27
C ALA H 76 -131.23 34.14 24.44
N TYR H 77 -132.24 34.34 25.28
CA TYR H 77 -131.96 34.99 26.55
C TYR H 77 -131.11 34.05 27.36
N ASN H 78 -130.02 34.59 27.89
CA ASN H 78 -128.76 34.06 28.40
C ASN H 78 -127.83 33.70 27.26
N LEU H 79 -128.26 33.79 26.00
CA LEU H 79 -127.25 33.86 24.98
C LEU H 79 -126.91 35.29 24.66
N GLN H 80 -127.67 36.23 25.19
CA GLN H 80 -127.21 37.60 25.06
C GLN H 80 -126.37 38.07 26.23
N ALA H 81 -125.71 37.16 26.95
CA ALA H 81 -124.67 37.68 27.81
C ALA H 81 -123.51 38.12 26.95
N ARG H 82 -122.67 38.96 27.50
CA ARG H 82 -121.66 39.50 26.63
C ARG H 82 -120.30 39.00 27.03
N ALA H 83 -119.38 39.08 26.07
CA ALA H 83 -118.05 38.57 26.32
C ALA H 83 -117.03 39.34 25.49
N SER H 84 -115.85 39.54 26.08
CA SER H 84 -114.73 40.24 25.42
C SER H 84 -113.47 39.41 25.57
N VAL H 85 -112.85 39.04 24.46
CA VAL H 85 -111.99 37.86 24.43
C VAL H 85 -110.74 38.10 23.58
N ASP H 86 -109.62 37.57 24.02
CA ASP H 86 -108.54 37.18 23.13
C ASP H 86 -108.18 35.71 23.30
N TRP H 87 -107.76 35.10 22.21
CA TRP H 87 -107.65 33.66 22.17
C TRP H 87 -106.85 33.24 20.98
N SER H 88 -106.03 32.24 21.18
CA SER H 88 -105.27 31.68 20.09
C SER H 88 -105.28 30.16 20.11
N GLY H 89 -105.81 29.55 21.13
CA GLY H 89 -105.63 28.14 21.28
C GLY H 89 -106.64 27.31 20.51
N PRO H 90 -106.83 26.09 20.98
CA PRO H 90 -107.77 25.18 20.35
C PRO H 90 -109.19 25.55 20.70
N ILE H 91 -110.09 24.81 20.10
CA ILE H 91 -111.45 25.30 20.11
C ILE H 91 -112.24 24.73 21.26
N GLU H 92 -111.87 23.55 21.73
CA GLU H 92 -112.75 22.85 22.64
C GLU H 92 -112.71 23.43 24.03
N GLU H 93 -111.54 23.77 24.52
CA GLU H 93 -111.43 24.45 25.80
C GLU H 93 -112.16 25.77 25.76
N LEU H 94 -112.13 26.42 24.61
CA LEU H 94 -112.78 27.69 24.48
C LEU H 94 -114.28 27.52 24.48
N THR H 95 -114.79 26.53 23.76
CA THR H 95 -116.24 26.34 23.70
C THR H 95 -116.80 25.85 25.01
N ALA H 96 -116.04 25.04 25.72
CA ALA H 96 -116.46 24.66 27.05
C ALA H 96 -116.52 25.84 27.98
N ARG H 97 -115.52 26.72 27.90
CA ARG H 97 -115.51 27.96 28.67
C ARG H 97 -116.74 28.78 28.42
N ILE H 98 -117.12 28.88 27.16
CA ILE H 98 -118.23 29.74 26.84
C ILE H 98 -119.53 29.08 27.28
N ALA H 99 -119.65 27.78 27.03
CA ALA H 99 -120.88 27.07 27.31
C ALA H 99 -121.13 26.99 28.80
N LYS H 100 -120.07 26.89 29.57
CA LYS H 100 -120.24 26.90 31.02
C LYS H 100 -120.56 28.28 31.52
N ALA H 101 -120.13 29.33 30.81
CA ALA H 101 -120.64 30.62 31.24
C ALA H 101 -122.08 30.80 30.81
N ALA H 102 -122.47 30.15 29.74
CA ALA H 102 -123.81 30.26 29.19
C ALA H 102 -124.77 29.30 29.83
N HIS H 103 -124.26 28.47 30.73
CA HIS H 103 -125.00 27.40 31.38
C HIS H 103 -125.60 26.48 30.34
N PHE H 104 -124.85 26.26 29.28
CA PHE H 104 -125.24 25.28 28.30
C PHE H 104 -124.36 24.08 28.46
N ARG H 105 -124.99 22.93 28.46
CA ARG H 105 -124.26 21.69 28.26
C ARG H 105 -123.58 21.73 26.91
N PHE H 106 -122.31 21.38 26.90
CA PHE H 106 -121.51 21.39 25.69
C PHE H 106 -121.22 19.97 25.29
N ARG H 107 -121.65 19.58 24.13
CA ARG H 107 -121.43 18.23 23.67
C ARG H 107 -120.71 18.29 22.34
N VAL H 108 -120.12 17.17 21.97
CA VAL H 108 -119.36 17.05 20.75
C VAL H 108 -119.83 15.83 19.98
N LEU H 109 -119.89 15.96 18.67
CA LEU H 109 -120.13 14.84 17.78
C LEU H 109 -118.94 14.70 16.84
N GLY H 110 -118.61 13.47 16.53
CA GLY H 110 -117.48 13.23 15.67
C GLY H 110 -116.20 13.04 16.43
N LYS H 111 -115.22 12.50 15.73
CA LYS H 111 -113.91 12.25 16.30
C LYS H 111 -113.01 13.46 16.04
N SER H 112 -112.31 13.87 17.07
CA SER H 112 -111.45 15.03 16.91
C SER H 112 -110.21 14.66 16.10
N PRO H 113 -109.87 15.47 15.11
CA PRO H 113 -108.75 15.14 14.23
C PRO H 113 -107.45 15.21 14.98
N SER H 114 -106.50 14.45 14.47
CA SER H 114 -105.18 14.39 15.07
C SER H 114 -104.50 15.74 15.08
N VAL H 115 -104.57 16.47 13.97
CA VAL H 115 -104.11 17.83 14.00
C VAL H 115 -105.18 18.63 14.72
N PRO H 116 -104.81 19.63 15.50
CA PRO H 116 -105.82 20.48 16.10
C PRO H 116 -106.31 21.46 15.07
N VAL H 117 -107.57 21.80 15.19
CA VAL H 117 -108.07 23.03 14.61
C VAL H 117 -107.92 24.11 15.67
N LEU H 118 -107.21 25.14 15.30
CA LEU H 118 -106.88 26.21 16.23
C LEU H 118 -107.51 27.46 15.69
N ILE H 119 -108.15 28.21 16.55
CA ILE H 119 -108.65 29.50 16.15
C ILE H 119 -108.03 30.54 17.03
N SER H 120 -108.21 31.77 16.63
CA SER H 120 -107.70 32.87 17.40
C SER H 120 -108.75 33.96 17.29
N ILE H 121 -109.54 34.10 18.34
CA ILE H 121 -110.57 35.13 18.40
C ILE H 121 -110.03 36.28 19.21
N SER H 122 -110.10 37.48 18.66
CA SER H 122 -109.68 38.65 19.40
C SER H 122 -110.67 39.78 19.14
N THR H 123 -111.58 40.00 20.08
CA THR H 123 -112.58 41.04 19.94
C THR H 123 -113.03 41.50 21.32
N LYS H 124 -113.83 42.55 21.33
CA LYS H 124 -114.21 43.20 22.57
C LYS H 124 -115.72 43.41 22.60
N ASP H 125 -116.36 42.90 23.66
CA ASP H 125 -117.79 43.04 23.99
C ASP H 125 -118.68 42.46 22.89
N GLU H 126 -118.57 41.16 22.71
CA GLU H 126 -119.49 40.46 21.83
C GLU H 126 -120.48 39.66 22.63
N SER H 127 -121.67 39.61 22.11
CA SER H 127 -122.48 38.61 22.72
C SER H 127 -122.16 37.26 22.13
N LEU H 128 -122.93 36.34 22.58
CA LEU H 128 -122.48 35.00 22.45
C LEU H 128 -122.87 34.44 21.13
N ALA H 129 -124.05 34.79 20.63
CA ALA H 129 -124.53 34.15 19.42
C ALA H 129 -123.64 34.50 18.24
N GLU H 130 -123.24 35.75 18.17
CA GLU H 130 -122.32 36.13 17.13
C GLU H 130 -120.93 35.65 17.45
N ILE H 131 -120.58 35.51 18.74
CA ILE H 131 -119.25 35.04 18.99
C ILE H 131 -119.15 33.58 18.61
N LEU H 132 -120.22 32.83 18.75
CA LEU H 132 -120.26 31.52 18.14
C LEU H 132 -120.25 31.58 16.64
N ARG H 133 -120.91 32.57 16.07
CA ARG H 133 -120.96 32.64 14.62
C ARG H 133 -119.59 32.85 14.04
N ASP H 134 -118.81 33.72 14.64
CA ASP H 134 -117.52 33.95 14.05
C ASP H 134 -116.54 32.87 14.45
N ILE H 135 -116.79 32.20 15.56
CA ILE H 135 -116.01 31.03 15.85
C ILE H 135 -116.24 29.97 14.80
N ASP H 136 -117.49 29.74 14.46
CA ASP H 136 -117.84 28.77 13.44
C ASP H 136 -117.28 29.18 12.10
N TYR H 137 -117.28 30.47 11.85
CA TYR H 137 -116.71 30.96 10.63
C TYR H 137 -115.21 30.72 10.60
N GLN H 138 -114.52 30.99 11.70
CA GLN H 138 -113.08 30.77 11.71
C GLN H 138 -112.77 29.28 11.63
N ALA H 139 -113.66 28.45 12.12
CA ALA H 139 -113.52 27.02 11.89
C ALA H 139 -114.30 26.66 10.63
N GLY H 140 -113.86 27.26 9.53
CA GLY H 140 -114.42 26.93 8.24
C GLY H 140 -114.08 25.50 7.89
N LYS H 141 -115.10 24.70 7.54
CA LYS H 141 -115.05 23.32 7.02
C LYS H 141 -114.12 22.39 7.78
N LYS H 142 -113.81 22.70 9.00
CA LYS H 142 -113.12 21.77 9.87
C LYS H 142 -113.93 21.45 11.09
N ALA H 143 -114.61 22.45 11.64
CA ALA H 143 -115.51 22.25 12.76
C ALA H 143 -116.85 22.88 12.44
N SER H 144 -117.86 22.55 13.24
CA SER H 144 -119.17 23.15 13.11
C SER H 144 -119.83 23.29 14.46
N ILE H 145 -120.67 24.31 14.55
CA ILE H 145 -121.37 24.64 15.77
C ILE H 145 -122.85 24.57 15.49
N HIS H 146 -123.57 23.82 16.31
CA HIS H 146 -125.01 23.91 16.37
C HIS H 146 -125.39 24.15 17.81
N VAL H 147 -126.52 24.81 17.98
CA VAL H 147 -127.03 25.07 19.31
C VAL H 147 -128.48 24.65 19.32
N TYR H 148 -128.87 23.87 20.31
CA TYR H 148 -130.31 23.65 20.41
C TYR H 148 -130.76 24.28 21.70
N PRO H 149 -131.26 25.51 21.66
CA PRO H 149 -131.57 26.27 22.87
C PRO H 149 -132.94 25.97 23.43
N ASN H 150 -133.75 25.16 22.75
CA ASN H 150 -134.85 24.53 23.45
C ASN H 150 -134.30 23.55 24.47
N SER H 151 -133.18 22.93 24.16
CA SER H 151 -132.36 22.28 25.16
C SER H 151 -131.38 23.29 25.72
N GLN H 152 -130.36 22.86 26.41
CA GLN H 152 -129.24 23.74 26.63
C GLN H 152 -128.06 22.99 26.11
N VAL H 153 -127.91 22.96 24.81
CA VAL H 153 -126.74 22.34 24.25
C VAL H 153 -126.08 23.29 23.27
N VAL H 154 -124.81 23.51 23.52
CA VAL H 154 -123.86 23.90 22.51
C VAL H 154 -123.20 22.63 22.02
N GLU H 155 -123.44 22.30 20.77
CA GLU H 155 -122.93 21.09 20.16
C GLU H 155 -121.86 21.46 19.15
N LEU H 156 -120.68 20.91 19.33
CA LEU H 156 -119.61 21.05 18.37
C LEU H 156 -119.41 19.72 17.65
N ARG H 157 -119.45 19.75 16.33
CA ARG H 157 -119.21 18.52 15.58
C ARG H 157 -118.00 18.71 14.70
N TYR H 158 -117.27 17.63 14.48
CA TYR H 158 -116.07 17.73 13.68
C TYR H 158 -116.34 17.42 12.23
N ALA H 159 -115.32 17.63 11.41
CA ALA H 159 -115.35 17.17 10.05
C ALA H 159 -115.11 15.67 10.00
N LYS H 160 -115.18 15.12 8.80
CA LYS H 160 -115.21 13.69 8.59
C LYS H 160 -114.05 13.25 7.72
N ILE H 161 -112.86 13.73 8.03
CA ILE H 161 -111.70 13.27 7.34
C ILE H 161 -110.56 13.26 8.33
N ALA I 58 -36.71 65.32 -13.33
CA ALA I 58 -36.63 64.42 -12.19
C ALA I 58 -37.53 64.91 -11.08
N LEU I 59 -36.94 65.63 -10.12
CA LEU I 59 -37.67 66.50 -9.20
C LEU I 59 -38.54 67.45 -9.98
N LYS I 60 -37.93 67.93 -11.04
CA LYS I 60 -38.56 68.55 -12.17
C LYS I 60 -39.81 67.82 -12.61
N GLU I 61 -39.66 66.59 -13.13
CA GLU I 61 -40.78 65.93 -13.77
C GLU I 61 -41.87 65.57 -12.77
N THR I 62 -41.48 65.27 -11.55
CA THR I 62 -42.52 65.04 -10.58
C THR I 62 -43.19 66.32 -10.12
N ALA I 63 -42.52 67.46 -10.16
CA ALA I 63 -43.23 68.70 -9.89
C ALA I 63 -44.25 68.98 -10.97
N LEU I 64 -43.85 68.72 -12.22
CA LEU I 64 -44.78 68.73 -13.34
C LEU I 64 -45.95 67.80 -13.10
N SER I 65 -45.68 66.56 -12.76
CA SER I 65 -46.73 65.56 -12.70
C SER I 65 -47.58 65.73 -11.47
N VAL I 66 -47.03 66.33 -10.42
CA VAL I 66 -47.85 66.83 -9.32
C VAL I 66 -48.83 67.84 -9.82
N GLY I 67 -48.39 68.75 -10.68
CA GLY I 67 -49.36 69.62 -11.28
C GLY I 67 -50.33 68.96 -12.22
N ALA I 68 -49.89 67.90 -12.90
CA ALA I 68 -50.58 67.39 -14.09
C ALA I 68 -51.96 66.89 -13.74
N GLN I 69 -52.01 65.87 -12.89
CA GLN I 69 -53.28 65.36 -12.39
C GLN I 69 -54.04 66.40 -11.59
N ALA I 70 -53.34 67.34 -10.94
CA ALA I 70 -54.00 68.33 -10.11
C ALA I 70 -54.88 69.25 -10.92
N GLY I 71 -54.30 69.90 -11.91
CA GLY I 71 -55.09 70.71 -12.81
C GLY I 71 -56.07 69.90 -13.62
N LEU I 72 -55.70 68.67 -13.96
CA LEU I 72 -56.59 67.80 -14.71
C LEU I 72 -57.88 67.52 -13.97
N ALA I 73 -57.77 67.11 -12.72
CA ALA I 73 -58.96 66.79 -11.97
C ALA I 73 -59.67 68.05 -11.51
N TRP I 74 -58.91 69.12 -11.30
CA TRP I 74 -59.49 70.40 -10.97
C TRP I 74 -60.42 70.84 -12.07
N ARG I 75 -59.92 70.76 -13.29
CA ARG I 75 -60.69 71.05 -14.48
C ARG I 75 -61.89 70.13 -14.60
N ALA I 76 -61.70 68.86 -14.26
CA ALA I 76 -62.77 67.88 -14.39
C ALA I 76 -63.93 68.22 -13.48
N LYS I 77 -63.62 68.64 -12.26
CA LYS I 77 -64.67 69.05 -11.35
C LYS I 77 -65.37 70.27 -11.88
N ILE I 78 -64.62 71.19 -12.51
CA ILE I 78 -65.23 72.41 -13.02
C ILE I 78 -66.22 72.10 -14.12
N ILE I 79 -65.74 71.44 -15.17
CA ILE I 79 -66.57 71.03 -16.30
C ILE I 79 -67.76 70.20 -15.88
N ASP I 80 -67.64 69.46 -14.79
CA ASP I 80 -68.79 68.74 -14.31
C ASP I 80 -69.85 69.67 -13.75
N GLU I 81 -69.48 70.77 -13.05
CA GLU I 81 -70.63 71.61 -12.64
C GLU I 81 -71.22 72.38 -13.79
N GLN I 82 -70.44 72.75 -14.80
CA GLN I 82 -71.17 73.51 -15.82
C GLN I 82 -71.99 72.60 -16.69
N LEU I 83 -71.58 71.33 -16.80
CA LEU I 83 -72.47 70.32 -17.33
C LEU I 83 -73.77 70.29 -16.57
N ASN I 84 -73.69 70.29 -15.24
CA ASN I 84 -74.90 70.17 -14.46
C ASN I 84 -75.80 71.37 -14.58
N LYS I 85 -75.26 72.57 -14.64
CA LYS I 85 -76.17 73.69 -14.71
C LYS I 85 -76.81 73.81 -16.08
N GLN I 86 -76.18 73.33 -17.12
CA GLN I 86 -76.84 73.45 -18.40
C GLN I 86 -77.41 72.12 -18.85
N ALA I 87 -77.61 71.24 -17.88
CA ALA I 87 -78.16 69.93 -18.13
C ALA I 87 -79.48 70.00 -18.87
N ARG I 88 -80.33 70.92 -18.45
CA ARG I 88 -81.57 71.19 -19.15
C ARG I 88 -81.35 71.56 -20.58
N ASN I 89 -80.34 72.35 -20.79
CA ASN I 89 -80.08 72.87 -22.09
C ASN I 89 -79.52 71.78 -22.94
N LEU I 90 -78.79 70.88 -22.29
CA LEU I 90 -78.12 69.79 -22.97
C LEU I 90 -79.09 68.86 -23.65
N ASP I 91 -80.01 68.27 -22.90
CA ASP I 91 -81.00 67.42 -23.53
C ASP I 91 -82.02 68.22 -24.30
N ALA I 92 -82.16 69.49 -23.93
CA ALA I 92 -83.05 70.38 -24.61
C ALA I 92 -82.60 70.51 -26.04
N ILE I 93 -81.29 70.48 -26.24
CA ILE I 93 -80.77 70.14 -27.53
C ILE I 93 -81.07 68.69 -27.85
N TYR I 94 -80.51 67.79 -27.06
CA TYR I 94 -80.40 66.38 -27.45
C TYR I 94 -81.54 65.52 -26.95
N ASP I 95 -82.70 65.85 -27.50
CA ASP I 95 -83.89 65.03 -27.37
C ASP I 95 -83.79 63.80 -28.27
N PHE I 96 -83.31 62.70 -27.70
CA PHE I 96 -83.03 61.52 -28.51
C PHE I 96 -84.29 60.82 -28.94
N ASN I 97 -85.27 60.80 -28.04
CA ASN I 97 -86.51 60.09 -28.25
C ASN I 97 -87.27 60.61 -29.44
N SER I 98 -87.09 61.88 -29.74
CA SER I 98 -87.57 62.46 -30.96
C SER I 98 -86.98 61.75 -32.16
N LEU I 99 -85.78 61.24 -32.01
CA LEU I 99 -85.14 60.56 -33.09
C LEU I 99 -85.36 59.07 -33.04
N VAL I 100 -85.82 58.53 -31.93
CA VAL I 100 -85.94 57.08 -31.90
C VAL I 100 -87.15 56.64 -32.70
N LEU I 101 -87.22 55.35 -32.96
CA LEU I 101 -88.20 54.83 -33.88
C LEU I 101 -89.37 54.21 -33.15
N GLU I 102 -90.20 53.53 -33.94
CA GLU I 102 -91.51 53.02 -33.56
C GLU I 102 -91.46 51.97 -32.48
N HIS I 103 -90.48 51.11 -32.52
CA HIS I 103 -90.40 49.99 -31.61
C HIS I 103 -89.19 50.20 -30.74
N ASN I 104 -89.05 51.47 -30.33
CA ASN I 104 -87.86 52.15 -29.81
C ASN I 104 -86.58 51.58 -30.42
N ILE I 105 -86.55 51.58 -31.73
CA ILE I 105 -85.36 51.25 -32.46
C ILE I 105 -84.51 52.51 -32.49
N LEU I 106 -83.39 52.48 -31.83
CA LEU I 106 -82.45 53.56 -32.00
C LEU I 106 -81.90 53.52 -33.42
N PRO I 107 -82.03 54.60 -34.17
CA PRO I 107 -81.70 54.58 -35.60
C PRO I 107 -80.21 54.64 -35.82
N PRO I 108 -79.71 54.16 -36.96
CA PRO I 108 -78.25 54.08 -37.16
C PRO I 108 -77.66 55.45 -37.44
N VAL I 109 -76.34 55.55 -37.31
CA VAL I 109 -75.68 56.82 -37.53
C VAL I 109 -75.05 56.81 -38.91
N LEU I 110 -75.42 57.78 -39.73
CA LEU I 110 -74.99 57.76 -41.11
C LEU I 110 -73.96 58.85 -41.33
N LEU I 111 -73.06 58.62 -42.27
CA LEU I 111 -71.93 59.50 -42.44
C LEU I 111 -71.85 60.05 -43.85
N GLU I 112 -71.69 61.35 -43.91
CA GLU I 112 -71.60 62.17 -45.11
C GLU I 112 -70.20 62.06 -45.71
N GLY I 113 -70.11 62.23 -47.02
CA GLY I 113 -68.84 62.37 -47.67
C GLY I 113 -68.83 63.22 -48.91
N ARG I 114 -67.96 64.22 -48.96
CA ARG I 114 -67.71 64.93 -50.19
C ARG I 114 -66.26 64.89 -50.59
N ASN I 115 -66.09 64.97 -51.90
CA ASN I 115 -64.85 64.97 -52.66
C ASN I 115 -63.78 64.06 -52.06
N THR I 116 -64.20 62.85 -51.80
CA THR I 116 -63.33 61.84 -51.28
C THR I 116 -62.35 61.53 -52.39
N LEU I 117 -61.29 62.29 -52.44
CA LEU I 117 -60.25 61.97 -53.36
C LEU I 117 -59.13 61.37 -52.58
N ASN I 118 -58.98 60.09 -52.75
CA ASN I 118 -57.72 59.49 -52.46
C ASN I 118 -57.02 59.46 -53.78
N LEU I 119 -55.86 60.08 -53.87
CA LEU I 119 -54.98 59.63 -54.92
C LEU I 119 -54.53 58.29 -54.39
N ALA I 120 -54.65 57.28 -55.21
CA ALA I 120 -53.82 56.14 -54.91
C ALA I 120 -52.38 56.54 -55.05
N ASP I 121 -52.06 57.21 -56.13
CA ASP I 121 -50.68 57.38 -56.45
C ASP I 121 -50.55 58.45 -57.52
N ALA I 122 -49.35 58.53 -58.06
CA ALA I 122 -48.99 59.44 -59.13
C ALA I 122 -49.69 59.11 -60.42
N GLN I 123 -50.24 57.92 -60.54
CA GLN I 123 -50.73 57.42 -61.78
C GLN I 123 -52.23 57.30 -61.80
N SER I 124 -52.86 57.26 -60.64
CA SER I 124 -54.27 56.97 -60.60
C SER I 124 -54.85 57.60 -59.35
N ILE I 125 -55.97 58.25 -59.51
CA ILE I 125 -56.65 58.83 -58.38
C ILE I 125 -58.06 58.30 -58.39
N ARG I 126 -58.74 58.52 -57.28
CA ARG I 126 -60.06 57.96 -57.10
C ARG I 126 -60.84 58.84 -56.16
N ILE I 127 -61.91 59.36 -56.66
CA ILE I 127 -62.70 60.35 -55.99
C ILE I 127 -64.16 59.95 -56.05
N SER I 128 -64.81 59.99 -54.91
CA SER I 128 -66.23 60.24 -55.02
C SER I 128 -66.47 61.69 -54.77
N ASP I 129 -67.45 62.17 -55.49
CA ASP I 129 -68.11 63.40 -55.16
C ASP I 129 -68.73 63.35 -53.77
N ARG I 130 -69.15 62.18 -53.32
CA ARG I 130 -70.20 62.11 -52.34
C ARG I 130 -70.26 60.68 -51.87
N THR I 131 -70.53 60.47 -50.60
CA THR I 131 -70.20 59.20 -49.97
C THR I 131 -71.03 59.05 -48.70
N TYR I 132 -71.54 57.85 -48.43
CA TYR I 132 -72.24 57.64 -47.18
C TYR I 132 -71.83 56.38 -46.47
N LYS I 133 -71.63 56.52 -45.18
CA LYS I 133 -71.20 55.42 -44.37
C LYS I 133 -72.23 55.13 -43.31
N VAL I 134 -72.87 53.98 -43.42
CA VAL I 134 -73.75 53.58 -42.35
C VAL I 134 -72.87 53.03 -41.26
N ALA I 135 -72.99 53.57 -40.08
CA ALA I 135 -72.32 53.06 -38.91
C ALA I 135 -73.38 52.80 -37.86
N LYS I 136 -73.08 51.82 -37.01
CA LYS I 136 -73.84 51.48 -35.80
C LYS I 136 -75.33 51.27 -36.09
N GLN I 137 -75.59 50.19 -36.82
CA GLN I 137 -76.89 49.89 -37.42
C GLN I 137 -78.01 49.88 -36.37
N ALA I 138 -79.22 50.22 -36.85
CA ALA I 138 -80.40 50.40 -36.02
C ALA I 138 -80.68 49.19 -35.14
N HIS I 139 -81.19 49.44 -33.95
CA HIS I 139 -81.29 48.35 -33.01
C HIS I 139 -82.36 48.64 -31.99
N PHE I 140 -82.86 47.58 -31.35
CA PHE I 140 -83.76 47.76 -30.23
C PHE I 140 -83.02 48.44 -29.11
N ILE I 141 -83.53 49.54 -28.61
CA ILE I 141 -82.93 50.16 -27.45
C ILE I 141 -83.94 50.01 -26.35
N THR I 142 -83.47 49.90 -25.12
CA THR I 142 -84.42 50.06 -24.03
C THR I 142 -84.57 51.52 -23.68
N THR I 143 -83.58 52.05 -23.02
CA THR I 143 -83.65 53.39 -22.57
C THR I 143 -82.86 54.25 -23.53
N PRO I 144 -83.46 55.34 -24.01
CA PRO I 144 -82.82 56.15 -25.02
C PRO I 144 -81.61 56.86 -24.47
N PRO I 145 -80.67 57.25 -25.31
CA PRO I 145 -79.44 57.84 -24.82
C PRO I 145 -79.66 59.22 -24.22
N THR I 146 -78.71 59.62 -23.42
CA THR I 146 -78.71 60.95 -22.85
C THR I 146 -77.56 61.69 -23.47
N TRP I 147 -77.08 62.71 -22.79
CA TRP I 147 -75.72 63.11 -23.05
C TRP I 147 -74.76 62.70 -21.96
N ARG I 148 -75.22 62.57 -20.71
CA ARG I 148 -74.32 62.40 -19.59
C ARG I 148 -73.57 61.11 -19.66
N GLN I 149 -74.12 60.19 -20.41
CA GLN I 149 -73.40 59.07 -20.95
C GLN I 149 -72.18 59.49 -21.75
N TYR I 150 -72.12 60.71 -22.29
CA TYR I 150 -71.07 61.05 -23.23
C TYR I 150 -70.27 62.23 -22.72
N LEU I 151 -70.84 62.98 -21.82
CA LEU I 151 -70.21 64.23 -21.48
C LEU I 151 -69.89 64.38 -20.03
N TRP I 152 -70.52 63.61 -19.16
CA TRP I 152 -70.18 63.71 -17.76
C TRP I 152 -68.75 63.25 -17.58
N MET I 153 -67.87 64.21 -17.45
CA MET I 153 -66.48 63.90 -17.28
C MET I 153 -66.32 63.28 -15.91
N ASP I 154 -65.46 62.30 -15.82
CA ASP I 154 -65.18 61.68 -14.54
C ASP I 154 -64.43 62.67 -13.69
N TYR I 155 -64.76 62.69 -12.43
CA TYR I 155 -64.01 63.45 -11.47
C TYR I 155 -63.59 62.54 -10.34
N VAL I 156 -62.30 62.48 -10.09
CA VAL I 156 -61.78 61.94 -8.86
C VAL I 156 -60.91 63.01 -8.24
N LYS I 157 -60.70 62.93 -6.95
CA LYS I 157 -59.83 63.89 -6.32
C LYS I 157 -58.58 63.21 -5.78
N PRO I 158 -57.40 63.47 -6.33
CA PRO I 158 -56.18 63.12 -5.61
C PRO I 158 -55.53 64.35 -4.98
N GLU I 159 -55.08 64.20 -3.74
CA GLU I 159 -54.07 65.08 -3.14
C GLU I 159 -52.84 64.30 -2.71
N ALA I 160 -52.52 63.22 -3.39
CA ALA I 160 -51.45 62.31 -2.97
C ALA I 160 -50.11 62.76 -3.56
N PRO I 161 -49.15 63.19 -2.74
CA PRO I 161 -47.84 63.52 -3.29
C PRO I 161 -47.00 62.28 -3.50
N LYS I 173 -37.49 73.22 -5.43
CA LYS I 173 -38.44 73.89 -4.56
C LYS I 173 -39.24 74.97 -5.32
N GLU I 174 -38.56 75.94 -5.89
CA GLU I 174 -39.28 76.82 -6.80
C GLU I 174 -39.63 76.09 -8.07
N ILE I 175 -38.83 75.10 -8.45
CA ILE I 175 -39.22 74.23 -9.55
C ILE I 175 -40.43 73.42 -9.17
N TRP I 176 -40.54 73.05 -7.89
CA TRP I 176 -41.74 72.38 -7.41
C TRP I 176 -42.96 73.24 -7.64
N CYS I 177 -42.89 74.50 -7.21
CA CYS I 177 -44.08 75.33 -7.29
C CYS I 177 -44.42 75.67 -8.74
N ILE I 178 -43.42 76.04 -9.53
CA ILE I 178 -43.76 76.44 -10.89
C ILE I 178 -44.11 75.26 -11.78
N TYR I 179 -43.56 74.08 -11.55
CA TYR I 179 -43.93 73.02 -12.44
C TYR I 179 -45.22 72.40 -12.02
N THR I 180 -45.57 72.57 -10.76
CA THR I 180 -46.91 72.23 -10.37
C THR I 180 -47.92 73.15 -11.03
N GLU I 181 -47.64 74.45 -11.16
CA GLU I 181 -48.61 75.20 -11.93
C GLU I 181 -48.55 74.91 -13.42
N ARG I 182 -47.38 74.52 -13.91
CA ARG I 182 -47.24 74.08 -15.28
C ARG I 182 -48.21 72.96 -15.58
N GLY I 183 -48.05 71.87 -14.83
CA GLY I 183 -48.91 70.74 -14.99
C GLY I 183 -50.34 71.04 -14.65
N TRP I 184 -50.56 72.00 -13.74
CA TRP I 184 -51.89 72.49 -13.46
C TRP I 184 -52.56 72.98 -14.72
N LYS I 185 -51.87 73.85 -15.46
CA LYS I 185 -52.35 74.28 -16.77
C LYS I 185 -52.49 73.14 -17.74
N ASN I 186 -51.56 72.21 -17.66
CA ASN I 186 -51.47 71.15 -18.64
C ASN I 186 -52.62 70.18 -18.51
N GLY I 187 -52.91 69.78 -17.29
CA GLY I 187 -54.05 68.91 -17.04
C GLY I 187 -55.33 69.60 -17.38
N ILE I 188 -55.39 70.91 -17.10
CA ILE I 188 -56.54 71.72 -17.48
C ILE I 188 -56.81 71.58 -18.96
N ASP I 189 -55.83 71.88 -19.78
CA ASP I 189 -56.24 71.97 -21.16
C ASP I 189 -56.24 70.63 -21.85
N GLN I 190 -55.55 69.63 -21.32
CA GLN I 190 -55.77 68.32 -21.91
C GLN I 190 -57.16 67.83 -21.57
N ALA I 191 -57.68 68.19 -20.41
CA ALA I 191 -59.07 67.87 -20.11
C ALA I 191 -60.01 68.61 -21.02
N ASN I 192 -59.63 69.82 -21.40
CA ASN I 192 -60.45 70.60 -22.30
C ASN I 192 -60.54 69.93 -23.65
N THR I 193 -59.42 69.43 -24.13
CA THR I 193 -59.43 68.68 -25.35
C THR I 193 -60.24 67.43 -25.23
N ILE I 194 -60.16 66.78 -24.06
CA ILE I 194 -60.94 65.59 -23.82
C ILE I 194 -62.41 65.89 -23.93
N LEU I 195 -62.80 66.97 -23.30
CA LEU I 195 -64.15 67.49 -23.36
C LEU I 195 -64.57 67.74 -24.78
N GLU I 196 -63.70 68.38 -25.53
CA GLU I 196 -63.94 68.70 -26.92
C GLU I 196 -64.23 67.45 -27.71
N GLU I 197 -63.48 66.42 -27.43
CA GLU I 197 -63.66 65.16 -28.11
C GLU I 197 -64.98 64.53 -27.73
N ASN I 198 -65.38 64.72 -26.48
CA ASN I 198 -66.64 64.15 -26.04
C ASN I 198 -67.79 64.79 -26.79
N ILE I 199 -67.65 66.09 -26.96
CA ILE I 199 -68.64 66.86 -27.69
C ILE I 199 -68.72 66.39 -29.10
N ALA I 200 -67.56 66.18 -29.72
CA ALA I 200 -67.53 65.76 -31.10
C ALA I 200 -68.15 64.39 -31.26
N ARG I 201 -67.97 63.55 -30.27
CA ARG I 201 -68.57 62.24 -30.30
C ARG I 201 -70.08 62.35 -30.28
N ILE I 202 -70.59 63.23 -29.44
CA ILE I 202 -72.03 63.29 -29.40
C ILE I 202 -72.59 63.96 -30.65
N LYS I 203 -71.80 64.86 -31.28
CA LYS I 203 -72.17 65.40 -32.59
C LYS I 203 -72.42 64.30 -33.55
N GLU I 204 -71.37 63.54 -33.79
CA GLU I 204 -71.34 62.63 -34.91
C GLU I 204 -72.36 61.54 -34.74
N ASP I 205 -72.65 61.20 -33.48
CA ASP I 205 -73.82 60.40 -33.22
C ASP I 205 -75.07 61.08 -33.70
N PHE I 206 -75.31 62.28 -33.20
CA PHE I 206 -76.63 62.84 -33.32
C PHE I 206 -76.95 63.16 -34.75
N GLY I 207 -75.96 63.78 -35.39
CA GLY I 207 -76.00 64.01 -36.80
C GLY I 207 -76.13 62.74 -37.58
N GLY I 208 -75.55 61.65 -37.09
CA GLY I 208 -75.68 60.41 -37.81
C GLY I 208 -77.10 59.90 -37.85
N MET I 209 -77.78 59.89 -36.69
CA MET I 209 -79.15 59.40 -36.77
C MET I 209 -80.06 60.39 -37.46
N ILE I 210 -79.71 61.68 -37.41
CA ILE I 210 -80.40 62.66 -38.22
C ILE I 210 -80.33 62.25 -39.66
N LEU I 211 -79.14 61.93 -40.12
CA LEU I 211 -78.94 61.54 -41.48
C LEU I 211 -79.62 60.25 -41.83
N TYR I 212 -79.85 59.40 -40.83
CA TYR I 212 -80.64 58.22 -41.11
C TYR I 212 -82.05 58.62 -41.45
N ARG I 213 -82.62 59.49 -40.63
CA ARG I 213 -83.96 59.96 -40.91
C ARG I 213 -83.99 60.76 -42.19
N LYS I 214 -82.87 61.37 -42.52
CA LYS I 214 -82.73 62.07 -43.76
C LYS I 214 -82.84 61.16 -44.94
N LEU I 215 -81.99 60.17 -45.03
CA LEU I 215 -82.01 59.36 -46.23
C LEU I 215 -83.18 58.44 -46.27
N LEU I 216 -83.73 58.19 -45.10
CA LEU I 216 -84.99 57.52 -45.07
C LEU I 216 -86.03 58.44 -45.64
N ALA I 217 -85.93 59.73 -45.36
CA ALA I 217 -86.80 60.65 -46.05
C ALA I 217 -86.40 60.81 -47.49
N MET I 218 -85.20 60.44 -47.84
CA MET I 218 -84.77 60.63 -49.20
C MET I 218 -84.91 59.41 -50.02
N ASN I 219 -85.48 58.35 -49.46
CA ASN I 219 -85.49 57.01 -49.99
C ASN I 219 -84.08 56.51 -50.24
N MET I 220 -83.13 57.06 -49.51
CA MET I 220 -81.78 56.69 -49.80
C MET I 220 -81.31 55.63 -48.86
N VAL I 221 -82.03 55.44 -47.76
CA VAL I 221 -81.88 54.22 -46.98
C VAL I 221 -83.25 53.61 -46.79
N SER I 222 -83.24 52.41 -46.26
CA SER I 222 -84.37 51.53 -46.05
C SER I 222 -84.82 51.63 -44.60
N PRO I 223 -86.06 51.24 -44.28
CA PRO I 223 -86.47 51.21 -42.88
C PRO I 223 -85.89 50.00 -42.17
N PRO I 224 -86.00 49.95 -40.85
CA PRO I 224 -85.94 48.65 -40.19
C PRO I 224 -87.25 47.91 -40.41
N TYR I 225 -87.17 46.85 -41.19
CA TYR I 225 -88.30 45.98 -41.48
C TYR I 225 -88.29 44.88 -40.42
N VAL I 226 -89.36 44.81 -39.63
CA VAL I 226 -89.38 43.91 -38.49
C VAL I 226 -90.45 42.85 -38.69
N SER I 227 -90.47 41.86 -37.81
CA SER I 227 -91.63 40.99 -37.62
C SER I 227 -91.84 40.87 -36.13
N HIS I 228 -92.98 41.34 -35.66
CA HIS I 228 -93.43 41.00 -34.33
C HIS I 228 -94.32 39.79 -34.48
N THR I 229 -93.88 38.68 -33.92
CA THR I 229 -94.74 37.52 -33.83
C THR I 229 -95.20 37.38 -32.40
N ASP I 230 -96.47 37.14 -32.21
CA ASP I 230 -97.02 37.13 -30.87
C ASP I 230 -97.44 35.73 -30.49
N LEU I 231 -97.46 35.48 -29.20
CA LEU I 231 -97.83 34.23 -28.59
C LEU I 231 -98.86 34.52 -27.52
N GLY I 232 -99.80 33.59 -27.38
CA GLY I 232 -100.86 33.75 -26.41
C GLY I 232 -100.41 33.46 -25.01
N VAL I 233 -101.25 32.75 -24.26
CA VAL I 233 -100.82 32.28 -22.96
C VAL I 233 -99.73 31.24 -23.18
N THR I 234 -98.57 31.51 -22.61
CA THR I 234 -97.47 30.60 -22.77
C THR I 234 -97.01 30.18 -21.40
N GLY I 235 -96.84 28.90 -21.23
CA GLY I 235 -96.23 28.39 -20.03
C GLY I 235 -97.03 27.27 -19.39
N ASP I 236 -96.43 26.71 -18.35
CA ASP I 236 -96.82 25.43 -17.80
C ASP I 236 -97.64 25.62 -16.54
N GLY I 237 -97.86 24.52 -15.81
CA GLY I 237 -98.56 24.59 -14.55
C GLY I 237 -97.81 25.32 -13.46
N SER I 238 -96.50 25.50 -13.60
CA SER I 238 -95.81 26.30 -12.61
C SER I 238 -95.47 27.68 -13.09
N GLU I 239 -95.42 27.88 -14.39
CA GLU I 239 -95.06 29.18 -14.89
C GLU I 239 -95.96 29.42 -16.06
N ILE I 240 -96.63 30.54 -16.13
CA ILE I 240 -97.25 30.93 -17.38
C ILE I 240 -96.88 32.34 -17.71
N HIS I 241 -97.07 32.66 -18.98
CA HIS I 241 -97.03 34.02 -19.45
C HIS I 241 -98.23 34.19 -20.33
N ILE I 242 -99.07 35.13 -19.96
CA ILE I 242 -100.38 35.30 -20.57
C ILE I 242 -100.27 35.85 -21.98
N ASP I 243 -99.33 36.74 -22.23
CA ASP I 243 -99.06 37.13 -23.62
C ASP I 243 -97.60 37.38 -23.85
N ASP I 244 -97.02 36.61 -24.75
CA ASP I 244 -95.63 36.76 -25.10
C ASP I 244 -95.49 37.30 -26.50
N ARG I 245 -95.22 38.57 -26.61
CA ARG I 245 -94.77 39.06 -27.89
C ARG I 245 -93.27 38.88 -27.98
N VAL I 246 -92.82 38.42 -29.13
CA VAL I 246 -91.41 38.47 -29.47
C VAL I 246 -91.29 39.29 -30.73
N LEU I 247 -90.26 40.10 -30.78
CA LEU I 247 -90.07 41.00 -31.88
C LEU I 247 -88.68 40.80 -32.42
N ARG I 248 -88.61 40.42 -33.67
CA ARG I 248 -87.35 40.37 -34.34
C ARG I 248 -87.33 41.47 -35.36
N ILE I 249 -86.17 42.04 -35.53
CA ILE I 249 -85.97 43.03 -36.56
C ILE I 249 -85.44 42.23 -37.72
N THR I 250 -86.28 42.02 -38.72
CA THR I 250 -85.90 41.15 -39.81
C THR I 250 -84.86 41.81 -40.68
N ALA I 251 -85.21 42.92 -41.32
CA ALA I 251 -84.31 43.59 -42.25
C ALA I 251 -83.86 44.92 -41.67
N LEU I 252 -82.56 45.11 -41.57
CA LEU I 252 -82.01 46.33 -41.01
C LEU I 252 -82.12 47.49 -41.99
N PRO I 253 -82.00 48.72 -41.51
CA PRO I 253 -81.76 49.83 -42.42
C PRO I 253 -80.48 49.65 -43.20
N GLU I 254 -80.49 50.12 -44.44
CA GLU I 254 -79.38 50.01 -45.38
C GLU I 254 -79.55 50.99 -46.52
N LEU I 255 -78.44 51.47 -47.06
CA LEU I 255 -78.48 52.39 -48.18
C LEU I 255 -78.96 51.68 -49.43
N ASN I 256 -80.02 52.18 -50.03
CA ASN I 256 -80.45 51.58 -51.29
C ASN I 256 -79.49 52.00 -52.39
N VAL I 257 -79.39 51.19 -53.42
CA VAL I 257 -78.41 51.48 -54.46
C VAL I 257 -79.05 51.84 -55.77
N ASN I 258 -80.28 51.42 -56.00
CA ASN I 258 -80.97 51.91 -57.17
C ASN I 258 -81.46 53.29 -56.80
N SER I 259 -80.72 54.29 -57.27
CA SER I 259 -80.97 55.66 -56.91
C SER I 259 -82.15 56.24 -57.64
N ALA I 260 -82.66 55.53 -58.65
CA ALA I 260 -83.79 55.98 -59.42
C ALA I 260 -85.02 56.16 -58.56
N GLU I 261 -85.11 55.43 -57.48
CA GLU I 261 -86.26 55.41 -56.62
C GLU I 261 -86.08 56.37 -55.48
N TRP I 262 -85.12 57.25 -55.60
CA TRP I 262 -84.85 58.16 -54.51
C TRP I 262 -85.89 59.25 -54.44
N ARG I 263 -85.64 60.18 -53.56
CA ARG I 263 -86.60 61.22 -53.27
C ARG I 263 -85.79 62.48 -53.19
N ALA I 264 -85.99 63.38 -54.15
CA ALA I 264 -85.16 64.57 -54.22
C ALA I 264 -86.03 65.79 -54.03
N ALA I 265 -85.92 66.38 -52.87
CA ALA I 265 -86.83 67.45 -52.48
C ALA I 265 -86.23 68.78 -52.85
N VAL I 266 -86.94 69.52 -53.67
CA VAL I 266 -86.64 70.92 -53.86
C VAL I 266 -87.31 71.65 -52.71
N ALA I 267 -86.77 72.79 -52.35
CA ALA I 267 -87.40 73.56 -51.28
C ALA I 267 -87.64 74.97 -51.76
N LYS I 268 -88.43 75.73 -50.99
CA LYS I 268 -88.86 77.06 -51.40
C LYS I 268 -88.73 78.06 -50.28
N PHE J 25 -88.52 97.62 -5.42
CA PHE J 25 -87.35 97.38 -6.26
C PHE J 25 -87.13 95.88 -6.42
N LYS J 26 -86.88 95.46 -7.65
CA LYS J 26 -86.79 94.04 -7.97
C LYS J 26 -85.35 93.64 -8.21
N LYS J 27 -85.18 92.40 -8.64
CA LYS J 27 -83.94 91.67 -8.76
C LYS J 27 -83.88 91.08 -10.16
N PRO J 28 -82.71 90.79 -10.71
CA PRO J 28 -82.69 90.11 -11.98
C PRO J 28 -83.02 88.64 -11.85
N PRO J 29 -83.34 87.99 -12.96
CA PRO J 29 -83.74 86.59 -12.88
C PRO J 29 -82.59 85.69 -12.49
N ILE J 30 -82.95 84.54 -11.97
CA ILE J 30 -81.96 83.69 -11.33
C ILE J 30 -81.26 82.82 -12.37
N ASN J 31 -82.03 82.12 -13.19
CA ASN J 31 -81.48 81.26 -14.24
C ASN J 31 -81.41 82.04 -15.56
N ASN J 32 -80.84 83.22 -15.47
CA ASN J 32 -81.02 84.06 -16.64
C ASN J 32 -79.88 83.89 -17.64
N PRO J 33 -80.17 84.04 -18.92
CA PRO J 33 -79.09 83.96 -19.91
C PRO J 33 -78.33 85.26 -19.98
N SER J 34 -77.35 85.48 -19.11
CA SER J 34 -76.58 86.71 -19.16
C SER J 34 -75.18 86.45 -19.65
N ASP J 35 -74.95 85.29 -20.21
CA ASP J 35 -73.64 84.99 -20.72
C ASP J 35 -73.74 84.80 -22.21
N ASP J 36 -72.76 85.38 -22.88
CA ASP J 36 -72.82 85.50 -24.32
C ASP J 36 -72.75 84.16 -25.02
N ALA J 37 -72.11 83.17 -24.42
CA ALA J 37 -72.30 81.84 -24.95
C ALA J 37 -73.71 81.36 -24.73
N THR J 38 -74.20 81.59 -23.53
CA THR J 38 -75.41 80.94 -23.09
C THR J 38 -76.63 81.44 -23.78
N ILE J 39 -76.58 82.69 -24.20
CA ILE J 39 -77.71 83.18 -24.94
C ILE J 39 -77.79 82.45 -26.25
N LYS J 40 -76.64 82.19 -26.87
CA LYS J 40 -76.62 81.41 -28.08
C LYS J 40 -77.05 79.98 -27.79
N LEU J 41 -76.62 79.47 -26.66
CA LEU J 41 -77.06 78.16 -26.22
C LEU J 41 -78.57 78.08 -26.14
N ALA J 42 -79.17 79.05 -25.49
CA ALA J 42 -80.58 79.03 -25.22
C ALA J 42 -81.41 79.22 -26.46
N GLU J 43 -80.96 80.09 -27.35
CA GLU J 43 -81.72 80.21 -28.58
C GLU J 43 -81.58 78.98 -29.44
N ALA J 44 -80.41 78.34 -29.39
CA ALA J 44 -80.24 77.12 -30.12
C ALA J 44 -81.19 76.08 -29.60
N ALA J 45 -81.37 76.08 -28.28
CA ALA J 45 -82.32 75.20 -27.65
C ALA J 45 -83.72 75.46 -28.14
N VAL J 46 -84.09 76.73 -28.24
CA VAL J 46 -85.47 76.94 -28.60
C VAL J 46 -85.67 76.62 -30.07
N SER J 47 -84.64 76.88 -30.85
CA SER J 47 -84.64 76.56 -32.26
C SER J 47 -84.77 75.09 -32.50
N VAL J 48 -83.98 74.31 -31.79
CA VAL J 48 -84.04 72.88 -31.98
C VAL J 48 -85.35 72.35 -31.51
N SER J 49 -85.89 72.90 -30.43
CA SER J 49 -87.15 72.46 -29.88
C SER J 49 -88.27 72.64 -30.87
N ASP J 50 -88.31 73.81 -31.49
CA ASP J 50 -89.40 74.06 -32.40
C ASP J 50 -89.28 73.20 -33.62
N SER J 51 -88.10 73.15 -34.20
CA SER J 51 -87.99 72.43 -35.45
C SER J 51 -88.10 70.94 -35.26
N MET J 52 -87.78 70.46 -34.06
CA MET J 52 -88.29 69.18 -33.65
C MET J 52 -89.79 69.15 -33.65
N LEU J 53 -90.44 70.19 -33.13
CA LEU J 53 -91.88 69.99 -33.00
C LEU J 53 -92.54 70.00 -34.35
N GLU J 54 -91.97 70.73 -35.29
CA GLU J 54 -92.63 70.69 -36.57
C GLU J 54 -92.29 69.45 -37.35
N MET J 55 -91.10 68.89 -37.16
CA MET J 55 -90.91 67.64 -37.86
C MET J 55 -91.78 66.56 -37.27
N ALA J 56 -92.01 66.62 -35.97
CA ALA J 56 -93.01 65.76 -35.36
C ALA J 56 -94.38 66.06 -35.91
N LYS J 57 -94.67 67.32 -36.13
CA LYS J 57 -95.95 67.71 -36.66
C LYS J 57 -96.16 67.15 -38.04
N VAL J 58 -95.13 67.20 -38.88
CA VAL J 58 -95.34 66.76 -40.23
C VAL J 58 -95.30 65.26 -40.34
N GLU J 59 -94.77 64.57 -39.35
CA GLU J 59 -94.94 63.13 -39.41
C GLU J 59 -95.99 62.64 -38.43
N LYS J 60 -96.75 63.53 -37.83
CA LYS J 60 -97.79 63.10 -36.93
C LYS J 60 -99.07 62.87 -37.70
N VAL J 61 -99.40 61.62 -37.96
CA VAL J 61 -100.68 61.30 -38.57
C VAL J 61 -101.68 60.99 -37.47
N ILE J 62 -102.87 61.55 -37.58
CA ILE J 62 -103.94 61.28 -36.64
C ILE J 62 -105.22 61.02 -37.43
N THR J 63 -106.26 60.63 -36.71
CA THR J 63 -107.57 60.50 -37.32
C THR J 63 -108.48 61.62 -36.86
N PRO J 64 -109.47 62.03 -37.66
CA PRO J 64 -110.47 62.94 -37.15
C PRO J 64 -111.38 62.22 -36.17
N PRO J 65 -111.86 62.91 -35.14
CA PRO J 65 -112.85 62.29 -34.24
C PRO J 65 -114.17 62.02 -34.92
N SER J 66 -114.40 62.56 -36.11
CA SER J 66 -115.49 62.06 -36.94
C SER J 66 -115.20 60.65 -37.42
N LYS J 67 -113.96 60.38 -37.80
CA LYS J 67 -113.61 59.10 -38.36
C LYS J 67 -112.64 58.34 -37.48
N ASP J 68 -112.93 58.31 -36.18
CA ASP J 68 -112.10 57.59 -35.24
C ASP J 68 -112.57 56.16 -35.00
N ASN J 69 -113.71 55.77 -35.58
CA ASN J 69 -114.16 54.39 -35.76
C ASN J 69 -114.42 53.57 -34.51
N THR J 70 -114.30 54.17 -33.33
CA THR J 70 -114.44 53.40 -32.11
C THR J 70 -115.89 53.34 -31.64
N LEU J 71 -116.14 52.50 -30.64
CA LEU J 71 -117.48 52.38 -30.08
C LEU J 71 -117.80 53.63 -29.26
N THR J 72 -119.05 54.05 -29.34
CA THR J 72 -119.45 55.17 -28.52
C THR J 72 -120.00 54.67 -27.21
N ILE J 73 -120.41 55.62 -26.40
CA ILE J 73 -121.08 55.31 -25.16
C ILE J 73 -122.55 55.12 -25.49
N PRO J 74 -123.12 53.95 -25.26
CA PRO J 74 -124.49 53.68 -25.69
C PRO J 74 -125.55 54.09 -24.68
N ASN J 75 -125.13 54.73 -23.58
CA ASN J 75 -125.95 55.53 -22.67
C ASN J 75 -127.17 54.81 -22.10
N ALA J 76 -127.14 53.49 -22.00
CA ALA J 76 -128.18 52.80 -21.25
C ALA J 76 -127.92 53.00 -19.76
N TYR J 77 -129.00 53.11 -19.00
CA TYR J 77 -128.80 53.29 -17.57
C TYR J 77 -128.37 52.01 -16.89
N ASN J 78 -128.69 50.87 -17.50
CA ASN J 78 -128.11 49.62 -17.03
C ASN J 78 -126.63 49.58 -17.33
N LEU J 79 -126.22 50.24 -18.40
CA LEU J 79 -124.80 50.43 -18.61
C LEU J 79 -124.20 51.38 -17.59
N GLN J 80 -124.96 52.37 -17.17
CA GLN J 80 -124.44 53.39 -16.28
C GLN J 80 -124.31 52.83 -14.89
N ALA J 81 -123.10 52.38 -14.57
CA ALA J 81 -122.71 51.95 -13.24
C ALA J 81 -121.20 51.88 -13.22
N ARG J 82 -120.62 52.00 -12.03
CA ARG J 82 -119.17 51.85 -11.92
C ARG J 82 -118.82 50.43 -11.50
N ALA J 83 -117.69 49.92 -12.00
CA ALA J 83 -117.32 48.52 -11.82
C ALA J 83 -115.88 48.40 -11.34
N SER J 84 -115.36 47.17 -11.29
CA SER J 84 -113.97 46.96 -10.89
C SER J 84 -113.47 45.65 -11.48
N VAL J 85 -112.59 45.71 -12.47
CA VAL J 85 -112.08 44.49 -13.08
C VAL J 85 -110.58 44.57 -13.25
N ASP J 86 -109.87 43.56 -12.80
CA ASP J 86 -108.51 43.34 -13.24
C ASP J 86 -108.39 41.92 -13.75
N TRP J 87 -107.92 41.80 -14.98
CA TRP J 87 -108.02 40.53 -15.67
C TRP J 87 -107.28 40.65 -16.97
N SER J 88 -106.81 39.51 -17.45
CA SER J 88 -106.20 39.50 -18.76
C SER J 88 -106.52 38.18 -19.41
N GLY J 89 -106.91 38.23 -20.66
CA GLY J 89 -107.00 37.02 -21.43
C GLY J 89 -108.03 37.18 -22.50
N PRO J 90 -108.84 36.16 -22.70
CA PRO J 90 -109.78 36.19 -23.82
C PRO J 90 -111.05 36.95 -23.53
N ILE J 91 -111.38 37.81 -24.49
CA ILE J 91 -112.29 38.92 -24.32
C ILE J 91 -113.72 38.47 -24.08
N GLU J 92 -114.09 37.32 -24.62
CA GLU J 92 -115.49 37.00 -24.82
C GLU J 92 -116.14 36.60 -23.52
N GLU J 93 -115.37 35.96 -22.65
CA GLU J 93 -115.83 35.63 -21.31
C GLU J 93 -116.13 36.88 -20.50
N LEU J 94 -115.25 37.88 -20.59
CA LEU J 94 -115.51 39.14 -19.92
C LEU J 94 -116.74 39.82 -20.45
N THR J 95 -116.95 39.76 -21.74
CA THR J 95 -118.12 40.41 -22.31
C THR J 95 -119.40 39.76 -21.84
N ALA J 96 -119.42 38.44 -21.79
CA ALA J 96 -120.57 37.75 -21.25
C ALA J 96 -120.81 38.15 -19.80
N ARG J 97 -119.74 38.16 -19.01
CA ARG J 97 -119.94 38.42 -17.60
C ARG J 97 -120.23 39.88 -17.32
N ILE J 98 -119.73 40.76 -18.15
CA ILE J 98 -120.12 42.14 -17.95
C ILE J 98 -121.53 42.38 -18.48
N ALA J 99 -121.99 41.59 -19.44
CA ALA J 99 -123.35 41.76 -19.93
C ALA J 99 -124.35 41.36 -18.88
N LYS J 100 -124.08 40.24 -18.23
CA LYS J 100 -124.92 39.85 -17.12
C LYS J 100 -124.71 40.74 -15.91
N ALA J 101 -123.55 41.39 -15.79
CA ALA J 101 -123.46 42.46 -14.80
C ALA J 101 -124.37 43.61 -15.18
N ALA J 102 -124.48 43.89 -16.46
CA ALA J 102 -125.24 45.02 -16.93
C ALA J 102 -126.66 44.68 -17.22
N HIS J 103 -127.09 43.48 -16.83
CA HIS J 103 -128.42 42.95 -17.12
C HIS J 103 -128.68 42.89 -18.60
N PHE J 104 -127.64 42.62 -19.37
CA PHE J 104 -127.79 42.64 -20.80
C PHE J 104 -127.59 41.26 -21.37
N ARG J 105 -128.23 41.03 -22.49
CA ARG J 105 -127.94 39.79 -23.18
C ARG J 105 -126.68 39.99 -23.98
N PHE J 106 -125.92 38.91 -24.13
CA PHE J 106 -124.68 38.90 -24.88
C PHE J 106 -124.79 37.93 -26.03
N ARG J 107 -124.79 38.45 -27.23
CA ARG J 107 -124.60 37.60 -28.38
C ARG J 107 -123.24 37.85 -28.97
N VAL J 108 -122.76 36.86 -29.69
CA VAL J 108 -121.48 36.94 -30.37
C VAL J 108 -121.68 36.41 -31.78
N LEU J 109 -121.19 37.15 -32.75
CA LEU J 109 -121.25 36.74 -34.13
C LEU J 109 -119.84 36.74 -34.68
N GLY J 110 -119.51 35.71 -35.42
CA GLY J 110 -118.17 35.44 -35.86
C GLY J 110 -117.60 34.24 -35.14
N LYS J 111 -116.36 33.92 -35.47
CA LYS J 111 -115.68 32.76 -34.93
C LYS J 111 -114.53 33.23 -34.05
N SER J 112 -114.46 32.69 -32.87
CA SER J 112 -113.28 32.95 -32.07
C SER J 112 -112.12 32.13 -32.61
N PRO J 113 -110.98 32.74 -32.85
CA PRO J 113 -109.90 32.06 -33.56
C PRO J 113 -109.18 31.11 -32.63
N SER J 114 -108.30 30.31 -33.23
CA SER J 114 -107.49 29.37 -32.48
C SER J 114 -106.57 30.11 -31.52
N VAL J 115 -105.87 31.12 -32.01
CA VAL J 115 -105.23 32.01 -31.06
C VAL J 115 -106.35 32.88 -30.52
N PRO J 116 -106.49 32.96 -29.22
CA PRO J 116 -107.56 33.77 -28.66
C PRO J 116 -107.16 35.21 -28.79
N VAL J 117 -108.16 36.02 -29.01
CA VAL J 117 -107.95 37.44 -28.94
C VAL J 117 -107.87 37.88 -27.48
N LEU J 118 -106.75 38.48 -27.11
CA LEU J 118 -106.40 38.64 -25.72
C LEU J 118 -106.41 40.09 -25.33
N ILE J 119 -106.73 40.33 -24.07
CA ILE J 119 -106.83 41.69 -23.59
C ILE J 119 -106.17 41.74 -22.24
N SER J 120 -106.19 42.93 -21.65
CA SER J 120 -105.78 43.09 -20.27
C SER J 120 -106.42 44.36 -19.76
N ILE J 121 -107.20 44.25 -18.69
CA ILE J 121 -107.93 45.38 -18.13
C ILE J 121 -107.67 45.41 -16.64
N SER J 122 -107.22 46.55 -16.15
CA SER J 122 -106.91 46.68 -14.74
C SER J 122 -107.48 47.99 -14.20
N THR J 123 -108.75 47.97 -13.81
CA THR J 123 -109.41 49.15 -13.25
C THR J 123 -110.02 48.77 -11.92
N LYS J 124 -109.90 49.65 -10.95
CA LYS J 124 -110.48 49.35 -9.65
C LYS J 124 -111.80 50.06 -9.41
N ASP J 125 -112.13 51.09 -10.19
CA ASP J 125 -113.42 51.77 -10.06
C ASP J 125 -113.68 52.54 -11.33
N GLU J 126 -114.65 52.08 -12.12
CA GLU J 126 -114.81 52.69 -13.43
C GLU J 126 -116.12 52.21 -14.05
N SER J 127 -116.63 52.96 -15.02
CA SER J 127 -117.89 52.56 -15.61
C SER J 127 -117.77 51.59 -16.77
N LEU J 128 -118.71 50.67 -16.78
CA LEU J 128 -118.80 49.57 -17.72
C LEU J 128 -118.73 50.01 -19.17
N ALA J 129 -119.24 51.19 -19.47
CA ALA J 129 -119.19 51.67 -20.83
C ALA J 129 -117.76 51.92 -21.26
N GLU J 130 -116.94 52.51 -20.42
CA GLU J 130 -115.63 52.75 -20.97
C GLU J 130 -114.75 51.54 -20.77
N ILE J 131 -115.19 50.60 -19.95
CA ILE J 131 -114.66 49.25 -20.14
C ILE J 131 -114.88 48.81 -21.56
N LEU J 132 -116.12 48.95 -22.02
CA LEU J 132 -116.46 48.52 -23.37
C LEU J 132 -115.72 49.32 -24.41
N ARG J 133 -115.43 50.58 -24.09
CA ARG J 133 -114.70 51.44 -25.01
C ARG J 133 -113.29 50.95 -25.17
N ASP J 134 -112.63 50.68 -24.06
CA ASP J 134 -111.28 50.17 -24.13
C ASP J 134 -111.30 48.77 -24.72
N ILE J 135 -112.41 48.08 -24.56
CA ILE J 135 -112.37 46.69 -24.95
C ILE J 135 -112.50 46.59 -26.44
N ASP J 136 -113.23 47.51 -27.04
CA ASP J 136 -113.32 47.55 -28.46
C ASP J 136 -112.03 48.06 -29.04
N TYR J 137 -111.40 48.98 -28.30
CA TYR J 137 -110.10 49.50 -28.72
C TYR J 137 -109.06 48.42 -28.75
N GLN J 138 -108.99 47.62 -27.71
CA GLN J 138 -108.05 46.54 -27.74
C GLN J 138 -108.54 45.39 -28.57
N ALA J 139 -109.82 45.37 -28.92
CA ALA J 139 -110.27 44.39 -29.90
C ALA J 139 -109.70 44.71 -31.26
N GLY J 140 -109.85 45.95 -31.69
CA GLY J 140 -109.20 46.43 -32.89
C GLY J 140 -109.72 45.74 -34.12
N LYS J 141 -108.80 45.14 -34.87
CA LYS J 141 -109.13 44.63 -36.19
C LYS J 141 -109.74 43.25 -36.14
N LYS J 142 -109.37 42.47 -35.16
CA LYS J 142 -109.87 41.10 -35.08
C LYS J 142 -111.30 41.04 -34.60
N ALA J 143 -111.72 41.97 -33.77
CA ALA J 143 -113.05 41.90 -33.21
C ALA J 143 -113.55 43.29 -32.90
N SER J 144 -114.83 43.35 -32.56
CA SER J 144 -115.49 44.61 -32.30
C SER J 144 -116.67 44.41 -31.41
N ILE J 145 -117.17 45.51 -30.90
CA ILE J 145 -118.29 45.51 -29.98
C ILE J 145 -119.40 46.33 -30.60
N HIS J 146 -120.57 45.75 -30.72
CA HIS J 146 -121.75 46.56 -30.88
C HIS J 146 -122.65 46.45 -29.67
N VAL J 147 -123.27 47.55 -29.31
CA VAL J 147 -124.22 47.60 -28.21
C VAL J 147 -125.54 48.10 -28.78
N TYR J 148 -126.60 47.35 -28.53
CA TYR J 148 -127.92 47.83 -28.86
C TYR J 148 -128.67 48.01 -27.56
N PRO J 149 -128.74 49.24 -27.02
CA PRO J 149 -129.41 49.43 -25.74
C PRO J 149 -130.91 49.43 -25.85
N ASN J 150 -131.45 49.55 -27.05
CA ASN J 150 -132.89 49.39 -27.20
C ASN J 150 -133.31 47.95 -26.95
N SER J 151 -132.52 47.01 -27.46
CA SER J 151 -132.76 45.61 -27.16
C SER J 151 -131.88 45.12 -26.03
N GLN J 152 -131.01 45.98 -25.49
CA GLN J 152 -130.21 45.74 -24.28
C GLN J 152 -129.33 44.51 -24.43
N VAL J 153 -128.66 44.46 -25.57
CA VAL J 153 -127.82 43.31 -25.92
C VAL J 153 -126.49 43.87 -26.38
N VAL J 154 -125.42 43.34 -25.84
CA VAL J 154 -124.13 43.58 -26.42
C VAL J 154 -123.77 42.39 -27.29
N GLU J 155 -122.93 42.65 -28.28
CA GLU J 155 -122.69 41.64 -29.29
C GLU J 155 -121.25 41.79 -29.77
N LEU J 156 -120.55 40.67 -29.75
CA LEU J 156 -119.14 40.63 -30.11
C LEU J 156 -118.98 40.17 -31.53
N ARG J 157 -118.39 41.02 -32.35
CA ARG J 157 -118.24 40.76 -33.76
C ARG J 157 -116.83 40.31 -34.01
N TYR J 158 -116.67 39.21 -34.70
CA TYR J 158 -115.34 38.82 -35.10
C TYR J 158 -115.05 39.36 -36.47
N ALA J 159 -113.86 39.07 -36.98
CA ALA J 159 -113.53 39.47 -38.33
C ALA J 159 -113.06 38.27 -39.16
N ILE K 272 -85.08 31.70 -30.18
CA ILE K 272 -86.13 32.20 -29.32
C ILE K 272 -85.57 32.82 -28.08
N PRO K 273 -85.93 34.07 -27.87
CA PRO K 273 -85.47 34.80 -26.69
C PRO K 273 -86.06 34.23 -25.42
N PRO K 274 -85.44 34.50 -24.28
CA PRO K 274 -86.07 34.18 -23.00
C PRO K 274 -87.13 35.21 -22.66
N SER K 275 -88.09 34.76 -21.85
CA SER K 275 -89.25 35.57 -21.51
C SER K 275 -88.83 36.80 -20.75
N ALA K 276 -88.31 36.56 -19.57
CA ALA K 276 -87.64 37.50 -18.74
C ALA K 276 -86.86 36.67 -17.78
N ASN K 277 -86.34 37.30 -16.74
CA ASN K 277 -85.86 36.50 -15.65
C ASN K 277 -87.05 36.12 -14.80
N ASP K 278 -87.03 34.91 -14.30
CA ASP K 278 -87.91 34.67 -13.19
C ASP K 278 -87.34 35.22 -11.90
N LEU K 279 -86.07 35.53 -11.88
CA LEU K 279 -85.57 36.25 -10.72
C LEU K 279 -86.13 37.63 -10.68
N LEU K 280 -86.54 38.16 -11.82
CA LEU K 280 -87.40 39.32 -11.80
C LEU K 280 -88.66 39.08 -11.02
N LEU K 281 -89.20 37.86 -11.05
CA LEU K 281 -90.40 37.65 -10.27
C LEU K 281 -90.08 37.67 -8.79
N HIS K 282 -88.85 37.35 -8.44
CA HIS K 282 -88.47 37.38 -7.04
C HIS K 282 -88.16 38.79 -6.60
N VAL K 283 -87.41 39.50 -7.41
CA VAL K 283 -87.05 40.83 -7.00
C VAL K 283 -88.15 41.80 -7.37
N LEU K 284 -89.23 41.29 -7.94
CA LEU K 284 -90.42 42.07 -8.09
C LEU K 284 -90.91 42.53 -6.75
N GLU K 285 -90.88 41.65 -5.80
CA GLU K 285 -91.07 42.01 -4.42
C GLU K 285 -89.70 42.16 -3.79
N GLY K 286 -89.69 42.36 -2.50
CA GLY K 286 -88.46 42.72 -1.88
C GLY K 286 -87.51 41.60 -1.57
N VAL K 287 -87.69 40.37 -2.08
CA VAL K 287 -86.63 39.41 -1.81
C VAL K 287 -85.46 39.74 -2.73
N PRO K 288 -84.24 39.64 -2.23
CA PRO K 288 -83.11 39.56 -3.12
C PRO K 288 -83.14 38.24 -3.85
N PRO K 289 -82.42 38.12 -4.95
CA PRO K 289 -82.24 36.82 -5.55
C PRO K 289 -81.41 35.95 -4.63
N PRO K 290 -81.44 34.64 -4.82
CA PRO K 290 -80.48 33.77 -4.12
C PRO K 290 -79.05 34.16 -4.41
N GLY K 291 -78.25 34.21 -3.36
CA GLY K 291 -76.84 34.51 -3.47
C GLY K 291 -76.55 35.91 -3.93
N SER K 292 -77.11 36.91 -3.27
CA SER K 292 -76.98 38.23 -3.81
C SER K 292 -76.29 39.14 -2.82
N ARG K 293 -75.83 40.27 -3.31
CA ARG K 293 -75.18 41.19 -2.42
C ARG K 293 -76.02 42.43 -2.42
N ARG K 294 -76.36 42.89 -1.22
CA ARG K 294 -77.15 44.09 -1.09
C ARG K 294 -76.32 45.27 -1.53
N LEU K 295 -76.69 45.84 -2.64
CA LEU K 295 -75.99 47.00 -3.11
C LEU K 295 -76.47 48.18 -2.31
N VAL K 296 -75.53 48.86 -1.71
CA VAL K 296 -75.83 49.95 -0.79
C VAL K 296 -76.34 51.09 -1.64
N VAL K 297 -77.64 51.30 -1.58
CA VAL K 297 -78.27 52.35 -2.35
C VAL K 297 -78.33 53.60 -1.49
N SER K 298 -77.72 54.66 -1.97
CA SER K 298 -77.71 55.90 -1.20
C SER K 298 -78.34 57.00 -2.02
N GLY K 299 -79.37 57.62 -1.43
CA GLY K 299 -80.06 58.74 -2.04
C GLY K 299 -81.47 58.46 -2.52
N GLY K 300 -82.00 57.28 -2.26
CA GLY K 300 -83.27 56.92 -2.88
C GLY K 300 -83.80 55.62 -2.32
N ASP K 301 -84.98 55.26 -2.79
CA ASP K 301 -85.77 54.22 -2.16
C ASP K 301 -85.70 52.93 -2.95
N ALA K 302 -84.74 52.82 -3.83
CA ALA K 302 -84.77 51.66 -4.68
C ALA K 302 -83.80 50.70 -4.07
N ARG K 303 -84.09 49.43 -4.15
CA ARG K 303 -83.10 48.54 -3.58
C ARG K 303 -82.51 47.64 -4.63
N ALA K 304 -81.22 47.43 -4.50
CA ALA K 304 -80.46 46.80 -5.55
C ALA K 304 -79.68 45.63 -5.00
N TRP K 305 -79.64 44.57 -5.77
CA TRP K 305 -78.83 43.43 -5.47
C TRP K 305 -77.94 43.09 -6.62
N LEU K 306 -76.70 42.77 -6.25
CA LEU K 306 -75.75 42.21 -7.19
C LEU K 306 -76.02 40.72 -7.19
N SER K 307 -76.51 40.22 -8.30
CA SER K 307 -76.70 38.78 -8.39
C SER K 307 -75.45 38.15 -8.98
N ASN K 308 -75.17 38.44 -10.24
CA ASN K 308 -73.99 37.91 -10.91
C ASN K 308 -73.59 38.91 -11.99
N GLU K 309 -72.86 39.94 -11.57
CA GLU K 309 -72.55 41.19 -12.30
C GLU K 309 -73.83 42.00 -12.61
N LYS K 310 -74.99 41.42 -12.44
CA LYS K 310 -76.22 41.97 -12.91
C LYS K 310 -76.90 42.48 -11.67
N MET K 311 -77.04 43.77 -11.56
CA MET K 311 -77.91 44.18 -10.48
C MET K 311 -79.31 43.95 -10.92
N TYR K 312 -80.10 43.51 -9.98
CA TYR K 312 -81.52 43.52 -10.13
C TYR K 312 -81.93 44.62 -9.18
N VAL K 313 -82.67 45.57 -9.68
CA VAL K 313 -83.11 46.63 -8.82
C VAL K 313 -84.63 46.64 -8.82
N ARG K 314 -85.18 46.70 -7.62
CA ARG K 314 -86.58 47.00 -7.44
C ARG K 314 -86.66 48.49 -7.28
N THR K 315 -87.72 49.05 -7.82
CA THR K 315 -88.13 50.39 -7.50
C THR K 315 -89.56 50.58 -7.90
N ASN K 316 -90.03 51.79 -7.66
CA ASN K 316 -91.15 52.26 -8.41
C ASN K 316 -90.74 53.40 -9.33
N LEU K 317 -89.51 53.88 -9.21
CA LEU K 317 -89.06 55.04 -9.96
C LEU K 317 -88.74 54.65 -11.40
N THR K 318 -88.47 55.64 -12.23
CA THR K 318 -88.44 55.38 -13.66
C THR K 318 -87.01 55.38 -14.16
N ILE K 319 -86.49 54.20 -14.48
CA ILE K 319 -85.07 54.07 -14.78
C ILE K 319 -84.76 54.75 -16.10
N LEU K 320 -83.67 55.49 -16.11
CA LEU K 320 -83.34 56.33 -17.24
C LEU K 320 -82.02 56.00 -17.88
N SER K 321 -80.92 56.08 -17.15
CA SER K 321 -79.67 56.01 -17.90
C SER K 321 -79.32 54.63 -18.42
N PRO K 322 -79.15 53.60 -17.60
CA PRO K 322 -78.39 52.47 -18.10
C PRO K 322 -79.19 51.48 -18.94
N GLY K 323 -80.44 51.17 -18.64
CA GLY K 323 -81.13 50.22 -19.46
C GLY K 323 -80.83 48.78 -19.09
N TRP K 324 -81.89 48.04 -18.92
CA TRP K 324 -81.88 46.72 -18.33
C TRP K 324 -81.75 45.69 -19.41
N LEU K 325 -81.44 44.48 -19.02
CA LEU K 325 -81.75 43.43 -19.96
C LEU K 325 -83.15 42.98 -19.81
N ALA K 326 -83.69 43.04 -18.62
CA ALA K 326 -85.07 42.66 -18.55
C ALA K 326 -85.77 43.63 -17.65
N SER K 327 -86.94 44.01 -18.08
CA SER K 327 -87.74 44.88 -17.27
C SER K 327 -89.01 44.19 -16.93
N MET K 328 -89.62 44.74 -15.93
CA MET K 328 -90.51 44.01 -15.10
C MET K 328 -91.32 44.98 -14.32
N THR K 329 -92.62 44.76 -14.29
CA THR K 329 -93.29 45.51 -13.27
C THR K 329 -94.30 44.59 -12.65
N SER K 330 -94.79 45.03 -11.52
CA SER K 330 -95.69 44.26 -10.71
C SER K 330 -97.09 44.48 -11.21
N ALA K 331 -98.06 44.07 -10.41
CA ALA K 331 -99.40 44.55 -10.66
C ALA K 331 -99.52 46.01 -10.32
N ASP K 332 -98.75 46.50 -9.35
CA ASP K 332 -98.94 47.88 -8.91
C ASP K 332 -97.89 48.82 -9.46
N GLY K 333 -97.20 48.45 -10.52
CA GLY K 333 -96.18 49.35 -11.01
C GLY K 333 -94.86 49.23 -10.32
N THR K 334 -94.62 48.16 -9.59
CA THR K 334 -93.30 48.01 -9.04
C THR K 334 -92.39 47.42 -10.09
N HIS K 335 -91.35 48.12 -10.41
CA HIS K 335 -90.49 47.62 -11.43
C HIS K 335 -89.42 46.79 -10.81
N ALA K 336 -89.08 45.76 -11.55
CA ALA K 336 -87.80 45.12 -11.39
C ALA K 336 -87.08 45.29 -12.71
N TYR K 337 -85.82 45.64 -12.60
CA TYR K 337 -84.98 45.75 -13.76
C TYR K 337 -83.75 44.89 -13.55
N GLU K 338 -83.57 43.96 -14.45
CA GLU K 338 -82.39 43.14 -14.54
C GLU K 338 -81.44 43.93 -15.42
N MET K 339 -80.51 44.56 -14.75
CA MET K 339 -79.78 45.77 -15.11
C MET K 339 -78.30 45.49 -15.05
N GLN K 340 -77.61 46.05 -16.01
CA GLN K 340 -76.19 45.95 -16.05
C GLN K 340 -75.61 46.84 -14.98
N LYS K 341 -74.32 46.67 -14.72
CA LYS K 341 -73.83 47.22 -13.47
C LYS K 341 -73.55 48.70 -13.64
N SER K 342 -74.26 49.49 -12.90
CA SER K 342 -73.81 50.83 -12.87
C SER K 342 -73.39 51.18 -11.46
N PRO K 343 -72.38 52.03 -11.32
CA PRO K 343 -72.20 52.74 -10.07
C PRO K 343 -73.23 53.83 -9.87
N VAL K 344 -73.78 54.36 -10.96
CA VAL K 344 -74.53 55.59 -10.93
C VAL K 344 -75.82 55.37 -11.68
N LEU K 345 -76.93 55.66 -11.04
CA LEU K 345 -78.22 55.29 -11.57
C LEU K 345 -79.03 56.52 -11.83
N LEU K 346 -79.82 56.47 -12.88
CA LEU K 346 -80.66 57.59 -13.20
C LEU K 346 -82.10 57.19 -13.18
N VAL K 347 -82.89 57.90 -12.40
CA VAL K 347 -84.32 57.81 -12.60
C VAL K 347 -84.86 59.18 -12.83
N SER K 348 -86.05 59.23 -13.39
CA SER K 348 -86.86 60.41 -13.30
C SER K 348 -87.78 60.17 -12.13
N TRP K 349 -87.93 61.21 -11.34
CA TRP K 349 -88.69 61.17 -10.11
C TRP K 349 -90.07 61.73 -10.38
N HIS K 350 -90.14 62.99 -10.81
CA HIS K 350 -91.43 63.62 -11.04
C HIS K 350 -91.37 64.52 -12.25
N GLY K 351 -90.73 64.08 -13.32
CA GLY K 351 -90.30 65.02 -14.32
C GLY K 351 -89.05 65.77 -13.94
N LYS K 352 -88.71 65.82 -12.65
CA LYS K 352 -87.37 66.05 -12.17
C LYS K 352 -86.61 64.73 -12.32
N VAL K 353 -85.30 64.81 -12.45
CA VAL K 353 -84.47 63.64 -12.69
C VAL K 353 -83.43 63.53 -11.58
N MET K 354 -83.24 62.32 -11.08
CA MET K 354 -82.35 62.05 -9.99
C MET K 354 -81.23 61.13 -10.42
N GLN K 355 -80.00 61.59 -10.16
CA GLN K 355 -78.85 60.72 -10.06
C GLN K 355 -78.93 59.97 -8.74
N LEU K 356 -78.34 58.79 -8.71
CA LEU K 356 -78.33 57.95 -7.51
C LEU K 356 -77.02 57.20 -7.44
N LYS K 357 -76.38 57.21 -6.28
CA LYS K 357 -75.11 56.48 -6.18
C LYS K 357 -75.37 55.13 -5.54
N VAL K 358 -74.61 54.14 -5.99
CA VAL K 358 -74.62 52.86 -5.32
C VAL K 358 -73.23 52.59 -4.81
N GLU K 359 -73.15 51.64 -3.88
CA GLU K 359 -71.88 51.17 -3.36
C GLU K 359 -71.86 49.66 -3.55
N GLY K 360 -70.74 49.15 -4.02
CA GLY K 360 -70.63 47.74 -4.32
C GLY K 360 -71.45 47.45 -5.55
N LEU L 41 -70.40 64.68 1.32
CA LEU L 41 -71.43 64.06 2.12
C LEU L 41 -72.82 64.57 1.74
N PRO L 42 -73.82 63.69 1.74
CA PRO L 42 -75.19 64.09 1.41
C PRO L 42 -75.80 65.02 2.47
N CYS L 43 -76.98 65.55 2.15
CA CYS L 43 -77.52 66.71 2.87
C CYS L 43 -78.27 66.32 4.13
N ARG L 44 -77.98 67.04 5.21
CA ARG L 44 -78.93 67.17 6.30
C ARG L 44 -80.00 68.17 5.89
N VAL L 45 -79.60 69.43 5.82
CA VAL L 45 -80.45 70.48 5.32
C VAL L 45 -80.26 70.54 3.82
N ASP L 46 -81.35 70.80 3.12
CA ASP L 46 -81.29 71.09 1.69
C ASP L 46 -81.12 72.59 1.45
N GLY L 47 -80.08 73.15 2.09
CA GLY L 47 -79.79 74.56 2.00
C GLY L 47 -80.85 75.45 2.60
N ALA L 48 -81.50 75.01 3.68
CA ALA L 48 -82.56 75.79 4.27
C ALA L 48 -82.59 75.54 5.76
N CYS L 49 -83.22 76.46 6.48
CA CYS L 49 -83.40 76.28 7.90
C CYS L 49 -84.81 76.63 8.28
N ASP L 50 -85.38 75.76 9.11
CA ASP L 50 -86.75 75.92 9.57
C ASP L 50 -86.88 77.17 10.43
N ALA L 51 -85.79 77.58 11.07
CA ALA L 51 -85.77 78.85 11.80
C ALA L 51 -85.98 80.01 10.86
N THR L 52 -85.34 79.99 9.70
CA THR L 52 -85.56 81.03 8.72
C THR L 52 -86.99 81.03 8.23
N ILE L 53 -87.51 79.83 8.01
CA ILE L 53 -88.88 79.64 7.61
C ILE L 53 -89.84 80.28 8.61
N ILE L 54 -89.64 80.00 9.88
CA ILE L 54 -90.56 80.53 10.86
C ILE L 54 -90.34 82.01 11.08
N LYS L 55 -89.11 82.50 10.90
CA LYS L 55 -88.87 83.93 10.87
C LYS L 55 -89.69 84.60 9.79
N MET L 56 -89.85 83.91 8.65
CA MET L 56 -90.65 84.48 7.59
C MET L 56 -92.08 84.62 8.06
N MET L 57 -92.72 83.46 8.39
CA MET L 57 -94.17 83.47 8.63
C MET L 57 -94.54 84.41 9.74
N THR L 58 -93.69 84.46 10.79
CA THR L 58 -93.87 85.47 11.82
C THR L 58 -93.90 86.85 11.23
N ASP L 59 -92.91 87.21 10.43
CA ASP L 59 -92.81 88.61 10.06
C ASP L 59 -93.83 88.98 8.99
N LEU L 60 -94.18 88.05 8.12
CA LEU L 60 -95.12 88.36 7.05
C LEU L 60 -96.55 88.20 7.48
N ASN L 61 -96.76 87.62 8.63
CA ASN L 61 -98.08 87.73 9.18
C ASN L 61 -98.16 88.86 10.18
N LYS L 62 -97.02 89.30 10.71
CA LYS L 62 -96.93 90.62 11.32
C LYS L 62 -97.26 91.68 10.29
N LYS L 63 -96.79 91.46 9.09
CA LYS L 63 -97.12 92.24 7.92
C LYS L 63 -98.42 91.77 7.28
N GLY L 64 -99.02 90.73 7.83
CA GLY L 64 -100.39 90.42 7.56
C GLY L 64 -100.64 89.61 6.33
N ILE L 65 -99.64 89.40 5.50
CA ILE L 65 -99.87 88.63 4.30
C ILE L 65 -99.93 87.18 4.68
N LYS L 66 -101.07 86.57 4.42
CA LYS L 66 -101.47 85.49 5.29
C LYS L 66 -100.93 84.17 4.79
N VAL L 67 -100.20 83.48 5.65
CA VAL L 67 -99.70 82.16 5.38
C VAL L 67 -100.65 81.18 6.02
N ALA L 68 -101.22 80.30 5.23
CA ALA L 68 -101.82 79.09 5.75
C ALA L 68 -100.79 77.98 5.69
N SER L 69 -100.76 77.18 6.75
CA SER L 69 -99.77 76.11 6.84
C SER L 69 -100.50 74.90 7.38
N VAL L 70 -101.14 74.15 6.50
CA VAL L 70 -102.28 73.35 6.89
C VAL L 70 -102.12 71.94 6.35
N GLY L 71 -102.16 70.98 7.26
CA GLY L 71 -101.88 69.60 6.92
C GLY L 71 -100.50 69.52 6.35
N GLN L 72 -100.42 69.26 5.06
CA GLN L 72 -99.14 69.35 4.41
C GLN L 72 -99.13 70.47 3.39
N ASN L 73 -100.28 71.01 3.07
CA ASN L 73 -100.33 72.00 2.02
C ASN L 73 -100.16 73.38 2.63
N TYR L 74 -99.52 74.25 1.89
CA TYR L 74 -99.20 75.56 2.40
C TYR L 74 -99.67 76.57 1.38
N LEU L 75 -100.25 77.64 1.89
CA LEU L 75 -100.99 78.60 1.11
C LEU L 75 -100.59 79.99 1.54
N ILE L 76 -100.54 80.93 0.62
CA ILE L 76 -100.51 82.33 1.01
C ILE L 76 -101.62 83.06 0.30
N SER L 77 -102.42 83.75 1.08
CA SER L 77 -103.42 84.65 0.59
C SER L 77 -102.85 86.05 0.74
N ILE L 78 -103.12 86.88 -0.24
CA ILE L 78 -102.58 88.23 -0.29
C ILE L 78 -103.72 89.13 -0.72
N PRO L 79 -103.91 90.28 -0.08
CA PRO L 79 -104.73 91.31 -0.68
C PRO L 79 -104.08 91.82 -1.95
N ALA L 80 -104.86 91.87 -3.03
CA ALA L 80 -104.33 92.36 -4.29
C ALA L 80 -104.08 93.86 -4.28
N SER L 81 -104.64 94.58 -3.29
CA SER L 81 -104.51 96.02 -3.23
C SER L 81 -103.09 96.46 -2.98
N ALA L 82 -102.33 95.68 -2.24
CA ALA L 82 -100.95 96.01 -2.00
C ALA L 82 -100.10 95.84 -3.24
N LEU L 83 -100.60 95.13 -4.25
CA LEU L 83 -99.78 94.73 -5.39
C LEU L 83 -100.21 95.37 -6.70
N PHE L 84 -101.39 95.05 -7.16
CA PHE L 84 -101.85 95.65 -8.38
C PHE L 84 -102.48 96.98 -8.02
N ALA L 85 -102.53 97.86 -8.99
CA ALA L 85 -103.29 99.06 -8.77
C ALA L 85 -104.74 98.75 -9.10
N ASP L 86 -105.55 99.79 -8.96
CA ASP L 86 -107.00 99.73 -9.09
C ASP L 86 -107.42 99.21 -10.45
N GLN L 87 -107.98 97.99 -10.45
CA GLN L 87 -108.44 97.29 -11.65
C GLN L 87 -107.33 97.07 -12.68
N SER L 88 -106.08 97.14 -12.24
CA SER L 88 -105.02 97.03 -13.20
C SER L 88 -104.42 95.66 -13.01
N PRO L 89 -103.98 95.06 -14.03
CA PRO L 89 -103.02 93.97 -13.88
C PRO L 89 -101.61 94.52 -13.86
N ARG L 90 -101.40 95.58 -13.10
CA ARG L 90 -100.15 96.30 -13.18
C ARG L 90 -99.63 96.47 -11.78
N LEU L 91 -98.42 95.99 -11.58
CA LEU L 91 -97.79 95.98 -10.28
C LEU L 91 -97.04 97.28 -10.06
N ASN L 92 -96.67 97.52 -8.82
CA ASN L 92 -95.85 98.68 -8.57
C ASN L 92 -94.45 98.28 -8.11
N TRP L 93 -93.76 99.26 -7.51
CA TRP L 93 -92.33 99.19 -7.38
C TRP L 93 -91.89 98.47 -6.13
N ALA L 94 -92.19 99.05 -4.96
CA ALA L 94 -91.67 98.57 -3.68
C ALA L 94 -92.26 97.23 -3.28
N SER L 95 -93.31 96.82 -3.98
CA SER L 95 -93.87 95.48 -3.90
C SER L 95 -92.86 94.39 -4.14
N TYR L 96 -91.89 94.64 -5.00
CA TYR L 96 -91.08 93.56 -5.50
C TYR L 96 -90.09 93.02 -4.48
N SER L 97 -89.74 93.82 -3.47
CA SER L 97 -89.03 93.28 -2.32
C SER L 97 -89.85 92.18 -1.67
N LEU L 98 -91.13 92.45 -1.49
CA LEU L 98 -92.02 91.49 -0.87
C LEU L 98 -92.23 90.29 -1.77
N LEU L 99 -92.40 90.54 -3.07
CA LEU L 99 -92.63 89.46 -4.02
C LEU L 99 -91.43 88.54 -4.13
N ASN L 100 -90.26 89.11 -4.03
CA ASN L 100 -89.10 88.27 -4.19
C ASN L 100 -88.81 87.52 -2.90
N GLU L 101 -89.15 88.10 -1.75
CA GLU L 101 -88.94 87.33 -0.53
C GLU L 101 -90.01 86.26 -0.35
N ILE L 102 -91.14 86.41 -1.03
CA ILE L 102 -92.02 85.27 -1.26
C ILE L 102 -91.28 84.17 -1.99
N ALA L 103 -90.67 84.50 -3.13
CA ALA L 103 -89.98 83.46 -3.90
C ALA L 103 -88.84 82.84 -3.11
N ALA L 104 -88.21 83.67 -2.27
CA ALA L 104 -87.20 83.20 -1.34
C ALA L 104 -87.76 82.17 -0.40
N PHE L 105 -88.98 82.40 0.06
CA PHE L 105 -89.58 81.36 0.86
C PHE L 105 -89.94 80.15 0.01
N LEU L 106 -90.29 80.38 -1.24
CA LEU L 106 -90.71 79.29 -2.09
C LEU L 106 -89.60 78.32 -2.36
N LYS L 107 -88.39 78.82 -2.37
CA LYS L 107 -87.23 77.98 -2.38
C LYS L 107 -87.09 77.09 -1.15
N GLN L 108 -87.78 77.38 -0.06
CA GLN L 108 -87.50 76.61 1.14
C GLN L 108 -88.03 75.19 1.10
N PHE L 109 -88.79 74.81 0.09
CA PHE L 109 -89.29 73.45 0.08
C PHE L 109 -89.08 72.78 -1.24
N ARG L 110 -88.90 71.49 -1.18
CA ARG L 110 -88.98 70.68 -2.36
C ARG L 110 -90.46 70.68 -2.72
N LYS L 111 -90.79 71.05 -3.95
CA LYS L 111 -92.18 71.10 -4.38
C LYS L 111 -92.30 70.79 -5.85
N ILE L 112 -93.52 70.51 -6.27
CA ILE L 112 -93.81 69.99 -7.59
C ILE L 112 -94.60 70.97 -8.42
N ALA L 113 -95.78 71.30 -7.96
CA ALA L 113 -96.70 72.13 -8.70
C ALA L 113 -97.10 73.29 -7.81
N ILE L 114 -97.23 74.45 -8.42
CA ILE L 114 -97.70 75.63 -7.71
C ILE L 114 -98.91 76.16 -8.45
N THR L 115 -100.00 76.34 -7.73
CA THR L 115 -101.19 76.91 -8.34
C THR L 115 -101.36 78.32 -7.80
N VAL L 116 -101.54 79.24 -8.71
CA VAL L 116 -101.91 80.59 -8.33
C VAL L 116 -103.26 80.93 -8.95
N THR L 117 -104.12 81.46 -8.13
CA THR L 117 -105.33 82.08 -8.59
C THR L 117 -105.44 83.44 -7.97
N SER L 118 -106.22 84.27 -8.61
CA SER L 118 -106.46 85.59 -8.05
C SER L 118 -107.94 85.86 -8.14
N TYR L 119 -108.42 86.70 -7.25
CA TYR L 119 -109.81 87.06 -7.29
C TYR L 119 -109.95 88.55 -7.18
N SER L 120 -110.96 89.07 -7.84
CA SER L 120 -111.20 90.49 -7.81
C SER L 120 -112.67 90.76 -7.59
N SER L 121 -112.95 91.76 -6.77
CA SER L 121 -114.30 92.25 -6.58
C SER L 121 -114.91 92.68 -7.89
N LYS L 122 -116.19 92.38 -8.04
CA LYS L 122 -116.87 92.49 -9.33
C LYS L 122 -116.98 93.94 -9.73
N TYR L 123 -116.42 94.26 -10.89
CA TYR L 123 -116.26 95.65 -11.24
C TYR L 123 -117.11 96.08 -12.42
N VAL L 124 -116.92 95.49 -13.59
CA VAL L 124 -117.69 95.91 -14.74
C VAL L 124 -118.35 94.74 -15.45
N SER L 125 -117.58 93.77 -15.94
CA SER L 125 -118.18 92.77 -16.80
C SER L 125 -117.43 91.48 -16.68
N VAL L 126 -118.21 90.41 -16.54
CA VAL L 126 -117.73 89.13 -16.02
C VAL L 126 -116.55 88.60 -16.79
N LYS L 127 -116.55 88.88 -18.08
CA LYS L 127 -115.41 88.74 -18.93
C LYS L 127 -114.22 89.51 -18.41
N ARG L 128 -114.40 90.77 -18.00
CA ARG L 128 -113.18 91.49 -17.66
C ARG L 128 -112.74 91.21 -16.25
N GLU L 129 -113.60 90.78 -15.35
CA GLU L 129 -112.99 90.47 -14.06
C GLU L 129 -112.28 89.14 -14.14
N ARG L 130 -112.82 88.21 -14.94
CA ARG L 130 -112.05 87.07 -15.37
C ARG L 130 -110.73 87.48 -15.97
N ALA L 131 -110.77 88.44 -16.87
CA ALA L 131 -109.57 88.86 -17.54
C ALA L 131 -108.61 89.53 -16.60
N LEU L 132 -109.11 90.37 -15.71
CA LEU L 132 -108.24 91.15 -14.86
C LEU L 132 -107.55 90.25 -13.88
N THR L 133 -108.30 89.34 -13.29
CA THR L 133 -107.70 88.33 -12.45
C THR L 133 -106.76 87.44 -13.19
N LEU L 134 -107.13 87.03 -14.41
CA LEU L 134 -106.32 86.11 -15.18
C LEU L 134 -105.00 86.73 -15.55
N ALA L 135 -105.04 87.99 -15.93
CA ALA L 135 -103.84 88.73 -16.23
C ALA L 135 -103.02 88.96 -14.99
N ARG L 136 -103.69 89.28 -13.88
CA ARG L 136 -103.00 89.55 -12.63
C ARG L 136 -102.22 88.34 -12.18
N SER L 137 -102.89 87.20 -12.26
CA SER L 137 -102.30 85.91 -11.96
C SER L 137 -101.15 85.62 -12.89
N ARG L 138 -101.35 85.79 -14.18
CA ARG L 138 -100.30 85.40 -15.10
C ARG L 138 -99.11 86.33 -15.02
N VAL L 139 -99.28 87.57 -14.58
CA VAL L 139 -98.12 88.45 -14.55
C VAL L 139 -97.30 88.20 -13.30
N VAL L 140 -97.95 87.93 -12.18
CA VAL L 140 -97.11 87.63 -11.05
C VAL L 140 -96.53 86.22 -11.17
N SER L 141 -97.23 85.34 -11.89
CA SER L 141 -96.74 84.01 -12.17
C SER L 141 -95.55 84.04 -13.08
N GLU L 142 -95.62 84.86 -14.12
CA GLU L 142 -94.49 85.09 -14.99
C GLU L 142 -93.32 85.57 -14.19
N TYR L 143 -93.57 86.51 -13.28
CA TYR L 143 -92.47 87.07 -12.52
C TYR L 143 -91.83 86.04 -11.63
N LEU L 144 -92.62 85.24 -10.95
CA LEU L 144 -91.91 84.35 -10.06
C LEU L 144 -91.40 83.12 -10.78
N TRP L 145 -92.00 82.72 -11.90
CA TRP L 145 -91.43 81.69 -12.73
C TRP L 145 -90.08 82.10 -13.26
N SER L 146 -89.99 83.35 -13.67
CA SER L 146 -88.71 83.90 -14.01
C SER L 146 -87.82 83.91 -12.81
N GLN L 147 -88.38 84.16 -11.65
CA GLN L 147 -87.61 84.14 -10.44
C GLN L 147 -87.36 82.69 -10.07
N GLY L 148 -86.95 82.47 -8.83
CA GLY L 148 -86.73 81.11 -8.41
C GLY L 148 -88.01 80.34 -8.28
N VAL L 149 -88.25 79.44 -9.23
CA VAL L 149 -89.27 78.41 -9.09
C VAL L 149 -88.63 77.06 -9.04
N ASP L 150 -89.02 76.32 -8.02
CA ASP L 150 -88.61 74.95 -7.88
C ASP L 150 -89.76 74.03 -8.20
N SER L 151 -90.86 74.60 -8.64
CA SER L 151 -91.95 73.78 -9.10
C SER L 151 -91.59 73.17 -10.44
N ARG L 152 -92.26 72.08 -10.75
CA ARG L 152 -92.21 71.63 -12.12
C ARG L 152 -93.32 72.26 -12.93
N ILE L 153 -94.44 72.53 -12.28
CA ILE L 153 -95.63 73.01 -12.96
C ILE L 153 -96.12 74.24 -12.22
N ILE L 154 -96.51 75.27 -12.96
CA ILE L 154 -97.30 76.32 -12.37
C ILE L 154 -98.60 76.43 -13.13
N PHE L 155 -99.69 76.13 -12.45
CA PHE L 155 -101.02 76.41 -12.96
C PHE L 155 -101.42 77.81 -12.55
N THR L 156 -102.06 78.54 -13.45
CA THR L 156 -102.46 79.90 -13.17
C THR L 156 -103.83 80.23 -13.74
N GLN L 157 -104.62 80.91 -12.89
CA GLN L 157 -105.90 81.49 -13.24
C GLN L 157 -106.40 82.42 -12.13
N GLY L 158 -107.57 83.00 -12.37
CA GLY L 158 -108.19 83.86 -11.39
C GLY L 158 -109.62 84.11 -11.84
N LEU L 159 -110.49 84.40 -10.87
CA LEU L 159 -111.88 84.62 -11.18
C LEU L 159 -112.38 85.90 -10.55
N GLY L 160 -113.46 86.42 -11.11
CA GLY L 160 -113.91 87.70 -10.64
C GLY L 160 -114.64 87.66 -9.33
N SER L 161 -113.94 87.29 -8.25
CA SER L 161 -114.51 87.01 -6.93
C SER L 161 -115.77 86.17 -7.03
N ASP L 162 -115.73 85.15 -7.86
CA ASP L 162 -116.87 84.28 -8.06
C ASP L 162 -117.12 83.44 -6.83
N LYS L 163 -116.10 83.37 -5.99
CA LYS L 163 -116.15 82.69 -4.71
C LYS L 163 -115.58 83.69 -3.73
N PRO L 164 -116.37 84.69 -3.36
CA PRO L 164 -115.91 85.68 -2.40
C PRO L 164 -115.81 85.03 -1.04
N ILE L 165 -114.72 85.30 -0.33
CA ILE L 165 -114.57 84.74 1.00
C ILE L 165 -115.17 85.64 2.05
N THR L 166 -115.45 86.88 1.71
CA THR L 166 -116.35 87.68 2.51
C THR L 166 -117.46 88.13 1.59
N SER L 167 -118.62 88.35 2.17
CA SER L 167 -119.62 89.11 1.48
C SER L 167 -119.74 90.52 2.03
N TYR L 168 -118.98 90.87 3.07
CA TYR L 168 -118.76 92.28 3.35
C TYR L 168 -118.03 92.87 2.15
N THR L 169 -118.74 93.71 1.42
CA THR L 169 -118.39 94.10 0.07
C THR L 169 -118.12 95.58 -0.01
N LEU L 170 -117.27 96.05 0.92
CA LEU L 170 -116.99 97.46 1.22
C LEU L 170 -116.71 98.31 0.00
N GLY L 171 -116.20 97.73 -1.08
CA GLY L 171 -116.15 98.38 -2.36
C GLY L 171 -115.56 97.48 -3.43
N GLY L 172 -114.71 98.09 -4.23
CA GLY L 172 -114.04 97.38 -5.28
C GLY L 172 -112.70 96.90 -4.79
N ASP L 173 -111.66 97.63 -5.12
CA ASP L 173 -110.31 97.09 -4.97
C ASP L 173 -109.71 97.39 -3.60
N ARG L 174 -110.51 97.79 -2.63
CA ARG L 174 -110.04 97.63 -1.28
C ARG L 174 -110.70 96.46 -0.57
N SER L 175 -111.54 95.71 -1.27
CA SER L 175 -112.07 94.49 -0.70
C SER L 175 -110.97 93.45 -0.57
N PRO L 176 -111.03 92.61 0.46
CA PRO L 176 -110.22 91.40 0.47
C PRO L 176 -110.62 90.39 -0.56
N ASN L 177 -111.79 90.50 -1.18
CA ASN L 177 -112.08 89.61 -2.29
C ASN L 177 -111.29 89.97 -3.53
N ALA L 178 -110.75 91.18 -3.56
CA ALA L 178 -109.61 91.48 -4.41
C ALA L 178 -108.38 90.97 -3.68
N ARG L 179 -107.71 90.01 -4.30
CA ARG L 179 -106.80 89.12 -3.61
C ARG L 179 -106.11 88.26 -4.63
N VAL L 180 -105.06 87.61 -4.18
CA VAL L 180 -104.35 86.65 -4.98
C VAL L 180 -103.82 85.60 -4.03
N GLU L 181 -103.85 84.36 -4.46
CA GLU L 181 -103.67 83.23 -3.59
C GLU L 181 -102.80 82.19 -4.29
N ILE L 182 -101.92 81.60 -3.51
CA ILE L 182 -100.96 80.62 -4.03
C ILE L 182 -101.01 79.40 -3.14
N THR L 183 -101.26 78.26 -3.73
CA THR L 183 -101.22 77.01 -3.02
C THR L 183 -100.09 76.17 -3.53
N PHE L 184 -99.53 75.38 -2.63
CA PHE L 184 -98.72 74.24 -3.00
C PHE L 184 -98.84 73.21 -1.90
N ARG L 185 -98.36 72.02 -2.19
CA ARG L 185 -98.08 71.02 -1.18
C ARG L 185 -96.59 70.79 -1.13
N ARG L 186 -96.00 70.93 0.05
CA ARG L 186 -94.57 70.71 0.21
C ARG L 186 -94.28 69.26 -0.12
N ALA L 187 -93.50 69.04 -1.16
CA ALA L 187 -93.23 67.69 -1.61
C ALA L 187 -92.27 67.05 -0.62
N VAL L 188 -92.74 65.96 -0.01
CA VAL L 188 -92.05 65.06 0.92
C VAL L 188 -91.11 65.73 1.92
N UNK M 1 -137.61 128.42 -50.32
CA UNK M 1 -136.70 128.32 -49.19
C UNK M 1 -135.88 127.03 -49.24
N UNK M 2 -136.54 125.90 -48.98
CA UNK M 2 -135.85 124.61 -48.87
C UNK M 2 -135.51 124.05 -50.24
N UNK M 3 -135.09 122.79 -50.26
CA UNK M 3 -134.73 122.13 -51.52
C UNK M 3 -135.76 121.05 -51.79
N UNK M 4 -136.68 121.33 -52.71
CA UNK M 4 -137.78 120.43 -53.06
C UNK M 4 -137.99 120.45 -54.57
N UNK M 5 -137.27 119.59 -55.28
CA UNK M 5 -137.51 119.34 -56.70
C UNK M 5 -136.97 117.96 -57.03
N UNK M 6 -137.57 117.33 -58.04
CA UNK M 6 -137.02 116.13 -58.66
C UNK M 6 -136.77 116.52 -60.11
N UNK M 7 -135.65 117.19 -60.33
CA UNK M 7 -135.41 118.00 -61.51
C UNK M 7 -133.92 118.07 -61.74
N UNK M 8 -133.50 119.10 -62.45
CA UNK M 8 -132.12 119.56 -62.43
C UNK M 8 -132.15 120.90 -61.72
N UNK M 9 -132.05 120.89 -60.39
CA UNK M 9 -131.86 122.15 -59.66
C UNK M 9 -130.55 122.78 -60.03
N UNK M 10 -129.49 121.97 -60.13
CA UNK M 10 -128.23 122.20 -60.85
C UNK M 10 -127.34 123.29 -60.29
N UNK M 11 -127.88 124.12 -59.41
CA UNK M 11 -127.18 125.30 -58.95
C UNK M 11 -127.83 125.67 -57.63
N UNK M 12 -127.20 125.24 -56.55
CA UNK M 12 -127.61 125.67 -55.22
C UNK M 12 -126.32 125.82 -54.45
N UNK M 13 -125.72 127.01 -54.56
CA UNK M 13 -124.72 127.48 -53.60
C UNK M 13 -125.43 128.36 -52.59
N UNK M 14 -126.44 127.75 -51.95
CA UNK M 14 -127.40 128.48 -51.13
C UNK M 14 -127.65 127.72 -49.83
N UNK M 15 -127.89 128.47 -48.76
CA UNK M 15 -128.22 127.93 -47.44
C UNK M 15 -129.72 128.04 -47.21
N UNK M 16 -130.31 126.93 -46.76
CA UNK M 16 -131.76 126.85 -46.57
C UNK M 16 -132.19 127.54 -45.26
N UNK M 17 -133.52 127.63 -45.08
CA UNK M 17 -134.15 128.55 -44.14
C UNK M 17 -134.52 127.89 -42.81
N UNK M 18 -135.22 128.65 -41.98
CA UNK M 18 -135.91 128.09 -40.84
C UNK M 18 -137.12 127.31 -41.33
N UNK M 19 -137.33 126.16 -40.70
CA UNK M 19 -138.34 125.17 -41.09
C UNK M 19 -138.18 124.79 -42.56
N UNK M 20 -136.95 124.60 -43.00
CA UNK M 20 -136.69 124.28 -44.40
C UNK M 20 -136.53 122.78 -44.54
N UNK M 21 -137.61 122.14 -44.99
CA UNK M 21 -137.61 120.71 -45.25
C UNK M 21 -136.99 120.46 -46.63
N UNK M 22 -135.66 120.52 -46.66
CA UNK M 22 -134.94 120.35 -47.92
C UNK M 22 -134.95 118.86 -48.25
N UNK M 23 -136.05 118.42 -48.86
CA UNK M 23 -136.25 117.04 -49.27
C UNK M 23 -136.03 116.85 -50.77
N UNK M 24 -134.83 117.18 -51.25
CA UNK M 24 -134.61 117.27 -52.69
C UNK M 24 -134.42 115.90 -53.32
N UNK M 25 -134.84 115.81 -54.59
CA UNK M 25 -134.49 114.71 -55.48
C UNK M 25 -134.01 115.26 -56.82
N UNK M 26 -133.60 116.52 -56.84
CA UNK M 26 -133.23 117.19 -58.08
C UNK M 26 -131.75 117.04 -58.36
N UNK M 27 -131.40 117.14 -59.64
CA UNK M 27 -129.99 117.12 -60.03
C UNK M 27 -129.41 118.48 -59.65
N UNK M 28 -128.53 118.49 -58.64
CA UNK M 28 -127.84 119.70 -58.21
C UNK M 28 -126.37 119.51 -58.55
N UNK M 29 -125.95 120.06 -59.70
CA UNK M 29 -124.58 119.94 -60.15
C UNK M 29 -123.66 120.76 -59.26
N UNK M 30 -123.93 122.05 -59.16
CA UNK M 30 -123.25 122.89 -58.18
C UNK M 30 -124.02 122.78 -56.87
N UNK M 31 -123.75 121.70 -56.14
CA UNK M 31 -124.46 121.40 -54.91
C UNK M 31 -123.60 121.79 -53.71
N UNK M 32 -124.12 122.72 -52.91
CA UNK M 32 -123.52 123.06 -51.63
C UNK M 32 -124.68 123.52 -50.75
N UNK M 33 -125.22 122.60 -49.96
CA UNK M 33 -126.46 122.83 -49.21
C UNK M 33 -126.15 122.88 -47.71
N UNK M 34 -126.08 124.08 -47.17
CA UNK M 34 -125.94 124.25 -45.72
C UNK M 34 -127.30 124.64 -45.11
N UNK M 35 -128.19 123.65 -45.03
CA UNK M 35 -129.55 123.85 -44.55
C UNK M 35 -129.54 124.19 -43.05
N UNK M 36 -130.56 124.93 -42.62
CA UNK M 36 -130.53 125.50 -41.27
C UNK M 36 -131.52 124.89 -40.30
N UNK M 37 -132.74 124.55 -40.73
CA UNK M 37 -133.69 124.03 -39.78
C UNK M 37 -134.64 123.12 -40.52
N UNK M 38 -135.06 122.06 -39.81
CA UNK M 38 -135.92 121.00 -40.32
C UNK M 38 -135.36 120.36 -41.58
N UNK M 39 -134.04 120.23 -41.65
CA UNK M 39 -133.38 119.72 -42.83
C UNK M 39 -133.77 118.27 -43.05
N UNK M 40 -134.30 117.97 -44.23
CA UNK M 40 -135.06 116.75 -44.46
C UNK M 40 -134.53 116.02 -45.67
N UNK M 41 -133.21 115.86 -45.72
CA UNK M 41 -132.51 115.32 -46.88
C UNK M 41 -132.86 113.85 -47.12
N UNK M 42 -133.27 113.54 -48.34
CA UNK M 42 -133.45 112.17 -48.85
C UNK M 42 -133.29 112.20 -50.36
N UNK M 43 -132.09 111.88 -50.84
CA UNK M 43 -131.78 112.08 -52.25
C UNK M 43 -131.02 110.89 -52.84
N UNK M 44 -131.12 110.77 -54.16
CA UNK M 44 -130.41 109.74 -54.94
C UNK M 44 -129.68 110.44 -56.07
N UNK M 45 -128.47 110.90 -55.80
CA UNK M 45 -127.73 111.72 -56.74
C UNK M 45 -126.23 111.51 -56.57
N UNK M 46 -125.46 112.45 -57.14
CA UNK M 46 -124.00 112.46 -57.00
C UNK M 46 -123.58 113.91 -56.82
N UNK M 47 -123.21 114.28 -55.60
CA UNK M 47 -122.84 115.66 -55.28
C UNK M 47 -121.38 115.94 -55.59
N UNK M 48 -120.53 114.92 -55.45
CA UNK M 48 -119.10 114.87 -55.75
C UNK M 48 -118.25 115.75 -54.83
N UNK M 49 -118.84 116.65 -54.07
CA UNK M 49 -118.07 117.49 -53.18
C UNK M 49 -118.86 117.90 -51.95
N UNK M 50 -119.72 117.03 -51.43
CA UNK M 50 -120.62 117.48 -50.37
C UNK M 50 -119.82 117.70 -49.09
N UNK M 51 -119.58 118.97 -48.81
CA UNK M 51 -119.05 119.40 -47.54
C UNK M 51 -120.26 119.95 -46.79
N UNK M 52 -121.00 119.04 -46.19
CA UNK M 52 -122.24 119.40 -45.55
C UNK M 52 -122.00 119.89 -44.13
N UNK M 53 -122.73 120.93 -43.74
CA UNK M 53 -122.85 121.37 -42.37
C UNK M 53 -124.29 121.14 -41.92
N UNK M 54 -124.46 120.72 -40.66
CA UNK M 54 -125.80 120.34 -40.20
C UNK M 54 -126.13 120.96 -38.85
N UNK M 55 -127.25 121.69 -38.80
CA UNK M 55 -127.86 122.16 -37.57
C UNK M 55 -128.95 121.18 -37.12
N UNK M 56 -129.78 121.58 -36.16
CA UNK M 56 -130.75 120.67 -35.55
C UNK M 56 -131.87 120.30 -36.51
N UNK M 57 -132.54 119.18 -36.18
CA UNK M 57 -133.60 118.57 -36.98
C UNK M 57 -133.12 118.28 -38.40
N UNK M 58 -131.90 117.81 -38.49
CA UNK M 58 -131.33 117.42 -39.77
C UNK M 58 -131.48 115.91 -39.86
N UNK M 59 -132.63 115.49 -40.32
CA UNK M 59 -132.80 114.14 -40.83
C UNK M 59 -132.16 114.12 -42.20
N UNK M 60 -131.13 113.31 -42.36
CA UNK M 60 -130.40 113.28 -43.60
C UNK M 60 -130.32 111.84 -44.09
N UNK M 61 -130.44 111.68 -45.41
CA UNK M 61 -130.45 110.35 -46.03
C UNK M 61 -130.02 110.52 -47.49
N UNK M 62 -128.85 110.00 -47.82
CA UNK M 62 -128.25 110.34 -49.11
C UNK M 62 -127.49 109.19 -49.73
N UNK M 63 -127.40 109.21 -51.07
CA UNK M 63 -126.57 108.30 -51.87
C UNK M 63 -125.61 109.05 -52.78
N UNK M 64 -125.12 110.21 -52.32
CA UNK M 64 -124.24 111.07 -53.09
C UNK M 64 -122.93 111.27 -52.36
N UNK M 65 -121.90 111.65 -53.11
CA UNK M 65 -120.56 111.72 -52.57
C UNK M 65 -120.39 112.92 -51.67
N UNK M 66 -119.91 112.67 -50.46
CA UNK M 66 -119.61 113.74 -49.52
C UNK M 66 -118.12 113.88 -49.35
N UNK M 67 -117.72 115.06 -48.97
CA UNK M 67 -116.31 115.31 -48.73
C UNK M 67 -116.05 115.69 -47.29
N UNK M 68 -116.91 116.53 -46.73
CA UNK M 68 -116.72 116.94 -45.36
C UNK M 68 -118.07 116.91 -44.68
N UNK M 69 -118.06 116.68 -43.37
CA UNK M 69 -119.28 116.74 -42.58
C UNK M 69 -118.98 117.43 -41.26
N UNK M 70 -119.78 118.45 -40.95
CA UNK M 70 -119.63 119.23 -39.74
C UNK M 70 -120.96 119.32 -39.02
N UNK M 71 -120.92 119.20 -37.69
CA UNK M 71 -122.13 119.08 -36.90
C UNK M 71 -122.19 120.14 -35.81
N UNK M 72 -123.34 120.81 -35.71
CA UNK M 72 -123.51 121.90 -34.76
C UNK M 72 -124.24 121.48 -33.48
N UNK M 73 -125.50 121.03 -33.55
CA UNK M 73 -126.27 120.85 -32.32
C UNK M 73 -126.67 119.40 -32.06
N UNK M 74 -127.51 118.81 -32.89
CA UNK M 74 -128.04 117.46 -32.73
C UNK M 74 -128.78 117.06 -33.99
N UNK M 75 -128.39 115.94 -34.59
CA UNK M 75 -128.94 115.59 -35.90
C UNK M 75 -128.91 114.08 -36.07
N UNK M 76 -129.48 113.63 -37.20
CA UNK M 76 -129.65 112.22 -37.49
C UNK M 76 -129.29 111.99 -38.96
N UNK M 77 -128.14 111.38 -39.19
CA UNK M 77 -127.68 111.18 -40.56
C UNK M 77 -127.75 109.70 -40.95
N UNK M 78 -127.99 109.48 -42.24
CA UNK M 78 -128.03 108.15 -42.85
C UNK M 78 -127.57 108.35 -44.30
N UNK M 79 -126.28 108.16 -44.53
CA UNK M 79 -125.69 108.58 -45.79
C UNK M 79 -124.78 107.51 -46.40
N UNK M 80 -124.49 107.68 -47.69
CA UNK M 80 -123.60 106.81 -48.48
C UNK M 80 -122.64 107.65 -49.34
N UNK M 81 -121.45 107.95 -48.79
CA UNK M 81 -120.42 108.72 -49.47
C UNK M 81 -119.28 107.82 -49.95
N UNK M 82 -118.36 108.40 -50.73
CA UNK M 82 -117.35 107.54 -51.33
C UNK M 82 -115.91 108.02 -51.19
N UNK M 83 -115.64 109.31 -51.31
CA UNK M 83 -114.28 109.74 -51.58
C UNK M 83 -113.48 110.06 -50.33
N UNK M 84 -113.88 111.10 -49.61
CA UNK M 84 -113.09 111.53 -48.47
C UNK M 84 -114.04 112.09 -47.45
N UNK M 85 -113.54 112.21 -46.23
CA UNK M 85 -114.38 112.71 -45.16
C UNK M 85 -113.49 113.40 -44.16
N UNK M 86 -113.59 114.71 -44.13
CA UNK M 86 -113.09 115.48 -43.01
C UNK M 86 -114.27 115.57 -42.06
N UNK M 87 -114.11 115.02 -40.86
CA UNK M 87 -115.21 114.94 -39.91
C UNK M 87 -114.98 115.88 -38.74
N UNK M 88 -116.01 116.65 -38.40
CA UNK M 88 -115.94 117.53 -37.23
C UNK M 88 -117.32 117.65 -36.61
N UNK M 89 -117.42 117.40 -35.31
CA UNK M 89 -118.72 117.12 -34.73
C UNK M 89 -118.96 117.85 -33.41
N UNK M 90 -120.25 118.03 -33.09
CA UNK M 90 -120.70 118.36 -31.75
C UNK M 90 -122.09 117.76 -31.49
N UNK M 91 -122.14 116.75 -30.63
CA UNK M 91 -123.34 116.30 -29.91
C UNK M 91 -124.46 115.81 -30.82
N UNK M 92 -124.15 114.98 -31.79
CA UNK M 92 -125.20 114.53 -32.69
C UNK M 92 -125.11 113.02 -32.87
N UNK M 93 -125.82 112.54 -33.89
CA UNK M 93 -125.81 111.13 -34.24
C UNK M 93 -125.80 110.97 -35.75
N UNK M 94 -124.84 110.21 -36.24
CA UNK M 94 -124.74 110.06 -37.67
C UNK M 94 -124.50 108.60 -37.98
N UNK M 95 -125.04 108.17 -39.10
CA UNK M 95 -124.79 106.85 -39.62
C UNK M 95 -124.37 106.98 -41.08
N UNK M 96 -123.35 106.24 -41.44
CA UNK M 96 -122.83 106.22 -42.79
C UNK M 96 -122.65 104.78 -43.21
N UNK M 97 -122.67 104.54 -44.52
CA UNK M 97 -122.74 103.17 -45.03
C UNK M 97 -121.55 102.74 -45.87
N UNK M 98 -121.31 103.39 -47.01
CA UNK M 98 -120.53 102.81 -48.09
C UNK M 98 -119.04 103.01 -47.87
N UNK M 99 -118.23 102.46 -48.76
CA UNK M 99 -116.79 102.53 -48.65
C UNK M 99 -116.34 103.95 -48.94
N UNK M 100 -115.90 104.65 -47.89
CA UNK M 100 -115.32 105.97 -48.01
C UNK M 100 -113.99 106.03 -47.27
N UNK M 101 -113.42 107.23 -47.21
CA UNK M 101 -112.13 107.43 -46.56
C UNK M 101 -112.26 108.60 -45.60
N UNK M 102 -112.60 108.32 -44.35
CA UNK M 102 -112.51 109.33 -43.32
C UNK M 102 -111.05 109.64 -43.12
N UNK M 103 -110.64 110.82 -43.56
CA UNK M 103 -109.28 111.24 -43.32
C UNK M 103 -109.03 111.40 -41.84
N UNK M 104 -109.89 112.14 -41.15
CA UNK M 104 -109.72 112.36 -39.73
C UNK M 104 -111.06 112.61 -39.08
N UNK M 105 -111.08 112.39 -37.76
CA UNK M 105 -112.21 112.75 -36.93
C UNK M 105 -111.71 113.46 -35.68
N UNK M 106 -112.30 114.62 -35.40
CA UNK M 106 -111.97 115.41 -34.22
C UNK M 106 -113.27 115.75 -33.52
N UNK M 107 -113.41 115.31 -32.28
CA UNK M 107 -114.66 115.47 -31.54
C UNK M 107 -114.38 116.16 -30.23
N UNK M 108 -115.04 117.28 -29.99
CA UNK M 108 -115.00 117.94 -28.70
C UNK M 108 -116.26 117.67 -27.89
N UNK M 109 -117.16 116.83 -28.39
CA UNK M 109 -118.50 116.71 -27.80
C UNK M 109 -119.03 115.30 -28.03
N UNK M 110 -120.34 115.14 -27.94
CA UNK M 110 -121.00 113.83 -27.85
C UNK M 110 -121.44 113.37 -29.23
N UNK M 111 -120.70 112.43 -29.80
CA UNK M 111 -120.94 111.98 -31.15
C UNK M 111 -121.34 110.53 -31.14
N UNK M 112 -122.48 110.23 -31.76
CA UNK M 112 -122.87 108.86 -32.05
C UNK M 112 -122.56 108.63 -33.52
N UNK M 113 -121.29 108.50 -33.83
CA UNK M 113 -120.87 108.37 -35.22
C UNK M 113 -120.74 106.90 -35.57
N UNK M 114 -121.34 106.52 -36.68
CA UNK M 114 -121.32 105.14 -37.11
C UNK M 114 -121.03 105.10 -38.60
N UNK M 115 -120.39 104.01 -39.03
CA UNK M 115 -120.21 103.75 -40.45
C UNK M 115 -120.11 102.25 -40.64
N UNK M 116 -120.98 101.72 -41.49
CA UNK M 116 -120.99 100.31 -41.79
C UNK M 116 -119.78 99.86 -42.58
N UNK M 117 -119.31 100.67 -43.52
CA UNK M 117 -118.07 100.36 -44.22
C UNK M 117 -117.24 101.62 -44.23
N UNK M 118 -115.92 101.44 -44.13
CA UNK M 118 -114.97 102.53 -44.24
C UNK M 118 -113.63 101.91 -44.63
N UNK M 119 -113.25 102.05 -45.90
CA UNK M 119 -111.96 101.55 -46.37
C UNK M 119 -111.02 102.73 -46.50
N UNK M 120 -110.60 103.25 -45.36
CA UNK M 120 -109.64 104.33 -45.31
C UNK M 120 -108.28 103.74 -44.99
N UNK M 121 -107.32 104.60 -44.70
CA UNK M 121 -106.00 104.13 -44.32
C UNK M 121 -105.54 104.62 -42.96
N UNK M 122 -105.44 105.93 -42.78
CA UNK M 122 -104.89 106.49 -41.56
C UNK M 122 -106.01 107.26 -40.88
N UNK M 123 -106.79 106.57 -40.10
CA UNK M 123 -107.86 107.20 -39.35
C UNK M 123 -107.22 107.81 -38.12
N UNK M 124 -107.08 109.12 -38.13
CA UNK M 124 -106.57 109.83 -36.98
C UNK M 124 -107.77 110.41 -36.26
N UNK M 125 -107.90 110.07 -34.99
CA UNK M 125 -109.02 110.50 -34.18
C UNK M 125 -108.50 111.19 -32.94
N UNK M 126 -108.93 112.43 -32.74
CA UNK M 126 -108.65 113.14 -31.52
C UNK M 126 -109.95 113.38 -30.77
N UNK M 127 -109.94 113.09 -29.48
CA UNK M 127 -111.15 113.06 -28.68
C UNK M 127 -111.04 114.00 -27.49
N UNK M 128 -112.15 114.67 -27.20
CA UNK M 128 -112.24 115.61 -26.09
C UNK M 128 -113.57 115.40 -25.37
N UNK M 129 -113.55 114.50 -24.39
CA UNK M 129 -114.41 114.33 -23.23
C UNK M 129 -115.79 113.69 -23.43
N UNK M 130 -116.30 113.50 -24.65
CA UNK M 130 -117.69 113.04 -24.63
C UNK M 130 -118.09 111.99 -25.67
N UNK M 131 -117.45 111.89 -26.82
CA UNK M 131 -118.02 111.15 -27.93
C UNK M 131 -117.98 109.65 -27.70
N UNK M 132 -118.78 108.94 -28.49
CA UNK M 132 -118.73 107.49 -28.50
C UNK M 132 -119.04 107.07 -29.93
N UNK M 133 -118.00 106.94 -30.73
CA UNK M 133 -118.17 106.58 -32.12
C UNK M 133 -117.85 105.12 -32.29
N UNK M 134 -118.55 104.48 -33.20
CA UNK M 134 -118.32 103.08 -33.49
C UNK M 134 -118.46 102.94 -34.99
N UNK M 135 -117.34 102.97 -35.68
CA UNK M 135 -117.32 102.74 -37.11
C UNK M 135 -116.34 101.62 -37.38
N UNK M 136 -116.70 100.71 -38.31
CA UNK M 136 -115.91 99.49 -38.46
C UNK M 136 -116.10 98.86 -39.84
N UNK M 137 -115.13 99.03 -40.73
CA UNK M 137 -114.86 97.95 -41.68
C UNK M 137 -113.41 97.49 -41.78
N UNK M 138 -112.53 98.34 -42.31
CA UNK M 138 -111.18 97.92 -42.71
C UNK M 138 -110.31 99.15 -42.97
N UNK M 139 -109.30 99.35 -42.10
CA UNK M 139 -108.39 100.48 -42.22
C UNK M 139 -106.95 99.99 -42.31
N UNK M 140 -106.01 100.93 -42.27
CA UNK M 140 -104.61 100.57 -42.21
C UNK M 140 -103.90 101.08 -40.98
N UNK M 141 -104.04 102.36 -40.67
CA UNK M 141 -103.30 102.94 -39.56
C UNK M 141 -104.32 103.69 -38.72
N UNK M 142 -104.72 103.08 -37.62
CA UNK M 142 -105.67 103.71 -36.73
C UNK M 142 -104.93 104.32 -35.56
N UNK M 143 -104.92 105.63 -35.50
CA UNK M 143 -104.27 106.34 -34.42
C UNK M 143 -105.29 107.20 -33.70
N UNK M 144 -105.27 107.14 -32.37
CA UNK M 144 -106.29 107.83 -31.59
C UNK M 144 -105.65 108.50 -30.38
N UNK M 145 -105.72 109.81 -30.36
CA UNK M 145 -105.40 110.59 -29.18
C UNK M 145 -106.70 110.84 -28.44
N UNK M 146 -106.97 110.01 -27.44
CA UNK M 146 -108.12 110.24 -26.59
C UNK M 146 -107.64 111.05 -25.41
N UNK M 147 -107.51 112.36 -25.62
CA UNK M 147 -107.21 113.27 -24.52
C UNK M 147 -108.51 113.72 -23.87
N UNK M 148 -109.20 112.76 -23.27
CA UNK M 148 -110.64 112.81 -23.20
C UNK M 148 -111.14 112.20 -21.89
N UNK M 149 -112.46 111.98 -21.82
CA UNK M 149 -113.11 111.15 -20.82
C UNK M 149 -114.22 110.33 -21.46
N UNK M 150 -113.98 109.80 -22.65
CA UNK M 150 -115.06 109.36 -23.51
C UNK M 150 -114.89 107.89 -23.87
N UNK M 151 -115.73 107.44 -24.79
CA UNK M 151 -115.77 106.06 -25.20
C UNK M 151 -115.41 105.96 -26.66
N UNK M 152 -114.83 104.84 -27.04
CA UNK M 152 -114.30 104.65 -28.38
C UNK M 152 -114.53 103.18 -28.72
N UNK M 153 -115.65 102.90 -29.35
CA UNK M 153 -115.98 101.53 -29.68
C UNK M 153 -115.47 101.20 -31.06
N UNK M 154 -114.98 99.98 -31.21
CA UNK M 154 -114.50 99.51 -32.50
C UNK M 154 -114.54 97.99 -32.54
N UNK M 155 -115.30 97.47 -33.48
CA UNK M 155 -115.13 96.12 -33.96
C UNK M 155 -114.47 96.14 -35.33
N UNK M 156 -113.46 96.99 -35.48
CA UNK M 156 -112.82 97.33 -36.77
C UNK M 156 -111.49 96.60 -36.93
N UNK M 157 -111.17 96.21 -38.18
CA UNK M 157 -109.96 95.45 -38.48
C UNK M 157 -108.97 96.29 -39.30
N UNK M 158 -108.01 96.92 -38.60
CA UNK M 158 -106.90 97.61 -39.24
C UNK M 158 -105.59 96.84 -39.04
N UNK M 159 -104.61 97.13 -39.87
CA UNK M 159 -103.34 96.45 -39.71
C UNK M 159 -102.53 97.03 -38.56
N UNK M 160 -102.40 98.35 -38.50
CA UNK M 160 -101.53 98.99 -37.54
C UNK M 160 -102.33 99.95 -36.69
N UNK M 161 -101.99 100.00 -35.42
CA UNK M 161 -102.71 100.85 -34.50
C UNK M 161 -101.74 101.55 -33.58
N UNK M 162 -102.07 102.79 -33.26
CA UNK M 162 -101.39 103.54 -32.22
C UNK M 162 -102.49 104.31 -31.48
N UNK M 163 -102.89 103.78 -30.34
CA UNK M 163 -103.96 104.35 -29.55
C UNK M 163 -103.43 104.75 -28.19
N UNK M 164 -103.60 106.02 -27.84
CA UNK M 164 -103.15 106.52 -26.55
C UNK M 164 -104.30 107.26 -25.88
N UNK M 165 -104.56 106.91 -24.61
CA UNK M 165 -105.65 107.50 -23.83
C UNK M 165 -105.11 108.15 -22.56
N UNK M 166 -105.57 109.38 -22.30
CA UNK M 166 -104.97 110.25 -21.31
C UNK M 166 -105.46 110.04 -19.89
N UNK M 167 -106.78 110.02 -19.67
CA UNK M 167 -107.32 109.92 -18.31
C UNK M 167 -108.75 109.41 -18.40
N UNK M 168 -108.94 108.14 -18.03
CA UNK M 168 -110.27 107.54 -17.77
C UNK M 168 -111.16 107.53 -19.01
N UNK M 169 -110.61 107.13 -20.14
CA UNK M 169 -111.44 106.85 -21.29
C UNK M 169 -111.57 105.35 -21.46
N UNK M 170 -112.48 104.96 -22.34
CA UNK M 170 -112.75 103.55 -22.55
C UNK M 170 -112.62 103.27 -24.03
N UNK M 171 -111.72 102.37 -24.39
CA UNK M 171 -111.45 102.10 -25.78
C UNK M 171 -111.54 100.62 -26.04
N UNK M 172 -112.30 100.27 -27.06
CA UNK M 172 -112.40 98.90 -27.54
C UNK M 172 -111.90 98.91 -28.97
N UNK M 173 -110.78 98.25 -29.21
CA UNK M 173 -110.12 98.26 -30.50
C UNK M 173 -109.77 96.85 -30.95
N UNK M 174 -109.24 96.76 -32.17
CA UNK M 174 -108.77 95.49 -32.76
C UNK M 174 -107.79 95.80 -33.88
N UNK M 175 -106.65 95.11 -33.93
CA UNK M 175 -105.59 95.32 -34.92
C UNK M 175 -105.14 94.01 -35.55
N UNK M 176 -104.64 94.08 -36.79
CA UNK M 176 -104.18 92.87 -37.47
C UNK M 176 -102.70 92.65 -37.25
N UNK M 177 -101.87 93.56 -37.74
CA UNK M 177 -100.43 93.37 -37.64
C UNK M 177 -99.83 93.96 -36.39
N UNK M 178 -100.13 95.21 -36.09
CA UNK M 178 -99.46 95.87 -34.98
C UNK M 178 -100.48 96.54 -34.09
N UNK M 179 -100.38 96.27 -32.80
CA UNK M 179 -101.11 97.02 -31.79
C UNK M 179 -100.12 97.87 -31.03
N UNK M 180 -100.40 99.16 -30.97
CA UNK M 180 -99.58 100.08 -30.22
C UNK M 180 -100.52 100.75 -29.24
N UNK M 181 -100.27 100.57 -27.96
CA UNK M 181 -101.26 100.93 -26.97
C UNK M 181 -100.61 101.60 -25.78
N UNK M 182 -101.14 102.76 -25.42
CA UNK M 182 -100.69 103.49 -24.24
C UNK M 182 -101.89 103.96 -23.43
N UNK M 183 -101.88 103.65 -22.14
CA UNK M 183 -102.99 104.01 -21.27
C UNK M 183 -102.50 104.79 -20.06
N UNK M 184 -103.28 105.78 -19.63
CA UNK M 184 -103.01 106.45 -18.37
C UNK M 184 -104.33 106.65 -17.66
N UNK M 185 -104.48 106.02 -16.50
CA UNK M 185 -105.67 106.08 -15.64
C UNK M 185 -106.94 105.67 -16.37
N UNK M 186 -106.84 104.83 -17.39
CA UNK M 186 -107.96 104.60 -18.30
C UNK M 186 -108.07 103.10 -18.56
N UNK M 187 -109.01 102.74 -19.42
CA UNK M 187 -109.23 101.35 -19.73
C UNK M 187 -109.10 101.13 -21.22
N UNK M 188 -108.20 100.25 -21.59
CA UNK M 188 -108.08 99.83 -22.97
C UNK M 188 -108.65 98.44 -23.02
N UNK M 189 -109.92 98.34 -23.32
CA UNK M 189 -110.56 97.06 -23.49
C UNK M 189 -110.10 96.55 -24.84
N UNK M 190 -108.86 96.09 -24.90
CA UNK M 190 -108.24 95.75 -26.16
C UNK M 190 -108.84 94.44 -26.61
N UNK M 191 -109.94 94.55 -27.33
CA UNK M 191 -110.91 93.48 -27.46
C UNK M 191 -110.42 92.29 -28.26
N UNK M 192 -109.28 92.39 -28.90
CA UNK M 192 -108.78 91.27 -29.67
C UNK M 192 -107.27 91.22 -29.50
N UNK M 193 -106.64 90.36 -30.30
CA UNK M 193 -105.20 90.16 -30.27
C UNK M 193 -104.57 90.46 -31.62
N UNK M 194 -103.47 91.23 -31.62
CA UNK M 194 -102.73 91.59 -32.83
C UNK M 194 -101.69 90.54 -33.18
N UNK M 195 -101.10 90.69 -34.37
CA UNK M 195 -99.94 89.89 -34.69
C UNK M 195 -98.78 90.24 -33.79
N UNK M 196 -98.62 91.52 -33.49
CA UNK M 196 -97.63 91.94 -32.53
C UNK M 196 -98.26 93.04 -31.72
N UNK M 197 -98.46 92.78 -30.46
CA UNK M 197 -99.16 93.68 -29.59
C UNK M 197 -98.15 94.36 -28.68
N UNK M 198 -98.41 95.61 -28.36
CA UNK M 198 -97.52 96.34 -27.47
C UNK M 198 -98.35 97.34 -26.69
N UNK M 199 -98.06 97.46 -25.41
CA UNK M 199 -98.82 98.37 -24.57
C UNK M 199 -97.95 98.80 -23.40
N UNK M 200 -98.28 99.95 -22.84
CA UNK M 200 -97.76 100.35 -21.54
C UNK M 200 -98.84 101.10 -20.78
N UNK M 201 -98.93 100.85 -19.48
CA UNK M 201 -99.95 101.44 -18.64
C UNK M 201 -99.31 102.33 -17.58
N UNK M 202 -99.83 103.54 -17.45
CA UNK M 202 -99.34 104.56 -16.55
C UNK M 202 -100.12 104.51 -15.24
N UNK M 203 -100.04 105.59 -14.46
CA UNK M 203 -100.66 105.71 -13.14
C UNK M 203 -102.14 105.37 -13.20
N UNK M 204 -102.46 104.24 -12.54
CA UNK M 204 -103.81 103.69 -12.40
C UNK M 204 -104.44 103.28 -13.74
N UNK M 205 -103.63 102.83 -14.68
CA UNK M 205 -104.12 102.48 -16.01
C UNK M 205 -104.27 100.98 -16.17
N UNK M 206 -105.17 100.56 -17.06
CA UNK M 206 -105.47 99.15 -17.28
C UNK M 206 -105.79 98.87 -18.74
N UNK M 207 -104.88 98.17 -19.41
CA UNK M 207 -105.11 97.75 -20.78
C UNK M 207 -105.64 96.33 -20.80
N UNK M 208 -106.93 96.20 -20.52
CA UNK M 208 -107.56 94.91 -20.47
C UNK M 208 -107.67 94.37 -21.88
N UNK M 209 -106.72 93.53 -22.26
CA UNK M 209 -106.71 92.96 -23.60
C UNK M 209 -107.83 91.93 -23.68
N UNK M 210 -109.03 92.43 -23.90
CA UNK M 210 -110.23 91.64 -23.66
C UNK M 210 -110.55 90.76 -24.85
N UNK M 211 -109.68 89.80 -25.12
CA UNK M 211 -110.00 88.84 -26.16
C UNK M 211 -111.12 87.93 -25.69
N UNK M 212 -111.81 87.32 -26.65
CA UNK M 212 -112.96 86.49 -26.34
C UNK M 212 -112.49 85.13 -25.85
N UNK M 213 -112.46 84.94 -24.53
CA UNK M 213 -112.18 83.64 -23.97
C UNK M 213 -113.28 82.66 -24.36
N UNK M 214 -112.92 81.38 -24.35
CA UNK M 214 -113.73 80.28 -24.89
C UNK M 214 -114.13 80.56 -26.33
N UNK M 215 -113.13 80.55 -27.18
CA UNK M 215 -113.41 80.50 -28.60
C UNK M 215 -113.59 79.05 -29.04
N UNK M 216 -113.72 78.84 -30.35
CA UNK M 216 -113.69 77.49 -30.85
C UNK M 216 -112.32 77.14 -31.41
N UNK M 217 -111.61 78.12 -31.97
CA UNK M 217 -110.17 78.01 -32.19
C UNK M 217 -109.53 79.40 -32.18
N UNK M 218 -109.17 79.89 -31.00
CA UNK M 218 -108.34 81.07 -30.95
C UNK M 218 -106.90 80.63 -30.75
N UNK M 219 -106.03 81.02 -31.65
CA UNK M 219 -104.61 80.76 -31.46
C UNK M 219 -104.09 81.58 -30.29
N UNK M 220 -103.18 81.00 -29.52
CA UNK M 220 -102.73 81.64 -28.30
C UNK M 220 -101.60 82.62 -28.58
N UNK M 221 -101.20 83.33 -27.54
CA UNK M 221 -100.16 84.36 -27.62
C UNK M 221 -98.80 83.69 -27.81
N UNK M 222 -98.11 84.04 -28.90
CA UNK M 222 -96.87 83.37 -29.24
C UNK M 222 -95.72 83.98 -28.46
N UNK M 223 -94.52 83.41 -28.65
CA UNK M 223 -93.33 83.91 -27.99
C UNK M 223 -92.97 85.30 -28.47
N UNK M 224 -93.26 85.59 -29.72
CA UNK M 224 -93.18 86.96 -30.17
C UNK M 224 -94.30 87.81 -29.63
N UNK M 225 -95.44 87.23 -29.29
CA UNK M 225 -96.53 88.01 -28.73
C UNK M 225 -96.58 87.90 -27.22
N UNK M 226 -95.59 87.27 -26.61
CA UNK M 226 -95.58 87.02 -25.17
C UNK M 226 -95.28 88.33 -24.46
N UNK M 227 -96.31 88.94 -23.93
CA UNK M 227 -96.18 90.14 -23.13
C UNK M 227 -96.49 89.81 -21.68
N UNK M 228 -96.31 90.81 -20.82
CA UNK M 228 -96.81 90.73 -19.47
C UNK M 228 -98.20 91.32 -19.46
N UNK N 1 -126.68 93.13 -47.22
CA UNK N 1 -126.27 92.34 -46.05
C UNK N 1 -124.80 92.53 -45.81
N UNK N 2 -124.09 92.93 -46.86
CA UNK N 2 -122.68 93.20 -46.75
C UNK N 2 -122.36 94.42 -47.59
N UNK N 3 -121.44 95.25 -47.08
CA UNK N 3 -120.84 96.28 -47.93
C UNK N 3 -119.68 95.57 -48.61
N UNK N 4 -120.02 94.81 -49.64
CA UNK N 4 -119.17 93.79 -50.21
C UNK N 4 -118.49 94.33 -51.45
N UNK N 5 -117.46 93.60 -51.89
CA UNK N 5 -116.80 93.92 -53.13
C UNK N 5 -117.02 92.80 -54.13
N UNK N 6 -117.10 93.17 -55.41
CA UNK N 6 -117.19 92.23 -56.51
C UNK N 6 -115.83 91.67 -56.89
N UNK N 7 -114.79 92.01 -56.14
CA UNK N 7 -113.44 91.51 -56.33
C UNK N 7 -113.34 90.08 -55.77
N UNK N 8 -112.13 89.59 -55.58
CA UNK N 8 -111.95 88.21 -55.13
C UNK N 8 -112.29 88.09 -53.65
N UNK N 9 -113.60 88.21 -53.34
CA UNK N 9 -114.22 87.76 -52.09
C UNK N 9 -113.73 88.52 -50.85
N UNK N 10 -113.88 89.84 -50.84
CA UNK N 10 -113.67 90.67 -49.66
C UNK N 10 -114.92 91.53 -49.41
N UNK N 11 -115.21 91.77 -48.13
CA UNK N 11 -116.45 92.47 -47.79
C UNK N 11 -116.38 93.08 -46.42
N UNK N 12 -116.71 94.37 -46.32
CA UNK N 12 -117.37 94.77 -45.11
C UNK N 12 -118.74 94.12 -45.08
N UNK N 13 -119.24 93.84 -43.90
CA UNK N 13 -120.43 93.01 -43.84
C UNK N 13 -121.25 93.37 -42.61
N UNK N 14 -122.56 93.42 -42.80
CA UNK N 14 -123.43 94.08 -41.85
C UNK N 14 -124.31 93.08 -41.14
N UNK N 15 -123.73 91.99 -40.65
CA UNK N 15 -124.50 91.08 -39.82
C UNK N 15 -124.71 91.65 -38.42
N UNK N 16 -123.66 91.66 -37.59
CA UNK N 16 -123.60 92.48 -36.39
C UNK N 16 -122.39 93.40 -36.46
N UNK N 17 -121.22 92.82 -36.64
CA UNK N 17 -120.03 93.53 -37.07
C UNK N 17 -119.20 92.49 -37.79
N UNK N 18 -119.22 92.50 -39.12
CA UNK N 18 -118.67 91.36 -39.83
C UNK N 18 -117.79 91.81 -40.99
N UNK N 19 -116.81 90.98 -41.33
CA UNK N 19 -115.94 91.22 -42.48
C UNK N 19 -116.02 89.95 -43.32
N UNK N 20 -116.97 89.92 -44.25
CA UNK N 20 -117.23 88.71 -45.02
C UNK N 20 -116.19 88.61 -46.12
N UNK N 21 -115.21 87.74 -45.94
CA UNK N 21 -114.18 87.51 -46.93
C UNK N 21 -113.99 86.01 -47.15
N UNK N 22 -114.05 85.59 -48.40
CA UNK N 22 -113.77 84.20 -48.76
C UNK N 22 -112.42 84.15 -49.48
N UNK N 23 -112.05 82.98 -50.02
CA UNK N 23 -110.68 82.69 -50.40
C UNK N 23 -110.40 82.78 -51.90
N UNK N 24 -111.42 82.58 -52.75
CA UNK N 24 -111.35 82.73 -54.21
C UNK N 24 -110.34 81.77 -54.87
N UNK N 25 -110.15 80.61 -54.23
CA UNK N 25 -109.39 79.52 -54.84
C UNK N 25 -110.23 78.26 -54.98
N UNK N 26 -111.08 77.96 -54.01
CA UNK N 26 -112.15 77.00 -54.20
C UNK N 26 -113.45 77.66 -54.64
N UNK N 27 -113.51 79.00 -54.58
CA UNK N 27 -114.59 79.84 -55.12
C UNK N 27 -115.96 79.53 -54.50
N UNK N 28 -116.05 79.77 -53.19
CA UNK N 28 -117.33 79.64 -52.49
C UNK N 28 -117.94 81.02 -52.24
N UNK N 29 -118.11 81.78 -53.31
CA UNK N 29 -118.63 83.15 -53.23
C UNK N 29 -120.13 83.19 -53.52
N UNK N 30 -120.89 82.47 -52.70
CA UNK N 30 -122.34 82.46 -52.85
C UNK N 30 -123.02 83.55 -52.02
N UNK N 31 -122.26 84.24 -51.16
CA UNK N 31 -122.74 85.33 -50.28
C UNK N 31 -123.88 84.89 -49.37
N UNK N 32 -123.73 83.71 -48.76
CA UNK N 32 -124.63 83.28 -47.70
C UNK N 32 -123.81 82.49 -46.69
N UNK N 33 -123.20 83.20 -45.75
CA UNK N 33 -122.30 82.58 -44.78
C UNK N 33 -122.39 83.36 -43.48
N UNK N 34 -122.07 82.68 -42.38
CA UNK N 34 -122.33 83.18 -41.03
C UNK N 34 -121.01 83.23 -40.26
N UNK N 35 -120.49 84.43 -40.05
CA UNK N 35 -119.24 84.61 -39.33
C UNK N 35 -119.51 85.14 -37.92
N UNK N 36 -118.93 84.50 -36.90
CA UNK N 36 -119.09 84.93 -35.52
C UNK N 36 -117.75 84.87 -34.78
N UNK N 37 -117.68 85.59 -33.66
CA UNK N 37 -116.42 85.88 -32.97
C UNK N 37 -116.10 84.92 -31.82
N UNK N 38 -116.14 83.62 -32.09
CA UNK N 38 -115.49 82.63 -31.23
C UNK N 38 -114.81 81.59 -32.10
N UNK N 39 -114.28 82.05 -33.24
CA UNK N 39 -113.71 81.23 -34.31
C UNK N 39 -114.71 80.18 -34.83
N UNK N 40 -115.83 80.69 -35.34
CA UNK N 40 -116.84 79.86 -35.98
C UNK N 40 -117.42 80.62 -37.17
N UNK N 41 -117.16 80.12 -38.37
CA UNK N 41 -117.72 80.68 -39.61
C UNK N 41 -118.40 79.55 -40.37
N UNK N 42 -119.72 79.48 -40.25
CA UNK N 42 -120.52 78.46 -40.94
C UNK N 42 -120.84 78.97 -42.33
N UNK N 43 -120.11 78.45 -43.32
CA UNK N 43 -120.40 78.70 -44.72
C UNK N 43 -121.20 77.53 -45.29
N UNK N 44 -121.36 77.47 -46.61
CA UNK N 44 -122.26 76.50 -47.21
C UNK N 44 -121.53 75.26 -47.77
N UNK N 45 -120.74 75.43 -48.82
CA UNK N 45 -120.13 74.28 -49.49
C UNK N 45 -118.99 73.69 -48.67
N UNK N 46 -118.10 74.55 -48.17
CA UNK N 46 -116.98 74.15 -47.33
C UNK N 46 -116.77 75.25 -46.29
N UNK N 47 -115.58 75.29 -45.70
CA UNK N 47 -115.20 76.39 -44.81
C UNK N 47 -114.35 77.40 -45.60
N UNK N 48 -114.71 78.68 -45.50
CA UNK N 48 -114.05 79.72 -46.25
C UNK N 48 -113.65 80.87 -45.33
N UNK N 49 -112.53 81.52 -45.66
CA UNK N 49 -111.97 82.59 -44.82
C UNK N 49 -111.13 83.51 -45.69
N UNK N 50 -110.57 84.54 -45.05
CA UNK N 50 -109.72 85.51 -45.73
C UNK N 50 -108.32 84.93 -45.96
N UNK N 51 -107.55 85.62 -46.79
CA UNK N 51 -106.24 85.15 -47.23
C UNK N 51 -105.22 85.31 -46.10
N UNK N 52 -104.72 84.19 -45.60
CA UNK N 52 -103.68 84.20 -44.56
C UNK N 52 -102.71 83.03 -44.74
N UNK O 1 -82.67 72.59 10.49
CA UNK O 1 -82.65 71.13 10.56
C UNK O 1 -84.01 70.62 10.98
N UNK O 2 -84.18 70.51 12.29
CA UNK O 2 -85.49 70.45 12.94
C UNK O 2 -85.45 71.44 14.09
N UNK O 3 -84.36 72.21 14.13
CA UNK O 3 -83.98 72.97 15.29
C UNK O 3 -84.78 74.24 15.36
N UNK O 4 -85.24 74.56 16.57
CA UNK O 4 -86.04 75.71 16.96
C UNK O 4 -87.43 75.70 16.35
N UNK O 5 -87.79 74.73 15.52
CA UNK O 5 -89.18 74.60 15.10
C UNK O 5 -89.97 74.06 16.28
N UNK O 6 -89.62 72.87 16.71
CA UNK O 6 -89.71 72.42 18.08
C UNK O 6 -88.63 71.36 18.20
N UNK O 7 -88.79 70.48 19.17
CA UNK O 7 -87.85 69.38 19.27
C UNK O 7 -87.99 68.46 18.06
N UNK O 8 -86.86 67.90 17.63
CA UNK O 8 -86.90 66.91 16.56
C UNK O 8 -87.61 65.68 17.10
N UNK O 9 -88.91 65.61 16.86
CA UNK O 9 -89.76 64.67 17.59
C UNK O 9 -89.45 63.25 17.17
N UNK O 10 -89.78 62.90 15.95
CA UNK O 10 -89.24 61.68 15.40
C UNK O 10 -88.20 62.09 14.39
N UNK O 11 -87.66 61.10 13.69
CA UNK O 11 -86.89 61.37 12.49
C UNK O 11 -87.52 60.43 11.48
N UNK O 12 -88.49 60.96 10.74
CA UNK O 12 -89.49 60.14 10.08
C UNK O 12 -88.83 59.32 8.99
N UNK O 13 -88.99 58.01 9.11
CA UNK O 13 -88.51 57.13 8.07
C UNK O 13 -89.33 57.35 6.82
N UNK O 14 -88.70 57.06 5.69
CA UNK O 14 -89.15 57.43 4.35
C UNK O 14 -89.41 58.92 4.28
N UNK O 15 -88.56 59.70 4.95
CA UNK O 15 -88.72 61.14 5.03
C UNK O 15 -87.44 61.77 5.56
N UNK O 16 -87.55 63.04 5.89
CA UNK O 16 -86.55 63.79 6.60
C UNK O 16 -86.71 63.53 8.09
N UNK O 17 -86.10 64.36 8.91
CA UNK O 17 -86.43 64.35 10.32
C UNK O 17 -87.81 64.94 10.55
N UNK O 18 -88.31 64.79 11.78
CA UNK O 18 -89.60 65.34 12.17
C UNK O 18 -89.43 66.22 13.40
N UNK O 19 -89.47 67.53 13.20
CA UNK O 19 -89.55 68.40 14.35
C UNK O 19 -90.91 68.25 15.02
N UNK O 20 -91.01 68.68 16.27
CA UNK O 20 -92.29 68.61 16.95
C UNK O 20 -93.19 69.78 16.62
N UNK O 21 -92.76 70.65 15.72
CA UNK O 21 -93.66 71.60 15.10
C UNK O 21 -94.25 71.04 13.81
N UNK O 22 -93.42 70.57 12.89
CA UNK O 22 -93.89 70.02 11.62
C UNK O 22 -92.88 69.02 11.10
N UNK O 23 -93.14 68.49 9.91
CA UNK O 23 -92.19 67.60 9.25
C UNK O 23 -90.98 68.41 8.87
N UNK O 24 -89.83 68.01 9.37
CA UNK O 24 -88.68 68.90 9.31
C UNK O 24 -87.97 68.77 7.98
N UNK O 25 -86.92 69.58 7.83
CA UNK O 25 -86.14 69.62 6.61
C UNK O 25 -84.85 68.85 6.69
N UNK O 26 -84.41 68.49 7.90
CA UNK O 26 -83.19 67.72 8.07
C UNK O 26 -83.41 66.32 7.53
N UNK O 27 -82.82 66.05 6.36
CA UNK O 27 -83.05 64.80 5.65
C UNK O 27 -82.50 63.64 6.46
N UNK O 28 -83.33 62.60 6.64
CA UNK O 28 -83.01 61.58 7.64
C UNK O 28 -82.06 60.53 7.11
N UNK O 29 -82.47 59.77 6.11
CA UNK O 29 -81.82 58.50 5.81
C UNK O 29 -80.78 58.64 4.72
N UNK O 30 -79.90 57.64 4.64
CA UNK O 30 -79.07 57.50 3.46
C UNK O 30 -79.91 57.03 2.29
N UNK O 31 -80.99 56.31 2.55
CA UNK O 31 -81.94 55.96 1.52
C UNK O 31 -82.95 57.06 1.31
N UNK O 32 -82.82 58.15 2.05
CA UNK O 32 -83.73 59.27 1.83
C UNK O 32 -83.33 60.02 0.58
N UNK O 33 -84.28 60.79 0.03
CA UNK O 33 -84.05 61.50 -1.22
C UNK O 33 -83.41 62.87 -0.95
N UNK O 34 -82.22 62.80 -0.38
CA UNK O 34 -81.30 63.91 -0.46
C UNK O 34 -80.99 64.10 -1.94
N UNK O 35 -80.94 65.36 -2.37
CA UNK O 35 -80.86 65.67 -3.80
C UNK O 35 -79.45 65.39 -4.31
N UNK O 36 -79.33 64.36 -5.13
CA UNK O 36 -78.07 64.01 -5.77
C UNK O 36 -78.07 64.48 -7.21
N UNK O 37 -77.10 65.32 -7.54
CA UNK O 37 -76.91 65.76 -8.91
C UNK O 37 -75.45 65.80 -9.31
N UNK O 38 -74.52 65.44 -8.44
CA UNK O 38 -73.09 65.54 -8.75
C UNK O 38 -72.36 64.30 -8.25
N UNK O 39 -72.27 63.29 -9.09
CA UNK O 39 -71.42 62.16 -8.79
C UNK O 39 -69.96 62.58 -8.87
N UNK O 40 -69.09 61.82 -8.22
CA UNK O 40 -67.67 62.13 -8.23
C UNK O 40 -66.88 60.82 -8.19
N UNK O 41 -66.54 60.29 -9.35
CA UNK O 41 -65.85 59.01 -9.41
C UNK O 41 -65.14 58.86 -10.74
N UNK O 42 -64.34 57.81 -10.84
CA UNK O 42 -63.68 57.47 -12.08
C UNK O 42 -64.59 56.54 -12.86
N UNK O 43 -64.74 56.85 -14.15
CA UNK O 43 -65.62 56.15 -15.09
C UNK O 43 -67.06 56.14 -14.61
N UNK O 44 -67.40 57.15 -13.80
CA UNK O 44 -68.77 57.38 -13.38
C UNK O 44 -69.54 57.91 -14.57
N UNK O 45 -70.80 57.49 -14.66
CA UNK O 45 -71.74 57.72 -15.75
C UNK O 45 -71.31 57.04 -17.05
N UNK O 46 -70.10 56.54 -17.12
CA UNK O 46 -69.79 55.38 -17.92
C UNK O 46 -70.02 54.21 -17.00
N UNK O 47 -69.81 53.02 -17.51
CA UNK O 47 -69.58 51.96 -16.57
C UNK O 47 -68.28 52.25 -15.85
N UNK O 48 -68.21 51.87 -14.59
CA UNK O 48 -67.06 52.17 -13.76
C UNK O 48 -65.87 51.31 -14.17
N UNK O 49 -64.83 51.30 -13.34
CA UNK O 49 -63.58 50.68 -13.72
C UNK O 49 -63.69 49.16 -13.72
N UNK O 50 -63.49 48.55 -14.88
CA UNK O 50 -63.14 47.13 -14.89
C UNK O 50 -61.78 47.02 -14.24
N UNK O 51 -61.73 46.64 -12.98
CA UNK O 51 -60.51 46.80 -12.20
C UNK O 51 -59.47 45.72 -12.45
N UNK O 52 -59.49 45.06 -13.61
CA UNK O 52 -58.62 43.94 -13.91
C UNK O 52 -57.15 44.31 -14.13
N UNK O 53 -56.84 45.56 -14.46
CA UNK O 53 -55.48 45.92 -14.84
C UNK O 53 -54.81 46.82 -13.80
N UNK O 54 -53.66 47.41 -14.19
CA UNK O 54 -52.92 48.39 -13.36
C UNK O 54 -52.16 49.36 -14.28
N UNK O 55 -52.65 50.59 -14.38
CA UNK O 55 -51.98 51.61 -15.19
C UNK O 55 -52.28 52.97 -14.58
N UNK O 56 -51.61 54.03 -15.09
CA UNK O 56 -52.00 55.38 -14.72
C UNK O 56 -53.39 55.69 -15.23
N UNK O 57 -53.62 55.44 -16.52
CA UNK O 57 -54.98 55.44 -17.02
C UNK O 57 -55.71 54.20 -16.54
N UNK O 58 -57.03 54.31 -16.49
CA UNK O 58 -57.86 53.21 -16.02
C UNK O 58 -58.84 52.86 -17.13
N UNK O 59 -59.13 51.58 -17.27
CA UNK O 59 -60.12 51.14 -18.23
C UNK O 59 -61.47 50.99 -17.52
N UNK O 60 -62.51 51.43 -18.19
CA UNK O 60 -63.84 51.27 -17.64
C UNK O 60 -64.29 49.82 -17.76
N UNK O 61 -65.39 49.50 -17.11
CA UNK O 61 -66.08 48.27 -17.44
C UNK O 61 -66.73 48.37 -18.80
N UNK O 62 -66.98 49.58 -19.27
CA UNK O 62 -67.30 49.83 -20.66
C UNK O 62 -66.05 50.03 -21.49
N UNK O 63 -64.87 49.72 -20.92
CA UNK O 63 -63.57 49.77 -21.60
C UNK O 63 -63.27 51.14 -22.17
N UNK O 64 -63.73 52.18 -21.50
CA UNK O 64 -63.34 53.53 -21.85
C UNK O 64 -62.13 53.87 -21.00
N UNK O 65 -61.21 54.60 -21.58
CA UNK O 65 -59.99 54.96 -20.87
C UNK O 65 -60.27 56.14 -19.96
N UNK O 66 -60.04 55.94 -18.67
CA UNK O 66 -60.19 57.04 -17.71
C UNK O 66 -59.00 57.96 -17.87
N UNK O 67 -59.04 58.78 -18.91
CA UNK O 67 -58.00 59.76 -19.10
C UNK O 67 -58.09 60.84 -18.06
N UNK O 68 -59.29 61.12 -17.57
CA UNK O 68 -59.45 62.00 -16.42
C UNK O 68 -58.87 61.40 -15.16
N UNK O 69 -58.70 60.08 -15.12
CA UNK O 69 -58.04 59.45 -14.00
C UNK O 69 -56.70 58.87 -14.43
N UNK O 70 -56.07 59.47 -15.43
CA UNK O 70 -54.81 58.95 -15.89
C UNK O 70 -53.63 59.62 -15.20
N LYS P 24 -61.56 107.72 -23.39
CA LYS P 24 -62.41 106.77 -22.70
C LYS P 24 -63.45 106.19 -23.64
N PHE P 25 -63.19 105.00 -24.15
CA PHE P 25 -64.06 104.40 -25.15
C PHE P 25 -64.46 103.01 -24.70
N LYS P 26 -65.67 102.61 -25.02
CA LYS P 26 -66.19 101.32 -24.57
C LYS P 26 -67.21 100.82 -25.57
N LYS P 27 -66.89 99.71 -26.22
CA LYS P 27 -67.90 99.02 -27.00
C LYS P 27 -68.98 98.49 -26.08
N PRO P 28 -70.24 98.54 -26.50
CA PRO P 28 -71.35 98.45 -25.55
C PRO P 28 -71.49 97.11 -24.85
N PRO P 29 -71.67 95.96 -25.56
CA PRO P 29 -72.19 94.81 -24.83
C PRO P 29 -71.11 94.15 -24.02
N ILE P 30 -71.12 94.45 -22.72
CA ILE P 30 -70.13 93.94 -21.78
C ILE P 30 -70.83 92.90 -20.95
N ASN P 31 -70.44 91.65 -21.15
CA ASN P 31 -71.22 90.49 -20.75
C ASN P 31 -70.52 89.83 -19.55
N ASN P 32 -71.13 88.79 -19.01
CA ASN P 32 -70.48 87.97 -18.04
C ASN P 32 -69.33 87.19 -18.69
N PRO P 33 -68.32 86.86 -17.94
CA PRO P 33 -67.23 86.07 -18.51
C PRO P 33 -67.66 84.65 -18.82
N SER P 34 -67.50 84.25 -20.08
CA SER P 34 -67.87 82.91 -20.49
C SER P 34 -66.76 81.92 -20.21
N ASP P 35 -66.97 80.68 -20.65
CA ASP P 35 -65.88 79.72 -20.67
C ASP P 35 -65.90 78.86 -21.93
N ASP P 36 -64.72 78.31 -22.20
CA ASP P 36 -64.44 77.59 -23.43
C ASP P 36 -65.37 76.42 -23.64
N ALA P 37 -65.76 75.80 -22.53
CA ALA P 37 -66.64 74.66 -22.55
C ALA P 37 -67.91 75.01 -23.26
N THR P 38 -68.67 75.92 -22.66
CA THR P 38 -69.89 76.43 -23.23
C THR P 38 -69.70 77.04 -24.58
N ILE P 39 -68.53 77.61 -24.81
CA ILE P 39 -68.23 78.13 -26.11
C ILE P 39 -68.28 77.02 -27.15
N LYS P 40 -67.58 75.93 -26.90
CA LYS P 40 -67.58 74.90 -27.91
C LYS P 40 -68.87 74.15 -27.92
N LEU P 41 -69.58 74.17 -26.80
CA LEU P 41 -70.94 73.68 -26.77
C LEU P 41 -71.83 74.49 -27.69
N ALA P 42 -71.64 75.79 -27.71
CA ALA P 42 -72.51 76.63 -28.49
C ALA P 42 -72.29 76.39 -29.94
N GLU P 43 -71.03 76.32 -30.33
CA GLU P 43 -70.77 76.13 -31.73
C GLU P 43 -71.11 74.71 -32.16
N ALA P 44 -71.05 73.77 -31.22
CA ALA P 44 -71.69 72.48 -31.45
C ALA P 44 -73.14 72.68 -31.79
N ALA P 45 -73.82 73.41 -30.92
CA ALA P 45 -75.26 73.38 -30.91
C ALA P 45 -75.82 74.02 -32.14
N VAL P 46 -75.14 75.03 -32.63
CA VAL P 46 -75.67 75.75 -33.76
C VAL P 46 -75.59 74.89 -35.02
N SER P 47 -74.53 74.13 -35.15
CA SER P 47 -74.37 73.23 -36.26
C SER P 47 -75.40 72.14 -36.19
N VAL P 48 -75.66 71.69 -34.98
CA VAL P 48 -76.71 70.74 -34.76
C VAL P 48 -78.03 71.32 -35.19
N SER P 49 -78.24 72.56 -34.80
CA SER P 49 -79.50 73.25 -34.97
C SER P 49 -79.84 73.43 -36.42
N ASP P 50 -78.91 73.96 -37.17
CA ASP P 50 -79.27 74.26 -38.53
C ASP P 50 -79.27 73.03 -39.40
N SER P 51 -78.45 72.04 -39.07
CA SER P 51 -78.61 70.76 -39.72
C SER P 51 -79.99 70.21 -39.48
N MET P 52 -80.49 70.30 -38.28
CA MET P 52 -81.82 69.74 -38.11
C MET P 52 -82.86 70.70 -38.65
N LEU P 53 -82.50 71.95 -38.83
CA LEU P 53 -83.42 72.90 -39.41
C LEU P 53 -83.70 72.56 -40.85
N GLU P 54 -82.65 72.40 -41.62
CA GLU P 54 -82.85 71.97 -42.98
C GLU P 54 -83.41 70.57 -43.07
N MET P 55 -83.06 69.71 -42.11
CA MET P 55 -83.76 68.47 -41.95
C MET P 55 -85.24 68.65 -41.87
N ALA P 56 -85.68 69.56 -41.02
CA ALA P 56 -87.09 69.78 -40.86
C ALA P 56 -87.70 70.29 -42.13
N LYS P 57 -86.96 71.15 -42.81
CA LYS P 57 -87.47 71.69 -44.06
C LYS P 57 -87.59 70.62 -45.11
N VAL P 58 -86.64 69.72 -45.13
CA VAL P 58 -86.67 68.79 -46.22
C VAL P 58 -87.71 67.72 -45.95
N GLU P 59 -87.96 67.44 -44.68
CA GLU P 59 -89.05 66.54 -44.37
C GLU P 59 -90.38 67.19 -44.69
N LYS P 60 -90.54 68.44 -44.33
CA LYS P 60 -91.83 69.07 -44.48
C LYS P 60 -92.11 69.40 -45.93
N VAL P 61 -91.11 69.32 -46.79
CA VAL P 61 -91.39 69.51 -48.19
C VAL P 61 -91.49 68.20 -48.93
N ILE P 62 -90.83 67.14 -48.47
CA ILE P 62 -91.10 65.86 -49.10
C ILE P 62 -92.47 65.37 -48.70
N THR P 63 -92.98 65.83 -47.56
CA THR P 63 -94.29 65.41 -47.13
C THR P 63 -95.10 66.65 -46.77
N PRO P 64 -96.19 66.89 -47.45
CA PRO P 64 -97.09 67.94 -47.05
C PRO P 64 -97.92 67.49 -45.87
N PRO P 65 -98.01 68.30 -44.82
CA PRO P 65 -98.88 67.96 -43.68
C PRO P 65 -100.34 68.21 -44.02
N SER P 66 -101.18 67.21 -43.77
CA SER P 66 -102.56 67.29 -44.23
C SER P 66 -103.48 67.93 -43.20
N LYS P 67 -103.32 67.60 -41.93
CA LYS P 67 -104.26 68.06 -40.91
C LYS P 67 -103.52 68.46 -39.63
N ASP P 68 -104.22 69.22 -38.82
CA ASP P 68 -103.72 69.68 -37.53
C ASP P 68 -104.01 68.63 -36.47
N ASN P 69 -103.92 69.02 -35.21
CA ASN P 69 -104.51 68.26 -34.13
C ASN P 69 -105.46 69.10 -33.30
N THR P 70 -105.80 70.28 -33.77
CA THR P 70 -106.75 71.05 -33.02
C THR P 70 -108.17 70.57 -33.27
N LEU P 71 -108.39 69.86 -34.36
CA LEU P 71 -109.72 69.30 -34.55
C LEU P 71 -109.97 68.15 -33.62
N THR P 72 -108.92 67.49 -33.19
CA THR P 72 -109.10 66.48 -32.18
C THR P 72 -108.81 66.99 -30.80
N ILE P 73 -108.15 68.14 -30.68
CA ILE P 73 -108.10 68.84 -29.40
C ILE P 73 -108.57 70.26 -29.62
N PRO P 74 -109.85 70.52 -29.56
CA PRO P 74 -110.32 71.90 -29.53
C PRO P 74 -110.28 72.44 -28.11
N ASN P 75 -110.45 73.74 -28.01
CA ASN P 75 -110.32 74.39 -26.73
C ASN P 75 -111.67 74.48 -26.03
N ALA P 76 -111.63 74.87 -24.76
CA ALA P 76 -112.86 75.10 -24.01
C ALA P 76 -112.59 76.07 -22.88
N TYR P 77 -113.65 76.73 -22.43
CA TYR P 77 -113.51 77.49 -21.21
C TYR P 77 -113.27 76.49 -20.10
N ASN P 78 -112.34 76.83 -19.23
CA ASN P 78 -111.55 76.09 -18.25
C ASN P 78 -110.49 75.23 -18.90
N LEU P 79 -110.53 75.04 -20.22
CA LEU P 79 -109.32 74.58 -20.88
C LEU P 79 -108.40 75.73 -21.17
N GLN P 80 -108.90 76.95 -21.11
CA GLN P 80 -108.01 78.06 -21.30
C GLN P 80 -107.39 78.57 -20.01
N ALA P 81 -107.21 77.73 -19.01
CA ALA P 81 -106.33 78.23 -17.98
C ALA P 81 -104.90 78.13 -18.47
N ARG P 82 -104.01 78.80 -17.77
CA ARG P 82 -102.68 78.77 -18.34
C ARG P 82 -101.79 77.97 -17.42
N ALA P 83 -100.66 77.55 -17.98
CA ALA P 83 -99.68 76.84 -17.18
C ALA P 83 -98.29 77.05 -17.77
N SER P 84 -97.28 76.84 -16.92
CA SER P 84 -95.87 76.93 -17.29
C SER P 84 -95.14 75.73 -16.71
N VAL P 85 -94.50 74.94 -17.56
CA VAL P 85 -94.06 73.61 -17.17
C VAL P 85 -92.62 73.37 -17.57
N ASP P 86 -91.89 72.68 -16.71
CA ASP P 86 -90.84 71.79 -17.15
C ASP P 86 -91.15 70.36 -16.73
N TRP P 87 -90.68 69.42 -17.53
CA TRP P 87 -91.00 68.04 -17.28
C TRP P 87 -89.96 67.21 -17.96
N SER P 88 -89.76 66.01 -17.47
CA SER P 88 -88.98 65.04 -18.20
C SER P 88 -89.49 63.63 -17.99
N GLY P 89 -90.50 63.46 -17.17
CA GLY P 89 -90.88 62.16 -16.77
C GLY P 89 -91.77 61.51 -17.79
N PRO P 90 -92.55 60.58 -17.33
CA PRO P 90 -93.48 59.89 -18.21
C PRO P 90 -94.72 60.74 -18.36
N ILE P 91 -95.64 60.17 -19.11
CA ILE P 91 -96.68 60.97 -19.70
C ILE P 91 -97.92 61.03 -18.83
N GLU P 92 -98.30 59.91 -18.23
CA GLU P 92 -99.59 59.82 -17.59
C GLU P 92 -99.64 60.60 -16.30
N GLU P 93 -98.54 60.60 -15.55
CA GLU P 93 -98.44 61.43 -14.37
C GLU P 93 -98.66 62.88 -14.71
N LEU P 94 -98.07 63.29 -15.81
CA LEU P 94 -98.20 64.64 -16.28
C LEU P 94 -99.62 64.95 -16.69
N THR P 95 -100.23 64.10 -17.52
CA THR P 95 -101.57 64.36 -18.01
C THR P 95 -102.61 64.28 -16.93
N ALA P 96 -102.38 63.46 -15.92
CA ALA P 96 -103.26 63.44 -14.78
C ALA P 96 -103.18 64.76 -14.04
N ARG P 97 -101.98 65.32 -13.89
CA ARG P 97 -101.85 66.61 -13.23
C ARG P 97 -102.55 67.69 -14.01
N ILE P 98 -102.54 67.55 -15.32
CA ILE P 98 -103.24 68.51 -16.14
C ILE P 98 -104.75 68.37 -15.97
N ALA P 99 -105.25 67.14 -16.07
CA ALA P 99 -106.68 66.92 -16.00
C ALA P 99 -107.23 67.24 -14.64
N LYS P 100 -106.43 67.08 -13.59
CA LYS P 100 -106.87 67.46 -12.27
C LYS P 100 -106.86 68.97 -12.12
N ALA P 101 -105.96 69.68 -12.79
CA ALA P 101 -106.12 71.12 -12.68
C ALA P 101 -107.16 71.65 -13.63
N ALA P 102 -107.54 70.86 -14.63
CA ALA P 102 -108.51 71.24 -15.62
C ALA P 102 -109.88 70.72 -15.30
N HIS P 103 -109.99 70.02 -14.17
CA HIS P 103 -111.22 69.44 -13.69
C HIS P 103 -111.81 68.50 -14.72
N PHE P 104 -110.93 67.75 -15.38
CA PHE P 104 -111.39 66.76 -16.32
C PHE P 104 -111.06 65.40 -15.78
N ARG P 105 -112.02 64.52 -15.91
CA ARG P 105 -111.77 63.11 -15.74
C ARG P 105 -110.78 62.65 -16.78
N PHE P 106 -109.76 61.95 -16.35
CA PHE P 106 -108.73 61.43 -17.23
C PHE P 106 -108.87 59.92 -17.36
N ARG P 107 -108.84 59.44 -18.57
CA ARG P 107 -108.93 58.02 -18.79
C ARG P 107 -107.92 57.63 -19.83
N VAL P 108 -107.69 56.33 -19.94
CA VAL P 108 -106.76 55.79 -20.91
C VAL P 108 -107.44 54.68 -21.69
N LEU P 109 -106.97 54.46 -22.90
CA LEU P 109 -107.40 53.37 -23.75
C LEU P 109 -106.21 52.57 -24.22
N GLY P 110 -106.38 51.25 -24.22
CA GLY P 110 -105.29 50.36 -24.51
C GLY P 110 -104.36 50.23 -23.33
N LYS P 111 -103.27 49.51 -23.53
CA LYS P 111 -102.33 49.21 -22.47
C LYS P 111 -101.01 49.88 -22.73
N SER P 112 -100.43 50.47 -21.68
CA SER P 112 -99.13 51.09 -21.79
C SER P 112 -98.06 50.04 -22.10
N PRO P 113 -97.12 50.36 -22.98
CA PRO P 113 -96.04 49.43 -23.27
C PRO P 113 -95.06 49.43 -22.12
N SER P 114 -94.20 48.43 -22.12
CA SER P 114 -93.26 48.24 -21.02
C SER P 114 -92.23 49.32 -21.00
N VAL P 115 -91.62 49.56 -22.14
CA VAL P 115 -90.86 50.78 -22.27
C VAL P 115 -91.86 51.91 -22.14
N PRO P 116 -91.62 52.85 -21.25
CA PRO P 116 -92.49 54.00 -21.18
C PRO P 116 -92.22 54.89 -22.37
N VAL P 117 -93.26 55.59 -22.77
CA VAL P 117 -93.07 56.79 -23.55
C VAL P 117 -92.84 57.93 -22.58
N LEU P 118 -91.71 58.57 -22.74
CA LEU P 118 -91.27 59.62 -21.84
C LEU P 118 -91.15 60.87 -22.66
N ILE P 119 -91.64 61.96 -22.13
CA ILE P 119 -91.52 63.22 -22.82
C ILE P 119 -90.87 64.20 -21.90
N SER P 120 -90.57 65.34 -22.48
CA SER P 120 -89.97 66.39 -21.72
C SER P 120 -90.48 67.68 -22.32
N ILE P 121 -91.42 68.30 -21.66
CA ILE P 121 -92.03 69.53 -22.14
C ILE P 121 -91.49 70.66 -21.31
N SER P 122 -91.13 71.75 -21.96
CA SER P 122 -90.56 72.89 -21.27
C SER P 122 -91.05 74.16 -21.94
N THR P 123 -92.05 74.78 -21.33
CA THR P 123 -92.67 75.97 -21.88
C THR P 123 -93.14 76.85 -20.74
N LYS P 124 -93.51 78.08 -21.07
CA LYS P 124 -93.82 79.04 -20.04
C LYS P 124 -95.03 79.88 -20.42
N ASP P 125 -96.00 79.94 -19.50
CA ASP P 125 -97.24 80.74 -19.58
C ASP P 125 -98.03 80.45 -20.86
N GLU P 126 -98.58 79.25 -20.89
CA GLU P 126 -99.20 78.76 -22.10
C GLU P 126 -100.37 77.85 -21.80
N SER P 127 -101.37 77.96 -22.63
CA SER P 127 -102.62 77.38 -22.22
C SER P 127 -102.68 75.91 -22.50
N LEU P 128 -103.63 75.32 -21.84
CA LEU P 128 -103.67 73.89 -21.69
C LEU P 128 -103.95 73.16 -22.97
N ALA P 129 -104.73 73.75 -23.87
CA ALA P 129 -105.14 73.01 -25.05
C ALA P 129 -103.96 72.71 -25.95
N GLU P 130 -103.12 73.68 -26.15
CA GLU P 130 -101.97 73.42 -26.95
C GLU P 130 -100.80 72.94 -26.12
N ILE P 131 -100.91 73.01 -24.79
CA ILE P 131 -100.09 72.12 -23.97
C ILE P 131 -100.35 70.70 -24.39
N LEU P 132 -101.60 70.33 -24.48
CA LEU P 132 -101.87 68.97 -24.92
C LEU P 132 -101.51 68.75 -26.35
N ARG P 133 -101.60 69.77 -27.18
CA ARG P 133 -101.22 69.57 -28.56
C ARG P 133 -99.74 69.28 -28.67
N ASP P 134 -98.91 70.02 -27.95
CA ASP P 134 -97.50 69.68 -28.14
C ASP P 134 -97.07 68.50 -27.31
N ILE P 135 -97.78 68.14 -26.25
CA ILE P 135 -97.54 66.84 -25.66
C ILE P 135 -97.83 65.75 -26.63
N ASP P 136 -98.95 65.85 -27.30
CA ASP P 136 -99.33 64.88 -28.31
C ASP P 136 -98.31 64.78 -29.40
N TYR P 137 -97.83 65.93 -29.83
CA TYR P 137 -96.79 65.96 -30.81
C TYR P 137 -95.50 65.35 -30.28
N GLN P 138 -95.14 65.66 -29.04
CA GLN P 138 -93.93 65.10 -28.49
C GLN P 138 -94.04 63.61 -28.30
N ALA P 139 -95.20 63.11 -27.92
CA ALA P 139 -95.44 61.68 -28.00
C ALA P 139 -96.18 61.34 -29.26
N GLY P 140 -95.68 61.88 -30.38
CA GLY P 140 -96.17 61.49 -31.67
C GLY P 140 -95.97 60.00 -31.88
N LYS P 141 -97.03 59.34 -32.34
CA LYS P 141 -97.04 57.97 -32.83
C LYS P 141 -96.62 56.95 -31.79
N LYS P 142 -96.71 57.30 -30.53
CA LYS P 142 -96.60 56.29 -29.51
C LYS P 142 -97.81 56.47 -28.61
N ALA P 143 -98.27 57.70 -28.49
CA ALA P 143 -99.43 58.01 -27.68
C ALA P 143 -100.36 58.94 -28.44
N SER P 144 -101.57 59.12 -27.91
CA SER P 144 -102.50 60.09 -28.49
C SER P 144 -103.40 60.65 -27.42
N ILE P 145 -103.71 61.93 -27.57
CA ILE P 145 -104.63 62.65 -26.72
C ILE P 145 -105.90 62.92 -27.49
N HIS P 146 -107.03 62.58 -26.91
CA HIS P 146 -108.28 63.17 -27.36
C HIS P 146 -108.97 63.74 -26.14
N VAL P 147 -109.78 64.75 -26.37
CA VAL P 147 -110.57 65.35 -25.30
C VAL P 147 -112.01 65.36 -25.77
N TYR P 148 -112.92 64.94 -24.91
CA TYR P 148 -114.31 65.19 -25.21
C TYR P 148 -114.83 66.18 -24.18
N PRO P 149 -114.71 67.47 -24.45
CA PRO P 149 -115.07 68.50 -23.47
C PRO P 149 -116.56 68.81 -23.44
N ASN P 150 -117.36 68.16 -24.27
CA ASN P 150 -118.77 68.10 -23.94
C ASN P 150 -118.96 67.30 -22.65
N SER P 151 -118.13 66.30 -22.46
CA SER P 151 -117.91 65.68 -21.17
C SER P 151 -116.81 66.46 -20.45
N GLN P 152 -116.23 65.88 -19.43
CA GLN P 152 -114.99 66.42 -18.90
C GLN P 152 -114.06 65.27 -18.97
N VAL P 153 -113.50 65.03 -20.13
CA VAL P 153 -112.67 63.86 -20.23
C VAL P 153 -111.50 64.15 -21.14
N VAL P 154 -110.33 63.89 -20.59
CA VAL P 154 -109.10 63.75 -21.33
C VAL P 154 -108.83 62.28 -21.44
N GLU P 155 -108.78 61.76 -22.66
CA GLU P 155 -108.47 60.36 -22.87
C GLU P 155 -107.10 60.24 -23.53
N LEU P 156 -106.37 59.23 -23.08
CA LEU P 156 -105.03 58.95 -23.57
C LEU P 156 -105.06 57.57 -24.20
N ARG P 157 -105.02 57.53 -25.52
CA ARG P 157 -104.92 56.27 -26.23
C ARG P 157 -103.45 55.88 -26.31
N TYR P 158 -103.17 54.60 -26.14
CA TYR P 158 -101.81 54.14 -26.38
C TYR P 158 -101.66 53.63 -27.79
N ALA P 159 -100.42 53.41 -28.18
CA ALA P 159 -100.16 52.60 -29.35
C ALA P 159 -100.52 51.16 -29.07
N LYS P 160 -100.68 50.39 -30.13
CA LYS P 160 -101.27 49.08 -30.02
C LYS P 160 -100.29 48.05 -30.55
N ILE P 161 -99.05 48.18 -30.10
CA ILE P 161 -98.06 47.17 -30.36
C ILE P 161 -97.04 47.13 -29.26
N ALA Q 58 -6.69 69.07 -31.22
CA ALA Q 58 -7.23 68.44 -30.03
C ALA Q 58 -8.18 69.40 -29.33
N LEU Q 59 -7.65 70.09 -28.30
CA LEU Q 59 -8.26 71.31 -27.77
C LEU Q 59 -8.49 72.29 -28.88
N LYS Q 60 -7.50 72.34 -29.72
CA LYS Q 60 -7.54 72.88 -31.05
C LYS Q 60 -8.81 72.47 -31.80
N GLU Q 61 -8.95 71.19 -32.11
CA GLU Q 61 -10.03 70.76 -33.01
C GLU Q 61 -11.38 70.97 -32.37
N THR Q 62 -11.47 70.81 -31.07
CA THR Q 62 -12.75 71.11 -30.47
C THR Q 62 -13.04 72.59 -30.38
N ALA Q 63 -12.03 73.45 -30.33
CA ALA Q 63 -12.31 74.87 -30.43
C ALA Q 63 -12.84 75.23 -31.81
N LEU Q 64 -12.23 74.60 -32.82
CA LEU Q 64 -12.76 74.65 -34.18
C LEU Q 64 -14.20 74.18 -34.24
N SER Q 65 -14.47 73.01 -33.70
CA SER Q 65 -15.78 72.42 -33.87
C SER Q 65 -16.83 73.08 -33.00
N VAL Q 66 -16.40 73.69 -31.90
CA VAL Q 66 -17.25 74.62 -31.18
C VAL Q 66 -17.66 75.75 -32.08
N GLY Q 67 -16.71 76.29 -32.84
CA GLY Q 67 -17.12 77.27 -33.81
C GLY Q 67 -17.97 76.75 -34.93
N ALA Q 68 -17.76 75.49 -35.32
CA ALA Q 68 -18.23 74.98 -36.60
C ALA Q 68 -19.75 74.99 -36.67
N GLN Q 69 -20.37 74.24 -35.78
CA GLN Q 69 -21.82 74.24 -35.66
C GLN Q 69 -22.36 75.61 -35.26
N ALA Q 70 -21.58 76.40 -34.53
CA ALA Q 70 -22.06 77.70 -34.06
C ALA Q 70 -22.32 78.64 -35.20
N GLY Q 71 -21.30 78.89 -36.01
CA GLY Q 71 -21.48 79.69 -37.19
C GLY Q 71 -22.43 79.06 -38.19
N LEU Q 72 -22.43 77.72 -38.26
CA LEU Q 72 -23.33 77.02 -39.16
C LEU Q 72 -24.79 77.31 -38.85
N ALA Q 73 -25.17 77.14 -37.60
CA ALA Q 73 -26.55 77.35 -37.24
C ALA Q 73 -26.88 78.82 -37.17
N TRP Q 74 -25.88 79.64 -36.83
CA TRP Q 74 -26.06 81.08 -36.84
C TRP Q 74 -26.43 81.54 -38.23
N ARG Q 75 -25.68 81.07 -39.20
CA ARG Q 75 -25.96 81.32 -40.60
C ARG Q 75 -27.31 80.80 -41.01
N ALA Q 76 -27.68 79.63 -40.49
CA ALA Q 76 -28.94 79.01 -40.85
C ALA Q 76 -30.11 79.85 -40.40
N LYS Q 77 -30.02 80.40 -39.20
CA LYS Q 77 -31.06 81.29 -38.73
C LYS Q 77 -31.13 82.53 -39.58
N ILE Q 78 -29.97 83.03 -40.02
CA ILE Q 78 -29.95 84.25 -40.82
C ILE Q 78 -30.66 84.03 -42.14
N ILE Q 79 -30.17 83.05 -42.91
CA ILE Q 79 -30.76 82.68 -44.19
C ILE Q 79 -32.24 82.35 -44.10
N ASP Q 80 -32.67 81.85 -42.96
CA ASP Q 80 -34.08 81.62 -42.80
C ASP Q 80 -34.86 82.92 -42.71
N GLU Q 81 -34.34 83.98 -42.04
CA GLU Q 81 -35.19 85.18 -42.11
C GLU Q 81 -35.15 85.84 -43.47
N GLN Q 82 -34.04 85.75 -44.21
CA GLN Q 82 -34.17 86.47 -45.48
C GLN Q 82 -34.98 85.68 -46.48
N LEU Q 83 -35.03 84.36 -46.31
CA LEU Q 83 -36.04 83.57 -46.99
C LEU Q 83 -37.42 84.08 -46.69
N ASN Q 84 -37.70 84.33 -45.41
CA ASN Q 84 -39.05 84.74 -45.05
C ASN Q 84 -39.41 86.11 -45.58
N LYS Q 85 -38.48 87.05 -45.59
CA LYS Q 85 -38.90 88.35 -46.06
C LYS Q 85 -39.07 88.38 -47.56
N GLN Q 86 -38.38 87.52 -48.30
CA GLN Q 86 -38.60 87.56 -49.73
C GLN Q 86 -39.44 86.42 -50.19
N ALA Q 87 -40.20 85.85 -49.25
CA ALA Q 87 -41.07 84.73 -49.53
C ALA Q 87 -42.03 85.04 -50.65
N ARG Q 88 -42.60 86.23 -50.63
CA ARG Q 88 -43.44 86.72 -51.71
C ARG Q 88 -42.72 86.70 -53.04
N ASN Q 89 -41.48 87.10 -52.98
CA ASN Q 89 -40.72 87.24 -54.18
C ASN Q 89 -40.36 85.88 -54.69
N LEU Q 90 -40.19 84.95 -53.75
CA LEU Q 90 -39.78 83.60 -54.06
C LEU Q 90 -40.80 82.88 -54.92
N ASP Q 91 -42.03 82.77 -54.44
CA ASP Q 91 -43.04 82.13 -55.26
C ASP Q 91 -43.46 83.03 -56.39
N ALA Q 92 -43.26 84.34 -56.22
CA ALA Q 92 -43.57 85.29 -57.25
C ALA Q 92 -42.74 84.98 -58.47
N ILE Q 93 -41.52 84.52 -58.22
CA ILE Q 93 -40.81 83.79 -59.24
C ILE Q 93 -41.51 82.46 -59.48
N TYR Q 94 -41.53 81.61 -58.47
CA TYR Q 94 -41.81 80.18 -58.66
C TYR Q 94 -43.27 79.83 -58.45
N ASP Q 95 -44.05 80.36 -59.37
CA ASP Q 95 -45.45 79.98 -59.56
C ASP Q 95 -45.53 78.62 -60.24
N PHE Q 96 -45.63 77.57 -59.44
CA PHE Q 96 -45.57 76.23 -59.99
C PHE Q 96 -46.84 75.85 -60.72
N ASN Q 97 -47.96 76.30 -60.19
CA ASN Q 97 -49.27 75.98 -60.71
C ASN Q 97 -49.46 76.45 -62.13
N SER Q 98 -48.77 77.52 -62.49
CA SER Q 98 -48.67 77.94 -63.85
C SER Q 98 -48.06 76.87 -64.71
N LEU Q 99 -47.20 76.07 -64.14
CA LEU Q 99 -46.58 75.02 -64.88
C LEU Q 99 -47.29 73.70 -64.75
N VAL Q 100 -48.19 73.55 -63.79
CA VAL Q 100 -48.81 72.25 -63.65
C VAL Q 100 -49.85 72.04 -64.75
N LEU Q 101 -50.28 70.81 -64.88
CA LEU Q 101 -51.09 70.43 -66.01
C LEU Q 101 -52.56 70.33 -65.63
N GLU Q 102 -53.32 69.79 -66.56
CA GLU Q 102 -54.78 69.79 -66.58
C GLU Q 102 -55.39 69.01 -65.44
N HIS Q 103 -54.79 67.91 -65.07
CA HIS Q 103 -55.35 67.03 -64.08
C HIS Q 103 -54.43 67.05 -62.88
N ASN Q 104 -53.97 68.28 -62.58
CA ASN Q 104 -52.79 68.66 -61.79
C ASN Q 104 -51.69 67.62 -61.89
N ILE Q 105 -51.31 67.35 -63.11
CA ILE Q 105 -50.15 66.53 -63.38
C ILE Q 105 -48.96 67.44 -63.27
N LEU Q 106 -48.13 67.22 -62.29
CA LEU Q 106 -46.87 67.91 -62.25
C LEU Q 106 -46.01 67.42 -63.41
N PRO Q 107 -45.54 68.30 -64.27
CA PRO Q 107 -44.88 67.90 -65.52
C PRO Q 107 -43.45 67.47 -65.25
N PRO Q 108 -42.86 66.63 -66.11
CA PRO Q 108 -41.53 66.10 -65.82
C PRO Q 108 -40.45 67.13 -66.03
N VAL Q 109 -39.25 66.86 -65.50
CA VAL Q 109 -38.17 67.80 -65.62
C VAL Q 109 -37.24 67.33 -66.73
N LEU Q 110 -37.02 68.17 -67.72
CA LEU Q 110 -36.27 67.74 -68.88
C LEU Q 110 -34.90 68.40 -68.86
N LEU Q 111 -33.91 67.73 -69.43
CA LEU Q 111 -32.55 68.18 -69.33
C LEU Q 111 -31.91 68.38 -70.69
N GLU Q 112 -31.31 69.54 -70.83
CA GLU Q 112 -30.61 70.03 -72.00
C GLU Q 112 -29.24 69.38 -72.12
N GLY Q 113 -28.74 69.25 -73.34
CA GLY Q 113 -27.37 68.86 -73.56
C GLY Q 113 -26.74 69.41 -74.82
N ARG Q 114 -25.61 70.07 -74.68
CA ARG Q 114 -24.80 70.40 -75.84
C ARG Q 114 -23.41 69.85 -75.73
N ASN Q 115 -22.87 69.61 -76.92
CA ASN Q 115 -21.55 69.08 -77.25
C ASN Q 115 -21.06 68.04 -76.23
N THR Q 116 -21.94 67.09 -76.00
CA THR Q 116 -21.64 65.98 -75.13
C THR Q 116 -20.58 65.18 -75.83
N LEU Q 117 -19.34 65.57 -75.61
CA LEU Q 117 -18.26 64.78 -76.11
C LEU Q 117 -17.67 64.04 -74.95
N ASN Q 118 -17.95 62.77 -74.94
CA ASN Q 118 -17.09 61.89 -74.20
C ASN Q 118 -16.12 61.38 -75.22
N LEU Q 119 -14.84 61.60 -74.98
CA LEU Q 119 -13.92 60.70 -75.65
C LEU Q 119 -14.12 59.43 -74.87
N ALA Q 120 -14.36 58.34 -75.57
CA ALA Q 120 -14.09 57.10 -74.90
C ALA Q 120 -12.61 57.02 -74.60
N ASP Q 121 -11.81 57.32 -75.60
CA ASP Q 121 -10.42 57.00 -75.47
C ASP Q 121 -9.65 57.75 -76.54
N ALA Q 122 -8.39 57.35 -76.67
CA ALA Q 122 -7.47 57.87 -77.66
C ALA Q 122 -7.87 57.51 -79.07
N GLN Q 123 -8.75 56.54 -79.22
CA GLN Q 123 -9.02 55.97 -80.51
C GLN Q 123 -10.41 56.31 -80.99
N SER Q 124 -11.30 56.68 -80.10
CA SER Q 124 -12.68 56.85 -80.48
C SER Q 124 -13.32 57.86 -79.56
N ILE Q 125 -14.05 58.77 -80.15
CA ILE Q 125 -14.77 59.74 -79.36
C ILE Q 125 -16.23 59.66 -79.76
N ARG Q 126 -17.05 60.31 -78.96
CA ARG Q 126 -18.48 60.21 -79.16
C ARG Q 126 -19.12 61.45 -78.60
N ILE Q 127 -19.79 62.16 -79.47
CA ILE Q 127 -20.33 63.46 -79.20
C ILE Q 127 -21.76 63.51 -79.68
N SER Q 128 -22.64 63.97 -78.83
CA SER Q 128 -23.79 64.59 -79.41
C SER Q 128 -23.58 66.08 -79.42
N ASP Q 129 -24.10 66.66 -80.45
CA ASP Q 129 -24.36 68.08 -80.47
C ASP Q 129 -25.30 68.52 -79.36
N ARG Q 130 -26.20 67.62 -78.95
CA ARG Q 130 -27.44 68.07 -78.36
C ARG Q 130 -28.12 66.85 -77.80
N THR Q 131 -28.77 67.00 -76.65
CA THR Q 131 -29.08 65.85 -75.82
C THR Q 131 -30.22 66.21 -74.89
N TYR Q 132 -31.16 65.31 -74.66
CA TYR Q 132 -32.21 65.57 -73.69
C TYR Q 132 -32.45 64.42 -72.76
N LYS Q 133 -32.58 64.74 -71.50
CA LYS Q 133 -32.79 63.76 -70.49
C LYS Q 133 -34.10 64.02 -69.79
N VAL Q 134 -35.04 63.12 -69.97
CA VAL Q 134 -36.27 63.22 -69.21
C VAL Q 134 -35.96 62.67 -67.85
N ALA Q 135 -36.19 63.45 -66.83
CA ALA Q 135 -36.08 63.02 -65.46
C ALA Q 135 -37.40 63.29 -64.79
N LYS Q 136 -37.70 62.47 -63.78
CA LYS Q 136 -38.83 62.64 -62.86
C LYS Q 136 -40.15 62.82 -63.59
N GLN Q 137 -40.57 61.74 -64.24
CA GLN Q 137 -41.68 61.73 -65.19
C GLN Q 137 -42.98 62.27 -64.57
N ALA Q 138 -43.81 62.84 -65.44
CA ALA Q 138 -45.04 63.54 -65.05
C ALA Q 138 -45.94 62.67 -64.19
N HIS Q 139 -46.64 63.30 -63.26
CA HIS Q 139 -47.35 62.50 -62.29
C HIS Q 139 -48.50 63.30 -61.70
N PHE Q 140 -49.47 62.59 -61.16
CA PHE Q 140 -50.53 63.26 -60.41
C PHE Q 140 -49.93 63.90 -59.18
N ILE Q 141 -50.14 65.18 -59.00
CA ILE Q 141 -49.69 65.81 -57.78
C ILE Q 141 -50.96 66.20 -57.04
N THR Q 142 -50.90 66.22 -55.73
CA THR Q 142 -51.98 66.86 -55.02
C THR Q 142 -51.71 68.35 -54.90
N THR Q 143 -50.82 68.68 -54.01
CA THR Q 143 -50.54 70.05 -53.75
C THR Q 143 -49.28 70.41 -54.49
N PRO Q 144 -49.30 71.50 -55.24
CA PRO Q 144 -48.18 71.86 -56.08
C PRO Q 144 -46.99 72.29 -55.24
N PRO Q 145 -45.79 72.20 -55.77
CA PRO Q 145 -44.61 72.47 -54.99
C PRO Q 145 -44.49 73.94 -54.63
N THR Q 146 -43.70 74.20 -53.61
CA THR Q 146 -43.41 75.56 -53.21
C THR Q 146 -41.94 75.79 -53.51
N TRP Q 147 -41.35 76.73 -52.82
CA TRP Q 147 -39.92 76.64 -52.66
C TRP Q 147 -39.49 76.20 -51.28
N ARG Q 148 -40.28 76.47 -50.26
CA ARG Q 148 -39.83 76.28 -48.88
C ARG Q 148 -39.58 74.84 -48.58
N GLN Q 149 -40.20 73.98 -49.36
CA GLN Q 149 -39.79 72.62 -49.52
C GLN Q 149 -38.34 72.47 -49.93
N TYR Q 150 -37.72 73.49 -50.54
CA TYR Q 150 -36.40 73.31 -51.13
C TYR Q 150 -35.40 74.27 -50.52
N LEU Q 151 -35.90 75.32 -49.93
CA LEU Q 151 -34.99 76.37 -49.54
C LEU Q 151 -35.05 76.71 -48.09
N TRP Q 152 -36.11 76.37 -47.39
CA TRP Q 152 -36.15 76.63 -45.97
C TRP Q 152 -35.08 75.82 -45.31
N MET Q 153 -33.98 76.49 -44.99
CA MET Q 153 -32.89 75.81 -44.34
C MET Q 153 -33.32 75.46 -42.94
N ASP Q 154 -32.91 74.31 -42.47
CA ASP Q 154 -33.22 73.92 -41.12
C ASP Q 154 -32.43 74.79 -40.19
N TYR Q 155 -33.07 75.16 -39.11
CA TYR Q 155 -32.38 75.84 -38.04
C TYR Q 155 -32.62 75.10 -36.75
N VAL Q 156 -31.55 74.72 -36.10
CA VAL Q 156 -31.60 74.32 -34.71
C VAL Q 156 -30.61 75.17 -33.96
N LYS Q 157 -30.80 75.30 -32.68
CA LYS Q 157 -29.84 76.06 -31.90
C LYS Q 157 -29.11 75.17 -30.92
N PRO Q 158 -27.82 74.94 -31.08
CA PRO Q 158 -27.03 74.40 -29.97
C PRO Q 158 -26.19 75.48 -29.31
N GLU Q 159 -26.16 75.46 -27.98
CA GLU Q 159 -25.11 76.11 -27.18
C GLU Q 159 -24.39 75.10 -26.30
N ALA Q 160 -24.30 73.85 -26.72
CA ALA Q 160 -23.76 72.78 -25.89
C ALA Q 160 -22.25 72.68 -26.07
N PRO Q 161 -21.45 72.96 -25.02
CA PRO Q 161 -20.01 72.77 -25.16
C PRO Q 161 -19.63 71.32 -24.96
N LYS Q 173 -6.78 78.29 -24.86
CA LYS Q 173 -7.63 79.38 -24.41
C LYS Q 173 -7.77 80.46 -25.49
N GLU Q 174 -6.67 81.05 -25.91
CA GLU Q 174 -6.77 81.90 -27.09
C GLU Q 174 -7.00 81.07 -28.33
N ILE Q 175 -6.52 79.82 -28.33
CA ILE Q 175 -6.88 78.91 -29.39
C ILE Q 175 -8.35 78.59 -29.34
N TRP Q 176 -8.92 78.53 -28.13
CA TRP Q 176 -10.36 78.37 -28.00
C TRP Q 176 -11.09 79.49 -28.69
N CYS Q 177 -10.71 80.73 -28.40
CA CYS Q 177 -11.47 81.85 -28.94
C CYS Q 177 -11.28 81.96 -30.45
N ILE Q 178 -10.04 81.84 -30.92
CA ILE Q 178 -9.83 82.05 -32.34
C ILE Q 178 -10.32 80.87 -33.17
N TYR Q 179 -10.30 79.64 -32.65
CA TYR Q 179 -10.76 78.58 -33.51
C TYR Q 179 -12.25 78.48 -33.46
N THR Q 180 -12.84 78.99 -32.40
CA THR Q 180 -14.26 79.16 -32.43
C THR Q 180 -14.68 80.19 -33.47
N GLU Q 181 -13.94 81.29 -33.63
CA GLU Q 181 -14.34 82.12 -34.76
C GLU Q 181 -13.99 81.52 -36.10
N ARG Q 182 -12.94 80.72 -36.15
CA ARG Q 182 -12.60 79.98 -37.35
C ARG Q 182 -13.78 79.16 -37.82
N GLY Q 183 -14.22 78.26 -36.95
CA GLY Q 183 -15.34 77.41 -37.27
C GLY Q 183 -16.61 78.21 -37.44
N TRP Q 184 -16.72 79.35 -36.74
CA TRP Q 184 -17.82 80.26 -36.96
C TRP Q 184 -17.91 80.66 -38.41
N LYS Q 185 -16.80 81.11 -38.98
CA LYS Q 185 -16.73 81.38 -40.41
C LYS Q 185 -16.99 80.16 -41.25
N ASN Q 186 -16.50 79.04 -40.78
CA ASN Q 186 -16.52 77.82 -41.57
C ASN Q 186 -17.92 77.29 -41.71
N GLY Q 187 -18.66 77.24 -40.60
CA GLY Q 187 -20.03 76.83 -40.66
C GLY Q 187 -20.86 77.79 -41.46
N ILE Q 188 -20.53 79.09 -41.35
CA ILE Q 188 -21.20 80.10 -42.17
C ILE Q 188 -21.09 79.74 -43.62
N ASP Q 189 -19.88 79.56 -44.11
CA ASP Q 189 -19.84 79.49 -45.54
C ASP Q 189 -20.12 78.10 -46.07
N GLN Q 190 -19.99 77.07 -45.24
CA GLN Q 190 -20.48 75.79 -45.72
C GLN Q 190 -22.00 75.82 -45.81
N ALA Q 191 -22.65 76.56 -44.92
CA ALA Q 191 -24.09 76.72 -45.04
C ALA Q 191 -24.43 77.51 -46.28
N ASN Q 192 -23.57 78.44 -46.64
CA ASN Q 192 -23.80 79.23 -47.84
C ASN Q 192 -23.75 78.36 -49.07
N THR Q 193 -22.79 77.47 -49.10
CA THR Q 193 -22.72 76.51 -50.18
C THR Q 193 -23.93 75.61 -50.20
N ILE Q 194 -24.38 75.23 -49.01
CA ILE Q 194 -25.56 74.39 -48.89
C ILE Q 194 -26.74 75.09 -49.51
N LEU Q 195 -26.90 76.34 -49.15
CA LEU Q 195 -27.90 77.22 -49.70
C LEU Q 195 -27.82 77.29 -51.20
N GLU Q 196 -26.62 77.47 -51.69
CA GLU Q 196 -26.35 77.56 -53.10
C GLU Q 196 -26.84 76.32 -53.82
N GLU Q 197 -26.59 75.18 -53.21
CA GLU Q 197 -27.01 73.93 -53.77
C GLU Q 197 -28.51 73.80 -53.76
N ASN Q 198 -29.14 74.36 -52.74
CA ASN Q 198 -30.59 74.30 -52.67
C ASN Q 198 -31.19 75.09 -53.81
N ILE Q 199 -30.58 76.22 -54.07
CA ILE Q 199 -31.00 77.08 -55.15
C ILE Q 199 -30.86 76.38 -56.46
N ALA Q 200 -29.73 75.71 -56.64
CA ALA Q 200 -29.48 75.02 -57.89
C ALA Q 200 -30.46 73.90 -58.10
N ARG Q 201 -30.87 73.27 -57.01
CA ARG Q 201 -31.85 72.22 -57.11
C ARG Q 201 -33.16 72.77 -57.58
N ILE Q 202 -33.54 73.92 -57.05
CA ILE Q 202 -34.83 74.43 -57.48
C ILE Q 202 -34.76 74.94 -58.90
N LYS Q 203 -33.57 75.42 -59.33
CA LYS Q 203 -33.37 75.77 -60.73
C LYS Q 203 -33.73 74.62 -61.61
N GLU Q 204 -32.98 73.55 -61.42
CA GLU Q 204 -32.96 72.46 -62.38
C GLU Q 204 -34.31 71.79 -62.42
N ASP Q 205 -35.02 71.82 -61.31
CA ASP Q 205 -36.42 71.47 -61.35
C ASP Q 205 -37.18 72.38 -62.27
N PHE Q 206 -37.11 73.67 -62.00
CA PHE Q 206 -38.08 74.57 -62.60
C PHE Q 206 -37.86 74.67 -64.08
N GLY Q 207 -36.59 74.81 -64.43
CA GLY Q 207 -36.17 74.75 -65.79
C GLY Q 207 -36.52 73.45 -66.44
N GLY Q 208 -36.49 72.36 -65.67
CA GLY Q 208 -36.85 71.10 -66.26
C GLY Q 208 -38.30 71.03 -66.70
N MET Q 209 -39.22 71.46 -65.84
CA MET Q 209 -40.61 71.40 -66.29
C MET Q 209 -40.90 72.45 -67.35
N ILE Q 210 -40.15 73.56 -67.32
CA ILE Q 210 -40.20 74.51 -68.41
C ILE Q 210 -39.91 73.82 -69.70
N LEU Q 211 -38.82 73.07 -69.71
CA LEU Q 211 -38.41 72.37 -70.90
C LEU Q 211 -39.38 71.29 -71.29
N TYR Q 212 -40.14 70.78 -70.34
CA TYR Q 212 -41.19 69.86 -70.74
C TYR Q 212 -42.22 70.58 -71.56
N ARG Q 213 -42.64 71.72 -71.06
CA ARG Q 213 -43.62 72.50 -71.79
C ARG Q 213 -43.03 72.99 -73.09
N LYS Q 214 -41.72 73.16 -73.09
CA LYS Q 214 -41.01 73.53 -74.30
C LYS Q 214 -41.12 72.47 -75.35
N LEU Q 215 -40.66 71.28 -75.06
CA LEU Q 215 -40.65 70.29 -76.12
C LEU Q 215 -42.00 69.75 -76.42
N LEU Q 216 -42.90 69.93 -75.48
CA LEU Q 216 -44.28 69.69 -75.79
C LEU Q 216 -44.74 70.73 -76.76
N ALA Q 217 -44.28 71.96 -76.60
CA ALA Q 217 -44.55 72.94 -77.61
C ALA Q 217 -43.75 72.67 -78.87
N MET Q 218 -42.70 71.91 -78.77
CA MET Q 218 -41.89 71.68 -79.93
C MET Q 218 -42.22 70.39 -80.62
N ASN Q 219 -43.25 69.71 -80.16
CA ASN Q 219 -43.57 68.35 -80.53
C ASN Q 219 -42.42 67.42 -80.25
N MET Q 220 -41.57 67.79 -79.32
CA MET Q 220 -40.40 66.99 -79.12
C MET Q 220 -40.60 66.06 -77.97
N VAL Q 221 -41.61 66.31 -77.16
CA VAL Q 221 -42.11 65.30 -76.24
C VAL Q 221 -43.60 65.17 -76.45
N SER Q 222 -44.14 64.15 -75.82
CA SER Q 222 -45.53 63.71 -75.90
C SER Q 222 -46.29 64.24 -74.68
N PRO Q 223 -47.62 64.31 -74.73
CA PRO Q 223 -48.37 64.69 -73.55
C PRO Q 223 -48.46 63.54 -72.57
N PRO Q 224 -48.94 63.80 -71.36
CA PRO Q 224 -49.51 62.70 -70.58
C PRO Q 224 -50.89 62.35 -71.13
N TYR Q 225 -50.97 61.18 -71.73
CA TYR Q 225 -52.20 60.64 -72.26
C TYR Q 225 -52.86 59.84 -71.15
N VAL Q 226 -54.05 60.25 -70.75
CA VAL Q 226 -54.69 59.64 -69.59
C VAL Q 226 -55.97 58.95 -70.01
N SER Q 227 -56.57 58.20 -69.09
CA SER Q 227 -57.96 57.78 -69.18
C SER Q 227 -58.59 58.02 -67.84
N HIS Q 228 -59.58 58.90 -67.82
CA HIS Q 228 -60.46 59.00 -66.66
C HIS Q 228 -61.64 58.10 -66.98
N THR Q 229 -61.79 57.05 -66.19
CA THR Q 229 -62.98 56.25 -66.26
C THR Q 229 -63.82 56.55 -65.05
N ASP Q 230 -65.11 56.74 -65.25
CA ASP Q 230 -65.96 57.15 -64.17
C ASP Q 230 -66.91 56.06 -63.79
N LEU Q 231 -67.37 56.10 -62.55
CA LEU Q 231 -68.30 55.17 -61.98
C LEU Q 231 -69.42 55.96 -61.33
N GLY Q 232 -70.61 55.41 -61.40
CA GLY Q 232 -71.77 56.07 -60.85
C GLY Q 232 -71.85 55.94 -59.36
N VAL Q 233 -73.04 55.70 -58.84
CA VAL Q 233 -73.17 55.38 -57.43
C VAL Q 233 -72.49 54.06 -57.18
N THR Q 234 -71.51 54.07 -56.30
CA THR Q 234 -70.79 52.86 -56.00
C THR Q 234 -70.89 52.61 -54.52
N GLY Q 235 -71.24 51.40 -54.17
CA GLY Q 235 -71.18 50.99 -52.80
C GLY Q 235 -72.45 50.32 -52.33
N ASP Q 236 -72.39 49.84 -51.11
CA ASP Q 236 -73.33 48.87 -50.58
C ASP Q 236 -74.35 49.55 -49.67
N GLY Q 237 -75.12 48.74 -48.94
CA GLY Q 237 -76.06 49.27 -48.00
C GLY Q 237 -75.43 49.95 -46.80
N SER Q 238 -74.16 49.70 -46.53
CA SER Q 238 -73.52 50.44 -45.46
C SER Q 238 -72.60 51.53 -45.95
N GLU Q 239 -72.13 51.43 -47.18
CA GLU Q 239 -71.23 52.44 -47.66
C GLU Q 239 -71.65 52.69 -49.08
N ILE Q 240 -71.85 53.92 -49.47
CA ILE Q 240 -71.94 54.21 -50.89
C ILE Q 240 -71.02 55.35 -51.24
N HIS Q 241 -70.74 55.44 -52.52
CA HIS Q 241 -70.10 56.61 -53.09
C HIS Q 241 -70.89 56.95 -54.32
N ILE Q 242 -71.43 58.15 -54.34
CA ILE Q 242 -72.37 58.56 -55.35
C ILE Q 242 -71.71 58.75 -56.70
N ASP Q 243 -70.48 59.26 -56.73
CA ASP Q 243 -69.74 59.25 -57.99
C ASP Q 243 -68.28 59.01 -57.77
N ASP Q 244 -67.78 57.93 -58.34
CA ASP Q 244 -66.38 57.58 -58.24
C ASP Q 244 -65.70 57.76 -59.58
N ARG Q 245 -64.98 58.84 -59.73
CA ARG Q 245 -64.06 58.91 -60.83
C ARG Q 245 -62.76 58.27 -60.41
N VAL Q 246 -62.19 57.48 -61.32
CA VAL Q 246 -60.83 57.03 -61.18
C VAL Q 246 -60.09 57.49 -62.42
N LEU Q 247 -58.88 57.94 -62.21
CA LEU Q 247 -58.09 58.51 -63.29
C LEU Q 247 -56.77 57.79 -63.33
N ARG Q 248 -56.51 57.15 -64.44
CA ARG Q 248 -55.21 56.60 -64.66
C ARG Q 248 -54.55 57.40 -65.73
N ILE Q 249 -53.26 57.56 -65.58
CA ILE Q 249 -52.45 58.20 -66.58
C ILE Q 249 -51.94 57.07 -67.43
N THR Q 250 -52.51 56.91 -68.61
CA THR Q 250 -52.17 55.77 -69.42
C THR Q 250 -50.76 55.90 -69.98
N ALA Q 251 -50.53 56.90 -70.82
CA ALA Q 251 -49.24 57.07 -71.47
C ALA Q 251 -48.53 58.30 -70.92
N LEU Q 252 -47.32 58.11 -70.42
CA LEU Q 252 -46.55 59.20 -69.85
C LEU Q 252 -45.99 60.11 -70.92
N PRO Q 253 -45.58 61.31 -70.56
CA PRO Q 253 -44.75 62.10 -71.45
C PRO Q 253 -43.44 61.38 -71.76
N GLU Q 254 -42.95 61.58 -72.98
CA GLU Q 254 -41.75 60.95 -73.49
C GLU Q 254 -41.26 61.68 -74.73
N LEU Q 255 -39.94 61.68 -74.93
CA LEU Q 255 -39.36 62.32 -76.10
C LEU Q 255 -39.70 61.55 -77.35
N ASN Q 256 -40.33 62.21 -78.32
CA ASN Q 256 -40.57 61.52 -79.56
C ASN Q 256 -39.27 61.40 -80.33
N VAL Q 257 -39.19 60.41 -81.20
CA VAL Q 257 -37.93 60.17 -81.88
C VAL Q 257 -38.03 60.43 -83.36
N ASN Q 258 -39.21 60.36 -83.94
CA ASN Q 258 -39.35 60.78 -85.31
C ASN Q 258 -39.40 62.30 -85.25
N SER Q 259 -38.28 62.90 -85.56
CA SER Q 259 -38.13 64.33 -85.45
C SER Q 259 -38.79 65.07 -86.59
N ALA Q 260 -39.22 64.36 -87.61
CA ALA Q 260 -39.88 64.95 -88.75
C ALA Q 260 -41.14 65.67 -88.36
N GLU Q 261 -41.77 65.23 -87.29
CA GLU Q 261 -43.05 65.74 -86.85
C GLU Q 261 -42.86 66.81 -85.82
N TRP Q 262 -41.66 67.31 -85.71
CA TRP Q 262 -41.40 68.31 -84.70
C TRP Q 262 -41.98 69.64 -85.08
N ARG Q 263 -41.67 70.62 -84.26
CA ARG Q 263 -42.25 71.93 -84.41
C ARG Q 263 -41.09 72.88 -84.21
N ALA Q 264 -40.71 73.59 -85.26
CA ALA Q 264 -39.53 74.43 -85.18
C ALA Q 264 -39.94 75.87 -85.41
N ALA Q 265 -39.95 76.63 -84.35
CA ALA Q 265 -40.51 77.97 -84.39
C ALA Q 265 -39.40 78.97 -84.69
N VAL Q 266 -39.57 79.69 -85.75
CA VAL Q 266 -38.77 80.88 -85.99
C VAL Q 266 -39.41 81.99 -85.20
N ALA Q 267 -38.64 82.97 -84.79
CA ALA Q 267 -39.22 84.08 -84.08
C ALA Q 267 -38.83 85.38 -84.75
N LYS Q 268 -39.48 86.47 -84.36
CA LYS Q 268 -39.29 87.75 -85.03
C LYS Q 268 -39.12 88.89 -84.02
N PHE R 25 -44.40 116.25 -43.82
CA PHE R 25 -43.23 115.55 -44.34
C PHE R 25 -43.46 114.03 -44.28
N LYS R 26 -43.05 113.34 -45.32
CA LYS R 26 -43.34 111.93 -45.46
C LYS R 26 -42.11 111.08 -45.21
N LYS R 27 -42.27 109.79 -45.44
CA LYS R 27 -41.29 108.76 -45.16
C LYS R 27 -41.05 108.00 -46.45
N PRO R 28 -39.94 107.27 -46.54
CA PRO R 28 -39.76 106.35 -47.65
C PRO R 28 -40.71 105.18 -47.53
N PRO R 29 -40.88 104.42 -48.60
CA PRO R 29 -41.67 103.20 -48.52
C PRO R 29 -41.03 102.20 -47.60
N ILE R 30 -41.81 101.17 -47.29
CA ILE R 30 -41.38 100.24 -46.27
C ILE R 30 -40.60 99.08 -46.90
N ASN R 31 -41.24 98.33 -47.79
CA ASN R 31 -40.56 97.22 -48.45
C ASN R 31 -39.94 97.64 -49.80
N ASN R 32 -39.29 98.78 -49.75
CA ASN R 32 -38.63 99.30 -50.94
C ASN R 32 -37.34 98.52 -51.20
N PRO R 33 -37.06 98.17 -52.43
CA PRO R 33 -35.78 97.55 -52.72
C PRO R 33 -34.69 98.61 -52.71
N SER R 34 -34.12 98.93 -51.55
CA SER R 34 -32.99 99.88 -51.48
C SER R 34 -31.69 99.13 -51.57
N ASP R 35 -31.75 97.96 -52.17
CA ASP R 35 -30.61 97.09 -52.20
C ASP R 35 -30.48 96.57 -53.61
N ASP R 36 -29.24 96.62 -54.06
CA ASP R 36 -28.92 96.43 -55.45
C ASP R 36 -29.29 95.06 -55.96
N ALA R 37 -29.25 94.03 -55.13
CA ALA R 37 -29.79 92.76 -55.58
C ALA R 37 -31.29 92.85 -55.69
N THR R 38 -31.90 93.50 -54.73
CA THR R 38 -33.31 93.38 -54.53
C THR R 38 -34.09 94.04 -55.61
N ILE R 39 -33.54 95.13 -56.13
CA ILE R 39 -34.17 95.75 -57.27
C ILE R 39 -34.21 94.77 -58.43
N LYS R 40 -33.12 94.05 -58.64
CA LYS R 40 -33.02 93.16 -59.77
C LYS R 40 -33.93 91.98 -59.57
N LEU R 41 -34.04 91.57 -58.31
CA LEU R 41 -35.00 90.54 -57.94
C LEU R 41 -36.40 90.93 -58.30
N ALA R 42 -36.80 92.12 -57.88
CA ALA R 42 -38.17 92.55 -57.98
C ALA R 42 -38.59 92.70 -59.42
N GLU R 43 -37.71 93.25 -60.23
CA GLU R 43 -38.09 93.31 -61.62
C GLU R 43 -38.02 91.95 -62.30
N ALA R 44 -37.13 91.09 -61.83
CA ALA R 44 -37.13 89.75 -62.36
C ALA R 44 -38.45 89.09 -62.07
N ALA R 45 -39.00 89.39 -60.90
CA ALA R 45 -40.32 88.92 -60.55
C ALA R 45 -41.37 89.46 -61.49
N VAL R 46 -41.25 90.72 -61.89
CA VAL R 46 -42.35 91.17 -62.71
C VAL R 46 -42.19 90.64 -64.12
N SER R 47 -40.96 90.37 -64.52
CA SER R 47 -40.70 89.76 -65.80
C SER R 47 -41.23 88.35 -65.85
N VAL R 48 -41.02 87.61 -64.78
CA VAL R 48 -41.56 86.27 -64.79
C VAL R 48 -43.06 86.34 -64.75
N SER R 49 -43.59 87.34 -64.05
CA SER R 49 -45.00 87.47 -63.86
C SER R 49 -45.71 87.68 -65.16
N ASP R 50 -45.32 88.72 -65.87
CA ASP R 50 -46.05 89.02 -67.07
C ASP R 50 -45.74 88.03 -68.15
N SER R 51 -44.55 87.48 -68.19
CA SER R 51 -44.30 86.50 -69.20
C SER R 51 -45.08 85.22 -68.97
N MET R 52 -45.27 84.85 -67.71
CA MET R 52 -46.29 83.87 -67.39
C MET R 52 -47.65 84.30 -67.86
N LEU R 53 -47.95 85.58 -67.68
CA LEU R 53 -49.24 86.07 -68.10
C LEU R 53 -49.46 85.87 -69.58
N GLU R 54 -48.44 86.12 -70.38
CA GLU R 54 -48.74 85.97 -71.78
C GLU R 54 -48.69 84.53 -72.24
N MET R 55 -47.89 83.70 -71.62
CA MET R 55 -47.98 82.32 -72.03
C MET R 55 -49.31 81.72 -71.61
N ALA R 56 -49.84 82.18 -70.49
CA ALA R 56 -51.20 81.84 -70.13
C ALA R 56 -52.19 82.43 -71.13
N LYS R 57 -51.88 83.62 -71.62
CA LYS R 57 -52.78 84.28 -72.53
C LYS R 57 -52.86 83.52 -73.83
N VAL R 58 -51.72 83.04 -74.28
CA VAL R 58 -51.73 82.31 -75.51
C VAL R 58 -52.22 80.89 -75.28
N GLU R 59 -52.14 80.40 -74.07
CA GLU R 59 -52.68 79.08 -73.85
C GLU R 59 -54.17 79.11 -73.54
N LYS R 60 -54.70 80.26 -73.22
CA LYS R 60 -56.04 80.33 -72.68
C LYS R 60 -57.03 80.22 -73.80
N VAL R 61 -57.63 79.05 -73.95
CA VAL R 61 -58.73 78.91 -74.89
C VAL R 61 -59.96 79.49 -74.23
N ILE R 62 -60.72 80.28 -74.97
CA ILE R 62 -62.01 80.74 -74.51
C ILE R 62 -63.03 80.48 -75.60
N THR R 63 -64.30 80.71 -75.27
CA THR R 63 -65.41 80.68 -76.20
C THR R 63 -66.06 82.05 -76.29
N PRO R 64 -66.62 82.41 -77.43
CA PRO R 64 -67.36 83.66 -77.51
C PRO R 64 -68.66 83.55 -76.75
N PRO R 65 -69.10 84.61 -76.08
CA PRO R 65 -70.41 84.59 -75.43
C PRO R 65 -71.56 84.52 -76.41
N SER R 66 -71.32 84.73 -77.70
CA SER R 66 -72.31 84.44 -78.71
C SER R 66 -72.34 82.97 -79.09
N LYS R 67 -71.28 82.23 -78.83
CA LYS R 67 -71.28 80.82 -79.15
C LYS R 67 -70.89 80.03 -77.92
N ASP R 68 -71.41 80.44 -76.78
CA ASP R 68 -71.14 79.75 -75.54
C ASP R 68 -72.11 78.60 -75.27
N ASN R 69 -73.23 78.55 -75.97
CA ASN R 69 -74.16 77.42 -76.09
C ASN R 69 -74.90 77.06 -74.79
N THR R 70 -74.71 77.80 -73.70
CA THR R 70 -75.39 77.45 -72.47
C THR R 70 -76.82 77.99 -72.48
N LEU R 71 -77.64 77.47 -71.58
CA LEU R 71 -79.05 77.80 -71.54
C LEU R 71 -79.26 79.24 -71.08
N THR R 72 -80.24 79.89 -71.66
CA THR R 72 -80.54 81.22 -71.19
C THR R 72 -81.51 81.19 -70.02
N ILE R 73 -81.75 82.36 -69.50
CA ILE R 73 -82.78 82.53 -68.49
C ILE R 73 -84.11 82.65 -69.24
N PRO R 74 -85.08 81.78 -68.94
CA PRO R 74 -86.32 81.73 -69.72
C PRO R 74 -87.34 82.75 -69.29
N ASN R 75 -87.01 83.57 -68.29
CA ASN R 75 -87.72 84.79 -67.87
C ASN R 75 -89.19 84.57 -67.52
N ALA R 76 -89.58 83.37 -67.11
CA ALA R 76 -90.95 83.19 -66.63
C ALA R 76 -91.04 83.56 -65.16
N TYR R 77 -92.14 84.20 -64.79
CA TYR R 77 -92.24 84.72 -63.43
C TYR R 77 -92.41 83.61 -62.42
N ASN R 78 -93.02 82.50 -62.80
CA ASN R 78 -93.02 81.36 -61.90
C ASN R 78 -91.64 80.72 -61.87
N LEU R 79 -90.84 80.93 -62.89
CA LEU R 79 -89.44 80.54 -62.81
C LEU R 79 -88.65 81.52 -61.98
N GLN R 80 -89.23 82.68 -61.66
CA GLN R 80 -88.58 83.70 -60.87
C GLN R 80 -88.74 83.45 -59.37
N ALA R 81 -88.86 82.21 -58.97
CA ALA R 81 -88.97 81.87 -57.57
C ALA R 81 -87.61 81.46 -57.03
N ARG R 82 -87.29 81.94 -55.84
CA ARG R 82 -86.03 81.60 -55.19
C ARG R 82 -86.17 80.34 -54.37
N ALA R 83 -85.48 79.29 -54.80
CA ALA R 83 -85.63 77.96 -54.26
C ALA R 83 -84.40 77.57 -53.43
N SER R 84 -84.35 76.32 -52.95
CA SER R 84 -83.21 75.87 -52.15
C SER R 84 -83.07 74.37 -52.26
N VAL R 85 -81.98 73.88 -52.85
CA VAL R 85 -81.81 72.44 -52.97
C VAL R 85 -80.39 72.06 -52.65
N ASP R 86 -80.20 71.05 -51.83
CA ASP R 86 -78.98 70.28 -51.88
C ASP R 86 -79.32 68.83 -52.10
N TRP R 87 -78.75 68.26 -53.14
CA TRP R 87 -79.05 66.90 -53.53
C TRP R 87 -78.01 66.49 -54.53
N SER R 88 -77.66 65.23 -54.49
CA SER R 88 -76.82 64.72 -55.53
C SER R 88 -77.49 63.54 -56.19
N GLY R 89 -77.41 63.48 -57.50
CA GLY R 89 -77.69 62.24 -58.16
C GLY R 89 -78.15 62.50 -59.56
N PRO R 90 -79.13 61.73 -60.02
CA PRO R 90 -79.51 61.79 -61.43
C PRO R 90 -80.61 62.80 -61.70
N ILE R 91 -80.54 63.35 -62.90
CA ILE R 91 -81.00 64.70 -63.15
C ILE R 91 -82.52 64.79 -63.20
N GLU R 92 -83.16 63.77 -63.76
CA GLU R 92 -84.50 63.92 -64.29
C GLU R 92 -85.54 63.97 -63.20
N GLU R 93 -85.28 63.29 -62.08
CA GLU R 93 -86.15 63.40 -60.93
C GLU R 93 -86.15 64.83 -60.38
N LEU R 94 -84.97 65.43 -60.31
CA LEU R 94 -84.86 66.77 -59.79
C LEU R 94 -85.52 67.75 -60.73
N THR R 95 -85.41 67.46 -62.01
CA THR R 95 -86.01 68.28 -63.03
C THR R 95 -87.52 68.27 -62.95
N ALA R 96 -88.08 67.08 -62.76
CA ALA R 96 -89.51 66.97 -62.58
C ALA R 96 -89.95 67.72 -61.35
N ARG R 97 -89.18 67.60 -60.27
CA ARG R 97 -89.54 68.27 -59.04
C ARG R 97 -89.48 69.78 -59.15
N ILE R 98 -88.48 70.32 -59.82
CA ILE R 98 -88.48 71.76 -59.96
C ILE R 98 -89.50 72.23 -60.98
N ALA R 99 -89.82 71.40 -61.98
CA ALA R 99 -90.84 71.79 -62.96
C ALA R 99 -92.17 71.95 -62.28
N LYS R 100 -92.50 70.99 -61.44
CA LYS R 100 -93.72 71.12 -60.70
C LYS R 100 -93.59 72.08 -59.54
N ALA R 101 -92.38 72.41 -59.13
CA ALA R 101 -92.22 73.52 -58.23
C ALA R 101 -92.59 74.82 -58.93
N ALA R 102 -92.20 74.94 -60.18
CA ALA R 102 -92.44 76.15 -60.92
C ALA R 102 -93.70 76.10 -61.72
N HIS R 103 -94.54 75.09 -61.47
CA HIS R 103 -95.78 74.84 -62.22
C HIS R 103 -95.47 74.69 -63.69
N PHE R 104 -94.42 73.97 -63.98
CA PHE R 104 -94.07 73.73 -65.35
C PHE R 104 -94.35 72.28 -65.67
N ARG R 105 -94.75 72.03 -66.90
CA ARG R 105 -94.81 70.66 -67.33
C ARG R 105 -93.39 70.22 -67.63
N PHE R 106 -93.16 68.92 -67.63
CA PHE R 106 -91.84 68.34 -67.81
C PHE R 106 -91.91 67.21 -68.80
N ARG R 107 -91.43 67.44 -70.00
CA ARG R 107 -91.18 66.32 -70.87
C ARG R 107 -89.69 66.05 -70.96
N VAL R 108 -89.39 64.81 -71.29
CA VAL R 108 -88.02 64.41 -71.48
C VAL R 108 -87.91 63.76 -72.84
N LEU R 109 -86.89 64.14 -73.59
CA LEU R 109 -86.64 63.53 -74.88
C LEU R 109 -85.29 62.85 -74.86
N GLY R 110 -85.10 61.91 -75.76
CA GLY R 110 -83.94 61.07 -75.70
C GLY R 110 -84.12 59.96 -74.67
N LYS R 111 -83.12 59.12 -74.58
CA LYS R 111 -83.15 57.95 -73.71
C LYS R 111 -82.20 58.17 -72.55
N SER R 112 -82.66 57.89 -71.37
CA SER R 112 -81.76 57.93 -70.24
C SER R 112 -80.87 56.70 -70.27
N PRO R 113 -79.57 56.86 -70.15
CA PRO R 113 -78.64 55.76 -70.38
C PRO R 113 -78.59 54.83 -69.18
N SER R 114 -77.86 53.74 -69.35
CA SER R 114 -77.65 52.80 -68.26
C SER R 114 -76.87 53.45 -67.13
N VAL R 115 -75.75 54.07 -67.45
CA VAL R 115 -75.20 54.97 -66.43
C VAL R 115 -76.01 56.25 -66.43
N PRO R 116 -76.45 56.71 -65.27
CA PRO R 116 -77.19 57.97 -65.22
C PRO R 116 -76.19 59.10 -65.23
N VAL R 117 -76.58 60.16 -65.88
CA VAL R 117 -75.85 61.40 -65.71
C VAL R 117 -76.21 61.98 -64.35
N LEU R 118 -75.18 62.35 -63.59
CA LEU R 118 -75.32 62.59 -62.18
C LEU R 118 -74.97 64.01 -61.86
N ILE R 119 -75.82 64.65 -61.09
CA ILE R 119 -75.56 66.02 -60.73
C ILE R 119 -75.46 66.05 -59.24
N SER R 120 -74.58 66.91 -58.75
CA SER R 120 -74.56 67.32 -57.36
C SER R 120 -74.86 68.80 -57.34
N ILE R 121 -75.78 69.21 -56.49
CA ILE R 121 -76.16 70.61 -56.36
C ILE R 121 -76.34 70.92 -54.90
N SER R 122 -75.72 71.99 -54.45
CA SER R 122 -75.81 72.39 -53.05
C SER R 122 -76.07 73.89 -53.00
N THR R 123 -77.28 74.28 -52.62
CA THR R 123 -77.62 75.68 -52.51
C THR R 123 -78.79 75.90 -51.57
N LYS R 124 -78.74 77.03 -50.90
CA LYS R 124 -79.70 77.34 -49.87
C LYS R 124 -80.65 78.47 -50.24
N ASP R 125 -80.34 79.26 -51.28
CA ASP R 125 -81.29 80.23 -51.85
C ASP R 125 -80.81 80.74 -53.19
N GLU R 126 -81.67 80.64 -54.20
CA GLU R 126 -81.38 80.97 -55.60
C GLU R 126 -82.61 80.72 -56.44
N SER R 127 -82.56 81.20 -57.66
CA SER R 127 -83.72 81.03 -58.52
C SER R 127 -83.61 79.81 -59.42
N LEU R 128 -84.75 79.18 -59.61
CA LEU R 128 -84.92 77.93 -60.33
C LEU R 128 -84.33 77.95 -61.73
N ALA R 129 -84.39 79.10 -62.38
CA ALA R 129 -83.70 79.24 -63.65
C ALA R 129 -82.21 79.09 -63.47
N GLU R 130 -81.67 79.58 -62.35
CA GLU R 130 -80.25 79.44 -62.21
C GLU R 130 -79.87 78.02 -61.88
N ILE R 131 -80.79 77.28 -61.27
CA ILE R 131 -80.60 75.84 -61.25
C ILE R 131 -80.51 75.29 -62.63
N LEU R 132 -81.48 75.65 -63.45
CA LEU R 132 -81.63 75.04 -64.76
C LEU R 132 -80.41 75.29 -65.63
N ARG R 133 -79.87 76.49 -65.50
CA ARG R 133 -78.62 76.81 -66.17
C ARG R 133 -77.48 75.98 -65.63
N ASP R 134 -77.40 75.84 -64.31
CA ASP R 134 -76.28 75.07 -63.76
C ASP R 134 -76.39 73.61 -64.14
N ILE R 135 -77.60 73.10 -64.17
CA ILE R 135 -77.75 71.69 -64.42
C ILE R 135 -77.64 71.40 -65.89
N ASP R 136 -77.93 72.37 -66.73
CA ASP R 136 -77.69 72.17 -68.13
C ASP R 136 -76.20 72.18 -68.38
N TYR R 137 -75.50 73.02 -67.63
CA TYR R 137 -74.05 73.07 -67.70
C TYR R 137 -73.44 71.76 -67.26
N GLN R 138 -73.92 71.23 -66.16
CA GLN R 138 -73.38 69.96 -65.74
C GLN R 138 -73.94 68.82 -66.54
N ALA R 139 -75.02 69.05 -67.26
CA ALA R 139 -75.50 68.07 -68.20
C ALA R 139 -74.54 67.96 -69.36
N GLY R 140 -74.07 69.11 -69.82
CA GLY R 140 -73.03 69.17 -70.82
C GLY R 140 -73.52 68.61 -72.12
N LYS R 141 -72.86 67.55 -72.57
CA LYS R 141 -73.15 66.99 -73.87
C LYS R 141 -73.86 65.66 -73.78
N LYS R 142 -73.91 65.06 -72.62
CA LYS R 142 -74.75 63.88 -72.49
C LYS R 142 -76.21 64.27 -72.52
N ALA R 143 -76.53 65.45 -72.01
CA ALA R 143 -77.91 65.88 -72.00
C ALA R 143 -77.96 67.40 -71.99
N SER R 144 -79.18 67.89 -72.16
CA SER R 144 -79.41 69.31 -72.28
C SER R 144 -80.78 69.66 -71.79
N ILE R 145 -80.94 70.92 -71.49
CA ILE R 145 -82.21 71.44 -71.04
C ILE R 145 -82.73 72.37 -72.08
N HIS R 146 -83.90 72.08 -72.58
CA HIS R 146 -84.65 73.14 -73.21
C HIS R 146 -85.84 73.50 -72.35
N VAL R 147 -86.41 74.65 -72.67
CA VAL R 147 -87.43 75.26 -71.86
C VAL R 147 -88.26 76.20 -72.72
N TYR R 148 -89.57 76.06 -72.62
CA TYR R 148 -90.51 76.85 -73.40
C TYR R 148 -91.48 77.50 -72.43
N PRO R 149 -91.28 78.77 -72.09
CA PRO R 149 -92.19 79.44 -71.17
C PRO R 149 -93.52 79.79 -71.81
N ASN R 150 -93.63 79.71 -73.13
CA ASN R 150 -94.91 79.96 -73.77
C ASN R 150 -95.88 78.82 -73.50
N SER R 151 -95.40 77.58 -73.58
CA SER R 151 -96.18 76.42 -73.19
C SER R 151 -95.81 75.92 -71.81
N GLN R 152 -94.94 76.66 -71.11
CA GLN R 152 -94.71 76.54 -69.67
C GLN R 152 -94.21 75.15 -69.29
N VAL R 153 -93.07 74.82 -69.87
CA VAL R 153 -92.56 73.46 -69.84
C VAL R 153 -91.03 73.49 -69.82
N VAL R 154 -90.45 72.57 -69.07
CA VAL R 154 -89.07 72.20 -69.29
C VAL R 154 -89.03 70.83 -69.96
N GLU R 155 -87.97 70.64 -70.71
CA GLU R 155 -87.77 69.39 -71.41
C GLU R 155 -86.31 69.01 -71.32
N LEU R 156 -86.08 67.79 -70.91
CA LEU R 156 -84.73 67.24 -70.87
C LEU R 156 -84.49 66.46 -72.14
N ARG R 157 -83.40 66.76 -72.82
CA ARG R 157 -83.06 66.03 -74.00
C ARG R 157 -81.72 65.33 -73.82
N TYR R 158 -81.72 64.06 -74.18
CA TYR R 158 -80.51 63.27 -74.10
C TYR R 158 -79.81 63.26 -75.43
N ALA R 159 -78.50 63.11 -75.40
CA ALA R 159 -77.70 63.09 -76.59
C ALA R 159 -76.46 62.27 -76.33
N ILE S 272 -57.29 48.74 -59.11
CA ILE S 272 -58.30 49.68 -58.69
C ILE S 272 -57.91 50.36 -57.42
N PRO S 273 -57.84 51.68 -57.46
CA PRO S 273 -57.50 52.46 -56.28
C PRO S 273 -58.57 52.36 -55.22
N PRO S 274 -58.23 52.66 -53.97
CA PRO S 274 -59.25 52.82 -52.94
C PRO S 274 -59.93 54.16 -53.07
N SER S 275 -61.17 54.20 -52.57
CA SER S 275 -62.02 55.37 -52.71
C SER S 275 -61.43 56.55 -51.98
N ALA S 276 -61.36 56.41 -50.68
CA ALA S 276 -60.66 57.26 -49.79
C ALA S 276 -60.50 56.45 -48.53
N ASN S 277 -60.10 57.09 -47.47
CA ASN S 277 -60.25 56.43 -46.21
C ASN S 277 -61.66 56.61 -45.74
N ASP S 278 -62.20 55.58 -45.14
CA ASP S 278 -63.37 55.84 -44.35
C ASP S 278 -63.03 56.45 -43.02
N LEU S 279 -61.77 56.36 -42.62
CA LEU S 279 -61.40 57.12 -41.44
C LEU S 279 -61.43 58.58 -41.72
N LEU S 280 -61.31 58.96 -42.99
CA LEU S 280 -61.68 60.32 -43.36
C LEU S 280 -63.10 60.62 -43.01
N LEU S 281 -64.01 59.64 -43.09
CA LEU S 281 -65.36 59.97 -42.73
C LEU S 281 -65.48 60.19 -41.24
N HIS S 282 -64.58 59.59 -40.46
CA HIS S 282 -64.59 59.80 -39.03
C HIS S 282 -63.95 61.11 -38.67
N VAL S 283 -62.81 61.38 -39.26
CA VAL S 283 -62.14 62.60 -38.90
C VAL S 283 -62.68 63.75 -39.70
N LEU S 284 -63.68 63.48 -40.53
CA LEU S 284 -64.44 64.53 -41.15
C LEU S 284 -65.08 65.39 -40.10
N GLU S 285 -65.61 64.76 -39.09
CA GLU S 285 -66.03 65.42 -37.89
C GLU S 285 -64.91 65.30 -36.87
N GLY S 286 -65.19 65.74 -35.68
CA GLY S 286 -64.12 65.83 -34.73
C GLY S 286 -63.75 64.57 -34.02
N VAL S 287 -64.19 63.39 -34.43
CA VAL S 287 -63.64 62.22 -33.73
C VAL S 287 -62.24 61.99 -34.25
N PRO S 288 -61.31 61.63 -33.38
CA PRO S 288 -60.08 61.04 -33.84
C PRO S 288 -60.38 59.66 -34.39
N PRO S 289 -59.47 59.11 -35.19
CA PRO S 289 -59.60 57.72 -35.57
C PRO S 289 -59.40 56.85 -34.33
N PRO S 290 -59.83 55.60 -34.39
CA PRO S 290 -59.47 54.65 -33.33
C PRO S 290 -57.96 54.52 -33.19
N GLY S 291 -57.51 54.54 -31.95
CA GLY S 291 -56.11 54.38 -31.63
C GLY S 291 -55.24 55.51 -32.10
N SER S 292 -55.58 56.73 -31.78
CA SER S 292 -54.85 57.82 -32.38
C SER S 292 -54.18 58.67 -31.32
N ARG S 293 -53.24 59.49 -31.75
CA ARG S 293 -52.58 60.33 -30.80
C ARG S 293 -52.90 61.75 -31.19
N ARG S 294 -53.37 62.52 -30.22
CA ARG S 294 -53.70 63.90 -30.48
C ARG S 294 -52.43 64.66 -30.74
N LEU S 295 -52.26 65.06 -31.98
CA LEU S 295 -51.10 65.84 -32.31
C LEU S 295 -51.35 67.25 -31.85
N VAL S 296 -50.42 67.73 -31.04
CA VAL S 296 -50.55 69.02 -30.39
C VAL S 296 -50.39 70.06 -31.47
N VAL S 297 -51.51 70.66 -31.85
CA VAL S 297 -51.50 71.68 -32.90
C VAL S 297 -51.35 73.03 -32.23
N SER S 298 -50.30 73.74 -32.60
CA SER S 298 -50.07 75.05 -32.01
C SER S 298 -50.04 76.10 -33.10
N GLY S 299 -50.90 77.11 -32.94
CA GLY S 299 -50.96 78.22 -33.85
C GLY S 299 -52.20 78.28 -34.72
N GLY S 300 -53.16 77.40 -34.53
CA GLY S 300 -54.25 77.31 -35.48
C GLY S 300 -55.33 76.39 -34.99
N ASP S 301 -56.39 76.29 -35.78
CA ASP S 301 -57.63 75.69 -35.34
C ASP S 301 -57.81 74.30 -35.91
N ALA S 302 -56.75 73.73 -36.42
CA ALA S 302 -56.96 72.49 -37.11
C ALA S 302 -56.58 71.44 -36.12
N ARG S 303 -57.25 70.31 -36.16
CA ARG S 303 -56.82 69.31 -35.20
C ARG S 303 -56.32 68.08 -35.92
N ALA S 304 -55.27 67.51 -35.35
CA ALA S 304 -54.53 66.48 -36.04
C ALA S 304 -54.38 65.28 -35.14
N TRP S 305 -54.52 64.13 -35.75
CA TRP S 305 -54.26 62.88 -35.08
C TRP S 305 -53.26 62.05 -35.84
N LEU S 306 -52.37 61.48 -35.07
CA LEU S 306 -51.46 60.48 -35.57
C LEU S 306 -52.21 59.17 -35.51
N SER S 307 -52.52 58.61 -36.66
CA SER S 307 -53.17 57.31 -36.66
C SER S 307 -52.12 56.23 -36.74
N ASN S 308 -51.42 56.15 -37.87
CA ASN S 308 -50.35 55.17 -38.06
C ASN S 308 -49.36 55.77 -39.06
N GLU S 309 -48.45 56.59 -38.53
CA GLU S 309 -47.55 57.51 -39.25
C GLU S 309 -48.34 58.59 -40.04
N LYS S 310 -49.63 58.43 -40.18
CA LYS S 310 -50.42 59.22 -41.09
C LYS S 310 -51.19 60.15 -40.19
N MET S 311 -50.89 61.41 -40.27
CA MET S 311 -51.81 62.28 -39.57
C MET S 311 -53.04 62.39 -40.42
N TYR S 312 -54.15 62.41 -39.74
CA TYR S 312 -55.39 62.81 -40.34
C TYR S 312 -55.63 64.14 -39.70
N VAL S 313 -55.82 65.15 -40.51
CA VAL S 313 -56.09 66.45 -39.94
C VAL S 313 -57.45 66.92 -40.43
N ARG S 314 -58.25 67.38 -39.49
CA ARG S 314 -59.45 68.11 -39.81
C ARG S 314 -59.05 69.57 -39.84
N THR S 315 -59.67 70.29 -40.74
CA THR S 315 -59.65 71.73 -40.70
C THR S 315 -60.76 72.25 -41.56
N ASN S 316 -60.83 73.56 -41.62
CA ASN S 316 -61.48 74.18 -42.75
C ASN S 316 -60.45 74.93 -43.59
N LEU S 317 -59.22 75.05 -43.13
CA LEU S 317 -58.20 75.83 -43.82
C LEU S 317 -57.66 75.08 -45.01
N THR S 318 -56.86 75.75 -45.81
CA THR S 318 -56.53 75.20 -47.12
C THR S 318 -55.12 74.67 -47.14
N ILE S 319 -54.98 73.35 -47.15
CA ILE S 319 -53.66 72.74 -46.97
C ILE S 319 -52.79 73.02 -48.18
N LEU S 320 -51.55 73.38 -47.91
CA LEU S 320 -50.66 73.84 -48.95
C LEU S 320 -49.41 73.00 -49.09
N SER S 321 -48.59 72.90 -48.05
CA SER S 321 -47.29 72.31 -48.35
C SER S 321 -47.31 70.80 -48.58
N PRO S 322 -47.74 69.96 -47.66
CA PRO S 322 -47.32 68.57 -47.76
C PRO S 322 -48.16 67.72 -48.70
N GLY S 323 -49.47 67.87 -48.79
CA GLY S 323 -50.21 67.02 -49.69
C GLY S 323 -50.53 65.67 -49.09
N TRP S 324 -51.78 65.32 -49.21
CA TRP S 324 -52.40 64.21 -48.50
C TRP S 324 -52.34 62.99 -49.38
N LEU S 325 -52.58 61.85 -48.78
CA LEU S 325 -52.98 60.78 -49.64
C LEU S 325 -54.44 60.80 -49.92
N ALA S 326 -55.21 61.27 -48.98
CA ALA S 326 -56.61 61.33 -49.32
C ALA S 326 -57.15 62.63 -48.80
N SER S 327 -57.95 63.25 -49.61
CA SER S 327 -58.57 64.46 -49.20
C SER S 327 -60.05 64.27 -49.21
N MET S 328 -60.69 65.17 -48.53
CA MET S 328 -61.96 64.92 -47.98
C MET S 328 -62.56 66.24 -47.59
N THR S 329 -63.81 66.42 -47.96
CA THR S 329 -64.42 67.53 -47.28
C THR S 329 -65.82 67.11 -46.93
N SER S 330 -66.42 67.90 -46.08
CA SER S 330 -67.70 67.61 -45.53
C SER S 330 -68.75 68.13 -46.47
N ALA S 331 -69.98 68.20 -46.00
CA ALA S 331 -70.95 68.99 -46.71
C ALA S 331 -70.64 70.48 -46.59
N ASP S 332 -70.04 70.90 -45.48
CA ASP S 332 -69.84 72.32 -45.26
C ASP S 332 -68.43 72.79 -45.54
N GLY S 333 -67.65 72.01 -46.28
CA GLY S 333 -66.30 72.45 -46.50
C GLY S 333 -65.33 72.08 -45.41
N THR S 334 -65.69 71.16 -44.55
CA THR S 334 -64.70 70.73 -43.59
C THR S 334 -63.81 69.69 -44.22
N HIS S 335 -62.54 69.98 -44.25
CA HIS S 335 -61.67 69.05 -44.88
C HIS S 335 -61.17 68.07 -43.87
N ALA S 336 -61.01 66.87 -44.34
CA ALA S 336 -60.13 65.92 -43.73
C ALA S 336 -59.07 65.59 -44.74
N TYR S 337 -57.84 65.55 -44.27
CA TYR S 337 -56.74 65.18 -45.11
C TYR S 337 -56.00 64.06 -44.42
N GLU S 338 -55.92 62.94 -45.11
CA GLU S 338 -55.12 61.81 -44.72
C GLU S 338 -53.76 62.08 -45.33
N MET S 339 -52.87 62.53 -44.47
CA MET S 339 -51.70 63.36 -44.70
C MET S 339 -50.48 62.67 -44.13
N GLN S 340 -49.41 62.80 -44.87
CA GLN S 340 -48.15 62.27 -44.45
C GLN S 340 -47.61 63.14 -43.34
N LYS S 341 -46.59 62.65 -42.67
CA LYS S 341 -46.29 63.28 -41.39
C LYS S 341 -45.48 64.54 -41.62
N SER S 342 -46.04 65.63 -41.22
CA SER S 342 -45.18 66.76 -41.19
C SER S 342 -45.06 67.25 -39.77
N PRO S 343 -43.90 67.76 -39.40
CA PRO S 343 -43.83 68.64 -38.24
C PRO S 343 -44.43 70.00 -38.50
N VAL S 344 -44.44 70.43 -39.75
CA VAL S 344 -44.71 71.81 -40.09
C VAL S 344 -45.74 71.83 -41.19
N LEU S 345 -46.80 72.57 -40.98
CA LEU S 345 -47.95 72.50 -41.86
C LEU S 345 -48.18 73.83 -42.50
N LEU S 346 -48.63 73.80 -43.73
CA LEU S 346 -48.90 75.03 -44.41
C LEU S 346 -50.35 75.11 -44.82
N VAL S 347 -51.01 76.16 -44.42
CA VAL S 347 -52.27 76.45 -45.06
C VAL S 347 -52.22 77.85 -45.59
N SER S 348 -53.12 78.13 -46.50
CA SER S 348 -53.47 79.49 -46.80
C SER S 348 -54.70 79.79 -45.99
N TRP S 349 -54.67 80.96 -45.39
CA TRP S 349 -55.70 81.41 -44.47
C TRP S 349 -56.68 82.28 -45.24
N HIS S 350 -56.19 83.38 -45.79
CA HIS S 350 -57.06 84.31 -46.49
C HIS S 350 -56.38 84.88 -47.70
N GLY S 351 -55.66 84.07 -48.45
CA GLY S 351 -54.68 84.61 -49.35
C GLY S 351 -53.39 85.01 -48.67
N LYS S 352 -53.43 85.22 -47.36
CA LYS S 352 -52.27 85.13 -46.50
C LYS S 352 -52.01 83.65 -46.26
N VAL S 353 -50.77 83.31 -45.97
CA VAL S 353 -50.35 81.92 -45.80
C VAL S 353 -49.76 81.73 -44.41
N MET S 354 -50.15 80.65 -43.76
CA MET S 354 -49.73 80.36 -42.40
C MET S 354 -48.93 79.07 -42.35
N GLN S 355 -47.75 79.19 -41.77
CA GLN S 355 -47.04 78.06 -41.20
C GLN S 355 -47.72 77.66 -39.92
N LEU S 356 -47.61 76.38 -39.57
CA LEU S 356 -48.21 75.85 -38.35
C LEU S 356 -47.32 74.77 -37.78
N LYS S 357 -47.05 74.83 -36.49
CA LYS S 357 -46.19 73.80 -35.91
C LYS S 357 -47.06 72.74 -35.25
N VAL S 358 -46.61 71.50 -35.33
CA VAL S 358 -47.24 70.44 -34.56
C VAL S 358 -46.23 69.88 -33.60
N GLU S 359 -46.73 69.17 -32.61
CA GLU S 359 -45.90 68.45 -31.66
C GLU S 359 -46.35 67.01 -31.68
N GLY S 360 -45.40 66.10 -31.70
CA GLY S 360 -45.71 64.69 -31.80
C GLY S 360 -46.20 64.40 -33.20
N LEU T 41 -41.18 81.47 -28.33
CA LEU T 41 -42.54 81.36 -27.85
C LEU T 41 -43.51 82.19 -28.71
N PRO T 42 -44.70 81.66 -28.93
CA PRO T 42 -45.71 82.39 -29.73
C PRO T 42 -46.22 83.64 -29.02
N CYS T 43 -47.01 84.43 -29.76
CA CYS T 43 -47.28 85.81 -29.38
C CYS T 43 -48.43 85.94 -28.38
N ARG T 44 -48.20 86.75 -27.34
CA ARG T 44 -49.31 87.37 -26.64
C ARG T 44 -49.80 88.54 -27.47
N VAL T 45 -48.99 89.58 -27.54
CA VAL T 45 -49.25 90.72 -28.40
C VAL T 45 -48.66 90.41 -29.75
N ASP T 46 -49.36 90.83 -30.78
CA ASP T 46 -48.82 90.79 -32.15
C ASP T 46 -48.08 92.09 -32.47
N GLY T 47 -47.13 92.43 -31.60
CA GLY T 47 -46.35 93.64 -31.73
C GLY T 47 -47.15 94.90 -31.59
N ALA T 48 -48.17 94.90 -30.74
CA ALA T 48 -49.01 96.08 -30.62
C ALA T 48 -49.53 96.16 -29.19
N CYS T 49 -49.97 97.35 -28.81
CA CYS T 49 -50.57 97.52 -27.51
C CYS T 49 -51.83 98.35 -27.64
N ASP T 50 -52.86 97.88 -26.95
CA ASP T 50 -54.14 98.54 -26.98
C ASP T 50 -54.07 99.92 -26.35
N ALA T 51 -53.12 100.11 -25.43
CA ALA T 51 -52.85 101.43 -24.87
C ALA T 51 -52.38 102.39 -25.94
N THR T 52 -51.51 101.93 -26.82
CA THR T 52 -51.09 102.77 -27.92
C THR T 52 -52.22 103.11 -28.84
N ILE T 53 -53.05 102.09 -29.10
CA ILE T 53 -54.26 102.24 -29.89
C ILE T 53 -55.15 103.33 -29.32
N ILE T 54 -55.42 103.28 -28.03
CA ILE T 54 -56.32 104.24 -27.47
C ILE T 54 -55.67 105.61 -27.35
N LYS T 55 -54.34 105.65 -27.17
CA LYS T 55 -53.61 106.90 -27.27
C LYS T 55 -53.83 107.56 -28.61
N MET T 56 -53.92 106.72 -29.66
CA MET T 56 -54.14 107.28 -30.98
C MET T 56 -55.50 107.94 -31.02
N MET T 57 -56.57 107.12 -30.79
CA MET T 57 -57.94 107.61 -31.02
C MET T 57 -58.25 108.83 -30.19
N THR T 58 -57.75 108.84 -28.94
CA THR T 58 -57.82 110.04 -28.13
C THR T 58 -57.21 111.22 -28.84
N ASP T 59 -55.98 111.09 -29.31
CA ASP T 59 -55.31 112.28 -29.78
C ASP T 59 -55.81 112.72 -31.14
N LEU T 60 -56.22 111.78 -31.98
CA LEU T 60 -56.66 112.13 -33.32
C LEU T 60 -58.12 112.49 -33.36
N ASN T 61 -58.82 112.26 -32.28
CA ASN T 61 -60.11 112.87 -32.20
C ASN T 61 -60.06 114.15 -31.41
N LYS T 62 -59.03 114.33 -30.58
CA LYS T 62 -58.64 115.66 -30.12
C LYS T 62 -58.30 116.53 -31.29
N LYS T 63 -57.63 115.94 -32.26
CA LYS T 63 -57.35 116.52 -33.55
C LYS T 63 -58.50 116.34 -34.51
N GLY T 64 -59.55 115.66 -34.09
CA GLY T 64 -60.82 115.74 -34.74
C GLY T 64 -60.99 114.80 -35.90
N ILE T 65 -59.94 114.15 -36.34
CA ILE T 65 -60.09 113.25 -37.48
C ILE T 65 -60.77 112.00 -36.97
N LYS T 66 -61.93 111.70 -37.52
CA LYS T 66 -62.90 111.01 -36.72
C LYS T 66 -62.73 109.51 -36.89
N VAL T 67 -62.56 108.84 -35.77
CA VAL T 67 -62.48 107.40 -35.73
C VAL T 67 -63.86 106.89 -35.32
N ALA T 68 -64.47 106.09 -36.16
CA ALA T 68 -65.56 105.24 -35.73
C ALA T 68 -65.01 103.89 -35.34
N SER T 69 -65.54 103.34 -34.26
CA SER T 69 -65.06 102.08 -33.75
C SER T 69 -66.27 101.28 -33.34
N VAL T 70 -66.87 100.60 -34.30
CA VAL T 70 -68.28 100.26 -34.22
C VAL T 70 -68.48 98.79 -34.53
N GLY T 71 -69.10 98.09 -33.58
CA GLY T 71 -69.24 96.66 -33.68
C GLY T 71 -67.88 96.05 -33.76
N GLN T 72 -67.55 95.52 -34.92
CA GLN T 72 -66.20 95.09 -35.13
C GLN T 72 -65.52 95.92 -36.20
N ASN T 73 -66.28 96.70 -36.94
CA ASN T 73 -65.69 97.43 -38.03
C ASN T 73 -65.23 98.79 -37.56
N TYR T 74 -64.15 99.25 -38.13
CA TYR T 74 -63.54 100.48 -37.68
C TYR T 74 -63.35 101.35 -38.90
N LEU T 75 -63.63 102.63 -38.72
CA LEU T 75 -63.75 103.59 -39.80
C LEU T 75 -63.02 104.84 -39.39
N ILE T 76 -62.40 105.52 -40.34
CA ILE T 76 -61.99 106.89 -40.12
C ILE T 76 -62.54 107.76 -41.22
N SER T 77 -63.24 108.80 -40.81
CA SER T 77 -63.69 109.85 -41.68
C SER T 77 -62.72 111.01 -41.50
N ILE T 78 -62.41 111.67 -42.60
CA ILE T 78 -61.44 112.74 -42.62
C ILE T 78 -62.04 113.84 -43.48
N PRO T 79 -61.98 115.10 -43.05
CA PRO T 79 -62.20 116.18 -43.99
C PRO T 79 -61.10 116.20 -45.03
N ALA T 80 -61.50 116.26 -46.30
CA ALA T 80 -60.50 116.31 -47.37
C ALA T 80 -59.76 117.62 -47.43
N SER T 81 -60.28 118.66 -46.76
CA SER T 81 -59.68 119.98 -46.80
C SER T 81 -58.31 120.02 -46.17
N ALA T 82 -58.10 119.21 -45.13
CA ALA T 82 -56.81 119.17 -44.51
C ALA T 82 -55.77 118.49 -45.38
N LEU T 83 -56.19 117.77 -46.42
CA LEU T 83 -55.30 116.92 -47.19
C LEU T 83 -55.11 117.37 -48.62
N PHE T 84 -56.16 117.34 -49.40
CA PHE T 84 -56.04 117.79 -50.77
C PHE T 84 -56.24 119.28 -50.77
N ALA T 85 -55.71 119.92 -51.79
CA ALA T 85 -56.04 121.32 -51.94
C ALA T 85 -57.36 121.40 -52.69
N ASP T 86 -57.77 122.63 -52.92
CA ASP T 86 -59.04 122.99 -53.50
C ASP T 86 -59.25 122.35 -54.88
N GLN T 87 -60.17 121.38 -54.93
CA GLN T 87 -60.51 120.61 -56.13
C GLN T 87 -59.32 119.88 -56.71
N SER T 88 -58.28 119.64 -55.90
CA SER T 88 -57.11 119.04 -56.46
C SER T 88 -57.10 117.62 -55.95
N PRO T 89 -56.65 116.71 -56.71
CA PRO T 89 -56.19 115.45 -56.14
C PRO T 89 -54.74 115.54 -55.73
N ARG T 90 -54.39 116.62 -55.06
CA ARG T 90 -53.01 116.90 -54.81
C ARG T 90 -52.84 117.19 -53.34
N LEU T 91 -51.97 116.42 -52.71
CA LEU T 91 -51.76 116.49 -51.29
C LEU T 91 -50.70 117.51 -50.98
N ASN T 92 -50.61 117.89 -49.71
CA ASN T 92 -49.53 118.77 -49.32
C ASN T 92 -48.54 118.07 -48.41
N TRP T 93 -47.76 118.90 -47.72
CA TRP T 93 -46.52 118.43 -47.13
C TRP T 93 -46.71 117.89 -45.74
N ALA T 94 -47.09 118.74 -44.80
CA ALA T 94 -47.14 118.41 -43.38
C ALA T 94 -48.23 117.43 -43.05
N SER T 95 -49.13 117.20 -44.00
CA SER T 95 -50.12 116.16 -43.97
C SER T 95 -49.54 114.78 -43.75
N TYR T 96 -48.35 114.54 -44.28
CA TYR T 96 -47.86 113.19 -44.37
C TYR T 96 -47.44 112.61 -43.05
N SER T 97 -47.11 113.44 -42.07
CA SER T 97 -46.98 112.96 -40.70
C SER T 97 -48.26 112.31 -40.23
N LEU T 98 -49.37 112.99 -40.50
CA LEU T 98 -50.66 112.49 -40.11
C LEU T 98 -51.03 111.26 -40.91
N LEU T 99 -50.75 111.27 -42.20
CA LEU T 99 -51.07 110.14 -43.06
C LEU T 99 -50.29 108.91 -42.68
N ASN T 100 -49.07 109.09 -42.28
CA ASN T 100 -48.28 107.93 -41.96
C ASN T 100 -48.62 107.42 -40.58
N GLU T 101 -49.04 108.29 -39.67
CA GLU T 101 -49.44 107.77 -38.38
C GLU T 101 -50.82 107.13 -38.44
N ILE T 102 -51.61 107.47 -39.46
CA ILE T 102 -52.73 106.62 -39.83
C ILE T 102 -52.26 105.23 -40.17
N ALA T 103 -51.29 105.11 -41.08
CA ALA T 103 -50.83 103.78 -41.47
C ALA T 103 -50.22 103.03 -40.30
N ALA T 104 -49.60 103.77 -39.39
CA ALA T 104 -49.11 103.23 -38.15
C ALA T 104 -50.22 102.63 -37.34
N PHE T 105 -51.35 103.30 -37.32
CA PHE T 105 -52.47 102.68 -36.65
C PHE T 105 -52.99 101.49 -37.44
N LEU T 106 -52.88 101.55 -38.76
CA LEU T 106 -53.42 100.48 -39.58
C LEU T 106 -52.68 99.19 -39.37
N LYS T 107 -51.42 99.29 -39.04
CA LYS T 107 -50.67 98.15 -38.59
C LYS T 107 -51.18 97.54 -37.30
N GLN T 108 -52.00 98.24 -36.53
CA GLN T 108 -52.33 97.69 -35.23
C GLN T 108 -53.28 96.51 -35.29
N PHE T 109 -53.84 96.19 -36.45
CA PHE T 109 -54.76 95.06 -36.47
C PHE T 109 -54.45 94.10 -37.57
N ARG T 110 -54.76 92.86 -37.32
CA ARG T 110 -54.78 91.88 -38.39
C ARG T 110 -56.02 92.26 -39.20
N LYS T 111 -55.86 92.45 -40.50
CA LYS T 111 -56.98 92.83 -41.35
C LYS T 111 -56.80 92.28 -42.75
N ILE T 112 -57.89 92.30 -43.50
CA ILE T 112 -57.96 91.63 -44.78
C ILE T 112 -58.11 92.60 -45.92
N ALA T 113 -59.18 93.37 -45.90
CA ALA T 113 -59.52 94.27 -46.99
C ALA T 113 -59.71 95.65 -46.40
N ILE T 114 -59.27 96.64 -47.12
CA ILE T 114 -59.46 98.02 -46.73
C ILE T 114 -60.17 98.73 -47.87
N THR T 115 -61.28 99.37 -47.55
CA THR T 115 -61.98 100.13 -48.57
C THR T 115 -61.80 101.61 -48.27
N VAL T 116 -61.39 102.35 -49.28
CA VAL T 116 -61.35 103.78 -49.18
C VAL T 116 -62.27 104.37 -50.23
N THR T 117 -63.09 105.30 -49.79
CA THR T 117 -63.84 106.14 -50.68
C THR T 117 -63.63 107.57 -50.27
N SER T 118 -63.86 108.45 -51.20
CA SER T 118 -63.77 109.87 -50.88
C SER T 118 -64.98 110.54 -51.47
N TYR T 119 -65.36 111.66 -50.89
CA TYR T 119 -66.47 112.40 -51.40
C TYR T 119 -66.11 113.85 -51.49
N SER T 120 -66.67 114.50 -52.50
CA SER T 120 -66.39 115.90 -52.69
C SER T 120 -67.67 116.64 -52.99
N SER T 121 -67.79 117.82 -52.41
CA SER T 121 -68.89 118.72 -52.70
C SER T 121 -68.93 119.04 -54.19
N LYS T 122 -70.15 119.11 -54.71
CA LYS T 122 -70.38 119.15 -56.15
C LYS T 122 -69.85 120.45 -56.71
N TYR T 123 -68.94 120.35 -57.66
CA TYR T 123 -68.22 121.53 -58.08
C TYR T 123 -68.52 121.94 -59.51
N VAL T 124 -68.24 121.09 -60.49
CA VAL T 124 -68.48 121.48 -61.86
C VAL T 124 -69.29 120.44 -62.62
N SER T 125 -68.79 119.22 -62.73
CA SER T 125 -69.45 118.29 -63.63
C SER T 125 -69.26 116.88 -63.14
N VAL T 126 -70.37 116.13 -63.15
CA VAL T 126 -70.53 114.91 -62.38
C VAL T 126 -69.45 113.90 -62.67
N LYS T 127 -69.00 113.91 -63.91
CA LYS T 127 -67.80 113.25 -64.34
C LYS T 127 -66.61 113.73 -63.53
N ARG T 128 -66.43 115.04 -63.33
CA ARG T 128 -65.18 115.40 -62.70
C ARG T 128 -65.25 115.31 -61.20
N GLU T 129 -66.43 115.35 -60.59
CA GLU T 129 -66.32 115.14 -59.16
C GLU T 129 -66.13 113.67 -58.86
N ARG T 130 -66.74 112.81 -59.68
CA ARG T 130 -66.31 111.42 -59.73
C ARG T 130 -64.83 111.28 -59.91
N ALA T 131 -64.29 112.01 -60.87
CA ALA T 131 -62.88 111.90 -61.16
C ALA T 131 -62.04 112.43 -60.04
N LEU T 132 -62.44 113.55 -59.44
CA LEU T 132 -61.61 114.19 -58.45
C LEU T 132 -61.56 113.33 -57.22
N THR T 133 -62.71 112.84 -56.80
CA THR T 133 -62.76 111.90 -55.72
C THR T 133 -62.01 110.63 -56.02
N LEU T 134 -62.17 110.10 -57.23
CA LEU T 134 -61.55 108.85 -57.61
C LEU T 134 -60.05 108.95 -57.61
N ALA T 135 -59.55 110.07 -58.11
CA ALA T 135 -58.14 110.32 -58.08
C ALA T 135 -57.65 110.56 -56.67
N ARG T 136 -58.44 111.28 -55.87
CA ARG T 136 -58.06 111.58 -54.50
C ARG T 136 -57.90 110.31 -53.70
N SER T 137 -58.88 109.43 -53.88
CA SER T 137 -58.88 108.11 -53.28
C SER T 137 -57.69 107.30 -53.74
N ARG T 138 -57.47 107.25 -55.04
CA ARG T 138 -56.42 106.40 -55.53
C ARG T 138 -55.05 106.92 -55.17
N VAL T 139 -54.89 108.23 -54.94
CA VAL T 139 -53.55 108.70 -54.64
C VAL T 139 -53.23 108.48 -53.17
N VAL T 140 -54.21 108.64 -52.29
CA VAL T 140 -53.87 108.34 -50.92
C VAL T 140 -53.80 106.83 -50.71
N SER T 141 -54.54 106.08 -51.52
CA SER T 141 -54.48 104.64 -51.48
C SER T 141 -53.16 104.12 -51.96
N GLU T 142 -52.67 104.69 -53.06
CA GLU T 142 -51.34 104.38 -53.54
C GLU T 142 -50.33 104.65 -52.45
N TYR T 143 -50.48 105.79 -51.77
CA TYR T 143 -49.50 106.13 -50.76
C TYR T 143 -49.52 105.16 -49.61
N LEU T 144 -50.67 104.79 -49.15
CA LEU T 144 -50.60 103.93 -48.00
C LEU T 144 -50.37 102.48 -48.37
N TRP T 145 -50.76 102.07 -49.58
CA TRP T 145 -50.37 100.76 -50.06
C TRP T 145 -48.89 100.62 -50.18
N SER T 146 -48.26 101.67 -50.66
CA SER T 146 -46.82 101.74 -50.63
C SER T 146 -46.33 101.72 -49.22
N GLN T 147 -47.07 102.37 -48.33
CA GLN T 147 -46.70 102.37 -46.94
C GLN T 147 -47.08 101.01 -46.35
N GLY T 148 -47.12 100.94 -45.04
CA GLY T 148 -47.51 99.70 -44.44
C GLY T 148 -48.97 99.38 -44.64
N VAL T 149 -49.25 98.43 -45.52
CA VAL T 149 -50.56 97.80 -45.61
C VAL T 149 -50.46 96.36 -45.22
N ASP T 150 -51.34 96.00 -44.31
CA ASP T 150 -51.49 94.63 -43.90
C ASP T 150 -52.75 94.05 -44.48
N SER T 151 -53.43 94.82 -45.31
CA SER T 151 -54.56 94.29 -46.01
C SER T 151 -54.11 93.34 -47.09
N ARG T 152 -55.01 92.45 -47.48
CA ARG T 152 -54.75 91.75 -48.71
C ARG T 152 -55.31 92.51 -49.89
N ILE T 153 -56.39 93.22 -49.67
CA ILE T 153 -57.11 93.89 -50.74
C ILE T 153 -57.32 95.33 -50.33
N ILE T 154 -57.12 96.25 -51.25
CA ILE T 154 -57.61 97.59 -51.06
C ILE T 154 -58.54 97.92 -52.21
N PHE T 155 -59.81 98.12 -51.88
CA PHE T 155 -60.77 98.66 -52.81
C PHE T 155 -60.76 100.18 -52.71
N THR T 156 -60.83 100.86 -53.84
CA THR T 156 -60.78 102.31 -53.84
C THR T 156 -61.76 102.91 -54.85
N GLN T 157 -62.46 103.96 -54.37
CA GLN T 157 -63.31 104.82 -55.17
C GLN T 157 -63.73 106.06 -54.38
N GLY T 158 -64.51 106.90 -55.04
CA GLY T 158 -65.04 108.09 -54.41
C GLY T 158 -66.11 108.66 -55.31
N LEU T 159 -67.04 109.39 -54.72
CA LEU T 159 -68.14 109.94 -55.47
C LEU T 159 -68.31 111.43 -55.18
N GLY T 160 -68.95 112.12 -56.11
CA GLY T 160 -69.03 113.54 -55.94
C GLY T 160 -70.07 113.99 -54.93
N SER T 161 -69.85 113.65 -53.65
CA SER T 161 -70.81 113.84 -52.57
C SER T 161 -72.21 113.41 -52.97
N ASP T 162 -72.30 112.27 -53.65
CA ASP T 162 -73.57 111.77 -54.10
C ASP T 162 -74.42 111.32 -52.94
N LYS T 163 -73.77 111.11 -51.81
CA LYS T 163 -74.37 110.76 -50.56
C LYS T 163 -73.80 111.72 -49.55
N PRO T 164 -74.25 112.96 -49.56
CA PRO T 164 -73.74 113.94 -48.61
C PRO T 164 -74.25 113.58 -47.23
N ILE T 165 -73.36 113.66 -46.24
CA ILE T 165 -73.78 113.37 -44.88
C ILE T 165 -74.29 114.60 -44.18
N THR T 166 -74.01 115.77 -44.72
CA THR T 166 -74.76 116.94 -44.35
C THR T 166 -75.35 117.52 -45.61
N SER T 167 -76.47 118.18 -45.46
CA SER T 167 -76.93 119.06 -46.50
C SER T 167 -76.69 120.52 -46.17
N TYR T 168 -76.16 120.81 -44.98
CA TYR T 168 -75.55 122.12 -44.81
C TYR T 168 -74.36 122.22 -45.75
N THR T 169 -74.51 123.06 -46.75
CA THR T 169 -73.69 123.03 -47.95
C THR T 169 -72.91 124.32 -48.10
N LEU T 170 -72.24 124.70 -46.99
CA LEU T 170 -71.58 125.98 -46.76
C LEU T 170 -70.70 126.44 -47.92
N GLY T 171 -70.16 125.52 -48.71
CA GLY T 171 -69.55 125.86 -49.97
C GLY T 171 -69.04 124.63 -50.69
N GLY T 172 -67.84 124.77 -51.22
CA GLY T 172 -67.22 123.68 -51.93
C GLY T 172 -66.32 122.93 -50.99
N ASP T 173 -65.02 123.24 -51.04
CA ASP T 173 -64.05 122.37 -50.41
C ASP T 173 -63.77 122.75 -48.97
N ARG T 174 -64.61 123.55 -48.35
CA ARG T 174 -64.61 123.54 -46.91
C ARG T 174 -65.79 122.80 -46.33
N SER T 175 -66.62 122.21 -47.18
CA SER T 175 -67.67 121.34 -46.70
C SER T 175 -67.09 120.07 -46.11
N PRO T 176 -67.71 119.52 -45.06
CA PRO T 176 -67.40 118.16 -44.67
C PRO T 176 -67.85 117.12 -45.68
N ASN T 177 -68.69 117.45 -46.65
CA ASN T 177 -68.97 116.47 -47.69
C ASN T 177 -67.80 116.33 -48.63
N ALA T 178 -66.88 117.28 -48.62
CA ALA T 178 -65.53 117.05 -49.08
C ALA T 178 -64.79 116.35 -47.96
N ARG T 179 -64.36 115.12 -48.21
CA ARG T 179 -64.04 114.16 -47.19
C ARG T 179 -63.44 112.94 -47.83
N VAL T 180 -62.85 112.12 -47.01
CA VAL T 180 -62.33 110.84 -47.42
C VAL T 180 -62.47 109.90 -46.25
N GLU T 181 -62.82 108.67 -46.55
CA GLU T 181 -63.28 107.74 -45.56
C GLU T 181 -62.68 106.37 -45.82
N ILE T 182 -62.30 105.71 -44.75
CA ILE T 182 -61.64 104.41 -44.82
C ILE T 182 -62.35 103.48 -43.88
N THR T 183 -62.81 102.36 -44.40
CA THR T 183 -63.41 101.33 -43.59
C THR T 183 -62.54 100.10 -43.61
N PHE T 184 -62.56 99.38 -42.50
CA PHE T 184 -62.13 98.00 -42.48
C PHE T 184 -62.89 97.31 -41.37
N ARG T 185 -62.80 95.99 -41.38
CA ARG T 185 -63.16 95.18 -40.23
C ARG T 185 -61.91 94.53 -39.69
N ARG T 186 -61.65 94.73 -38.39
CA ARG T 186 -60.49 94.12 -37.76
C ARG T 186 -60.64 92.62 -37.82
N ALA T 187 -59.74 91.97 -38.53
CA ALA T 187 -59.85 90.54 -38.73
C ALA T 187 -59.47 89.85 -37.43
N VAL T 188 -60.44 89.11 -36.88
CA VAL T 188 -60.37 88.24 -35.70
C VAL T 188 -59.58 88.79 -34.52
N UNK U 1 -65.49 150.55 -105.08
CA UNK U 1 -65.01 150.41 -103.71
C UNK U 1 -64.72 148.95 -103.37
N UNK U 2 -65.77 148.14 -103.22
CA UNK U 2 -65.63 146.77 -102.77
C UNK U 2 -65.14 145.86 -103.89
N UNK U 3 -65.20 144.55 -103.65
CA UNK U 3 -64.76 143.59 -104.65
C UNK U 3 -65.99 142.82 -105.12
N UNK U 4 -66.47 143.18 -106.31
CA UNK U 4 -67.67 142.59 -106.90
C UNK U 4 -67.45 142.37 -108.40
N UNK U 5 -66.92 141.21 -108.75
CA UNK U 5 -66.82 140.76 -110.14
C UNK U 5 -66.74 139.24 -110.13
N UNK U 6 -67.22 138.64 -111.22
CA UNK U 6 -66.98 137.22 -111.51
C UNK U 6 -66.23 137.22 -112.83
N UNK U 7 -64.92 137.46 -112.74
CA UNK U 7 -64.12 137.91 -113.85
C UNK U 7 -62.69 137.49 -113.61
N UNK U 8 -61.76 138.17 -114.25
CA UNK U 8 -60.37 138.19 -113.83
C UNK U 8 -60.12 139.60 -113.30
N UNK U 9 -60.39 139.82 -112.00
CA UNK U 9 -59.99 141.08 -111.39
C UNK U 9 -58.48 141.21 -111.38
N UNK U 10 -57.79 140.12 -111.05
CA UNK U 10 -56.39 139.80 -111.36
C UNK U 10 -55.36 140.67 -110.65
N UNK U 11 -55.79 141.79 -110.08
CA UNK U 11 -54.87 142.78 -109.54
C UNK U 11 -55.69 143.58 -108.54
N UNK U 12 -55.56 143.21 -107.28
CA UNK U 12 -56.13 143.99 -106.21
C UNK U 12 -55.13 143.91 -105.08
N UNK U 13 -54.16 144.81 -105.10
CA UNK U 13 -53.36 145.14 -103.93
C UNK U 13 -53.97 146.38 -103.29
N UNK U 14 -55.25 146.24 -102.95
CA UNK U 14 -56.09 147.38 -102.57
C UNK U 14 -56.91 147.02 -101.35
N UNK U 15 -57.17 148.01 -100.49
CA UNK U 15 -58.00 147.85 -99.30
C UNK U 15 -59.38 148.45 -99.58
N UNK U 16 -60.42 147.69 -99.23
CA UNK U 16 -61.79 148.09 -99.50
C UNK U 16 -62.29 149.13 -98.49
N UNK U 17 -63.49 149.65 -98.75
CA UNK U 17 -64.01 150.88 -98.17
C UNK U 17 -64.92 150.64 -96.97
N UNK U 18 -65.51 151.73 -96.48
CA UNK U 18 -66.64 151.64 -95.57
C UNK U 18 -67.86 151.18 -96.35
N UNK U 19 -68.62 150.30 -95.70
CA UNK U 19 -69.76 149.59 -96.30
C UNK U 19 -69.36 148.90 -97.59
N UNK U 20 -68.19 148.27 -97.59
CA UNK U 20 -67.70 147.61 -98.79
C UNK U 20 -68.04 146.12 -98.72
N UNK U 21 -69.10 145.77 -99.43
CA UNK U 21 -69.54 144.38 -99.53
C UNK U 21 -68.69 143.69 -100.60
N UNK U 22 -67.47 143.33 -100.22
CA UNK U 22 -66.53 142.70 -101.14
C UNK U 22 -66.97 141.25 -101.32
N UNK U 23 -67.94 141.05 -102.19
CA UNK U 23 -68.50 139.74 -102.51
C UNK U 23 -67.96 139.19 -103.82
N UNK U 24 -66.64 139.05 -103.92
CA UNK U 24 -66.03 138.77 -105.22
C UNK U 24 -66.17 137.30 -105.62
N UNK U 25 -66.23 137.09 -106.94
CA UNK U 25 -66.06 135.79 -107.56
C UNK U 25 -65.07 135.88 -108.71
N UNK U 26 -64.26 136.93 -108.73
CA UNK U 26 -63.36 137.19 -109.85
C UNK U 26 -62.01 136.55 -109.63
N UNK U 27 -61.31 136.28 -110.72
CA UNK U 27 -59.95 135.77 -110.63
C UNK U 27 -59.06 136.94 -110.23
N UNK U 28 -58.54 136.89 -109.01
CA UNK U 28 -57.61 137.89 -108.49
C UNK U 28 -56.26 137.21 -108.32
N UNK U 29 -55.40 137.37 -109.32
CA UNK U 29 -54.08 136.75 -109.28
C UNK U 29 -53.21 137.42 -108.25
N UNK U 30 -53.02 138.73 -108.36
CA UNK U 30 -52.39 139.50 -107.30
C UNK U 30 -53.49 139.89 -106.31
N UNK U 31 -53.80 138.95 -105.43
CA UNK U 31 -54.87 139.14 -104.47
C UNK U 31 -54.30 139.49 -103.11
N UNK U 32 -54.65 140.66 -102.61
CA UNK U 32 -54.35 141.07 -101.25
C UNK U 32 -55.46 142.02 -100.84
N UNK U 33 -56.48 141.48 -100.17
CA UNK U 33 -57.70 142.22 -99.88
C UNK U 33 -57.83 142.47 -98.38
N UNK U 34 -57.49 143.68 -97.95
CA UNK U 34 -57.69 144.10 -96.58
C UNK U 34 -58.94 144.98 -96.48
N UNK U 35 -60.10 144.34 -96.60
CA UNK U 35 -61.39 145.04 -96.59
C UNK U 35 -61.66 145.65 -95.22
N UNK U 36 -62.45 146.74 -95.20
CA UNK U 36 -62.58 147.53 -93.99
C UNK U 36 -63.95 147.46 -93.33
N UNK U 37 -65.04 147.41 -94.09
CA UNK U 37 -66.34 147.41 -93.45
C UNK U 37 -67.31 146.69 -94.36
N UNK U 38 -68.24 145.98 -93.72
CA UNK U 38 -69.24 145.14 -94.37
C UNK U 38 -68.63 144.13 -95.31
N UNK U 39 -67.46 143.59 -94.94
CA UNK U 39 -66.73 142.68 -95.80
C UNK U 39 -67.53 141.39 -95.98
N UNK U 40 -67.78 141.03 -97.22
CA UNK U 40 -68.83 140.09 -97.57
C UNK U 40 -68.28 139.00 -98.46
N UNK U 41 -67.13 138.44 -98.08
CA UNK U 41 -66.38 137.50 -98.88
C UNK U 41 -67.14 136.18 -99.07
N UNK U 42 -67.28 135.77 -100.33
CA UNK U 42 -67.79 134.44 -100.71
C UNK U 42 -67.21 134.12 -102.09
N UNK U 43 -66.12 133.36 -102.12
CA UNK U 43 -65.40 133.17 -103.37
C UNK U 43 -64.97 131.72 -103.56
N UNK U 44 -64.74 131.36 -104.83
CA UNK U 44 -64.27 130.04 -105.23
C UNK U 44 -63.05 130.25 -106.13
N UNK U 45 -61.87 130.37 -105.53
CA UNK U 45 -60.68 130.71 -106.26
C UNK U 45 -59.44 130.10 -105.60
N UNK U 46 -58.28 130.63 -105.98
CA UNK U 46 -57.01 130.24 -105.39
C UNK U 46 -56.17 131.50 -105.23
N UNK U 47 -56.03 131.98 -104.00
CA UNK U 47 -55.31 133.21 -103.72
C UNK U 47 -53.82 132.98 -103.56
N UNK U 48 -53.45 131.81 -103.05
CA UNK U 48 -52.10 131.27 -102.87
C UNK U 48 -51.28 132.02 -101.83
N UNK U 49 -51.71 133.19 -101.39
CA UNK U 49 -50.96 133.93 -100.39
C UNK U 49 -51.86 134.80 -99.53
N UNK U 50 -53.07 134.35 -99.22
CA UNK U 50 -54.01 135.25 -98.56
C UNK U 50 -53.56 135.47 -97.12
N UNK U 51 -52.98 136.63 -96.92
CA UNK U 51 -52.70 137.14 -95.59
C UNK U 51 -53.79 138.16 -95.33
N UNK U 52 -54.93 137.66 -94.91
CA UNK U 52 -56.10 138.50 -94.74
C UNK U 52 -56.10 139.17 -93.37
N UNK U 53 -56.49 140.43 -93.35
CA UNK U 53 -56.82 141.16 -92.13
C UNK U 53 -58.31 141.46 -92.15
N UNK U 54 -58.96 141.38 -90.99
CA UNK U 54 -60.42 141.53 -90.95
C UNK U 54 -60.85 142.47 -89.84
N UNK U 55 -61.63 143.49 -90.22
CA UNK U 55 -62.35 144.37 -89.30
C UNK U 55 -63.79 143.86 -89.14
N UNK U 56 -64.65 144.68 -88.54
CA UNK U 56 -66.00 144.26 -88.19
C UNK U 56 -66.87 144.05 -89.41
N UNK U 57 -67.96 143.28 -89.21
CA UNK U 57 -68.90 142.86 -90.24
C UNK U 57 -68.20 142.15 -91.38
N UNK U 58 -67.23 141.33 -91.03
CA UNK U 58 -66.51 140.54 -92.03
C UNK U 58 -67.14 139.16 -92.00
N UNK U 59 -68.20 139.01 -92.76
CA UNK U 59 -68.69 137.71 -93.16
C UNK U 59 -67.75 137.22 -94.24
N UNK U 60 -67.06 136.12 -93.98
CA UNK U 60 -66.08 135.62 -94.92
C UNK U 60 -66.37 134.16 -95.20
N UNK U 61 -66.19 133.77 -96.46
CA UNK U 61 -66.48 132.41 -96.92
C UNK U 61 -65.65 132.16 -98.17
N UNK U 62 -64.68 131.25 -98.06
CA UNK U 62 -63.68 131.14 -99.11
C UNK U 62 -63.22 129.69 -99.33
N UNK U 63 -62.78 129.42 -100.57
CA UNK U 63 -62.14 128.17 -100.97
C UNK U 63 -60.77 128.40 -101.58
N UNK U 64 -60.05 129.41 -101.11
CA UNK U 64 -58.76 129.80 -101.65
C UNK U 64 -57.70 129.75 -100.55
N UNK U 65 -56.44 129.64 -100.97
CA UNK U 65 -55.36 129.41 -100.04
C UNK U 65 -55.03 130.67 -99.24
N UNK U 66 -55.02 130.53 -97.93
CA UNK U 66 -54.64 131.63 -97.06
C UNK U 66 -53.29 131.34 -96.43
N UNK U 67 -52.62 132.40 -96.07
CA UNK U 67 -51.34 132.27 -95.41
C UNK U 67 -51.36 132.84 -94.02
N UNK U 68 -51.99 133.98 -93.85
CA UNK U 68 -52.05 134.59 -92.53
C UNK U 68 -53.46 135.11 -92.33
N UNK U 69 -53.88 135.15 -91.07
CA UNK U 69 -55.16 135.73 -90.73
C UNK U 69 -55.01 136.56 -89.45
N UNK U 70 -55.46 137.80 -89.53
CA UNK U 70 -55.38 138.72 -88.41
C UNK U 70 -56.74 139.36 -88.17
N UNK U 71 -57.10 139.50 -86.91
CA UNK U 71 -58.44 139.92 -86.52
C UNK U 71 -58.42 141.15 -85.63
N UNK U 72 -59.25 142.13 -85.97
CA UNK U 72 -59.29 143.39 -85.24
C UNK U 72 -60.43 143.47 -84.23
N UNK U 73 -61.69 143.42 -84.66
CA UNK U 73 -62.78 143.73 -83.73
C UNK U 73 -63.71 142.55 -83.46
N UNK U 74 -64.45 142.08 -84.46
CA UNK U 74 -65.43 141.00 -84.33
C UNK U 74 -65.91 140.62 -85.71
N UNK U 75 -65.78 139.33 -86.05
CA UNK U 75 -66.04 138.90 -87.42
C UNK U 75 -66.49 137.45 -87.43
N UNK U 76 -66.85 136.97 -88.62
CA UNK U 76 -67.41 135.64 -88.80
C UNK U 76 -66.79 135.02 -90.05
N UNK U 77 -65.89 134.07 -89.84
CA UNK U 77 -65.19 133.47 -90.97
C UNK U 77 -65.65 132.04 -91.20
N UNK U 78 -65.60 131.64 -92.47
CA UNK U 78 -65.92 130.28 -92.94
C UNK U 78 -65.05 130.04 -94.17
N UNK U 79 -63.90 129.42 -93.94
CA UNK U 79 -62.89 129.39 -94.99
C UNK U 79 -62.28 128.00 -95.16
N UNK U 80 -61.61 127.80 -96.30
CA UNK U 80 -60.89 126.57 -96.66
C UNK U 80 -59.51 126.90 -97.24
N UNK U 81 -58.49 126.93 -96.38
CA UNK U 81 -57.11 127.20 -96.77
C UNK U 81 -56.27 125.93 -96.76
N UNK U 82 -55.03 126.04 -97.26
CA UNK U 82 -54.26 124.81 -97.42
C UNK U 82 -52.84 124.85 -96.86
N UNK U 83 -52.12 125.95 -97.02
CA UNK U 83 -50.66 125.88 -96.88
C UNK U 83 -50.18 126.20 -95.48
N UNK U 84 -50.36 127.43 -95.03
CA UNK U 84 -49.82 127.82 -93.76
C UNK U 84 -50.75 128.84 -93.15
N UNK U 85 -50.60 129.05 -91.86
CA UNK U 85 -51.47 129.99 -91.18
C UNK U 85 -50.70 130.57 -90.02
N UNK U 86 -50.34 131.82 -90.15
CA UNK U 86 -49.92 132.62 -89.02
C UNK U 86 -51.20 133.25 -88.50
N UNK U 87 -51.58 132.92 -87.27
CA UNK U 87 -52.85 133.36 -86.72
C UNK U 87 -52.64 134.42 -85.64
N UNK U 88 -53.39 135.52 -85.73
CA UNK U 88 -53.32 136.54 -84.69
C UNK U 88 -54.70 137.20 -84.56
N UNK U 89 -55.23 137.25 -83.34
CA UNK U 89 -56.65 137.51 -83.19
C UNK U 89 -56.96 138.53 -82.10
N UNK U 90 -58.14 139.14 -82.23
CA UNK U 90 -58.80 139.86 -81.14
C UNK U 90 -60.32 139.77 -81.29
N UNK U 91 -60.96 139.01 -80.38
CA UNK U 91 -62.37 139.10 -80.06
C UNK U 91 -63.31 138.78 -81.22
N UNK U 92 -63.05 137.73 -81.96
CA UNK U 92 -63.92 137.43 -83.09
C UNK U 92 -64.31 135.97 -83.09
N UNK U 93 -64.84 135.52 -84.23
CA UNK U 93 -65.22 134.14 -84.40
C UNK U 93 -64.85 133.69 -85.81
N UNK U 94 -64.14 132.59 -85.88
CA UNK U 94 -63.71 132.13 -87.17
C UNK U 94 -63.92 130.63 -87.25
N UNK U 95 -64.24 130.17 -88.44
CA UNK U 95 -64.34 128.76 -88.71
C UNK U 95 -63.53 128.46 -89.95
N UNK U 96 -62.76 127.39 -89.89
CA UNK U 96 -61.95 126.95 -91.00
C UNK U 96 -62.17 125.46 -91.20
N UNK U 97 -61.93 124.97 -92.42
CA UNK U 97 -62.33 123.62 -92.77
C UNK U 97 -61.17 122.70 -93.13
N UNK U 98 -60.43 122.99 -94.20
CA UNK U 98 -59.63 122.00 -94.91
C UNK U 98 -58.28 121.79 -94.24
N UNK U 99 -57.51 120.85 -94.77
CA UNK U 99 -56.21 120.50 -94.21
C UNK U 99 -55.24 121.64 -94.47
N UNK U 100 -54.89 122.37 -93.42
CA UNK U 100 -53.87 123.41 -93.48
C UNK U 100 -52.86 123.21 -92.37
N UNK U 101 -51.95 124.18 -92.23
CA UNK U 101 -50.90 124.11 -91.23
C UNK U 101 -50.86 125.43 -90.48
N UNK U 102 -51.60 125.53 -89.39
CA UNK U 102 -51.45 126.65 -88.49
C UNK U 102 -50.09 126.54 -87.87
N UNK U 103 -49.20 127.43 -88.27
CA UNK U 103 -47.89 127.46 -87.65
C UNK U 103 -48.00 127.83 -86.19
N UNK U 104 -48.70 128.92 -85.90
CA UNK U 104 -48.85 129.36 -84.53
C UNK U 104 -50.15 130.13 -84.36
N UNK U 105 -50.60 130.19 -83.11
CA UNK U 105 -51.72 131.04 -82.73
C UNK U 105 -51.36 131.80 -81.47
N UNK U 106 -51.56 133.11 -81.50
CA UNK U 106 -51.31 133.99 -80.37
C UNK U 106 -52.56 134.85 -80.16
N UNK U 107 -53.16 134.72 -78.99
CA UNK U 107 -54.43 135.39 -78.72
C UNK U 107 -54.29 136.21 -77.45
N UNK U 108 -54.56 137.51 -77.57
CA UNK U 108 -54.65 138.37 -76.40
C UNK U 108 -56.09 138.66 -76.02
N UNK U 109 -57.05 138.05 -76.69
CA UNK U 109 -58.45 138.45 -76.56
C UNK U 109 -59.36 137.25 -76.79
N UNK U 110 -60.62 137.51 -77.12
CA UNK U 110 -61.69 136.52 -77.12
C UNK U 110 -61.87 135.93 -78.52
N UNK U 111 -61.37 134.72 -78.71
CA UNK U 111 -61.39 134.10 -80.02
C UNK U 111 -62.26 132.87 -79.98
N UNK U 112 -63.21 132.81 -80.91
CA UNK U 112 -63.95 131.59 -81.16
C UNK U 112 -63.36 130.99 -82.43
N UNK U 113 -62.18 130.42 -82.30
CA UNK U 113 -61.49 129.88 -83.45
C UNK U 113 -61.77 128.41 -83.59
N UNK U 114 -62.16 128.01 -84.80
CA UNK U 114 -62.49 126.63 -85.06
C UNK U 114 -61.85 126.20 -86.36
N UNK U 115 -61.54 124.92 -86.45
CA UNK U 115 -61.08 124.33 -87.70
C UNK U 115 -61.46 122.86 -87.69
N UNK U 116 -62.19 122.45 -88.72
CA UNK U 116 -62.62 121.08 -88.88
C UNK U 116 -61.46 120.14 -89.18
N UNK U 117 -60.51 120.57 -90.00
CA UNK U 117 -59.32 119.76 -90.23
C UNK U 117 -58.12 120.67 -90.10
N UNK U 118 -57.03 120.14 -89.56
CA UNK U 118 -55.77 120.85 -89.47
C UNK U 118 -54.68 119.80 -89.35
N UNK U 119 -53.96 119.56 -90.44
CA UNK U 119 -52.84 118.61 -90.40
C UNK U 119 -51.54 119.40 -90.34
N UNK U 120 -51.29 119.99 -89.19
CA UNK U 120 -50.06 120.73 -88.95
C UNK U 120 -49.14 119.83 -88.14
N UNK U 121 -48.06 120.41 -87.65
CA UNK U 121 -47.14 119.64 -86.82
C UNK U 121 -46.93 120.24 -85.44
N UNK U 122 -46.43 121.47 -85.37
CA UNK U 122 -46.07 122.07 -84.09
C UNK U 122 -46.98 123.27 -83.90
N UNK U 123 -48.14 123.01 -83.34
CA UNK U 123 -49.08 124.08 -83.05
C UNK U 123 -48.62 124.69 -81.75
N UNK U 124 -48.04 125.86 -81.84
CA UNK U 124 -47.64 126.61 -80.67
C UNK U 124 -48.72 127.65 -80.43
N UNK U 125 -49.29 127.63 -79.24
CA UNK U 125 -50.37 128.53 -78.89
C UNK U 125 -50.00 129.29 -77.63
N UNK U 126 -50.01 130.60 -77.70
CA UNK U 126 -49.85 131.43 -76.53
C UNK U 126 -51.14 132.19 -76.26
N UNK U 127 -51.57 132.18 -75.01
CA UNK U 127 -52.89 132.67 -74.66
C UNK U 127 -52.79 133.75 -73.59
N UNK U 128 -53.62 134.78 -73.74
CA UNK U 128 -53.68 135.91 -72.82
C UNK U 128 -55.14 136.26 -72.55
N UNK U 129 -55.69 135.60 -71.53
CA UNK U 129 -56.84 135.94 -70.70
C UNK U 129 -58.24 135.71 -71.27
N UNK U 130 -58.44 135.45 -72.55
CA UNK U 130 -59.86 135.42 -72.94
C UNK U 130 -60.30 134.36 -73.93
N UNK U 131 -59.44 133.85 -74.81
CA UNK U 131 -59.92 133.11 -75.96
C UNK U 131 -60.47 131.73 -75.57
N UNK U 132 -61.21 131.16 -76.52
CA UNK U 132 -61.68 129.79 -76.35
C UNK U 132 -61.71 129.21 -77.76
N UNK U 133 -60.61 128.61 -78.16
CA UNK U 133 -60.51 128.05 -79.49
C UNK U 133 -60.68 126.54 -79.40
N UNK U 134 -61.28 125.98 -80.42
CA UNK U 134 -61.50 124.55 -80.48
C UNK U 134 -61.26 124.16 -81.92
N UNK U 135 -60.06 123.71 -82.21
CA UNK U 135 -59.73 123.20 -83.54
C UNK U 135 -59.16 121.79 -83.36
N UNK U 136 -59.55 120.88 -84.25
CA UNK U 136 -59.23 119.46 -84.01
C UNK U 136 -59.25 118.66 -85.32
N UNK U 137 -58.07 118.36 -85.86
CA UNK U 137 -57.95 117.07 -86.56
C UNK U 137 -56.79 116.18 -86.14
N UNK U 138 -55.54 116.62 -86.44
CA UNK U 138 -54.38 115.73 -86.35
C UNK U 138 -53.10 116.56 -86.42
N UNK U 139 -52.36 116.63 -85.32
CA UNK U 139 -51.11 117.38 -85.24
C UNK U 139 -49.96 116.47 -84.82
N UNK U 140 -48.81 117.08 -84.56
CA UNK U 140 -47.69 116.34 -84.03
C UNK U 140 -47.22 116.85 -82.69
N UNK U 141 -46.98 118.14 -82.57
CA UNK U 141 -46.41 118.69 -81.34
C UNK U 141 -47.29 119.86 -80.96
N UNK U 142 -48.15 119.64 -80.00
CA UNK U 142 -49.04 120.69 -79.53
C UNK U 142 -48.47 121.27 -78.25
N UNK U 143 -48.02 122.51 -78.32
CA UNK U 143 -47.48 123.19 -77.16
C UNK U 143 -48.29 124.44 -76.90
N UNK U 144 -48.66 124.65 -75.64
CA UNK U 144 -49.55 125.76 -75.30
C UNK U 144 -49.07 126.44 -74.03
N UNK U 145 -48.68 127.68 -74.15
CA UNK U 145 -48.44 128.55 -73.03
C UNK U 145 -49.72 129.33 -72.77
N UNK U 146 -50.52 128.83 -71.83
CA UNK U 146 -51.70 129.56 -71.43
C UNK U 146 -51.30 130.41 -70.24
N UNK U 147 -50.68 131.54 -70.52
CA UNK U 147 -50.39 132.53 -69.49
C UNK U 147 -51.58 133.46 -69.34
N UNK U 148 -52.69 132.90 -68.89
CA UNK U 148 -54.00 133.40 -69.30
C UNK U 148 -55.01 133.24 -68.17
N UNK U 149 -56.28 133.45 -68.51
CA UNK U 149 -57.42 133.06 -67.69
C UNK U 149 -58.53 132.51 -68.56
N UNK U 150 -58.18 131.70 -69.55
CA UNK U 150 -59.07 131.44 -70.66
C UNK U 150 -59.34 129.95 -70.81
N UNK U 151 -59.99 129.60 -71.90
CA UNK U 151 -60.40 128.23 -72.15
C UNK U 151 -59.71 127.74 -73.41
N UNK U 152 -59.48 126.44 -73.46
CA UNK U 152 -58.72 125.84 -74.53
C UNK U 152 -59.33 124.47 -74.78
N UNK U 153 -60.27 124.42 -75.70
CA UNK U 153 -60.95 123.17 -75.98
C UNK U 153 -60.23 122.42 -77.09
N UNK U 154 -60.18 121.10 -76.95
CA UNK U 154 -59.57 120.27 -77.96
C UNK U 154 -60.11 118.86 -77.85
N UNK U 155 -60.72 118.41 -78.93
CA UNK U 155 -60.91 116.99 -79.20
C UNK U 155 -59.94 116.54 -80.28
N UNK U 156 -58.69 117.01 -80.19
CA UNK U 156 -57.66 116.87 -81.22
C UNK U 156 -56.68 115.76 -80.87
N UNK U 157 -56.18 115.05 -81.90
CA UNK U 157 -55.27 113.91 -81.72
C UNK U 157 -53.87 114.24 -82.25
N UNK U 158 -52.99 114.68 -81.35
CA UNK U 158 -51.57 114.85 -81.67
C UNK U 158 -50.72 113.80 -80.98
N UNK U 159 -49.51 113.60 -81.48
CA UNK U 159 -48.64 112.61 -80.86
C UNK U 159 -48.03 113.14 -79.57
N UNK U 160 -47.48 114.35 -79.61
CA UNK U 160 -46.73 114.88 -78.48
C UNK U 160 -47.34 116.19 -78.04
N UNK U 161 -47.37 116.39 -76.73
CA UNK U 161 -47.96 117.59 -76.19
C UNK U 161 -47.10 118.14 -75.07
N UNK U 162 -47.05 119.45 -75.01
CA UNK U 162 -46.47 120.17 -73.89
C UNK U 162 -47.39 121.35 -73.63
N UNK U 163 -48.23 121.22 -72.62
CA UNK U 163 -49.21 122.23 -72.29
C UNK U 163 -48.96 122.72 -70.87
N UNK U 164 -48.77 124.01 -70.72
CA UNK U 164 -48.54 124.62 -69.42
C UNK U 164 -49.50 125.78 -69.22
N UNK U 165 -50.19 125.80 -68.09
CA UNK U 165 -51.18 126.82 -67.75
C UNK U 165 -50.81 127.53 -66.45
N UNK U 166 -50.87 128.86 -66.48
CA UNK U 166 -50.28 129.69 -65.45
C UNK U 166 -51.19 129.94 -64.25
N UNK U 167 -52.43 130.36 -64.45
CA UNK U 167 -53.33 130.69 -63.33
C UNK U 167 -54.77 130.62 -63.83
N UNK U 168 -55.48 129.58 -63.42
CA UNK U 168 -56.94 129.46 -63.54
C UNK U 168 -57.42 129.47 -64.99
N UNK U 169 -56.76 128.70 -65.83
CA UNK U 169 -57.28 128.46 -67.16
C UNK U 169 -57.89 127.07 -67.20
N UNK U 170 -58.60 126.80 -68.29
CA UNK U 170 -59.27 125.53 -68.43
C UNK U 170 -58.85 124.93 -69.75
N UNK U 171 -58.26 123.75 -69.71
CA UNK U 171 -57.74 123.14 -70.91
C UNK U 171 -58.26 121.72 -71.04
N UNK U 172 -58.79 121.42 -72.20
CA UNK U 172 -59.22 120.08 -72.55
C UNK U 172 -58.38 119.65 -73.74
N UNK U 173 -57.55 118.64 -73.53
CA UNK U 173 -56.60 118.19 -74.53
C UNK U 173 -56.67 116.68 -74.71
N UNK U 174 -55.88 116.19 -75.67
CA UNK U 174 -55.74 114.76 -75.95
C UNK U 174 -54.44 114.53 -76.73
N UNK U 175 -53.66 113.52 -76.33
CA UNK U 175 -52.36 113.21 -76.95
C UNK U 175 -52.24 111.72 -77.27
N UNK U 176 -51.43 111.39 -78.28
CA UNK U 176 -51.26 109.98 -78.65
C UNK U 176 -50.06 109.38 -77.95
N UNK U 177 -48.86 109.88 -78.22
CA UNK U 177 -47.67 109.28 -77.66
C UNK U 177 -47.27 109.91 -76.34
N UNK U 178 -47.18 111.23 -76.28
CA UNK U 178 -46.64 111.88 -75.09
C UNK U 178 -47.57 112.98 -74.64
N UNK U 179 -47.93 112.96 -73.37
CA UNK U 179 -48.59 114.07 -72.73
C UNK U 179 -47.61 114.74 -71.78
N UNK U 180 -47.43 116.02 -71.95
CA UNK U 180 -46.58 116.79 -71.07
C UNK U 180 -47.45 117.90 -70.52
N UNK U 181 -47.63 117.91 -69.22
CA UNK U 181 -48.66 118.75 -68.64
C UNK U 181 -48.18 119.42 -67.37
N UNK U 182 -48.35 120.74 -67.32
CA UNK U 182 -48.01 121.51 -66.14
C UNK U 182 -49.14 122.47 -65.81
N UNK U 183 -49.59 122.45 -64.56
CA UNK U 183 -50.70 123.30 -64.14
C UNK U 183 -50.31 124.11 -62.92
N UNK U 184 -50.78 125.36 -62.87
CA UNK U 184 -50.65 126.17 -61.66
C UNK U 184 -51.95 126.89 -61.44
N UNK U 185 -52.62 126.58 -60.32
CA UNK U 185 -53.89 127.17 -59.90
C UNK U 185 -54.98 127.01 -60.96
N UNK U 186 -54.91 126.00 -61.81
CA UNK U 186 -55.74 125.93 -62.99
C UNK U 186 -56.30 124.52 -63.13
N UNK U 187 -57.03 124.28 -64.20
CA UNK U 187 -57.64 122.98 -64.43
C UNK U 187 -57.19 122.44 -65.77
N UNK U 188 -56.59 121.27 -65.74
CA UNK U 188 -56.25 120.57 -66.96
C UNK U 188 -57.24 119.44 -67.04
N UNK U 189 -58.33 119.67 -67.72
CA UNK U 189 -59.30 118.62 -67.95
C UNK U 189 -58.70 117.74 -69.03
N UNK U 190 -57.74 116.93 -68.64
CA UNK U 190 -56.95 116.17 -69.59
C UNK U 190 -57.82 115.04 -70.08
N UNK U 191 -58.58 115.32 -71.13
CA UNK U 191 -59.78 114.60 -71.44
C UNK U 191 -59.55 113.18 -71.93
N UNK U 192 -58.31 112.80 -72.17
CA UNK U 192 -58.04 111.45 -72.62
C UNK U 192 -56.75 110.98 -71.98
N UNK U 193 -56.27 109.83 -72.44
CA UNK U 193 -55.05 109.22 -71.92
C UNK U 193 -54.01 109.03 -73.03
N UNK U 194 -52.76 109.42 -72.75
CA UNK U 194 -51.64 109.30 -73.68
C UNK U 194 -50.97 107.93 -73.57
N UNK U 195 -50.08 107.66 -74.52
CA UNK U 195 -49.22 106.49 -74.37
C UNK U 195 -48.31 106.66 -73.17
N UNK U 196 -47.79 107.86 -72.98
CA UNK U 196 -47.02 108.16 -71.79
C UNK U 196 -47.43 109.53 -71.36
N UNK U 197 -48.04 109.60 -70.19
CA UNK U 197 -48.59 110.84 -69.69
C UNK U 197 -47.68 111.34 -68.59
N UNK U 198 -47.57 112.65 -68.49
CA UNK U 198 -46.76 113.24 -67.44
C UNK U 198 -47.37 114.58 -67.07
N UNK U 199 -47.42 114.87 -65.78
CA UNK U 199 -48.01 116.11 -65.33
C UNK U 199 -47.40 116.49 -64.00
N UNK U 200 -47.44 117.78 -63.68
CA UNK U 200 -47.19 118.25 -62.33
C UNK U 200 -48.10 119.43 -62.05
N UNK U 201 -48.62 119.49 -60.82
CA UNK U 201 -49.57 120.52 -60.42
C UNK U 201 -48.96 121.36 -59.31
N UNK U 202 -49.04 122.67 -59.48
CA UNK U 202 -48.48 123.66 -58.57
C UNK U 202 -49.56 124.11 -57.59
N UNK U 203 -49.33 125.26 -56.94
CA UNK U 203 -50.20 125.82 -55.91
C UNK U 203 -51.63 125.92 -56.40
N UNK U 204 -52.49 125.11 -55.78
CA UNK U 204 -53.93 125.04 -56.03
C UNK U 204 -54.28 124.57 -57.44
N UNK U 205 -53.45 123.71 -58.02
CA UNK U 205 -53.66 123.27 -59.39
C UNK U 205 -54.26 121.87 -59.45
N UNK U 206 -54.98 121.58 -60.53
CA UNK U 206 -55.68 120.30 -60.68
C UNK U 206 -55.65 119.85 -62.13
N UNK U 207 -54.92 118.79 -62.40
CA UNK U 207 -54.90 118.19 -63.73
C UNK U 207 -55.86 117.01 -63.77
N UNK U 208 -57.13 117.35 -63.91
CA UNK U 208 -58.17 116.33 -63.93
C UNK U 208 -58.08 115.58 -65.24
N UNK U 209 -57.41 114.43 -65.21
CA UNK U 209 -57.24 113.63 -66.41
C UNK U 209 -58.58 112.99 -66.74
N UNK U 210 -59.43 113.76 -67.39
CA UNK U 210 -60.84 113.44 -67.46
C UNK U 210 -61.12 112.47 -68.60
N UNK U 211 -60.60 111.26 -68.48
CA UNK U 211 -60.93 110.25 -69.46
C UNK U 211 -62.38 109.83 -69.29
N UNK U 212 -62.95 109.28 -70.35
CA UNK U 212 -64.36 108.92 -70.35
C UNK U 212 -64.54 107.60 -69.61
N UNK U 213 -64.93 107.68 -68.34
CA UNK U 213 -65.28 106.50 -67.58
C UNK U 213 -66.51 105.84 -68.20
N UNK U 214 -66.62 104.54 -67.95
CA UNK U 214 -67.59 103.66 -68.60
C UNK U 214 -67.46 103.74 -70.12
N UNK U 215 -66.34 103.25 -70.60
CA UNK U 215 -66.22 103.01 -72.02
C UNK U 215 -66.77 101.62 -72.34
N UNK U 216 -66.61 101.21 -73.59
CA UNK U 216 -66.91 99.82 -73.92
C UNK U 216 -65.65 98.97 -73.97
N UNK U 217 -64.53 99.56 -74.37
CA UNK U 217 -63.21 98.98 -74.11
C UNK U 217 -62.16 100.09 -74.03
N UNK U 218 -61.99 100.68 -72.87
CA UNK U 218 -60.84 101.55 -72.66
C UNK U 218 -59.76 100.74 -71.96
N UNK U 219 -58.59 100.67 -72.57
CA UNK U 219 -57.46 100.04 -71.91
C UNK U 219 -57.03 100.88 -70.72
N UNK U 220 -56.62 100.22 -69.65
CA UNK U 220 -56.32 100.93 -68.42
C UNK U 220 -54.88 101.45 -68.42
N UNK U 221 -54.56 102.21 -67.37
CA UNK U 221 -53.25 102.84 -67.22
C UNK U 221 -52.21 101.76 -66.91
N UNK U 222 -51.17 101.67 -67.73
CA UNK U 222 -50.20 100.60 -67.59
C UNK U 222 -49.16 100.98 -66.54
N UNK U 223 -48.24 100.05 -66.28
CA UNK U 223 -47.16 100.30 -65.33
C UNK U 223 -46.23 101.38 -65.81
N UNK U 224 -46.06 101.49 -67.11
CA UNK U 224 -45.39 102.65 -67.65
C UNK U 224 -46.25 103.89 -67.58
N UNK U 225 -47.57 103.76 -67.56
CA UNK U 225 -48.43 104.93 -67.48
C UNK U 225 -48.92 105.14 -66.06
N UNK U 226 -48.41 104.39 -65.10
CA UNK U 226 -48.88 104.45 -63.72
C UNK U 226 -48.34 105.70 -63.08
N UNK U 227 -49.21 106.70 -62.97
CA UNK U 227 -48.88 107.93 -62.30
C UNK U 227 -49.67 108.03 -61.00
N UNK U 228 -49.38 109.07 -60.23
CA UNK U 228 -50.24 109.42 -59.12
C UNK U 228 -51.28 110.39 -59.61
N UNK V 1 -68.77 114.70 -95.09
CA UNK V 1 -68.98 114.11 -93.77
C UNK V 1 -67.66 113.91 -93.07
N UNK V 2 -66.61 113.86 -93.88
CA UNK V 2 -65.26 113.73 -93.35
C UNK V 2 -64.34 114.59 -94.18
N UNK V 3 -63.37 115.20 -93.51
CA UNK V 3 -62.26 115.81 -94.21
C UNK V 3 -61.26 114.67 -94.40
N UNK V 4 -61.56 113.84 -95.39
CA UNK V 4 -60.98 112.52 -95.52
C UNK V 4 -59.85 112.56 -96.53
N UNK V 5 -59.05 111.49 -96.52
CA UNK V 5 -58.01 111.33 -97.52
C UNK V 5 -58.33 110.12 -98.39
N UNK V 6 -57.93 110.22 -99.66
CA UNK V 6 -58.02 109.13 -100.61
C UNK V 6 -56.88 108.13 -100.46
N UNK V 7 -56.04 108.31 -99.45
CA UNK V 7 -54.94 107.41 -99.13
C UNK V 7 -55.49 106.19 -98.41
N UNK V 8 -54.61 105.41 -97.78
CA UNK V 8 -55.05 104.18 -97.13
C UNK V 8 -55.79 104.48 -95.85
N UNK V 9 -57.00 105.03 -95.99
CA UNK V 9 -58.05 105.07 -94.96
C UNK V 9 -57.69 105.91 -93.73
N UNK V 10 -57.38 107.19 -93.94
CA UNK V 10 -57.23 108.15 -92.85
C UNK V 10 -58.12 109.36 -93.12
N UNK V 11 -58.66 109.96 -92.05
CA UNK V 11 -59.63 111.03 -92.21
C UNK V 11 -59.72 111.89 -90.98
N UNK V 12 -59.61 113.20 -91.15
CA UNK V 12 -60.39 114.04 -90.27
C UNK V 12 -61.85 113.81 -90.61
N UNK V 13 -62.73 113.96 -89.63
CA UNK V 13 -64.09 113.54 -89.86
C UNK V 13 -65.04 114.38 -89.02
N UNK V 14 -66.15 114.76 -89.62
CA UNK V 14 -66.96 115.83 -89.10
C UNK V 14 -68.29 115.30 -88.60
N UNK V 15 -68.27 114.22 -87.82
CA UNK V 15 -69.50 113.78 -87.18
C UNK V 15 -69.86 114.68 -86.00
N UNK V 16 -69.13 114.56 -84.89
CA UNK V 16 -69.13 115.57 -83.84
C UNK V 16 -67.71 116.07 -83.62
N UNK V 17 -66.80 115.16 -83.35
CA UNK V 17 -65.36 115.38 -83.45
C UNK V 17 -64.78 114.02 -83.72
N UNK V 18 -64.44 113.74 -84.99
CA UNK V 18 -64.14 112.36 -85.34
C UNK V 18 -62.88 112.29 -86.19
N UNK V 19 -62.19 111.15 -86.09
CA UNK V 19 -61.01 110.87 -86.91
C UNK V 19 -61.29 109.53 -87.58
N UNK V 20 -61.91 109.57 -88.76
CA UNK V 20 -62.34 108.36 -89.42
C UNK V 20 -61.14 107.72 -90.10
N UNK V 21 -60.61 106.66 -89.51
CA UNK V 21 -59.49 105.94 -90.09
C UNK V 21 -59.78 104.45 -90.04
N UNK V 22 -59.64 103.80 -91.19
CA UNK V 22 -59.75 102.35 -91.28
C UNK V 22 -58.37 101.75 -91.50
N UNK V 23 -58.29 100.44 -91.74
CA UNK V 23 -57.04 99.69 -91.63
C UNK V 23 -56.35 99.36 -92.96
N UNK V 24 -57.11 99.29 -94.06
CA UNK V 24 -56.60 99.09 -95.43
C UNK V 24 -55.85 97.76 -95.60
N UNK V 25 -56.23 96.75 -94.82
CA UNK V 25 -55.75 95.40 -95.00
C UNK V 25 -56.90 94.43 -95.26
N UNK V 26 -58.03 94.61 -94.59
CA UNK V 26 -59.28 93.97 -94.99
C UNK V 26 -60.11 94.86 -95.91
N UNK V 27 -59.72 96.15 -96.03
CA UNK V 27 -60.26 97.12 -97.00
C UNK V 27 -61.77 97.37 -96.81
N UNK V 28 -62.13 97.90 -95.64
CA UNK V 28 -63.51 98.30 -95.37
C UNK V 28 -63.66 99.81 -95.50
N UNK V 29 -63.27 100.34 -96.66
CA UNK V 29 -63.29 101.78 -96.92
C UNK V 29 -64.55 102.18 -97.68
N UNK V 30 -65.70 101.90 -97.08
CA UNK V 30 -66.97 102.29 -97.68
C UNK V 30 -67.43 103.68 -97.26
N UNK V 31 -66.74 104.29 -96.28
CA UNK V 31 -67.04 105.63 -95.75
C UNK V 31 -68.47 105.74 -95.21
N UNK V 32 -68.89 104.74 -94.46
CA UNK V 32 -70.15 104.83 -93.69
C UNK V 32 -69.95 104.07 -92.39
N UNK V 33 -69.40 104.76 -91.39
CA UNK V 33 -69.06 104.14 -90.11
C UNK V 33 -69.23 105.18 -89.02
N UNK V 34 -69.46 104.69 -87.80
CA UNK V 34 -69.89 105.51 -86.67
C UNK V 34 -68.89 105.35 -85.53
N UNK V 35 -68.07 106.36 -85.31
CA UNK V 35 -67.07 106.34 -84.25
C UNK V 35 -67.52 107.22 -83.08
N UNK V 36 -67.49 106.67 -81.86
CA UNK V 36 -67.86 107.43 -80.66
C UNK V 36 -66.87 107.15 -79.54
N UNK V 37 -66.87 108.03 -78.54
CA UNK V 37 -65.81 108.11 -77.51
C UNK V 37 -66.16 107.36 -76.22
N UNK V 38 -66.57 106.10 -76.33
CA UNK V 38 -66.55 105.18 -75.19
C UNK V 38 -66.05 103.82 -75.66
N UNK V 39 -65.13 103.85 -76.62
CA UNK V 39 -64.59 102.69 -77.34
C UNK V 39 -65.71 101.88 -78.02
N UNK V 40 -66.41 102.57 -78.93
CA UNK V 40 -67.44 101.94 -79.76
C UNK V 40 -67.37 102.57 -81.16
N UNK V 41 -66.99 101.76 -82.15
CA UNK V 41 -66.97 102.17 -83.54
C UNK V 41 -67.76 101.15 -84.36
N UNK V 42 -69.01 101.49 -84.65
CA UNK V 42 -69.89 100.62 -85.43
C UNK V 42 -69.63 100.88 -86.92
N UNK V 43 -68.88 99.97 -87.54
CA UNK V 43 -68.68 99.99 -88.99
C UNK V 43 -69.65 99.00 -89.63
N UNK V 44 -69.46 98.70 -90.91
CA UNK V 44 -70.44 97.92 -91.65
C UNK V 44 -70.05 96.44 -91.80
N UNK V 45 -69.00 96.14 -92.55
CA UNK V 45 -68.65 94.75 -92.85
C UNK V 45 -68.04 94.05 -91.63
N UNK V 46 -67.10 94.71 -90.98
CA UNK V 46 -66.44 94.19 -89.78
C UNK V 46 -66.16 95.39 -88.87
N UNK V 47 -65.24 95.22 -87.93
CA UNK V 47 -64.75 96.32 -87.11
C UNK V 47 -63.43 96.84 -87.68
N UNK V 48 -63.35 98.15 -87.86
CA UNK V 48 -62.20 98.79 -88.48
C UNK V 48 -61.70 99.95 -87.62
N UNK V 49 -60.39 100.16 -87.64
CA UNK V 49 -59.74 101.17 -86.81
C UNK V 49 -58.42 101.61 -87.45
N UNK V 50 -57.75 102.55 -86.80
CA UNK V 50 -56.47 103.06 -87.28
C UNK V 50 -55.35 102.07 -86.96
N UNK V 51 -54.19 102.31 -87.57
CA UNK V 51 -53.06 101.39 -87.50
C UNK V 51 -52.39 101.50 -86.14
N UNK V 52 -52.44 100.42 -85.36
CA UNK V 52 -51.79 100.36 -84.06
C UNK V 52 -51.26 98.95 -83.77
N UNK W 1 -51.85 94.51 -24.39
CA UNK W 1 -52.37 93.17 -24.17
C UNK W 1 -53.88 93.19 -24.16
N UNK W 2 -54.42 93.40 -22.97
CA UNK W 2 -55.79 93.87 -22.77
C UNK W 2 -55.72 95.02 -21.78
N UNK W 3 -54.49 95.41 -21.48
CA UNK W 3 -54.18 96.24 -20.33
C UNK W 3 -54.49 97.69 -20.67
N UNK W 4 -55.11 98.37 -19.71
CA UNK W 4 -55.53 99.76 -19.73
C UNK W 4 -56.63 100.05 -20.75
N UNK W 5 -57.06 99.07 -21.54
CA UNK W 5 -58.24 99.29 -22.36
C UNK W 5 -59.45 99.27 -21.46
N UNK W 6 -59.66 98.13 -20.81
CA UNK W 6 -60.28 98.03 -19.52
C UNK W 6 -59.71 96.75 -18.94
N UNK W 7 -60.43 96.16 -17.98
CA UNK W 7 -59.98 94.89 -17.46
C UNK W 7 -60.10 93.83 -18.55
N UNK W 8 -59.18 92.87 -18.54
CA UNK W 8 -59.27 91.74 -19.45
C UNK W 8 -60.48 90.92 -19.04
N UNK W 9 -61.61 91.20 -19.68
CA UNK W 9 -62.88 90.72 -19.16
C UNK W 9 -63.00 89.22 -19.32
N UNK W 10 -63.08 88.74 -20.53
CA UNK W 10 -62.88 87.33 -20.76
C UNK W 10 -61.53 87.19 -21.41
N UNK W 11 -61.19 85.97 -21.78
CA UNK W 11 -60.09 85.74 -22.70
C UNK W 11 -60.72 84.85 -23.76
N UNK W 12 -61.20 85.48 -24.82
CA UNK W 12 -62.20 84.87 -25.68
C UNK W 12 -61.61 83.68 -26.40
N UNK W 13 -62.23 82.54 -26.21
CA UNK W 13 -61.83 81.37 -26.94
C UNK W 13 -62.16 81.55 -28.41
N UNK W 14 -61.38 80.85 -29.23
CA UNK W 14 -61.30 81.08 -30.67
C UNK W 14 -60.99 82.53 -30.98
N UNK W 15 -60.14 83.13 -30.15
CA UNK W 15 -59.80 84.54 -30.29
C UNK W 15 -58.59 84.85 -29.44
N UNK W 16 -58.32 86.13 -29.31
CA UNK W 16 -57.35 86.69 -28.38
C UNK W 16 -57.99 86.80 -27.01
N UNK W 17 -57.38 87.56 -26.12
CA UNK W 17 -58.06 87.93 -24.89
C UNK W 17 -59.16 88.94 -25.19
N UNK W 18 -59.98 89.21 -24.18
CA UNK W 18 -61.05 90.19 -24.30
C UNK W 18 -60.92 91.20 -23.17
N UNK W 19 -60.46 92.40 -23.50
CA UNK W 19 -60.53 93.47 -22.54
C UNK W 19 -61.98 93.88 -22.33
N UNK W 20 -62.26 94.57 -21.23
CA UNK W 20 -63.62 95.02 -21.01
C UNK W 20 -63.92 96.31 -21.73
N UNK W 21 -62.99 96.81 -22.54
CA UNK W 21 -63.31 97.84 -23.50
C UNK W 21 -63.69 97.23 -24.84
N UNK W 22 -62.86 96.34 -25.39
CA UNK W 22 -63.13 95.71 -26.68
C UNK W 22 -62.43 94.37 -26.73
N UNK W 23 -62.52 93.71 -27.88
CA UNK W 23 -61.81 92.46 -28.11
C UNK W 23 -60.34 92.78 -28.16
N UNK W 24 -59.58 92.17 -27.28
CA UNK W 24 -58.22 92.63 -27.06
C UNK W 24 -57.27 92.03 -28.07
N UNK W 25 -56.00 92.44 -27.96
CA UNK W 25 -54.95 91.99 -28.86
C UNK W 25 -54.09 90.89 -28.27
N UNK W 26 -54.16 90.68 -26.97
CA UNK W 26 -53.38 89.64 -26.33
C UNK W 26 -53.91 88.28 -26.77
N UNK W 27 -53.16 87.62 -27.64
CA UNK W 27 -53.61 86.38 -28.25
C UNK W 27 -53.75 85.30 -27.20
N UNK W 28 -54.89 84.61 -27.19
CA UNK W 28 -55.23 83.78 -26.03
C UNK W 28 -54.59 82.40 -26.12
N UNK W 29 -54.96 81.61 -27.11
CA UNK W 29 -54.75 80.17 -27.06
C UNK W 29 -53.46 79.76 -27.76
N UNK W 30 -53.00 78.56 -27.44
CA UNK W 30 -51.99 77.93 -28.28
C UNK W 30 -52.58 77.50 -29.60
N UNK W 31 -53.88 77.22 -29.62
CA UNK W 31 -54.58 76.95 -30.86
C UNK W 31 -55.04 78.25 -31.49
N UNK W 32 -54.75 79.38 -30.87
CA UNK W 32 -55.12 80.64 -31.48
C UNK W 32 -54.17 80.96 -32.62
N UNK W 33 -54.59 81.85 -33.52
CA UNK W 33 -53.81 82.19 -34.70
C UNK W 33 -52.83 83.32 -34.38
N UNK W 34 -51.94 83.02 -33.45
CA UNK W 34 -50.69 83.76 -33.35
C UNK W 34 -49.96 83.54 -34.66
N UNK W 35 -49.37 84.62 -35.19
CA UNK W 35 -48.80 84.58 -36.54
C UNK W 35 -47.49 83.79 -36.52
N UNK W 36 -47.53 82.62 -37.14
CA UNK W 36 -46.35 81.80 -37.32
C UNK W 36 -45.80 81.94 -38.72
N UNK W 37 -44.54 82.36 -38.81
CA UNK W 37 -43.84 82.43 -40.07
C UNK W 37 -42.40 81.95 -39.98
N UNK W 38 -41.94 81.52 -38.82
CA UNK W 38 -40.53 81.12 -38.67
C UNK W 38 -40.45 79.85 -37.84
N UNK W 39 -40.50 78.70 -38.49
CA UNK W 39 -40.21 77.45 -37.81
C UNK W 39 -38.72 77.40 -37.47
N UNK W 40 -38.39 76.56 -36.49
CA UNK W 40 -36.99 76.42 -36.08
C UNK W 40 -36.76 74.97 -35.65
N UNK W 41 -36.32 74.13 -36.58
CA UNK W 41 -36.13 72.72 -36.28
C UNK W 41 -35.18 72.11 -37.28
N UNK W 42 -34.81 70.86 -37.00
CA UNK W 42 -34.01 70.08 -37.93
C UNK W 42 -34.93 69.33 -38.86
N UNK W 43 -34.61 69.40 -40.15
CA UNK W 43 -35.38 68.82 -41.24
C UNK W 43 -36.81 69.34 -41.26
N UNK W 44 -36.99 70.54 -40.71
CA UNK W 44 -38.25 71.26 -40.78
C UNK W 44 -38.44 71.74 -42.20
N UNK W 45 -39.69 71.71 -42.65
CA UNK W 45 -40.16 71.98 -44.00
C UNK W 45 -39.67 70.95 -45.02
N UNK W 46 -38.73 70.11 -44.64
CA UNK W 46 -38.64 68.77 -45.17
C UNK W 46 -39.51 67.95 -44.26
N UNK W 47 -39.60 66.66 -44.55
CA UNK W 47 -40.01 65.80 -43.48
C UNK W 47 -38.93 65.82 -42.41
N UNK W 48 -39.35 65.72 -41.15
CA UNK W 48 -38.43 65.82 -40.04
C UNK W 48 -37.54 64.58 -39.95
N UNK W 49 -36.85 64.43 -38.84
CA UNK W 49 -35.83 63.39 -38.72
C UNK W 49 -36.47 62.02 -38.61
N UNK W 50 -36.18 61.14 -39.57
CA UNK W 50 -36.36 59.72 -39.31
C UNK W 50 -35.34 59.34 -38.26
N UNK W 51 -35.78 59.23 -37.01
CA UNK W 51 -34.84 59.17 -35.90
C UNK W 51 -34.20 57.80 -35.69
N UNK W 52 -34.15 56.96 -36.72
CA UNK W 52 -33.67 55.59 -36.61
C UNK W 52 -32.16 55.46 -36.37
N UNK W 53 -31.36 56.46 -36.71
CA UNK W 53 -29.91 56.31 -36.67
C UNK W 53 -29.28 57.16 -35.57
N UNK W 54 -27.93 57.28 -35.63
CA UNK W 54 -27.15 58.14 -34.72
C UNK W 54 -25.88 58.64 -35.43
N UNK W 55 -25.86 59.90 -35.81
CA UNK W 55 -24.69 60.49 -36.46
C UNK W 55 -24.65 61.98 -36.14
N UNK W 56 -23.56 62.65 -36.52
CA UNK W 56 -23.52 64.11 -36.42
C UNK W 56 -24.53 64.70 -37.40
N UNK W 57 -24.48 64.28 -38.65
CA UNK W 57 -25.56 64.59 -39.56
C UNK W 57 -26.78 63.74 -39.21
N UNK W 58 -27.94 64.25 -39.59
CA UNK W 58 -29.19 63.57 -39.31
C UNK W 58 -29.90 63.32 -40.63
N UNK W 59 -30.56 62.17 -40.73
CA UNK W 59 -31.36 61.86 -41.90
C UNK W 59 -32.79 62.27 -41.66
N UNK W 60 -33.41 62.86 -42.68
CA UNK W 60 -34.81 63.21 -42.56
C UNK W 60 -35.67 61.98 -42.67
N UNK W 61 -36.96 62.14 -42.37
CA UNK W 61 -37.93 61.14 -42.79
C UNK W 61 -38.10 61.13 -44.28
N UNK W 62 -37.78 62.25 -44.93
CA UNK W 62 -37.61 62.30 -46.36
C UNK W 62 -36.19 61.91 -46.77
N UNK W 63 -35.40 61.41 -45.83
CA UNK W 63 -34.03 60.92 -46.04
C UNK W 63 -33.12 61.99 -46.62
N UNK W 64 -33.35 63.23 -46.25
CA UNK W 64 -32.43 64.30 -46.59
C UNK W 64 -31.47 64.43 -45.44
N UNK W 65 -30.21 64.72 -45.77
CA UNK W 65 -29.19 64.83 -44.75
C UNK W 65 -29.28 66.20 -44.10
N UNK W 66 -29.49 66.22 -42.79
CA UNK W 66 -29.50 67.49 -42.06
C UNK W 66 -28.07 67.95 -41.91
N UNK W 67 -27.53 68.50 -42.99
CA UNK W 67 -26.21 69.08 -42.94
C UNK W 67 -26.19 70.33 -42.09
N UNK W 68 -27.31 71.04 -42.05
CA UNK W 68 -27.46 72.15 -41.12
C UNK W 68 -27.48 71.68 -39.69
N UNK W 69 -27.79 70.41 -39.46
CA UNK W 69 -27.72 69.85 -38.12
C UNK W 69 -26.61 68.83 -38.04
N UNK W 70 -25.57 68.98 -38.84
CA UNK W 70 -24.48 68.03 -38.81
C UNK W 70 -23.38 68.44 -37.85
N LYS X 24 -11.64 114.12 -53.29
CA LYS X 24 -12.85 113.48 -52.79
C LYS X 24 -13.76 113.06 -53.94
N PHE X 25 -13.76 111.78 -54.28
CA PHE X 25 -14.52 111.28 -55.42
C PHE X 25 -15.43 110.17 -54.97
N LYS X 26 -16.51 109.96 -55.72
CA LYS X 26 -17.51 108.98 -55.32
C LYS X 26 -18.36 108.57 -56.50
N LYS X 27 -18.51 107.27 -56.70
CA LYS X 27 -19.48 106.77 -57.64
C LYS X 27 -20.89 106.98 -57.09
N PRO X 28 -21.86 107.24 -57.95
CA PRO X 28 -23.18 107.66 -57.48
C PRO X 28 -23.94 106.59 -56.70
N PRO X 29 -24.24 105.39 -57.26
CA PRO X 29 -25.28 104.59 -56.61
C PRO X 29 -24.75 103.86 -55.42
N ILE X 30 -25.10 104.34 -54.23
CA ILE X 30 -24.62 103.80 -52.97
C ILE X 30 -25.83 103.23 -52.24
N ASN X 31 -26.03 101.92 -52.36
CA ASN X 31 -27.21 101.28 -51.82
C ASN X 31 -26.99 100.82 -50.38
N ASN X 32 -27.90 99.99 -49.93
CA ASN X 32 -27.66 99.26 -48.71
C ASN X 32 -26.83 98.04 -49.01
N PRO X 33 -26.11 97.52 -48.03
CA PRO X 33 -25.34 96.29 -48.25
C PRO X 33 -26.25 95.11 -48.50
N SER X 34 -25.82 94.22 -49.38
CA SER X 34 -26.59 93.05 -49.75
C SER X 34 -26.09 91.84 -48.97
N ASP X 35 -26.43 90.65 -49.46
CA ASP X 35 -25.79 89.42 -49.04
C ASP X 35 -25.82 88.44 -50.18
N ASP X 36 -24.94 87.46 -50.09
CA ASP X 36 -24.70 86.48 -51.13
C ASP X 36 -25.93 85.66 -51.44
N ALA X 37 -26.80 85.51 -50.47
CA ALA X 37 -27.95 84.67 -50.66
C ALA X 37 -28.91 85.30 -51.64
N THR X 38 -29.35 86.51 -51.31
CA THR X 38 -30.20 87.24 -52.22
C THR X 38 -29.51 87.54 -53.52
N ILE X 39 -28.19 87.65 -53.48
CA ILE X 39 -27.42 87.73 -54.68
C ILE X 39 -27.66 86.49 -55.52
N LYS X 40 -27.48 85.33 -54.89
CA LYS X 40 -27.53 84.05 -55.58
C LYS X 40 -28.88 83.82 -56.16
N LEU X 41 -29.87 84.28 -55.44
CA LEU X 41 -31.23 84.29 -55.92
C LEU X 41 -31.38 85.15 -57.14
N ALA X 42 -30.70 86.29 -57.17
CA ALA X 42 -30.89 87.14 -58.33
C ALA X 42 -30.34 86.50 -59.58
N GLU X 43 -29.16 85.92 -59.49
CA GLU X 43 -28.71 85.28 -60.72
C GLU X 43 -29.43 83.99 -61.01
N ALA X 44 -30.03 83.38 -60.01
CA ALA X 44 -31.02 82.36 -60.29
C ALA X 44 -32.12 82.93 -61.14
N ALA X 45 -32.62 84.06 -60.70
CA ALA X 45 -33.89 84.55 -61.17
C ALA X 45 -33.78 85.02 -62.58
N VAL X 46 -32.67 85.63 -62.91
CA VAL X 46 -32.60 86.24 -64.21
C VAL X 46 -32.47 85.18 -65.27
N SER X 47 -31.75 84.13 -64.95
CA SER X 47 -31.55 83.00 -65.81
C SER X 47 -32.85 82.27 -66.03
N VAL X 48 -33.59 82.08 -64.95
CA VAL X 48 -34.84 81.41 -65.15
C VAL X 48 -35.81 82.32 -65.89
N SER X 49 -35.69 83.61 -65.68
CA SER X 49 -36.58 84.58 -66.25
C SER X 49 -36.44 84.63 -67.74
N ASP X 50 -35.21 84.75 -68.20
CA ASP X 50 -35.08 84.92 -69.61
C ASP X 50 -35.27 83.63 -70.35
N SER X 51 -34.93 82.51 -69.72
CA SER X 51 -35.34 81.23 -70.28
C SER X 51 -36.84 81.16 -70.42
N MET X 52 -37.58 81.63 -69.44
CA MET X 52 -39.00 81.42 -69.58
C MET X 52 -39.60 82.49 -70.48
N LEU X 53 -38.91 83.57 -70.69
CA LEU X 53 -39.55 84.53 -71.57
C LEU X 53 -39.33 84.16 -73.00
N GLU X 54 -38.14 83.65 -73.31
CA GLU X 54 -38.00 83.11 -74.64
C GLU X 54 -38.88 81.92 -74.86
N MET X 55 -39.03 81.07 -73.84
CA MET X 55 -40.10 80.10 -73.78
C MET X 55 -41.43 80.64 -74.24
N ALA X 56 -41.89 81.68 -73.59
CA ALA X 56 -43.21 82.21 -73.89
C ALA X 56 -43.24 82.77 -75.28
N LYS X 57 -42.14 83.36 -75.69
CA LYS X 57 -42.01 83.87 -77.04
C LYS X 57 -42.16 82.76 -78.03
N VAL X 58 -41.54 81.65 -77.74
CA VAL X 58 -41.53 80.54 -78.64
C VAL X 58 -42.91 79.91 -78.69
N GLU X 59 -43.60 79.91 -77.57
CA GLU X 59 -44.97 79.44 -77.55
C GLU X 59 -45.87 80.33 -78.37
N LYS X 60 -45.72 81.63 -78.20
CA LYS X 60 -46.63 82.51 -78.90
C LYS X 60 -46.27 82.66 -80.35
N VAL X 61 -45.16 82.11 -80.78
CA VAL X 61 -44.95 82.07 -82.21
C VAL X 61 -45.25 80.71 -82.81
N ILE X 62 -45.26 79.65 -82.01
CA ILE X 62 -45.76 78.42 -82.60
C ILE X 62 -47.26 78.48 -82.71
N THR X 63 -47.92 79.03 -81.72
CA THR X 63 -49.31 79.25 -81.95
C THR X 63 -49.61 80.73 -81.91
N PRO X 64 -50.39 81.19 -82.87
CA PRO X 64 -50.89 82.53 -82.82
C PRO X 64 -52.06 82.60 -81.84
N PRO X 65 -52.07 83.59 -80.96
CA PRO X 65 -53.25 83.80 -80.10
C PRO X 65 -54.41 84.32 -80.92
N SER X 66 -55.55 83.62 -80.83
CA SER X 66 -56.67 83.94 -81.70
C SER X 66 -57.45 85.15 -81.22
N LYS X 67 -57.73 85.23 -79.92
CA LYS X 67 -58.57 86.31 -79.41
C LYS X 67 -58.30 86.55 -77.94
N ASP X 68 -58.79 87.69 -77.48
CA ASP X 68 -58.64 88.12 -76.11
C ASP X 68 -59.73 87.50 -75.25
N ASN X 69 -59.88 88.00 -74.04
CA ASN X 69 -60.99 87.64 -73.19
C ASN X 69 -61.78 88.87 -72.77
N THR X 70 -61.51 90.01 -73.36
CA THR X 70 -62.27 91.18 -73.02
C THR X 70 -63.67 91.15 -73.61
N LEU X 71 -63.86 90.38 -74.66
CA LEU X 71 -65.20 90.25 -75.21
C LEU X 71 -66.11 89.50 -74.27
N THR X 72 -65.57 88.57 -73.52
CA THR X 72 -66.37 87.87 -72.54
C THR X 72 -66.21 88.47 -71.18
N ILE X 73 -65.22 89.35 -71.00
CA ILE X 73 -65.13 90.15 -69.79
C ILE X 73 -65.03 91.60 -70.21
N PRO X 74 -66.11 92.26 -70.45
CA PRO X 74 -66.06 93.67 -70.76
C PRO X 74 -66.11 94.50 -69.50
N ASN X 75 -66.22 95.81 -69.64
CA ASN X 75 -66.19 96.70 -68.50
C ASN X 75 -67.53 97.36 -68.27
N ALA X 76 -67.65 98.04 -67.14
CA ALA X 76 -68.84 98.82 -66.85
C ALA X 76 -68.46 99.91 -65.86
N TYR X 77 -69.31 100.92 -65.79
CA TYR X 77 -69.25 101.80 -64.64
C TYR X 77 -69.69 100.96 -63.46
N ASN X 78 -69.01 101.15 -62.33
CA ASN X 78 -68.87 100.42 -61.08
C ASN X 78 -68.07 99.14 -61.27
N LEU X 79 -67.84 98.70 -62.49
CA LEU X 79 -66.80 97.74 -62.76
C LEU X 79 -65.48 98.43 -62.92
N GLN X 80 -65.53 99.73 -63.10
CA GLN X 80 -64.36 100.53 -63.28
C GLN X 80 -63.74 100.97 -61.98
N ALA X 81 -64.29 100.54 -60.84
CA ALA X 81 -63.65 100.89 -59.58
C ALA X 81 -62.33 100.18 -59.45
N ARG X 82 -61.55 100.58 -58.47
CA ARG X 82 -60.19 100.11 -58.57
C ARG X 82 -59.82 99.28 -57.37
N ALA X 83 -58.91 98.33 -57.58
CA ALA X 83 -58.41 97.54 -56.47
C ALA X 83 -56.91 97.32 -56.60
N SER X 84 -56.30 97.02 -55.45
CA SER X 84 -54.88 96.68 -55.35
C SER X 84 -54.70 95.53 -54.37
N VAL X 85 -54.14 94.42 -54.83
CA VAL X 85 -54.33 93.14 -54.14
C VAL X 85 -53.02 92.35 -54.10
N ASP X 86 -52.79 91.68 -52.98
CA ASP X 86 -52.03 90.45 -52.97
C ASP X 86 -52.86 89.27 -52.47
N TRP X 87 -52.59 88.11 -53.02
CA TRP X 87 -53.44 86.97 -52.79
C TRP X 87 -52.70 85.72 -53.16
N SER X 88 -52.93 84.69 -52.38
CA SER X 88 -52.37 83.40 -52.72
C SER X 88 -53.36 82.29 -52.60
N GLY X 89 -54.49 82.52 -51.98
CA GLY X 89 -55.35 81.43 -51.64
C GLY X 89 -56.16 80.92 -52.81
N PRO X 90 -57.32 80.42 -52.49
CA PRO X 90 -58.19 79.83 -53.50
C PRO X 90 -58.96 80.92 -54.18
N ILE X 91 -59.88 80.47 -55.01
CA ILE X 91 -60.44 81.36 -55.99
C ILE X 91 -61.72 82.02 -55.52
N GLU X 92 -62.60 81.26 -54.89
CA GLU X 92 -63.97 81.71 -54.67
C GLU X 92 -64.04 82.80 -53.65
N GLU X 93 -63.21 82.70 -52.61
CA GLU X 93 -63.17 83.70 -51.56
C GLU X 93 -62.80 85.04 -52.13
N LEU X 94 -61.86 85.00 -53.04
CA LEU X 94 -61.42 86.19 -53.72
C LEU X 94 -62.53 86.76 -54.60
N THR X 95 -63.17 85.91 -55.42
CA THR X 95 -64.21 86.37 -56.32
C THR X 95 -65.39 86.96 -55.58
N ALA X 96 -65.74 86.34 -54.46
CA ALA X 96 -66.81 86.84 -53.65
C ALA X 96 -66.50 88.20 -53.06
N ARG X 97 -65.26 88.39 -52.59
CA ARG X 97 -64.91 89.69 -52.02
C ARG X 97 -64.95 90.76 -53.07
N ILE X 98 -64.56 90.41 -54.28
CA ILE X 98 -64.57 91.45 -55.29
C ILE X 98 -65.99 91.74 -55.72
N ALA X 99 -66.83 90.70 -55.89
CA ALA X 99 -68.22 90.92 -56.29
C ALA X 99 -68.98 91.68 -55.22
N LYS X 100 -68.58 91.46 -53.97
CA LYS X 100 -69.07 92.25 -52.86
C LYS X 100 -68.76 93.72 -53.07
N ALA X 101 -67.50 94.06 -53.33
CA ALA X 101 -67.21 95.47 -53.49
C ALA X 101 -67.77 96.03 -54.79
N ALA X 102 -68.00 95.19 -55.77
CA ALA X 102 -68.48 95.59 -57.07
C ALA X 102 -69.97 95.53 -57.17
N HIS X 103 -70.63 95.15 -56.07
CA HIS X 103 -72.07 95.08 -55.98
C HIS X 103 -72.63 94.13 -57.01
N PHE X 104 -71.92 93.06 -57.25
CA PHE X 104 -72.39 92.06 -58.19
C PHE X 104 -72.77 90.83 -57.41
N ARG X 105 -73.89 90.29 -57.80
CA ARG X 105 -74.18 88.92 -57.45
C ARG X 105 -73.13 88.02 -58.06
N PHE X 106 -72.58 87.15 -57.24
CA PHE X 106 -71.60 86.18 -57.69
C PHE X 106 -72.27 84.83 -57.82
N ARG X 107 -71.90 84.11 -58.84
CA ARG X 107 -72.56 82.89 -59.22
C ARG X 107 -71.50 81.84 -59.49
N VAL X 108 -71.86 80.59 -59.25
CA VAL X 108 -71.01 79.45 -59.57
C VAL X 108 -71.76 78.54 -60.53
N LEU X 109 -71.09 78.12 -61.59
CA LEU X 109 -71.59 77.08 -62.49
C LEU X 109 -70.66 75.90 -62.49
N GLY X 110 -71.23 74.70 -62.39
CA GLY X 110 -70.42 73.51 -62.36
C GLY X 110 -69.77 73.29 -61.00
N LYS X 111 -69.51 72.05 -60.65
CA LYS X 111 -69.00 71.76 -59.32
C LYS X 111 -67.52 72.10 -59.23
N SER X 112 -67.13 72.64 -58.09
CA SER X 112 -65.71 72.87 -57.84
C SER X 112 -65.02 71.51 -57.67
N PRO X 113 -63.83 71.34 -58.20
CA PRO X 113 -63.18 70.03 -58.17
C PRO X 113 -62.62 69.80 -56.78
N SER X 114 -62.17 68.57 -56.58
CA SER X 114 -61.62 68.17 -55.30
C SER X 114 -60.36 68.95 -54.95
N VAL X 115 -59.49 69.16 -55.92
CA VAL X 115 -58.30 69.95 -55.65
C VAL X 115 -58.68 71.40 -55.81
N PRO X 116 -58.14 72.29 -54.99
CA PRO X 116 -58.47 73.70 -55.13
C PRO X 116 -57.78 74.29 -56.35
N VAL X 117 -58.41 75.30 -56.89
CA VAL X 117 -57.80 76.11 -57.93
C VAL X 117 -57.22 77.30 -57.19
N LEU X 118 -56.01 77.13 -56.73
CA LEU X 118 -55.35 78.19 -55.99
C LEU X 118 -54.79 79.18 -56.96
N ILE X 119 -54.93 80.46 -56.66
CA ILE X 119 -54.32 81.47 -57.49
C ILE X 119 -53.68 82.50 -56.60
N SER X 120 -52.71 83.16 -57.16
CA SER X 120 -51.94 84.11 -56.40
C SER X 120 -51.76 85.32 -57.30
N ILE X 121 -52.36 86.44 -56.91
CA ILE X 121 -52.31 87.64 -57.70
C ILE X 121 -51.70 88.71 -56.83
N SER X 122 -50.69 89.38 -57.35
CA SER X 122 -50.09 90.50 -56.67
C SER X 122 -50.01 91.65 -57.65
N THR X 123 -51.00 92.51 -57.63
CA THR X 123 -51.00 93.66 -58.50
C THR X 123 -51.35 94.89 -57.70
N LYS X 124 -51.00 96.04 -58.26
CA LYS X 124 -51.25 97.31 -57.61
C LYS X 124 -52.07 98.18 -58.54
N ASP X 125 -53.19 98.66 -58.01
CA ASP X 125 -53.93 99.82 -58.51
C ASP X 125 -54.49 99.57 -59.91
N GLU X 126 -55.32 98.56 -59.96
CA GLU X 126 -55.83 98.04 -61.22
C GLU X 126 -57.33 98.02 -61.16
N SER X 127 -57.95 98.32 -62.29
CA SER X 127 -59.38 98.20 -62.20
C SER X 127 -59.79 96.76 -62.36
N LEU X 128 -61.06 96.58 -62.19
CA LEU X 128 -61.51 95.28 -61.85
C LEU X 128 -61.65 94.37 -63.03
N ALA X 129 -62.04 94.91 -64.19
CA ALA X 129 -62.33 94.06 -65.33
C ALA X 129 -61.10 93.31 -65.78
N GLU X 130 -59.99 93.99 -65.77
CA GLU X 130 -58.78 93.31 -66.14
C GLU X 130 -58.17 92.59 -64.96
N ILE X 131 -58.50 93.00 -63.73
CA ILE X 131 -58.21 92.13 -62.61
C ILE X 131 -58.89 90.79 -62.78
N LEU X 132 -60.13 90.81 -63.23
CA LEU X 132 -60.78 89.56 -63.57
C LEU X 132 -60.12 88.89 -64.74
N ARG X 133 -59.64 89.66 -65.69
CA ARG X 133 -59.05 89.07 -66.86
C ARG X 133 -57.81 88.28 -66.51
N ASP X 134 -56.93 88.86 -65.73
CA ASP X 134 -55.76 88.06 -65.42
C ASP X 134 -56.03 87.05 -64.34
N ILE X 135 -57.10 87.22 -63.58
CA ILE X 135 -57.53 86.13 -62.75
C ILE X 135 -57.93 84.95 -63.58
N ASP X 136 -58.71 85.20 -64.62
CA ASP X 136 -59.14 84.16 -65.51
C ASP X 136 -57.99 83.52 -66.23
N TYR X 137 -57.05 84.35 -66.64
CA TYR X 137 -55.85 83.84 -67.23
C TYR X 137 -55.08 82.99 -66.25
N GLN X 138 -54.97 83.42 -65.00
CA GLN X 138 -54.24 82.66 -64.02
C GLN X 138 -54.91 81.34 -63.75
N ALA X 139 -56.22 81.34 -63.67
CA ALA X 139 -56.96 80.09 -63.66
C ALA X 139 -57.44 79.76 -65.06
N GLY X 140 -56.51 79.84 -66.00
CA GLY X 140 -56.74 79.28 -67.31
C GLY X 140 -57.02 77.78 -67.20
N LYS X 141 -57.89 77.31 -68.09
CA LYS X 141 -58.25 75.92 -68.34
C LYS X 141 -58.71 75.14 -67.10
N LYS X 142 -58.96 75.81 -66.00
CA LYS X 142 -59.57 75.12 -64.88
C LYS X 142 -60.79 75.92 -64.45
N ALA X 143 -60.73 77.23 -64.63
CA ALA X 143 -61.84 78.08 -64.23
C ALA X 143 -62.14 79.08 -65.34
N SER X 144 -63.32 79.68 -65.25
CA SER X 144 -63.68 80.73 -66.17
C SER X 144 -64.55 81.76 -65.49
N ILE X 145 -64.46 82.98 -65.98
CA ILE X 145 -65.30 84.08 -65.54
C ILE X 145 -66.17 84.50 -66.71
N HIS X 146 -67.45 84.60 -66.46
CA HIS X 146 -68.31 85.30 -67.39
C HIS X 146 -69.02 86.38 -66.63
N VAL X 147 -69.15 87.54 -67.23
CA VAL X 147 -69.78 88.66 -66.57
C VAL X 147 -71.05 88.98 -67.35
N TYR X 148 -72.16 89.10 -66.63
CA TYR X 148 -73.33 89.72 -67.25
C TYR X 148 -73.63 90.97 -66.46
N PRO X 149 -73.20 92.14 -66.96
CA PRO X 149 -73.44 93.41 -66.30
C PRO X 149 -74.66 94.15 -66.82
N ASN X 150 -75.39 93.59 -67.78
CA ASN X 150 -76.77 94.00 -67.90
C ASN X 150 -77.53 93.62 -66.64
N SER X 151 -77.20 92.46 -66.11
CA SER X 151 -77.50 92.09 -64.74
C SER X 151 -76.41 92.66 -63.84
N GLN X 152 -76.27 92.15 -62.66
CA GLN X 152 -75.04 92.38 -61.92
C GLN X 152 -74.60 91.02 -61.53
N VAL X 153 -73.97 90.30 -62.42
CA VAL X 153 -73.60 88.96 -62.03
C VAL X 153 -72.25 88.64 -62.62
N VAL X 154 -71.42 88.05 -61.79
CA VAL X 154 -70.19 87.43 -62.21
C VAL X 154 -70.30 85.94 -61.92
N GLU X 155 -70.28 85.14 -62.96
CA GLU X 155 -70.38 83.70 -62.81
C GLU X 155 -69.00 83.09 -63.00
N LEU X 156 -68.74 82.08 -62.19
CA LEU X 156 -67.48 81.37 -62.20
C LEU X 156 -67.79 79.94 -62.62
N ARG X 157 -67.31 79.57 -63.79
CA ARG X 157 -67.61 78.27 -64.37
C ARG X 157 -66.44 77.35 -64.08
N TYR X 158 -66.74 76.14 -63.63
CA TYR X 158 -65.66 75.24 -63.31
C TYR X 158 -65.35 74.32 -64.48
N ALA X 159 -64.19 73.69 -64.40
CA ALA X 159 -63.78 72.72 -65.40
C ALA X 159 -64.58 71.45 -65.27
N LYS X 160 -64.42 70.57 -66.25
CA LYS X 160 -65.30 69.43 -66.43
C LYS X 160 -64.54 68.13 -66.26
N ILE X 161 -63.64 68.11 -65.29
CA ILE X 161 -62.90 66.90 -65.01
C ILE X 161 -62.47 67.02 -63.55
N ALA Y 58 26.45 59.90 -38.81
CA ALA Y 58 25.43 59.73 -37.80
C ALA Y 58 24.73 61.05 -37.56
N LEU Y 59 25.17 61.74 -36.49
CA LEU Y 59 24.91 63.17 -36.31
C LEU Y 59 25.33 63.92 -37.53
N LYS Y 60 26.47 63.49 -38.02
CA LYS Y 60 26.98 63.73 -39.34
C LYS Y 60 25.90 63.58 -40.40
N GLU Y 61 25.39 62.36 -40.60
CA GLU Y 61 24.53 62.10 -41.75
C GLU Y 61 23.20 62.83 -41.60
N THR Y 62 22.73 62.99 -40.40
CA THR Y 62 21.52 63.77 -40.27
C THR Y 62 21.77 65.25 -40.43
N ALA Y 63 22.96 65.76 -40.17
CA ALA Y 63 23.22 67.15 -40.50
C ALA Y 63 23.24 67.35 -42.00
N LEU Y 64 23.83 66.38 -42.69
CA LEU Y 64 23.74 66.30 -44.14
C LEU Y 64 22.30 66.28 -44.61
N SER Y 65 21.50 65.39 -44.07
CA SER Y 65 20.17 65.19 -44.58
C SER Y 65 19.23 66.30 -44.17
N VAL Y 66 19.53 66.98 -43.07
CA VAL Y 66 18.90 68.24 -42.75
C VAL Y 66 19.17 69.24 -43.85
N GLY Y 67 20.40 69.30 -44.32
CA GLY Y 67 20.65 70.12 -45.48
C GLY Y 67 19.99 69.66 -46.75
N ALA Y 68 19.85 68.34 -46.92
CA ALA Y 68 19.59 67.75 -48.22
C ALA Y 68 18.25 68.20 -48.77
N GLN Y 69 17.18 67.87 -48.05
CA GLN Y 69 15.86 68.33 -48.41
C GLN Y 69 15.75 69.84 -48.34
N ALA Y 70 16.53 70.50 -47.48
CA ALA Y 70 16.42 71.95 -47.33
C ALA Y 70 16.82 72.67 -48.60
N GLY Y 71 18.05 72.42 -49.06
CA GLY Y 71 18.48 72.99 -50.32
C GLY Y 71 17.68 72.47 -51.49
N LEU Y 72 17.22 71.22 -51.42
CA LEU Y 72 16.40 70.64 -52.48
C LEU Y 72 15.11 71.41 -52.69
N ALA Y 73 14.37 71.63 -51.62
CA ALA Y 73 13.12 72.32 -51.74
C ALA Y 73 13.32 73.80 -51.94
N TRP Y 74 14.42 74.34 -51.39
CA TRP Y 74 14.76 75.72 -51.60
C TRP Y 74 14.95 75.98 -53.08
N ARG Y 75 15.73 75.12 -53.71
CA ARG Y 75 15.93 75.13 -55.14
C ARG Y 75 14.64 74.98 -55.91
N ALA Y 76 13.77 74.10 -55.42
CA ALA Y 76 12.51 73.83 -56.09
C ALA Y 76 11.64 75.06 -56.13
N LYS Y 77 11.59 75.79 -55.02
CA LYS Y 77 10.83 77.03 -55.01
C LYS Y 77 11.44 78.03 -55.97
N ILE Y 78 12.78 78.05 -56.07
CA ILE Y 78 13.43 79.01 -56.94
C ILE Y 78 13.07 78.74 -58.39
N ILE Y 79 13.37 77.53 -58.84
CA ILE Y 79 13.06 77.09 -60.21
C ILE Y 79 11.59 77.25 -60.56
N ASP Y 80 10.72 77.16 -59.57
CA ASP Y 80 9.33 77.39 -59.84
C ASP Y 80 9.06 78.86 -60.15
N GLU Y 81 9.72 79.83 -59.47
CA GLU Y 81 9.40 81.18 -59.94
C GLU Y 81 10.03 81.51 -61.27
N GLN Y 82 11.19 80.94 -61.61
CA GLN Y 82 11.67 81.37 -62.91
C GLN Y 82 10.92 80.68 -64.03
N LEU Y 83 10.38 79.50 -63.74
CA LEU Y 83 9.37 78.92 -64.63
C LEU Y 83 8.23 79.89 -64.84
N ASN Y 84 7.72 80.46 -63.77
CA ASN Y 84 6.57 81.32 -63.90
C ASN Y 84 6.86 82.59 -64.65
N LYS Y 85 8.02 83.19 -64.47
CA LYS Y 85 8.23 84.43 -65.19
C LYS Y 85 8.50 84.19 -66.66
N GLN Y 86 9.00 83.04 -67.03
CA GLN Y 86 9.20 82.84 -68.45
C GLN Y 86 8.16 81.93 -69.04
N ALA Y 87 7.04 81.83 -68.33
CA ALA Y 87 5.94 80.98 -68.76
C ALA Y 87 5.48 81.33 -70.15
N ARG Y 88 5.38 82.62 -70.45
CA ARG Y 88 5.10 83.10 -71.78
C ARG Y 88 6.08 82.60 -72.79
N ASN Y 89 7.31 82.60 -72.38
CA ASN Y 89 8.37 82.25 -73.29
C ASN Y 89 8.35 80.77 -73.50
N LEU Y 90 7.93 80.05 -72.47
CA LEU Y 90 7.90 78.61 -72.49
C LEU Y 90 6.97 78.07 -73.54
N ASP Y 91 5.71 78.43 -73.48
CA ASP Y 91 4.80 77.97 -74.50
C ASP Y 91 5.02 78.70 -75.81
N ALA Y 92 5.62 79.89 -75.71
CA ALA Y 92 5.94 80.66 -76.88
C ALA Y 92 6.91 79.87 -77.73
N ILE Y 93 7.78 79.13 -77.06
CA ILE Y 93 8.42 78.02 -77.72
C ILE Y 93 7.40 76.94 -78.02
N TYR Y 94 6.82 76.36 -76.99
CA TYR Y 94 6.12 75.08 -77.10
C TYR Y 94 4.63 75.23 -77.34
N ASP Y 95 4.37 75.77 -78.51
CA ASP Y 95 3.02 75.81 -79.09
C ASP Y 95 2.65 74.42 -79.61
N PHE Y 96 1.98 73.63 -78.79
CA PHE Y 96 1.70 72.24 -79.14
C PHE Y 96 0.64 72.12 -80.20
N ASN Y 97 -0.35 73.00 -80.10
CA ASN Y 97 -1.51 72.98 -80.98
C ASN Y 97 -1.13 73.18 -82.43
N SER Y 98 -0.05 73.90 -82.65
CA SER Y 98 0.56 73.98 -83.95
C SER Y 98 0.96 72.62 -84.46
N LEU Y 99 1.30 71.73 -83.55
CA LEU Y 99 1.69 70.40 -83.93
C LEU Y 99 0.55 69.42 -83.90
N VAL Y 100 -0.56 69.76 -83.28
CA VAL Y 100 -1.61 68.76 -83.19
C VAL Y 100 -2.32 68.65 -84.54
N LEU Y 101 -3.11 67.61 -84.67
CA LEU Y 101 -3.67 67.26 -85.96
C LEU Y 101 -5.12 67.70 -86.06
N GLU Y 102 -5.75 67.22 -87.12
CA GLU Y 102 -7.06 67.65 -87.61
C GLU Y 102 -8.18 67.35 -86.65
N HIS Y 103 -8.13 66.23 -85.99
CA HIS Y 103 -9.20 65.78 -85.14
C HIS Y 103 -8.69 65.78 -83.73
N ASN Y 104 -7.92 66.83 -83.43
CA ASN Y 104 -6.94 67.01 -82.34
C ASN Y 104 -6.29 65.69 -81.96
N ILE Y 105 -5.72 65.06 -82.97
CA ILE Y 105 -4.90 63.90 -82.77
C ILE Y 105 -3.53 64.42 -82.38
N LEU Y 106 -3.12 64.16 -81.16
CA LEU Y 106 -1.76 64.43 -80.80
C LEU Y 106 -0.86 63.46 -81.56
N PRO Y 107 0.10 63.98 -82.32
CA PRO Y 107 0.89 63.15 -83.22
C PRO Y 107 1.96 62.37 -82.47
N PRO Y 108 2.42 61.23 -83.00
CA PRO Y 108 3.35 60.40 -82.24
C PRO Y 108 4.75 60.99 -82.21
N VAL Y 109 5.57 60.49 -81.30
CA VAL Y 109 6.92 61.01 -81.16
C VAL Y 109 7.88 60.06 -81.86
N LEU Y 110 8.64 60.58 -82.80
CA LEU Y 110 9.47 59.70 -83.61
C LEU Y 110 10.92 59.92 -83.23
N LEU Y 111 11.73 58.88 -83.37
CA LEU Y 111 13.08 58.90 -82.88
C LEU Y 111 14.08 58.61 -83.98
N GLU Y 112 15.07 59.48 -84.04
CA GLU Y 112 16.18 59.48 -84.98
C GLU Y 112 17.22 58.45 -84.57
N GLY Y 113 17.95 57.91 -85.55
CA GLY Y 113 19.09 57.10 -85.27
C GLY Y 113 20.19 57.16 -86.32
N ARG Y 114 21.41 57.46 -85.89
CA ARG Y 114 22.56 57.30 -86.75
C ARG Y 114 23.58 56.38 -86.15
N ASN Y 115 24.30 55.74 -87.08
CA ASN Y 115 25.39 54.79 -86.90
C ASN Y 115 25.20 53.88 -85.69
N THR Y 116 24.02 53.31 -85.64
CA THR Y 116 23.67 52.38 -84.61
C THR Y 116 24.52 51.16 -84.83
N LEU Y 117 25.71 51.19 -84.28
CA LEU Y 117 26.53 50.02 -84.32
C LEU Y 117 26.49 49.40 -82.96
N ASN Y 118 25.80 48.31 -82.89
CA ASN Y 118 26.07 47.39 -81.83
C ASN Y 118 27.04 46.41 -82.41
N LEU Y 119 28.19 46.28 -81.81
CA LEU Y 119 28.88 45.03 -82.04
C LEU Y 119 28.05 44.07 -81.24
N ALA Y 120 27.65 42.99 -81.87
CA ALA Y 120 27.28 41.88 -81.01
C ALA Y 120 28.49 41.43 -80.26
N ASP Y 121 29.59 41.26 -80.97
CA ASP Y 121 30.69 40.57 -80.37
C ASP Y 121 31.93 40.81 -81.20
N ALA Y 122 32.95 40.04 -80.89
CA ALA Y 122 34.22 40.05 -81.56
C ALA Y 122 34.12 39.53 -82.99
N GLN Y 123 33.03 38.86 -83.32
CA GLN Y 123 32.92 38.14 -84.54
C GLN Y 123 31.93 38.77 -85.49
N SER Y 124 31.02 39.57 -84.97
CA SER Y 124 29.95 40.07 -85.79
C SER Y 124 29.47 41.39 -85.24
N ILE Y 125 29.29 42.33 -86.11
CA ILE Y 125 28.78 43.62 -85.72
C ILE Y 125 27.55 43.90 -86.55
N ARG Y 126 26.82 44.92 -86.13
CA ARG Y 126 25.56 45.21 -86.77
C ARG Y 126 25.27 46.68 -86.59
N ILE Y 127 25.15 47.35 -87.69
CA ILE Y 127 25.04 48.77 -87.74
C ILE Y 127 23.91 49.15 -88.66
N SER Y 128 23.04 50.03 -88.19
CA SER Y 128 22.38 50.84 -89.18
C SER Y 128 23.09 52.15 -89.27
N ASP Y 129 23.11 52.63 -90.47
CA ASP Y 129 23.37 54.03 -90.73
C ASP Y 129 22.38 54.94 -90.04
N ARG Y 130 21.15 54.48 -89.84
CA ARG Y 130 20.05 55.39 -89.73
C ARG Y 130 18.86 54.58 -89.29
N THR Y 131 18.03 55.14 -88.44
CA THR Y 131 17.11 54.34 -87.63
C THR Y 131 15.96 55.21 -87.15
N TYR Y 132 14.75 54.70 -87.15
CA TYR Y 132 13.65 55.46 -86.60
C TYR Y 132 12.77 54.66 -85.69
N LYS Y 133 12.43 55.27 -84.57
CA LYS Y 133 11.63 54.62 -83.58
C LYS Y 133 10.36 55.40 -83.38
N VAL Y 134 9.25 54.81 -83.75
CA VAL Y 134 7.98 55.43 -83.44
C VAL Y 134 7.71 55.10 -82.00
N ALA Y 135 7.49 56.12 -81.20
CA ALA Y 135 7.07 55.96 -79.83
C ALA Y 135 5.80 56.77 -79.65
N LYS Y 136 4.97 56.29 -78.71
CA LYS Y 136 3.78 56.97 -78.21
C LYS Y 136 2.85 57.40 -79.35
N GLN Y 137 2.27 56.39 -79.99
CA GLN Y 137 1.52 56.51 -81.23
C GLN Y 137 0.39 57.53 -81.12
N ALA Y 138 0.06 58.14 -82.27
CA ALA Y 138 -0.91 59.22 -82.38
C ALA Y 138 -2.25 58.87 -81.77
N HIS Y 139 -2.90 59.86 -81.18
CA HIS Y 139 -4.07 59.53 -80.41
C HIS Y 139 -4.98 60.74 -80.31
N PHE Y 140 -6.25 60.48 -80.03
CA PHE Y 140 -7.17 61.58 -79.74
C PHE Y 140 -6.73 62.26 -78.46
N ILE Y 141 -6.52 63.55 -78.50
CA ILE Y 141 -6.23 64.25 -77.27
C ILE Y 141 -7.41 65.16 -77.03
N THR Y 142 -7.72 65.43 -75.77
CA THR Y 142 -8.65 66.50 -75.52
C THR Y 142 -7.92 67.82 -75.47
N THR Y 143 -7.23 68.04 -74.38
CA THR Y 143 -6.58 69.29 -74.20
C THR Y 143 -5.12 69.10 -74.53
N PRO Y 144 -4.56 69.97 -75.36
CA PRO Y 144 -3.20 69.78 -75.83
C PRO Y 144 -2.21 70.00 -74.70
N PRO Y 145 -1.02 69.44 -74.82
CA PRO Y 145 -0.07 69.51 -73.71
C PRO Y 145 0.45 70.91 -73.50
N THR Y 146 0.98 71.14 -72.32
CA THR Y 146 1.62 72.39 -72.00
C THR Y 146 3.08 72.10 -71.82
N TRP Y 147 3.76 72.95 -71.09
CA TRP Y 147 4.98 72.47 -70.47
C TRP Y 147 4.84 72.21 -68.99
N ARG Y 148 3.95 72.91 -68.30
CA ARG Y 148 3.92 72.88 -66.85
C ARG Y 148 3.57 71.53 -66.32
N GLN Y 149 2.92 70.76 -67.17
CA GLN Y 149 2.84 69.33 -67.05
C GLN Y 149 4.21 68.68 -66.95
N TYR Y 150 5.29 69.30 -67.43
CA TYR Y 150 6.56 68.62 -67.54
C TYR Y 150 7.63 69.34 -66.75
N LEU Y 151 7.39 70.60 -66.47
CA LEU Y 151 8.47 71.38 -65.92
C LEU Y 151 8.16 72.01 -64.61
N TRP Y 152 6.89 72.16 -64.26
CA TRP Y 152 6.58 72.71 -62.96
C TRP Y 152 7.08 71.78 -61.90
N MET Y 153 8.21 72.13 -61.33
CA MET Y 153 8.79 71.31 -60.30
C MET Y 153 7.90 71.41 -59.08
N ASP Y 154 7.74 70.31 -58.39
CA ASP Y 154 6.96 70.31 -57.17
C ASP Y 154 7.72 71.09 -56.14
N TYR Y 155 7.00 71.85 -55.36
CA TYR Y 155 7.57 72.51 -54.21
C TYR Y 155 6.75 72.14 -52.99
N VAL Y 156 7.40 71.60 -51.99
CA VAL Y 156 6.84 71.53 -50.66
C VAL Y 156 7.84 72.19 -49.74
N LYS Y 157 7.36 72.64 -48.59
CA LYS Y 157 8.28 73.23 -47.63
C LYS Y 157 8.37 72.37 -46.38
N PRO Y 158 9.50 71.74 -46.10
CA PRO Y 158 9.71 71.23 -44.74
C PRO Y 158 10.67 72.12 -43.97
N GLU Y 159 10.34 72.37 -42.70
CA GLU Y 159 11.29 72.82 -41.69
C GLU Y 159 11.36 71.86 -40.51
N ALA Y 160 11.11 70.57 -40.75
CA ALA Y 160 11.00 69.59 -39.68
C ALA Y 160 12.36 69.00 -39.35
N PRO Y 161 12.90 69.24 -38.14
CA PRO Y 161 14.16 68.61 -37.79
C PRO Y 161 13.95 67.17 -37.32
N LYS Y 173 27.90 69.83 -33.84
CA LYS Y 173 27.40 71.19 -33.81
C LYS Y 173 27.93 72.02 -35.00
N GLU Y 174 29.25 72.15 -35.10
CA GLU Y 174 29.77 72.72 -36.32
C GLU Y 174 29.59 71.75 -37.48
N ILE Y 175 29.59 70.45 -37.19
CA ILE Y 175 29.24 69.49 -38.22
C ILE Y 175 27.79 69.65 -38.60
N TRP Y 176 26.93 70.02 -37.63
CA TRP Y 176 25.56 70.33 -37.96
C TRP Y 176 25.47 71.44 -38.96
N CYS Y 177 26.16 72.55 -38.69
CA CYS Y 177 26.02 73.70 -39.57
C CYS Y 177 26.63 73.43 -40.94
N ILE Y 178 27.83 72.85 -40.97
CA ILE Y 178 28.46 72.69 -42.26
C ILE Y 178 27.84 71.56 -43.08
N TYR Y 179 27.30 70.52 -42.45
CA TYR Y 179 26.73 69.49 -43.29
C TYR Y 179 25.35 69.86 -43.71
N THR Y 180 24.73 70.74 -42.96
CA THR Y 180 23.50 71.32 -43.46
C THR Y 180 23.77 72.17 -44.69
N GLU Y 181 24.85 72.94 -44.72
CA GLU Y 181 25.09 73.61 -46.00
C GLU Y 181 25.55 72.66 -47.08
N ARG Y 182 26.23 71.59 -46.71
CA ARG Y 182 26.59 70.55 -47.65
C ARG Y 182 25.37 70.05 -48.38
N GLY Y 183 24.44 69.51 -47.61
CA GLY Y 183 23.21 69.00 -48.17
C GLY Y 183 22.40 70.09 -48.83
N TRP Y 184 22.52 71.32 -48.33
CA TRP Y 184 21.90 72.46 -48.99
C TRP Y 184 22.35 72.55 -50.43
N LYS Y 185 23.66 72.53 -50.65
CA LYS Y 185 24.19 72.47 -52.00
C LYS Y 185 23.75 71.22 -52.75
N ASN Y 186 23.68 70.12 -52.03
CA ASN Y 186 23.45 68.84 -52.64
C ASN Y 186 22.04 68.73 -53.17
N GLY Y 187 21.07 69.15 -52.36
CA GLY Y 187 19.70 69.16 -52.81
C GLY Y 187 19.50 70.14 -53.93
N ILE Y 188 20.21 71.27 -53.86
CA ILE Y 188 20.20 72.23 -54.95
C ILE Y 188 20.57 71.57 -56.25
N ASP Y 189 21.71 70.95 -56.30
CA ASP Y 189 22.10 70.56 -57.63
C ASP Y 189 21.51 69.25 -58.06
N GLN Y 190 21.04 68.42 -57.13
CA GLN Y 190 20.28 67.28 -57.61
C GLN Y 190 18.96 67.74 -58.18
N ALA Y 191 18.39 68.81 -57.63
CA ALA Y 191 17.19 69.37 -58.23
C ALA Y 191 17.49 69.95 -59.59
N ASN Y 192 18.68 70.49 -59.75
CA ASN Y 192 19.08 71.03 -61.03
C ASN Y 192 19.14 69.96 -62.08
N THR Y 193 19.70 68.83 -61.71
CA THR Y 193 19.72 67.69 -62.60
C THR Y 193 18.32 67.21 -62.90
N ILE Y 194 17.47 67.24 -61.89
CA ILE Y 194 16.07 66.84 -62.08
C ILE Y 194 15.43 67.72 -63.11
N LEU Y 195 15.63 69.00 -62.95
CA LEU Y 195 15.17 70.01 -63.89
C LEU Y 195 15.68 69.74 -65.28
N GLU Y 196 16.95 69.44 -65.38
CA GLU Y 196 17.61 69.14 -66.63
C GLU Y 196 16.92 67.99 -67.32
N GLU Y 197 16.58 66.99 -66.54
CA GLU Y 197 15.91 65.83 -67.07
C GLU Y 197 14.53 66.17 -67.55
N ASN Y 198 13.88 67.08 -66.85
CA ASN Y 198 12.54 67.49 -67.24
C ASN Y 198 12.58 68.15 -68.59
N ILE Y 199 13.60 68.97 -68.75
CA ILE Y 199 13.80 69.68 -70.00
C ILE Y 199 14.04 68.70 -71.11
N ALA Y 200 14.86 67.71 -70.84
CA ALA Y 200 15.19 66.73 -71.86
C ALA Y 200 13.96 65.95 -72.26
N ARG Y 201 13.09 65.70 -71.30
CA ARG Y 201 11.87 65.00 -71.59
C ARG Y 201 11.00 65.81 -72.52
N ILE Y 202 10.92 67.10 -72.26
CA ILE Y 202 10.05 67.86 -73.13
C ILE Y 202 10.68 68.04 -74.51
N LYS Y 203 12.03 68.02 -74.59
CA LYS Y 203 12.71 68.00 -75.87
C LYS Y 203 12.22 66.85 -76.69
N GLU Y 204 12.47 65.68 -76.15
CA GLU Y 204 12.35 64.46 -76.93
C GLU Y 204 10.93 64.23 -77.34
N ASP Y 205 10.00 64.70 -76.52
CA ASP Y 205 8.63 64.79 -76.97
C ASP Y 205 8.52 65.67 -78.18
N PHE Y 206 8.95 66.91 -78.04
CA PHE Y 206 8.56 67.91 -79.01
C PHE Y 206 9.18 67.63 -80.35
N GLY Y 207 10.47 67.30 -80.28
CA GLY Y 207 11.19 66.84 -81.43
C GLY Y 207 10.59 65.60 -82.00
N GLY Y 208 10.03 64.74 -81.16
CA GLY Y 208 9.41 63.55 -81.69
C GLY Y 208 8.21 63.83 -82.56
N MET Y 209 7.31 64.69 -82.09
CA MET Y 209 6.17 64.95 -82.96
C MET Y 209 6.55 65.80 -84.16
N ILE Y 210 7.61 66.61 -84.00
CA ILE Y 210 8.18 67.29 -85.14
C ILE Y 210 8.55 66.28 -86.20
N LEU Y 211 9.25 65.26 -85.78
CA LEU Y 211 9.70 64.24 -86.69
C LEU Y 211 8.56 63.45 -87.26
N TYR Y 212 7.44 63.39 -86.55
CA TYR Y 212 6.29 62.77 -87.16
C TYR Y 212 5.83 63.58 -88.34
N ARG Y 213 5.72 64.87 -88.13
CA ARG Y 213 5.31 65.73 -89.22
C ARG Y 213 6.36 65.76 -90.30
N LYS Y 214 7.60 65.51 -89.91
CA LYS Y 214 8.67 65.39 -90.85
C LYS Y 214 8.50 64.22 -91.76
N LEU Y 215 8.40 63.03 -91.22
CA LEU Y 215 8.36 61.88 -92.09
C LEU Y 215 7.04 61.74 -92.76
N LEU Y 216 6.03 62.36 -92.19
CA LEU Y 216 4.80 62.49 -92.89
C LEU Y 216 5.00 63.39 -94.07
N ALA Y 217 5.81 64.43 -93.89
CA ALA Y 217 6.17 65.22 -95.05
C ALA Y 217 7.13 64.47 -95.93
N MET Y 218 7.78 63.47 -95.42
CA MET Y 218 8.74 62.76 -96.23
C MET Y 218 8.19 61.53 -96.85
N ASN Y 219 6.90 61.30 -96.68
CA ASN Y 219 6.23 60.05 -96.98
C ASN Y 219 6.87 58.89 -96.25
N MET Y 220 7.51 59.17 -95.15
CA MET Y 220 8.23 58.12 -94.50
C MET Y 220 7.41 57.55 -93.39
N VAL Y 221 6.38 58.26 -92.96
CA VAL Y 221 5.34 57.66 -92.16
C VAL Y 221 4.01 57.94 -92.80
N SER Y 222 2.99 57.29 -92.28
CA SER Y 222 1.62 57.28 -92.75
C SER Y 222 0.80 58.25 -91.90
N PRO Y 223 -0.36 58.71 -92.39
CA PRO Y 223 -1.22 59.53 -91.57
C PRO Y 223 -1.97 58.70 -90.55
N PRO Y 224 -2.63 59.32 -89.59
CA PRO Y 224 -3.73 58.64 -88.92
C PRO Y 224 -4.93 58.61 -89.84
N TYR Y 225 -5.26 57.43 -90.31
CA TYR Y 225 -6.42 57.18 -91.15
C TYR Y 225 -7.59 56.87 -90.24
N VAL Y 226 -8.63 57.69 -90.28
CA VAL Y 226 -9.72 57.55 -89.32
C VAL Y 226 -11.00 57.20 -90.06
N SER Y 227 -12.04 56.89 -89.31
CA SER Y 227 -13.41 56.88 -89.80
C SER Y 227 -14.25 57.59 -88.75
N HIS Y 228 -14.84 58.71 -89.14
CA HIS Y 228 -15.91 59.30 -88.36
C HIS Y 228 -17.19 58.75 -88.93
N THR Y 229 -17.90 57.98 -88.13
CA THR Y 229 -19.23 57.58 -88.49
C THR Y 229 -20.22 58.37 -87.65
N ASP Y 230 -21.24 58.88 -88.28
CA ASP Y 230 -22.15 59.75 -87.58
C ASP Y 230 -23.50 59.10 -87.42
N LEU Y 231 -24.22 59.54 -86.39
CA LEU Y 231 -25.54 59.06 -86.06
C LEU Y 231 -26.43 60.27 -85.90
N GLY Y 232 -27.69 60.10 -86.29
CA GLY Y 232 -28.64 61.18 -86.21
C GLY Y 232 -29.15 61.40 -84.81
N VAL Y 233 -30.45 61.64 -84.69
CA VAL Y 233 -31.05 61.68 -83.37
C VAL Y 233 -30.97 60.29 -82.77
N THR Y 234 -30.31 60.20 -81.63
CA THR Y 234 -30.17 58.92 -80.99
C THR Y 234 -30.75 59.03 -79.60
N GLY Y 235 -31.57 58.07 -79.25
CA GLY Y 235 -32.03 57.96 -77.89
C GLY Y 235 -33.53 57.81 -77.80
N ASP Y 236 -33.97 57.60 -76.57
CA ASP Y 236 -35.30 57.09 -76.27
C ASP Y 236 -36.21 58.21 -75.82
N GLY Y 237 -37.38 57.85 -75.29
CA GLY Y 237 -38.29 58.82 -74.76
C GLY Y 237 -37.81 59.52 -73.51
N SER Y 238 -36.82 58.95 -72.82
CA SER Y 238 -36.27 59.67 -71.69
C SER Y 238 -34.95 60.31 -71.97
N GLU Y 239 -34.23 59.82 -72.97
CA GLU Y 239 -32.94 60.39 -73.23
C GLU Y 239 -32.84 60.45 -74.73
N ILE Y 240 -32.49 61.57 -75.29
CA ILE Y 240 -32.09 61.57 -76.69
C ILE Y 240 -30.78 62.29 -76.84
N HIS Y 241 -30.16 62.02 -77.97
CA HIS Y 241 -29.02 62.80 -78.43
C HIS Y 241 -29.29 63.09 -79.88
N ILE Y 242 -29.33 64.36 -80.20
CA ILE Y 242 -29.78 64.83 -81.49
C ILE Y 242 -28.75 64.53 -82.57
N ASP Y 243 -27.47 64.62 -82.26
CA ASP Y 243 -26.46 64.13 -83.21
C ASP Y 243 -25.29 63.51 -82.49
N ASP Y 244 -25.07 62.24 -82.76
CA ASP Y 244 -23.97 61.51 -82.18
C ASP Y 244 -22.94 61.20 -83.24
N ARG Y 245 -21.87 61.95 -83.27
CA ARG Y 245 -20.73 61.51 -84.02
C ARG Y 245 -19.89 60.61 -83.14
N VAL Y 246 -19.42 59.52 -83.72
CA VAL Y 246 -18.39 58.72 -83.11
C VAL Y 246 -17.23 58.68 -84.08
N LEU Y 247 -16.04 58.77 -83.55
CA LEU Y 247 -14.85 58.83 -84.37
C LEU Y 247 -13.91 57.76 -83.91
N ARG Y 248 -13.59 56.85 -84.80
CA ARG Y 248 -12.56 55.90 -84.53
C ARG Y 248 -11.40 56.24 -85.41
N ILE Y 249 -10.23 56.02 -84.87
CA ILE Y 249 -9.01 56.17 -85.62
C ILE Y 249 -8.73 54.78 -86.14
N THR Y 250 -8.97 54.56 -87.42
CA THR Y 250 -8.85 53.22 -87.94
C THR Y 250 -7.39 52.81 -88.04
N ALA Y 251 -6.61 53.50 -88.85
CA ALA Y 251 -5.22 53.13 -89.07
C ALA Y 251 -4.30 54.18 -88.45
N LEU Y 252 -3.40 53.74 -87.59
CA LEU Y 252 -2.50 54.65 -86.90
C LEU Y 252 -1.39 55.10 -87.84
N PRO Y 253 -0.69 56.17 -87.49
CA PRO Y 253 0.57 56.47 -88.15
C PRO Y 253 1.58 55.34 -87.94
N GLU Y 254 2.41 55.13 -88.97
CA GLU Y 254 3.40 54.06 -88.98
C GLU Y 254 4.43 54.35 -90.06
N LEU Y 255 5.67 53.91 -89.83
CA LEU Y 255 6.73 54.09 -90.81
C LEU Y 255 6.49 53.21 -92.03
N ASN Y 256 6.41 53.81 -93.20
CA ASN Y 256 6.28 52.98 -94.38
C ASN Y 256 7.61 52.33 -94.67
N VAL Y 257 7.57 51.19 -95.35
CA VAL Y 257 8.79 50.45 -95.57
C VAL Y 257 9.19 50.42 -97.02
N ASN Y 258 8.26 50.58 -97.93
CA ASN Y 258 8.65 50.73 -99.31
C ASN Y 258 9.11 52.17 -99.45
N SER Y 259 10.42 52.34 -99.44
CA SER Y 259 11.02 53.64 -99.44
C SER Y 259 11.00 54.29 -100.79
N ALA Y 260 10.63 53.54 -101.82
CA ALA Y 260 10.55 54.06 -103.17
C ALA Y 260 9.56 55.19 -103.29
N GLU Y 261 8.56 55.20 -102.43
CA GLU Y 261 7.47 56.14 -102.48
C GLU Y 261 7.74 57.29 -101.56
N TRP Y 262 8.97 57.43 -101.13
CA TRP Y 262 9.29 58.48 -100.21
C TRP Y 262 9.33 59.82 -100.89
N ARG Y 263 9.74 60.81 -100.13
CA ARG Y 263 9.71 62.17 -100.60
C ARG Y 263 11.03 62.75 -100.14
N ALA Y 264 11.89 63.07 -101.07
CA ALA Y 264 13.23 63.51 -100.72
C ALA Y 264 13.42 64.93 -101.21
N ALA Y 265 13.39 65.87 -100.29
CA ALA Y 265 13.38 67.27 -100.66
C ALA Y 265 14.80 67.80 -100.69
N VAL Y 266 15.19 68.31 -101.83
CA VAL Y 266 16.38 69.12 -101.91
C VAL Y 266 15.99 70.52 -101.50
N ALA Y 267 16.92 71.28 -100.98
CA ALA Y 267 16.58 72.64 -100.60
C ALA Y 267 17.58 73.59 -101.25
N LYS Y 268 17.26 74.88 -101.21
CA LYS Y 268 18.06 75.88 -101.91
C LYS Y 268 18.34 77.10 -101.04
N PHE Z 25 12.34 112.52 -67.64
CA PHE Z 25 13.27 111.39 -67.67
C PHE Z 25 12.51 110.07 -67.58
N LYS Z 26 12.94 109.10 -68.37
CA LYS Z 26 12.24 107.83 -68.48
C LYS Z 26 12.93 106.73 -67.73
N LYS Z 27 12.41 105.54 -67.88
CA LYS Z 27 12.82 104.32 -67.18
C LYS Z 27 13.11 103.25 -68.21
N PRO Z 28 13.94 102.28 -67.87
CA PRO Z 28 14.14 101.14 -68.74
C PRO Z 28 12.91 100.25 -68.74
N PRO Z 29 12.79 99.39 -69.75
CA PRO Z 29 11.66 98.45 -69.78
C PRO Z 29 11.77 97.44 -68.66
N ILE Z 30 10.63 96.88 -68.33
CA ILE Z 30 10.54 96.10 -67.12
C ILE Z 30 10.86 94.64 -67.39
N ASN Z 31 10.19 94.03 -68.35
CA ASN Z 31 10.47 92.64 -68.71
C ASN Z 31 11.46 92.56 -69.87
N ASN Z 32 12.49 93.38 -69.76
CA ASN Z 32 13.49 93.45 -70.81
C ASN Z 32 14.35 92.20 -70.84
N PRO Z 33 14.84 91.83 -71.99
CA PRO Z 33 15.90 90.83 -72.03
C PRO Z 33 17.20 91.50 -71.65
N SER Z 34 17.43 91.76 -70.36
CA SER Z 34 18.67 92.38 -69.90
C SER Z 34 19.61 91.31 -69.38
N ASP Z 35 19.43 90.12 -69.90
CA ASP Z 35 20.17 88.99 -69.40
C ASP Z 35 20.51 88.11 -70.56
N ASP Z 36 21.77 87.73 -70.60
CA ASP Z 36 22.37 87.10 -71.76
C ASP Z 36 21.72 85.78 -72.12
N ALA Z 37 21.10 85.10 -71.18
CA ALA Z 37 20.37 83.93 -71.63
C ALA Z 37 19.04 84.33 -72.20
N THR Z 38 18.42 85.31 -71.57
CA THR Z 38 17.07 85.68 -71.90
C THR Z 38 16.96 86.28 -73.25
N ILE Z 39 17.97 87.00 -73.66
CA ILE Z 39 18.01 87.51 -75.01
C ILE Z 39 17.95 86.36 -75.99
N LYS Z 40 18.67 85.29 -75.69
CA LYS Z 40 18.72 84.16 -76.57
C LYS Z 40 17.41 83.42 -76.49
N LEU Z 41 16.79 83.45 -75.33
CA LEU Z 41 15.48 82.85 -75.20
C LEU Z 41 14.49 83.53 -76.09
N ALA Z 42 14.44 84.85 -75.99
CA ALA Z 42 13.41 85.62 -76.64
C ALA Z 42 13.55 85.57 -78.14
N GLU Z 43 14.78 85.59 -78.62
CA GLU Z 43 14.93 85.41 -80.04
C GLU Z 43 14.55 84.00 -80.46
N ALA Z 44 14.82 83.01 -79.61
CA ALA Z 44 14.47 81.66 -80.01
C ALA Z 44 12.98 81.54 -80.12
N ALA Z 45 12.29 82.25 -79.23
CA ALA Z 45 10.85 82.35 -79.29
C ALA Z 45 10.40 82.98 -80.59
N VAL Z 46 11.07 84.04 -80.99
CA VAL Z 46 10.55 84.71 -82.14
C VAL Z 46 10.86 83.90 -83.38
N SER Z 47 11.95 83.17 -83.32
CA SER Z 47 12.34 82.27 -84.37
C SER Z 47 11.33 81.16 -84.53
N VAL Z 48 10.91 80.58 -83.42
CA VAL Z 48 10.02 79.45 -83.56
C VAL Z 48 8.66 79.93 -83.98
N SER Z 49 8.30 81.12 -83.54
CA SER Z 49 7.03 81.68 -83.85
C SER Z 49 6.90 81.93 -85.32
N ASP Z 50 7.94 82.52 -85.90
CA ASP Z 50 7.87 82.77 -87.31
C ASP Z 50 7.90 81.47 -88.07
N SER Z 51 8.74 80.54 -87.65
CA SER Z 51 8.89 79.32 -88.37
C SER Z 51 7.61 78.55 -88.42
N MET Z 52 6.92 78.52 -87.29
CA MET Z 52 5.60 77.95 -87.28
C MET Z 52 4.66 78.75 -88.12
N LEU Z 53 4.86 80.06 -88.19
CA LEU Z 53 3.99 80.86 -89.03
C LEU Z 53 4.12 80.48 -90.48
N GLU Z 54 5.32 80.31 -90.98
CA GLU Z 54 5.35 79.91 -92.38
C GLU Z 54 5.03 78.45 -92.55
N MET Z 55 5.20 77.67 -91.50
CA MET Z 55 4.73 76.31 -91.50
C MET Z 55 3.21 76.30 -91.68
N ALA Z 56 2.56 77.22 -91.01
CA ALA Z 56 1.14 77.40 -91.17
C ALA Z 56 0.80 77.95 -92.53
N LYS Z 57 1.67 78.78 -93.07
CA LYS Z 57 1.43 79.33 -94.39
C LYS Z 57 1.43 78.23 -95.41
N VAL Z 58 2.41 77.35 -95.32
CA VAL Z 58 2.49 76.31 -96.31
C VAL Z 58 1.46 75.24 -96.05
N GLU Z 59 0.96 75.13 -94.83
CA GLU Z 59 -0.10 74.18 -94.65
C GLU Z 59 -1.49 74.78 -94.79
N LYS Z 60 -1.61 76.08 -94.94
CA LYS Z 60 -2.92 76.70 -94.86
C LYS Z 60 -3.59 76.58 -96.21
N VAL Z 61 -4.41 75.57 -96.38
CA VAL Z 61 -5.20 75.51 -97.59
C VAL Z 61 -6.36 76.49 -97.43
N ILE Z 62 -6.73 77.14 -98.54
CA ILE Z 62 -7.77 78.14 -98.56
C ILE Z 62 -8.57 78.01 -99.85
N THR Z 63 -9.52 78.93 -100.04
CA THR Z 63 -10.26 79.16 -101.27
C THR Z 63 -10.28 80.65 -101.61
N PRO Z 64 -10.39 81.00 -102.90
CA PRO Z 64 -10.60 82.39 -103.25
C PRO Z 64 -12.04 82.78 -102.97
N PRO Z 65 -12.27 84.05 -102.62
CA PRO Z 65 -13.65 84.53 -102.51
C PRO Z 65 -14.41 84.49 -103.82
N SER Z 66 -13.71 84.48 -104.95
CA SER Z 66 -14.38 84.24 -106.22
C SER Z 66 -14.85 82.80 -106.33
N LYS Z 67 -14.13 81.88 -105.75
CA LYS Z 67 -14.56 80.51 -105.90
C LYS Z 67 -14.81 79.92 -104.52
N ASP Z 68 -15.54 80.65 -103.69
CA ASP Z 68 -15.90 80.14 -102.37
C ASP Z 68 -17.20 79.35 -102.37
N ASN Z 69 -17.99 79.43 -103.45
CA ASN Z 69 -19.08 78.53 -103.83
C ASN Z 69 -20.33 78.67 -102.93
N THR Z 70 -20.30 79.45 -101.87
CA THR Z 70 -21.43 79.50 -100.95
C THR Z 70 -22.50 80.45 -101.43
N LEU Z 71 -23.66 80.40 -100.77
CA LEU Z 71 -24.81 81.21 -101.16
C LEU Z 71 -24.57 82.67 -100.83
N THR Z 72 -25.05 83.54 -101.71
CA THR Z 72 -24.93 84.95 -101.43
C THR Z 72 -26.13 85.44 -100.65
N ILE Z 73 -26.10 86.72 -100.37
CA ILE Z 73 -27.24 87.37 -99.77
C ILE Z 73 -28.15 87.79 -100.90
N PRO Z 74 -29.38 87.29 -100.96
CA PRO Z 74 -30.25 87.53 -102.11
C PRO Z 74 -31.01 88.85 -102.05
N ASN Z 75 -30.74 89.67 -101.04
CA ASN Z 75 -31.09 91.09 -100.93
C ASN Z 75 -32.58 91.40 -101.12
N ALA Z 76 -33.47 90.45 -100.86
CA ALA Z 76 -34.89 90.77 -100.85
C ALA Z 76 -35.23 91.48 -99.58
N TYR Z 77 -36.08 92.50 -99.68
CA TYR Z 77 -36.47 93.24 -98.48
C TYR Z 77 -37.35 92.42 -97.59
N ASN Z 78 -38.11 91.50 -98.15
CA ASN Z 78 -38.80 90.51 -97.34
C ASN Z 78 -37.81 89.62 -96.64
N LEU Z 79 -36.70 89.35 -97.30
CA LEU Z 79 -35.66 88.56 -96.65
C LEU Z 79 -34.95 89.37 -95.59
N GLN Z 80 -34.98 90.68 -95.68
CA GLN Z 80 -34.30 91.53 -94.74
C GLN Z 80 -35.14 91.70 -93.50
N ALA Z 81 -34.76 90.97 -92.45
CA ALA Z 81 -35.33 91.07 -91.12
C ALA Z 81 -34.45 90.30 -90.15
N ARG Z 82 -34.14 90.91 -89.02
CA ARG Z 82 -33.50 90.19 -87.93
C ARG Z 82 -34.48 89.20 -87.32
N ALA Z 83 -33.98 88.11 -86.76
CA ALA Z 83 -34.83 87.06 -86.20
C ALA Z 83 -34.13 86.34 -85.07
N SER Z 84 -34.84 85.42 -84.42
CA SER Z 84 -34.27 84.71 -83.28
C SER Z 84 -34.70 83.26 -83.33
N VAL Z 85 -33.78 82.36 -83.63
CA VAL Z 85 -34.13 80.95 -83.69
C VAL Z 85 -33.10 80.16 -82.91
N ASP Z 86 -33.56 79.25 -82.08
CA ASP Z 86 -32.73 78.15 -81.60
C ASP Z 86 -33.42 76.88 -82.02
N TRP Z 87 -32.81 76.18 -82.95
CA TRP Z 87 -33.38 74.93 -83.38
C TRP Z 87 -32.31 74.07 -83.97
N SER Z 88 -32.46 72.78 -83.77
CA SER Z 88 -31.55 71.86 -84.39
C SER Z 88 -32.35 70.70 -84.91
N GLY Z 89 -31.95 70.19 -86.06
CA GLY Z 89 -32.49 68.95 -86.54
C GLY Z 89 -32.61 69.01 -88.03
N PRO Z 90 -33.67 68.47 -88.59
CA PRO Z 90 -33.77 68.42 -90.05
C PRO Z 90 -34.05 69.78 -90.67
N ILE Z 91 -33.32 70.04 -91.75
CA ILE Z 91 -33.18 71.36 -92.32
C ILE Z 91 -34.47 71.87 -92.95
N GLU Z 92 -35.21 70.99 -93.58
CA GLU Z 92 -36.22 71.37 -94.55
C GLU Z 92 -37.43 71.98 -93.87
N GLU Z 93 -37.74 71.52 -92.66
CA GLU Z 93 -38.88 72.07 -91.95
C GLU Z 93 -38.57 73.45 -91.43
N LEU Z 94 -37.35 73.64 -90.92
CA LEU Z 94 -36.95 74.95 -90.44
C LEU Z 94 -36.91 75.96 -91.57
N THR Z 95 -36.53 75.51 -92.75
CA THR Z 95 -36.53 76.41 -93.88
C THR Z 95 -37.93 76.71 -94.38
N ALA Z 96 -38.84 75.75 -94.27
CA ALA Z 96 -40.23 76.05 -94.59
C ALA Z 96 -40.77 77.12 -93.66
N ARG Z 97 -40.47 76.98 -92.37
CA ARG Z 97 -40.86 77.98 -91.39
C ARG Z 97 -40.21 79.31 -91.65
N ILE Z 98 -38.99 79.30 -92.15
CA ILE Z 98 -38.43 80.60 -92.37
C ILE Z 98 -38.93 81.20 -93.67
N ALA Z 99 -39.36 80.37 -94.62
CA ALA Z 99 -39.89 80.90 -95.86
C ALA Z 99 -41.22 81.58 -95.62
N LYS Z 100 -42.05 80.93 -94.82
CA LYS Z 100 -43.30 81.57 -94.44
C LYS Z 100 -43.06 82.78 -93.54
N ALA Z 101 -41.99 82.75 -92.74
CA ALA Z 101 -41.63 83.95 -92.00
C ALA Z 101 -41.29 85.08 -92.96
N ALA Z 102 -40.58 84.75 -94.01
CA ALA Z 102 -40.10 85.77 -94.91
C ALA Z 102 -41.07 86.08 -96.02
N HIS Z 103 -42.26 85.47 -95.99
CA HIS Z 103 -43.26 85.57 -97.04
C HIS Z 103 -42.71 84.99 -98.33
N PHE Z 104 -41.86 84.01 -98.21
CA PHE Z 104 -41.34 83.38 -99.40
C PHE Z 104 -42.01 82.04 -99.56
N ARG Z 105 -42.23 81.66 -100.80
CA ARG Z 105 -42.61 80.28 -101.00
C ARG Z 105 -41.36 79.42 -100.97
N PHE Z 106 -41.57 78.11 -100.83
CA PHE Z 106 -40.53 77.17 -100.42
C PHE Z 106 -40.63 75.93 -101.27
N ARG Z 107 -39.78 75.82 -102.27
CA ARG Z 107 -39.76 74.57 -102.99
C ARG Z 107 -38.52 73.78 -102.67
N VAL Z 108 -38.63 72.48 -102.84
CA VAL Z 108 -37.55 71.54 -102.63
C VAL Z 108 -37.41 70.73 -103.91
N LEU Z 109 -36.22 70.71 -104.46
CA LEU Z 109 -35.89 69.82 -105.56
C LEU Z 109 -34.91 68.79 -105.04
N GLY Z 110 -35.08 67.55 -105.46
CA GLY Z 110 -34.35 66.44 -104.91
C GLY Z 110 -35.13 65.79 -103.78
N LYS Z 111 -34.70 64.57 -103.45
CA LYS Z 111 -35.34 63.79 -102.41
C LYS Z 111 -34.51 63.84 -101.14
N SER Z 112 -35.18 63.86 -100.04
CA SER Z 112 -34.48 63.90 -98.78
C SER Z 112 -34.01 62.50 -98.40
N PRO Z 113 -32.83 62.37 -97.81
CA PRO Z 113 -32.30 61.05 -97.49
C PRO Z 113 -32.95 60.50 -96.24
N SER Z 114 -32.71 59.20 -96.04
CA SER Z 114 -33.16 58.54 -94.81
C SER Z 114 -32.50 59.17 -93.60
N VAL Z 115 -31.19 59.37 -93.66
CA VAL Z 115 -30.58 60.16 -92.60
C VAL Z 115 -30.91 61.61 -92.92
N PRO Z 116 -31.43 62.35 -91.95
CA PRO Z 116 -31.77 63.74 -92.21
C PRO Z 116 -30.52 64.57 -92.19
N VAL Z 117 -30.62 65.71 -92.82
CA VAL Z 117 -29.55 66.68 -92.78
C VAL Z 117 -29.76 67.52 -91.54
N LEU Z 118 -28.88 67.34 -90.58
CA LEU Z 118 -29.10 67.87 -89.24
C LEU Z 118 -28.32 69.14 -89.07
N ILE Z 119 -28.96 70.13 -88.47
CA ILE Z 119 -28.36 71.44 -88.37
C ILE Z 119 -28.41 71.81 -86.92
N SER Z 120 -27.95 73.01 -86.61
CA SER Z 120 -27.99 73.51 -85.25
C SER Z 120 -27.86 75.01 -85.32
N ILE Z 121 -28.80 75.72 -84.71
CA ILE Z 121 -28.86 77.17 -84.78
C ILE Z 121 -29.24 77.68 -83.41
N SER Z 122 -28.47 78.63 -82.90
CA SER Z 122 -28.84 79.29 -81.66
C SER Z 122 -28.53 80.78 -81.80
N THR Z 123 -29.46 81.53 -82.35
CA THR Z 123 -29.26 82.94 -82.65
C THR Z 123 -30.40 83.73 -82.05
N LYS Z 124 -30.08 84.89 -81.51
CA LYS Z 124 -31.11 85.71 -80.90
C LYS Z 124 -31.42 86.97 -81.68
N ASP Z 125 -30.58 87.35 -82.64
CA ASP Z 125 -30.87 88.53 -83.46
C ASP Z 125 -30.13 88.37 -84.78
N GLU Z 126 -30.81 87.93 -85.83
CA GLU Z 126 -30.09 87.68 -87.07
C GLU Z 126 -30.97 87.81 -88.28
N SER Z 127 -30.40 88.45 -89.28
CA SER Z 127 -31.01 88.49 -90.58
C SER Z 127 -31.14 87.12 -91.19
N LEU Z 128 -32.29 86.94 -91.82
CA LEU Z 128 -32.72 85.70 -92.42
C LEU Z 128 -31.78 85.21 -93.49
N ALA Z 129 -31.19 86.14 -94.22
CA ALA Z 129 -30.30 85.73 -95.27
C ALA Z 129 -29.04 85.12 -94.70
N GLU Z 130 -28.52 85.67 -93.61
CA GLU Z 130 -27.36 85.03 -93.05
C GLU Z 130 -27.70 83.74 -92.36
N ILE Z 131 -28.94 83.64 -91.88
CA ILE Z 131 -29.45 82.35 -91.46
C ILE Z 131 -29.38 81.36 -92.60
N LEU Z 132 -29.84 81.78 -93.76
CA LEU Z 132 -29.77 80.94 -94.94
C LEU Z 132 -28.35 80.67 -95.37
N ARG Z 133 -27.46 81.61 -95.10
CA ARG Z 133 -26.06 81.42 -95.44
C ARG Z 133 -25.49 80.31 -94.62
N ASP Z 134 -25.78 80.32 -93.33
CA ASP Z 134 -25.29 79.27 -92.48
C ASP Z 134 -25.98 77.96 -92.81
N ILE Z 135 -27.21 78.03 -93.27
CA ILE Z 135 -27.91 76.79 -93.50
C ILE Z 135 -27.37 76.12 -94.74
N ASP Z 136 -26.93 76.92 -95.70
CA ASP Z 136 -26.37 76.34 -96.89
C ASP Z 136 -24.98 75.82 -96.58
N TYR Z 137 -24.30 76.52 -95.68
CA TYR Z 137 -23.00 76.10 -95.20
C TYR Z 137 -23.07 74.76 -94.51
N GLN Z 138 -24.03 74.62 -93.62
CA GLN Z 138 -24.15 73.37 -92.92
C GLN Z 138 -24.78 72.31 -93.79
N ALA Z 139 -25.46 72.72 -94.85
CA ALA Z 139 -25.90 71.76 -95.85
C ALA Z 139 -24.70 71.16 -96.54
N GLY Z 140 -23.79 72.01 -96.97
CA GLY Z 140 -22.59 71.56 -97.63
C GLY Z 140 -22.95 70.92 -98.94
N LYS Z 141 -22.64 69.63 -99.05
CA LYS Z 141 -22.75 68.98 -100.33
C LYS Z 141 -23.95 68.06 -100.44
N LYS Z 142 -24.54 67.70 -99.32
CA LYS Z 142 -25.71 66.84 -99.40
C LYS Z 142 -26.89 67.61 -99.91
N ALA Z 143 -26.92 68.91 -99.63
CA ALA Z 143 -28.01 69.76 -100.05
C ALA Z 143 -27.48 71.17 -100.19
N SER Z 144 -28.33 72.03 -100.72
CA SER Z 144 -27.96 73.41 -100.94
C SER Z 144 -29.20 74.27 -101.03
N ILE Z 145 -28.95 75.56 -101.00
CA ILE Z 145 -30.00 76.55 -101.02
C ILE Z 145 -29.85 77.37 -102.27
N HIS Z 146 -30.92 77.50 -103.02
CA HIS Z 146 -31.03 78.58 -103.95
C HIS Z 146 -32.14 79.50 -103.51
N VAL Z 147 -31.96 80.79 -103.79
CA VAL Z 147 -32.99 81.78 -103.50
C VAL Z 147 -33.26 82.53 -104.78
N TYR Z 148 -34.51 82.54 -105.20
CA TYR Z 148 -34.88 83.41 -106.32
C TYR Z 148 -35.80 84.49 -105.77
N PRO Z 149 -35.28 85.68 -105.47
CA PRO Z 149 -36.11 86.70 -104.85
C PRO Z 149 -37.04 87.39 -105.82
N ASN Z 150 -36.78 87.26 -107.12
CA ASN Z 150 -37.74 87.75 -108.10
C ASN Z 150 -39.04 86.98 -108.04
N SER Z 151 -38.94 85.66 -107.88
CA SER Z 151 -40.12 84.84 -107.75
C SER Z 151 -40.51 84.65 -106.30
N GLN Z 152 -39.75 85.26 -105.38
CA GLN Z 152 -39.99 85.20 -103.94
C GLN Z 152 -40.05 83.76 -103.45
N VAL Z 153 -38.98 83.03 -103.70
CA VAL Z 153 -38.93 81.64 -103.30
C VAL Z 153 -37.55 81.34 -102.74
N VAL Z 154 -37.52 80.51 -101.72
CA VAL Z 154 -36.32 79.77 -101.40
C VAL Z 154 -36.55 78.31 -101.75
N GLU Z 155 -35.45 77.68 -102.10
CA GLU Z 155 -35.53 76.34 -102.64
C GLU Z 155 -34.38 75.55 -102.05
N LEU Z 156 -34.71 74.37 -101.56
CA LEU Z 156 -33.74 73.42 -101.07
C LEU Z 156 -33.51 72.36 -102.12
N ARG Z 157 -32.29 72.23 -102.57
CA ARG Z 157 -31.93 71.20 -103.53
C ARG Z 157 -31.12 70.13 -102.81
N TYR Z 158 -31.42 68.90 -103.11
CA TYR Z 158 -30.66 67.81 -102.54
C TYR Z 158 -29.60 67.37 -103.52
N ALA Z 159 -28.82 66.37 -103.16
CA ALA Z 159 -27.84 65.83 -104.07
C ALA Z 159 -28.04 64.34 -104.28
N ILE AA 272 -18.68 50.33 -79.18
CA ILE AA 272 -19.37 51.60 -79.21
C ILE AA 272 -19.13 52.38 -77.95
N PRO AA 273 -18.59 53.58 -78.12
CA PRO AA 273 -18.33 54.44 -76.98
C PRO AA 273 -19.61 54.90 -76.31
N PRO AA 274 -19.53 55.33 -75.06
CA PRO AA 274 -20.67 56.01 -74.43
C PRO AA 274 -20.78 57.43 -74.92
N SER AA 275 -22.01 57.94 -74.85
CA SER AA 275 -22.33 59.26 -75.38
C SER AA 275 -21.57 60.32 -74.63
N ALA AA 276 -21.91 60.44 -73.37
CA ALA AA 276 -21.22 61.22 -72.40
C ALA AA 276 -21.70 60.67 -71.07
N ASN AA 277 -21.40 61.37 -70.01
CA ASN AA 277 -22.10 61.05 -68.80
C ASN AA 277 -23.44 61.74 -68.85
N ASP AA 278 -24.44 61.07 -68.33
CA ASP AA 278 -25.61 61.84 -68.00
C ASP AA 278 -25.45 62.57 -66.69
N LEU AA 279 -24.45 62.21 -65.91
CA LEU AA 279 -24.16 63.04 -64.76
C LEU AA 279 -23.60 64.35 -65.18
N LEU AA 280 -23.02 64.40 -66.39
CA LEU AA 280 -22.78 65.70 -67.00
C LEU AA 280 -24.06 66.48 -67.15
N LEU AA 281 -25.19 65.83 -67.41
CA LEU AA 281 -26.39 66.62 -67.54
C LEU AA 281 -26.82 67.16 -66.20
N HIS AA 282 -26.42 66.50 -65.12
CA HIS AA 282 -26.74 67.00 -63.80
C HIS AA 282 -25.81 68.09 -63.39
N VAL AA 283 -24.53 67.89 -63.61
CA VAL AA 283 -23.60 68.89 -63.18
C VAL AA 283 -23.46 69.95 -64.23
N LEU AA 284 -24.23 69.83 -65.30
CA LEU AA 284 -24.39 70.92 -66.24
C LEU AA 284 -24.95 72.12 -65.55
N GLU AA 285 -25.91 71.90 -64.70
CA GLU AA 285 -26.38 72.89 -63.78
C GLU AA 285 -25.69 72.65 -62.45
N GLY AA 286 -26.10 73.39 -61.47
CA GLY AA 286 -25.36 73.35 -60.23
C GLY AA 286 -25.66 72.21 -59.32
N VAL AA 287 -26.36 71.16 -59.72
CA VAL AA 287 -26.46 70.06 -58.76
C VAL AA 287 -25.14 69.30 -58.77
N PRO AA 288 -24.67 68.88 -57.62
CA PRO AA 288 -23.65 67.87 -57.59
C PRO AA 288 -24.24 66.56 -58.06
N PRO AA 289 -23.42 65.61 -58.47
CA PRO AA 289 -23.91 64.27 -58.71
C PRO AA 289 -24.37 63.66 -57.40
N PRO AA 290 -25.18 62.61 -57.46
CA PRO AA 290 -25.46 61.84 -56.24
C PRO AA 290 -24.20 61.30 -55.61
N GLY AA 291 -24.12 61.44 -54.30
CA GLY AA 291 -23.00 60.94 -53.53
C GLY AA 291 -21.69 61.62 -53.83
N SER AA 292 -21.66 62.94 -53.75
CA SER AA 292 -20.46 63.60 -54.20
C SER AA 292 -19.85 64.41 -53.07
N ARG AA 293 -18.61 64.79 -53.26
CA ARG AA 293 -17.98 65.58 -52.24
C ARG AA 293 -17.67 66.91 -52.88
N ARG AA 294 -18.07 67.97 -52.20
CA ARG AA 294 -17.82 69.30 -52.68
C ARG AA 294 -16.34 69.57 -52.61
N LEU AA 295 -15.72 69.65 -53.76
CA LEU AA 295 -14.32 69.95 -53.78
C LEU AA 295 -14.17 71.44 -53.57
N VAL AA 296 -13.38 71.77 -52.57
CA VAL AA 296 -13.22 73.15 -52.13
C VAL AA 296 -12.43 73.85 -53.21
N VAL AA 297 -13.12 74.66 -53.99
CA VAL AA 297 -12.48 75.38 -55.07
C VAL AA 297 -12.05 76.73 -54.55
N SER AA 298 -10.76 77.01 -54.63
CA SER AA 298 -10.25 78.28 -54.14
C SER AA 298 -9.56 79.02 -55.26
N GLY AA 299 -10.03 80.24 -55.49
CA GLY AA 299 -9.46 81.12 -56.50
C GLY AA 299 -10.32 81.37 -57.72
N GLY AA 300 -11.53 80.87 -57.75
CA GLY AA 300 -12.30 80.92 -58.99
C GLY AA 300 -13.72 80.48 -58.78
N ASP AA 301 -14.49 80.55 -59.85
CA ASP AA 301 -15.94 80.46 -59.77
C ASP AA 301 -16.42 79.10 -60.22
N ALA AA 302 -15.53 78.15 -60.30
CA ALA AA 302 -15.96 76.91 -60.88
C ALA AA 302 -16.27 76.01 -59.72
N ARG AA 303 -17.25 75.16 -59.85
CA ARG AA 303 -17.46 74.31 -58.71
C ARG AA 303 -17.26 72.85 -59.09
N ALA AA 304 -16.67 72.14 -58.16
CA ALA AA 304 -16.18 70.81 -58.45
C ALA AA 304 -16.70 69.83 -57.43
N TRP AA 305 -17.06 68.68 -57.93
CA TRP AA 305 -17.44 67.58 -57.08
C TRP AA 305 -16.64 66.34 -57.40
N LEU AA 306 -16.25 65.69 -56.32
CA LEU AA 306 -15.64 64.39 -56.39
C LEU AA 306 -16.78 63.41 -56.44
N SER AA 307 -16.96 62.76 -57.56
CA SER AA 307 -17.99 61.73 -57.62
C SER AA 307 -17.39 60.39 -57.25
N ASN AA 308 -16.50 59.88 -58.09
CA ASN AA 308 -15.84 58.61 -57.82
C ASN AA 308 -14.48 58.65 -58.51
N GLU AA 309 -13.51 59.26 -57.80
CA GLU AA 309 -12.19 59.70 -58.29
C GLU AA 309 -12.31 60.76 -59.39
N LYS AA 310 -13.48 60.98 -59.94
CA LYS AA 310 -13.67 61.76 -61.12
C LYS AA 310 -14.27 63.04 -60.62
N MET AA 311 -13.55 64.12 -60.73
CA MET AA 311 -14.26 65.34 -60.46
C MET AA 311 -15.10 65.64 -61.67
N TYR AA 312 -16.26 66.14 -61.39
CA TYR AA 312 -17.08 66.76 -62.40
C TYR AA 312 -17.00 68.21 -62.00
N VAL AA 313 -16.61 69.03 -62.93
CA VAL AA 313 -16.54 70.44 -62.64
C VAL AA 313 -17.47 71.18 -63.58
N ARG AA 314 -18.28 72.05 -62.99
CA ARG AA 314 -19.01 73.02 -63.76
C ARG AA 314 -18.14 74.24 -63.81
N THR AA 315 -18.20 74.92 -64.93
CA THR AA 315 -17.69 76.27 -65.05
C THR AA 315 -18.28 76.91 -66.27
N ASN AA 316 -17.87 78.14 -66.48
CA ASN AA 316 -17.92 78.67 -67.82
C ASN AA 316 -16.52 78.88 -68.37
N LEU AA 317 -15.50 78.72 -67.55
CA LEU AA 317 -14.13 79.00 -67.94
C LEU AA 317 -13.59 77.89 -68.82
N THR AA 318 -12.41 78.11 -69.39
CA THR AA 318 -11.97 77.23 -70.45
C THR AA 318 -10.87 76.31 -69.96
N ILE AA 319 -11.20 75.04 -69.78
CA ILE AA 319 -10.28 74.11 -69.12
C ILE AA 319 -9.09 73.86 -70.01
N LEU AA 320 -7.92 73.87 -69.41
CA LEU AA 320 -6.68 73.81 -70.14
C LEU AA 320 -5.81 72.63 -69.79
N SER AA 321 -5.39 72.50 -68.53
CA SER AA 321 -4.34 71.50 -68.34
C SER AA 321 -4.83 70.06 -68.40
N PRO AA 322 -5.76 69.60 -67.57
CA PRO AA 322 -5.84 68.16 -67.40
C PRO AA 322 -6.63 67.42 -68.47
N GLY AA 323 -7.74 67.93 -68.98
CA GLY AA 323 -8.45 67.17 -69.97
C GLY AA 323 -9.37 66.14 -69.37
N TRP AA 324 -10.59 66.16 -69.84
CA TRP AA 324 -11.71 65.47 -69.27
C TRP AA 324 -11.86 64.13 -69.93
N LEU AA 325 -12.64 63.27 -69.33
CA LEU AA 325 -13.13 62.20 -70.16
C LEU AA 325 -14.37 62.62 -70.89
N ALA AA 326 -15.15 63.48 -70.31
CA ALA AA 326 -16.29 63.89 -71.08
C ALA AA 326 -16.45 65.37 -70.90
N SER AA 327 -16.74 66.01 -71.99
CA SER AA 327 -16.99 67.41 -71.93
C SER AA 327 -18.38 67.67 -72.40
N MET AA 328 -18.82 68.85 -72.05
CA MET AA 328 -20.20 69.12 -71.91
C MET AA 328 -20.38 70.60 -71.89
N THR AA 329 -21.34 71.06 -72.65
CA THR AA 329 -21.68 72.42 -72.33
C THR AA 329 -23.18 72.52 -72.41
N SER AA 330 -23.66 73.62 -71.87
CA SER AA 330 -25.08 73.85 -71.74
C SER AA 330 -25.57 74.45 -73.02
N ALA AA 331 -26.78 74.98 -72.97
CA ALA AA 331 -27.18 75.86 -74.04
C ALA AA 331 -26.42 77.18 -73.98
N ASP AA 332 -26.03 77.62 -72.79
CA ASP AA 332 -25.42 78.93 -72.68
C ASP AA 332 -23.92 78.88 -72.53
N GLY AA 333 -23.29 77.78 -72.89
CA GLY AA 333 -21.86 77.73 -72.71
C GLY AA 333 -21.41 77.32 -71.34
N THR AA 334 -22.29 76.75 -70.54
CA THR AA 334 -21.81 76.26 -69.28
C THR AA 334 -21.20 74.89 -69.48
N HIS AA 335 -19.96 74.77 -69.12
CA HIS AA 335 -19.33 73.50 -69.35
C HIS AA 335 -19.49 72.66 -68.13
N ALA AA 336 -19.64 71.40 -68.40
CA ALA AA 336 -19.35 70.37 -67.43
C ALA AA 336 -18.24 69.53 -68.02
N TYR AA 337 -17.27 69.23 -67.17
CA TYR AA 337 -16.19 68.37 -67.56
C TYR AA 337 -16.10 67.25 -66.56
N GLU AA 338 -16.23 66.04 -67.07
CA GLU AA 338 -16.01 64.83 -66.33
C GLU AA 338 -14.53 64.55 -66.48
N MET AA 339 -13.81 64.89 -65.44
CA MET AA 339 -12.41 65.25 -65.37
C MET AA 339 -11.71 64.37 -64.37
N GLN AA 340 -10.50 64.01 -64.74
CA GLN AA 340 -9.67 63.22 -63.87
C GLN AA 340 -9.18 64.10 -62.75
N LYS AA 341 -8.61 63.49 -61.74
CA LYS AA 341 -8.46 64.24 -60.51
C LYS AA 341 -7.24 65.12 -60.60
N SER AA 342 -7.47 66.39 -60.53
CA SER AA 342 -6.30 67.19 -60.34
C SER AA 342 -6.42 67.90 -59.01
N PRO AA 343 -5.29 68.11 -58.35
CA PRO AA 343 -5.23 69.14 -57.32
C PRO AA 343 -5.22 70.53 -57.89
N VAL AA 344 -4.74 70.68 -59.12
CA VAL AA 344 -4.40 71.98 -59.67
C VAL AA 344 -5.03 72.08 -61.06
N LEU AA 345 -5.79 73.13 -61.27
CA LEU AA 345 -6.61 73.23 -62.45
C LEU AA 345 -6.17 74.40 -63.27
N LEU AA 346 -6.26 74.25 -64.57
CA LEU AA 346 -5.89 75.34 -65.44
C LEU AA 346 -7.06 75.76 -66.29
N VAL AA 347 -7.40 77.02 -66.24
CA VAL AA 347 -8.25 77.55 -67.27
C VAL AA 347 -7.57 78.71 -67.90
N SER AA 348 -8.04 79.05 -69.08
CA SER AA 348 -7.79 80.37 -69.63
C SER AA 348 -9.01 81.18 -69.28
N TRP AA 349 -8.74 82.40 -68.83
CA TRP AA 349 -9.76 83.30 -68.35
C TRP AA 349 -10.12 84.25 -69.48
N HIS AA 350 -9.15 85.02 -69.95
CA HIS AA 350 -9.43 86.00 -71.00
C HIS AA 350 -8.27 86.08 -71.97
N GLY AA 351 -7.72 84.94 -72.37
CA GLY AA 351 -6.41 84.97 -72.96
C GLY AA 351 -5.30 85.09 -71.95
N LYS AA 352 -5.61 85.57 -70.75
CA LYS AA 352 -4.83 85.31 -69.54
C LYS AA 352 -5.18 83.92 -69.08
N VAL AA 353 -4.25 83.28 -68.37
CA VAL AA 353 -4.42 81.90 -67.93
C VAL AA 353 -4.33 81.84 -66.42
N MET AA 354 -5.23 81.08 -65.81
CA MET AA 354 -5.32 80.96 -64.38
C MET AA 354 -5.05 79.54 -63.94
N GLN AA 355 -4.11 79.41 -63.01
CA GLN AA 355 -4.01 78.26 -62.14
C GLN AA 355 -5.12 78.36 -61.10
N LEU AA 356 -5.57 77.20 -60.61
CA LEU AA 356 -6.61 77.15 -59.60
C LEU AA 356 -6.34 75.99 -58.66
N LYS AA 357 -6.42 76.23 -57.35
CA LYS AA 357 -6.17 75.14 -56.43
C LYS AA 357 -7.49 74.55 -55.98
N VAL AA 358 -7.50 73.24 -55.77
CA VAL AA 358 -8.64 72.61 -55.15
C VAL AA 358 -8.19 71.98 -53.86
N GLU AA 359 -9.15 71.67 -53.01
CA GLU AA 359 -8.91 70.95 -51.78
C GLU AA 359 -9.82 69.73 -51.78
N GLY AA 360 -9.27 68.59 -51.39
CA GLY AA 360 -10.00 67.36 -51.45
C GLY AA 360 -10.19 66.96 -52.89
N LEU BA 41 -1.20 82.46 -48.38
CA LEU BA 41 -2.59 82.88 -48.36
C LEU BA 41 -2.94 83.76 -49.57
N PRO BA 42 -4.14 83.58 -50.12
CA PRO BA 42 -4.56 84.40 -51.26
C PRO BA 42 -4.77 85.87 -50.90
N CYS BA 43 -4.99 86.68 -51.93
CA CYS BA 43 -4.86 88.13 -51.80
C CYS BA 43 -6.11 88.81 -51.26
N ARG BA 44 -5.90 89.70 -50.31
CA ARG BA 44 -6.87 90.77 -50.07
C ARG BA 44 -6.68 91.84 -51.14
N VAL BA 45 -5.55 92.55 -51.05
CA VAL BA 45 -5.16 93.49 -52.06
C VAL BA 45 -4.37 92.74 -53.11
N ASP BA 46 -4.57 93.12 -54.36
CA ASP BA 46 -3.74 92.64 -55.45
C ASP BA 46 -2.53 93.55 -55.65
N GLY BA 47 -1.79 93.76 -54.56
CA GLY BA 47 -0.64 94.62 -54.57
C GLY BA 47 -0.94 96.07 -54.84
N ALA BA 48 -2.08 96.57 -54.36
CA ALA BA 48 -2.45 97.94 -54.65
C ALA BA 48 -3.27 98.47 -53.49
N CYS BA 49 -3.35 99.78 -53.40
CA CYS BA 49 -4.18 100.41 -52.39
C CYS BA 49 -4.98 101.53 -53.02
N ASP BA 50 -6.24 101.55 -52.65
CA ASP BA 50 -7.16 102.55 -53.16
C ASP BA 50 -6.77 103.93 -52.69
N ALA BA 51 -6.10 104.02 -51.54
CA ALA BA 51 -5.55 105.28 -51.08
C ALA BA 51 -4.50 105.81 -52.03
N THR BA 52 -3.64 104.94 -52.53
CA THR BA 52 -2.67 105.36 -53.51
C THR BA 52 -3.33 105.81 -54.79
N ILE BA 53 -4.35 105.07 -55.18
CA ILE BA 53 -5.16 105.41 -56.34
C ILE BA 53 -5.74 106.80 -56.21
N ILE BA 54 -6.34 107.11 -55.08
CA ILE BA 54 -6.97 108.40 -54.95
C ILE BA 54 -5.94 109.50 -54.77
N LYS BA 55 -4.78 109.18 -54.17
CA LYS BA 55 -3.65 110.10 -54.16
C LYS BA 55 -3.26 110.48 -55.56
N MET BA 56 -3.34 109.51 -56.49
CA MET BA 56 -2.99 109.83 -57.87
C MET BA 56 -3.98 110.84 -58.41
N MET BA 57 -5.28 110.45 -58.46
CA MET BA 57 -6.27 111.27 -59.17
C MET BA 57 -6.34 112.66 -58.62
N THR BA 58 -6.22 112.79 -57.29
CA THR BA 58 -6.08 114.10 -56.68
C THR BA 58 -4.94 114.86 -57.28
N ASP BA 59 -3.76 114.27 -57.30
CA ASP BA 59 -2.60 115.08 -57.66
C ASP BA 59 -2.53 115.35 -59.15
N LEU BA 60 -3.00 114.42 -59.97
CA LEU BA 60 -2.92 114.58 -61.41
C LEU BA 60 -4.08 115.36 -61.96
N ASN BA 61 -5.08 115.59 -61.15
CA ASN BA 61 -6.04 116.56 -61.56
C ASN BA 61 -5.75 117.91 -60.93
N LYS BA 62 -4.99 117.93 -59.84
CA LYS BA 62 -4.31 119.15 -59.42
C LYS BA 62 -3.38 119.61 -60.52
N LYS BA 63 -2.71 118.66 -61.14
CA LYS BA 63 -1.92 118.84 -62.33
C LYS BA 63 -2.75 118.81 -63.58
N GLY BA 64 -4.04 118.59 -63.45
CA GLY BA 64 -4.98 118.91 -64.49
C GLY BA 64 -5.15 117.85 -65.53
N ILE BA 65 -4.33 116.82 -65.53
CA ILE BA 65 -4.48 115.80 -66.54
C ILE BA 65 -5.65 114.93 -66.16
N LYS BA 66 -6.65 114.91 -67.02
CA LYS BA 66 -7.99 114.72 -66.50
C LYS BA 66 -8.32 113.24 -66.45
N VAL BA 67 -8.70 112.80 -65.26
CA VAL BA 67 -9.15 111.44 -65.05
C VAL BA 67 -10.67 111.49 -65.06
N ALA BA 68 -11.28 110.74 -65.96
CA ALA BA 68 -12.67 110.37 -65.82
C ALA BA 68 -12.76 109.03 -65.13
N SER BA 69 -13.71 108.91 -64.22
CA SER BA 69 -13.87 107.69 -63.45
C SER BA 69 -15.35 107.41 -63.38
N VAL BA 70 -15.87 106.76 -64.40
CA VAL BA 70 -17.27 106.89 -64.74
C VAL BA 70 -17.89 105.52 -64.94
N GLY BA 71 -18.94 105.25 -64.18
CA GLY BA 71 -19.55 103.96 -64.15
C GLY BA 71 -18.52 102.96 -63.72
N GLN BA 72 -18.10 102.12 -64.65
CA GLN BA 72 -16.99 101.26 -64.37
C GLN BA 72 -15.80 101.61 -65.24
N ASN BA 73 -16.01 102.40 -66.27
CA ASN BA 73 -14.93 102.67 -67.18
C ASN BA 73 -14.16 103.89 -66.72
N TYR BA 74 -12.87 103.88 -66.97
CA TYR BA 74 -12.02 104.92 -66.48
C TYR BA 74 -11.21 105.42 -67.66
N LEU BA 75 -11.06 106.73 -67.72
CA LEU BA 75 -10.54 107.43 -68.87
C LEU BA 75 -9.55 108.46 -68.39
N ILE BA 76 -8.50 108.70 -69.16
CA ILE BA 76 -7.71 109.90 -68.95
C ILE BA 76 -7.59 110.64 -70.26
N SER BA 77 -7.96 111.90 -70.21
CA SER BA 77 -7.75 112.83 -71.31
C SER BA 77 -6.55 113.66 -70.94
N ILE BA 78 -5.74 113.95 -71.94
CA ILE BA 78 -4.48 114.64 -71.76
C ILE BA 78 -4.39 115.66 -72.88
N PRO BA 79 -4.02 116.90 -72.60
CA PRO BA 79 -3.57 117.78 -73.67
C PRO BA 79 -2.30 117.24 -74.30
N ALA BA 80 -2.30 117.15 -75.62
CA ALA BA 80 -1.11 116.67 -76.32
C ALA BA 80 0.05 117.66 -76.27
N SER BA 81 -0.23 118.91 -75.91
CA SER BA 81 0.79 119.95 -75.90
C SER BA 81 1.84 119.70 -74.86
N ALA BA 82 1.47 119.11 -73.74
CA ALA BA 82 2.45 118.81 -72.73
C ALA BA 82 3.37 117.68 -73.14
N LEU BA 83 3.02 116.92 -74.17
CA LEU BA 83 3.73 115.71 -74.52
C LEU BA 83 4.45 115.76 -75.86
N PHE BA 84 3.70 115.87 -76.92
CA PHE BA 84 4.34 115.98 -78.20
C PHE BA 84 4.69 117.43 -78.43
N ALA BA 85 5.66 117.64 -79.30
CA ALA BA 85 5.90 119.00 -79.70
C ALA BA 85 4.95 119.32 -80.83
N ASP BA 86 5.08 120.53 -81.32
CA ASP BA 86 4.21 121.14 -82.32
C ASP BA 86 4.18 120.32 -83.60
N GLN BA 87 3.03 119.69 -83.85
CA GLN BA 87 2.78 118.82 -85.00
C GLN BA 87 3.74 117.65 -85.09
N SER BA 88 4.36 117.30 -83.97
CA SER BA 88 5.35 116.26 -84.05
C SER BA 88 4.72 115.04 -83.41
N PRO BA 89 5.02 113.91 -83.87
CA PRO BA 89 4.81 112.71 -83.06
C PRO BA 89 6.04 112.44 -82.22
N ARG BA 90 6.56 113.48 -81.58
CA ARG BA 90 7.84 113.38 -80.92
C ARG BA 90 7.69 113.91 -79.53
N LEU BA 91 8.02 113.06 -78.57
CA LEU BA 91 7.85 113.37 -77.17
C LEU BA 91 9.09 114.06 -76.64
N ASN BA 92 8.95 114.65 -75.46
CA ASN BA 92 10.12 115.22 -74.85
C ASN BA 92 10.52 114.46 -73.59
N TRP BA 93 11.33 115.14 -72.78
CA TRP BA 93 12.11 114.46 -71.78
C TRP BA 93 11.37 114.31 -70.47
N ALA BA 94 11.09 115.42 -69.79
CA ALA BA 94 10.55 115.42 -68.44
C ALA BA 94 9.13 114.91 -68.39
N SER BA 95 8.50 114.78 -69.55
CA SER BA 95 7.23 114.11 -69.72
C SER BA 95 7.22 112.70 -69.19
N TYR BA 96 8.33 112.00 -69.27
CA TYR BA 96 8.33 110.58 -69.06
C TYR BA 96 8.13 110.19 -67.60
N SER BA 97 8.47 111.08 -66.66
CA SER BA 97 8.05 110.87 -65.29
C SER BA 97 6.55 110.76 -65.19
N LEU BA 98 5.87 111.67 -65.88
CA LEU BA 98 4.42 111.67 -65.87
C LEU BA 98 3.87 110.48 -66.61
N LEU BA 99 4.48 110.13 -67.74
CA LEU BA 99 4.01 108.99 -68.52
C LEU BA 99 4.17 107.69 -67.79
N ASN BA 100 5.24 107.57 -67.03
CA ASN BA 100 5.44 106.33 -66.35
C ASN BA 100 4.58 106.24 -65.11
N GLU BA 101 4.28 107.37 -64.48
CA GLU BA 101 3.38 107.28 -63.35
C GLU BA 101 1.93 107.09 -63.78
N ILE BA 102 1.63 107.43 -65.03
CA ILE BA 102 0.42 106.90 -65.65
C ILE BA 102 0.43 105.39 -65.67
N ALA BA 103 1.51 104.80 -66.20
CA ALA BA 103 1.56 103.34 -66.27
C ALA BA 103 1.53 102.71 -64.89
N ALA BA 104 2.10 103.40 -63.92
CA ALA BA 104 2.02 103.02 -62.52
C ALA BA 104 0.59 102.97 -62.06
N PHE BA 105 -0.19 103.94 -62.48
CA PHE BA 105 -1.59 103.84 -62.16
C PHE BA 105 -2.27 102.72 -62.94
N LEU BA 106 -1.80 102.47 -64.14
CA LEU BA 106 -2.44 101.47 -64.98
C LEU BA 106 -2.29 100.09 -64.41
N LYS BA 107 -1.21 99.87 -63.70
CA LYS BA 107 -1.06 98.67 -62.90
C LYS BA 107 -2.08 98.54 -61.79
N GLN BA 108 -2.77 99.60 -61.40
CA GLN BA 108 -3.62 99.46 -60.23
C GLN BA 108 -4.87 98.64 -60.48
N PHE BA 109 -5.18 98.26 -61.70
CA PHE BA 109 -6.39 97.49 -61.90
C PHE BA 109 -6.14 96.27 -62.74
N ARG BA 110 -6.93 95.26 -62.48
CA ARG BA 110 -7.01 94.15 -63.38
C ARG BA 110 -7.77 94.69 -64.57
N LYS BA 111 -7.21 94.55 -65.76
CA LYS BA 111 -7.85 95.05 -66.97
C LYS BA 111 -7.50 94.20 -68.17
N ILE BA 112 -8.28 94.38 -69.23
CA ILE BA 112 -8.23 93.50 -70.39
C ILE BA 112 -7.72 94.22 -71.62
N ALA BA 113 -8.41 95.27 -72.02
CA ALA BA 113 -8.10 95.96 -73.25
C ALA BA 113 -7.94 97.43 -72.91
N ILE BA 114 -7.01 98.07 -73.56
CA ILE BA 114 -6.80 99.49 -73.40
C ILE BA 114 -6.87 100.13 -74.77
N THR BA 115 -7.72 101.13 -74.91
CA THR BA 115 -7.81 101.83 -76.17
C THR BA 115 -7.20 103.21 -75.99
N VAL BA 116 -6.31 103.56 -76.89
CA VAL BA 116 -5.79 104.90 -76.93
C VAL BA 116 -6.12 105.50 -78.28
N THR BA 117 -6.65 106.71 -78.23
CA THR BA 117 -6.79 107.53 -79.41
C THR BA 117 -6.20 108.88 -79.10
N SER BA 118 -5.85 109.58 -80.15
CA SER BA 118 -5.35 110.93 -79.98
C SER BA 118 -6.04 111.80 -80.99
N TYR BA 119 -6.15 113.07 -80.68
CA TYR BA 119 -6.75 113.99 -81.62
C TYR BA 119 -5.88 115.21 -81.74
N SER BA 120 -5.88 115.77 -82.93
CA SER BA 120 -5.09 116.94 -83.18
C SER BA 120 -5.89 117.95 -83.95
N SER BA 121 -5.73 119.22 -83.57
CA SER BA 121 -6.32 120.33 -84.30
C SER BA 121 -5.86 120.31 -85.75
N LYS BA 122 -6.77 120.64 -86.64
CA LYS BA 122 -6.59 120.44 -88.06
C LYS BA 122 -5.51 121.38 -88.57
N TYR BA 123 -4.47 120.80 -89.15
CA TYR BA 123 -3.29 121.59 -89.45
C TYR BA 123 -3.02 121.76 -90.93
N VAL BA 124 -2.81 120.68 -91.66
CA VAL BA 124 -2.51 120.82 -93.08
C VAL BA 124 -3.41 119.94 -93.94
N SER BA 125 -3.37 118.63 -93.75
CA SER BA 125 -4.05 117.78 -94.71
C SER BA 125 -4.50 116.52 -94.04
N VAL BA 126 -5.76 116.16 -94.32
CA VAL BA 126 -6.54 115.23 -93.52
C VAL BA 126 -5.85 113.91 -93.32
N LYS BA 127 -5.11 113.52 -94.35
CA LYS BA 127 -4.15 112.45 -94.29
C LYS BA 127 -3.12 112.70 -93.20
N ARG BA 128 -2.56 113.90 -93.10
CA ARG BA 128 -1.49 114.00 -92.13
C ARG BA 128 -1.98 114.25 -90.74
N GLU BA 129 -3.19 114.78 -90.55
CA GLU BA 129 -3.56 114.86 -89.14
C GLU BA 129 -3.98 113.50 -88.64
N ARG BA 130 -4.60 112.70 -89.53
CA ARG BA 130 -4.71 111.27 -89.28
C ARG BA 130 -3.38 110.66 -88.95
N ALA BA 131 -2.38 110.97 -89.76
CA ALA BA 131 -1.07 110.38 -89.57
C ALA BA 131 -0.44 110.85 -88.29
N LEU BA 132 -0.56 112.13 -87.98
CA LEU BA 132 0.13 112.70 -86.85
C LEU BA 132 -0.45 112.15 -85.58
N THR BA 133 -1.76 112.12 -85.52
CA THR BA 133 -2.43 111.49 -84.41
C THR BA 133 -2.13 110.01 -84.31
N LEU BA 134 -2.12 109.32 -85.45
CA LEU BA 134 -1.91 107.89 -85.47
C LEU BA 134 -0.53 107.53 -84.99
N ALA BA 135 0.43 108.31 -85.41
CA ALA BA 135 1.79 108.12 -84.95
C ALA BA 135 1.92 108.49 -83.50
N ARG BA 136 1.26 109.57 -83.09
CA ARG BA 136 1.34 110.02 -81.71
C ARG BA 136 0.81 108.96 -80.76
N SER BA 137 -0.33 108.41 -81.16
CA SER BA 137 -0.94 107.31 -80.45
C SER BA 137 -0.05 106.10 -80.40
N ARG BA 138 0.49 105.72 -81.55
CA ARG BA 138 1.26 104.50 -81.59
C ARG BA 138 2.57 104.65 -80.85
N VAL BA 139 3.12 105.86 -80.73
CA VAL BA 139 4.40 105.95 -80.05
C VAL BA 139 4.21 105.96 -78.55
N VAL BA 140 3.15 106.59 -78.06
CA VAL BA 140 2.99 106.51 -76.63
C VAL BA 140 2.47 105.13 -76.25
N SER BA 141 1.75 104.48 -77.16
CA SER BA 141 1.27 103.13 -76.95
C SER BA 141 2.41 102.15 -76.92
N GLU BA 142 3.35 102.31 -77.85
CA GLU BA 142 4.55 101.50 -77.84
C GLU BA 142 5.27 101.68 -76.52
N TYR BA 143 5.36 102.92 -76.05
CA TYR BA 143 6.09 103.16 -74.82
C TYR BA 143 5.41 102.51 -73.65
N LEU BA 144 4.12 102.61 -73.54
CA LEU BA 144 3.57 102.04 -72.34
C LEU BA 144 3.36 100.54 -72.46
N TRP BA 145 3.20 100.02 -73.68
CA TRP BA 145 3.21 98.58 -73.87
C TRP BA 145 4.53 97.99 -73.48
N SER BA 146 5.60 98.67 -73.85
CA SER BA 146 6.90 98.30 -73.36
C SER BA 146 6.95 98.43 -71.86
N GLN BA 147 6.27 99.44 -71.34
CA GLN BA 147 6.23 99.62 -69.92
C GLN BA 147 5.25 98.60 -69.35
N GLY BA 148 4.84 98.83 -68.11
CA GLY BA 148 3.89 97.92 -67.53
C GLY BA 148 2.53 98.02 -68.18
N VAL BA 149 2.18 97.03 -68.99
CA VAL BA 149 0.81 96.83 -69.42
C VAL BA 149 0.27 95.54 -68.86
N ASP BA 150 -0.88 95.67 -68.27
CA ASP BA 150 -1.62 94.53 -67.78
C ASP BA 150 -2.79 94.24 -68.67
N SER BA 151 -2.90 95.00 -69.76
CA SER BA 151 -3.93 94.69 -70.72
C SER BA 151 -3.56 93.44 -71.49
N ARG BA 152 -4.57 92.82 -72.05
CA ARG BA 152 -4.26 91.82 -73.04
C ARG BA 152 -4.17 92.44 -74.42
N ILE BA 153 -4.95 93.49 -74.64
CA ILE BA 153 -5.07 94.09 -75.95
C ILE BA 153 -4.85 95.58 -75.79
N ILE BA 154 -4.11 96.18 -76.69
CA ILE BA 154 -4.12 97.63 -76.81
C ILE BA 154 -4.53 97.97 -78.23
N PHE BA 155 -5.68 98.61 -78.35
CA PHE BA 155 -6.11 99.21 -79.61
C PHE BA 155 -5.58 100.63 -79.66
N THR BA 156 -5.11 101.05 -80.83
CA THR BA 156 -4.55 102.38 -80.97
C THR BA 156 -4.94 103.02 -82.30
N GLN BA 157 -5.32 104.30 -82.19
CA GLN BA 157 -5.57 105.19 -83.31
C GLN BA 157 -5.72 106.64 -82.83
N GLY BA 158 -5.95 107.51 -83.79
CA GLY BA 158 -6.18 108.91 -83.51
C GLY BA 158 -6.69 109.59 -84.77
N LEU BA 159 -7.43 110.66 -84.59
CA LEU BA 159 -8.01 111.35 -85.71
C LEU BA 159 -7.72 112.84 -85.66
N GLY BA 160 -7.79 113.48 -86.80
CA GLY BA 160 -7.42 114.87 -86.83
C GLY BA 160 -8.45 115.81 -86.27
N SER BA 161 -8.72 115.70 -84.96
CA SER BA 161 -9.81 116.39 -84.27
C SER BA 161 -11.10 116.33 -85.06
N ASP BA 162 -11.40 115.16 -85.60
CA ASP BA 162 -12.61 114.98 -86.39
C ASP BA 162 -13.83 115.07 -85.52
N LYS BA 163 -13.62 114.91 -84.23
CA LYS BA 163 -14.63 115.04 -83.21
C LYS BA 163 -14.04 115.97 -82.18
N PRO BA 164 -14.01 117.26 -82.46
CA PRO BA 164 -13.46 118.21 -81.51
C PRO BA 164 -14.41 118.33 -80.35
N ILE BA 165 -13.86 118.34 -79.14
CA ILE BA 165 -14.70 118.48 -77.97
C ILE BA 165 -14.92 119.93 -77.60
N THR BA 166 -14.11 120.81 -78.14
CA THR BA 166 -14.46 122.21 -78.17
C THR BA 166 -14.45 122.65 -79.61
N SER BA 167 -15.26 123.64 -79.89
CA SER BA 167 -15.08 124.37 -81.12
C SER BA 167 -14.44 125.73 -80.89
N TYR BA 168 -14.18 126.11 -79.63
CA TYR BA 168 -13.22 127.16 -79.41
C TYR BA 168 -11.87 126.70 -79.92
N THR BA 169 -11.44 127.31 -81.01
CA THR BA 169 -10.39 126.78 -81.86
C THR BA 169 -9.19 127.72 -81.89
N LEU BA 170 -8.76 128.09 -80.67
CA LEU BA 170 -7.76 129.14 -80.38
C LEU BA 170 -6.51 129.06 -81.24
N GLY BA 171 -6.13 127.87 -81.69
CA GLY BA 171 -5.13 127.73 -82.72
C GLY BA 171 -4.92 126.29 -83.10
N GLY BA 172 -3.65 125.93 -83.23
CA GLY BA 172 -3.28 124.59 -83.58
C GLY BA 172 -2.99 123.82 -82.31
N ASP BA 173 -1.72 123.70 -81.98
CA ASP BA 173 -1.31 122.73 -80.97
C ASP BA 173 -1.32 123.30 -79.56
N ARG BA 174 -1.96 124.44 -79.35
CA ARG BA 174 -2.35 124.72 -77.99
C ARG BA 174 -3.83 124.51 -77.75
N SER BA 175 -4.55 124.04 -78.76
CA SER BA 175 -5.93 123.66 -78.55
C SER BA 175 -6.01 122.42 -77.67
N PRO BA 176 -7.04 122.33 -76.84
CA PRO BA 176 -7.35 121.04 -76.21
C PRO BA 176 -7.85 120.00 -77.18
N ASN BA 177 -8.23 120.36 -78.41
CA ASN BA 177 -8.54 119.31 -79.37
C ASN BA 177 -7.29 118.63 -79.87
N ALA BA 178 -6.14 119.24 -79.66
CA ALA BA 178 -4.87 118.52 -79.63
C ALA BA 178 -4.77 117.88 -78.26
N ARG BA 179 -4.74 116.56 -78.23
CA ARG BA 179 -5.07 115.79 -77.05
C ARG BA 179 -4.80 114.34 -77.34
N VAL BA 180 -4.77 113.56 -76.27
CA VAL BA 180 -4.65 112.13 -76.36
C VAL BA 180 -5.42 111.54 -75.21
N GLU BA 181 -6.10 110.44 -75.47
CA GLU BA 181 -7.10 109.93 -74.58
C GLU BA 181 -6.97 108.42 -74.49
N ILE BA 182 -7.16 107.91 -73.28
CA ILE BA 182 -7.00 106.50 -73.00
C ILE BA 182 -8.22 106.04 -72.24
N THR BA 183 -8.89 105.03 -72.76
CA THR BA 183 -10.01 104.43 -72.08
C THR BA 183 -9.65 103.01 -71.69
N PHE BA 184 -10.22 102.59 -70.57
CA PHE BA 184 -10.34 101.18 -70.27
C PHE BA 184 -11.56 101.00 -69.39
N ARG BA 185 -11.94 99.75 -69.22
CA ARG BA 185 -12.87 99.36 -68.18
C ARG BA 185 -12.12 98.48 -67.19
N ARG BA 186 -12.16 98.86 -65.91
CA ARG BA 186 -11.50 98.08 -64.88
C ARG BA 186 -12.16 96.72 -64.83
N ALA BA 187 -11.39 95.69 -65.13
CA ALA BA 187 -11.93 94.35 -65.20
C ALA BA 187 -12.19 93.88 -63.78
N VAL BA 188 -13.46 93.60 -63.50
CA VAL BA 188 -14.03 93.02 -62.26
C VAL BA 188 -13.44 93.54 -60.96
N UNK CA 1 21.65 137.59 -135.96
CA UNK CA 1 21.66 137.62 -134.51
C UNK CA 1 21.33 136.25 -133.92
N UNK CA 2 20.07 135.84 -134.02
CA UNK CA 2 19.59 134.61 -133.39
C UNK CA 2 20.02 133.38 -134.18
N UNK CA 3 19.45 132.23 -133.82
CA UNK CA 3 19.77 130.99 -134.49
C UNK CA 3 18.52 130.54 -135.25
N UNK CA 4 18.54 130.75 -136.57
CA UNK CA 4 17.41 130.43 -137.44
C UNK CA 4 17.93 129.83 -138.74
N UNK CA 5 18.10 128.51 -138.77
CA UNK CA 5 18.40 127.77 -139.99
C UNK CA 5 17.94 126.34 -139.78
N UNK CA 6 17.60 125.67 -140.88
CA UNK CA 6 17.39 124.23 -140.90
C UNK CA 6 18.43 123.71 -141.90
N UNK CA 7 19.65 123.57 -141.42
CA UNK CA 7 20.83 123.52 -142.26
C UNK CA 7 21.90 122.74 -141.51
N UNK CA 8 23.15 122.97 -141.89
CA UNK CA 8 24.29 122.67 -141.05
C UNK CA 8 24.86 124.03 -140.64
N UNK CA 9 24.35 124.59 -139.55
CA UNK CA 9 24.99 125.78 -138.99
C UNK CA 9 26.39 125.46 -138.50
N UNK CA 10 26.55 124.30 -137.84
CA UNK CA 10 27.77 123.53 -137.63
C UNK CA 10 28.81 124.19 -136.73
N UNK CA 11 28.66 125.49 -136.48
CA UNK CA 11 29.68 126.25 -135.79
C UNK CA 11 28.96 127.46 -135.20
N UNK CA 12 28.61 127.36 -133.94
CA UNK CA 12 28.08 128.49 -133.22
C UNK CA 12 28.65 128.36 -131.81
N UNK CA 13 29.84 128.91 -131.63
CA UNK CA 13 30.37 129.23 -130.32
C UNK CA 13 30.08 130.71 -130.06
N UNK CA 14 28.80 131.03 -130.14
CA UNK CA 14 28.34 132.43 -130.18
C UNK CA 14 27.13 132.60 -129.26
N UNK CA 15 27.03 133.78 -128.66
CA UNK CA 15 25.91 134.14 -127.80
C UNK CA 15 24.94 135.04 -128.57
N UNK CA 16 23.65 134.72 -128.49
CA UNK CA 16 22.63 135.44 -129.24
C UNK CA 16 22.27 136.77 -128.57
N UNK CA 17 21.44 137.55 -129.27
CA UNK CA 17 21.25 138.98 -129.04
C UNK CA 17 20.02 139.29 -128.18
N UNK CA 18 19.75 140.59 -128.05
CA UNK CA 18 18.46 141.02 -127.54
C UNK CA 18 17.41 140.79 -128.61
N UNK CA 19 16.24 140.33 -128.16
CA UNK CA 19 15.14 139.88 -129.00
C UNK CA 19 15.60 138.84 -130.00
N UNK CA 20 16.43 137.91 -129.54
CA UNK CA 20 16.97 136.88 -130.43
C UNK CA 20 16.12 135.62 -130.31
N UNK CA 21 15.22 135.45 -131.27
CA UNK CA 21 14.39 134.25 -131.34
C UNK CA 21 15.20 133.13 -131.99
N UNK CA 22 16.07 132.52 -131.19
CA UNK CA 22 16.93 131.46 -131.68
C UNK CA 22 16.08 130.20 -131.81
N UNK CA 23 15.36 130.11 -132.93
CA UNK CA 23 14.50 128.98 -133.25
C UNK CA 23 15.15 128.03 -134.25
N UNK CA 24 16.30 127.49 -133.90
CA UNK CA 24 17.11 126.76 -134.87
C UNK CA 24 16.58 125.35 -135.13
N UNK CA 25 16.80 124.88 -136.36
CA UNK CA 25 16.67 123.48 -136.73
C UNK CA 25 17.90 123.02 -137.50
N UNK CA 26 19.00 123.76 -137.38
CA UNK CA 26 20.19 123.49 -138.17
C UNK CA 26 21.12 122.54 -137.44
N UNK CA 27 21.95 121.85 -138.22
CA UNK CA 27 22.97 121.00 -137.63
C UNK CA 27 24.07 121.91 -137.11
N UNK CA 28 24.19 121.98 -135.77
CA UNK CA 28 25.25 122.75 -135.12
C UNK CA 28 26.18 121.76 -134.43
N UNK CA 29 27.27 121.43 -135.11
CA UNK CA 29 28.23 120.47 -134.57
C UNK CA 29 28.97 121.06 -133.40
N UNK CA 30 29.63 122.20 -133.60
CA UNK CA 30 30.18 122.97 -132.50
C UNK CA 30 29.06 123.87 -131.96
N UNK CA 31 28.21 123.28 -131.13
CA UNK CA 31 27.05 123.98 -130.59
C UNK CA 31 27.34 124.43 -129.17
N UNK CA 32 27.30 125.74 -128.96
CA UNK CA 32 27.35 126.33 -127.63
C UNK CA 32 26.57 127.63 -127.72
N UNK CA 33 25.29 127.58 -127.36
CA UNK CA 33 24.37 128.69 -127.57
C UNK CA 33 23.94 129.28 -126.24
N UNK CA 34 24.56 130.40 -125.88
CA UNK CA 34 24.14 131.15 -124.69
C UNK CA 34 23.31 132.37 -125.12
N UNK CA 35 22.07 132.09 -125.52
CA UNK CA 35 21.15 133.12 -126.02
C UNK CA 35 20.75 134.08 -124.89
N UNK CA 36 20.43 135.31 -125.26
CA UNK CA 36 20.25 136.36 -124.27
C UNK CA 36 18.82 136.83 -124.08
N UNK CA 37 18.03 136.95 -125.14
CA UNK CA 37 16.69 137.46 -124.96
C UNK CA 37 15.81 136.89 -126.04
N UNK CA 38 14.55 136.64 -125.67
CA UNK CA 38 13.53 136.02 -126.50
C UNK CA 38 14.00 134.68 -127.06
N UNK CA 39 14.74 133.92 -126.27
CA UNK CA 39 15.32 132.67 -126.73
C UNK CA 39 14.20 131.68 -127.00
N UNK CA 40 14.18 131.14 -128.21
CA UNK CA 40 13.00 130.49 -128.76
C UNK CA 40 13.36 129.12 -129.30
N UNK CA 41 14.10 128.35 -128.49
CA UNK CA 41 14.65 127.07 -128.89
C UNK CA 41 13.56 126.03 -129.16
N UNK CA 42 13.63 125.41 -130.35
CA UNK CA 42 12.81 124.25 -130.70
C UNK CA 42 13.59 123.47 -131.78
N UNK CA 43 14.31 122.44 -131.36
CA UNK CA 43 15.23 121.78 -132.28
C UNK CA 43 15.17 120.25 -132.15
N UNK CA 44 15.59 119.58 -133.21
CA UNK CA 44 15.66 118.12 -133.28
C UNK CA 44 17.07 117.76 -133.76
N UNK CA 45 18.00 117.65 -132.82
CA UNK CA 45 19.40 117.45 -133.17
C UNK CA 45 20.12 116.68 -132.07
N UNK CA 46 21.44 116.74 -132.12
CA UNK CA 46 22.30 116.13 -131.09
C UNK CA 46 23.45 117.09 -130.83
N UNK CA 47 23.41 117.77 -129.69
CA UNK CA 47 24.41 118.77 -129.33
C UNK CA 47 25.63 118.14 -128.68
N UNK CA 48 25.42 117.05 -127.93
CA UNK CA 48 26.39 116.20 -127.26
C UNK CA 48 27.12 116.88 -126.11
N UNK CA 49 27.01 118.19 -125.98
CA UNK CA 49 27.68 118.87 -124.88
C UNK CA 49 26.94 120.14 -124.47
N UNK CA 50 25.61 120.14 -124.52
CA UNK CA 50 24.91 121.40 -124.31
C UNK CA 50 25.01 121.80 -122.84
N UNK CA 51 25.88 122.75 -122.59
CA UNK CA 51 25.95 123.43 -121.32
C UNK CA 51 25.26 124.76 -121.55
N UNK CA 52 23.94 124.72 -121.47
CA UNK CA 52 23.14 125.88 -121.78
C UNK CA 52 23.01 126.80 -120.58
N UNK CA 53 23.09 128.10 -120.84
CA UNK CA 53 22.72 129.14 -119.89
C UNK CA 53 21.49 129.86 -120.43
N UNK CA 54 20.57 130.23 -119.54
CA UNK CA 54 19.31 130.80 -119.98
C UNK CA 54 18.94 132.05 -119.20
N UNK CA 55 18.70 133.14 -119.93
CA UNK CA 55 18.12 134.37 -119.41
C UNK CA 55 16.61 134.36 -119.66
N UNK CA 56 15.95 135.51 -119.48
CA UNK CA 56 14.49 135.59 -119.53
C UNK CA 56 13.96 135.38 -120.94
N UNK CA 57 12.67 135.03 -121.01
CA UNK CA 57 11.95 134.70 -122.25
C UNK CA 57 12.64 133.58 -123.01
N UNK CA 58 13.14 132.60 -122.26
CA UNK CA 58 13.77 131.44 -122.85
C UNK CA 58 12.71 130.35 -122.87
N UNK CA 59 11.91 130.35 -123.93
CA UNK CA 59 11.13 129.20 -124.30
C UNK CA 59 12.09 128.24 -124.96
N UNK CA 60 12.26 127.07 -124.35
CA UNK CA 60 13.22 126.10 -124.85
C UNK CA 60 12.52 124.77 -125.04
N UNK CA 61 12.89 124.08 -126.12
CA UNK CA 61 12.27 122.81 -126.49
C UNK CA 61 13.27 122.04 -127.36
N UNK CA 62 13.79 120.95 -126.83
CA UNK CA 62 14.93 120.30 -127.48
C UNK CA 62 14.90 118.79 -127.37
N UNK CA 63 15.55 118.13 -128.35
CA UNK CA 63 15.78 116.69 -128.38
C UNK CA 63 17.27 116.36 -128.53
N UNK CA 64 18.13 117.20 -127.97
CA UNK CA 64 19.58 117.07 -128.10
C UNK CA 64 20.21 116.94 -126.72
N UNK CA 65 21.41 116.38 -126.70
CA UNK CA 65 22.07 116.04 -125.44
C UNK CA 65 22.57 117.29 -124.74
N UNK CA 66 22.19 117.45 -123.49
CA UNK CA 66 22.69 118.55 -122.68
C UNK CA 66 23.63 118.02 -121.62
N UNK CA 67 24.50 118.90 -121.18
CA UNK CA 67 25.43 118.53 -120.14
C UNK CA 67 25.24 119.37 -118.90
N UNK CA 68 25.03 120.66 -119.08
CA UNK CA 68 24.83 121.53 -117.94
C UNK CA 68 23.69 122.47 -118.27
N UNK CA 69 23.00 122.91 -117.22
CA UNK CA 69 21.95 123.91 -117.39
C UNK CA 69 22.03 124.91 -116.24
N UNK CA 70 22.08 126.19 -116.61
CA UNK CA 70 22.18 127.27 -115.63
C UNK CA 70 21.11 128.31 -115.93
N UNK CA 71 20.49 128.83 -114.88
CA UNK CA 71 19.33 129.68 -115.01
C UNK CA 71 19.54 131.02 -114.30
N UNK CA 72 19.23 132.11 -115.02
CA UNK CA 72 19.44 133.45 -114.49
C UNK CA 72 18.17 134.09 -113.92
N UNK CA 73 17.13 134.32 -114.72
CA UNK CA 73 16.00 135.13 -114.25
C UNK CA 73 14.69 134.37 -114.16
N UNK CA 74 14.13 133.92 -115.28
CA UNK CA 74 12.84 133.25 -115.34
C UNK CA 74 12.65 132.71 -116.75
N UNK CA 75 12.40 131.42 -116.88
CA UNK CA 75 12.38 130.79 -118.20
C UNK CA 75 11.47 129.57 -118.18
N UNK CA 76 11.31 128.97 -119.36
CA UNK CA 76 10.39 127.86 -119.55
C UNK CA 76 11.08 126.83 -120.44
N UNK CA 77 11.49 125.72 -119.85
CA UNK CA 77 12.21 124.71 -120.60
C UNK CA 77 11.36 123.46 -120.80
N UNK CA 78 11.61 122.79 -121.93
CA UNK CA 78 10.97 121.54 -122.31
C UNK CA 78 12.00 120.77 -123.16
N UNK CA 79 12.76 119.91 -122.51
CA UNK CA 79 13.94 119.36 -123.14
C UNK CA 79 14.04 117.84 -122.95
N UNK CA 80 14.89 117.22 -123.78
CA UNK CA 80 15.19 115.78 -123.73
C UNK CA 80 16.72 115.54 -123.87
N UNK CA 81 17.41 115.47 -122.74
CA UNK CA 81 18.85 115.23 -122.68
C UNK CA 81 19.16 113.79 -122.25
N UNK CA 82 20.44 113.42 -122.33
CA UNK CA 82 20.75 112.02 -122.09
C UNK CA 82 21.89 111.75 -121.11
N UNK CA 83 22.96 112.54 -121.15
CA UNK CA 83 24.21 112.07 -120.55
C UNK CA 83 24.38 112.54 -119.10
N UNK CA 84 24.53 113.82 -118.89
CA UNK CA 84 24.81 114.32 -117.56
C UNK CA 84 24.16 115.67 -117.42
N UNK CA 85 24.03 116.11 -116.18
CA UNK CA 85 23.39 117.38 -115.93
C UNK CA 85 23.97 117.95 -114.66
N UNK CA 86 24.77 118.97 -114.82
CA UNK CA 86 25.12 119.84 -113.72
C UNK CA 86 24.05 120.92 -113.73
N UNK CA 87 23.27 121.01 -112.65
CA UNK CA 87 22.13 121.91 -112.60
C UNK CA 87 22.41 123.06 -111.64
N UNK CA 88 22.13 124.28 -112.09
CA UNK CA 88 22.27 125.45 -111.23
C UNK CA 88 21.23 126.49 -111.64
N UNK CA 89 20.45 126.96 -110.66
CA UNK CA 89 19.22 127.65 -111.01
C UNK CA 89 19.00 128.94 -110.21
N UNK CA 90 18.19 129.82 -110.80
CA UNK CA 90 17.55 130.92 -110.06
C UNK CA 90 16.20 131.25 -110.69
N UNK CA 91 15.12 130.94 -109.96
CA UNK CA 91 13.78 131.52 -110.12
C UNK CA 91 13.15 131.24 -111.47
N UNK CA 92 13.21 130.01 -111.97
CA UNK CA 92 12.64 129.74 -113.27
C UNK CA 92 11.76 128.50 -113.22
N UNK CA 93 11.44 127.99 -114.40
CA UNK CA 93 10.66 126.78 -114.53
C UNK CA 93 11.21 125.94 -115.68
N UNK CA 94 11.50 124.70 -115.39
CA UNK CA 94 12.06 123.85 -116.41
C UNK CA 94 11.37 122.51 -116.36
N UNK CA 95 11.24 121.92 -117.53
CA UNK CA 95 10.73 120.57 -117.65
C UNK CA 95 11.69 119.78 -118.53
N UNK CA 96 11.99 118.57 -118.09
CA UNK CA 96 12.87 117.67 -118.81
C UNK CA 96 12.20 116.31 -118.90
N UNK CA 97 12.59 115.53 -119.89
CA UNK CA 97 11.85 114.31 -120.20
C UNK CA 97 12.66 113.03 -120.06
N UNK CA 98 13.72 112.85 -120.85
CA UNK CA 98 14.27 111.54 -121.14
C UNK CA 98 15.23 111.09 -120.05
N UNK CA 99 15.74 109.87 -120.19
CA UNK CA 99 16.63 109.30 -119.19
C UNK CA 99 17.98 110.01 -119.26
N UNK CA 100 18.27 110.81 -118.24
CA UNK CA 100 19.56 111.46 -118.09
C UNK CA 100 20.11 111.23 -116.69
N UNK CA 101 21.22 111.88 -116.40
CA UNK CA 101 21.87 111.74 -115.10
C UNK CA 101 22.18 113.12 -114.55
N UNK CA 102 21.24 113.65 -113.78
CA UNK CA 102 21.53 114.86 -113.02
C UNK CA 102 22.55 114.49 -111.97
N UNK CA 103 23.77 114.98 -112.16
CA UNK CA 103 24.79 114.75 -111.17
C UNK CA 103 24.42 115.45 -109.88
N UNK CA 104 24.09 116.73 -109.96
CA UNK CA 104 23.75 117.48 -108.78
C UNK CA 104 22.81 118.62 -109.13
N UNK CA 105 22.08 119.08 -108.11
CA UNK CA 105 21.28 120.28 -108.22
C UNK CA 105 21.53 121.16 -107.00
N UNK CA 106 21.82 122.43 -107.26
CA UNK CA 106 22.04 123.42 -106.22
C UNK CA 106 21.17 124.63 -106.53
N UNK CA 107 20.26 124.96 -105.61
CA UNK CA 107 19.28 126.01 -105.85
C UNK CA 107 19.35 127.01 -104.72
N UNK CA 108 19.59 128.27 -105.06
CA UNK CA 108 19.50 129.35 -104.10
C UNK CA 108 18.20 130.14 -104.24
N UNK CA 109 17.31 129.69 -105.12
CA UNK CA 109 16.16 130.51 -105.48
C UNK CA 109 14.98 129.61 -105.86
N UNK CA 110 14.03 130.16 -106.60
CA UNK CA 110 12.72 129.55 -106.84
C UNK CA 110 12.73 128.75 -108.13
N UNK CA 111 12.80 127.43 -108.01
CA UNK CA 111 12.93 126.57 -109.17
C UNK CA 111 11.71 125.69 -109.28
N UNK CA 112 11.08 125.71 -110.43
CA UNK CA 112 10.05 124.75 -110.78
C UNK CA 112 10.71 123.73 -111.71
N UNK CA 113 11.54 122.88 -111.13
CA UNK CA 113 12.30 121.93 -111.92
C UNK CA 113 11.56 120.61 -111.97
N UNK CA 114 11.40 120.09 -113.19
CA UNK CA 114 10.68 118.84 -113.37
C UNK CA 114 11.46 117.97 -114.34
N UNK CA 115 11.32 116.67 -114.18
CA UNK CA 115 11.86 115.70 -115.11
C UNK CA 115 10.99 114.46 -115.07
N UNK CA 116 10.48 114.07 -116.22
CA UNK CA 116 9.66 112.88 -116.34
C UNK CA 116 10.45 111.60 -116.14
N UNK CA 117 11.67 111.54 -116.64
CA UNK CA 117 12.53 110.39 -116.38
C UNK CA 117 13.88 110.92 -115.98
N UNK CA 118 14.53 110.22 -115.06
CA UNK CA 118 15.89 110.52 -114.64
C UNK CA 118 16.47 109.25 -114.05
N UNK CA 119 17.33 108.57 -114.81
CA UNK CA 119 18.00 107.37 -114.31
C UNK CA 119 19.42 107.75 -113.93
N UNK CA 120 19.55 108.47 -112.83
CA UNK CA 120 20.84 108.84 -112.29
C UNK CA 120 21.14 107.91 -111.13
N UNK CA 121 22.18 108.24 -110.38
CA UNK CA 121 22.52 107.44 -109.21
C UNK CA 121 22.56 108.24 -107.93
N UNK CA 122 23.41 109.24 -107.85
CA UNK CA 122 23.60 109.98 -106.60
C UNK CA 122 23.14 111.40 -106.86
N UNK CA 123 21.86 111.63 -106.68
CA UNK CA 123 21.31 112.96 -106.83
C UNK CA 123 21.59 113.69 -105.54
N UNK CA 124 22.55 114.58 -105.58
CA UNK CA 124 22.84 115.42 -104.43
C UNK CA 124 22.18 116.76 -104.68
N UNK CA 125 21.34 117.17 -103.75
CA UNK CA 125 20.59 118.40 -103.88
C UNK CA 125 20.85 119.26 -102.66
N UNK CA 126 21.31 120.47 -102.89
CA UNK CA 126 21.44 121.45 -101.83
C UNK CA 126 20.47 122.60 -102.09
N UNK CA 127 19.74 122.99 -101.06
CA UNK CA 127 18.64 123.92 -101.20
C UNK CA 127 18.82 125.12 -100.30
N UNK CA 128 18.46 126.29 -100.84
CA UNK CA 128 18.56 127.56 -100.12
C UNK CA 128 17.30 128.38 -100.39
N UNK CA 129 16.30 128.15 -99.54
CA UNK CA 129 15.17 128.99 -99.17
C UNK CA 129 13.97 129.07 -100.12
N UNK CA 130 14.05 128.59 -101.37
CA UNK CA 130 12.87 128.91 -102.19
C UNK CA 130 12.36 127.83 -103.14
N UNK CA 131 13.20 126.92 -103.62
CA UNK CA 131 12.82 126.11 -104.77
C UNK CA 131 11.74 125.08 -104.43
N UNK CA 132 11.13 124.55 -105.47
CA UNK CA 132 10.20 123.46 -105.32
C UNK CA 132 10.33 122.61 -106.58
N UNK CA 133 11.22 121.65 -106.53
CA UNK CA 133 11.47 120.80 -107.68
C UNK CA 133 10.76 119.48 -107.47
N UNK CA 134 10.30 118.91 -108.55
CA UNK CA 134 9.63 117.62 -108.50
C UNK CA 134 10.09 116.88 -109.74
N UNK CA 135 11.09 116.03 -109.57
CA UNK CA 135 11.57 115.17 -110.64
C UNK CA 135 11.53 113.75 -110.13
N UNK CA 136 11.11 112.81 -110.98
CA UNK CA 136 10.85 111.45 -110.49
C UNK CA 136 10.89 110.42 -111.62
N UNK CA 137 12.00 109.67 -111.72
CA UNK CA 137 11.84 108.29 -112.17
C UNK CA 137 12.47 107.22 -111.30
N UNK CA 138 13.82 107.18 -111.24
CA UNK CA 138 14.53 106.04 -110.67
C UNK CA 138 15.99 106.41 -110.41
N UNK CA 139 16.38 106.50 -109.14
CA UNK CA 139 17.75 106.85 -108.76
C UNK CA 139 18.35 105.76 -107.88
N UNK CA 140 19.53 106.05 -107.34
CA UNK CA 140 20.14 105.13 -106.38
C UNK CA 140 20.39 105.77 -105.04
N UNK CA 141 21.02 106.93 -105.00
CA UNK CA 141 21.39 107.53 -103.73
C UNK CA 141 20.90 108.97 -103.79
N UNK CA 142 19.79 109.23 -103.14
CA UNK CA 142 19.23 110.57 -103.12
C UNK CA 142 19.60 111.23 -101.80
N UNK CA 143 20.45 112.23 -101.87
CA UNK CA 143 20.86 112.95 -100.68
C UNK CA 143 20.50 114.42 -100.85
N UNK CA 144 19.91 114.99 -99.81
CA UNK CA 144 19.41 116.36 -99.91
C UNK CA 144 19.73 117.13 -98.64
N UNK CA 145 20.55 118.15 -98.79
CA UNK CA 145 20.77 119.13 -97.75
C UNK CA 145 19.82 120.28 -98.01
N UNK CA 146 18.68 120.27 -97.33
CA UNK CA 146 17.76 121.38 -97.42
C UNK CA 146 18.10 122.31 -96.28
N UNK CA 147 19.12 123.13 -96.48
CA UNK CA 147 19.45 124.19 -95.53
C UNK CA 147 18.67 125.44 -95.89
N UNK CA 148 17.35 125.33 -95.77
CA UNK CA 148 16.46 126.09 -96.63
C UNK CA 148 15.20 126.49 -95.88
N UNK CA 149 14.22 126.99 -96.63
CA UNK CA 149 12.84 127.14 -96.19
C UNK CA 149 11.88 126.76 -97.30
N UNK CA 150 12.19 125.69 -98.02
CA UNK CA 150 11.58 125.47 -99.31
C UNK CA 150 10.86 124.13 -99.37
N UNK CA 151 10.45 123.76 -100.57
CA UNK CA 151 9.67 122.54 -100.77
C UNK CA 151 10.45 121.62 -101.66
N UNK CA 152 10.23 120.33 -101.49
CA UNK CA 152 10.98 119.30 -102.18
C UNK CA 152 10.03 118.17 -102.45
N UNK CA 153 9.41 118.19 -103.61
CA UNK CA 153 8.45 117.16 -103.95
C UNK CA 153 9.13 116.01 -104.66
N UNK CA 154 8.68 114.80 -104.35
CA UNK CA 154 9.21 113.62 -105.01
C UNK CA 154 8.19 112.50 -104.92
N UNK CA 155 7.78 112.02 -106.08
CA UNK CA 155 7.19 110.71 -106.22
C UNK CA 155 8.20 109.76 -106.86
N UNK CA 156 9.45 109.85 -106.42
CA UNK CA 156 10.60 109.19 -107.05
C UNK CA 156 11.00 107.94 -106.28
N UNK CA 157 11.48 106.91 -106.99
CA UNK CA 157 11.86 105.63 -106.40
C UNK CA 157 13.37 105.40 -106.48
N UNK CA 158 14.08 105.74 -105.39
CA UNK CA 158 15.50 105.42 -105.25
C UNK CA 158 15.71 104.33 -104.21
N UNK CA 159 16.86 103.69 -104.26
CA UNK CA 159 17.13 102.65 -103.27
C UNK CA 159 17.52 103.25 -101.93
N UNK CA 160 18.45 104.20 -101.93
CA UNK CA 160 19.01 104.72 -100.70
C UNK CA 160 18.79 106.22 -100.63
N UNK CA 161 18.49 106.69 -99.44
CA UNK CA 161 18.23 108.10 -99.26
C UNK CA 161 18.89 108.60 -98.01
N UNK CA 162 19.38 109.83 -98.08
CA UNK CA 162 19.85 110.57 -96.92
C UNK CA 162 19.37 112.00 -97.11
N UNK CA 163 18.29 112.34 -96.43
CA UNK CA 163 17.68 113.65 -96.56
C UNK CA 163 17.69 114.33 -95.20
N UNK CA 164 18.27 115.52 -95.16
CA UNK CA 164 18.34 116.29 -93.93
C UNK CA 164 17.84 117.70 -94.19
N UNK CA 165 16.92 118.16 -93.35
CA UNK CA 165 16.30 119.49 -93.49
C UNK CA 165 16.53 120.32 -92.23
N UNK CA 166 16.94 121.57 -92.44
CA UNK CA 166 17.48 122.40 -91.37
C UNK CA 166 16.43 123.16 -90.56
N UNK CA 167 15.51 123.87 -91.21
CA UNK CA 167 14.53 124.68 -90.49
C UNK CA 167 13.34 124.94 -91.42
N UNK CA 168 12.22 124.27 -91.14
CA UNK CA 168 10.91 124.56 -91.72
C UNK CA 168 10.88 124.40 -93.24
N UNK CA 169 11.43 123.30 -93.71
CA UNK CA 169 11.22 122.94 -95.10
C UNK CA 169 10.21 121.81 -95.18
N UNK CA 170 9.77 121.54 -96.39
CA UNK CA 170 8.76 120.51 -96.59
C UNK CA 170 9.28 119.55 -97.63
N UNK CA 171 9.39 118.29 -97.26
CA UNK CA 171 9.97 117.30 -98.15
C UNK CA 171 9.04 116.11 -98.26
N UNK CA 172 8.76 115.72 -99.49
CA UNK CA 172 8.00 114.53 -99.80
C UNK CA 172 8.93 113.62 -100.59
N UNK CA 173 9.27 112.48 -100.00
CA UNK CA 173 10.23 111.57 -100.58
C UNK CA 173 9.70 110.15 -100.59
N UNK CA 174 10.49 109.25 -101.19
CA UNK CA 174 10.19 107.81 -101.23
C UNK CA 174 11.48 107.04 -101.52
N UNK CA 175 11.74 105.96 -100.76
CA UNK CA 175 12.96 105.15 -100.88
C UNK CA 175 12.63 103.66 -100.97
N UNK CA 176 13.52 102.90 -101.62
CA UNK CA 176 13.28 101.46 -101.75
C UNK CA 176 13.96 100.69 -100.63
N UNK CA 177 15.29 100.75 -100.56
CA UNK CA 177 16.00 99.97 -99.56
C UNK CA 177 16.23 100.72 -98.27
N UNK CA 178 16.75 101.94 -98.34
CA UNK CA 178 17.13 102.65 -97.13
C UNK CA 178 16.57 104.04 -97.14
N UNK CA 179 15.90 104.40 -96.05
CA UNK CA 179 15.52 105.78 -95.81
C UNK CA 179 16.38 106.31 -94.68
N UNK CA 180 17.03 107.42 -94.93
CA UNK CA 180 17.83 108.08 -93.92
C UNK CA 180 17.28 109.48 -93.82
N UNK CA 181 16.78 109.83 -92.65
CA UNK CA 181 15.99 111.05 -92.55
C UNK CA 181 16.31 111.80 -91.27
N UNK CA 182 16.62 113.08 -91.44
CA UNK CA 182 16.87 113.96 -90.31
C UNK CA 182 16.11 115.26 -90.49
N UNK CA 183 15.35 115.65 -89.45
CA UNK CA 183 14.54 116.86 -89.52
C UNK CA 183 14.85 117.77 -88.34
N UNK CA 184 14.84 119.07 -88.60
CA UNK CA 184 14.92 120.05 -87.51
C UNK CA 184 13.93 121.16 -87.82
N UNK CA 185 12.94 121.31 -86.95
CA UNK CA 185 11.88 122.32 -87.04
C UNK CA 185 11.13 122.27 -88.37
N UNK CA 186 11.07 121.12 -89.02
CA UNK CA 186 10.61 121.04 -90.40
C UNK CA 186 9.66 119.86 -90.54
N UNK CA 187 9.20 119.62 -91.75
CA UNK CA 187 8.27 118.54 -92.01
C UNK CA 187 8.84 117.62 -93.05
N UNK CA 188 8.97 116.36 -92.69
CA UNK CA 188 9.35 115.34 -93.64
C UNK CA 188 8.09 114.56 -93.91
N UNK CA 189 7.37 114.95 -94.92
CA UNK CA 189 6.20 114.21 -95.34
C UNK CA 189 6.71 112.97 -96.05
N UNK CA 190 7.20 112.02 -95.27
CA UNK CA 190 7.90 110.88 -95.82
C UNK CA 190 6.85 109.97 -96.43
N UNK CA 191 6.55 110.23 -97.69
CA UNK CA 191 5.29 109.84 -98.30
C UNK CA 191 5.15 108.34 -98.50
N UNK CA 192 6.19 107.57 -98.29
CA UNK CA 192 6.09 106.14 -98.46
C UNK CA 192 6.91 105.47 -97.39
N UNK CA 193 7.07 104.16 -97.52
CA UNK CA 193 7.82 103.34 -96.57
C UNK CA 193 8.97 102.62 -97.25
N UNK CA 194 10.16 102.67 -96.62
CA UNK CA 194 11.38 102.03 -97.13
C UNK CA 194 11.47 100.59 -96.64
N UNK CA 195 12.43 99.85 -97.21
CA UNK CA 195 12.75 98.55 -96.65
C UNK CA 195 13.32 98.70 -95.25
N UNK CA 196 14.15 99.71 -95.05
CA UNK CA 196 14.62 100.02 -93.72
C UNK CA 196 14.62 101.52 -93.60
N UNK CA 197 13.79 102.01 -92.72
CA UNK CA 197 13.59 103.43 -92.57
C UNK CA 197 14.27 103.87 -91.31
N UNK CA 198 14.81 105.08 -91.33
CA UNK CA 198 15.46 105.63 -90.15
C UNK CA 198 15.28 107.13 -90.17
N UNK CA 199 15.00 107.69 -89.01
CA UNK CA 199 14.78 109.11 -88.92
C UNK CA 199 15.10 109.58 -87.52
N UNK CA 200 15.43 110.86 -87.39
CA UNK CA 200 15.46 111.53 -86.09
C UNK CA 200 14.97 112.96 -86.26
N UNK CA 201 14.20 113.43 -85.29
CA UNK CA 201 13.60 114.76 -85.33
C UNK CA 201 14.14 115.61 -84.20
N UNK CA 202 14.57 116.81 -84.53
CA UNK CA 202 15.17 117.77 -83.63
C UNK CA 202 14.09 118.72 -83.10
N UNK CA 203 14.53 119.86 -82.55
CA UNK CA 203 13.66 120.86 -81.94
C UNK CA 203 12.55 121.28 -82.87
N UNK CA 204 11.32 120.90 -82.48
CA UNK CA 204 10.07 121.20 -83.17
C UNK CA 204 9.97 120.57 -84.55
N UNK CA 205 10.57 119.39 -84.71
CA UNK CA 205 10.60 118.75 -86.02
C UNK CA 205 9.58 117.62 -86.09
N UNK CA 206 9.13 117.31 -87.32
CA UNK CA 206 8.10 116.30 -87.54
C UNK CA 206 8.34 115.55 -88.84
N UNK CA 207 8.71 114.29 -88.73
CA UNK CA 207 8.87 113.43 -89.89
C UNK CA 207 7.61 112.62 -90.11
N UNK CA 208 6.62 113.27 -90.69
CA UNK CA 208 5.35 112.62 -90.92
C UNK CA 208 5.52 111.60 -92.03
N UNK CA 209 5.71 110.35 -91.65
CA UNK CA 209 5.91 109.29 -92.64
C UNK CA 209 4.57 109.03 -93.30
N UNK CA 210 4.25 109.85 -94.27
CA UNK CA 210 2.89 109.95 -94.77
C UNK CA 210 2.60 108.88 -95.81
N UNK CA 211 2.62 107.62 -95.37
CA UNK CA 211 2.22 106.57 -96.29
C UNK CA 211 0.72 106.65 -96.56
N UNK CA 212 0.31 106.07 -97.67
CA UNK CA 212 -1.08 106.14 -98.07
C UNK CA 212 -1.90 105.14 -97.28
N UNK CA 213 -2.56 105.61 -96.23
CA UNK CA 213 -3.49 104.78 -95.49
C UNK CA 213 -4.66 104.40 -96.39
N UNK CA 214 -5.28 103.28 -96.05
CA UNK CA 214 -6.28 102.59 -96.87
C UNK CA 214 -5.73 102.29 -98.26
N UNK CA 215 -4.77 101.40 -98.29
CA UNK CA 215 -4.36 100.84 -99.56
C UNK CA 215 -5.25 99.64 -99.87
N UNK CA 216 -4.91 98.93 -100.95
CA UNK CA 216 -5.59 97.66 -101.19
C UNK CA 216 -4.74 96.49 -100.72
N UNK CA 217 -3.41 96.61 -100.81
CA UNK CA 217 -2.49 95.74 -100.06
C UNK CA 217 -1.18 96.47 -99.78
N UNK CA 218 -1.14 97.23 -98.69
CA UNK CA 218 0.14 97.75 -98.23
C UNK CA 218 0.64 96.84 -97.14
N UNK CA 219 1.82 96.29 -97.32
CA UNK CA 219 2.45 95.52 -96.26
C UNK CA 219 2.81 96.43 -95.10
N UNK CA 220 2.67 95.93 -93.88
CA UNK CA 220 2.86 96.77 -92.71
C UNK CA 220 4.32 96.83 -92.31
N UNK CA 221 4.60 97.67 -91.31
CA UNK CA 221 5.96 97.90 -90.83
C UNK CA 221 6.43 96.67 -90.06
N UNK CA 222 7.55 96.09 -90.49
CA UNK CA 222 8.02 94.85 -89.91
C UNK CA 222 8.80 95.11 -88.63
N UNK CA 223 9.25 94.04 -87.98
CA UNK CA 223 10.04 94.16 -86.77
C UNK CA 223 11.38 94.79 -87.04
N UNK CA 224 11.93 94.56 -88.22
CA UNK CA 224 13.07 95.32 -88.65
C UNK CA 224 12.70 96.75 -89.02
N UNK CA 225 11.47 97.01 -89.41
CA UNK CA 225 11.09 98.37 -89.74
C UNK CA 225 10.34 99.03 -88.59
N UNK CA 226 10.28 98.38 -87.44
CA UNK CA 226 9.51 98.87 -86.30
C UNK CA 226 10.26 100.03 -85.68
N UNK CA 227 9.80 101.24 -85.98
CA UNK CA 227 10.35 102.44 -85.39
C UNK CA 227 9.32 103.04 -84.43
N UNK CA 228 9.73 104.09 -83.75
CA UNK CA 228 8.79 104.91 -83.01
C UNK CA 228 8.33 106.02 -83.93
N UNK DA 1 3.69 107.69 -123.82
CA UNK DA 1 2.94 107.48 -122.59
C UNK DA 1 3.87 107.04 -121.49
N UNK DA 2 5.02 106.50 -121.90
CA UNK DA 2 6.03 106.09 -120.95
C UNK DA 2 7.39 106.45 -121.52
N UNK DA 3 8.30 106.87 -120.64
CA UNK DA 3 9.70 106.95 -121.02
C UNK DA 3 10.24 105.56 -120.74
N UNK DA 4 9.95 104.66 -121.68
CA UNK DA 4 10.05 103.23 -121.47
C UNK DA 4 11.35 102.71 -122.06
N UNK DA 5 11.69 101.49 -121.68
CA UNK DA 5 12.82 100.82 -122.26
C UNK DA 5 12.36 99.61 -123.05
N UNK DA 6 13.10 99.31 -124.13
CA UNK DA 6 12.88 98.13 -124.93
C UNK DA 6 13.52 96.89 -124.32
N UNK DA 7 14.07 97.02 -123.11
CA UNK DA 7 14.64 95.92 -122.36
C UNK DA 7 13.53 95.09 -121.73
N UNK DA 8 13.88 94.23 -120.77
CA UNK DA 8 12.88 93.35 -120.17
C UNK DA 8 11.97 94.13 -119.23
N UNK DA 9 11.11 94.97 -119.82
CA UNK DA 9 9.91 95.54 -119.20
C UNK DA 9 10.20 96.47 -118.01
N UNK DA 10 10.97 97.52 -118.24
CA UNK DA 10 11.16 98.61 -117.28
C UNK DA 10 10.85 99.94 -117.95
N UNK DA 11 10.30 100.88 -117.19
CA UNK DA 11 9.84 102.14 -117.77
C UNK DA 11 9.73 103.22 -116.72
N UNK DA 12 10.34 104.37 -116.99
CA UNK DA 12 9.69 105.56 -116.51
C UNK DA 12 8.39 105.71 -117.29
N UNK DA 13 7.39 106.32 -116.65
CA UNK DA 13 6.08 106.30 -117.27
C UNK DA 13 5.30 107.53 -116.87
N UNK DA 14 4.60 108.10 -117.85
CA UNK DA 14 4.10 109.45 -117.73
C UNK DA 14 2.59 109.46 -117.63
N UNK DA 15 2.02 108.61 -116.77
CA UNK DA 15 0.59 108.70 -116.52
C UNK DA 15 0.26 109.89 -115.64
N UNK DA 16 0.58 109.80 -114.34
CA UNK DA 16 0.65 110.96 -113.47
C UNK DA 16 2.04 111.05 -112.85
N UNK DA 17 2.46 109.98 -112.20
CA UNK DA 17 3.85 109.74 -111.85
C UNK DA 17 3.98 108.23 -111.78
N UNK DA 18 4.53 107.61 -112.81
CA UNK DA 18 4.41 106.17 -112.90
C UNK DA 18 5.74 105.54 -113.29
N UNK DA 19 5.94 104.30 -112.86
CA UNK DA 19 7.11 103.51 -113.22
C UNK DA 19 6.59 102.21 -113.79
N UNK DA 20 6.35 102.19 -115.10
CA UNK DA 20 5.72 101.03 -115.74
C UNK DA 20 6.77 99.94 -115.92
N UNK DA 21 6.70 98.92 -115.08
CA UNK DA 21 7.62 97.80 -115.16
C UNK DA 21 6.83 96.50 -115.07
N UNK DA 22 7.03 95.61 -116.04
CA UNK DA 22 6.44 94.29 -115.99
C UNK DA 22 7.54 93.26 -115.70
N UNK DA 23 7.22 91.97 -115.76
CA UNK DA 23 8.04 90.91 -115.17
C UNK DA 23 8.90 90.14 -116.15
N UNK DA 24 8.50 90.07 -117.43
CA UNK DA 24 9.26 89.44 -118.53
C UNK DA 24 9.51 87.94 -118.30
N UNK DA 25 8.59 87.28 -117.58
CA UNK DA 25 8.60 85.84 -117.45
C UNK DA 25 7.31 85.22 -117.96
N UNK DA 26 6.18 85.87 -117.72
CA UNK DA 26 4.95 85.57 -118.44
C UNK DA 26 4.76 86.46 -119.66
N UNK DA 27 5.58 87.50 -119.79
CA UNK DA 27 5.69 88.38 -120.98
C UNK DA 27 4.38 89.09 -121.32
N UNK DA 28 3.93 89.94 -120.40
CA UNK DA 28 2.76 90.78 -120.63
C UNK DA 28 3.19 92.21 -120.96
N UNK DA 29 4.05 92.34 -121.98
CA UNK DA 29 4.59 93.63 -122.38
C UNK DA 29 3.81 94.23 -123.55
N UNK DA 30 2.51 94.45 -123.33
CA UNK DA 30 1.67 95.05 -124.35
C UNK DA 30 1.62 96.57 -124.24
N UNK DA 31 2.20 97.14 -123.18
CA UNK DA 31 2.26 98.59 -122.92
C UNK DA 31 0.87 99.23 -122.88
N UNK DA 32 -0.07 98.58 -122.20
CA UNK DA 32 -1.36 99.20 -121.90
C UNK DA 32 -1.80 98.71 -120.53
N UNK DA 33 -1.35 99.40 -119.49
CA UNK DA 33 -1.59 98.98 -118.11
C UNK DA 33 -1.68 100.23 -117.25
N UNK DA 34 -2.39 100.10 -116.13
CA UNK DA 34 -2.79 101.24 -115.29
C UNK DA 34 -2.26 101.03 -113.88
N UNK DA 35 -1.22 101.77 -113.51
CA UNK DA 35 -0.63 101.67 -112.19
C UNK DA 35 -1.04 102.87 -111.33
N UNK DA 36 -1.53 102.59 -110.11
CA UNK DA 36 -1.92 103.66 -109.19
C UNK DA 36 -1.43 103.35 -107.77
N UNK DA 37 -1.39 104.38 -106.93
CA UNK DA 37 -0.69 104.34 -105.64
C UNK DA 37 -1.61 104.03 -104.46
N UNK DA 38 -2.39 102.95 -104.55
CA UNK DA 38 -3.00 102.33 -103.38
C UNK DA 38 -2.90 100.82 -103.52
N UNK DA 39 -1.80 100.36 -104.12
CA UNK DA 39 -1.54 98.97 -104.50
C UNK DA 39 -2.62 98.42 -105.41
N UNK DA 40 -2.78 99.07 -106.57
CA UNK DA 40 -3.69 98.63 -107.62
C UNK DA 40 -3.04 98.90 -108.97
N UNK DA 41 -2.71 97.82 -109.69
CA UNK DA 41 -2.18 97.90 -111.05
C UNK DA 41 -3.02 97.02 -111.95
N UNK DA 42 -3.95 97.64 -112.68
CA UNK DA 42 -4.82 96.94 -113.60
C UNK DA 42 -4.11 96.79 -114.94
N UNK DA 43 -3.59 95.60 -115.19
CA UNK DA 43 -3.01 95.25 -116.48
C UNK DA 43 -4.06 94.47 -117.29
N UNK DA 44 -3.63 93.88 -118.40
CA UNK DA 44 -4.59 93.27 -119.33
C UNK DA 44 -4.72 91.77 -119.19
N UNK DA 45 -3.68 91.00 -119.52
CA UNK DA 45 -3.78 89.55 -119.54
C UNK DA 45 -3.81 88.97 -118.12
N UNK DA 46 -2.90 89.43 -117.27
CA UNK DA 46 -2.81 89.01 -115.88
C UNK DA 46 -2.39 90.23 -115.06
N UNK DA 47 -1.87 89.99 -113.85
CA UNK DA 47 -1.27 91.05 -113.05
C UNK DA 47 0.24 91.02 -113.22
N UNK DA 48 0.83 92.18 -113.50
CA UNK DA 48 2.25 92.30 -113.78
C UNK DA 48 2.87 93.40 -112.93
N UNK DA 49 4.13 93.20 -112.55
CA UNK DA 49 4.85 94.12 -111.66
C UNK DA 49 6.35 94.00 -111.89
N UNK DA 50 7.10 94.81 -111.15
CA UNK DA 50 8.55 94.80 -111.24
C UNK DA 50 9.13 93.61 -110.48
N UNK DA 51 10.43 93.37 -110.71
CA UNK DA 51 11.10 92.18 -110.18
C UNK DA 51 11.38 92.36 -108.69
N UNK DA 52 10.73 91.54 -107.86
CA UNK DA 52 10.95 91.56 -106.42
C UNK DA 52 10.86 90.15 -105.82
N UNK EA 1 -7.19 98.46 -49.71
CA UNK EA 1 -8.18 97.42 -49.51
C UNK EA 1 -9.53 97.89 -50.00
N UNK EA 2 -10.28 98.50 -49.08
CA UNK EA 2 -11.39 99.37 -49.39
C UNK EA 2 -11.19 100.63 -48.56
N UNK EA 3 -10.03 100.70 -47.92
CA UNK EA 3 -9.78 101.63 -46.83
C UNK EA 3 -9.46 102.99 -47.40
N UNK EA 4 -10.05 104.02 -46.78
CA UNK EA 4 -9.93 105.44 -47.09
C UNK EA 4 -10.54 105.81 -48.43
N UNK EA 5 -11.06 104.86 -49.22
CA UNK EA 5 -11.82 105.23 -50.39
C UNK EA 5 -13.16 105.77 -49.93
N UNK EA 6 -13.92 104.91 -49.27
CA UNK EA 6 -14.85 105.27 -48.23
C UNK EA 6 -14.95 104.03 -47.37
N UNK EA 7 -16.04 103.90 -46.64
CA UNK EA 7 -16.24 102.69 -45.87
C UNK EA 7 -16.41 101.50 -46.81
N UNK EA 8 -15.92 100.35 -46.40
CA UNK EA 8 -16.15 99.13 -47.16
C UNK EA 8 -17.62 98.80 -47.08
N UNK EA 9 -18.37 99.27 -48.07
CA UNK EA 9 -19.82 99.32 -47.96
C UNK EA 9 -20.41 97.92 -47.96
N UNK EA 10 -20.32 97.24 -49.08
CA UNK EA 10 -20.58 95.82 -49.07
C UNK EA 10 -19.23 95.15 -49.24
N UNK EA 11 -19.25 93.83 -49.35
CA UNK EA 11 -18.10 93.09 -49.82
C UNK EA 11 -18.68 92.23 -50.93
N UNK EA 12 -18.62 92.74 -52.15
CA UNK EA 12 -19.50 92.29 -53.20
C UNK EA 12 -19.17 90.86 -53.57
N UNK EA 13 -20.19 90.02 -53.46
CA UNK EA 13 -20.04 88.65 -53.90
C UNK EA 13 -19.87 88.62 -55.40
N UNK EA 14 -19.20 87.55 -55.84
CA UNK EA 14 -18.66 87.43 -57.19
C UNK EA 14 -17.79 88.63 -57.54
N UNK EA 15 -17.03 89.11 -56.56
CA UNK EA 15 -16.21 90.30 -56.73
C UNK EA 15 -15.23 90.40 -55.57
N UNK EA 16 -14.59 91.55 -55.50
CA UNK EA 16 -13.77 91.96 -54.38
C UNK EA 16 -14.69 92.55 -53.31
N UNK EA 17 -14.11 93.26 -52.36
CA UNK EA 17 -14.92 94.07 -51.47
C UNK EA 17 -15.47 95.27 -52.21
N UNK EA 18 -16.40 95.98 -51.57
CA UNK EA 18 -16.98 97.19 -52.12
C UNK EA 18 -16.82 98.33 -51.13
N UNK EA 19 -15.89 99.24 -51.42
CA UNK EA 19 -15.85 100.47 -50.65
C UNK EA 19 -17.06 101.31 -50.98
N UNK EA 20 -17.37 102.27 -50.11
CA UNK EA 20 -18.50 103.15 -50.38
C UNK EA 20 -18.13 104.29 -51.31
N UNK EA 21 -16.91 104.30 -51.82
CA UNK EA 21 -16.56 105.15 -52.94
C UNK EA 21 -16.77 104.41 -54.25
N UNK EA 22 -16.17 103.23 -54.41
CA UNK EA 22 -16.29 102.46 -55.63
C UNK EA 22 -16.12 100.98 -55.32
N UNK EA 23 -16.12 100.15 -56.36
CA UNK EA 23 -15.85 98.73 -56.21
C UNK EA 23 -14.40 98.58 -55.80
N UNK EA 24 -14.17 97.97 -54.66
CA UNK EA 24 -12.85 98.04 -54.06
C UNK EA 24 -11.92 96.98 -54.64
N UNK EA 25 -10.69 97.01 -54.17
CA UNK EA 25 -9.66 96.10 -54.63
C UNK EA 25 -9.42 94.94 -53.68
N UNK EA 26 -9.90 95.04 -52.45
CA UNK EA 26 -9.73 93.97 -51.48
C UNK EA 26 -10.56 92.78 -51.92
N UNK EA 27 -9.88 91.75 -52.43
CA UNK EA 27 -10.56 90.60 -53.02
C UNK EA 27 -11.33 89.85 -51.94
N UNK EA 28 -12.60 89.56 -52.23
CA UNK EA 28 -13.51 89.13 -51.17
C UNK EA 28 -13.40 87.64 -50.89
N UNK EA 29 -13.73 86.80 -51.86
CA UNK EA 29 -14.05 85.41 -51.57
C UNK EA 29 -12.85 84.50 -51.78
N UNK EA 30 -12.95 83.30 -51.20
CA UNK EA 30 -12.03 82.25 -51.59
C UNK EA 30 -12.35 81.74 -52.98
N UNK EA 31 -13.61 81.85 -53.38
CA UNK EA 31 -14.00 81.56 -54.75
C UNK EA 31 -13.79 82.77 -55.64
N UNK EA 32 -13.31 83.87 -55.08
CA UNK EA 32 -13.03 85.03 -55.91
C UNK EA 32 -11.76 84.79 -56.70
N UNK EA 33 -11.60 85.56 -57.78
CA UNK EA 33 -10.46 85.40 -58.68
C UNK EA 33 -9.27 86.23 -58.19
N UNK EA 34 -8.81 85.88 -56.99
CA UNK EA 34 -7.48 86.22 -56.58
C UNK EA 34 -6.53 85.53 -57.54
N UNK EA 35 -5.49 86.23 -57.96
CA UNK EA 35 -4.62 85.75 -59.04
C UNK EA 35 -3.72 84.63 -58.52
N UNK EA 36 -4.01 83.42 -58.99
CA UNK EA 36 -3.19 82.27 -58.67
C UNK EA 36 -2.25 81.94 -59.83
N UNK EA 37 -0.96 81.94 -59.55
CA UNK EA 37 0.03 81.53 -60.52
C UNK EA 37 1.13 80.67 -59.92
N UNK EA 38 1.08 80.37 -58.63
CA UNK EA 38 2.17 79.62 -57.99
C UNK EA 38 1.58 78.59 -57.04
N UNK EA 39 1.31 77.39 -57.55
CA UNK EA 39 0.96 76.30 -56.68
C UNK EA 39 2.17 75.87 -55.87
N UNK EA 40 1.93 75.20 -54.75
CA UNK EA 40 3.03 74.74 -53.89
C UNK EA 40 2.61 73.42 -53.25
N UNK EA 41 2.96 72.31 -53.90
CA UNK EA 41 2.56 71.01 -53.40
C UNK EA 41 3.47 69.93 -53.96
N UNK EA 42 3.31 68.72 -53.45
CA UNK EA 42 4.00 67.57 -53.97
C UNK EA 42 3.16 66.94 -55.06
N UNK EA 43 3.82 66.63 -56.18
CA UNK EA 43 3.22 66.09 -57.39
C UNK EA 43 2.11 67.01 -57.93
N UNK EA 44 2.23 68.29 -57.60
CA UNK EA 44 1.36 69.31 -58.16
C UNK EA 44 1.74 69.52 -59.60
N UNK EA 45 0.73 69.77 -60.43
CA UNK EA 45 0.77 69.89 -61.88
C UNK EA 45 1.13 68.56 -62.56
N UNK EA 46 1.57 67.57 -61.81
CA UNK EA 46 1.33 66.19 -62.14
C UNK EA 46 0.02 65.87 -61.47
N UNK EA 47 -0.42 64.64 -61.63
CA UNK EA 47 -1.39 64.19 -60.66
C UNK EA 47 -0.70 64.12 -59.32
N UNK EA 48 -1.44 64.40 -58.26
CA UNK EA 48 -0.88 64.46 -56.93
C UNK EA 48 -0.54 63.06 -56.42
N UNK EA 49 -0.27 62.95 -55.13
CA UNK EA 49 0.26 61.71 -54.58
C UNK EA 49 -0.83 60.64 -54.52
N UNK EA 50 -0.62 59.54 -55.24
CA UNK EA 50 -1.35 58.32 -54.90
C UNK EA 50 -0.84 57.89 -53.55
N UNK EA 51 -1.61 58.17 -52.50
CA UNK EA 51 -1.08 58.08 -51.15
C UNK EA 51 -1.05 56.65 -50.60
N UNK EA 52 -1.00 55.63 -51.46
CA UNK EA 52 -1.08 54.25 -51.04
C UNK EA 52 0.15 53.71 -50.32
N UNK EA 53 1.31 54.34 -50.48
CA UNK EA 53 2.56 53.78 -49.96
C UNK EA 53 3.13 54.62 -48.82
N UNK EA 54 4.39 54.33 -48.45
CA UNK EA 54 5.15 55.08 -47.44
C UNK EA 54 6.65 55.01 -47.74
N UNK EA 55 7.21 56.11 -48.23
CA UNK EA 55 8.64 56.17 -48.52
C UNK EA 55 9.10 57.62 -48.37
N UNK EA 56 10.42 57.84 -48.44
CA UNK EA 56 10.93 59.20 -48.51
C UNK EA 56 10.50 59.84 -49.81
N UNK EA 57 10.73 59.17 -50.92
CA UNK EA 57 10.12 59.59 -52.17
C UNK EA 57 8.64 59.24 -52.14
N UNK EA 58 7.87 59.97 -52.94
CA UNK EA 58 6.43 59.77 -53.00
C UNK EA 58 6.06 59.47 -54.44
N UNK EA 59 5.10 58.59 -54.62
CA UNK EA 59 4.60 58.29 -55.95
C UNK EA 59 3.37 59.14 -56.23
N UNK EA 60 3.30 59.66 -57.45
CA UNK EA 60 2.14 60.43 -57.83
C UNK EA 60 0.96 59.51 -58.08
N UNK EA 61 -0.22 60.11 -58.24
CA UNK EA 61 -1.32 59.37 -58.83
C UNK EA 61 -1.07 59.10 -60.30
N UNK EA 62 -0.22 59.92 -60.92
CA UNK EA 62 0.33 59.60 -62.22
C UNK EA 62 1.58 58.74 -62.09
N UNK EA 63 1.86 58.23 -60.89
CA UNK EA 63 2.99 57.33 -60.61
C UNK EA 63 4.34 57.93 -60.97
N UNK EA 64 4.46 59.23 -60.84
CA UNK EA 64 5.74 59.88 -60.98
C UNK EA 64 6.34 59.96 -59.60
N UNK EA 65 7.65 59.79 -59.53
CA UNK EA 65 8.33 59.81 -58.25
C UNK EA 65 8.56 61.25 -57.82
N UNK EA 66 8.03 61.60 -56.66
CA UNK EA 66 8.26 62.93 -56.12
C UNK EA 66 9.66 62.98 -55.56
N UNK EA 67 10.62 63.10 -56.47
CA UNK EA 67 12.00 63.25 -56.05
C UNK EA 67 12.22 64.59 -55.40
N UNK EA 68 11.46 65.60 -55.79
CA UNK EA 68 11.46 66.87 -55.08
C UNK EA 68 10.89 66.74 -53.68
N UNK EA 69 10.10 65.70 -53.43
CA UNK EA 69 9.61 65.44 -52.09
C UNK EA 69 10.24 64.18 -51.54
N UNK EA 70 11.44 63.85 -51.98
CA UNK EA 70 12.08 62.64 -51.50
C UNK EA 70 12.95 62.90 -50.27
N LYS FA 24 43.42 99.37 -65.30
CA LYS FA 24 41.98 99.14 -65.31
C LYS FA 24 41.55 98.56 -66.65
N PHE FA 25 40.68 97.58 -66.62
CA PHE FA 25 40.38 96.82 -67.82
C PHE FA 25 38.99 96.19 -67.73
N LYS FA 26 38.32 96.08 -68.87
CA LYS FA 26 36.95 95.58 -68.89
C LYS FA 26 36.57 95.08 -70.28
N LYS FA 27 36.08 93.86 -70.37
CA LYS FA 27 35.34 93.44 -71.54
C LYS FA 27 33.96 94.11 -71.53
N PRO FA 28 33.46 94.52 -72.69
CA PRO FA 28 32.31 95.42 -72.72
C PRO FA 28 31.00 94.81 -72.21
N PRO FA 29 30.47 93.70 -72.79
CA PRO FA 29 29.06 93.43 -72.50
C PRO FA 29 28.87 92.75 -71.17
N ILE FA 30 28.38 93.53 -70.21
CA ILE FA 30 28.21 93.09 -68.84
C ILE FA 30 26.72 93.08 -68.55
N ASN FA 31 26.11 91.91 -68.59
CA ASN FA 31 24.67 91.76 -68.42
C ASN FA 31 24.31 91.52 -66.98
N ASN FA 32 23.10 91.10 -66.74
CA ASN FA 32 22.72 90.67 -65.43
C ASN FA 32 23.19 89.24 -65.22
N PRO FA 33 23.32 88.83 -63.96
CA PRO FA 33 23.64 87.42 -63.69
C PRO FA 33 22.47 86.54 -64.10
N SER FA 34 22.76 85.51 -64.86
CA SER FA 34 21.77 84.54 -65.28
C SER FA 34 21.69 83.41 -64.27
N ASP FA 35 20.96 82.35 -64.63
CA ASP FA 35 21.12 81.11 -63.90
C ASP FA 35 21.08 79.93 -64.86
N ASP FA 36 21.52 78.80 -64.31
CA ASP FA 36 21.63 77.55 -65.05
C ASP FA 36 20.33 77.13 -65.66
N ALA FA 37 19.24 77.45 -64.98
CA ALA FA 37 17.92 77.07 -65.44
C ALA FA 37 17.61 77.71 -66.77
N THR FA 38 17.59 79.03 -66.81
CA THR FA 38 17.31 79.67 -68.06
C THR FA 38 18.40 79.47 -69.06
N ILE FA 39 19.57 79.10 -68.60
CA ILE FA 39 20.61 78.68 -69.50
C ILE FA 39 20.22 77.42 -70.25
N LYS FA 40 19.90 76.34 -69.52
CA LYS FA 40 19.61 75.05 -70.11
C LYS FA 40 18.34 75.11 -70.87
N LEU FA 41 17.44 76.01 -70.48
CA LEU FA 41 16.33 76.32 -71.33
C LEU FA 41 16.75 76.89 -72.66
N ALA FA 42 17.75 77.75 -72.64
CA ALA FA 42 18.12 78.40 -73.89
C ALA FA 42 18.76 77.42 -74.84
N GLU FA 43 19.65 76.55 -74.34
CA GLU FA 43 20.16 75.66 -75.37
C GLU FA 43 19.18 74.56 -75.71
N ALA FA 44 18.20 74.27 -74.87
CA ALA FA 44 17.05 73.53 -75.35
C ALA FA 44 16.44 74.22 -76.55
N ALA FA 45 16.17 75.49 -76.35
CA ALA FA 45 15.32 76.24 -77.24
C ALA FA 45 15.95 76.41 -78.57
N VAL FA 46 17.26 76.59 -78.59
CA VAL FA 46 17.88 76.87 -79.86
C VAL FA 46 17.90 75.62 -80.71
N SER FA 47 18.00 74.48 -80.07
CA SER FA 47 18.10 73.23 -80.77
C SER FA 47 16.76 72.88 -81.36
N VAL FA 48 15.73 73.10 -80.58
CA VAL FA 48 14.44 72.82 -81.13
C VAL FA 48 14.09 73.84 -82.18
N SER FA 49 14.59 75.06 -82.02
CA SER FA 49 14.32 76.14 -82.93
C SER FA 49 14.87 75.85 -84.29
N ASP FA 50 16.13 75.52 -84.36
CA ASP FA 50 16.69 75.35 -85.67
C ASP FA 50 16.33 74.02 -86.30
N SER FA 51 16.05 73.02 -85.47
CA SER FA 51 15.39 71.83 -85.97
C SER FA 51 14.08 72.21 -86.64
N MET FA 52 13.33 73.09 -86.01
CA MET FA 52 12.11 73.59 -86.61
C MET FA 52 12.39 74.42 -87.84
N LEU FA 53 13.52 75.10 -87.88
CA LEU FA 53 13.81 75.93 -89.05
C LEU FA 53 14.01 75.09 -90.26
N GLU FA 54 14.86 74.09 -90.13
CA GLU FA 54 15.05 73.20 -91.24
C GLU FA 54 13.79 72.44 -91.56
N MET FA 55 13.04 72.05 -90.53
CA MET FA 55 11.72 71.50 -90.71
C MET FA 55 10.87 72.31 -91.64
N ALA FA 56 10.76 73.58 -91.34
CA ALA FA 56 9.90 74.45 -92.10
C ALA FA 56 10.42 74.60 -93.50
N LYS FA 57 11.74 74.66 -93.64
CA LYS FA 57 12.31 74.80 -94.97
C LYS FA 57 12.03 73.57 -95.79
N VAL FA 58 12.12 72.43 -95.17
CA VAL FA 58 11.85 71.19 -95.85
C VAL FA 58 10.39 71.09 -96.24
N GLU FA 59 9.53 71.58 -95.38
CA GLU FA 59 8.13 71.60 -95.69
C GLU FA 59 7.84 72.53 -96.86
N LYS FA 60 8.43 73.70 -96.84
CA LYS FA 60 8.08 74.67 -97.86
C LYS FA 60 8.73 74.36 -99.16
N VAL FA 61 9.66 73.41 -99.19
CA VAL FA 61 10.14 72.97 -100.47
C VAL FA 61 9.51 71.67 -100.93
N ILE FA 62 8.98 70.87 -100.01
CA ILE FA 62 8.26 69.72 -100.51
C ILE FA 62 6.95 70.17 -101.06
N THR FA 63 6.42 71.28 -100.57
CA THR FA 63 5.26 71.79 -101.20
C THR FA 63 5.43 73.27 -101.43
N PRO FA 64 5.12 73.73 -102.62
CA PRO FA 64 5.07 75.14 -102.88
C PRO FA 64 3.72 75.70 -102.47
N PRO FA 65 3.70 76.79 -101.72
CA PRO FA 65 2.42 77.44 -101.38
C PRO FA 65 1.95 78.31 -102.53
N SER FA 66 0.68 78.15 -102.91
CA SER FA 66 0.21 78.81 -104.13
C SER FA 66 -0.41 80.17 -103.84
N LYS FA 67 -1.20 80.30 -102.78
CA LYS FA 67 -1.93 81.55 -102.55
C LYS FA 67 -1.84 82.00 -101.10
N ASP FA 68 -1.91 83.31 -100.93
CA ASP FA 68 -1.83 83.97 -99.64
C ASP FA 68 -3.21 84.00 -99.00
N ASN FA 69 -3.35 84.66 -97.87
CA ASN FA 69 -4.70 84.89 -97.37
C ASN FA 69 -5.13 86.34 -97.49
N THR FA 70 -4.36 87.14 -98.19
CA THR FA 70 -4.77 88.51 -98.34
C THR FA 70 -5.88 88.68 -99.36
N LEU FA 71 -6.05 87.73 -100.27
CA LEU FA 71 -7.14 87.91 -101.22
C LEU FA 71 -8.47 87.65 -100.57
N THR FA 72 -8.48 86.87 -99.52
CA THR FA 72 -9.70 86.72 -98.75
C THR FA 72 -9.70 87.64 -97.55
N ILE FA 73 -8.56 88.18 -97.17
CA ILE FA 73 -8.54 89.24 -96.17
C ILE FA 73 -7.78 90.42 -96.74
N PRO FA 74 -8.41 91.29 -97.50
CA PRO FA 74 -7.78 92.55 -97.86
C PRO FA 74 -8.00 93.60 -96.78
N ASN FA 75 -7.23 94.66 -96.87
CA ASN FA 75 -7.31 95.69 -95.86
C ASN FA 75 -8.42 96.67 -96.18
N ALA FA 76 -8.71 97.53 -95.22
CA ALA FA 76 -9.67 98.61 -95.45
C ALA FA 76 -9.37 99.73 -94.48
N TYR FA 77 -9.86 100.91 -94.80
CA TYR FA 77 -9.77 101.98 -93.83
C TYR FA 77 -10.67 101.61 -92.67
N ASN FA 78 -10.20 101.92 -91.47
CA ASN FA 78 -10.52 101.46 -90.12
C ASN FA 78 -10.14 100.01 -89.91
N LEU FA 79 -9.74 99.28 -90.95
CA LEU FA 79 -8.99 98.06 -90.73
C LEU FA 79 -7.51 98.35 -90.64
N GLN FA 80 -7.09 99.55 -90.98
CA GLN FA 80 -5.72 99.88 -90.68
C GLN FA 80 -5.53 100.48 -89.31
N ALA FA 81 -6.40 100.22 -88.34
CA ALA FA 81 -6.00 100.64 -87.02
C ALA FA 81 -4.96 99.67 -86.49
N ARG FA 82 -4.39 100.02 -85.36
CA ARG FA 82 -3.30 99.16 -84.95
C ARG FA 82 -3.61 98.55 -83.60
N ALA FA 83 -2.93 97.44 -83.33
CA ALA FA 83 -3.20 96.73 -82.09
C ALA FA 83 -1.94 96.02 -81.62
N SER FA 84 -1.88 95.78 -80.31
CA SER FA 84 -0.78 95.06 -79.65
C SER FA 84 -1.36 94.04 -78.69
N VAL FA 85 -1.02 92.76 -78.92
CA VAL FA 85 -1.79 91.62 -78.45
C VAL FA 85 -0.91 90.70 -77.63
N ASP FA 86 -1.40 90.29 -76.47
CA ASP FA 86 -1.13 88.93 -76.00
C ASP FA 86 -2.43 88.23 -75.63
N TRP FA 87 -2.49 86.96 -75.97
CA TRP FA 87 -3.73 86.23 -75.87
C TRP FA 87 -3.40 84.77 -75.82
N SER FA 88 -4.25 84.01 -75.19
CA SER FA 88 -4.14 82.58 -75.22
C SER FA 88 -5.47 81.88 -75.26
N GLY FA 89 -6.56 82.60 -75.22
CA GLY FA 89 -7.84 81.98 -75.09
C GLY FA 89 -8.33 81.49 -76.43
N PRO FA 90 -9.62 81.29 -76.49
CA PRO FA 90 -10.23 80.77 -77.71
C PRO FA 90 -10.42 81.88 -78.71
N ILE FA 91 -11.02 81.50 -79.81
CA ILE FA 91 -10.89 82.31 -80.98
C ILE FA 91 -11.98 83.36 -81.06
N GLU FA 92 -13.20 82.99 -80.75
CA GLU FA 92 -14.30 83.84 -81.15
C GLU FA 92 -14.46 85.02 -80.22
N GLU FA 93 -14.06 84.86 -78.97
CA GLU FA 93 -14.05 85.99 -78.04
C GLU FA 93 -13.12 87.07 -78.52
N LEU FA 94 -11.95 86.64 -78.93
CA LEU FA 94 -10.96 87.54 -79.44
C LEU FA 94 -11.43 88.20 -80.73
N THR FA 95 -12.06 87.40 -81.62
CA THR FA 95 -12.48 87.97 -82.91
C THR FA 95 -13.68 88.88 -82.76
N ALA FA 96 -14.53 88.61 -81.79
CA ALA FA 96 -15.57 89.59 -81.50
C ALA FA 96 -14.97 90.89 -81.03
N ARG FA 97 -13.93 90.85 -80.20
CA ARG FA 97 -13.50 92.12 -79.63
C ARG FA 97 -12.69 92.94 -80.61
N ILE FA 98 -12.03 92.28 -81.54
CA ILE FA 98 -11.40 93.05 -82.59
C ILE FA 98 -12.45 93.59 -83.56
N ALA FA 99 -13.53 92.84 -83.85
CA ALA FA 99 -14.52 93.39 -84.76
C ALA FA 99 -15.31 94.50 -84.11
N LYS FA 100 -15.37 94.44 -82.79
CA LYS FA 100 -15.85 95.53 -81.98
C LYS FA 100 -15.01 96.77 -82.21
N ALA FA 101 -13.70 96.66 -82.05
CA ALA FA 101 -12.87 97.84 -82.24
C ALA FA 101 -12.85 98.32 -83.67
N ALA FA 102 -13.06 97.41 -84.61
CA ALA FA 102 -13.13 97.73 -86.02
C ALA FA 102 -14.51 98.16 -86.44
N HIS FA 103 -15.46 98.09 -85.51
CA HIS FA 103 -16.88 98.35 -85.73
C HIS FA 103 -17.45 97.38 -86.77
N PHE FA 104 -16.81 96.24 -86.94
CA PHE FA 104 -17.27 95.28 -87.89
C PHE FA 104 -18.28 94.38 -87.20
N ARG FA 105 -19.35 94.10 -87.90
CA ARG FA 105 -20.27 93.09 -87.43
C ARG FA 105 -19.62 91.73 -87.57
N PHE FA 106 -19.61 90.98 -86.49
CA PHE FA 106 -18.93 89.70 -86.45
C PHE FA 106 -19.94 88.57 -86.43
N ARG FA 107 -19.88 87.72 -87.42
CA ARG FA 107 -20.78 86.59 -87.47
C ARG FA 107 -19.98 85.32 -87.62
N VAL FA 108 -20.65 84.20 -87.43
CA VAL FA 108 -20.02 82.90 -87.48
C VAL FA 108 -20.84 81.97 -88.37
N LEU FA 109 -20.18 81.06 -89.04
CA LEU FA 109 -20.84 80.04 -89.85
C LEU FA 109 -20.44 78.66 -89.41
N GLY FA 110 -21.39 77.75 -89.40
CA GLY FA 110 -21.09 76.41 -88.93
C GLY FA 110 -21.00 76.33 -87.43
N LYS FA 111 -21.22 75.13 -86.91
CA LYS FA 111 -21.24 74.97 -85.48
C LYS FA 111 -19.84 74.83 -84.92
N SER FA 112 -19.67 75.29 -83.71
CA SER FA 112 -18.37 75.18 -83.09
C SER FA 112 -18.12 73.74 -82.65
N PRO FA 113 -16.90 73.27 -82.77
CA PRO FA 113 -16.58 71.93 -82.28
C PRO FA 113 -16.60 71.93 -80.77
N SER FA 114 -16.88 70.76 -80.24
CA SER FA 114 -16.89 70.56 -78.80
C SER FA 114 -15.51 70.84 -78.21
N VAL FA 115 -14.48 70.30 -78.83
CA VAL FA 115 -13.15 70.76 -78.43
C VAL FA 115 -12.95 72.17 -78.94
N PRO FA 116 -12.46 73.08 -78.12
CA PRO FA 116 -12.36 74.47 -78.55
C PRO FA 116 -11.03 74.70 -79.21
N VAL FA 117 -11.07 75.36 -80.34
CA VAL FA 117 -9.83 75.80 -80.97
C VAL FA 117 -9.38 77.07 -80.27
N LEU FA 118 -8.17 77.05 -79.77
CA LEU FA 118 -7.62 78.20 -79.10
C LEU FA 118 -6.36 78.59 -79.79
N ILE FA 119 -6.06 79.87 -79.75
CA ILE FA 119 -4.81 80.34 -80.31
C ILE FA 119 -4.11 81.12 -79.25
N SER FA 120 -2.90 81.48 -79.56
CA SER FA 120 -2.12 82.32 -78.69
C SER FA 120 -1.41 83.30 -79.59
N ILE FA 121 -2.05 84.42 -79.86
CA ILE FA 121 -1.42 85.50 -80.58
C ILE FA 121 -0.64 86.34 -79.59
N SER FA 122 0.62 86.59 -79.90
CA SER FA 122 1.47 87.42 -79.07
C SER FA 122 2.31 88.27 -80.00
N THR FA 123 1.91 89.52 -80.20
CA THR FA 123 2.64 90.41 -81.08
C THR FA 123 2.47 91.83 -80.59
N LYS FA 124 3.31 92.72 -81.10
CA LYS FA 124 3.29 94.10 -80.65
C LYS FA 124 3.24 95.03 -81.86
N ASP FA 125 2.24 95.91 -81.86
CA ASP FA 125 2.01 96.97 -82.85
C ASP FA 125 1.86 96.39 -84.27
N GLU FA 126 0.79 95.66 -84.44
CA GLU FA 126 0.47 95.16 -85.77
C GLU FA 126 -0.77 95.82 -86.31
N SER FA 127 -0.88 95.74 -87.61
CA SER FA 127 -2.13 96.16 -88.14
C SER FA 127 -3.16 95.12 -87.88
N LEU FA 128 -4.38 95.56 -88.03
CA LEU FA 128 -5.47 94.68 -87.78
C LEU FA 128 -5.57 93.61 -88.82
N ALA FA 129 -5.49 93.95 -90.11
CA ALA FA 129 -5.65 92.92 -91.13
C ALA FA 129 -4.54 91.89 -91.05
N GLU FA 130 -3.38 92.31 -90.59
CA GLU FA 130 -2.32 91.36 -90.44
C GLU FA 130 -2.52 90.46 -89.25
N ILE FA 131 -2.98 91.02 -88.13
CA ILE FA 131 -3.26 90.11 -87.05
C ILE FA 131 -4.42 89.23 -87.40
N LEU FA 132 -5.35 89.67 -88.25
CA LEU FA 132 -6.33 88.71 -88.75
C LEU FA 132 -5.69 87.62 -89.56
N ARG FA 133 -4.70 87.99 -90.35
CA ARG FA 133 -4.13 87.02 -91.24
C ARG FA 133 -3.42 85.94 -90.46
N ASP FA 134 -2.70 86.31 -89.42
CA ASP FA 134 -2.07 85.18 -88.75
C ASP FA 134 -2.95 84.55 -87.69
N ILE FA 135 -4.04 85.19 -87.28
CA ILE FA 135 -5.07 84.39 -86.63
C ILE FA 135 -5.57 83.31 -87.53
N ASP FA 136 -5.88 83.67 -88.75
CA ASP FA 136 -6.36 82.67 -89.70
C ASP FA 136 -5.33 81.60 -89.95
N TYR FA 137 -4.07 82.01 -89.98
CA TYR FA 137 -3.02 81.04 -90.12
C TYR FA 137 -2.93 80.16 -88.90
N GLN FA 138 -2.96 80.75 -87.72
CA GLN FA 138 -2.81 79.99 -86.49
C GLN FA 138 -3.97 79.05 -86.28
N ALA FA 139 -5.15 79.44 -86.70
CA ALA FA 139 -6.25 78.50 -86.80
C ALA FA 139 -6.14 77.84 -88.15
N GLY FA 140 -5.13 76.98 -88.26
CA GLY FA 140 -4.91 76.23 -89.46
C GLY FA 140 -6.07 75.29 -89.64
N LYS FA 141 -6.87 75.58 -90.67
CA LYS FA 141 -7.98 74.77 -91.20
C LYS FA 141 -9.03 74.38 -90.15
N LYS FA 142 -8.97 74.90 -88.94
CA LYS FA 142 -10.01 74.59 -88.00
C LYS FA 142 -10.98 75.73 -88.04
N ALA FA 143 -10.46 76.92 -88.32
CA ALA FA 143 -11.29 78.10 -88.46
C ALA FA 143 -10.81 78.92 -89.63
N SER FA 144 -11.72 79.70 -90.20
CA SER FA 144 -11.35 80.60 -91.29
C SER FA 144 -11.97 81.96 -91.06
N ILE FA 145 -11.18 82.98 -91.34
CA ILE FA 145 -11.66 84.35 -91.34
C ILE FA 145 -12.05 84.70 -92.76
N HIS FA 146 -13.19 85.34 -92.90
CA HIS FA 146 -13.46 86.05 -94.13
C HIS FA 146 -13.97 87.42 -93.73
N VAL FA 147 -13.60 88.41 -94.52
CA VAL FA 147 -14.07 89.76 -94.28
C VAL FA 147 -14.84 90.20 -95.50
N TYR FA 148 -16.04 90.69 -95.29
CA TYR FA 148 -16.64 91.42 -96.40
C TYR FA 148 -16.69 92.89 -96.01
N PRO FA 149 -15.81 93.70 -96.60
CA PRO FA 149 -15.77 95.13 -96.33
C PRO FA 149 -16.53 95.97 -97.33
N ASN FA 150 -17.16 95.37 -98.33
CA ASN FA 150 -18.25 96.07 -98.99
C ASN FA 150 -19.36 96.31 -97.99
N SER FA 151 -19.66 95.31 -97.19
CA SER FA 151 -20.40 95.46 -95.95
C SER FA 151 -19.44 95.87 -94.86
N GLN FA 152 -19.79 95.68 -93.65
CA GLN FA 152 -18.80 95.76 -92.61
C GLN FA 152 -18.96 94.50 -91.80
N VAL FA 153 -18.46 93.39 -92.31
CA VAL FA 153 -18.61 92.15 -91.57
C VAL FA 153 -17.31 91.39 -91.54
N VAL FA 154 -17.07 90.76 -90.41
CA VAL FA 154 -16.10 89.71 -90.25
C VAL FA 154 -16.84 88.44 -89.92
N GLU FA 155 -16.76 87.45 -90.80
CA GLU FA 155 -17.34 86.16 -90.52
C GLU FA 155 -16.24 85.18 -90.16
N LEU FA 156 -16.57 84.28 -89.27
CA LEU FA 156 -15.71 83.22 -88.80
C LEU FA 156 -16.38 81.91 -89.13
N ARG FA 157 -15.84 81.17 -90.09
CA ARG FA 157 -16.41 79.90 -90.47
C ARG FA 157 -15.67 78.80 -89.73
N TYR FA 158 -16.42 77.99 -88.99
CA TYR FA 158 -15.80 76.85 -88.35
C TYR FA 158 -15.60 75.74 -89.34
N ALA FA 159 -14.79 74.76 -88.94
CA ALA FA 159 -14.62 73.56 -89.74
C ALA FA 159 -15.85 72.69 -89.64
N LYS FA 160 -15.87 71.66 -90.47
CA LYS FA 160 -17.07 70.86 -90.65
C LYS FA 160 -16.75 69.39 -90.43
N ILE FA 161 -16.08 69.12 -89.32
CA ILE FA 161 -15.95 67.76 -88.89
C ILE FA 161 -16.18 67.65 -87.41
N ALA GA 58 54.96 39.88 -34.32
CA ALA GA 58 53.70 40.24 -33.68
C ALA GA 58 53.47 41.73 -33.81
N LEU GA 59 53.82 42.46 -32.74
CA LEU GA 59 54.01 43.91 -32.80
C LEU GA 59 54.99 44.24 -33.89
N LYS GA 60 56.00 43.40 -33.94
CA LYS GA 60 56.90 43.19 -35.04
C LYS GA 60 56.16 43.16 -36.37
N GLU GA 61 55.33 42.13 -36.60
CA GLU GA 61 54.78 41.91 -37.94
C GLU GA 61 53.81 43.01 -38.31
N THR GA 62 53.11 43.55 -37.33
CA THR GA 62 52.26 44.66 -37.69
C THR GA 62 53.04 45.94 -37.92
N ALA GA 63 54.21 46.12 -37.33
CA ALA GA 63 55.02 47.26 -37.70
C ALA GA 63 55.51 47.14 -39.13
N LEU GA 64 55.89 45.91 -39.49
CA LEU GA 64 56.18 45.57 -40.88
C LEU GA 64 55.01 45.88 -41.78
N SER GA 65 53.83 45.40 -41.43
CA SER GA 65 52.70 45.50 -42.33
C SER GA 65 52.13 46.90 -42.36
N VAL GA 66 52.33 47.67 -41.30
CA VAL GA 66 52.12 49.10 -41.35
C VAL GA 66 53.01 49.72 -42.39
N GLY GA 67 54.26 49.31 -42.44
CA GLY GA 67 55.07 49.78 -43.53
C GLY GA 67 54.68 49.28 -44.89
N ALA GA 68 54.14 48.05 -44.96
CA ALA GA 68 54.04 47.32 -46.21
C ALA GA 68 53.14 48.01 -47.20
N GLN GA 69 51.88 48.17 -46.83
CA GLN GA 69 50.95 48.92 -47.64
C GLN GA 69 51.36 50.38 -47.79
N ALA GA 70 52.06 50.95 -46.79
CA ALA GA 70 52.43 52.36 -46.84
C ALA GA 70 53.37 52.65 -47.97
N GLY GA 71 54.51 51.95 -47.99
CA GLY GA 71 55.43 52.09 -49.09
C GLY GA 71 54.84 51.61 -50.40
N LEU GA 72 53.98 50.59 -50.34
CA LEU GA 72 53.34 50.08 -51.55
C LEU GA 72 52.51 51.14 -52.23
N ALA GA 73 51.63 51.78 -51.49
CA ALA GA 73 50.77 52.78 -52.08
C ALA GA 73 51.52 54.05 -52.36
N TRP GA 74 52.54 54.34 -51.54
CA TRP GA 74 53.39 55.49 -51.78
C TRP GA 74 54.04 55.37 -53.14
N ARG GA 75 54.61 54.21 -53.39
CA ARG GA 75 55.19 53.86 -54.66
C ARG GA 75 54.18 53.94 -55.78
N ALA GA 76 52.96 53.49 -55.51
CA ALA GA 76 51.92 53.47 -56.53
C ALA GA 76 51.58 54.86 -56.98
N LYS GA 77 51.49 55.79 -56.02
CA LYS GA 77 51.24 57.17 -56.39
C LYS GA 77 52.38 57.72 -57.20
N ILE GA 78 53.62 57.33 -56.86
CA ILE GA 78 54.77 57.85 -57.57
C ILE GA 78 54.74 57.41 -59.02
N ILE GA 79 54.72 56.09 -59.23
CA ILE GA 79 54.66 55.50 -60.57
C ILE GA 79 53.49 56.01 -61.39
N ASP GA 80 52.41 56.38 -60.73
CA ASP GA 80 51.31 56.97 -61.46
C ASP GA 80 51.66 58.35 -62.00
N GLU GA 81 52.41 59.20 -61.24
CA GLU GA 81 52.71 60.46 -61.93
C GLU GA 81 53.75 60.30 -63.01
N GLN GA 82 54.68 59.36 -62.89
CA GLN GA 82 55.62 59.34 -64.01
C GLN GA 82 55.01 58.70 -65.23
N LEU GA 83 54.03 57.82 -65.01
CA LEU GA 83 53.18 57.40 -66.10
C LEU GA 83 52.55 58.59 -66.78
N ASN GA 84 51.98 59.49 -65.99
CA ASN GA 84 51.29 60.62 -66.57
C ASN GA 84 52.20 61.56 -67.33
N LYS GA 85 53.39 61.81 -66.84
CA LYS GA 85 54.20 62.76 -67.58
C LYS GA 85 54.75 62.16 -68.85
N GLN GA 86 54.91 60.85 -68.92
CA GLN GA 86 55.41 60.31 -70.17
C GLN GA 86 54.33 59.65 -70.96
N ALA GA 87 53.09 60.03 -70.65
CA ALA GA 87 51.92 59.49 -71.31
C ALA GA 87 52.00 59.66 -72.82
N ARG GA 88 52.44 60.84 -73.25
CA ARG GA 88 52.72 61.08 -74.65
C ARG GA 88 53.69 60.12 -75.23
N ASN GA 89 54.70 59.84 -74.45
CA ASN GA 89 55.77 59.02 -74.92
C ASN GA 89 55.29 57.59 -74.98
N LEU GA 90 54.40 57.27 -74.07
CA LEU GA 90 53.88 55.92 -73.94
C LEU GA 90 53.12 55.48 -75.18
N ASP GA 91 52.11 56.21 -75.57
CA ASP GA 91 51.40 55.83 -76.78
C ASP GA 91 52.21 56.18 -78.00
N ALA GA 92 53.14 57.12 -77.85
CA ALA GA 92 54.01 57.51 -78.92
C ALA GA 92 54.83 56.31 -79.32
N ILE GA 93 55.17 55.49 -78.33
CA ILE GA 93 55.55 54.13 -78.62
C ILE GA 93 54.34 53.37 -79.13
N TYR GA 94 53.34 53.23 -78.28
CA TYR GA 94 52.29 52.21 -78.49
C TYR GA 94 51.07 52.74 -79.21
N ASP GA 95 51.33 53.09 -80.45
CA ASP GA 95 50.30 53.40 -81.43
C ASP GA 95 49.63 52.11 -81.90
N PHE GA 96 48.54 51.75 -81.25
CA PHE GA 96 47.90 50.46 -81.53
C PHE GA 96 47.18 50.45 -82.86
N ASN GA 97 46.57 51.58 -83.18
CA ASN GA 97 45.76 51.72 -84.38
C ASN GA 97 46.57 51.50 -85.64
N SER GA 98 47.84 51.80 -85.58
CA SER GA 98 48.76 51.43 -86.61
C SER GA 98 48.79 49.94 -86.82
N LEU GA 99 48.54 49.20 -85.76
CA LEU GA 99 48.55 47.77 -85.85
C LEU GA 99 47.17 47.20 -86.09
N VAL GA 100 46.12 47.97 -85.90
CA VAL GA 100 44.81 47.37 -86.07
C VAL GA 100 44.50 47.20 -87.54
N LEU GA 101 43.47 46.43 -87.81
CA LEU GA 101 43.19 46.01 -89.16
C LEU GA 101 42.07 46.83 -89.78
N GLU GA 102 41.62 46.35 -90.93
CA GLU GA 102 40.73 47.04 -91.86
C GLU GA 102 39.36 47.30 -91.28
N HIS GA 103 38.83 46.36 -90.53
CA HIS GA 103 37.48 46.45 -90.03
C HIS GA 103 37.56 46.57 -88.53
N ASN GA 104 38.54 47.40 -88.12
CA ASN GA 104 39.18 47.50 -86.80
C ASN GA 104 39.21 46.15 -86.09
N ILE GA 105 39.78 45.18 -86.78
CA ILE GA 105 40.06 43.90 -86.21
C ILE GA 105 41.36 44.05 -85.46
N LEU GA 106 41.30 43.94 -84.15
CA LEU GA 106 42.53 43.87 -83.40
C LEU GA 106 43.21 42.54 -83.72
N PRO GA 107 44.46 42.58 -84.17
CA PRO GA 107 45.13 41.37 -84.69
C PRO GA 107 45.61 40.49 -83.55
N PRO GA 108 45.77 39.19 -83.78
CA PRO GA 108 46.11 38.29 -82.69
C PRO GA 108 47.57 38.43 -82.26
N VAL GA 109 47.89 37.90 -81.09
CA VAL GA 109 49.24 38.03 -80.58
C VAL GA 109 49.97 36.71 -80.82
N LEU GA 110 51.08 36.77 -81.51
CA LEU GA 110 51.74 35.54 -81.92
C LEU GA 110 53.01 35.38 -81.11
N LEU GA 111 53.42 34.14 -80.88
CA LEU GA 111 54.52 33.87 -79.99
C LEU GA 111 55.61 33.08 -80.67
N GLU GA 112 56.82 33.58 -80.49
CA GLU GA 112 58.06 33.06 -81.01
C GLU GA 112 58.52 31.87 -80.19
N GLY GA 113 59.26 30.96 -80.82
CA GLY GA 113 59.93 29.91 -80.10
C GLY GA 113 61.22 29.43 -80.73
N ARG GA 114 62.30 29.43 -79.97
CA ARG GA 114 63.52 28.75 -80.40
C ARG GA 114 63.96 27.72 -79.40
N ASN GA 115 64.63 26.72 -79.97
CA ASN GA 115 65.23 25.55 -79.35
C ASN GA 115 64.41 25.02 -78.18
N THR GA 116 63.15 24.84 -78.46
CA THR GA 116 62.22 24.29 -77.50
C THR GA 116 62.64 22.85 -77.31
N LEU GA 117 63.56 22.64 -76.41
CA LEU GA 117 63.91 21.30 -76.06
C LEU GA 117 63.29 21.01 -74.72
N ASN GA 118 62.27 20.21 -74.78
CA ASN GA 118 61.91 19.49 -73.60
C ASN GA 118 62.60 18.17 -73.73
N LEU GA 119 63.43 17.81 -72.77
CA LEU GA 119 63.68 16.41 -72.65
C LEU GA 119 62.38 15.93 -72.06
N ALA GA 120 61.81 14.91 -72.66
CA ALA GA 120 60.87 14.17 -71.86
C ALA GA 120 61.59 13.53 -70.71
N ASP GA 121 62.72 12.91 -71.00
CA ASP GA 121 63.31 12.06 -70.01
C ASP GA 121 64.72 11.74 -70.43
N ALA GA 122 65.29 10.78 -69.71
CA ALA GA 122 66.62 10.27 -69.94
C ALA GA 122 66.73 9.52 -71.26
N GLN GA 123 65.61 9.17 -71.84
CA GLN GA 123 65.59 8.27 -72.97
C GLN GA 123 65.17 8.96 -74.23
N SER GA 124 64.50 10.08 -74.13
CA SER GA 124 63.93 10.69 -75.30
C SER GA 124 63.80 12.18 -75.07
N ILE GA 125 64.21 12.94 -76.06
CA ILE GA 125 64.08 14.37 -75.98
C ILE GA 125 63.31 14.83 -77.19
N ARG GA 126 62.88 16.07 -77.15
CA ARG GA 126 62.03 16.60 -78.18
C ARG GA 126 62.22 18.09 -78.25
N ILE GA 127 62.66 18.52 -79.40
CA ILE GA 127 63.06 19.87 -79.64
C ILE GA 127 62.42 20.37 -80.91
N SER GA 128 61.82 21.55 -80.82
CA SER GA 128 61.77 22.28 -82.06
C SER GA 128 62.89 23.28 -82.05
N ASP GA 129 63.40 23.49 -83.23
CA ASP GA 129 64.19 24.65 -83.53
C ASP GA 129 63.43 25.94 -83.30
N ARG GA 130 62.11 25.91 -83.46
CA ARG GA 130 61.40 27.11 -83.81
C ARG GA 130 59.93 26.80 -83.69
N THR GA 131 59.15 27.75 -83.22
CA THR GA 131 57.83 27.43 -82.68
C THR GA 131 56.98 28.69 -82.68
N TYR GA 132 55.70 28.57 -83.02
CA TYR GA 132 54.83 29.73 -82.94
C TYR GA 132 53.52 29.43 -82.28
N LYS GA 133 53.13 30.32 -81.41
CA LYS GA 133 51.91 30.16 -80.66
C LYS GA 133 50.99 31.32 -80.97
N VAL GA 134 49.88 31.02 -81.61
CA VAL GA 134 48.88 32.03 -81.79
C VAL GA 134 48.13 32.10 -80.49
N ALA GA 135 48.07 33.28 -79.92
CA ALA GA 135 47.27 33.54 -78.74
C ALA GA 135 46.36 34.70 -79.08
N LYS GA 136 45.20 34.71 -78.41
CA LYS GA 136 44.22 35.80 -78.40
C LYS GA 136 43.84 36.24 -79.81
N GLN GA 137 43.14 35.33 -80.50
CA GLN GA 137 42.85 35.42 -81.91
C GLN GA 137 42.14 36.72 -82.29
N ALA GA 138 42.38 37.15 -83.53
CA ALA GA 138 41.92 38.43 -84.06
C ALA GA 138 40.42 38.62 -83.89
N HIS GA 139 40.03 39.86 -83.65
CA HIS GA 139 38.65 40.06 -83.27
C HIS GA 139 38.22 41.48 -83.60
N PHE GA 140 36.92 41.69 -83.72
CA PHE GA 140 36.39 43.04 -83.85
C PHE GA 140 36.68 43.80 -82.58
N ILE GA 141 37.33 44.93 -82.68
CA ILE GA 141 37.50 45.76 -81.50
C ILE GA 141 36.68 47.00 -81.75
N THR GA 142 36.16 47.60 -80.70
CA THR GA 142 35.64 48.93 -80.88
C THR GA 142 36.73 49.96 -80.74
N THR GA 143 37.13 50.18 -79.51
CA THR GA 143 38.10 51.19 -79.26
C THR GA 143 39.43 50.51 -79.08
N PRO GA 144 40.47 50.98 -79.76
CA PRO GA 144 41.74 50.30 -79.75
C PRO GA 144 42.40 50.45 -78.39
N PRO GA 145 43.31 49.55 -78.06
CA PRO GA 145 43.89 49.55 -76.72
C PRO GA 145 44.79 50.75 -76.50
N THR GA 146 45.01 51.05 -75.23
CA THR GA 146 45.93 52.09 -74.87
C THR GA 146 47.10 51.42 -74.20
N TRP GA 147 47.81 52.15 -73.37
CA TRP GA 147 48.57 51.48 -72.35
C TRP GA 147 47.96 51.58 -70.98
N ARG GA 148 47.22 52.64 -70.68
CA ARG GA 148 46.78 52.93 -69.33
C ARG GA 148 45.86 51.88 -68.80
N GLN GA 149 45.24 51.18 -69.73
CA GLN GA 149 44.64 49.90 -69.49
C GLN GA 149 45.62 48.90 -68.88
N TYR GA 150 46.93 49.06 -69.06
CA TYR GA 150 47.87 48.03 -68.67
C TYR GA 150 48.86 48.55 -67.67
N LEU GA 151 49.02 49.84 -67.60
CA LEU GA 151 50.10 50.36 -66.83
C LEU GA 151 49.69 51.32 -65.75
N TRP GA 152 48.51 51.91 -65.85
CA TRP GA 152 48.06 52.78 -64.80
C TRP GA 152 47.90 51.97 -63.54
N MET GA 153 48.89 52.08 -62.67
CA MET GA 153 48.84 51.36 -61.43
C MET GA 153 47.75 51.97 -60.58
N ASP GA 154 47.04 51.13 -59.86
CA ASP GA 154 46.01 51.63 -58.97
C ASP GA 154 46.69 52.33 -57.83
N TYR GA 155 46.09 53.41 -57.41
CA TYR GA 155 46.51 54.09 -56.21
C TYR GA 155 45.32 54.25 -55.30
N VAL GA 156 45.46 53.76 -54.10
CA VAL GA 156 44.57 54.13 -53.01
C VAL GA 156 45.44 54.63 -51.90
N LYS GA 157 44.86 55.43 -51.02
CA LYS GA 157 45.62 55.90 -49.88
C LYS GA 157 45.08 55.34 -48.58
N PRO GA 158 45.79 54.47 -47.89
CA PRO GA 158 45.45 54.21 -46.49
C PRO GA 158 46.40 54.92 -45.54
N GLU GA 159 45.85 55.51 -44.48
CA GLU GA 159 46.59 55.85 -43.27
C GLU GA 159 46.00 55.17 -42.05
N ALA GA 160 45.39 54.00 -42.21
CA ALA GA 160 44.66 53.34 -41.14
C ALA GA 160 45.60 52.46 -40.32
N PRO GA 161 45.84 52.77 -39.04
CA PRO GA 161 46.65 51.87 -38.23
C PRO GA 161 45.84 50.70 -37.72
N LYS GA 173 58.35 49.74 -30.21
CA LYS GA 173 58.36 51.16 -30.50
C LYS GA 173 59.45 51.53 -31.52
N GLU GA 174 60.70 51.24 -31.21
CA GLU GA 174 61.70 51.37 -32.24
C GLU GA 174 61.52 50.28 -33.29
N ILE GA 175 60.99 49.12 -32.88
CA ILE GA 175 60.62 48.12 -33.86
C ILE GA 175 59.48 48.63 -34.70
N TRP GA 176 58.57 49.42 -34.11
CA TRP GA 176 57.53 50.05 -34.89
C TRP GA 176 58.11 50.91 -35.98
N CYS GA 177 59.04 51.79 -35.62
CA CYS GA 177 59.55 52.73 -36.61
C CYS GA 177 60.38 52.01 -37.67
N ILE GA 178 61.26 51.11 -37.26
CA ILE GA 178 62.13 50.50 -38.25
C ILE GA 178 61.40 49.46 -39.09
N TYR GA 179 60.37 48.80 -38.58
CA TYR GA 179 59.74 47.82 -39.44
C TYR GA 179 58.74 48.48 -40.32
N THR GA 180 58.28 49.65 -39.91
CA THR GA 180 57.52 50.45 -40.84
C THR GA 180 58.38 50.92 -41.99
N GLU GA 181 59.63 51.31 -41.75
CA GLU GA 181 60.41 51.59 -42.95
C GLU GA 181 60.81 50.35 -43.72
N ARG GA 182 60.93 49.22 -43.03
CA ARG GA 182 61.15 47.96 -43.70
C ARG GA 182 60.09 47.70 -44.73
N GLY GA 183 58.84 47.64 -44.24
CA GLY GA 183 57.72 47.42 -45.13
C GLY GA 183 57.55 48.53 -46.12
N TRP GA 184 57.94 49.75 -45.74
CA TRP GA 184 57.96 50.86 -46.67
C TRP GA 184 58.79 50.52 -47.89
N LYS GA 185 60.01 50.06 -47.68
CA LYS GA 185 60.85 49.56 -48.76
C LYS GA 185 60.22 48.38 -49.48
N ASN GA 186 59.58 47.53 -48.71
CA ASN GA 186 59.09 46.28 -49.23
C ASN GA 186 57.93 46.48 -50.18
N GLY GA 187 56.99 47.32 -49.77
CA GLY GA 187 55.88 47.65 -50.63
C GLY GA 187 56.34 48.39 -51.86
N ILE GA 188 57.36 49.25 -51.68
CA ILE GA 188 57.98 49.93 -52.80
C ILE GA 188 58.42 48.93 -53.84
N ASP GA 189 59.25 48.00 -53.45
CA ASP GA 189 59.82 47.25 -54.54
C ASP GA 189 58.95 46.11 -54.99
N GLN GA 190 57.99 45.67 -54.18
CA GLN GA 190 57.05 44.74 -54.76
C GLN GA 190 56.17 45.45 -55.78
N ALA GA 191 55.89 46.73 -55.55
CA ALA GA 191 55.16 47.48 -56.56
C ALA GA 191 56.00 47.64 -57.81
N ASN GA 192 57.30 47.76 -57.63
CA ASN GA 192 58.19 47.89 -58.76
C ASN GA 192 58.16 46.65 -59.61
N THR GA 193 58.17 45.51 -58.96
CA THR GA 193 58.04 44.27 -59.68
C THR GA 193 56.69 44.17 -60.36
N ILE GA 194 55.66 44.65 -59.70
CA ILE GA 194 54.33 44.66 -60.28
C ILE GA 194 54.32 45.45 -61.56
N LEU GA 195 54.92 46.63 -61.48
CA LEU GA 195 55.11 47.51 -62.60
C LEU GA 195 55.83 46.82 -63.72
N GLU GA 196 56.90 46.15 -63.36
CA GLU GA 196 57.72 45.42 -64.31
C GLU GA 196 56.90 44.41 -65.06
N GLU GA 197 56.04 43.73 -64.33
CA GLU GA 197 55.18 42.74 -64.92
C GLU GA 197 54.18 43.37 -65.85
N ASN GA 198 53.71 44.56 -65.51
CA ASN GA 198 52.76 45.25 -66.34
C ASN GA 198 53.39 45.58 -67.67
N ILE GA 199 54.64 46.02 -67.58
CA ILE GA 199 55.40 46.35 -68.76
C ILE GA 199 55.57 45.15 -69.63
N ALA GA 200 55.90 44.03 -69.01
CA ALA GA 200 56.14 42.81 -69.76
C ALA GA 200 54.87 42.35 -70.45
N ARG GA 201 53.75 42.58 -69.80
CA ARG GA 201 52.48 42.23 -70.39
C ARG GA 201 52.23 43.06 -71.63
N ILE GA 202 52.54 44.34 -71.55
CA ILE GA 202 52.26 45.13 -72.73
C ILE GA 202 53.25 44.83 -73.85
N LYS GA 203 54.48 44.40 -73.48
CA LYS GA 203 55.43 43.91 -74.46
C LYS GA 203 54.82 42.82 -75.27
N GLU GA 204 54.48 41.74 -74.56
CA GLU GA 204 54.18 40.50 -75.20
C GLU GA 204 52.92 40.61 -76.02
N ASP GA 205 52.03 41.50 -75.60
CA ASP GA 205 50.95 41.90 -76.48
C ASP GA 205 51.48 42.51 -77.74
N PHE GA 206 52.26 43.56 -77.60
CA PHE GA 206 52.52 44.42 -78.74
C PHE GA 206 53.34 43.69 -79.77
N GLY GA 207 54.37 43.02 -79.26
CA GLY GA 207 55.16 42.14 -80.05
C GLY GA 207 54.35 41.04 -80.66
N GLY GA 208 53.32 40.57 -79.96
CA GLY GA 208 52.51 39.53 -80.53
C GLY GA 208 51.76 39.98 -81.77
N MET GA 209 51.12 41.14 -81.71
CA MET GA 209 50.41 41.56 -82.92
C MET GA 209 51.38 41.98 -84.01
N ILE GA 210 52.56 42.45 -83.61
CA ILE GA 210 53.62 42.68 -84.58
C ILE GA 210 53.89 41.42 -85.33
N LEU GA 211 54.06 40.34 -84.61
CA LEU GA 211 54.36 39.07 -85.21
C LEU GA 211 53.20 38.55 -86.04
N TYR GA 212 51.99 38.97 -85.72
CA TYR GA 212 50.91 38.61 -86.61
C TYR GA 212 51.09 39.26 -87.95
N ARG GA 213 51.38 40.55 -87.93
CA ARG GA 213 51.61 41.25 -89.16
C ARG GA 213 52.85 40.72 -89.85
N LYS GA 214 53.77 40.21 -89.06
CA LYS GA 214 54.95 39.59 -89.58
C LYS GA 214 54.63 38.36 -90.37
N LEU GA 215 53.99 37.39 -89.77
CA LEU GA 215 53.79 36.16 -90.49
C LEU GA 215 52.73 36.28 -91.53
N LEU GA 216 51.90 37.28 -91.37
CA LEU GA 216 51.02 37.61 -92.45
C LEU GA 216 51.83 38.16 -93.58
N ALA GA 217 52.86 38.92 -93.27
CA ALA GA 217 53.79 39.31 -94.31
C ALA GA 217 54.62 38.15 -94.76
N MET GA 218 54.72 37.12 -93.97
CA MET GA 218 55.56 36.01 -94.34
C MET GA 218 54.80 34.90 -94.98
N ASN GA 219 53.51 35.10 -95.21
CA ASN GA 219 52.56 34.08 -95.58
C ASN GA 219 52.54 32.96 -94.57
N MET GA 220 52.92 33.26 -93.35
CA MET GA 220 53.02 32.19 -92.39
C MET GA 220 51.79 32.13 -91.55
N VAL GA 221 50.99 33.19 -91.56
CA VAL GA 221 49.63 33.10 -91.08
C VAL GA 221 48.70 33.63 -92.15
N SER GA 222 47.43 33.43 -91.91
CA SER GA 222 46.32 33.74 -92.81
C SER GA 222 45.69 35.06 -92.38
N PRO GA 223 44.94 35.73 -93.26
CA PRO GA 223 44.23 36.92 -92.84
C PRO GA 223 42.99 36.57 -92.04
N PRO GA 224 42.36 37.56 -91.41
CA PRO GA 224 40.95 37.38 -91.07
C PRO GA 224 40.10 37.53 -92.32
N TYR GA 225 39.53 36.41 -92.74
CA TYR GA 225 38.63 36.37 -93.89
C TYR GA 225 37.22 36.61 -93.37
N VAL GA 226 36.58 37.67 -93.83
CA VAL GA 226 35.30 38.07 -93.28
C VAL GA 226 34.23 37.97 -94.35
N SER GA 227 32.98 38.14 -93.94
CA SER GA 227 31.89 38.44 -94.84
C SER GA 227 31.09 39.57 -94.21
N HIS GA 228 31.05 40.70 -94.88
CA HIS GA 228 30.09 41.74 -94.55
C HIS GA 228 28.89 41.49 -95.44
N THR GA 229 27.78 41.15 -94.83
CA THR GA 229 26.54 41.09 -95.57
C THR GA 229 25.70 42.29 -95.17
N ASP GA 230 25.13 42.95 -96.15
CA ASP GA 230 24.43 44.18 -95.88
C ASP GA 230 22.94 43.99 -96.10
N LEU GA 231 22.17 44.82 -95.42
CA LEU GA 231 20.73 44.86 -95.47
C LEU GA 231 20.29 46.27 -95.73
N GLY GA 232 19.22 46.42 -96.48
CA GLY GA 232 18.72 47.72 -96.83
C GLY GA 232 17.95 48.36 -95.71
N VAL GA 233 16.84 48.99 -96.03
CA VAL GA 233 15.96 49.48 -95.00
C VAL GA 233 15.39 48.29 -94.26
N THR GA 234 15.63 48.24 -92.97
CA THR GA 234 15.15 47.14 -92.19
C THR GA 234 14.30 47.69 -91.08
N GLY GA 235 13.13 47.12 -90.92
CA GLY GA 235 12.30 47.43 -89.77
C GLY GA 235 10.88 47.76 -90.16
N ASP GA 236 10.08 47.94 -89.11
CA ASP GA 236 8.64 47.93 -89.22
C ASP GA 236 8.08 49.34 -89.21
N GLY GA 237 6.76 49.46 -89.05
CA GLY GA 237 6.13 50.74 -88.94
C GLY GA 237 6.47 51.50 -87.69
N SER GA 238 6.97 50.83 -86.65
CA SER GA 238 7.41 51.57 -85.48
C SER GA 238 8.90 51.71 -85.40
N GLU GA 239 9.64 50.84 -86.04
CA GLU GA 239 11.07 50.92 -85.94
C GLU GA 239 11.58 50.64 -87.32
N ILE GA 240 12.44 51.47 -87.86
CA ILE GA 240 13.18 51.07 -89.04
C ILE GA 240 14.64 51.31 -88.84
N HIS GA 241 15.43 50.65 -89.67
CA HIS GA 241 16.83 50.94 -89.80
C HIS GA 241 17.08 51.00 -91.28
N ILE GA 242 17.57 52.13 -91.73
CA ILE GA 242 17.68 52.43 -93.15
C ILE GA 242 18.80 51.62 -93.80
N ASP GA 243 19.89 51.38 -93.10
CA ASP GA 243 20.88 50.45 -93.62
C ASP GA 243 21.53 49.65 -92.50
N ASP GA 244 21.36 48.35 -92.56
CA ASP GA 244 21.95 47.47 -91.57
C ASP GA 244 23.05 46.65 -92.20
N ARG GA 245 24.27 47.03 -91.96
CA ARG GA 245 25.34 46.12 -92.25
C ARG GA 245 25.55 45.21 -91.07
N VAL GA 246 25.74 43.94 -91.34
CA VAL GA 246 26.24 43.01 -90.35
C VAL GA 246 27.53 42.42 -90.89
N LEU GA 247 28.48 42.27 -90.01
CA LEU GA 247 29.79 41.80 -90.40
C LEU GA 247 30.15 40.62 -89.55
N ARG GA 248 30.36 39.50 -90.20
CA ARG GA 248 30.87 38.35 -89.51
C ARG GA 248 32.28 38.14 -90.00
N ILE GA 249 33.11 37.71 -89.09
CA ILE GA 249 34.46 37.33 -89.42
C ILE GA 249 34.37 35.85 -89.66
N THR GA 250 34.42 35.45 -90.92
CA THR GA 250 34.22 34.06 -91.24
C THR GA 250 35.40 33.21 -90.81
N ALA GA 251 36.56 33.46 -91.40
CA ALA GA 251 37.75 32.66 -91.11
C ALA GA 251 38.77 33.49 -90.35
N LEU GA 252 39.18 33.00 -89.19
CA LEU GA 252 40.13 33.71 -88.36
C LEU GA 252 41.53 33.60 -88.93
N PRO GA 253 42.44 34.47 -88.49
CA PRO GA 253 43.85 34.23 -88.74
C PRO GA 253 44.31 32.93 -88.09
N GLU GA 254 45.26 32.27 -88.76
CA GLU GA 254 45.80 30.99 -88.34
C GLU GA 254 47.10 30.71 -89.06
N LEU GA 255 48.00 29.99 -88.40
CA LEU GA 255 49.28 29.64 -88.99
C LEU GA 255 49.08 28.65 -90.11
N ASN GA 256 49.54 28.98 -91.32
CA ASN GA 256 49.45 28.01 -92.38
C ASN GA 256 50.50 26.93 -92.15
N VAL GA 257 50.26 25.76 -92.69
CA VAL GA 257 51.16 24.65 -92.42
C VAL GA 257 51.91 24.21 -93.65
N ASN GA 258 51.36 24.46 -94.84
CA ASN GA 258 52.14 24.19 -96.02
C ASN GA 258 53.09 25.37 -96.14
N SER GA 259 54.32 25.14 -95.73
CA SER GA 259 55.31 26.17 -95.68
C SER GA 259 55.88 26.51 -97.02
N ALA GA 260 55.57 25.70 -98.03
CA ALA GA 260 56.05 25.93 -99.38
C ALA GA 260 55.57 27.26 -99.92
N GLU GA 261 54.45 27.73 -99.44
CA GLU GA 261 53.81 28.92 -99.93
C GLU GA 261 54.20 30.11 -99.11
N TRP GA 262 55.24 29.96 -98.33
CA TRP GA 262 55.64 31.04 -97.46
C TRP GA 262 56.33 32.14 -98.24
N ARG GA 263 56.82 33.09 -97.48
CA ARG GA 263 57.40 34.27 -98.07
C ARG GA 263 58.66 34.52 -97.27
N ALA GA 264 59.81 34.37 -97.91
CA ALA GA 264 61.07 34.46 -97.19
C ALA GA 264 61.86 35.62 -97.74
N ALA GA 265 61.91 36.68 -96.99
CA ALA GA 265 62.47 37.93 -97.49
C ALA GA 265 63.94 37.99 -97.11
N VAL GA 266 64.78 38.12 -98.10
CA VAL GA 266 66.16 38.49 -97.88
C VAL GA 266 66.16 40.00 -97.77
N ALA GA 267 67.13 40.55 -97.05
CA ALA GA 267 67.20 41.99 -96.95
C ALA GA 267 68.59 42.44 -97.35
N LYS GA 268 68.75 43.75 -97.54
CA LYS GA 268 70.01 44.30 -98.04
C LYS GA 268 70.45 45.53 -97.26
N PHE HA 25 68.55 87.04 -71.36
CA PHE HA 25 68.93 85.70 -70.92
C PHE HA 25 67.74 84.74 -71.02
N LYS HA 26 67.98 83.57 -71.60
CA LYS HA 26 66.93 82.61 -71.86
C LYS HA 26 67.00 81.46 -70.87
N LYS HA 27 66.10 80.49 -71.07
CA LYS HA 27 65.89 79.37 -70.17
C LYS HA 27 66.01 78.06 -70.93
N PRO HA 28 66.34 76.98 -70.24
CA PRO HA 28 66.28 75.67 -70.85
C PRO HA 28 64.83 75.27 -71.09
N PRO HA 29 64.60 74.32 -71.98
CA PRO HA 29 63.23 73.95 -72.32
C PRO HA 29 62.57 73.24 -71.16
N ILE HA 30 61.25 73.14 -71.29
CA ILE HA 30 60.45 72.66 -70.19
C ILE HA 30 60.44 71.14 -70.15
N ASN HA 31 59.99 70.51 -71.22
CA ASN HA 31 59.91 69.05 -71.30
C ASN HA 31 61.15 68.45 -71.96
N ASN HA 32 62.29 68.97 -71.55
CA ASN HA 32 63.54 68.49 -72.12
C ASN HA 32 63.92 67.12 -71.56
N PRO HA 33 64.40 66.23 -72.39
CA PRO HA 33 64.94 64.97 -71.87
C PRO HA 33 66.29 65.23 -71.23
N SER HA 34 66.29 65.62 -69.96
CA SER HA 34 67.54 65.88 -69.23
C SER HA 34 67.87 64.71 -68.33
N ASP HA 35 67.28 63.59 -68.64
CA ASP HA 35 67.41 62.45 -67.76
C ASP HA 35 67.68 61.24 -68.62
N ASP HA 36 68.80 60.59 -68.29
CA ASP HA 36 69.51 59.74 -69.22
C ASP HA 36 68.66 58.63 -69.80
N ALA HA 37 67.70 58.11 -69.06
CA ALA HA 37 66.76 57.21 -69.68
C ALA HA 37 65.83 57.95 -70.61
N THR HA 38 65.36 59.11 -70.18
CA THR HA 38 64.30 59.79 -70.89
C THR HA 38 64.72 60.25 -72.25
N ILE HA 39 66.00 60.58 -72.39
CA ILE HA 39 66.53 60.76 -73.73
C ILE HA 39 66.27 59.52 -74.55
N LYS HA 40 66.73 58.39 -74.05
CA LYS HA 40 66.75 57.15 -74.81
C LYS HA 40 65.34 56.73 -75.18
N LEU HA 41 64.43 56.97 -74.26
CA LEU HA 41 63.01 56.88 -74.53
C LEU HA 41 62.61 57.72 -75.70
N ALA HA 42 63.04 58.98 -75.71
CA ALA HA 42 62.56 59.90 -76.72
C ALA HA 42 63.01 59.49 -78.10
N GLU HA 43 64.26 59.09 -78.24
CA GLU HA 43 64.60 58.72 -79.60
C GLU HA 43 64.09 57.34 -79.97
N ALA HA 44 63.84 56.49 -78.98
CA ALA HA 44 63.09 55.28 -79.25
C ALA HA 44 61.73 55.62 -79.80
N ALA HA 45 61.11 56.67 -79.26
CA ALA HA 45 59.81 57.10 -79.76
C ALA HA 45 59.93 57.59 -81.18
N VAL HA 46 61.04 58.24 -81.47
CA VAL HA 46 61.17 58.77 -82.81
C VAL HA 46 61.31 57.64 -83.80
N SER HA 47 62.08 56.64 -83.41
CA SER HA 47 62.29 55.46 -84.21
C SER HA 47 61.01 54.69 -84.44
N VAL HA 48 60.21 54.53 -83.40
CA VAL HA 48 59.00 53.78 -83.62
C VAL HA 48 58.08 54.56 -84.51
N SER HA 49 58.05 55.87 -84.36
CA SER HA 49 57.17 56.70 -85.16
C SER HA 49 57.48 56.61 -86.62
N ASP HA 50 58.71 56.84 -86.97
CA ASP HA 50 58.99 56.87 -88.39
C ASP HA 50 59.07 55.49 -88.99
N SER HA 51 59.40 54.50 -88.17
CA SER HA 51 59.23 53.14 -88.60
C SER HA 51 57.77 52.87 -88.92
N MET HA 52 56.86 53.37 -88.09
CA MET HA 52 55.46 53.21 -88.42
C MET HA 52 55.05 54.05 -89.60
N LEU HA 53 55.79 55.11 -89.81
CA LEU HA 53 55.49 55.95 -90.95
C LEU HA 53 55.80 55.20 -92.22
N GLU HA 54 56.93 54.57 -92.27
CA GLU HA 54 57.28 53.88 -93.47
C GLU HA 54 56.53 52.55 -93.62
N MET HA 55 56.20 51.92 -92.48
CA MET HA 55 55.22 50.85 -92.35
C MET HA 55 54.03 51.13 -93.22
N ALA HA 56 53.37 52.23 -92.92
CA ALA HA 56 52.17 52.57 -93.66
C ALA HA 56 52.48 53.05 -95.05
N LYS HA 57 53.65 53.64 -95.21
CA LYS HA 57 54.06 54.10 -96.52
C LYS HA 57 54.15 52.95 -97.47
N VAL HA 58 54.79 51.90 -97.01
CA VAL HA 58 55.05 50.81 -97.91
C VAL HA 58 53.82 49.94 -98.05
N GLU HA 59 52.94 49.94 -97.06
CA GLU HA 59 51.75 49.14 -97.28
C GLU HA 59 50.55 49.95 -97.70
N LYS HA 60 50.72 51.23 -97.97
CA LYS HA 60 49.58 52.04 -98.35
C LYS HA 60 49.45 52.05 -99.86
N VAL HA 61 48.35 51.55 -100.38
CA VAL HA 61 48.08 51.68 -101.81
C VAL HA 61 47.20 52.90 -102.01
N ILE HA 62 47.47 53.64 -103.08
CA ILE HA 62 46.70 54.79 -103.45
C ILE HA 62 46.28 54.65 -104.90
N THR HA 63 45.64 55.70 -105.43
CA THR HA 63 45.36 55.80 -106.85
C THR HA 63 45.90 57.11 -107.40
N PRO HA 64 46.30 57.15 -108.68
CA PRO HA 64 46.69 58.41 -109.27
C PRO HA 64 45.47 59.29 -109.49
N PRO HA 65 45.60 60.60 -109.30
CA PRO HA 65 44.49 61.51 -109.57
C PRO HA 65 44.13 61.58 -111.05
N SER HA 66 45.00 61.11 -111.93
CA SER HA 66 44.65 60.99 -113.33
C SER HA 66 43.99 59.67 -113.64
N LYS HA 67 43.98 58.72 -112.72
CA LYS HA 67 43.28 57.48 -112.96
C LYS HA 67 42.49 57.11 -111.74
N ASP HA 68 41.70 58.07 -111.27
CA ASP HA 68 40.90 57.90 -110.07
C ASP HA 68 39.44 57.64 -110.33
N ASN HA 69 38.99 57.72 -111.59
CA ASN HA 69 37.72 57.23 -112.11
C ASN HA 69 36.47 57.95 -111.57
N THR HA 70 36.60 58.92 -110.68
CA THR HA 70 35.43 59.57 -110.10
C THR HA 70 34.90 60.67 -111.01
N LEU HA 71 33.69 61.14 -110.71
CA LEU HA 71 33.06 62.16 -111.51
C LEU HA 71 33.69 63.52 -111.24
N THR HA 72 33.91 64.26 -112.32
CA THR HA 72 34.44 65.59 -112.18
C THR HA 72 33.32 66.59 -111.98
N ILE HA 73 33.71 67.84 -112.01
CA ILE HA 73 32.76 68.92 -111.90
C ILE HA 73 32.34 69.30 -113.31
N PRO HA 74 31.05 69.21 -113.63
CA PRO HA 74 30.60 69.47 -115.00
C PRO HA 74 30.38 70.94 -115.31
N ASN HA 75 30.69 71.82 -114.35
CA ASN HA 75 30.88 73.26 -114.50
C ASN HA 75 29.71 74.00 -115.14
N ALA HA 76 28.48 73.50 -115.03
CA ALA HA 76 27.36 74.29 -115.52
C ALA HA 76 26.95 75.32 -114.48
N TYR HA 77 26.56 76.49 -114.99
CA TYR HA 77 26.12 77.55 -114.09
C TYR HA 77 24.81 77.19 -113.42
N ASN HA 78 23.99 76.38 -114.08
CA ASN HA 78 22.87 75.76 -113.40
C ASN HA 78 23.35 74.83 -112.31
N LEU HA 79 24.49 74.20 -112.52
CA LEU HA 79 25.01 73.34 -111.49
C LEU HA 79 25.74 74.12 -110.42
N GLN HA 80 25.88 75.42 -110.59
CA GLN HA 80 26.65 76.27 -109.68
C GLN HA 80 25.77 76.86 -108.58
N ALA HA 81 24.78 76.11 -108.13
CA ALA HA 81 24.00 76.54 -107.00
C ALA HA 81 24.52 75.88 -105.75
N ARG HA 82 24.36 76.55 -104.61
CA ARG HA 82 24.60 75.91 -103.32
C ARG HA 82 23.26 75.39 -102.79
N ALA HA 83 23.26 74.18 -102.27
CA ALA HA 83 22.02 73.54 -101.83
C ALA HA 83 22.17 73.03 -100.41
N SER HA 84 21.11 72.42 -99.89
CA SER HA 84 21.13 71.89 -98.54
C SER HA 84 20.19 70.71 -98.47
N VAL HA 85 20.67 69.54 -98.07
CA VAL HA 85 19.79 68.39 -98.01
C VAL HA 85 20.34 67.38 -97.03
N ASP HA 86 19.45 66.81 -96.24
CA ASP HA 86 19.74 65.64 -95.44
C ASP HA 86 18.77 64.58 -95.88
N TRP HA 87 19.30 63.52 -96.44
CA TRP HA 87 18.46 62.45 -96.91
C TRP HA 87 19.29 61.21 -97.05
N SER HA 88 18.66 60.09 -96.76
CA SER HA 88 19.29 58.84 -97.06
C SER HA 88 18.31 57.98 -97.83
N GLY HA 89 18.85 57.07 -98.62
CA GLY HA 89 18.02 56.06 -99.21
C GLY HA 89 18.45 55.85 -100.63
N PRO HA 90 17.50 55.66 -101.52
CA PRO HA 90 17.84 55.26 -102.87
C PRO HA 90 18.00 56.45 -103.81
N ILE HA 91 19.13 56.44 -104.49
CA ILE HA 91 19.70 57.57 -105.22
C ILE HA 91 18.79 58.18 -106.27
N GLU HA 92 18.20 57.36 -107.13
CA GLU HA 92 17.56 57.77 -108.38
C GLU HA 92 16.51 58.84 -108.16
N GLU HA 93 15.78 58.72 -107.06
CA GLU HA 93 14.84 59.72 -106.60
C GLU HA 93 15.52 61.05 -106.29
N LEU HA 94 16.57 61.00 -105.47
CA LEU HA 94 17.26 62.22 -105.07
C LEU HA 94 17.91 62.91 -106.25
N THR HA 95 18.49 62.14 -107.13
CA THR HA 95 19.12 62.70 -108.31
C THR HA 95 18.14 63.30 -109.27
N ALA HA 96 16.99 62.65 -109.43
CA ALA HA 96 15.91 63.28 -110.18
C ALA HA 96 15.58 64.62 -109.57
N ARG HA 97 15.47 64.66 -108.25
CA ARG HA 97 15.06 65.91 -107.64
C ARG HA 97 16.16 66.96 -107.71
N ILE HA 98 17.41 66.53 -107.68
CA ILE HA 98 18.51 67.45 -107.94
C ILE HA 98 18.49 67.97 -109.35
N ALA HA 99 18.19 67.10 -110.32
CA ALA HA 99 18.13 67.52 -111.71
C ALA HA 99 17.08 68.56 -111.94
N LYS HA 100 15.91 68.38 -111.34
CA LYS HA 100 14.88 69.39 -111.51
C LYS HA 100 15.17 70.60 -110.65
N ALA HA 101 15.98 70.45 -109.61
CA ALA HA 101 16.47 71.63 -108.95
C ALA HA 101 17.41 72.39 -109.85
N ALA HA 102 18.17 71.68 -110.66
CA ALA HA 102 19.19 72.30 -111.47
C ALA HA 102 18.72 72.57 -112.87
N HIS HA 103 17.41 72.39 -113.13
CA HIS HA 103 16.81 72.53 -114.45
C HIS HA 103 17.48 71.60 -115.43
N PHE HA 104 17.80 70.42 -114.98
CA PHE HA 104 18.43 69.47 -115.85
C PHE HA 104 17.47 68.32 -116.06
N ARG HA 105 17.51 67.75 -117.26
CA ARG HA 105 16.72 66.53 -117.37
C ARG HA 105 17.55 65.38 -116.83
N PHE HA 106 16.84 64.34 -116.42
CA PHE HA 106 17.38 63.23 -115.67
C PHE HA 106 17.01 61.96 -116.41
N ARG HA 107 17.97 61.35 -117.06
CA ARG HA 107 17.67 60.04 -117.56
C ARG HA 107 18.54 59.03 -116.86
N VAL HA 108 18.02 57.82 -116.78
CA VAL HA 108 18.68 56.73 -116.12
C VAL HA 108 18.87 55.60 -117.12
N LEU HA 109 20.09 55.10 -117.19
CA LEU HA 109 20.44 53.99 -118.04
C LEU HA 109 20.76 52.80 -117.15
N GLY HA 110 20.28 51.65 -117.57
CA GLY HA 110 20.30 50.48 -116.71
C GLY HA 110 19.07 50.45 -115.84
N LYS HA 111 18.88 49.31 -115.19
CA LYS HA 111 17.76 49.12 -114.30
C LYS HA 111 18.23 49.07 -112.85
N SER HA 112 17.39 49.53 -111.99
CA SER HA 112 17.74 49.49 -110.58
C SER HA 112 17.56 48.08 -110.04
N PRO HA 113 18.42 47.65 -109.14
CA PRO HA 113 18.33 46.29 -108.61
C PRO HA 113 17.26 46.20 -107.54
N SER HA 114 16.94 44.95 -107.19
CA SER HA 114 16.01 44.70 -106.09
C SER HA 114 16.56 45.25 -104.80
N VAL HA 115 17.84 45.06 -104.54
CA VAL HA 115 18.46 45.84 -103.50
C VAL HA 115 18.59 47.25 -104.06
N PRO HA 116 17.98 48.23 -103.43
CA PRO HA 116 18.23 49.60 -103.84
C PRO HA 116 19.63 49.93 -103.47
N VAL HA 117 20.27 50.70 -104.32
CA VAL HA 117 21.57 51.17 -103.93
C VAL HA 117 21.23 52.32 -102.98
N LEU HA 118 21.86 52.37 -101.82
CA LEU HA 118 21.40 53.29 -100.81
C LEU HA 118 22.52 54.21 -100.39
N ILE HA 119 22.16 55.43 -100.05
CA ILE HA 119 23.21 56.35 -99.65
C ILE HA 119 22.74 57.10 -98.46
N SER HA 120 23.57 58.04 -98.05
CA SER HA 120 23.27 58.90 -96.93
C SER HA 120 23.95 60.23 -97.18
N ILE HA 121 23.22 61.31 -97.00
CA ILE HA 121 23.70 62.65 -97.28
C ILE HA 121 23.21 63.56 -96.17
N SER HA 122 24.11 64.37 -95.64
CA SER HA 122 23.70 65.37 -94.67
C SER HA 122 24.50 66.63 -94.92
N THR HA 123 23.85 67.67 -95.41
CA THR HA 123 24.54 68.92 -95.66
C THR HA 123 23.58 70.08 -95.56
N LYS HA 124 24.16 71.24 -95.27
CA LYS HA 124 23.37 72.44 -95.09
C LYS HA 124 23.80 73.56 -96.02
N ASP HA 125 24.93 73.42 -96.72
CA ASP HA 125 25.29 74.36 -97.77
C ASP HA 125 26.25 73.65 -98.72
N GLU HA 126 25.79 73.29 -99.92
CA GLU HA 126 26.68 72.56 -100.81
C GLU HA 126 26.34 72.83 -102.25
N SER HA 127 27.39 72.98 -103.04
CA SER HA 127 27.23 72.93 -104.47
C SER HA 127 26.74 71.59 -104.94
N LEU HA 128 25.80 71.65 -105.88
CA LEU HA 128 25.13 70.50 -106.42
C LEU HA 128 26.07 69.57 -107.14
N ALA HA 129 27.09 70.11 -107.76
CA ALA HA 129 28.06 69.24 -108.42
C ALA HA 129 28.82 68.45 -107.40
N GLU HA 130 29.13 69.05 -106.28
CA GLU HA 130 29.83 68.29 -105.27
C GLU HA 130 28.93 67.27 -104.64
N ILE HA 131 27.64 67.60 -104.56
CA ILE HA 131 26.65 66.62 -104.21
C ILE HA 131 26.72 65.44 -105.14
N LEU HA 132 26.72 65.70 -106.43
CA LEU HA 132 26.75 64.64 -107.42
C LEU HA 132 28.02 63.83 -107.36
N ARG HA 133 29.13 64.49 -107.08
CA ARG HA 133 30.40 63.80 -107.00
C ARG HA 133 30.40 62.87 -105.81
N ASP HA 134 29.81 63.33 -104.73
CA ASP HA 134 29.63 62.49 -103.57
C ASP HA 134 28.76 61.30 -103.89
N ILE HA 135 27.69 61.53 -104.63
CA ILE HA 135 26.78 60.46 -104.96
C ILE HA 135 27.41 59.41 -105.80
N ASP HA 136 28.15 59.84 -106.80
CA ASP HA 136 28.90 58.94 -107.64
C ASP HA 136 29.90 58.14 -106.82
N TYR HA 137 30.49 58.79 -105.81
CA TYR HA 137 31.42 58.11 -104.92
C TYR HA 137 30.73 57.02 -104.13
N GLN HA 138 29.61 57.32 -103.52
CA GLN HA 138 28.98 56.27 -102.77
C GLN HA 138 28.18 55.35 -103.65
N ALA HA 139 27.97 55.73 -104.90
CA ALA HA 139 27.47 54.78 -105.87
C ALA HA 139 28.52 53.73 -106.11
N GLY HA 140 29.74 54.20 -106.33
CA GLY HA 140 30.89 53.35 -106.51
C GLY HA 140 30.67 52.44 -107.68
N LYS HA 141 30.76 51.16 -107.41
CA LYS HA 141 30.62 50.17 -108.45
C LYS HA 141 29.19 50.05 -108.93
N LYS HA 142 28.23 50.27 -108.06
CA LYS HA 142 26.87 49.87 -108.36
C LYS HA 142 26.26 50.78 -109.40
N ALA HA 143 26.61 52.05 -109.36
CA ALA HA 143 26.06 52.98 -110.32
C ALA HA 143 27.05 54.10 -110.52
N SER HA 144 26.69 55.00 -111.41
CA SER HA 144 27.56 56.08 -111.79
C SER HA 144 26.73 57.26 -112.23
N ILE HA 145 27.38 58.39 -112.25
CA ILE HA 145 26.76 59.61 -112.71
C ILE HA 145 27.49 60.05 -113.96
N HIS HA 146 26.74 60.28 -115.01
CA HIS HA 146 27.26 61.01 -116.14
C HIS HA 146 26.50 62.31 -116.26
N VAL HA 147 27.21 63.40 -116.46
CA VAL HA 147 26.57 64.69 -116.62
C VAL HA 147 26.94 65.22 -117.99
N TYR HA 148 25.93 65.55 -118.78
CA TYR HA 148 26.20 66.23 -120.04
C TYR HA 148 25.62 67.63 -119.92
N PRO HA 149 26.43 68.63 -119.58
CA PRO HA 149 25.89 69.97 -119.36
C PRO HA 149 25.59 70.69 -120.65
N ASN HA 150 26.11 70.20 -121.78
CA ASN HA 150 25.75 70.76 -123.07
C ASN HA 150 24.29 70.51 -123.36
N SER HA 151 23.80 69.32 -123.02
CA SER HA 151 22.39 69.02 -123.12
C SER HA 151 21.69 69.12 -121.77
N GLN HA 152 22.41 69.51 -120.72
CA GLN HA 152 21.86 69.84 -119.40
C GLN HA 152 21.09 68.67 -118.79
N VAL HA 153 21.83 67.61 -118.54
CA VAL HA 153 21.25 66.35 -118.10
C VAL HA 153 22.19 65.67 -117.11
N VAL HA 154 21.62 65.08 -116.08
CA VAL HA 154 22.29 64.01 -115.39
C VAL HA 154 21.70 62.67 -115.79
N GLU HA 155 22.59 61.69 -115.88
CA GLU HA 155 22.26 60.35 -116.30
C GLU HA 155 22.79 59.39 -115.25
N LEU HA 156 21.92 58.56 -114.74
CA LEU HA 156 22.31 57.57 -113.75
C LEU HA 156 22.57 56.26 -114.44
N ARG HA 157 23.76 55.75 -114.31
CA ARG HA 157 24.16 54.54 -115.00
C ARG HA 157 24.25 53.40 -114.00
N TYR HA 158 23.45 52.38 -114.20
CA TYR HA 158 23.54 51.23 -113.32
C TYR HA 158 24.57 50.25 -113.83
N ALA HA 159 25.07 49.43 -112.92
CA ALA HA 159 26.05 48.43 -113.26
C ALA HA 159 25.39 47.23 -113.93
N ILE IA 272 22.01 36.09 -85.85
CA ILE IA 272 21.85 37.48 -86.24
C ILE IA 272 21.99 38.38 -85.05
N PRO IA 273 22.93 39.31 -85.16
CA PRO IA 273 23.16 40.28 -84.10
C PRO IA 273 22.00 41.22 -83.92
N PRO IA 274 21.87 41.85 -82.77
CA PRO IA 274 20.91 42.95 -82.62
C PRO IA 274 21.44 44.21 -83.26
N SER IA 275 20.49 45.06 -83.65
CA SER IA 275 20.81 46.29 -84.38
C SER IA 275 21.66 47.21 -83.55
N ALA IA 276 21.04 47.68 -82.49
CA ALA IA 276 21.67 48.39 -81.43
C ALA IA 276 20.70 48.29 -80.28
N ASN IA 277 20.91 49.07 -79.26
CA ASN IA 277 19.86 49.24 -78.31
C ASN IA 277 18.90 50.27 -78.85
N ASP IA 278 17.63 50.05 -78.64
CA ASP IA 278 16.76 51.18 -78.78
C ASP IA 278 16.80 52.08 -77.57
N LEU IA 279 17.35 51.60 -76.47
CA LEU IA 279 17.59 52.53 -75.39
C LEU IA 279 18.66 53.50 -75.75
N LEU IA 280 19.53 53.14 -76.68
CA LEU IA 280 20.36 54.14 -77.32
C LEU IA 280 19.53 55.22 -77.95
N LEU IA 281 18.36 54.90 -78.50
CA LEU IA 281 17.59 55.96 -79.09
C LEU IA 281 17.03 56.87 -78.02
N HIS IA 282 16.86 56.36 -76.82
CA HIS IA 282 16.39 57.19 -75.73
C HIS IA 282 17.50 58.02 -75.15
N VAL IA 283 18.63 57.39 -74.93
CA VAL IA 283 19.70 58.14 -74.33
C VAL IA 283 20.47 58.89 -75.38
N LEU IA 284 20.04 58.77 -76.62
CA LEU IA 284 20.52 59.63 -77.67
C LEU IA 284 20.25 61.08 -77.32
N GLU IA 285 19.08 61.32 -76.82
CA GLU IA 285 18.76 62.58 -76.20
C GLU IA 285 18.92 62.42 -74.71
N GLY IA 286 18.55 63.44 -73.99
CA GLY IA 286 18.86 63.44 -72.60
C GLY IA 286 17.95 62.65 -71.70
N VAL IA 287 17.07 61.80 -72.20
CA VAL IA 287 16.33 60.99 -71.22
C VAL IA 287 17.27 59.89 -70.72
N PRO IA 288 17.23 59.60 -69.44
CA PRO IA 288 17.78 58.35 -68.98
C PRO IA 288 16.93 57.21 -69.48
N PRO IA 289 17.45 56.00 -69.49
CA PRO IA 289 16.61 54.85 -69.75
C PRO IA 289 15.63 54.68 -68.59
N PRO IA 290 14.56 53.94 -68.80
CA PRO IA 290 13.70 53.55 -67.68
C PRO IA 290 14.48 52.80 -66.62
N GLY IA 291 14.25 53.18 -65.37
CA GLY IA 291 14.87 52.53 -64.23
C GLY IA 291 16.36 52.72 -64.15
N SER IA 292 16.83 53.95 -64.21
CA SER IA 292 18.26 54.13 -64.31
C SER IA 292 18.78 54.93 -63.15
N ARG IA 293 20.07 54.88 -62.96
CA ARG IA 293 20.65 55.63 -61.88
C ARG IA 293 21.55 56.65 -62.51
N ARG IA 294 21.37 57.90 -62.11
CA ARG IA 294 22.20 58.96 -62.63
C ARG IA 294 23.60 58.80 -62.11
N LEU IA 295 24.49 58.44 -63.00
CA LEU IA 295 25.86 58.31 -62.59
C LEU IA 295 26.45 59.69 -62.50
N VAL IA 296 27.00 59.97 -61.34
CA VAL IA 296 27.50 61.29 -61.02
C VAL IA 296 28.76 61.49 -61.85
N VAL IA 297 28.63 62.29 -62.89
CA VAL IA 297 29.74 62.55 -63.78
C VAL IA 297 30.46 63.79 -63.29
N SER IA 298 31.73 63.65 -62.97
CA SER IA 298 32.49 64.78 -62.48
C SER IA 298 33.67 65.04 -63.39
N GLY IA 299 33.74 66.27 -63.89
CA GLY IA 299 34.83 66.71 -64.74
C GLY IA 299 34.48 66.95 -66.18
N GLY IA 300 33.22 66.84 -66.57
CA GLY IA 300 32.89 66.86 -67.98
C GLY IA 300 31.40 66.92 -68.19
N ASP IA 301 31.03 66.99 -69.46
CA ASP IA 301 29.67 67.35 -69.83
C ASP IA 301 28.88 66.14 -70.28
N ALA IA 302 29.38 64.97 -69.97
CA ALA IA 302 28.71 63.82 -70.52
C ALA IA 302 27.82 63.32 -69.43
N ARG IA 303 26.68 62.79 -69.79
CA ARG IA 303 25.88 62.28 -68.70
C ARG IA 303 25.67 60.80 -68.84
N ALA IA 304 25.69 60.14 -67.70
CA ALA IA 304 25.75 58.70 -67.68
C ALA IA 304 24.67 58.15 -66.79
N TRP IA 305 24.08 57.08 -67.25
CA TRP IA 305 23.12 56.33 -66.47
C TRP IA 305 23.51 54.89 -66.37
N LEU IA 306 23.35 54.39 -65.16
CA LEU IA 306 23.45 52.97 -64.90
C LEU IA 306 22.10 52.40 -65.21
N SER IA 307 22.02 51.60 -66.25
CA SER IA 307 20.76 50.95 -66.55
C SER IA 307 20.72 49.59 -65.86
N ASN IA 308 21.57 48.68 -66.30
CA ASN IA 308 21.66 47.35 -65.71
C ASN IA 308 23.08 46.85 -65.91
N GLU IA 309 23.97 47.27 -65.00
CA GLU IA 309 25.44 47.18 -65.08
C GLU IA 309 26.01 47.98 -66.26
N LYS IA 310 25.17 48.43 -67.18
CA LYS IA 310 25.59 48.96 -68.44
C LYS IA 310 25.36 50.44 -68.29
N MET IA 311 26.42 51.22 -68.27
CA MET IA 311 26.12 52.62 -68.37
C MET IA 311 25.80 52.89 -69.82
N TYR IA 312 24.85 53.77 -69.98
CA TYR IA 312 24.61 54.38 -71.25
C TYR IA 312 25.07 55.78 -71.01
N VAL IA 313 25.96 56.25 -71.85
CA VAL IA 313 26.43 57.60 -71.69
C VAL IA 313 26.10 58.37 -72.96
N ARG IA 314 25.52 59.54 -72.76
CA ARG IA 314 25.40 60.51 -73.81
C ARG IA 314 26.64 61.38 -73.70
N THR IA 315 27.12 61.80 -74.85
CA THR IA 315 28.07 62.88 -74.93
C THR IA 315 28.10 63.40 -76.34
N ASN IA 316 28.95 64.38 -76.54
CA ASN IA 316 29.45 64.62 -77.86
C ASN IA 316 30.92 64.29 -77.95
N LEU IA 317 31.57 64.00 -76.83
CA LEU IA 317 33.00 63.78 -76.79
C LEU IA 317 33.34 62.39 -77.33
N THR IA 318 34.62 62.13 -77.51
CA THR IA 318 35.02 60.96 -78.27
C THR IA 318 35.54 59.88 -77.35
N ILE IA 319 34.75 58.82 -77.15
CA ILE IA 319 35.08 57.83 -76.16
C ILE IA 319 36.30 57.05 -76.57
N LEU IA 320 37.20 56.84 -75.62
CA LEU IA 320 38.49 56.27 -75.91
C LEU IA 320 38.76 54.98 -75.17
N SER IA 321 38.76 54.99 -73.84
CA SER IA 321 39.29 53.79 -73.22
C SER IA 321 38.38 52.58 -73.29
N PRO IA 322 37.16 52.59 -72.75
CA PRO IA 322 36.54 51.31 -72.46
C PRO IA 322 35.86 50.63 -73.65
N GLY IA 323 35.19 51.34 -74.54
CA GLY IA 323 34.55 50.64 -75.64
C GLY IA 323 33.20 50.08 -75.26
N TRP IA 324 32.25 50.37 -76.10
CA TRP IA 324 30.84 50.17 -75.85
C TRP IA 324 30.43 48.83 -76.38
N LEU IA 325 29.26 48.38 -75.98
CA LEU IA 325 28.67 47.36 -76.81
C LEU IA 325 27.90 47.96 -77.93
N ALA IA 326 27.34 49.12 -77.73
CA ALA IA 326 26.67 49.68 -78.87
C ALA IA 326 26.98 51.15 -78.91
N SER IA 327 27.25 51.61 -80.09
CA SER IA 327 27.49 53.00 -80.27
C SER IA 327 26.45 53.57 -81.19
N MET IA 328 26.38 54.86 -81.12
CA MET IA 328 25.20 55.55 -81.46
C MET IA 328 25.54 56.99 -81.65
N THR IA 329 25.05 57.55 -82.73
CA THR IA 329 25.13 58.99 -82.68
C THR IA 329 23.84 59.51 -83.24
N SER IA 330 23.63 60.78 -83.02
CA SER IA 330 22.41 61.45 -83.37
C SER IA 330 22.51 61.90 -84.79
N ALA IA 331 21.61 62.77 -85.20
CA ALA IA 331 21.83 63.49 -86.42
C ALA IA 331 22.95 64.49 -86.25
N ASP IA 332 23.14 65.04 -85.06
CA ASP IA 332 24.12 66.10 -84.89
C ASP IA 332 25.41 65.64 -84.26
N GLY IA 333 25.69 64.34 -84.28
CA GLY IA 333 26.91 63.90 -83.65
C GLY IA 333 26.79 63.67 -82.17
N THR IA 334 25.59 63.57 -81.64
CA THR IA 334 25.52 63.22 -80.25
C THR IA 334 25.63 61.73 -80.09
N HIS IA 335 26.62 61.32 -79.35
CA HIS IA 335 26.80 59.91 -79.23
C HIS IA 335 26.04 59.42 -78.04
N ALA IA 336 25.54 58.23 -78.22
CA ALA IA 336 25.18 57.38 -77.10
C ALA IA 336 26.04 56.16 -77.20
N TYR IA 337 26.58 55.76 -76.06
CA TYR IA 337 27.36 54.56 -76.00
C TYR IA 337 26.78 53.69 -74.91
N GLU IA 338 26.38 52.50 -75.31
CA GLU IA 338 25.97 51.45 -74.41
C GLU IA 338 27.23 50.72 -74.05
N MET IA 339 27.71 51.04 -72.86
CA MET IA 339 29.08 50.97 -72.39
C MET IA 339 29.14 50.15 -71.12
N GLN IA 340 30.19 49.38 -71.04
CA GLN IA 340 30.43 48.58 -69.88
C GLN IA 340 30.88 49.48 -68.76
N LYS IA 341 30.90 48.94 -67.55
CA LYS IA 341 30.96 49.85 -66.43
C LYS IA 341 32.40 50.29 -66.21
N SER IA 342 32.60 51.55 -66.35
CA SER IA 342 33.87 52.00 -65.87
C SER IA 342 33.67 52.96 -64.74
N PRO IA 343 34.57 52.96 -63.76
CA PRO IA 343 34.70 54.11 -62.89
C PRO IA 343 35.34 55.29 -63.58
N VAL IA 344 36.15 55.03 -64.60
CA VAL IA 344 37.07 56.03 -65.14
C VAL IA 344 36.91 56.02 -66.64
N LEU IA 345 36.65 57.19 -67.21
CA LEU IA 345 36.26 57.28 -68.59
C LEU IA 345 37.29 58.08 -69.35
N LEU IA 346 37.51 57.70 -70.59
CA LEU IA 346 38.45 58.43 -71.39
C LEU IA 346 37.78 58.98 -72.61
N VAL IA 347 37.90 60.27 -72.80
CA VAL IA 347 37.59 60.80 -74.11
C VAL IA 347 38.78 61.57 -74.60
N SER IA 348 38.80 61.78 -75.90
CA SER IA 348 39.61 62.82 -76.46
C SER IA 348 38.71 64.01 -76.62
N TRP IA 349 39.25 65.15 -76.24
CA TRP IA 349 38.53 66.40 -76.21
C TRP IA 349 38.84 67.16 -77.48
N HIS IA 350 40.10 67.49 -77.70
CA HIS IA 350 40.48 68.27 -78.86
C HIS IA 350 41.80 67.80 -79.42
N GLY IA 351 42.00 66.50 -79.50
CA GLY IA 351 43.35 66.01 -79.63
C GLY IA 351 44.12 66.00 -78.33
N LYS IA 352 43.68 66.79 -77.35
CA LYS IA 352 43.97 66.56 -75.95
C LYS IA 352 43.05 65.46 -75.48
N VAL IA 353 43.46 64.73 -74.45
CA VAL IA 353 42.72 63.59 -73.95
C VAL IA 353 42.37 63.81 -72.48
N MET IA 354 41.14 63.50 -72.12
CA MET IA 354 40.63 63.71 -70.78
C MET IA 354 40.25 62.39 -70.14
N GLN IA 355 40.80 62.18 -68.95
CA GLN IA 355 40.26 61.26 -67.98
C GLN IA 355 39.02 61.89 -67.37
N LEU IA 356 38.09 61.06 -66.93
CA LEU IA 356 36.84 61.52 -66.31
C LEU IA 356 36.44 60.57 -65.23
N LYS IA 357 36.09 61.07 -64.05
CA LYS IA 357 35.70 60.17 -63.00
C LYS IA 357 34.18 60.10 -62.93
N VAL IA 358 33.66 58.93 -62.60
CA VAL IA 358 32.25 58.82 -62.33
C VAL IA 358 32.10 58.35 -60.89
N GLU IA 359 30.89 58.53 -60.37
CA GLU IA 359 30.52 58.03 -59.05
C GLU IA 359 29.29 57.18 -59.23
N GLY IA 360 29.28 56.02 -58.58
CA GLY IA 360 28.20 55.08 -58.73
C GLY IA 360 28.29 54.47 -60.10
N LEU JA 41 40.72 67.09 -54.57
CA LEU JA 41 39.60 67.89 -55.05
C LEU JA 41 39.91 68.56 -56.38
N PRO JA 42 38.92 68.64 -57.27
CA PRO JA 42 39.12 69.30 -58.57
C PRO JA 42 39.34 70.80 -58.45
N CYS JA 43 39.69 71.41 -59.58
CA CYS JA 43 40.28 72.75 -59.57
C CYS JA 43 39.24 73.86 -59.53
N ARG JA 44 39.48 74.84 -58.66
CA ARG JA 44 38.92 76.17 -58.86
C ARG JA 44 39.73 76.89 -59.91
N VAL JA 45 40.96 77.23 -59.54
CA VAL JA 45 41.92 77.80 -60.47
C VAL JA 45 42.65 76.65 -61.13
N ASP JA 46 42.93 76.81 -62.41
CA ASP JA 46 43.81 75.88 -63.12
C ASP JA 46 45.27 76.34 -63.02
N GLY JA 47 45.71 76.54 -61.78
CA GLY JA 47 47.06 77.01 -61.50
C GLY JA 47 47.34 78.40 -62.00
N ALA JA 48 46.36 79.29 -61.98
CA ALA JA 48 46.56 80.63 -62.51
C ALA JA 48 45.71 81.60 -61.73
N CYS JA 49 46.06 82.87 -61.82
CA CYS JA 49 45.26 83.90 -61.20
C CYS JA 49 45.09 85.05 -62.16
N ASP JA 50 43.85 85.52 -62.23
CA ASP JA 50 43.51 86.61 -63.11
C ASP JA 50 44.21 87.89 -62.68
N ALA JA 51 44.52 88.01 -61.39
CA ALA JA 51 45.33 89.12 -60.91
C ALA JA 51 46.72 89.11 -61.53
N THR JA 52 47.32 87.94 -61.63
CA THR JA 52 48.61 87.84 -62.29
C THR JA 52 48.51 88.20 -63.75
N ILE JA 53 47.44 87.73 -64.37
CA ILE JA 53 47.13 88.05 -65.75
C ILE JA 53 47.06 89.55 -65.96
N ILE JA 54 46.31 90.23 -65.12
CA ILE JA 54 46.17 91.65 -65.34
C ILE JA 54 47.42 92.41 -64.95
N LYS JA 55 48.19 91.89 -63.99
CA LYS JA 55 49.52 92.43 -63.72
C LYS JA 55 50.38 92.39 -64.95
N MET JA 56 50.23 91.31 -65.75
CA MET JA 56 51.01 91.22 -66.96
C MET JA 56 50.62 92.34 -67.90
N MET JA 57 49.33 92.35 -68.32
CA MET JA 57 48.91 93.26 -69.40
C MET JA 57 49.17 94.70 -69.04
N THR JA 58 48.96 95.05 -67.77
CA THR JA 58 49.37 96.36 -67.29
C THR JA 58 50.83 96.61 -67.56
N ASP JA 59 51.70 95.71 -67.14
CA ASP JA 59 53.11 96.06 -67.19
C ASP JA 59 53.67 95.98 -68.61
N LEU JA 60 53.15 95.08 -69.42
CA LEU JA 60 53.67 94.92 -70.78
C LEU JA 60 53.03 95.87 -71.74
N ASN JA 61 51.99 96.54 -71.33
CA ASN JA 61 51.57 97.65 -72.13
C ASN JA 61 52.12 98.95 -71.58
N LYS JA 62 52.52 98.97 -70.31
CA LYS JA 62 53.44 99.99 -69.84
C LYS JA 62 54.73 99.93 -70.61
N LYS JA 63 55.17 98.71 -70.89
CA LYS JA 63 56.26 98.41 -71.76
C LYS JA 63 55.84 98.37 -73.21
N GLY JA 64 54.56 98.57 -73.48
CA GLY JA 64 54.11 98.92 -74.79
C GLY JA 64 53.87 97.78 -75.72
N ILE JA 65 54.26 96.57 -75.35
CA ILE JA 65 54.05 95.45 -76.23
C ILE JA 65 52.59 95.07 -76.16
N LYS JA 66 51.92 95.17 -77.29
CA LYS JA 66 50.52 95.48 -77.21
C LYS JA 66 49.69 94.22 -77.11
N VAL JA 67 48.88 94.16 -76.07
CA VAL JA 67 47.95 93.07 -75.87
C VAL JA 67 46.60 93.55 -76.38
N ALA JA 68 46.04 92.85 -77.34
CA ALA JA 68 44.62 92.94 -77.62
C ALA JA 68 43.90 91.86 -76.85
N SER JA 69 42.76 92.22 -76.29
CA SER JA 69 41.99 91.29 -75.49
C SER JA 69 40.54 91.46 -75.86
N VAL JA 70 40.13 90.80 -76.92
CA VAL JA 70 39.00 91.27 -77.71
C VAL JA 70 38.03 90.13 -77.95
N GLY JA 71 36.79 90.35 -77.53
CA GLY JA 71 35.78 89.32 -77.57
C GLY JA 71 36.26 88.16 -76.74
N GLN JA 72 36.60 87.08 -77.39
CA GLN JA 72 37.23 86.00 -76.67
C GLN JA 72 38.64 85.79 -77.15
N ASN JA 73 39.01 86.39 -78.26
CA ASN JA 73 40.32 86.14 -78.80
C ASN JA 73 41.31 87.15 -78.26
N TYR JA 74 42.53 86.71 -78.07
CA TYR JA 74 43.53 87.53 -77.46
C TYR JA 74 44.75 87.51 -78.35
N LEU JA 75 45.34 88.68 -78.50
CA LEU JA 75 46.36 88.95 -79.49
C LEU JA 75 47.47 89.72 -78.82
N ILE JA 76 48.71 89.48 -79.24
CA ILE JA 76 49.77 90.41 -78.92
C ILE JA 76 50.48 90.80 -80.20
N SER JA 77 50.57 92.09 -80.40
CA SER JA 77 51.36 92.68 -81.46
C SER JA 77 52.65 93.17 -80.82
N ILE JA 78 53.74 92.99 -81.53
CA ILE JA 78 55.06 93.31 -81.03
C ILE JA 78 55.79 94.01 -82.16
N PRO JA 79 56.47 95.11 -81.90
CA PRO JA 79 57.46 95.58 -82.87
C PRO JA 79 58.58 94.58 -82.99
N ALA JA 80 58.92 94.22 -84.23
CA ALA JA 80 60.01 93.27 -84.44
C ALA JA 80 61.38 93.87 -84.13
N SER JA 81 61.46 95.20 -84.02
CA SER JA 81 62.72 95.87 -83.80
C SER JA 81 63.32 95.54 -82.46
N ALA JA 82 62.48 95.33 -81.45
CA ALA JA 82 62.98 94.96 -80.16
C ALA JA 82 63.54 93.55 -80.13
N LEU JA 83 63.24 92.73 -81.13
CA LEU JA 83 63.56 91.32 -81.10
C LEU JA 83 64.58 90.90 -82.13
N PHE JA 84 64.23 91.00 -83.39
CA PHE JA 84 65.19 90.64 -84.41
C PHE JA 84 66.06 91.84 -84.66
N ALA JA 85 67.24 91.59 -85.18
CA ALA JA 85 68.03 92.70 -85.63
C ALA JA 85 67.59 93.04 -87.04
N ASP JA 86 68.25 94.04 -87.58
CA ASP JA 86 67.94 94.66 -88.87
C ASP JA 86 67.97 93.64 -89.99
N GLN JA 87 66.79 93.34 -90.53
CA GLN JA 87 66.58 92.36 -91.61
C GLN JA 87 67.07 90.97 -91.25
N SER JA 88 67.21 90.68 -89.96
CA SER JA 88 67.76 89.41 -89.61
C SER JA 88 66.60 88.59 -89.08
N PRO JA 89 66.60 87.36 -89.30
CA PRO JA 89 65.80 86.46 -88.47
C PRO JA 89 66.59 86.02 -87.25
N ARG JA 90 67.23 86.97 -86.61
CA ARG JA 90 68.17 86.63 -85.57
C ARG JA 90 67.85 87.45 -84.36
N LEU JA 91 67.60 86.76 -83.26
CA LEU JA 91 67.18 87.39 -82.03
C LEU JA 91 68.38 87.78 -81.21
N ASN JA 92 68.15 88.60 -80.21
CA ASN JA 92 69.24 88.92 -79.31
C ASN JA 92 68.99 88.36 -77.92
N TRP JA 93 69.73 88.91 -76.97
CA TRP JA 93 69.94 88.25 -75.69
C TRP JA 93 68.87 88.60 -74.69
N ALA JA 94 68.81 89.86 -74.27
CA ALA JA 94 67.97 90.30 -73.17
C ALA JA 94 66.50 90.24 -73.52
N SER JA 95 66.19 90.07 -74.79
CA SER JA 95 64.87 89.79 -75.29
C SER JA 95 64.22 88.58 -74.65
N TYR JA 96 65.02 87.59 -74.29
CA TYR JA 96 64.47 86.30 -73.95
C TYR JA 96 63.77 86.30 -72.60
N SER JA 97 64.12 87.22 -71.71
CA SER JA 97 63.31 87.44 -70.52
C SER JA 97 61.89 87.80 -70.90
N LEU JA 98 61.77 88.70 -71.87
CA LEU JA 98 60.47 89.12 -72.32
C LEU JA 98 59.76 88.02 -73.06
N LEU JA 99 60.50 87.29 -73.89
CA LEU JA 99 59.90 86.20 -74.67
C LEU JA 99 59.40 85.08 -73.78
N ASN JA 100 60.12 84.83 -72.71
CA ASN JA 100 59.70 83.74 -71.87
C ASN JA 100 58.56 84.17 -70.98
N GLU JA 101 58.50 85.44 -70.60
CA GLU JA 101 57.35 85.86 -69.80
C GLU JA 101 56.10 86.01 -70.66
N ILE JA 102 56.28 86.16 -71.97
CA ILE JA 102 55.18 85.89 -72.90
C ILE JA 102 54.68 84.48 -72.75
N ALA JA 103 55.58 83.50 -72.83
CA ALA JA 103 55.15 82.10 -72.73
C ALA JA 103 54.54 81.81 -71.38
N ALA JA 104 55.03 82.48 -70.35
CA ALA JA 104 54.44 82.43 -69.02
C ALA JA 104 53.02 82.91 -69.05
N PHE JA 105 52.76 83.96 -69.79
CA PHE JA 105 51.38 84.34 -69.92
C PHE JA 105 50.60 83.34 -70.75
N LEU JA 106 51.26 82.72 -71.71
CA LEU JA 106 50.57 81.80 -72.60
C LEU JA 106 50.07 80.58 -71.87
N LYS JA 107 50.78 80.21 -70.83
CA LYS JA 107 50.29 79.21 -69.92
C LYS JA 107 49.03 79.61 -69.17
N GLN JA 108 48.66 80.88 -69.14
CA GLN JA 108 47.54 81.24 -68.29
C GLN JA 108 46.20 80.80 -68.84
N PHE JA 109 46.12 80.28 -70.06
CA PHE JA 109 44.83 79.87 -70.55
C PHE JA 109 44.84 78.49 -71.13
N ARG JA 110 43.72 77.84 -71.02
CA ARG JA 110 43.50 76.63 -71.78
C ARG JA 110 43.33 77.12 -73.21
N LYS JA 111 44.11 76.58 -74.15
CA LYS JA 111 44.03 76.99 -75.53
C LYS JA 111 44.37 75.84 -76.46
N ILE JA 112 44.03 76.03 -77.73
CA ILE JA 112 44.07 74.95 -78.71
C ILE JA 112 45.11 75.22 -79.77
N ALA JA 113 44.96 76.32 -80.49
CA ALA JA 113 45.80 76.63 -81.62
C ALA JA 113 46.35 78.02 -81.40
N ILE JA 114 47.59 78.21 -81.77
CA ILE JA 114 48.22 79.51 -81.71
C ILE JA 114 48.74 79.84 -83.10
N THR JA 115 48.36 80.99 -83.60
CA THR JA 115 48.86 81.43 -84.89
C THR JA 115 49.82 82.56 -84.67
N VAL JA 116 50.99 82.45 -85.27
CA VAL JA 116 51.93 83.54 -85.29
C VAL JA 116 52.19 83.93 -86.73
N THR JA 117 52.12 85.21 -86.97
CA THR JA 117 52.60 85.78 -88.21
C THR JA 117 53.51 86.94 -87.88
N SER JA 118 54.34 87.27 -88.82
CA SER JA 118 55.20 88.41 -88.65
C SER JA 118 55.16 89.22 -89.93
N TYR JA 119 55.41 90.51 -89.80
CA TYR JA 119 55.44 91.34 -90.97
C TYR JA 119 56.66 92.21 -90.94
N SER JA 120 57.18 92.49 -92.10
CA SER JA 120 58.37 93.30 -92.21
C SER JA 120 58.19 94.32 -93.30
N SER JA 121 58.66 95.53 -93.03
CA SER JA 121 58.71 96.59 -94.03
C SER JA 121 59.52 96.14 -95.23
N LYS JA 122 59.04 96.53 -96.40
CA LYS JA 122 59.53 96.00 -97.67
C LYS JA 122 60.95 96.46 -97.89
N TYR JA 123 61.85 95.49 -98.03
CA TYR JA 123 63.25 95.83 -98.02
C TYR JA 123 63.95 95.60 -99.35
N VAL JA 124 63.97 94.38 -99.87
CA VAL JA 124 64.67 94.14 -101.11
C VAL JA 124 63.79 93.40 -102.11
N SER JA 125 63.33 92.20 -101.79
CA SER JA 125 62.69 91.41 -102.83
C SER JA 125 61.66 90.50 -102.20
N VAL JA 126 60.49 90.48 -102.83
CA VAL JA 126 59.24 90.02 -102.22
C VAL JA 126 59.37 88.61 -101.69
N LYS JA 127 60.17 87.81 -102.37
CA LYS JA 127 60.65 86.55 -101.89
C LYS JA 127 61.36 86.71 -100.57
N ARG JA 128 62.26 87.69 -100.42
CA ARG JA 128 63.01 87.66 -99.17
C ARG JA 128 62.26 88.32 -98.05
N GLU JA 129 61.31 89.21 -98.32
CA GLU JA 129 60.63 89.68 -97.11
C GLU JA 129 59.64 88.63 -96.64
N ARG JA 130 59.05 87.89 -97.59
CA ARG JA 130 58.40 86.64 -97.24
C ARG JA 130 59.30 85.74 -96.44
N ALA JA 131 60.52 85.58 -96.91
CA ALA JA 131 61.45 84.68 -96.24
C ALA JA 131 61.84 85.20 -94.88
N LEU JA 132 62.09 86.49 -94.78
CA LEU JA 132 62.60 87.04 -93.54
C LEU JA 132 61.54 86.96 -92.48
N THR JA 133 60.34 87.33 -92.83
CA THR JA 133 59.21 87.17 -91.94
C THR JA 133 58.96 85.73 -91.60
N LEU JA 134 59.04 84.85 -92.60
CA LEU JA 134 58.74 83.44 -92.40
C LEU JA 134 59.72 82.80 -91.46
N ALA JA 135 60.98 83.15 -91.63
CA ALA JA 135 62.01 82.67 -90.75
C ALA JA 135 61.87 83.28 -89.37
N ARG JA 136 61.53 84.57 -89.31
CA ARG JA 136 61.39 85.24 -88.03
C ARG JA 136 60.30 84.61 -87.20
N SER JA 137 59.18 84.34 -87.87
CA SER JA 137 58.06 83.64 -87.30
C SER JA 137 58.45 82.26 -86.84
N ARG JA 138 59.10 81.51 -87.71
CA ARG JA 138 59.39 80.14 -87.36
C ARG JA 138 60.43 80.03 -86.27
N VAL JA 139 61.29 81.03 -86.10
CA VAL JA 139 62.31 80.89 -85.07
C VAL JA 139 61.73 81.25 -83.71
N VAL JA 140 60.87 82.26 -83.65
CA VAL JA 140 60.30 82.52 -82.35
C VAL JA 140 59.26 81.47 -82.02
N SER JA 141 58.64 80.88 -83.04
CA SER JA 141 57.69 79.80 -82.85
C SER JA 141 58.37 78.56 -82.36
N GLU JA 142 59.52 78.24 -82.94
CA GLU JA 142 60.33 77.15 -82.46
C GLU JA 142 60.68 77.36 -81.02
N TYR JA 143 61.05 78.60 -80.68
CA TYR JA 143 61.46 78.86 -79.31
C TYR JA 143 60.31 78.68 -78.35
N LEU JA 144 59.16 79.18 -78.68
CA LEU JA 144 58.15 79.06 -77.66
C LEU JA 144 57.48 77.69 -77.69
N TRP JA 145 57.49 77.01 -78.82
CA TRP JA 145 57.06 75.62 -78.85
C TRP JA 145 57.92 74.76 -78.00
N SER JA 146 59.22 75.00 -78.07
CA SER JA 146 60.14 74.38 -77.16
C SER JA 146 59.83 74.80 -75.75
N GLN JA 147 59.42 76.03 -75.58
CA GLN JA 147 59.06 76.51 -74.27
C GLN JA 147 57.68 75.97 -73.94
N GLY JA 148 57.06 76.55 -72.94
CA GLY JA 148 55.73 76.09 -72.60
C GLY JA 148 54.71 76.46 -73.65
N VAL JA 149 54.28 75.47 -74.42
CA VAL JA 149 53.10 75.60 -75.26
C VAL JA 149 52.02 74.67 -74.77
N ASP JA 150 50.86 75.25 -74.58
CA ASP JA 150 49.69 74.50 -74.23
C ASP JA 150 48.76 74.40 -75.43
N SER JA 151 49.21 74.92 -76.56
CA SER JA 151 48.46 74.73 -77.76
C SER JA 151 48.56 73.30 -78.24
N ARG JA 152 47.58 72.90 -79.03
CA ARG JA 152 47.79 71.67 -79.75
C ARG JA 152 48.45 71.94 -81.08
N ILE JA 153 48.16 73.10 -81.66
CA ILE JA 153 48.62 73.44 -83.00
C ILE JA 153 49.28 74.80 -82.93
N ILE JA 154 50.40 74.95 -83.60
CA ILE JA 154 50.91 76.28 -83.88
C ILE JA 154 51.04 76.43 -85.38
N PHE JA 155 50.26 77.34 -85.93
CA PHE JA 155 50.41 77.76 -87.31
C PHE JA 155 51.38 78.94 -87.34
N THR JA 156 52.27 78.95 -88.33
CA THR JA 156 53.27 80.00 -88.43
C THR JA 156 53.49 80.44 -89.87
N GLN JA 157 53.55 81.76 -90.02
CA GLN JA 157 53.94 82.44 -91.26
C GLN JA 157 54.17 83.93 -91.00
N GLY JA 158 54.52 84.62 -92.07
CA GLY JA 158 54.73 86.05 -92.03
C GLY JA 158 54.83 86.57 -93.44
N LEU JA 159 54.49 87.83 -93.63
CA LEU JA 159 54.49 88.42 -94.95
C LEU JA 159 55.26 89.73 -94.95
N GLY JA 160 55.71 90.11 -96.13
CA GLY JA 160 56.54 91.29 -96.18
C GLY JA 160 55.78 92.59 -96.08
N SER JA 161 55.15 92.84 -94.92
CA SER JA 161 54.21 93.95 -94.69
C SER JA 161 53.24 94.11 -95.85
N ASP JA 162 52.71 92.99 -96.33
CA ASP JA 162 51.78 93.01 -97.44
C ASP JA 162 50.47 93.64 -97.02
N LYS JA 163 50.27 93.70 -95.72
CA LYS JA 163 49.12 94.32 -95.10
C LYS JA 163 49.70 95.22 -94.04
N PRO JA 164 50.24 96.35 -94.44
CA PRO JA 164 50.81 97.28 -93.46
C PRO JA 164 49.68 97.91 -92.68
N ILE JA 165 49.85 98.01 -91.37
CA ILE JA 165 48.83 98.63 -90.55
C ILE JA 165 49.04 100.11 -90.43
N THR JA 166 50.21 100.59 -90.77
CA THR JA 166 50.38 101.99 -91.06
C THR JA 166 50.93 102.11 -92.46
N SER JA 167 50.61 103.22 -93.09
CA SER JA 167 51.36 103.59 -94.27
C SER JA 167 52.33 104.72 -93.98
N TYR JA 168 52.37 105.25 -92.76
CA TYR JA 168 53.53 106.00 -92.34
C TYR JA 168 54.72 105.07 -92.35
N THR JA 169 55.61 105.29 -93.30
CA THR JA 169 56.61 104.32 -93.71
C THR JA 169 58.01 104.83 -93.45
N LEU JA 170 58.20 105.31 -92.21
CA LEU JA 170 59.38 106.04 -91.72
C LEU JA 170 60.71 105.43 -92.12
N GLY JA 171 60.76 104.11 -92.30
CA GLY JA 171 61.89 103.47 -92.93
C GLY JA 171 61.69 101.99 -93.07
N GLY JA 172 62.74 101.26 -92.74
CA GLY JA 172 62.71 99.83 -92.81
C GLY JA 172 62.37 99.28 -91.45
N ASP JA 173 63.38 98.86 -90.72
CA ASP JA 173 63.16 98.05 -89.54
C ASP JA 173 62.96 98.87 -88.27
N ARG JA 174 62.71 100.16 -88.39
CA ARG JA 174 62.10 100.82 -87.27
C ARG JA 174 60.63 101.10 -87.50
N SER JA 175 60.08 100.67 -88.63
CA SER JA 175 58.66 100.76 -88.83
C SER JA 175 57.93 99.81 -87.89
N PRO JA 176 56.75 100.19 -87.43
CA PRO JA 176 55.85 99.22 -86.81
C PRO JA 176 55.31 98.19 -87.78
N ASN JA 177 55.42 98.39 -89.09
CA ASN JA 177 55.04 97.31 -89.99
C ASN JA 177 56.08 96.19 -89.98
N ALA JA 178 57.26 96.46 -89.48
CA ALA JA 178 58.14 95.43 -88.96
C ALA JA 178 57.65 95.09 -87.57
N ARG JA 179 57.21 93.85 -87.41
CA ARG JA 179 56.34 93.47 -86.32
C ARG JA 179 56.16 91.98 -86.34
N VAL JA 180 55.64 91.47 -85.25
CA VAL JA 180 55.28 90.07 -85.15
C VAL JA 180 54.07 89.99 -84.25
N GLU JA 181 53.15 89.10 -84.59
CA GLU JA 181 51.84 89.11 -84.02
C GLU JA 181 51.42 87.67 -83.74
N ILE JA 182 50.75 87.50 -82.61
CA ILE JA 182 50.33 86.19 -82.14
C ILE JA 182 48.87 86.28 -81.78
N THR JA 183 48.07 85.43 -82.37
CA THR JA 183 46.67 85.33 -82.02
C THR JA 183 46.40 83.99 -81.40
N PHE JA 184 45.44 83.99 -80.48
CA PHE JA 184 44.77 82.77 -80.09
C PHE JA 184 43.38 83.13 -79.63
N ARG JA 185 42.56 82.11 -79.45
CA ARG JA 185 41.32 82.23 -78.73
C ARG JA 185 41.42 81.40 -77.48
N ARG JA 186 41.17 82.03 -76.32
CA ARG JA 186 41.21 81.31 -75.06
C ARG JA 186 40.14 80.25 -75.08
N ALA JA 187 40.57 79.00 -74.99
CA ALA JA 187 39.63 77.90 -75.09
C ALA JA 187 38.86 77.82 -73.80
N VAL JA 188 37.54 77.99 -73.92
CA VAL JA 188 36.50 77.87 -72.88
C VAL JA 188 36.87 78.45 -71.51
N UNK KA 1 103.94 93.92 -135.44
CA UNK KA 1 103.56 94.23 -134.07
C UNK KA 1 102.63 93.17 -133.49
N UNK KA 2 101.38 93.15 -133.96
CA UNK KA 2 100.35 92.28 -133.40
C UNK KA 2 100.51 90.84 -133.89
N UNK KA 3 99.51 90.02 -133.62
CA UNK KA 3 99.55 88.62 -134.04
C UNK KA 3 98.47 88.43 -135.10
N UNK KA 4 98.92 88.37 -136.36
CA UNK KA 4 98.02 88.24 -137.52
C UNK KA 4 98.64 87.26 -138.52
N UNK KA 5 98.34 85.98 -138.36
CA UNK KA 5 98.68 84.96 -139.35
C UNK KA 5 97.72 83.79 -139.16
N UNK KA 6 97.47 83.06 -140.24
CA UNK KA 6 96.80 81.76 -140.19
C UNK KA 6 97.81 80.78 -140.75
N UNK KA 7 98.73 80.38 -139.89
CA UNK KA 7 100.00 79.80 -140.30
C UNK KA 7 100.48 78.90 -139.17
N UNK KA 8 101.79 78.67 -139.16
CA UNK KA 8 102.48 78.21 -137.97
C UNK KA 8 103.35 79.37 -137.52
N UNK KA 9 102.79 80.27 -136.71
CA UNK KA 9 103.63 81.31 -136.09
C UNK KA 9 104.64 80.67 -135.15
N UNK KA 10 104.20 79.68 -134.38
CA UNK KA 10 104.98 78.64 -133.71
C UNK KA 10 105.90 79.12 -132.60
N UNK KA 11 106.14 80.41 -132.53
CA UNK KA 11 107.14 80.95 -131.62
C UNK KA 11 106.76 82.41 -131.42
N UNK KA 12 106.07 82.67 -130.33
CA UNK KA 12 105.79 84.03 -129.92
C UNK KA 12 105.88 84.01 -128.40
N UNK KA 13 107.10 84.19 -127.91
CA UNK KA 13 107.32 84.61 -126.52
C UNK KA 13 107.50 86.12 -126.52
N UNK KA 14 106.49 86.79 -127.04
CA UNK KA 14 106.57 88.22 -127.36
C UNK KA 14 105.30 88.93 -126.89
N UNK KA 15 105.45 90.18 -126.47
CA UNK KA 15 104.34 91.03 -126.05
C UNK KA 15 104.00 92.01 -127.18
N UNK KA 16 102.71 92.11 -127.49
CA UNK KA 16 102.24 92.94 -128.59
C UNK KA 16 102.21 94.42 -128.20
N UNK KA 17 101.92 95.27 -129.20
CA UNK KA 17 102.18 96.70 -129.17
C UNK KA 17 100.96 97.53 -128.79
N UNK KA 18 101.13 98.86 -128.88
CA UNK KA 18 99.99 99.75 -128.86
C UNK KA 18 99.25 99.63 -130.18
N UNK KA 19 97.92 99.65 -130.08
CA UNK KA 19 97.01 99.40 -131.19
C UNK KA 19 97.32 98.09 -131.89
N UNK KA 20 97.62 97.06 -131.09
CA UNK KA 20 97.98 95.76 -131.67
C UNK KA 20 96.75 94.87 -131.70
N UNK KA 21 96.15 94.79 -132.87
CA UNK KA 21 95.00 93.92 -133.10
C UNK KA 21 95.51 92.50 -133.35
N UNK KA 22 95.87 91.83 -132.26
CA UNK KA 22 96.40 90.48 -132.34
C UNK KA 22 95.24 89.54 -132.61
N UNK KA 23 94.87 89.45 -133.89
CA UNK KA 23 93.78 88.59 -134.36
C UNK KA 23 94.30 87.31 -135.00
N UNK KA 24 95.06 86.52 -134.26
CA UNK KA 24 95.79 85.41 -134.84
C UNK KA 24 94.89 84.21 -135.12
N UNK KA 25 95.27 83.46 -136.16
CA UNK KA 25 94.76 82.12 -136.42
C UNK KA 25 95.91 81.17 -136.71
N UNK KA 26 97.12 81.55 -136.31
CA UNK KA 26 98.30 80.78 -136.65
C UNK KA 26 98.62 79.76 -135.58
N UNK KA 27 99.33 78.71 -135.97
CA UNK KA 27 99.79 77.73 -135.01
C UNK KA 27 100.95 78.34 -134.24
N UNK KA 28 100.72 78.63 -132.96
CA UNK KA 28 101.76 79.16 -132.08
C UNK KA 28 102.06 78.09 -131.04
N UNK KA 29 103.12 77.32 -131.29
CA UNK KA 29 103.49 76.24 -130.39
C UNK KA 29 104.05 76.81 -129.09
N UNK KA 30 105.09 77.63 -129.19
CA UNK KA 30 105.55 78.39 -128.04
C UNK KA 30 104.73 79.67 -127.98
N UNK KA 31 103.53 79.55 -127.42
CA UNK KA 31 102.59 80.65 -127.34
C UNK KA 31 102.62 81.26 -125.96
N UNK KA 32 102.98 82.55 -125.91
CA UNK KA 32 102.87 83.33 -124.69
C UNK KA 32 102.65 84.77 -125.15
N UNK KA 33 101.38 85.18 -125.21
CA UNK KA 33 101.00 86.46 -125.82
C UNK KA 33 100.47 87.40 -124.74
N UNK KA 34 101.31 88.33 -124.32
CA UNK KA 34 100.88 89.39 -123.41
C UNK KA 34 100.67 90.68 -124.19
N UNK KA 35 99.56 90.73 -124.94
CA UNK KA 35 99.23 91.86 -125.81
C UNK KA 35 98.91 93.09 -124.96
N UNK KA 36 99.15 94.28 -125.53
CA UNK KA 36 99.09 95.51 -124.75
C UNK KA 36 97.92 96.42 -125.08
N UNK KA 37 97.54 96.55 -126.34
CA UNK KA 37 96.46 97.48 -126.65
C UNK KA 37 95.77 97.00 -127.90
N UNK KA 38 94.45 97.21 -127.92
CA UNK KA 38 93.54 96.77 -128.98
C UNK KA 38 93.64 95.28 -129.23
N UNK KA 39 93.84 94.50 -128.17
CA UNK KA 39 94.03 93.06 -128.30
C UNK KA 39 92.77 92.43 -128.82
N UNK KA 40 92.89 91.69 -129.92
CA UNK KA 40 91.75 91.33 -130.75
C UNK KA 40 91.74 89.85 -131.01
N UNK KA 41 91.91 89.07 -129.94
CA UNK KA 41 92.08 87.62 -130.03
C UNK KA 41 90.81 86.93 -130.52
N UNK KA 42 90.97 86.10 -131.57
CA UNK KA 42 89.94 85.18 -132.05
C UNK KA 42 90.64 84.02 -132.74
N UNK KA 43 90.83 82.92 -132.02
CA UNK KA 43 91.67 81.84 -132.53
C UNK KA 43 91.04 80.48 -132.27
N UNK KA 44 91.47 79.50 -133.09
CA UNK KA 44 91.05 78.11 -132.97
C UNK KA 44 92.31 77.25 -132.95
N UNK KA 45 92.86 77.05 -131.76
CA UNK KA 45 94.15 76.38 -131.62
C UNK KA 45 94.21 75.65 -130.27
N UNK KA 46 95.44 75.30 -129.89
CA UNK KA 46 95.72 74.68 -128.61
C UNK KA 46 97.01 75.27 -128.08
N UNK KA 47 96.91 76.15 -127.07
CA UNK KA 47 98.06 76.84 -126.52
C UNK KA 47 98.75 76.02 -125.45
N UNK KA 48 97.99 75.21 -124.71
CA UNK KA 48 98.39 74.26 -123.69
C UNK KA 48 98.96 74.89 -122.43
N UNK KA 49 99.29 76.18 -122.46
CA UNK KA 49 99.83 76.83 -121.28
C UNK KA 49 99.49 78.31 -121.25
N UNK KA 50 98.32 78.71 -121.73
CA UNK KA 50 98.07 80.14 -121.87
C UNK KA 50 97.89 80.77 -120.49
N UNK KA 51 98.94 81.44 -120.08
CA UNK KA 51 98.90 82.30 -118.91
C UNK KA 51 98.80 83.71 -119.48
N UNK KA 52 97.58 84.08 -119.82
CA UNK KA 52 97.35 85.35 -120.49
C UNK KA 52 97.23 86.48 -119.49
N UNK KA 53 97.83 87.63 -119.83
CA UNK KA 53 97.59 88.88 -119.15
C UNK KA 53 96.89 89.82 -120.12
N UNK KA 54 95.96 90.62 -119.61
CA UNK KA 54 95.14 91.45 -120.49
C UNK KA 54 95.04 92.88 -119.99
N UNK KA 55 95.40 93.82 -120.86
CA UNK KA 55 95.16 95.26 -120.67
C UNK KA 55 93.87 95.66 -121.39
N UNK KA 56 93.63 96.96 -121.54
CA UNK KA 56 92.37 97.46 -122.07
C UNK KA 56 92.20 97.15 -123.54
N UNK KA 57 90.94 97.20 -123.99
CA UNK KA 57 90.50 96.86 -125.35
C UNK KA 57 90.94 95.46 -125.74
N UNK KA 58 90.85 94.55 -124.79
CA UNK KA 58 91.17 93.16 -125.04
C UNK KA 58 89.85 92.45 -125.29
N UNK KA 59 89.42 92.50 -126.54
CA UNK KA 59 88.41 91.58 -127.02
C UNK KA 59 89.12 90.26 -127.25
N UNK KA 60 88.70 89.24 -126.51
CA UNK KA 60 89.37 87.95 -126.58
C UNK KA 60 88.32 86.88 -126.86
N UNK KA 61 88.71 85.91 -127.69
CA UNK KA 61 87.80 84.84 -128.11
C UNK KA 61 88.67 83.66 -128.55
N UNK KA 62 88.61 82.58 -127.77
CA UNK KA 62 89.59 81.50 -127.96
C UNK KA 62 89.00 80.12 -127.72
N UNK KA 63 89.61 79.12 -128.38
CA UNK KA 63 89.33 77.70 -128.19
C UNK KA 63 90.59 76.91 -127.82
N UNK KA 64 91.51 77.55 -127.10
CA UNK KA 64 92.79 76.96 -126.75
C UNK KA 64 92.94 76.92 -125.23
N UNK KA 65 93.83 76.04 -124.77
CA UNK KA 65 93.95 75.78 -123.34
C UNK KA 65 94.66 76.93 -122.64
N UNK KA 66 94.03 77.43 -121.60
CA UNK KA 66 94.63 78.47 -120.78
C UNK KA 66 95.01 77.91 -119.43
N UNK KA 67 95.98 78.55 -118.82
CA UNK KA 67 96.40 78.13 -117.51
C UNK KA 67 96.19 79.22 -116.48
N UNK KA 68 96.50 80.45 -116.84
CA UNK KA 68 96.32 81.54 -115.91
C UNK KA 68 95.71 82.70 -116.67
N UNK KA 69 94.96 83.52 -115.95
CA UNK KA 69 94.41 84.74 -116.53
C UNK KA 69 94.53 85.87 -115.52
N UNK KA 70 95.11 86.97 -115.98
CA UNK KA 70 95.32 88.14 -115.13
C UNK KA 70 94.80 89.38 -115.86
N UNK KA 71 94.14 90.26 -115.11
CA UNK KA 71 93.43 91.39 -115.69
C UNK KA 71 93.89 92.71 -115.09
N UNK KA 72 94.19 93.68 -115.96
CA UNK KA 72 94.70 94.96 -115.53
C UNK KA 72 93.63 96.05 -115.46
N UNK KA 73 92.99 96.43 -116.57
CA UNK KA 73 92.14 97.62 -116.56
C UNK KA 73 90.67 97.32 -116.81
N UNK KA 74 90.31 96.86 -118.02
CA UNK KA 74 88.93 96.61 -118.43
C UNK KA 74 88.95 95.88 -119.76
N UNK KA 75 88.32 94.72 -119.84
CA UNK KA 75 88.44 93.89 -121.02
C UNK KA 75 87.20 93.03 -121.18
N UNK KA 76 87.16 92.29 -122.30
CA UNK KA 76 86.00 91.49 -122.66
C UNK KA 76 86.50 90.14 -123.18
N UNK KA 77 86.32 89.10 -122.39
CA UNK KA 77 86.81 87.79 -122.77
C UNK KA 77 85.68 86.85 -123.11
N UNK KA 78 85.97 85.93 -124.03
CA UNK KA 78 85.06 84.88 -124.48
C UNK KA 78 85.94 83.69 -124.87
N UNK KA 79 86.16 82.78 -123.93
CA UNK KA 79 87.19 81.78 -124.10
C UNK KA 79 86.70 80.38 -123.74
N UNK KA 80 87.47 79.37 -124.19
CA UNK KA 80 87.24 77.94 -123.92
C UNK KA 80 88.55 77.25 -123.54
N UNK KA 81 88.85 77.19 -122.23
CA UNK KA 81 90.04 76.53 -121.70
C UNK KA 81 89.69 75.18 -121.06
N UNK KA 82 90.74 74.44 -120.68
CA UNK KA 82 90.46 73.09 -120.22
C UNK KA 82 91.13 72.69 -118.91
N UNK KA 83 92.37 73.08 -118.67
CA UNK KA 83 93.16 72.40 -117.66
C UNK KA 83 93.09 73.05 -116.30
N UNK KA 84 93.61 74.26 -116.17
CA UNK KA 84 93.68 74.89 -114.87
C UNK KA 84 93.54 76.38 -115.08
N UNK KA 85 93.23 77.07 -113.99
CA UNK KA 85 93.04 78.50 -114.09
C UNK KA 85 93.42 79.11 -112.75
N UNK KA 86 94.53 79.79 -112.75
CA UNK KA 86 94.85 80.72 -111.68
C UNK KA 86 94.27 82.04 -112.13
N UNK KA 87 93.30 82.56 -111.38
CA UNK KA 87 92.58 83.76 -111.78
C UNK KA 87 92.97 84.95 -110.89
N UNK KA 88 93.28 86.08 -111.53
CA UNK KA 88 93.57 87.29 -110.78
C UNK KA 88 93.12 88.50 -111.59
N UNK KA 89 92.31 89.37 -110.98
CA UNK KA 89 91.54 90.31 -111.77
C UNK KA 89 91.57 91.73 -111.20
N UNK KA 90 91.31 92.69 -112.10
CA UNK KA 90 90.93 94.05 -111.72
C UNK KA 90 89.99 94.65 -112.76
N UNK KA 91 88.72 94.82 -112.39
CA UNK KA 91 87.77 95.73 -113.04
C UNK KA 91 87.46 95.39 -114.50
N UNK KA 92 87.22 94.15 -114.81
CA UNK KA 92 86.97 93.81 -116.21
C UNK KA 92 85.74 92.93 -116.32
N UNK KA 93 85.59 92.31 -117.49
CA UNK KA 93 84.51 91.39 -117.75
C UNK KA 93 85.02 90.22 -118.57
N UNK KA 94 84.76 89.02 -118.08
CA UNK KA 94 85.26 87.87 -118.78
C UNK KA 94 84.16 86.84 -118.84
N UNK KA 95 84.14 86.09 -119.93
CA UNK KA 95 83.25 84.97 -120.07
C UNK KA 95 84.07 83.77 -120.51
N UNK KA 96 83.80 82.63 -119.88
CA UNK KA 96 84.47 81.38 -120.20
C UNK KA 96 83.42 80.31 -120.36
N UNK KA 97 83.76 79.26 -121.11
CA UNK KA 97 82.76 78.28 -121.52
C UNK KA 97 83.00 76.87 -121.01
N UNK KA 98 84.11 76.24 -121.40
CA UNK KA 98 84.23 74.79 -121.36
C UNK KA 98 84.64 74.29 -119.98
N UNK KA 99 84.71 72.98 -119.83
CA UNK KA 99 85.04 72.36 -118.56
C UNK KA 99 86.50 72.61 -118.26
N UNK KA 100 86.77 73.47 -117.29
CA UNK KA 100 88.12 73.71 -116.78
C UNK KA 100 88.15 73.60 -115.28
N UNK KA 101 89.30 73.94 -114.70
CA UNK KA 101 89.48 73.86 -113.25
C UNK KA 101 90.08 75.17 -112.76
N UNK KA 102 89.22 76.10 -112.39
CA UNK KA 102 89.70 77.29 -111.70
C UNK KA 102 90.20 76.84 -110.35
N UNK KA 103 91.52 76.89 -110.18
CA UNK KA 103 92.08 76.56 -108.89
C UNK KA 103 91.65 77.59 -107.86
N UNK KA 104 91.81 78.85 -108.17
CA UNK KA 104 91.45 79.90 -107.24
C UNK KA 104 91.10 81.17 -107.98
N UNK KA 105 90.35 82.03 -107.29
CA UNK KA 105 90.06 83.37 -107.76
C UNK KA 105 90.26 84.35 -106.62
N UNK KA 106 91.03 85.40 -106.90
CA UNK KA 106 91.30 86.46 -105.94
C UNK KA 106 91.02 87.79 -106.63
N UNK KA 107 90.07 88.54 -106.08
CA UNK KA 107 89.63 89.78 -106.72
C UNK KA 107 89.73 90.92 -105.73
N UNK KA 108 90.48 91.95 -106.10
CA UNK KA 108 90.51 93.18 -105.32
C UNK KA 108 89.66 94.28 -105.94
N UNK KA 109 88.94 93.96 -107.02
CA UNK KA 109 88.29 95.00 -107.81
C UNK KA 109 87.02 94.43 -108.45
N UNK KA 110 86.56 95.09 -109.52
CA UNK KA 110 85.24 94.87 -110.10
C UNK KA 110 85.32 93.86 -111.23
N UNK KA 111 84.89 92.64 -110.97
CA UNK KA 111 85.03 91.57 -111.94
C UNK KA 111 83.64 91.09 -112.35
N UNK KA 112 83.40 91.08 -113.66
CA UNK KA 112 82.23 90.41 -114.21
C UNK KA 112 82.73 89.09 -114.78
N UNK KA 113 83.02 88.16 -113.89
CA UNK KA 113 83.58 86.89 -114.30
C UNK KA 113 82.47 85.87 -114.46
N UNK KA 114 82.47 85.20 -115.60
CA UNK KA 114 81.46 84.21 -115.89
C UNK KA 114 82.10 82.97 -116.47
N UNK KA 115 81.48 81.83 -116.23
CA UNK KA 115 81.88 80.59 -116.86
C UNK KA 115 80.66 79.69 -116.97
N UNK KA 116 80.37 79.27 -118.19
CA UNK KA 116 79.25 78.38 -118.45
C UNK KA 116 79.46 76.99 -117.89
N UNK KA 117 80.68 76.46 -117.96
CA UNK KA 117 80.97 75.18 -117.33
C UNK KA 117 82.26 75.34 -116.57
N UNK KA 118 82.35 74.67 -115.43
CA UNK KA 118 83.56 74.63 -114.63
C UNK KA 118 83.49 73.38 -113.76
N UNK KA 119 84.22 72.33 -114.14
CA UNK KA 119 84.27 71.12 -113.33
C UNK KA 119 85.57 71.11 -112.55
N UNK KA 120 85.64 71.96 -111.55
CA UNK KA 120 86.78 72.03 -110.66
C UNK KA 120 86.42 71.30 -109.38
N UNK KA 121 87.26 71.43 -108.37
CA UNK KA 121 86.97 70.82 -107.09
C UNK KA 121 86.93 71.81 -105.93
N UNK KA 122 88.03 72.50 -105.69
CA UNK KA 122 88.12 73.38 -104.52
C UNK KA 122 88.28 74.80 -105.04
N UNK KA 123 87.16 75.43 -105.31
CA UNK KA 123 87.16 76.80 -105.76
C UNK KA 123 87.32 77.65 -104.51
N UNK KA 124 88.50 78.19 -104.33
CA UNK KA 124 88.76 79.10 -103.24
C UNK KA 124 88.69 80.51 -103.81
N UNK KA 125 87.83 81.32 -103.25
CA UNK KA 125 87.61 82.68 -103.72
C UNK KA 125 87.82 83.64 -102.57
N UNK KA 126 88.73 84.58 -102.75
CA UNK KA 126 88.89 85.67 -101.81
C UNK KA 126 88.49 86.97 -102.48
N UNK KA 127 87.69 87.76 -101.78
CA UNK KA 127 87.07 88.93 -102.36
C UNK KA 127 87.40 90.19 -101.56
N UNK KA 128 87.64 91.28 -102.28
CA UNK KA 128 87.98 92.57 -101.71
C UNK KA 128 87.20 93.66 -102.44
N UNK KA 129 85.99 93.92 -101.93
CA UNK KA 129 85.16 95.12 -102.03
C UNK KA 129 84.38 95.36 -103.32
N UNK KA 130 84.62 94.66 -104.43
CA UNK KA 130 83.89 95.14 -105.61
C UNK KA 130 83.32 94.10 -106.56
N UNK KA 131 83.87 92.90 -106.65
CA UNK KA 131 83.56 92.04 -107.79
C UNK KA 131 82.15 91.48 -107.71
N UNK KA 132 81.70 90.96 -108.85
CA UNK KA 132 80.43 90.25 -108.90
C UNK KA 132 80.60 89.18 -109.96
N UNK KA 133 81.06 88.02 -109.53
CA UNK KA 133 81.29 86.93 -110.46
C UNK KA 133 80.15 85.94 -110.36
N UNK KA 134 79.82 85.34 -111.48
CA UNK KA 134 78.76 84.35 -111.53
C UNK KA 134 79.25 83.26 -112.47
N UNK KA 135 79.81 82.22 -111.91
CA UNK KA 135 80.22 81.06 -112.68
C UNK KA 135 79.56 79.85 -112.08
N UNK KA 136 79.07 78.93 -112.93
CA UNK KA 136 78.24 77.84 -112.42
C UNK KA 136 78.24 76.65 -113.38
N UNK KA 137 78.98 75.59 -113.04
CA UNK KA 137 78.48 74.25 -113.39
C UNK KA 137 78.44 73.23 -112.25
N UNK KA 138 79.61 72.81 -111.76
CA UNK KA 138 79.70 71.64 -110.89
C UNK KA 138 81.08 71.60 -110.21
N UNK KA 139 81.12 71.82 -108.90
CA UNK KA 139 82.35 71.81 -108.14
C UNK KA 139 82.28 70.78 -107.01
N UNK KA 140 83.29 70.79 -106.15
CA UNK KA 140 83.26 69.95 -104.97
C UNK KA 140 83.34 70.73 -103.68
N UNK KA 141 84.30 71.63 -103.55
CA UNK KA 141 84.51 72.33 -102.30
C UNK KA 141 84.59 73.80 -102.64
N UNK KA 142 83.49 74.51 -102.42
CA UNK KA 142 83.46 75.93 -102.69
C UNK KA 142 83.67 76.69 -101.40
N UNK KA 143 84.80 77.36 -101.29
CA UNK KA 143 85.10 78.15 -100.10
C UNK KA 143 85.33 79.59 -100.52
N UNK KA 144 84.72 80.50 -99.78
CA UNK KA 144 84.78 81.91 -100.16
C UNK KA 144 84.98 82.78 -98.94
N UNK KA 145 86.12 83.46 -98.91
CA UNK KA 145 86.37 84.52 -97.96
C UNK KA 145 85.99 85.82 -98.62
N UNK KA 146 84.79 86.29 -98.35
CA UNK KA 146 84.37 87.59 -98.83
C UNK KA 146 84.69 88.58 -97.74
N UNK KA 147 85.95 88.99 -97.67
CA UNK KA 147 86.35 90.06 -96.77
C UNK KA 147 86.19 91.40 -97.48
N UNK KA 148 84.93 91.72 -97.78
CA UNK KA 148 84.63 92.53 -98.95
C UNK KA 148 83.43 93.42 -98.68
N UNK KA 149 82.93 94.04 -99.75
CA UNK KA 149 81.63 94.69 -99.80
C UNK KA 149 80.93 94.41 -101.12
N UNK KA 150 81.03 93.18 -101.59
CA UNK KA 150 80.76 92.90 -102.99
C UNK KA 150 79.66 91.85 -103.14
N UNK KA 151 79.48 91.40 -104.36
CA UNK KA 151 78.42 90.45 -104.69
C UNK KA 151 79.04 89.17 -105.20
N UNK KA 152 78.34 88.08 -104.98
CA UNK KA 152 78.85 86.76 -105.29
C UNK KA 152 77.66 85.93 -105.75
N UNK KA 153 77.44 85.91 -107.04
CA UNK KA 153 76.30 85.18 -107.57
C UNK KA 153 76.70 83.77 -107.92
N UNK KA 154 75.79 82.84 -107.65
CA UNK KA 154 76.04 81.44 -107.98
C UNK KA 154 74.72 80.72 -108.12
N UNK KA 155 74.49 80.17 -109.30
CA UNK KA 155 73.54 79.09 -109.50
C UNK KA 155 74.29 77.78 -109.69
N UNK KA 156 75.33 77.57 -108.88
CA UNK KA 156 76.30 76.48 -109.04
C UNK KA 156 76.02 75.35 -108.06
N UNK KA 157 76.28 74.11 -108.49
CA UNK KA 157 76.01 72.91 -107.68
C UNK KA 157 77.31 72.22 -107.25
N UNK KA 158 77.77 72.54 -106.04
CA UNK KA 158 78.90 71.84 -105.41
C UNK KA 158 78.43 70.97 -104.26
N UNK KA 159 79.26 70.01 -103.88
CA UNK KA 159 78.87 69.16 -102.77
C UNK KA 159 79.05 69.86 -101.43
N UNK KA 160 80.22 70.46 -101.22
CA UNK KA 160 80.57 71.02 -99.93
C UNK KA 160 80.88 72.50 -100.08
N UNK KA 161 80.45 73.27 -99.10
CA UNK KA 161 80.67 74.70 -99.15
C UNK KA 161 81.09 75.21 -97.80
N UNK KA 162 81.98 76.19 -97.83
CA UNK KA 162 82.35 76.96 -96.65
C UNK KA 162 82.47 78.40 -97.14
N UNK KA 163 81.43 79.18 -96.86
CA UNK KA 163 81.36 80.57 -97.30
C UNK KA 163 81.25 81.46 -96.09
N UNK KA 164 82.17 82.41 -95.97
CA UNK KA 164 82.17 83.36 -94.86
C UNK KA 164 82.28 84.76 -95.41
N UNK KA 165 81.39 85.65 -94.96
CA UNK KA 165 81.33 87.04 -95.41
C UNK KA 165 81.48 88.00 -94.24
N UNK KA 166 82.35 88.98 -94.41
CA UNK KA 166 82.84 89.81 -93.31
C UNK KA 166 81.94 90.99 -92.97
N UNK KA 167 81.54 91.81 -93.94
CA UNK KA 167 80.75 93.01 -93.65
C UNK KA 167 80.03 93.43 -94.93
N UNK KA 168 78.70 93.19 -94.96
CA UNK KA 168 77.79 93.75 -95.95
C UNK KA 168 78.11 93.31 -97.39
N UNK KA 169 78.35 92.02 -97.55
CA UNK KA 169 78.42 91.47 -98.89
C UNK KA 169 77.14 90.71 -99.18
N UNK KA 170 76.96 90.35 -100.44
CA UNK KA 170 75.75 89.66 -100.86
C UNK KA 170 76.18 88.40 -101.58
N UNK KA 171 75.74 87.27 -101.07
CA UNK KA 171 76.14 85.99 -101.63
C UNK KA 171 74.93 85.14 -101.92
N UNK KA 172 74.89 84.62 -103.13
CA UNK KA 172 73.87 83.68 -103.55
C UNK KA 172 74.60 82.39 -103.91
N UNK KA 173 74.35 81.35 -103.14
CA UNK KA 173 75.05 80.09 -103.29
C UNK KA 173 74.08 78.92 -103.34
N UNK KA 174 74.63 77.73 -103.55
CA UNK KA 174 73.88 76.48 -103.55
C UNK KA 174 74.85 75.31 -103.34
N UNK KA 175 74.50 74.37 -102.45
CA UNK KA 175 75.34 73.22 -102.09
C UNK KA 175 74.56 71.91 -102.13
N UNK KA 176 75.25 70.81 -102.39
CA UNK KA 176 74.59 69.51 -102.45
C UNK KA 176 74.61 68.82 -101.10
N UNK KA 177 75.80 68.48 -100.62
CA UNK KA 177 75.91 67.72 -99.37
C UNK KA 177 76.03 68.62 -98.16
N UNK KA 178 76.93 69.58 -98.17
CA UNK KA 178 77.20 70.36 -96.97
C UNK KA 178 77.18 71.83 -97.29
N UNK KA 179 76.41 72.59 -96.52
CA UNK KA 179 76.49 74.03 -96.54
C UNK KA 179 77.14 74.49 -95.26
N UNK KA 180 78.18 75.28 -95.38
CA UNK KA 180 78.85 75.85 -94.24
C UNK KA 180 78.82 77.34 -94.45
N UNK KA 181 78.17 78.06 -93.56
CA UNK KA 181 77.86 79.44 -93.82
C UNK KA 181 78.07 80.30 -92.60
N UNK KA 182 78.83 81.37 -92.77
CA UNK KA 182 79.06 82.34 -91.71
C UNK KA 182 78.88 83.75 -92.25
N UNK KA 183 78.06 84.54 -91.55
CA UNK KA 183 77.76 85.89 -91.99
C UNK KA 183 78.03 86.89 -90.87
N UNK KA 184 78.56 88.06 -91.23
CA UNK KA 184 78.68 89.16 -90.28
C UNK KA 184 78.26 90.43 -90.99
N UNK KA 185 77.18 91.04 -90.50
CA UNK KA 185 76.61 92.29 -91.02
C UNK KA 185 76.27 92.22 -92.51
N UNK KA 186 76.00 91.02 -93.03
CA UNK KA 186 75.94 90.81 -94.48
C UNK KA 186 74.70 89.97 -94.80
N UNK KA 187 74.55 89.65 -96.07
CA UNK KA 187 73.39 88.88 -96.50
C UNK KA 187 73.87 87.64 -97.22
N UNK KA 188 73.46 86.50 -96.71
CA UNK KA 188 73.70 85.24 -97.39
C UNK KA 188 72.37 84.83 -97.98
N UNK KA 189 72.13 85.23 -99.20
CA UNK KA 189 70.93 84.80 -99.90
C UNK KA 189 71.15 83.36 -100.28
N UNK KA 190 71.05 82.47 -99.31
CA UNK KA 190 71.43 81.09 -99.49
C UNK KA 190 70.34 80.44 -100.31
N UNK KA 191 70.49 80.53 -101.62
CA UNK KA 191 69.40 80.42 -102.56
C UNK KA 191 68.79 79.03 -102.65
N UNK KA 192 69.41 78.04 -102.05
CA UNK KA 192 68.85 76.70 -102.11
C UNK KA 192 69.07 76.04 -100.77
N UNK KA 193 68.80 74.73 -100.72
CA UNK KA 193 68.92 73.94 -99.50
C UNK KA 193 69.90 72.78 -99.70
N UNK KA 194 70.81 72.60 -98.74
CA UNK KA 194 71.81 71.53 -98.76
C UNK KA 194 71.27 70.25 -98.13
N UNK KA 195 72.02 69.16 -98.29
CA UNK KA 195 71.71 67.96 -97.54
C UNK KA 195 71.90 68.21 -96.06
N UNK KA 196 72.93 68.93 -95.69
CA UNK KA 196 73.11 69.34 -94.32
C UNK KA 196 73.60 70.76 -94.35
N UNK KA 197 72.78 71.65 -93.83
CA UNK KA 197 73.05 73.06 -93.89
C UNK KA 197 73.49 73.53 -92.52
N UNK KA 198 74.40 74.49 -92.48
CA UNK KA 198 74.84 75.02 -91.22
C UNK KA 198 75.22 76.47 -91.43
N UNK KA 199 74.84 77.32 -90.48
CA UNK KA 199 75.11 78.73 -90.60
C UNK KA 199 75.19 79.34 -89.22
N UNK KA 200 75.89 80.46 -89.13
CA UNK KA 200 75.81 81.33 -87.96
C UNK KA 200 75.91 82.78 -88.40
N UNK KA 201 75.11 83.64 -87.79
CA UNK KA 201 75.05 85.05 -88.14
C UNK KA 201 75.53 85.90 -86.98
N UNK KA 202 76.43 86.83 -87.27
CA UNK KA 202 77.05 87.72 -86.31
C UNK KA 202 76.28 89.03 -86.26
N UNK KA 203 76.91 90.07 -85.71
CA UNK KA 203 76.33 91.39 -85.50
C UNK KA 203 75.72 91.93 -86.78
N UNK KA 204 74.39 92.03 -86.77
CA UNK KA 204 73.54 92.56 -87.85
C UNK KA 204 73.61 91.72 -89.12
N UNK KA 205 73.79 90.41 -88.98
CA UNK KA 205 73.94 89.54 -90.14
C UNK KA 205 72.65 88.78 -90.43
N UNK KA 206 72.47 88.40 -91.69
CA UNK KA 206 71.25 87.73 -92.13
C UNK KA 206 71.56 86.69 -93.20
N UNK KA 207 71.43 85.42 -92.87
CA UNK KA 207 71.58 84.35 -93.83
C UNK KA 207 70.23 83.92 -94.36
N UNK KA 208 69.72 84.72 -95.29
CA UNK KA 208 68.42 84.45 -95.85
C UNK KA 208 68.52 83.24 -96.75
N UNK KA 209 68.15 82.09 -96.21
CA UNK KA 209 68.23 80.85 -96.97
C UNK KA 209 67.12 80.87 -98.00
N UNK KA 210 67.37 81.54 -99.10
CA UNK KA 210 66.31 81.95 -100.01
C UNK KA 210 65.97 80.83 -100.98
N UNK KA 211 65.44 79.75 -100.45
CA UNK KA 211 64.96 78.70 -101.34
C UNK KA 211 63.71 79.17 -102.08
N UNK KA 212 63.45 78.54 -103.20
CA UNK KA 212 62.33 78.95 -104.05
C UNK KA 212 61.03 78.42 -103.47
N UNK KA 213 60.31 79.27 -102.73
CA UNK KA 213 58.99 78.91 -102.26
C UNK KA 213 58.05 78.73 -103.43
N UNK KA 214 57.01 77.94 -103.20
CA UNK KA 214 56.09 77.44 -104.23
C UNK KA 214 56.86 76.73 -105.35
N UNK KA 215 57.42 75.60 -104.98
CA UNK KA 215 57.93 74.70 -105.99
C UNK KA 215 56.80 73.79 -106.46
N UNK KA 216 57.14 72.82 -107.29
CA UNK KA 216 56.17 71.78 -107.61
C UNK KA 216 56.40 70.53 -106.79
N UNK KA 217 57.65 70.22 -106.45
CA UNK KA 217 57.97 69.28 -105.38
C UNK KA 217 59.32 69.63 -104.76
N UNK KA 218 59.33 70.53 -103.80
CA UNK KA 218 60.54 70.72 -103.00
C UNK KA 218 60.37 69.93 -101.72
N UNK KA 219 61.29 69.02 -101.46
CA UNK KA 219 61.30 68.32 -100.19
C UNK KA 219 61.63 69.30 -99.07
N UNK KA 220 61.00 69.11 -97.91
CA UNK KA 220 61.14 70.07 -96.83
C UNK KA 220 62.37 69.77 -95.99
N UNK KA 221 62.64 70.67 -95.04
CA UNK KA 221 63.81 70.56 -94.17
C UNK KA 221 63.61 69.42 -93.18
N UNK KA 222 64.52 68.46 -93.17
CA UNK KA 222 64.35 67.27 -92.35
C UNK KA 222 64.80 67.54 -90.92
N UNK KA 223 64.64 66.53 -90.06
CA UNK KA 223 65.07 66.64 -88.68
C UNK KA 223 66.57 66.77 -88.57
N UNK KA 224 67.29 66.15 -89.48
CA UNK KA 224 68.70 66.43 -89.59
C UNK KA 224 68.98 67.80 -90.18
N UNK KA 225 68.06 68.34 -90.98
CA UNK KA 225 68.28 69.67 -91.54
C UNK KA 225 67.53 70.73 -90.76
N UNK KA 226 66.95 70.37 -89.64
CA UNK KA 226 66.12 71.29 -88.86
C UNK KA 226 67.03 72.26 -88.14
N UNK KA 227 67.11 73.46 -88.68
CA UNK KA 227 67.85 74.54 -88.07
C UNK KA 227 66.88 75.59 -87.56
N UNK KA 228 67.44 76.59 -86.88
CA UNK KA 228 66.68 77.78 -86.57
C UNK KA 228 66.90 78.78 -87.68
N UNK LA 1 73.95 73.81 -126.64
CA UNK LA 1 72.86 74.08 -125.70
C UNK LA 1 73.26 73.61 -124.31
N UNK LA 2 74.22 72.69 -124.28
CA UNK LA 2 74.74 72.19 -123.03
C UNK LA 2 76.24 72.01 -123.17
N UNK LA 3 76.97 72.31 -122.10
CA UNK LA 3 78.35 71.89 -122.01
C UNK LA 3 78.30 70.48 -121.44
N UNK LA 4 77.98 69.55 -122.32
CA UNK LA 4 77.53 68.23 -121.97
C UNK LA 4 78.67 67.24 -122.06
N UNK LA 5 78.46 66.08 -121.47
CA UNK LA 5 79.40 64.99 -121.58
C UNK LA 5 78.79 63.84 -122.36
N UNK LA 6 79.64 63.14 -123.11
CA UNK LA 6 79.25 61.93 -123.82
C UNK LA 6 79.24 60.71 -122.91
N UNK LA 7 79.45 60.90 -121.61
CA UNK LA 7 79.40 59.86 -120.61
C UNK LA 7 77.94 59.54 -120.28
N UNK LA 8 77.70 58.82 -119.18
CA UNK LA 8 76.35 58.41 -118.84
C UNK LA 8 75.54 59.60 -118.33
N UNK LA 9 75.22 60.52 -119.24
CA UNK LA 9 74.17 61.53 -119.10
C UNK LA 9 74.42 62.55 -117.98
N UNK LA 10 75.55 63.26 -118.06
CA UNK LA 10 75.82 64.41 -117.19
C UNK LA 10 76.18 65.61 -118.06
N UNK LA 11 75.80 66.81 -117.60
CA UNK LA 11 75.98 68.00 -118.43
C UNK LA 11 75.96 69.26 -117.59
N UNK LA 12 76.97 70.09 -117.76
CA UNK LA 12 76.67 71.50 -117.63
C UNK LA 12 75.76 71.87 -118.79
N UNK LA 13 74.89 72.86 -118.57
CA UNK LA 13 73.87 73.10 -119.57
C UNK LA 13 73.48 74.57 -119.56
N UNK LA 14 73.31 75.11 -120.76
CA UNK LA 14 73.29 76.54 -120.94
C UNK LA 14 71.90 77.02 -121.34
N UNK LA 15 70.88 76.56 -120.62
CA UNK LA 15 69.54 77.11 -120.85
C UNK LA 15 69.43 78.51 -120.24
N UNK LA 16 69.32 78.59 -118.91
CA UNK LA 16 69.55 79.82 -118.17
C UNK LA 16 70.67 79.61 -117.15
N UNK LA 17 70.51 78.61 -116.30
CA UNK LA 17 71.59 78.05 -115.50
C UNK LA 17 71.17 76.62 -115.24
N UNK LA 18 71.72 75.67 -115.99
CA UNK LA 18 71.15 74.34 -115.97
C UNK LA 18 72.24 73.28 -115.84
N UNK LA 19 71.88 72.15 -115.25
CA UNK LA 19 72.77 71.00 -115.14
C UNK LA 19 72.00 69.82 -115.72
N UNK LA 20 72.13 69.61 -117.02
CA UNK LA 20 71.34 68.60 -117.71
C UNK LA 20 71.95 67.23 -117.44
N UNK LA 21 71.32 66.46 -116.57
CA UNK LA 21 71.78 65.12 -116.25
C UNK LA 21 70.60 64.17 -116.28
N UNK LA 22 70.75 63.08 -117.04
CA UNK LA 22 69.74 62.02 -117.05
C UNK LA 22 70.30 60.79 -116.32
N UNK LA 23 69.59 59.67 -116.34
CA UNK LA 23 69.82 58.57 -115.43
C UNK LA 23 70.59 57.39 -116.00
N UNK LA 24 70.55 57.19 -117.33
CA UNK LA 24 71.30 56.15 -118.07
C UNK LA 24 70.96 54.73 -117.62
N UNK LA 25 69.72 54.53 -117.16
CA UNK LA 25 69.19 53.20 -116.90
C UNK LA 25 67.95 52.91 -117.73
N UNK LA 26 67.09 53.89 -117.92
CA UNK LA 26 66.08 53.83 -118.97
C UNK LA 26 66.54 54.48 -120.26
N UNK LA 27 67.67 55.19 -120.23
CA UNK LA 27 68.39 55.73 -121.39
C UNK LA 27 67.54 56.72 -122.20
N UNK LA 28 67.17 57.82 -121.57
CA UNK LA 28 66.47 58.92 -122.24
C UNK LA 28 67.44 60.06 -122.57
N UNK LA 29 68.52 59.72 -123.26
CA UNK LA 29 69.56 60.69 -123.60
C UNK LA 29 69.37 61.25 -125.01
N UNK LA 30 68.23 61.88 -125.23
CA UNK LA 30 67.95 62.49 -126.52
C UNK LA 30 68.39 63.94 -126.59
N UNK LA 31 68.82 64.52 -125.46
CA UNK LA 31 69.30 65.91 -125.33
C UNK LA 31 68.27 66.93 -125.81
N UNK LA 32 67.01 66.73 -125.39
CA UNK LA 32 65.97 67.75 -125.59
C UNK LA 32 65.05 67.70 -124.38
N UNK LA 33 65.41 68.41 -123.32
CA UNK LA 33 64.68 68.37 -122.07
C UNK LA 33 64.80 69.73 -121.41
N UNK LA 34 63.81 70.04 -120.56
CA UNK LA 34 63.62 71.38 -120.01
C UNK LA 34 63.65 71.31 -118.49
N UNK LA 35 64.74 71.78 -117.90
CA UNK LA 35 64.89 71.77 -116.44
C UNK LA 35 64.69 73.18 -115.89
N UNK LA 36 63.84 73.31 -114.87
CA UNK LA 36 63.61 74.60 -114.22
C UNK LA 36 63.56 74.44 -112.70
N UNK LA 37 63.73 75.56 -112.00
CA UNK LA 37 63.99 75.59 -110.56
C UNK LA 37 62.74 75.80 -109.70
N UNK LA 38 61.70 75.00 -109.93
CA UNK LA 38 60.63 74.83 -108.96
C UNK LA 38 60.23 73.37 -108.91
N UNK LA 39 61.22 72.49 -109.08
CA UNK LA 39 61.09 71.04 -109.22
C UNK LA 39 60.16 70.67 -110.37
N UNK LA 40 60.56 71.10 -111.57
CA UNK LA 40 59.87 70.74 -112.80
C UNK LA 40 60.90 70.53 -113.90
N UNK LA 41 61.02 69.28 -114.37
CA UNK LA 41 61.90 68.93 -115.48
C UNK LA 41 61.08 68.18 -116.53
N UNK LA 42 60.65 68.89 -117.56
CA UNK LA 42 59.86 68.30 -118.64
C UNK LA 42 60.82 67.70 -119.65
N UNK LA 43 60.94 66.38 -119.61
CA UNK LA 43 61.69 65.62 -120.61
C UNK LA 43 60.71 65.05 -121.62
N UNK LA 44 61.18 64.14 -122.49
CA UNK LA 44 60.35 63.68 -123.61
C UNK LA 44 59.68 62.33 -123.36
N UNK LA 45 60.45 61.25 -123.27
CA UNK LA 45 59.87 59.91 -123.17
C UNK LA 45 59.27 59.67 -121.79
N UNK LA 46 60.02 59.99 -120.74
CA UNK LA 46 59.58 59.86 -119.36
C UNK LA 46 60.16 61.02 -118.57
N UNK LA 47 60.22 60.89 -117.25
CA UNK LA 47 60.91 61.86 -116.41
C UNK LA 47 62.30 61.35 -116.08
N UNK LA 48 63.30 62.21 -116.27
CA UNK LA 48 64.70 61.84 -116.09
C UNK LA 48 65.41 62.86 -115.21
N UNK LA 49 66.37 62.37 -114.42
CA UNK LA 49 67.09 63.20 -113.46
C UNK LA 49 68.47 62.60 -113.19
N UNK LA 50 69.23 63.27 -112.33
CA UNK LA 50 70.56 62.82 -111.95
C UNK LA 50 70.47 61.69 -110.93
N UNK LA 51 71.61 61.03 -110.71
CA UNK LA 51 71.67 59.83 -109.87
C UNK LA 51 71.59 60.21 -108.40
N UNK LA 52 70.50 59.80 -107.75
CA UNK LA 52 70.31 60.03 -106.31
C UNK LA 52 69.59 58.86 -105.65
N UNK MA 1 41.12 83.68 -59.34
CA UNK MA 1 39.83 83.04 -59.37
C UNK MA 1 38.90 83.78 -60.32
N UNK MA 2 38.21 84.75 -59.76
CA UNK MA 2 37.59 85.85 -60.49
C UNK MA 2 37.98 87.13 -59.77
N UNK MA 3 38.88 86.97 -58.80
CA UNK MA 3 39.12 87.98 -57.80
C UNK MA 3 40.04 89.05 -58.37
N UNK MA 4 39.70 90.30 -58.07
CA UNK MA 4 40.38 91.53 -58.47
C UNK MA 4 40.33 91.79 -59.96
N UNK MA 5 39.75 90.90 -60.76
CA UNK MA 5 39.51 91.24 -62.16
C UNK MA 5 38.37 92.23 -62.22
N UNK MA 6 37.21 91.80 -61.75
CA UNK MA 6 36.22 92.61 -61.12
C UNK MA 6 35.46 91.67 -60.20
N UNK MA 7 34.24 92.02 -59.86
CA UNK MA 7 33.44 91.10 -59.08
C UNK MA 7 33.12 89.86 -59.91
N UNK MA 8 33.05 88.71 -59.24
CA UNK MA 8 32.63 87.49 -59.91
C UNK MA 8 31.17 87.66 -60.28
N UNK MA 9 30.93 88.11 -61.51
CA UNK MA 9 29.61 88.61 -61.88
C UNK MA 9 28.60 87.48 -61.93
N UNK MA 10 28.75 86.59 -62.88
CA UNK MA 10 28.03 85.35 -62.81
C UNK MA 10 29.04 84.28 -62.47
N UNK MA 11 28.60 83.05 -62.45
CA UNK MA 11 29.51 81.92 -62.45
C UNK MA 11 28.99 81.06 -63.58
N UNK MA 12 29.56 81.27 -64.76
CA UNK MA 12 28.89 80.90 -66.00
C UNK MA 12 28.78 79.39 -66.10
N UNK MA 13 27.56 78.94 -66.24
CA UNK MA 13 27.32 77.53 -66.46
C UNK MA 13 27.88 77.14 -67.82
N UNK MA 14 28.24 75.86 -67.92
CA UNK MA 14 29.04 75.31 -69.00
C UNK MA 14 30.33 76.10 -69.16
N UNK MA 15 30.91 76.52 -68.04
CA UNK MA 15 32.10 77.35 -68.05
C UNK MA 15 32.71 77.39 -66.66
N UNK MA 16 33.65 78.28 -66.50
CA UNK MA 16 34.23 78.64 -65.23
C UNK MA 16 33.32 79.68 -64.57
N UNK MA 17 33.84 80.36 -63.56
CA UNK MA 17 33.15 81.54 -63.07
C UNK MA 17 33.27 82.68 -64.07
N UNK MA 18 32.52 83.74 -63.82
CA UNK MA 18 32.56 84.93 -64.66
C UNK MA 18 32.83 86.15 -63.78
N UNK MA 19 34.05 86.66 -63.85
CA UNK MA 19 34.32 87.94 -63.24
C UNK MA 19 33.61 89.04 -64.03
N UNK MA 20 33.43 90.20 -63.40
CA UNK MA 20 32.79 91.30 -64.11
C UNK MA 20 33.77 92.06 -64.98
N UNK MA 21 35.01 91.61 -65.05
CA UNK MA 21 35.91 92.07 -66.09
C UNK MA 21 35.83 91.17 -67.32
N UNK MA 22 36.00 89.86 -67.15
CA UNK MA 22 35.96 88.93 -68.27
C UNK MA 22 35.51 87.56 -67.76
N UNK MA 23 35.51 86.58 -68.66
CA UNK MA 23 35.21 85.21 -68.29
C UNK MA 23 36.36 84.70 -67.43
N UNK MA 24 36.04 84.31 -66.21
CA UNK MA 24 37.09 84.10 -65.23
C UNK MA 24 37.71 82.72 -65.36
N UNK MA 25 38.70 82.46 -64.53
CA UNK MA 25 39.43 81.21 -64.53
C UNK MA 25 38.99 80.26 -63.45
N UNK MA 26 38.25 80.74 -62.46
CA UNK MA 26 37.76 79.89 -61.39
C UNK MA 26 36.72 78.93 -61.95
N UNK MA 27 37.11 77.67 -62.11
CA UNK MA 27 36.27 76.68 -62.75
C UNK MA 27 35.02 76.44 -61.93
N UNK MA 28 33.86 76.49 -62.58
CA UNK MA 28 32.61 76.57 -61.83
C UNK MA 28 32.12 75.20 -61.38
N UNK MA 29 31.79 74.32 -62.32
CA UNK MA 29 30.94 73.18 -62.02
C UNK MA 29 31.76 71.93 -61.73
N UNK MA 30 31.10 70.96 -61.09
CA UNK MA 30 31.66 69.62 -61.06
C UNK MA 30 31.58 68.97 -62.42
N UNK MA 31 30.60 69.37 -63.22
CA UNK MA 31 30.51 68.93 -64.60
C UNK MA 31 31.36 69.82 -65.49
N UNK MA 32 32.02 70.81 -64.92
CA UNK MA 32 32.90 71.64 -65.73
C UNK MA 32 34.18 70.89 -66.04
N UNK MA 33 34.88 71.33 -67.08
CA UNK MA 33 36.10 70.66 -67.53
C UNK MA 33 37.31 71.17 -66.77
N UNK MA 34 37.27 70.96 -65.46
CA UNK MA 34 38.48 70.95 -64.67
C UNK MA 34 39.35 69.83 -65.21
N UNK MA 35 40.65 70.09 -65.33
CA UNK MA 35 41.55 69.16 -66.03
C UNK MA 35 41.83 67.96 -65.13
N UNK MA 36 41.28 66.82 -65.54
CA UNK MA 36 41.53 65.55 -64.86
C UNK MA 36 42.56 64.74 -65.62
N UNK MA 37 43.65 64.41 -64.93
CA UNK MA 37 44.66 63.53 -65.49
C UNK MA 37 45.19 62.53 -64.49
N UNK MA 38 44.70 62.52 -63.25
CA UNK MA 38 45.23 61.62 -62.23
C UNK MA 38 44.08 61.03 -61.42
N UNK MA 39 43.57 59.90 -61.87
CA UNK MA 39 42.63 59.15 -61.05
C UNK MA 39 43.36 58.56 -59.85
N UNK MA 40 42.60 58.23 -58.81
CA UNK MA 40 43.19 57.64 -57.61
C UNK MA 40 42.19 56.67 -57.00
N UNK MA 41 42.30 55.40 -57.39
CA UNK MA 41 41.34 54.40 -56.92
C UNK MA 41 41.94 53.02 -57.05
N UNK MA 42 41.23 52.04 -56.50
CA UNK MA 42 41.59 50.65 -56.65
C UNK MA 42 40.92 50.10 -57.88
N UNK MA 43 41.71 49.39 -58.69
CA UNK MA 43 41.31 48.82 -59.97
C UNK MA 43 40.78 49.89 -60.93
N UNK MA 44 41.24 51.13 -60.71
CA UNK MA 44 40.97 52.22 -61.61
C UNK MA 44 41.78 52.01 -62.87
N UNK MA 45 41.18 52.38 -64.00
CA UNK MA 45 41.65 52.17 -65.37
C UNK MA 45 41.70 50.71 -65.75
N UNK MA 46 41.55 49.80 -64.81
CA UNK MA 46 40.94 48.51 -65.05
C UNK MA 46 39.47 48.74 -64.82
N UNK MA 47 38.69 47.70 -64.99
CA UNK MA 47 37.40 47.76 -64.35
C UNK MA 47 37.63 47.76 -62.85
N UNK MA 48 36.77 48.46 -62.13
CA UNK MA 48 36.93 48.61 -60.69
C UNK MA 48 36.61 47.31 -59.97
N UNK MA 49 36.47 47.40 -58.66
CA UNK MA 49 36.36 46.18 -57.84
C UNK MA 49 35.00 45.52 -58.03
N UNK MA 50 35.00 44.29 -58.53
CA UNK MA 50 33.84 43.44 -58.33
C UNK MA 50 33.76 43.16 -56.85
N UNK MA 51 32.90 43.87 -56.14
CA UNK MA 51 32.97 43.90 -54.69
C UNK MA 51 32.36 42.68 -54.01
N UNK MA 52 32.27 41.53 -54.70
CA UNK MA 52 31.59 40.34 -54.21
C UNK MA 52 32.34 39.63 -53.07
N UNK MA 53 33.64 39.83 -52.91
CA UNK MA 53 34.42 39.04 -51.96
C UNK MA 53 34.91 39.88 -50.79
N UNK MA 54 35.83 39.31 -50.00
CA UNK MA 54 36.50 39.99 -48.87
C UNK MA 54 37.91 39.42 -48.67
N UNK MA 55 38.92 40.17 -49.07
CA UNK MA 55 40.31 39.74 -48.88
C UNK MA 55 41.20 40.98 -48.74
N UNK MA 56 42.47 40.77 -48.40
CA UNK MA 56 43.43 41.87 -48.43
C UNK MA 56 43.61 42.35 -49.86
N UNK MA 57 43.89 41.42 -50.76
CA UNK MA 57 43.82 41.75 -52.17
C UNK MA 57 42.36 41.87 -52.60
N UNK MA 58 42.15 42.62 -53.66
CA UNK MA 58 40.80 42.85 -54.17
C UNK MA 58 40.75 42.39 -55.61
N UNK MA 59 39.64 41.81 -56.01
CA UNK MA 59 39.44 41.41 -57.39
C UNK MA 59 38.71 42.52 -58.13
N UNK MA 60 39.16 42.78 -59.35
CA UNK MA 60 38.50 43.77 -60.16
C UNK MA 60 37.18 43.21 -60.69
N UNK MA 61 36.38 44.09 -61.28
CA UNK MA 61 35.29 43.62 -62.11
C UNK MA 61 35.82 43.01 -63.39
N UNK MA 62 37.03 43.38 -63.78
CA UNK MA 62 37.77 42.66 -64.79
C UNK MA 62 38.57 41.50 -64.19
N UNK MA 63 38.31 41.19 -62.92
CA UNK MA 63 38.93 40.07 -62.19
C UNK MA 63 40.45 40.14 -62.16
N UNK MA 64 40.97 41.36 -62.13
CA UNK MA 64 42.39 41.55 -61.91
C UNK MA 64 42.58 41.72 -60.42
N UNK MA 65 43.68 41.18 -59.91
CA UNK MA 65 43.95 41.25 -58.50
C UNK MA 65 44.53 42.61 -58.16
N UNK MA 66 43.86 43.35 -57.27
CA UNK MA 66 44.38 44.63 -56.82
C UNK MA 66 45.51 44.35 -55.85
N UNK MA 67 46.66 44.00 -56.40
CA UNK MA 67 47.83 43.81 -55.58
C UNK MA 67 48.32 45.13 -55.02
N UNK MA 68 48.10 46.21 -55.74
CA UNK MA 68 48.35 47.54 -55.20
C UNK MA 68 47.40 47.87 -54.06
N UNK MA 69 46.28 47.19 -53.97
CA UNK MA 69 45.38 47.36 -52.85
C UNK MA 69 45.35 46.11 -52.01
N UNK MA 70 46.43 45.36 -51.99
CA UNK MA 70 46.45 44.13 -51.21
C UNK MA 70 47.00 44.36 -49.81
N LYS NA 24 91.23 65.55 -58.53
CA LYS NA 24 89.83 65.80 -58.80
C LYS NA 24 89.45 65.32 -60.17
N PHE NA 25 88.65 64.26 -60.27
CA PHE NA 25 88.40 63.61 -61.54
C PHE NA 25 86.91 63.41 -61.72
N LYS NA 26 86.45 63.49 -62.96
CA LYS NA 26 85.02 63.40 -63.21
C LYS NA 26 84.71 62.96 -64.63
N LYS NA 27 83.75 62.05 -64.75
CA LYS NA 27 83.20 61.72 -66.05
C LYS NA 27 82.27 62.84 -66.52
N PRO NA 28 82.18 63.04 -67.84
CA PRO NA 28 81.44 64.20 -68.34
C PRO NA 28 79.94 64.15 -68.09
N PRO NA 29 79.17 63.15 -68.57
CA PRO NA 29 77.73 63.38 -68.62
C PRO NA 29 77.08 63.13 -67.27
N ILE NA 30 76.70 64.22 -66.63
CA ILE NA 30 76.12 64.18 -65.29
C ILE NA 30 74.69 64.68 -65.43
N ASN NA 31 73.76 63.75 -65.54
CA ASN NA 31 72.37 64.07 -65.86
C ASN NA 31 71.55 64.25 -64.59
N ASN NA 32 70.25 64.24 -64.75
CA ASN NA 32 69.38 64.15 -63.61
C ASN NA 32 69.32 62.71 -63.13
N PRO NA 33 68.89 62.49 -61.90
CA PRO NA 33 68.65 61.12 -61.46
C PRO NA 33 67.42 60.54 -62.13
N SER NA 34 67.58 59.36 -62.71
CA SER NA 34 66.46 58.64 -63.31
C SER NA 34 65.78 57.75 -62.28
N ASP NA 35 64.80 56.97 -62.73
CA ASP NA 35 64.30 55.89 -61.88
C ASP NA 35 64.08 54.62 -62.69
N ASP NA 36 63.99 53.52 -61.96
CA ASP NA 36 63.92 52.19 -62.53
C ASP NA 36 62.74 52.00 -63.44
N ALA NA 37 61.64 52.67 -63.13
CA ALA NA 37 60.46 52.66 -63.95
C ALA NA 37 60.80 53.08 -65.35
N THR NA 38 61.30 54.31 -65.49
CA THR NA 38 61.56 54.83 -66.81
C THR NA 38 62.68 54.07 -67.47
N ILE NA 39 63.52 53.49 -66.64
CA ILE NA 39 64.56 52.61 -67.12
C ILE NA 39 63.96 51.43 -67.85
N LYS NA 40 63.12 50.67 -67.17
CA LYS NA 40 62.66 49.45 -67.79
C LYS NA 40 61.66 49.71 -68.88
N LEU NA 41 61.06 50.89 -68.85
CA LEU NA 41 60.41 51.42 -70.02
C LEU NA 41 61.36 51.54 -71.18
N ALA NA 42 62.58 52.00 -70.94
CA ALA NA 42 63.47 52.21 -72.08
C ALA NA 42 63.88 50.89 -72.69
N GLU NA 43 64.22 49.91 -71.87
CA GLU NA 43 64.54 48.68 -72.59
C GLU NA 43 63.32 47.92 -73.05
N ALA NA 44 62.13 48.27 -72.58
CA ALA NA 44 60.97 47.86 -73.33
C ALA NA 44 61.03 48.43 -74.72
N ALA NA 45 61.27 49.72 -74.76
CA ALA NA 45 61.05 50.49 -75.96
C ALA NA 45 62.04 50.12 -77.02
N VAL NA 46 63.25 49.80 -76.62
CA VAL NA 46 64.24 49.61 -77.65
C VAL NA 46 64.05 48.26 -78.27
N SER NA 47 63.56 47.32 -77.49
CA SER NA 47 63.27 46.00 -77.95
C SER NA 47 62.13 46.03 -78.96
N VAL NA 48 61.11 46.80 -78.64
CA VAL NA 48 60.05 46.88 -79.62
C VAL NA 48 60.50 47.68 -80.83
N SER NA 49 61.40 48.61 -80.61
CA SER NA 49 61.88 49.49 -81.65
C SER NA 49 62.63 48.72 -82.71
N ASP NA 50 63.55 47.90 -82.28
CA ASP NA 50 64.32 47.23 -83.29
C ASP NA 50 63.57 46.04 -83.88
N SER NA 51 62.60 45.52 -83.15
CA SER NA 51 61.72 44.58 -83.80
C SER NA 51 60.95 45.25 -84.92
N MET NA 52 60.55 46.47 -84.69
CA MET NA 52 60.00 47.24 -85.78
C MET NA 52 61.01 47.53 -86.86
N LEU NA 53 62.28 47.64 -86.50
CA LEU NA 53 63.26 47.96 -87.49
C LEU NA 53 63.42 46.83 -88.49
N GLU NA 54 63.52 45.64 -87.98
CA GLU NA 54 63.54 44.51 -88.88
C GLU NA 54 62.19 44.24 -89.55
N MET NA 55 61.10 44.40 -88.80
CA MET NA 55 59.75 44.37 -89.34
C MET NA 55 59.60 45.21 -90.57
N ALA NA 56 59.91 46.46 -90.39
CA ALA NA 56 60.07 47.43 -91.42
C ALA NA 56 60.79 46.88 -92.61
N LYS NA 57 61.99 46.36 -92.39
CA LYS NA 57 62.81 45.92 -93.49
C LYS NA 57 62.15 44.79 -94.25
N VAL NA 58 61.59 43.84 -93.52
CA VAL NA 58 61.17 42.64 -94.19
C VAL NA 58 59.92 42.91 -94.97
N GLU NA 59 59.09 43.83 -94.49
CA GLU NA 59 57.96 44.15 -95.32
C GLU NA 59 58.40 45.03 -96.47
N LYS NA 60 59.46 45.82 -96.31
CA LYS NA 60 59.68 46.77 -97.37
C LYS NA 60 60.43 46.14 -98.49
N VAL NA 61 60.91 44.92 -98.27
CA VAL NA 61 61.32 44.12 -99.40
C VAL NA 61 60.22 43.18 -99.88
N ILE NA 62 59.39 42.59 -99.01
CA ILE NA 62 58.36 41.70 -99.54
C ILE NA 62 57.31 42.50 -100.28
N THR NA 63 57.13 43.75 -99.92
CA THR NA 63 56.30 44.66 -100.65
C THR NA 63 57.22 45.72 -101.18
N PRO NA 64 57.39 45.80 -102.48
CA PRO NA 64 58.05 46.93 -103.07
C PRO NA 64 57.17 48.16 -103.00
N PRO NA 65 57.71 49.30 -102.61
CA PRO NA 65 56.94 50.54 -102.65
C PRO NA 65 56.73 50.99 -104.08
N SER NA 66 55.47 51.12 -104.48
CA SER NA 66 55.17 51.42 -105.88
C SER NA 66 55.26 52.90 -106.18
N LYS NA 67 54.66 53.75 -105.34
CA LYS NA 67 54.57 55.17 -105.63
C LYS NA 67 54.34 55.96 -104.36
N ASP NA 68 54.55 57.26 -104.47
CA ASP NA 68 54.46 58.20 -103.36
C ASP NA 68 53.01 58.56 -103.12
N ASN NA 69 52.79 59.63 -102.36
CA ASN NA 69 51.51 60.31 -102.35
C ASN NA 69 51.65 61.78 -102.65
N THR NA 70 52.80 62.19 -103.14
CA THR NA 70 52.99 63.61 -103.36
C THR NA 70 52.37 64.06 -104.65
N LEU NA 71 52.01 63.14 -105.52
CA LEU NA 71 51.30 63.61 -106.71
C LEU NA 71 49.84 63.79 -106.40
N THR NA 72 49.31 62.99 -105.49
CA THR NA 72 47.99 63.22 -105.00
C THR NA 72 47.96 64.39 -104.06
N ILE NA 73 49.05 64.63 -103.34
CA ILE NA 73 49.17 65.83 -102.55
C ILE NA 73 50.42 66.58 -102.96
N PRO NA 74 50.36 67.43 -103.97
CA PRO NA 74 51.49 68.30 -104.26
C PRO NA 74 51.39 69.62 -103.50
N ASN NA 75 52.54 70.26 -103.38
CA ASN NA 75 52.62 71.46 -102.59
C ASN NA 75 52.01 72.64 -103.34
N ALA NA 76 51.73 73.70 -102.61
CA ALA NA 76 51.29 74.93 -103.23
C ALA NA 76 51.62 76.09 -102.32
N TYR NA 77 51.59 77.27 -102.91
CA TYR NA 77 51.74 78.45 -102.09
C TYR NA 77 50.54 78.52 -101.16
N ASN NA 78 50.83 78.92 -99.92
CA ASN NA 78 50.04 78.66 -98.72
C ASN NA 78 49.65 77.19 -98.55
N LEU NA 79 50.44 76.26 -99.11
CA LEU NA 79 50.68 75.03 -98.39
C LEU NA 79 52.01 75.13 -97.72
N GLN NA 80 52.89 75.95 -98.25
CA GLN NA 80 54.17 76.07 -97.61
C GLN NA 80 54.16 76.91 -96.34
N ALA NA 81 53.00 77.31 -95.84
CA ALA NA 81 52.96 77.76 -94.46
C ALA NA 81 53.28 76.57 -93.56
N ARG NA 82 53.78 76.88 -92.39
CA ARG NA 82 54.27 75.79 -91.58
C ARG NA 82 53.40 75.64 -90.36
N ALA NA 83 53.50 74.48 -89.74
CA ALA NA 83 52.79 74.23 -88.51
C ALA NA 83 53.51 73.18 -87.68
N SER NA 84 53.29 73.23 -86.36
CA SER NA 84 53.81 72.25 -85.40
C SER NA 84 52.65 71.70 -84.57
N VAL NA 85 52.54 70.38 -84.50
CA VAL NA 85 51.32 69.69 -84.11
C VAL NA 85 51.62 68.74 -82.97
N ASP NA 86 50.76 68.73 -81.96
CA ASP NA 86 50.45 67.48 -81.28
C ASP NA 86 48.96 67.23 -81.23
N TRP NA 87 48.61 65.98 -81.43
CA TRP NA 87 47.22 65.66 -81.71
C TRP NA 87 47.00 64.21 -81.49
N SER NA 88 45.87 63.90 -80.90
CA SER NA 88 45.50 62.52 -80.74
C SER NA 88 44.03 62.31 -81.00
N GLY NA 89 43.33 63.31 -81.44
CA GLY NA 89 41.92 63.19 -81.60
C GLY NA 89 41.56 62.60 -82.94
N PRO NA 90 40.31 62.79 -83.30
CA PRO NA 90 39.84 62.31 -84.58
C PRO NA 90 40.36 63.16 -85.72
N ILE NA 91 39.90 62.77 -86.89
CA ILE NA 91 40.46 63.30 -88.11
C ILE NA 91 39.81 64.60 -88.53
N GLU NA 92 38.51 64.75 -88.28
CA GLU NA 92 37.72 65.73 -89.01
C GLU NA 92 38.00 67.14 -88.55
N GLU NA 93 38.07 67.36 -87.25
CA GLU NA 93 38.27 68.72 -86.79
C GLU NA 93 39.70 69.13 -87.04
N LEU NA 94 40.58 68.15 -87.11
CA LEU NA 94 41.96 68.41 -87.43
C LEU NA 94 42.07 68.87 -88.87
N THR NA 95 41.41 68.15 -89.79
CA THR NA 95 41.50 68.54 -91.19
C THR NA 95 40.72 69.81 -91.47
N ALA NA 96 39.72 70.10 -90.67
CA ALA NA 96 39.11 71.41 -90.78
C ALA NA 96 40.06 72.51 -90.34
N ARG NA 97 40.80 72.28 -89.25
CA ARG NA 97 41.65 73.33 -88.72
C ARG NA 97 42.78 73.66 -89.67
N ILE NA 98 43.28 72.65 -90.33
CA ILE NA 98 44.33 72.92 -91.30
C ILE NA 98 43.77 73.56 -92.55
N ALA NA 99 42.55 73.18 -93.00
CA ALA NA 99 42.02 73.84 -94.19
C ALA NA 99 41.68 75.29 -93.91
N LYS NA 100 41.24 75.57 -92.69
CA LYS NA 100 40.93 76.93 -92.31
C LYS NA 100 42.19 77.75 -92.15
N ALA NA 101 43.30 77.15 -91.76
CA ALA NA 101 44.49 77.98 -91.72
C ALA NA 101 45.17 78.01 -93.06
N ALA NA 102 44.81 77.12 -93.95
CA ALA NA 102 45.29 77.12 -95.31
C ALA NA 102 44.41 77.93 -96.21
N HIS NA 103 43.34 78.48 -95.63
CA HIS NA 103 42.34 79.25 -96.35
C HIS NA 103 41.74 78.41 -97.44
N PHE NA 104 41.53 77.14 -97.16
CA PHE NA 104 41.01 76.25 -98.18
C PHE NA 104 39.65 75.77 -97.80
N ARG NA 105 38.83 75.65 -98.82
CA ARG NA 105 37.57 74.95 -98.66
C ARG NA 105 37.85 73.49 -98.41
N PHE NA 106 37.23 72.95 -97.39
CA PHE NA 106 37.35 71.55 -97.06
C PHE NA 106 36.03 70.85 -97.37
N ARG NA 107 36.12 69.68 -97.96
CA ARG NA 107 34.93 68.88 -98.18
C ARG NA 107 35.27 67.43 -97.97
N VAL NA 108 34.25 66.62 -97.91
CA VAL NA 108 34.38 65.23 -97.52
C VAL NA 108 33.55 64.36 -98.47
N LEU NA 109 34.06 63.18 -98.79
CA LEU NA 109 33.37 62.20 -99.61
C LEU NA 109 33.19 60.92 -98.82
N GLY NA 110 32.01 60.33 -98.94
CA GLY NA 110 31.74 59.08 -98.26
C GLY NA 110 31.28 59.32 -96.84
N LYS NA 111 30.39 58.47 -96.36
CA LYS NA 111 29.93 58.62 -94.99
C LYS NA 111 30.93 57.99 -94.03
N SER NA 112 30.98 58.54 -92.85
CA SER NA 112 31.98 58.13 -91.88
C SER NA 112 31.63 56.76 -91.30
N PRO NA 113 32.63 55.94 -91.01
CA PRO NA 113 32.38 54.75 -90.23
C PRO NA 113 32.01 55.13 -88.82
N SER NA 114 31.31 54.22 -88.15
CA SER NA 114 30.94 54.46 -86.77
C SER NA 114 32.14 54.54 -85.87
N VAL NA 115 33.05 53.60 -86.00
CA VAL NA 115 34.33 53.80 -85.35
C VAL NA 115 35.02 55.01 -85.99
N PRO NA 116 35.52 55.94 -85.20
CA PRO NA 116 36.20 57.09 -85.79
C PRO NA 116 37.58 56.71 -86.26
N VAL NA 117 37.97 57.33 -87.36
CA VAL NA 117 39.35 57.23 -87.80
C VAL NA 117 40.12 58.16 -86.87
N LEU NA 118 40.70 57.58 -85.85
CA LEU NA 118 41.46 58.35 -84.90
C LEU NA 118 42.90 58.37 -85.34
N ILE NA 119 43.55 59.50 -85.16
CA ILE NA 119 44.96 59.59 -85.46
C ILE NA 119 45.61 60.37 -84.37
N SER NA 120 46.93 60.44 -84.46
CA SER NA 120 47.70 61.14 -83.47
C SER NA 120 48.96 61.60 -84.19
N ILE NA 121 48.97 62.86 -84.57
CA ILE NA 121 50.13 63.45 -85.23
C ILE NA 121 50.91 64.22 -84.20
N SER NA 122 52.20 63.97 -84.13
CA SER NA 122 53.06 64.70 -83.22
C SER NA 122 54.34 65.04 -83.97
N THR NA 123 54.49 66.30 -84.32
CA THR NA 123 55.56 66.76 -85.18
C THR NA 123 55.79 68.24 -84.93
N LYS NA 124 56.89 68.76 -85.45
CA LYS NA 124 57.24 70.13 -85.14
C LYS NA 124 57.84 70.82 -86.36
N ASP NA 125 57.31 72.00 -86.69
CA ASP NA 125 57.67 72.86 -87.83
C ASP NA 125 57.62 72.07 -89.14
N GLU NA 126 56.42 71.63 -89.46
CA GLU NA 126 56.24 70.87 -90.66
C GLU NA 126 55.42 71.69 -91.63
N SER NA 127 55.79 71.63 -92.89
CA SER NA 127 54.93 72.27 -93.83
C SER NA 127 53.67 71.46 -93.97
N LEU NA 128 52.68 72.12 -94.48
CA LEU NA 128 51.34 71.58 -94.42
C LEU NA 128 51.17 70.40 -95.35
N ALA NA 129 51.80 70.42 -96.52
CA ALA NA 129 51.58 69.36 -97.50
C ALA NA 129 52.04 68.02 -96.98
N GLU NA 130 53.20 67.99 -96.40
CA GLU NA 130 53.67 66.78 -95.79
C GLU NA 130 53.00 66.49 -94.45
N ILE NA 131 52.41 67.50 -93.80
CA ILE NA 131 51.49 67.18 -92.72
C ILE NA 131 50.33 66.39 -93.25
N LEU NA 132 49.82 66.78 -94.40
CA LEU NA 132 48.76 65.99 -94.98
C LEU NA 132 49.26 64.63 -95.38
N ARG NA 133 50.49 64.57 -95.83
CA ARG NA 133 51.02 63.31 -96.28
C ARG NA 133 51.10 62.33 -95.14
N ASP NA 134 51.60 62.76 -94.01
CA ASP NA 134 51.67 61.79 -92.93
C ASP NA 134 50.35 61.61 -92.23
N ILE NA 135 49.46 62.57 -92.36
CA ILE NA 135 48.11 62.35 -91.91
C ILE NA 135 47.48 61.24 -92.70
N ASP NA 136 47.64 61.30 -94.00
CA ASP NA 136 47.15 60.29 -94.89
C ASP NA 136 47.78 58.95 -94.62
N TYR NA 137 49.06 58.98 -94.38
CA TYR NA 137 49.77 57.77 -94.04
C TYR NA 137 49.29 57.22 -92.72
N GLN NA 138 49.04 58.07 -91.73
CA GLN NA 138 48.55 57.56 -90.47
C GLN NA 138 47.14 57.03 -90.61
N ALA NA 139 46.35 57.65 -91.47
CA ALA NA 139 45.08 57.08 -91.87
C ALA NA 139 45.25 56.34 -93.19
N GLY NA 140 46.28 55.49 -93.23
CA GLY NA 140 46.38 54.51 -94.27
C GLY NA 140 45.13 53.66 -94.29
N LYS NA 141 44.51 53.59 -95.46
CA LYS NA 141 43.46 52.65 -95.84
C LYS NA 141 42.17 52.81 -95.09
N LYS NA 142 42.04 53.81 -94.28
CA LYS NA 142 40.73 54.16 -93.78
C LYS NA 142 40.27 55.50 -94.31
N ALA NA 143 41.20 56.41 -94.55
CA ALA NA 143 40.86 57.72 -95.07
C ALA NA 143 41.79 58.06 -96.22
N SER NA 144 41.46 59.14 -96.92
CA SER NA 144 42.28 59.62 -98.01
C SER NA 144 42.17 61.13 -98.10
N ILE NA 145 43.30 61.75 -98.37
CA ILE NA 145 43.37 63.18 -98.62
C ILE NA 145 43.56 63.38 -100.10
N HIS NA 146 42.71 64.16 -100.70
CA HIS NA 146 42.97 64.66 -102.03
C HIS NA 146 42.91 66.16 -101.97
N VAL NA 147 43.76 66.82 -102.72
CA VAL NA 147 43.79 68.26 -102.74
C VAL NA 147 43.63 68.71 -104.18
N TYR NA 148 42.70 69.60 -104.42
CA TYR NA 148 42.72 70.26 -105.71
C TYR NA 148 43.12 71.70 -105.50
N PRO NA 149 44.35 72.06 -105.85
CA PRO NA 149 44.82 73.44 -105.76
C PRO NA 149 44.67 74.22 -107.06
N ASN NA 150 44.13 73.62 -108.12
CA ASN NA 150 43.54 74.44 -109.16
C ASN NA 150 42.38 75.24 -108.59
N SER NA 151 41.58 74.57 -107.78
CA SER NA 151 40.66 75.20 -106.85
C SER NA 151 41.41 75.51 -105.56
N GLN NA 152 40.73 75.68 -104.47
CA GLN NA 152 41.42 75.67 -103.20
C GLN NA 152 40.67 74.74 -102.32
N VAL NA 153 40.89 73.46 -102.49
CA VAL NA 153 40.03 72.55 -101.78
C VAL NA 153 40.84 71.39 -101.28
N VAL NA 154 40.67 71.09 -100.02
CA VAL NA 154 41.08 69.84 -99.43
C VAL NA 154 39.84 68.98 -99.27
N GLU NA 155 39.90 67.75 -99.78
CA GLU NA 155 38.80 66.83 -99.61
C GLU NA 155 39.30 65.57 -98.92
N LEU NA 156 38.40 65.02 -98.11
CA LEU NA 156 38.67 63.84 -97.30
C LEU NA 156 37.75 62.75 -97.79
N ARG NA 157 38.29 61.82 -98.56
CA ARG NA 157 37.50 60.68 -98.97
C ARG NA 157 37.57 59.64 -97.86
N TYR NA 158 36.47 58.93 -97.65
CA TYR NA 158 36.43 57.93 -96.61
C TYR NA 158 36.56 56.55 -97.21
N ALA NA 159 36.77 55.57 -96.36
CA ALA NA 159 36.64 54.18 -96.78
C ALA NA 159 35.18 53.86 -97.02
N LYS NA 160 34.95 52.75 -97.71
CA LYS NA 160 33.63 52.42 -98.20
C LYS NA 160 33.29 51.00 -97.76
N ILE NA 161 33.49 50.75 -96.49
CA ILE NA 161 33.03 49.53 -95.89
C ILE NA 161 32.40 49.91 -94.56
N ALA OA 58 72.45 13.65 -18.83
CA ALA OA 58 71.28 14.48 -18.67
C ALA OA 58 71.62 15.92 -19.03
N LEU OA 59 71.91 16.72 -17.98
CA LEU OA 59 72.61 17.99 -18.13
C LEU OA 59 73.89 17.78 -18.88
N LYS OA 60 74.52 16.70 -18.51
CA LYS OA 60 75.53 16.00 -19.24
C LYS OA 60 75.22 15.91 -20.72
N GLU OA 61 74.19 15.15 -21.09
CA GLU OA 61 73.97 14.84 -22.50
C GLU OA 61 73.58 16.08 -23.28
N THR OA 62 72.87 16.99 -22.65
CA THR OA 62 72.59 18.21 -23.37
C THR OA 62 73.79 19.12 -23.48
N ALA OA 63 74.75 19.05 -22.56
CA ALA OA 63 75.97 19.81 -22.77
C ALA OA 63 76.76 19.24 -23.95
N LEU OA 64 76.77 17.91 -24.03
CA LEU OA 64 77.27 17.22 -25.21
C LEU OA 64 76.58 17.68 -26.47
N SER OA 65 75.26 17.65 -26.47
CA SER OA 65 74.52 17.90 -27.70
C SER OA 65 74.51 19.37 -28.05
N VAL OA 66 74.67 20.25 -27.07
CA VAL OA 66 74.99 21.63 -27.33
C VAL OA 66 76.28 21.73 -28.10
N GLY OA 67 77.28 20.96 -27.69
CA GLY OA 67 78.47 20.92 -28.51
C GLY OA 67 78.29 20.30 -29.86
N ALA OA 68 77.40 19.31 -29.97
CA ALA OA 68 77.40 18.38 -31.09
C ALA OA 68 77.10 19.10 -32.39
N GLN OA 69 75.92 19.70 -32.47
CA GLN OA 69 75.57 20.51 -33.61
C GLN OA 69 76.47 21.72 -33.77
N ALA OA 70 77.02 22.24 -32.67
CA ALA OA 70 77.86 23.43 -32.75
C ALA OA 70 79.12 23.19 -33.53
N GLY OA 71 79.90 22.20 -33.11
CA GLY OA 71 81.07 21.83 -33.87
C GLY OA 71 80.74 21.28 -35.24
N LEU OA 72 79.60 20.60 -35.36
CA LEU OA 72 79.16 20.07 -36.64
C LEU OA 72 78.96 21.16 -37.67
N ALA OA 73 78.20 22.18 -37.31
CA ALA OA 73 77.93 23.24 -38.27
C ALA OA 73 79.12 24.15 -38.41
N TRP OA 74 79.92 24.28 -37.35
CA TRP OA 74 81.14 25.04 -37.42
C TRP OA 74 82.06 24.45 -38.47
N ARG OA 75 82.22 23.14 -38.40
CA ARG OA 75 82.97 22.40 -39.37
C ARG OA 75 82.39 22.53 -40.77
N ALA OA 76 81.07 22.53 -40.86
CA ALA OA 76 80.39 22.62 -42.15
C ALA OA 76 80.69 23.93 -42.83
N LYS OA 77 80.67 25.02 -42.06
CA LYS OA 77 81.03 26.30 -42.63
C LYS OA 77 82.46 26.30 -43.08
N ILE OA 78 83.35 25.63 -42.32
CA ILE OA 78 84.76 25.64 -42.67
C ILE OA 78 84.97 24.93 -44.00
N ILE OA 79 84.54 23.67 -44.06
CA ILE OA 79 84.64 22.86 -45.28
C ILE OA 79 83.99 23.51 -46.48
N ASP OA 80 82.97 24.31 -46.25
CA ASP OA 80 82.38 25.03 -47.35
C ASP OA 80 83.32 26.11 -47.89
N GLU OA 81 84.07 26.83 -47.03
CA GLU OA 81 84.98 27.78 -47.71
C GLU OA 81 86.15 27.10 -48.37
N GLN OA 82 86.63 25.96 -47.86
CA GLN OA 82 87.76 25.44 -48.62
C GLN OA 82 87.32 24.76 -49.89
N LEU OA 83 86.08 24.28 -49.91
CA LEU OA 83 85.45 23.92 -51.17
C LEU OA 83 85.47 25.07 -52.13
N ASN OA 84 85.08 26.25 -51.66
CA ASN OA 84 85.00 27.39 -52.57
C ASN OA 84 86.34 27.84 -53.08
N LYS OA 85 87.37 27.82 -52.26
CA LYS OA 85 88.63 28.30 -52.79
C LYS OA 85 89.26 27.31 -53.75
N GLN OA 86 88.97 26.04 -53.62
CA GLN OA 86 89.56 25.13 -54.58
C GLN OA 86 88.57 24.68 -55.61
N ALA OA 87 87.50 25.46 -55.75
CA ALA OA 87 86.45 25.17 -56.70
C ALA OA 87 86.99 24.98 -58.10
N ARG OA 88 87.90 25.86 -58.49
CA ARG OA 88 88.61 25.73 -59.75
C ARG OA 88 89.30 24.41 -59.88
N ASN OA 89 89.91 24.02 -58.80
CA ASN OA 89 90.70 22.83 -58.80
C ASN OA 89 89.80 21.64 -58.86
N LEU OA 90 88.63 21.79 -58.26
CA LEU OA 90 87.67 20.72 -58.16
C LEU OA 90 87.17 20.27 -59.52
N ASP OA 91 86.60 21.18 -60.29
CA ASP OA 91 86.17 20.78 -61.62
C ASP OA 91 87.34 20.61 -62.54
N ALA OA 92 88.46 21.25 -62.20
CA ALA OA 92 89.67 21.12 -62.97
C ALA OA 92 90.10 19.68 -62.95
N ILE OA 93 89.86 19.02 -61.84
CA ILE OA 93 89.80 17.58 -61.84
C ILE OA 93 88.59 17.13 -62.63
N TYR OA 94 87.41 17.47 -62.14
CA TYR OA 94 86.17 16.80 -62.55
C TYR OA 94 85.45 17.50 -63.68
N ASP OA 95 86.15 17.49 -64.81
CA ASP OA 95 85.59 17.88 -66.09
C ASP OA 95 84.66 16.78 -66.61
N PHE OA 96 83.38 16.91 -66.32
CA PHE OA 96 82.43 15.85 -66.65
C PHE OA 96 82.14 15.78 -68.13
N ASN OA 97 82.07 16.94 -68.75
CA ASN OA 97 81.72 17.07 -70.15
C ASN OA 97 82.70 16.36 -71.05
N SER OA 98 83.93 16.26 -70.61
CA SER OA 98 84.91 15.43 -71.25
C SER OA 98 84.46 13.99 -71.27
N LEU OA 99 83.70 13.60 -70.29
CA LEU OA 99 83.24 12.24 -70.22
C LEU OA 99 81.86 12.07 -70.82
N VAL OA 100 81.14 13.15 -71.06
CA VAL OA 100 79.79 12.94 -71.58
C VAL OA 100 79.85 12.58 -73.04
N LEU OA 101 78.73 12.10 -73.55
CA LEU OA 101 78.69 11.52 -74.87
C LEU OA 101 78.13 12.49 -75.90
N GLU OA 102 77.88 11.94 -77.07
CA GLU OA 102 77.57 12.66 -78.30
C GLU OA 102 76.27 13.42 -78.23
N HIS OA 103 75.27 12.86 -77.59
CA HIS OA 103 73.95 13.45 -77.56
C HIS OA 103 73.67 13.85 -76.14
N ASN OA 104 74.72 14.42 -75.52
CA ASN OA 104 74.98 14.59 -74.09
C ASN OA 104 74.34 13.47 -73.27
N ILE OA 105 74.71 12.26 -73.64
CA ILE OA 105 74.36 11.10 -72.87
C ILE OA 105 75.38 11.01 -71.76
N LEU OA 106 74.93 11.19 -70.54
CA LEU OA 106 75.81 10.91 -69.43
C LEU OA 106 76.06 9.41 -69.37
N PRO OA 107 77.31 8.97 -69.40
CA PRO OA 107 77.62 7.55 -69.55
C PRO OA 107 77.45 6.82 -68.23
N PRO OA 108 77.21 5.51 -68.25
CA PRO OA 108 76.91 4.79 -67.02
C PRO OA 108 78.15 4.58 -66.17
N VAL OA 109 77.95 4.24 -64.90
CA VAL OA 109 79.06 4.05 -64.00
C VAL OA 109 79.32 2.56 -63.86
N LEU OA 110 80.53 2.14 -64.16
CA LEU OA 110 80.81 0.71 -64.19
C LEU OA 110 81.68 0.36 -63.01
N LEU OA 111 81.55 -0.87 -62.53
CA LEU OA 111 82.20 -1.27 -61.30
C LEU OA 111 83.09 -2.48 -61.51
N GLU OA 112 84.30 -2.33 -61.00
CA GLU OA 112 85.39 -3.30 -61.05
C GLU OA 112 85.17 -4.38 -60.00
N GLY OA 113 85.68 -5.58 -60.26
CA GLY OA 113 85.73 -6.61 -59.25
C GLY OA 113 86.89 -7.57 -59.39
N ARG OA 114 87.65 -7.73 -58.32
CA ARG OA 114 88.62 -8.81 -58.26
C ARG OA 114 88.40 -9.70 -57.06
N ASN OA 115 88.81 -10.95 -57.28
CA ASN OA 115 88.77 -12.09 -56.38
C ASN OA 115 87.54 -12.11 -55.48
N THR OA 116 86.41 -11.95 -56.14
CA THR OA 116 85.13 -11.99 -55.47
C THR OA 116 84.95 -13.41 -55.00
N LEU OA 117 85.48 -13.70 -53.84
CA LEU OA 117 85.23 -14.98 -53.25
C LEU OA 117 84.21 -14.78 -52.17
N ASN OA 118 83.03 -15.23 -52.45
CA ASN OA 118 82.14 -15.56 -51.40
C ASN OA 118 82.34 -17.02 -51.16
N LEU OA 119 82.70 -17.39 -49.95
CA LEU OA 119 82.41 -18.76 -49.60
C LEU OA 119 80.92 -18.70 -49.41
N ALA OA 120 80.21 -19.60 -50.06
CA ALA OA 120 78.89 -19.85 -49.54
C ALA OA 120 79.01 -20.41 -48.14
N ASP OA 121 79.89 -21.40 -48.00
CA ASP OA 121 79.85 -22.15 -46.77
C ASP OA 121 81.13 -22.96 -46.68
N ALA OA 122 81.12 -23.87 -45.73
CA ALA OA 122 82.19 -24.80 -45.46
C ALA OA 122 82.40 -25.79 -46.59
N GLN OA 123 81.42 -25.92 -47.45
CA GLN OA 123 81.38 -26.98 -48.42
C GLN OA 123 81.59 -26.47 -49.82
N SER OA 124 81.34 -25.20 -50.06
CA SER OA 124 81.35 -24.71 -51.42
C SER OA 124 81.70 -23.24 -51.39
N ILE OA 125 82.60 -22.86 -52.27
CA ILE OA 125 82.96 -21.47 -52.39
C ILE OA 125 82.74 -21.06 -53.82
N ARG OA 126 82.78 -19.76 -54.05
CA ARG OA 126 82.47 -19.24 -55.35
C ARG OA 126 83.18 -17.92 -55.52
N ILE OA 127 84.03 -17.88 -56.51
CA ILE OA 127 84.92 -16.79 -56.74
C ILE OA 127 84.87 -16.40 -58.20
N SER OA 128 84.72 -15.11 -58.44
CA SER OA 128 85.26 -14.66 -59.70
C SER OA 128 86.60 -14.06 -59.43
N ASP OA 129 87.45 -14.28 -60.40
CA ASP OA 129 88.65 -13.49 -60.55
C ASP OA 129 88.35 -12.00 -60.71
N ARG OA 130 87.19 -11.67 -61.28
CA ARG OA 130 87.08 -10.42 -61.96
C ARG OA 130 85.61 -10.24 -62.29
N THR OA 131 85.11 -9.02 -62.21
CA THR OA 131 83.67 -8.81 -62.09
C THR OA 131 83.34 -7.39 -62.50
N TYR OA 132 82.25 -7.19 -63.22
CA TYR OA 132 81.84 -5.84 -63.54
C TYR OA 132 80.37 -5.59 -63.31
N LYS OA 133 80.10 -4.45 -62.70
CA LYS OA 133 78.75 -4.08 -62.38
C LYS OA 133 78.40 -2.80 -63.09
N VAL OA 134 77.48 -2.89 -64.02
CA VAL OA 134 76.98 -1.67 -64.62
C VAL OA 134 75.98 -1.11 -63.65
N ALA OA 135 76.19 0.12 -63.24
CA ALA OA 135 75.25 0.84 -62.43
C ALA OA 135 74.91 2.13 -63.16
N LYS OA 136 73.69 2.62 -62.91
CA LYS OA 136 73.20 3.92 -63.32
C LYS OA 136 73.39 4.15 -64.82
N GLN OA 137 72.62 3.38 -65.60
CA GLN OA 137 72.77 3.25 -67.03
C GLN OA 137 72.69 4.60 -67.75
N ALA OA 138 73.39 4.67 -68.90
CA ALA OA 138 73.56 5.90 -69.67
C ALA OA 138 72.23 6.56 -70.01
N HIS OA 139 72.25 7.88 -70.04
CA HIS OA 139 70.98 8.55 -70.15
C HIS OA 139 71.17 9.94 -70.75
N PHE OA 140 70.10 10.49 -71.30
CA PHE OA 140 70.13 11.87 -71.74
C PHE OA 140 70.31 12.76 -70.54
N ILE OA 141 71.32 13.61 -70.54
CA ILE OA 141 71.44 14.57 -69.46
C ILE OA 141 71.21 15.92 -70.09
N THR OA 142 70.66 16.85 -69.33
CA THR OA 142 70.70 18.21 -69.82
C THR OA 142 72.00 18.86 -69.43
N THR OA 143 72.12 19.21 -68.18
CA THR OA 143 73.27 19.91 -67.73
C THR OA 143 74.18 18.92 -67.07
N PRO OA 144 75.46 18.91 -67.43
CA PRO OA 144 76.37 17.90 -66.94
C PRO OA 144 76.64 18.12 -65.46
N PRO OA 145 77.06 17.08 -64.75
CA PRO OA 145 77.23 17.18 -63.32
C PRO OA 145 78.39 18.08 -62.93
N THR OA 146 78.35 18.55 -61.72
CA THR OA 146 79.45 19.32 -61.17
C THR OA 146 80.09 18.49 -60.10
N TRP OA 147 80.75 19.14 -59.17
CA TRP OA 147 80.93 18.48 -57.90
C TRP OA 147 80.05 19.05 -56.81
N ARG OA 148 79.67 20.32 -56.90
CA ARG OA 148 79.02 21.00 -55.78
C ARG OA 148 77.68 20.41 -55.48
N GLN OA 149 77.13 19.75 -56.47
CA GLN OA 149 76.08 18.78 -56.30
C GLN OA 149 76.46 17.68 -55.31
N TYR OA 150 77.73 17.41 -55.07
CA TYR OA 150 78.12 16.24 -54.29
C TYR OA 150 78.92 16.64 -53.08
N LEU OA 151 79.49 17.82 -53.12
CA LEU OA 151 80.44 18.13 -52.09
C LEU OA 151 80.11 19.37 -51.31
N TRP OA 152 79.28 20.24 -51.85
CA TRP OA 152 78.90 21.42 -51.09
C TRP OA 152 78.14 20.98 -49.87
N MET OA 153 78.84 20.96 -48.75
CA MET OA 153 78.20 20.56 -47.52
C MET OA 153 77.21 21.62 -47.14
N ASP OA 154 76.09 21.20 -46.60
CA ASP OA 154 75.10 22.15 -46.14
C ASP OA 154 75.64 22.85 -44.93
N TYR OA 155 75.37 24.11 -44.85
CA TYR OA 155 75.67 24.87 -43.66
C TYR OA 155 74.41 25.57 -43.20
N VAL OA 156 74.03 25.32 -41.96
CA VAL OA 156 73.07 26.15 -41.27
C VAL OA 156 73.73 26.60 -39.99
N LYS OA 157 73.25 27.69 -39.43
CA LYS OA 157 73.80 28.13 -38.17
C LYS OA 157 72.76 28.05 -37.08
N PRO OA 158 72.92 27.18 -36.09
CA PRO OA 158 72.14 27.32 -34.86
C PRO OA 158 72.99 27.88 -33.73
N GLU OA 159 72.42 28.82 -32.98
CA GLU OA 159 72.87 29.18 -31.63
C GLU OA 159 71.78 28.97 -30.60
N ALA OA 160 70.88 28.03 -30.82
CA ALA OA 160 69.70 27.85 -29.98
C ALA OA 160 70.02 26.91 -28.82
N PRO OA 161 69.99 27.39 -27.58
CA PRO OA 161 70.21 26.49 -26.45
C PRO OA 161 68.92 25.74 -26.10
N LYS OA 173 77.83 22.66 -14.92
CA LYS OA 173 78.41 23.94 -15.33
C LYS OA 173 79.79 23.74 -15.98
N GLU OA 174 80.73 23.16 -15.25
CA GLU OA 174 81.95 22.76 -15.93
C GLU OA 174 81.69 21.60 -16.85
N ILE OA 175 80.71 20.76 -16.51
CA ILE OA 175 80.28 19.74 -17.45
C ILE OA 175 79.65 20.37 -18.66
N TRP OA 176 78.95 21.50 -18.48
CA TRP OA 176 78.45 22.24 -19.62
C TRP OA 176 79.56 22.64 -20.55
N CYS OA 177 80.61 23.25 -20.01
CA CYS OA 177 81.65 23.77 -20.87
C CYS OA 177 82.44 22.64 -21.53
N ILE OA 178 82.81 21.62 -20.75
CA ILE OA 178 83.64 20.58 -21.35
C ILE OA 178 82.85 19.67 -22.27
N TYR OA 179 81.56 19.45 -22.04
CA TYR OA 179 80.88 18.56 -22.95
C TYR OA 179 80.45 19.31 -24.18
N THR OA 180 80.33 20.60 -24.07
CA THR OA 180 80.18 21.39 -25.26
C THR OA 180 81.43 21.32 -26.12
N GLU OA 181 82.62 21.36 -25.53
CA GLU OA 181 83.74 21.15 -26.44
C GLU OA 181 83.86 19.71 -26.91
N ARG OA 182 83.40 18.78 -26.10
CA ARG OA 182 83.34 17.38 -26.52
C ARG OA 182 82.57 17.25 -27.80
N GLY OA 183 81.31 17.66 -27.74
CA GLY OA 183 80.46 17.61 -28.91
C GLY OA 183 80.94 18.49 -30.01
N TRP OA 184 81.62 19.59 -29.66
CA TRP OA 184 82.28 20.43 -30.65
C TRP OA 184 83.23 19.61 -31.50
N LYS OA 185 84.11 18.86 -30.85
CA LYS OA 185 84.97 17.92 -31.55
C LYS OA 185 84.20 16.86 -32.31
N ASN OA 186 83.12 16.41 -31.69
CA ASN OA 186 82.38 15.28 -32.21
C ASN OA 186 81.66 15.63 -33.50
N GLY OA 187 81.00 16.78 -33.51
CA GLY OA 187 80.36 17.23 -34.71
C GLY OA 187 81.35 17.53 -35.78
N ILE OA 188 82.52 18.06 -35.38
CA ILE OA 188 83.61 18.29 -36.32
C ILE OA 188 83.95 17.00 -37.04
N ASP OA 189 84.26 15.96 -36.32
CA ASP OA 189 84.80 14.88 -37.07
C ASP OA 189 83.75 13.98 -37.67
N GLN OA 190 82.52 14.03 -37.16
CA GLN OA 190 81.50 13.31 -37.91
C GLN OA 190 81.23 14.02 -39.22
N ALA OA 191 81.35 15.35 -39.24
CA ALA OA 191 81.24 16.06 -40.49
C ALA OA 191 82.38 15.71 -41.42
N ASN OA 192 83.54 15.46 -40.85
CA ASN OA 192 84.69 15.08 -41.64
C ASN OA 192 84.46 13.77 -42.31
N THR OA 193 83.90 12.84 -41.58
CA THR OA 193 83.53 11.56 -42.17
C THR OA 193 82.49 11.73 -43.23
N ILE OA 194 81.54 12.64 -42.99
CA ILE OA 194 80.50 12.92 -43.97
C ILE OA 194 81.12 13.39 -45.25
N LEU OA 195 82.03 14.33 -45.11
CA LEU OA 195 82.81 14.85 -46.21
C LEU OA 195 83.53 13.77 -46.95
N GLU OA 196 84.17 12.89 -46.20
CA GLU OA 196 84.90 11.78 -46.75
C GLU OA 196 84.01 10.92 -47.61
N GLU OA 197 82.80 10.69 -47.13
CA GLU OA 197 81.84 9.91 -47.86
C GLU OA 197 81.41 10.61 -49.13
N ASN OA 198 81.32 11.92 -49.06
CA ASN OA 198 80.92 12.68 -50.24
C ASN OA 198 81.96 12.53 -51.32
N ILE OA 199 83.21 12.57 -50.88
CA ILE OA 199 84.33 12.41 -51.78
C ILE OA 199 84.30 11.06 -52.41
N ALA OA 200 84.04 10.06 -51.60
CA ALA OA 200 84.03 8.69 -52.10
C ALA OA 200 82.91 8.50 -53.12
N ARG OA 201 81.81 9.19 -52.88
CA ARG OA 201 80.70 9.11 -53.82
C ARG OA 201 81.10 9.70 -55.15
N ILE OA 202 81.81 10.82 -55.11
CA ILE OA 202 82.14 11.40 -56.39
C ILE OA 202 83.23 10.58 -57.09
N LYS OA 203 84.09 9.89 -56.31
CA LYS OA 203 85.03 8.95 -56.88
C LYS OA 203 84.32 7.94 -57.72
N GLU OA 204 83.46 7.19 -57.05
CA GLU OA 204 82.92 5.99 -57.62
C GLU OA 204 82.04 6.31 -58.81
N ASP OA 205 81.44 7.49 -58.79
CA ASP OA 205 80.84 8.00 -60.00
C ASP OA 205 81.87 8.15 -61.09
N PHE OA 206 82.90 8.93 -60.82
CA PHE OA 206 83.74 9.40 -61.90
C PHE OA 206 84.50 8.27 -62.52
N GLY OA 207 85.05 7.44 -61.64
CA GLY OA 207 85.67 6.21 -62.03
C GLY OA 207 84.73 5.31 -62.75
N GLY OA 208 83.45 5.34 -62.38
CA GLY OA 208 82.51 4.50 -63.07
C GLY OA 208 82.33 4.87 -64.52
N MET OA 209 82.13 6.16 -64.79
CA MET OA 209 81.97 6.50 -66.20
C MET OA 209 83.28 6.39 -66.96
N ILE OA 210 84.39 6.56 -66.26
CA ILE OA 210 85.69 6.25 -66.85
C ILE OA 210 85.69 4.84 -67.34
N LEU OA 211 85.28 3.93 -66.49
CA LEU OA 211 85.26 2.54 -66.83
C LEU OA 211 84.28 2.23 -67.91
N TYR OA 212 83.24 3.06 -68.06
CA TYR OA 212 82.38 2.85 -69.20
C TYR OA 212 83.13 3.12 -70.48
N ARG OA 213 83.83 4.24 -70.50
CA ARG OA 213 84.61 4.57 -71.66
C ARG OA 213 85.74 3.57 -71.84
N LYS OA 214 86.17 2.98 -70.75
CA LYS OA 214 87.15 1.94 -70.81
C LYS OA 214 86.64 0.73 -71.53
N LEU OA 215 85.57 0.14 -71.05
CA LEU OA 215 85.15 -1.10 -71.67
C LEU OA 215 84.53 -0.89 -73.00
N LEU OA 216 84.07 0.33 -73.23
CA LEU OA 216 83.71 0.68 -74.55
C LEU OA 216 84.92 0.71 -75.42
N ALA OA 217 86.03 1.18 -74.87
CA ALA OA 217 87.27 1.05 -75.60
C ALA OA 217 87.74 -0.39 -75.63
N MET OA 218 87.26 -1.20 -74.74
CA MET OA 218 87.73 -2.55 -74.70
C MET OA 218 86.83 -3.50 -75.43
N ASN OA 219 85.80 -2.98 -76.09
CA ASN OA 219 84.68 -3.73 -76.63
C ASN OA 219 84.01 -4.55 -75.57
N MET OA 220 84.13 -4.14 -74.32
CA MET OA 220 83.60 -4.96 -73.29
C MET OA 220 82.24 -4.47 -72.88
N VAL OA 221 81.91 -3.25 -73.26
CA VAL OA 221 80.51 -2.83 -73.23
C VAL OA 221 80.16 -2.28 -74.59
N SER OA 222 78.87 -2.04 -74.77
CA SER OA 222 78.23 -1.60 -75.99
C SER OA 222 77.99 -0.10 -75.93
N PRO OA 223 77.79 0.56 -77.07
CA PRO OA 223 77.46 1.97 -77.03
C PRO OA 223 76.01 2.19 -76.64
N PRO OA 224 75.61 3.42 -76.35
CA PRO OA 224 74.19 3.75 -76.47
C PRO OA 224 73.82 3.88 -77.94
N TYR OA 225 73.03 2.93 -78.40
CA TYR OA 225 72.52 2.91 -79.76
C TYR OA 225 71.20 3.67 -79.75
N VAL OA 226 71.12 4.76 -80.50
CA VAL OA 226 69.95 5.62 -80.43
C VAL OA 226 69.24 5.62 -81.77
N SER OA 227 68.06 6.24 -81.81
CA SER OA 227 67.43 6.67 -83.05
C SER OA 227 66.93 8.09 -82.82
N HIS OA 228 67.47 9.01 -83.59
CA HIS OA 228 66.88 10.33 -83.70
C HIS OA 228 65.96 10.26 -84.90
N THR OA 229 64.68 10.41 -84.64
CA THR OA 229 63.74 10.58 -85.73
C THR OA 229 63.30 12.02 -85.75
N ASP OA 230 63.27 12.61 -86.92
CA ASP OA 230 63.00 14.03 -87.02
C ASP OA 230 61.66 14.25 -87.68
N LEU OA 231 61.07 15.39 -87.38
CA LEU OA 231 59.80 15.84 -87.90
C LEU OA 231 59.97 17.24 -88.43
N GLY OA 232 59.25 17.53 -89.50
CA GLY OA 232 59.35 18.83 -90.13
C GLY OA 232 58.59 19.89 -89.39
N VAL OA 233 57.89 20.74 -90.12
CA VAL OA 233 56.99 21.67 -89.47
C VAL OA 233 55.87 20.88 -88.84
N THR OA 234 55.73 21.03 -87.55
CA THR OA 234 54.69 20.31 -86.85
C THR OA 234 53.82 21.31 -86.14
N GLY OA 235 52.54 21.16 -86.30
CA GLY OA 235 51.60 21.93 -85.53
C GLY OA 235 50.54 22.58 -86.37
N ASP OA 236 49.61 23.20 -85.67
CA ASP OA 236 48.33 23.61 -86.23
C ASP OA 236 48.31 25.10 -86.54
N GLY OA 237 47.12 25.62 -86.84
CA GLY OA 237 46.98 27.03 -87.08
C GLY OA 237 47.21 27.89 -85.86
N SER OA 238 47.14 27.33 -84.66
CA SER OA 238 47.48 28.13 -83.50
C SER OA 238 48.85 27.84 -82.94
N GLU OA 239 49.39 26.67 -83.23
CA GLU OA 239 50.67 26.35 -82.68
C GLU OA 239 51.41 25.65 -83.79
N ILE OA 240 52.61 26.05 -84.10
CA ILE OA 240 53.45 25.22 -84.94
C ILE OA 240 54.80 25.05 -84.30
N HIS OA 241 55.49 24.02 -84.76
CA HIS OA 241 56.89 23.85 -84.47
C HIS OA 241 57.54 23.51 -85.79
N ILE OA 242 58.49 24.34 -86.18
CA ILE OA 242 59.07 24.28 -87.50
C ILE OA 242 59.97 23.06 -87.67
N ASP OA 243 60.69 22.66 -86.63
CA ASP OA 243 61.38 21.39 -86.70
C ASP OA 243 61.39 20.68 -85.36
N ASP OA 244 60.79 19.51 -85.33
CA ASP OA 244 60.76 18.71 -84.12
C ASP OA 244 61.62 17.49 -84.27
N ARG OA 245 62.79 17.53 -83.69
CA ARG OA 245 63.53 16.31 -83.52
C ARG OA 245 63.08 15.65 -82.24
N VAL OA 246 62.89 14.34 -82.30
CA VAL OA 246 62.75 13.54 -81.12
C VAL OA 246 63.84 12.49 -81.15
N LEU OA 247 64.41 12.25 -79.99
CA LEU OA 247 65.53 11.34 -79.90
C LEU OA 247 65.20 10.31 -78.86
N ARG OA 248 65.18 9.07 -79.28
CA ARG OA 248 65.07 7.99 -78.34
C ARG OA 248 66.38 7.27 -78.33
N ILE OA 249 66.73 6.81 -77.15
CA ILE OA 249 67.90 5.98 -77.00
C ILE OA 249 67.37 4.57 -77.09
N THR OA 250 67.63 3.93 -78.22
CA THR OA 250 67.03 2.63 -78.44
C THR OA 250 67.69 1.58 -77.57
N ALA OA 251 68.98 1.34 -77.78
CA ALA OA 251 69.70 0.30 -77.05
C ALA OA 251 70.70 0.93 -76.09
N LEU OA 252 70.58 0.58 -74.81
CA LEU OA 252 71.46 1.13 -73.80
C LEU OA 252 72.84 0.51 -73.86
N PRO OA 253 73.83 1.13 -73.25
CA PRO OA 253 75.09 0.44 -73.00
C PRO OA 253 74.87 -0.78 -72.12
N GLU OA 254 75.67 -1.81 -72.36
CA GLU OA 254 75.60 -3.09 -71.66
C GLU OA 254 76.88 -3.88 -71.90
N LEU OA 255 77.25 -4.68 -70.91
CA LEU OA 255 78.44 -5.51 -71.01
C LEU OA 255 78.22 -6.62 -72.02
N ASN OA 256 79.07 -6.69 -73.05
CA ASN OA 256 78.95 -7.79 -73.98
C ASN OA 256 79.44 -9.06 -73.31
N VAL OA 257 78.96 -10.19 -73.76
CA VAL OA 257 79.32 -11.43 -73.10
C VAL OA 257 80.16 -12.32 -73.98
N ASN OA 258 80.08 -12.18 -75.29
CA ASN OA 258 81.01 -12.90 -76.13
C ASN OA 258 82.30 -12.12 -76.06
N SER OA 259 83.21 -12.61 -75.26
CA SER OA 259 84.45 -11.93 -74.99
C SER OA 259 85.44 -12.07 -76.12
N ALA OA 260 85.14 -12.93 -77.08
CA ALA OA 260 86.01 -13.14 -78.21
C ALA OA 260 86.20 -11.88 -79.03
N GLU OA 261 85.23 -11.00 -78.98
CA GLU OA 261 85.20 -9.80 -79.78
C GLU OA 261 85.74 -8.64 -79.01
N TRP OA 262 86.41 -8.92 -77.91
CA TRP OA 262 86.91 -7.85 -77.09
C TRP OA 262 88.12 -7.21 -77.71
N ARG OA 263 88.69 -6.31 -76.95
CA ARG OA 263 89.78 -5.50 -77.44
C ARG OA 263 90.78 -5.49 -76.31
N ALA OA 264 91.93 -6.10 -76.53
CA ALA OA 264 92.90 -6.24 -75.45
C ALA OA 264 94.17 -5.51 -75.84
N ALA OA 265 94.38 -4.38 -75.23
CA ALA OA 265 95.46 -3.49 -75.64
C ALA OA 265 96.70 -3.78 -74.82
N VAL OA 266 97.75 -4.12 -75.50
CA VAL OA 266 99.06 -4.14 -74.90
C VAL OA 266 99.57 -2.71 -74.94
N ALA OA 267 100.43 -2.35 -74.02
CA ALA OA 267 100.97 -1.00 -74.05
C ALA OA 267 102.49 -1.07 -74.02
N LYS OA 268 103.13 0.05 -74.29
CA LYS OA 268 104.58 0.09 -74.43
C LYS OA 268 105.19 1.26 -73.68
N PHE PA 25 111.03 45.85 -54.35
CA PHE PA 25 110.80 44.54 -53.74
C PHE PA 25 109.44 43.99 -54.15
N LYS PA 26 109.40 42.72 -54.49
CA LYS PA 26 108.17 42.09 -54.90
C LYS PA 26 107.56 41.30 -53.77
N LYS PA 27 106.56 40.50 -54.11
CA LYS PA 27 105.76 39.77 -53.16
C LYS PA 27 105.46 38.39 -53.71
N PRO PA 28 105.20 37.43 -52.82
CA PRO PA 28 104.84 36.08 -53.26
C PRO PA 28 103.50 36.07 -53.94
N PRO PA 29 103.22 35.03 -54.72
CA PRO PA 29 101.94 34.96 -55.42
C PRO PA 29 100.79 34.80 -54.48
N ILE PA 30 99.63 35.21 -54.97
CA ILE PA 30 98.47 35.33 -54.10
C ILE PA 30 97.77 33.99 -53.97
N ASN PA 31 97.40 33.39 -55.09
CA ASN PA 31 96.73 32.09 -55.09
C ASN PA 31 97.76 30.97 -55.30
N ASN PA 32 98.74 30.98 -54.45
CA ASN PA 32 99.84 30.07 -54.64
C ASN PA 32 99.52 28.65 -54.15
N PRO PA 33 100.17 27.66 -54.70
CA PRO PA 33 100.22 26.36 -54.04
C PRO PA 33 101.31 26.35 -53.00
N SER PA 34 101.07 26.85 -51.80
CA SER PA 34 102.09 26.94 -50.75
C SER PA 34 101.76 25.97 -49.63
N ASP PA 35 101.08 24.91 -50.00
CA ASP PA 35 100.67 23.97 -48.99
C ASP PA 35 100.84 22.59 -49.56
N ASP PA 36 101.36 21.72 -48.71
CA ASP PA 36 101.85 20.44 -49.16
C ASP PA 36 100.74 19.56 -49.72
N ALA PA 37 99.51 19.72 -49.27
CA ALA PA 37 98.44 19.05 -49.97
C ALA PA 37 98.22 19.69 -51.32
N THR PA 38 98.20 21.00 -51.32
CA THR PA 38 97.71 21.75 -52.46
C THR PA 38 98.59 21.66 -53.65
N ILE PA 39 99.88 21.51 -53.42
CA ILE PA 39 100.76 21.34 -54.53
C ILE PA 39 100.44 20.04 -55.22
N LYS PA 40 100.17 19.00 -54.44
CA LYS PA 40 99.77 17.73 -54.99
C LYS PA 40 98.44 17.86 -55.70
N LEU PA 41 97.56 18.65 -55.12
CA LEU PA 41 96.28 18.94 -55.74
C LEU PA 41 96.48 19.53 -57.12
N ALA PA 42 97.31 20.55 -57.19
CA ALA PA 42 97.49 21.30 -58.40
C ALA PA 42 98.15 20.50 -59.49
N GLU PA 43 99.13 19.70 -59.12
CA GLU PA 43 99.73 18.89 -60.15
C GLU PA 43 98.78 17.80 -60.61
N ALA PA 44 97.95 17.30 -59.70
CA ALA PA 44 96.98 16.31 -60.11
C ALA PA 44 96.03 16.92 -61.10
N ALA PA 45 95.71 18.20 -60.87
CA ALA PA 45 94.89 18.95 -61.80
C ALA PA 45 95.57 19.05 -63.15
N VAL PA 46 96.86 19.32 -63.17
CA VAL PA 46 97.42 19.53 -64.48
C VAL PA 46 97.59 18.20 -65.18
N SER PA 47 97.84 17.16 -64.40
CA SER PA 47 97.93 15.82 -64.92
C SER PA 47 96.61 15.37 -65.51
N VAL PA 48 95.53 15.60 -64.77
CA VAL PA 48 94.25 15.21 -65.29
C VAL PA 48 93.91 16.05 -66.50
N SER PA 49 94.32 17.30 -66.49
CA SER PA 49 94.00 18.23 -67.54
C SER PA 49 94.60 17.80 -68.85
N ASP PA 50 95.88 17.53 -68.81
CA ASP PA 50 96.55 17.16 -70.03
C ASP PA 50 96.12 15.80 -70.51
N SER PA 51 95.90 14.89 -69.57
CA SER PA 51 95.53 13.55 -69.97
C SER PA 51 94.13 13.55 -70.57
N MET PA 52 93.27 14.41 -70.05
CA MET PA 52 92.05 14.71 -70.79
C MET PA 52 92.36 15.28 -72.16
N LEU PA 53 93.41 16.05 -72.26
CA LEU PA 53 93.68 16.63 -73.56
C LEU PA 53 94.16 15.59 -74.56
N GLU PA 54 94.98 14.64 -74.18
CA GLU PA 54 95.24 13.68 -75.25
C GLU PA 54 94.13 12.68 -75.44
N MET PA 55 93.27 12.46 -74.45
CA MET PA 55 92.17 11.59 -74.81
C MET PA 55 91.26 12.27 -75.80
N ALA PA 56 91.14 13.59 -75.66
CA ALA PA 56 90.54 14.38 -76.70
C ALA PA 56 91.31 14.31 -78.00
N LYS PA 57 92.63 14.25 -77.94
CA LYS PA 57 93.40 14.18 -79.16
C LYS PA 57 93.10 12.93 -79.91
N VAL PA 58 93.06 11.83 -79.20
CA VAL PA 58 92.89 10.58 -79.89
C VAL PA 58 91.44 10.38 -80.30
N GLU PA 59 90.53 10.95 -79.54
CA GLU PA 59 89.16 10.78 -79.94
C GLU PA 59 88.68 11.86 -80.88
N LYS PA 60 89.50 12.86 -81.11
CA LYS PA 60 89.07 13.98 -81.92
C LYS PA 60 89.18 13.58 -83.37
N VAL PA 61 88.05 13.30 -84.00
CA VAL PA 61 88.07 13.12 -85.44
C VAL PA 61 88.17 14.49 -86.08
N ILE PA 62 88.94 14.60 -87.15
CA ILE PA 62 89.00 15.85 -87.87
C ILE PA 62 88.67 15.58 -89.34
N THR PA 63 88.73 16.63 -90.16
CA THR PA 63 88.80 16.54 -91.60
C THR PA 63 89.96 17.40 -92.10
N PRO PA 64 90.55 17.08 -93.25
CA PRO PA 64 91.52 17.99 -93.83
C PRO PA 64 90.82 19.10 -94.58
N PRO PA 65 91.34 20.32 -94.51
CA PRO PA 65 90.73 21.42 -95.28
C PRO PA 65 90.89 21.25 -96.76
N SER PA 66 91.78 20.37 -97.21
CA SER PA 66 91.83 20.02 -98.61
C SER PA 66 90.80 18.97 -98.98
N LYS PA 67 90.23 18.26 -98.02
CA LYS PA 67 89.21 17.30 -98.34
C LYS PA 67 88.03 17.50 -97.42
N ASP PA 68 87.56 18.75 -97.36
CA ASP PA 68 86.40 19.09 -96.56
C ASP PA 68 85.12 19.17 -97.37
N ASN PA 69 85.23 19.24 -98.71
CA ASN PA 69 84.14 19.07 -99.66
C ASN PA 69 83.01 20.10 -99.59
N THR PA 70 83.20 21.19 -98.85
CA THR PA 70 82.17 22.21 -98.76
C THR PA 70 82.28 23.20 -99.92
N LEU PA 71 81.25 24.02 -100.09
CA LEU PA 71 81.28 25.03 -101.14
C LEU PA 71 82.24 26.14 -100.78
N THR PA 72 82.94 26.63 -101.78
CA THR PA 72 83.85 27.74 -101.58
C THR PA 72 83.09 29.05 -101.69
N ILE PA 73 83.85 30.11 -101.61
CA ILE PA 73 83.34 31.42 -101.96
C ILE PA 73 83.52 31.56 -103.46
N PRO PA 74 82.46 31.72 -104.22
CA PRO PA 74 82.58 31.78 -105.68
C PRO PA 74 82.89 33.17 -106.22
N ASN PA 75 83.21 34.11 -105.32
CA ASN PA 75 83.96 35.35 -105.57
C ASN PA 75 83.33 36.27 -106.64
N ALA PA 76 82.03 36.21 -106.87
CA ALA PA 76 81.45 37.21 -107.77
C ALA PA 76 81.23 38.52 -107.04
N TYR PA 77 81.37 39.61 -107.78
CA TYR PA 77 81.11 40.91 -107.19
C TYR PA 77 79.64 41.10 -106.91
N ASN PA 78 78.79 40.44 -107.70
CA ASN PA 78 77.39 40.35 -107.33
C ASN PA 78 77.20 39.54 -106.07
N LEU PA 79 78.08 38.59 -105.82
CA LEU PA 79 78.02 37.86 -104.58
C LEU PA 79 78.53 38.68 -103.41
N GLN PA 80 79.27 39.75 -103.69
CA GLN PA 80 79.95 40.50 -102.65
C GLN PA 80 79.00 41.45 -101.88
N ALA PA 81 77.71 41.31 -102.04
CA ALA PA 81 76.79 42.07 -101.21
C ALA PA 81 76.78 41.52 -99.79
N ARG PA 82 76.57 42.40 -98.81
CA ARG PA 82 76.28 42.00 -97.44
C ARG PA 82 74.77 42.07 -97.26
N ALA PA 83 74.21 41.09 -96.58
CA ALA PA 83 72.76 41.00 -96.47
C ALA PA 83 72.33 40.85 -95.02
N SER PA 84 71.04 40.58 -94.83
CA SER PA 84 70.49 40.36 -93.50
C SER PA 84 69.27 39.47 -93.64
N VAL PA 85 69.33 38.27 -93.07
CA VAL PA 85 68.26 37.30 -93.18
C VAL PA 85 68.04 36.66 -91.83
N ASP PA 86 66.79 36.66 -91.38
CA ASP PA 86 66.34 35.67 -90.41
C ASP PA 86 65.20 34.91 -91.03
N TRP PA 87 65.45 33.66 -91.33
CA TRP PA 87 64.42 32.83 -91.90
C TRP PA 87 64.73 31.39 -91.63
N SER PA 88 63.69 30.61 -91.44
CA SER PA 88 63.90 29.20 -91.31
C SER PA 88 62.92 28.46 -92.17
N GLY PA 89 63.32 27.28 -92.57
CA GLY PA 89 62.41 26.42 -93.28
C GLY PA 89 63.07 25.92 -94.53
N PRO PA 90 62.29 25.72 -95.57
CA PRO PA 90 62.83 25.08 -96.77
C PRO PA 90 63.78 25.95 -97.56
N ILE PA 91 64.79 25.30 -98.10
CA ILE PA 91 65.97 26.01 -98.54
C ILE PA 91 65.76 26.61 -99.92
N GLU PA 92 64.95 25.96 -100.75
CA GLU PA 92 64.91 26.21 -102.18
C GLU PA 92 64.35 27.58 -102.50
N GLU PA 93 63.37 28.04 -101.74
CA GLU PA 93 62.79 29.34 -102.00
C GLU PA 93 63.70 30.44 -101.51
N LEU PA 94 64.40 30.17 -100.41
CA LEU PA 94 65.39 31.10 -99.92
C LEU PA 94 66.51 31.26 -100.94
N THR PA 95 66.89 30.16 -101.59
CA THR PA 95 67.94 30.23 -102.59
C THR PA 95 67.49 31.00 -103.81
N ALA PA 96 66.25 30.76 -104.24
CA ALA PA 96 65.73 31.51 -105.36
C ALA PA 96 65.71 33.00 -105.06
N ARG PA 97 65.28 33.36 -103.87
CA ARG PA 97 65.16 34.77 -103.62
C ARG PA 97 66.48 35.42 -103.28
N ILE PA 98 67.42 34.66 -102.74
CA ILE PA 98 68.75 35.20 -102.65
C ILE PA 98 69.43 35.26 -104.00
N ALA PA 99 69.06 34.41 -104.96
CA ALA PA 99 69.66 34.49 -106.28
C ALA PA 99 69.23 35.75 -106.98
N LYS PA 100 67.95 36.04 -106.90
CA LYS PA 100 67.49 37.29 -107.46
C LYS PA 100 67.91 38.48 -106.63
N ALA PA 101 68.24 38.30 -105.35
CA ALA PA 101 68.95 39.34 -104.65
C ALA PA 101 70.31 39.56 -105.27
N ALA PA 102 70.95 38.48 -105.68
CA ALA PA 102 72.29 38.58 -106.22
C ALA PA 102 72.31 38.75 -107.71
N HIS PA 103 71.16 39.03 -108.32
CA HIS PA 103 70.97 39.12 -109.76
C HIS PA 103 71.42 37.84 -110.43
N PHE PA 104 71.09 36.72 -109.83
CA PHE PA 104 71.55 35.47 -110.38
C PHE PA 104 70.40 34.61 -110.82
N ARG PA 105 70.66 33.87 -111.88
CA ARG PA 105 69.73 32.84 -112.25
C ARG PA 105 69.84 31.71 -111.25
N PHE PA 106 68.71 31.08 -110.97
CA PHE PA 106 68.63 29.97 -110.03
C PHE PA 106 68.10 28.75 -110.74
N ARG PA 107 68.87 27.68 -110.70
CA ARG PA 107 68.42 26.41 -111.20
C ARG PA 107 68.54 25.40 -110.08
N VAL PA 108 67.54 24.56 -109.95
CA VAL PA 108 67.56 23.47 -109.01
C VAL PA 108 67.57 22.17 -109.80
N LEU PA 109 68.50 21.31 -109.45
CA LEU PA 109 68.60 19.98 -110.02
C LEU PA 109 68.48 18.98 -108.89
N GLY PA 110 67.71 17.95 -109.13
CA GLY PA 110 67.35 17.02 -108.08
C GLY PA 110 65.90 17.22 -107.68
N LYS PA 111 65.45 16.34 -106.80
CA LYS PA 111 64.04 16.30 -106.40
C LYS PA 111 63.94 16.73 -104.95
N SER PA 112 63.09 17.68 -104.70
CA SER PA 112 62.85 18.06 -103.32
C SER PA 112 62.00 17.00 -102.65
N PRO PA 113 62.42 16.49 -101.51
CA PRO PA 113 61.70 15.39 -100.88
C PRO PA 113 60.44 15.89 -100.19
N SER PA 114 59.60 14.92 -99.84
CA SER PA 114 58.38 15.22 -99.10
C SER PA 114 58.69 15.86 -97.77
N VAL PA 115 59.66 15.32 -97.06
CA VAL PA 115 60.17 16.09 -95.93
C VAL PA 115 61.07 17.15 -96.53
N PRO PA 116 60.87 18.41 -96.16
CA PRO PA 116 61.65 19.48 -96.76
C PRO PA 116 63.01 19.54 -96.12
N VAL PA 117 63.95 20.04 -96.90
CA VAL PA 117 65.26 20.30 -96.35
C VAL PA 117 65.17 21.63 -95.63
N LEU PA 118 65.27 21.60 -94.31
CA LEU PA 118 64.98 22.76 -93.51
C LEU PA 118 66.26 23.44 -93.07
N ILE PA 119 66.24 24.76 -93.09
CA ILE PA 119 67.41 25.48 -92.65
C ILE PA 119 66.95 26.47 -91.64
N SER PA 120 67.89 27.23 -91.08
CA SER PA 120 67.56 28.23 -90.09
C SER PA 120 68.70 29.24 -90.06
N ILE PA 121 68.43 30.46 -90.48
CA ILE PA 121 69.43 31.50 -90.60
C ILE PA 121 68.94 32.69 -89.82
N SER PA 122 69.82 33.31 -89.05
CA SER PA 122 69.48 34.53 -88.35
C SER PA 122 70.74 35.38 -88.27
N THR PA 123 70.88 36.31 -89.19
CA THR PA 123 72.04 37.20 -89.21
C THR PA 123 71.70 38.53 -89.84
N LYS PA 124 72.41 39.56 -89.43
CA LYS PA 124 71.97 40.91 -89.70
C LYS PA 124 72.90 41.77 -90.53
N ASP PA 125 74.16 41.39 -90.72
CA ASP PA 125 75.01 42.13 -91.66
C ASP PA 125 76.12 41.18 -92.12
N GLU PA 126 75.97 40.65 -93.33
CA GLU PA 126 76.67 39.43 -93.66
C GLU PA 126 76.53 39.11 -95.13
N SER PA 127 77.55 38.49 -95.66
CA SER PA 127 77.63 38.35 -97.09
C SER PA 127 76.96 37.09 -97.59
N LEU PA 128 76.45 37.22 -98.80
CA LEU PA 128 75.67 36.21 -99.48
C LEU PA 128 76.44 34.94 -99.72
N ALA PA 129 77.75 35.06 -99.88
CA ALA PA 129 78.54 33.88 -100.14
C ALA PA 129 78.55 32.97 -98.92
N GLU PA 130 78.80 33.52 -97.76
CA GLU PA 130 78.79 32.63 -96.61
C GLU PA 130 77.38 32.30 -96.15
N ILE PA 131 76.38 33.06 -96.63
CA ILE PA 131 75.04 32.51 -96.60
C ILE PA 131 74.97 31.22 -97.39
N LEU PA 132 75.49 31.24 -98.61
CA LEU PA 132 75.43 30.05 -99.42
C LEU PA 132 76.25 28.93 -98.82
N ARG PA 133 77.35 29.30 -98.18
CA ARG PA 133 78.26 28.33 -97.60
C ARG PA 133 77.60 27.60 -96.45
N ASP PA 134 77.00 28.34 -95.53
CA ASP PA 134 76.46 27.62 -94.41
C ASP PA 134 75.16 26.94 -94.74
N ILE PA 135 74.37 27.44 -95.68
CA ILE PA 135 73.21 26.64 -96.02
C ILE PA 135 73.56 25.42 -96.80
N ASP PA 136 74.68 25.44 -97.51
CA ASP PA 136 75.15 24.22 -98.12
C ASP PA 136 75.57 23.25 -97.05
N TYR PA 137 76.12 23.77 -95.96
CA TYR PA 137 76.49 22.92 -94.85
C TYR PA 137 75.27 22.32 -94.19
N GLN PA 138 74.22 23.12 -93.96
CA GLN PA 138 73.05 22.51 -93.38
C GLN PA 138 72.29 21.67 -94.37
N ALA PA 139 72.52 21.87 -95.66
CA ALA PA 139 72.06 20.91 -96.63
C ALA PA 139 72.76 19.60 -96.40
N GLY PA 140 74.08 19.65 -96.33
CA GLY PA 140 74.89 18.50 -96.03
C GLY PA 140 74.70 17.40 -97.05
N LYS PA 141 74.10 16.31 -96.60
CA LYS PA 141 73.97 15.15 -97.45
C LYS PA 141 72.76 15.23 -98.36
N LYS PA 142 71.66 15.77 -97.87
CA LYS PA 142 70.43 15.71 -98.64
C LYS PA 142 70.48 16.66 -99.83
N ALA PA 143 71.31 17.69 -99.75
CA ALA PA 143 71.38 18.63 -100.84
C ALA PA 143 72.74 19.30 -100.85
N SER PA 144 72.97 20.05 -101.91
CA SER PA 144 74.25 20.67 -102.18
C SER PA 144 74.02 21.93 -102.97
N ILE PA 145 75.03 22.77 -102.95
CA ILE PA 145 75.01 24.01 -103.70
C ILE PA 145 76.17 23.99 -104.66
N HIS PA 146 75.88 24.24 -105.92
CA HIS PA 146 76.91 24.63 -106.86
C HIS PA 146 76.65 26.06 -107.28
N VAL PA 147 77.71 26.80 -107.52
CA VAL PA 147 77.59 28.17 -107.99
C VAL PA 147 78.49 28.34 -109.20
N TYR PA 148 77.91 28.69 -110.34
CA TYR PA 148 78.73 29.01 -111.50
C TYR PA 148 78.62 30.51 -111.75
N PRO PA 149 79.61 31.30 -111.29
CA PRO PA 149 79.48 32.76 -111.41
C PRO PA 149 79.83 33.27 -112.78
N ASN PA 150 80.40 32.44 -113.64
CA ASN PA 150 80.61 32.86 -115.02
C ASN PA 150 79.28 33.01 -115.74
N SER PA 151 78.39 32.05 -115.57
CA SER PA 151 77.05 32.14 -116.09
C SER PA 151 76.11 32.74 -115.07
N GLN PA 152 76.62 33.05 -113.87
CA GLN PA 152 75.87 33.68 -112.78
C GLN PA 152 74.60 32.93 -112.43
N VAL PA 153 74.70 31.62 -112.46
CA VAL PA 153 73.59 30.77 -112.04
C VAL PA 153 74.04 30.07 -110.78
N VAL PA 154 73.07 29.79 -109.93
CA VAL PA 154 73.29 29.03 -108.73
C VAL PA 154 72.35 27.84 -108.76
N GLU PA 155 72.88 26.68 -108.44
CA GLU PA 155 72.18 25.44 -108.67
C GLU PA 155 72.10 24.66 -107.37
N LEU PA 156 70.88 24.43 -106.93
CA LEU PA 156 70.66 23.59 -105.77
C LEU PA 156 70.51 22.15 -106.25
N ARG PA 157 71.40 21.30 -105.83
CA ARG PA 157 71.35 19.91 -106.20
C ARG PA 157 70.81 19.11 -105.03
N TYR PA 158 69.92 18.20 -105.32
CA TYR PA 158 69.41 17.32 -104.28
C TYR PA 158 70.23 16.04 -104.29
N ALA PA 159 69.91 15.14 -103.37
CA ALA PA 159 70.60 13.88 -103.32
C ALA PA 159 69.86 12.83 -104.15
N ILE QA 272 55.30 9.29 -77.46
CA ILE QA 272 55.74 10.55 -78.03
C ILE QA 272 55.88 11.59 -76.97
N PRO QA 273 57.07 12.16 -76.86
CA PRO QA 273 57.34 13.21 -75.90
C PRO QA 273 56.58 14.47 -76.21
N PRO QA 274 56.38 15.34 -75.22
CA PRO QA 274 55.86 16.68 -75.51
C PRO QA 274 56.94 17.56 -76.08
N SER QA 275 56.50 18.56 -76.84
CA SER QA 275 57.40 19.45 -77.57
C SER QA 275 58.26 20.22 -76.60
N ALA QA 276 57.59 21.07 -75.85
CA ALA QA 276 58.12 21.77 -74.73
C ALA QA 276 56.92 22.21 -73.95
N ASN QA 277 57.11 23.09 -73.00
CA ASN QA 277 55.96 23.75 -72.47
C ASN QA 277 55.61 24.88 -73.40
N ASP QA 278 54.34 25.11 -73.58
CA ASP QA 278 53.98 26.40 -74.11
C ASP QA 278 54.02 27.47 -73.06
N LEU QA 279 54.05 27.09 -71.80
CA LEU QA 279 54.30 28.10 -70.80
C LEU QA 279 55.70 28.61 -70.89
N LEU QA 280 56.60 27.81 -71.46
CA LEU QA 280 57.86 28.36 -71.90
C LEU QA 280 57.67 29.49 -72.88
N LEU QA 281 56.65 29.42 -73.73
CA LEU QA 281 56.49 30.52 -74.66
C LEU QA 281 56.02 31.76 -73.92
N HIS QA 282 55.37 31.58 -72.78
CA HIS QA 282 54.94 32.73 -72.01
C HIS QA 282 56.07 33.28 -71.19
N VAL QA 283 56.81 32.42 -70.55
CA VAL QA 283 57.88 32.92 -69.72
C VAL QA 283 59.11 33.15 -70.55
N LEU QA 284 59.02 32.93 -71.85
CA LEU QA 284 60.03 33.36 -72.76
C LEU QA 284 60.20 34.85 -72.68
N GLU QA 285 59.10 35.54 -72.61
CA GLU QA 285 59.09 36.94 -72.27
C GLU QA 285 58.78 37.05 -70.80
N GLY QA 286 58.61 38.26 -70.34
CA GLY QA 286 58.52 38.45 -68.93
C GLY QA 286 57.19 38.18 -68.30
N VAL QA 287 56.23 37.55 -68.96
CA VAL QA 287 55.02 37.23 -68.19
C VAL QA 287 55.34 36.02 -67.30
N PRO QA 288 54.87 36.02 -66.07
CA PRO QA 288 54.81 34.80 -65.33
C PRO QA 288 53.77 33.89 -65.95
N PRO QA 289 53.82 32.60 -65.66
CA PRO QA 289 52.73 31.74 -66.05
C PRO QA 289 51.49 32.11 -65.26
N PRO QA 290 50.32 31.70 -65.72
CA PRO QA 290 49.11 31.83 -64.89
C PRO QA 290 49.27 31.12 -63.57
N GLY QA 291 48.86 31.80 -62.51
CA GLY QA 291 48.88 31.25 -61.18
C GLY QA 291 50.28 31.00 -60.64
N SER QA 292 51.14 31.98 -60.68
CA SER QA 292 52.51 31.71 -60.34
C SER QA 292 52.94 32.53 -59.16
N ARG QA 293 54.05 32.13 -58.57
CA ARG QA 293 54.52 32.89 -57.44
C ARG QA 293 55.87 33.44 -57.85
N ARG QA 294 56.04 34.73 -57.66
CA ARG QA 294 57.29 35.36 -58.00
C ARG QA 294 58.36 34.89 -57.04
N LEU QA 295 59.27 34.11 -57.55
CA LEU QA 295 60.34 33.66 -56.71
C LEU QA 295 61.33 34.78 -56.59
N VAL QA 296 61.62 35.13 -55.35
CA VAL QA 296 62.44 36.27 -55.04
C VAL QA 296 63.86 35.91 -55.43
N VAL QA 297 64.30 36.47 -56.54
CA VAL QA 297 65.63 36.19 -57.05
C VAL QA 297 66.58 37.23 -56.49
N SER QA 298 67.59 36.79 -55.76
CA SER QA 298 68.53 37.71 -55.18
C SER QA 298 69.92 37.40 -55.68
N GLY QA 299 70.55 38.43 -56.27
CA GLY QA 299 71.90 38.34 -56.76
C GLY QA 299 72.06 38.36 -58.26
N GLY QA 300 70.99 38.56 -59.01
CA GLY QA 300 71.09 38.38 -60.45
C GLY QA 300 69.82 38.84 -61.13
N ASP QA 301 69.85 38.75 -62.46
CA ASP QA 301 68.86 39.41 -63.28
C ASP QA 301 67.84 38.43 -63.83
N ALA QA 302 67.80 37.26 -63.25
CA ALA QA 302 66.95 36.27 -63.87
C ALA QA 302 65.68 36.30 -63.07
N ARG QA 303 64.56 36.08 -63.71
CA ARG QA 303 63.38 36.08 -62.89
C ARG QA 303 62.70 34.74 -62.93
N ALA QA 304 62.19 34.36 -61.78
CA ALA QA 304 61.73 32.99 -61.58
C ALA QA 304 60.33 33.00 -61.04
N TRP QA 305 59.55 32.08 -61.55
CA TRP QA 305 58.22 31.84 -61.03
C TRP QA 305 58.03 30.40 -60.66
N LEU QA 306 57.40 30.23 -59.52
CA LEU QA 306 56.93 28.94 -59.09
C LEU QA 306 55.59 28.74 -59.76
N SER QA 307 55.52 27.80 -60.69
CA SER QA 307 54.23 27.52 -61.30
C SER QA 307 53.55 26.42 -60.51
N ASN QA 308 54.12 25.22 -60.55
CA ASN QA 308 53.56 24.07 -59.83
C ASN QA 308 54.72 23.14 -59.51
N GLU QA 309 55.42 23.45 -58.41
CA GLU QA 309 56.73 22.92 -58.01
C GLU QA 309 57.84 23.25 -59.02
N LYS QA 310 57.49 23.71 -60.20
CA LYS QA 310 58.39 23.83 -61.30
C LYS QA 310 58.66 25.30 -61.41
N MET QA 311 59.87 25.71 -61.13
CA MET QA 311 60.13 27.08 -61.47
C MET QA 311 60.32 27.14 -62.97
N TYR QA 312 59.82 28.20 -63.51
CA TYR QA 312 60.16 28.58 -64.85
C TYR QA 312 60.99 29.79 -64.62
N VAL QA 313 62.18 29.78 -65.17
CA VAL QA 313 63.03 30.93 -65.02
C VAL QA 313 63.34 31.48 -66.39
N ARG QA 314 63.18 32.79 -66.52
CA ARG QA 314 63.69 33.51 -67.67
C ARG QA 314 65.07 33.97 -67.26
N THR QA 315 65.96 33.97 -68.23
CA THR QA 315 67.22 34.67 -68.11
C THR QA 315 67.79 34.86 -69.48
N ASN QA 316 68.96 35.47 -69.51
CA ASN QA 316 69.85 35.28 -70.62
C ASN QA 316 71.07 34.50 -70.19
N LEU QA 317 71.25 34.27 -68.90
CA LEU QA 317 72.45 33.64 -68.38
C LEU QA 317 72.41 32.14 -68.62
N THR QA 318 73.53 31.47 -68.35
CA THR QA 318 73.66 30.11 -68.83
C THR QA 318 73.51 29.13 -67.68
N ILE QA 319 72.39 28.42 -67.64
CA ILE QA 319 72.05 27.61 -66.47
C ILE QA 319 73.00 26.43 -66.39
N LEU QA 320 73.48 26.17 -65.19
CA LEU QA 320 74.52 25.18 -64.98
C LEU QA 320 74.12 24.06 -64.07
N SER QA 321 73.77 24.34 -62.81
CA SER QA 321 73.66 23.19 -61.92
C SER QA 321 72.43 22.33 -62.15
N PRO QA 322 71.19 22.82 -62.06
CA PRO QA 322 70.11 21.87 -61.84
C PRO QA 322 69.58 21.20 -63.10
N GLY QA 323 69.46 21.88 -64.23
CA GLY QA 323 68.93 21.19 -65.39
C GLY QA 323 67.42 21.14 -65.41
N TRP QA 324 66.89 21.54 -66.53
CA TRP QA 324 65.50 21.83 -66.73
C TRP QA 324 64.80 20.59 -67.21
N LEU QA 325 63.49 20.60 -67.17
CA LEU QA 325 62.82 19.67 -68.02
C LEU QA 325 62.64 20.21 -69.40
N ALA QA 326 62.50 21.51 -69.51
CA ALA QA 326 62.39 21.99 -70.85
C ALA QA 326 63.19 23.25 -70.94
N SER QA 327 63.90 23.36 -72.03
CA SER QA 327 64.66 24.55 -72.26
C SER QA 327 64.17 25.18 -73.52
N MET QA 328 64.54 26.43 -73.62
CA MET QA 328 63.81 27.36 -74.39
C MET QA 328 64.68 28.56 -74.62
N THR QA 329 64.72 29.01 -75.85
CA THR QA 329 65.27 30.32 -75.94
C THR QA 329 64.45 31.09 -76.93
N SER QA 330 64.65 32.38 -76.92
CA SER QA 330 63.88 33.29 -77.72
C SER QA 330 64.52 33.38 -79.08
N ALA QA 331 64.10 34.37 -79.84
CA ALA QA 331 64.89 34.72 -81.00
C ALA QA 331 66.21 35.35 -80.58
N ASP QA 332 66.24 36.05 -79.45
CA ASP QA 332 67.45 36.79 -79.10
C ASP QA 332 68.27 36.09 -78.04
N GLY QA 333 68.08 34.80 -77.84
CA GLY QA 333 68.85 34.17 -76.80
C GLY QA 333 68.27 34.29 -75.42
N THR QA 334 67.02 34.67 -75.30
CA THR QA 334 66.46 34.66 -73.97
C THR QA 334 66.00 33.26 -73.63
N HIS QA 335 66.54 32.74 -72.57
CA HIS QA 335 66.18 31.40 -72.24
C HIS QA 335 65.01 31.42 -71.32
N ALA QA 336 64.19 30.43 -71.52
CA ALA QA 336 63.28 29.98 -70.50
C ALA QA 336 63.65 28.55 -70.18
N TYR QA 337 63.69 28.27 -68.90
CA TYR QA 337 63.96 26.92 -68.45
C TYR QA 337 62.84 26.51 -67.52
N GLU QA 338 62.17 25.45 -67.90
CA GLU QA 338 61.18 24.78 -67.07
C GLU QA 338 61.97 23.80 -66.25
N MET QA 339 62.20 24.19 -65.01
CA MET QA 339 63.28 23.83 -64.12
C MET QA 339 62.70 23.30 -62.82
N GLN QA 340 63.35 22.28 -62.32
CA GLN QA 340 62.98 21.70 -61.07
C GLN QA 340 63.40 22.65 -59.97
N LYS QA 341 62.91 22.38 -58.77
CA LYS QA 341 62.98 23.46 -57.79
C LYS QA 341 64.36 23.48 -57.17
N SER QA 342 65.03 24.56 -57.37
CA SER QA 342 66.20 24.69 -56.56
C SER QA 342 66.05 25.90 -55.66
N PRO QA 343 66.61 25.81 -54.46
CA PRO QA 343 66.89 27.03 -53.72
C PRO QA 343 68.07 27.79 -54.28
N VAL QA 344 68.98 27.10 -54.95
CA VAL QA 344 70.28 27.64 -55.28
C VAL QA 344 70.55 27.36 -56.75
N LEU QA 345 70.86 28.41 -57.48
CA LEU QA 345 70.93 28.32 -58.92
C LEU QA 345 72.32 28.60 -59.38
N LEU QA 346 72.72 27.92 -60.43
CA LEU QA 346 74.03 28.15 -60.97
C LEU QA 346 73.95 28.61 -62.39
N VAL QA 347 74.55 29.74 -62.68
CA VAL QA 347 74.81 30.06 -64.06
C VAL QA 347 76.28 30.30 -64.23
N SER QA 348 76.72 30.23 -65.46
CA SER QA 348 77.97 30.83 -65.84
C SER QA 348 77.62 32.18 -66.41
N TRP QA 349 78.40 33.16 -66.00
CA TRP QA 349 78.18 34.54 -66.34
C TRP QA 349 79.06 34.89 -67.52
N HIS QA 350 80.37 34.77 -67.35
CA HIS QA 350 81.29 35.13 -68.41
C HIS QA 350 82.46 34.19 -68.46
N GLY QA 351 82.21 32.90 -68.32
CA GLY QA 351 83.28 32.01 -67.96
C GLY QA 351 83.63 32.05 -66.49
N LYS QA 352 83.25 33.11 -65.80
CA LYS QA 352 83.05 33.11 -64.37
C LYS QA 352 81.71 32.46 -64.09
N VAL QA 353 81.56 31.87 -62.92
CA VAL QA 353 80.36 31.13 -62.56
C VAL QA 353 79.73 31.76 -61.31
N MET QA 354 78.42 31.91 -61.34
CA MET QA 354 77.69 32.54 -60.28
C MET QA 354 76.70 31.56 -59.64
N GLN QA 355 76.81 31.45 -58.33
CA GLN QA 355 75.74 30.96 -57.49
C GLN QA 355 74.68 32.04 -57.38
N LEU QA 356 73.44 31.64 -57.18
CA LEU QA 356 72.32 32.57 -57.05
C LEU QA 356 71.33 32.03 -56.04
N LYS QA 357 70.89 32.85 -55.11
CA LYS QA 357 69.93 32.35 -54.14
C LYS QA 357 68.53 32.76 -54.56
N VAL QA 358 67.57 31.89 -54.29
CA VAL QA 358 66.19 32.26 -54.46
C VAL QA 358 65.49 32.18 -53.12
N GLU QA 359 64.34 32.81 -53.04
CA GLU QA 359 63.49 32.74 -51.87
C GLU QA 359 62.13 32.27 -52.34
N GLY QA 360 61.54 31.35 -51.60
CA GLY QA 360 60.29 30.76 -52.00
C GLY QA 360 60.53 29.88 -53.19
N LEU RA 41 74.47 39.22 -45.36
CA LEU RA 41 73.87 40.21 -46.25
C LEU RA 41 74.75 40.46 -47.46
N PRO RA 42 74.13 40.65 -48.63
CA PRO RA 42 74.89 40.91 -49.86
C PRO RA 42 75.59 42.28 -49.83
N CYS RA 43 76.42 42.51 -50.85
CA CYS RA 43 77.42 43.57 -50.79
C CYS RA 43 76.87 44.94 -51.21
N ARG RA 44 77.19 45.95 -50.40
CA ARG RA 44 77.20 47.31 -50.92
C ARG RA 44 78.47 47.51 -51.72
N VAL RA 45 79.60 47.55 -51.01
CA VAL RA 45 80.90 47.59 -51.63
C VAL RA 45 81.34 46.15 -51.89
N ASP RA 46 81.98 45.96 -53.02
CA ASP RA 46 82.64 44.69 -53.31
C ASP RA 46 84.08 44.69 -52.78
N GLY RA 47 84.21 45.01 -51.50
CA GLY RA 47 85.51 45.08 -50.85
C GLY RA 47 86.38 46.18 -51.38
N ALA RA 48 85.81 47.32 -51.76
CA ALA RA 48 86.61 48.39 -52.35
C ALA RA 48 85.97 49.71 -51.98
N CYS RA 49 86.76 50.77 -52.08
CA CYS RA 49 86.23 52.10 -51.87
C CYS RA 49 86.76 53.03 -52.96
N ASP RA 50 85.82 53.82 -53.47
CA ASP RA 50 86.13 54.76 -54.52
C ASP RA 50 87.10 55.82 -54.04
N ALA RA 51 87.08 56.10 -52.73
CA ALA RA 51 88.06 57.00 -52.14
C ALA RA 51 89.47 56.43 -52.26
N THR RA 52 89.63 55.14 -52.03
CA THR RA 52 90.93 54.52 -52.22
C THR RA 52 91.36 54.59 -53.67
N ILE RA 53 90.40 54.34 -54.55
CA ILE RA 53 90.62 54.44 -55.98
C ILE RA 53 91.14 55.82 -56.37
N ILE RA 54 90.48 56.85 -55.89
CA ILE RA 54 90.90 58.18 -56.28
C ILE RA 54 92.19 58.58 -55.59
N LYS RA 55 92.44 58.07 -54.38
CA LYS RA 55 93.74 58.22 -53.76
C LYS RA 55 94.84 57.66 -54.63
N MET RA 56 94.54 56.54 -55.32
CA MET RA 56 95.53 55.96 -56.19
C MET RA 56 95.83 56.94 -57.32
N MET RA 57 94.78 57.25 -58.14
CA MET RA 57 95.02 58.00 -59.37
C MET RA 57 95.67 59.33 -59.12
N THR RA 58 95.27 59.99 -58.01
CA THR RA 58 95.96 61.18 -57.58
C THR RA 58 97.43 60.91 -57.39
N ASP RA 59 97.78 59.90 -56.61
CA ASP RA 59 99.18 59.79 -56.24
C ASP RA 59 100.03 59.25 -57.38
N LEU RA 60 99.47 58.40 -58.22
CA LEU RA 60 100.24 57.81 -59.30
C LEU RA 60 100.27 58.69 -60.53
N ASN RA 61 99.46 59.71 -60.54
CA ASN RA 61 99.68 60.70 -61.54
C ASN RA 61 100.49 61.86 -60.99
N LYS RA 62 100.52 62.02 -59.67
CA LYS RA 62 101.57 62.80 -59.02
C LYS RA 62 102.92 62.18 -59.34
N LYS RA 63 102.94 60.86 -59.32
CA LYS RA 63 104.07 60.07 -59.76
C LYS RA 63 104.06 59.87 -61.25
N GLY RA 64 103.06 60.37 -61.94
CA GLY RA 64 103.14 60.57 -63.36
C GLY RA 64 102.76 59.38 -64.18
N ILE RA 65 102.59 58.22 -63.58
CA ILE RA 65 102.25 57.05 -64.37
C ILE RA 65 100.78 57.16 -64.73
N LYS RA 66 100.51 57.21 -66.02
CA LYS RA 66 99.35 57.95 -66.45
C LYS RA 66 98.14 57.05 -66.48
N VAL RA 67 97.11 57.45 -65.75
CA VAL RA 67 95.84 56.76 -65.75
C VAL RA 67 94.94 57.51 -66.72
N ALA RA 68 94.45 56.83 -67.73
CA ALA RA 68 93.29 57.29 -68.47
C ALA RA 68 92.05 56.66 -67.87
N SER RA 69 91.01 57.46 -67.75
CA SER RA 69 89.77 56.98 -67.14
C SER RA 69 88.63 57.51 -67.98
N VAL RA 70 88.31 56.80 -69.04
CA VAL RA 70 87.68 57.41 -70.20
C VAL RA 70 86.47 56.59 -70.62
N GLY RA 71 85.32 57.26 -70.66
CA GLY RA 71 84.08 56.60 -70.91
C GLY RA 71 83.87 55.56 -69.84
N GLN RA 72 83.96 54.31 -70.23
CA GLN RA 72 83.96 53.27 -69.25
C GLN RA 72 85.29 52.55 -69.20
N ASN RA 73 86.13 52.75 -70.20
CA ASN RA 73 87.36 52.01 -70.26
C ASN RA 73 88.45 52.76 -69.53
N TYR RA 74 89.33 52.02 -68.92
CA TYR RA 74 90.35 52.62 -68.10
C TYR RA 74 91.69 52.05 -68.55
N LEU RA 75 92.67 52.93 -68.61
CA LEU RA 75 93.94 52.66 -69.24
C LEU RA 75 95.03 53.17 -68.33
N ILE RA 76 96.16 52.49 -68.30
CA ILE RA 76 97.37 53.09 -67.75
C ILE RA 76 98.48 52.98 -68.76
N SER RA 77 99.07 54.12 -69.06
CA SER RA 77 100.27 54.20 -69.86
C SER RA 77 101.42 54.40 -68.89
N ILE RA 78 102.53 53.76 -69.19
CA ILE RA 78 103.69 53.76 -68.32
C ILE RA 78 104.89 53.96 -69.23
N PRO RA 79 105.83 54.82 -68.88
CA PRO RA 79 107.14 54.76 -69.52
C PRO RA 79 107.83 53.47 -69.15
N ALA RA 80 108.33 52.77 -70.16
CA ALA RA 80 109.04 51.51 -69.92
C ALA RA 80 110.38 51.73 -69.25
N SER RA 81 110.90 52.96 -69.26
CA SER RA 81 112.21 53.24 -68.71
C SER RA 81 112.27 53.04 -67.22
N ALA RA 82 111.16 53.31 -66.53
CA ALA RA 82 111.14 53.08 -65.10
C ALA RA 82 111.13 51.61 -64.75
N LEU RA 83 110.85 50.73 -65.71
CA LEU RA 83 110.62 49.33 -65.42
C LEU RA 83 111.67 48.41 -66.02
N PHE RA 84 111.74 48.35 -67.32
CA PHE RA 84 112.74 47.52 -67.94
C PHE RA 84 114.01 48.31 -68.01
N ALA RA 85 115.12 47.61 -68.10
CA ALA RA 85 116.34 48.32 -68.38
C ALA RA 85 116.44 48.48 -69.88
N ASP RA 86 117.54 49.09 -70.28
CA ASP RA 86 117.82 49.49 -71.64
C ASP RA 86 117.80 48.29 -72.60
N GLN RA 87 116.78 48.26 -73.46
CA GLN RA 87 116.54 47.19 -74.43
C GLN RA 87 116.39 45.82 -73.79
N SER RA 88 116.06 45.79 -72.51
CA SER RA 88 116.02 44.50 -71.86
C SER RA 88 114.55 44.20 -71.65
N PRO RA 89 114.18 43.00 -71.73
CA PRO RA 89 112.91 42.59 -71.12
C PRO RA 89 113.13 42.20 -69.67
N ARG RA 90 113.88 43.02 -68.95
CA ARG RA 90 114.32 42.63 -67.64
C ARG RA 90 113.99 43.76 -66.69
N LEU RA 91 113.23 43.41 -65.67
CA LEU RA 91 112.73 44.37 -64.71
C LEU RA 91 113.73 44.55 -63.59
N ASN RA 92 113.55 45.60 -62.81
CA ASN RA 92 114.39 45.76 -61.65
C ASN RA 92 113.60 45.59 -60.36
N TRP RA 93 114.20 46.08 -59.28
CA TRP RA 93 113.80 45.67 -57.96
C TRP RA 93 112.69 46.52 -57.39
N ALA RA 94 112.97 47.81 -57.15
CA ALA RA 94 112.07 48.69 -56.43
C ALA RA 94 110.83 49.02 -57.23
N SER RA 95 110.84 48.68 -58.51
CA SER RA 95 109.69 48.71 -59.38
C SER RA 95 108.52 47.92 -58.86
N TYR RA 96 108.79 46.83 -58.16
CA TYR RA 96 107.74 45.88 -57.88
C TYR RA 96 106.75 46.35 -56.83
N SER RA 97 107.16 47.30 -55.98
CA SER RA 97 106.18 47.99 -55.14
C SER RA 97 105.14 48.67 -56.01
N LEU RA 98 105.61 49.35 -57.04
CA LEU RA 98 104.72 50.05 -57.95
C LEU RA 98 103.89 49.08 -58.76
N LEU RA 99 104.51 48.00 -59.22
CA LEU RA 99 103.81 47.01 -60.02
C LEU RA 99 102.73 46.31 -59.24
N ASN RA 100 102.99 46.07 -57.98
CA ASN RA 100 102.01 45.36 -57.21
C ASN RA 100 100.89 46.30 -56.78
N GLU RA 101 101.18 47.58 -56.58
CA GLU RA 101 100.09 48.46 -56.25
C GLU RA 101 99.25 48.81 -57.47
N ILE RA 102 99.82 48.63 -58.67
CA ILE RA 102 98.99 48.52 -59.86
C ILE RA 102 98.01 47.39 -59.73
N ALA RA 103 98.50 46.18 -59.42
CA ALA RA 103 97.59 45.04 -59.32
C ALA RA 103 96.57 45.23 -58.21
N ALA RA 104 96.97 45.93 -57.16
CA ALA RA 104 96.07 46.33 -56.10
C ALA RA 104 94.96 47.20 -56.62
N PHE RA 105 95.31 48.09 -57.52
CA PHE RA 105 94.23 48.84 -58.13
C PHE RA 105 93.40 47.97 -59.07
N LEU RA 106 94.04 47.00 -59.69
CA LEU RA 106 93.33 46.16 -60.64
C LEU RA 106 92.26 45.34 -59.99
N LYS RA 107 92.49 44.99 -58.75
CA LYS RA 107 91.45 44.41 -57.94
C LYS RA 107 90.27 45.31 -57.69
N GLN RA 108 90.38 46.61 -57.92
CA GLN RA 108 89.26 47.45 -57.53
C GLN RA 108 88.05 47.34 -58.44
N PHE RA 109 88.13 46.63 -59.54
CA PHE RA 109 86.96 46.54 -60.39
C PHE RA 109 86.65 45.13 -60.77
N ARG RA 110 85.38 44.88 -60.97
CA ARG RA 110 84.97 43.66 -61.63
C ARG RA 110 85.37 43.88 -63.08
N LYS RA 111 86.13 42.94 -63.65
CA LYS RA 111 86.58 43.06 -65.02
C LYS RA 111 86.73 41.70 -65.66
N ILE RA 112 86.83 41.71 -66.98
CA ILE RA 112 86.76 40.50 -67.78
C ILE RA 112 88.07 40.21 -68.46
N ALA RA 113 88.51 41.13 -69.31
CA ALA RA 113 89.68 40.93 -70.13
C ALA RA 113 90.60 42.10 -69.89
N ILE RA 114 91.89 41.82 -69.87
CA ILE RA 114 92.89 42.85 -69.74
C ILE RA 114 93.85 42.72 -70.90
N THR RA 115 94.04 43.80 -71.63
CA THR RA 115 94.99 43.78 -72.72
C THR RA 115 96.21 44.59 -72.32
N VAL RA 116 97.36 44.00 -72.49
CA VAL RA 116 98.59 44.73 -72.31
C VAL RA 116 99.36 44.71 -73.63
N THR RA 117 99.82 45.88 -74.01
CA THR RA 117 100.77 46.01 -75.09
C THR RA 117 101.90 46.87 -74.60
N SER RA 118 103.02 46.73 -75.26
CA SER RA 118 104.15 47.58 -74.93
C SER RA 118 104.74 48.08 -76.22
N TYR RA 119 105.39 49.22 -76.15
CA TYR RA 119 106.03 49.75 -77.34
C TYR RA 119 107.42 50.18 -76.99
N SER RA 120 108.30 50.04 -77.96
CA SER RA 120 109.67 50.42 -77.76
C SER RA 120 110.16 51.20 -78.95
N SER RA 121 110.94 52.24 -78.67
CA SER RA 121 111.63 53.00 -79.69
C SER RA 121 112.52 52.09 -80.53
N LYS RA 122 112.55 52.36 -81.82
CA LYS RA 122 113.13 51.46 -82.79
C LYS RA 122 114.63 51.39 -82.59
N TYR RA 123 115.14 50.20 -82.34
CA TYR RA 123 116.50 50.08 -81.90
C TYR RA 123 117.42 49.38 -82.90
N VAL RA 124 117.14 48.14 -83.25
CA VAL RA 124 118.01 47.45 -84.17
C VAL RA 124 117.24 46.81 -85.32
N SER RA 125 116.31 45.91 -85.04
CA SER RA 125 115.74 45.14 -86.14
C SER RA 125 114.33 44.75 -85.79
N VAL RA 126 113.44 44.95 -86.76
CA VAL RA 126 112.00 45.02 -86.55
C VAL RA 126 111.47 43.78 -85.85
N LYS RA 127 112.10 42.65 -86.16
CA LYS RA 127 111.96 41.44 -85.42
C LYS RA 127 112.30 41.64 -83.95
N ARG RA 128 113.40 42.32 -83.63
CA ARG RA 128 113.72 42.32 -82.22
C ARG RA 128 112.99 43.40 -81.46
N GLU RA 129 112.51 44.46 -82.11
CA GLU RA 129 111.75 45.35 -81.25
C GLU RA 129 110.37 44.77 -81.02
N ARG RA 130 109.83 44.07 -82.03
CA ARG RA 130 108.71 43.17 -81.78
C ARG RA 130 108.99 42.23 -80.64
N ALA RA 131 110.15 41.60 -80.67
CA ALA RA 131 110.48 40.63 -79.65
C ALA RA 131 110.65 41.28 -78.30
N LEU RA 132 111.29 42.43 -78.25
CA LEU RA 132 111.62 43.05 -76.99
C LEU RA 132 110.36 43.51 -76.32
N THR RA 133 109.50 44.15 -77.09
CA THR RA 133 108.21 44.52 -76.58
C THR RA 133 107.37 43.33 -76.20
N LEU RA 134 107.40 42.28 -77.02
CA LEU RA 134 106.58 41.11 -76.78
C LEU RA 134 106.99 40.41 -75.51
N ALA RA 135 108.28 40.32 -75.30
CA ALA RA 135 108.81 39.74 -74.09
C ALA RA 135 108.52 40.63 -72.90
N ARG RA 136 108.65 41.95 -73.08
CA ARG RA 136 108.42 42.89 -72.00
C ARG RA 136 106.99 42.79 -71.52
N SER RA 137 106.08 42.75 -72.47
CA SER RA 137 104.67 42.56 -72.22
C SER RA 137 104.40 41.25 -71.53
N ARG RA 138 104.97 40.17 -72.05
CA ARG RA 138 104.65 38.88 -71.49
C ARG RA 138 105.24 38.70 -70.12
N VAL RA 139 106.33 39.40 -69.78
CA VAL RA 139 106.91 39.18 -68.46
C VAL RA 139 106.15 39.97 -67.42
N VAL RA 140 105.72 41.18 -67.75
CA VAL RA 140 104.95 41.86 -66.74
C VAL RA 140 103.56 41.27 -66.65
N SER RA 141 103.06 40.70 -67.76
CA SER RA 141 101.79 40.02 -67.77
C SER RA 141 101.82 38.76 -66.95
N GLU RA 142 102.90 37.99 -67.09
CA GLU RA 142 103.11 36.83 -66.26
C GLU RA 142 103.11 37.23 -64.81
N TYR RA 143 103.79 38.34 -64.50
CA TYR RA 143 103.87 38.75 -63.11
C TYR RA 143 102.53 39.12 -62.56
N LEU RA 144 101.75 39.87 -63.29
CA LEU RA 144 100.53 40.27 -62.66
C LEU RA 144 99.46 39.20 -62.75
N TRP RA 145 99.53 38.33 -63.76
CA TRP RA 145 98.66 37.16 -63.77
C TRP RA 145 98.91 36.27 -62.60
N SER RA 146 100.18 36.09 -62.27
CA SER RA 146 100.54 35.42 -61.05
C SER RA 146 100.02 36.20 -59.87
N GLN RA 147 100.05 37.51 -59.97
CA GLN RA 147 99.55 38.34 -58.91
C GLN RA 147 98.03 38.32 -59.00
N GLY RA 148 97.40 39.25 -58.31
CA GLY RA 148 95.96 39.29 -58.37
C GLY RA 148 95.47 39.74 -59.73
N VAL RA 149 94.94 38.79 -60.49
CA VAL RA 149 94.14 39.08 -61.67
C VAL RA 149 92.72 38.64 -61.46
N ASP RA 150 91.83 39.57 -61.73
CA ASP RA 150 90.42 39.31 -61.71
C ASP RA 150 89.88 39.25 -63.12
N SER RA 151 90.77 39.36 -64.09
CA SER RA 151 90.35 39.16 -65.45
C SER RA 151 90.07 37.70 -65.70
N ARG RA 152 89.27 37.46 -66.72
CA ARG RA 152 89.22 36.10 -67.21
C ARG RA 152 90.27 35.88 -68.28
N ILE RA 153 90.57 36.92 -69.03
CA ILE RA 153 91.45 36.81 -70.18
C ILE RA 153 92.50 37.90 -70.05
N ILE RA 154 93.75 37.56 -70.33
CA ILE RA 154 94.74 38.58 -70.56
C ILE RA 154 95.32 38.38 -71.94
N PHE RA 155 95.09 39.34 -72.82
CA PHE RA 155 95.75 39.40 -74.11
C PHE RA 155 97.04 40.19 -73.94
N THR RA 156 98.10 39.72 -74.58
CA THR RA 156 99.40 40.38 -74.46
C THR RA 156 100.14 40.42 -75.79
N GLN RA 157 100.71 41.61 -76.06
CA GLN RA 157 101.63 41.86 -77.16
C GLN RA 157 102.29 43.23 -77.01
N GLY RA 158 103.13 43.54 -77.97
CA GLY RA 158 103.81 44.82 -78.01
C GLY RA 158 104.46 44.97 -79.36
N LEU RA 159 104.65 46.21 -79.78
CA LEU RA 159 105.22 46.48 -81.08
C LEU RA 159 106.36 47.47 -80.98
N GLY RA 160 107.23 47.45 -81.97
CA GLY RA 160 108.40 48.28 -81.86
C GLY RA 160 108.15 49.74 -82.17
N SER RA 161 107.36 50.40 -81.30
CA SER RA 161 106.84 51.76 -81.50
C SER RA 161 106.35 51.96 -82.93
N ASP RA 162 105.61 50.99 -83.44
CA ASP RA 162 105.08 51.06 -84.78
C ASP RA 162 104.02 52.12 -84.88
N LYS RA 163 103.50 52.51 -83.73
CA LYS RA 163 102.52 53.55 -83.58
C LYS RA 163 103.07 54.45 -82.49
N PRO RA 164 104.07 55.26 -82.81
CA PRO RA 164 104.64 56.15 -81.82
C PRO RA 164 103.63 57.24 -81.51
N ILE RA 165 103.47 57.55 -80.23
CA ILE RA 165 102.55 58.61 -79.85
C ILE RA 165 103.23 59.95 -79.83
N THR RA 166 104.54 59.98 -79.83
CA THR RA 166 105.26 61.17 -80.18
C THR RA 166 106.17 60.81 -81.33
N SER RA 167 106.44 61.81 -82.15
CA SER RA 167 107.57 61.68 -83.05
C SER RA 167 108.76 62.50 -82.58
N TYR RA 168 108.64 63.24 -81.48
CA TYR RA 168 109.85 63.67 -80.78
C TYR RA 168 110.58 62.43 -80.31
N THR RA 169 111.71 62.18 -80.93
CA THR RA 169 112.37 60.89 -80.90
C THR RA 169 113.74 61.00 -80.25
N LEU RA 170 113.75 61.64 -79.07
CA LEU RA 170 114.93 62.07 -78.31
C LEU RA 170 116.01 61.01 -78.19
N GLY RA 171 115.64 59.74 -78.21
CA GLY RA 171 116.60 58.68 -78.36
C GLY RA 171 115.93 57.31 -78.40
N GLY RA 172 116.54 56.39 -77.68
CA GLY RA 172 116.02 55.06 -77.60
C GLY RA 172 115.16 54.93 -76.38
N ASP RA 173 115.73 54.39 -75.31
CA ASP RA 173 114.91 53.95 -74.19
C ASP RA 173 114.68 55.03 -73.15
N ARG RA 174 114.95 56.28 -73.48
CA ARG RA 174 114.32 57.32 -72.69
C ARG RA 174 113.18 57.98 -73.42
N SER RA 175 112.84 57.51 -74.61
CA SER RA 175 111.65 57.99 -75.27
C SER RA 175 110.40 57.51 -74.53
N PRO RA 176 109.35 58.32 -74.51
CA PRO RA 176 108.05 57.81 -74.12
C PRO RA 176 107.46 56.82 -75.10
N ASN RA 177 107.98 56.69 -76.32
CA ASN RA 177 107.51 55.61 -77.17
C ASN RA 177 108.03 54.27 -76.72
N ALA RA 178 109.06 54.28 -75.88
CA ALA RA 178 109.33 53.14 -75.01
C ALA RA 178 108.39 53.27 -73.82
N ARG RA 179 107.53 52.29 -73.68
CA ARG RA 179 106.32 52.42 -72.89
C ARG RA 179 105.64 51.08 -72.83
N VAL RA 180 104.70 50.99 -71.91
CA VAL RA 180 103.86 49.82 -71.78
C VAL RA 180 102.50 50.31 -71.32
N GLU RA 181 101.47 49.68 -71.85
CA GLU RA 181 100.13 50.20 -71.75
C GLU RA 181 99.17 49.06 -71.46
N ILE RA 182 98.21 49.34 -70.59
CA ILE RA 182 97.24 48.34 -70.17
C ILE RA 182 95.87 48.94 -70.29
N THR RA 183 95.01 48.27 -71.02
CA THR RA 183 93.63 48.67 -71.14
C THR RA 183 92.74 47.64 -70.50
N PHE RA 184 91.64 48.11 -69.94
CA PHE RA 184 90.50 47.26 -69.66
C PHE RA 184 89.27 48.11 -69.73
N ARG RA 185 88.12 47.45 -69.73
CA ARG RA 185 86.85 48.09 -69.46
C ARG RA 185 86.31 47.55 -68.16
N ARG RA 186 86.00 48.45 -67.22
CA ARG RA 186 85.45 48.04 -65.94
C ARG RA 186 84.12 47.36 -66.19
N ALA RA 187 84.04 46.09 -65.86
CA ALA RA 187 82.84 45.33 -66.14
C ALA RA 187 81.76 45.76 -65.16
N VAL RA 188 80.67 46.29 -65.71
CA VAL RA 188 79.42 46.71 -65.06
C VAL RA 188 79.59 47.42 -63.72
N UNK SA 1 162.54 28.70 -103.72
CA UNK SA 1 161.93 29.38 -102.58
C UNK SA 1 160.57 28.78 -102.23
N UNK SA 2 159.57 29.03 -103.07
CA UNK SA 2 158.20 28.63 -102.79
C UNK SA 2 157.99 27.14 -103.06
N UNK SA 3 156.72 26.73 -103.04
CA UNK SA 3 156.40 25.32 -103.28
C UNK SA 3 155.67 25.25 -104.62
N UNK SA 4 156.38 24.80 -105.65
CA UNK SA 4 155.86 24.70 -107.01
C UNK SA 4 156.35 23.40 -107.65
N UNK SA 5 155.60 22.32 -107.46
CA UNK SA 5 155.82 21.06 -108.17
C UNK SA 5 154.51 20.31 -108.19
N UNK SA 6 154.33 19.47 -109.21
CA UNK SA 6 153.27 18.47 -109.25
C UNK SA 6 154.00 17.13 -109.34
N UNK SA 7 154.46 16.66 -108.20
CA UNK SA 7 155.51 15.67 -108.10
C UNK SA 7 155.32 14.92 -106.80
N UNK SA 8 156.41 14.32 -106.33
CA UNK SA 8 156.55 13.93 -104.93
C UNK SA 8 157.62 14.86 -104.36
N UNK SA 9 157.20 16.03 -103.87
CA UNK SA 9 158.12 16.88 -103.12
C UNK SA 9 158.56 16.18 -101.85
N UNK SA 10 157.62 15.54 -101.16
CA UNK SA 10 157.77 14.47 -100.16
C UNK SA 10 158.45 14.88 -98.87
N UNK SA 11 159.09 16.04 -98.86
CA UNK SA 11 159.93 16.43 -97.74
C UNK SA 11 160.03 17.95 -97.82
N UNK SA 12 159.19 18.62 -97.05
CA UNK SA 12 159.30 20.05 -96.90
C UNK SA 12 158.96 20.32 -95.44
N UNK SA 13 159.98 20.24 -94.60
CA UNK SA 13 159.94 20.84 -93.27
C UNK SA 13 160.63 22.20 -93.36
N UNK SA 14 160.08 23.02 -94.25
CA UNK SA 14 160.73 24.27 -94.67
C UNK SA 14 159.71 25.38 -94.72
N UNK SA 15 160.15 26.60 -94.41
CA UNK SA 15 159.33 27.81 -94.47
C UNK SA 15 159.67 28.59 -95.73
N UNK SA 16 158.63 29.00 -96.46
CA UNK SA 16 158.79 29.69 -97.73
C UNK SA 16 159.16 31.16 -97.53
N UNK SA 17 159.47 31.83 -98.65
CA UNK SA 17 160.19 33.09 -98.69
C UNK SA 17 159.27 34.31 -98.81
N UNK SA 18 159.89 35.47 -98.98
CA UNK SA 18 159.18 36.65 -99.43
C UNK SA 18 158.84 36.48 -100.90
N UNK SA 19 157.62 36.92 -101.23
CA UNK SA 19 157.01 36.72 -102.56
C UNK SA 19 157.04 35.25 -102.96
N UNK SA 20 156.74 34.37 -102.03
CA UNK SA 20 156.78 32.94 -102.30
C UNK SA 20 155.38 32.46 -102.64
N UNK SA 21 155.14 32.31 -103.94
CA UNK SA 21 153.87 31.79 -104.44
C UNK SA 21 153.90 30.27 -104.36
N UNK SA 22 153.70 29.76 -103.14
CA UNK SA 22 153.74 28.33 -102.90
C UNK SA 22 152.45 27.73 -103.45
N UNK SA 23 152.43 27.49 -104.76
CA UNK SA 23 151.29 26.92 -105.47
C UNK SA 23 151.50 25.44 -105.77
N UNK SA 24 151.70 24.64 -104.73
CA UNK SA 24 152.14 23.26 -104.93
C UNK SA 24 151.00 22.35 -105.36
N UNK SA 25 151.37 21.33 -106.14
CA UNK SA 25 150.52 20.17 -106.41
C UNK SA 25 151.31 18.88 -106.21
N UNK SA 26 152.42 18.96 -105.47
CA UNK SA 26 153.31 17.83 -105.32
C UNK SA 26 152.95 17.01 -104.11
N UNK SA 27 153.34 15.74 -104.15
CA UNK SA 27 153.15 14.87 -102.99
C UNK SA 27 154.19 15.27 -101.96
N UNK SA 28 153.74 15.86 -100.85
CA UNK SA 28 154.61 16.24 -99.74
C UNK SA 28 154.23 15.37 -98.56
N UNK SA 29 154.98 14.28 -98.37
CA UNK SA 29 154.70 13.35 -97.28
C UNK SA 29 155.05 13.98 -95.94
N UNK SA 30 156.28 14.42 -95.78
CA UNK SA 30 156.64 15.24 -94.63
C UNK SA 30 156.33 16.69 -94.98
N UNK SA 31 155.05 17.05 -94.82
CA UNK SA 31 154.56 18.36 -95.18
C UNK SA 31 154.42 19.21 -93.93
N UNK SA 32 155.16 20.31 -93.90
CA UNK SA 32 155.00 21.32 -92.87
C UNK SA 32 155.42 22.64 -93.52
N UNK SA 33 154.44 23.38 -94.04
CA UNK SA 33 154.70 24.55 -94.86
C UNK SA 33 154.25 25.81 -94.13
N UNK SA 34 155.21 26.52 -93.55
CA UNK SA 34 154.93 27.83 -92.94
C UNK SA 34 155.40 28.95 -93.88
N UNK SA 35 154.63 29.14 -94.95
CA UNK SA 35 154.96 30.13 -95.98
C UNK SA 35 154.86 31.55 -95.43
N UNK SA 36 155.63 32.46 -96.01
CA UNK SA 36 155.78 33.79 -95.42
C UNK SA 36 155.13 34.92 -96.20
N UNK SA 37 155.18 34.90 -97.53
CA UNK SA 37 154.62 36.01 -98.27
C UNK SA 37 154.18 35.50 -99.62
N UNK SA 38 153.07 36.09 -100.09
CA UNK SA 38 152.39 35.73 -101.34
C UNK SA 38 152.03 34.26 -101.39
N UNK SA 39 151.66 33.69 -100.24
CA UNK SA 39 151.39 32.26 -100.16
C UNK SA 39 150.17 31.93 -100.99
N UNK SA 40 150.33 30.99 -101.91
CA UNK SA 40 149.42 30.81 -103.03
C UNK SA 40 148.97 29.37 -103.12
N UNK SA 41 148.56 28.81 -101.98
CA UNK SA 41 148.24 27.40 -101.86
C UNK SA 41 147.01 27.02 -102.66
N UNK SA 42 147.14 25.99 -103.50
CA UNK SA 42 146.03 25.33 -104.20
C UNK SA 42 146.46 23.89 -104.50
N UNK SA 43 146.06 22.97 -103.65
CA UNK SA 43 146.58 21.61 -103.73
C UNK SA 43 145.48 20.56 -103.56
N UNK SA 44 145.75 19.37 -104.08
CA UNK SA 44 144.87 18.21 -103.98
C UNK SA 44 145.70 17.04 -103.44
N UNK SA 45 145.80 16.94 -102.13
CA UNK SA 45 146.69 15.97 -101.50
C UNK SA 45 146.14 15.53 -100.15
N UNK SA 46 147.02 14.93 -99.35
CA UNK SA 46 146.69 14.53 -97.99
C UNK SA 46 147.92 14.82 -97.12
N UNK SA 47 147.84 15.86 -96.32
CA UNK SA 47 148.96 16.29 -95.48
C UNK SA 47 149.01 15.54 -94.17
N UNK SA 48 147.84 15.16 -93.65
CA UNK SA 48 147.59 14.36 -92.45
C UNK SA 48 147.98 15.05 -91.16
N UNK SA 49 148.73 16.15 -91.21
CA UNK SA 49 149.11 16.84 -89.99
C UNK SA 49 149.30 18.33 -90.21
N UNK SA 50 148.53 18.95 -91.09
CA UNK SA 50 148.83 20.32 -91.46
C UNK SA 50 148.50 21.24 -90.29
N UNK SA 51 149.56 21.65 -89.62
CA UNK SA 51 149.49 22.70 -88.64
C UNK SA 51 150.04 23.94 -89.35
N UNK SA 52 149.17 24.58 -90.11
CA UNK SA 52 149.59 25.69 -90.93
C UNK SA 52 149.58 26.99 -90.15
N UNK SA 53 150.60 27.81 -90.39
CA UNK SA 53 150.64 29.19 -89.95
C UNK SA 53 150.60 30.07 -91.21
N UNK SA 54 149.89 31.20 -91.11
CA UNK SA 54 149.68 32.03 -92.29
C UNK SA 54 149.94 33.50 -91.99
N UNK SA 55 150.82 34.10 -92.80
CA UNK SA 55 151.05 35.54 -92.85
C UNK SA 55 150.22 36.14 -93.99
N UNK SA 56 150.49 37.40 -94.34
CA UNK SA 56 149.68 38.14 -95.30
C UNK SA 56 149.83 37.59 -96.71
N UNK SA 57 148.83 37.91 -97.54
CA UNK SA 57 148.70 37.45 -98.92
C UNK SA 57 148.72 35.92 -99.01
N UNK SA 58 148.06 35.30 -98.05
CA UNK SA 58 147.95 33.85 -98.04
C UNK SA 58 146.59 33.53 -98.63
N UNK SA 59 146.56 33.45 -99.94
CA UNK SA 59 145.47 32.78 -100.64
C UNK SA 59 145.71 31.30 -100.48
N UNK SA 60 144.79 30.62 -99.82
CA UNK SA 60 144.96 29.21 -99.53
C UNK SA 60 143.74 28.46 -100.02
N UNK SA 61 143.97 27.28 -100.58
CA UNK SA 61 142.92 26.44 -101.16
C UNK SA 61 143.41 25.00 -101.16
N UNK SA 62 142.78 24.16 -100.34
CA UNK SA 62 143.34 22.84 -100.09
C UNK SA 62 142.27 21.77 -99.91
N UNK SA 63 142.67 20.52 -100.23
CA UNK SA 63 141.87 19.32 -99.99
C UNK SA 63 142.64 18.29 -99.16
N UNK SA 64 143.48 18.75 -98.24
CA UNK SA 64 144.34 17.90 -97.43
C UNK SA 64 144.04 18.13 -95.96
N UNK SA 65 144.40 17.14 -95.14
CA UNK SA 65 144.04 17.16 -93.73
C UNK SA 65 144.87 18.16 -92.97
N UNK SA 66 144.19 19.04 -92.24
CA UNK SA 66 144.86 19.99 -91.39
C UNK SA 66 144.64 19.64 -89.93
N UNK SA 67 145.56 20.07 -89.11
CA UNK SA 67 145.44 19.82 -87.69
C UNK SA 67 145.33 21.12 -86.91
N UNK SA 68 146.14 22.10 -87.27
CA UNK SA 68 146.09 23.36 -86.58
C UNK SA 68 146.15 24.47 -87.61
N UNK SA 69 145.56 25.60 -87.27
CA UNK SA 69 145.64 26.78 -88.12
C UNK SA 69 145.85 28.02 -87.25
N UNK SA 70 146.88 28.78 -87.59
CA UNK SA 70 147.23 29.99 -86.86
C UNK SA 70 147.39 31.15 -87.84
N UNK SA 71 146.89 32.31 -87.44
CA UNK SA 71 146.80 33.46 -88.33
C UNK SA 71 147.50 34.68 -87.75
N UNK SA 72 148.33 35.31 -88.58
CA UNK SA 72 149.11 36.46 -88.14
C UNK SA 72 148.51 37.80 -88.53
N UNK SA 73 148.37 38.11 -89.83
CA UNK SA 73 148.01 39.48 -90.21
C UNK SA 73 146.65 39.57 -90.90
N UNK SA 74 146.51 39.00 -92.10
CA UNK SA 74 145.29 39.08 -92.91
C UNK SA 74 145.44 38.13 -94.08
N UNK SA 75 144.49 37.21 -94.25
CA UNK SA 75 144.64 36.16 -95.22
C UNK SA 75 143.27 35.69 -95.70
N UNK SA 76 143.29 34.77 -96.67
CA UNK SA 76 142.07 34.30 -97.32
C UNK SA 76 142.21 32.80 -97.51
N UNK SA 77 141.47 32.04 -96.71
CA UNK SA 77 141.57 30.59 -96.77
C UNK SA 77 140.32 29.96 -97.36
N UNK SA 78 140.53 28.83 -98.04
CA UNK SA 78 139.47 28.02 -98.65
C UNK SA 78 139.97 26.58 -98.60
N UNK SA 79 139.58 25.86 -97.56
CA UNK SA 79 140.21 24.58 -97.28
C UNK SA 79 139.20 23.49 -96.95
N UNK SA 80 139.67 22.24 -97.02
CA UNK SA 80 138.90 21.03 -96.69
C UNK SA 80 139.73 20.07 -95.83
N UNK SA 81 139.62 20.19 -94.50
CA UNK SA 81 140.32 19.35 -93.55
C UNK SA 81 139.38 18.32 -92.92
N UNK SA 82 139.97 17.38 -92.15
CA UNK SA 82 139.12 16.30 -91.66
C UNK SA 82 139.22 16.01 -90.17
N UNK SA 83 140.41 16.06 -89.58
CA UNK SA 83 140.61 15.38 -88.30
C UNK SA 83 140.40 16.30 -87.12
N UNK SA 84 141.24 17.31 -86.95
CA UNK SA 84 141.16 18.14 -85.77
C UNK SA 84 141.59 19.54 -86.16
N UNK SA 85 141.26 20.49 -85.32
CA UNK SA 85 141.60 21.86 -85.62
C UNK SA 85 141.77 22.59 -84.31
N UNK SA 86 143.01 22.90 -84.01
CA UNK SA 86 143.32 23.89 -82.99
C UNK SA 86 143.38 25.21 -83.75
N UNK SA 87 142.48 26.13 -83.40
CA UNK SA 87 142.35 27.38 -84.14
C UNK SA 87 142.87 28.55 -83.31
N UNK SA 88 143.70 29.39 -83.92
CA UNK SA 88 144.17 30.60 -83.25
C UNK SA 88 144.40 31.69 -84.29
N UNK SA 89 143.81 32.86 -84.06
CA UNK SA 89 143.66 33.81 -85.15
C UNK SA 89 144.02 35.24 -84.76
N UNK SA 90 144.36 36.03 -85.79
CA UNK SA 90 144.37 37.49 -85.69
C UNK SA 90 144.02 38.11 -87.05
N UNK SA 91 142.84 38.72 -87.14
CA UNK SA 91 142.47 39.71 -88.14
C UNK SA 91 142.48 39.20 -89.57
N UNK SA 92 141.93 38.03 -89.82
CA UNK SA 92 141.97 37.51 -91.18
C UNK SA 92 140.59 37.01 -91.59
N UNK SA 93 140.56 36.24 -92.68
CA UNK SA 93 139.35 35.64 -93.18
C UNK SA 93 139.63 34.24 -93.66
N UNK SA 94 138.86 33.30 -93.17
CA UNK SA 94 139.10 31.93 -93.55
C UNK SA 94 137.78 31.28 -93.85
N UNK SA 95 137.80 30.36 -94.80
CA UNK SA 95 136.67 29.54 -95.11
C UNK SA 95 137.11 28.09 -95.13
N UNK SA 96 136.31 27.23 -94.52
CA UNK SA 96 136.57 25.82 -94.46
C UNK SA 96 135.31 25.07 -94.85
N UNK SA 97 135.46 23.85 -95.33
CA UNK SA 97 134.34 23.15 -95.93
C UNK SA 97 133.93 21.86 -95.22
N UNK SA 98 134.81 20.87 -95.17
CA UNK SA 98 134.41 19.48 -94.95
C UNK SA 98 134.23 19.18 -93.47
N UNK SA 99 133.81 17.96 -93.17
CA UNK SA 99 133.54 17.55 -91.79
C UNK SA 99 134.86 17.42 -91.07
N UNK SA 100 135.12 18.34 -90.15
CA UNK SA 100 136.28 18.28 -89.28
C UNK SA 100 135.86 18.47 -87.82
N UNK SA 101 136.85 18.57 -86.94
CA UNK SA 101 136.59 18.74 -85.52
C UNK SA 101 137.44 19.88 -85.00
N UNK SA 102 136.89 21.08 -85.02
CA UNK SA 102 137.52 22.20 -84.34
C UNK SA 102 137.46 21.91 -82.86
N UNK SA 103 138.61 21.60 -82.29
CA UNK SA 103 138.65 21.40 -80.85
C UNK SA 103 138.33 22.69 -80.13
N UNK SA 104 139.01 23.77 -80.49
CA UNK SA 104 138.77 25.04 -79.84
C UNK SA 104 139.09 26.17 -80.79
N UNK SA 105 138.52 27.33 -80.48
CA UNK SA 105 138.85 28.57 -81.16
C UNK SA 105 139.06 29.66 -80.12
N UNK SA 106 140.18 30.37 -80.24
CA UNK SA 106 140.52 31.47 -79.36
C UNK SA 106 140.91 32.65 -80.23
N UNK SA 107 140.16 33.76 -80.11
CA UNK SA 107 140.36 34.90 -80.98
C UNK SA 107 140.58 36.13 -80.13
N UNK SA 108 141.71 36.81 -80.33
CA UNK SA 108 141.94 38.10 -79.73
C UNK SA 108 141.71 39.25 -80.71
N UNK SA 109 141.27 38.94 -81.91
CA UNK SA 109 141.25 39.94 -82.98
C UNK SA 109 140.10 39.65 -83.94
N UNK SA 110 140.20 40.18 -85.16
CA UNK SA 110 139.08 40.25 -86.11
C UNK SA 110 139.14 39.06 -87.05
N UNK SA 111 138.25 38.09 -86.82
CA UNK SA 111 138.27 36.85 -87.59
C UNK SA 111 136.99 36.73 -88.37
N UNK SA 112 137.12 36.52 -89.66
CA UNK SA 112 136.01 36.13 -90.50
C UNK SA 112 136.15 34.64 -90.73
N UNK SA 113 135.85 33.86 -89.71
CA UNK SA 113 136.03 32.42 -89.79
C UNK SA 113 134.72 31.76 -90.19
N UNK SA 114 134.81 30.90 -91.19
CA UNK SA 114 133.63 30.21 -91.69
C UNK SA 114 133.96 28.75 -91.89
N UNK SA 115 132.94 27.92 -91.76
CA UNK SA 115 133.05 26.51 -92.08
C UNK SA 115 131.69 26.01 -92.49
N UNK SA 116 131.61 25.44 -93.69
CA UNK SA 116 130.38 24.90 -94.21
C UNK SA 116 129.93 23.64 -93.47
N UNK SA 117 130.86 22.78 -93.08
CA UNK SA 117 130.51 21.63 -92.27
C UNK SA 117 131.52 21.56 -91.14
N UNK SA 118 131.05 21.14 -89.97
CA UNK SA 118 131.91 20.91 -88.82
C UNK SA 118 131.19 19.94 -87.90
N UNK SA 119 131.59 18.68 -87.91
CA UNK SA 119 130.99 17.69 -87.01
C UNK SA 119 131.94 17.46 -85.85
N UNK SA 120 132.02 18.44 -84.97
CA UNK SA 120 132.82 18.35 -83.77
C UNK SA 120 131.89 18.03 -82.61
N UNK SA 121 132.42 18.12 -81.41
CA UNK SA 121 131.60 17.90 -80.23
C UNK SA 121 131.58 19.06 -79.27
N UNK SA 122 132.74 19.44 -78.74
CA UNK SA 122 132.80 20.47 -77.71
C UNK SA 122 133.57 21.64 -78.30
N UNK SA 123 132.84 22.51 -78.97
CA UNK SA 123 133.45 23.70 -79.53
C UNK SA 123 133.54 24.71 -78.41
N UNK SA 124 134.73 24.90 -77.91
CA UNK SA 124 134.97 25.90 -76.89
C UNK SA 124 135.56 27.11 -77.60
N UNK SA 125 134.91 28.25 -77.43
CA UNK SA 125 135.31 29.47 -78.09
C UNK SA 125 135.50 30.55 -77.04
N UNK SA 126 136.69 31.13 -77.01
CA UNK SA 126 136.95 32.29 -76.19
C UNK SA 126 137.22 33.49 -77.08
N UNK SA 127 136.58 34.61 -76.76
CA UNK SA 127 136.57 35.76 -77.63
C UNK SA 127 137.09 36.98 -76.90
N UNK SA 128 137.87 37.79 -77.63
CA UNK SA 128 138.46 39.02 -77.11
C UNK SA 128 138.33 40.12 -78.16
N UNK SA 129 137.20 40.82 -78.11
CA UNK SA 129 136.88 42.16 -78.58
C UNK SA 129 136.63 42.35 -80.08
N UNK SA 130 136.90 41.39 -80.97
CA UNK SA 130 136.74 41.82 -82.37
C UNK SA 130 136.13 40.82 -83.34
N UNK SA 131 136.24 39.52 -83.13
CA UNK SA 131 135.98 38.57 -84.20
C UNK SA 131 134.50 38.47 -84.54
N UNK SA 132 134.23 37.90 -85.70
CA UNK SA 132 132.87 37.58 -86.08
C UNK SA 132 132.94 36.32 -86.91
N UNK SA 133 132.83 35.19 -86.25
CA UNK SA 133 132.93 33.91 -86.92
C UNK SA 133 131.54 33.36 -87.10
N UNK SA 134 131.35 32.65 -88.20
CA UNK SA 134 130.07 32.03 -88.48
C UNK SA 134 130.39 30.69 -89.10
N UNK SA 135 130.38 29.65 -88.27
CA UNK SA 135 130.57 28.29 -88.75
C UNK SA 135 129.40 27.47 -88.28
N UNK SA 136 128.88 26.59 -89.13
CA UNK SA 136 127.61 25.92 -88.82
C UNK SA 136 127.47 24.61 -89.59
N UNK SA 137 127.69 23.47 -88.92
CA UNK SA 137 126.88 22.30 -89.27
C UNK SA 137 126.18 21.60 -88.12
N UNK SA 138 126.95 20.96 -87.23
CA UNK SA 138 126.39 20.01 -86.26
C UNK SA 138 127.43 19.71 -85.17
N UNK SA 139 127.17 20.17 -83.94
CA UNK SA 139 128.08 19.95 -82.82
C UNK SA 139 127.36 19.25 -81.68
N UNK SA 140 128.03 19.14 -80.54
CA UNK SA 140 127.39 18.61 -79.36
C UNK SA 140 127.37 19.58 -78.21
N UNK SA 141 128.51 20.15 -77.87
CA UNK SA 141 128.58 21.02 -76.69
C UNK SA 141 129.25 22.30 -77.15
N UNK SA 142 128.46 23.32 -77.35
CA UNK SA 142 128.98 24.60 -77.78
C UNK SA 142 129.08 25.51 -76.57
N UNK SA 143 130.29 25.82 -76.17
CA UNK SA 143 130.50 26.72 -75.04
C UNK SA 143 131.31 27.91 -75.50
N UNK SA 144 130.88 29.10 -75.10
CA UNK SA 144 131.51 30.31 -75.59
C UNK SA 144 131.66 31.32 -74.47
N UNK SA 145 132.90 31.62 -74.14
CA UNK SA 145 133.23 32.73 -73.27
C UNK SA 145 133.52 33.93 -74.16
N UNK SA 146 132.52 34.77 -74.34
CA UNK SA 146 132.72 36.01 -75.07
C UNK SA 146 133.04 37.07 -74.03
N UNK SA 147 134.31 37.09 -73.60
CA UNK SA 147 134.78 38.16 -72.73
C UNK SA 147 135.28 39.31 -73.60
N UNK SA 148 134.36 39.93 -74.32
CA UNK SA 148 134.67 40.52 -75.60
C UNK SA 148 133.84 41.77 -75.83
N UNK SA 149 133.89 42.27 -77.06
CA UNK SA 149 132.96 43.26 -77.60
C UNK SA 149 132.59 42.91 -79.04
N UNK SA 150 132.39 41.64 -79.33
CA UNK SA 150 132.44 41.17 -80.69
C UNK SA 150 131.13 40.49 -81.09
N UNK SA 151 131.15 39.86 -82.25
CA UNK SA 151 129.97 39.23 -82.81
C UNK SA 151 130.22 37.74 -82.95
N UNK SA 152 129.16 36.98 -82.86
CA UNK SA 152 129.26 35.53 -82.85
C UNK SA 152 128.04 35.02 -83.57
N UNK SA 153 128.18 34.80 -84.86
CA UNK SA 153 127.06 34.34 -85.66
C UNK SA 153 127.02 32.83 -85.70
N UNK SA 154 125.82 32.27 -85.66
CA UNK SA 154 125.65 30.84 -85.75
C UNK SA 154 124.26 30.52 -86.23
N UNK SA 155 124.19 29.83 -87.36
CA UNK SA 155 123.02 29.06 -87.74
C UNK SA 155 123.29 27.58 -87.55
N UNK SA 156 123.94 27.24 -86.41
CA UNK SA 156 124.49 25.91 -86.14
C UNK SA 156 123.57 25.13 -85.19
N UNK SA 157 123.49 23.81 -85.38
CA UNK SA 157 122.62 22.93 -84.59
C UNK SA 157 123.44 22.00 -83.69
N UNK SA 158 123.63 22.41 -82.43
CA UNK SA 158 124.24 21.56 -81.40
C UNK SA 158 123.20 21.12 -80.38
N UNK SA 159 123.50 20.06 -79.66
CA UNK SA 159 122.56 19.61 -78.65
C UNK SA 159 122.60 20.48 -77.41
N UNK SA 160 123.79 20.74 -76.89
CA UNK SA 160 123.95 21.43 -75.62
C UNK SA 160 124.77 22.68 -75.81
N UNK SA 161 124.38 23.73 -75.11
CA UNK SA 161 125.07 24.99 -75.24
C UNK SA 161 125.26 25.62 -73.89
N UNK SA 162 126.40 26.27 -73.72
CA UNK SA 162 126.67 27.12 -72.57
C UNK SA 162 127.40 28.33 -73.14
N UNK SA 163 126.67 29.42 -73.31
CA UNK SA 163 127.21 30.64 -73.88
C UNK SA 163 127.08 31.77 -72.87
N UNK SA 164 128.19 32.41 -72.55
CA UNK SA 164 128.21 33.51 -71.62
C UNK SA 164 128.94 34.68 -72.24
N UNK SA 165 128.31 35.86 -72.20
CA UNK SA 165 128.86 37.08 -72.78
C UNK SA 165 129.01 38.18 -71.73
N UNK SA 166 130.17 38.81 -71.71
CA UNK SA 166 130.59 39.67 -70.61
C UNK SA 166 130.09 41.10 -70.69
N UNK SA 167 130.28 41.79 -71.83
CA UNK SA 167 129.90 43.19 -71.94
C UNK SA 167 129.74 43.53 -73.42
N UNK SA 168 128.48 43.69 -73.85
CA UNK SA 168 128.13 44.28 -75.16
C UNK SA 168 128.66 43.48 -76.33
N UNK SA 169 128.48 42.18 -76.29
CA UNK SA 169 128.72 41.37 -77.47
C UNK SA 169 127.39 40.98 -78.08
N UNK SA 170 127.46 40.43 -79.28
CA UNK SA 170 126.25 40.06 -80.00
C UNK SA 170 126.40 38.61 -80.40
N UNK SA 171 125.47 37.78 -79.95
CA UNK SA 171 125.55 36.36 -80.21
C UNK SA 171 124.26 35.86 -80.80
N UNK SA 172 124.37 35.14 -81.88
CA UNK SA 172 123.25 34.46 -82.53
C UNK SA 172 123.57 32.98 -82.49
N UNK SA 173 122.77 32.23 -81.74
CA UNK SA 173 123.01 30.83 -81.52
C UNK SA 173 121.75 30.01 -81.76
N UNK SA 174 121.91 28.68 -81.66
CA UNK SA 174 120.79 27.73 -81.78
C UNK SA 174 121.21 26.40 -81.14
N UNK SA 175 120.32 25.82 -80.31
CA UNK SA 175 120.60 24.57 -79.59
C UNK SA 175 119.45 23.57 -79.75
N UNK SA 176 119.77 22.27 -79.65
CA UNK SA 176 118.74 21.25 -79.79
C UNK SA 176 118.17 20.86 -78.44
N UNK SA 177 118.98 20.30 -77.56
CA UNK SA 177 118.48 19.83 -76.28
C UNK SA 177 118.56 20.88 -75.19
N UNK SA 178 119.70 21.51 -75.01
CA UNK SA 178 119.88 22.39 -73.87
C UNK SA 178 120.45 23.71 -74.33
N UNK SA 179 119.81 24.80 -73.94
CA UNK SA 179 120.38 26.12 -74.07
C UNK SA 179 120.76 26.62 -72.71
N UNK SA 180 122.00 27.04 -72.57
CA UNK SA 180 122.49 27.60 -71.34
C UNK SA 180 123.03 28.96 -71.71
N UNK SA 181 122.45 30.00 -71.14
CA UNK SA 181 122.71 31.34 -71.64
C UNK SA 181 122.86 32.33 -70.50
N UNK SA 182 123.95 33.07 -70.54
CA UNK SA 182 124.21 34.12 -69.56
C UNK SA 182 124.66 35.38 -70.27
N UNK SA 183 124.00 36.51 -69.96
CA UNK SA 183 124.32 37.77 -70.61
C UNK SA 183 124.61 38.84 -69.58
N UNK SA 184 125.58 39.70 -69.87
CA UNK SA 184 125.80 40.89 -69.05
C UNK SA 184 126.05 42.06 -69.99
N UNK SA 185 125.16 43.05 -69.94
CA UNK SA 185 125.22 44.27 -70.75
C UNK SA 185 125.30 44.00 -72.25
N UNK SA 186 124.79 42.85 -72.70
CA UNK SA 186 125.05 42.39 -74.05
C UNK SA 186 123.75 41.90 -74.68
N UNK SA 187 123.84 41.38 -75.89
CA UNK SA 187 122.66 40.90 -76.59
C UNK SA 187 122.87 39.46 -76.98
N UNK SA 188 121.96 38.62 -76.53
CA UNK SA 188 121.94 37.24 -76.95
C UNK SA 188 120.76 37.13 -77.89
N UNK SA 189 121.02 37.32 -79.17
CA UNK SA 189 119.99 37.12 -80.16
C UNK SA 189 119.80 35.63 -80.30
N UNK SA 190 119.14 35.04 -79.33
CA UNK SA 190 119.05 33.59 -79.23
C UNK SA 190 118.08 33.14 -80.30
N UNK SA 191 118.60 32.90 -81.48
CA UNK SA 191 117.84 32.94 -82.71
C UNK SA 191 116.86 31.79 -82.86
N UNK SA 192 116.90 30.81 -81.97
CA UNK SA 192 115.96 29.71 -82.08
C UNK SA 192 115.56 29.31 -80.68
N UNK SA 193 114.86 28.18 -80.59
CA UNK SA 193 114.36 27.65 -79.33
C UNK SA 193 114.90 26.24 -79.08
N UNK SA 194 115.39 25.99 -77.86
CA UNK SA 194 115.93 24.70 -77.44
C UNK SA 194 114.83 23.80 -76.89
N UNK SA 195 115.18 22.52 -76.69
CA UNK SA 195 114.29 21.65 -75.95
C UNK SA 195 114.13 22.13 -74.52
N UNK SA 196 115.21 22.58 -73.92
CA UNK SA 196 115.12 23.19 -72.61
C UNK SA 196 116.06 24.37 -72.63
N UNK SA 197 115.49 25.54 -72.50
CA UNK SA 197 116.23 26.77 -72.62
C UNK SA 197 116.40 27.35 -71.23
N UNK SA 198 117.53 27.99 -71.00
CA UNK SA 198 117.78 28.62 -69.73
C UNK SA 198 118.67 29.82 -69.95
N UNK SA 199 118.36 30.91 -69.28
CA UNK SA 199 119.12 32.14 -69.44
C UNK SA 199 119.01 32.97 -68.18
N UNK SA 200 120.00 33.83 -67.97
CA UNK SA 200 119.89 34.90 -67.00
C UNK SA 200 120.61 36.14 -67.53
N UNK SA 201 120.02 37.30 -67.30
CA UNK SA 201 120.55 38.55 -67.80
C UNK SA 201 120.95 39.45 -66.64
N UNK SA 202 122.15 39.99 -66.72
CA UNK SA 202 122.76 40.85 -65.71
C UNK SA 202 122.49 42.30 -66.04
N UNK SA 203 123.27 43.20 -65.43
CA UNK SA 203 123.13 44.65 -65.56
C UNK SA 203 123.12 45.07 -67.02
N UNK SA 204 121.95 45.56 -67.45
CA UNK SA 204 121.67 46.07 -68.79
C UNK SA 204 121.80 45.01 -69.88
N UNK SA 205 121.47 43.76 -69.56
CA UNK SA 205 121.63 42.67 -70.50
C UNK SA 205 120.30 42.27 -71.12
N UNK SA 206 120.35 41.70 -72.32
CA UNK SA 206 119.15 41.34 -73.07
C UNK SA 206 119.37 40.07 -73.87
N UNK SA 207 118.71 38.99 -73.46
CA UNK SA 207 118.76 37.75 -74.20
C UNK SA 207 117.53 37.64 -75.11
N UNK SA 208 117.61 38.35 -76.22
CA UNK SA 208 116.50 38.37 -77.16
C UNK SA 208 116.42 37.01 -77.84
N UNK SA 209 115.55 36.16 -77.34
CA UNK SA 209 115.41 34.82 -77.89
C UNK SA 209 114.69 34.96 -79.23
N UNK SA 210 115.46 35.28 -80.25
CA UNK SA 210 114.90 35.78 -81.48
C UNK SA 210 114.47 34.65 -82.40
N UNK SA 211 113.47 33.90 -81.96
CA UNK SA 211 112.93 32.88 -82.84
C UNK SA 211 112.18 33.52 -83.99
N UNK SA 212 112.03 32.78 -85.08
CA UNK SA 212 111.39 33.33 -86.27
C UNK SA 212 109.89 33.33 -86.10
N UNK SA 213 109.34 34.48 -85.73
CA UNK SA 213 107.89 34.63 -85.68
C UNK SA 213 107.31 34.49 -87.07
N UNK SA 214 106.04 34.12 -87.11
CA UNK SA 214 105.33 33.71 -88.33
C UNK SA 214 106.08 32.59 -89.05
N UNK SA 215 106.10 31.45 -88.40
CA UNK SA 215 106.53 30.25 -89.09
C UNK SA 215 105.33 29.63 -89.80
N UNK SA 216 105.53 28.45 -90.38
CA UNK SA 216 104.39 27.71 -90.89
C UNK SA 216 103.94 26.64 -89.91
N UNK SA 217 104.88 26.05 -89.16
CA UNK SA 217 104.55 25.30 -87.94
C UNK SA 217 105.71 25.36 -86.95
N UNK SA 218 105.76 26.40 -86.14
CA UNK SA 218 106.69 26.38 -85.02
C UNK SA 218 105.92 25.95 -83.79
N UNK SA 219 106.36 24.89 -83.15
CA UNK SA 219 105.78 24.50 -81.87
C UNK SA 219 106.10 25.54 -80.82
N UNK SA 220 105.16 25.78 -79.93
CA UNK SA 220 105.31 26.86 -78.96
C UNK SA 220 106.08 26.38 -77.73
N UNK SA 221 106.37 27.34 -76.85
CA UNK SA 221 107.15 27.08 -75.63
C UNK SA 221 106.30 26.28 -74.65
N UNK SA 222 106.79 25.12 -74.25
CA UNK SA 222 106.01 24.21 -73.42
C UNK SA 222 106.11 24.63 -71.95
N UNK SA 223 105.39 23.91 -71.09
CA UNK SA 223 105.43 24.17 -69.66
C UNK SA 223 106.79 23.88 -69.08
N UNK SA 224 107.48 22.91 -69.64
CA UNK SA 224 108.87 22.73 -69.31
C UNK SA 224 109.75 23.81 -69.92
N UNK SA 225 109.33 24.42 -71.02
CA UNK SA 225 110.14 25.47 -71.61
C UNK SA 225 109.62 26.84 -71.25
N UNK SA 226 108.64 26.91 -70.33
CA UNK SA 226 108.00 28.17 -69.97
C UNK SA 226 108.96 28.97 -69.10
N UNK SA 227 109.60 29.95 -69.71
CA UNK SA 227 110.46 30.86 -69.00
C UNK SA 227 109.82 32.24 -68.94
N UNK SA 228 110.47 33.14 -68.22
CA UNK SA 228 110.11 34.54 -68.31
C UNK SA 228 110.95 35.17 -69.39
N UNK TA 1 126.06 20.45 -103.17
CA UNK TA 1 124.95 21.23 -102.66
C UNK TA 1 124.76 20.95 -101.18
N UNK TA 2 125.29 19.81 -100.75
CA UNK TA 2 125.24 19.45 -99.35
C UNK TA 2 126.56 18.80 -98.99
N UNK TA 3 127.03 19.08 -97.78
CA UNK TA 3 128.11 18.29 -97.20
C UNK TA 3 127.41 17.11 -96.54
N UNK TA 4 127.03 16.16 -97.38
CA UNK TA 4 126.05 15.15 -97.05
C UNK TA 4 126.75 13.85 -96.67
N UNK TA 5 125.99 12.96 -96.06
CA UNK TA 5 126.49 11.63 -95.73
C UNK TA 5 125.73 10.60 -96.55
N UNK TA 6 126.45 9.53 -96.91
CA UNK TA 6 125.87 8.37 -97.59
C UNK TA 6 125.18 7.43 -96.61
N UNK TA 7 125.09 7.81 -95.34
CA UNK TA 7 124.41 7.06 -94.30
C UNK TA 7 122.90 7.28 -94.43
N UNK TA 8 122.15 6.92 -93.40
CA UNK TA 8 120.69 7.02 -93.48
C UNK TA 8 120.25 8.47 -93.37
N UNK TA 9 120.53 9.24 -94.43
CA UNK TA 9 119.91 10.53 -94.73
C UNK TA 9 120.19 11.63 -93.70
N UNK TA 10 121.47 11.93 -93.49
CA UNK TA 10 121.90 13.09 -92.71
C UNK TA 10 122.88 13.92 -93.53
N UNK TA 11 122.83 15.24 -93.36
CA UNK TA 11 123.64 16.13 -94.19
C UNK TA 11 123.84 17.47 -93.53
N UNK TA 12 125.09 17.91 -93.46
CA UNK TA 12 125.28 19.34 -93.59
C UNK TA 12 124.91 19.72 -95.00
N UNK TA 13 124.43 20.95 -95.18
CA UNK TA 13 123.87 21.28 -96.47
C UNK TA 13 124.03 22.76 -96.74
N UNK TA 14 124.39 23.07 -97.97
CA UNK TA 14 124.93 24.37 -98.30
C UNK TA 14 123.96 25.16 -99.17
N UNK TA 15 122.68 25.19 -98.79
CA UNK TA 15 121.75 26.07 -99.48
C UNK TA 15 121.97 27.53 -99.09
N UNK TA 16 121.55 27.90 -97.88
CA UNK TA 16 122.00 29.13 -97.23
C UNK TA 16 122.66 28.81 -95.91
N UNK TA 17 121.93 28.10 -95.04
CA UNK TA 17 122.49 27.41 -93.89
C UNK TA 17 121.53 26.27 -93.64
N UNK TA 18 121.90 25.06 -94.06
CA UNK TA 18 120.90 24.01 -94.08
C UNK TA 18 121.47 22.71 -93.51
N UNK TA 19 120.59 21.89 -92.95
CA UNK TA 19 120.95 20.58 -92.44
C UNK TA 19 119.99 19.59 -93.11
N UNK TA 20 120.38 19.08 -94.27
CA UNK TA 20 119.51 18.25 -95.07
C UNK TA 20 119.50 16.84 -94.47
N UNK TA 21 118.43 16.51 -93.77
CA UNK TA 21 118.28 15.19 -93.19
C UNK TA 21 116.90 14.65 -93.50
N UNK TA 22 116.84 13.44 -94.05
CA UNK TA 22 115.57 12.75 -94.28
C UNK TA 22 115.45 11.60 -93.28
N UNK TA 23 114.42 10.77 -93.42
CA UNK TA 23 113.98 9.87 -92.37
C UNK TA 23 114.41 8.41 -92.54
N UNK TA 24 114.65 7.97 -93.79
CA UNK TA 24 115.15 6.63 -94.13
C UNK TA 24 114.23 5.49 -93.67
N UNK TA 25 112.93 5.78 -93.62
CA UNK TA 25 111.91 4.75 -93.40
C UNK TA 25 110.93 4.69 -94.55
N UNK TA 26 110.55 5.84 -95.11
CA UNK TA 26 109.90 5.87 -96.41
C UNK TA 26 110.89 6.07 -97.55
N UNK TA 27 112.14 6.39 -97.23
CA UNK TA 27 113.29 6.43 -98.15
C UNK TA 27 113.10 7.44 -99.29
N UNK TA 28 112.98 8.72 -98.92
CA UNK TA 28 112.93 9.80 -99.90
C UNK TA 28 114.28 10.51 -100.01
N UNK TA 29 115.32 9.71 -100.29
CA UNK TA 29 116.69 10.23 -100.36
C UNK TA 29 117.10 10.51 -101.80
N UNK TA 30 116.34 11.40 -102.46
CA UNK TA 30 116.65 11.79 -103.82
C UNK TA 30 117.59 12.99 -103.89
N UNK TA 31 117.87 13.63 -102.74
CA UNK TA 31 118.76 14.80 -102.63
C UNK TA 31 118.32 15.97 -103.50
N UNK TA 32 117.01 16.26 -103.50
CA UNK TA 32 116.50 17.47 -104.12
C UNK TA 32 115.33 17.96 -103.28
N UNK TA 33 115.63 18.72 -102.24
CA UNK TA 33 114.62 19.17 -101.28
C UNK TA 33 115.02 20.54 -100.76
N UNK TA 34 114.03 21.31 -100.32
CA UNK TA 34 114.19 22.72 -100.01
C UNK TA 34 113.77 22.96 -98.56
N UNK TA 35 114.77 23.18 -97.69
CA UNK TA 35 114.50 23.43 -96.28
C UNK TA 35 114.69 24.91 -95.96
N UNK TA 36 113.69 25.51 -95.29
CA UNK TA 36 113.77 26.92 -94.89
C UNK TA 36 113.26 27.09 -93.46
N UNK TA 37 113.62 28.23 -92.86
CA UNK TA 37 113.48 28.47 -91.41
C UNK TA 37 112.20 29.22 -91.04
N UNK TA 38 111.05 28.76 -91.51
CA UNK TA 38 109.77 29.12 -90.91
C UNK TA 38 108.89 27.90 -90.85
N UNK TA 39 109.51 26.75 -90.60
CA UNK TA 39 108.92 25.40 -90.62
C UNK TA 39 108.25 25.10 -91.97
N UNK TA 40 109.08 25.13 -93.00
CA UNK TA 40 108.67 24.76 -94.36
C UNK TA 40 109.82 24.02 -95.04
N UNK TA 41 109.61 22.72 -95.31
CA UNK TA 41 110.56 21.90 -96.04
C UNK TA 41 109.84 21.24 -97.20
N UNK TA 42 109.99 21.82 -98.39
CA UNK TA 42 109.36 21.29 -99.60
C UNK TA 42 110.27 20.22 -100.19
N UNK TA 43 109.91 18.96 -99.96
CA UNK TA 43 110.58 17.83 -100.59
C UNK TA 43 109.77 17.39 -101.81
N UNK TA 44 110.10 16.23 -102.37
CA UNK TA 44 109.49 15.81 -103.64
C UNK TA 44 108.35 14.82 -103.49
N UNK TA 45 108.63 13.60 -103.04
CA UNK TA 45 107.61 12.55 -102.99
C UNK TA 45 106.61 12.79 -101.86
N UNK TA 46 107.12 13.09 -100.67
CA UNK TA 46 106.31 13.38 -99.49
C UNK TA 46 107.03 14.45 -98.69
N UNK TA 47 106.69 14.58 -97.41
CA UNK TA 47 107.41 15.44 -96.49
C UNK TA 47 108.41 14.60 -95.69
N UNK TA 48 109.66 15.07 -95.64
CA UNK TA 48 110.73 14.33 -94.98
C UNK TA 48 111.49 15.25 -94.02
N UNK TA 49 111.97 14.66 -92.93
CA UNK TA 49 112.66 15.41 -91.87
C UNK TA 49 113.60 14.49 -91.11
N UNK TA 50 114.29 15.06 -90.13
CA UNK TA 50 115.23 14.31 -89.30
C UNK TA 50 114.47 13.50 -88.25
N UNK TA 51 115.20 12.58 -87.60
CA UNK TA 51 114.61 11.62 -86.68
C UNK TA 51 114.27 12.30 -85.36
N UNK TA 52 112.98 12.39 -85.04
CA UNK TA 52 112.51 12.96 -83.79
C UNK TA 52 111.28 12.24 -83.27
N UNK UA 1 81.93 53.38 -51.35
CA UNK UA 1 80.55 53.17 -51.75
C UNK UA 1 80.24 53.94 -53.01
N UNK UA 2 79.80 55.18 -52.80
CA UNK UA 2 79.83 56.23 -53.82
C UNK UA 2 80.44 57.44 -53.15
N UNK UA 3 80.92 57.23 -51.92
CA UNK UA 3 81.22 58.30 -51.01
C UNK UA 3 82.56 58.90 -51.35
N UNK UA 4 82.61 60.24 -51.31
CA UNK UA 4 83.77 61.10 -51.60
C UNK UA 4 84.21 61.05 -53.05
N UNK UA 5 83.60 60.23 -53.90
CA UNK UA 5 83.89 60.33 -55.32
C UNK UA 5 83.22 61.58 -55.85
N UNK UA 6 81.91 61.61 -55.74
CA UNK UA 6 81.14 62.81 -55.56
C UNK UA 6 79.88 62.34 -54.85
N UNK UA 7 78.81 63.10 -54.96
CA UNK UA 7 77.56 62.65 -54.40
C UNK UA 7 77.06 61.42 -55.15
N UNK UA 8 76.42 60.50 -54.42
CA UNK UA 8 75.80 59.36 -55.06
C UNK UA 8 74.65 59.86 -55.90
N UNK UA 9 74.92 60.11 -57.18
CA UNK UA 9 74.02 60.89 -58.00
C UNK UA 9 72.72 60.13 -58.27
N UNK UA 10 72.81 59.07 -59.02
CA UNK UA 10 71.71 58.14 -59.06
C UNK UA 10 72.16 56.92 -58.29
N UNK UA 11 71.33 55.90 -58.29
CA UNK UA 11 71.74 54.57 -57.87
C UNK UA 11 71.29 53.70 -59.03
N UNK UA 12 72.20 53.47 -59.97
CA UNK UA 12 71.80 53.07 -61.31
C UNK UA 12 71.21 51.68 -61.27
N UNK UA 13 69.99 51.59 -61.77
CA UNK UA 13 69.35 50.30 -61.90
C UNK UA 13 70.08 49.50 -62.95
N UNK UA 14 69.99 48.18 -62.79
CA UNK UA 14 70.81 47.20 -63.49
C UNK UA 14 72.29 47.51 -63.31
N UNK UA 15 72.65 47.97 -62.12
CA UNK UA 15 74.01 48.38 -61.82
C UNK UA 15 74.18 48.52 -60.32
N UNK UA 16 75.30 49.10 -59.95
CA UNK UA 16 75.60 49.54 -58.60
C UNK UA 16 74.97 50.91 -58.39
N UNK UA 17 75.39 51.61 -57.35
CA UNK UA 17 75.04 53.00 -57.23
C UNK UA 17 75.83 53.83 -58.25
N UNK UA 18 75.46 55.09 -58.37
CA UNK UA 18 76.13 56.02 -59.27
C UNK UA 18 76.56 57.25 -58.49
N UNK UA 19 77.85 57.35 -58.21
CA UNK UA 19 78.38 58.59 -57.69
C UNK UA 19 78.33 59.65 -58.78
N UNK UA 20 78.40 60.92 -58.36
CA UNK UA 20 78.41 61.98 -59.35
C UNK UA 20 79.80 62.22 -59.92
N UNK UA 21 80.77 61.41 -59.55
CA UNK UA 21 82.02 61.35 -60.27
C UNK UA 21 81.97 60.30 -61.35
N UNK UA 22 81.61 59.05 -61.01
CA UNK UA 22 81.56 57.97 -61.97
C UNK UA 22 80.55 56.93 -61.50
N UNK UA 23 80.45 55.83 -62.25
CA UNK UA 23 79.61 54.72 -61.84
C UNK UA 23 80.21 54.09 -60.61
N UNK UA 24 79.46 54.06 -59.54
CA UNK UA 24 80.06 53.76 -58.25
C UNK UA 24 80.17 52.26 -58.03
N UNK UA 25 80.75 51.90 -56.89
CA UNK UA 25 80.97 50.51 -56.54
C UNK UA 25 79.95 49.98 -55.56
N UNK UA 26 79.18 50.86 -54.91
CA UNK UA 26 78.16 50.44 -53.97
C UNK UA 26 77.05 49.73 -54.74
N UNK UA 27 77.00 48.41 -54.63
CA UNK UA 27 76.07 47.60 -55.42
C UNK UA 27 74.64 47.93 -55.02
N UNK UA 28 73.80 48.19 -56.01
CA UNK UA 28 72.50 48.79 -55.73
C UNK UA 28 71.46 47.76 -55.32
N UNK UA 29 71.11 46.85 -56.22
CA UNK UA 29 69.88 46.09 -56.09
C UNK UA 29 70.09 44.74 -55.42
N UNK UA 30 69.00 44.18 -54.94
CA UNK UA 30 69.01 42.77 -54.58
C UNK UA 30 69.08 41.91 -55.83
N UNK UA 31 68.56 42.41 -56.93
CA UNK UA 31 68.72 41.73 -58.22
C UNK UA 31 70.02 42.12 -58.87
N UNK UA 32 70.81 42.96 -58.21
CA UNK UA 32 72.10 43.31 -58.78
C UNK UA 32 73.07 42.15 -58.58
N UNK UA 33 74.15 42.14 -59.36
CA UNK UA 33 75.12 41.07 -59.33
C UNK UA 33 76.18 41.34 -58.27
N UNK UA 34 75.72 41.42 -57.03
CA UNK UA 34 76.59 41.23 -55.89
C UNK UA 34 77.12 39.80 -56.00
N UNK UA 35 78.40 39.63 -55.73
CA UNK UA 35 79.08 38.35 -55.98
C UNK UA 35 78.66 37.34 -54.92
N UNK UA 36 77.89 36.35 -55.37
CA UNK UA 36 77.49 35.24 -54.53
C UNK UA 36 78.33 34.01 -54.81
N UNK UA 37 79.01 33.52 -53.77
CA UNK UA 37 79.77 32.29 -53.87
C UNK UA 37 79.61 31.40 -52.65
N UNK UA 38 78.83 31.80 -51.65
CA UNK UA 38 78.72 31.02 -50.42
C UNK UA 38 77.27 30.98 -49.97
N UNK UA 39 76.53 29.98 -50.44
CA UNK UA 39 75.21 29.73 -49.90
C UNK UA 39 75.33 29.21 -48.47
N UNK UA 40 74.25 29.35 -47.72
CA UNK UA 40 74.24 28.87 -46.33
C UNK UA 40 72.84 28.39 -45.99
N UNK UA 41 72.59 27.09 -46.18
CA UNK UA 41 71.27 26.55 -45.94
C UNK UA 41 71.36 25.06 -45.73
N UNK UA 42 70.23 24.48 -45.34
CA UNK UA 42 70.12 23.04 -45.21
C UNK UA 42 69.66 22.47 -46.54
N UNK UA 43 70.33 21.41 -46.97
CA UNK UA 43 70.14 20.73 -48.24
C UNK UA 43 70.29 21.69 -49.42
N UNK UA 44 71.07 22.74 -49.20
CA UNK UA 44 71.46 23.66 -50.25
C UNK UA 44 72.44 22.96 -51.15
N UNK UA 45 72.35 23.25 -52.44
CA UNK UA 45 73.08 22.64 -53.56
C UNK UA 45 72.71 21.17 -53.75
N UNK UA 46 71.99 20.57 -52.81
CA UNK UA 46 71.08 19.50 -53.11
C UNK UA 46 69.77 20.20 -53.39
N UNK UA 47 68.75 19.44 -53.70
CA UNK UA 47 67.44 20.00 -53.51
C UNK UA 47 67.24 20.24 -52.03
N UNK UA 48 66.52 21.30 -51.71
CA UNK UA 48 66.33 21.70 -50.32
C UNK UA 48 65.39 20.73 -49.61
N UNK UA 49 64.94 21.12 -48.43
CA UNK UA 49 64.19 20.20 -47.58
C UNK UA 49 62.79 19.95 -48.13
N UNK UA 50 62.50 18.70 -48.47
CA UNK UA 50 61.11 18.30 -48.56
C UNK UA 50 60.54 18.36 -47.17
N UNK UA 51 59.82 19.43 -46.86
CA UNK UA 51 59.50 19.73 -45.48
C UNK UA 51 58.34 18.92 -44.92
N UNK UA 52 58.05 17.74 -45.47
CA UNK UA 52 56.89 16.93 -45.10
C UNK UA 52 57.00 16.28 -43.72
N UNK UA 53 58.19 16.11 -43.16
CA UNK UA 53 58.35 15.34 -41.94
C UNK UA 53 58.77 16.23 -40.76
N UNK UA 54 59.20 15.57 -39.66
CA UNK UA 54 59.72 16.24 -38.46
C UNK UA 54 60.72 15.32 -37.74
N UNK UA 55 62.01 15.64 -37.87
CA UNK UA 55 63.05 14.86 -37.20
C UNK UA 55 64.24 15.78 -36.90
N UNK UA 56 65.21 15.28 -36.14
CA UNK UA 56 66.47 16.02 -35.98
C UNK UA 56 67.18 16.11 -37.31
N UNK UA 57 67.36 14.98 -37.97
CA UNK UA 57 67.78 15.01 -39.35
C UNK UA 57 66.64 15.47 -40.25
N UNK UA 58 67.00 16.01 -41.39
CA UNK UA 58 66.01 16.53 -42.33
C UNK UA 58 66.21 15.81 -43.65
N UNK UA 59 65.11 15.52 -44.32
CA UNK UA 59 65.16 14.93 -45.65
C UNK UA 59 65.11 16.01 -46.70
N UNK UA 60 65.94 15.87 -47.72
CA UNK UA 60 65.90 16.82 -48.81
C UNK UA 60 64.67 16.60 -49.67
N UNK UA 61 64.41 17.53 -50.58
CA UNK UA 61 63.51 17.23 -51.67
C UNK UA 61 64.11 16.25 -52.64
N UNK UA 62 65.43 16.14 -52.65
CA UNK UA 62 66.12 15.04 -53.27
C UNK UA 62 66.28 13.87 -52.33
N UNK UA 63 65.59 13.90 -51.18
CA UNK UA 63 65.54 12.82 -50.19
C UNK UA 63 66.93 12.46 -49.66
N UNK UA 64 67.81 13.43 -49.59
CA UNK UA 64 69.09 13.24 -48.95
C UNK UA 64 68.92 13.64 -47.50
N UNK UA 65 69.58 12.92 -46.62
CA UNK UA 65 69.46 13.20 -45.20
C UNK UA 65 70.37 14.36 -44.84
N UNK UA 66 69.78 15.42 -44.30
CA UNK UA 66 70.57 16.56 -43.84
C UNK UA 66 71.22 16.17 -42.53
N UNK UA 67 72.28 15.38 -42.63
CA UNK UA 67 73.04 15.02 -41.46
C UNK UA 67 73.79 16.22 -40.92
N UNK UA 68 74.16 17.15 -41.78
CA UNK UA 68 74.70 18.42 -41.32
C UNK UA 68 73.66 19.25 -40.60
N UNK UA 69 72.38 18.97 -40.82
CA UNK UA 69 71.34 19.64 -40.07
C UNK UA 69 70.64 18.65 -39.16
N UNK UA 70 71.34 17.63 -38.70
CA UNK UA 70 70.73 16.65 -37.84
C UNK UA 70 70.91 16.98 -36.37
N LYS VA 24 120.10 21.52 -32.52
CA LYS VA 24 119.17 22.25 -33.35
C LYS VA 24 119.10 21.65 -34.75
N PHE VA 25 118.09 20.83 -35.00
CA PHE VA 25 117.99 20.11 -36.27
C PHE VA 25 116.63 20.37 -36.87
N LYS VA 26 116.56 20.36 -38.21
CA LYS VA 26 115.33 20.75 -38.87
C LYS VA 26 115.21 20.11 -40.24
N LYS VA 27 114.10 19.45 -40.48
CA LYS VA 27 113.81 18.95 -41.82
C LYS VA 27 113.48 20.14 -42.71
N PRO VA 28 113.84 20.09 -43.99
CA PRO VA 28 113.77 21.29 -44.81
C PRO VA 28 112.37 21.76 -45.17
N PRO VA 29 111.46 20.95 -45.78
CA PRO VA 29 110.25 21.60 -46.29
C PRO VA 29 109.24 21.85 -45.18
N ILE VA 30 109.13 23.13 -44.82
CA ILE VA 30 108.23 23.54 -43.76
C ILE VA 30 107.14 24.41 -44.39
N ASN VA 31 106.02 23.80 -44.74
CA ASN VA 31 104.99 24.46 -45.51
C ASN VA 31 103.98 25.13 -44.59
N ASN VA 32 102.87 25.52 -45.18
CA ASN VA 32 101.76 25.97 -44.39
C ASN VA 32 101.02 24.76 -43.84
N PRO VA 33 100.31 24.92 -42.74
CA PRO VA 33 99.49 23.81 -42.22
C PRO VA 33 98.34 23.51 -43.17
N SER VA 34 98.19 22.24 -43.51
CA SER VA 34 97.12 21.82 -44.37
C SER VA 34 95.90 21.42 -43.55
N ASP VA 35 94.97 20.75 -44.22
CA ASP VA 35 93.84 20.16 -43.51
C ASP VA 35 93.39 18.91 -44.23
N ASP VA 36 92.71 18.08 -43.44
CA ASP VA 36 92.35 16.74 -43.80
C ASP VA 36 91.48 16.67 -45.03
N ALA VA 37 90.65 17.67 -45.21
CA ALA VA 37 89.78 17.70 -46.36
C ALA VA 37 90.59 17.72 -47.62
N THR VA 38 91.42 18.75 -47.78
CA THR VA 38 92.31 18.88 -48.91
C THR VA 38 93.20 17.70 -49.06
N ILE VA 39 93.58 17.14 -47.92
CA ILE VA 39 94.33 15.90 -47.92
C ILE VA 39 93.56 14.81 -48.65
N LYS VA 40 92.35 14.53 -48.20
CA LYS VA 40 91.64 13.40 -48.73
C LYS VA 40 91.15 13.67 -50.13
N LEU VA 41 91.03 14.94 -50.45
CA LEU VA 41 90.92 15.36 -51.83
C LEU VA 41 92.13 14.96 -52.64
N ALA VA 42 93.30 15.09 -52.05
CA ALA VA 42 94.48 14.81 -52.85
C ALA VA 42 94.60 13.34 -53.14
N GLU VA 43 94.36 12.50 -52.14
CA GLU VA 43 94.48 11.10 -52.58
C GLU VA 43 93.26 10.63 -53.32
N ALA VA 44 92.14 11.36 -53.26
CA ALA VA 44 91.13 11.17 -54.26
C ALA VA 44 91.72 11.41 -55.62
N ALA VA 45 92.37 12.54 -55.74
CA ALA VA 45 92.71 13.08 -57.03
C ALA VA 45 93.75 12.24 -57.70
N VAL VA 46 94.68 11.72 -56.94
CA VAL VA 46 95.78 11.08 -57.61
C VAL VA 46 95.36 9.72 -58.09
N SER VA 47 94.45 9.10 -57.37
CA SER VA 47 93.92 7.82 -57.74
C SER VA 47 93.06 7.94 -58.97
N VAL VA 48 92.24 8.98 -59.00
CA VAL VA 48 91.47 9.11 -60.22
C VAL VA 48 92.36 9.54 -61.37
N SER VA 49 93.38 10.32 -61.07
CA SER VA 49 94.26 10.90 -62.05
C SER VA 49 95.04 9.85 -62.76
N ASP VA 50 95.62 8.97 -61.98
CA ASP VA 50 96.40 7.98 -62.65
C ASP VA 50 95.53 6.99 -63.37
N SER VA 51 94.43 6.54 -62.74
CA SER VA 51 93.48 5.64 -63.39
C SER VA 51 93.06 6.14 -64.74
N MET VA 52 92.83 7.44 -64.84
CA MET VA 52 92.50 7.97 -66.15
C MET VA 52 93.74 8.17 -66.99
N LEU VA 53 94.93 8.09 -66.41
CA LEU VA 53 95.97 8.20 -67.42
C LEU VA 53 96.26 6.85 -68.03
N GLU VA 54 96.03 5.76 -67.29
CA GLU VA 54 96.20 4.50 -68.01
C GLU VA 54 95.05 4.26 -68.94
N MET VA 55 93.87 4.76 -68.56
CA MET VA 55 92.87 5.08 -69.56
C MET VA 55 93.44 5.71 -70.80
N ALA VA 56 94.15 6.81 -70.64
CA ALA VA 56 94.63 7.52 -71.82
C ALA VA 56 95.56 6.64 -72.63
N LYS VA 57 96.37 5.89 -71.95
CA LYS VA 57 97.30 5.04 -72.67
C LYS VA 57 96.57 3.93 -73.39
N VAL VA 58 95.52 3.43 -72.77
CA VAL VA 58 94.95 2.23 -73.33
C VAL VA 58 94.10 2.59 -74.53
N GLU VA 59 93.47 3.75 -74.51
CA GLU VA 59 92.78 4.15 -75.71
C GLU VA 59 93.76 4.59 -76.79
N LYS VA 60 94.91 5.15 -76.41
CA LYS VA 60 95.74 5.70 -77.45
C LYS VA 60 96.53 4.62 -78.12
N VAL VA 61 96.53 3.44 -77.54
CA VAL VA 61 97.08 2.32 -78.24
C VAL VA 61 96.00 1.46 -78.89
N ILE VA 62 94.76 1.49 -78.41
CA ILE VA 62 93.78 0.76 -79.18
C ILE VA 62 93.46 1.51 -80.45
N THR VA 63 93.66 2.82 -80.44
CA THR VA 63 93.46 3.57 -81.64
C THR VA 63 94.65 4.48 -81.85
N PRO VA 64 95.27 4.41 -83.00
CA PRO VA 64 96.33 5.32 -83.33
C PRO VA 64 95.74 6.66 -83.75
N PRO VA 65 96.13 7.74 -83.10
CA PRO VA 65 95.70 9.06 -83.59
C PRO VA 65 96.44 9.45 -84.84
N SER VA 66 95.74 9.44 -85.98
CA SER VA 66 96.40 9.60 -87.25
C SER VA 66 96.77 11.05 -87.56
N LYS VA 67 95.95 12.03 -87.17
CA LYS VA 67 96.12 13.40 -87.65
C LYS VA 67 95.98 14.42 -86.52
N ASP VA 68 96.56 15.59 -86.76
CA ASP VA 68 96.64 16.68 -85.79
C ASP VA 68 95.43 17.59 -85.90
N ASN VA 69 95.56 18.82 -85.41
CA ASN VA 69 94.67 19.86 -85.86
C ASN VA 69 95.42 21.12 -86.24
N THR VA 70 96.73 21.06 -86.32
CA THR VA 70 97.44 22.23 -86.78
C THR VA 70 97.31 22.43 -88.27
N LEU VA 71 96.98 21.39 -89.01
CA LEU VA 71 96.82 21.62 -90.44
C LEU VA 71 95.51 22.32 -90.73
N THR VA 72 94.54 22.18 -89.86
CA THR VA 72 93.38 23.04 -89.93
C THR VA 72 93.59 24.34 -89.19
N ILE VA 73 94.45 24.36 -88.17
CA ILE VA 73 94.74 25.62 -87.49
C ILE VA 73 96.23 25.86 -87.54
N PRO VA 74 96.74 26.46 -88.59
CA PRO VA 74 98.15 26.85 -88.62
C PRO VA 74 98.33 28.25 -88.04
N ASN VA 75 99.57 28.54 -87.70
CA ASN VA 75 99.91 29.77 -87.02
C ASN VA 75 99.88 30.94 -87.97
N ALA VA 76 99.89 32.14 -87.39
CA ALA VA 76 99.97 33.35 -88.19
C ALA VA 76 100.55 34.47 -87.35
N TYR VA 77 101.05 35.48 -88.04
CA TYR VA 77 101.33 36.74 -87.38
C TYR VA 77 100.00 37.32 -86.92
N ASN VA 78 100.00 37.85 -85.70
CA ASN VA 78 98.83 38.24 -84.91
C ASN VA 78 97.89 37.04 -84.82
N LEU VA 79 98.49 35.87 -84.73
CA LEU VA 79 97.96 34.71 -84.09
C LEU VA 79 98.93 34.29 -83.03
N GLN VA 80 100.16 34.75 -83.17
CA GLN VA 80 101.19 34.52 -82.20
C GLN VA 80 101.12 35.50 -81.04
N ALA VA 81 100.11 36.36 -80.98
CA ALA VA 81 99.93 37.10 -79.76
C ALA VA 81 99.48 36.16 -78.67
N ARG VA 82 99.85 36.49 -77.45
CA ARG VA 82 99.69 35.46 -76.45
C ARG VA 82 98.55 35.80 -75.54
N ALA VA 83 98.07 34.79 -74.83
CA ALA VA 83 96.93 35.00 -73.96
C ALA VA 83 96.97 34.00 -72.82
N SER VA 84 96.41 34.44 -71.68
CA SER VA 84 96.24 33.59 -70.50
C SER VA 84 94.79 33.61 -70.05
N VAL VA 85 94.19 32.43 -69.91
CA VAL VA 85 92.74 32.23 -69.93
C VAL VA 85 92.31 31.46 -68.70
N ASP VA 86 91.28 31.95 -68.02
CA ASP VA 86 90.35 31.03 -67.40
C ASP VA 86 88.93 31.28 -67.86
N TRP VA 87 88.24 30.20 -68.11
CA TRP VA 87 86.93 30.28 -68.71
C TRP VA 87 86.18 29.05 -68.28
N SER VA 88 84.90 29.17 -68.23
CA SER VA 88 84.08 27.99 -68.01
C SER VA 88 82.79 28.07 -68.78
N GLY VA 89 82.54 29.16 -69.47
CA GLY VA 89 81.27 29.35 -70.07
C GLY VA 89 81.18 28.66 -71.40
N PRO VA 90 80.32 29.19 -72.25
CA PRO VA 90 80.10 28.59 -73.55
C PRO VA 90 81.19 29.02 -74.50
N ILE VA 91 81.02 28.56 -75.72
CA ILE VA 91 82.09 28.67 -76.68
C ILE VA 91 82.09 29.99 -77.43
N GLU VA 92 80.94 30.60 -77.62
CA GLU VA 92 80.85 31.67 -78.60
C GLU VA 92 81.41 32.96 -78.08
N GLU VA 93 81.09 33.27 -76.83
CA GLU VA 93 81.63 34.44 -76.15
C GLU VA 93 83.13 34.41 -76.17
N LEU VA 94 83.66 33.24 -75.89
CA LEU VA 94 85.08 33.06 -75.82
C LEU VA 94 85.72 33.24 -77.18
N THR VA 95 85.15 32.59 -78.20
CA THR VA 95 85.74 32.62 -79.53
C THR VA 95 85.67 33.99 -80.15
N ALA VA 96 84.59 34.70 -79.87
CA ALA VA 96 84.49 36.07 -80.31
C ALA VA 96 85.53 36.95 -79.66
N ARG VA 97 85.78 36.75 -78.37
CA ARG VA 97 86.80 37.55 -77.72
C ARG VA 97 88.17 37.28 -78.28
N ILE VA 98 88.38 36.05 -78.71
CA ILE VA 98 89.64 35.74 -79.35
C ILE VA 98 89.74 36.42 -80.71
N ALA VA 99 88.70 36.30 -81.53
CA ALA VA 99 88.78 36.85 -82.87
C ALA VA 99 88.87 38.36 -82.86
N LYS VA 100 88.24 38.98 -81.86
CA LYS VA 100 88.34 40.42 -81.73
C LYS VA 100 89.72 40.83 -81.25
N ALA VA 101 90.40 40.00 -80.47
CA ALA VA 101 91.77 40.40 -80.20
C ALA VA 101 92.69 40.00 -81.32
N ALA VA 102 92.26 39.09 -82.17
CA ALA VA 102 93.05 38.64 -83.30
C ALA VA 102 92.88 39.52 -84.49
N HIS VA 103 91.91 40.44 -84.41
CA HIS VA 103 91.42 41.19 -85.54
C HIS VA 103 91.04 40.23 -86.65
N PHE VA 104 90.28 39.22 -86.27
CA PHE VA 104 89.78 38.27 -87.21
C PHE VA 104 88.27 38.37 -87.21
N ARG VA 105 87.71 38.34 -88.39
CA ARG VA 105 86.28 38.17 -88.49
C ARG VA 105 85.91 36.78 -88.02
N PHE VA 106 84.99 36.71 -87.07
CA PHE VA 106 84.49 35.45 -86.56
C PHE VA 106 83.18 35.12 -87.22
N ARG VA 107 83.00 33.88 -87.61
CA ARG VA 107 81.74 33.47 -88.16
C ARG VA 107 81.39 32.09 -87.65
N VAL VA 108 80.16 31.72 -87.89
CA VAL VA 108 79.60 30.48 -87.38
C VAL VA 108 78.97 29.70 -88.52
N LEU VA 109 79.34 28.45 -88.62
CA LEU VA 109 78.82 27.49 -89.58
C LEU VA 109 77.99 26.48 -88.82
N GLY VA 110 76.73 26.37 -89.16
CA GLY VA 110 75.99 25.42 -88.34
C GLY VA 110 75.04 26.10 -87.38
N LYS VA 111 73.89 25.48 -87.18
CA LYS VA 111 72.96 25.97 -86.16
C LYS VA 111 73.43 25.50 -84.80
N SER VA 112 73.11 26.29 -83.79
CA SER VA 112 73.57 25.95 -82.46
C SER VA 112 72.73 24.82 -81.87
N PRO VA 113 73.36 23.89 -81.17
CA PRO VA 113 72.59 22.90 -80.42
C PRO VA 113 71.86 23.57 -79.29
N SER VA 114 70.75 22.97 -78.93
CA SER VA 114 69.95 23.49 -77.83
C SER VA 114 70.69 23.39 -76.51
N VAL VA 115 71.31 22.26 -76.24
CA VAL VA 115 72.27 22.25 -75.15
C VAL VA 115 73.48 23.09 -75.54
N PRO VA 116 73.97 23.95 -74.67
CA PRO VA 116 75.17 24.70 -75.01
C PRO VA 116 76.38 23.82 -74.87
N VAL VA 117 77.22 23.81 -75.89
CA VAL VA 117 78.52 23.21 -75.72
C VAL VA 117 79.33 24.16 -74.84
N LEU VA 118 79.76 23.64 -73.72
CA LEU VA 118 80.46 24.45 -72.75
C LEU VA 118 81.85 23.90 -72.61
N ILE VA 119 82.82 24.78 -72.52
CA ILE VA 119 84.17 24.34 -72.28
C ILE VA 119 84.69 25.12 -71.11
N SER VA 120 85.80 24.65 -70.62
CA SER VA 120 86.47 25.37 -69.58
C SER VA 120 87.94 25.34 -69.91
N ILE VA 121 88.37 26.30 -70.70
CA ILE VA 121 89.79 26.48 -70.95
C ILE VA 121 90.39 27.17 -69.76
N SER VA 122 91.42 26.55 -69.20
CA SER VA 122 92.07 27.09 -68.03
C SER VA 122 93.56 26.89 -68.21
N THR VA 123 94.25 27.92 -68.64
CA THR VA 123 95.64 27.82 -69.02
C THR VA 123 96.29 29.18 -68.95
N LYS VA 124 97.59 29.20 -69.08
CA LYS VA 124 98.32 30.42 -68.79
C LYS VA 124 99.40 30.65 -69.82
N ASP VA 125 99.30 31.79 -70.51
CA ASP VA 125 100.37 32.43 -71.27
C ASP VA 125 100.86 31.57 -72.45
N GLU VA 126 99.98 31.41 -73.42
CA GLU VA 126 100.43 30.88 -74.70
C GLU VA 126 99.64 31.55 -75.81
N SER VA 127 99.98 31.20 -77.03
CA SER VA 127 99.39 31.99 -78.05
C SER VA 127 98.14 31.32 -78.56
N LEU VA 128 97.57 31.98 -79.51
CA LEU VA 128 96.20 31.73 -79.76
C LEU VA 128 95.97 30.49 -80.55
N ALA VA 129 96.92 30.11 -81.40
CA ALA VA 129 96.71 28.98 -82.30
C ALA VA 129 96.54 27.70 -81.50
N GLU VA 130 97.39 27.52 -80.53
CA GLU VA 130 97.25 26.36 -79.69
C GLU VA 130 96.13 26.54 -78.70
N ILE VA 131 95.81 27.78 -78.34
CA ILE VA 131 94.63 27.98 -77.51
C ILE VA 131 93.40 27.51 -78.23
N LEU VA 132 93.30 27.82 -79.49
CA LEU VA 132 92.22 27.31 -80.31
C LEU VA 132 92.31 25.83 -80.50
N ARG VA 133 93.51 25.30 -80.58
CA ARG VA 133 93.62 23.86 -80.69
C ARG VA 133 93.09 23.20 -79.44
N ASP VA 134 93.31 23.82 -78.30
CA ASP VA 134 92.74 23.34 -77.05
C ASP VA 134 91.26 23.40 -77.09
N ILE VA 135 90.76 24.49 -77.63
CA ILE VA 135 89.34 24.69 -77.74
C ILE VA 135 88.74 23.62 -78.60
N ASP VA 136 89.35 23.39 -79.74
CA ASP VA 136 88.84 22.44 -80.69
C ASP VA 136 88.90 21.05 -80.16
N TYR VA 137 89.92 20.76 -79.41
CA TYR VA 137 90.01 19.48 -78.79
C TYR VA 137 88.97 19.33 -77.70
N GLN VA 138 88.81 20.37 -76.88
CA GLN VA 138 87.87 20.27 -75.77
C GLN VA 138 86.45 20.20 -76.28
N ALA VA 139 86.19 20.78 -77.44
CA ALA VA 139 84.91 20.57 -78.09
C ALA VA 139 85.09 19.41 -79.05
N GLY VA 140 85.28 18.24 -78.49
CA GLY VA 140 85.30 17.05 -79.31
C GLY VA 140 83.91 16.77 -79.83
N LYS VA 141 83.80 16.65 -81.16
CA LYS VA 141 82.59 16.28 -81.92
C LYS VA 141 81.34 17.10 -81.55
N LYS VA 142 81.54 18.22 -80.97
CA LYS VA 142 80.47 19.16 -80.81
C LYS VA 142 80.74 20.41 -81.61
N ALA VA 143 81.98 20.88 -81.61
CA ALA VA 143 82.33 22.07 -82.36
C ALA VA 143 83.65 21.84 -83.06
N SER VA 144 83.91 22.68 -84.06
CA SER VA 144 85.18 22.62 -84.76
C SER VA 144 85.60 24.01 -85.19
N ILE VA 145 86.90 24.27 -85.08
CA ILE VA 145 87.50 25.52 -85.46
C ILE VA 145 88.15 25.34 -86.80
N HIS VA 146 87.85 26.23 -87.73
CA HIS VA 146 88.71 26.37 -88.89
C HIS VA 146 89.10 27.83 -89.00
N VAL VA 147 90.27 28.06 -89.57
CA VAL VA 147 90.79 29.41 -89.70
C VAL VA 147 91.20 29.60 -91.14
N TYR VA 148 90.74 30.67 -91.75
CA TYR VA 148 91.34 31.10 -92.99
C TYR VA 148 92.13 32.37 -92.74
N PRO VA 149 93.45 32.27 -92.61
CA PRO VA 149 94.28 33.44 -92.30
C PRO VA 149 94.82 34.11 -93.54
N ASN VA 150 94.59 33.56 -94.74
CA ASN VA 150 94.72 34.37 -95.93
C ASN VA 150 93.73 35.52 -95.87
N SER VA 151 92.51 35.21 -95.47
CA SER VA 151 91.52 36.17 -95.06
C SER VA 151 91.67 36.38 -93.56
N GLN VA 152 90.68 36.96 -92.92
CA GLN VA 152 90.69 36.93 -91.47
C GLN VA 152 89.45 36.21 -91.05
N VAL VA 153 89.49 34.89 -91.12
CA VAL VA 153 88.35 34.10 -90.78
C VAL VA 153 88.72 33.21 -89.63
N VAL VA 154 88.03 33.40 -88.54
CA VAL VA 154 87.86 32.37 -87.54
C VAL VA 154 86.45 31.86 -87.69
N GLU VA 155 86.29 30.63 -88.14
CA GLU VA 155 84.97 30.07 -88.30
C GLU VA 155 84.78 28.94 -87.29
N LEU VA 156 83.61 28.92 -86.69
CA LEU VA 156 83.22 27.91 -85.72
C LEU VA 156 82.05 27.15 -86.28
N ARG VA 157 82.24 25.86 -86.54
CA ARG VA 157 81.16 25.05 -87.05
C ARG VA 157 80.62 24.17 -85.94
N TYR VA 158 79.31 24.04 -85.88
CA TYR VA 158 78.68 23.13 -84.95
C TYR VA 158 78.51 21.76 -85.56
N ALA VA 159 78.24 20.79 -84.71
CA ALA VA 159 77.86 19.48 -85.15
C ALA VA 159 76.43 19.52 -85.68
N LYS VA 160 76.06 18.48 -86.39
CA LYS VA 160 74.80 18.50 -87.10
C LYS VA 160 73.88 17.41 -86.58
N ILE VA 161 73.80 17.28 -85.27
CA ILE VA 161 72.78 16.45 -84.71
C ILE VA 161 72.06 17.19 -83.60
N ALA WA 58 74.85 -12.84 4.19
CA ALA WA 58 74.05 -11.68 3.87
C ALA WA 58 74.95 -10.51 3.50
N LEU WA 59 75.20 -9.64 4.48
CA LEU WA 59 76.32 -8.69 4.44
C LEU WA 59 77.60 -9.43 4.17
N LYS WA 60 77.68 -10.56 4.83
CA LYS WA 60 78.56 -11.66 4.55
C LYS WA 60 78.64 -11.95 3.06
N GLU WA 61 77.55 -12.43 2.46
CA GLU WA 61 77.61 -12.94 1.10
C GLU WA 61 77.91 -11.83 0.11
N THR WA 62 77.43 -10.64 0.38
CA THR WA 62 77.79 -9.57 -0.51
C THR WA 62 79.22 -9.10 -0.32
N ALA WA 63 79.80 -9.26 0.85
CA ALA WA 63 81.23 -8.97 0.98
C ALA WA 63 82.04 -9.98 0.18
N LEU WA 64 81.62 -11.23 0.25
CA LEU WA 64 82.14 -12.28 -0.63
C LEU WA 64 82.02 -11.90 -2.09
N SER WA 65 80.83 -11.53 -2.51
CA SER WA 65 80.58 -11.33 -3.92
C SER WA 65 81.18 -10.04 -4.43
N VAL WA 66 81.36 -9.06 -3.54
CA VAL WA 66 82.20 -7.92 -3.82
C VAL WA 66 83.60 -8.38 -4.14
N GLY WA 67 84.12 -9.31 -3.35
CA GLY WA 67 85.40 -9.86 -3.73
C GLY WA 67 85.39 -10.68 -5.00
N ALA WA 68 84.27 -11.35 -5.28
CA ALA WA 68 84.25 -12.45 -6.25
C ALA WA 68 84.58 -11.95 -7.64
N GLN WA 69 83.75 -11.06 -8.15
CA GLN WA 69 84.01 -10.43 -9.43
C GLN WA 69 85.29 -9.61 -9.42
N ALA WA 70 85.68 -9.07 -8.26
CA ALA WA 70 86.86 -8.22 -8.18
C ALA WA 70 88.13 -8.99 -8.49
N GLY WA 71 88.37 -10.05 -7.74
CA GLY WA 71 89.49 -10.91 -8.03
C GLY WA 71 89.37 -11.59 -9.37
N LEU WA 72 88.13 -11.91 -9.78
CA LEU WA 72 87.90 -12.54 -11.08
C LEU WA 72 88.38 -11.68 -12.22
N ALA WA 73 87.96 -10.43 -12.24
CA ALA WA 73 88.34 -9.56 -13.32
C ALA WA 73 89.77 -9.10 -13.18
N TRP WA 74 90.24 -8.99 -11.93
CA TRP WA 74 91.62 -8.66 -11.69
C TRP WA 74 92.53 -9.70 -12.32
N ARG WA 75 92.20 -10.96 -12.07
CA ARG WA 75 92.88 -12.08 -12.66
C ARG WA 75 92.78 -12.06 -14.17
N ALA WA 76 91.61 -11.68 -14.68
CA ALA WA 76 91.38 -11.67 -16.12
C ALA WA 76 92.29 -10.68 -16.81
N LYS WA 77 92.45 -9.50 -16.20
CA LYS WA 77 93.36 -8.53 -16.76
C LYS WA 77 94.78 -9.05 -16.72
N ILE WA 78 95.14 -9.78 -15.65
CA ILE WA 78 96.50 -10.28 -15.52
C ILE WA 78 96.80 -11.27 -16.63
N ILE WA 79 96.00 -12.33 -16.70
CA ILE WA 79 96.13 -13.37 -17.73
C ILE WA 79 96.09 -12.81 -19.13
N ASP WA 80 95.39 -11.71 -19.33
CA ASP WA 80 95.41 -11.09 -20.63
C ASP WA 80 96.78 -10.47 -20.94
N GLU WA 81 97.47 -9.85 -19.96
CA GLU WA 81 98.79 -9.38 -20.41
C GLU WA 81 99.79 -10.50 -20.60
N GLN WA 82 99.68 -11.60 -19.85
CA GLN WA 82 100.73 -12.58 -20.13
C GLN WA 82 100.43 -13.34 -21.40
N LEU WA 83 99.16 -13.43 -21.77
CA LEU WA 83 98.80 -13.82 -23.11
C LEU WA 83 99.49 -12.96 -24.14
N ASN WA 84 99.42 -11.65 -23.93
CA ASN WA 84 99.99 -10.76 -24.93
C ASN WA 84 101.49 -10.84 -25.04
N LYS WA 85 102.18 -11.01 -23.92
CA LYS WA 85 103.63 -11.04 -24.07
C LYS WA 85 104.10 -12.35 -24.66
N GLN WA 86 103.36 -13.43 -24.51
CA GLN WA 86 103.84 -14.64 -25.13
C GLN WA 86 103.06 -14.98 -26.36
N ALA WA 87 102.42 -13.95 -26.92
CA ALA WA 87 101.62 -14.11 -28.13
C ALA WA 87 102.42 -14.73 -29.25
N ARG WA 88 103.65 -14.27 -29.42
CA ARG WA 88 104.58 -14.86 -30.36
C ARG WA 88 104.78 -16.32 -30.11
N ASN WA 89 104.89 -16.65 -28.87
CA ASN WA 89 105.20 -17.99 -28.49
C ASN WA 89 103.99 -18.84 -28.71
N LEU WA 90 102.83 -18.23 -28.54
CA LEU WA 90 101.56 -18.92 -28.64
C LEU WA 90 101.33 -19.47 -30.03
N ASP WA 91 101.34 -18.62 -31.03
CA ASP WA 91 101.17 -19.12 -32.39
C ASP WA 91 102.42 -19.82 -32.87
N ALA WA 92 103.55 -19.50 -32.25
CA ALA WA 92 104.80 -20.13 -32.57
C ALA WA 92 104.68 -21.60 -32.26
N ILE WA 93 103.93 -21.91 -31.22
CA ILE WA 93 103.38 -23.23 -31.09
C ILE WA 93 102.34 -23.45 -32.18
N TYR WA 94 101.27 -22.68 -32.13
CA TYR WA 94 100.03 -23.03 -32.85
C TYR WA 94 99.94 -22.39 -34.21
N ASP WA 95 100.85 -22.84 -35.05
CA ASP WA 95 100.84 -22.57 -36.48
C ASP WA 95 99.77 -23.42 -37.15
N PHE WA 96 98.58 -22.86 -37.31
CA PHE WA 96 97.45 -23.64 -37.81
C PHE WA 96 97.56 -23.92 -39.28
N ASN WA 97 98.07 -22.94 -40.02
CA ASN WA 97 98.17 -23.00 -41.47
C ASN WA 97 99.04 -24.15 -41.92
N SER WA 98 100.01 -24.51 -41.10
CA SER WA 98 100.77 -25.71 -41.30
C SER WA 98 99.88 -26.92 -41.32
N LEU WA 99 98.79 -26.86 -40.59
CA LEU WA 99 97.88 -27.97 -40.53
C LEU WA 99 96.75 -27.83 -41.53
N VAL WA 100 96.54 -26.67 -42.10
CA VAL WA 100 95.40 -26.56 -42.99
C VAL WA 100 95.71 -27.22 -44.32
N LEU WA 101 94.68 -27.44 -45.11
CA LEU WA 101 94.80 -28.24 -46.30
C LEU WA 101 94.91 -27.37 -47.55
N GLU WA 102 94.81 -28.06 -48.69
CA GLU WA 102 95.11 -27.54 -50.01
C GLU WA 102 94.19 -26.43 -50.44
N HIS WA 103 92.93 -26.52 -50.10
CA HIS WA 103 91.94 -25.58 -50.57
C HIS WA 103 91.44 -24.82 -49.36
N ASN WA 104 92.41 -24.49 -48.51
CA ASN WA 104 92.32 -24.10 -47.09
C ASN WA 104 91.15 -24.79 -46.40
N ILE WA 105 91.15 -26.10 -46.51
CA ILE WA 105 90.22 -26.92 -45.77
C ILE WA 105 90.80 -27.08 -44.39
N LEU WA 106 90.15 -26.53 -43.40
CA LEU WA 106 90.54 -26.82 -42.05
C LEU WA 106 90.22 -28.28 -41.76
N PRO WA 107 91.21 -29.07 -41.34
CA PRO WA 107 91.03 -30.52 -41.22
C PRO WA 107 90.26 -30.88 -39.96
N PRO WA 108 89.59 -32.03 -39.93
CA PRO WA 108 88.73 -32.35 -38.78
C PRO WA 108 89.55 -32.75 -37.57
N VAL WA 109 88.91 -32.74 -36.40
CA VAL WA 109 89.60 -33.07 -35.18
C VAL WA 109 89.28 -34.51 -34.81
N LEU WA 110 90.30 -35.33 -34.66
CA LEU WA 110 90.06 -36.74 -34.45
C LEU WA 110 90.40 -37.09 -33.01
N LEU WA 111 89.73 -38.10 -32.48
CA LEU WA 111 89.84 -38.41 -31.07
C LEU WA 111 90.27 -39.85 -30.85
N GLU WA 112 91.28 -39.97 -30.01
CA GLU WA 112 91.92 -41.21 -29.60
C GLU WA 112 91.07 -41.92 -28.56
N GLY WA 113 91.18 -43.24 -28.51
CA GLY WA 113 90.60 -44.01 -27.45
C GLY WA 113 91.34 -45.29 -27.10
N ARG WA 114 91.68 -45.45 -25.83
CA ARG WA 114 92.16 -46.73 -25.35
C ARG WA 114 91.33 -47.25 -24.21
N ASN WA 115 91.32 -48.58 -24.16
CA ASN WA 115 90.64 -49.45 -23.20
C ASN WA 115 89.29 -48.90 -22.75
N THR WA 116 88.51 -48.56 -23.74
CA THR WA 116 87.18 -48.08 -23.52
C THR WA 116 86.38 -49.24 -23.00
N LEU WA 117 86.44 -49.43 -21.70
CA LEU WA 117 85.61 -50.43 -21.09
C LEU WA 117 84.49 -49.72 -20.43
N ASN WA 118 83.34 -49.84 -21.03
CA ASN WA 118 82.14 -49.66 -20.28
C ASN WA 118 81.74 -51.03 -19.84
N LEU WA 119 81.62 -51.24 -18.56
CA LEU WA 119 80.78 -52.35 -18.17
C LEU WA 119 79.42 -51.81 -18.48
N ALA WA 120 78.64 -52.57 -19.22
CA ALA WA 120 77.23 -52.29 -19.13
C ALA WA 120 76.77 -52.58 -17.73
N ASP WA 121 77.17 -53.73 -17.20
CA ASP WA 121 76.55 -54.17 -15.99
C ASP WA 121 77.38 -55.28 -15.40
N ALA WA 122 76.80 -55.93 -14.41
CA ALA WA 122 77.37 -57.06 -13.72
C ALA WA 122 77.50 -58.28 -14.60
N GLN WA 123 76.82 -58.29 -15.73
CA GLN WA 123 76.68 -59.47 -16.54
C GLN WA 123 77.42 -59.34 -17.84
N SER WA 124 77.70 -58.13 -18.28
CA SER WA 124 78.25 -57.95 -19.60
C SER WA 124 79.07 -56.68 -19.62
N ILE WA 125 80.24 -56.78 -20.20
CA ILE WA 125 81.08 -55.62 -20.34
C ILE WA 125 81.42 -55.47 -21.80
N ARG WA 126 81.96 -54.32 -22.14
CA ARG WA 126 82.22 -54.00 -23.51
C ARG WA 126 83.37 -53.02 -23.58
N ILE WA 127 84.40 -53.45 -24.24
CA ILE WA 127 85.65 -52.75 -24.29
C ILE WA 127 86.13 -52.66 -25.72
N SER WA 128 86.50 -51.47 -26.12
CA SER WA 128 87.49 -51.47 -27.18
C SER WA 128 88.83 -51.26 -26.56
N ASP WA 129 89.78 -51.91 -27.17
CA ASP WA 129 91.17 -51.56 -27.01
C ASP WA 129 91.46 -50.12 -27.41
N ARG WA 130 90.69 -49.60 -28.36
CA ARG WA 130 91.20 -48.52 -29.17
C ARG WA 130 90.05 -47.99 -29.98
N THR WA 131 89.99 -46.69 -30.19
CA THR WA 131 88.75 -46.04 -30.55
C THR WA 131 89.05 -44.71 -31.20
N TYR WA 132 88.34 -44.33 -32.24
CA TYR WA 132 88.53 -43.01 -32.82
C TYR WA 132 87.24 -42.30 -33.10
N LYS WA 133 87.23 -41.04 -32.74
CA LYS WA 133 86.05 -40.23 -32.91
C LYS WA 133 86.38 -39.07 -33.82
N VAL WA 134 85.77 -39.06 -34.98
CA VAL WA 134 85.91 -37.91 -35.83
C VAL WA 134 84.95 -36.88 -35.30
N ALA WA 135 85.45 -35.71 -34.98
CA ALA WA 135 84.63 -34.59 -34.59
C ALA WA 135 84.98 -33.44 -35.52
N LYS WA 136 83.99 -32.58 -35.73
CA LYS WA 136 84.12 -31.29 -36.42
C LYS WA 136 84.77 -31.44 -37.79
N GLN WA 137 84.02 -32.09 -38.69
CA GLN WA 137 84.49 -32.56 -39.98
C GLN WA 137 85.09 -31.43 -40.82
N ALA WA 138 86.04 -31.79 -41.68
CA ALA WA 138 86.83 -30.87 -42.48
C ALA WA 138 85.96 -29.93 -43.29
N HIS WA 139 86.44 -28.71 -43.47
CA HIS WA 139 85.56 -27.71 -44.04
C HIS WA 139 86.39 -26.61 -44.68
N PHE WA 140 85.77 -25.89 -45.61
CA PHE WA 140 86.40 -24.70 -46.16
C PHE WA 140 86.55 -23.67 -45.05
N ILE WA 141 87.74 -23.19 -44.83
CA ILE WA 141 87.89 -22.12 -43.87
C ILE WA 141 88.33 -20.91 -44.68
N THR WA 142 87.95 -19.73 -44.23
CA THR WA 142 88.59 -18.57 -44.82
C THR WA 142 89.89 -18.27 -44.11
N THR WA 143 89.78 -17.73 -42.94
CA THR WA 143 90.94 -17.33 -42.21
C THR WA 143 91.23 -18.39 -41.18
N PRO WA 144 92.46 -18.85 -41.12
CA PRO WA 144 92.80 -19.96 -40.24
C PRO WA 144 92.72 -19.55 -38.79
N PRO WA 145 92.54 -20.48 -37.89
CA PRO WA 145 92.35 -20.13 -36.49
C PRO WA 145 93.60 -19.57 -35.86
N THR WA 146 93.41 -18.88 -34.77
CA THR WA 146 94.51 -18.37 -33.98
C THR WA 146 94.51 -19.12 -32.68
N TRP WA 147 95.08 -18.53 -31.67
CA TRP WA 147 94.67 -18.92 -30.34
C TRP WA 147 93.78 -17.91 -29.66
N ARG WA 148 93.90 -16.63 -29.99
CA ARG WA 148 93.26 -15.58 -29.22
C ARG WA 148 91.76 -15.66 -29.31
N GLN WA 149 91.31 -16.32 -30.36
CA GLN WA 149 89.99 -16.87 -30.43
C GLN WA 149 89.68 -17.80 -29.27
N TYR WA 150 90.66 -18.39 -28.60
CA TYR WA 150 90.39 -19.43 -27.62
C TYR WA 150 90.92 -19.05 -26.27
N LEU WA 151 91.85 -18.13 -26.24
CA LEU WA 151 92.54 -17.91 -25.00
C LEU WA 151 92.46 -16.50 -24.50
N TRP WA 152 92.17 -15.54 -25.36
CA TRP WA 152 92.04 -14.18 -24.90
C TRP WA 152 90.86 -14.12 -23.95
N MET WA 153 91.18 -14.11 -22.67
CA MET WA 153 90.15 -14.04 -21.67
C MET WA 153 89.52 -12.67 -21.75
N ASP WA 154 88.22 -12.61 -21.56
CA ASP WA 154 87.55 -11.34 -21.55
C ASP WA 154 87.94 -10.60 -20.29
N TYR WA 155 88.12 -9.32 -20.44
CA TYR WA 155 88.32 -8.47 -19.30
C TYR WA 155 87.32 -7.35 -19.35
N VAL WA 156 86.56 -7.21 -18.28
CA VAL WA 156 85.81 -6.01 -18.03
C VAL WA 156 86.22 -5.52 -16.66
N LYS WA 157 86.01 -4.24 -16.41
CA LYS WA 157 86.32 -3.73 -15.08
C LYS WA 157 85.06 -3.28 -14.38
N PRO WA 158 84.63 -3.94 -13.31
CA PRO WA 158 83.65 -3.32 -12.42
C PRO WA 158 84.31 -2.81 -11.14
N GLU WA 159 83.91 -1.61 -10.72
CA GLU WA 159 84.08 -1.15 -9.35
C GLU WA 159 82.76 -0.79 -8.70
N ALA WA 160 81.67 -1.45 -9.11
CA ALA WA 160 80.34 -1.09 -8.67
C ALA WA 160 79.98 -1.82 -7.38
N PRO WA 161 79.79 -1.10 -6.27
CA PRO WA 161 79.36 -1.78 -5.05
C PRO WA 161 77.86 -2.02 -5.06
N LYS WA 173 81.77 -5.25 8.66
CA LYS WA 173 82.83 -4.32 8.33
C LYS WA 173 84.19 -5.05 8.18
N GLU WA 174 84.64 -5.73 9.23
CA GLU WA 174 85.78 -6.60 9.03
C GLU WA 174 85.38 -7.80 8.20
N ILE WA 175 84.12 -8.22 8.28
CA ILE WA 175 83.63 -9.24 7.38
C ILE WA 175 83.61 -8.71 5.96
N TRP WA 176 83.33 -7.41 5.79
CA TRP WA 176 83.44 -6.80 4.48
C TRP WA 176 84.83 -6.96 3.92
N CYS WA 177 85.83 -6.59 4.71
CA CYS WA 177 87.19 -6.60 4.18
C CYS WA 177 87.68 -8.02 3.93
N ILE WA 178 87.45 -8.91 4.89
CA ILE WA 178 87.99 -10.25 4.70
C ILE WA 178 87.22 -11.06 3.67
N TYR WA 179 85.91 -10.83 3.50
CA TYR WA 179 85.25 -11.64 2.52
C TYR WA 179 85.44 -11.07 1.15
N THR WA 180 85.75 -9.80 1.08
CA THR WA 180 86.21 -9.27 -0.18
C THR WA 180 87.55 -9.88 -0.57
N GLU WA 181 88.46 -10.08 0.36
CA GLU WA 181 89.64 -10.81 -0.11
C GLU WA 181 89.38 -12.28 -0.36
N ARG WA 182 88.43 -12.85 0.35
CA ARG WA 182 88.00 -14.22 0.08
C ARG WA 182 87.61 -14.36 -1.36
N GLY WA 183 86.60 -13.60 -1.76
CA GLY WA 183 86.13 -13.63 -3.12
C GLY WA 183 87.18 -13.18 -4.09
N TRP WA 184 88.07 -12.30 -3.66
CA TRP WA 184 89.21 -11.91 -4.48
C TRP WA 184 90.02 -13.13 -4.88
N LYS WA 185 90.37 -13.96 -3.90
CA LYS WA 185 91.01 -15.24 -4.20
C LYS WA 185 90.14 -16.14 -5.03
N ASN WA 186 88.86 -16.11 -4.77
CA ASN WA 186 87.94 -17.05 -5.37
C ASN WA 186 87.76 -16.78 -6.85
N GLY WA 187 87.57 -15.51 -7.19
CA GLY WA 187 87.47 -15.14 -8.58
C GLY WA 187 88.76 -15.38 -9.30
N ILE WA 188 89.88 -15.16 -8.60
CA ILE WA 188 91.19 -15.47 -9.15
C ILE WA 188 91.24 -16.91 -9.60
N ASP WA 189 90.97 -17.83 -8.69
CA ASP WA 189 91.28 -19.17 -9.12
C ASP WA 189 90.18 -19.80 -9.92
N GLN WA 190 88.95 -19.29 -9.85
CA GLN WA 190 88.00 -19.79 -10.81
C GLN WA 190 88.35 -19.32 -12.20
N ALA WA 191 88.92 -18.13 -12.32
CA ALA WA 191 89.41 -17.69 -13.61
C ALA WA 191 90.57 -18.55 -14.08
N ASN WA 192 91.37 -19.01 -13.14
CA ASN WA 192 92.48 -19.87 -13.48
C ASN WA 192 92.00 -21.17 -14.05
N THR WA 193 90.97 -21.71 -13.44
CA THR WA 193 90.36 -22.91 -13.98
C THR WA 193 89.76 -22.66 -15.34
N ILE WA 194 89.16 -21.49 -15.51
CA ILE WA 194 88.59 -21.12 -16.79
C ILE WA 194 89.66 -21.12 -17.85
N LEU WA 195 90.77 -20.49 -17.52
CA LEU WA 195 91.94 -20.46 -18.35
C LEU WA 195 92.40 -21.84 -18.71
N GLU WA 196 92.47 -22.70 -17.71
CA GLU WA 196 92.88 -24.07 -17.86
C GLU WA 196 92.02 -24.78 -18.89
N GLU WA 197 90.74 -24.53 -18.80
CA GLU WA 197 89.80 -25.13 -19.71
C GLU WA 197 89.99 -24.60 -21.11
N ASN WA 198 90.34 -23.34 -21.22
CA ASN WA 198 90.58 -22.75 -22.52
C ASN WA 198 91.75 -23.43 -23.19
N ILE WA 199 92.77 -23.67 -22.39
CA ILE WA 199 93.95 -24.34 -22.85
C ILE WA 199 93.62 -25.72 -23.31
N ALA WA 200 92.83 -26.42 -22.53
CA ALA WA 200 92.47 -27.78 -22.87
C ALA WA 200 91.68 -27.84 -24.16
N ARG WA 201 90.87 -26.82 -24.37
CA ARG WA 201 90.10 -26.75 -25.59
C ARG WA 201 91.02 -26.61 -26.78
N ILE WA 202 92.03 -25.75 -26.64
CA ILE WA 202 92.88 -25.58 -27.79
C ILE WA 202 93.76 -26.81 -28.02
N LYS WA 203 94.07 -27.55 -26.93
CA LYS WA 203 94.75 -28.83 -27.07
C LYS WA 203 93.99 -29.71 -27.98
N GLU WA 204 92.77 -30.02 -27.54
CA GLU WA 204 92.02 -31.10 -28.13
C GLU WA 204 91.67 -30.79 -29.56
N ASP WA 205 91.54 -29.50 -29.86
CA ASP WA 205 91.50 -29.10 -31.25
C ASP WA 205 92.77 -29.50 -31.96
N PHE WA 206 93.90 -29.02 -31.45
CA PHE WA 206 95.10 -29.06 -32.25
C PHE WA 206 95.56 -30.46 -32.47
N GLY WA 207 95.53 -31.21 -31.38
CA GLY WA 207 95.76 -32.62 -31.42
C GLY WA 207 94.79 -33.33 -32.31
N GLY WA 208 93.55 -32.85 -32.36
CA GLY WA 208 92.60 -33.49 -33.23
C GLY WA 208 92.96 -33.39 -34.70
N MET WA 209 93.31 -32.19 -35.15
CA MET WA 209 93.66 -32.11 -36.57
C MET WA 209 95.00 -32.76 -36.85
N ILE WA 210 95.87 -32.80 -35.84
CA ILE WA 210 97.09 -33.59 -35.95
C ILE WA 210 96.73 -35.01 -36.27
N LEU WA 211 95.82 -35.55 -35.50
CA LEU WA 211 95.40 -36.92 -35.68
C LEU WA 211 94.70 -37.14 -37.00
N TYR WA 212 94.11 -36.09 -37.54
CA TYR WA 212 93.56 -36.25 -38.88
C TYR WA 212 94.67 -36.49 -39.86
N ARG WA 213 95.70 -35.66 -39.77
CA ARG WA 213 96.83 -35.83 -40.65
C ARG WA 213 97.53 -37.13 -40.36
N LYS WA 214 97.43 -37.58 -39.13
CA LYS WA 214 97.96 -38.86 -38.75
C LYS WA 214 97.28 -39.99 -39.46
N LEU WA 215 95.99 -40.11 -39.30
CA LEU WA 215 95.34 -41.27 -39.89
C LEU WA 215 95.21 -41.16 -41.36
N LEU WA 216 95.29 -39.94 -41.85
CA LEU WA 216 95.43 -39.77 -43.25
C LEU WA 216 96.77 -40.29 -43.68
N ALA WA 217 97.79 -40.07 -42.86
CA ALA WA 217 99.05 -40.71 -43.13
C ALA WA 217 98.98 -42.19 -42.85
N MET WA 218 98.02 -42.63 -42.09
CA MET WA 218 97.96 -44.03 -41.76
C MET WA 218 97.02 -44.79 -42.65
N ASN WA 219 96.46 -44.13 -43.64
CA ASN WA 219 95.35 -44.60 -44.43
C ASN WA 219 94.16 -44.95 -43.56
N MET WA 220 94.08 -44.33 -42.40
CA MET WA 220 93.04 -44.73 -41.51
C MET WA 220 91.88 -43.78 -41.62
N VAL WA 221 92.11 -42.63 -42.21
CA VAL WA 221 91.00 -41.81 -42.68
C VAL WA 221 91.23 -41.47 -44.13
N SER WA 222 90.21 -40.90 -44.74
CA SER WA 222 90.10 -40.55 -46.13
C SER WA 222 90.41 -39.06 -46.31
N PRO WA 223 90.76 -38.62 -47.51
CA PRO WA 223 90.94 -37.20 -47.73
C PRO WA 223 89.62 -36.49 -47.86
N PRO WA 224 89.61 -35.16 -47.84
CA PRO WA 224 88.49 -34.46 -48.45
C PRO WA 224 88.59 -34.52 -49.96
N TYR WA 225 87.67 -35.26 -50.55
CA TYR WA 225 87.57 -35.41 -51.99
C TYR WA 225 86.65 -34.31 -52.49
N VAL WA 226 87.16 -33.42 -53.33
CA VAL WA 226 86.40 -32.25 -53.74
C VAL WA 226 86.12 -32.31 -55.23
N SER WA 227 85.28 -31.40 -55.70
CA SER WA 227 85.20 -31.07 -57.12
C SER WA 227 85.18 -29.56 -57.22
N HIS WA 228 86.20 -29.01 -57.87
CA HIS WA 228 86.16 -27.62 -58.29
C HIS WA 228 85.64 -27.65 -59.71
N THR WA 229 84.47 -27.08 -59.90
CA THR WA 229 83.97 -26.87 -61.24
C THR WA 229 84.09 -25.39 -61.56
N ASP WA 230 84.58 -25.09 -62.73
CA ASP WA 230 84.85 -23.70 -63.06
C ASP WA 230 83.91 -23.22 -64.14
N LEU WA 231 83.70 -21.93 -64.16
CA LEU WA 231 82.85 -21.24 -65.11
C LEU WA 231 83.64 -20.10 -65.70
N GLY WA 232 83.39 -19.83 -66.96
CA GLY WA 232 84.10 -18.77 -67.66
C GLY WA 232 83.57 -17.41 -67.32
N VAL WA 233 83.45 -16.56 -68.32
CA VAL WA 233 82.79 -15.28 -68.10
C VAL WA 233 81.33 -15.56 -67.78
N THR WA 234 80.90 -15.10 -66.63
CA THR WA 234 79.54 -15.32 -66.23
C THR WA 234 78.92 -13.98 -65.94
N GLY WA 235 77.75 -13.77 -66.50
CA GLY WA 235 76.97 -12.61 -66.15
C GLY WA 235 76.47 -11.87 -67.35
N ASP WA 236 75.66 -10.85 -67.07
CA ASP WA 236 74.80 -10.21 -68.04
C ASP WA 236 75.39 -8.89 -68.50
N GLY WA 237 74.59 -8.10 -69.21
CA GLY WA 237 75.01 -6.80 -69.63
C GLY WA 237 75.19 -5.80 -68.50
N SER WA 238 74.62 -6.07 -67.33
CA SER WA 238 74.89 -5.18 -66.21
C SER WA 238 75.87 -5.75 -65.23
N GLU WA 239 76.02 -7.06 -65.20
CA GLU WA 239 76.92 -7.64 -64.23
C GLU WA 239 77.63 -8.74 -64.96
N ILE WA 240 78.93 -8.79 -64.91
CA ILE WA 240 79.62 -9.99 -65.34
C ILE WA 240 80.59 -10.42 -64.28
N HIS WA 241 80.99 -11.67 -64.39
CA HIS WA 241 82.10 -12.20 -63.64
C HIS WA 241 82.93 -12.97 -64.64
N ILE WA 242 84.17 -12.57 -64.79
CA ILE WA 242 85.03 -13.07 -65.84
C ILE WA 242 85.45 -14.50 -65.59
N ASP WA 243 85.67 -14.88 -64.34
CA ASP WA 243 85.87 -16.29 -64.04
C ASP WA 243 85.29 -16.67 -62.71
N ASP WA 244 84.33 -17.58 -62.74
CA ASP WA 244 83.69 -18.06 -61.54
C ASP WA 244 84.09 -19.50 -61.28
N ARG WA 245 85.00 -19.69 -60.36
CA ARG WA 245 85.18 -21.02 -59.83
C ARG WA 245 84.20 -21.23 -58.71
N VAL WA 246 83.59 -22.40 -58.70
CA VAL WA 246 82.86 -22.87 -57.53
C VAL WA 246 83.49 -24.17 -57.09
N LEU WA 247 83.60 -24.33 -55.81
CA LEU WA 247 84.27 -25.50 -55.26
C LEU WA 247 83.34 -26.14 -54.27
N ARG WA 248 83.00 -27.38 -54.55
CA ARG WA 248 82.27 -28.15 -53.60
C ARG WA 248 83.20 -29.22 -53.08
N ILE WA 249 83.04 -29.52 -51.82
CA ILE WA 249 83.76 -30.60 -51.20
C ILE WA 249 82.81 -31.78 -51.32
N THR WA 250 83.12 -32.67 -52.23
CA THR WA 250 82.19 -33.76 -52.50
C THR WA 250 82.19 -34.75 -51.35
N ALA WA 251 83.31 -35.41 -51.10
CA ALA WA 251 83.40 -36.44 -50.07
C ALA WA 251 84.26 -35.96 -48.91
N LEU WA 252 83.69 -35.98 -47.72
CA LEU WA 252 84.40 -35.52 -46.54
C LEU WA 252 85.43 -36.54 -46.10
N PRO WA 253 86.38 -36.13 -45.26
CA PRO WA 253 87.20 -37.10 -44.55
C PRO WA 253 86.35 -37.99 -43.66
N GLU WA 254 86.78 -39.24 -43.53
CA GLU WA 254 86.07 -40.25 -42.76
C GLU WA 254 87.01 -41.42 -42.48
N LEU WA 255 86.79 -42.08 -41.34
CA LEU WA 255 87.60 -43.24 -40.98
C LEU WA 255 87.29 -44.41 -41.89
N ASN WA 256 88.30 -44.93 -42.57
CA ASN WA 256 88.05 -46.12 -43.37
C ASN WA 256 87.89 -47.31 -42.44
N VAL WA 257 87.18 -48.32 -42.91
CA VAL WA 257 86.89 -49.44 -42.05
C VAL WA 257 87.57 -50.71 -42.51
N ASN WA 258 87.90 -50.82 -43.78
CA ASN WA 258 88.70 -51.94 -44.19
C ASN WA 258 90.12 -51.58 -43.80
N SER WA 259 90.55 -52.15 -42.69
CA SER WA 259 91.83 -51.83 -42.12
C SER WA 259 92.97 -52.49 -42.84
N ALA WA 260 92.67 -53.41 -43.75
CA ALA WA 260 93.68 -54.09 -44.53
C ALA WA 260 94.51 -53.13 -45.36
N GLU WA 261 93.92 -52.02 -45.72
CA GLU WA 261 94.54 -51.05 -46.61
C GLU WA 261 95.22 -49.98 -45.82
N TRP WA 262 95.42 -50.22 -44.55
CA TRP WA 262 96.02 -49.21 -43.72
C TRP WA 262 97.50 -49.09 -43.98
N ARG WA 263 98.13 -48.27 -43.18
CA ARG WA 263 99.52 -47.95 -43.37
C ARG WA 263 100.11 -48.00 -41.98
N ALA WA 264 100.99 -48.96 -41.75
CA ALA WA 264 101.52 -49.16 -40.42
C ALA WA 264 103.02 -48.94 -40.45
N ALA WA 265 103.44 -47.82 -39.92
CA ALA WA 265 104.83 -47.40 -40.06
C ALA WA 265 105.62 -47.88 -38.85
N VAL WA 266 106.64 -48.66 -39.12
CA VAL WA 266 107.64 -48.94 -38.12
C VAL WA 266 108.60 -47.77 -38.15
N ALA WA 267 109.25 -47.50 -37.05
CA ALA WA 267 110.22 -46.42 -37.05
C ALA WA 267 111.55 -46.93 -36.52
N LYS WA 268 112.59 -46.13 -36.68
CA LYS WA 268 113.94 -46.56 -36.34
C LYS WA 268 114.70 -45.48 -35.56
N PHE XA 25 130.33 -1.65 -20.50
CA PHE XA 25 129.57 -2.68 -19.79
C PHE XA 25 128.17 -2.84 -20.39
N LYS XA 26 127.76 -4.09 -20.58
CA LYS XA 26 126.51 -4.39 -21.27
C LYS XA 26 125.42 -4.76 -20.30
N LYS XA 27 124.30 -5.15 -20.87
CA LYS XA 27 123.05 -5.44 -20.17
C LYS XA 27 122.60 -6.84 -20.57
N PRO XA 28 121.78 -7.46 -19.74
CA PRO XA 28 121.14 -8.71 -20.14
C PRO XA 28 120.12 -8.45 -21.23
N PRO XA 29 119.72 -9.48 -21.96
CA PRO XA 29 118.75 -9.30 -23.03
C PRO XA 29 117.39 -8.93 -22.49
N ILE XA 30 116.58 -8.42 -23.40
CA ILE XA 30 115.32 -7.82 -23.01
C ILE XA 30 114.25 -8.90 -22.86
N ASN XA 31 113.95 -9.61 -23.95
CA ASN XA 31 112.97 -10.69 -23.91
C ASN XA 31 113.64 -12.05 -23.70
N ASN XA 32 114.48 -12.10 -22.68
CA ASN XA 32 115.23 -13.32 -22.41
C ASN XA 32 114.32 -14.41 -21.85
N PRO XA 33 114.61 -15.66 -22.15
CA PRO XA 33 113.97 -16.74 -21.42
C PRO XA 33 114.62 -16.84 -20.04
N SER XA 34 114.19 -16.01 -19.10
CA SER XA 34 114.82 -15.93 -17.79
C SER XA 34 113.91 -16.51 -16.72
N ASP XA 35 113.01 -17.36 -17.15
CA ASP XA 35 112.02 -17.86 -16.23
C ASP XA 35 111.77 -19.31 -16.55
N ASP XA 36 111.67 -20.08 -15.49
CA ASP XA 36 111.77 -21.53 -15.59
C ASP XA 36 110.64 -22.15 -16.38
N ALA XA 37 109.48 -21.53 -16.44
CA ALA XA 37 108.52 -22.04 -17.40
C ALA XA 37 108.91 -21.65 -18.80
N THR XA 38 109.35 -20.42 -18.95
CA THR XA 38 109.49 -19.81 -20.24
C THR XA 38 110.57 -20.43 -21.05
N ILE XA 39 111.61 -20.89 -20.38
CA ILE XA 39 112.65 -21.56 -21.09
C ILE XA 39 112.09 -22.81 -21.73
N LYS XA 40 111.28 -23.54 -20.99
CA LYS XA 40 110.72 -24.76 -21.52
C LYS XA 40 109.72 -24.44 -22.61
N LEU XA 41 109.04 -23.31 -22.46
CA LEU XA 41 108.16 -22.82 -23.50
C LEU XA 41 108.91 -22.64 -24.79
N ALA XA 42 110.01 -21.91 -24.73
CA ALA XA 42 110.73 -21.58 -25.93
C ALA XA 42 111.38 -22.79 -26.55
N GLU XA 43 111.80 -23.72 -25.71
CA GLU XA 43 112.28 -25.01 -26.19
C GLU XA 43 111.20 -25.75 -26.95
N ALA XA 44 109.99 -25.74 -26.39
CA ALA XA 44 108.88 -26.36 -27.08
C ALA XA 44 108.61 -25.67 -28.39
N ALA XA 45 108.75 -24.34 -28.39
CA ALA XA 45 108.51 -23.56 -29.58
C ALA XA 45 109.50 -23.90 -30.67
N VAL XA 46 110.76 -24.04 -30.31
CA VAL XA 46 111.69 -24.31 -31.36
C VAL XA 46 111.55 -25.73 -31.82
N SER XA 47 111.15 -26.61 -30.90
CA SER XA 47 110.90 -27.99 -31.23
C SER XA 47 109.76 -28.14 -32.21
N VAL XA 48 108.66 -27.46 -31.93
CA VAL XA 48 107.54 -27.53 -32.83
C VAL XA 48 107.86 -26.90 -34.15
N SER XA 49 108.66 -25.85 -34.12
CA SER XA 49 109.01 -25.11 -35.31
C SER XA 49 109.81 -25.96 -36.26
N ASP XA 50 110.79 -26.66 -35.72
CA ASP XA 50 111.53 -27.52 -36.59
C ASP XA 50 110.68 -28.65 -37.09
N SER XA 51 110.01 -29.35 -36.17
CA SER XA 51 109.35 -30.57 -36.52
C SER XA 51 108.19 -30.34 -37.45
N MET XA 52 107.60 -29.15 -37.39
CA MET XA 52 106.68 -28.77 -38.44
C MET XA 52 107.46 -28.53 -39.71
N LEU XA 53 108.70 -28.02 -39.65
CA LEU XA 53 109.26 -27.76 -40.95
C LEU XA 53 109.78 -29.01 -41.57
N GLU XA 54 110.09 -30.02 -40.78
CA GLU XA 54 110.45 -31.23 -41.51
C GLU XA 54 109.24 -31.95 -41.95
N MET XA 55 108.12 -31.74 -41.24
CA MET XA 55 106.84 -32.21 -41.72
C MET XA 55 106.58 -31.66 -43.10
N ALA XA 56 106.78 -30.36 -43.25
CA ALA XA 56 106.60 -29.73 -44.54
C ALA XA 56 107.66 -30.16 -45.52
N LYS XA 57 108.84 -30.47 -45.02
CA LYS XA 57 109.91 -30.89 -45.90
C LYS XA 57 109.57 -32.21 -46.53
N VAL XA 58 108.98 -33.09 -45.74
CA VAL XA 58 108.57 -34.36 -46.27
C VAL XA 58 107.40 -34.16 -47.19
N GLU XA 59 106.46 -33.33 -46.81
CA GLU XA 59 105.32 -33.13 -47.67
C GLU XA 59 105.61 -32.30 -48.90
N LYS XA 60 106.75 -31.64 -48.95
CA LYS XA 60 106.99 -30.65 -49.98
C LYS XA 60 107.40 -31.36 -51.26
N VAL XA 61 106.48 -31.48 -52.19
CA VAL XA 61 106.85 -31.92 -53.51
C VAL XA 61 107.51 -30.75 -54.23
N ILE XA 62 108.55 -31.02 -54.99
CA ILE XA 62 109.15 -30.01 -55.84
C ILE XA 62 109.25 -30.59 -57.24
N THR XA 63 109.76 -29.76 -58.14
CA THR XA 63 110.18 -30.19 -59.46
C THR XA 63 111.62 -29.76 -59.70
N PRO XA 64 112.39 -30.51 -60.49
CA PRO XA 64 113.72 -30.04 -60.85
C PRO XA 64 113.62 -28.91 -61.85
N PRO XA 65 114.48 -27.89 -61.73
CA PRO XA 65 114.53 -26.85 -62.76
C PRO XA 65 114.95 -27.39 -64.12
N SER XA 66 115.59 -28.55 -64.15
CA SER XA 66 115.84 -29.22 -65.42
C SER XA 66 114.57 -29.81 -66.00
N LYS XA 67 113.62 -30.18 -65.16
CA LYS XA 67 112.39 -30.76 -65.70
C LYS XA 67 111.20 -30.00 -65.20
N ASP XA 68 111.28 -28.68 -65.27
CA ASP XA 68 110.14 -27.85 -64.90
C ASP XA 68 109.17 -27.59 -66.05
N ASN XA 69 109.58 -27.87 -67.28
CA ASN XA 69 108.78 -27.91 -68.50
C ASN XA 69 108.19 -26.56 -68.92
N THR XA 70 108.54 -25.46 -68.26
CA THR XA 70 107.95 -24.16 -68.61
C THR XA 70 108.67 -23.55 -69.81
N LEU XA 71 108.07 -22.50 -70.36
CA LEU XA 71 108.63 -21.84 -71.54
C LEU XA 71 109.88 -21.06 -71.17
N THR XA 72 110.89 -21.16 -72.01
CA THR XA 72 112.09 -20.42 -71.73
C THR XA 72 111.98 -19.02 -72.28
N ILE XA 73 112.99 -18.23 -71.94
CA ILE XA 73 113.09 -16.89 -72.47
C ILE XA 73 113.72 -17.00 -73.84
N PRO XA 74 113.03 -16.58 -74.90
CA PRO XA 74 113.53 -16.82 -76.26
C PRO XA 74 114.51 -15.77 -76.75
N ASN XA 75 114.87 -14.81 -75.91
CA ASN XA 75 116.03 -13.93 -76.02
C ASN XA 75 116.09 -13.10 -77.31
N ALA XA 76 115.00 -12.94 -78.05
CA ALA XA 76 115.04 -12.04 -79.18
C ALA XA 76 114.99 -10.59 -78.70
N TYR XA 77 115.76 -9.74 -79.37
CA TYR XA 77 115.76 -8.33 -79.00
C TYR XA 77 114.46 -7.65 -79.33
N ASN XA 78 113.75 -8.13 -80.34
CA ASN XA 78 112.37 -7.73 -80.52
C ASN XA 78 111.54 -8.11 -79.33
N LEU XA 79 111.80 -9.28 -78.77
CA LEU XA 79 111.06 -9.70 -77.61
C LEU XA 79 111.47 -8.94 -76.37
N GLN XA 80 112.66 -8.38 -76.37
CA GLN XA 80 113.17 -7.69 -75.20
C GLN XA 80 112.58 -6.30 -75.23
N ALA XA 81 111.47 -6.13 -74.52
CA ALA XA 81 110.84 -4.83 -74.38
C ALA XA 81 109.93 -4.87 -73.17
N ARG XA 82 110.16 -3.97 -72.22
CA ARG XA 82 109.30 -3.88 -71.05
C ARG XA 82 107.98 -3.28 -71.50
N ALA XA 83 106.88 -3.93 -71.12
CA ALA XA 83 105.56 -3.52 -71.59
C ALA XA 83 104.63 -3.36 -70.40
N SER XA 84 103.40 -2.95 -70.67
CA SER XA 84 102.41 -2.81 -69.62
C SER XA 84 101.06 -3.30 -70.11
N VAL XA 85 100.39 -4.12 -69.31
CA VAL XA 85 99.07 -4.61 -69.68
C VAL XA 85 98.37 -5.12 -68.43
N ASP XA 86 97.10 -4.79 -68.31
CA ASP XA 86 96.20 -5.48 -67.41
C ASP XA 86 94.98 -5.89 -68.19
N TRP XA 87 94.64 -7.15 -68.09
CA TRP XA 87 93.63 -7.69 -68.97
C TRP XA 87 93.21 -9.04 -68.46
N SER XA 88 91.96 -9.38 -68.70
CA SER XA 88 91.47 -10.67 -68.28
C SER XA 88 90.75 -11.36 -69.41
N GLY XA 89 91.00 -12.65 -69.57
CA GLY XA 89 90.19 -13.47 -70.41
C GLY XA 89 91.03 -14.36 -71.28
N PRO XA 90 90.57 -14.58 -72.51
CA PRO XA 90 91.18 -15.61 -73.35
C PRO XA 90 92.46 -15.21 -74.05
N ILE XA 91 93.19 -16.23 -74.47
CA ILE XA 91 94.63 -16.13 -74.58
C ILE XA 91 95.05 -15.67 -75.97
N GLU XA 92 94.31 -16.09 -76.98
CA GLU XA 92 94.82 -16.03 -78.34
C GLU XA 92 94.86 -14.61 -78.85
N GLU XA 93 93.94 -13.79 -78.40
CA GLU XA 93 93.92 -12.41 -78.87
C GLU XA 93 94.99 -11.57 -78.20
N LEU XA 94 95.21 -11.79 -76.88
CA LEU XA 94 96.25 -11.05 -76.19
C LEU XA 94 97.60 -11.41 -76.78
N THR XA 95 97.76 -12.68 -77.11
CA THR XA 95 99.07 -13.07 -77.58
C THR XA 95 99.29 -12.70 -79.02
N ALA XA 96 98.22 -12.61 -79.81
CA ALA XA 96 98.36 -12.07 -81.14
C ALA XA 96 98.83 -10.63 -81.07
N ARG XA 97 98.24 -9.86 -80.16
CA ARG XA 97 98.68 -8.48 -80.09
C ARG XA 97 100.05 -8.32 -79.47
N ILE XA 98 100.45 -9.13 -78.49
CA ILE XA 98 101.84 -8.98 -78.08
C ILE XA 98 102.81 -9.49 -79.12
N ALA XA 99 102.40 -10.45 -79.96
CA ALA XA 99 103.26 -10.92 -81.04
C ALA XA 99 103.53 -9.81 -82.01
N LYS XA 100 102.48 -9.14 -82.42
CA LYS XA 100 102.68 -8.03 -83.34
C LYS XA 100 103.24 -6.81 -82.64
N ALA XA 101 103.14 -6.72 -81.33
CA ALA XA 101 103.83 -5.65 -80.63
C ALA XA 101 105.31 -5.92 -80.65
N ALA XA 102 105.69 -7.17 -80.55
CA ALA XA 102 107.09 -7.54 -80.64
C ALA XA 102 107.50 -7.84 -82.06
N HIS XA 103 106.64 -7.53 -83.02
CA HIS XA 103 106.86 -7.77 -84.45
C HIS XA 103 107.10 -9.24 -84.70
N PHE XA 104 106.41 -10.07 -83.97
CA PHE XA 104 106.50 -11.47 -84.23
C PHE XA 104 105.22 -11.91 -84.89
N ARG XA 105 105.35 -12.82 -85.84
CA ARG XA 105 104.15 -13.41 -86.37
C ARG XA 105 103.57 -14.35 -85.35
N PHE XA 106 102.28 -14.63 -85.51
CA PHE XA 106 101.55 -15.46 -84.55
C PHE XA 106 100.85 -16.58 -85.29
N ARG XA 107 101.23 -17.79 -85.00
CA ARG XA 107 100.50 -18.93 -85.49
C ARG XA 107 99.99 -19.70 -84.30
N VAL XA 108 98.80 -20.26 -84.45
CA VAL XA 108 98.20 -21.09 -83.44
C VAL XA 108 97.94 -22.45 -84.03
N LEU XA 109 98.40 -23.47 -83.34
CA LEU XA 109 98.18 -24.85 -83.72
C LEU XA 109 97.36 -25.50 -82.63
N GLY XA 110 96.43 -26.34 -83.02
CA GLY XA 110 95.38 -26.78 -82.14
C GLY XA 110 94.21 -25.84 -82.23
N LYS XA 111 93.08 -26.28 -81.69
CA LYS XA 111 91.86 -25.51 -81.74
C LYS XA 111 91.51 -25.01 -80.35
N SER XA 112 90.89 -23.86 -80.31
CA SER XA 112 90.49 -23.33 -79.03
C SER XA 112 89.23 -24.03 -78.56
N PRO XA 113 89.15 -24.37 -77.29
CA PRO XA 113 87.99 -25.09 -76.78
C PRO XA 113 86.81 -24.16 -76.63
N SER XA 114 85.64 -24.78 -76.42
CA SER XA 114 84.41 -24.03 -76.21
C SER XA 114 84.51 -23.18 -74.95
N VAL XA 115 84.95 -23.76 -73.85
CA VAL XA 115 85.33 -22.90 -72.75
C VAL XA 115 86.72 -22.38 -73.08
N PRO XA 116 86.90 -21.07 -73.08
CA PRO XA 116 88.20 -20.52 -73.38
C PRO XA 116 89.04 -20.62 -72.15
N VAL XA 117 90.32 -20.83 -72.37
CA VAL XA 117 91.25 -20.72 -71.27
C VAL XA 117 91.53 -19.25 -70.98
N LEU XA 118 91.42 -18.87 -69.72
CA LEU XA 118 91.30 -17.48 -69.35
C LEU XA 118 92.46 -17.06 -68.49
N ILE XA 119 92.98 -15.89 -68.77
CA ILE XA 119 94.16 -15.43 -68.09
C ILE XA 119 93.79 -14.09 -67.52
N SER XA 120 94.43 -13.71 -66.43
CA SER XA 120 94.40 -12.35 -65.93
C SER XA 120 95.84 -11.90 -65.74
N ILE XA 121 96.17 -10.73 -66.28
CA ILE XA 121 97.50 -10.14 -66.19
C ILE XA 121 97.35 -8.72 -65.71
N SER XA 122 98.23 -8.29 -64.82
CA SER XA 122 98.20 -6.92 -64.33
C SER XA 122 99.63 -6.44 -64.12
N THR XA 123 100.13 -5.60 -65.01
CA THR XA 123 101.47 -5.11 -64.89
C THR XA 123 101.65 -3.73 -65.50
N LYS XA 124 102.47 -2.94 -64.82
CA LYS XA 124 102.88 -1.64 -65.30
C LYS XA 124 104.17 -1.70 -66.09
N ASP XA 125 105.01 -2.70 -65.83
CA ASP XA 125 106.32 -2.75 -66.47
C ASP XA 125 106.77 -4.20 -66.48
N GLU XA 126 106.64 -4.87 -67.61
CA GLU XA 126 107.07 -6.25 -67.69
C GLU XA 126 107.56 -6.51 -69.09
N SER XA 127 108.65 -7.22 -69.21
CA SER XA 127 109.02 -7.55 -70.54
C SER XA 127 108.21 -8.73 -71.05
N LEU XA 128 108.07 -8.73 -72.35
CA LEU XA 128 107.19 -9.61 -73.09
C LEU XA 128 107.51 -11.06 -72.89
N ALA XA 129 108.77 -11.37 -72.64
CA ALA XA 129 109.15 -12.74 -72.39
C ALA XA 129 108.58 -13.22 -71.07
N GLU XA 130 108.59 -12.39 -70.04
CA GLU XA 130 107.97 -12.81 -68.80
C GLU XA 130 106.50 -12.90 -68.94
N ILE XA 131 105.95 -12.02 -69.78
CA ILE XA 131 104.55 -12.14 -70.10
C ILE XA 131 104.24 -13.45 -70.78
N LEU XA 132 105.08 -13.85 -71.71
CA LEU XA 132 104.91 -15.14 -72.37
C LEU XA 132 105.14 -16.28 -71.40
N ARG XA 133 106.02 -16.07 -70.43
CA ARG XA 133 106.30 -17.10 -69.46
C ARG XA 133 105.09 -17.33 -68.59
N ASP XA 134 104.49 -16.25 -68.15
CA ASP XA 134 103.31 -16.37 -67.34
C ASP XA 134 102.15 -16.90 -68.15
N ILE XA 135 102.13 -16.58 -69.43
CA ILE XA 135 101.00 -17.03 -70.22
C ILE XA 135 101.09 -18.51 -70.45
N ASP XA 136 102.31 -19.04 -70.59
CA ASP XA 136 102.45 -20.45 -70.77
C ASP XA 136 102.15 -21.16 -69.47
N TYR XA 137 102.52 -20.50 -68.38
CA TYR XA 137 102.28 -21.02 -67.04
C TYR XA 137 100.80 -21.15 -66.78
N GLN XA 138 100.06 -20.08 -67.01
CA GLN XA 138 98.64 -20.17 -66.76
C GLN XA 138 97.93 -20.90 -67.87
N ALA XA 139 98.59 -21.10 -69.01
CA ALA XA 139 98.07 -22.01 -70.01
C ALA XA 139 98.08 -23.41 -69.47
N GLY XA 140 99.19 -23.79 -68.85
CA GLY XA 140 99.31 -25.09 -68.24
C GLY XA 140 99.24 -26.15 -69.31
N LYS XA 141 98.23 -26.98 -69.24
CA LYS XA 141 98.20 -28.16 -70.07
C LYS XA 141 97.19 -28.11 -71.19
N LYS XA 142 96.24 -27.19 -71.13
CA LYS XA 142 95.30 -27.11 -72.21
C LYS XA 142 95.94 -26.46 -73.42
N ALA XA 143 96.91 -25.59 -73.17
CA ALA XA 143 97.66 -25.00 -74.25
C ALA XA 143 99.04 -24.63 -73.74
N SER XA 144 99.83 -24.11 -74.65
CA SER XA 144 101.23 -23.86 -74.42
C SER XA 144 101.73 -22.85 -75.42
N ILE XA 145 102.94 -22.39 -75.19
CA ILE XA 145 103.58 -21.43 -76.05
C ILE XA 145 104.84 -22.05 -76.59
N HIS XA 146 105.01 -21.97 -77.88
CA HIS XA 146 106.32 -22.15 -78.46
C HIS XA 146 106.74 -20.88 -79.16
N VAL XA 147 107.99 -20.51 -79.00
CA VAL XA 147 108.53 -19.32 -79.64
C VAL XA 147 109.67 -19.73 -80.53
N TYR XA 148 109.62 -19.33 -81.80
CA TYR XA 148 110.76 -19.55 -82.68
C TYR XA 148 111.28 -18.18 -83.09
N PRO XA 149 112.29 -17.65 -82.39
CA PRO XA 149 112.80 -16.33 -82.74
C PRO XA 149 113.68 -16.34 -83.96
N ASN XA 150 114.04 -17.51 -84.47
CA ASN XA 150 114.78 -17.56 -85.72
C ASN XA 150 113.89 -17.17 -86.88
N SER XA 151 112.63 -17.57 -86.83
CA SER XA 151 111.64 -17.14 -87.81
C SER XA 151 110.76 -16.05 -87.24
N GLN XA 152 110.98 -15.70 -85.96
CA GLN XA 152 110.28 -14.64 -85.25
C GLN XA 152 108.76 -14.83 -85.27
N VAL XA 153 108.36 -16.06 -85.02
CA VAL XA 153 106.94 -16.41 -84.93
C VAL XA 153 106.72 -17.07 -83.58
N VAL XA 154 105.70 -16.62 -82.88
CA VAL XA 154 105.25 -17.33 -81.73
C VAL XA 154 104.06 -18.18 -82.12
N GLU XA 155 103.76 -19.16 -81.28
CA GLU XA 155 102.79 -20.17 -81.66
C GLU XA 155 102.09 -20.65 -80.42
N LEU XA 156 100.78 -20.48 -80.41
CA LEU XA 156 99.93 -21.00 -79.36
C LEU XA 156 99.58 -22.43 -79.71
N ARG XA 157 99.86 -23.34 -78.82
CA ARG XA 157 99.73 -24.74 -79.11
C ARG XA 157 98.73 -25.34 -78.14
N TYR XA 158 97.58 -25.72 -78.66
CA TYR XA 158 96.53 -26.27 -77.84
C TYR XA 158 96.79 -27.75 -77.58
N ALA XA 159 95.89 -28.38 -76.87
CA ALA XA 159 95.99 -29.80 -76.61
C ALA XA 159 94.70 -30.52 -76.99
N ILE YA 272 73.69 -23.83 -56.11
CA ILE YA 272 74.67 -22.90 -56.63
C ILE YA 272 74.88 -21.75 -55.69
N PRO YA 273 76.12 -21.56 -55.27
CA PRO YA 273 76.46 -20.47 -54.38
C PRO YA 273 76.30 -19.13 -55.05
N PRO YA 274 76.16 -18.06 -54.27
CA PRO YA 274 76.23 -16.72 -54.85
C PRO YA 274 77.66 -16.33 -55.13
N SER YA 275 77.81 -15.42 -56.08
CA SER YA 275 79.12 -15.00 -56.57
C SER YA 275 79.91 -14.34 -55.47
N ALA YA 276 79.40 -13.20 -55.06
CA ALA YA 276 79.83 -12.49 -53.90
C ALA YA 276 78.68 -11.55 -53.60
N ASN YA 277 78.91 -10.60 -52.73
CA ASN YA 277 77.96 -9.53 -52.67
C ASN YA 277 78.29 -8.56 -53.77
N ASP YA 278 77.26 -8.01 -54.37
CA ASP YA 278 77.53 -6.81 -55.12
C ASP YA 278 77.66 -5.60 -54.23
N LEU YA 279 77.22 -5.71 -52.98
CA LEU YA 279 77.53 -4.63 -52.07
C LEU YA 279 78.99 -4.61 -51.77
N LEU YA 280 79.67 -5.73 -51.94
CA LEU YA 280 81.12 -5.68 -52.00
C LEU YA 280 81.59 -4.77 -53.10
N LEU YA 281 80.89 -4.71 -54.22
CA LEU YA 281 81.37 -3.82 -55.26
C LEU YA 281 81.18 -2.38 -54.84
N HIS YA 282 80.23 -2.11 -53.96
CA HIS YA 282 80.02 -0.76 -53.48
C HIS YA 282 81.03 -0.42 -52.41
N VAL YA 283 81.21 -1.32 -51.47
CA VAL YA 283 82.13 -1.00 -50.41
C VAL YA 283 83.53 -1.31 -50.81
N LEU YA 284 83.72 -1.76 -52.04
CA LEU YA 284 85.03 -1.84 -52.63
C LEU YA 284 85.67 -0.49 -52.65
N GLU YA 285 84.90 0.50 -53.01
CA GLU YA 285 85.28 1.87 -52.83
C GLU YA 285 84.65 2.37 -51.55
N GLY YA 286 84.80 3.64 -51.30
CA GLY YA 286 84.41 4.12 -50.02
C GLY YA 286 82.94 4.40 -49.82
N VAL YA 287 82.04 3.97 -50.68
CA VAL YA 287 80.65 4.18 -50.31
C VAL YA 287 80.28 3.15 -49.25
N PRO YA 288 79.52 3.54 -48.25
CA PRO YA 288 78.84 2.57 -47.45
C PRO YA 288 77.77 1.90 -48.27
N PRO YA 289 77.28 0.74 -47.85
CA PRO YA 289 76.11 0.19 -48.47
C PRO YA 289 74.91 1.07 -48.16
N PRO YA 290 73.83 0.93 -48.93
CA PRO YA 290 72.58 1.59 -48.55
C PRO YA 290 72.12 1.14 -47.17
N GLY YA 291 71.70 2.12 -46.38
CA GLY YA 291 71.18 1.86 -45.05
C GLY YA 291 72.19 1.32 -44.08
N SER YA 292 73.33 1.98 -43.94
CA SER YA 292 74.37 1.37 -43.15
C SER YA 292 74.73 2.25 -41.99
N ARG YA 293 75.43 1.67 -41.03
CA ARG YA 293 75.82 2.46 -39.90
C ARG YA 293 77.34 2.49 -39.91
N ARG YA 294 77.88 3.68 -39.81
CA ARG YA 294 79.31 3.83 -39.80
C ARG YA 294 79.85 3.27 -38.51
N LEU YA 295 80.54 2.16 -38.63
CA LEU YA 295 81.13 1.59 -37.44
C LEU YA 295 82.36 2.37 -37.12
N VAL YA 296 82.42 2.86 -35.90
CA VAL YA 296 83.47 3.74 -35.46
C VAL YA 296 84.72 2.89 -35.34
N VAL YA 297 85.61 3.06 -36.30
CA VAL YA 297 86.85 2.30 -36.32
C VAL YA 297 87.90 3.10 -35.61
N SER YA 298 88.47 2.53 -34.55
CA SER YA 298 89.48 3.23 -33.80
C SER YA 298 90.77 2.42 -33.80
N GLY YA 299 91.84 3.08 -34.25
CA GLY YA 299 93.16 2.48 -34.27
C GLY YA 299 93.71 2.15 -35.64
N GLY YA 300 93.02 2.50 -36.71
CA GLY YA 300 93.41 2.02 -38.01
C GLY YA 300 92.62 2.69 -39.10
N ASP YA 301 92.96 2.33 -40.33
CA ASP YA 301 92.53 3.08 -41.50
C ASP YA 301 91.42 2.36 -42.23
N ALA YA 302 90.83 1.39 -41.58
CA ALA YA 302 89.89 0.61 -42.34
C ALA YA 302 88.54 1.17 -42.00
N ARG YA 303 87.63 1.16 -42.93
CA ARG YA 303 86.34 1.69 -42.53
C ARG YA 303 85.28 0.63 -42.65
N ALA YA 304 84.38 0.66 -41.69
CA ALA YA 304 83.45 -0.43 -41.52
C ALA YA 304 82.04 0.10 -41.45
N TRP YA 305 81.15 -0.62 -42.09
CA TRP YA 305 79.74 -0.35 -42.00
C TRP YA 305 78.98 -1.56 -41.57
N LEU YA 306 78.04 -1.29 -40.68
CA LEU YA 306 77.05 -2.28 -40.29
C LEU YA 306 75.96 -2.20 -41.32
N SER YA 307 75.82 -3.23 -42.12
CA SER YA 307 74.73 -3.23 -43.08
C SER YA 307 73.52 -3.90 -42.45
N ASN YA 308 73.62 -5.19 -42.19
CA ASN YA 308 72.54 -5.94 -41.55
C ASN YA 308 73.17 -7.11 -40.79
N GLU YA 309 73.61 -6.80 -39.56
CA GLU YA 309 74.50 -7.60 -38.71
C GLU YA 309 75.88 -7.84 -39.35
N LYS YA 310 76.04 -7.53 -40.62
CA LYS YA 310 77.19 -7.92 -41.39
C LYS YA 310 77.97 -6.65 -41.54
N MET YA 311 79.13 -6.59 -40.94
CA MET YA 311 79.93 -5.45 -41.32
C MET YA 311 80.51 -5.75 -42.67
N TYR YA 312 80.57 -4.72 -43.46
CA TYR YA 312 81.37 -4.74 -44.65
C TYR YA 312 82.49 -3.81 -44.29
N VAL YA 313 83.69 -4.29 -44.44
CA VAL YA 313 84.82 -3.44 -44.13
C VAL YA 313 85.66 -3.30 -45.38
N ARG YA 314 85.99 -2.06 -45.69
CA ARG YA 314 87.01 -1.77 -46.67
C ARG YA 314 88.30 -1.68 -45.90
N THR YA 315 89.36 -2.13 -46.53
CA THR YA 315 90.71 -1.83 -46.09
C THR YA 315 91.65 -2.11 -47.22
N ASN YA 316 92.92 -1.89 -46.93
CA ASN YA 316 93.94 -2.56 -47.68
C ASN YA 316 94.67 -3.56 -46.80
N LEU YA 317 94.40 -3.57 -45.50
CA LEU YA 317 95.12 -4.42 -44.56
C LEU YA 317 94.64 -5.85 -44.66
N THR YA 318 95.33 -6.75 -43.98
CA THR YA 318 95.11 -8.15 -44.23
C THR YA 318 94.33 -8.79 -43.10
N ILE YA 319 93.06 -9.11 -43.35
CA ILE YA 319 92.17 -9.53 -42.28
C ILE YA 319 92.59 -10.90 -41.77
N LEU YA 320 92.61 -11.04 -40.46
CA LEU YA 320 93.14 -12.23 -39.84
C LEU YA 320 92.15 -12.97 -38.98
N SER YA 321 91.60 -12.34 -37.95
CA SER YA 321 90.86 -13.21 -37.04
C SER YA 321 89.52 -13.70 -37.55
N PRO YA 322 88.55 -12.84 -37.89
CA PRO YA 322 87.20 -13.37 -37.94
C PRO YA 322 86.83 -14.07 -39.23
N GLY YA 323 87.25 -13.65 -40.41
CA GLY YA 323 86.84 -14.36 -41.59
C GLY YA 323 85.48 -13.95 -42.10
N TRP YA 324 85.44 -13.67 -43.36
CA TRP YA 324 84.33 -13.01 -44.01
C TRP YA 324 83.41 -14.06 -44.58
N LEU YA 325 82.22 -13.64 -44.95
CA LEU YA 325 81.52 -14.49 -45.88
C LEU YA 325 81.92 -14.20 -47.28
N ALA YA 326 82.26 -12.97 -47.56
CA ALA YA 326 82.69 -12.77 -48.92
C ALA YA 326 83.88 -11.84 -48.88
N SER YA 327 84.85 -12.18 -49.68
CA SER YA 327 86.00 -11.34 -49.78
C SER YA 327 86.13 -10.85 -51.19
N MET YA 328 86.92 -9.83 -51.29
CA MET YA 328 86.78 -8.90 -52.35
C MET YA 328 88.03 -8.09 -52.40
N THR YA 329 88.55 -7.93 -53.59
CA THR YA 329 89.53 -6.89 -53.64
C THR YA 329 89.33 -6.13 -54.92
N SER YA 330 89.95 -4.99 -54.97
CA SER YA 330 89.79 -4.06 -56.06
C SER YA 330 90.75 -4.45 -57.15
N ALA YA 331 90.93 -3.55 -58.09
CA ALA YA 331 92.07 -3.69 -58.97
C ALA YA 331 93.36 -3.42 -58.23
N ASP YA 332 93.34 -2.55 -57.24
CA ASP YA 332 94.57 -2.15 -56.58
C ASP YA 332 94.79 -2.83 -55.25
N GLY YA 333 94.12 -3.94 -54.99
CA GLY YA 333 94.31 -4.55 -53.71
C GLY YA 333 93.47 -3.98 -52.60
N THR YA 334 92.44 -3.23 -52.92
CA THR YA 334 91.58 -2.81 -51.85
C THR YA 334 90.60 -3.90 -51.53
N HIS YA 335 90.62 -4.34 -50.31
CA HIS YA 335 89.74 -5.41 -49.97
C HIS YA 335 88.44 -4.85 -49.48
N ALA YA 336 87.42 -5.57 -49.83
CA ALA YA 336 86.17 -5.51 -49.11
C ALA YA 336 85.93 -6.89 -48.55
N TYR YA 337 85.51 -6.91 -47.31
CA TYR YA 337 85.17 -8.14 -46.66
C TYR YA 337 83.78 -8.01 -46.10
N GLU YA 338 82.91 -8.88 -46.55
CA GLU YA 338 81.57 -9.04 -46.02
C GLU YA 338 81.72 -10.02 -44.89
N MET YA 339 81.73 -9.48 -43.70
CA MET YA 339 82.33 -9.96 -42.47
C MET YA 339 81.28 -10.01 -41.38
N GLN YA 340 81.39 -11.06 -40.61
CA GLN YA 340 80.52 -11.23 -39.49
C GLN YA 340 80.93 -10.25 -38.41
N LYS YA 341 80.08 -10.10 -37.40
CA LYS YA 341 80.25 -8.94 -36.56
C LYS YA 341 81.34 -9.20 -35.55
N SER YA 342 82.37 -8.43 -35.63
CA SER YA 342 83.25 -8.49 -34.51
C SER YA 342 83.29 -7.15 -33.83
N PRO YA 343 83.44 -7.15 -32.52
CA PRO YA 343 83.92 -5.94 -31.85
C PRO YA 343 85.39 -5.70 -32.08
N VAL YA 344 86.15 -6.76 -32.35
CA VAL YA 344 87.60 -6.71 -32.30
C VAL YA 344 88.13 -7.34 -33.57
N LEU YA 345 88.98 -6.61 -34.27
CA LEU YA 345 89.38 -7.00 -35.59
C LEU YA 345 90.86 -7.25 -35.62
N LEU YA 346 91.26 -8.22 -36.41
CA LEU YA 346 92.67 -8.51 -36.52
C LEU YA 346 93.13 -8.33 -37.94
N VAL YA 347 94.15 -7.52 -38.12
CA VAL YA 347 94.85 -7.59 -39.37
C VAL YA 347 96.30 -7.83 -39.09
N SER YA 348 96.99 -8.28 -40.11
CA SER YA 348 98.43 -8.17 -40.13
C SER YA 348 98.73 -6.92 -40.91
N TRP YA 349 99.67 -6.17 -40.37
CA TRP YA 349 100.04 -4.87 -40.90
C TRP YA 349 101.27 -5.05 -41.77
N HIS YA 350 102.36 -5.52 -41.18
CA HIS YA 350 103.60 -5.67 -41.93
C HIS YA 350 104.33 -6.91 -41.51
N GLY YA 351 103.63 -8.01 -41.33
CA GLY YA 351 104.19 -9.08 -40.55
C GLY YA 351 104.12 -8.86 -39.06
N LYS YA 352 103.96 -7.61 -38.64
CA LYS YA 352 103.41 -7.26 -37.35
C LYS YA 352 101.89 -7.42 -37.45
N VAL YA 353 101.24 -7.67 -36.33
CA VAL YA 353 99.81 -7.94 -36.30
C VAL YA 353 99.13 -6.92 -35.40
N MET YA 354 98.01 -6.38 -35.85
CA MET YA 354 97.28 -5.36 -35.15
C MET YA 354 95.90 -5.85 -34.77
N GLN YA 355 95.60 -5.72 -33.48
CA GLN YA 355 94.24 -5.69 -32.98
C GLN YA 355 93.64 -4.35 -33.33
N LEU YA 356 92.32 -4.30 -33.49
CA LEU YA 356 91.61 -3.07 -33.82
C LEU YA 356 90.27 -3.09 -33.14
N LYS YA 357 89.90 -1.99 -32.48
CA LYS YA 357 88.61 -1.98 -31.82
C LYS YA 357 87.60 -1.26 -32.70
N VAL YA 358 86.37 -1.73 -32.67
CA VAL YA 358 85.29 -1.00 -33.32
C VAL YA 358 84.29 -0.61 -32.26
N GLU YA 359 83.45 0.35 -32.61
CA GLU YA 359 82.34 0.78 -31.78
C GLU YA 359 81.08 0.65 -32.61
N GLY YA 360 80.04 0.11 -32.00
CA GLY YA 360 78.81 -0.14 -32.72
C GLY YA 360 79.03 -1.28 -33.68
N LEU ZA 41 92.71 4.84 -22.77
CA LEU ZA 41 92.76 5.75 -23.89
C LEU ZA 41 93.95 5.48 -24.80
N PRO ZA 42 93.77 5.61 -26.11
CA PRO ZA 42 94.88 5.38 -27.05
C PRO ZA 42 95.96 6.44 -26.95
N CYS ZA 43 97.07 6.20 -27.66
CA CYS ZA 43 98.31 6.91 -27.40
C CYS ZA 43 98.40 8.26 -28.12
N ARG ZA 44 98.83 9.27 -27.36
CA ARG ZA 44 99.45 10.44 -27.98
C ARG ZA 44 100.88 10.08 -28.34
N VAL ZA 45 101.72 9.91 -27.33
CA VAL ZA 45 103.07 9.43 -27.50
C VAL ZA 45 103.03 7.92 -27.45
N ASP ZA 46 103.85 7.31 -28.29
CA ASP ZA 46 104.07 5.87 -28.23
C ASP ZA 46 105.22 5.55 -27.28
N GLY ZA 47 105.11 6.06 -26.06
CA GLY ZA 47 106.13 5.89 -25.04
C GLY ZA 47 107.45 6.54 -25.37
N ALA ZA 48 107.42 7.68 -26.04
CA ALA ZA 48 108.66 8.32 -26.43
C ALA ZA 48 108.46 9.83 -26.44
N CYS ZA 49 109.56 10.56 -26.39
CA CYS ZA 49 109.49 12.00 -26.50
C CYS ZA 49 110.57 12.49 -27.44
N ASP ZA 50 110.14 13.40 -28.31
CA ASP ZA 50 111.03 13.97 -29.30
C ASP ZA 50 112.14 14.77 -28.64
N ALA ZA 51 111.87 15.30 -27.44
CA ALA ZA 51 112.91 15.96 -26.66
C ALA ZA 51 114.01 14.99 -26.28
N THR ZA 52 113.64 13.79 -25.89
CA THR ZA 52 114.65 12.78 -25.58
C THR ZA 52 115.44 12.42 -26.81
N ILE ZA 53 114.72 12.29 -27.93
CA ILE ZA 53 115.33 12.03 -29.22
C ILE ZA 53 116.38 13.08 -29.55
N ILE ZA 54 116.02 14.34 -29.42
CA ILE ZA 54 116.97 15.37 -29.80
C ILE ZA 54 118.08 15.50 -28.77
N LYS ZA 55 117.80 15.19 -27.51
CA LYS ZA 55 118.86 15.07 -26.51
C LYS ZA 55 119.89 14.05 -26.94
N MET ZA 56 119.41 12.96 -27.56
CA MET ZA 56 120.34 11.94 -28.02
C MET ZA 56 121.24 12.53 -29.08
N MET ZA 57 120.63 12.96 -30.21
CA MET ZA 57 121.42 13.34 -31.39
C MET ZA 57 122.41 14.44 -31.07
N THR ZA 58 121.98 15.40 -30.23
CA THR ZA 58 122.90 16.39 -29.71
C THR ZA 58 124.08 15.75 -29.05
N ASP ZA 59 123.83 14.86 -28.10
CA ASP ZA 59 124.95 14.41 -27.29
C ASP ZA 59 125.84 13.41 -28.04
N LEU ZA 60 125.27 12.63 -28.92
CA LEU ZA 60 126.05 11.62 -29.64
C LEU ZA 60 126.70 12.17 -30.87
N ASN ZA 61 126.32 13.37 -31.25
CA ASN ZA 61 127.14 14.02 -32.22
C ASN ZA 61 128.11 14.98 -31.57
N LYS ZA 62 127.84 15.39 -30.33
CA LYS ZA 62 128.90 15.93 -29.46
C LYS ZA 62 129.97 14.89 -29.26
N LYS ZA 63 129.55 13.65 -29.11
CA LYS ZA 63 130.39 12.48 -29.08
C LYS ZA 63 130.70 11.98 -30.47
N GLY ZA 64 130.17 12.63 -31.49
CA GLY ZA 64 130.68 12.50 -32.81
C GLY ZA 64 130.15 11.33 -33.59
N ILE ZA 65 129.43 10.42 -32.96
CA ILE ZA 65 128.93 9.28 -33.69
C ILE ZA 65 127.75 9.75 -34.51
N LYS ZA 66 127.87 9.61 -35.82
CA LYS ZA 66 127.19 10.56 -36.66
C LYS ZA 66 125.79 10.07 -36.98
N VAL ZA 67 124.82 10.91 -36.67
CA VAL ZA 67 123.43 10.65 -37.01
C VAL ZA 67 123.14 11.42 -38.28
N ALA ZA 68 122.73 10.73 -39.32
CA ALA ZA 68 122.04 11.35 -40.42
C ALA ZA 68 120.55 11.26 -40.19
N SER ZA 69 119.85 12.33 -40.49
CA SER ZA 69 118.42 12.40 -40.26
C SER ZA 69 117.80 13.05 -41.48
N VAL ZA 70 117.55 12.27 -42.50
CA VAL ZA 70 117.50 12.79 -43.85
C VAL ZA 70 116.24 12.31 -44.55
N GLY ZA 71 115.45 13.26 -45.02
CA GLY ZA 71 114.16 12.96 -45.59
C GLY ZA 71 113.34 12.28 -44.54
N GLN ZA 72 113.08 11.00 -44.75
CA GLN ZA 72 112.46 10.23 -43.70
C GLN ZA 72 113.39 9.17 -43.18
N ASN ZA 73 114.49 8.92 -43.87
CA ASN ZA 73 115.35 7.84 -43.46
C ASN ZA 73 116.40 8.37 -42.51
N TYR ZA 74 116.78 7.54 -41.57
CA TYR ZA 74 117.68 7.95 -40.53
C TYR ZA 74 118.80 6.93 -40.47
N LEU ZA 75 120.00 7.44 -40.31
CA LEU ZA 75 121.23 6.68 -40.48
C LEU ZA 75 122.15 7.01 -39.33
N ILE ZA 76 122.92 6.05 -38.86
CA ILE ZA 76 124.06 6.37 -38.02
C ILE ZA 76 125.30 5.71 -38.61
N SER ZA 77 126.30 6.54 -38.83
CA SER ZA 77 127.62 6.10 -39.20
C SER ZA 77 128.46 6.14 -37.94
N ILE ZA 78 129.32 5.15 -37.81
CA ILE ZA 78 130.13 4.98 -36.62
C ILE ZA 78 131.53 4.61 -37.11
N PRO ZA 79 132.57 5.21 -36.57
CA PRO ZA 79 133.90 4.64 -36.75
C PRO ZA 79 133.98 3.30 -36.05
N ALA ZA 80 134.46 2.29 -36.79
CA ALA ZA 80 134.59 0.96 -36.20
C ALA ZA 80 135.70 0.89 -35.15
N SER ZA 81 136.59 1.88 -35.13
CA SER ZA 81 137.73 1.86 -34.23
C SER ZA 81 137.31 1.96 -32.77
N ALA ZA 82 136.23 2.68 -32.51
CA ALA ZA 82 135.74 2.77 -31.15
C ALA ZA 82 135.14 1.47 -30.66
N LEU ZA 83 134.83 0.54 -31.56
CA LEU ZA 83 134.06 -0.64 -31.22
C LEU ZA 83 134.84 -1.94 -31.36
N PHE ZA 84 135.23 -2.28 -32.56
CA PHE ZA 84 136.01 -3.48 -32.73
C PHE ZA 84 137.45 -3.13 -32.48
N ALA ZA 85 138.22 -4.13 -32.14
CA ALA ZA 85 139.64 -3.90 -32.09
C ALA ZA 85 140.19 -4.09 -33.49
N ASP ZA 86 141.50 -3.92 -33.58
CA ASP ZA 86 142.25 -3.92 -34.82
C ASP ZA 86 142.07 -5.22 -35.59
N GLN ZA 87 141.36 -5.11 -36.73
CA GLN ZA 87 141.04 -6.23 -37.61
C GLN ZA 87 140.25 -7.34 -36.92
N SER ZA 88 139.61 -7.01 -35.80
CA SER ZA 88 138.95 -8.06 -35.07
C SER ZA 88 137.48 -7.87 -35.31
N PRO ZA 89 136.75 -8.88 -35.38
CA PRO ZA 89 135.31 -8.77 -35.17
C PRO ZA 89 134.98 -8.90 -33.69
N ARG ZA 90 135.74 -8.21 -32.86
CA ARG ZA 90 135.66 -8.44 -31.44
C ARG ZA 90 135.49 -7.10 -30.77
N LEU ZA 91 134.43 -6.99 -30.01
CA LEU ZA 91 134.05 -5.75 -29.37
C LEU ZA 91 134.71 -5.66 -28.02
N ASN ZA 92 134.70 -4.46 -27.45
CA ASN ZA 92 135.21 -4.34 -26.10
C ASN ZA 92 134.10 -3.99 -25.12
N TRP ZA 93 134.53 -3.50 -23.96
CA TRP ZA 93 133.67 -3.49 -22.80
C TRP ZA 93 132.82 -2.24 -22.70
N ALA ZA 94 133.46 -1.09 -22.51
CA ALA ZA 94 132.76 0.16 -22.22
C ALA ZA 94 131.98 0.68 -23.41
N SER ZA 95 132.20 0.09 -24.57
CA SER ZA 95 131.41 0.29 -25.77
C SER ZA 95 129.94 0.01 -25.56
N TYR ZA 96 129.61 -0.95 -24.70
CA TYR ZA 96 128.27 -1.46 -24.67
C TYR ZA 96 127.28 -0.51 -24.05
N SER ZA 97 127.73 0.42 -23.21
CA SER ZA 97 126.87 1.53 -22.82
C SER ZA 97 126.40 2.30 -24.03
N LEU ZA 98 127.34 2.58 -24.92
CA LEU ZA 98 127.02 3.32 -26.13
C LEU ZA 98 126.15 2.49 -27.05
N LEU ZA 99 126.46 1.21 -27.19
CA LEU ZA 99 125.70 0.34 -28.06
C LEU ZA 99 124.27 0.16 -27.58
N ASN ZA 100 124.09 0.12 -26.29
CA ASN ZA 100 122.76 -0.09 -25.82
C ASN ZA 100 121.96 1.21 -25.86
N GLU ZA 101 122.62 2.34 -25.71
CA GLU ZA 101 121.86 3.57 -25.84
C GLU ZA 101 121.55 3.89 -27.29
N ILE ZA 102 122.31 3.32 -28.22
CA ILE ZA 102 121.85 3.22 -29.59
C ILE ZA 102 120.53 2.48 -29.67
N ALA ZA 103 120.47 1.27 -29.10
CA ALA ZA 103 119.24 0.50 -29.16
C ALA ZA 103 118.08 1.21 -28.48
N ALA ZA 104 118.41 1.96 -27.42
CA ALA ZA 104 117.46 2.82 -26.75
C ALA ZA 104 116.91 3.85 -27.70
N PHE ZA 105 117.76 4.40 -28.53
CA PHE ZA 105 117.22 5.29 -29.51
C PHE ZA 105 116.42 4.54 -30.57
N LEU ZA 106 116.81 3.31 -30.85
CA LEU ZA 106 116.15 2.56 -31.89
C LEU ZA 106 114.73 2.24 -31.53
N LYS ZA 107 114.48 2.10 -30.25
CA LYS ZA 107 113.12 2.03 -29.76
C LYS ZA 107 112.30 3.27 -30.00
N GLN ZA 108 112.92 4.41 -30.31
CA GLN ZA 108 112.11 5.61 -30.38
C GLN ZA 108 111.21 5.68 -31.60
N PHE ZA 109 111.34 4.77 -32.55
CA PHE ZA 109 110.47 4.87 -33.72
C PHE ZA 109 109.81 3.57 -34.04
N ARG ZA 110 108.64 3.67 -34.60
CA ARG ZA 110 108.02 2.53 -35.22
C ARG ZA 110 108.84 2.32 -36.48
N LYS ZA 111 109.35 1.10 -36.68
CA LYS ZA 111 110.16 0.80 -37.84
C LYS ZA 111 109.99 -0.65 -38.26
N ILE ZA 112 110.43 -0.94 -39.47
CA ILE ZA 112 110.16 -2.20 -40.13
C ILE ZA 112 111.42 -3.01 -40.32
N ALA ZA 113 112.36 -2.46 -41.07
CA ALA ZA 113 113.56 -3.16 -41.45
C ALA ZA 113 114.74 -2.29 -41.06
N ILE ZA 114 115.79 -2.93 -40.59
CA ILE ZA 114 117.02 -2.25 -40.26
C ILE ZA 114 118.14 -2.90 -41.04
N THR ZA 115 118.89 -2.10 -41.77
CA THR ZA 115 120.02 -2.62 -42.50
C THR ZA 115 121.28 -2.14 -41.82
N VAL ZA 116 122.16 -3.07 -41.54
CA VAL ZA 116 123.48 -2.73 -41.07
C VAL ZA 116 124.51 -3.24 -42.06
N THR ZA 117 125.43 -2.37 -42.40
CA THR ZA 117 126.62 -2.75 -43.12
C THR ZA 117 127.81 -2.18 -42.39
N SER ZA 118 128.94 -2.79 -42.64
CA SER ZA 118 130.16 -2.28 -42.06
C SER ZA 118 131.21 -2.24 -43.14
N TYR ZA 119 132.17 -1.35 -42.99
CA TYR ZA 119 133.24 -1.29 -43.96
C TYR ZA 119 134.56 -1.23 -43.24
N SER ZA 120 135.55 -1.83 -43.86
CA SER ZA 120 136.87 -1.84 -43.26
C SER ZA 120 137.89 -1.52 -44.31
N SER ZA 121 138.88 -0.72 -43.91
CA SER ZA 121 140.03 -0.42 -44.73
C SER ZA 121 140.74 -1.70 -45.14
N LYS ZA 122 141.19 -1.72 -46.38
CA LYS ZA 122 141.67 -2.94 -47.02
C LYS ZA 122 142.94 -3.41 -46.34
N TYR ZA 123 142.92 -4.62 -45.82
CA TYR ZA 123 144.00 -5.05 -44.96
C TYR ZA 123 144.84 -6.17 -45.54
N VAL ZA 124 144.25 -7.33 -45.83
CA VAL ZA 124 145.04 -8.42 -46.35
C VAL ZA 124 144.43 -9.01 -47.61
N SER ZA 125 143.21 -9.53 -47.55
CA SER ZA 125 142.72 -10.28 -48.69
C SER ZA 125 141.22 -10.16 -48.77
N VAL ZA 126 140.75 -9.91 -49.99
CA VAL ZA 126 139.43 -9.37 -50.24
C VAL ZA 126 138.33 -10.22 -49.63
N LYS ZA 127 138.58 -11.51 -49.61
CA LYS ZA 127 137.84 -12.46 -48.82
C LYS ZA 127 137.82 -12.07 -47.37
N ARG ZA 128 138.96 -11.72 -46.77
CA ARG ZA 128 138.89 -11.52 -45.34
C ARG ZA 128 138.39 -10.14 -44.98
N GLU ZA 129 138.50 -9.14 -45.85
CA GLU ZA 129 137.90 -7.90 -45.37
C GLU ZA 129 136.40 -7.98 -45.53
N ARG ZA 130 135.94 -8.68 -46.58
CA ARG ZA 130 134.56 -9.13 -46.60
C ARG ZA 130 134.17 -9.86 -45.35
N ALA ZA 131 135.01 -10.80 -44.94
CA ALA ZA 131 134.70 -11.60 -43.78
C ALA ZA 131 134.72 -10.77 -42.52
N LEU ZA 132 135.69 -9.88 -42.39
CA LEU ZA 132 135.85 -9.15 -41.15
C LEU ZA 132 134.70 -8.20 -40.97
N THR ZA 133 134.36 -7.50 -42.03
CA THR ZA 133 133.18 -6.67 -42.02
C THR ZA 133 131.93 -7.46 -41.79
N LEU ZA 134 131.80 -8.60 -42.45
CA LEU ZA 134 130.59 -9.41 -42.37
C LEU ZA 134 130.39 -9.93 -40.96
N ALA ZA 135 131.46 -10.35 -40.34
CA ALA ZA 135 131.40 -10.79 -38.98
C ALA ZA 135 131.14 -9.64 -38.04
N ARG ZA 136 131.77 -8.49 -38.31
CA ARG ZA 136 131.59 -7.33 -37.46
C ARG ZA 136 130.15 -6.88 -37.45
N SER ZA 137 129.57 -6.85 -38.64
CA SER ZA 137 128.17 -6.55 -38.83
C SER ZA 137 127.30 -7.55 -38.12
N ARG ZA 138 127.56 -8.84 -38.32
CA ARG ZA 138 126.68 -9.82 -37.76
C ARG ZA 138 126.79 -9.89 -36.26
N VAL ZA 139 127.91 -9.49 -35.67
CA VAL ZA 139 128.01 -9.61 -34.23
C VAL ZA 139 127.33 -8.43 -33.56
N VAL ZA 140 127.45 -7.24 -34.14
CA VAL ZA 140 126.72 -6.18 -33.49
C VAL ZA 140 125.24 -6.29 -33.80
N SER ZA 141 124.90 -6.89 -34.93
CA SER ZA 141 123.51 -7.15 -35.28
C SER ZA 141 122.89 -8.17 -34.37
N GLU ZA 142 123.63 -9.23 -34.08
CA GLU ZA 142 123.19 -10.21 -33.12
C GLU ZA 142 122.95 -9.54 -31.79
N TYR ZA 143 123.86 -8.65 -31.39
CA TYR ZA 143 123.71 -8.02 -30.10
C TYR ZA 143 122.49 -7.15 -30.04
N LEU ZA 144 122.25 -6.37 -31.07
CA LEU ZA 144 121.11 -5.51 -30.89
C LEU ZA 144 119.81 -6.20 -31.21
N TRP ZA 145 119.83 -7.24 -32.04
CA TRP ZA 145 118.65 -8.07 -32.21
C TRP ZA 145 118.25 -8.73 -30.94
N SER ZA 146 119.24 -9.21 -30.21
CA SER ZA 146 119.01 -9.69 -28.87
C SER ZA 146 118.50 -8.58 -28.00
N GLN ZA 147 119.01 -7.38 -28.23
CA GLN ZA 147 118.56 -6.25 -27.48
C GLN ZA 147 117.21 -5.83 -28.04
N GLY ZA 148 116.79 -4.63 -27.68
CA GLY ZA 148 115.53 -4.17 -28.21
C GLY ZA 148 115.59 -3.89 -29.69
N VAL ZA 149 114.99 -4.77 -30.48
CA VAL ZA 149 114.69 -4.50 -31.88
C VAL ZA 149 113.20 -4.44 -32.09
N ASP ZA 150 112.80 -3.36 -32.71
CA ASP ZA 150 111.43 -3.18 -33.12
C ASP ZA 150 111.30 -3.36 -34.61
N SER ZA 151 112.39 -3.73 -35.25
CA SER ZA 151 112.31 -4.06 -36.65
C SER ZA 151 111.62 -5.39 -36.83
N ARG ZA 152 111.08 -5.58 -38.01
CA ARG ZA 152 110.69 -6.93 -38.35
C ARG ZA 152 111.84 -7.67 -39.00
N ILE ZA 153 112.68 -6.94 -39.72
CA ILE ZA 153 113.75 -7.53 -40.51
C ILE ZA 153 115.03 -6.82 -40.16
N ILE ZA 154 116.11 -7.56 -40.00
CA ILE ZA 154 117.42 -6.95 -40.00
C ILE ZA 154 118.23 -7.60 -41.11
N PHE ZA 155 118.59 -6.81 -42.10
CA PHE ZA 155 119.55 -7.21 -43.10
C PHE ZA 155 120.93 -6.83 -42.62
N THR ZA 156 121.91 -7.71 -42.84
CA THR ZA 156 123.26 -7.47 -42.39
C THR ZA 156 124.29 -7.92 -43.40
N GLN ZA 157 125.29 -7.04 -43.60
CA GLN ZA 157 126.50 -7.30 -44.37
C GLN ZA 157 127.53 -6.19 -44.16
N GLY ZA 158 128.65 -6.35 -44.83
CA GLY ZA 158 129.72 -5.37 -44.79
C GLY ZA 158 130.72 -5.69 -45.87
N LEU ZA 159 131.43 -4.67 -46.33
CA LEU ZA 159 132.38 -4.86 -47.40
C LEU ZA 159 133.72 -4.25 -47.05
N GLY ZA 160 134.76 -4.74 -47.70
CA GLY ZA 160 136.06 -4.29 -47.32
C GLY ZA 160 136.42 -2.92 -47.83
N SER ZA 161 135.72 -1.89 -47.35
CA SER ZA 161 135.78 -0.51 -47.84
C SER ZA 161 135.78 -0.46 -49.35
N ASP ZA 162 134.92 -1.25 -49.96
CA ASP ZA 162 134.82 -1.30 -51.41
C ASP ZA 162 134.26 -0.01 -51.95
N LYS ZA 163 133.63 0.73 -51.08
CA LYS ZA 163 133.07 2.04 -51.35
C LYS ZA 163 133.58 2.93 -50.24
N PRO ZA 164 134.85 3.31 -50.31
CA PRO ZA 164 135.40 4.18 -49.27
C PRO ZA 164 134.80 5.56 -49.42
N ILE ZA 165 134.41 6.16 -48.30
CA ILE ZA 165 133.85 7.49 -48.35
C ILE ZA 165 134.92 8.54 -48.25
N THR ZA 166 136.11 8.17 -47.83
CA THR ZA 166 137.26 9.00 -48.06
C THR ZA 166 138.27 8.17 -48.82
N SER ZA 167 139.08 8.85 -49.60
CA SER ZA 167 140.29 8.21 -50.08
C SER ZA 167 141.51 8.71 -49.34
N TYR ZA 168 141.37 9.65 -48.42
CA TYR ZA 168 142.41 9.84 -47.43
C TYR ZA 168 142.53 8.57 -46.63
N THR ZA 169 143.62 7.85 -46.82
CA THR ZA 169 143.76 6.46 -46.45
C THR ZA 169 144.85 6.28 -45.41
N LEU ZA 170 144.77 7.12 -44.37
CA LEU ZA 170 145.78 7.32 -43.32
C LEU ZA 170 146.35 6.04 -42.75
N GLY ZA 171 145.58 4.95 -42.75
CA GLY ZA 171 146.12 3.65 -42.47
C GLY ZA 171 145.06 2.57 -42.59
N GLY ZA 172 145.09 1.68 -41.62
CA GLY ZA 172 144.15 0.60 -41.58
C GLY ZA 172 143.00 1.00 -40.68
N ASP ZA 173 143.03 0.54 -39.44
CA ASP ZA 173 141.84 0.59 -38.60
C ASP ZA 173 141.75 1.88 -37.81
N ARG ZA 174 142.51 2.90 -38.16
CA ARG ZA 174 142.10 4.22 -37.73
C ARG ZA 174 141.49 5.03 -38.84
N SER ZA 175 141.34 4.45 -40.02
CA SER ZA 175 140.60 5.12 -41.07
C SER ZA 175 139.13 5.20 -40.72
N PRO ZA 176 138.46 6.27 -41.13
CA PRO ZA 176 137.00 6.26 -41.12
C PRO ZA 176 136.38 5.32 -42.12
N ASN ZA 177 137.14 4.81 -43.09
CA ASN ZA 177 136.56 3.76 -43.94
C ASN ZA 177 136.45 2.45 -43.20
N ALA ZA 178 137.15 2.31 -42.09
CA ALA ZA 178 136.77 1.36 -41.06
C ALA ZA 178 135.66 1.99 -40.26
N ARG ZA 179 134.50 1.36 -40.29
CA ARG ZA 179 133.25 2.01 -39.96
C ARG ZA 179 132.16 0.97 -39.96
N VAL ZA 180 131.03 1.36 -39.39
CA VAL ZA 180 129.84 0.55 -39.43
C VAL ZA 180 128.66 1.50 -39.46
N GLU ZA 181 127.66 1.12 -40.23
CA GLU ZA 181 126.61 2.03 -40.61
C GLU ZA 181 125.27 1.31 -40.53
N ILE ZA 182 124.28 2.03 -40.05
CA ILE ZA 182 122.94 1.48 -39.85
C ILE ZA 182 121.96 2.42 -40.46
N THR ZA 183 121.14 1.90 -41.36
CA THR ZA 183 120.07 2.67 -41.95
C THR ZA 183 118.74 2.10 -41.52
N PHE ZA 184 117.77 2.99 -41.39
CA PHE ZA 184 116.38 2.59 -41.41
C PHE ZA 184 115.57 3.75 -41.94
N ARG ZA 185 114.32 3.48 -42.24
CA ARG ZA 185 113.32 4.50 -42.47
C ARG ZA 185 112.31 4.42 -41.34
N ARG ZA 186 112.08 5.55 -40.67
CA ARG ZA 186 111.11 5.59 -39.58
C ARG ZA 186 109.74 5.31 -40.18
N ALA ZA 187 109.14 4.21 -39.75
CA ALA ZA 187 107.88 3.81 -40.32
C ALA ZA 187 106.80 4.72 -39.78
N VAL ZA 188 106.14 5.44 -40.70
CA VAL ZA 188 104.99 6.33 -40.53
C VAL ZA 188 105.03 7.22 -39.29
N UNK AB 1 183.76 -43.36 -48.40
CA UNK AB 1 183.15 -42.31 -47.59
C UNK AB 1 181.62 -42.38 -47.63
N UNK AB 2 181.04 -42.01 -48.78
CA UNK AB 2 179.59 -41.91 -48.90
C UNK AB 2 178.95 -43.29 -49.06
N UNK AB 3 177.66 -43.29 -49.42
CA UNK AB 3 176.95 -44.55 -49.60
C UNK AB 3 176.62 -44.67 -51.08
N UNK AB 4 177.37 -45.52 -51.78
CA UNK AB 4 177.24 -45.73 -53.22
C UNK AB 4 177.39 -47.22 -53.53
N UNK AB 5 176.29 -47.97 -53.49
CA UNK AB 5 176.24 -49.33 -53.95
C UNK AB 5 174.80 -49.65 -54.32
N UNK AB 6 174.62 -50.58 -55.25
CA UNK AB 6 173.33 -51.21 -55.52
C UNK AB 6 173.53 -52.68 -55.24
N UNK AB 7 173.48 -53.03 -53.96
CA UNK AB 7 174.05 -54.25 -53.44
C UNK AB 7 173.28 -54.63 -52.18
N UNK AB 8 173.92 -55.42 -51.34
CA UNK AB 8 173.54 -55.54 -49.94
C UNK AB 8 174.66 -54.89 -49.15
N UNK AB 9 174.57 -53.57 -48.95
CA UNK AB 9 175.50 -52.91 -48.03
C UNK AB 9 175.31 -53.42 -46.62
N UNK AB 10 174.05 -53.59 -46.21
CA UNK AB 10 173.56 -54.44 -45.11
C UNK AB 10 173.96 -53.99 -43.72
N UNK AB 11 174.94 -53.12 -43.62
CA UNK AB 11 175.53 -52.77 -42.34
C UNK AB 11 176.18 -51.40 -42.55
N UNK AB 12 175.45 -50.36 -42.15
CA UNK AB 12 176.01 -49.04 -42.12
C UNK AB 12 175.41 -48.39 -40.89
N UNK AB 13 176.07 -48.59 -39.76
CA UNK AB 13 175.89 -47.76 -38.58
C UNK AB 13 177.00 -46.72 -38.58
N UNK AB 14 177.05 -45.97 -39.68
CA UNK AB 14 178.17 -45.09 -40.00
C UNK AB 14 177.65 -43.75 -40.49
N UNK AB 15 178.40 -42.69 -40.17
CA UNK AB 15 178.10 -41.33 -40.61
C UNK AB 15 179.02 -40.96 -41.78
N UNK AB 16 178.42 -40.42 -42.83
CA UNK AB 16 179.15 -40.08 -44.06
C UNK AB 16 179.94 -38.77 -43.90
N UNK AB 17 180.75 -38.48 -44.92
CA UNK AB 17 181.85 -37.53 -44.87
C UNK AB 17 181.49 -36.14 -45.40
N UNK AB 18 182.49 -35.28 -45.47
CA UNK AB 18 182.38 -34.06 -46.24
C UNK AB 18 182.41 -34.41 -47.72
N UNK AB 19 181.56 -33.71 -48.47
CA UNK AB 19 181.30 -33.97 -49.89
C UNK AB 19 180.92 -35.43 -50.12
N UNK AB 20 180.09 -35.97 -49.23
CA UNK AB 20 179.70 -37.38 -49.34
C UNK AB 20 178.35 -37.47 -50.05
N UNK AB 21 178.44 -37.79 -51.35
CA UNK AB 21 177.25 -37.99 -52.16
C UNK AB 21 176.72 -39.41 -51.92
N UNK AB 22 176.04 -39.57 -50.79
CA UNK AB 22 175.51 -40.87 -50.40
C UNK AB 22 174.28 -41.14 -51.27
N UNK AB 23 174.54 -41.62 -52.48
CA UNK AB 23 173.50 -41.96 -53.45
C UNK AB 23 173.25 -43.47 -53.52
N UNK AB 24 172.88 -44.07 -52.40
CA UNK AB 24 172.85 -45.52 -52.30
C UNK AB 24 171.61 -46.11 -52.98
N UNK AB 25 171.79 -47.33 -53.49
CA UNK AB 25 170.70 -48.21 -53.90
C UNK AB 25 170.90 -49.61 -53.32
N UNK AB 26 171.73 -49.72 -52.29
CA UNK AB 26 172.10 -51.01 -51.74
C UNK AB 26 171.15 -51.42 -50.63
N UNK AB 27 171.07 -52.73 -50.41
CA UNK AB 27 170.30 -53.24 -49.29
C UNK AB 27 171.09 -52.98 -48.03
N UNK AB 28 170.60 -52.05 -47.19
CA UNK AB 28 171.21 -51.75 -45.90
C UNK AB 28 170.26 -52.20 -44.82
N UNK AB 29 170.50 -53.40 -44.29
CA UNK AB 29 169.64 -53.96 -43.26
C UNK AB 29 169.80 -53.21 -41.96
N UNK AB 30 171.03 -53.14 -41.45
CA UNK AB 30 171.33 -52.25 -40.34
C UNK AB 30 171.65 -50.88 -40.91
N UNK AB 31 170.59 -50.13 -41.21
CA UNK AB 31 170.70 -48.83 -41.84
C UNK AB 31 170.54 -47.73 -40.80
N UNK AB 32 171.59 -46.93 -40.64
CA UNK AB 32 171.52 -45.73 -39.83
C UNK AB 32 172.53 -44.76 -40.44
N UNK AB 33 172.05 -43.89 -41.32
CA UNK AB 33 172.91 -43.04 -42.14
C UNK AB 33 172.75 -41.57 -41.72
N UNK AB 34 173.70 -41.09 -40.94
CA UNK AB 34 173.75 -39.67 -40.59
C UNK AB 34 174.81 -38.97 -41.44
N UNK AB 35 174.48 -38.76 -42.71
CA UNK AB 35 175.39 -38.15 -43.68
C UNK AB 35 175.65 -36.68 -43.34
N UNK AB 36 176.83 -36.19 -43.73
CA UNK AB 36 177.26 -34.88 -43.26
C UNK AB 36 177.28 -33.79 -44.32
N UNK AB 37 177.67 -34.10 -45.55
CA UNK AB 37 177.76 -33.04 -46.54
C UNK AB 37 177.54 -33.65 -47.91
N UNK AB 38 176.88 -32.87 -48.76
CA UNK AB 38 176.47 -33.25 -50.12
C UNK AB 38 175.66 -34.52 -50.13
N UNK AB 39 174.81 -34.70 -49.11
CA UNK AB 39 174.04 -35.93 -48.97
C UNK AB 39 173.05 -36.04 -50.12
N UNK AB 40 173.12 -37.17 -50.83
CA UNK AB 40 172.53 -37.28 -52.15
C UNK AB 40 171.64 -38.50 -52.24
N UNK AB 41 170.79 -38.67 -51.24
CA UNK AB 41 169.96 -39.86 -51.08
C UNK AB 41 168.94 -40.00 -52.19
N UNK AB 42 168.93 -41.17 -52.83
CA UNK AB 42 167.89 -41.59 -53.78
C UNK AB 42 167.85 -43.12 -53.78
N UNK AB 43 166.93 -43.69 -53.00
CA UNK AB 43 166.95 -45.13 -52.79
C UNK AB 43 165.55 -45.73 -52.87
N UNK AB 44 165.52 -47.03 -53.15
CA UNK AB 44 164.28 -47.83 -53.21
C UNK AB 44 164.49 -49.06 -52.32
N UNK AB 45 164.19 -48.91 -51.04
CA UNK AB 45 164.47 -49.96 -50.07
C UNK AB 45 163.48 -49.92 -48.92
N UNK AB 46 163.84 -50.58 -47.83
CA UNK AB 46 163.04 -50.58 -46.61
C UNK AB 46 164.01 -50.51 -45.44
N UNK AB 47 164.09 -49.34 -44.80
CA UNK AB 47 165.03 -49.11 -43.71
C UNK AB 47 164.46 -49.57 -42.38
N UNK AB 48 163.14 -49.46 -42.21
CA UNK AB 48 162.32 -49.88 -41.10
C UNK AB 48 162.56 -49.09 -39.81
N UNK AB 49 163.63 -48.31 -39.73
CA UNK AB 49 163.89 -47.53 -38.54
C UNK AB 49 164.65 -46.26 -38.85
N UNK AB 50 164.39 -45.62 -39.99
CA UNK AB 50 165.24 -44.50 -40.38
C UNK AB 50 164.97 -43.31 -39.46
N UNK AB 51 165.88 -43.11 -38.53
CA UNK AB 51 165.93 -41.91 -37.74
C UNK AB 51 167.04 -41.08 -38.36
N UNK AB 52 166.68 -40.38 -39.42
CA UNK AB 52 167.66 -39.63 -40.18
C UNK AB 52 167.91 -38.26 -39.57
N UNK AB 53 169.17 -37.86 -39.57
CA UNK AB 53 169.59 -36.49 -39.29
C UNK AB 53 170.17 -35.91 -40.56
N UNK AB 54 169.91 -34.63 -40.82
CA UNK AB 54 170.33 -34.03 -42.08
C UNK AB 54 171.00 -32.68 -41.87
N UNK AB 55 172.22 -32.55 -42.40
CA UNK AB 55 172.94 -31.29 -42.53
C UNK AB 55 172.71 -30.71 -43.93
N UNK AB 56 173.49 -29.70 -44.30
CA UNK AB 56 173.27 -28.97 -45.54
C UNK AB 56 173.59 -29.80 -46.77
N UNK AB 57 173.03 -29.37 -47.90
CA UNK AB 57 173.12 -30.04 -49.20
C UNK AB 57 172.62 -31.48 -49.12
N UNK AB 58 171.56 -31.67 -48.36
CA UNK AB 58 170.94 -32.98 -48.23
C UNK AB 58 169.77 -32.99 -49.19
N UNK AB 59 170.06 -33.32 -50.43
CA UNK AB 59 169.05 -33.76 -51.37
C UNK AB 59 168.70 -35.18 -50.98
N UNK AB 60 167.45 -35.40 -50.59
CA UNK AB 60 167.04 -36.71 -50.12
C UNK AB 60 165.81 -37.14 -50.90
N UNK AB 61 165.75 -38.43 -51.23
CA UNK AB 61 164.67 -39.00 -52.03
C UNK AB 61 164.61 -40.49 -51.72
N UNK AB 62 163.52 -40.91 -51.06
CA UNK AB 62 163.50 -42.26 -50.51
C UNK AB 62 162.12 -42.90 -50.58
N UNK AB 63 162.12 -44.24 -50.62
CA UNK AB 63 160.92 -45.08 -50.53
C UNK AB 63 161.03 -46.09 -49.40
N UNK AB 64 161.71 -45.74 -48.31
CA UNK AB 64 161.95 -46.61 -47.19
C UNK AB 64 161.38 -46.02 -45.91
N UNK AB 65 161.14 -46.88 -44.93
CA UNK AB 65 160.44 -46.47 -43.72
C UNK AB 65 161.34 -45.62 -42.83
N UNK AB 66 160.84 -44.45 -42.45
CA UNK AB 66 161.55 -43.60 -41.54
C UNK AB 66 160.84 -43.57 -40.20
N UNK AB 67 161.60 -43.28 -39.18
CA UNK AB 67 161.03 -43.17 -37.85
C UNK AB 67 161.18 -41.78 -37.28
N UNK AB 68 162.34 -41.18 -37.47
CA UNK AB 68 162.55 -39.85 -36.95
C UNK AB 68 163.27 -39.05 -38.02
N UNK AB 69 163.04 -37.75 -38.01
CA UNK AB 69 163.76 -36.85 -38.90
C UNK AB 69 164.15 -35.59 -38.14
N UNK AB 70 165.43 -35.25 -38.22
CA UNK AB 70 165.98 -34.08 -37.54
C UNK AB 70 166.78 -33.25 -38.52
N UNK AB 71 166.64 -31.94 -38.43
CA UNK AB 71 167.18 -31.03 -39.41
C UNK AB 71 168.10 -29.98 -38.77
N UNK AB 72 169.29 -29.81 -39.34
CA UNK AB 72 170.28 -28.89 -38.79
C UNK AB 72 170.30 -27.54 -39.51
N UNK AB 73 170.62 -27.47 -40.80
CA UNK AB 73 170.89 -26.17 -41.42
C UNK AB 73 169.89 -25.82 -42.51
N UNK AB 74 169.88 -26.55 -43.63
CA UNK AB 74 169.04 -26.26 -44.79
C UNK AB 74 169.14 -27.44 -45.75
N UNK AB 75 168.01 -28.03 -46.11
CA UNK AB 75 168.03 -29.26 -46.88
C UNK AB 75 166.76 -29.38 -47.71
N UNK AB 76 166.73 -30.43 -48.53
CA UNK AB 76 165.64 -30.64 -49.49
C UNK AB 76 165.27 -32.13 -49.46
N UNK AB 77 164.14 -32.45 -48.87
CA UNK AB 77 163.74 -33.84 -48.74
C UNK AB 77 162.55 -34.16 -49.64
N UNK AB 78 162.53 -35.42 -50.09
CA UNK AB 78 161.45 -35.97 -50.92
C UNK AB 78 161.38 -37.46 -50.58
N UNK AB 79 160.51 -37.80 -49.63
CA UNK AB 79 160.56 -39.12 -49.04
C UNK AB 79 159.18 -39.77 -48.94
N UNK AB 80 159.18 -41.08 -48.73
CA UNK AB 80 157.97 -41.92 -48.54
C UNK AB 80 158.16 -42.88 -47.36
N UNK AB 81 157.75 -42.46 -46.17
CA UNK AB 81 157.83 -43.27 -44.95
C UNK AB 81 156.45 -43.81 -44.55
N UNK AB 82 156.44 -44.70 -43.55
CA UNK AB 82 155.18 -45.36 -43.25
C UNK AB 82 154.77 -45.36 -41.78
N UNK AB 83 155.70 -45.55 -40.85
CA UNK AB 83 155.30 -45.97 -39.51
C UNK AB 83 155.11 -44.81 -38.56
N UNK AB 84 156.18 -44.10 -38.24
CA UNK AB 84 156.09 -43.06 -37.24
C UNK AB 84 157.07 -41.98 -37.61
N UNK AB 85 156.88 -40.82 -37.02
CA UNK AB 85 157.74 -39.70 -37.33
C UNK AB 85 157.80 -38.80 -36.11
N UNK AB 86 158.94 -38.83 -35.47
CA UNK AB 86 159.30 -37.79 -34.52
C UNK AB 86 160.01 -36.74 -35.35
N UNK AB 87 159.44 -35.54 -35.41
CA UNK AB 87 159.95 -34.49 -36.26
C UNK AB 87 160.60 -33.38 -35.44
N UNK AB 88 161.81 -32.98 -35.83
CA UNK AB 88 162.48 -31.86 -35.17
C UNK AB 88 163.34 -31.13 -36.19
N UNK AB 89 163.16 -29.80 -36.29
CA UNK AB 89 163.65 -29.09 -37.46
C UNK AB 89 164.36 -27.79 -37.12
N UNK AB 90 165.22 -27.37 -38.06
CA UNK AB 90 165.72 -26.00 -38.12
C UNK AB 90 165.99 -25.59 -39.57
N UNK AB 91 165.15 -24.69 -40.09
CA UNK AB 91 165.44 -23.85 -41.26
C UNK AB 91 165.65 -24.63 -42.56
N UNK AB 92 164.81 -25.60 -42.85
CA UNK AB 92 165.03 -26.37 -44.06
C UNK AB 92 163.73 -26.51 -44.84
N UNK AB 93 163.74 -27.43 -45.79
CA UNK AB 93 162.56 -27.72 -46.59
C UNK AB 93 162.45 -29.21 -46.81
N UNK AB 94 161.29 -29.76 -46.49
CA UNK AB 94 161.13 -31.18 -46.63
C UNK AB 94 159.79 -31.45 -47.27
N UNK AB 95 159.75 -32.50 -48.06
CA UNK AB 95 158.52 -32.99 -48.64
C UNK AB 95 158.43 -34.48 -48.36
N UNK AB 96 157.24 -34.90 -47.95
CA UNK AB 96 156.97 -36.29 -47.67
C UNK AB 96 155.67 -36.67 -48.37
N UNK AB 97 155.51 -37.96 -48.65
CA UNK AB 97 154.42 -38.40 -49.50
C UNK AB 97 153.41 -39.33 -48.83
N UNK AB 98 153.84 -40.52 -48.40
CA UNK AB 98 152.94 -41.65 -48.17
C UNK AB 98 152.28 -41.56 -46.81
N UNK AB 99 151.38 -42.51 -46.53
CA UNK AB 99 150.64 -42.52 -45.29
C UNK AB 99 151.59 -42.91 -44.16
N UNK AB 100 151.90 -41.94 -43.30
CA UNK AB 100 152.68 -42.17 -42.11
C UNK AB 100 151.99 -41.56 -40.90
N UNK AB 101 152.67 -41.59 -39.76
CA UNK AB 101 152.12 -41.06 -38.52
C UNK AB 101 153.15 -40.16 -37.88
N UNK AB 102 153.08 -38.87 -38.20
CA UNK AB 102 153.86 -37.90 -37.46
C UNK AB 102 153.30 -37.84 -36.06
N UNK AB 103 154.07 -38.36 -35.12
CA UNK AB 103 153.65 -38.27 -33.73
C UNK AB 103 153.63 -36.82 -33.29
N UNK AB 104 154.71 -36.09 -33.53
CA UNK AB 104 154.78 -34.71 -33.12
C UNK AB 104 155.71 -33.94 -34.03
N UNK AB 105 155.52 -32.62 -34.04
CA UNK AB 105 156.43 -31.70 -34.70
C UNK AB 105 156.73 -30.54 -33.76
N UNK AB 106 158.01 -30.26 -33.59
CA UNK AB 106 158.47 -29.14 -32.76
C UNK AB 106 159.46 -28.34 -33.59
N UNK AB 107 159.15 -27.07 -33.82
CA UNK AB 107 159.96 -26.24 -34.69
C UNK AB 107 160.35 -24.98 -33.95
N UNK AB 108 161.66 -24.73 -33.86
CA UNK AB 108 162.17 -23.47 -33.34
C UNK AB 108 162.62 -22.54 -34.45
N UNK AB 109 162.44 -22.93 -35.70
CA UNK AB 109 163.05 -22.21 -36.81
C UNK AB 109 162.18 -22.33 -38.05
N UNK AB 110 162.78 -22.11 -39.23
CA UNK AB 110 162.05 -21.91 -40.49
C UNK AB 110 161.93 -23.24 -41.23
N UNK AB 111 160.74 -23.82 -41.19
CA UNK AB 111 160.53 -25.14 -41.78
C UNK AB 111 159.54 -25.02 -42.92
N UNK AB 112 159.93 -25.52 -44.08
CA UNK AB 112 159.02 -25.72 -45.18
C UNK AB 112 158.68 -27.20 -45.20
N UNK AB 113 157.86 -27.62 -44.25
CA UNK AB 113 157.54 -29.02 -44.12
C UNK AB 113 156.25 -29.33 -44.84
N UNK AB 114 156.30 -30.37 -45.67
CA UNK AB 114 155.13 -30.74 -46.45
C UNK AB 114 154.96 -32.24 -46.39
N UNK AB 115 153.72 -32.69 -46.50
CA UNK AB 115 153.42 -34.10 -46.64
C UNK AB 115 152.12 -34.23 -47.41
N UNK AB 116 152.17 -34.98 -48.49
CA UNK AB 116 151.01 -35.23 -49.32
C UNK AB 116 149.98 -36.11 -48.64
N UNK AB 117 150.40 -37.12 -47.89
CA UNK AB 117 149.48 -37.91 -47.11
C UNK AB 117 150.06 -38.05 -45.72
N UNK AB 118 149.18 -38.07 -44.73
CA UNK AB 118 149.56 -38.31 -43.35
C UNK AB 118 148.32 -38.80 -42.62
N UNK AB 119 148.24 -40.10 -42.36
CA UNK AB 119 147.12 -40.66 -41.61
C UNK AB 119 147.59 -40.92 -40.19
N UNK AB 120 147.77 -39.85 -39.43
CA UNK AB 120 148.14 -39.93 -38.04
C UNK AB 120 146.89 -39.70 -37.21
N UNK AB 121 147.07 -39.55 -35.92
CA UNK AB 121 145.94 -39.26 -35.04
C UNK AB 121 146.07 -37.98 -34.26
N UNK AB 122 147.10 -37.86 -33.44
CA UNK AB 122 147.24 -36.72 -32.55
C UNK AB 122 148.50 -35.98 -32.98
N UNK AB 123 148.34 -35.10 -33.93
CA UNK AB 123 149.44 -34.28 -34.39
C UNK AB 123 149.57 -33.14 -33.40
N UNK AB 124 150.58 -33.22 -32.57
CA UNK AB 124 150.88 -32.15 -31.64
C UNK AB 124 152.02 -31.35 -32.25
N UNK AB 125 151.78 -30.07 -32.41
CA UNK AB 125 152.74 -29.17 -33.03
C UNK AB 125 153.02 -28.02 -32.09
N UNK AB 126 154.28 -27.83 -31.75
CA UNK AB 126 154.71 -26.66 -31.00
C UNK AB 126 155.61 -25.81 -31.88
N UNK AB 127 155.33 -24.51 -31.90
CA UNK AB 127 155.97 -23.61 -32.84
C UNK AB 127 156.66 -22.47 -32.11
N UNK AB 128 157.84 -22.11 -32.63
CA UNK AB 128 158.66 -21.04 -32.07
C UNK AB 128 159.21 -20.18 -33.22
N UNK AB 129 158.42 -19.19 -33.60
CA UNK AB 129 158.74 -17.94 -34.29
C UNK AB 129 158.97 -17.98 -35.80
N UNK AB 130 159.12 -19.14 -36.46
CA UNK AB 130 159.50 -18.98 -37.86
C UNK AB 130 158.86 -19.93 -38.87
N UNK AB 131 158.45 -21.13 -38.50
CA UNK AB 131 158.17 -22.14 -39.51
C UNK AB 131 156.89 -21.87 -40.28
N UNK AB 132 156.76 -22.56 -41.40
CA UNK AB 132 155.52 -22.51 -42.17
C UNK AB 132 155.37 -23.88 -42.80
N UNK AB 133 154.70 -24.76 -42.09
CA UNK AB 133 154.52 -26.12 -42.56
C UNK AB 133 153.12 -26.25 -43.13
N UNK AB 134 153.00 -27.08 -44.14
CA UNK AB 134 151.71 -27.32 -44.76
C UNK AB 134 151.69 -28.80 -45.10
N UNK AB 135 151.11 -29.60 -44.22
CA UNK AB 135 150.93 -31.01 -44.46
C UNK AB 135 149.46 -31.32 -44.30
N UNK AB 136 148.91 -32.16 -45.20
CA UNK AB 136 147.46 -32.33 -45.23
C UNK AB 136 147.07 -33.67 -45.88
N UNK AB 137 146.69 -34.66 -45.06
CA UNK AB 137 145.65 -35.58 -45.53
C UNK AB 137 144.46 -35.79 -44.58
N UNK AB 138 144.70 -36.44 -43.44
CA UNK AB 138 143.61 -36.95 -42.60
C UNK AB 138 144.14 -37.32 -41.22
N UNK AB 139 143.75 -36.57 -40.19
CA UNK AB 139 144.18 -36.81 -38.82
C UNK AB 139 142.99 -37.02 -37.91
N UNK AB 140 143.25 -37.09 -36.62
CA UNK AB 140 142.17 -37.15 -35.65
C UNK AB 140 142.19 -36.01 -34.66
N UNK AB 141 143.32 -35.74 -34.03
CA UNK AB 141 143.38 -34.72 -32.99
C UNK AB 141 144.55 -33.83 -33.34
N UNK AB 142 144.25 -32.67 -33.90
CA UNK AB 142 145.28 -31.74 -34.25
C UNK AB 142 145.36 -30.67 -33.18
N UNK AB 143 146.46 -30.66 -32.45
CA UNK AB 143 146.65 -29.67 -31.41
C UNK AB 143 147.92 -28.89 -31.71
N UNK AB 144 147.85 -27.57 -31.60
CA UNK AB 144 148.97 -26.73 -31.98
C UNK AB 144 149.16 -25.61 -30.97
N UNK AB 145 150.29 -25.63 -30.30
CA UNK AB 145 150.75 -24.53 -29.48
C UNK AB 145 151.66 -23.68 -30.35
N UNK AB 146 151.10 -22.63 -30.93
CA UNK AB 146 151.91 -21.68 -31.68
C UNK AB 146 152.30 -20.59 -30.71
N UNK AB 147 153.32 -20.86 -29.90
CA UNK AB 147 153.90 -19.84 -29.04
C UNK AB 147 154.98 -19.09 -29.81
N UNK AB 148 154.55 -18.38 -30.85
CA UNK AB 148 155.39 -18.19 -32.02
C UNK AB 148 155.14 -16.82 -32.63
N UNK AB 149 155.68 -16.61 -33.83
CA UNK AB 149 155.33 -15.53 -34.73
C UNK AB 149 155.28 -16.03 -36.16
N UNK AB 150 154.72 -17.22 -36.38
CA UNK AB 150 154.96 -17.94 -37.60
C UNK AB 150 153.66 -18.26 -38.32
N UNK AB 151 153.77 -19.09 -39.34
CA UNK AB 151 152.64 -19.43 -40.18
C UNK AB 151 152.38 -20.92 -40.07
N UNK AB 152 151.13 -21.30 -40.25
CA UNK AB 152 150.70 -22.67 -40.06
C UNK AB 152 149.62 -22.93 -41.09
N UNK AB 153 150.01 -23.44 -42.24
CA UNK AB 153 149.06 -23.69 -43.29
C UNK AB 153 148.51 -25.10 -43.19
N UNK AB 154 147.23 -25.24 -43.48
CA UNK AB 154 146.60 -26.54 -43.47
C UNK AB 154 145.36 -26.51 -44.33
N UNK AB 155 145.36 -27.36 -45.35
CA UNK AB 155 144.14 -27.81 -46.00
C UNK AB 155 143.82 -29.23 -45.58
N UNK AB 156 143.98 -29.51 -44.28
CA UNK AB 156 143.93 -30.86 -43.71
C UNK AB 156 142.58 -31.11 -43.02
N UNK AB 157 142.10 -32.36 -43.09
CA UNK AB 157 140.80 -32.75 -42.54
C UNK AB 157 140.97 -33.67 -41.33
N UNK AB 158 140.94 -33.10 -40.12
CA UNK AB 158 140.92 -33.87 -38.88
C UNK AB 158 139.55 -33.75 -38.20
N UNK AB 159 139.27 -34.69 -37.30
CA UNK AB 159 138.00 -34.61 -36.62
C UNK AB 159 138.01 -33.57 -35.52
N UNK AB 160 139.03 -33.58 -34.68
CA UNK AB 160 139.08 -32.72 -33.50
C UNK AB 160 140.30 -31.84 -33.56
N UNK AB 161 140.13 -30.61 -33.12
CA UNK AB 161 141.23 -29.67 -33.16
C UNK AB 161 141.26 -28.87 -31.88
N UNK AB 162 142.47 -28.57 -31.43
CA UNK AB 162 142.71 -27.62 -30.35
C UNK AB 162 143.93 -26.83 -30.77
N UNK AB 163 143.70 -25.63 -31.27
CA UNK AB 163 144.76 -24.77 -31.77
C UNK AB 163 144.77 -23.48 -30.98
N UNK AB 164 145.91 -23.17 -30.39
CA UNK AB 164 146.07 -21.95 -29.61
C UNK AB 164 147.30 -21.20 -30.08
N UNK AB 165 147.14 -19.91 -30.36
CA UNK AB 165 148.21 -19.06 -30.87
C UNK AB 165 148.44 -17.87 -29.94
N UNK AB 166 149.72 -17.61 -29.62
CA UNK AB 166 150.09 -16.73 -28.53
C UNK AB 166 150.17 -15.26 -28.92
N UNK AB 167 150.88 -14.92 -30.00
CA UNK AB 167 151.06 -13.50 -30.37
C UNK AB 167 151.43 -13.45 -31.85
N UNK AB 168 150.48 -13.00 -32.67
CA UNK AB 168 150.70 -12.62 -34.07
C UNK AB 168 151.22 -13.76 -34.94
N UNK AB 169 150.59 -14.92 -34.81
CA UNK AB 169 150.83 -15.97 -35.76
C UNK AB 169 149.66 -16.07 -36.72
N UNK AB 170 149.86 -16.84 -37.78
CA UNK AB 170 148.83 -16.97 -38.80
C UNK AB 170 148.56 -18.44 -38.99
N UNK AB 171 147.32 -18.84 -38.78
CA UNK AB 171 146.97 -20.25 -38.84
C UNK AB 171 145.78 -20.44 -39.76
N UNK AB 172 145.93 -21.36 -40.68
CA UNK AB 172 144.85 -21.78 -41.56
C UNK AB 172 144.61 -23.25 -41.29
N UNK AB 173 143.43 -23.55 -40.76
CA UNK AB 173 143.10 -24.90 -40.33
C UNK AB 173 141.74 -25.32 -40.87
N UNK AB 174 141.39 -26.59 -40.59
CA UNK AB 174 140.09 -27.16 -40.95
C UNK AB 174 139.82 -28.39 -40.09
N UNK AB 175 138.60 -28.50 -39.53
CA UNK AB 175 138.23 -29.59 -38.64
C UNK AB 175 136.89 -30.21 -39.05
N UNK AB 176 136.69 -31.49 -38.72
CA UNK AB 176 135.44 -32.16 -39.07
C UNK AB 176 134.43 -32.07 -37.95
N UNK AB 177 134.74 -32.66 -36.80
CA UNK AB 177 133.79 -32.69 -35.71
C UNK AB 177 133.93 -31.52 -34.76
N UNK AB 178 135.13 -31.24 -34.29
CA UNK AB 178 135.30 -30.24 -33.26
C UNK AB 178 136.40 -29.27 -33.65
N UNK AB 179 136.09 -27.99 -33.59
CA UNK AB 179 137.10 -26.95 -33.68
C UNK AB 179 137.26 -26.33 -32.31
N UNK AB 180 138.48 -26.29 -31.82
CA UNK AB 180 138.78 -25.66 -30.56
C UNK AB 180 139.85 -24.64 -30.88
N UNK AB 181 139.54 -23.37 -30.65
CA UNK AB 181 140.37 -22.31 -31.17
C UNK AB 181 140.54 -21.20 -30.15
N UNK AB 182 141.81 -20.85 -29.91
CA UNK AB 182 142.14 -19.75 -29.01
C UNK AB 182 143.18 -18.86 -29.67
N UNK AB 183 142.90 -17.55 -29.70
CA UNK AB 183 143.80 -16.61 -30.34
C UNK AB 183 144.15 -15.48 -29.38
N UNK AB 184 145.40 -15.03 -29.44
CA UNK AB 184 145.80 -13.82 -28.72
C UNK AB 184 146.68 -13.01 -29.64
N UNK AB 185 146.21 -11.80 -29.99
CA UNK AB 185 146.91 -10.84 -30.85
C UNK AB 185 147.28 -11.44 -32.21
N UNK AB 186 146.55 -12.43 -32.69
CA UNK AB 186 146.98 -13.22 -33.83
C UNK AB 186 145.80 -13.41 -34.77
N UNK AB 187 146.03 -14.17 -35.84
CA UNK AB 187 145.00 -14.40 -36.83
C UNK AB 187 144.77 -15.88 -36.98
N UNK AB 188 143.55 -16.30 -36.76
CA UNK AB 188 143.16 -17.67 -37.03
C UNK AB 188 142.31 -17.60 -38.28
N UNK AB 189 142.95 -17.76 -39.41
CA UNK AB 189 142.23 -17.84 -40.66
C UNK AB 189 141.57 -19.20 -40.69
N UNK AB 190 140.51 -19.35 -39.93
CA UNK AB 190 139.90 -20.65 -39.72
C UNK AB 190 139.15 -20.99 -40.98
N UNK AB 191 139.86 -21.62 -41.92
CA UNK AB 191 139.51 -21.60 -43.32
C UNK AB 191 138.26 -22.41 -43.65
N UNK AB 192 137.72 -23.15 -42.71
CA UNK AB 192 136.53 -23.91 -42.99
C UNK AB 192 135.65 -23.88 -41.76
N UNK AB 193 134.59 -24.70 -41.79
CA UNK AB 193 133.63 -24.79 -40.69
C UNK AB 193 133.55 -26.21 -40.14
N UNK AB 194 133.58 -26.34 -38.81
CA UNK AB 194 133.50 -27.62 -38.11
C UNK AB 194 132.06 -28.02 -37.86
N UNK AB 195 131.87 -29.26 -37.42
CA UNK AB 195 130.56 -29.66 -36.93
C UNK AB 195 130.21 -28.88 -35.68
N UNK AB 196 131.17 -28.67 -34.81
CA UNK AB 196 130.97 -27.81 -33.67
C UNK AB 196 132.21 -26.99 -33.51
N UNK AB 197 132.08 -25.70 -33.70
CA UNK AB 197 133.21 -24.81 -33.69
C UNK AB 197 133.20 -24.03 -32.39
N UNK AB 198 134.38 -23.73 -31.87
CA UNK AB 198 134.48 -22.95 -30.66
C UNK AB 198 135.76 -22.15 -30.71
N UNK AB 199 135.68 -20.90 -30.28
CA UNK AB 199 136.84 -20.03 -30.32
C UNK AB 199 136.70 -18.97 -29.26
N UNK AB 200 137.83 -18.42 -28.84
CA UNK AB 200 137.85 -17.19 -28.06
C UNK AB 200 139.08 -16.38 -28.46
N UNK AB 201 138.88 -15.06 -28.55
CA UNK AB 201 139.94 -14.15 -28.98
C UNK AB 201 140.30 -13.20 -27.85
N UNK AB 202 141.59 -13.08 -27.60
CA UNK AB 202 142.16 -12.26 -26.54
C UNK AB 202 142.52 -10.90 -27.09
N UNK AB 203 143.37 -10.17 -26.35
CA UNK AB 203 143.78 -8.80 -26.68
C UNK AB 203 144.31 -8.71 -28.09
N UNK AB 204 143.56 -7.98 -28.91
CA UNK AB 204 143.85 -7.70 -30.32
C UNK AB 204 143.87 -8.95 -31.20
N UNK AB 205 143.05 -9.95 -30.87
CA UNK AB 205 143.06 -11.20 -31.60
C UNK AB 205 141.89 -11.29 -32.57
N UNK AB 206 142.06 -12.08 -33.63
CA UNK AB 206 141.06 -12.20 -34.68
C UNK AB 206 141.02 -13.63 -35.23
N UNK AB 207 139.95 -14.33 -34.94
CA UNK AB 207 139.75 -15.66 -35.50
C UNK AB 207 138.85 -15.58 -36.73
N UNK AB 208 139.46 -15.18 -37.83
CA UNK AB 208 138.73 -15.01 -39.07
C UNK AB 208 138.36 -16.38 -39.59
N UNK AB 209 137.15 -16.82 -39.31
CA UNK AB 209 136.70 -18.13 -39.75
C UNK AB 209 136.45 -18.06 -41.24
N UNK AB 210 137.53 -18.20 -41.99
CA UNK AB 210 137.53 -17.81 -43.39
C UNK AB 210 137.00 -18.93 -44.27
N UNK AB 211 135.72 -19.24 -44.10
CA UNK AB 211 135.11 -20.21 -45.00
C UNK AB 211 134.97 -19.60 -46.39
N UNK AB 212 134.86 -20.47 -47.38
CA UNK AB 212 134.80 -20.01 -48.76
C UNK AB 212 133.40 -19.52 -49.08
N UNK AB 213 133.21 -18.21 -49.02
CA UNK AB 213 131.96 -17.62 -49.46
C UNK AB 213 131.76 -17.85 -50.95
N UNK AB 214 130.50 -17.83 -51.35
CA UNK AB 214 130.03 -18.25 -52.67
C UNK AB 214 130.51 -19.66 -53.01
N UNK AB 215 129.95 -20.60 -52.27
CA UNK AB 215 130.10 -21.99 -52.66
C UNK AB 215 129.00 -22.35 -53.65
N UNK AB 216 128.92 -23.62 -54.01
CA UNK AB 216 127.78 -24.07 -54.78
C UNK AB 216 126.74 -24.73 -53.89
N UNK AB 217 127.17 -25.41 -52.82
CA UNK AB 217 126.29 -25.75 -51.70
C UNK AB 217 127.09 -25.86 -50.41
N UNK AB 218 127.28 -24.74 -49.73
CA UNK AB 218 127.81 -24.81 -48.38
C UNK AB 218 126.64 -24.72 -47.42
N UNK AB 219 126.50 -25.71 -46.57
CA UNK AB 219 125.50 -25.64 -45.52
C UNK AB 219 125.87 -24.55 -44.53
N UNK AB 220 124.87 -23.86 -44.01
CA UNK AB 220 125.14 -22.71 -43.16
C UNK AB 220 125.33 -23.13 -41.71
N UNK AB 221 125.68 -22.14 -40.88
CA UNK AB 221 125.96 -22.37 -39.47
C UNK AB 221 124.66 -22.67 -38.73
N UNK AB 222 124.59 -23.82 -38.08
CA UNK AB 222 123.35 -24.25 -37.44
C UNK AB 222 123.20 -23.59 -36.08
N UNK AB 223 122.07 -23.87 -35.42
CA UNK AB 223 121.82 -23.36 -34.09
C UNK AB 223 122.78 -23.92 -33.08
N UNK AB 224 123.21 -25.14 -33.28
CA UNK AB 224 124.31 -25.66 -32.51
C UNK AB 224 125.63 -25.05 -32.91
N UNK AB 225 125.77 -24.58 -34.14
CA UNK AB 225 127.02 -23.96 -34.56
C UNK AB 225 126.93 -22.46 -34.52
N UNK AB 226 125.85 -21.90 -33.98
CA UNK AB 226 125.61 -20.47 -33.96
C UNK AB 226 126.51 -19.84 -32.92
N UNK AB 227 127.59 -19.24 -33.38
CA UNK AB 227 128.51 -18.51 -32.54
C UNK AB 227 128.39 -17.02 -32.83
N UNK AB 228 129.09 -16.23 -32.04
CA UNK AB 228 129.29 -14.83 -32.38
C UNK AB 228 130.55 -14.72 -33.19
N UNK BB 1 148.10 -39.88 -58.54
CA UNK BB 1 147.21 -38.72 -58.52
C UNK BB 1 146.55 -38.60 -57.17
N UNK BB 2 146.52 -39.73 -56.45
CA UNK BB 2 145.96 -39.76 -55.11
C UNK BB 2 146.83 -40.67 -54.27
N UNK BB 3 147.01 -40.28 -53.01
CA UNK BB 3 147.55 -41.21 -52.02
C UNK BB 3 146.34 -41.96 -51.50
N UNK BB 4 145.91 -42.93 -52.31
CA UNK BB 4 144.60 -43.52 -52.21
C UNK BB 4 144.68 -44.85 -51.46
N UNK BB 5 143.53 -45.34 -51.05
CA UNK BB 5 143.44 -46.65 -50.44
C UNK BB 5 142.64 -47.58 -51.33
N UNK BB 6 143.02 -48.85 -51.31
CA UNK BB 6 142.29 -49.91 -52.01
C UNK BB 6 141.09 -50.39 -51.21
N UNK BB 7 140.79 -49.73 -50.09
CA UNK BB 7 139.63 -50.03 -49.26
C UNK BB 7 138.39 -49.41 -49.90
N UNK BB 8 137.30 -49.32 -49.14
CA UNK BB 8 136.04 -48.83 -49.71
C UNK BB 8 136.10 -47.32 -49.92
N UNK BB 9 136.92 -46.91 -50.91
CA UNK BB 9 136.87 -45.59 -51.54
C UNK BB 9 137.21 -44.42 -50.60
N UNK BB 10 138.42 -44.46 -50.02
CA UNK BB 10 138.98 -43.34 -49.28
C UNK BB 10 140.36 -43.01 -49.82
N UNK BB 11 140.71 -41.72 -49.81
CA UNK BB 11 141.97 -41.31 -50.43
C UNK BB 11 142.43 -39.97 -49.91
N UNK BB 12 143.67 -39.90 -49.47
CA UNK BB 12 144.36 -38.65 -49.69
C UNK BB 12 144.55 -38.48 -51.18
N UNK BB 13 144.58 -37.24 -51.64
CA UNK BB 13 144.55 -37.04 -53.07
C UNK BB 13 145.27 -35.77 -53.45
N UNK BB 14 146.03 -35.85 -54.52
CA UNK BB 14 147.05 -34.85 -54.80
C UNK BB 14 146.68 -34.02 -56.01
N UNK BB 15 145.44 -33.54 -56.08
CA UNK BB 15 145.08 -32.61 -57.13
C UNK BB 15 145.67 -31.23 -56.86
N UNK BB 16 145.08 -30.50 -55.91
CA UNK BB 16 145.73 -29.34 -55.29
C UNK BB 16 145.84 -29.54 -53.80
N UNK BB 17 144.71 -29.81 -53.14
CA UNK BB 17 144.67 -30.36 -51.81
C UNK BB 17 143.35 -31.11 -51.75
N UNK BB 18 143.38 -32.43 -51.90
CA UNK BB 18 142.13 -33.15 -52.13
C UNK BB 18 142.05 -34.39 -51.25
N UNK BB 19 140.83 -34.78 -50.93
CA UNK BB 19 140.57 -36.01 -50.18
C UNK BB 19 139.56 -36.80 -51.02
N UNK BB 20 140.06 -37.63 -51.92
CA UNK BB 20 139.20 -38.33 -52.86
C UNK BB 20 138.57 -39.52 -52.15
N UNK BB 21 137.30 -39.38 -51.81
CA UNK BB 21 136.55 -40.45 -51.16
C UNK BB 21 135.21 -40.61 -51.84
N UNK BB 22 134.91 -41.84 -52.25
CA UNK BB 22 133.60 -42.17 -52.80
C UNK BB 22 132.82 -43.00 -51.78
N UNK BB 23 131.65 -43.52 -52.16
CA UNK BB 23 130.66 -44.01 -51.20
C UNK BB 23 130.60 -45.53 -51.06
N UNK BB 24 131.02 -46.28 -52.11
CA UNK BB 24 131.11 -47.75 -52.10
C UNK BB 24 129.76 -48.45 -51.85
N UNK BB 25 128.68 -47.79 -52.26
CA UNK BB 25 127.37 -48.42 -52.28
C UNK BB 25 126.76 -48.44 -53.68
N UNK BB 26 126.97 -47.39 -54.46
CA UNK BB 26 126.75 -47.44 -55.89
C UNK BB 26 128.03 -47.79 -56.66
N UNK BB 27 129.18 -47.78 -55.98
CA UNK BB 27 130.48 -48.26 -56.47
C UNK BB 27 130.95 -47.51 -57.71
N UNK BB 28 131.19 -46.20 -57.54
CA UNK BB 28 131.77 -45.37 -58.60
C UNK BB 28 133.26 -45.14 -58.34
N UNK BB 29 134.00 -46.23 -58.17
CA UNK BB 29 135.42 -46.15 -57.85
C UNK BB 29 136.29 -46.31 -59.10
N UNK BB 30 136.09 -45.40 -60.05
CA UNK BB 30 136.89 -45.42 -61.27
C UNK BB 30 138.15 -44.58 -61.17
N UNK BB 31 138.31 -43.82 -60.07
CA UNK BB 31 139.46 -42.96 -59.79
C UNK BB 31 139.70 -41.92 -60.90
N UNK BB 32 138.63 -41.28 -61.36
CA UNK BB 32 138.74 -40.12 -62.25
C UNK BB 32 137.62 -39.17 -61.90
N UNK BB 33 137.86 -38.31 -60.91
CA UNK BB 33 136.84 -37.40 -60.41
C UNK BB 33 137.53 -36.13 -59.93
N UNK BB 34 136.77 -35.04 -59.93
CA UNK BB 34 137.30 -33.69 -59.75
C UNK BB 34 136.61 -33.05 -58.55
N UNK BB 35 137.34 -32.93 -57.44
CA UNK BB 35 136.80 -32.32 -56.23
C UNK BB 35 137.37 -30.92 -56.04
N UNK BB 36 136.49 -29.94 -55.80
CA UNK BB 36 136.93 -28.56 -55.57
C UNK BB 36 136.14 -27.94 -54.42
N UNK BB 37 136.68 -26.85 -53.86
CA UNK BB 37 136.23 -26.29 -52.58
C UNK BB 37 135.24 -25.13 -52.74
N UNK BB 38 134.16 -25.34 -53.50
CA UNK BB 38 132.98 -24.50 -53.42
C UNK BB 38 131.75 -25.39 -53.49
N UNK BB 39 131.85 -26.59 -52.93
CA UNK BB 39 130.87 -27.67 -53.00
C UNK BB 39 130.54 -28.06 -54.44
N UNK BB 40 131.59 -28.49 -55.15
CA UNK BB 40 131.46 -29.00 -56.51
C UNK BB 40 132.43 -30.17 -56.69
N UNK BB 41 131.88 -31.38 -56.86
CA UNK BB 41 132.67 -32.57 -57.14
C UNK BB 41 132.12 -33.23 -58.40
N UNK BB 42 132.77 -32.98 -59.52
CA UNK BB 42 132.36 -33.55 -60.80
C UNK BB 42 132.98 -34.95 -60.93
N UNK BB 43 132.17 -35.96 -60.70
CA UNK BB 43 132.56 -37.35 -60.94
C UNK BB 43 132.02 -37.79 -62.29
N UNK BB 44 132.07 -39.09 -62.59
CA UNK BB 44 131.75 -39.58 -63.93
C UNK BB 44 130.34 -40.14 -64.04
N UNK BB 45 130.06 -41.27 -63.39
CA UNK BB 45 128.77 -41.95 -63.57
C UNK BB 45 127.64 -41.20 -62.86
N UNK BB 46 127.87 -40.81 -61.62
CA UNK BB 46 126.91 -40.06 -60.82
C UNK BB 46 127.70 -39.10 -59.94
N UNK BB 47 127.09 -38.60 -58.88
CA UNK BB 47 127.78 -37.81 -57.86
C UNK BB 47 128.16 -38.70 -56.69
N UNK BB 48 129.44 -38.62 -56.29
CA UNK BB 48 129.97 -39.47 -55.23
C UNK BB 48 130.69 -38.63 -54.19
N UNK BB 49 130.63 -39.08 -52.93
CA UNK BB 49 131.20 -38.35 -51.81
C UNK BB 49 131.53 -39.32 -50.68
N UNK BB 50 132.08 -38.77 -49.59
CA UNK BB 50 132.43 -39.57 -48.43
C UNK BB 50 131.19 -39.89 -47.59
N UNK BB 51 131.36 -40.80 -46.65
CA UNK BB 51 130.24 -41.34 -45.86
C UNK BB 51 129.81 -40.32 -44.82
N UNK BB 52 128.59 -39.82 -44.96
CA UNK BB 52 128.02 -38.88 -44.00
C UNK BB 52 126.51 -39.09 -43.84
N UNK CB 1 106.00 14.63 -27.63
CA UNK CB 1 104.78 14.77 -28.42
C UNK CB 1 105.11 15.32 -29.79
N UNK CB 2 105.09 16.65 -29.86
CA UNK CB 2 105.75 17.40 -30.91
C UNK CB 2 106.54 18.50 -30.22
N UNK CB 3 106.58 18.42 -28.90
CA UNK CB 3 106.98 19.51 -28.05
C UNK CB 3 108.49 19.60 -28.01
N UNK CB 4 108.98 20.83 -28.09
CA UNK CB 4 110.39 21.23 -28.09
C UNK CB 4 111.16 20.75 -29.30
N UNK CB 5 110.56 19.99 -30.22
CA UNK CB 5 111.21 19.71 -31.48
C UNK CB 5 111.20 20.96 -32.32
N UNK CB 6 110.00 21.41 -32.64
CA UNK CB 6 109.67 22.80 -32.84
C UNK CB 6 108.19 22.88 -32.52
N UNK CB 7 107.52 23.89 -33.04
CA UNK CB 7 106.08 23.96 -32.86
C UNK CB 7 105.42 22.80 -33.59
N UNK CB 8 104.33 22.30 -33.03
CA UNK CB 8 103.54 21.28 -33.70
C UNK CB 8 102.90 21.93 -34.91
N UNK CB 9 103.58 21.81 -36.06
CA UNK CB 9 103.25 22.65 -37.21
C UNK CB 9 101.89 22.26 -37.77
N UNK CB 10 101.80 21.09 -38.35
CA UNK CB 10 100.50 20.55 -38.64
C UNK CB 10 100.28 19.42 -37.65
N UNK CB 11 99.17 18.73 -37.80
CA UNK CB 11 98.98 17.46 -37.13
C UNK CB 11 98.56 16.55 -38.28
N UNK CB 12 99.55 15.87 -38.86
CA UNK CB 12 99.42 15.34 -40.19
C UNK CB 12 98.39 14.23 -40.21
N UNK CB 13 97.39 14.41 -41.05
CA UNK CB 13 96.40 13.38 -41.24
C UNK CB 13 97.05 12.19 -41.92
N UNK CB 14 96.47 11.02 -41.66
CA UNK CB 14 97.06 9.72 -41.95
C UNK CB 14 98.45 9.61 -41.34
N UNK CB 15 98.61 10.17 -40.15
CA UNK CB 15 99.90 10.20 -39.48
C UNK CB 15 99.71 10.59 -38.03
N UNK CB 16 100.82 10.88 -37.38
CA UNK CB 16 100.88 11.47 -36.07
C UNK CB 16 100.74 12.98 -36.21
N UNK CB 17 101.08 13.70 -35.17
CA UNK CB 17 101.23 15.14 -35.32
C UNK CB 17 102.49 15.46 -36.12
N UNK CB 18 102.62 16.73 -36.49
CA UNK CB 18 103.79 17.20 -37.22
C UNK CB 18 104.40 18.38 -36.47
N UNK CB 19 105.52 18.14 -35.80
CA UNK CB 19 106.28 19.25 -35.27
C UNK CB 19 106.90 20.03 -36.42
N UNK CB 20 107.29 21.27 -36.15
CA UNK CB 20 107.94 22.06 -37.18
C UNK CB 20 109.42 21.76 -37.31
N UNK CB 21 109.91 20.78 -36.56
CA UNK CB 21 111.21 20.21 -36.84
C UNK CB 21 111.08 19.01 -37.77
N UNK CB 22 110.25 18.04 -37.42
CA UNK CB 22 110.07 16.84 -38.24
C UNK CB 22 108.67 16.28 -38.00
N UNK CB 23 108.40 15.13 -38.62
CA UNK CB 23 107.15 14.43 -38.40
C UNK CB 23 107.15 13.91 -36.98
N UNK CB 24 106.17 14.33 -36.19
CA UNK CB 24 106.27 14.14 -34.76
C UNK CB 24 105.79 12.75 -34.36
N UNK CB 25 105.88 12.47 -33.07
CA UNK CB 25 105.51 11.19 -32.51
C UNK CB 25 104.15 11.20 -31.86
N UNK CB 26 103.59 12.38 -31.59
CA UNK CB 26 102.27 12.48 -30.99
C UNK CB 26 101.24 12.01 -31.99
N UNK CB 27 100.70 10.82 -31.76
CA UNK CB 27 99.80 10.17 -32.71
C UNK CB 27 98.51 10.98 -32.83
N UNK CB 28 98.11 11.27 -34.06
CA UNK CB 28 97.08 12.28 -34.27
C UNK CB 28 95.67 11.72 -34.11
N UNK CB 29 95.29 10.79 -34.96
CA UNK CB 29 93.87 10.48 -35.16
C UNK CB 29 93.42 9.31 -34.32
N UNK CB 30 92.11 9.20 -34.16
CA UNK CB 30 91.55 7.94 -33.66
C UNK CB 30 91.63 6.87 -34.72
N UNK CB 31 91.63 7.26 -35.99
CA UNK CB 31 91.87 6.33 -37.07
C UNK CB 31 93.37 6.16 -37.31
N UNK CB 32 94.19 6.85 -36.54
CA UNK CB 32 95.62 6.67 -36.69
C UNK CB 32 96.04 5.35 -36.07
N UNK CB 33 97.21 4.86 -36.47
CA UNK CB 33 97.70 3.56 -36.01
C UNK CB 33 98.47 3.71 -34.71
N UNK CB 34 97.75 4.18 -33.70
CA UNK CB 34 98.17 3.97 -32.33
C UNK CB 34 98.18 2.47 -32.10
N UNK CB 35 99.20 1.98 -31.43
CA UNK CB 35 99.43 0.54 -31.32
C UNK CB 35 98.42 -0.07 -30.35
N UNK CB 36 97.51 -0.85 -30.91
CA UNK CB 36 96.53 -1.60 -30.12
C UNK CB 36 96.96 -3.04 -29.99
N UNK CB 37 97.11 -3.49 -28.75
CA UNK CB 37 97.39 -4.89 -28.48
C UNK CB 37 96.62 -5.42 -27.28
N UNK CB 38 95.79 -4.61 -26.63
CA UNK CB 38 95.10 -5.05 -25.42
C UNK CB 38 93.66 -4.57 -25.46
N UNK CB 39 92.77 -5.37 -26.02
CA UNK CB 39 91.35 -5.09 -25.91
C UNK CB 39 90.90 -5.32 -24.48
N UNK CB 40 89.77 -4.71 -24.12
CA UNK CB 40 89.24 -4.87 -22.77
C UNK CB 40 87.72 -4.83 -22.83
N UNK CB 41 87.10 -6.00 -22.96
CA UNK CB 41 85.66 -6.06 -23.10
C UNK CB 41 85.15 -7.44 -22.71
N UNK CB 42 83.84 -7.56 -22.65
CA UNK CB 42 83.21 -8.85 -22.42
C UNK CB 42 82.94 -9.51 -23.74
N UNK CB 43 83.29 -10.79 -23.82
CA UNK CB 43 83.22 -11.62 -25.02
C UNK CB 43 84.00 -11.01 -26.18
N UNK CB 44 85.02 -10.22 -25.84
CA UNK CB 44 85.97 -9.70 -26.80
C UNK CB 44 86.85 -10.83 -27.25
N UNK CB 45 87.20 -10.80 -28.53
CA UNK CB 45 87.93 -11.81 -29.29
C UNK CB 45 87.14 -13.11 -29.44
N UNK CB 46 86.05 -13.26 -28.71
CA UNK CB 46 84.93 -14.04 -29.17
C UNK CB 46 84.07 -13.06 -29.93
N UNK CB 47 82.97 -13.53 -30.46
CA UNK CB 47 81.94 -12.58 -30.76
C UNK CB 47 81.46 -11.99 -29.46
N UNK CB 48 81.08 -10.72 -29.49
CA UNK CB 48 80.68 -10.00 -28.28
C UNK CB 48 79.31 -10.48 -27.82
N UNK CB 49 78.72 -9.74 -26.88
CA UNK CB 49 77.52 -10.20 -26.23
C UNK CB 49 76.32 -10.13 -27.15
N UNK CB 50 75.70 -11.27 -27.44
CA UNK CB 50 74.34 -11.25 -27.93
C UNK CB 50 73.49 -10.74 -26.80
N UNK CB 51 73.11 -9.46 -26.86
CA UNK CB 51 72.57 -8.79 -25.68
C UNK CB 51 71.09 -9.10 -25.44
N UNK CB 52 70.58 -10.22 -25.93
CA UNK CB 52 69.16 -10.55 -25.86
C UNK CB 52 68.66 -10.90 -24.46
N UNK CB 53 69.53 -11.31 -23.54
CA UNK CB 53 69.09 -11.82 -22.25
C UNK CB 53 69.45 -10.89 -21.10
N UNK CB 54 69.31 -11.39 -19.86
CA UNK CB 54 69.70 -10.68 -18.63
C UNK CB 54 70.10 -11.69 -17.54
N UNK CB 55 71.40 -11.81 -17.28
CA UNK CB 55 71.89 -12.70 -16.24
C UNK CB 55 73.19 -12.13 -15.68
N UNK CB 56 73.70 -12.74 -14.60
CA UNK CB 56 75.03 -12.39 -14.13
C UNK CB 56 76.07 -12.80 -15.16
N UNK CB 57 76.00 -14.05 -15.62
CA UNK CB 57 76.76 -14.43 -16.78
C UNK CB 57 76.13 -13.83 -18.03
N UNK CB 58 76.95 -13.67 -19.06
CA UNK CB 58 76.49 -13.09 -20.30
C UNK CB 58 76.76 -14.09 -21.42
N UNK CB 59 75.85 -14.17 -22.38
CA UNK CB 59 76.05 -15.00 -23.54
C UNK CB 59 76.66 -14.20 -24.67
N UNK CB 60 77.62 -14.78 -25.36
CA UNK CB 60 78.20 -14.10 -26.49
C UNK CB 60 77.24 -14.13 -27.67
N UNK CB 61 77.58 -13.37 -28.70
CA UNK CB 61 76.95 -13.59 -29.99
C UNK CB 61 77.41 -14.90 -30.60
N UNK CB 62 78.56 -15.38 -30.18
CA UNK CB 62 78.97 -16.75 -30.43
C UNK CB 62 78.44 -17.70 -29.37
N UNK CB 63 77.53 -17.23 -28.52
CA UNK CB 63 76.87 -18.01 -27.48
C UNK CB 63 77.84 -18.66 -26.51
N UNK CB 64 78.95 -18.00 -26.26
CA UNK CB 64 79.86 -18.43 -25.22
C UNK CB 64 79.47 -17.72 -23.96
N UNK CB 65 79.58 -18.40 -22.84
CA UNK CB 65 79.19 -17.81 -21.57
C UNK CB 65 80.31 -16.93 -21.06
N UNK CB 66 80.01 -15.66 -20.85
CA UNK CB 66 80.99 -14.74 -20.29
C UNK CB 66 81.10 -15.03 -18.81
N UNK CB 67 81.81 -16.10 -18.49
CA UNK CB 67 82.06 -16.42 -17.11
C UNK CB 67 83.00 -15.42 -16.48
N UNK CB 68 83.89 -14.84 -17.27
CA UNK CB 68 84.70 -13.72 -16.81
C UNK CB 68 83.86 -12.49 -16.54
N UNK CB 69 82.67 -12.42 -17.12
CA UNK CB 69 81.75 -11.33 -16.82
C UNK CB 69 80.55 -11.85 -16.07
N UNK CB 70 80.70 -12.92 -15.32
CA UNK CB 70 79.58 -13.47 -14.60
C UNK CB 70 79.47 -12.91 -13.19
N LYS DB 24 124.31 -21.94 6.08
CA LYS DB 24 123.90 -21.29 4.85
C LYS DB 24 123.89 -22.29 3.71
N PHE DB 25 122.82 -22.29 2.92
CA PHE DB 25 122.61 -23.35 1.95
C PHE DB 25 121.76 -22.86 0.80
N LYS DB 26 122.04 -23.37 -0.40
CA LYS DB 26 121.33 -22.94 -1.60
C LYS DB 26 121.41 -23.98 -2.70
N LYS DB 27 120.26 -24.30 -3.28
CA LYS DB 27 120.25 -24.96 -4.57
C LYS DB 27 120.54 -23.95 -5.67
N PRO DB 28 121.16 -24.39 -6.76
CA PRO DB 28 121.70 -23.43 -7.74
C PRO DB 28 120.63 -22.63 -8.48
N PRO DB 29 119.71 -23.24 -9.24
CA PRO DB 29 119.15 -22.41 -10.32
C PRO DB 29 117.97 -21.59 -9.84
N ILE DB 30 118.29 -20.53 -9.12
CA ILE DB 30 117.30 -19.63 -8.57
C ILE DB 30 116.87 -18.63 -9.62
N ASN DB 31 115.75 -18.91 -10.29
CA ASN DB 31 115.30 -18.15 -11.44
C ASN DB 31 114.35 -17.03 -11.06
N ASN DB 32 113.70 -16.49 -12.06
CA ASN DB 32 112.62 -15.58 -11.79
C ASN DB 32 111.38 -16.37 -11.40
N PRO DB 33 110.47 -15.77 -10.65
CA PRO DB 33 109.23 -16.47 -10.32
C PRO DB 33 108.33 -16.55 -11.55
N SER DB 34 107.73 -17.72 -11.75
CA SER DB 34 106.78 -17.93 -12.83
C SER DB 34 105.36 -17.71 -12.33
N ASP DB 35 104.40 -18.20 -13.09
CA ASP DB 35 103.02 -18.25 -12.65
C ASP DB 35 102.33 -19.43 -13.28
N ASP DB 36 101.18 -19.79 -12.70
CA ASP DB 36 100.47 -21.01 -13.03
C ASP DB 36 100.03 -21.05 -14.47
N ALA DB 37 99.70 -19.89 -15.01
CA ALA DB 37 99.24 -19.83 -16.38
C ALA DB 37 100.32 -20.31 -17.30
N THR DB 38 101.48 -19.64 -17.26
CA THR DB 38 102.57 -20.01 -18.14
C THR DB 38 103.08 -21.38 -17.84
N ILE DB 39 102.88 -21.82 -16.61
CA ILE DB 39 103.14 -23.20 -16.26
C ILE DB 39 102.28 -24.10 -17.12
N LYS DB 40 100.96 -23.93 -17.03
CA LYS DB 40 100.13 -24.92 -17.68
C LYS DB 40 100.12 -24.76 -19.16
N LEU DB 41 100.52 -23.58 -19.62
CA LEU DB 41 100.95 -23.41 -20.99
C LEU DB 41 102.09 -24.33 -21.32
N ALA DB 42 103.07 -24.44 -20.44
CA ALA DB 42 104.23 -25.22 -20.82
C ALA DB 42 103.89 -26.69 -20.90
N GLU DB 43 103.18 -27.21 -19.91
CA GLU DB 43 102.90 -28.62 -20.11
C GLU DB 43 101.79 -28.88 -21.10
N ALA DB 44 101.03 -27.86 -21.46
CA ALA DB 44 100.31 -27.96 -22.71
C ALA DB 44 101.26 -28.22 -23.84
N ALA DB 45 102.27 -27.37 -23.91
CA ALA DB 45 103.06 -27.24 -25.10
C ALA DB 45 103.89 -28.47 -25.32
N VAL DB 46 104.32 -29.10 -24.25
CA VAL DB 46 105.26 -30.16 -24.46
C VAL DB 46 104.55 -31.41 -24.91
N SER DB 47 103.33 -31.59 -24.45
CA SER DB 47 102.48 -32.65 -24.89
C SER DB 47 102.12 -32.46 -26.35
N VAL DB 48 101.87 -31.21 -26.69
CA VAL DB 48 101.67 -30.87 -28.09
C VAL DB 48 102.90 -31.24 -28.88
N SER DB 49 104.03 -30.87 -28.34
CA SER DB 49 105.30 -30.95 -29.02
C SER DB 49 105.66 -32.36 -29.32
N ASP DB 50 105.62 -33.20 -28.33
CA ASP DB 50 106.06 -34.55 -28.58
C ASP DB 50 105.05 -35.35 -29.34
N SER DB 51 103.76 -35.06 -29.17
CA SER DB 51 102.77 -35.61 -30.07
C SER DB 51 103.10 -35.27 -31.50
N MET DB 52 103.44 -34.03 -31.76
CA MET DB 52 103.70 -33.72 -33.15
C MET DB 52 105.12 -34.13 -33.52
N LEU DB 53 105.92 -34.42 -32.53
CA LEU DB 53 107.24 -34.93 -32.81
C LEU DB 53 107.16 -36.34 -33.36
N GLU DB 54 106.55 -37.24 -32.60
CA GLU DB 54 106.35 -38.60 -33.06
C GLU DB 54 105.50 -38.67 -34.30
N MET DB 55 104.62 -37.70 -34.47
CA MET DB 55 104.06 -37.45 -35.76
C MET DB 55 105.10 -37.35 -36.83
N ALA DB 56 105.96 -36.32 -36.70
CA ALA DB 56 106.90 -35.96 -37.73
C ALA DB 56 107.81 -37.12 -38.04
N LYS DB 57 108.12 -37.91 -37.02
CA LYS DB 57 108.68 -39.23 -37.19
C LYS DB 57 107.81 -40.10 -38.09
N VAL DB 58 106.53 -40.19 -37.81
CA VAL DB 58 105.86 -41.28 -38.48
C VAL DB 58 105.57 -40.90 -39.90
N GLU DB 59 105.47 -39.61 -40.18
CA GLU DB 59 105.34 -39.35 -41.60
C GLU DB 59 106.65 -39.38 -42.31
N LYS DB 60 107.76 -39.02 -41.65
CA LYS DB 60 108.98 -39.07 -42.41
C LYS DB 60 109.45 -40.48 -42.60
N VAL DB 61 108.87 -41.44 -41.90
CA VAL DB 61 109.13 -42.82 -42.26
C VAL DB 61 108.07 -43.41 -43.18
N ILE DB 62 106.83 -42.91 -43.15
CA ILE DB 62 105.89 -43.38 -44.14
C ILE DB 62 106.24 -42.81 -45.50
N THR DB 63 107.01 -41.76 -45.54
CA THR DB 63 107.34 -41.25 -46.83
C THR DB 63 108.81 -40.92 -46.87
N PRO DB 64 109.51 -41.41 -47.88
CA PRO DB 64 110.89 -41.06 -48.06
C PRO DB 64 111.02 -39.71 -48.73
N PRO DB 65 111.70 -38.77 -48.12
CA PRO DB 65 111.98 -37.50 -48.80
C PRO DB 65 113.04 -37.64 -49.87
N SER DB 66 112.68 -37.46 -51.14
CA SER DB 66 113.62 -37.76 -52.20
C SER DB 66 114.50 -36.55 -52.56
N LYS DB 67 113.96 -35.34 -52.56
CA LYS DB 67 114.69 -34.17 -53.04
C LYS DB 67 114.58 -32.99 -52.10
N ASP DB 68 115.60 -32.15 -52.15
CA ASP DB 68 115.64 -30.94 -51.34
C ASP DB 68 115.28 -29.73 -52.17
N ASN DB 69 115.08 -28.58 -51.55
CA ASN DB 69 114.85 -27.40 -52.34
C ASN DB 69 116.12 -26.63 -52.61
N THR DB 70 117.27 -27.13 -52.19
CA THR DB 70 118.49 -26.46 -52.62
C THR DB 70 118.79 -26.70 -54.08
N LEU DB 71 118.28 -27.78 -54.65
CA LEU DB 71 118.53 -28.02 -56.06
C LEU DB 71 117.82 -27.01 -56.91
N THR DB 72 116.68 -26.55 -56.46
CA THR DB 72 115.98 -25.51 -57.16
C THR DB 72 116.26 -24.14 -56.58
N ILE DB 73 116.87 -24.08 -55.40
CA ILE DB 73 117.37 -22.83 -54.86
C ILE DB 73 118.83 -23.01 -54.50
N PRO DB 74 119.74 -22.82 -55.41
CA PRO DB 74 121.16 -22.82 -55.05
C PRO DB 74 121.62 -21.45 -54.61
N ASN DB 75 122.76 -21.44 -53.94
CA ASN DB 75 123.25 -20.22 -53.34
C ASN DB 75 124.06 -19.41 -54.34
N ALA DB 76 124.40 -18.18 -53.94
CA ALA DB 76 125.31 -17.35 -54.70
C ALA DB 76 125.90 -16.32 -53.78
N TYR DB 77 127.05 -15.78 -54.15
CA TYR DB 77 127.50 -14.57 -53.49
C TYR DB 77 126.51 -13.48 -53.84
N ASN DB 78 126.23 -12.62 -52.87
CA ASN DB 78 125.17 -11.65 -52.66
C ASN DB 78 123.85 -12.33 -52.36
N LEU DB 79 123.73 -13.62 -52.56
CA LEU DB 79 122.71 -14.39 -51.89
C LEU DB 79 123.21 -14.84 -50.54
N GLN DB 80 124.49 -14.68 -50.31
CA GLN DB 80 125.07 -15.06 -49.05
C GLN DB 80 125.05 -13.93 -48.05
N ALA DB 81 124.24 -12.91 -48.22
CA ALA DB 81 124.19 -11.90 -47.19
C ALA DB 81 123.36 -12.42 -46.04
N ARG DB 82 122.97 -11.51 -45.15
CA ARG DB 82 122.12 -12.03 -44.10
C ARG DB 82 121.12 -10.96 -43.62
N ALA DB 83 120.32 -11.35 -42.65
CA ALA DB 83 119.04 -10.83 -42.19
C ALA DB 83 118.64 -11.65 -40.96
N SER DB 84 117.62 -11.18 -40.24
CA SER DB 84 117.04 -11.86 -39.07
C SER DB 84 115.61 -11.39 -38.96
N VAL DB 85 114.67 -12.33 -38.93
CA VAL DB 85 113.30 -12.05 -39.30
C VAL DB 85 112.35 -12.44 -38.17
N ASP DB 86 111.39 -11.57 -37.91
CA ASP DB 86 110.12 -11.96 -37.34
C ASP DB 86 109.02 -11.52 -38.29
N TRP DB 87 108.07 -12.39 -38.52
CA TRP DB 87 107.13 -12.17 -39.58
C TRP DB 87 105.85 -12.89 -39.29
N SER DB 88 104.77 -12.33 -39.78
CA SER DB 88 103.52 -13.04 -39.82
C SER DB 88 102.73 -12.73 -41.05
N GLY DB 89 103.20 -11.85 -41.89
CA GLY DB 89 102.38 -11.30 -42.92
C GLY DB 89 102.28 -12.23 -44.08
N PRO DB 90 101.70 -11.75 -45.15
CA PRO DB 90 101.65 -12.53 -46.38
C PRO DB 90 103.02 -12.56 -47.03
N ILE DB 91 103.02 -13.14 -48.21
CA ILE DB 91 104.26 -13.66 -48.73
C ILE DB 91 105.02 -12.65 -49.56
N GLU DB 92 104.33 -11.92 -50.40
CA GLU DB 92 105.00 -11.22 -51.47
C GLU DB 92 105.68 -9.96 -50.99
N GLU DB 93 105.15 -9.32 -49.95
CA GLU DB 93 105.83 -8.18 -49.36
C GLU DB 93 107.16 -8.60 -48.77
N LEU DB 94 107.18 -9.80 -48.22
CA LEU DB 94 108.39 -10.31 -47.62
C LEU DB 94 109.39 -10.65 -48.70
N THR DB 95 108.93 -11.30 -49.76
CA THR DB 95 109.83 -11.69 -50.85
C THR DB 95 110.36 -10.49 -51.61
N ALA DB 96 109.54 -9.46 -51.73
CA ALA DB 96 110.05 -8.24 -52.34
C ALA DB 96 111.11 -7.61 -51.47
N ARG DB 97 110.90 -7.59 -50.15
CA ARG DB 97 111.86 -6.93 -49.27
C ARG DB 97 113.20 -7.63 -49.31
N ILE DB 98 113.16 -8.96 -49.35
CA ILE DB 98 114.42 -9.66 -49.43
C ILE DB 98 115.07 -9.53 -50.80
N ALA DB 99 114.31 -9.56 -51.89
CA ALA DB 99 114.95 -9.47 -53.19
C ALA DB 99 115.49 -8.09 -53.44
N LYS DB 100 114.86 -7.10 -52.81
CA LYS DB 100 115.39 -5.76 -52.74
C LYS DB 100 116.73 -5.73 -52.06
N ALA DB 101 116.83 -6.35 -50.88
CA ALA DB 101 118.11 -6.31 -50.19
C ALA DB 101 119.17 -7.11 -50.93
N ALA DB 102 118.76 -8.14 -51.63
CA ALA DB 102 119.67 -8.98 -52.38
C ALA DB 102 119.89 -8.50 -53.79
N HIS DB 103 119.26 -7.37 -54.14
CA HIS DB 103 119.36 -6.76 -55.45
C HIS DB 103 118.94 -7.74 -56.54
N PHE DB 104 117.95 -8.54 -56.22
CA PHE DB 104 117.38 -9.43 -57.19
C PHE DB 104 116.06 -8.89 -57.65
N ARG DB 105 115.88 -8.88 -58.95
CA ARG DB 105 114.58 -8.60 -59.50
C ARG DB 105 113.61 -9.69 -59.11
N PHE DB 106 112.47 -9.30 -58.59
CA PHE DB 106 111.47 -10.23 -58.11
C PHE DB 106 110.26 -10.22 -59.02
N ARG DB 107 109.76 -11.39 -59.34
CA ARG DB 107 108.62 -11.49 -60.22
C ARG DB 107 107.77 -12.64 -59.76
N VAL DB 108 106.57 -12.73 -60.30
CA VAL DB 108 105.63 -13.78 -59.93
C VAL DB 108 105.08 -14.42 -61.18
N LEU DB 109 104.59 -15.64 -61.02
CA LEU DB 109 103.92 -16.40 -62.07
C LEU DB 109 102.59 -16.92 -61.60
N GLY DB 110 101.57 -16.69 -62.40
CA GLY DB 110 100.24 -17.10 -61.99
C GLY DB 110 99.62 -16.12 -61.01
N LYS DB 111 98.30 -16.14 -60.95
CA LYS DB 111 97.62 -15.20 -60.08
C LYS DB 111 97.66 -15.65 -58.63
N SER DB 112 97.61 -14.69 -57.76
CA SER DB 112 97.54 -15.01 -56.35
C SER DB 112 96.14 -15.52 -56.02
N PRO DB 113 96.02 -16.50 -55.15
CA PRO DB 113 94.71 -16.94 -54.71
C PRO DB 113 94.12 -15.89 -53.80
N SER DB 114 92.82 -15.99 -53.64
CA SER DB 114 92.11 -14.92 -52.99
C SER DB 114 92.17 -15.04 -51.50
N VAL DB 115 92.10 -16.26 -50.99
CA VAL DB 115 92.73 -16.39 -49.69
C VAL DB 115 94.22 -16.16 -49.85
N PRO DB 116 94.79 -15.26 -49.07
CA PRO DB 116 96.23 -15.06 -49.13
C PRO DB 116 96.89 -16.22 -48.44
N VAL DB 117 98.02 -16.63 -48.97
CA VAL DB 117 98.85 -17.56 -48.25
C VAL DB 117 99.69 -16.74 -47.27
N LEU DB 118 99.63 -17.12 -46.02
CA LEU DB 118 100.27 -16.37 -44.97
C LEU DB 118 101.42 -17.20 -44.47
N ILE DB 119 102.52 -16.55 -44.17
CA ILE DB 119 103.55 -17.26 -43.46
C ILE DB 119 103.91 -16.47 -42.24
N SER DB 120 104.38 -17.18 -41.27
CA SER DB 120 104.85 -16.54 -40.07
C SER DB 120 106.17 -17.19 -39.78
N ILE DB 121 107.23 -16.57 -40.23
CA ILE DB 121 108.56 -17.13 -40.10
C ILE DB 121 109.34 -16.22 -39.18
N SER DB 122 110.14 -16.83 -38.31
CA SER DB 122 110.85 -16.08 -37.27
C SER DB 122 112.13 -16.84 -36.96
N THR DB 123 113.26 -16.24 -37.29
CA THR DB 123 114.55 -16.81 -37.02
C THR DB 123 115.61 -15.73 -36.98
N LYS DB 124 116.85 -16.15 -36.71
CA LYS DB 124 117.90 -15.20 -36.44
C LYS DB 124 119.24 -15.75 -36.89
N ASP DB 125 119.83 -15.09 -37.90
CA ASP DB 125 121.21 -15.27 -38.38
C ASP DB 125 121.44 -16.67 -38.96
N GLU DB 126 120.68 -16.92 -40.02
CA GLU DB 126 120.67 -18.14 -40.81
C GLU DB 126 121.58 -17.92 -42.02
N SER DB 127 121.24 -18.48 -43.16
CA SER DB 127 121.65 -17.81 -44.37
C SER DB 127 120.44 -17.55 -45.23
N LEU DB 128 120.60 -16.55 -46.06
CA LEU DB 128 119.46 -15.98 -46.75
C LEU DB 128 118.83 -16.94 -47.72
N ALA DB 129 119.63 -17.72 -48.39
CA ALA DB 129 119.05 -18.68 -49.31
C ALA DB 129 118.29 -19.75 -48.55
N GLU DB 130 118.72 -20.03 -47.34
CA GLU DB 130 117.96 -20.94 -46.53
C GLU DB 130 116.69 -20.30 -46.05
N ILE DB 131 116.72 -18.99 -45.83
CA ILE DB 131 115.49 -18.27 -45.56
C ILE DB 131 114.54 -18.45 -46.71
N LEU DB 132 115.06 -18.38 -47.90
CA LEU DB 132 114.21 -18.68 -49.03
C LEU DB 132 113.72 -20.11 -49.01
N ARG DB 133 114.60 -21.03 -48.66
CA ARG DB 133 114.26 -22.44 -48.70
C ARG DB 133 113.18 -22.78 -47.70
N ASP DB 134 113.30 -22.30 -46.49
CA ASP DB 134 112.28 -22.69 -45.55
C ASP DB 134 111.03 -21.87 -45.69
N ILE DB 135 111.12 -20.68 -46.30
CA ILE DB 135 109.89 -20.02 -46.69
C ILE DB 135 109.14 -20.84 -47.70
N ASP DB 136 109.85 -21.37 -48.67
CA ASP DB 136 109.25 -22.27 -49.63
C ASP DB 136 108.65 -23.49 -48.96
N TYR DB 137 109.33 -23.97 -47.95
CA TYR DB 137 108.75 -25.06 -47.17
C TYR DB 137 107.50 -24.61 -46.45
N GLN DB 138 107.53 -23.42 -45.82
CA GLN DB 138 106.39 -22.92 -45.08
C GLN DB 138 105.19 -22.75 -45.96
N ALA DB 139 105.39 -22.20 -47.14
CA ALA DB 139 104.37 -22.25 -48.15
C ALA DB 139 104.63 -23.40 -49.10
N GLY DB 140 104.85 -24.57 -48.51
CA GLY DB 140 104.77 -25.80 -49.25
C GLY DB 140 103.42 -25.91 -49.91
N LYS DB 141 103.44 -26.25 -51.20
CA LYS DB 141 102.26 -26.68 -51.96
C LYS DB 141 101.26 -25.53 -52.21
N LYS DB 142 101.50 -24.37 -51.65
CA LYS DB 142 100.64 -23.24 -51.98
C LYS DB 142 101.45 -22.28 -52.84
N ALA DB 143 102.73 -22.14 -52.50
CA ALA DB 143 103.61 -21.25 -53.24
C ALA DB 143 104.87 -22.00 -53.62
N SER DB 144 105.63 -21.42 -54.55
CA SER DB 144 106.94 -21.97 -54.85
C SER DB 144 107.88 -20.84 -55.22
N ILE DB 145 109.14 -20.99 -54.87
CA ILE DB 145 110.17 -20.06 -55.25
C ILE DB 145 111.08 -20.72 -56.25
N HIS DB 146 111.37 -20.04 -57.33
CA HIS DB 146 112.46 -20.43 -58.18
C HIS DB 146 113.38 -19.26 -58.29
N VAL DB 147 114.66 -19.55 -58.40
CA VAL DB 147 115.67 -18.51 -58.42
C VAL DB 147 116.49 -18.71 -59.69
N TYR DB 148 116.70 -17.63 -60.43
CA TYR DB 148 117.67 -17.66 -61.50
C TYR DB 148 118.74 -16.64 -61.14
N PRO DB 149 119.81 -17.07 -60.49
CA PRO DB 149 120.86 -16.16 -60.04
C PRO DB 149 121.97 -15.99 -61.05
N ASN DB 150 121.95 -16.74 -62.14
CA ASN DB 150 122.70 -16.30 -63.30
C ASN DB 150 122.06 -15.06 -63.89
N SER DB 151 120.75 -14.92 -63.74
CA SER DB 151 120.07 -13.66 -63.86
C SER DB 151 120.02 -13.02 -62.48
N GLN DB 152 119.16 -12.09 -62.25
CA GLN DB 152 118.85 -11.78 -60.86
C GLN DB 152 117.37 -11.95 -60.74
N VAL DB 153 116.97 -13.18 -60.62
CA VAL DB 153 115.55 -13.48 -60.61
C VAL DB 153 115.25 -14.18 -59.32
N VAL DB 154 114.37 -13.60 -58.56
CA VAL DB 154 113.59 -14.30 -57.57
C VAL DB 154 112.18 -14.34 -58.10
N GLU DB 155 111.69 -15.52 -58.47
CA GLU DB 155 110.34 -15.64 -58.96
C GLU DB 155 109.52 -16.47 -58.00
N LEU DB 156 108.30 -16.01 -57.80
CA LEU DB 156 107.34 -16.66 -56.92
C LEU DB 156 106.20 -17.15 -57.80
N ARG DB 157 106.09 -18.46 -57.93
CA ARG DB 157 105.02 -19.05 -58.71
C ARG DB 157 103.92 -19.45 -57.75
N TYR DB 158 102.72 -18.93 -57.98
CA TYR DB 158 101.62 -19.32 -57.13
C TYR DB 158 101.11 -20.70 -57.51
N ALA DB 159 100.30 -21.28 -56.65
CA ALA DB 159 99.60 -22.49 -57.00
C ALA DB 159 98.51 -22.20 -58.02
N LYS DB 160 97.97 -23.26 -58.58
CA LYS DB 160 97.08 -23.08 -59.71
C LYS DB 160 95.76 -23.76 -59.45
N ILE DB 161 95.19 -23.52 -58.28
CA ILE DB 161 93.84 -23.94 -58.03
C ILE DB 161 93.10 -22.80 -57.35
N ALA EB 58 61.69 -33.51 29.42
CA ALA EB 58 61.46 -32.25 28.74
C ALA EB 58 62.77 -31.51 28.56
N LEU EB 59 63.04 -30.56 29.47
CA LEU EB 59 64.38 -30.03 29.69
C LEU EB 59 65.35 -31.16 29.92
N LYS EB 60 64.85 -32.09 30.69
CA LYS EB 60 65.34 -33.43 30.82
C LYS EB 60 65.70 -34.04 29.48
N GLU EB 61 64.72 -34.28 28.61
CA GLU EB 61 64.97 -35.06 27.40
C GLU EB 61 65.87 -34.32 26.45
N THR EB 62 65.79 -33.00 26.42
CA THR EB 62 66.73 -32.30 25.59
C THR EB 62 68.11 -32.26 26.17
N ALA EB 63 68.28 -32.34 27.49
CA ALA EB 63 69.62 -32.47 28.02
C ALA EB 63 70.22 -33.81 27.65
N LEU EB 64 69.39 -34.85 27.71
CA LEU EB 64 69.74 -36.15 27.16
C LEU EB 64 70.14 -36.06 25.70
N SER EB 65 69.31 -35.45 24.89
CA SER EB 65 69.53 -35.48 23.46
C SER EB 65 70.65 -34.55 23.04
N VAL EB 66 70.92 -33.52 23.83
CA VAL EB 66 72.15 -32.76 23.71
C VAL EB 66 73.33 -33.67 23.91
N GLY EB 67 73.27 -34.54 24.92
CA GLY EB 67 74.32 -35.51 25.02
C GLY EB 67 74.37 -36.53 23.92
N ALA EB 68 73.21 -36.89 23.37
CA ALA EB 68 73.06 -38.10 22.56
C ALA EB 68 73.90 -38.02 21.31
N GLN EB 69 73.61 -37.04 20.46
CA GLN EB 69 74.41 -36.80 19.28
C GLN EB 69 75.84 -36.42 19.61
N ALA EB 70 76.06 -35.79 20.78
CA ALA EB 70 77.40 -35.34 21.14
C ALA EB 70 78.35 -36.49 21.33
N GLY EB 71 78.00 -37.40 22.23
CA GLY EB 71 78.79 -38.60 22.39
C GLY EB 71 78.79 -39.48 21.17
N LEU EB 72 77.68 -39.49 20.42
CA LEU EB 72 77.61 -40.27 19.20
C LEU EB 72 78.64 -39.84 18.18
N ALA EB 73 78.70 -38.57 17.90
CA ALA EB 73 79.64 -38.08 16.90
C ALA EB 73 81.04 -38.06 17.45
N TRP EB 74 81.17 -37.84 18.76
CA TRP EB 74 82.46 -37.90 19.41
C TRP EB 74 83.08 -39.27 19.21
N ARG EB 75 82.28 -40.28 19.48
CA ARG EB 75 82.66 -41.66 19.26
C ARG EB 75 82.98 -41.92 17.80
N ALA EB 76 82.19 -41.33 16.90
CA ALA EB 76 82.38 -41.55 15.48
C ALA EB 76 83.72 -41.03 15.02
N LYS EB 77 84.11 -39.86 15.52
CA LYS EB 77 85.43 -39.34 15.18
C LYS EB 77 86.50 -40.24 15.73
N ILE EB 78 86.29 -40.80 16.92
CA ILE EB 78 87.31 -41.65 17.52
C ILE EB 78 87.52 -42.89 16.68
N ILE EB 79 86.45 -43.66 16.47
CA ILE EB 79 86.49 -44.87 15.67
C ILE EB 79 87.03 -44.63 14.27
N ASP EB 80 86.83 -43.43 13.74
CA ASP EB 80 87.41 -43.14 12.46
C ASP EB 80 88.94 -43.03 12.53
N GLU EB 81 89.51 -42.46 13.62
CA GLU EB 81 90.98 -42.51 13.57
C GLU EB 81 91.54 -43.90 13.84
N GLN EB 82 90.86 -44.72 14.63
CA GLN EB 82 91.54 -46.01 14.79
C GLN EB 82 91.35 -46.89 13.58
N LEU EB 83 90.27 -46.66 12.83
CA LEU EB 83 90.17 -47.21 11.50
C LEU EB 83 91.37 -46.82 10.66
N ASN EB 84 91.70 -45.54 10.68
CA ASN EB 84 92.78 -45.07 9.84
C ASN EB 84 94.12 -45.63 10.24
N LYS EB 85 94.40 -45.75 11.52
CA LYS EB 85 95.73 -46.25 11.84
C LYS EB 85 95.87 -47.74 11.57
N GLN EB 86 94.78 -48.48 11.60
CA GLN EB 86 94.95 -49.88 11.30
C GLN EB 86 94.47 -50.23 9.92
N ALA EB 87 94.40 -49.19 9.08
CA ALA EB 87 93.95 -49.35 7.71
C ALA EB 87 94.75 -50.39 6.98
N ARG EB 88 96.06 -50.38 7.16
CA ARG EB 88 96.94 -51.40 6.63
C ARG EB 88 96.54 -52.77 7.09
N ASN EB 89 96.20 -52.85 8.33
CA ASN EB 89 95.91 -54.11 8.92
C ASN EB 89 94.59 -54.59 8.43
N LEU EB 90 93.71 -53.63 8.15
CA LEU EB 90 92.36 -53.92 7.72
C LEU EB 90 92.33 -54.64 6.39
N ASP EB 91 92.91 -54.07 5.36
CA ASP EB 91 92.94 -54.76 4.09
C ASP EB 91 93.94 -55.89 4.11
N ALA EB 92 94.90 -55.80 5.02
CA ALA EB 92 95.90 -56.83 5.19
C ALA EB 92 95.19 -58.09 5.59
N ILE EB 93 94.13 -57.95 6.36
CA ILE EB 93 93.15 -58.99 6.44
C ILE EB 93 92.42 -59.10 5.11
N TYR EB 94 91.71 -58.06 4.73
CA TYR EB 94 90.68 -58.16 3.70
C TYR EB 94 91.18 -57.82 2.31
N ASP EB 95 92.07 -58.69 1.87
CA ASP EB 95 92.53 -58.72 0.49
C ASP EB 95 91.45 -59.34 -0.40
N PHE EB 96 90.62 -58.49 -0.99
CA PHE EB 96 89.47 -58.99 -1.73
C PHE EB 96 89.87 -59.57 -3.06
N ASN EB 97 90.85 -58.97 -3.68
CA ASN EB 97 91.32 -59.36 -5.01
C ASN EB 97 91.83 -60.78 -5.04
N SER EB 98 92.34 -61.23 -3.92
CA SER EB 98 92.67 -62.62 -3.74
C SER EB 98 91.45 -63.49 -3.91
N LEU EB 99 90.29 -62.96 -3.58
CA LEU EB 99 89.08 -63.71 -3.70
C LEU EB 99 88.38 -63.45 -5.01
N VAL EB 100 88.73 -62.42 -5.75
CA VAL EB 100 87.99 -62.16 -6.96
C VAL EB 100 88.41 -63.15 -8.04
N LEU EB 101 87.62 -63.19 -9.09
CA LEU EB 101 87.76 -64.22 -10.09
C LEU EB 101 88.49 -63.71 -11.32
N GLU EB 102 88.46 -64.55 -12.35
CA GLU EB 102 89.27 -64.43 -13.56
C GLU EB 102 88.94 -63.22 -14.38
N HIS EB 103 87.69 -62.85 -14.45
CA HIS EB 103 87.25 -61.77 -15.30
C HIS EB 103 86.75 -60.67 -14.41
N ASN EB 104 87.51 -60.47 -13.32
CA ASN EB 104 87.18 -59.80 -12.06
C ASN EB 104 85.70 -59.94 -11.72
N ILE EB 105 85.27 -61.18 -11.68
CA ILE EB 105 83.96 -61.52 -11.19
C ILE EB 105 84.06 -61.56 -9.70
N LEU EB 106 83.40 -60.64 -9.04
CA LEU EB 106 83.28 -60.76 -7.60
C LEU EB 106 82.41 -61.96 -7.28
N PRO EB 107 82.91 -62.89 -6.49
CA PRO EB 107 82.22 -64.17 -6.28
C PRO EB 107 81.07 -64.02 -5.30
N PRO EB 108 80.05 -64.89 -5.36
CA PRO EB 108 78.87 -64.70 -4.53
C PRO EB 108 79.14 -65.05 -3.07
N VAL EB 109 78.25 -64.62 -2.19
CA VAL EB 109 78.43 -64.88 -0.77
C VAL EB 109 77.55 -66.04 -0.38
N LEU EB 110 78.14 -67.08 0.18
CA LEU EB 110 77.37 -68.28 0.44
C LEU EB 110 77.18 -68.42 1.94
N LEU EB 111 76.08 -69.04 2.33
CA LEU EB 111 75.70 -69.08 3.72
C LEU EB 111 75.53 -70.50 4.23
N GLU EB 112 76.17 -70.74 5.36
CA GLU EB 112 76.20 -72.00 6.08
C GLU EB 112 74.91 -72.20 6.86
N GLY EB 113 74.54 -73.45 7.08
CA GLY EB 113 73.46 -73.79 7.97
C GLY EB 113 73.59 -75.12 8.68
N ARG EB 114 73.51 -75.10 10.00
CA ARG EB 114 73.37 -76.34 10.74
C ARG EB 114 72.13 -76.35 11.60
N ASN EB 115 71.65 -77.56 11.79
CA ASN EB 115 70.48 -77.98 12.56
C ASN EB 115 69.34 -76.97 12.50
N THR EB 116 69.01 -76.62 11.27
CA THR EB 116 67.92 -75.73 10.99
C THR EB 116 66.67 -76.49 11.37
N LEU EB 117 66.31 -76.39 12.62
CA LEU EB 117 65.06 -76.96 13.04
C LEU EB 117 64.11 -75.82 13.23
N ASN EB 118 63.20 -75.71 12.31
CA ASN EB 118 61.98 -75.03 12.61
C ASN EB 118 61.03 -76.11 13.04
N LEU EB 119 60.51 -75.99 14.24
CA LEU EB 119 59.26 -76.70 14.44
C LEU EB 119 58.31 -75.85 13.65
N ALA EB 120 57.54 -76.49 12.79
CA ALA EB 120 56.34 -75.79 12.40
C ALA EB 120 55.46 -75.62 13.60
N ASP EB 121 55.28 -76.70 14.35
CA ASP EB 121 54.24 -76.68 15.33
C ASP EB 121 54.46 -77.84 16.27
N ALA EB 122 53.44 -78.06 17.08
CA ALA EB 122 53.38 -79.15 18.03
C ALA EB 122 53.31 -80.51 17.38
N GLN EB 123 52.99 -80.54 16.09
CA GLN EB 123 52.67 -81.77 15.41
C GLN EB 123 53.73 -82.15 14.42
N SER EB 124 54.52 -81.18 13.96
CA SER EB 124 55.43 -81.45 12.87
C SER EB 124 56.61 -80.52 12.99
N ILE EB 125 57.79 -81.08 12.82
CA ILE EB 125 58.98 -80.28 12.84
C ILE EB 125 59.73 -80.54 11.55
N ARG EB 126 60.71 -79.70 11.29
CA ARG EB 126 61.42 -79.77 10.04
C ARG EB 126 62.80 -79.21 10.25
N ILE EB 127 63.77 -80.05 10.00
CA ILE EB 127 65.14 -79.79 10.29
C ILE EB 127 65.98 -80.14 9.09
N SER EB 128 66.84 -79.23 8.69
CA SER EB 128 68.01 -79.74 8.01
C SER EB 128 69.12 -79.82 9.01
N ASP EB 129 69.91 -80.84 8.81
CA ASP EB 129 71.24 -80.89 9.37
C ASP EB 129 72.11 -79.73 8.93
N ARG EB 130 71.85 -79.19 7.73
CA ARG EB 130 72.91 -78.51 7.02
C ARG EB 130 72.26 -77.84 5.84
N THR EB 131 72.72 -76.66 5.49
CA THR EB 131 71.92 -75.75 4.67
C THR EB 131 72.84 -74.73 4.02
N TYR EB 132 72.60 -74.39 2.77
CA TYR EB 132 73.38 -73.33 2.15
C TYR EB 132 72.55 -72.34 1.40
N LYS EB 133 72.88 -71.09 1.60
CA LYS EB 133 72.16 -70.01 0.97
C LYS EB 133 73.09 -69.22 0.10
N VAL EB 134 72.86 -69.28 -1.18
CA VAL EB 134 73.62 -68.41 -2.07
C VAL EB 134 72.95 -67.06 -1.99
N ALA EB 135 73.74 -66.06 -1.65
CA ALA EB 135 73.29 -64.70 -1.67
C ALA EB 135 74.24 -63.91 -2.54
N LYS EB 136 73.71 -62.86 -3.15
CA LYS EB 136 74.46 -61.84 -3.89
C LYS EB 136 75.35 -62.46 -4.96
N GLN EB 137 74.69 -63.02 -5.97
CA GLN EB 137 75.30 -63.86 -6.99
C GLN EB 137 76.46 -63.16 -7.70
N ALA EB 138 77.41 -63.97 -8.17
CA ALA EB 138 78.66 -63.51 -8.77
C ALA EB 138 78.43 -62.54 -9.91
N HIS EB 139 79.32 -61.57 -10.04
CA HIS EB 139 79.04 -60.51 -10.98
C HIS EB 139 80.33 -59.86 -11.43
N PHE EB 140 80.27 -59.19 -12.59
CA PHE EB 140 81.40 -58.39 -13.02
C PHE EB 140 81.59 -57.25 -12.03
N ILE EB 141 82.77 -57.10 -11.50
CA ILE EB 141 83.03 -55.96 -10.66
C ILE EB 141 84.04 -55.13 -11.42
N THR EB 142 84.01 -53.82 -11.23
CA THR EB 142 85.15 -53.05 -11.70
C THR EB 142 86.22 -53.02 -10.66
N THR EB 143 85.99 -52.23 -9.65
CA THR EB 143 86.98 -52.06 -8.64
C THR EB 143 86.60 -52.92 -7.45
N PRO EB 144 87.53 -53.71 -6.95
CA PRO EB 144 87.22 -54.67 -5.91
C PRO EB 144 86.91 -53.95 -4.61
N PRO EB 145 86.18 -54.59 -3.71
CA PRO EB 145 85.74 -53.93 -2.50
C PRO EB 145 86.91 -53.64 -1.55
N THR EB 146 86.67 -52.70 -0.67
CA THR EB 146 87.63 -52.40 0.37
C THR EB 146 87.02 -52.83 1.68
N TRP EB 147 87.47 -52.25 2.75
CA TRP EB 147 86.61 -52.21 3.92
C TRP EB 147 85.98 -50.87 4.15
N ARG EB 148 86.63 -49.77 3.75
CA ARG EB 148 86.21 -48.44 4.16
C ARG EB 148 84.86 -48.10 3.60
N GLN EB 149 84.51 -48.79 2.55
CA GLN EB 149 83.14 -48.92 2.10
C GLN EB 149 82.22 -49.46 3.20
N TYR EB 150 82.73 -50.16 4.21
CA TYR EB 150 81.86 -50.85 5.14
C TYR EB 150 82.11 -50.38 6.55
N LEU EB 151 83.26 -49.79 6.78
CA LEU EB 151 83.63 -49.53 8.15
C LEU EB 151 83.92 -48.09 8.44
N TRP EB 152 84.21 -47.29 7.43
CA TRP EB 152 84.44 -45.89 7.68
C TRP EB 152 83.16 -45.28 8.21
N MET EB 153 83.11 -45.11 9.51
CA MET EB 153 81.93 -44.53 10.11
C MET EB 153 81.86 -43.07 9.69
N ASP EB 154 80.66 -42.60 9.45
CA ASP EB 154 80.49 -41.20 9.10
C ASP EB 154 80.78 -40.38 10.33
N TYR EB 155 81.42 -39.27 10.12
CA TYR EB 155 81.60 -38.30 11.16
C TYR EB 155 81.10 -36.96 10.68
N VAL EB 156 80.18 -36.39 11.42
CA VAL EB 156 79.85 -35.00 11.29
C VAL EB 156 80.01 -34.38 12.66
N LYS EB 157 80.20 -33.07 12.70
CA LYS EB 157 80.31 -32.42 13.99
C LYS EB 157 79.14 -31.48 14.20
N PRO EB 158 78.24 -31.74 15.14
CA PRO EB 158 77.35 -30.68 15.61
C PRO EB 158 77.78 -30.14 16.96
N GLU EB 159 77.72 -28.82 17.11
CA GLU EB 159 77.67 -28.16 18.41
C GLU EB 159 76.43 -27.29 18.55
N ALA EB 160 75.34 -27.67 17.88
CA ALA EB 160 74.14 -26.84 17.83
C ALA EB 160 73.23 -27.15 19.01
N PRO EB 161 73.00 -26.19 19.92
CA PRO EB 161 72.05 -26.45 20.99
C PRO EB 161 70.62 -26.23 20.54
N LYS EB 173 69.35 -27.57 35.04
CA LYS EB 173 70.72 -27.09 34.98
C LYS EB 173 71.72 -28.21 35.34
N GLU EB 174 71.61 -28.76 36.54
CA GLU EB 174 72.39 -29.96 36.83
C GLU EB 174 71.83 -31.13 36.04
N ILE EB 175 70.53 -31.12 35.75
CA ILE EB 175 69.99 -32.11 34.85
C ILE EB 175 70.53 -31.90 33.46
N TRP EB 176 70.78 -30.64 33.07
CA TRP EB 176 71.44 -30.38 31.81
C TRP EB 176 72.78 -31.05 31.75
N CYS EB 177 73.60 -30.85 32.77
CA CYS EB 177 74.96 -31.37 32.70
C CYS EB 177 74.96 -32.89 32.78
N ILE EB 178 74.19 -33.46 33.70
CA ILE EB 178 74.27 -34.90 33.84
C ILE EB 178 73.56 -35.65 32.70
N TYR EB 179 72.52 -35.07 32.11
CA TYR EB 179 71.89 -35.84 31.05
C TYR EB 179 72.63 -35.65 29.76
N THR EB 180 73.37 -34.57 29.67
CA THR EB 180 74.31 -34.48 28.57
C THR EB 180 75.40 -35.52 28.70
N GLU EB 181 75.91 -35.79 29.89
CA GLU EB 181 76.84 -36.92 29.89
C GLU EB 181 76.17 -38.26 29.73
N ARG EB 182 74.92 -38.36 30.16
CA ARG EB 182 74.14 -39.56 29.91
C ARG EB 182 74.11 -39.88 28.44
N GLY EB 183 73.58 -38.95 27.66
CA GLY EB 183 73.51 -39.12 26.24
C GLY EB 183 74.87 -39.21 25.61
N TRP EB 184 75.86 -38.57 26.21
CA TRP EB 184 77.24 -38.71 25.77
C TRP EB 184 77.65 -40.18 25.77
N LYS EB 185 77.41 -40.85 26.89
CA LYS EB 185 77.62 -42.29 26.96
C LYS EB 185 76.75 -43.06 25.98
N ASN EB 186 75.54 -42.58 25.82
CA ASN EB 186 74.54 -43.31 25.06
C ASN EB 186 74.87 -43.31 23.58
N GLY EB 187 75.22 -42.14 23.07
CA GLY EB 187 75.65 -42.05 21.69
C GLY EB 187 76.91 -42.81 21.44
N ILE EB 188 77.81 -42.79 22.44
CA ILE EB 188 79.03 -43.59 22.38
C ILE EB 188 78.69 -45.04 22.13
N ASP EB 189 77.89 -45.62 22.98
CA ASP EB 189 77.82 -47.05 22.83
C ASP EB 189 76.82 -47.48 21.78
N GLN EB 190 75.88 -46.62 21.40
CA GLN EB 190 75.10 -47.00 20.25
C GLN EB 190 75.95 -46.96 18.99
N ALA EB 191 76.92 -46.03 18.95
CA ALA EB 191 77.85 -46.05 17.84
C ALA EB 191 78.72 -47.29 17.86
N ASN EB 192 79.03 -47.75 19.05
CA ASN EB 192 79.81 -48.97 19.18
C ASN EB 192 79.08 -50.15 18.63
N THR EB 193 77.80 -50.23 18.92
CA THR EB 193 76.98 -51.27 18.35
C THR EB 193 76.89 -51.13 16.85
N ILE EB 194 76.81 -49.90 16.38
CA ILE EB 194 76.77 -49.65 14.95
C ILE EB 194 78.01 -50.19 14.29
N LEU EB 195 79.13 -49.87 14.89
CA LEU EB 195 80.43 -50.36 14.49
C LEU EB 195 80.46 -51.86 14.43
N GLU EB 196 79.96 -52.46 15.49
CA GLU EB 196 79.89 -53.90 15.62
C GLU EB 196 79.14 -54.51 14.46
N GLU EB 197 78.05 -53.87 14.11
CA GLU EB 197 77.24 -54.34 13.01
C GLU EB 197 77.97 -54.21 11.70
N ASN EB 198 78.76 -53.16 11.58
CA ASN EB 198 79.52 -52.95 10.36
C ASN EB 198 80.51 -54.07 10.17
N ILE EB 199 81.13 -54.43 11.28
CA ILE EB 199 82.08 -55.50 11.30
C ILE EB 199 81.44 -56.79 10.91
N ALA EB 200 80.27 -57.03 11.46
CA ALA EB 200 79.57 -58.27 11.17
C ALA EB 200 79.18 -58.35 9.71
N ARG EB 201 78.86 -57.20 9.14
CA ARG EB 201 78.53 -57.16 7.74
C ARG EB 201 79.71 -57.54 6.90
N ILE EB 202 80.88 -57.03 7.27
CA ILE EB 202 82.01 -57.36 6.43
C ILE EB 202 82.43 -58.81 6.63
N LYS EB 203 82.18 -59.36 7.84
CA LYS EB 203 82.37 -60.79 8.07
C LYS EB 203 81.62 -61.58 7.05
N GLU EB 204 80.31 -61.42 7.10
CA GLU EB 204 79.41 -62.32 6.42
C GLU EB 204 79.59 -62.22 4.93
N ASP EB 205 79.99 -61.04 4.47
CA ASP EB 205 80.47 -60.94 3.11
C ASP EB 205 81.66 -61.83 2.89
N PHE EB 206 82.71 -61.63 3.68
CA PHE EB 206 83.99 -62.18 3.32
C PHE EB 206 83.97 -63.67 3.41
N GLY EB 207 83.40 -64.14 4.51
CA GLY EB 207 83.12 -65.53 4.69
C GLY EB 207 82.24 -66.08 3.62
N GLY EB 208 81.31 -65.27 3.11
CA GLY EB 208 80.46 -65.77 2.06
C GLY EB 208 81.22 -66.08 0.79
N MET EB 209 82.07 -65.16 0.34
CA MET EB 209 82.79 -65.49 -0.88
C MET EB 209 83.85 -66.55 -0.65
N ILE EB 210 84.35 -66.64 0.58
CA ILE EB 210 85.19 -67.76 0.95
C ILE EB 210 84.47 -69.05 0.69
N LEU EB 211 83.24 -69.11 1.17
CA LEU EB 211 82.44 -70.30 1.02
C LEU EB 211 82.09 -70.57 -0.43
N TYR EB 212 82.07 -69.52 -1.23
CA TYR EB 212 81.88 -69.79 -2.65
C TYR EB 212 83.05 -70.54 -3.19
N ARG EB 213 84.24 -70.06 -2.88
CA ARG EB 213 85.43 -70.74 -3.32
C ARG EB 213 85.54 -72.10 -2.68
N LYS EB 214 84.96 -72.23 -1.51
CA LYS EB 214 84.89 -73.51 -0.84
C LYS EB 214 84.08 -74.50 -1.61
N LEU EB 215 82.82 -74.20 -1.87
CA LEU EB 215 82.01 -75.21 -2.50
C LEU EB 215 82.32 -75.37 -3.94
N LEU EB 216 82.95 -74.36 -4.50
CA LEU EB 216 83.51 -74.53 -5.81
C LEU EB 216 84.65 -75.50 -5.72
N ALA EB 217 85.41 -75.43 -4.64
CA ALA EB 217 86.40 -76.47 -4.43
C ALA EB 217 85.74 -77.77 -4.03
N MET EB 218 84.53 -77.73 -3.57
CA MET EB 218 83.91 -78.95 -3.14
C MET EB 218 83.03 -79.55 -4.19
N ASN EB 219 83.02 -78.97 -5.38
CA ASN EB 219 82.07 -79.25 -6.43
C ASN EB 219 80.65 -79.04 -5.95
N MET EB 220 80.48 -78.20 -4.95
CA MET EB 220 79.16 -78.08 -4.40
C MET EB 220 78.48 -76.87 -4.98
N VAL EB 221 79.24 -75.99 -5.59
CA VAL EB 221 78.66 -74.98 -6.46
C VAL EB 221 79.38 -75.04 -7.80
N SER EB 222 78.82 -74.33 -8.75
CA SER EB 222 79.22 -74.27 -10.13
C SER EB 222 80.05 -73.01 -10.36
N PRO EB 223 80.85 -72.94 -11.42
CA PRO EB 223 81.57 -71.72 -11.73
C PRO EB 223 80.65 -70.68 -12.34
N PRO EB 224 81.11 -69.44 -12.47
CA PRO EB 224 80.50 -68.58 -13.48
C PRO EB 224 80.97 -68.98 -14.86
N TYR EB 225 80.05 -69.52 -15.63
CA TYR EB 225 80.28 -69.92 -17.01
C TYR EB 225 79.97 -68.72 -17.89
N VAL EB 226 80.96 -68.23 -18.62
CA VAL EB 226 80.79 -66.99 -19.36
C VAL EB 226 80.92 -67.27 -20.85
N SER EB 227 80.62 -66.26 -21.66
CA SER EB 227 81.03 -66.22 -23.06
C SER EB 227 81.57 -64.83 -23.31
N HIS EB 228 82.85 -64.76 -23.64
CA HIS EB 228 83.40 -63.54 -24.22
C HIS EB 228 83.30 -63.70 -25.72
N THR EB 229 82.50 -62.86 -26.33
CA THR EB 229 82.49 -62.80 -27.77
C THR EB 229 83.19 -61.52 -28.19
N ASP EB 230 84.06 -61.62 -29.16
CA ASP EB 230 84.86 -60.48 -29.53
C ASP EB 230 84.47 -59.98 -30.90
N LEU EB 231 84.74 -58.71 -31.13
CA LEU EB 231 84.47 -58.02 -32.36
C LEU EB 231 85.73 -57.31 -32.78
N GLY EB 232 85.94 -57.24 -34.09
CA GLY EB 232 87.13 -56.62 -34.63
C GLY EB 232 87.04 -55.11 -34.61
N VAL EB 233 87.50 -54.49 -35.69
CA VAL EB 233 87.28 -53.06 -35.83
C VAL EB 233 85.80 -52.82 -35.97
N THR EB 234 85.26 -52.03 -35.06
CA THR EB 234 83.85 -51.74 -35.10
C THR EB 234 83.68 -50.25 -35.17
N GLY EB 235 82.85 -49.81 -36.09
CA GLY EB 235 82.46 -48.44 -36.14
C GLY EB 235 82.59 -47.83 -37.52
N ASP EB 236 82.14 -46.60 -37.61
CA ASP EB 236 81.85 -45.94 -38.87
C ASP EB 236 82.96 -44.98 -39.25
N GLY EB 237 82.70 -44.15 -40.25
CA GLY EB 237 83.65 -43.15 -40.65
C GLY EB 237 83.86 -42.04 -39.65
N SER EB 238 82.94 -41.88 -38.70
CA SER EB 238 83.19 -40.90 -37.65
C SER EB 238 83.61 -41.53 -36.35
N GLU EB 239 83.28 -42.77 -36.13
CA GLU EB 239 83.63 -43.38 -34.88
C GLU EB 239 84.08 -44.77 -35.23
N ILE EB 240 85.22 -45.20 -34.75
CA ILE EB 240 85.53 -46.61 -34.81
C ILE EB 240 85.98 -47.08 -33.46
N HIS EB 241 85.92 -48.39 -33.29
CA HIS EB 241 86.55 -49.06 -32.18
C HIS EB 241 87.28 -50.23 -32.78
N ILE EB 242 88.58 -50.27 -32.55
CA ILE EB 242 89.47 -51.20 -33.21
C ILE EB 242 89.28 -52.61 -32.69
N ASP EB 243 89.01 -52.77 -31.41
CA ASP EB 243 88.63 -54.09 -30.91
C ASP EB 243 87.60 -53.99 -29.80
N ASP EB 244 86.44 -54.56 -30.04
CA ASP EB 244 85.38 -54.56 -29.07
C ASP EB 244 85.17 -55.97 -28.55
N ARG EB 245 85.67 -56.22 -27.36
CA ARG EB 245 85.24 -57.41 -26.67
C ARG EB 245 83.98 -57.08 -25.90
N VAL EB 246 83.02 -58.00 -25.96
CA VAL EB 246 81.89 -57.97 -25.05
C VAL EB 246 81.89 -59.28 -24.31
N LEU EB 247 81.59 -59.20 -23.04
CA LEU EB 247 81.64 -60.37 -22.19
C LEU EB 247 80.32 -60.50 -21.48
N ARG EB 248 79.65 -61.60 -21.73
CA ARG EB 248 78.47 -61.90 -20.99
C ARG EB 248 78.80 -63.07 -20.08
N ILE EB 249 78.22 -63.04 -18.92
CA ILE EB 249 78.32 -64.13 -17.99
C ILE EB 249 77.10 -64.98 -18.28
N THR EB 250 77.30 -66.10 -18.95
CA THR EB 250 76.16 -66.88 -19.38
C THR EB 250 75.51 -67.57 -18.20
N ALA EB 251 76.23 -68.47 -17.54
CA ALA EB 251 75.67 -69.24 -16.43
C ALA EB 251 76.29 -68.81 -15.11
N LEU EB 252 75.46 -68.42 -14.17
CA LEU EB 252 75.94 -67.95 -12.88
C LEU EB 252 76.40 -69.12 -12.03
N PRO EB 253 77.17 -68.84 -10.98
CA PRO EB 253 77.38 -69.85 -9.94
C PRO EB 253 76.07 -70.23 -9.28
N GLU EB 254 75.98 -71.50 -8.90
CA GLU EB 254 74.79 -72.08 -8.29
C GLU EB 254 75.15 -73.39 -7.60
N LEU EB 255 74.42 -73.71 -6.53
CA LEU EB 255 74.65 -74.95 -5.81
C LEU EB 255 74.21 -76.14 -6.64
N ASN EB 256 75.12 -77.07 -6.90
CA ASN EB 256 74.70 -78.26 -7.60
C ASN EB 256 73.89 -79.13 -6.66
N VAL EB 257 73.02 -79.96 -7.23
CA VAL EB 257 72.15 -80.74 -6.39
C VAL EB 257 72.44 -82.21 -6.47
N ASN EB 258 73.04 -82.67 -7.54
CA ASN EB 258 73.49 -84.05 -7.55
C ASN EB 258 74.78 -84.06 -6.77
N SER EB 259 74.67 -84.49 -5.53
CA SER EB 259 75.78 -84.46 -4.61
C SER EB 259 76.76 -85.56 -4.86
N ALA EB 260 76.42 -86.51 -5.72
CA ALA EB 260 77.30 -87.61 -6.05
C ALA EB 260 78.59 -87.14 -6.66
N GLU EB 261 78.56 -86.00 -7.31
CA GLU EB 261 79.67 -85.47 -8.05
C GLU EB 261 80.45 -84.51 -7.21
N TRP EB 262 80.21 -84.53 -5.91
CA TRP EB 262 80.88 -83.60 -5.05
C TRP EB 262 82.32 -83.99 -4.84
N ARG EB 263 82.95 -83.24 -3.96
CA ARG EB 263 84.36 -83.39 -3.74
C ARG EB 263 84.52 -83.34 -2.24
N ALA EB 264 84.91 -84.44 -1.64
CA ALA EB 264 84.96 -84.51 -0.19
C ALA EB 264 86.39 -84.76 0.24
N ALA EB 265 87.02 -83.74 0.75
CA ALA EB 265 88.44 -83.79 1.02
C ALA EB 265 88.67 -84.23 2.46
N VAL EB 266 89.38 -85.31 2.62
CA VAL EB 266 89.92 -85.66 3.91
C VAL EB 266 91.20 -84.87 4.07
N ALA EB 267 91.59 -84.59 5.29
CA ALA EB 267 92.83 -83.86 5.48
C ALA EB 267 93.70 -84.62 6.46
N LYS EB 268 94.96 -84.22 6.56
CA LYS EB 268 95.94 -84.96 7.35
C LYS EB 268 96.78 -84.03 8.22
N PHE FB 25 122.09 -44.69 22.92
CA PHE FB 25 120.84 -45.20 23.48
C PHE FB 25 119.70 -45.06 22.47
N LYS FB 26 118.92 -46.12 22.32
CA LYS FB 26 117.90 -46.18 21.29
C LYS FB 26 116.52 -45.98 21.86
N LYS FB 27 115.56 -46.00 20.94
CA LYS FB 27 114.15 -45.76 21.18
C LYS FB 27 113.38 -46.96 20.69
N PRO FB 28 112.19 -47.21 21.23
CA PRO FB 28 111.39 -48.33 20.77
C PRO FB 28 110.79 -48.05 19.41
N PRO FB 29 110.29 -49.07 18.73
CA PRO FB 29 109.58 -48.85 17.47
C PRO FB 29 108.32 -48.07 17.69
N ILE FB 30 107.91 -47.37 16.66
CA ILE FB 30 106.85 -46.40 16.80
C ILE FB 30 105.50 -47.05 16.55
N ASN FB 31 105.31 -47.64 15.38
CA ASN FB 31 104.11 -48.42 15.13
C ASN FB 31 104.38 -49.89 15.46
N ASN FB 32 104.68 -50.10 16.69
CA ASN FB 32 104.82 -51.43 17.24
C ASN FB 32 103.52 -51.89 17.87
N PRO FB 33 103.24 -53.17 17.85
CA PRO FB 33 102.01 -53.66 18.50
C PRO FB 33 102.16 -53.70 20.01
N SER FB 34 101.95 -52.58 20.69
CA SER FB 34 102.07 -52.54 22.15
C SER FB 34 100.77 -52.82 22.84
N ASP FB 35 99.78 -53.27 22.09
CA ASP FB 35 98.48 -53.43 22.67
C ASP FB 35 98.05 -54.86 22.44
N ASP FB 36 97.38 -55.38 23.47
CA ASP FB 36 97.06 -56.78 23.50
C ASP FB 36 96.05 -57.15 22.44
N ALA FB 37 95.22 -56.22 22.00
CA ALA FB 37 94.45 -56.52 20.80
C ALA FB 37 95.35 -56.55 19.60
N THR FB 38 96.16 -55.53 19.48
CA THR FB 38 96.83 -55.22 18.23
C THR FB 38 97.86 -56.21 17.88
N ILE FB 39 98.45 -56.84 18.88
CA ILE FB 39 99.29 -57.97 18.59
C ILE FB 39 98.49 -59.02 17.85
N LYS FB 40 97.37 -59.45 18.42
CA LYS FB 40 96.57 -60.54 17.89
C LYS FB 40 96.03 -60.21 16.54
N LEU FB 41 95.69 -58.93 16.37
CA LEU FB 41 95.49 -58.34 15.07
C LEU FB 41 96.65 -58.63 14.14
N ALA FB 42 97.86 -58.36 14.59
CA ALA FB 42 98.97 -58.41 13.65
C ALA FB 42 99.32 -59.82 13.23
N GLU FB 43 99.39 -60.76 14.16
CA GLU FB 43 99.61 -62.10 13.64
C GLU FB 43 98.40 -62.71 12.97
N ALA FB 44 97.20 -62.21 13.26
CA ALA FB 44 96.06 -62.59 12.45
C ALA FB 44 96.29 -62.18 11.01
N ALA FB 45 96.83 -60.98 10.82
CA ALA FB 45 97.17 -60.52 9.49
C ALA FB 45 98.23 -61.39 8.86
N VAL FB 46 99.16 -61.83 9.67
CA VAL FB 46 100.21 -62.64 9.12
C VAL FB 46 99.69 -63.96 8.67
N SER FB 47 98.82 -64.54 9.47
CA SER FB 47 98.25 -65.82 9.17
C SER FB 47 97.37 -65.77 7.95
N VAL FB 48 96.59 -64.71 7.82
CA VAL FB 48 95.74 -64.63 6.65
C VAL FB 48 96.59 -64.42 5.41
N SER FB 49 97.68 -63.67 5.55
CA SER FB 49 98.57 -63.41 4.46
C SER FB 49 99.23 -64.67 3.97
N ASP FB 50 99.69 -65.47 4.89
CA ASP FB 50 100.38 -66.63 4.42
C ASP FB 50 99.41 -67.63 3.87
N SER FB 51 98.28 -67.79 4.51
CA SER FB 51 97.39 -68.81 4.04
C SER FB 51 96.71 -68.43 2.76
N MET FB 52 96.62 -67.14 2.47
CA MET FB 52 96.26 -66.78 1.13
C MET FB 52 97.44 -66.97 0.21
N LEU FB 53 98.66 -66.91 0.75
CA LEU FB 53 99.79 -67.21 -0.11
C LEU FB 53 99.78 -68.67 -0.51
N GLU FB 54 99.39 -69.54 0.40
CA GLU FB 54 99.31 -70.92 -0.04
C GLU FB 54 98.11 -71.20 -0.89
N MET FB 55 96.98 -70.51 -0.63
CA MET FB 55 95.88 -70.42 -1.60
C MET FB 55 96.39 -70.15 -2.98
N ALA FB 56 97.23 -69.14 -3.09
CA ALA FB 56 97.74 -68.75 -4.38
C ALA FB 56 98.69 -69.79 -4.95
N LYS FB 57 99.48 -70.38 -4.08
CA LYS FB 57 100.48 -71.30 -4.58
C LYS FB 57 99.82 -72.53 -5.10
N VAL FB 58 98.75 -72.95 -4.46
CA VAL FB 58 98.10 -74.14 -4.93
C VAL FB 58 97.19 -73.80 -6.08
N GLU FB 59 96.80 -72.55 -6.21
CA GLU FB 59 96.01 -72.18 -7.36
C GLU FB 59 96.85 -71.81 -8.58
N LYS FB 60 98.13 -71.55 -8.40
CA LYS FB 60 98.91 -70.89 -9.43
C LYS FB 60 99.33 -71.91 -10.47
N VAL FB 61 98.59 -71.99 -11.57
CA VAL FB 61 99.04 -72.82 -12.68
C VAL FB 61 100.14 -72.06 -13.41
N ILE FB 62 101.22 -72.77 -13.74
CA ILE FB 62 102.28 -72.18 -14.54
C ILE FB 62 102.71 -73.16 -15.62
N THR FB 63 103.75 -72.79 -16.37
CA THR FB 63 104.45 -73.63 -17.33
C THR FB 63 105.94 -73.61 -17.03
N PRO FB 64 106.67 -74.68 -17.40
CA PRO FB 64 108.11 -74.62 -17.29
C PRO FB 64 108.68 -73.73 -18.37
N PRO FB 65 109.78 -73.02 -18.10
CA PRO FB 65 110.46 -72.29 -19.15
C PRO FB 65 111.07 -73.19 -20.20
N SER FB 66 111.22 -74.48 -19.92
CA SER FB 66 111.60 -75.41 -20.96
C SER FB 66 110.44 -75.74 -21.87
N LYS FB 67 109.23 -75.65 -21.38
CA LYS FB 67 108.09 -75.98 -22.21
C LYS FB 67 107.11 -74.83 -22.21
N ASP FB 68 107.62 -73.65 -22.49
CA ASP FB 68 106.81 -72.45 -22.56
C ASP FB 68 106.37 -72.09 -23.97
N ASN FB 69 107.04 -72.63 -24.99
CA ASN FB 69 106.63 -72.64 -26.40
C ASN FB 69 106.60 -71.25 -27.06
N THR FB 70 107.02 -70.20 -26.37
CA THR FB 70 107.11 -68.89 -27.00
C THR FB 70 108.35 -68.81 -27.88
N LEU FB 71 108.31 -67.91 -28.86
CA LEU FB 71 109.39 -67.78 -29.83
C LEU FB 71 110.63 -67.20 -29.17
N THR FB 72 111.77 -67.80 -29.46
CA THR FB 72 112.99 -67.22 -28.94
C THR FB 72 113.41 -66.05 -29.78
N ILE FB 73 114.40 -65.35 -29.27
CA ILE FB 73 114.99 -64.23 -29.96
C ILE FB 73 116.06 -64.78 -30.90
N PRO FB 74 115.89 -64.62 -32.21
CA PRO FB 74 116.69 -65.37 -33.18
C PRO FB 74 118.02 -64.74 -33.53
N ASN FB 75 118.46 -63.74 -32.76
CA ASN FB 75 119.84 -63.25 -32.67
C ASN FB 75 120.48 -62.85 -34.01
N ALA FB 76 119.68 -62.43 -34.98
CA ALA FB 76 120.28 -61.84 -36.17
C ALA FB 76 120.73 -60.43 -35.86
N TYR FB 77 121.85 -60.04 -36.45
CA TYR FB 77 122.32 -58.69 -36.21
C TYR FB 77 121.44 -57.67 -36.89
N ASN FB 78 120.81 -58.06 -38.00
CA ASN FB 78 119.75 -57.24 -38.56
C ASN FB 78 118.55 -57.21 -37.64
N LEU FB 79 118.34 -58.27 -36.89
CA LEU FB 79 117.28 -58.26 -35.90
C LEU FB 79 117.63 -57.41 -34.70
N GLN FB 80 118.91 -57.09 -34.51
CA GLN FB 80 119.38 -56.39 -33.35
C GLN FB 80 119.00 -54.90 -33.34
N ALA FB 81 118.33 -54.42 -34.37
CA ALA FB 81 117.91 -53.04 -34.41
C ALA FB 81 116.81 -52.76 -33.38
N ARG FB 82 117.03 -51.73 -32.56
CA ARG FB 82 115.99 -51.22 -31.68
C ARG FB 82 115.06 -50.34 -32.48
N ALA FB 83 113.78 -50.34 -32.14
CA ALA FB 83 112.78 -49.71 -33.00
C ALA FB 83 111.74 -48.95 -32.16
N SER FB 84 110.71 -48.46 -32.84
CA SER FB 84 109.66 -47.68 -32.19
C SER FB 84 108.37 -47.77 -33.00
N VAL FB 85 107.37 -48.46 -32.46
CA VAL FB 85 106.10 -48.64 -33.17
C VAL FB 85 104.93 -48.46 -32.22
N ASP FB 86 103.95 -47.68 -32.62
CA ASP FB 86 102.61 -47.79 -32.08
C ASP FB 86 101.66 -48.06 -33.21
N TRP FB 87 100.88 -49.13 -33.07
CA TRP FB 87 100.00 -49.57 -34.12
C TRP FB 87 99.07 -50.62 -33.60
N SER FB 88 97.86 -50.62 -34.11
CA SER FB 88 96.97 -51.70 -33.84
C SER FB 88 96.43 -52.25 -35.13
N GLY FB 89 96.13 -53.52 -35.14
CA GLY FB 89 95.36 -54.06 -36.21
C GLY FB 89 95.87 -55.44 -36.53
N PRO FB 90 95.82 -55.81 -37.80
CA PRO FB 90 96.13 -57.18 -38.17
C PRO FB 90 97.59 -57.37 -38.51
N ILE FB 91 98.12 -58.44 -37.96
CA ILE FB 91 99.55 -58.60 -37.74
C ILE FB 91 100.38 -58.66 -39.02
N GLU FB 92 99.79 -59.09 -40.14
CA GLU FB 92 100.56 -59.53 -41.28
C GLU FB 92 101.23 -58.38 -41.99
N GLU FB 93 100.53 -57.27 -42.09
CA GLU FB 93 101.07 -56.03 -42.61
C GLU FB 93 102.24 -55.55 -41.76
N LEU FB 94 102.07 -55.60 -40.44
CA LEU FB 94 103.10 -55.14 -39.53
C LEU FB 94 104.35 -56.00 -39.65
N THR FB 95 104.14 -57.30 -39.82
CA THR FB 95 105.26 -58.22 -39.98
C THR FB 95 106.02 -57.96 -41.26
N ALA FB 96 105.29 -57.71 -42.34
CA ALA FB 96 105.97 -57.39 -43.59
C ALA FB 96 106.81 -56.13 -43.45
N ARG FB 97 106.25 -55.13 -42.78
CA ARG FB 97 106.98 -53.88 -42.68
C ARG FB 97 108.15 -53.95 -41.72
N ILE FB 98 108.03 -54.69 -40.63
CA ILE FB 98 109.23 -54.89 -39.83
C ILE FB 98 110.21 -55.81 -40.52
N ALA FB 99 109.77 -56.71 -41.40
CA ALA FB 99 110.68 -57.60 -42.08
C ALA FB 99 111.57 -56.82 -43.02
N LYS FB 100 110.96 -55.92 -43.76
CA LYS FB 100 111.75 -55.05 -44.60
C LYS FB 100 112.53 -54.03 -43.79
N ALA FB 101 112.07 -53.67 -42.61
CA ALA FB 101 112.90 -52.88 -41.71
C ALA FB 101 114.12 -53.68 -41.29
N ALA FB 102 113.95 -54.97 -41.13
CA ALA FB 102 114.99 -55.86 -40.68
C ALA FB 102 115.75 -56.47 -41.81
N HIS FB 103 115.49 -56.03 -43.04
CA HIS FB 103 116.11 -56.53 -44.24
C HIS FB 103 115.84 -58.01 -44.43
N PHE FB 104 114.67 -58.45 -44.04
CA PHE FB 104 114.38 -59.86 -44.12
C PHE FB 104 113.26 -60.08 -45.11
N ARG FB 105 113.28 -61.24 -45.73
CA ARG FB 105 112.10 -61.54 -46.50
C ARG FB 105 111.05 -62.12 -45.57
N PHE FB 106 109.81 -61.97 -45.99
CA PHE FB 106 108.64 -62.31 -45.19
C PHE FB 106 107.78 -63.26 -45.99
N ARG FB 107 107.61 -64.45 -45.47
CA ARG FB 107 106.61 -65.32 -46.05
C ARG FB 107 105.54 -65.59 -45.01
N VAL FB 108 104.36 -65.88 -45.52
CA VAL FB 108 103.21 -66.16 -44.70
C VAL FB 108 102.68 -67.52 -45.10
N LEU FB 109 102.43 -68.35 -44.12
CA LEU FB 109 102.01 -69.72 -44.30
C LEU FB 109 100.64 -69.89 -43.67
N GLY FB 110 99.79 -70.63 -44.34
CA GLY FB 110 98.42 -70.77 -43.92
C GLY FB 110 97.56 -69.67 -44.50
N LYS FB 111 96.27 -69.86 -44.36
CA LYS FB 111 95.28 -68.91 -44.83
C LYS FB 111 94.92 -67.94 -43.70
N SER FB 112 94.58 -66.73 -44.08
CA SER FB 112 94.26 -65.77 -43.04
C SER FB 112 92.76 -65.78 -42.78
N PRO FB 113 92.37 -65.66 -41.51
CA PRO FB 113 90.95 -65.69 -41.17
C PRO FB 113 90.26 -64.42 -41.61
N SER FB 114 88.95 -64.57 -41.87
CA SER FB 114 88.12 -63.43 -42.22
C SER FB 114 88.05 -62.45 -41.07
N VAL FB 115 87.96 -62.94 -39.84
CA VAL FB 115 88.18 -62.04 -38.72
C VAL FB 115 89.68 -61.80 -38.66
N PRO FB 116 90.09 -60.55 -38.59
CA PRO FB 116 91.52 -60.26 -38.59
C PRO FB 116 92.10 -60.61 -37.24
N VAL FB 117 93.35 -61.04 -37.29
CA VAL FB 117 94.06 -61.36 -36.08
C VAL FB 117 94.67 -60.06 -35.55
N LEU FB 118 93.94 -59.43 -34.65
CA LEU FB 118 94.26 -58.08 -34.29
C LEU FB 118 95.27 -58.03 -33.17
N ILE FB 119 96.17 -57.07 -33.26
CA ILE FB 119 97.15 -56.88 -32.22
C ILE FB 119 97.24 -55.40 -31.95
N SER FB 120 98.08 -55.05 -31.00
CA SER FB 120 98.23 -53.67 -30.59
C SER FB 120 99.56 -53.53 -29.88
N ILE FB 121 100.44 -52.73 -30.44
CA ILE FB 121 101.78 -52.51 -29.90
C ILE FB 121 101.99 -51.02 -29.73
N SER FB 122 102.58 -50.63 -28.61
CA SER FB 122 102.87 -49.23 -28.36
C SER FB 122 104.22 -49.14 -27.66
N THR FB 123 105.26 -48.89 -28.42
CA THR FB 123 106.58 -48.79 -27.84
C THR FB 123 107.42 -47.74 -28.55
N LYS FB 124 108.38 -47.24 -27.79
CA LYS FB 124 109.20 -46.12 -28.17
C LYS FB 124 110.66 -46.48 -28.36
N ASP FB 125 111.17 -47.46 -27.63
CA ASP FB 125 112.56 -47.86 -27.80
C ASP FB 125 112.65 -49.36 -27.48
N GLU FB 126 112.55 -50.18 -28.51
CA GLU FB 126 112.49 -51.61 -28.27
C GLU FB 126 113.11 -52.32 -29.45
N SER FB 127 113.84 -53.39 -29.16
CA SER FB 127 114.42 -54.12 -30.23
C SER FB 127 113.39 -54.90 -31.00
N LEU FB 128 113.73 -55.07 -32.26
CA LEU FB 128 112.85 -55.60 -33.27
C LEU FB 128 112.44 -57.02 -32.97
N ALA FB 129 113.36 -57.80 -32.44
CA ALA FB 129 113.05 -59.20 -32.19
C ALA FB 129 112.12 -59.37 -31.02
N GLU FB 130 112.27 -58.57 -29.97
CA GLU FB 130 111.33 -58.78 -28.88
C GLU FB 130 110.00 -58.15 -29.19
N ILE FB 131 109.99 -57.22 -30.14
CA ILE FB 131 108.74 -56.83 -30.74
C ILE FB 131 108.09 -58.01 -31.43
N LEU FB 132 108.88 -58.76 -32.19
CA LEU FB 132 108.39 -60.00 -32.79
C LEU FB 132 107.92 -60.99 -31.75
N ARG FB 133 108.63 -61.04 -30.62
CA ARG FB 133 108.24 -61.90 -29.52
C ARG FB 133 106.88 -61.53 -29.00
N ASP FB 134 106.66 -60.24 -28.84
CA ASP FB 134 105.40 -59.79 -28.30
C ASP FB 134 104.26 -60.09 -29.25
N ILE FB 135 104.50 -59.93 -30.53
CA ILE FB 135 103.37 -60.14 -31.41
C ILE FB 135 103.12 -61.60 -31.63
N ASP FB 136 104.15 -62.43 -31.51
CA ASP FB 136 103.94 -63.85 -31.54
C ASP FB 136 103.12 -64.28 -30.34
N TYR FB 137 103.42 -63.66 -29.21
CA TYR FB 137 102.70 -63.89 -27.97
C TYR FB 137 101.26 -63.46 -28.10
N GLN FB 138 101.05 -62.26 -28.59
CA GLN FB 138 99.72 -61.72 -28.72
C GLN FB 138 98.94 -62.47 -29.76
N ALA FB 139 99.63 -63.01 -30.76
CA ALA FB 139 99.00 -63.88 -31.72
C ALA FB 139 98.56 -65.16 -31.05
N GLY FB 140 99.40 -65.69 -30.17
CA GLY FB 140 99.08 -66.86 -29.41
C GLY FB 140 98.86 -68.05 -30.30
N LYS FB 141 97.72 -68.69 -30.18
CA LYS FB 141 97.44 -69.92 -30.90
C LYS FB 141 96.69 -69.66 -32.18
N LYS FB 142 96.32 -68.42 -32.45
CA LYS FB 142 95.71 -68.13 -33.73
C LYS FB 142 96.74 -68.24 -34.83
N ALA FB 143 97.93 -67.75 -34.56
CA ALA FB 143 98.99 -67.68 -35.55
C ALA FB 143 100.30 -67.52 -34.79
N SER FB 144 101.39 -67.69 -35.49
CA SER FB 144 102.68 -67.57 -34.85
C SER FB 144 103.77 -67.29 -35.85
N ILE FB 145 104.98 -67.18 -35.32
CA ILE FB 145 106.10 -66.63 -36.03
C ILE FB 145 107.24 -67.62 -36.09
N HIS FB 146 107.60 -68.02 -37.28
CA HIS FB 146 108.89 -68.65 -37.52
C HIS FB 146 109.89 -67.63 -37.99
N VAL FB 147 111.10 -67.70 -37.46
CA VAL FB 147 112.20 -66.92 -37.96
C VAL FB 147 113.29 -67.87 -38.41
N TYR FB 148 113.78 -67.70 -39.63
CA TYR FB 148 114.98 -68.40 -40.06
C TYR FB 148 116.02 -67.35 -40.37
N PRO FB 149 116.94 -67.08 -39.45
CA PRO FB 149 117.92 -66.02 -39.68
C PRO FB 149 119.04 -66.45 -40.59
N ASN FB 150 119.20 -67.75 -40.84
CA ASN FB 150 120.16 -68.16 -41.86
C ASN FB 150 119.68 -67.75 -43.24
N SER FB 151 118.39 -67.89 -43.49
CA SER FB 151 117.79 -67.43 -44.72
C SER FB 151 117.22 -66.03 -44.59
N GLN FB 152 117.29 -65.46 -43.37
CA GLN FB 152 116.93 -64.07 -43.09
C GLN FB 152 115.49 -63.76 -43.47
N VAL FB 153 114.60 -64.41 -42.76
CA VAL FB 153 113.18 -64.42 -43.07
C VAL FB 153 112.37 -64.51 -41.80
N VAL FB 154 111.30 -63.75 -41.74
CA VAL FB 154 110.22 -64.11 -40.86
C VAL FB 154 109.05 -64.65 -41.66
N GLU FB 155 108.33 -65.55 -41.04
CA GLU FB 155 107.22 -66.24 -41.66
C GLU FB 155 106.10 -66.32 -40.65
N LEU FB 156 104.98 -65.71 -41.00
CA LEU FB 156 103.79 -65.80 -40.19
C LEU FB 156 103.01 -67.02 -40.62
N ARG FB 157 102.83 -67.97 -39.73
CA ARG FB 157 102.00 -69.11 -40.04
C ARG FB 157 100.72 -69.00 -39.23
N TYR FB 158 99.65 -69.47 -39.81
CA TYR FB 158 98.37 -69.44 -39.15
C TYR FB 158 98.08 -70.76 -38.50
N ALA FB 159 96.94 -70.86 -37.85
CA ALA FB 159 96.55 -72.10 -37.24
C ALA FB 159 95.05 -72.28 -37.29
N ILE GB 272 72.95 -55.87 -26.52
CA ILE GB 272 74.31 -55.41 -26.79
C ILE GB 272 74.64 -54.20 -25.97
N PRO GB 273 75.71 -54.31 -25.19
CA PRO GB 273 76.14 -53.21 -24.37
C PRO GB 273 76.65 -52.05 -25.20
N PRO GB 274 76.69 -50.85 -24.63
CA PRO GB 274 77.39 -49.74 -25.29
C PRO GB 274 78.88 -49.87 -25.13
N SER GB 275 79.59 -49.27 -26.08
CA SER GB 275 81.04 -49.38 -26.16
C SER GB 275 81.68 -48.77 -24.94
N ALA GB 276 81.52 -47.47 -24.83
CA ALA GB 276 81.83 -46.69 -23.69
C ALA GB 276 81.05 -45.41 -23.88
N ASN GB 277 81.35 -44.42 -23.09
CA ASN GB 277 80.86 -43.12 -23.45
C ASN GB 277 81.79 -42.54 -24.48
N ASP GB 278 81.23 -41.84 -25.44
CA ASP GB 278 82.09 -40.97 -26.19
C ASP GB 278 82.38 -39.70 -25.44
N LEU GB 279 81.62 -39.41 -24.40
CA LEU GB 279 82.02 -38.31 -23.55
C LEU GB 279 83.26 -38.64 -22.80
N LEU GB 280 83.54 -39.94 -22.61
CA LEU GB 280 84.86 -40.34 -22.21
C LEU GB 280 85.90 -39.87 -23.20
N LEU GB 281 85.59 -39.83 -24.48
CA LEU GB 281 86.61 -39.36 -25.40
C LEU GB 281 86.84 -37.87 -25.23
N HIS GB 282 85.84 -37.16 -24.73
CA HIS GB 282 86.01 -35.75 -24.48
C HIS GB 282 86.73 -35.50 -23.20
N VAL GB 283 86.33 -36.20 -22.16
CA VAL GB 283 86.97 -35.96 -20.90
C VAL GB 283 88.24 -36.75 -20.79
N LEU GB 284 88.57 -37.49 -21.85
CA LEU GB 284 89.88 -38.08 -21.97
C LEU GB 284 90.94 -37.01 -21.92
N GLU GB 285 90.68 -35.94 -22.61
CA GLU GB 285 91.46 -34.73 -22.47
C GLU GB 285 90.73 -33.82 -21.52
N GLY GB 286 91.24 -32.62 -21.38
CA GLY GB 286 90.71 -31.79 -20.35
C GLY GB 286 89.44 -31.05 -20.67
N VAL GB 287 88.71 -31.36 -21.73
CA VAL GB 287 87.43 -30.66 -21.85
C VAL GB 287 86.45 -31.29 -20.86
N PRO GB 288 85.64 -30.49 -20.19
CA PRO GB 288 84.48 -31.03 -19.56
C PRO GB 288 83.50 -31.50 -20.61
N PRO GB 289 82.55 -32.35 -20.24
CA PRO GB 289 81.47 -32.65 -21.16
C PRO GB 289 80.62 -31.39 -21.34
N PRO GB 290 79.82 -31.35 -22.40
CA PRO GB 290 78.81 -30.29 -22.51
C PRO GB 290 77.88 -30.28 -21.32
N GLY GB 291 77.63 -29.08 -20.82
CA GLY GB 291 76.72 -28.89 -19.71
C GLY GB 291 77.18 -29.48 -18.41
N SER GB 292 78.38 -29.18 -17.98
CA SER GB 292 78.90 -29.90 -16.83
C SER GB 292 79.22 -28.94 -15.73
N ARG GB 293 79.38 -29.49 -14.54
CA ARG GB 293 79.71 -28.64 -13.43
C ARG GB 293 81.07 -29.07 -12.96
N ARG GB 294 81.96 -28.11 -12.82
CA ARG GB 294 83.30 -28.39 -12.36
C ARG GB 294 83.24 -28.81 -10.91
N LEU GB 295 83.49 -30.06 -10.67
CA LEU GB 295 83.51 -30.52 -9.32
C LEU GB 295 84.81 -30.11 -8.70
N VAL GB 296 84.69 -29.41 -7.58
CA VAL GB 296 85.83 -28.81 -6.93
C VAL GB 296 86.63 -29.94 -6.32
N VAL GB 297 87.75 -30.26 -6.94
CA VAL GB 297 88.59 -31.34 -6.49
C VAL GB 297 89.63 -30.76 -5.56
N SER GB 298 89.65 -31.25 -4.33
CA SER GB 298 90.60 -30.73 -3.36
C SER GB 298 91.47 -31.87 -2.86
N GLY GB 299 92.78 -31.68 -3.00
CA GLY GB 299 93.76 -32.63 -2.53
C GLY GB 299 94.51 -33.40 -3.61
N GLY GB 300 94.30 -33.08 -4.88
CA GLY GB 300 94.84 -33.93 -5.93
C GLY GB 300 94.66 -33.29 -7.28
N ASP GB 301 95.17 -33.99 -8.28
CA ASP GB 301 95.35 -33.41 -9.61
C ASP GB 301 94.30 -33.90 -10.58
N ALA GB 302 93.25 -34.48 -10.05
CA ALA GB 302 92.34 -35.09 -10.97
C ALA GB 302 91.23 -34.09 -11.16
N ARG GB 303 90.67 -34.01 -12.33
CA ARG GB 303 89.59 -33.06 -12.42
C ARG GB 303 88.30 -33.76 -12.77
N ALA GB 304 87.24 -33.26 -12.16
CA ALA GB 304 85.98 -33.96 -12.17
C ALA GB 304 84.88 -33.03 -12.62
N TRP GB 305 84.00 -33.56 -13.43
CA TRP GB 305 82.81 -32.87 -13.84
C TRP GB 305 81.58 -33.68 -13.54
N LEU GB 306 80.60 -32.96 -13.04
CA LEU GB 306 79.26 -33.49 -12.89
C LEU GB 306 78.59 -33.31 -14.22
N SER GB 307 78.31 -34.39 -14.91
CA SER GB 307 77.59 -34.27 -16.16
C SER GB 307 76.10 -34.40 -15.89
N ASN GB 308 75.67 -35.58 -15.46
CA ASN GB 308 74.27 -35.82 -15.14
C ASN GB 308 74.23 -36.93 -14.10
N GLU GB 309 74.40 -36.53 -12.83
CA GLU GB 309 74.68 -37.36 -11.65
C GLU GB 309 76.02 -38.13 -11.78
N LYS GB 310 76.60 -38.16 -12.96
CA LYS GB 310 77.71 -39.02 -13.26
C LYS GB 310 78.89 -38.11 -13.30
N MET GB 311 79.79 -38.26 -12.36
CA MET GB 311 81.00 -37.53 -12.58
C MET GB 311 81.79 -38.27 -13.63
N TYR GB 312 82.42 -37.49 -14.46
CA TYR GB 312 83.44 -38.00 -15.32
C TYR GB 312 84.67 -37.40 -14.73
N VAL GB 313 85.63 -38.23 -14.42
CA VAL GB 313 86.85 -37.71 -13.87
C VAL GB 313 88.00 -38.10 -14.79
N ARG GB 314 88.82 -37.10 -15.10
CA ARG GB 314 90.09 -37.35 -15.73
C ARG GB 314 91.08 -37.49 -14.59
N THR GB 315 92.04 -38.37 -14.79
CA THR GB 315 93.23 -38.39 -13.99
C THR GB 315 94.29 -39.17 -14.70
N ASN GB 316 95.42 -39.29 -14.05
CA ASN GB 316 96.31 -40.37 -14.35
C ASN GB 316 96.37 -41.34 -13.18
N LEU GB 317 95.78 -41.00 -12.05
CA LEU GB 317 95.88 -41.80 -10.84
C LEU GB 317 94.97 -43.02 -10.93
N THR GB 318 95.09 -43.91 -9.97
CA THR GB 318 94.48 -45.22 -10.12
C THR GB 318 93.25 -45.33 -9.25
N ILE GB 319 92.07 -45.29 -9.85
CA ILE GB 319 90.84 -45.20 -9.09
C ILE GB 319 90.60 -46.50 -8.33
N LEU GB 320 90.21 -46.35 -7.08
CA LEU GB 320 90.11 -47.49 -6.20
C LEU GB 320 88.73 -47.71 -5.63
N SER GB 321 88.17 -46.74 -4.90
CA SER GB 321 86.96 -47.13 -4.18
C SER GB 321 85.72 -47.28 -5.06
N PRO GB 322 85.25 -46.28 -5.79
CA PRO GB 322 83.86 -46.36 -6.21
C PRO GB 322 83.63 -47.19 -7.46
N GLY GB 323 84.48 -47.16 -8.48
CA GLY GB 323 84.17 -47.96 -9.65
C GLY GB 323 83.23 -47.27 -10.60
N TRP GB 324 83.63 -47.26 -11.84
CA TRP GB 324 83.04 -46.46 -12.88
C TRP GB 324 81.99 -47.26 -13.60
N LEU GB 325 81.19 -46.60 -14.38
CA LEU GB 325 80.50 -47.38 -15.38
C LEU GB 325 81.34 -47.52 -16.60
N ALA GB 326 82.16 -46.54 -16.90
CA ALA GB 326 82.98 -46.75 -18.05
C ALA GB 326 84.36 -46.25 -17.72
N SER GB 327 85.32 -47.02 -18.13
CA SER GB 327 86.67 -46.60 -17.94
C SER GB 327 87.33 -46.49 -19.28
N MET GB 328 88.42 -45.78 -19.23
CA MET GB 328 88.92 -45.11 -20.38
C MET GB 328 90.34 -44.74 -20.10
N THR GB 329 91.18 -45.00 -21.07
CA THR GB 329 92.43 -44.33 -20.91
C THR GB 329 92.85 -43.83 -22.26
N SER GB 330 93.83 -42.98 -22.23
CA SER GB 330 94.30 -42.29 -23.40
C SER GB 330 95.33 -43.16 -24.08
N ALA GB 331 96.06 -42.58 -25.01
CA ALA GB 331 97.25 -43.24 -25.45
C ALA GB 331 98.31 -43.21 -24.37
N ASP GB 332 98.32 -42.18 -23.53
CA ASP GB 332 99.41 -42.06 -22.56
C ASP GB 332 99.01 -42.47 -21.17
N GLY GB 333 97.95 -43.24 -21.02
CA GLY GB 333 97.56 -43.60 -19.68
C GLY GB 333 96.71 -42.59 -18.97
N THR GB 334 96.13 -41.66 -19.69
CA THR GB 334 95.22 -40.77 -19.01
C THR GB 334 93.87 -41.43 -18.91
N HIS GB 335 93.41 -41.58 -17.70
CA HIS GB 335 92.15 -42.25 -17.56
C HIS GB 335 91.05 -41.24 -17.57
N ALA GB 336 89.97 -41.67 -18.16
CA ALA GB 336 88.68 -41.09 -17.89
C ALA GB 336 87.84 -42.18 -17.29
N TYR GB 337 87.12 -41.82 -16.25
CA TYR GB 337 86.20 -42.73 -15.63
C TYR GB 337 84.86 -42.07 -15.56
N GLU GB 338 83.89 -42.71 -16.17
CA GLU GB 338 82.50 -42.34 -16.09
C GLU GB 338 81.98 -43.08 -14.87
N MET GB 339 81.85 -42.31 -13.81
CA MET GB 339 81.90 -42.68 -12.40
C MET GB 339 80.65 -42.20 -11.71
N GLN GB 340 80.17 -43.04 -10.84
CA GLN GB 340 79.03 -42.69 -10.04
C GLN GB 340 79.45 -41.69 -9.00
N LYS GB 341 78.47 -41.09 -8.35
CA LYS GB 341 78.80 -39.87 -7.64
C LYS GB 341 79.42 -40.23 -6.30
N SER GB 342 80.64 -39.84 -6.13
CA SER GB 342 81.10 -39.93 -4.79
C SER GB 342 81.42 -38.54 -4.28
N PRO GB 343 81.21 -38.31 -3.00
CA PRO GB 343 81.88 -37.20 -2.34
C PRO GB 343 83.35 -37.46 -2.11
N VAL GB 344 83.73 -38.73 -2.01
CA VAL GB 344 85.03 -39.11 -1.49
C VAL GB 344 85.63 -40.11 -2.45
N LEU GB 345 86.83 -39.84 -2.91
CA LEU GB 345 87.41 -40.60 -3.98
C LEU GB 345 88.66 -41.29 -3.50
N LEU GB 346 88.90 -42.48 -4.01
CA LEU GB 346 90.09 -43.19 -3.63
C LEU GB 346 90.94 -43.46 -4.83
N VAL GB 347 92.19 -43.05 -4.77
CA VAL GB 347 93.14 -43.59 -5.70
C VAL GB 347 94.27 -44.19 -4.94
N SER GB 348 95.02 -45.03 -5.62
CA SER GB 348 96.35 -45.36 -5.19
C SER GB 348 97.26 -44.45 -5.97
N TRP GB 349 98.23 -43.91 -5.25
CA TRP GB 349 99.15 -42.93 -5.76
C TRP GB 349 100.43 -43.65 -6.16
N HIS GB 350 101.08 -44.28 -5.21
CA HIS GB 350 102.34 -44.95 -5.49
C HIS GB 350 102.46 -46.25 -4.71
N GLY GB 351 101.40 -47.02 -4.66
CA GLY GB 351 101.32 -48.02 -3.63
C GLY GB 351 100.93 -47.48 -2.28
N LYS GB 352 101.11 -46.18 -2.06
CA LYS GB 352 100.38 -45.42 -1.07
C LYS GB 352 99.00 -45.13 -1.64
N VAL GB 353 98.02 -44.94 -0.77
CA VAL GB 353 96.64 -44.74 -1.18
C VAL GB 353 96.14 -43.41 -0.66
N MET GB 354 95.45 -42.67 -1.50
CA MET GB 354 94.96 -41.36 -1.18
C MET GB 354 93.44 -41.32 -1.22
N GLN GB 355 92.88 -40.84 -0.12
CA GLN GB 355 91.53 -40.30 -0.09
C GLN GB 355 91.56 -38.94 -0.76
N LEU GB 356 90.44 -38.54 -1.34
CA LEU GB 356 90.32 -37.25 -2.01
C LEU GB 356 88.92 -36.71 -1.81
N LYS GB 357 88.79 -35.45 -1.42
CA LYS GB 357 87.47 -34.91 -1.23
C LYS GB 357 87.05 -34.13 -2.46
N VAL GB 358 85.77 -34.19 -2.78
CA VAL GB 358 85.23 -33.32 -3.81
C VAL GB 358 84.19 -32.43 -3.18
N GLU GB 359 83.87 -31.36 -3.89
CA GLU GB 359 82.79 -30.46 -3.51
C GLU GB 359 81.84 -30.38 -4.68
N GLY GB 360 80.56 -30.44 -4.39
CA GLY GB 360 79.56 -30.45 -5.43
C GLY GB 360 79.62 -31.78 -6.14
N LEU HB 41 91.15 -27.74 8.01
CA LEU HB 41 91.81 -27.14 6.85
C LEU HB 41 93.03 -27.95 6.42
N PRO HB 42 93.25 -28.05 5.11
CA PRO HB 42 94.41 -28.79 4.61
C PRO HB 42 95.75 -28.11 4.94
N CYS HB 43 96.84 -28.82 4.64
CA CYS HB 43 98.14 -28.47 5.21
C CYS HB 43 98.88 -27.40 4.42
N ARG HB 44 99.42 -26.43 5.16
CA ARG HB 44 100.55 -25.67 4.65
C ARG HB 44 101.80 -26.51 4.80
N VAL HB 45 102.22 -26.70 6.04
CA VAL HB 45 103.31 -27.59 6.36
C VAL HB 45 102.74 -28.97 6.55
N ASP HB 46 103.48 -29.96 6.10
CA ASP HB 46 103.16 -31.35 6.38
C ASP HB 46 103.83 -31.81 7.68
N GLY HB 47 103.58 -31.04 8.75
CA GLY HB 47 104.17 -31.30 10.04
C GLY HB 47 105.67 -31.16 10.08
N ALA HB 48 106.23 -30.22 9.32
CA ALA HB 48 107.67 -30.08 9.28
C ALA HB 48 108.02 -28.63 9.04
N CYS HB 49 109.24 -28.27 9.37
CA CYS HB 49 109.72 -26.94 9.09
C CYS HB 49 111.11 -27.00 8.49
N ASP HB 50 111.28 -26.21 7.44
CA ASP HB 50 112.54 -26.15 6.73
C ASP HB 50 113.64 -25.60 7.62
N ALA HB 51 113.27 -24.78 8.60
CA ALA HB 51 114.23 -24.32 9.59
C ALA HB 51 114.77 -25.47 10.41
N THR HB 52 113.91 -26.40 10.80
CA THR HB 52 114.38 -27.57 11.51
C THR HB 52 115.30 -28.40 10.64
N ILE HB 53 114.91 -28.54 9.38
CA ILE HB 53 115.69 -29.23 8.38
C ILE HB 53 117.10 -28.64 8.29
N ILE HB 54 117.18 -27.34 8.17
CA ILE HB 54 118.50 -26.74 8.01
C ILE HB 54 119.27 -26.75 9.31
N LYS HB 55 118.57 -26.68 10.45
CA LYS HB 55 119.23 -26.91 11.74
C LYS HB 55 119.89 -28.26 11.77
N MET HB 56 119.24 -29.26 11.16
CA MET HB 56 119.84 -30.58 11.13
C MET HB 56 121.14 -30.53 10.35
N MET HB 57 121.05 -30.18 9.04
CA MET HB 57 122.21 -30.32 8.16
C MET HB 57 123.38 -29.52 8.65
N THR HB 58 123.12 -28.33 9.20
CA THR HB 58 124.16 -27.57 9.87
C THR HB 58 124.81 -28.39 10.95
N ASP HB 59 124.02 -28.95 11.86
CA ASP HB 59 124.66 -29.54 13.02
C ASP HB 59 125.31 -30.88 12.71
N LEU HB 60 124.75 -31.63 11.78
CA LEU HB 60 125.29 -32.95 11.46
C LEU HB 60 126.40 -32.87 10.46
N ASN HB 61 126.58 -31.74 9.85
CA ASN HB 61 127.80 -31.57 9.12
C ASN HB 61 128.84 -30.85 9.94
N LYS HB 62 128.41 -30.13 10.99
CA LYS HB 62 129.31 -29.76 12.08
C LYS HB 62 129.86 -31.01 12.72
N LYS HB 63 128.99 -32.00 12.86
CA LYS HB 63 129.34 -33.34 13.28
C LYS HB 63 129.82 -34.18 12.13
N GLY HB 64 129.83 -33.64 10.94
CA GLY HB 64 130.60 -34.19 9.86
C GLY HB 64 129.92 -35.28 9.08
N ILE HB 65 128.79 -35.77 9.54
CA ILE HB 65 128.13 -36.83 8.82
C ILE HB 65 127.45 -36.22 7.62
N LYS HB 66 127.86 -36.65 6.44
CA LYS HB 66 127.80 -35.74 5.34
C LYS HB 66 126.46 -35.84 4.64
N VAL HB 67 125.80 -34.70 4.52
CA VAL HB 67 124.55 -34.60 3.79
C VAL HB 67 124.89 -34.05 2.43
N ALA HB 68 124.56 -34.80 1.39
CA ALA HB 68 124.45 -34.24 0.06
C ALA HB 68 123.02 -33.83 -0.18
N SER HB 69 122.86 -32.67 -0.81
CA SER HB 69 121.52 -32.14 -1.06
C SER HB 69 121.52 -31.60 -2.47
N VAL HB 70 121.29 -32.47 -3.44
CA VAL HB 70 121.79 -32.24 -4.78
C VAL HB 70 120.67 -32.46 -5.79
N GLY HB 71 120.43 -31.43 -6.58
CA GLY HB 71 119.31 -31.43 -7.50
C GLY HB 71 118.05 -31.61 -6.71
N GLN HB 72 117.43 -32.76 -6.84
CA GLN HB 72 116.32 -33.07 -5.98
C GLN HB 72 116.65 -34.23 -5.07
N ASN HB 73 117.73 -34.94 -5.34
CA ASN HB 73 118.02 -36.12 -4.56
C ASN HB 73 118.90 -35.75 -3.38
N TYR HB 74 118.69 -36.44 -2.29
CA TYR HB 74 119.38 -36.11 -1.07
C TYR HB 74 120.00 -37.37 -0.55
N LEU HB 75 121.22 -37.24 -0.06
CA LEU HB 75 122.10 -38.35 0.26
C LEU HB 75 122.73 -38.08 1.59
N ILE HB 76 122.96 -39.11 2.38
CA ILE HB 76 123.89 -38.98 3.50
C ILE HB 76 124.92 -40.08 3.42
N SER HB 77 126.17 -39.67 3.44
CA SER HB 77 127.30 -40.55 3.56
C SER HB 77 127.73 -40.51 5.01
N ILE HB 78 128.11 -41.66 5.53
CA ILE HB 78 128.48 -41.81 6.92
C ILE HB 78 129.73 -42.67 6.94
N PRO HB 79 130.74 -42.32 7.72
CA PRO HB 79 131.77 -43.29 8.03
C PRO HB 79 131.19 -44.42 8.85
N ALA HB 80 131.46 -45.66 8.44
CA ALA HB 80 130.96 -46.81 9.17
C ALA HB 80 131.64 -47.00 10.51
N SER HB 81 132.79 -46.33 10.72
CA SER HB 81 133.57 -46.50 11.93
C SER HB 81 132.84 -45.98 13.15
N ALA HB 82 132.05 -44.93 12.99
CA ALA HB 82 131.29 -44.41 14.10
C ALA HB 82 130.16 -45.34 14.51
N LEU HB 83 129.80 -46.30 13.65
CA LEU HB 83 128.60 -47.11 13.86
C LEU HB 83 128.88 -48.57 14.12
N PHE HB 84 129.43 -49.25 13.15
CA PHE HB 84 129.76 -50.64 13.37
C PHE HB 84 131.10 -50.70 14.03
N ALA HB 85 131.35 -51.80 14.70
CA ALA HB 85 132.70 -51.99 15.18
C ALA HB 85 133.49 -52.62 14.06
N ASP HB 86 134.74 -52.89 14.37
CA ASP HB 86 135.75 -53.37 13.44
C ASP HB 86 135.34 -54.68 12.80
N GLN HB 87 135.04 -54.61 11.49
CA GLN HB 87 134.59 -55.74 10.67
C GLN HB 87 133.31 -56.39 11.20
N SER HB 88 132.56 -55.66 12.01
CA SER HB 88 131.41 -56.28 12.59
C SER HB 88 130.21 -55.70 11.87
N PRO HB 89 129.22 -56.44 11.68
CA PRO HB 89 127.91 -55.86 11.42
C PRO HB 89 127.18 -55.58 12.71
N ARG HB 90 127.88 -55.00 13.66
CA ARG HB 90 127.36 -54.87 15.00
C ARG HB 90 127.50 -53.45 15.44
N LEU HB 91 126.38 -52.85 15.80
CA LEU HB 91 126.31 -51.45 16.15
C LEU HB 91 126.58 -51.29 17.62
N ASN HB 92 126.83 -50.06 18.03
CA ASN HB 92 126.97 -49.81 19.45
C ASN HB 92 125.84 -48.95 19.98
N TRP HB 93 126.09 -48.37 21.14
CA TRP HB 93 125.02 -47.87 21.98
C TRP HB 93 124.67 -46.43 21.65
N ALA HB 94 125.59 -45.51 21.91
CA ALA HB 94 125.33 -44.08 21.83
C ALA HB 94 125.11 -43.61 20.40
N SER HB 95 125.42 -44.47 19.44
CA SER HB 95 125.10 -44.30 18.05
C SER HB 95 123.62 -44.07 17.80
N TYR HB 96 122.78 -44.68 18.61
CA TYR HB 96 121.38 -44.75 18.26
C TYR HB 96 120.66 -43.43 18.42
N SER HB 97 121.17 -42.52 19.26
CA SER HB 97 120.68 -41.15 19.24
C SER HB 97 120.85 -40.54 17.86
N LEU HB 98 122.02 -40.75 17.29
CA LEU HB 98 122.31 -40.22 15.97
C LEU HB 98 121.49 -40.92 14.91
N LEU HB 99 121.36 -42.24 15.03
CA LEU HB 99 120.60 -43.00 14.05
C LEU HB 99 119.13 -42.63 14.06
N ASN HB 100 118.60 -42.35 15.23
CA ASN HB 100 117.21 -42.04 15.27
C ASN HB 100 116.96 -40.61 14.84
N GLU HB 101 117.92 -39.71 15.07
CA GLU HB 101 117.69 -38.36 14.57
C GLU HB 101 117.92 -38.28 13.07
N ILE HB 102 118.64 -39.24 12.50
CA ILE HB 102 118.55 -39.48 11.07
C ILE HB 102 117.13 -39.79 10.66
N ALA HB 103 116.51 -40.76 11.30
CA ALA HB 103 115.14 -41.12 10.93
C ALA HB 103 114.17 -39.97 11.13
N ALA HB 104 114.44 -39.16 12.14
CA ALA HB 104 113.72 -37.93 12.38
C ALA HB 104 113.83 -37.00 11.20
N PHE HB 105 115.02 -36.92 10.64
CA PHE HB 105 115.11 -36.14 9.44
C PHE HB 105 114.40 -36.82 8.27
N LEU HB 106 114.39 -38.14 8.26
CA LEU HB 106 113.81 -38.85 7.15
C LEU HB 106 112.33 -38.65 7.07
N LYS HB 107 111.72 -38.43 8.20
CA LYS HB 107 110.35 -37.99 8.25
C LYS HB 107 110.12 -36.63 7.62
N GLN HB 108 111.15 -35.82 7.41
CA GLN HB 108 110.85 -34.47 6.95
C GLN HB 108 110.40 -34.39 5.50
N PHE HB 109 110.44 -35.48 4.75
CA PHE HB 109 110.01 -35.37 3.38
C PHE HB 109 109.03 -36.45 3.00
N ARG HB 110 108.18 -36.11 2.08
CA ARG HB 110 107.39 -37.12 1.42
C ARG HB 110 108.38 -37.83 0.52
N LYS HB 111 108.46 -39.15 0.62
CA LYS HB 111 109.38 -39.93 -0.18
C LYS HB 111 108.85 -41.31 -0.47
N ILE HB 112 109.46 -41.96 -1.43
CA ILE HB 112 108.95 -43.20 -2.00
C ILE HB 112 109.85 -44.37 -1.70
N ALA HB 113 111.08 -44.29 -2.16
CA ALA HB 113 112.02 -45.39 -2.06
C ALA HB 113 113.27 -44.86 -1.40
N ILE HB 114 113.87 -45.67 -0.56
CA ILE HB 114 115.12 -45.33 0.08
C ILE HB 114 116.11 -46.44 -0.24
N THR HB 115 117.26 -46.07 -0.77
CA THR HB 115 118.28 -47.06 -1.04
C THR HB 115 119.41 -46.85 -0.05
N VAL HB 116 119.80 -47.92 0.60
CA VAL HB 116 120.98 -47.91 1.42
C VAL HB 116 121.99 -48.90 0.88
N THR HB 117 123.21 -48.43 0.76
CA THR HB 117 124.32 -49.30 0.51
C THR HB 117 125.40 -48.98 1.51
N SER HB 118 126.27 -49.94 1.70
CA SER HB 118 127.40 -49.70 2.58
C SER HB 118 128.63 -50.22 1.90
N TYR HB 119 129.76 -49.66 2.25
CA TYR HB 119 131.01 -50.12 1.68
C TYR HB 119 132.02 -50.31 2.77
N SER HB 120 132.87 -51.29 2.57
CA SER HB 120 133.89 -51.58 3.55
C SER HB 120 135.21 -51.80 2.86
N SER HB 121 136.26 -51.28 3.47
CA SER HB 121 137.61 -51.52 3.02
C SER HB 121 137.91 -53.02 3.01
N LYS HB 122 138.65 -53.43 1.98
CA LYS HB 122 138.81 -54.84 1.67
C LYS HB 122 139.61 -55.51 2.77
N TYR HB 123 139.02 -56.53 3.38
CA TYR HB 123 139.62 -57.08 4.58
C TYR HB 123 140.13 -58.49 4.42
N VAL HB 124 139.27 -59.45 4.08
CA VAL HB 124 139.73 -60.81 3.97
C VAL HB 124 139.31 -61.45 2.65
N SER HB 125 138.01 -61.54 2.37
CA SER HB 125 137.62 -62.33 1.23
C SER HB 125 136.33 -61.78 0.66
N VAL HB 126 136.32 -61.66 -0.66
CA VAL HB 126 135.39 -60.82 -1.39
C VAL HB 126 133.95 -61.14 -1.08
N LYS HB 127 133.71 -62.42 -0.83
CA LYS HB 127 132.50 -62.91 -0.23
C LYS HB 127 132.24 -62.24 1.10
N ARG HB 128 133.24 -62.13 1.98
CA ARG HB 128 132.85 -61.62 3.28
C ARG HB 128 132.80 -60.12 3.32
N GLU HB 129 133.48 -59.41 2.43
CA GLU HB 129 133.24 -57.98 2.54
C GLU HB 129 131.91 -57.62 1.92
N ARG HB 130 131.52 -58.36 0.87
CA ARG HB 130 130.13 -58.36 0.45
C ARG HB 130 129.20 -58.66 1.59
N ALA HB 131 129.52 -59.70 2.35
CA ALA HB 131 128.65 -60.11 3.42
C ALA HB 131 128.63 -59.08 4.53
N LEU HB 132 129.77 -58.51 4.86
CA LEU HB 132 129.85 -57.63 6.00
C LEU HB 132 129.10 -56.36 5.70
N THR HB 133 129.32 -55.83 4.51
CA THR HB 133 128.55 -54.70 4.07
C THR HB 133 127.09 -55.00 3.96
N LEU HB 134 126.75 -56.16 3.42
CA LEU HB 134 125.36 -56.53 3.21
C LEU HB 134 124.61 -56.66 4.51
N ALA HB 135 125.27 -57.25 5.49
CA ALA HB 135 124.70 -57.36 6.80
C ALA HB 135 124.63 -56.01 7.48
N ARG HB 136 125.66 -55.19 7.30
CA ARG HB 136 125.69 -53.88 7.91
C ARG HB 136 124.54 -53.02 7.42
N SER HB 137 124.34 -53.07 6.11
CA SER HB 137 123.24 -52.41 5.45
C SER HB 137 121.92 -52.93 5.94
N ARG HB 138 121.77 -54.24 5.98
CA ARG HB 138 120.48 -54.78 6.33
C ARG HB 138 120.15 -54.56 7.79
N VAL HB 139 121.15 -54.41 8.66
CA VAL HB 139 120.81 -54.24 10.06
C VAL HB 139 120.44 -52.80 10.35
N VAL HB 140 121.11 -51.85 9.71
CA VAL HB 140 120.67 -50.50 9.98
C VAL HB 140 119.38 -50.22 9.22
N SER HB 141 119.15 -50.92 8.10
CA SER HB 141 117.91 -50.81 7.37
C SER HB 141 116.75 -51.38 8.13
N GLU HB 142 116.98 -52.54 8.75
CA GLU HB 142 115.98 -53.12 9.63
C GLU HB 142 115.64 -52.14 10.73
N TYR HB 143 116.67 -51.50 11.29
CA TYR HB 143 116.41 -50.60 12.40
C TYR HB 143 115.61 -49.41 11.96
N LEU HB 144 115.94 -48.82 10.84
CA LEU HB 144 115.18 -47.64 10.55
C LEU HB 144 113.84 -47.96 9.91
N TRP HB 145 113.72 -49.11 9.24
CA TRP HB 145 112.41 -49.56 8.79
C TRP HB 145 111.48 -49.79 9.94
N SER HB 146 112.01 -50.38 10.99
CA SER HB 146 111.28 -50.48 12.23
C SER HB 146 110.98 -49.10 12.76
N GLN HB 147 111.92 -48.20 12.59
CA GLN HB 147 111.71 -46.84 13.03
C GLN HB 147 110.79 -46.16 12.03
N GLY HB 148 110.75 -44.85 12.10
CA GLY HB 148 109.91 -44.16 11.14
C GLY HB 148 110.46 -44.22 9.74
N VAL HB 149 109.82 -45.02 8.90
CA VAL HB 149 110.02 -44.97 7.46
C VAL HB 149 108.76 -44.51 6.78
N ASP HB 150 108.95 -43.52 5.95
CA ASP HB 150 107.89 -43.02 5.11
C ASP HB 150 108.09 -43.46 3.69
N SER HB 151 109.12 -44.27 3.47
CA SER HB 151 109.30 -44.84 2.16
C SER HB 151 108.27 -45.91 1.91
N ARG HB 152 108.02 -46.18 0.65
CA ARG HB 152 107.30 -47.38 0.35
C ARG HB 152 108.24 -48.54 0.19
N ILE HB 153 109.44 -48.27 -0.30
CA ILE HB 153 110.39 -49.31 -0.64
C ILE HB 153 111.70 -48.96 0.02
N ILE HB 154 112.37 -49.94 0.60
CA ILE HB 154 113.76 -49.78 0.95
C ILE HB 154 114.56 -50.86 0.24
N PHE HB 155 115.42 -50.43 -0.66
CA PHE HB 155 116.40 -51.30 -1.26
C PHE HB 155 117.66 -51.28 -0.41
N THR HB 156 118.28 -52.43 -0.21
CA THR HB 156 119.46 -52.51 0.63
C THR HB 156 120.51 -53.46 0.05
N GLN HB 157 121.75 -52.99 0.10
CA GLN HB 157 122.96 -53.75 -0.22
C GLN HB 157 124.21 -52.98 0.19
N GLY HB 158 125.35 -53.62 -0.07
CA GLY HB 158 126.63 -53.01 0.21
C GLY HB 158 127.70 -53.84 -0.46
N LEU HB 159 128.82 -53.21 -0.77
CA LEU HB 159 129.89 -53.90 -1.46
C LEU HB 159 131.22 -53.67 -0.76
N GLY HB 160 132.14 -54.56 -0.99
CA GLY HB 160 133.39 -54.46 -0.26
C GLY HB 160 134.33 -53.40 -0.78
N SER HB 161 133.92 -52.13 -0.65
CA SER HB 161 134.60 -50.97 -1.25
C SER HB 161 135.01 -51.24 -2.68
N ASP HB 162 134.12 -51.84 -3.45
CA ASP HB 162 134.40 -52.16 -4.84
C ASP HB 162 134.48 -50.91 -5.66
N LYS HB 163 133.94 -49.84 -5.11
CA LYS HB 163 133.98 -48.52 -5.70
C LYS HB 163 134.46 -47.62 -4.58
N PRO HB 164 135.74 -47.65 -4.28
CA PRO HB 164 136.28 -46.80 -3.23
C PRO HB 164 136.25 -45.35 -3.71
N ILE HB 165 135.82 -44.46 -2.83
CA ILE HB 165 135.81 -43.05 -3.21
C ILE HB 165 137.11 -42.37 -2.89
N THR HB 166 137.94 -42.99 -2.07
CA THR HB 166 139.32 -42.62 -2.01
C THR HB 166 140.13 -43.86 -2.31
N SER HB 167 141.30 -43.63 -2.87
CA SER HB 167 142.29 -44.69 -2.86
C SER HB 167 143.38 -44.44 -1.83
N TYR HB 168 143.33 -43.33 -1.11
CA TYR HB 168 144.08 -43.26 0.14
C TYR HB 168 143.51 -44.32 1.07
N THR HB 169 144.31 -45.34 1.32
CA THR HB 169 143.84 -46.60 1.85
C THR HB 169 144.49 -46.88 3.20
N LEU HB 170 144.43 -45.86 4.08
CA LEU HB 170 145.12 -45.75 5.36
C LEU HB 170 145.04 -47.01 6.23
N GLY HB 171 143.97 -47.79 6.09
CA GLY HB 171 143.92 -49.11 6.66
C GLY HB 171 142.62 -49.81 6.33
N GLY HB 172 142.08 -50.45 7.34
CA GLY HB 172 140.84 -51.15 7.20
C GLY HB 172 139.71 -50.25 7.64
N ASP HB 173 139.24 -50.43 8.86
CA ASP HB 173 137.98 -49.84 9.27
C ASP HB 173 138.14 -48.45 9.85
N ARG HB 174 139.27 -47.80 9.65
CA ARG HB 174 139.25 -46.36 9.78
C ARG HB 174 139.27 -45.66 8.45
N SER HB 175 139.25 -46.40 7.36
CA SER HB 175 139.11 -45.78 6.06
C SER HB 175 137.72 -45.18 5.91
N PRO HB 176 137.60 -44.07 5.20
CA PRO HB 176 136.28 -43.63 4.74
C PRO HB 176 135.67 -44.53 3.69
N ASN HB 177 136.41 -45.45 3.07
CA ASN HB 177 135.76 -46.41 2.21
C ASN HB 177 134.99 -47.45 3.01
N ALA HB 178 135.29 -47.55 4.30
CA ALA HB 178 134.34 -48.12 5.25
C ALA HB 178 133.36 -47.02 5.58
N ARG HB 179 132.09 -47.26 5.25
CA ARG HB 179 131.12 -46.22 5.10
C ARG HB 179 129.78 -46.84 4.85
N VAL HB 180 128.75 -46.04 4.98
CA VAL HB 180 127.40 -46.43 4.66
C VAL HB 180 126.68 -45.20 4.14
N GLU HB 181 125.86 -45.41 3.14
CA GLU HB 181 125.33 -44.33 2.35
C GLU HB 181 123.86 -44.58 2.07
N ILE HB 182 123.08 -43.51 2.14
CA ILE HB 182 121.64 -43.57 1.96
C ILE HB 182 121.25 -42.52 0.95
N THR HB 183 120.57 -42.95 -0.09
CA THR HB 183 120.04 -42.03 -1.07
C THR HB 183 118.53 -42.08 -1.03
N PHE HB 184 117.94 -40.93 -1.33
CA PHE HB 184 116.56 -40.88 -1.73
C PHE HB 184 116.38 -39.67 -2.63
N ARG HB 185 115.24 -39.62 -3.27
CA ARG HB 185 114.76 -38.40 -3.91
C ARG HB 185 113.52 -37.94 -3.18
N ARG HB 186 113.54 -36.68 -2.72
CA ARG HB 186 112.38 -36.12 -2.02
C ARG HB 186 111.23 -36.09 -2.99
N ALA HB 187 110.18 -36.84 -2.66
CA ALA HB 187 109.06 -36.95 -3.56
C ALA HB 187 108.27 -35.66 -3.50
N VAL HB 188 108.17 -35.00 -4.65
CA VAL HB 188 107.41 -33.78 -4.96
C VAL HB 188 107.43 -32.71 -3.87
N UNK IB 1 162.89 -105.36 18.20
CA UNK IB 1 162.49 -104.04 18.65
C UNK IB 1 161.11 -103.64 18.12
N UNK IB 2 161.02 -103.37 16.82
CA UNK IB 2 159.78 -102.87 16.23
C UNK IB 2 158.77 -103.99 16.02
N UNK IB 3 157.70 -103.69 15.28
CA UNK IB 3 156.67 -104.67 15.01
C UNK IB 3 156.73 -105.00 13.52
N UNK IB 4 157.29 -106.16 13.20
CA UNK IB 4 157.47 -106.62 11.82
C UNK IB 4 157.18 -108.12 11.74
N UNK IB 5 155.92 -108.46 11.51
CA UNK IB 5 155.51 -109.83 11.20
C UNK IB 5 154.20 -109.77 10.44
N UNK IB 6 153.97 -110.77 9.60
CA UNK IB 6 152.66 -111.01 9.00
C UNK IB 6 152.25 -112.39 9.50
N UNK IB 7 151.74 -112.43 10.71
CA UNK IB 7 151.68 -113.63 11.52
C UNK IB 7 150.53 -113.48 12.50
N UNK IB 8 150.59 -114.23 13.58
CA UNK IB 8 149.84 -113.94 14.78
C UNK IB 8 150.88 -113.50 15.81
N UNK IB 9 151.19 -112.20 15.84
CA UNK IB 9 152.02 -111.67 16.93
C UNK IB 9 151.29 -111.81 18.25
N UNK IB 10 149.99 -111.50 18.25
CA UNK IB 10 148.96 -111.91 19.22
C UNK IB 10 149.11 -111.32 20.61
N UNK IB 11 150.28 -110.78 20.92
CA UNK IB 11 150.59 -110.36 22.28
C UNK IB 11 151.70 -109.33 22.15
N UNK IB 12 151.31 -108.07 22.18
CA UNK IB 12 152.27 -106.99 22.23
C UNK IB 12 151.64 -105.95 23.12
N UNK IB 13 151.85 -106.10 24.43
CA UNK IB 13 151.67 -105.03 25.39
C UNK IB 13 153.03 -104.39 25.63
N UNK IB 14 153.63 -103.94 24.53
CA UNK IB 14 155.03 -103.53 24.50
C UNK IB 14 155.17 -102.22 23.73
N UNK IB 15 156.13 -101.40 24.15
CA UNK IB 15 156.45 -100.14 23.49
C UNK IB 15 157.71 -100.31 22.64
N UNK IB 16 157.65 -99.85 21.40
CA UNK IB 16 158.74 -100.02 20.45
C UNK IB 16 159.87 -99.01 20.71
N UNK IB 17 160.97 -99.19 19.98
CA UNK IB 17 162.28 -98.63 20.28
C UNK IB 17 162.58 -97.33 19.52
N UNK IB 18 163.81 -96.86 19.67
CA UNK IB 18 164.34 -95.85 18.78
C UNK IB 18 164.63 -96.49 17.43
N UNK IB 19 164.31 -95.74 16.37
CA UNK IB 19 164.36 -96.20 14.99
C UNK IB 19 163.57 -97.50 14.82
N UNK IB 20 162.40 -97.56 15.44
CA UNK IB 20 161.58 -98.77 15.36
C UNK IB 20 160.54 -98.60 14.27
N UNK IB 21 160.84 -99.20 13.12
CA UNK IB 21 159.92 -99.20 11.98
C UNK IB 21 158.89 -100.30 12.20
N UNK IB 22 157.92 -100.02 13.06
CA UNK IB 22 156.88 -100.99 13.39
C UNK IB 22 155.92 -101.05 12.22
N UNK IB 23 156.29 -101.83 11.21
CA UNK IB 23 155.50 -102.04 10.00
C UNK IB 23 154.77 -103.37 10.02
N UNK IB 24 153.92 -103.58 11.03
CA UNK IB 24 153.37 -104.90 11.26
C UNK IB 24 152.22 -105.22 10.29
N UNK IB 25 152.09 -106.53 10.00
CA UNK IB 25 150.91 -107.09 9.36
C UNK IB 25 150.46 -108.33 10.12
N UNK IB 26 150.89 -108.48 11.37
CA UNK IB 26 150.62 -109.67 12.14
C UNK IB 26 149.34 -109.54 12.92
N UNK IB 27 148.74 -110.67 13.26
CA UNK IB 27 147.56 -110.68 14.12
C UNK IB 27 148.04 -110.42 15.53
N UNK IB 28 147.70 -109.24 16.06
CA UNK IB 28 148.02 -108.87 17.43
C UNK IB 28 146.70 -108.77 18.19
N UNK IB 29 146.37 -109.85 18.89
CA UNK IB 29 145.12 -109.90 19.66
C UNK IB 29 145.18 -108.97 20.85
N UNK IB 30 146.18 -109.16 21.71
CA UNK IB 30 146.47 -108.20 22.76
C UNK IB 30 147.39 -107.14 22.17
N UNK IB 31 146.77 -106.19 21.47
CA UNK IB 31 147.50 -105.14 20.78
C UNK IB 31 147.46 -103.86 21.58
N UNK IB 32 148.64 -103.39 21.98
CA UNK IB 32 148.79 -102.08 22.59
C UNK IB 32 150.20 -101.62 22.24
N UNK IB 33 150.30 -100.84 21.16
CA UNK IB 33 151.60 -100.47 20.58
C UNK IB 33 151.85 -98.99 20.76
N UNK IB 34 152.68 -98.66 21.75
CA UNK IB 34 153.12 -97.27 21.94
C UNK IB 34 154.55 -97.12 21.41
N UNK IB 35 154.66 -97.10 20.07
CA UNK IB 35 155.94 -97.01 19.39
C UNK IB 35 156.60 -95.66 19.63
N UNK IB 36 157.93 -95.63 19.60
CA UNK IB 36 158.66 -94.45 20.03
C UNK IB 36 159.34 -93.65 18.92
N UNK IB 37 159.92 -94.31 17.92
CA UNK IB 37 160.63 -93.57 16.91
C UNK IB 37 160.57 -94.36 15.61
N UNK IB 38 160.49 -93.61 14.51
CA UNK IB 38 160.35 -94.13 13.15
C UNK IB 38 159.17 -95.07 13.01
N UNK IB 39 158.07 -94.77 13.72
CA UNK IB 39 156.92 -95.65 13.74
C UNK IB 39 156.30 -95.70 12.35
N UNK IB 40 156.15 -96.90 11.83
CA UNK IB 40 155.93 -97.11 10.40
C UNK IB 40 154.73 -98.00 10.17
N UNK IB 41 153.63 -97.69 10.86
CA UNK IB 41 152.43 -98.51 10.88
C UNK IB 41 151.76 -98.57 9.51
N UNK IB 42 151.50 -99.80 9.04
CA UNK IB 42 150.69 -100.07 7.85
C UNK IB 42 150.11 -101.48 8.01
N UNK IB 43 148.88 -101.57 8.50
CA UNK IB 43 148.34 -102.87 8.87
C UNK IB 43 146.89 -103.02 8.42
N UNK IB 44 146.48 -104.29 8.28
CA UNK IB 44 145.10 -104.66 7.91
C UNK IB 44 144.63 -105.68 8.94
N UNK IB 45 144.06 -105.20 10.04
CA UNK IB 45 143.70 -106.04 11.16
C UNK IB 45 142.50 -105.46 11.91
N UNK IB 46 142.31 -105.97 13.13
CA UNK IB 46 141.27 -105.47 14.02
C UNK IB 46 141.86 -105.44 15.43
N UNK IB 47 142.18 -104.25 15.92
CA UNK IB 47 142.80 -104.08 17.24
C UNK IB 47 141.78 -104.06 18.35
N UNK IB 48 140.59 -103.53 18.07
CA UNK IB 48 139.40 -103.44 18.91
C UNK IB 48 139.56 -102.51 20.11
N UNK IB 49 140.77 -102.09 20.43
CA UNK IB 49 140.96 -101.19 21.57
C UNK IB 49 142.17 -100.30 21.37
N UNK IB 50 142.47 -99.87 20.15
CA UNK IB 50 143.73 -99.17 19.94
C UNK IB 50 143.66 -97.79 20.58
N UNK IB 51 144.30 -97.68 21.72
CA UNK IB 51 144.55 -96.41 22.35
C UNK IB 51 146.01 -96.09 22.04
N UNK IB 52 146.21 -95.56 20.85
CA UNK IB 52 147.56 -95.32 20.37
C UNK IB 52 148.10 -94.00 20.87
N UNK IB 53 149.37 -94.00 21.23
CA UNK IB 53 150.14 -92.80 21.49
C UNK IB 53 151.22 -92.70 20.41
N UNK IB 54 151.50 -91.48 19.95
CA UNK IB 54 152.42 -91.32 18.82
C UNK IB 54 153.45 -90.22 19.09
N UNK IB 55 154.72 -90.58 18.97
CA UNK IB 55 155.85 -89.65 18.94
C UNK IB 55 156.22 -89.34 17.50
N UNK IB 56 157.37 -88.70 17.28
CA UNK IB 56 157.76 -88.21 15.97
C UNK IB 56 158.08 -89.35 15.00
N UNK IB 57 158.03 -89.02 13.71
CA UNK IB 57 158.22 -89.94 12.59
C UNK IB 57 157.25 -91.11 12.67
N UNK IB 58 156.02 -90.81 13.06
CA UNK IB 58 154.98 -91.81 13.12
C UNK IB 58 154.18 -91.67 11.85
N UNK IB 59 154.64 -92.34 10.80
CA UNK IB 59 153.83 -92.62 9.64
C UNK IB 59 152.92 -93.76 10.05
N UNK IB 60 151.62 -93.51 10.05
CA UNK IB 60 150.66 -94.50 10.49
C UNK IB 60 149.61 -94.69 9.42
N UNK IB 61 149.19 -95.95 9.23
CA UNK IB 61 148.23 -96.32 8.19
C UNK IB 61 147.57 -97.63 8.62
N UNK IB 62 146.28 -97.55 8.93
CA UNK IB 62 145.64 -98.68 9.60
C UNK IB 62 144.19 -98.87 9.17
N UNK IB 63 143.73 -100.13 9.27
CA UNK IB 63 142.34 -100.53 9.07
C UNK IB 63 141.78 -101.27 10.28
N UNK IB 64 142.22 -100.91 11.47
CA UNK IB 64 141.84 -101.57 12.70
C UNK IB 64 141.19 -100.57 13.65
N UNK IB 65 140.42 -101.09 14.59
CA UNK IB 65 139.62 -100.25 15.46
C UNK IB 65 140.48 -99.55 16.50
N UNK IB 66 140.35 -98.23 16.57
CA UNK IB 66 141.04 -97.45 17.57
C UNK IB 66 140.05 -96.93 18.60
N UNK IB 67 140.58 -96.67 19.77
CA UNK IB 67 139.74 -96.13 20.81
C UNK IB 67 140.21 -94.76 21.25
N UNK IB 68 141.51 -94.59 21.39
CA UNK IB 68 142.04 -93.31 21.78
C UNK IB 68 143.24 -93.01 20.93
N UNK IB 69 143.49 -91.72 20.72
CA UNK IB 69 144.69 -91.29 20.02
C UNK IB 69 145.28 -90.07 20.71
N UNK IB 70 146.57 -90.16 21.02
CA UNK IB 70 147.29 -89.10 21.71
C UNK IB 70 148.56 -88.78 20.95
N UNK IB 71 148.87 -87.49 20.86
CA UNK IB 71 149.95 -87.02 20.00
C UNK IB 71 150.95 -86.18 20.78
N UNK IB 72 152.24 -86.50 20.61
CA UNK IB 72 153.30 -85.82 21.35
C UNK IB 72 153.99 -84.73 20.55
N UNK IB 73 154.65 -85.03 19.42
CA UNK IB 73 155.51 -84.03 18.77
C UNK IB 73 155.02 -83.63 17.39
N UNK IB 74 155.06 -84.54 16.41
CA UNK IB 74 154.70 -84.27 15.03
C UNK IB 74 154.64 -85.59 14.28
N UNK IB 75 153.51 -85.88 13.64
CA UNK IB 75 153.31 -87.20 13.06
C UNK IB 75 152.35 -87.10 11.89
N UNK IB 76 152.16 -88.23 11.20
CA UNK IB 76 151.36 -88.31 9.99
C UNK IB 76 150.52 -89.57 10.06
N UNK IB 77 149.23 -89.40 10.29
CA UNK IB 77 148.34 -90.54 10.43
C UNK IB 77 147.40 -90.68 9.23
N UNK IB 78 147.06 -91.93 8.94
CA UNK IB 78 146.11 -92.30 7.88
C UNK IB 78 145.44 -93.59 8.34
N UNK IB 79 144.29 -93.44 8.98
CA UNK IB 79 143.71 -94.57 9.69
C UNK IB 79 142.22 -94.72 9.41
N UNK IB 80 141.70 -95.91 9.76
CA UNK IB 80 140.27 -96.28 9.64
C UNK IB 80 139.79 -96.99 10.91
N UNK IB 81 139.25 -96.23 11.86
CA UNK IB 81 138.71 -96.74 13.12
C UNK IB 81 137.19 -96.75 13.11
N UNK IB 82 136.60 -97.36 14.15
CA UNK IB 82 135.15 -97.53 14.10
C UNK IB 82 134.39 -97.10 15.35
N UNK IB 83 134.92 -97.37 16.55
CA UNK IB 83 134.06 -97.36 17.72
C UNK IB 83 134.04 -96.01 18.44
N UNK IB 84 135.17 -95.61 19.00
CA UNK IB 84 135.18 -94.41 19.80
C UNK IB 84 136.54 -93.77 19.64
N UNK IB 85 136.62 -92.50 20.01
CA UNK IB 85 137.86 -91.80 19.87
C UNK IB 85 137.92 -90.73 20.95
N UNK IB 86 138.76 -90.96 21.92
CA UNK IB 86 139.19 -89.90 22.81
C UNK IB 86 140.42 -89.31 22.14
N UNK IB 87 140.34 -88.04 21.79
CA UNK IB 87 141.40 -87.39 21.03
C UNK IB 87 142.16 -86.39 21.89
N UNK IB 88 143.49 -86.46 21.86
CA UNK IB 88 144.30 -85.48 22.57
C UNK IB 88 145.60 -85.26 21.82
N UNK IB 89 145.93 -84.01 21.52
CA UNK IB 89 146.92 -83.74 20.50
C UNK IB 89 147.93 -82.68 20.90
N UNK IB 90 149.10 -82.74 20.24
CA UNK IB 90 150.05 -81.62 20.20
C UNK IB 90 150.81 -81.64 18.88
N UNK IB 91 150.52 -80.65 18.02
CA UNK IB 91 151.39 -80.21 16.93
C UNK IB 91 151.65 -81.26 15.87
N UNK IB 92 150.63 -81.97 15.42
CA UNK IB 92 150.87 -83.00 14.44
C UNK IB 92 149.87 -82.90 13.30
N UNK IB 93 149.79 -83.97 12.51
CA UNK IB 93 148.85 -84.05 11.41
C UNK IB 93 148.29 -85.46 11.33
N UNK IB 94 146.98 -85.54 11.32
CA UNK IB 94 146.37 -86.85 11.28
C UNK IB 94 145.24 -86.83 10.29
N UNK IB 95 145.05 -87.96 9.64
CA UNK IB 95 143.93 -88.17 8.76
C UNK IB 95 143.24 -89.46 9.15
N UNK IB 96 141.92 -89.42 9.20
CA UNK IB 96 141.11 -90.57 9.53
C UNK IB 96 140.00 -90.68 8.49
N UNK IB 97 139.47 -91.89 8.33
CA UNK IB 97 138.56 -92.14 7.22
C UNK IB 97 137.16 -92.57 7.62
N UNK IB 98 137.01 -93.71 8.30
CA UNK IB 98 135.75 -94.43 8.35
C UNK IB 98 134.82 -93.87 9.41
N UNK IB 99 133.62 -94.42 9.48
CA UNK IB 99 132.61 -93.95 10.42
C UNK IB 99 133.02 -94.36 11.82
N UNK IB 100 133.42 -93.38 12.62
CA UNK IB 100 133.73 -93.57 14.03
C UNK IB 100 133.00 -92.54 14.88
N UNK IB 101 133.30 -92.54 16.17
CA UNK IB 101 132.65 -91.62 17.11
C UNK IB 101 133.73 -90.95 17.94
N UNK IB 102 134.20 -89.81 17.48
CA UNK IB 102 135.05 -88.98 18.31
C UNK IB 102 134.20 -88.46 19.45
N UNK IB 103 134.45 -88.98 20.63
CA UNK IB 103 133.75 -88.48 21.79
C UNK IB 103 134.11 -87.03 22.05
N UNK IB 104 135.40 -86.73 22.09
CA UNK IB 104 135.84 -85.38 22.35
C UNK IB 104 137.19 -85.14 21.71
N UNK IB 105 137.48 -83.86 21.49
CA UNK IB 105 138.80 -83.41 21.07
C UNK IB 105 139.23 -82.22 21.92
N UNK IB 106 140.43 -82.30 22.46
CA UNK IB 106 141.01 -81.24 23.27
C UNK IB 106 142.41 -80.96 22.72
N UNK IB 107 142.63 -79.74 22.26
CA UNK IB 107 143.89 -79.39 21.61
C UNK IB 107 144.48 -78.18 22.30
N UNK IB 108 145.72 -78.33 22.77
CA UNK IB 108 146.47 -77.20 23.30
C UNK IB 108 147.51 -76.71 22.30
N UNK IB 109 147.53 -77.27 21.10
CA UNK IB 109 148.64 -77.02 20.17
C UNK IB 109 148.14 -77.13 18.73
N UNK IB 110 149.06 -77.36 17.80
CA UNK IB 110 148.82 -77.22 16.36
C UNK IB 110 148.44 -78.56 15.75
N UNK IB 111 147.16 -78.74 15.48
CA UNK IB 111 146.66 -80.03 15.00
C UNK IB 111 146.11 -79.85 13.60
N UNK IB 112 146.60 -80.68 12.70
CA UNK IB 112 146.00 -80.83 11.38
C UNK IB 112 145.19 -82.11 11.42
N UNK IB 113 144.05 -82.05 12.09
CA UNK IB 113 143.24 -83.24 12.27
C UNK IB 113 142.16 -83.28 11.20
N UNK IB 114 142.05 -84.43 10.55
CA UNK IB 114 141.09 -84.60 9.49
C UNK IB 114 140.39 -85.92 9.65
N UNK IB 115 139.15 -85.99 9.19
CA UNK IB 115 138.41 -87.23 9.13
C UNK IB 115 137.41 -87.13 8.00
N UNK IB 116 137.48 -88.07 7.07
CA UNK IB 116 136.57 -88.12 5.95
C UNK IB 116 135.16 -88.49 6.36
N UNK IB 117 134.98 -89.40 7.30
CA UNK IB 117 133.67 -89.69 7.83
C UNK IB 117 133.77 -89.71 9.34
N UNK IB 118 132.72 -89.25 10.00
CA UNK IB 118 132.61 -89.31 11.44
C UNK IB 118 131.12 -89.23 11.78
N UNK IB 119 130.53 -90.36 12.14
CA UNK IB 119 129.13 -90.39 12.55
C UNK IB 119 129.08 -90.47 14.08
N UNK IB 120 129.42 -89.37 14.72
CA UNK IB 120 129.34 -89.27 16.16
C UNK IB 120 128.09 -88.50 16.51
N UNK IB 121 127.96 -88.13 17.77
CA UNK IB 121 126.81 -87.36 18.20
C UNK IB 121 127.18 -86.03 18.84
N UNK IB 122 127.93 -86.07 19.94
CA UNK IB 122 128.21 -84.85 20.69
C UNK IB 122 129.72 -84.64 20.61
N UNK IB 123 130.14 -83.97 19.56
CA UNK IB 123 131.54 -83.64 19.39
C UNK IB 123 131.80 -82.41 20.24
N UNK IB 124 132.45 -82.61 21.36
CA UNK IB 124 132.85 -81.51 22.21
C UNK IB 124 134.31 -81.24 21.92
N UNK IB 125 134.59 -80.00 21.55
CA UNK IB 125 135.93 -79.60 21.18
C UNK IB 125 136.34 -78.41 22.03
N UNK IB 126 137.45 -78.55 22.74
CA UNK IB 126 138.03 -77.43 23.45
C UNK IB 126 139.37 -77.09 22.82
N UNK IB 127 139.59 -75.80 22.57
CA UNK IB 127 140.73 -75.35 21.79
C UNK IB 127 141.56 -74.35 22.58
N UNK IB 128 142.88 -74.48 22.43
CA UNK IB 128 143.85 -73.61 23.09
C UNK IB 128 144.95 -73.23 22.10
N UNK IB 129 144.69 -72.14 21.37
CA UNK IB 129 145.60 -71.22 20.70
C UNK IB 129 146.19 -71.65 19.36
N UNK IB 130 146.09 -72.91 18.92
CA UNK IB 130 146.86 -73.17 17.69
C UNK IB 130 146.22 -74.06 16.64
N UNK IB 131 145.33 -74.99 16.99
CA UNK IB 131 144.99 -76.06 16.07
C UNK IB 131 144.15 -75.57 14.89
N UNK IB 132 144.08 -76.40 13.87
CA UNK IB 132 143.19 -76.15 12.75
C UNK IB 132 142.74 -77.52 12.26
N UNK IB 133 141.64 -77.99 12.81
CA UNK IB 133 141.13 -79.29 12.44
C UNK IB 133 139.98 -79.11 11.49
N UNK IB 134 139.84 -80.05 10.58
CA UNK IB 134 138.77 -80.03 9.61
C UNK IB 134 138.32 -81.47 9.45
N UNK IB 135 137.28 -81.84 10.17
CA UNK IB 135 136.69 -83.16 10.04
C UNK IB 135 135.22 -82.97 9.74
N UNK IB 136 134.67 -83.77 8.83
CA UNK IB 136 133.31 -83.51 8.35
C UNK IB 136 132.67 -84.77 7.76
N UNK IB 137 131.76 -85.40 8.51
CA UNK IB 137 130.63 -86.04 7.84
C UNK IB 137 129.24 -85.69 8.37
N UNK IB 138 128.92 -86.11 9.60
CA UNK IB 138 127.54 -86.08 10.09
C UNK IB 138 127.52 -86.30 11.60
N UNK IB 139 127.16 -85.27 12.36
CA UNK IB 139 127.10 -85.34 13.81
C UNK IB 139 125.71 -84.98 14.31
N UNK IB 140 125.58 -84.85 15.62
CA UNK IB 140 124.33 -84.38 16.20
C UNK IB 140 124.49 -83.11 17.01
N UNK IB 141 125.43 -83.08 17.93
CA UNK IB 141 125.56 -81.93 18.81
C UNK IB 141 127.02 -81.53 18.76
N UNK IB 142 127.31 -80.48 18.02
CA UNK IB 142 128.66 -79.99 17.92
C UNK IB 142 128.82 -78.79 18.83
N UNK IB 143 129.61 -78.96 19.88
CA UNK IB 143 129.87 -77.88 20.80
C UNK IB 143 131.36 -77.60 20.85
N UNK IB 144 131.72 -76.34 20.79
CA UNK IB 144 133.13 -75.97 20.70
C UNK IB 144 133.41 -74.77 21.59
N UNK IB 145 134.25 -74.99 22.58
CA UNK IB 145 134.83 -73.93 23.37
C UNK IB 145 136.17 -73.60 22.77
N UNK IB 146 136.20 -72.58 21.92
CA UNK IB 146 137.45 -72.10 21.37
C UNK IB 146 137.93 -70.99 22.30
N UNK IB 147 138.54 -71.39 23.41
CA UNK IB 147 139.18 -70.42 24.29
C UNK IB 147 140.62 -70.22 23.84
N UNK IB 148 140.76 -69.65 22.65
CA UNK IB 148 141.89 -69.97 21.79
C UNK IB 148 142.31 -68.74 20.98
N UNK IB 149 143.19 -68.98 20.02
CA UNK IB 149 143.49 -68.04 18.93
C UNK IB 149 143.65 -68.79 17.62
N UNK IB 150 142.79 -69.77 17.37
CA UNK IB 150 143.07 -70.78 16.37
C UNK IB 150 141.98 -70.83 15.32
N UNK IB 151 142.07 -71.85 14.47
CA UNK IB 151 141.15 -72.01 13.36
C UNK IB 151 140.38 -73.29 13.54
N UNK IB 152 139.17 -73.30 13.01
CA UNK IB 152 138.25 -74.41 13.20
C UNK IB 152 137.45 -74.54 11.92
N UNK IB 153 137.94 -75.38 11.03
CA UNK IB 153 137.27 -75.54 9.75
C UNK IB 153 136.26 -76.66 9.82
N UNK IB 154 135.12 -76.46 9.15
CA UNK IB 154 134.10 -77.49 9.10
C UNK IB 154 133.24 -77.27 7.89
N UNK IB 155 133.20 -78.27 7.03
CA UNK IB 155 132.13 -78.46 6.07
C UNK IB 155 131.23 -79.59 6.52
N UNK IB 156 130.93 -79.63 7.83
CA UNK IB 156 130.25 -80.74 8.50
C UNK IB 156 128.78 -80.44 8.73
N UNK IB 157 127.93 -81.47 8.65
CA UNK IB 157 126.48 -81.32 8.80
C UNK IB 157 125.98 -81.98 10.09
N UNK IB 158 125.85 -81.18 11.15
CA UNK IB 158 125.22 -81.63 12.39
C UNK IB 158 123.86 -80.97 12.58
N UNK IB 159 123.03 -81.56 13.43
CA UNK IB 159 121.73 -80.97 13.66
C UNK IB 159 121.82 -79.77 14.59
N UNK IB 160 122.51 -79.91 15.71
CA UNK IB 160 122.54 -78.88 16.74
C UNK IB 160 123.96 -78.44 17.00
N UNK IB 161 124.13 -77.16 17.21
CA UNK IB 161 125.45 -76.62 17.43
C UNK IB 161 125.43 -75.61 18.54
N UNK IB 162 126.49 -75.60 19.33
CA UNK IB 162 126.75 -74.57 20.32
C UNK IB 162 128.24 -74.29 20.23
N UNK IB 163 128.59 -73.20 19.55
CA UNK IB 163 129.98 -72.83 19.33
C UNK IB 163 130.23 -71.47 19.94
N UNK IB 164 131.20 -71.40 20.82
CA UNK IB 164 131.56 -70.14 21.47
C UNK IB 164 133.06 -69.93 21.35
N UNK IB 165 133.44 -68.73 20.89
CA UNK IB 165 134.84 -68.37 20.67
C UNK IB 165 135.23 -67.14 21.49
N UNK IB 166 136.36 -67.22 22.17
CA UNK IB 166 136.72 -66.28 23.22
C UNK IB 166 137.41 -65.02 22.71
N UNK IB 167 138.46 -65.14 21.89
CA UNK IB 167 139.21 -63.96 21.45
C UNK IB 167 139.96 -64.33 20.16
N UNK IB 168 139.47 -63.80 19.04
CA UNK IB 168 140.19 -63.79 17.75
C UNK IB 168 140.47 -65.20 17.22
N UNK IB 169 139.47 -66.06 17.27
CA UNK IB 169 139.57 -67.31 16.57
C UNK IB 169 138.75 -67.25 15.29
N UNK IB 170 138.92 -68.24 14.45
CA UNK IB 170 138.23 -68.28 13.18
C UNK IB 170 137.52 -69.61 13.07
N UNK IB 171 136.21 -69.56 12.92
CA UNK IB 171 135.42 -70.78 12.89
C UNK IB 171 134.54 -70.78 11.67
N UNK IB 172 134.58 -71.88 10.94
CA UNK IB 172 133.70 -72.13 9.82
C UNK IB 172 132.89 -73.37 10.16
N UNK IB 173 131.59 -73.18 10.32
CA UNK IB 173 130.71 -74.25 10.76
C UNK IB 173 129.48 -74.34 9.86
N UNK IB 174 128.65 -75.35 10.14
CA UNK IB 174 127.38 -75.57 9.44
C UNK IB 174 126.48 -76.46 10.31
N UNK IB 175 125.20 -76.08 10.46
CA UNK IB 175 124.23 -76.79 11.30
C UNK IB 175 122.92 -77.05 10.54
N UNK IB 176 122.21 -78.11 10.93
CA UNK IB 176 120.95 -78.43 10.27
C UNK IB 176 119.77 -77.81 11.00
N UNK IB 177 119.54 -78.20 12.24
CA UNK IB 177 118.37 -77.71 12.96
C UNK IB 177 118.66 -76.48 13.77
N UNK IB 178 119.72 -76.48 14.57
CA UNK IB 178 119.95 -75.38 15.48
C UNK IB 178 121.38 -74.89 15.37
N UNK IB 179 121.55 -73.60 15.19
CA UNK IB 179 122.84 -72.96 15.31
C UNK IB 179 122.83 -72.13 16.58
N UNK IB 180 123.81 -72.37 17.42
CA UNK IB 180 123.97 -71.60 18.64
C UNK IB 180 125.37 -71.04 18.58
N UNK IB 181 125.48 -69.72 18.56
CA UNK IB 181 126.73 -69.10 18.22
C UNK IB 181 127.01 -67.90 19.12
N UNK IB 182 128.20 -67.90 19.71
CA UNK IB 182 128.65 -66.79 20.54
C UNK IB 182 130.07 -66.42 20.16
N UNK IB 183 130.29 -65.13 19.90
CA UNK IB 183 131.60 -64.64 19.48
C UNK IB 183 132.05 -63.50 20.37
N UNK IB 184 133.36 -63.48 20.68
CA UNK IB 184 133.94 -62.31 21.34
C UNK IB 184 135.27 -62.01 20.67
N UNK IB 185 135.36 -60.83 20.07
CA UNK IB 185 136.55 -60.34 19.38
C UNK IB 185 137.04 -61.28 18.28
N UNK IB 186 136.16 -62.09 17.70
CA UNK IB 186 136.57 -63.19 16.85
C UNK IB 186 135.69 -63.21 15.61
N UNK IB 187 135.92 -64.21 14.76
CA UNK IB 187 135.17 -64.32 13.52
C UNK IB 187 134.49 -65.66 13.47
N UNK IB 188 133.18 -65.63 13.33
CA UNK IB 188 132.43 -66.84 13.10
C UNK IB 188 132.02 -66.79 11.65
N UNK IB 189 132.83 -67.38 10.81
CA UNK IB 189 132.49 -67.48 9.40
C UNK IB 189 131.43 -68.56 9.30
N UNK IB 190 130.21 -68.22 9.71
CA UNK IB 190 129.17 -69.20 9.84
C UNK IB 190 128.70 -69.56 8.45
N UNK IB 191 129.36 -70.55 7.87
CA UNK IB 191 129.43 -70.73 6.44
C UNK IB 191 128.12 -71.17 5.81
N UNK IB 192 127.13 -71.50 6.61
CA UNK IB 192 125.86 -71.90 6.04
C UNK IB 192 124.75 -71.35 6.92
N UNK IB 193 123.53 -71.81 6.64
CA UNK IB 193 122.34 -71.37 7.36
C UNK IB 193 121.62 -72.55 8.02
N UNK IB 194 121.25 -72.40 9.29
CA UNK IB 194 120.54 -73.42 10.06
C UNK IB 194 119.04 -73.30 9.87
N UNK IB 195 118.32 -74.31 10.37
CA UNK IB 195 116.87 -74.18 10.46
C UNK IB 195 116.50 -73.08 11.43
N UNK IB 196 117.21 -72.99 12.53
CA UNK IB 196 117.02 -71.90 13.44
C UNK IB 196 118.40 -71.48 13.91
N UNK IB 197 118.78 -70.28 13.56
CA UNK IB 197 120.10 -69.79 13.83
C UNK IB 197 120.01 -68.78 14.97
N UNK IB 198 121.05 -68.76 15.79
CA UNK IB 198 121.08 -67.81 16.89
C UNK IB 198 122.53 -67.46 17.16
N UNK IB 199 122.78 -66.19 17.40
CA UNK IB 199 124.14 -65.74 17.64
C UNK IB 199 124.10 -64.48 18.48
N UNK IB 200 125.20 -64.23 19.19
CA UNK IB 200 125.45 -62.92 19.79
C UNK IB 200 126.94 -62.62 19.71
N UNK IB 201 127.25 -61.36 19.43
CA UNK IB 201 128.62 -60.92 19.26
C UNK IB 201 128.99 -59.91 20.33
N UNK IB 202 130.12 -60.13 20.98
CA UNK IB 202 130.64 -59.32 22.06
C UNK IB 202 131.59 -58.27 21.51
N UNK IB 203 132.41 -57.69 22.41
CA UNK IB 203 133.35 -56.62 22.09
C UNK IB 203 134.23 -56.98 20.91
N UNK IB 204 134.03 -56.26 19.81
CA UNK IB 204 134.76 -56.37 18.54
C UNK IB 204 134.58 -57.73 17.87
N UNK IB 205 133.41 -58.34 18.02
CA UNK IB 205 133.16 -59.67 17.48
C UNK IB 205 132.34 -59.59 16.20
N UNK IB 206 132.50 -60.61 15.34
CA UNK IB 206 131.82 -60.63 14.04
C UNK IB 206 131.45 -62.06 13.67
N UNK IB 207 130.16 -62.35 13.67
CA UNK IB 207 129.65 -63.64 13.23
C UNK IB 207 129.21 -63.54 11.77
N UNK IB 208 130.18 -63.58 10.89
CA UNK IB 208 129.91 -63.46 9.48
C UNK IB 208 129.25 -64.74 9.01
N UNK IB 209 127.93 -64.72 8.93
CA UNK IB 209 127.18 -65.90 8.52
C UNK IB 209 127.39 -66.08 7.03
N UNK IB 210 128.50 -66.68 6.68
CA UNK IB 210 129.01 -66.62 5.32
C UNK IB 210 128.36 -67.69 4.45
N UNK IB 211 127.07 -67.55 4.22
CA UNK IB 211 126.43 -68.45 3.29
C UNK IB 211 126.87 -68.14 1.87
N UNK IB 212 126.73 -69.12 1.00
CA UNK IB 212 127.22 -68.97 -0.37
C UNK IB 212 126.21 -68.16 -1.17
N UNK IB 213 126.48 -66.87 -1.33
CA UNK IB 213 125.68 -66.03 -2.20
C UNK IB 213 125.81 -66.50 -3.63
N UNK IB 214 124.80 -66.20 -4.42
CA UNK IB 214 124.59 -66.72 -5.77
C UNK IB 214 124.61 -68.24 -5.77
N UNK IB 215 123.58 -68.80 -5.16
CA UNK IB 215 123.33 -70.20 -5.33
C UNK IB 215 122.48 -70.41 -6.57
N UNK IB 216 122.06 -71.66 -6.80
CA UNK IB 216 121.08 -71.89 -7.85
C UNK IB 216 119.67 -72.00 -7.27
N UNK IB 217 119.55 -72.53 -6.05
CA UNK IB 217 118.33 -72.36 -5.25
C UNK IB 217 118.67 -72.43 -3.75
N UNK IB 218 119.05 -71.31 -3.18
CA UNK IB 218 119.15 -71.24 -1.73
C UNK IB 218 117.88 -70.61 -1.21
N UNK IB 219 117.17 -71.31 -0.34
CA UNK IB 219 116.01 -70.72 0.31
C UNK IB 219 116.47 -69.61 1.25
N UNK IB 220 115.69 -68.56 1.34
CA UNK IB 220 116.09 -67.39 2.10
C UNK IB 220 115.74 -67.54 3.57
N UNK IB 221 116.18 -66.56 4.36
CA UNK IB 221 115.98 -66.56 5.81
C UNK IB 221 114.51 -66.28 6.11
N UNK IB 222 113.87 -67.19 6.83
CA UNK IB 222 112.44 -67.08 7.07
C UNK IB 222 112.17 -66.15 8.24
N UNK IB 223 110.88 -65.92 8.53
CA UNK IB 223 110.49 -65.08 9.65
C UNK IB 223 110.88 -65.69 10.97
N UNK IB 224 110.89 -67.00 11.04
CA UNK IB 224 111.49 -67.65 12.18
C UNK IB 224 113.00 -67.57 12.15
N UNK IB 225 113.62 -67.43 11.00
CA UNK IB 225 115.06 -67.32 10.93
C UNK IB 225 115.51 -65.88 10.78
N UNK IB 226 114.58 -64.93 10.88
CA UNK IB 226 114.87 -63.53 10.66
C UNK IB 226 115.63 -62.99 11.87
N UNK IB 227 116.93 -62.85 11.70
CA UNK IB 227 117.77 -62.27 12.72
C UNK IB 227 118.27 -60.91 12.24
N UNK IB 228 118.97 -60.22 13.13
CA UNK IB 228 119.73 -59.06 12.73
C UNK IB 228 121.12 -59.50 12.35
N UNK JB 1 134.89 -93.62 -3.27
CA UNK JB 1 134.49 -92.27 -3.65
C UNK JB 1 133.58 -91.69 -2.60
N UNK JB 2 132.97 -92.57 -1.82
CA UNK JB 2 132.11 -92.16 -0.73
C UNK JB 2 132.35 -93.09 0.44
N UNK JB 3 132.32 -92.53 1.65
CA UNK JB 3 132.22 -93.35 2.84
C UNK JB 3 130.73 -93.58 3.02
N UNK JB 4 130.21 -94.50 2.23
CA UNK JB 4 128.80 -94.64 1.98
C UNK JB 4 128.22 -95.74 2.85
N UNK JB 5 126.89 -95.76 2.93
CA UNK JB 5 126.20 -96.83 3.62
C UNK JB 5 125.37 -97.63 2.61
N UNK JB 6 125.26 -98.93 2.89
CA UNK JB 6 124.41 -99.82 2.11
C UNK JB 6 122.95 -99.75 2.53
N UNK JB 7 122.62 -98.81 3.43
CA UNK JB 7 121.27 -98.56 3.87
C UNK JB 7 120.53 -97.74 2.80
N UNK JB 8 119.39 -97.16 3.17
CA UNK JB 8 118.58 -96.44 2.19
C UNK JB 8 119.23 -95.10 1.85
N UNK JB 9 120.36 -95.16 1.13
CA UNK JB 9 120.95 -94.05 0.38
C UNK JB 9 121.43 -92.88 1.25
N UNK JB 10 122.33 -93.16 2.19
CA UNK JB 10 123.04 -92.14 2.94
C UNK JB 10 124.55 -92.37 2.83
N UNK JB 11 125.32 -91.29 2.82
CA UNK JB 11 126.76 -91.41 2.58
C UNK JB 11 127.50 -90.19 3.08
N UNK JB 12 128.54 -90.42 3.89
CA UNK JB 12 129.66 -89.52 3.77
C UNK JB 12 130.27 -89.73 2.40
N UNK JB 13 130.86 -88.67 1.84
CA UNK JB 13 131.27 -88.78 0.46
C UNK JB 13 132.46 -87.88 0.21
N UNK JB 14 133.41 -88.41 -0.56
CA UNK JB 14 134.74 -87.85 -0.60
C UNK JB 14 135.03 -87.24 -1.95
N UNK JB 15 134.10 -86.42 -2.45
CA UNK JB 15 134.38 -85.66 -3.67
C UNK JB 15 135.32 -84.49 -3.36
N UNK JB 16 134.81 -83.45 -2.73
CA UNK JB 16 135.63 -82.43 -2.07
C UNK JB 16 135.27 -82.35 -0.60
N UNK JB 17 134.00 -82.12 -0.32
CA UNK JB 17 133.40 -82.34 0.99
C UNK JB 17 131.94 -82.63 0.71
N UNK JB 18 131.54 -83.90 0.72
CA UNK JB 18 130.23 -84.23 0.19
C UNK JB 18 129.49 -85.17 1.12
N UNK JB 19 128.17 -85.10 1.07
CA UNK JB 19 127.30 -86.01 1.82
C UNK JB 19 126.34 -86.59 0.80
N UNK JB 20 126.74 -87.71 0.20
CA UNK JB 20 125.96 -88.30 -0.89
C UNK JB 20 124.78 -89.06 -0.29
N UNK JB 21 123.60 -88.47 -0.39
CA UNK JB 21 122.38 -89.10 0.10
C UNK JB 21 121.30 -88.99 -0.95
N UNK JB 22 120.69 -90.12 -1.30
CA UNK JB 22 119.55 -90.14 -2.20
C UNK JB 22 118.29 -90.47 -1.39
N UNK JB 23 117.16 -90.66 -2.06
CA UNK JB 23 115.83 -90.63 -1.42
C UNK JB 23 115.22 -92.00 -1.16
N UNK JB 24 115.59 -93.03 -1.92
CA UNK JB 24 115.16 -94.43 -1.74
C UNK JB 24 113.64 -94.61 -1.85
N UNK JB 25 113.00 -93.75 -2.66
CA UNK JB 25 111.60 -93.93 -3.03
C UNK JB 25 111.43 -94.06 -4.52
N UNK JB 26 112.19 -93.30 -5.31
CA UNK JB 26 112.35 -93.58 -6.73
C UNK JB 26 113.56 -94.45 -7.01
N UNK JB 27 114.43 -94.65 -6.00
CA UNK JB 27 115.55 -95.60 -6.00
C UNK JB 27 116.57 -95.30 -7.10
N UNK JB 28 117.20 -94.13 -7.01
CA UNK JB 28 118.29 -93.76 -7.91
C UNK JB 28 119.64 -93.93 -7.22
N UNK JB 29 119.88 -95.14 -6.71
CA UNK JB 29 121.11 -95.44 -5.96
C UNK JB 29 122.14 -96.11 -6.86
N UNK JB 30 122.54 -95.40 -7.91
CA UNK JB 30 123.56 -95.91 -8.81
C UNK JB 30 124.97 -95.49 -8.40
N UNK JB 31 125.09 -94.61 -7.40
CA UNK JB 31 126.36 -94.10 -6.86
C UNK JB 31 127.24 -93.44 -7.94
N UNK JB 32 126.62 -92.62 -8.78
CA UNK JB 32 127.36 -91.77 -9.70
C UNK JB 32 126.60 -90.46 -9.83
N UNK JB 33 126.87 -89.53 -8.90
CA UNK JB 33 126.14 -88.27 -8.84
C UNK JB 33 127.09 -87.19 -8.32
N UNK JB 34 126.78 -85.94 -8.67
CA UNK JB 34 127.69 -84.83 -8.48
C UNK JB 34 126.99 -83.76 -7.63
N UNK JB 35 127.38 -83.65 -6.37
CA UNK JB 35 126.80 -82.67 -5.46
C UNK JB 35 127.76 -81.50 -5.25
N UNK JB 36 127.26 -80.26 -5.40
CA UNK JB 36 128.07 -79.08 -5.19
C UNK JB 36 127.28 -78.02 -4.41
N UNK JB 37 128.01 -77.06 -3.84
CA UNK JB 37 127.47 -76.14 -2.83
C UNK JB 37 127.02 -74.79 -3.41
N UNK JB 38 126.19 -74.81 -4.45
CA UNK JB 38 125.40 -73.65 -4.83
C UNK JB 38 124.00 -74.12 -5.20
N UNK JB 39 123.52 -75.15 -4.50
CA UNK JB 39 122.27 -75.87 -4.77
C UNK JB 39 122.23 -76.42 -6.19
N UNK JB 40 123.20 -77.29 -6.49
CA UNK JB 40 123.25 -78.01 -7.75
C UNK JB 40 123.76 -79.43 -7.49
N UNK JB 41 122.88 -80.41 -7.70
CA UNK JB 41 123.24 -81.83 -7.59
C UNK JB 41 122.84 -82.53 -8.88
N UNK JB 42 123.81 -82.73 -9.76
CA UNK JB 42 123.58 -83.40 -11.04
C UNK JB 42 123.68 -84.91 -10.82
N UNK JB 43 122.52 -85.56 -10.76
CA UNK JB 43 122.45 -87.01 -10.71
C UNK JB 43 122.16 -87.54 -12.11
N UNK JB 44 121.82 -88.83 -12.23
CA UNK JB 44 121.72 -89.46 -13.54
C UNK JB 44 120.28 -89.57 -14.05
N UNK JB 45 119.46 -90.40 -13.40
CA UNK JB 45 118.11 -90.67 -13.91
C UNK JB 45 117.17 -89.50 -13.67
N UNK JB 46 117.19 -88.94 -12.46
CA UNK JB 46 116.38 -87.79 -12.09
C UNK JB 46 117.21 -86.94 -11.12
N UNK JB 47 116.55 -86.08 -10.36
CA UNK JB 47 117.19 -85.35 -9.27
C UNK JB 47 116.91 -86.05 -7.95
N UNK JB 48 117.97 -86.28 -7.17
CA UNK JB 48 117.88 -87.02 -5.92
C UNK JB 48 118.55 -86.24 -4.80
N UNK JB 49 118.01 -86.38 -3.59
CA UNK JB 49 118.49 -85.65 -2.42
C UNK JB 49 118.15 -86.42 -1.15
N UNK JB 50 118.55 -85.85 -0.01
CA UNK JB 50 118.28 -86.46 1.29
C UNK JB 50 116.84 -86.20 1.71
N UNK JB 51 116.40 -86.92 2.75
CA UNK JB 51 115.01 -86.91 3.20
C UNK JB 51 114.72 -85.62 3.94
N UNK JB 52 113.84 -84.80 3.36
CA UNK JB 52 113.40 -83.56 3.99
C UNK JB 52 111.93 -83.26 3.70
N UNK KB 1 107.71 -23.85 6.57
CA UNK KB 1 106.87 -23.52 5.43
C UNK KB 1 107.72 -23.38 4.19
N UNK KB 2 108.18 -22.14 3.97
CA UNK KB 2 109.32 -21.85 3.11
C UNK KB 2 110.23 -20.93 3.91
N UNK KB 3 109.89 -20.76 5.18
CA UNK KB 3 110.40 -19.68 5.99
C UNK KB 3 111.78 -20.06 6.50
N UNK KB 4 112.68 -19.08 6.45
CA UNK KB 4 114.08 -19.12 6.86
C UNK KB 4 114.93 -20.05 6.01
N UNK KB 5 114.36 -20.76 5.03
CA UNK KB 5 115.19 -21.48 4.08
C UNK KB 5 115.83 -20.46 3.16
N UNK KB 6 114.99 -19.76 2.43
CA UNK KB 6 115.23 -18.40 2.00
C UNK KB 6 113.84 -17.82 1.82
N UNK KB 7 113.74 -16.78 1.01
CA UNK KB 7 112.43 -16.24 0.72
C UNK KB 7 111.61 -17.26 -0.07
N UNK KB 8 110.31 -17.29 0.18
CA UNK KB 8 109.43 -18.13 -0.61
C UNK KB 8 109.40 -17.58 -2.01
N UNK KB 9 110.26 -18.13 -2.87
CA UNK KB 9 110.56 -17.48 -4.14
C UNK KB 9 109.36 -17.55 -5.07
N UNK KB 10 109.03 -18.72 -5.52
CA UNK KB 10 107.74 -18.90 -6.15
C UNK KB 10 106.89 -19.67 -5.18
N UNK KB 11 105.69 -20.01 -5.60
CA UNK KB 11 104.90 -21.01 -4.91
C UNK KB 11 104.51 -21.97 -6.02
N UNK KB 12 105.31 -23.01 -6.18
CA UNK KB 12 105.37 -23.74 -7.43
C UNK KB 12 104.06 -24.46 -7.66
N UNK KB 13 103.45 -24.16 -8.79
CA UNK KB 13 102.25 -24.86 -9.18
C UNK KB 13 102.60 -26.31 -9.48
N UNK KB 14 101.59 -27.16 -9.31
CA UNK KB 14 101.74 -28.61 -9.27
C UNK KB 14 102.79 -29.02 -8.24
N UNK KB 15 102.82 -28.30 -7.12
CA UNK KB 15 103.82 -28.53 -6.09
C UNK KB 15 103.39 -27.82 -4.82
N UNK KB 16 104.32 -27.76 -3.89
CA UNK KB 16 104.24 -26.95 -2.68
C UNK KB 16 104.67 -25.53 -3.02
N UNK KB 17 104.96 -24.75 -2.00
CA UNK KB 17 105.63 -23.48 -2.24
C UNK KB 17 107.08 -23.73 -2.63
N UNK KB 18 107.75 -22.67 -3.06
CA UNK KB 18 109.16 -22.72 -3.43
C UNK KB 18 109.92 -21.66 -2.65
N UNK KB 19 110.66 -22.09 -1.64
CA UNK KB 19 111.60 -21.18 -1.02
C UNK KB 19 112.73 -20.86 -1.98
N UNK KB 20 113.44 -19.77 -1.72
CA UNK KB 20 114.57 -19.43 -2.58
C UNK KB 20 115.82 -20.20 -2.19
N UNK KB 21 115.73 -21.10 -1.23
CA UNK KB 21 116.78 -22.09 -1.03
C UNK KB 21 116.49 -23.35 -1.82
N UNK KB 22 115.31 -23.94 -1.66
CA UNK KB 22 114.94 -25.16 -2.36
C UNK KB 22 113.44 -25.22 -2.52
N UNK KB 23 112.95 -26.33 -3.09
CA UNK KB 23 111.52 -26.56 -3.19
C UNK KB 23 110.97 -26.75 -1.80
N UNK KB 24 110.03 -25.91 -1.42
CA UNK KB 24 109.66 -25.83 -0.02
C UNK KB 24 108.65 -26.90 0.35
N UNK KB 25 108.29 -26.92 1.63
CA UNK KB 25 107.36 -27.90 2.16
C UNK KB 25 105.96 -27.34 2.34
N UNK KB 26 105.80 -26.02 2.30
CA UNK KB 26 104.49 -25.41 2.44
C UNK KB 26 103.66 -25.73 1.22
N UNK KB 27 102.71 -26.64 1.38
CA UNK KB 27 101.92 -27.15 0.26
C UNK KB 27 101.08 -26.03 -0.33
N UNK KB 28 101.14 -25.88 -1.65
CA UNK KB 28 100.62 -24.68 -2.28
C UNK KB 28 99.12 -24.75 -2.51
N UNK KB 29 98.67 -25.67 -3.36
CA UNK KB 29 97.36 -25.56 -3.95
C UNK KB 29 96.31 -26.36 -3.18
N UNK KB 30 95.04 -26.03 -3.43
CA UNK KB 30 93.98 -26.92 -3.02
C UNK KB 30 93.96 -28.16 -3.88
N UNK KB 31 94.44 -28.06 -5.11
CA UNK KB 31 94.61 -29.21 -5.97
C UNK KB 31 95.96 -29.86 -5.71
N UNK KB 32 96.73 -29.33 -4.77
CA UNK KB 32 98.00 -29.96 -4.46
C UNK KB 32 97.75 -31.19 -3.60
N UNK KB 33 98.74 -32.08 -3.56
CA UNK KB 33 98.60 -33.34 -2.84
C UNK KB 33 99.01 -33.17 -1.38
N UNK KB 34 98.25 -32.31 -0.71
CA UNK KB 34 98.19 -32.36 0.74
C UNK KB 34 97.62 -33.71 1.10
N UNK KB 35 98.19 -34.34 2.12
CA UNK KB 35 97.86 -35.73 2.44
C UNK KB 35 96.49 -35.81 3.10
N UNK KB 36 95.54 -36.37 2.36
CA UNK KB 36 94.20 -36.59 2.87
C UNK KB 36 94.02 -38.06 3.27
N UNK KB 37 93.69 -38.26 4.54
CA UNK KB 37 93.37 -39.59 5.03
C UNK KB 37 92.18 -39.61 5.96
N UNK KB 38 91.55 -38.48 6.23
CA UNK KB 38 90.45 -38.44 7.19
C UNK KB 38 89.33 -37.55 6.66
N UNK KB 39 88.40 -38.16 5.92
CA UNK KB 39 87.20 -37.44 5.55
C UNK KB 39 86.33 -37.22 6.78
N UNK KB 40 85.44 -36.25 6.70
CA UNK KB 40 84.54 -35.96 7.82
C UNK KB 40 83.21 -35.48 7.27
N UNK KB 41 82.27 -36.41 7.08
CA UNK KB 41 80.99 -36.05 6.49
C UNK KB 41 79.96 -37.12 6.84
N UNK KB 42 78.72 -36.81 6.50
CA UNK KB 42 77.64 -37.77 6.64
C UNK KB 42 77.52 -38.58 5.37
N UNK KB 43 77.41 -39.89 5.54
CA UNK KB 43 77.36 -40.88 4.47
C UNK KB 43 78.60 -40.79 3.56
N UNK KB 44 79.69 -40.29 4.13
CA UNK KB 44 80.98 -40.28 3.47
C UNK KB 44 81.49 -41.70 3.44
N UNK KB 45 82.16 -42.03 2.34
CA UNK KB 45 82.66 -43.35 1.97
C UNK KB 45 81.54 -44.34 1.70
N UNK KB 46 80.31 -44.02 2.06
CA UNK KB 46 79.16 -44.50 1.34
C UNK KB 46 78.93 -43.47 0.26
N UNK KB 47 77.92 -43.69 -0.55
CA UNK KB 47 77.41 -42.54 -1.25
C UNK KB 47 76.83 -41.58 -0.24
N UNK KB 48 76.96 -40.29 -0.51
CA UNK KB 48 76.52 -39.28 0.42
C UNK KB 48 75.00 -39.20 0.48
N UNK KB 49 74.48 -38.15 1.10
CA UNK KB 49 73.05 -38.08 1.38
C UNK KB 49 72.25 -37.84 0.11
N UNK KB 50 71.38 -38.78 -0.24
CA UNK KB 50 70.28 -38.45 -1.13
C UNK KB 50 69.40 -37.47 -0.39
N UNK KB 51 69.54 -36.19 -0.69
CA UNK KB 51 68.95 -35.17 0.18
C UNK KB 51 67.47 -34.95 -0.03
N UNK KB 52 66.74 -35.94 -0.55
CA UNK KB 52 65.33 -35.81 -0.90
C UNK KB 52 64.39 -35.70 0.30
N UNK KB 53 64.79 -36.15 1.49
CA UNK KB 53 63.86 -36.24 2.62
C UNK KB 53 64.21 -35.25 3.72
N UNK KB 54 63.59 -35.42 4.89
CA UNK KB 54 63.86 -34.64 6.10
C UNK KB 54 63.58 -35.47 7.36
N UNK KB 55 64.63 -35.91 8.03
CA UNK KB 55 64.48 -36.70 9.26
C UNK KB 55 65.70 -36.45 10.15
N UNK KB 56 65.66 -36.95 11.38
CA UNK KB 56 66.86 -36.94 12.22
C UNK KB 56 67.91 -37.83 11.60
N UNK KB 57 67.55 -39.06 11.30
CA UNK KB 57 68.41 -39.89 10.47
C UNK KB 57 68.37 -39.40 9.03
N UNK KB 58 69.43 -39.70 8.31
CA UNK KB 58 69.56 -39.27 6.92
C UNK KB 58 69.75 -40.50 6.06
N UNK KB 59 69.16 -40.49 4.88
CA UNK KB 59 69.35 -41.56 3.93
C UNK KB 59 70.48 -41.22 2.98
N UNK KB 60 71.32 -42.20 2.70
CA UNK KB 60 72.38 -41.98 1.75
C UNK KB 60 71.83 -41.95 0.34
N UNK KB 61 72.67 -41.56 -0.61
CA UNK KB 61 72.37 -41.83 -2.00
C UNK KB 61 72.48 -43.30 -2.30
N UNK KB 62 73.23 -44.03 -1.49
CA UNK KB 62 73.19 -45.47 -1.46
C UNK KB 62 72.10 -45.98 -0.54
N UNK KB 63 71.23 -45.09 -0.06
CA UNK KB 63 70.07 -45.41 0.78
C UNK KB 63 70.47 -46.12 2.07
N UNK KB 64 71.63 -45.79 2.59
CA UNK KB 64 72.03 -46.26 3.90
C UNK KB 64 71.59 -45.21 4.90
N UNK KB 65 71.15 -45.65 6.06
CA UNK KB 65 70.67 -44.73 7.08
C UNK KB 65 71.85 -44.15 7.81
N UNK KB 66 71.97 -42.83 7.79
CA UNK KB 66 73.02 -42.16 8.53
C UNK KB 66 72.63 -42.16 10.00
N UNK KB 67 72.80 -43.31 10.64
CA UNK KB 67 72.55 -43.40 12.05
C UNK KB 67 73.59 -42.63 12.84
N UNK KB 68 74.80 -42.51 12.31
CA UNK KB 68 75.79 -41.62 12.89
C UNK KB 68 75.39 -40.17 12.75
N UNK KB 69 74.51 -39.86 11.82
CA UNK KB 69 73.98 -38.51 11.71
C UNK KB 69 72.52 -38.48 12.07
N UNK KB 70 72.09 -39.37 12.95
CA UNK KB 70 70.69 -39.40 13.32
C UNK KB 70 70.41 -38.56 14.57
N LYS LB 24 102.46 -56.41 48.01
CA LYS LB 24 102.65 -55.93 46.65
C LYS LB 24 102.56 -57.08 45.67
N PHE LB 25 101.86 -56.89 44.57
CA PHE LB 25 101.52 -58.01 43.71
C PHE LB 25 101.25 -57.54 42.30
N LYS LB 26 101.55 -58.38 41.32
CA LYS LB 26 101.39 -57.97 39.93
C LYS LB 26 101.40 -59.19 39.01
N LYS LB 27 100.34 -59.36 38.23
CA LYS LB 27 100.43 -60.26 37.09
C LYS LB 27 101.27 -59.62 36.00
N PRO LB 28 102.14 -60.39 35.34
CA PRO LB 28 103.26 -59.79 34.60
C PRO LB 28 102.85 -59.01 33.37
N PRO LB 29 102.13 -59.56 32.35
CA PRO LB 29 102.09 -58.82 31.09
C PRO LB 29 101.08 -57.69 31.12
N ILE LB 30 101.62 -56.50 31.18
CA ILE LB 30 100.83 -55.29 31.33
C ILE LB 30 101.04 -54.46 30.07
N ASN LB 31 100.04 -54.46 29.22
CA ASN LB 31 100.14 -53.81 27.92
C ASN LB 31 99.68 -52.37 28.01
N ASN LB 32 99.50 -51.78 26.87
CA ASN LB 32 98.79 -50.53 26.82
C ASN LB 32 97.30 -50.80 26.82
N PRO LB 33 96.49 -49.85 27.24
CA PRO LB 33 95.04 -50.05 27.21
C PRO LB 33 94.53 -50.12 25.78
N SER LB 34 93.65 -51.07 25.52
CA SER LB 34 93.13 -51.30 24.18
C SER LB 34 91.85 -50.50 23.97
N ASP LB 35 91.13 -50.86 22.92
CA ASP LB 35 89.81 -50.33 22.68
C ASP LB 35 88.94 -51.46 22.13
N ASP LB 36 87.67 -51.44 22.55
CA ASP LB 36 86.72 -52.48 22.22
C ASP LB 36 86.52 -52.64 20.74
N ALA LB 37 86.63 -51.53 20.01
CA ALA LB 37 86.60 -51.61 18.57
C ALA LB 37 87.68 -52.53 18.07
N THR LB 38 88.92 -52.24 18.44
CA THR LB 38 90.06 -53.05 18.04
C THR LB 38 89.92 -54.46 18.51
N ILE LB 39 89.30 -54.59 19.67
CA ILE LB 39 88.99 -55.88 20.20
C ILE LB 39 88.10 -56.63 19.25
N LYS LB 40 86.94 -56.07 18.95
CA LYS LB 40 85.96 -56.81 18.18
C LYS LB 40 86.41 -57.00 16.75
N LEU LB 41 87.28 -56.12 16.30
CA LEU LB 41 88.10 -56.39 15.14
C LEU LB 41 88.93 -57.64 15.31
N ALA LB 42 89.52 -57.83 16.47
CA ALA LB 42 90.44 -58.95 16.56
C ALA LB 42 89.70 -60.27 16.55
N GLU LB 43 88.62 -60.37 17.30
CA GLU LB 43 87.95 -61.66 17.16
C GLU LB 43 87.13 -61.77 15.90
N ALA LB 44 86.87 -60.67 15.20
CA ALA LB 44 86.52 -60.80 13.81
C ALA LB 44 87.61 -61.54 13.08
N ALA LB 45 88.80 -61.02 13.22
CA ALA LB 45 89.86 -61.35 12.31
C ALA LB 45 90.32 -62.76 12.52
N VAL LB 46 90.36 -63.17 13.77
CA VAL LB 46 90.95 -64.47 14.02
C VAL LB 46 90.00 -65.53 13.59
N SER LB 47 88.72 -65.23 13.70
CA SER LB 47 87.69 -66.16 13.30
C SER LB 47 87.73 -66.36 11.81
N VAL LB 48 87.78 -65.26 11.07
CA VAL LB 48 87.85 -65.43 9.64
C VAL LB 48 89.19 -65.99 9.22
N SER LB 49 90.22 -65.74 10.01
CA SER LB 49 91.55 -66.23 9.74
C SER LB 49 91.59 -67.73 9.81
N ASP LB 50 91.02 -68.28 10.85
CA ASP LB 50 91.04 -69.72 10.96
C ASP LB 50 90.12 -70.33 9.95
N SER LB 51 89.03 -69.63 9.63
CA SER LB 51 88.16 -70.09 8.57
C SER LB 51 88.93 -70.21 7.28
N MET LB 52 89.73 -69.22 6.96
CA MET LB 52 90.44 -69.32 5.72
C MET LB 52 91.65 -70.22 5.88
N LEU LB 53 92.04 -70.48 7.10
CA LEU LB 53 93.12 -71.42 7.31
C LEU LB 53 92.67 -72.84 7.03
N GLU LB 54 91.58 -73.23 7.65
CA GLU LB 54 91.05 -74.57 7.43
C GLU LB 54 90.66 -74.73 5.98
N MET LB 55 90.08 -73.68 5.41
CA MET LB 55 90.00 -73.53 3.99
C MET LB 55 91.23 -73.90 3.27
N ALA LB 56 92.32 -73.19 3.59
CA ALA LB 56 93.56 -73.27 2.88
C ALA LB 56 94.05 -74.69 2.83
N LYS LB 57 93.95 -75.37 3.95
CA LYS LB 57 94.37 -76.76 3.92
C LYS LB 57 93.38 -77.63 3.18
N VAL LB 58 92.11 -77.23 3.12
CA VAL LB 58 91.16 -78.03 2.39
C VAL LB 58 91.44 -78.00 0.90
N GLU LB 59 91.74 -76.83 0.35
CA GLU LB 59 91.94 -76.93 -1.08
C GLU LB 59 93.32 -77.47 -1.38
N LYS LB 60 94.28 -77.28 -0.46
CA LYS LB 60 95.59 -77.78 -0.84
C LYS LB 60 95.66 -79.29 -0.72
N VAL LB 61 94.67 -79.88 -0.07
CA VAL LB 61 94.54 -81.32 -0.18
C VAL LB 61 93.61 -81.74 -1.32
N ILE LB 62 92.58 -80.95 -1.65
CA ILE LB 62 91.72 -81.42 -2.74
C ILE LB 62 92.44 -81.29 -4.07
N THR LB 63 93.35 -80.33 -4.18
CA THR LB 63 94.17 -80.22 -5.38
C THR LB 63 95.59 -80.31 -4.88
N PRO LB 64 96.32 -81.31 -5.32
CA PRO LB 64 97.72 -81.38 -5.01
C PRO LB 64 98.50 -80.44 -5.90
N PRO LB 65 99.37 -79.61 -5.32
CA PRO LB 65 100.21 -78.72 -6.15
C PRO LB 65 101.36 -79.49 -6.78
N SER LB 66 101.64 -79.18 -8.04
CA SER LB 66 102.66 -79.95 -8.75
C SER LB 66 104.02 -79.27 -8.72
N LYS LB 67 104.11 -78.02 -9.17
CA LYS LB 67 105.41 -77.38 -9.31
C LYS LB 67 105.41 -75.97 -8.74
N ASP LB 68 106.60 -75.55 -8.33
CA ASP LB 68 106.84 -74.26 -7.70
C ASP LB 68 106.96 -73.20 -8.79
N ASN LB 69 107.40 -72.00 -8.44
CA ASN LB 69 107.73 -71.01 -9.44
C ASN LB 69 109.19 -70.61 -9.37
N THR LB 70 109.99 -71.35 -8.63
CA THR LB 70 111.40 -71.02 -8.63
C THR LB 70 112.10 -71.50 -9.89
N LEU LB 71 111.52 -72.46 -10.60
CA LEU LB 71 112.16 -72.88 -11.83
C LEU LB 71 112.00 -71.83 -12.91
N THR LB 72 110.99 -71.00 -12.79
CA THR LB 72 110.87 -69.90 -13.70
C THR LB 72 111.35 -68.61 -13.06
N ILE LB 73 111.54 -68.59 -11.75
CA ILE LB 73 112.26 -67.49 -11.13
C ILE LB 73 113.39 -68.06 -10.28
N PRO LB 74 114.55 -68.28 -10.85
CA PRO LB 74 115.71 -68.65 -10.04
C PRO LB 74 116.55 -67.44 -9.69
N ASN LB 75 117.34 -67.61 -8.64
CA ASN LB 75 118.07 -66.50 -8.06
C ASN LB 75 119.31 -66.15 -8.87
N ALA LB 76 119.90 -65.00 -8.55
CA ALA LB 76 121.13 -64.59 -9.20
C ALA LB 76 121.89 -63.62 -8.32
N TYR LB 77 123.20 -63.64 -8.44
CA TYR LB 77 123.96 -62.55 -7.86
C TYR LB 77 123.60 -61.31 -8.62
N ASN LB 78 123.27 -60.26 -7.87
CA ASN LB 78 122.51 -59.03 -8.10
C ASN LB 78 121.01 -59.28 -8.01
N LEU LB 79 120.55 -60.52 -7.87
CA LEU LB 79 119.18 -60.70 -7.49
C LEU LB 79 119.03 -60.91 -6.01
N GLN LB 80 120.12 -61.23 -5.34
CA GLN LB 80 120.00 -61.37 -3.90
C GLN LB 80 120.10 -60.06 -3.14
N ALA LB 81 119.93 -58.91 -3.78
CA ALA LB 81 119.83 -57.72 -2.96
C ALA LB 81 118.50 -57.74 -2.22
N ARG LB 82 118.47 -57.05 -1.11
CA ARG LB 82 117.30 -57.24 -0.27
C ARG LB 82 116.42 -56.02 -0.35
N ALA LB 83 115.16 -56.20 0.03
CA ALA LB 83 114.22 -55.10 -0.02
C ALA LB 83 113.12 -55.29 1.03
N SER LB 84 112.62 -54.15 1.54
CA SER LB 84 111.52 -54.07 2.51
C SER LB 84 110.45 -53.13 2.00
N VAL LB 85 109.21 -53.62 1.86
CA VAL LB 85 108.23 -52.96 1.00
C VAL LB 85 106.86 -52.90 1.68
N ASP LB 86 106.18 -51.76 1.53
CA ASP LB 86 104.73 -51.75 1.46
C ASP LB 86 104.26 -51.17 0.14
N TRP LB 87 103.09 -51.64 -0.30
CA TRP LB 87 102.63 -51.34 -1.63
C TRP LB 87 101.17 -51.68 -1.71
N SER LB 88 100.47 -50.98 -2.57
CA SER LB 88 99.10 -51.32 -2.87
C SER LB 88 98.76 -51.05 -4.32
N GLY LB 89 99.68 -50.54 -5.10
CA GLY LB 89 99.33 -50.10 -6.42
C GLY LB 89 99.27 -51.25 -7.40
N PRO LB 90 99.48 -50.91 -8.63
CA PRO LB 90 99.45 -51.93 -9.67
C PRO LB 90 100.81 -52.55 -9.81
N ILE LB 91 100.93 -53.34 -10.84
CA ILE LB 91 102.06 -54.23 -10.91
C ILE LB 91 103.26 -53.58 -11.57
N GLU LB 92 103.04 -52.80 -12.61
CA GLU LB 92 104.12 -52.39 -13.49
C GLU LB 92 105.03 -51.38 -12.85
N GLU LB 93 104.46 -50.47 -12.07
CA GLU LB 93 105.24 -49.48 -11.35
C GLU LB 93 106.20 -50.16 -10.42
N LEU LB 94 105.69 -51.18 -9.76
CA LEU LB 94 106.48 -51.92 -8.82
C LEU LB 94 107.59 -52.69 -9.52
N THR LB 95 107.25 -53.39 -10.61
CA THR LB 95 108.25 -54.19 -11.31
C THR LB 95 109.32 -53.34 -11.94
N ALA LB 96 108.95 -52.16 -12.41
CA ALA LB 96 109.94 -51.22 -12.91
C ALA LB 96 110.89 -50.79 -11.82
N ARG LB 97 110.35 -50.48 -10.63
CA ARG LB 97 111.22 -50.05 -9.55
C ARG LB 97 112.14 -51.15 -9.10
N ILE LB 98 111.66 -52.37 -9.18
CA ILE LB 98 112.51 -53.45 -8.75
C ILE LB 98 113.58 -53.71 -9.79
N ALA LB 99 113.21 -53.68 -11.07
CA ALA LB 99 114.16 -53.97 -12.13
C ALA LB 99 115.22 -52.88 -12.23
N LYS LB 100 114.84 -51.65 -11.96
CA LYS LB 100 115.81 -50.58 -11.97
C LYS LB 100 116.72 -50.67 -10.76
N ALA LB 101 116.24 -51.19 -9.64
CA ALA LB 101 117.21 -51.39 -8.57
C ALA LB 101 118.00 -52.66 -8.74
N ALA LB 102 117.52 -53.55 -9.60
CA ALA LB 102 118.19 -54.81 -9.85
C ALA LB 102 119.06 -54.77 -11.06
N HIS LB 103 119.08 -53.63 -11.74
CA HIS LB 103 119.77 -53.44 -13.00
C HIS LB 103 119.31 -54.47 -14.00
N PHE LB 104 118.03 -54.71 -14.01
CA PHE LB 104 117.43 -55.56 -15.01
C PHE LB 104 116.67 -54.70 -15.97
N ARG LB 105 116.89 -54.96 -17.25
CA ARG LB 105 115.96 -54.49 -18.25
C ARG LB 105 114.61 -55.11 -17.99
N PHE LB 106 113.58 -54.27 -17.90
CA PHE LB 106 112.23 -54.74 -17.68
C PHE LB 106 111.45 -54.63 -18.98
N ARG LB 107 110.64 -55.64 -19.25
CA ARG LB 107 109.78 -55.56 -20.40
C ARG LB 107 108.48 -56.27 -20.10
N VAL LB 108 107.53 -56.11 -21.01
CA VAL LB 108 106.24 -56.75 -20.88
C VAL LB 108 105.94 -57.50 -22.16
N LEU LB 109 105.03 -58.46 -22.05
CA LEU LB 109 104.52 -59.22 -23.18
C LEU LB 109 103.02 -59.29 -23.09
N GLY LB 110 102.36 -59.04 -24.22
CA GLY LB 110 100.92 -59.00 -24.22
C GLY LB 110 100.44 -57.64 -23.76
N LYS LB 111 99.20 -57.31 -24.07
CA LYS LB 111 98.68 -56.00 -23.70
C LYS LB 111 98.08 -56.04 -22.30
N SER LB 112 98.04 -54.89 -21.67
CA SER LB 112 97.44 -54.83 -20.35
C SER LB 112 95.92 -54.83 -20.43
N PRO LB 113 95.25 -55.48 -19.49
CA PRO LB 113 93.80 -55.39 -19.45
C PRO LB 113 93.39 -54.01 -19.01
N SER LB 114 92.18 -53.65 -19.39
CA SER LB 114 91.63 -52.36 -19.03
C SER LB 114 91.51 -52.19 -17.53
N VAL LB 115 91.02 -53.20 -16.83
CA VAL LB 115 91.08 -53.15 -15.38
C VAL LB 115 92.52 -53.39 -15.00
N PRO LB 116 93.03 -52.70 -13.99
CA PRO LB 116 94.37 -53.00 -13.52
C PRO LB 116 94.35 -54.24 -12.66
N VAL LB 117 95.42 -54.89 -12.62
CA VAL LB 117 95.60 -55.84 -11.56
C VAL LB 117 96.38 -55.12 -10.48
N LEU LB 118 96.01 -55.40 -9.25
CA LEU LB 118 96.51 -54.61 -8.15
C LEU LB 118 97.08 -55.57 -7.14
N ILE LB 119 98.27 -55.29 -6.68
CA ILE LB 119 98.81 -56.09 -5.62
C ILE LB 119 99.07 -55.22 -4.44
N SER LB 120 99.07 -55.83 -3.30
CA SER LB 120 99.29 -55.12 -2.06
C SER LB 120 100.30 -55.96 -1.31
N ILE LB 121 101.55 -55.58 -1.39
CA ILE LB 121 102.61 -56.38 -0.83
C ILE LB 121 103.17 -55.62 0.34
N SER LB 122 103.20 -56.28 1.48
CA SER LB 122 103.72 -55.66 2.69
C SER LB 122 104.56 -56.69 3.42
N THR LB 123 105.84 -56.77 3.08
CA THR LB 123 106.75 -57.66 3.78
C THR LB 123 107.93 -56.84 4.24
N LYS LB 124 108.80 -57.47 5.01
CA LYS LB 124 109.98 -56.81 5.54
C LYS LB 124 111.21 -57.65 5.25
N ASP LB 125 112.11 -57.09 4.43
CA ASP LB 125 113.52 -57.50 4.35
C ASP LB 125 113.71 -58.93 3.84
N GLU LB 126 113.34 -59.15 2.60
CA GLU LB 126 113.72 -60.37 1.91
C GLU LB 126 114.25 -60.03 0.54
N SER LB 127 114.79 -61.04 -0.11
CA SER LB 127 115.42 -60.67 -1.34
C SER LB 127 114.43 -60.66 -2.45
N LEU LB 128 114.97 -60.27 -3.56
CA LEU LB 128 114.15 -59.92 -4.67
C LEU LB 128 113.52 -61.12 -5.30
N ALA LB 129 114.22 -62.24 -5.37
CA ALA LB 129 113.70 -63.38 -6.11
C ALA LB 129 112.43 -63.91 -5.47
N GLU LB 130 112.41 -63.96 -4.17
CA GLU LB 130 111.21 -64.38 -3.51
C GLU LB 130 110.19 -63.27 -3.51
N ILE LB 131 110.63 -62.01 -3.52
CA ILE LB 131 109.68 -60.92 -3.72
C ILE LB 131 108.98 -61.09 -5.06
N LEU LB 132 109.73 -61.43 -6.09
CA LEU LB 132 109.11 -61.73 -7.37
C LEU LB 132 108.21 -62.93 -7.28
N ARG LB 133 108.61 -63.94 -6.54
CA ARG LB 133 107.81 -65.14 -6.48
C ARG LB 133 106.47 -64.85 -5.85
N ASP LB 134 106.47 -64.08 -4.78
CA ASP LB 134 105.19 -63.91 -4.14
C ASP LB 134 104.37 -62.87 -4.84
N ILE LB 135 104.99 -61.91 -5.53
CA ILE LB 135 104.11 -61.02 -6.26
C ILE LB 135 103.57 -61.71 -7.49
N ASP LB 136 104.27 -62.69 -8.02
CA ASP LB 136 103.68 -63.52 -9.06
C ASP LB 136 102.49 -64.29 -8.54
N TYR LB 137 102.65 -64.81 -7.35
CA TYR LB 137 101.54 -65.49 -6.71
C TYR LB 137 100.39 -64.54 -6.46
N GLN LB 138 100.69 -63.32 -6.02
CA GLN LB 138 99.64 -62.33 -5.83
C GLN LB 138 98.98 -61.97 -7.13
N ALA LB 139 99.73 -61.91 -8.20
CA ALA LB 139 99.12 -61.82 -9.52
C ALA LB 139 99.03 -63.21 -10.14
N GLY LB 140 98.52 -64.13 -9.35
CA GLY LB 140 98.07 -65.41 -9.87
C GLY LB 140 97.08 -65.21 -10.99
N LYS LB 141 97.33 -65.90 -12.11
CA LYS LB 141 96.43 -66.06 -13.25
C LYS LB 141 96.07 -64.79 -13.99
N LYS LB 142 96.57 -63.66 -13.57
CA LYS LB 142 96.35 -62.47 -14.34
C LYS LB 142 97.63 -61.95 -14.94
N ALA LB 143 98.75 -62.15 -14.26
CA ALA LB 143 100.05 -61.76 -14.77
C ALA LB 143 101.04 -62.87 -14.52
N SER LB 144 102.22 -62.72 -15.10
CA SER LB 144 103.29 -63.68 -14.87
C SER LB 144 104.63 -62.99 -14.97
N ILE LB 145 105.58 -63.50 -14.21
CA ILE LB 145 106.94 -63.03 -14.23
C ILE LB 145 107.81 -64.11 -14.83
N HIS LB 146 108.53 -63.77 -15.85
CA HIS LB 146 109.63 -64.58 -16.31
C HIS LB 146 110.89 -63.79 -16.13
N VAL LB 147 111.97 -64.46 -15.80
CA VAL LB 147 113.26 -63.80 -15.66
C VAL LB 147 114.22 -64.48 -16.61
N TYR LB 148 114.90 -63.70 -17.44
CA TYR LB 148 116.06 -64.25 -18.11
C TYR LB 148 117.28 -63.53 -17.55
N PRO LB 149 117.98 -64.17 -16.63
CA PRO LB 149 119.11 -63.55 -15.94
C PRO LB 149 120.47 -63.91 -16.52
N ASN LB 150 120.54 -64.82 -17.50
CA ASN LB 150 121.72 -64.85 -18.34
C ASN LB 150 121.84 -63.53 -19.09
N SER LB 151 120.72 -63.06 -19.58
CA SER LB 151 120.52 -61.69 -20.01
C SER LB 151 120.17 -60.84 -18.79
N GLN LB 152 119.61 -59.70 -18.99
CA GLN LB 152 119.09 -58.98 -17.86
C GLN LB 152 117.70 -58.59 -18.22
N VAL LB 153 116.77 -59.51 -18.12
CA VAL LB 153 115.42 -59.04 -18.36
C VAL LB 153 114.48 -59.65 -17.34
N VAL LB 154 113.71 -58.78 -16.74
CA VAL LB 154 112.49 -59.13 -16.05
C VAL LB 154 111.35 -58.91 -17.02
N GLU LB 155 110.68 -59.99 -17.37
CA GLU LB 155 109.62 -60.00 -18.35
C GLU LB 155 108.28 -60.19 -17.66
N LEU LB 156 107.34 -59.31 -17.96
CA LEU LB 156 106.02 -59.35 -17.34
C LEU LB 156 105.03 -59.73 -18.42
N ARG LB 157 104.54 -60.95 -18.37
CA ARG LB 157 103.55 -61.40 -19.32
C ARG LB 157 102.16 -61.11 -18.77
N TYR LB 158 101.23 -60.80 -19.65
CA TYR LB 158 99.88 -60.50 -19.22
C TYR LB 158 98.96 -61.68 -19.42
N ALA LB 159 97.72 -61.53 -18.98
CA ALA LB 159 96.69 -62.50 -19.25
C ALA LB 159 96.17 -62.35 -20.67
N LYS LB 160 95.20 -63.19 -21.01
CA LYS LB 160 94.76 -63.36 -22.39
C LYS LB 160 93.27 -63.09 -22.52
N ILE LB 161 92.75 -62.18 -21.72
CA ILE LB 161 91.35 -61.92 -21.78
C ILE LB 161 91.17 -60.49 -21.35
N ALA MB 58 35.87 -43.56 51.05
CA ALA MB 58 36.28 -42.45 50.20
C ALA MB 58 37.76 -42.19 50.38
N LEU MB 59 38.08 -41.20 51.23
CA LEU MB 59 39.42 -41.05 51.80
C LEU MB 59 39.83 -42.34 52.46
N LYS MB 60 38.86 -42.91 53.11
CA LYS MB 60 38.78 -44.27 53.53
C LYS MB 60 39.27 -45.23 52.46
N GLU MB 61 38.53 -45.34 51.35
CA GLU MB 61 38.81 -46.39 50.38
C GLU MB 61 40.14 -46.17 49.70
N THR MB 62 40.52 -44.93 49.51
CA THR MB 62 41.84 -44.73 48.95
C THR MB 62 42.94 -44.98 49.94
N ALA MB 63 42.71 -44.82 51.24
CA ALA MB 63 43.72 -45.24 52.19
C ALA MB 63 43.90 -46.75 52.17
N LEU MB 64 42.77 -47.45 52.07
CA LEU MB 64 42.78 -48.88 51.80
C LEU MB 64 43.57 -49.22 50.56
N SER MB 65 43.25 -48.58 49.46
CA SER MB 65 43.82 -48.97 48.19
C SER MB 65 45.26 -48.52 48.05
N VAL MB 66 45.65 -47.48 48.78
CA VAL MB 66 47.05 -47.16 48.98
C VAL MB 66 47.74 -48.32 49.64
N GLY MB 67 47.11 -48.89 50.66
CA GLY MB 67 47.69 -50.10 51.20
C GLY MB 67 47.68 -51.29 50.29
N ALA MB 68 46.66 -51.39 49.43
CA ALA MB 68 46.33 -52.64 48.76
C ALA MB 68 47.44 -53.09 47.84
N GLN MB 69 47.75 -52.26 46.85
CA GLN MB 69 48.87 -52.53 45.96
C GLN MB 69 50.19 -52.52 46.70
N ALA MB 70 50.30 -51.76 47.80
CA ALA MB 70 51.56 -51.66 48.52
C ALA MB 70 51.96 -52.99 49.13
N GLY MB 71 51.09 -53.54 49.96
CA GLY MB 71 51.34 -54.86 50.51
C GLY MB 71 51.36 -55.92 49.44
N LEU MB 72 50.56 -55.76 48.39
CA LEU MB 72 50.55 -56.72 47.29
C LEU MB 72 51.90 -56.85 46.62
N ALA MB 73 52.48 -55.73 46.24
CA ALA MB 73 53.75 -55.77 45.55
C ALA MB 73 54.88 -56.05 46.53
N TRP MB 74 54.71 -55.62 47.77
CA TRP MB 74 55.68 -55.91 48.80
C TRP MB 74 55.82 -57.42 48.96
N ARG MB 75 54.68 -58.08 49.07
CA ARG MB 75 54.60 -59.51 49.12
C ARG MB 75 55.19 -60.15 47.88
N ALA MB 76 54.93 -59.56 46.72
CA ALA MB 76 55.40 -60.11 45.46
C ALA MB 76 56.91 -60.12 45.40
N LYS MB 77 57.53 -59.05 45.88
CA LYS MB 77 58.98 -59.03 45.93
C LYS MB 77 59.49 -60.07 46.88
N ILE MB 78 58.78 -60.29 48.00
CA ILE MB 78 59.24 -61.25 48.99
C ILE MB 78 59.23 -62.65 48.40
N ILE MB 79 58.05 -63.09 47.95
CA ILE MB 79 57.88 -64.39 47.32
C ILE MB 79 58.82 -64.62 46.15
N ASP MB 80 59.21 -63.55 45.47
CA ASP MB 80 60.17 -63.72 44.42
C ASP MB 80 61.56 -64.06 44.97
N GLU MB 81 61.99 -63.48 46.11
CA GLU MB 81 63.31 -63.97 46.55
C GLU MB 81 63.25 -65.37 47.12
N GLN MB 82 62.14 -65.77 47.73
CA GLN MB 82 62.26 -67.14 48.25
C GLN MB 82 62.11 -68.16 47.14
N LEU MB 83 61.41 -67.78 46.07
CA LEU MB 83 61.49 -68.54 44.84
C LEU MB 83 62.93 -68.70 44.39
N ASN MB 84 63.67 -67.60 44.39
CA ASN MB 84 65.03 -67.68 43.89
C ASN MB 84 65.94 -68.51 44.76
N LYS MB 85 65.80 -68.45 46.06
CA LYS MB 85 66.73 -69.23 46.85
C LYS MB 85 66.40 -70.70 46.80
N GLN MB 86 65.16 -71.08 46.55
CA GLN MB 86 64.91 -72.51 46.48
C GLN MB 86 64.73 -72.95 45.06
N ALA MB 87 65.25 -72.15 44.14
CA ALA MB 87 65.16 -72.45 42.72
C ALA MB 87 65.72 -73.81 42.39
N ARG MB 88 66.85 -74.14 42.99
CA ARG MB 88 67.43 -75.46 42.89
C ARG MB 88 66.48 -76.53 43.33
N ASN MB 89 65.80 -76.24 44.40
CA ASN MB 89 64.94 -77.21 45.00
C ASN MB 89 63.72 -77.37 44.14
N LEU MB 90 63.34 -76.27 43.50
CA LEU MB 90 62.14 -76.22 42.70
C LEU MB 90 62.22 -77.18 41.52
N ASP MB 91 63.22 -77.01 40.67
CA ASP MB 91 63.34 -77.94 39.56
C ASP MB 91 63.84 -79.28 40.03
N ALA MB 92 64.51 -79.30 41.19
CA ALA MB 92 64.99 -80.52 41.77
C ALA MB 92 63.81 -81.40 42.05
N ILE MB 93 62.70 -80.79 42.43
CA ILE MB 93 61.43 -81.44 42.30
C ILE MB 93 61.10 -81.62 40.83
N TYR MB 94 60.93 -80.51 40.12
CA TYR MB 94 60.24 -80.51 38.83
C TYR MB 94 61.18 -80.63 37.65
N ASP MB 95 61.79 -81.80 37.62
CA ASP MB 95 62.57 -82.26 36.47
C ASP MB 95 61.62 -82.68 35.35
N PHE MB 96 61.32 -81.77 34.44
CA PHE MB 96 60.33 -82.05 33.42
C PHE MB 96 60.83 -82.99 32.36
N ASN MB 97 62.10 -82.85 32.02
CA ASN MB 97 62.73 -83.62 30.97
C ASN MB 97 62.71 -85.11 31.26
N SER MB 98 62.71 -85.46 32.53
CA SER MB 98 62.47 -86.81 32.95
C SER MB 98 61.12 -87.29 32.49
N LEU MB 99 60.18 -86.37 32.37
CA LEU MB 99 58.86 -86.73 31.94
C LEU MB 99 58.67 -86.56 30.45
N VAL MB 100 59.55 -85.85 29.77
CA VAL MB 100 59.29 -85.65 28.36
C VAL MB 100 59.61 -86.91 27.58
N LEU MB 101 59.17 -86.94 26.34
CA LEU MB 101 59.21 -88.15 25.56
C LEU MB 101 60.37 -88.14 24.59
N GLU MB 102 60.33 -89.13 23.70
CA GLU MB 102 61.42 -89.52 22.81
C GLU MB 102 61.78 -88.46 21.80
N HIS MB 103 60.79 -87.76 21.29
CA HIS MB 103 61.00 -86.79 20.24
C HIS MB 103 60.70 -85.43 20.79
N ASN MB 104 61.16 -85.25 22.04
CA ASN MB 104 60.75 -84.26 23.05
C ASN MB 104 59.29 -83.89 22.91
N ILE MB 105 58.46 -84.91 22.93
CA ILE MB 105 57.03 -84.72 23.01
C ILE MB 105 56.70 -84.48 24.47
N LEU MB 106 56.25 -83.29 24.77
CA LEU MB 106 55.72 -83.07 26.09
C LEU MB 106 54.44 -83.86 26.24
N PRO MB 107 54.34 -84.72 27.25
CA PRO MB 107 53.23 -85.66 27.35
C PRO MB 107 51.98 -84.97 27.88
N PRO MB 108 50.79 -85.49 27.60
CA PRO MB 108 49.56 -84.77 27.98
C PRO MB 108 49.29 -84.90 29.48
N VAL MB 109 48.40 -84.04 29.97
CA VAL MB 109 48.11 -84.04 31.39
C VAL MB 109 46.79 -84.79 31.60
N LEU MB 110 46.82 -85.81 32.42
CA LEU MB 110 45.64 -86.64 32.56
C LEU MB 110 45.02 -86.40 33.91
N LEU MB 111 43.71 -86.57 34.00
CA LEU MB 111 42.98 -86.21 35.18
C LEU MB 111 42.19 -87.38 35.75
N GLU MB 112 42.38 -87.55 37.05
CA GLU MB 112 41.78 -88.58 37.87
C GLU MB 112 40.34 -88.22 38.21
N GLY MB 113 39.51 -89.24 38.43
CA GLY MB 113 38.19 -89.03 38.97
C GLY MB 113 37.65 -90.17 39.81
N ARG MB 114 37.23 -89.86 41.02
CA ARG MB 114 36.47 -90.82 41.80
C ARG MB 114 35.14 -90.27 42.22
N ASN MB 115 34.22 -91.23 42.37
CA ASN MB 115 32.82 -91.10 42.77
C ASN MB 115 32.16 -89.84 42.22
N THR MB 116 32.33 -89.67 40.94
CA THR MB 116 31.73 -88.56 40.23
C THR MB 116 30.24 -88.81 40.26
N LEU MB 117 29.61 -88.37 41.31
CA LEU MB 117 28.18 -88.44 41.36
C LEU MB 117 27.67 -87.05 41.11
N ASN MB 118 27.14 -86.88 39.94
CA ASN MB 118 26.20 -85.81 39.75
C ASN MB 118 24.86 -86.44 39.97
N LEU MB 119 24.10 -85.93 40.92
CA LEU MB 119 22.69 -86.18 40.78
C LEU MB 119 22.34 -85.26 39.64
N ALA MB 120 21.66 -85.80 38.64
CA ALA MB 120 20.94 -84.87 37.81
C ALA MB 120 19.87 -84.21 38.64
N ASP MB 121 19.14 -85.00 39.40
CA ASP MB 121 17.95 -84.47 40.00
C ASP MB 121 17.48 -85.42 41.07
N ALA MB 122 16.27 -85.16 41.54
CA ALA MB 122 15.58 -85.95 42.52
C ALA MB 122 15.23 -87.33 42.03
N GLN MB 123 15.27 -87.53 40.72
CA GLN MB 123 14.74 -88.72 40.11
C GLN MB 123 15.83 -89.60 39.55
N SER MB 124 16.99 -89.03 39.28
CA SER MB 124 18.01 -89.78 38.58
C SER MB 124 19.36 -89.24 38.97
N ILE MB 125 20.27 -90.15 39.25
CA ILE MB 125 21.61 -89.76 39.56
C ILE MB 125 22.53 -90.49 38.63
N ARG MB 126 23.79 -90.05 38.61
CA ARG MB 126 24.73 -90.58 37.66
C ARG MB 126 26.11 -90.44 38.24
N ILE MB 127 26.75 -91.56 38.41
CA ILE MB 127 28.00 -91.66 39.09
C ILE MB 127 28.96 -92.49 38.27
N SER MB 128 30.15 -91.98 38.09
CA SER MB 128 31.20 -92.94 37.87
C SER MB 128 31.92 -93.15 39.18
N ASP MB 129 32.33 -94.37 39.34
CA ASP MB 129 33.34 -94.71 40.31
C ASP MB 129 34.65 -93.97 40.05
N ARG MB 130 34.93 -93.65 38.80
CA ARG MB 130 36.30 -93.48 38.39
C ARG MB 130 36.27 -92.90 37.00
N THR MB 131 37.18 -92.01 36.69
CA THR MB 131 37.01 -91.10 35.57
C THR MB 131 38.36 -90.55 35.14
N TYR MB 132 38.60 -90.42 33.85
CA TYR MB 132 39.84 -89.81 33.41
C TYR MB 132 39.64 -88.79 32.32
N LYS MB 133 40.31 -87.68 32.49
CA LYS MB 133 40.21 -86.59 31.56
C LYS MB 133 41.55 -86.32 30.96
N VAL MB 134 41.67 -86.57 29.67
CA VAL MB 134 42.89 -86.16 28.99
C VAL MB 134 42.75 -84.69 28.72
N ALA MB 135 43.70 -83.92 29.18
CA ALA MB 135 43.78 -82.52 28.87
C ALA MB 135 45.15 -82.26 28.27
N LYS MB 136 45.21 -81.24 27.42
CA LYS MB 136 46.42 -80.67 26.84
C LYS MB 136 47.30 -81.73 26.20
N GLN MB 137 46.78 -82.27 25.10
CA GLN MB 137 47.31 -83.45 24.42
C GLN MB 137 48.78 -83.28 24.05
N ALA MB 138 49.49 -84.43 24.01
CA ALA MB 138 50.93 -84.49 23.79
C ALA MB 138 51.36 -83.76 22.54
N HIS MB 139 52.54 -83.15 22.60
CA HIS MB 139 52.91 -82.27 21.51
C HIS MB 139 54.41 -82.15 21.44
N PHE MB 140 54.90 -81.75 20.27
CA PHE MB 140 56.31 -81.42 20.14
C PHE MB 140 56.61 -80.22 21.00
N ILE MB 141 57.58 -80.32 21.87
CA ILE MB 141 57.99 -79.15 22.62
C ILE MB 141 59.40 -78.85 22.15
N THR MB 142 59.76 -77.58 22.17
CA THR MB 142 61.17 -77.30 22.01
C THR MB 142 61.87 -77.37 23.34
N THR MB 143 61.68 -76.36 24.14
CA THR MB 143 62.35 -76.28 25.39
C THR MB 143 61.39 -76.73 26.46
N PRO MB 144 61.81 -77.64 27.32
CA PRO MB 144 60.92 -78.22 28.31
C PRO MB 144 60.55 -77.19 29.35
N PRO MB 145 59.43 -77.39 30.02
CA PRO MB 145 58.95 -76.38 30.95
C PRO MB 145 59.83 -76.26 32.18
N THR MB 146 59.71 -75.14 32.85
CA THR MB 146 60.40 -74.94 34.10
C THR MB 146 59.35 -74.87 35.18
N TRP MB 147 59.67 -74.24 36.27
CA TRP MB 147 58.59 -73.71 37.09
C TRP MB 147 58.43 -72.22 36.97
N ARG MB 148 59.51 -71.48 36.68
CA ARG MB 148 59.48 -70.03 36.77
C ARG MB 148 58.54 -69.42 35.79
N GLN MB 149 58.26 -70.18 34.75
CA GLN MB 149 57.11 -69.98 33.92
C GLN MB 149 55.81 -69.98 34.71
N TYR MB 150 55.74 -70.58 35.89
CA TYR MB 150 54.48 -70.77 36.57
C TYR MB 150 54.48 -70.11 37.92
N LEU MB 151 55.65 -69.85 38.45
CA LEU MB 151 55.71 -69.44 39.82
C LEU MB 151 56.38 -68.13 40.04
N TRP MB 152 57.20 -67.68 39.10
CA TRP MB 152 57.83 -66.39 39.26
C TRP MB 152 56.76 -65.33 39.26
N MET MB 153 56.42 -64.88 40.46
CA MET MB 153 55.39 -63.87 40.58
C MET MB 153 55.96 -62.58 40.01
N ASP MB 154 55.11 -61.83 39.35
CA ASP MB 154 55.54 -60.56 38.83
C ASP MB 154 55.74 -59.62 39.98
N TYR MB 155 56.77 -58.82 39.88
CA TYR MB 155 56.98 -57.75 40.81
C TYR MB 155 57.13 -56.45 40.05
N VAL MB 156 56.30 -55.50 40.39
CA VAL MB 156 56.53 -54.11 40.01
C VAL MB 156 56.52 -53.31 41.29
N LYS MB 157 57.14 -52.14 41.25
CA LYS MB 157 57.11 -51.30 42.43
C LYS MB 157 56.34 -50.03 42.15
N PRO MB 158 55.19 -49.81 42.77
CA PRO MB 158 54.62 -48.46 42.81
C PRO MB 158 54.83 -47.81 44.16
N GLU MB 159 55.20 -46.53 44.14
CA GLU MB 159 55.03 -45.63 45.28
C GLU MB 159 54.18 -44.42 44.92
N ALA MB 160 53.25 -44.59 43.98
CA ALA MB 160 52.47 -43.46 43.46
C ALA MB 160 51.23 -43.23 44.31
N PRO MB 161 51.12 -42.09 44.99
CA PRO MB 161 49.89 -41.81 45.73
C PRO MB 161 48.80 -41.28 44.80
N LYS MB 173 43.30 -39.14 58.18
CA LYS MB 173 44.72 -39.13 58.51
C LYS MB 173 45.12 -40.38 59.30
N GLU MB 174 44.51 -40.61 60.45
CA GLU MB 174 44.72 -41.90 61.09
C GLU MB 174 44.03 -42.99 60.29
N ILE MB 175 42.94 -42.65 59.61
CA ILE MB 175 42.34 -43.60 58.69
C ILE MB 175 43.27 -43.85 57.54
N TRP MB 176 44.03 -42.84 57.12
CA TRP MB 176 45.06 -43.05 56.12
C TRP MB 176 46.05 -44.09 56.56
N CYS MB 177 46.59 -43.93 57.76
CA CYS MB 177 47.64 -44.84 58.19
C CYS MB 177 47.10 -46.25 58.43
N ILE MB 178 45.96 -46.36 59.10
CA ILE MB 178 45.48 -47.69 59.41
C ILE MB 178 44.90 -48.40 58.20
N TYR MB 179 44.33 -47.69 57.24
CA TYR MB 179 43.79 -48.43 56.12
C TYR MB 179 44.86 -48.75 55.13
N THR MB 180 45.93 -47.98 55.16
CA THR MB 180 47.09 -48.40 54.43
C THR MB 180 47.67 -49.67 55.00
N GLU MB 181 47.72 -49.83 56.32
CA GLU MB 181 48.16 -51.15 56.75
C GLU MB 181 47.13 -52.23 56.51
N ARG MB 182 45.86 -51.87 56.53
CA ARG MB 182 44.80 -52.80 56.17
C ARG MB 182 45.06 -53.40 54.81
N GLY MB 183 45.12 -52.53 53.81
CA GLY MB 183 45.39 -52.97 52.46
C GLY MB 183 46.75 -53.59 52.32
N TRP MB 184 47.70 -53.15 53.14
CA TRP MB 184 49.01 -53.80 53.19
C TRP MB 184 48.86 -55.28 53.48
N LYS MB 185 48.11 -55.61 54.52
CA LYS MB 185 47.78 -57.00 54.81
C LYS MB 185 46.99 -57.66 53.70
N ASN MB 186 46.11 -56.88 53.10
CA ASN MB 186 45.17 -57.42 52.14
C ASN MB 186 45.87 -57.83 50.86
N GLY MB 187 46.73 -56.95 50.36
CA GLY MB 187 47.50 -57.29 49.19
C GLY MB 187 48.45 -58.42 49.46
N ILE MB 188 49.00 -58.46 50.68
CA ILE MB 188 49.83 -59.58 51.09
C ILE MB 188 49.09 -60.88 50.90
N ASP MB 189 47.93 -61.00 51.50
CA ASP MB 189 47.41 -62.34 51.49
C ASP MB 189 46.65 -62.67 50.23
N GLN MB 190 46.20 -61.66 49.48
CA GLN MB 190 45.67 -62.03 48.18
C GLN MB 190 46.80 -62.50 47.27
N ALA MB 191 47.99 -61.95 47.44
CA ALA MB 191 49.13 -62.46 46.71
C ALA MB 191 49.46 -63.87 47.14
N ASN MB 192 49.26 -64.15 48.41
CA ASN MB 192 49.52 -65.49 48.91
C ASN MB 192 48.59 -66.48 48.28
N THR MB 193 47.34 -66.11 48.16
CA THR MB 193 46.40 -66.96 47.46
C THR MB 193 46.77 -67.11 46.01
N ILE MB 194 47.24 -66.04 45.41
CA ILE MB 194 47.68 -66.09 44.02
C ILE MB 194 48.78 -67.10 43.86
N LEU MB 195 49.74 -67.02 44.76
CA LEU MB 195 50.84 -67.94 44.84
C LEU MB 195 50.37 -69.36 44.96
N GLU MB 196 49.42 -69.56 45.85
CA GLU MB 196 48.82 -70.85 46.11
C GLU MB 196 48.25 -71.43 44.85
N GLU MB 197 47.58 -70.58 44.09
CA GLU MB 197 46.99 -71.00 42.86
C GLU MB 197 48.04 -71.37 41.84
N ASN MB 198 49.15 -70.65 41.87
CA ASN MB 198 50.24 -70.94 40.94
C ASN MB 198 50.79 -72.32 41.21
N ILE MB 199 50.92 -72.60 42.49
CA ILE MB 199 51.40 -73.89 42.93
C ILE MB 199 50.48 -74.97 42.48
N ALA MB 200 49.19 -74.74 42.65
CA ALA MB 200 48.21 -75.75 42.28
C ALA MB 200 48.23 -76.00 40.80
N ARG MB 201 48.49 -74.96 40.03
CA ARG MB 201 48.59 -75.11 38.60
C ARG MB 201 49.75 -76.00 38.24
N ILE MB 202 50.88 -75.79 38.91
CA ILE MB 202 52.00 -76.61 38.51
C ILE MB 202 51.82 -78.04 39.00
N LYS MB 203 51.07 -78.24 40.10
CA LYS MB 203 50.68 -79.58 40.53
C LYS MB 203 50.01 -80.29 39.43
N GLU MB 204 48.88 -79.74 39.04
CA GLU MB 204 47.94 -80.45 38.20
C GLU MB 204 48.54 -80.72 36.85
N ASP MB 205 49.43 -79.83 36.41
CA ASP MB 205 50.26 -80.17 35.28
C ASP MB 205 51.08 -81.40 35.56
N PHE MB 206 51.87 -81.36 36.61
CA PHE MB 206 52.94 -82.33 36.74
C PHE MB 206 52.37 -83.70 36.97
N GLY MB 207 51.41 -83.74 37.88
CA GLY MB 207 50.62 -84.92 38.11
C GLY MB 207 49.92 -85.38 36.87
N GLY MB 208 49.50 -84.46 36.02
CA GLY MB 208 48.85 -84.89 34.80
C GLY MB 208 49.76 -85.66 33.87
N MET MB 209 50.97 -85.15 33.64
CA MET MB 209 51.84 -85.93 32.76
C MET MB 209 52.34 -87.19 33.43
N ILE MB 210 52.44 -87.16 34.75
CA ILE MB 210 52.70 -88.38 35.50
C ILE MB 210 51.68 -89.42 35.15
N LEU MB 211 50.42 -89.02 35.22
CA LEU MB 211 49.34 -89.92 34.94
C LEU MB 211 49.32 -90.36 33.50
N TYR MB 212 49.87 -89.54 32.62
CA TYR MB 212 50.00 -90.04 31.26
C TYR MB 212 50.94 -91.21 31.20
N ARG MB 213 52.08 -91.04 31.84
CA ARG MB 213 53.04 -92.12 31.87
C ARG MB 213 52.48 -93.28 32.66
N LYS MB 214 51.60 -92.99 33.58
CA LYS MB 214 50.92 -94.02 34.32
C LYS MB 214 50.05 -94.87 33.44
N LEU MB 215 49.11 -94.26 32.77
CA LEU MB 215 48.18 -95.09 32.01
C LEU MB 215 48.79 -95.63 30.77
N LEU MB 216 49.86 -94.99 30.34
CA LEU MB 216 50.66 -95.59 29.32
C LEU MB 216 51.32 -96.82 29.86
N ALA MB 217 51.73 -96.76 31.12
CA ALA MB 217 52.21 -97.97 31.75
C ALA MB 217 51.07 -98.91 32.05
N MET MB 218 49.86 -98.41 32.08
CA MET MB 218 48.76 -99.27 32.42
C MET MB 218 48.04 -99.79 31.22
N ASN MB 219 48.55 -99.50 30.04
CA ASN MB 219 47.88 -99.69 28.76
C ASN MB 219 46.56 -98.97 28.73
N MET MB 220 46.42 -97.93 29.54
CA MET MB 220 45.14 -97.31 29.61
C MET MB 220 45.10 -96.10 28.73
N VAL MB 221 46.26 -95.63 28.30
CA VAL MB 221 46.31 -94.70 27.18
C VAL MB 221 47.29 -95.25 26.16
N SER MB 222 47.30 -94.61 25.02
CA SER MB 222 48.05 -94.96 23.83
C SER MB 222 49.31 -94.09 23.76
N PRO MB 223 50.33 -94.49 23.00
CA PRO MB 223 51.48 -93.63 22.82
C PRO MB 223 51.18 -92.51 21.83
N PRO MB 224 52.05 -91.52 21.73
CA PRO MB 224 52.08 -90.74 20.50
C PRO MB 224 52.74 -91.55 19.40
N TYR MB 225 51.93 -91.93 18.42
CA TYR MB 225 52.38 -92.66 17.25
C TYR MB 225 52.74 -91.64 16.20
N VAL MB 226 54.00 -91.62 15.77
CA VAL MB 226 54.48 -90.57 14.89
C VAL MB 226 54.89 -91.18 13.56
N SER MB 227 55.19 -90.33 12.60
CA SER MB 227 55.96 -90.69 11.41
C SER MB 227 56.99 -89.61 11.20
N HIS MB 228 58.25 -90.00 11.28
CA HIS MB 228 59.33 -89.14 10.80
C HIS MB 228 59.58 -89.58 9.38
N THR MB 229 59.32 -88.68 8.44
CA THR MB 229 59.73 -88.92 7.08
C THR MB 229 60.91 -88.02 6.78
N ASP MB 230 61.91 -88.58 6.15
CA ASP MB 230 63.13 -87.84 5.94
C ASP MB 230 63.32 -87.53 4.47
N LEU MB 231 64.06 -86.47 4.21
CA LEU MB 231 64.39 -86.01 2.89
C LEU MB 231 65.89 -85.81 2.83
N GLY MB 232 66.45 -86.08 1.65
CA GLY MB 232 67.87 -85.97 1.47
C GLY MB 232 68.32 -84.54 1.30
N VAL MB 233 69.23 -84.32 0.35
CA VAL MB 233 69.57 -82.96 0.01
C VAL MB 233 68.36 -82.31 -0.63
N THR MB 234 67.91 -81.23 -0.03
CA THR MB 234 66.75 -80.54 -0.55
C THR MB 234 67.14 -79.12 -0.84
N GLY MB 235 66.79 -78.66 -2.01
CA GLY MB 235 66.93 -77.27 -2.33
C GLY MB 235 67.64 -77.03 -3.64
N ASP MB 236 67.68 -75.76 -4.01
CA ASP MB 236 67.98 -75.33 -5.36
C ASP MB 236 69.43 -74.84 -5.46
N GLY MB 237 69.74 -74.20 -6.58
CA GLY MB 237 71.05 -73.64 -6.76
C GLY MB 237 71.35 -72.46 -5.86
N SER MB 238 70.33 -71.84 -5.28
CA SER MB 238 70.62 -70.79 -4.32
C SER MB 238 70.43 -71.22 -2.89
N GLU MB 239 69.64 -72.24 -2.66
CA GLU MB 239 69.40 -72.65 -1.30
C GLU MB 239 69.42 -74.15 -1.33
N ILE MB 240 70.17 -74.79 -0.48
CA ILE MB 240 69.97 -76.21 -0.28
C ILE MB 240 69.85 -76.50 1.19
N HIS MB 241 69.30 -77.68 1.46
CA HIS MB 241 69.32 -78.26 2.78
C HIS MB 241 69.74 -79.69 2.58
N ILE MB 242 70.84 -80.06 3.21
CA ILE MB 242 71.48 -81.32 2.97
C ILE MB 242 70.67 -82.48 3.56
N ASP MB 243 70.05 -82.29 4.70
CA ASP MB 243 69.10 -83.29 5.17
C ASP MB 243 67.93 -82.66 5.88
N ASP MB 244 66.75 -82.90 5.34
CA ASP MB 244 65.52 -82.39 5.92
C ASP MB 244 64.70 -83.52 6.49
N ARG MB 245 64.76 -83.67 7.78
CA ARG MB 245 63.77 -84.50 8.43
C ARG MB 245 62.55 -83.66 8.71
N VAL MB 246 61.38 -84.22 8.44
CA VAL MB 246 60.13 -83.67 8.92
C VAL MB 246 59.47 -84.75 9.77
N LEU MB 247 58.89 -84.32 10.86
CA LEU MB 247 58.30 -85.24 11.80
C LEU MB 247 56.88 -84.82 12.05
N ARG MB 248 55.97 -85.70 11.72
CA ARG MB 248 54.60 -85.49 12.07
C ARG MB 248 54.24 -86.48 13.15
N ILE MB 249 53.42 -86.03 14.05
CA ILE MB 249 52.88 -86.89 15.07
C ILE MB 249 51.57 -87.37 14.50
N THR MB 250 51.53 -88.61 14.06
CA THR MB 250 50.36 -89.09 13.37
C THR MB 250 49.22 -89.29 14.35
N ALA MB 251 49.38 -90.20 15.29
CA ALA MB 251 48.31 -90.53 16.23
C ALA MB 251 48.67 -90.04 17.63
N LEU MB 252 47.79 -89.22 18.21
CA LEU MB 252 48.04 -88.67 19.52
C LEU MB 252 47.82 -89.72 20.60
N PRO MB 253 48.33 -89.48 21.80
CA PRO MB 253 47.89 -90.25 22.95
C PRO MB 253 46.40 -90.09 23.19
N GLU MB 254 45.77 -91.17 23.66
CA GLU MB 254 44.34 -91.22 23.91
C GLU MB 254 44.03 -92.41 24.82
N LEU MB 255 42.98 -92.27 25.62
CA LEU MB 255 42.55 -93.34 26.50
C LEU MB 255 41.97 -94.49 25.71
N ASN MB 256 42.53 -95.68 25.86
CA ASN MB 256 41.93 -96.81 25.19
C ASN MB 256 40.64 -97.18 25.91
N VAL MB 257 39.73 -97.81 25.18
CA VAL MB 257 38.45 -98.11 25.77
C VAL MB 257 38.22 -99.59 25.95
N ASN MB 258 38.88 -100.42 25.18
CA ASN MB 258 38.81 -101.83 25.45
C ASN MB 258 39.76 -102.06 26.62
N SER MB 259 39.17 -102.18 27.79
CA SER MB 259 39.94 -102.28 29.00
C SER MB 259 40.50 -103.65 29.20
N ALA MB 260 40.09 -104.61 28.40
CA ALA MB 260 40.59 -105.98 28.48
C ALA MB 260 42.08 -106.04 28.27
N GLU MB 261 42.62 -105.11 27.52
CA GLU MB 261 44.01 -105.11 27.13
C GLU MB 261 44.81 -104.27 28.08
N TRP MB 262 44.25 -103.95 29.22
CA TRP MB 262 44.94 -103.10 30.14
C TRP MB 262 46.04 -103.84 30.85
N ARG MB 263 46.63 -103.16 31.80
CA ARG MB 263 47.79 -103.68 32.48
C ARG MB 263 47.54 -103.36 33.93
N ALA MB 264 47.35 -104.38 34.74
CA ALA MB 264 46.98 -104.17 36.13
C ALA MB 264 48.07 -104.73 37.02
N ALA MB 265 48.85 -103.85 37.60
CA ALA MB 265 50.04 -104.27 38.32
C ALA MB 265 49.70 -104.44 39.79
N VAL MB 266 49.92 -105.63 40.28
CA VAL MB 266 49.94 -105.85 41.71
C VAL MB 266 51.32 -105.46 42.18
N ALA MB 267 51.44 -105.06 43.43
CA ALA MB 267 52.76 -104.72 43.93
C ALA MB 267 53.01 -105.49 45.22
N LYS MB 268 54.26 -105.47 45.67
CA LYS MB 268 54.66 -106.29 46.81
C LYS MB 268 55.52 -105.49 47.80
N PHE NB 25 87.82 -73.04 65.66
CA PHE NB 25 86.36 -73.10 65.73
C PHE NB 25 85.74 -72.82 64.38
N LYS NB 26 84.63 -73.47 64.09
CA LYS NB 26 83.99 -73.38 62.79
C LYS NB 26 82.62 -72.73 62.90
N LYS NB 27 81.92 -72.74 61.78
CA LYS NB 27 80.60 -72.17 61.60
C LYS NB 27 79.72 -73.20 60.92
N PRO NB 28 78.40 -73.12 61.09
CA PRO NB 28 77.52 -74.09 60.47
C PRO NB 28 77.46 -73.90 58.97
N PRO NB 29 76.92 -74.88 58.25
CA PRO NB 29 76.70 -74.71 56.81
C PRO NB 29 75.74 -73.60 56.54
N ILE NB 30 75.89 -73.01 55.37
CA ILE NB 30 75.22 -71.77 55.07
C ILE NB 30 73.85 -72.01 54.49
N ASN NB 31 73.74 -72.80 53.42
CA ASN NB 31 72.45 -73.20 52.89
C ASN NB 31 72.02 -74.55 53.46
N ASN NB 32 72.01 -74.61 54.76
CA ASN NB 32 71.46 -75.79 55.39
C ASN NB 32 69.95 -75.67 55.48
N PRO NB 33 69.24 -76.78 55.50
CA PRO NB 33 67.82 -76.70 55.83
C PRO NB 33 67.65 -76.55 57.32
N SER NB 34 67.82 -75.34 57.86
CA SER NB 34 67.62 -75.11 59.29
C SER NB 34 66.19 -74.71 59.58
N ASP NB 35 65.30 -75.09 58.71
CA ASP NB 35 63.94 -74.63 58.80
C ASP NB 35 63.04 -75.81 58.52
N ASP NB 36 61.99 -75.87 59.31
CA ASP NB 36 61.17 -77.06 59.39
C ASP NB 36 60.44 -77.35 58.10
N ALA NB 37 60.12 -76.35 57.30
CA ALA NB 37 59.60 -76.70 56.00
C ALA NB 37 60.70 -77.22 55.11
N THR NB 38 61.84 -76.61 55.23
CA THR NB 38 62.90 -76.82 54.28
C THR NB 38 63.49 -78.18 54.36
N ILE NB 39 63.54 -78.73 55.56
CA ILE NB 39 64.00 -80.10 55.67
C ILE NB 39 63.08 -81.01 54.91
N LYS NB 40 61.78 -80.79 55.02
CA LYS NB 40 60.82 -81.59 54.30
C LYS NB 40 60.95 -81.38 52.82
N LEU NB 41 61.24 -80.14 52.44
CA LEU NB 41 61.48 -79.84 51.05
C LEU NB 41 62.64 -80.66 50.51
N ALA NB 42 63.74 -80.64 51.23
CA ALA NB 42 64.97 -81.20 50.73
C ALA NB 42 64.89 -82.70 50.64
N GLU NB 43 64.28 -83.33 51.63
CA GLU NB 43 64.12 -84.76 51.52
C GLU NB 43 63.16 -85.12 50.42
N ALA NB 44 62.15 -84.28 50.20
CA ALA NB 44 61.22 -84.55 49.13
C ALA NB 44 61.96 -84.49 47.82
N ALA NB 45 62.89 -83.55 47.73
CA ALA NB 45 63.71 -83.41 46.55
C ALA NB 45 64.55 -84.64 46.32
N VAL NB 46 65.16 -85.16 47.37
CA VAL NB 46 66.06 -86.25 47.13
C VAL NB 46 65.25 -87.48 46.77
N SER NB 47 64.06 -87.60 47.35
CA SER NB 47 63.13 -88.64 46.99
C SER NB 47 62.73 -88.53 45.53
N VAL NB 48 62.55 -87.31 45.07
CA VAL NB 48 62.18 -87.10 43.69
C VAL NB 48 63.24 -87.57 42.77
N SER NB 49 64.43 -87.10 43.04
CA SER NB 49 65.58 -87.34 42.23
C SER NB 49 65.85 -88.81 42.12
N ASP NB 50 65.84 -89.47 43.26
CA ASP NB 50 66.16 -90.86 43.20
C ASP NB 50 65.06 -91.65 42.59
N SER NB 51 63.83 -91.30 42.88
CA SER NB 51 62.80 -92.18 42.42
C SER NB 51 62.64 -92.08 40.93
N MET NB 52 62.87 -90.90 40.42
CA MET NB 52 63.02 -90.77 38.99
C MET NB 52 64.24 -91.49 38.50
N LEU NB 53 65.27 -91.64 39.34
CA LEU NB 53 66.41 -92.40 38.88
C LEU NB 53 66.03 -93.85 38.71
N GLU NB 54 65.11 -94.34 39.55
CA GLU NB 54 64.73 -95.71 39.26
C GLU NB 54 63.81 -95.77 38.09
N MET NB 55 63.14 -94.67 37.78
CA MET NB 55 62.39 -94.63 36.54
C MET NB 55 63.30 -94.74 35.34
N ALA NB 56 64.38 -93.99 35.32
CA ALA NB 56 65.35 -94.15 34.25
C ALA NB 56 65.98 -95.52 34.26
N LYS NB 57 66.15 -96.10 35.43
CA LYS NB 57 66.74 -97.41 35.49
C LYS NB 57 65.83 -98.44 34.88
N VAL NB 58 64.56 -98.41 35.26
CA VAL NB 58 63.70 -99.48 34.81
C VAL NB 58 63.32 -99.28 33.36
N GLU NB 59 63.39 -98.07 32.84
CA GLU NB 59 63.02 -97.90 31.46
C GLU NB 59 64.23 -97.66 30.58
N LYS NB 60 65.42 -97.77 31.16
CA LYS NB 60 66.65 -97.61 30.41
C LYS NB 60 66.98 -98.94 29.76
N VAL NB 61 66.72 -99.09 28.47
CA VAL NB 61 67.24 -100.26 27.80
C VAL NB 61 68.73 -100.03 27.66
N ILE NB 62 69.49 -101.12 27.74
CA ILE NB 62 70.93 -101.03 27.80
C ILE NB 62 71.51 -102.11 26.91
N THR NB 63 72.58 -101.79 26.21
CA THR NB 63 73.15 -102.86 25.41
C THR NB 63 74.32 -103.51 26.14
N PRO NB 64 74.54 -104.81 25.94
CA PRO NB 64 75.78 -105.40 26.40
C PRO NB 64 76.93 -104.97 25.53
N PRO NB 65 78.09 -104.65 26.11
CA PRO NB 65 79.25 -104.31 25.29
C PRO NB 65 79.78 -105.47 24.51
N SER NB 66 79.39 -106.69 24.85
CA SER NB 66 79.70 -107.85 24.04
C SER NB 66 78.69 -108.10 22.95
N LYS NB 67 77.57 -107.43 22.96
CA LYS NB 67 76.65 -107.54 21.85
C LYS NB 67 76.18 -106.16 21.45
N ASP NB 68 77.14 -105.27 21.26
CA ASP NB 68 76.86 -103.92 20.81
C ASP NB 68 76.98 -103.74 19.30
N ASN NB 69 77.53 -104.72 18.60
CA ASN NB 69 77.46 -104.92 17.15
C ASN NB 69 78.15 -103.84 16.32
N THR NB 70 78.86 -102.88 16.92
CA THR NB 70 79.48 -101.84 16.13
C THR NB 70 80.83 -102.31 15.59
N LEU NB 71 81.41 -101.50 14.70
CA LEU NB 71 82.71 -101.80 14.14
C LEU NB 71 83.79 -101.72 15.20
N THR NB 72 84.82 -102.53 15.05
CA THR NB 72 85.93 -102.42 15.97
C THR NB 72 87.03 -101.60 15.36
N ILE NB 73 88.08 -101.44 16.13
CA ILE NB 73 89.26 -100.79 15.61
C ILE NB 73 90.08 -101.85 14.91
N PRO NB 74 90.33 -101.71 13.61
CA PRO NB 74 91.02 -102.76 12.86
C PRO NB 74 92.52 -102.74 13.03
N ASN NB 75 93.03 -101.78 13.79
CA ASN NB 75 94.40 -101.69 14.33
C ASN NB 75 95.50 -101.81 13.28
N ALA NB 76 95.24 -101.48 12.02
CA ALA NB 76 96.32 -101.37 11.07
C ALA NB 76 97.07 -100.07 11.30
N TYR NB 77 98.39 -100.13 11.15
CA TYR NB 77 99.18 -98.93 11.37
C TYR NB 77 98.97 -97.92 10.28
N ASN NB 78 98.63 -98.39 9.07
CA ASN NB 78 98.18 -97.48 8.03
C ASN NB 78 96.88 -96.82 8.42
N LEU NB 79 96.05 -97.53 9.16
CA LEU NB 79 94.85 -96.92 9.67
C LEU NB 79 95.15 -96.02 10.85
N GLN NB 80 96.28 -96.19 11.48
CA GLN NB 80 96.66 -95.37 12.61
C GLN NB 80 97.22 -94.06 12.10
N ALA NB 81 96.35 -93.06 12.03
CA ALA NB 81 96.71 -91.69 11.72
C ALA NB 81 95.56 -90.80 12.13
N ARG NB 82 95.82 -89.50 12.20
CA ARG NB 82 94.83 -88.52 12.62
C ARG NB 82 94.52 -87.53 11.52
N ALA NB 83 93.24 -87.27 11.33
CA ALA NB 83 92.74 -86.53 10.19
C ALA NB 83 91.89 -85.34 10.62
N SER NB 84 91.35 -84.63 9.64
CA SER NB 84 90.35 -83.59 9.91
C SER NB 84 89.37 -83.57 8.76
N VAL NB 85 88.09 -83.72 9.05
CA VAL NB 85 87.06 -83.71 8.03
C VAL NB 85 85.86 -82.92 8.50
N ASP NB 86 85.23 -82.23 7.59
CA ASP NB 86 83.91 -81.63 7.81
C ASP NB 86 83.13 -81.79 6.54
N TRP NB 87 81.99 -82.45 6.65
CA TRP NB 87 81.39 -82.92 5.44
C TRP NB 87 79.99 -83.41 5.73
N SER NB 88 79.13 -83.27 4.73
CA SER NB 88 77.78 -83.78 4.85
C SER NB 88 77.39 -84.52 3.59
N GLY NB 89 76.67 -85.64 3.77
CA GLY NB 89 75.97 -86.29 2.68
C GLY NB 89 76.31 -87.75 2.54
N PRO NB 90 76.51 -88.19 1.30
CA PRO NB 90 76.65 -89.62 1.01
C PRO NB 90 78.01 -90.22 1.32
N ILE NB 91 77.94 -91.41 1.89
CA ILE NB 91 79.02 -92.03 2.66
C ILE NB 91 80.17 -92.55 1.80
N GLU NB 92 79.87 -93.08 0.63
CA GLU NB 92 80.72 -94.05 -0.03
C GLU NB 92 81.96 -93.39 -0.60
N GLU NB 93 81.84 -92.15 -1.02
CA GLU NB 93 82.98 -91.44 -1.56
C GLU NB 93 83.93 -91.04 -0.45
N LEU NB 94 83.39 -90.81 0.74
CA LEU NB 94 84.23 -90.50 1.89
C LEU NB 94 85.06 -91.68 2.25
N THR NB 95 84.41 -92.82 2.27
CA THR NB 95 85.08 -94.06 2.60
C THR NB 95 86.14 -94.40 1.57
N ALA NB 96 85.84 -94.16 0.29
CA ALA NB 96 86.84 -94.36 -0.73
C ALA NB 96 88.03 -93.44 -0.52
N ARG NB 97 87.76 -92.16 -0.31
CA ARG NB 97 88.85 -91.21 -0.19
C ARG NB 97 89.62 -91.38 1.09
N ILE NB 98 88.99 -91.90 2.11
CA ILE NB 98 89.77 -92.17 3.28
C ILE NB 98 90.53 -93.47 3.16
N ALA NB 99 90.04 -94.43 2.36
CA ALA NB 99 90.79 -95.66 2.13
C ALA NB 99 92.07 -95.35 1.39
N LYS NB 100 91.97 -94.48 0.41
CA LYS NB 100 93.19 -94.07 -0.25
C LYS NB 100 93.98 -93.07 0.57
N ALA NB 101 93.37 -92.40 1.54
CA ALA NB 101 94.20 -91.66 2.49
C ALA NB 101 94.99 -92.62 3.34
N ALA NB 102 94.39 -93.74 3.69
CA ALA NB 102 95.04 -94.67 4.58
C ALA NB 102 95.71 -95.80 3.85
N HIS NB 103 95.91 -95.65 2.54
CA HIS NB 103 96.55 -96.64 1.68
C HIS NB 103 95.81 -97.95 1.74
N PHE NB 104 94.51 -97.88 1.73
CA PHE NB 104 93.73 -99.09 1.77
C PHE NB 104 92.92 -99.15 0.49
N ARG NB 105 92.73 -100.36 0.00
CA ARG NB 105 91.83 -100.43 -1.14
C ARG NB 105 90.41 -100.49 -0.61
N PHE NB 106 89.48 -100.23 -1.52
CA PHE NB 106 88.10 -99.92 -1.21
C PHE NB 106 87.19 -100.80 -2.02
N ARG NB 107 86.39 -101.61 -1.36
CA ARG NB 107 85.35 -102.31 -2.07
C ARG NB 107 84.02 -102.02 -1.42
N VAL NB 108 83.05 -101.71 -2.26
CA VAL NB 108 81.70 -101.43 -1.84
C VAL NB 108 80.81 -102.53 -2.39
N LEU NB 109 79.97 -103.08 -1.53
CA LEU NB 109 79.20 -104.27 -1.84
C LEU NB 109 77.75 -104.04 -1.48
N GLY NB 110 76.89 -104.75 -2.17
CA GLY NB 110 75.50 -104.39 -2.23
C GLY NB 110 75.31 -103.30 -3.26
N LYS NB 111 74.10 -102.77 -3.28
CA LYS NB 111 73.76 -101.66 -4.15
C LYS NB 111 73.45 -100.45 -3.31
N SER NB 112 73.88 -99.31 -3.77
CA SER NB 112 73.53 -98.10 -3.07
C SER NB 112 72.08 -97.72 -3.38
N PRO NB 113 71.37 -97.17 -2.42
CA PRO NB 113 69.96 -96.87 -2.62
C PRO NB 113 69.79 -95.59 -3.40
N SER NB 114 68.55 -95.32 -3.78
CA SER NB 114 68.23 -94.05 -4.43
C SER NB 114 68.45 -92.90 -3.47
N VAL NB 115 67.89 -92.97 -2.28
CA VAL NB 115 68.26 -91.99 -1.29
C VAL NB 115 69.61 -92.44 -0.74
N PRO NB 116 70.59 -91.57 -0.70
CA PRO NB 116 71.90 -91.96 -0.21
C PRO NB 116 71.89 -91.96 1.30
N VAL NB 117 72.88 -92.64 1.85
CA VAL NB 117 73.06 -92.64 3.28
C VAL NB 117 73.84 -91.39 3.65
N LEU NB 118 73.22 -90.48 4.37
CA LEU NB 118 73.73 -89.14 4.50
C LEU NB 118 74.47 -88.99 5.80
N ILE NB 119 75.72 -88.62 5.72
CA ILE NB 119 76.54 -88.56 6.92
C ILE NB 119 77.16 -87.18 6.96
N SER NB 120 77.22 -86.60 8.15
CA SER NB 120 77.93 -85.36 8.36
C SER NB 120 78.90 -85.53 9.50
N ILE NB 121 80.18 -85.29 9.25
CA ILE NB 121 81.24 -85.39 10.25
C ILE NB 121 82.02 -84.09 10.26
N SER NB 122 82.31 -83.59 11.45
CA SER NB 122 83.02 -82.32 11.60
C SER NB 122 84.04 -82.45 12.72
N THR NB 123 85.30 -82.60 12.36
CA THR NB 123 86.37 -82.72 13.32
C THR NB 123 87.68 -82.21 12.77
N LYS NB 124 88.55 -81.85 13.69
CA LYS NB 124 89.78 -81.14 13.41
C LYS NB 124 91.03 -81.99 13.64
N ASP NB 125 90.98 -82.99 14.53
CA ASP NB 125 92.11 -83.91 14.68
C ASP NB 125 91.58 -85.22 15.25
N GLU NB 126 91.66 -86.29 14.46
CA GLU NB 126 90.89 -87.46 14.83
C GLU NB 126 91.39 -88.68 14.07
N SER NB 127 91.34 -89.81 14.74
CA SER NB 127 91.87 -91.01 14.13
C SER NB 127 90.89 -91.67 13.18
N LEU NB 128 91.46 -92.12 12.08
CA LEU NB 128 90.74 -92.67 10.95
C LEU NB 128 89.86 -93.83 11.32
N ALA NB 129 90.33 -94.69 12.21
CA ALA NB 129 89.51 -95.82 12.62
C ALA NB 129 88.27 -95.35 13.36
N GLU NB 130 88.34 -94.25 14.07
CA GLU NB 130 87.12 -93.88 14.74
C GLU NB 130 86.27 -92.97 13.88
N ILE NB 131 86.85 -92.40 12.83
CA ILE NB 131 86.01 -92.04 11.69
C ILE NB 131 85.22 -93.22 11.22
N LEU NB 132 85.89 -94.35 11.03
CA LEU NB 132 85.19 -95.54 10.55
C LEU NB 132 84.17 -96.03 11.56
N ARG NB 133 84.48 -95.84 12.83
CA ARG NB 133 83.56 -96.24 13.88
C ARG NB 133 82.30 -95.39 13.81
N ASP NB 134 82.49 -94.09 13.69
CA ASP NB 134 81.34 -93.22 13.61
C ASP NB 134 80.58 -93.42 12.33
N ILE NB 135 81.30 -93.76 11.27
CA ILE NB 135 80.65 -93.89 9.99
C ILE NB 135 79.80 -95.12 9.99
N ASP NB 136 80.23 -96.16 10.67
CA ASP NB 136 79.45 -97.36 10.71
C ASP NB 136 78.26 -97.17 11.62
N TYR NB 137 78.49 -96.40 12.68
CA TYR NB 137 77.43 -96.08 13.62
C TYR NB 137 76.34 -95.29 12.95
N GLN NB 138 76.72 -94.26 12.24
CA GLN NB 138 75.73 -93.46 11.58
C GLN NB 138 75.19 -94.18 10.36
N ALA NB 139 75.93 -95.15 9.84
CA ALA NB 139 75.40 -96.03 8.81
C ALA NB 139 74.26 -96.84 9.37
N GLY NB 140 74.40 -97.27 10.62
CA GLY NB 140 73.40 -98.07 11.27
C GLY NB 140 73.25 -99.36 10.52
N LYS NB 141 72.05 -99.63 10.06
CA LYS NB 141 71.78 -100.86 9.33
C LYS NB 141 71.43 -100.62 7.89
N LYS NB 142 71.44 -99.37 7.46
CA LYS NB 142 71.37 -99.11 6.04
C LYS NB 142 72.62 -99.64 5.37
N ALA NB 143 73.76 -99.43 6.01
CA ALA NB 143 75.00 -99.96 5.50
C ALA NB 143 75.92 -100.27 6.67
N SER NB 144 77.05 -100.85 6.33
CA SER NB 144 77.97 -101.40 7.30
C SER NB 144 79.38 -101.22 6.81
N ILE NB 145 80.30 -101.25 7.75
CA ILE NB 145 81.69 -101.16 7.43
C ILE NB 145 82.35 -102.44 7.89
N HIS NB 146 82.97 -103.13 6.98
CA HIS NB 146 83.95 -104.11 7.36
C HIS NB 146 85.31 -103.62 6.94
N VAL NB 147 86.32 -103.94 7.75
CA VAL NB 147 87.68 -103.59 7.42
C VAL NB 147 88.51 -104.84 7.54
N TYR NB 148 89.20 -105.21 6.46
CA TYR NB 148 90.13 -106.32 6.59
C TYR NB 148 91.53 -105.76 6.50
N PRO NB 149 92.25 -105.64 7.63
CA PRO NB 149 93.59 -105.06 7.56
C PRO NB 149 94.62 -106.02 7.02
N ASN NB 150 94.30 -107.31 6.94
CA ASN NB 150 95.22 -108.24 6.30
C ASN NB 150 95.30 -107.98 4.80
N SER NB 151 94.17 -107.80 4.16
CA SER NB 151 94.14 -107.40 2.77
C SER NB 151 94.15 -105.89 2.61
N GLN NB 152 94.11 -105.17 3.73
CA GLN NB 152 94.22 -103.70 3.78
C GLN NB 152 93.14 -103.03 2.92
N VAL NB 153 91.90 -103.26 3.34
CA VAL NB 153 90.73 -102.82 2.60
C VAL NB 153 89.67 -102.34 3.57
N VAL NB 154 89.00 -101.28 3.20
CA VAL NB 154 87.69 -101.03 3.74
C VAL NB 154 86.63 -101.46 2.73
N GLU NB 155 85.68 -102.22 3.23
CA GLU NB 155 84.52 -102.62 2.47
C GLU NB 155 83.28 -101.96 3.07
N LEU NB 156 82.60 -101.19 2.25
CA LEU NB 156 81.26 -100.75 2.59
C LEU NB 156 80.28 -101.79 2.11
N ARG NB 157 79.24 -102.03 2.90
CA ARG NB 157 78.27 -103.02 2.52
C ARG NB 157 76.88 -102.51 2.81
N TYR NB 158 76.04 -102.50 1.81
CA TYR NB 158 74.70 -101.99 1.98
C TYR NB 158 73.80 -103.04 2.56
N ALA NB 159 72.54 -102.69 2.79
CA ALA NB 159 71.55 -103.65 3.21
C ALA NB 159 70.87 -104.25 1.99
N ILE OB 272 53.26 -79.37 4.45
CA ILE OB 272 54.70 -79.41 4.58
C ILE OB 272 55.20 -78.20 5.33
N PRO OB 273 55.91 -78.47 6.41
CA PRO OB 273 56.47 -77.39 7.22
C PRO OB 273 57.55 -76.63 6.48
N PRO OB 274 57.86 -75.42 6.90
CA PRO OB 274 59.03 -74.72 6.38
C PRO OB 274 60.29 -75.26 7.02
N SER OB 275 61.38 -75.10 6.29
CA SER OB 275 62.68 -75.65 6.69
C SER OB 275 63.14 -75.03 7.98
N ALA OB 276 63.41 -73.74 7.88
CA ALA OB 276 63.66 -72.87 8.98
C ALA OB 276 63.45 -71.49 8.41
N ASN OB 277 63.85 -70.48 9.15
CA ASN OB 277 63.97 -69.21 8.52
C ASN OB 277 65.28 -69.16 7.77
N ASP OB 278 65.26 -68.54 6.62
CA ASP OB 278 66.54 -68.13 6.10
C ASP OB 278 67.04 -66.88 6.77
N LEU OB 279 66.18 -66.17 7.46
CA LEU OB 279 66.70 -65.09 8.27
C LEU OB 279 67.50 -65.62 9.41
N LEU OB 280 67.24 -66.86 9.82
CA LEU OB 280 68.19 -67.55 10.66
C LEU OB 280 69.55 -67.63 10.02
N LEU OB 281 69.63 -67.75 8.70
CA LEU OB 281 70.95 -67.82 8.12
C LEU OB 281 71.62 -66.46 8.20
N HIS OB 282 70.84 -65.40 8.27
CA HIS OB 282 71.41 -64.08 8.39
C HIS OB 282 71.81 -63.79 9.81
N VAL OB 283 70.94 -64.12 10.74
CA VAL OB 283 71.26 -63.82 12.11
C VAL OB 283 72.09 -64.92 12.70
N LEU OB 284 72.43 -65.92 11.90
CA LEU OB 284 73.43 -66.88 12.27
C LEU OB 284 74.73 -66.20 12.54
N GLU OB 285 75.06 -65.26 11.68
CA GLU OB 285 76.14 -64.34 11.94
C GLU OB 285 75.54 -63.08 12.50
N GLY OB 286 76.37 -62.08 12.67
CA GLY OB 286 75.92 -60.93 13.38
C GLY OB 286 75.12 -59.94 12.60
N VAL OB 287 74.62 -60.23 11.39
CA VAL OB 287 73.76 -59.22 10.79
C VAL OB 287 72.40 -59.31 11.49
N PRO OB 288 71.76 -58.19 11.76
CA PRO OB 288 70.37 -58.20 12.04
C PRO OB 288 69.60 -58.57 10.79
N PRO OB 289 68.36 -59.01 10.92
CA PRO OB 289 67.52 -59.15 9.75
C PRO OB 289 67.24 -57.77 9.16
N PRO OB 290 66.82 -57.71 7.90
CA PRO OB 290 66.31 -56.45 7.37
C PRO OB 290 65.15 -55.91 8.19
N GLY OB 291 65.21 -54.62 8.45
CA GLY OB 291 64.17 -53.93 9.18
C GLY OB 291 64.02 -54.36 10.62
N SER OB 292 65.09 -54.35 11.37
CA SER OB 292 65.00 -54.93 12.69
C SER OB 292 65.33 -53.90 13.74
N ARG OB 293 64.97 -54.22 14.97
CA ARG OB 293 65.26 -53.29 16.03
C ARG OB 293 66.22 -54.00 16.95
N ARG OB 294 67.31 -53.33 17.27
CA ARG OB 294 68.29 -53.90 18.16
C ARG OB 294 67.71 -53.97 19.54
N LEU OB 295 67.44 -55.17 19.98
CA LEU OB 295 66.93 -55.32 21.32
C LEU OB 295 68.08 -55.19 22.27
N VAL OB 296 67.91 -54.27 23.21
CA VAL OB 296 68.98 -53.92 24.13
C VAL OB 296 69.13 -55.10 25.07
N VAL OB 297 70.20 -55.85 24.87
CA VAL OB 297 70.46 -57.02 25.69
C VAL OB 297 71.35 -56.59 26.84
N SER OB 298 70.87 -56.79 28.06
CA SER OB 298 71.65 -56.40 29.21
C SER OB 298 71.90 -57.61 30.09
N GLY OB 299 73.18 -57.86 30.35
CA GLY OB 299 73.61 -58.94 31.21
C GLY OB 299 74.31 -60.09 30.52
N GLY OB 300 74.57 -60.00 29.23
CA GLY OB 300 75.04 -61.17 28.51
C GLY OB 300 75.46 -60.81 27.10
N ASP OB 301 75.95 -61.82 26.39
CA ASP OB 301 76.66 -61.59 25.15
C ASP OB 301 75.80 -61.95 23.96
N ALA OB 302 74.52 -62.07 24.17
CA ALA OB 302 73.73 -62.55 23.07
C ALA OB 302 73.13 -61.33 22.45
N ARG OB 303 72.96 -61.34 21.15
CA ARG OB 303 72.35 -60.15 20.61
C ARG OB 303 71.04 -60.48 19.95
N ALA OB 304 70.10 -59.57 20.13
CA ALA OB 304 68.72 -59.85 19.79
C ALA OB 304 68.18 -58.75 18.91
N TRP OB 305 67.41 -59.17 17.93
CA TRP OB 305 66.70 -58.24 17.08
C TRP OB 305 65.23 -58.56 17.06
N LEU OB 306 64.46 -57.50 17.14
CA LEU OB 306 63.04 -57.58 16.91
C LEU OB 306 62.86 -57.48 15.42
N SER OB 307 62.41 -58.55 14.80
CA SER OB 307 62.13 -58.48 13.38
C SER OB 307 60.68 -58.10 13.17
N ASN OB 308 59.77 -58.99 13.56
CA ASN OB 308 58.33 -58.72 13.44
C ASN OB 308 57.64 -59.53 14.52
N GLU OB 309 57.60 -58.94 15.73
CA GLU OB 309 57.24 -59.57 17.02
C GLU OB 309 58.21 -60.70 17.41
N LYS OB 310 59.05 -61.15 16.49
CA LYS OB 310 59.82 -62.34 16.64
C LYS OB 310 61.22 -61.84 16.89
N MET OB 311 61.72 -62.07 18.09
CA MET OB 311 63.13 -61.78 18.19
C MET OB 311 63.86 -62.93 17.53
N TYR OB 312 64.91 -62.56 16.87
CA TYR OB 312 65.88 -63.52 16.43
C TYR OB 312 67.05 -63.20 17.33
N VAL OB 313 67.53 -64.19 18.02
CA VAL OB 313 68.67 -63.97 18.87
C VAL OB 313 69.81 -64.86 18.42
N ARG OB 314 70.97 -64.24 18.28
CA ARG OB 314 72.19 -64.98 18.13
C ARG OB 314 72.74 -65.16 19.52
N THR OB 315 73.35 -66.31 19.73
CA THR OB 315 74.19 -66.52 20.88
C THR OB 315 75.07 -67.71 20.62
N ASN OB 316 75.87 -68.01 21.62
CA ASN OB 316 76.36 -69.36 21.74
C ASN OB 316 75.78 -70.03 22.96
N LEU OB 317 75.07 -69.31 23.80
CA LEU OB 317 74.56 -69.83 25.05
C LEU OB 317 73.34 -70.71 24.81
N THR OB 318 72.88 -71.38 25.85
CA THR OB 318 71.91 -72.45 25.64
C THR OB 318 70.55 -72.01 26.09
N ILE OB 319 69.66 -71.75 25.13
CA ILE OB 319 68.37 -71.13 25.44
C ILE OB 319 67.51 -72.12 26.21
N LEU OB 320 66.87 -71.61 27.26
CA LEU OB 320 66.16 -72.45 28.18
C LEU OB 320 64.68 -72.13 28.29
N SER OB 321 64.32 -70.91 28.70
CA SER OB 321 62.91 -70.76 29.03
C SER OB 321 61.98 -70.72 27.82
N PRO OB 322 62.09 -69.80 26.88
CA PRO OB 322 60.93 -69.55 26.05
C PRO OB 322 60.77 -70.51 24.88
N GLY OB 323 61.81 -70.95 24.19
CA GLY OB 323 61.58 -71.84 23.09
C GLY OB 323 61.22 -71.12 21.81
N TRP OB 324 61.92 -71.48 20.77
CA TRP OB 324 61.94 -70.78 19.51
C TRP OB 324 60.91 -71.37 18.59
N LEU OB 325 60.62 -70.67 17.53
CA LEU OB 325 60.01 -71.40 16.45
C LEU OB 325 61.04 -72.04 15.58
N ALA OB 326 62.18 -71.42 15.47
CA ALA OB 326 63.16 -72.11 14.66
C ALA OB 326 64.48 -71.98 15.35
N SER OB 327 65.19 -73.07 15.37
CA SER OB 327 66.51 -73.05 15.93
C SER OB 327 67.49 -73.40 14.87
N MET OB 328 68.71 -73.07 15.19
CA MET OB 328 69.69 -72.81 14.21
C MET OB 328 71.03 -72.84 14.87
N THR OB 329 71.95 -73.54 14.26
CA THR OB 329 73.27 -73.24 14.74
C THR OB 329 74.18 -73.20 13.56
N SER OB 330 75.35 -72.67 13.79
CA SER OB 330 76.32 -72.42 12.78
C SER OB 330 77.12 -73.68 12.57
N ALA OB 331 78.22 -73.54 11.86
CA ALA OB 331 79.19 -74.61 11.90
C ALA OB 331 79.87 -74.67 13.25
N ASP OB 332 80.01 -73.54 13.93
CA ASP OB 332 80.77 -73.55 15.18
C ASP OB 332 79.89 -73.52 16.42
N GLY OB 333 78.63 -73.90 16.29
CA GLY OB 333 77.81 -73.85 17.47
C GLY OB 333 77.20 -72.50 17.75
N THR OB 334 77.20 -71.60 16.80
CA THR OB 334 76.50 -70.37 17.04
C THR OB 334 75.03 -70.55 16.78
N HIS OB 335 74.24 -70.31 17.78
CA HIS OB 335 72.84 -70.53 17.59
C HIS OB 335 72.21 -69.27 17.12
N ALA OB 336 71.24 -69.47 16.26
CA ALA OB 336 70.22 -68.49 16.04
C ALA OB 336 68.91 -69.14 16.44
N TYR OB 337 68.11 -68.36 17.16
CA TYR OB 337 66.81 -68.82 17.56
C TYR OB 337 65.81 -67.78 17.11
N GLU OB 338 64.88 -68.22 16.29
CA GLU OB 338 63.74 -67.45 15.88
C GLU OB 338 62.70 -67.72 16.93
N MET OB 339 62.57 -66.76 17.82
CA MET OB 339 62.10 -66.82 19.19
C MET OB 339 60.96 -65.85 19.38
N GLN OB 340 60.00 -66.31 20.15
CA GLN OB 340 58.87 -65.49 20.49
C GLN OB 340 59.33 -64.46 21.50
N LYS OB 341 58.49 -63.47 21.73
CA LYS OB 341 59.01 -62.29 22.39
C LYS OB 341 59.08 -62.53 23.88
N SER OB 342 60.26 -62.49 24.40
CA SER OB 342 60.29 -62.44 25.82
C SER OB 342 60.93 -61.14 26.25
N PRO OB 343 60.48 -60.59 27.36
CA PRO OB 343 61.29 -59.62 28.07
C PRO OB 343 62.45 -60.26 28.79
N VAL OB 344 62.34 -61.53 29.14
CA VAL OB 344 63.23 -62.16 30.08
C VAL OB 344 63.68 -63.48 29.49
N LEU OB 345 64.98 -63.68 29.41
CA LEU OB 345 65.52 -64.78 28.66
C LEU OB 345 66.29 -65.69 29.59
N LEU OB 346 66.22 -66.97 29.32
CA LEU OB 346 66.94 -67.91 30.13
C LEU OB 346 67.94 -68.67 29.31
N VAL OB 347 69.18 -68.64 29.72
CA VAL OB 347 70.09 -69.62 29.20
C VAL OB 347 70.71 -70.35 30.34
N SER OB 348 71.27 -71.50 30.03
CA SER OB 348 72.23 -72.12 30.90
C SER OB 348 73.58 -71.71 30.37
N TRP OB 349 74.44 -71.34 31.30
CA TRP OB 349 75.75 -70.81 31.00
C TRP OB 349 76.76 -71.94 31.12
N HIS OB 350 76.87 -72.53 32.29
CA HIS OB 350 77.85 -73.59 32.50
C HIS OB 350 77.30 -74.67 33.40
N GLY OB 351 76.05 -75.05 33.20
CA GLY OB 351 75.36 -75.76 34.24
C GLY OB 351 74.84 -74.85 35.33
N LYS OB 352 75.40 -73.65 35.46
CA LYS OB 352 74.74 -72.52 36.08
C LYS OB 352 73.75 -71.96 35.08
N VAL OB 353 72.70 -71.31 35.56
CA VAL OB 353 71.64 -70.81 34.71
C VAL OB 353 71.51 -69.30 34.90
N MET OB 354 71.37 -68.58 33.79
CA MET OB 354 71.30 -67.15 33.80
C MET OB 354 69.96 -66.66 33.27
N GLN OB 355 69.33 -65.82 34.08
CA GLN OB 355 68.30 -64.91 33.61
C GLN OB 355 68.97 -63.79 32.86
N LEU OB 356 68.25 -63.20 31.90
CA LEU OB 356 68.78 -62.11 31.10
C LEU OB 356 67.65 -61.15 30.78
N LYS OB 357 67.87 -59.85 30.97
CA LYS OB 357 66.81 -58.92 30.67
C LYS OB 357 67.04 -58.32 29.30
N VAL OB 358 65.95 -58.06 28.59
CA VAL OB 358 66.04 -57.31 27.36
C VAL OB 358 65.24 -56.03 27.51
N GLU OB 359 65.51 -55.09 26.63
CA GLU OB 359 64.76 -53.86 26.55
C GLU OB 359 64.24 -53.73 25.13
N GLY OB 360 62.99 -53.34 25.00
CA GLY OB 360 62.37 -53.28 23.70
C GLY OB 360 62.14 -54.68 23.19
N LEU PB 41 69.96 -51.61 39.81
CA LEU PB 41 71.08 -51.47 38.89
C LEU PB 41 72.02 -52.68 38.96
N PRO PB 42 72.54 -53.11 37.81
CA PRO PB 42 73.47 -54.25 37.78
C PRO PB 42 74.81 -53.93 38.45
N CYS PB 43 75.62 -54.98 38.60
CA CYS PB 43 76.76 -54.93 39.52
C CYS PB 43 78.00 -54.30 38.91
N ARG PB 44 78.63 -53.41 39.68
CA ARG PB 44 80.04 -53.13 39.49
C ARG PB 44 80.84 -54.26 40.11
N VAL PB 45 80.82 -54.31 41.45
CA VAL PB 45 81.41 -55.39 42.20
C VAL PB 45 80.36 -56.48 42.33
N ASP PB 46 80.81 -57.72 42.24
CA ASP PB 46 79.96 -58.86 42.56
C ASP PB 46 80.06 -59.21 44.04
N GLY PB 47 79.81 -58.21 44.88
CA GLY PB 47 79.90 -58.36 46.31
C GLY PB 47 81.28 -58.66 46.82
N ALA PB 48 82.31 -58.10 46.19
CA ALA PB 48 83.67 -58.42 46.60
C ALA PB 48 84.54 -57.21 46.34
N CYS PB 49 85.68 -57.17 47.01
CA CYS PB 49 86.65 -56.12 46.76
C CYS PB 49 88.03 -56.72 46.65
N ASP PB 50 88.74 -56.24 45.64
CA ASP PB 50 90.09 -56.71 45.37
C ASP PB 50 91.03 -56.33 46.51
N ALA PB 51 90.71 -55.26 47.22
CA ALA PB 51 91.46 -54.91 48.42
C ALA PB 51 91.32 -55.98 49.49
N THR PB 52 90.13 -56.51 49.67
CA THR PB 52 89.97 -57.60 50.61
C THR PB 52 90.73 -58.82 50.18
N ILE PB 53 90.67 -59.09 48.88
CA ILE PB 53 91.42 -60.17 48.27
C ILE PB 53 92.90 -60.06 48.58
N ILE PB 54 93.47 -58.89 48.35
CA ILE PB 54 94.90 -58.76 48.57
C ILE PB 54 95.23 -58.72 50.04
N LYS PB 55 94.32 -58.23 50.89
CA LYS PB 55 94.48 -58.37 52.32
C LYS PB 55 94.60 -59.81 52.72
N MET PB 56 93.85 -60.69 52.03
CA MET PB 56 93.94 -62.10 52.34
C MET PB 56 95.33 -62.60 52.02
N MET PB 57 95.72 -62.51 50.73
CA MET PB 57 96.96 -63.15 50.27
C MET PB 57 98.16 -62.66 51.04
N THR PB 58 98.18 -61.36 51.35
CA THR PB 58 99.19 -60.82 52.23
C THR PB 58 99.21 -61.56 53.55
N ASP PB 59 98.07 -61.66 54.20
CA ASP PB 59 98.11 -62.16 55.57
C ASP PB 59 98.32 -63.67 55.62
N LEU PB 60 97.81 -64.39 54.65
CA LEU PB 60 97.92 -65.85 54.65
C LEU PB 60 99.22 -66.32 54.06
N ASN PB 61 99.93 -65.43 53.43
CA ASN PB 61 101.29 -65.79 53.13
C ASN PB 61 102.25 -65.25 54.16
N LYS PB 62 101.83 -64.24 54.93
CA LYS PB 62 102.48 -63.95 56.20
C LYS PB 62 102.36 -65.14 57.12
N LYS PB 63 101.21 -65.78 57.07
CA LYS PB 63 100.93 -67.03 57.72
C LYS PB 63 101.39 -68.20 56.89
N GLY PB 64 101.91 -67.94 55.69
CA GLY PB 64 102.71 -68.91 55.00
C GLY PB 64 101.94 -69.87 54.15
N ILE PB 65 100.62 -69.91 54.27
CA ILE PB 65 99.86 -70.86 53.50
C ILE PB 65 99.78 -70.33 52.09
N LYS PB 66 100.32 -71.09 51.16
CA LYS PB 66 100.88 -70.45 50.00
C LYS PB 66 99.84 -70.29 48.91
N VAL PB 67 99.66 -69.05 48.48
CA VAL PB 67 98.78 -68.74 47.38
C VAL PB 67 99.64 -68.61 46.14
N ALA PB 68 99.36 -69.42 45.14
CA ALA PB 68 99.82 -69.14 43.79
C ALA PB 68 98.74 -68.38 43.06
N SER PB 69 99.16 -67.38 42.29
CA SER PB 69 98.21 -66.54 41.58
C SER PB 69 98.79 -66.32 40.20
N VAL PB 70 98.54 -67.26 39.31
CA VAL PB 70 99.43 -67.48 38.18
C VAL PB 70 98.63 -67.56 36.89
N GLY PB 71 98.98 -66.69 35.96
CA GLY PB 71 98.22 -66.56 34.73
C GLY PB 71 96.81 -66.17 35.09
N GLN PB 72 95.89 -67.09 34.88
CA GLN PB 72 94.56 -66.88 35.37
C GLN PB 72 94.21 -67.88 36.45
N ASN PB 73 95.00 -68.91 36.61
CA ASN PB 73 94.65 -69.93 37.57
C ASN PB 73 95.24 -69.61 38.92
N TYR PB 74 94.52 -69.97 39.95
CA TYR PB 74 94.92 -69.61 41.29
C TYR PB 74 94.91 -70.87 42.11
N LEU PB 75 95.92 -71.01 42.94
CA LEU PB 75 96.23 -72.24 43.64
C LEU PB 75 96.54 -71.89 45.08
N ILE PB 76 96.18 -72.77 46.00
CA ILE PB 76 96.75 -72.69 47.34
C ILE PB 76 97.32 -74.04 47.71
N SER PB 77 98.58 -74.01 48.09
CA SER PB 77 99.25 -75.15 48.66
C SER PB 77 99.27 -74.95 50.16
N ILE PB 78 99.08 -76.03 50.88
CA ILE PB 78 98.97 -76.00 52.33
C ILE PB 78 99.79 -77.17 52.85
N PRO PB 79 100.61 -76.97 53.87
CA PRO PB 79 101.13 -78.12 54.60
C PRO PB 79 99.98 -78.83 55.30
N ALA PB 80 99.91 -80.15 55.12
CA ALA PB 80 98.87 -80.92 55.77
C ALA PB 80 99.06 -81.04 57.28
N SER PB 81 100.25 -80.71 57.77
CA SER PB 81 100.57 -80.85 59.18
C SER PB 81 99.77 -79.90 60.04
N ALA PB 82 99.46 -78.72 59.51
CA ALA PB 82 98.65 -77.78 60.27
C ALA PB 82 97.21 -78.23 60.37
N LEU PB 83 96.78 -79.20 59.56
CA LEU PB 83 95.38 -79.54 59.45
C LEU PB 83 95.06 -80.95 59.93
N PHE PB 84 95.57 -81.95 59.27
CA PHE PB 84 95.33 -83.29 59.72
C PHE PB 84 96.34 -83.61 60.78
N ALA PB 85 96.01 -84.57 61.61
CA ALA PB 85 97.02 -85.05 62.52
C ALA PB 85 97.82 -86.10 61.79
N ASP PB 86 98.78 -86.66 62.52
CA ASP PB 86 99.76 -87.60 62.02
C ASP PB 86 99.12 -88.83 61.41
N GLN PB 87 99.23 -88.94 60.08
CA GLN PB 87 98.65 -90.03 59.29
C GLN PB 87 97.14 -90.15 59.44
N SER PB 88 96.50 -89.08 59.87
CA SER PB 88 95.09 -89.20 60.12
C SER PB 88 94.40 -88.46 59.00
N PRO PB 89 93.31 -88.89 58.57
CA PRO PB 89 92.40 -88.01 57.83
C PRO PB 89 91.49 -87.28 58.79
N ARG PB 90 92.07 -86.74 59.85
CA ARG PB 90 91.27 -86.20 60.92
C ARG PB 90 91.78 -84.81 61.23
N LEU PB 91 90.88 -83.86 61.14
CA LEU PB 91 91.20 -82.46 61.31
C LEU PB 91 91.10 -82.08 62.77
N ASN PB 92 91.64 -80.93 63.10
CA ASN PB 92 91.47 -80.45 64.46
C ASN PB 92 90.60 -79.20 64.50
N TRP PB 93 90.71 -78.51 65.62
CA TRP PB 93 89.70 -77.55 66.00
C TRP PB 93 89.95 -76.16 65.43
N ALA PB 94 91.04 -75.53 65.88
CA ALA PB 94 91.32 -74.13 65.57
C ALA PB 94 91.67 -73.92 64.12
N SER PB 95 91.92 -75.01 63.40
CA SER PB 95 92.06 -75.03 61.96
C SER PB 95 90.88 -74.44 61.24
N TYR PB 96 89.69 -74.59 61.78
CA TYR PB 96 88.51 -74.31 61.00
C TYR PB 96 88.26 -72.84 60.79
N SER PB 97 88.81 -71.98 61.64
CA SER PB 97 88.85 -70.55 61.33
C SER PB 97 89.59 -70.32 60.03
N LEU PB 98 90.72 -70.98 59.88
CA LEU PB 98 91.53 -70.84 58.69
C LEU PB 98 90.83 -71.47 57.50
N LEU PB 99 90.22 -72.63 57.70
CA LEU PB 99 89.54 -73.31 56.62
C LEU PB 99 88.35 -72.53 56.11
N ASN PB 100 87.66 -71.87 57.00
CA ASN PB 100 86.50 -71.17 56.57
C ASN PB 100 86.88 -69.85 55.93
N GLU PB 101 87.98 -69.25 56.36
CA GLU PB 101 88.39 -68.02 55.68
C GLU PB 101 89.03 -68.32 54.33
N ILE PB 102 89.50 -69.54 54.13
CA ILE PB 102 89.72 -70.03 52.78
C ILE PB 102 88.45 -69.98 51.96
N ALA PB 103 87.38 -70.58 52.48
CA ALA PB 103 86.13 -70.59 51.71
C ALA PB 103 85.60 -69.19 51.47
N ALA PB 104 85.86 -68.30 52.43
CA ALA PB 104 85.56 -66.89 52.30
C ALA PB 104 86.30 -66.30 51.13
N PHE PB 105 87.55 -66.69 50.97
CA PHE PB 105 88.23 -66.23 49.78
C PHE PB 105 87.67 -66.89 48.54
N LEU PB 106 87.22 -68.12 48.66
CA LEU PB 106 86.74 -68.85 47.49
C LEU PB 106 85.50 -68.24 46.92
N LYS PB 107 84.72 -67.62 47.78
CA LYS PB 107 83.63 -66.79 47.32
C LYS PB 107 84.06 -65.58 46.52
N GLN PB 108 85.33 -65.18 46.56
CA GLN PB 108 85.65 -63.93 45.90
C GLN PB 108 85.66 -64.02 44.39
N PHE PB 109 85.54 -65.19 43.80
CA PHE PB 109 85.55 -65.25 42.35
C PHE PB 109 84.41 -66.04 41.80
N ARG PB 110 84.00 -65.66 40.62
CA ARG PB 110 83.12 -66.50 39.85
C ARG PB 110 84.01 -67.65 39.40
N LYS PB 111 83.60 -68.88 39.67
CA LYS PB 111 84.39 -70.04 39.29
C LYS PB 111 83.50 -71.23 38.98
N ILE PB 112 84.10 -72.22 38.34
CA ILE PB 112 83.36 -73.33 37.77
C ILE PB 112 83.69 -74.63 38.47
N ALA PB 113 84.94 -75.02 38.43
CA ALA PB 113 85.38 -76.30 38.93
C ALA PB 113 86.51 -76.04 39.90
N ILE PB 114 86.54 -76.80 40.97
CA ILE PB 114 87.62 -76.73 41.94
C ILE PB 114 88.20 -78.11 42.08
N THR PB 115 89.50 -78.22 41.91
CA THR PB 115 90.16 -79.50 42.10
C THR PB 115 90.97 -79.43 43.37
N VAL PB 116 90.79 -80.43 44.21
CA VAL PB 116 91.63 -80.58 45.37
C VAL PB 116 92.34 -81.92 45.29
N THR PB 117 93.62 -81.87 45.51
CA THR PB 117 94.41 -83.06 45.73
C THR PB 117 95.21 -82.88 46.99
N SER PB 118 95.61 -83.99 47.55
CA SER PB 118 96.46 -83.92 48.72
C SER PB 118 97.58 -84.91 48.53
N TYR PB 119 98.70 -84.64 49.17
CA TYR PB 119 99.80 -85.56 49.09
C TYR PB 119 100.35 -85.82 50.45
N SER PB 120 100.83 -87.03 50.65
CA SER PB 120 101.38 -87.40 51.93
C SER PB 120 102.68 -88.14 51.72
N SER PB 121 103.65 -87.83 52.58
CA SER PB 121 104.90 -88.55 52.63
C SER PB 121 104.66 -90.03 52.87
N LYS PB 122 105.45 -90.85 52.18
CA LYS PB 122 105.20 -92.28 52.09
C LYS PB 122 105.39 -92.93 53.45
N TYR PB 123 104.34 -93.57 53.94
CA TYR PB 123 104.36 -94.01 55.32
C TYR PB 123 104.38 -95.52 55.48
N VAL PB 124 103.37 -96.22 54.99
CA VAL PB 124 103.35 -97.66 55.17
C VAL PB 124 103.11 -98.39 53.86
N SER PB 125 101.99 -98.15 53.19
CA SER PB 125 101.66 -99.01 52.06
C SER PB 125 100.86 -98.23 51.06
N VAL PB 126 101.24 -98.38 49.79
CA VAL PB 126 100.90 -97.47 48.72
C VAL PB 126 99.40 -97.28 48.59
N LYS PB 127 98.68 -98.36 48.88
CA LYS PB 127 97.27 -98.34 49.10
C LYS PB 127 96.90 -97.36 50.19
N ARG PB 128 97.59 -97.37 51.33
CA ARG PB 128 97.07 -96.51 52.38
C ARG PB 128 97.54 -95.09 52.24
N GLU PB 129 98.63 -94.82 51.55
CA GLU PB 129 98.88 -93.38 51.44
C GLU PB 129 97.97 -92.78 50.39
N ARG PB 130 97.66 -93.57 49.34
CA ARG PB 130 96.52 -93.25 48.49
C ARG PB 130 95.27 -93.02 49.30
N ALA PB 131 94.99 -93.93 50.22
CA ALA PB 131 93.78 -93.83 50.99
C ALA PB 131 93.81 -92.64 51.92
N LEU PB 132 94.95 -92.39 52.55
CA LEU PB 132 95.01 -91.34 53.55
C LEU PB 132 94.86 -90.00 52.90
N THR PB 133 95.56 -89.82 51.79
CA THR PB 133 95.38 -88.62 51.01
C THR PB 133 93.98 -88.49 50.47
N LEU PB 134 93.42 -89.59 49.97
CA LEU PB 134 92.11 -89.56 49.35
C LEU PB 134 91.05 -89.20 50.35
N ALA PB 135 91.17 -89.75 51.54
CA ALA PB 135 90.26 -89.41 52.61
C ALA PB 135 90.48 -87.99 53.08
N ARG PB 136 91.73 -87.56 53.16
CA ARG PB 136 92.04 -86.23 53.62
C ARG PB 136 91.44 -85.19 52.69
N SER PB 137 91.61 -85.44 51.40
CA SER PB 137 91.02 -84.63 50.35
C SER PB 137 89.52 -84.63 50.44
N ARG PB 138 88.92 -85.81 50.56
CA ARG PB 138 87.48 -85.85 50.53
C ARG PB 138 86.87 -85.24 51.78
N VAL PB 139 87.58 -85.22 52.90
CA VAL PB 139 86.95 -84.68 54.10
C VAL PB 139 87.04 -83.17 54.10
N VAL PB 140 88.14 -82.62 53.61
CA VAL PB 140 88.14 -81.16 53.58
C VAL PB 140 87.27 -80.68 52.42
N SER PB 141 87.13 -81.49 51.37
CA SER PB 141 86.25 -81.18 50.26
C SER PB 141 84.81 -81.21 50.67
N GLU PB 142 84.44 -82.23 51.45
CA GLU PB 142 83.11 -82.29 52.02
C GLU PB 142 82.85 -81.06 52.83
N TYR PB 143 83.84 -80.65 53.63
CA TYR PB 143 83.61 -79.51 54.50
C TYR PB 143 83.42 -78.25 53.70
N LEU PB 144 84.22 -78.03 52.70
CA LEU PB 144 84.02 -76.76 52.05
C LEU PB 144 82.89 -76.79 51.04
N TRP PB 145 82.56 -77.96 50.50
CA TRP PB 145 81.36 -78.09 49.70
C TRP PB 145 80.14 -77.80 50.50
N SER PB 146 80.12 -78.29 51.72
CA SER PB 146 79.09 -77.91 52.66
C SER PB 146 79.15 -76.44 52.92
N GLN PB 147 80.36 -75.90 52.97
CA GLN PB 147 80.52 -74.49 53.18
C GLN PB 147 80.19 -73.78 51.87
N GLY PB 148 80.59 -72.53 51.78
CA GLY PB 148 80.34 -71.83 50.55
C GLY PB 148 81.19 -72.33 49.40
N VAL PB 149 80.56 -73.07 48.49
CA VAL PB 149 81.15 -73.37 47.19
C VAL PB 149 80.36 -72.71 46.10
N ASP PB 150 81.09 -72.00 45.28
CA ASP PB 150 80.54 -71.40 44.09
C ASP PB 150 80.96 -72.17 42.87
N SER PB 151 81.67 -73.26 43.08
CA SER PB 151 81.98 -74.12 41.97
C SER PB 151 80.76 -74.86 41.51
N ARG PB 152 80.80 -75.30 40.27
CA ARG PB 152 79.80 -76.27 39.88
C ARG PB 152 80.29 -77.67 40.15
N ILE PB 153 81.59 -77.86 40.06
CA ILE PB 153 82.18 -79.20 40.15
C ILE PB 153 83.31 -79.12 41.16
N ILE PB 154 83.41 -80.11 42.02
CA ILE PB 154 84.63 -80.29 42.78
C ILE PB 154 85.16 -81.67 42.49
N PHE PB 155 86.33 -81.73 41.87
CA PHE PB 155 87.07 -82.96 41.72
C PHE PB 155 87.99 -83.13 42.92
N THR PB 156 88.08 -84.35 43.43
CA THR PB 156 88.90 -84.60 44.60
C THR PB 156 89.65 -85.90 44.50
N GLN PB 157 90.94 -85.83 44.90
CA GLN PB 157 91.84 -86.96 45.07
C GLN PB 157 93.12 -86.54 45.77
N GLY PB 158 93.99 -87.51 45.97
CA GLY PB 158 95.28 -87.27 46.58
C GLY PB 158 96.13 -88.50 46.40
N LEU PB 159 97.44 -88.30 46.39
CA LEU PB 159 98.36 -89.40 46.17
C LEU PB 159 99.44 -89.44 47.23
N GLY PB 160 100.03 -90.60 47.40
CA GLY PB 160 100.97 -90.72 48.48
C GLY PB 160 102.33 -90.11 48.19
N SER PB 161 102.37 -88.78 48.04
CA SER PB 161 103.53 -88.02 47.58
C SER PB 161 104.20 -88.68 46.40
N ASP PB 162 103.40 -89.14 45.44
CA ASP PB 162 103.92 -89.81 44.27
C ASP PB 162 104.66 -88.83 43.39
N LYS PB 163 104.39 -87.56 43.61
CA LYS PB 163 105.03 -86.45 42.94
C LYS PB 163 105.48 -85.53 44.05
N PRO PB 164 106.54 -85.88 44.75
CA PRO PB 164 107.02 -85.03 45.82
C PRO PB 164 107.63 -83.77 45.22
N ILE PB 165 107.31 -82.63 45.81
CA ILE PB 165 107.88 -81.39 45.31
C ILE PB 165 109.21 -81.07 45.96
N THR PB 166 109.51 -81.73 47.06
CA THR PB 166 110.86 -81.78 47.53
C THR PB 166 111.25 -83.23 47.63
N SER PB 167 112.53 -83.49 47.47
CA SER PB 167 113.06 -84.76 47.90
C SER PB 167 113.83 -84.64 49.20
N TYR PB 168 113.99 -83.44 49.75
CA TYR PB 168 114.34 -83.35 51.16
C TYR PB 168 113.21 -83.96 51.96
N THR PB 169 113.51 -85.12 52.55
CA THR PB 169 112.50 -86.04 53.04
C THR PB 169 112.62 -86.21 54.54
N LEU PB 170 112.68 -85.06 55.24
CA LEU PB 170 113.01 -84.92 56.66
C LEU PB 170 112.26 -85.88 57.57
N GLY PB 171 111.06 -86.31 57.18
CA GLY PB 171 110.41 -87.42 57.84
C GLY PB 171 109.09 -87.76 57.18
N GLY PB 172 108.11 -87.99 58.03
CA GLY PB 172 106.79 -88.30 57.57
C GLY PB 172 105.97 -87.04 57.52
N ASP PB 173 105.16 -86.82 58.54
CA ASP PB 173 104.12 -85.81 58.45
C ASP PB 173 104.58 -84.44 58.90
N ARG PB 174 105.87 -84.21 59.02
CA ARG PB 174 106.31 -82.84 58.99
C ARG PB 174 106.94 -82.46 57.67
N SER PB 175 106.96 -83.37 56.70
CA SER PB 175 107.40 -83.01 55.37
C SER PB 175 106.39 -82.07 54.72
N PRO PB 176 106.86 -81.14 53.90
CA PRO PB 176 105.96 -80.44 52.99
C PRO PB 176 105.38 -81.32 51.90
N ASN PB 177 105.90 -82.52 51.67
CA ASN PB 177 105.20 -83.40 50.74
C ASN PB 177 103.95 -83.98 51.35
N ALA PB 178 103.82 -83.90 52.66
CA ALA PB 178 102.53 -83.96 53.31
C ALA PB 178 101.92 -82.56 53.19
N ARG PB 179 100.80 -82.49 52.49
CA ARG PB 179 100.32 -81.26 51.93
C ARG PB 179 98.96 -81.50 51.32
N VAL PB 180 98.30 -80.41 51.03
CA VAL PB 180 97.02 -80.45 50.34
C VAL PB 180 96.95 -79.20 49.49
N GLU PB 181 96.41 -79.34 48.30
CA GLU PB 181 96.52 -78.35 47.28
C GLU PB 181 95.19 -78.20 46.57
N ILE PB 182 94.84 -76.96 46.27
CA ILE PB 182 93.57 -76.63 45.64
C ILE PB 182 93.85 -75.74 44.46
N THR PB 183 93.37 -76.15 43.30
CA THR PB 183 93.48 -75.34 42.11
C THR PB 183 92.10 -74.92 41.66
N PHE PB 184 92.04 -73.74 41.08
CA PHE PB 184 90.92 -73.37 40.25
C PHE PB 184 91.43 -72.38 39.22
N ARG PB 185 90.59 -72.11 38.24
CA ARG PB 185 90.75 -70.97 37.35
C ARG PB 185 89.60 -70.01 37.59
N ARG PB 186 89.93 -68.76 37.90
CA ARG PB 186 88.89 -67.75 38.13
C ARG PB 186 88.12 -67.58 36.84
N ALA PB 187 86.84 -67.91 36.89
CA ALA PB 187 86.03 -67.86 35.69
C ALA PB 187 85.75 -66.41 35.36
N VAL PB 188 86.21 -65.99 34.18
CA VAL PB 188 86.03 -64.70 33.52
C VAL PB 188 86.11 -63.48 34.43
N UNK QB 1 105.00 -142.98 80.83
CA UNK QB 1 104.98 -141.53 80.98
C UNK QB 1 104.01 -140.87 79.99
N UNK QB 2 104.37 -140.86 78.71
CA UNK QB 2 103.59 -140.16 77.70
C UNK QB 2 102.35 -140.95 77.31
N UNK QB 3 101.69 -140.51 76.24
CA UNK QB 3 100.48 -141.18 75.76
C UNK QB 3 100.82 -141.82 74.42
N UNK QB 4 101.02 -143.14 74.43
CA UNK QB 4 101.38 -143.90 73.24
C UNK QB 4 100.62 -145.23 73.23
N UNK QB 5 99.43 -145.23 72.65
CA UNK QB 5 98.67 -146.45 72.39
C UNK QB 5 97.72 -146.16 71.25
N UNK QB 6 97.38 -147.20 70.49
CA UNK QB 6 96.28 -147.18 69.53
C UNK QB 6 95.31 -148.24 70.03
N UNK QB 7 94.51 -147.86 71.01
CA UNK QB 7 93.83 -148.79 71.88
C UNK QB 7 92.58 -148.11 72.42
N UNK QB 8 92.10 -148.60 73.54
CA UNK QB 8 91.20 -147.86 74.40
C UNK QB 8 92.00 -147.53 75.66
N UNK QB 9 92.73 -146.41 75.63
CA UNK QB 9 93.38 -145.94 76.86
C UNK QB 9 92.32 -145.56 77.89
N UNK QB 10 91.26 -144.89 77.44
CA UNK QB 10 89.94 -144.76 78.07
C UNK QB 10 89.90 -143.97 79.36
N UNK QB 11 91.06 -143.74 79.97
CA UNK QB 11 91.11 -143.16 81.30
C UNK QB 11 92.51 -142.55 81.41
N UNK QB 12 92.58 -141.26 81.17
CA UNK QB 12 93.81 -140.52 81.41
C UNK QB 12 93.36 -139.17 81.93
N UNK QB 13 93.16 -139.11 83.24
CA UNK QB 13 93.10 -137.85 83.97
C UNK QB 13 94.49 -137.60 84.56
N UNK QB 14 95.47 -137.58 83.66
CA UNK QB 14 96.89 -137.62 84.04
C UNK QB 14 97.66 -136.62 83.21
N UNK QB 15 98.70 -136.04 83.81
CA UNK QB 15 99.60 -135.09 83.16
C UNK QB 15 100.90 -135.81 82.79
N UNK QB 16 101.33 -135.62 81.54
CA UNK QB 16 102.51 -136.30 81.02
C UNK QB 16 103.81 -135.65 81.51
N UNK QB 17 104.93 -136.29 81.20
CA UNK QB 17 106.22 -136.08 81.83
C UNK QB 17 107.13 -135.13 81.06
N UNK QB 18 108.37 -135.02 81.55
CA UNK QB 18 109.43 -134.42 80.77
C UNK QB 18 109.83 -135.38 79.67
N UNK QB 19 110.08 -134.82 78.49
CA UNK QB 19 110.34 -135.57 77.25
C UNK QB 19 109.23 -136.57 76.98
N UNK QB 20 107.98 -136.16 77.20
CA UNK QB 20 106.85 -137.06 77.00
C UNK QB 20 106.26 -136.82 75.62
N UNK QB 21 106.62 -137.71 74.70
CA UNK QB 21 106.10 -137.68 73.35
C UNK QB 21 104.73 -138.36 73.34
N UNK QB 22 103.73 -137.62 73.80
CA UNK QB 22 102.37 -138.15 73.89
C UNK QB 22 101.79 -138.18 72.49
N UNK QB 23 102.14 -139.22 71.75
CA UNK QB 23 101.68 -139.44 70.37
C UNK QB 23 100.55 -140.46 70.31
N UNK QB 24 99.45 -140.20 71.01
CA UNK QB 24 98.42 -141.22 71.20
C UNK QB 24 97.54 -141.38 69.96
N UNK QB 25 97.05 -142.62 69.79
CA UNK QB 25 95.97 -142.94 68.88
C UNK QB 25 94.93 -143.80 69.58
N UNK QB 26 94.94 -143.79 70.91
CA UNK QB 26 94.07 -144.67 71.69
C UNK QB 26 92.75 -143.99 72.01
N UNK QB 27 91.74 -144.82 72.24
CA UNK QB 27 90.46 -144.28 72.68
C UNK QB 27 90.60 -143.88 74.14
N UNK QB 28 90.55 -142.57 74.39
CA UNK QB 28 90.61 -142.02 75.74
C UNK QB 28 89.25 -141.39 76.03
N UNK QB 29 88.39 -142.15 76.70
CA UNK QB 29 87.06 -141.67 77.02
C UNK QB 29 87.12 -140.57 78.06
N UNK QB 30 87.71 -140.86 79.21
CA UNK QB 30 88.03 -139.82 80.19
C UNK QB 30 89.37 -139.23 79.80
N UNK QB 31 89.34 -138.31 78.84
CA UNK QB 31 90.54 -137.70 78.30
C UNK QB 31 90.73 -136.32 78.91
N UNK QB 32 91.84 -136.15 79.61
CA UNK QB 32 92.27 -134.84 80.09
C UNK QB 32 93.80 -134.89 80.15
N UNK QB 33 94.44 -134.43 79.08
CA UNK QB 33 95.88 -134.60 78.90
C UNK QB 33 96.58 -133.24 78.99
N UNK QB 34 97.18 -132.97 80.15
CA UNK QB 34 98.00 -131.77 80.32
C UNK QB 34 99.48 -132.16 80.25
N UNK QB 35 99.94 -132.46 79.03
CA UNK QB 35 101.31 -132.90 78.79
C UNK QB 35 102.30 -131.78 79.08
N UNK QB 36 103.53 -132.16 79.46
CA UNK QB 36 104.48 -131.17 79.98
C UNK QB 36 105.65 -130.88 79.07
N UNK QB 37 106.20 -131.87 78.39
CA UNK QB 37 107.37 -131.60 77.56
C UNK QB 37 107.40 -132.58 76.42
N UNK QB 38 107.87 -132.10 75.26
CA UNK QB 38 107.92 -132.83 74.00
C UNK QB 38 106.58 -133.38 73.61
N UNK QB 39 105.51 -132.64 73.89
CA UNK QB 39 104.15 -133.11 73.64
C UNK QB 39 103.95 -133.27 72.14
N UNK QB 40 103.53 -134.46 71.73
CA UNK QB 40 103.65 -134.89 70.34
C UNK QB 40 102.32 -135.41 69.84
N UNK QB 41 101.26 -134.65 70.10
CA UNK QB 41 99.89 -135.06 69.83
C UNK QB 41 99.62 -135.21 68.34
N UNK QB 42 99.10 -136.38 67.94
CA UNK QB 42 98.58 -136.64 66.60
C UNK QB 42 97.53 -137.75 66.72
N UNK QB 43 96.27 -137.37 66.80
CA UNK QB 43 95.23 -138.33 67.12
C UNK QB 43 93.99 -138.16 66.25
N UNK QB 44 93.22 -139.24 66.12
CA UNK QB 44 91.96 -139.26 65.39
C UNK QB 44 90.90 -139.86 66.31
N UNK QB 45 90.28 -139.00 67.11
CA UNK QB 45 89.35 -139.45 68.14
C UNK QB 45 88.27 -138.40 68.40
N UNK QB 46 87.61 -138.56 69.54
CA UNK QB 46 86.61 -137.59 70.00
C UNK QB 46 86.77 -137.44 71.50
N UNK QB 47 87.33 -136.33 71.94
CA UNK QB 47 87.61 -136.08 73.35
C UNK QB 47 86.40 -135.52 74.08
N UNK QB 48 85.59 -134.73 73.36
CA UNK QB 48 84.32 -134.12 73.76
C UNK QB 48 84.48 -133.05 74.84
N UNK QB 49 85.62 -132.94 75.49
CA UNK QB 49 85.80 -131.93 76.51
C UNK QB 49 87.25 -131.49 76.62
N UNK QB 50 87.99 -131.43 75.52
CA UNK QB 50 89.42 -131.20 75.64
C UNK QB 50 89.66 -129.75 76.05
N UNK QB 51 89.97 -129.60 77.33
CA UNK QB 51 90.47 -128.36 77.87
C UNK QB 51 91.98 -128.56 78.00
N UNK QB 52 92.66 -128.38 76.89
CA UNK QB 52 94.09 -128.65 76.84
C UNK QB 52 94.90 -127.47 77.34
N UNK QB 53 95.94 -127.77 78.09
CA UNK QB 53 96.99 -126.81 78.43
C UNK QB 53 98.28 -127.28 77.76
N UNK QB 54 99.07 -126.32 77.28
CA UNK QB 54 100.25 -126.67 76.50
C UNK QB 54 101.49 -125.90 76.95
N UNK QB 55 102.54 -126.64 77.29
CA UNK QB 55 103.87 -126.11 77.52
C UNK QB 55 104.70 -126.23 76.23
N UNK QB 56 106.01 -126.03 76.33
CA UNK QB 56 106.89 -125.96 75.16
C UNK QB 56 107.04 -127.32 74.49
N UNK QB 57 107.45 -127.26 73.22
CA UNK QB 57 107.59 -128.42 72.32
C UNK QB 57 106.30 -129.20 72.22
N UNK QB 58 105.19 -128.48 72.16
CA UNK QB 58 103.89 -129.10 72.00
C UNK QB 58 103.56 -129.00 70.53
N UNK QB 59 104.03 -129.98 69.77
CA UNK QB 59 103.50 -130.24 68.46
C UNK QB 59 102.18 -130.96 68.67
N UNK QB 60 101.10 -130.33 68.22
CA UNK QB 60 99.78 -130.88 68.45
C UNK QB 60 99.05 -130.98 67.12
N UNK QB 61 98.30 -132.06 66.95
CA UNK QB 61 97.57 -132.35 65.71
C UNK QB 61 96.41 -133.28 66.05
N UNK QB 62 95.20 -132.77 65.93
CA UNK QB 62 94.06 -133.49 66.47
C UNK QB 62 92.80 -133.33 65.62
N UNK QB 63 91.92 -134.35 65.71
CA UNK QB 63 90.59 -134.35 65.12
C UNK QB 63 89.50 -134.62 66.16
N UNK QB 64 89.72 -134.17 67.38
CA UNK QB 64 88.81 -134.41 68.49
C UNK QB 64 88.33 -133.09 69.07
N UNK QB 65 87.20 -133.14 69.77
CA UNK QB 65 86.53 -131.94 70.23
C UNK QB 65 87.28 -131.32 71.40
N UNK QB 66 87.60 -130.04 71.28
CA UNK QB 66 88.22 -129.30 72.36
C UNK QB 66 87.24 -128.31 72.95
N UNK QB 67 87.49 -127.98 74.19
CA UNK QB 67 86.64 -127.00 74.85
C UNK QB 67 87.43 -125.77 75.25
N UNK QB 68 88.62 -125.98 75.77
CA UNK QB 68 89.43 -124.85 76.18
C UNK QB 68 90.84 -125.10 75.72
N UNK QB 69 91.57 -124.02 75.47
CA UNK QB 69 92.98 -124.12 75.14
C UNK QB 69 93.74 -123.01 75.85
N UNK QB 70 94.80 -123.42 76.56
CA UNK QB 70 95.63 -122.48 77.32
C UNK QB 70 97.09 -122.72 76.97
N UNK QB 71 97.84 -121.63 76.84
CA UNK QB 71 99.19 -121.69 76.33
C UNK QB 71 100.18 -121.05 77.29
N UNK QB 72 101.27 -121.76 77.58
CA UNK QB 72 102.27 -121.28 78.53
C UNK QB 72 103.48 -120.64 77.87
N UNK QB 73 104.27 -121.35 77.06
CA UNK QB 73 105.55 -120.80 76.62
C UNK QB 73 105.63 -120.58 75.11
N UNK QB 74 105.60 -121.65 74.31
CA UNK QB 74 105.74 -121.59 72.86
C UNK QB 74 105.43 -122.95 72.29
N UNK QB 75 104.48 -123.02 71.36
CA UNK QB 75 103.99 -124.31 70.89
C UNK QB 75 103.48 -124.18 69.46
N UNK QB 76 103.09 -125.33 68.90
CA UNK QB 76 102.68 -125.42 67.50
C UNK QB 76 101.46 -126.34 67.43
N UNK QB 77 100.29 -125.75 67.23
CA UNK QB 77 99.07 -126.53 67.20
C UNK QB 77 98.49 -126.63 65.79
N UNK QB 78 97.83 -127.76 65.54
CA UNK QB 78 97.14 -128.04 64.28
C UNK QB 78 95.97 -128.96 64.65
N UNK QB 79 94.81 -128.34 64.87
CA UNK QB 79 93.70 -129.07 65.49
C UNK QB 79 92.38 -128.83 64.76
N UNK QB 80 91.41 -129.71 65.05
CA UNK QB 80 90.04 -129.66 64.52
C UNK QB 80 89.02 -129.91 65.65
N UNK QB 81 88.54 -128.84 66.28
CA UNK QB 81 87.55 -128.90 67.34
C UNK QB 81 86.18 -128.46 66.85
N UNK QB 82 85.15 -128.63 67.71
CA UNK QB 82 83.81 -128.38 67.22
C UNK QB 82 82.94 -127.49 68.10
N UNK QB 83 83.00 -127.64 69.42
CA UNK QB 83 81.93 -127.12 70.25
C UNK QB 83 82.19 -125.72 70.77
N UNK QB 84 83.18 -125.55 71.62
CA UNK QB 84 83.40 -124.27 72.24
C UNK QB 84 84.89 -124.11 72.46
N UNK QB 85 85.30 -122.87 72.69
CA UNK QB 85 86.70 -122.61 72.88
C UNK QB 85 86.83 -121.40 73.78
N UNK QB 86 87.26 -121.66 74.99
CA UNK QB 86 87.77 -120.61 75.86
C UNK QB 86 89.25 -120.57 75.56
N UNK QB 87 89.72 -119.43 75.04
CA UNK QB 87 91.10 -119.31 74.59
C UNK QB 87 91.89 -118.41 75.54
N UNK QB 88 93.07 -118.87 75.95
CA UNK QB 88 93.95 -118.05 76.77
C UNK QB 88 95.40 -118.40 76.44
N UNK QB 89 96.20 -117.38 76.14
CA UNK QB 89 97.47 -117.65 75.46
C UNK QB 89 98.63 -116.86 76.04
N UNK QB 90 99.84 -117.41 75.80
CA UNK QB 90 101.09 -116.65 75.94
C UNK QB 90 102.13 -117.17 74.95
N UNK QB 91 102.43 -116.34 73.94
CA UNK QB 91 103.66 -116.41 73.14
C UNK QB 91 103.80 -117.71 72.33
N UNK QB 92 102.76 -118.16 71.67
CA UNK QB 92 102.88 -119.41 70.94
C UNK QB 92 102.31 -119.25 69.54
N UNK QB 93 102.09 -120.38 68.89
CA UNK QB 93 101.51 -120.41 67.56
C UNK QB 93 100.54 -121.58 67.47
N UNK QB 94 99.33 -121.27 67.04
CA UNK QB 94 98.34 -122.32 66.96
C UNK QB 94 97.60 -122.18 65.66
N UNK QB 95 97.20 -123.32 65.12
CA UNK QB 95 96.36 -123.36 63.96
C UNK QB 95 95.20 -124.29 64.24
N UNK QB 96 94.00 -123.84 63.87
CA UNK QB 96 92.79 -124.61 64.05
C UNK QB 96 92.03 -124.60 62.74
N UNK QB 97 91.18 -125.61 62.54
CA UNK QB 97 90.58 -125.82 61.23
C UNK QB 97 89.05 -125.71 61.22
N UNK QB 98 88.34 -126.59 61.93
CA UNK QB 98 86.95 -126.88 61.65
C UNK QB 98 86.02 -125.85 62.29
N UNK QB 99 84.73 -126.01 62.04
CA UNK QB 99 83.73 -125.08 62.54
C UNK QB 99 83.60 -125.27 64.04
N UNK QB 100 84.07 -124.31 64.81
CA UNK QB 100 83.92 -124.28 66.26
C UNK QB 100 83.39 -122.93 66.70
N UNK QB 101 83.31 -122.74 68.02
CA UNK QB 101 82.80 -121.50 68.58
C UNK QB 101 83.78 -121.02 69.64
N UNK QB 102 84.72 -120.18 69.23
CA UNK QB 102 85.55 -119.48 70.19
C UNK QB 102 84.66 -118.51 70.92
N UNK QB 103 84.40 -118.83 72.18
CA UNK QB 103 83.62 -117.91 73.00
C UNK QB 103 84.38 -116.61 73.19
N UNK QB 104 85.64 -116.70 73.60
CA UNK QB 104 86.43 -115.52 73.83
C UNK QB 104 87.90 -115.82 73.64
N UNK QB 105 88.66 -114.76 73.39
CA UNK QB 105 90.12 -114.83 73.36
C UNK QB 105 90.68 -113.66 74.16
N UNK QB 106 91.60 -113.98 75.07
CA UNK QB 106 92.28 -112.99 75.89
C UNK QB 106 93.77 -113.25 75.80
N UNK QB 107 94.52 -112.28 75.30
CA UNK QB 107 95.94 -112.46 75.05
C UNK QB 107 96.71 -111.36 75.74
N UNK QB 108 97.64 -111.76 76.61
CA UNK QB 108 98.57 -110.82 77.21
C UNK QB 108 99.95 -110.88 76.55
N UNK QB 109 100.09 -111.67 75.49
CA UNK QB 109 101.42 -111.95 74.95
C UNK QB 109 101.30 -112.21 73.44
N UNK QB 110 102.31 -112.90 72.89
CA UNK QB 110 102.52 -113.00 71.44
C UNK QB 110 101.88 -114.26 70.91
N UNK QB 111 100.73 -114.11 70.25
CA UNK QB 111 99.97 -115.26 69.79
C UNK QB 111 99.91 -115.24 68.28
N UNK QB 112 100.30 -116.35 67.67
CA UNK QB 112 100.06 -116.57 66.25
C UNK QB 112 98.88 -117.52 66.17
N UNK QB 113 97.70 -116.99 66.44
CA UNK QB 113 96.50 -117.82 66.48
C UNK QB 113 95.80 -117.78 65.14
N UNK QB 114 95.48 -118.95 64.62
CA UNK QB 114 94.84 -119.05 63.33
C UNK QB 114 93.71 -120.04 63.41
N UNK QB 115 92.70 -119.84 62.59
CA UNK QB 115 91.62 -120.79 62.43
C UNK QB 115 91.05 -120.64 61.04
N UNK QB 116 91.03 -121.74 60.30
CA UNK QB 116 90.49 -121.74 58.96
C UNK QB 116 88.98 -121.58 58.92
N UNK QB 117 88.27 -122.19 59.86
CA UNK QB 117 86.84 -121.96 59.96
C UNK QB 117 86.52 -121.69 61.42
N UNK QB 118 85.56 -120.81 61.65
CA UNK QB 118 85.06 -120.52 62.99
C UNK QB 118 83.66 -119.95 62.83
N UNK QB 119 82.64 -120.75 63.10
CA UNK QB 119 81.26 -120.27 63.03
C UNK QB 119 80.79 -120.01 64.46
N UNK QB 120 81.30 -118.96 65.05
CA UNK QB 120 80.88 -118.54 66.37
C UNK QB 120 79.91 -117.38 66.21
N UNK QB 121 79.60 -116.73 67.32
CA UNK QB 121 78.72 -115.57 67.26
C UNK QB 121 79.34 -114.32 67.84
N UNK QB 122 79.71 -114.33 69.11
CA UNK QB 122 80.19 -113.13 69.78
C UNK QB 122 81.64 -113.38 70.16
N UNK QB 123 82.52 -113.10 69.23
CA UNK QB 123 83.94 -113.25 69.48
C UNK QB 123 84.37 -112.00 70.22
N UNK QB 124 84.60 -112.15 71.51
CA UNK QB 124 85.10 -111.06 72.32
C UNK QB 124 86.59 -111.29 72.48
N UNK QB 125 87.37 -110.30 72.08
CA UNK QB 125 88.82 -110.40 72.12
C UNK QB 125 89.37 -109.23 72.91
N UNK QB 126 90.13 -109.54 73.95
CA UNK QB 126 90.86 -108.51 74.68
C UNK QB 126 92.35 -108.73 74.48
N UNK QB 127 93.06 -107.65 74.17
CA UNK QB 127 94.44 -107.73 73.76
C UNK QB 127 95.32 -106.87 74.65
N UNK QB 128 96.51 -107.41 74.95
CA UNK QB 128 97.51 -106.74 75.79
C UNK QB 128 98.88 -106.92 75.15
N UNK QB 129 99.22 -105.99 74.27
CA UNK QB 129 100.54 -105.54 73.81
C UNK QB 129 101.27 -106.40 72.79
N UNK QB 130 100.88 -107.64 72.49
CA UNK QB 130 101.79 -108.36 71.61
C UNK QB 130 101.20 -109.24 70.52
N UNK QB 131 99.99 -109.75 70.67
CA UNK QB 131 99.54 -110.85 69.81
C UNK QB 131 99.27 -110.39 68.38
N UNK QB 132 99.19 -111.36 67.49
CA UNK QB 132 98.78 -111.11 66.13
C UNK QB 132 98.03 -112.35 65.67
N UNK QB 133 96.74 -112.35 65.89
CA UNK QB 133 95.92 -113.49 65.53
C UNK QB 133 95.20 -113.18 64.24
N UNK QB 134 94.99 -114.21 63.45
CA UNK QB 134 94.29 -114.07 62.20
C UNK QB 134 93.44 -115.32 62.06
N UNK QB 135 92.18 -115.22 62.45
CA UNK QB 135 91.23 -116.30 62.28
C UNK QB 135 90.04 -115.74 61.51
N UNK QB 136 89.52 -116.53 60.56
CA UNK QB 136 88.52 -115.98 59.65
C UNK QB 136 87.65 -117.10 59.03
N UNK QB 137 86.42 -117.25 59.52
CA UNK QB 137 85.37 -117.66 58.60
C UNK QB 137 84.09 -116.80 58.61
N UNK QB 138 83.33 -116.86 59.71
CA UNK QB 138 81.97 -116.31 59.72
C UNK QB 138 81.48 -116.19 61.17
N UNK QB 139 81.31 -114.96 61.65
CA UNK QB 139 80.84 -114.70 63.01
C UNK QB 139 79.58 -113.85 62.99
N UNK QB 140 79.16 -113.42 64.17
CA UNK QB 140 78.04 -112.49 64.25
C UNK QB 140 78.40 -111.19 64.93
N UNK QB 141 79.03 -111.23 66.09
CA UNK QB 141 79.31 -110.02 66.83
C UNK QB 141 80.77 -110.08 67.22
N UNK QB 142 81.58 -109.35 66.49
CA UNK QB 142 83.00 -109.31 66.76
C UNK QB 142 83.32 -108.05 67.54
N UNK QB 143 83.70 -108.22 68.80
CA UNK QB 143 84.04 -107.09 69.63
C UNK QB 143 85.47 -107.27 70.13
N UNK QB 144 86.25 -106.20 70.04
CA UNK QB 144 87.67 -106.29 70.36
C UNK QB 144 88.11 -105.07 71.15
N UNK QB 145 88.51 -105.31 72.38
CA UNK QB 145 89.20 -104.32 73.19
C UNK QB 145 90.69 -104.54 73.01
N UNK QB 146 91.28 -103.77 72.12
CA UNK QB 146 92.72 -103.82 71.95
C UNK QB 146 93.28 -102.73 72.84
N UNK QB 147 93.40 -103.04 74.13
CA UNK QB 147 94.09 -102.15 75.05
C UNK QB 147 95.58 -102.47 75.06
N UNK QB 148 96.20 -102.24 73.93
CA UNK QB 148 97.34 -103.05 73.52
C UNK QB 148 98.35 -102.20 72.76
N UNK QB 149 99.32 -102.89 72.15
CA UNK QB 149 100.20 -102.34 71.12
C UNK QB 149 100.44 -103.35 70.03
N UNK QB 150 99.39 -104.06 69.62
CA UNK QB 150 99.57 -105.30 68.89
C UNK QB 150 98.84 -105.25 67.56
N UNK QB 151 98.79 -106.40 66.90
CA UNK QB 151 98.20 -106.51 65.58
C UNK QB 151 97.02 -107.45 65.64
N UNK QB 152 96.06 -107.21 64.76
CA UNK QB 152 94.81 -107.93 64.77
C UNK QB 152 94.39 -108.09 63.33
N UNK QB 153 94.77 -109.20 62.73
CA UNK QB 153 94.45 -109.42 61.34
C UNK QB 153 93.14 -110.16 61.20
N UNK QB 154 92.37 -109.78 60.20
CA UNK QB 154 91.10 -110.45 59.94
C UNK QB 154 90.72 -110.24 58.49
N UNK QB 155 90.57 -111.35 57.78
CA UNK QB 155 89.80 -111.41 56.56
C UNK QB 155 88.48 -112.11 56.83
N UNK QB 156 87.84 -111.77 57.96
CA UNK QB 156 86.68 -112.48 58.49
C UNK QB 156 85.39 -111.69 58.21
N UNK QB 157 84.29 -112.42 57.98
CA UNK QB 157 83.00 -111.83 57.64
C UNK QB 157 81.98 -112.02 58.76
N UNK QB 158 81.85 -111.02 59.63
CA UNK QB 158 80.80 -110.99 60.65
C UNK QB 158 79.75 -109.93 60.31
N UNK QB 159 78.58 -110.06 60.92
CA UNK QB 159 77.55 -109.08 60.66
C UNK QB 159 77.80 -107.78 61.42
N UNK QB 160 78.08 -107.88 62.71
CA UNK QB 160 78.18 -106.73 63.58
C UNK QB 160 79.54 -106.68 64.22
N UNK QB 161 80.09 -105.48 64.33
CA UNK QB 161 81.41 -105.33 64.90
C UNK QB 161 81.42 -104.14 65.83
N UNK QB 162 82.19 -104.29 66.91
CA UNK QB 162 82.51 -103.19 67.81
C UNK QB 162 83.98 -103.38 68.17
N UNK QB 163 84.84 -102.62 67.53
CA UNK QB 163 86.28 -102.73 67.71
C UNK QB 163 86.81 -101.40 68.21
N UNK QB 164 87.48 -101.43 69.35
CA UNK QB 164 88.07 -100.24 69.94
C UNK QB 164 89.53 -100.50 70.27
N UNK QB 165 90.40 -99.60 69.83
CA UNK QB 165 91.85 -99.72 70.03
C UNK QB 165 92.39 -98.51 70.78
N UNK QB 166 93.21 -98.78 71.80
CA UNK QB 166 93.59 -97.78 72.79
C UNK QB 166 94.77 -96.92 72.40
N UNK QB 167 95.89 -97.51 71.97
CA UNK QB 167 97.09 -96.73 71.67
C UNK QB 167 97.98 -97.56 70.74
N UNK QB 168 98.02 -97.18 69.47
CA UNK QB 168 99.01 -97.65 68.49
C UNK QB 168 98.92 -99.16 68.24
N UNK QB 169 97.72 -99.65 68.05
CA UNK QB 169 97.56 -101.00 67.56
C UNK QB 169 97.18 -100.96 66.10
N UNK QB 170 97.21 -102.12 65.47
CA UNK QB 170 96.92 -102.22 64.05
C UNK QB 170 95.84 -103.26 63.87
N UNK QB 171 94.73 -102.87 63.30
CA UNK QB 171 93.60 -103.78 63.17
C UNK QB 171 93.11 -103.78 61.73
N UNK QB 172 92.98 -104.97 61.19
CA UNK QB 172 92.40 -105.18 59.88
C UNK QB 172 91.16 -106.02 60.08
N UNK QB 173 90.01 -105.43 59.80
CA UNK QB 173 88.72 -106.07 60.05
C UNK QB 173 87.83 -106.00 58.82
N UNK QB 174 86.65 -106.63 58.93
CA UNK QB 174 85.62 -106.60 57.89
C UNK QB 174 84.28 -106.97 58.52
N UNK QB 175 83.22 -106.22 58.20
CA UNK QB 175 81.87 -106.42 58.76
C UNK QB 175 80.80 -106.44 57.66
N UNK QB 176 79.69 -107.13 57.92
CA UNK QB 176 78.62 -107.21 56.93
C UNK QB 176 77.58 -106.11 57.17
N UNK QB 177 76.91 -106.16 58.30
CA UNK QB 177 75.84 -105.21 58.57
C UNK QB 177 76.31 -103.96 59.27
N UNK QB 178 77.05 -104.11 60.37
CA UNK QB 178 77.40 -102.96 61.18
C UNK QB 178 78.87 -102.95 61.47
N UNK QB 179 79.52 -101.83 61.21
CA UNK QB 179 80.88 -101.59 61.67
C UNK QB 179 80.82 -100.55 62.76
N UNK QB 180 81.39 -100.89 63.90
CA UNK QB 180 81.47 -99.96 65.01
C UNK QB 180 82.95 -99.86 65.33
N UNK QB 181 83.51 -98.66 65.20
CA UNK QB 181 84.94 -98.52 65.22
C UNK QB 181 85.36 -97.31 66.02
N UNK QB 182 86.28 -97.53 66.95
CA UNK QB 182 86.84 -96.46 67.75
C UNK QB 182 88.36 -96.60 67.81
N UNK QB 183 89.07 -95.52 67.48
CA UNK QB 183 90.52 -95.55 67.46
C UNK QB 183 91.10 -94.43 68.31
N UNK QB 184 92.19 -94.72 69.01
CA UNK QB 184 92.93 -93.67 69.70
C UNK QB 184 94.41 -93.93 69.46
N UNK QB 185 95.07 -92.97 68.79
CA UNK QB 185 96.49 -93.01 68.46
C UNK QB 185 96.90 -94.27 67.69
N UNK QB 186 95.98 -94.88 66.96
CA UNK QB 186 96.19 -96.21 66.42
C UNK QB 186 95.74 -96.24 64.97
N UNK QB 187 95.81 -97.41 64.35
CA UNK QB 187 95.43 -97.55 62.96
C UNK QB 187 94.37 -98.62 62.84
N UNK QB 188 93.24 -98.23 62.28
CA UNK QB 188 92.20 -99.18 61.96
C UNK QB 188 92.24 -99.32 60.47
N UNK QB 189 93.00 -100.29 60.00
CA UNK QB 189 93.02 -100.58 58.59
C UNK QB 189 91.72 -101.29 58.27
N UNK QB 190 90.64 -100.53 58.21
CA UNK QB 190 89.32 -101.11 58.13
C UNK QB 190 89.14 -101.60 56.70
N UNK QB 191 89.55 -102.84 56.48
CA UNK QB 191 89.93 -103.33 55.18
C UNK QB 191 88.77 -103.48 54.22
N UNK QB 192 87.54 -103.33 54.69
CA UNK QB 192 86.42 -103.46 53.79
C UNK QB 192 85.38 -102.44 54.19
N UNK QB 193 84.20 -102.55 53.61
CA UNK QB 193 83.08 -101.64 53.85
C UNK QB 193 81.86 -102.39 54.37
N UNK QB 194 81.24 -101.88 55.43
CA UNK QB 194 80.05 -102.45 56.04
C UNK QB 194 78.78 -101.94 55.37
N UNK QB 195 77.65 -102.57 55.72
CA UNK QB 195 76.37 -102.00 55.33
C UNK QB 195 76.15 -100.67 56.00
N UNK QB 196 76.54 -100.55 57.25
CA UNK QB 196 76.50 -99.28 57.94
C UNK QB 196 77.75 -99.21 58.76
N UNK QB 197 78.60 -98.26 58.41
CA UNK QB 197 79.90 -98.14 59.04
C UNK QB 197 79.86 -96.94 59.96
N UNK QB 198 80.58 -97.05 61.07
CA UNK QB 198 80.65 -95.94 62.00
C UNK QB 198 82.00 -95.99 62.69
N UNK QB 199 82.61 -94.83 62.86
CA UNK QB 199 83.92 -94.75 63.46
C UNK QB 199 84.09 -93.39 64.11
N UNK QB 200 84.99 -93.33 65.08
CA UNK QB 200 85.49 -92.06 65.58
C UNK QB 200 86.96 -92.23 65.96
N UNK QB 201 87.75 -91.21 65.65
CA UNK QB 201 89.19 -91.24 65.88
C UNK QB 201 89.58 -90.18 66.89
N UNK QB 202 90.35 -90.58 67.88
CA UNK QB 202 90.80 -89.75 68.98
C UNK QB 202 92.18 -89.17 68.65
N UNK QB 203 92.88 -88.69 69.69
CA UNK QB 203 94.18 -88.03 69.57
C UNK QB 203 95.16 -88.89 68.79
N UNK QB 204 95.51 -88.38 67.60
CA UNK QB 204 96.47 -88.96 66.67
C UNK QB 204 96.01 -90.32 66.12
N UNK QB 205 94.71 -90.51 65.95
CA UNK QB 205 94.18 -91.79 65.51
C UNK QB 205 93.80 -91.75 64.04
N UNK QB 206 93.82 -92.92 63.40
CA UNK QB 206 93.56 -93.03 61.97
C UNK QB 206 92.82 -94.32 61.65
N UNK QB 207 91.56 -94.20 61.27
CA UNK QB 207 90.78 -95.36 60.84
C UNK QB 207 90.79 -95.44 59.32
N UNK QB 208 91.90 -95.96 58.80
CA UNK QB 208 92.06 -96.07 57.37
C UNK QB 208 91.15 -97.16 56.86
N UNK QB 209 89.98 -96.76 56.37
CA UNK QB 209 89.02 -97.73 55.87
C UNK QB 209 89.54 -98.27 54.55
N UNK QB 210 90.43 -99.24 54.66
CA UNK QB 210 91.27 -99.61 53.53
C UNK QB 210 90.56 -100.61 52.62
N UNK QB 211 89.49 -100.15 51.98
CA UNK QB 211 88.85 -100.98 51.01
C UNK QB 211 89.74 -101.13 49.78
N UNK QB 212 89.50 -102.18 49.01
CA UNK QB 212 90.35 -102.48 47.87
C UNK QB 212 89.93 -101.59 46.70
N UNK QB 213 90.67 -100.51 46.50
CA UNK QB 213 90.47 -99.67 45.33
C UNK QB 213 90.80 -100.46 44.07
N UNK QB 214 90.21 -100.03 42.97
CA UNK QB 214 90.20 -100.74 41.70
C UNK QB 214 89.69 -102.17 41.86
N UNK QB 215 88.41 -102.26 42.18
CA UNK QB 215 87.74 -103.53 42.09
C UNK QB 215 87.23 -103.75 40.68
N UNK QB 216 86.49 -104.83 40.47
CA UNK QB 216 85.80 -104.97 39.20
C UNK QB 216 84.35 -104.54 39.30
N UNK QB 217 83.71 -104.74 40.47
CA UNK QB 217 82.47 -104.06 40.81
C UNK QB 217 82.37 -103.90 42.33
N UNK QB 218 82.94 -102.84 42.88
CA UNK QB 218 82.66 -102.51 44.26
C UNK QB 218 81.60 -101.42 44.27
N UNK QB 219 80.49 -101.69 44.94
CA UNK QB 219 79.48 -100.67 45.12
C UNK QB 219 80.03 -99.57 46.02
N UNK QB 220 79.66 -98.33 45.73
CA UNK QB 220 80.22 -97.20 46.45
C UNK QB 220 79.47 -96.92 47.74
N UNK QB 221 79.99 -95.98 48.51
CA UNK QB 221 79.42 -95.61 49.81
C UNK QB 221 78.13 -94.86 49.60
N UNK QB 222 77.04 -95.37 50.17
CA UNK QB 222 75.72 -94.79 49.92
C UNK QB 222 75.49 -93.59 50.83
N UNK QB 223 74.33 -92.95 50.66
CA UNK QB 223 73.97 -91.81 51.49
C UNK QB 223 73.77 -92.22 52.94
N UNK QB 224 73.31 -93.43 53.16
CA UNK QB 224 73.32 -93.97 54.49
C UNK QB 224 74.71 -94.33 54.95
N UNK QB 225 75.62 -94.63 54.03
CA UNK QB 225 76.98 -94.98 54.42
C UNK QB 225 77.92 -93.79 54.27
N UNK QB 226 77.38 -92.62 53.96
CA UNK QB 226 78.18 -91.43 53.68
C UNK QB 226 78.73 -90.91 55.00
N UNK QB 227 79.99 -91.19 55.24
CA UNK QB 227 80.69 -90.68 56.41
C UNK QB 227 81.73 -89.67 55.97
N UNK QB 228 82.36 -89.05 56.95
CA UNK QB 228 83.55 -88.27 56.67
C UNK QB 228 84.75 -89.16 56.81
N UNK RB 1 89.54 -128.08 50.18
CA UNK RB 1 89.76 -126.77 49.56
C UNK RB 1 88.85 -125.75 50.20
N UNK RB 2 87.78 -126.24 50.80
CA UNK RB 2 86.85 -125.38 51.50
C UNK RB 2 86.41 -126.10 52.77
N UNK RB 3 86.24 -125.33 53.84
CA UNK RB 3 85.53 -125.83 55.00
C UNK RB 3 84.07 -125.56 54.71
N UNK RB 4 83.50 -126.43 53.89
CA UNK RB 4 82.26 -126.18 53.19
C UNK RB 4 81.11 -126.86 53.91
N UNK RB 5 79.90 -126.47 53.55
CA UNK RB 5 78.71 -127.12 54.07
C UNK RB 5 77.99 -127.83 52.93
N UNK RB 6 77.36 -128.95 53.27
CA UNK RB 6 76.51 -129.69 52.35
C UNK RB 6 75.12 -129.09 52.26
N UNK RB 7 74.88 -127.95 52.89
CA UNK RB 7 73.63 -127.22 52.84
C UNK RB 7 73.56 -126.45 51.53
N UNK RB 8 72.63 -125.49 51.43
CA UNK RB 8 72.43 -124.77 50.18
C UNK RB 8 73.57 -123.78 49.95
N UNK RB 9 74.76 -124.32 49.65
CA UNK RB 9 75.89 -123.61 49.04
C UNK RB 9 76.48 -122.49 49.90
N UNK RB 10 76.93 -122.83 51.12
CA UNK RB 10 77.71 -121.94 51.96
C UNK RB 10 79.00 -122.62 52.38
N UNK RB 11 80.07 -121.84 52.52
CA UNK RB 11 81.38 -122.44 52.79
C UNK RB 11 82.33 -121.42 53.39
N UNK RB 12 82.94 -121.79 54.50
CA UNK RB 12 84.30 -121.29 54.68
C UNK RB 12 85.16 -121.95 53.61
N UNK RB 13 86.20 -121.25 53.19
CA UNK RB 13 86.92 -121.74 52.03
C UNK RB 13 88.38 -121.31 52.11
N UNK RB 14 89.25 -122.24 51.75
CA UNK RB 14 90.65 -122.13 52.10
C UNK RB 14 91.50 -121.90 50.86
N UNK RB 15 91.08 -120.96 50.00
CA UNK RB 15 91.95 -120.57 48.90
C UNK RB 15 93.11 -119.70 49.38
N UNK RB 16 92.83 -118.44 49.71
CA UNK RB 16 93.74 -117.62 50.51
C UNK RB 16 93.02 -117.14 51.77
N UNK RB 17 91.88 -116.50 51.59
CA UNK RB 17 90.91 -116.27 52.64
C UNK RB 17 89.59 -116.14 51.91
N UNK RB 18 88.79 -117.21 51.92
CA UNK RB 18 87.65 -117.24 51.01
C UNK RB 18 86.40 -117.71 51.72
N UNK RB 19 85.25 -117.26 51.24
CA UNK RB 19 83.95 -117.71 51.75
C UNK RB 19 83.17 -118.18 50.52
N UNK RB 20 83.30 -119.45 50.19
CA UNK RB 20 82.71 -119.98 48.97
C UNK RB 20 81.24 -120.22 49.21
N UNK RB 21 80.40 -119.34 48.68
CA UNK RB 21 78.96 -119.47 48.79
C UNK RB 21 78.31 -119.25 47.43
N UNK RB 22 77.49 -120.19 47.01
CA UNK RB 22 76.71 -120.05 45.79
C UNK RB 22 75.24 -119.81 46.17
N UNK RB 23 74.35 -119.79 45.17
CA UNK RB 23 73.00 -119.24 45.33
C UNK RB 23 71.90 -120.27 45.51
N UNK RB 24 72.09 -121.51 45.01
CA UNK RB 24 71.17 -122.65 45.17
C UNK RB 24 69.79 -122.39 44.58
N UNK RB 25 69.73 -121.56 43.54
CA UNK RB 25 68.51 -121.38 42.75
C UNK RB 25 68.73 -121.75 41.29
N UNK RB 26 69.90 -121.41 40.73
CA UNK RB 26 70.34 -122.00 39.48
C UNK RB 26 71.21 -123.24 39.69
N UNK RB 27 71.63 -123.48 40.95
CA UNK RB 27 72.31 -124.70 41.41
C UNK RB 27 73.64 -124.95 40.68
N UNK RB 28 74.58 -124.01 40.86
CA UNK RB 28 75.94 -124.18 40.35
C UNK RB 28 76.89 -124.61 41.46
N UNK RB 29 76.54 -125.70 42.13
CA UNK RB 29 77.33 -126.20 43.27
C UNK RB 29 78.28 -127.31 42.84
N UNK RB 30 79.18 -126.98 41.91
CA UNK RB 30 80.17 -127.93 41.45
C UNK RB 30 81.46 -127.89 42.26
N UNK RB 31 81.59 -126.90 43.15
CA UNK RB 31 82.75 -126.70 44.03
C UNK RB 31 84.06 -126.55 43.25
N UNK RB 32 84.03 -125.76 42.17
CA UNK RB 32 85.25 -125.37 41.48
C UNK RB 32 85.06 -123.94 40.99
N UNK RB 33 85.36 -122.98 41.85
CA UNK RB 33 85.12 -121.57 41.55
C UNK RB 33 86.19 -120.75 42.25
N UNK RB 34 86.45 -119.57 41.71
CA UNK RB 34 87.59 -118.74 42.09
C UNK RB 34 87.10 -117.38 42.55
N UNK RB 35 87.14 -117.15 43.86
CA UNK RB 35 86.70 -115.88 44.43
C UNK RB 35 87.90 -115.03 44.83
N UNK RB 36 87.93 -113.76 44.41
CA UNK RB 36 89.00 -112.84 44.77
C UNK RB 36 88.44 -111.47 45.14
N UNK RB 37 89.26 -110.68 45.83
CA UNK RB 37 88.82 -109.46 46.51
C UNK RB 37 89.04 -108.18 45.70
N UNK RB 38 88.58 -108.16 44.44
CA UNK RB 38 88.38 -106.92 43.71
C UNK RB 38 87.07 -107.00 42.94
N UNK RB 39 86.09 -107.69 43.54
CA UNK RB 39 84.80 -108.04 42.94
C UNK RB 39 84.97 -108.82 41.65
N UNK RB 40 85.61 -109.98 41.77
CA UNK RB 40 85.77 -110.93 40.66
C UNK RB 40 85.67 -112.34 41.22
N UNK RB 41 84.60 -113.04 40.82
CA UNK RB 41 84.39 -114.45 41.17
C UNK RB 41 84.16 -115.24 39.89
N UNK RB 42 85.20 -115.89 39.41
CA UNK RB 42 85.12 -116.70 38.20
C UNK RB 42 84.63 -118.09 38.57
N UNK RB 43 83.35 -118.35 38.32
CA UNK RB 43 82.77 -119.67 38.47
C UNK RB 43 82.73 -120.36 37.10
N UNK RB 44 82.02 -121.48 37.00
CA UNK RB 44 82.07 -122.29 35.79
C UNK RB 44 80.89 -122.07 34.85
N UNK RB 45 79.67 -122.48 35.26
CA UNK RB 45 78.51 -122.43 34.37
C UNK RB 45 78.03 -121.00 34.16
N UNK RB 46 77.89 -120.25 35.26
CA UNK RB 46 77.46 -118.85 35.24
C UNK RB 46 78.21 -118.13 36.34
N UNK RB 47 77.71 -116.97 36.76
CA UNK RB 47 78.24 -116.26 37.91
C UNK RB 47 77.37 -116.58 39.14
N UNK RB 48 78.03 -116.95 40.23
CA UNK RB 48 77.34 -117.37 41.45
C UNK RB 48 77.89 -116.62 42.65
N UNK RB 49 77.01 -116.35 43.62
CA UNK RB 49 77.37 -115.58 44.81
C UNK RB 49 76.44 -115.94 45.96
N UNK RB 50 76.68 -115.31 47.11
CA UNK RB 50 75.87 -115.54 48.30
C UNK RB 50 74.54 -114.79 48.20
N UNK RB 51 73.62 -115.12 49.10
CA UNK RB 51 72.25 -114.62 49.06
C UNK RB 51 72.22 -113.17 49.54
N UNK RB 52 71.87 -112.26 48.63
CA UNK RB 52 71.74 -110.84 48.96
C UNK RB 52 70.61 -110.19 48.16
N UNK SB 1 86.69 -53.04 43.32
CA UNK SB 1 86.36 -52.73 41.93
C UNK SB 1 87.50 -53.12 41.02
N UNK SB 2 88.41 -52.16 40.83
CA UNK SB 2 89.76 -52.41 40.36
C UNK SB 2 90.69 -51.65 41.29
N UNK SB 3 90.10 -51.11 42.35
CA UNK SB 3 90.72 -50.09 43.17
C UNK SB 3 91.69 -50.74 44.13
N UNK SB 4 92.85 -50.11 44.26
CA UNK SB 4 93.98 -50.49 45.11
C UNK SB 4 94.65 -51.79 44.69
N UNK SB 5 94.15 -52.48 43.67
CA UNK SB 5 94.90 -53.61 43.13
C UNK SB 5 96.07 -53.06 42.36
N UNK SB 6 95.77 -52.30 41.32
CA UNK SB 6 96.57 -51.21 40.84
C UNK SB 6 95.58 -50.29 40.15
N UNK SB 7 96.07 -49.47 39.24
CA UNK SB 7 95.15 -48.64 38.48
C UNK SB 7 94.28 -49.52 37.60
N UNK SB 8 93.03 -49.10 37.40
CA UNK SB 8 92.15 -49.79 36.48
C UNK SB 8 92.69 -49.57 35.08
N UNK SB 9 93.50 -50.52 34.63
CA UNK SB 9 94.35 -50.28 33.45
C UNK SB 9 93.50 -50.19 32.19
N UNK SB 10 92.90 -51.28 31.80
CA UNK SB 10 91.85 -51.19 30.81
C UNK SB 10 90.55 -51.44 31.54
N UNK SB 11 89.48 -51.50 30.78
CA UNK SB 11 88.23 -52.04 31.29
C UNK SB 11 87.84 -53.05 30.23
N UNK SB 12 88.24 -54.30 30.46
CA UNK SB 12 88.37 -55.26 29.39
C UNK SB 12 87.01 -55.60 28.83
N UNK SB 13 86.85 -55.38 27.54
CA UNK SB 13 85.64 -55.76 26.87
C UNK SB 13 85.53 -57.26 26.85
N UNK SB 14 84.29 -57.73 26.78
CA UNK SB 14 83.90 -59.10 27.05
C UNK SB 14 84.42 -59.58 28.39
N UNK SB 15 84.40 -58.68 29.38
CA UNK SB 15 84.95 -58.96 30.69
C UNK SB 15 84.47 -57.90 31.67
N UNK SB 16 85.08 -57.92 32.84
CA UNK SB 16 84.96 -56.89 33.84
C UNK SB 16 85.93 -55.77 33.51
N UNK SB 17 86.20 -54.90 34.47
CA UNK SB 17 87.31 -53.98 34.33
C UNK SB 17 88.63 -54.73 34.46
N UNK SB 18 89.72 -54.03 34.14
CA UNK SB 18 91.05 -54.58 34.26
C UNK SB 18 91.91 -53.65 35.11
N UNK SB 19 92.15 -54.06 36.36
CA UNK SB 19 93.15 -53.35 37.14
C UNK SB 19 94.53 -53.61 36.57
N UNK SB 20 95.48 -52.75 36.92
CA UNK SB 20 96.84 -52.96 36.44
C UNK SB 20 97.60 -53.97 37.30
N UNK SB 21 96.94 -54.57 38.28
CA UNK SB 21 97.48 -55.75 38.92
C UNK SB 21 96.99 -57.01 38.23
N UNK SB 22 95.68 -57.17 38.06
CA UNK SB 22 95.11 -58.35 37.41
C UNK SB 22 93.78 -57.99 36.78
N UNK SB 23 93.10 -58.99 36.22
CA UNK SB 23 91.77 -58.80 35.68
C UNK SB 23 90.83 -58.52 36.83
N UNK SB 24 90.19 -57.37 36.80
CA UNK SB 24 89.51 -56.89 37.99
C UNK SB 24 88.12 -57.50 38.12
N UNK SB 25 87.46 -57.14 39.21
CA UNK SB 25 86.14 -57.65 39.51
C UNK SB 25 85.03 -56.68 39.17
N UNK SB 26 85.36 -55.41 38.93
CA UNK SB 26 84.36 -54.42 38.56
C UNK SB 26 83.83 -54.74 37.18
N UNK SB 27 82.60 -55.26 37.14
CA UNK SB 27 82.03 -55.74 35.89
C UNK SB 27 81.82 -54.58 34.93
N UNK SB 28 82.28 -54.76 33.69
CA UNK SB 28 82.40 -53.61 32.80
C UNK SB 28 81.09 -53.27 32.09
N UNK SB 29 80.60 -54.18 31.27
CA UNK SB 29 79.61 -53.81 30.27
C UNK SB 29 78.18 -54.08 30.74
N UNK SB 30 77.23 -53.44 30.06
CA UNK SB 30 75.86 -53.87 30.20
C UNK SB 30 75.64 -55.21 29.53
N UNK SB 31 76.42 -55.51 28.51
CA UNK SB 31 76.40 -56.82 27.91
C UNK SB 31 77.31 -57.78 28.65
N UNK SB 32 77.95 -57.31 29.72
CA UNK SB 32 78.78 -58.20 30.51
C UNK SB 32 77.89 -59.08 31.37
N UNK SB 33 78.46 -60.20 31.83
CA UNK SB 33 77.70 -61.18 32.61
C UNK SB 33 77.74 -60.82 34.08
N UNK SB 34 77.18 -59.66 34.38
CA UNK SB 34 76.72 -59.37 35.72
C UNK SB 34 75.64 -60.38 36.03
N UNK SB 35 75.65 -60.92 37.25
CA UNK SB 35 74.79 -62.04 37.60
C UNK SB 35 73.35 -61.55 37.78
N UNK SB 36 72.50 -61.95 36.84
CA UNK SB 36 71.07 -61.66 36.91
C UNK SB 36 70.30 -62.87 37.39
N UNK SB 37 69.59 -62.70 38.50
CA UNK SB 37 68.72 -63.74 39.01
C UNK SB 37 67.39 -63.19 39.51
N UNK SB 38 67.15 -61.89 39.43
CA UNK SB 38 65.92 -61.32 39.96
C UNK SB 38 65.37 -60.28 38.99
N UNK SB 39 64.52 -60.71 38.07
CA UNK SB 39 63.79 -59.77 37.25
C UNK SB 39 62.76 -59.05 38.10
N UNK SB 40 62.31 -57.90 37.63
CA UNK SB 40 61.32 -57.11 38.36
C UNK SB 40 60.43 -56.38 37.36
N UNK SB 41 59.32 -57.02 36.97
CA UNK SB 41 58.45 -56.43 35.97
C UNK SB 41 57.06 -57.03 36.08
N UNK SB 42 56.14 -56.45 35.32
CA UNK SB 42 54.80 -56.99 35.22
C UNK SB 42 54.75 -57.98 34.08
N UNK SB 43 54.14 -59.13 34.36
CA UNK SB 43 54.05 -60.27 33.45
C UNK SB 43 55.42 -60.75 32.98
N UNK SB 44 56.43 -60.49 33.82
CA UNK SB 44 57.76 -61.01 33.61
C UNK SB 44 57.74 -62.48 33.90
N UNK SB 45 58.52 -63.23 33.13
CA UNK SB 45 58.61 -64.69 33.09
C UNK SB 45 57.33 -65.34 32.60
N UNK SB 46 56.24 -64.59 32.49
CA UNK SB 46 55.23 -64.84 31.50
C UNK SB 46 55.67 -64.05 30.30
N UNK SB 47 54.90 -64.13 29.23
CA UNK SB 47 55.03 -63.06 28.28
C UNK SB 47 54.58 -61.78 28.94
N UNK SB 48 55.21 -60.68 28.56
CA UNK SB 48 54.93 -59.40 29.19
C UNK SB 48 53.57 -58.87 28.75
N UNK SB 49 53.31 -57.61 29.03
CA UNK SB 49 51.99 -57.04 28.82
C UNK SB 49 51.68 -56.86 27.35
N UNK SB 50 50.67 -57.55 26.85
CA UNK SB 50 50.04 -57.10 25.60
C UNK SB 50 49.39 -55.77 25.91
N UNK SB 51 50.04 -54.69 25.53
CA UNK SB 51 49.65 -53.38 26.03
C UNK SB 51 48.44 -52.77 25.33
N UNK SB 52 47.57 -53.59 24.72
CA UNK SB 52 46.45 -53.12 23.93
C UNK SB 52 45.32 -52.48 24.74
N UNK SB 53 45.21 -52.76 26.03
CA UNK SB 53 44.05 -52.33 26.80
C UNK SB 53 44.41 -51.26 27.83
N UNK SB 54 43.47 -50.99 28.76
CA UNK SB 54 43.67 -50.07 29.89
C UNK SB 54 42.79 -50.49 31.08
N UNK SB 55 43.40 -51.08 32.09
CA UNK SB 55 42.66 -51.49 33.30
C UNK SB 55 43.61 -51.44 34.49
N UNK SB 56 43.07 -51.62 35.69
CA UNK SB 56 43.92 -51.78 36.87
C UNK SB 56 44.72 -53.07 36.74
N UNK SB 57 44.04 -54.17 36.46
CA UNK SB 57 44.75 -55.37 36.07
C UNK SB 57 45.27 -55.21 34.65
N UNK SB 58 46.31 -55.97 34.34
CA UNK SB 58 46.95 -55.91 33.04
C UNK SB 58 46.91 -57.31 32.43
N UNK SB 59 46.71 -57.37 31.13
CA UNK SB 59 46.76 -58.63 30.42
C UNK SB 59 48.14 -58.85 29.86
N UNK SB 60 48.62 -60.07 29.97
CA UNK SB 60 49.92 -60.39 29.40
C UNK SB 60 49.80 -60.50 27.89
N UNK SB 61 50.95 -60.59 27.23
CA UNK SB 61 50.96 -61.06 25.85
C UNK SB 61 50.62 -62.53 25.78
N UNK SB 62 50.83 -63.25 26.87
CA UNK SB 62 50.28 -64.57 27.05
C UNK SB 62 48.88 -64.52 27.62
N UNK SB 63 48.28 -63.33 27.68
CA UNK SB 63 46.90 -63.10 28.14
C UNK SB 63 46.66 -63.60 29.56
N UNK SB 64 47.68 -63.53 30.38
CA UNK SB 64 47.53 -63.80 31.79
C UNK SB 64 47.23 -62.48 32.47
N UNK SB 65 46.37 -62.51 33.47
CA UNK SB 65 45.99 -61.29 34.16
C UNK SB 65 47.06 -60.94 35.17
N UNK SB 66 47.64 -59.76 35.04
CA UNK SB 66 48.61 -59.29 36.01
C UNK SB 66 47.87 -58.86 37.25
N UNK SB 67 47.45 -59.83 38.03
CA UNK SB 67 46.82 -59.54 39.29
C UNK SB 67 47.80 -58.95 40.28
N UNK SB 68 49.07 -59.33 40.16
CA UNK SB 68 50.12 -58.67 40.93
C UNK SB 68 50.31 -57.23 40.50
N UNK SB 69 49.87 -56.87 39.31
CA UNK SB 69 49.90 -55.49 38.88
C UNK SB 69 48.50 -54.94 38.75
N UNK SB 70 47.57 -55.45 39.52
CA UNK SB 70 46.20 -54.99 39.43
C UNK SB 70 45.91 -53.85 40.41
N LYS TB 24 59.34 -73.74 84.03
CA LYS TB 24 59.95 -73.50 82.73
C LYS TB 24 59.94 -74.74 81.87
N PHE TB 25 59.27 -74.67 80.71
CA PHE TB 25 59.09 -75.83 79.86
C PHE TB 25 59.36 -75.47 78.42
N LYS TB 26 59.84 -76.43 77.65
CA LYS TB 26 60.22 -76.16 76.27
C LYS TB 26 60.22 -77.46 75.49
N LYS TB 27 59.37 -77.54 74.47
CA LYS TB 27 59.48 -78.62 73.51
C LYS TB 27 60.75 -78.46 72.70
N PRO TB 28 61.40 -79.56 72.35
CA PRO TB 28 62.80 -79.49 71.88
C PRO TB 28 62.99 -78.77 70.56
N PRO TB 29 62.36 -79.18 69.44
CA PRO TB 29 62.88 -78.69 68.16
C PRO TB 29 62.42 -77.28 67.88
N ILE TB 30 63.35 -76.35 68.05
CA ILE TB 30 63.06 -74.93 67.92
C ILE TB 30 63.81 -74.47 66.68
N ASN TB 31 63.10 -74.41 65.56
CA ASN TB 31 63.72 -74.17 64.27
C ASN TB 31 63.76 -72.68 63.94
N ASN TB 32 64.02 -72.40 62.69
CA ASN TB 32 63.89 -71.05 62.22
C ASN TB 32 62.43 -70.77 61.91
N PRO TB 33 62.05 -69.50 61.90
CA PRO TB 33 60.69 -69.16 61.46
C PRO TB 33 60.54 -69.43 59.97
N SER TB 34 59.52 -70.19 59.61
CA SER TB 34 59.27 -70.48 58.22
C SER TB 34 58.34 -69.44 57.62
N ASP TB 35 57.78 -69.76 56.47
CA ASP TB 35 56.70 -68.96 55.92
C ASP TB 35 55.80 -69.82 55.05
N ASP TB 36 54.60 -69.30 54.84
CA ASP TB 36 53.52 -70.05 54.22
C ASP TB 36 53.85 -70.55 52.84
N ALA TB 37 54.66 -69.78 52.13
CA ALA TB 37 54.99 -70.14 50.77
C ALA TB 37 55.71 -71.45 50.74
N THR TB 38 56.85 -71.52 51.41
CA THR TB 38 57.56 -72.77 51.46
C THR TB 38 56.79 -73.85 52.16
N ILE TB 39 55.89 -73.45 53.05
CA ILE TB 39 55.02 -74.42 53.66
C ILE TB 39 54.16 -75.10 52.60
N LYS TB 40 53.52 -74.30 51.78
CA LYS TB 40 52.61 -74.89 50.84
C LYS TB 40 53.36 -75.54 49.70
N LEU TB 41 54.58 -75.07 49.45
CA LEU TB 41 55.48 -75.78 48.57
C LEU TB 41 55.79 -77.16 49.08
N ALA TB 42 56.01 -77.27 50.38
CA ALA TB 42 56.38 -78.55 50.92
C ALA TB 42 55.25 -79.53 50.79
N GLU TB 43 54.06 -79.07 51.12
CA GLU TB 43 52.95 -79.98 51.02
C GLU TB 43 52.57 -80.27 49.59
N ALA TB 44 52.88 -79.35 48.68
CA ALA TB 44 52.86 -79.67 47.27
C ALA TB 44 53.76 -80.84 47.00
N ALA TB 45 54.99 -80.70 47.48
CA ALA TB 45 56.06 -81.56 47.05
C ALA TB 45 55.84 -82.96 47.53
N VAL TB 46 55.22 -83.10 48.68
CA VAL TB 46 55.12 -84.44 49.20
C VAL TB 46 54.04 -85.21 48.50
N SER TB 47 53.01 -84.51 48.05
CA SER TB 47 51.98 -85.12 47.25
C SER TB 47 52.53 -85.52 45.92
N VAL TB 48 53.39 -84.67 45.39
CA VAL TB 48 54.10 -85.01 44.18
C VAL TB 48 54.93 -86.26 44.41
N SER TB 49 55.60 -86.28 45.54
CA SER TB 49 56.53 -87.31 45.91
C SER TB 49 55.85 -88.65 45.99
N ASP TB 50 54.72 -88.70 46.66
CA ASP TB 50 54.21 -90.03 46.88
C ASP TB 50 53.43 -90.54 45.69
N SER TB 51 52.76 -89.64 44.97
CA SER TB 51 52.15 -90.03 43.70
C SER TB 51 53.17 -90.54 42.73
N MET TB 52 54.23 -89.79 42.60
CA MET TB 52 55.45 -90.20 41.98
C MET TB 52 55.95 -91.56 42.49
N LEU TB 53 55.87 -91.78 43.78
CA LEU TB 53 56.53 -92.93 44.34
C LEU TB 53 55.76 -94.19 44.02
N GLU TB 54 54.46 -94.12 44.14
CA GLU TB 54 53.69 -95.25 43.72
C GLU TB 54 53.75 -95.45 42.22
N MET TB 55 53.84 -94.35 41.48
CA MET TB 55 54.25 -94.41 40.09
C MET TB 55 55.51 -95.20 39.89
N ALA TB 56 56.48 -94.96 40.74
CA ALA TB 56 57.71 -95.70 40.64
C ALA TB 56 57.49 -97.18 40.89
N LYS TB 57 56.69 -97.50 41.92
CA LYS TB 57 56.38 -98.88 42.25
C LYS TB 57 55.74 -99.56 41.08
N VAL TB 58 54.81 -98.86 40.48
CA VAL TB 58 53.96 -99.52 39.54
C VAL TB 58 54.67 -99.75 38.24
N GLU TB 59 55.59 -98.86 37.87
CA GLU TB 59 56.27 -99.13 36.63
C GLU TB 59 57.36 -100.15 36.83
N LYS TB 60 58.01 -100.13 37.98
CA LYS TB 60 59.05 -101.12 38.17
C LYS TB 60 58.49 -102.49 38.41
N VAL TB 61 57.21 -102.61 38.68
CA VAL TB 61 56.63 -103.93 38.74
C VAL TB 61 55.93 -104.32 37.45
N ILE TB 62 55.45 -103.36 36.66
CA ILE TB 62 54.91 -103.73 35.37
C ILE TB 62 56.04 -104.13 34.45
N THR TB 63 57.25 -103.70 34.73
CA THR TB 63 58.31 -104.34 33.97
C THR TB 63 59.48 -104.61 34.88
N PRO TB 64 59.97 -105.83 34.85
CA PRO TB 64 61.20 -106.15 35.53
C PRO TB 64 62.38 -105.63 34.73
N PRO TB 65 63.38 -105.06 35.39
CA PRO TB 65 64.59 -104.62 34.68
C PRO TB 65 65.51 -105.81 34.40
N SER TB 66 66.06 -105.86 33.19
CA SER TB 66 66.92 -106.98 32.83
C SER TB 66 68.37 -106.73 33.23
N LYS TB 67 68.97 -105.64 32.75
CA LYS TB 67 70.38 -105.38 32.98
C LYS TB 67 70.61 -103.96 33.45
N ASP TB 68 71.78 -103.77 34.04
CA ASP TB 68 72.24 -102.50 34.56
C ASP TB 68 73.07 -101.76 33.53
N ASN TB 69 73.83 -100.78 33.99
CA ASN TB 69 74.83 -100.17 33.15
C ASN TB 69 76.22 -100.29 33.73
N THR TB 70 76.39 -101.10 34.75
CA THR TB 70 77.74 -101.32 35.21
C THR TB 70 78.53 -102.20 34.27
N LEU TB 71 77.86 -103.00 33.46
CA LEU TB 71 78.61 -103.82 32.52
C LEU TB 71 79.18 -102.96 31.41
N THR TB 72 78.51 -101.89 31.06
CA THR TB 72 79.04 -100.99 30.07
C THR TB 72 79.79 -99.84 30.70
N ILE TB 73 79.61 -99.62 32.00
CA ILE TB 73 80.51 -98.75 32.74
C ILE TB 73 81.03 -99.54 33.92
N PRO TB 74 82.05 -100.33 33.77
CA PRO TB 74 82.77 -100.86 34.92
C PRO TB 74 83.79 -99.84 35.40
N ASN TB 75 84.48 -100.21 36.44
CA ASN TB 75 85.27 -99.20 37.11
C ASN TB 75 86.76 -99.41 36.88
N ALA TB 76 87.53 -98.35 37.09
CA ALA TB 76 88.97 -98.43 36.94
C ALA TB 76 89.63 -97.52 37.95
N TYR TB 77 90.87 -97.84 38.29
CA TYR TB 77 91.62 -96.94 39.14
C TYR TB 77 91.84 -95.64 38.39
N ASN TB 78 91.76 -94.53 39.13
CA ASN TB 78 91.63 -93.10 38.81
C ASN TB 78 90.23 -92.80 38.30
N LEU TB 79 89.46 -93.80 37.96
CA LEU TB 79 88.05 -93.60 37.76
C LEU TB 79 87.32 -93.79 39.06
N GLN TB 80 88.00 -94.28 40.07
CA GLN TB 80 87.46 -94.15 41.41
C GLN TB 80 87.76 -92.83 42.06
N ALA TB 81 88.13 -91.81 41.31
CA ALA TB 81 88.19 -90.51 41.96
C ALA TB 81 86.77 -90.04 42.26
N ARG TB 82 86.68 -89.11 43.17
CA ARG TB 82 85.36 -88.70 43.54
C ARG TB 82 85.07 -87.35 42.93
N ALA TB 83 83.80 -87.00 42.94
CA ALA TB 83 83.38 -85.71 42.44
C ALA TB 83 82.10 -85.28 43.14
N SER TB 84 81.88 -83.97 43.19
CA SER TB 84 80.67 -83.40 43.77
C SER TB 84 80.19 -82.24 42.91
N VAL TB 85 78.92 -82.24 42.51
CA VAL TB 85 78.47 -81.45 41.37
C VAL TB 85 77.09 -80.85 41.62
N ASP TB 86 76.90 -79.62 41.17
CA ASP TB 86 75.61 -79.19 40.68
C ASP TB 86 75.72 -78.78 39.22
N TRP TB 87 74.69 -79.09 38.45
CA TRP TB 87 74.76 -78.89 37.02
C TRP TB 87 73.37 -78.74 36.48
N SER TB 88 73.25 -78.02 35.39
CA SER TB 88 72.00 -77.98 34.66
C SER TB 88 72.21 -77.91 33.17
N GLY TB 89 73.43 -77.88 32.71
CA GLY TB 89 73.68 -77.61 31.32
C GLY TB 89 73.52 -78.86 30.50
N PRO TB 90 74.08 -78.82 29.32
CA PRO TB 90 73.99 -79.96 28.42
C PRO TB 90 75.00 -81.00 28.82
N ILE TB 91 74.87 -82.12 28.16
CA ILE TB 91 75.63 -83.28 28.59
C ILE TB 91 77.08 -83.19 28.18
N GLU TB 92 77.37 -82.53 27.08
CA GLU TB 92 78.65 -82.74 26.43
C GLU TB 92 79.76 -81.99 27.10
N GLU TB 93 79.49 -80.75 27.48
CA GLU TB 93 80.44 -79.93 28.20
C GLU TB 93 80.84 -80.61 29.47
N LEU TB 94 79.84 -81.16 30.14
CA LEU TB 94 80.04 -81.86 31.37
C LEU TB 94 80.93 -83.08 31.17
N THR TB 95 80.57 -83.95 30.22
CA THR TB 95 81.33 -85.18 30.00
C THR TB 95 82.74 -84.94 29.55
N ALA TB 96 82.95 -83.89 28.77
CA ALA TB 96 84.30 -83.51 28.40
C ALA TB 96 85.12 -83.16 29.62
N ARG TB 97 84.55 -82.36 30.53
CA ARG TB 97 85.38 -81.95 31.65
C ARG TB 97 85.59 -83.08 32.63
N ILE TB 98 84.67 -84.03 32.63
CA ILE TB 98 84.90 -85.14 33.52
C ILE TB 98 85.99 -86.04 32.95
N ALA TB 99 85.94 -86.32 31.65
CA ALA TB 99 86.97 -87.13 31.01
C ALA TB 99 88.33 -86.46 31.05
N LYS TB 100 88.31 -85.13 31.05
CA LYS TB 100 89.48 -84.34 31.32
C LYS TB 100 90.04 -84.65 32.69
N ALA TB 101 89.22 -84.56 33.72
CA ALA TB 101 89.75 -84.82 35.05
C ALA TB 101 90.07 -86.28 35.28
N ALA TB 102 89.51 -87.15 34.47
CA ALA TB 102 89.79 -88.58 34.52
C ALA TB 102 90.92 -88.97 33.63
N HIS TB 103 91.45 -87.99 32.88
CA HIS TB 103 92.49 -88.20 31.89
C HIS TB 103 92.05 -89.24 30.87
N PHE TB 104 90.78 -89.20 30.52
CA PHE TB 104 90.28 -90.04 29.47
C PHE TB 104 90.04 -89.18 28.24
N ARG TB 105 90.39 -89.74 27.12
CA ARG TB 105 90.01 -89.18 25.85
C ARG TB 105 88.51 -89.29 25.69
N PHE TB 106 87.87 -88.16 25.43
CA PHE TB 106 86.43 -88.12 25.24
C PHE TB 106 86.12 -88.10 23.74
N ARG TB 107 85.06 -88.78 23.37
CA ARG TB 107 84.71 -88.88 21.97
C ARG TB 107 83.20 -89.04 21.91
N VAL TB 108 82.62 -88.66 20.78
CA VAL TB 108 81.20 -88.85 20.53
C VAL TB 108 81.02 -89.69 19.28
N LEU TB 109 79.89 -90.38 19.21
CA LEU TB 109 79.47 -91.14 18.04
C LEU TB 109 78.07 -90.72 17.64
N GLY TB 110 77.87 -90.57 16.35
CA GLY TB 110 76.61 -90.07 15.86
C GLY TB 110 76.51 -88.57 16.00
N LYS TB 111 75.63 -87.94 15.25
CA LYS TB 111 75.51 -86.50 15.31
C LYS TB 111 74.57 -86.10 16.44
N SER TB 112 74.81 -84.93 17.00
CA SER TB 112 73.97 -84.45 18.08
C SER TB 112 72.62 -84.04 17.53
N PRO TB 113 71.54 -84.25 18.28
CA PRO TB 113 70.25 -83.71 17.88
C PRO TB 113 70.28 -82.22 18.01
N SER TB 114 69.41 -81.59 17.24
CA SER TB 114 69.29 -80.14 17.27
C SER TB 114 68.83 -79.66 18.63
N VAL TB 115 67.85 -80.32 19.22
CA VAL TB 115 67.48 -79.96 20.59
C VAL TB 115 68.55 -80.48 21.54
N PRO TB 116 68.89 -79.74 22.58
CA PRO TB 116 69.95 -80.18 23.48
C PRO TB 116 69.43 -81.23 24.44
N VAL TB 117 70.32 -82.13 24.79
CA VAL TB 117 70.06 -83.10 25.83
C VAL TB 117 70.60 -82.47 27.10
N LEU TB 118 69.75 -81.69 27.75
CA LEU TB 118 70.14 -81.03 28.96
C LEU TB 118 69.91 -81.98 30.12
N ILE TB 119 70.85 -82.01 31.04
CA ILE TB 119 70.64 -82.79 32.24
C ILE TB 119 70.90 -81.89 33.41
N SER TB 120 70.64 -82.42 34.57
CA SER TB 120 70.91 -81.68 35.77
C SER TB 120 71.29 -82.70 36.83
N ILE TB 121 72.57 -82.95 36.96
CA ILE TB 121 73.09 -83.78 38.03
C ILE TB 121 73.39 -82.87 39.20
N SER TB 122 72.87 -83.23 40.36
CA SER TB 122 73.11 -82.48 41.56
C SER TB 122 73.34 -83.49 42.67
N THR TB 123 74.61 -83.69 43.04
CA THR TB 123 74.95 -84.65 44.05
C THR TB 123 76.23 -84.23 44.74
N LYS TB 124 76.50 -84.86 45.87
CA LYS TB 124 77.66 -84.51 46.68
C LYS TB 124 78.47 -85.76 46.94
N ASP TB 125 79.76 -85.70 46.60
CA ASP TB 125 80.75 -86.76 46.83
C ASP TB 125 80.35 -88.08 46.19
N GLU TB 126 80.32 -88.05 44.88
CA GLU TB 126 80.01 -89.26 44.14
C GLU TB 126 81.22 -89.61 43.28
N SER TB 127 81.51 -90.89 43.22
CA SER TB 127 82.63 -91.23 42.38
C SER TB 127 82.24 -91.15 40.94
N LEU TB 128 83.24 -91.38 40.13
CA LEU TB 128 83.11 -91.05 38.74
C LEU TB 128 82.27 -92.07 38.01
N ALA TB 129 82.47 -93.36 38.29
CA ALA TB 129 81.77 -94.39 37.53
C ALA TB 129 80.28 -94.26 37.69
N GLU TB 130 79.86 -93.98 38.89
CA GLU TB 130 78.46 -93.85 39.17
C GLU TB 130 77.91 -92.49 38.79
N ILE TB 131 78.72 -91.42 38.78
CA ILE TB 131 78.16 -90.23 38.16
C ILE TB 131 78.04 -90.42 36.66
N LEU TB 132 78.89 -91.21 36.03
CA LEU TB 132 78.58 -91.55 34.66
C LEU TB 132 77.34 -92.38 34.56
N ARG TB 133 77.14 -93.27 35.50
CA ARG TB 133 76.00 -94.16 35.41
C ARG TB 133 74.71 -93.40 35.51
N ASP TB 134 74.64 -92.45 36.41
CA ASP TB 134 73.37 -91.74 36.51
C ASP TB 134 73.26 -90.67 35.46
N ILE TB 135 74.37 -90.22 34.91
CA ILE TB 135 74.29 -89.38 33.74
C ILE TB 135 73.65 -90.14 32.61
N ASP TB 136 74.12 -91.35 32.39
CA ASP TB 136 73.59 -92.18 31.33
C ASP TB 136 72.14 -92.50 31.56
N TYR TB 137 71.81 -92.71 32.81
CA TYR TB 137 70.42 -92.91 33.15
C TYR TB 137 69.60 -91.68 32.86
N GLN TB 138 70.10 -90.50 33.27
CA GLN TB 138 69.32 -89.29 33.11
C GLN TB 138 69.15 -88.96 31.64
N ALA TB 139 70.12 -89.33 30.82
CA ALA TB 139 69.92 -89.26 29.39
C ALA TB 139 69.50 -90.61 28.84
N GLY TB 140 68.48 -91.18 29.47
CA GLY TB 140 67.86 -92.37 28.94
C GLY TB 140 67.26 -92.07 27.58
N LYS TB 141 67.55 -92.95 26.62
CA LYS TB 141 67.01 -92.91 25.25
C LYS TB 141 67.44 -91.68 24.47
N LYS TB 142 68.34 -90.89 25.00
CA LYS TB 142 68.80 -89.74 24.24
C LYS TB 142 70.28 -89.94 24.01
N ALA TB 143 70.96 -90.44 25.03
CA ALA TB 143 72.41 -90.55 24.95
C ALA TB 143 72.85 -91.84 25.61
N SER TB 144 74.07 -92.26 25.27
CA SER TB 144 74.66 -93.43 25.90
C SER TB 144 76.11 -93.16 26.19
N ILE TB 145 76.49 -93.38 27.43
CA ILE TB 145 77.88 -93.37 27.82
C ILE TB 145 78.43 -94.77 27.66
N HIS TB 146 79.49 -94.89 26.89
CA HIS TB 146 80.28 -96.10 26.92
C HIS TB 146 81.68 -95.69 27.30
N VAL TB 147 82.34 -96.57 28.02
CA VAL TB 147 83.72 -96.31 28.42
C VAL TB 147 84.55 -97.49 27.97
N TYR TB 148 85.79 -97.21 27.58
CA TYR TB 148 86.76 -98.27 27.37
C TYR TB 148 87.97 -97.84 28.18
N PRO TB 149 88.14 -98.43 29.36
CA PRO TB 149 89.29 -98.14 30.23
C PRO TB 149 90.46 -99.07 30.02
N ASN TB 150 90.34 -100.10 29.19
CA ASN TB 150 91.53 -100.71 28.65
C ASN TB 150 92.24 -99.75 27.72
N SER TB 151 91.45 -98.95 27.01
CA SER TB 151 91.92 -97.73 26.39
C SER TB 151 91.78 -96.61 27.42
N GLN TB 152 91.79 -95.38 26.99
CA GLN TB 152 91.26 -94.36 27.88
C GLN TB 152 90.28 -93.61 27.04
N VAL TB 153 89.10 -94.16 26.85
CA VAL TB 153 88.10 -93.39 26.15
C VAL TB 153 86.81 -93.39 26.93
N VAL TB 154 86.16 -92.26 26.89
CA VAL TB 154 84.76 -92.12 27.19
C VAL TB 154 84.10 -91.69 25.91
N GLU TB 155 83.25 -92.54 25.36
CA GLU TB 155 82.51 -92.19 24.17
C GLU TB 155 81.05 -91.96 24.53
N LEU TB 156 80.45 -91.04 23.80
CA LEU TB 156 79.09 -90.60 24.03
C LEU TB 156 78.35 -90.79 22.72
N ARG TB 157 77.43 -91.74 22.71
CA ARG TB 157 76.70 -92.08 21.50
C ARG TB 157 75.38 -91.33 21.55
N TYR TB 158 75.07 -90.60 20.49
CA TYR TB 158 73.77 -89.98 20.46
C TYR TB 158 72.72 -90.94 19.95
N ALA TB 159 71.46 -90.59 20.22
CA ALA TB 159 70.36 -91.29 19.61
C ALA TB 159 70.28 -90.95 18.14
N LYS TB 160 69.57 -91.79 17.41
CA LYS TB 160 69.71 -91.77 15.96
C LYS TB 160 68.35 -91.64 15.30
N ILE TB 161 67.56 -90.68 15.74
CA ILE TB 161 66.34 -90.37 15.04
C ILE TB 161 66.51 -89.15 14.17
N ALA UB 58 3.41 -40.75 64.17
CA ALA UB 58 4.39 -40.02 63.38
C ALA UB 58 5.76 -40.19 64.00
N LEU UB 59 6.17 -39.19 64.81
CA LEU UB 59 7.26 -39.33 65.76
C LEU UB 59 7.01 -40.53 66.64
N LYS UB 60 5.76 -40.62 67.01
CA LYS UB 60 5.11 -41.79 67.53
C LYS UB 60 5.50 -43.05 66.77
N GLU UB 61 5.10 -43.16 65.49
CA GLU UB 61 5.24 -44.42 64.79
C GLU UB 61 6.70 -44.75 64.55
N THR UB 62 7.53 -43.75 64.36
CA THR UB 62 8.93 -44.08 64.24
C THR UB 62 9.56 -44.44 65.56
N ALA UB 63 9.05 -43.96 66.69
CA ALA UB 63 9.57 -44.44 67.95
C ALA UB 63 9.20 -45.90 68.15
N LEU UB 64 7.98 -46.24 67.75
CA LEU UB 64 7.55 -47.64 67.67
C LEU UB 64 8.47 -48.45 66.78
N SER UB 65 8.71 -47.98 65.58
CA SER UB 65 9.43 -48.77 64.60
C SER UB 65 10.92 -48.82 64.90
N VAL UB 66 11.43 -47.80 65.60
CA VAL UB 66 12.74 -47.89 66.21
C VAL UB 66 12.78 -49.05 67.17
N GLY UB 67 11.74 -49.19 67.99
CA GLY UB 67 11.70 -50.36 68.81
C GLY UB 67 11.52 -51.66 68.07
N ALA UB 68 10.80 -51.63 66.95
CA ALA UB 68 10.24 -52.83 66.33
C ALA UB 68 11.35 -53.76 65.88
N GLN UB 69 12.17 -53.30 64.96
CA GLN UB 69 13.32 -54.06 64.52
C GLN UB 69 14.31 -54.30 65.64
N ALA UB 70 14.38 -53.40 66.63
CA ALA UB 70 15.35 -53.54 67.71
C ALA UB 70 15.08 -54.76 68.55
N GLY UB 71 13.89 -54.84 69.10
CA GLY UB 71 13.50 -56.03 69.83
C GLY UB 71 13.44 -57.26 68.95
N LEU UB 72 13.06 -57.09 67.68
CA LEU UB 72 13.01 -58.19 66.75
C LEU UB 72 14.36 -58.86 66.57
N ALA UB 73 15.38 -58.07 66.28
CA ALA UB 73 16.69 -58.63 66.05
C ALA UB 73 17.34 -59.02 67.36
N TRP UB 74 17.00 -58.32 68.43
CA TRP UB 74 17.49 -58.68 69.74
C TRP UB 74 17.04 -60.08 70.09
N ARG UB 75 15.76 -60.33 69.89
CA ARG UB 75 15.18 -61.64 70.06
C ARG UB 75 15.81 -62.66 69.16
N ALA UB 76 16.10 -62.26 67.92
CA ALA UB 76 16.68 -63.18 66.95
C ALA UB 76 18.04 -63.66 67.38
N LYS UB 77 18.85 -62.75 67.92
CA LYS UB 77 20.14 -63.15 68.44
C LYS UB 77 19.97 -64.08 69.61
N ILE UB 78 18.96 -63.83 70.45
CA ILE UB 78 18.77 -64.67 71.62
C ILE UB 78 18.43 -66.09 71.21
N ILE UB 79 17.34 -66.24 70.45
CA ILE UB 79 16.91 -67.54 69.94
C ILE UB 79 17.98 -68.27 69.18
N ASP UB 80 18.89 -67.53 68.54
CA ASP UB 80 19.98 -68.19 67.88
C ASP UB 80 20.96 -68.82 68.89
N GLU UB 81 21.23 -68.16 70.04
CA GLU UB 81 22.13 -68.93 70.93
C GLU UB 81 21.43 -70.10 71.60
N GLN UB 82 20.14 -70.02 71.85
CA GLN UB 82 19.62 -71.21 72.51
C GLN UB 82 19.43 -72.34 71.54
N LEU UB 83 19.24 -72.01 70.26
CA LEU UB 83 19.37 -72.99 69.21
C LEU UB 83 20.72 -73.67 69.27
N ASN UB 84 21.77 -72.87 69.39
CA ASN UB 84 23.11 -73.45 69.37
C ASN UB 84 23.39 -74.32 70.56
N LYS UB 85 22.94 -73.94 71.75
CA LYS UB 85 23.28 -74.79 72.86
C LYS UB 85 22.49 -76.08 72.87
N GLN UB 86 21.32 -76.11 72.28
CA GLN UB 86 20.62 -77.36 72.27
C GLN UB 86 20.68 -78.03 70.92
N ALA UB 87 21.67 -77.62 70.14
CA ALA UB 87 21.88 -78.17 68.80
C ALA UB 87 21.98 -79.68 68.82
N ARG UB 88 22.73 -80.20 69.78
CA ARG UB 88 22.81 -81.62 70.01
C ARG UB 88 21.46 -82.24 70.24
N ASN UB 89 20.66 -81.55 70.99
CA ASN UB 89 19.40 -82.07 71.37
C ASN UB 89 18.47 -82.02 70.19
N LEU UB 90 18.69 -81.03 69.36
CA LEU UB 90 17.85 -80.78 68.20
C LEU UB 90 17.91 -81.94 67.21
N ASP UB 91 19.09 -82.26 66.73
CA ASP UB 91 19.18 -83.38 65.82
C ASP UB 91 19.03 -84.70 66.56
N ALA UB 92 19.31 -84.67 67.86
CA ALA UB 92 19.16 -85.83 68.70
C ALA UB 92 17.71 -86.25 68.67
N ILE UB 93 16.84 -85.26 68.61
CA ILE UB 93 15.50 -85.52 68.14
C ILE UB 93 15.54 -85.89 66.67
N TYR UB 94 15.97 -84.95 65.84
CA TYR UB 94 15.70 -85.00 64.40
C TYR UB 94 16.82 -85.64 63.60
N ASP UB 95 16.97 -86.92 63.89
CA ASP UB 95 17.82 -87.82 63.11
C ASP UB 95 17.12 -88.16 61.79
N PHE UB 96 17.41 -87.41 60.75
CA PHE UB 96 16.70 -87.57 59.49
C PHE UB 96 17.11 -88.83 58.76
N ASN UB 97 18.38 -89.15 58.83
CA ASN UB 97 18.97 -90.27 58.13
C ASN UB 97 18.35 -91.59 58.55
N SER UB 98 17.89 -91.65 59.79
CA SER UB 98 17.09 -92.75 60.24
C SER UB 98 15.83 -92.88 59.42
N LEU UB 99 15.34 -91.78 58.91
CA LEU UB 99 14.15 -91.81 58.11
C LEU UB 99 14.44 -91.90 56.63
N VAL UB 100 15.66 -91.65 56.21
CA VAL UB 100 15.89 -91.66 54.77
C VAL UB 100 15.93 -93.10 54.28
N LEU UB 101 15.86 -93.24 52.98
CA LEU UB 101 15.69 -94.55 52.38
C LEU UB 101 17.00 -95.09 51.83
N GLU UB 102 16.86 -96.18 51.09
CA GLU UB 102 17.94 -97.05 50.65
C GLU UB 102 18.90 -96.38 49.70
N HIS UB 103 18.40 -95.53 48.83
CA HIS UB 103 19.21 -94.92 47.81
C HIS UB 103 19.26 -93.44 48.09
N ASN UB 104 19.41 -93.15 49.39
CA ASN UB 104 19.10 -91.91 50.11
C ASN UB 104 17.96 -91.14 49.46
N ILE UB 105 16.86 -91.84 49.33
CA ILE UB 105 15.62 -91.23 48.92
C ILE UB 105 15.02 -90.60 50.15
N LEU UB 106 14.94 -89.30 50.17
CA LEU UB 106 14.19 -88.65 51.22
C LEU UB 106 12.72 -88.99 51.03
N PRO UB 107 12.07 -89.55 52.03
CA PRO UB 107 10.71 -90.06 51.87
C PRO UB 107 9.69 -88.93 51.89
N PRO UB 108 8.51 -89.12 51.30
CA PRO UB 108 7.56 -88.02 51.18
C PRO UB 108 6.87 -87.74 52.51
N VAL UB 109 6.24 -86.57 52.61
CA VAL UB 109 5.59 -86.19 53.84
C VAL UB 109 4.09 -86.44 53.69
N LEU UB 110 3.53 -87.23 54.58
CA LEU UB 110 2.15 -87.63 54.42
C LEU UB 110 1.31 -86.93 55.46
N LEU UB 111 0.05 -86.69 55.13
CA LEU UB 111 -0.80 -85.88 55.98
C LEU UB 111 -2.06 -86.62 56.39
N GLU UB 112 -2.32 -86.58 57.68
CA GLU UB 112 -3.43 -87.19 58.37
C GLU UB 112 -4.68 -86.35 58.18
N GLY UB 113 -5.84 -87.01 58.22
CA GLY UB 113 -7.10 -86.31 58.28
C GLY UB 113 -8.20 -87.03 59.02
N ARG UB 114 -8.81 -86.36 59.99
CA ARG UB 114 -10.04 -86.87 60.58
C ARG UB 114 -11.15 -85.87 60.48
N ASN UB 115 -12.34 -86.46 60.43
CA ASN UB 115 -13.66 -85.83 60.33
C ASN UB 115 -13.67 -84.57 59.47
N THR UB 116 -13.12 -84.73 58.31
CA THR UB 116 -13.08 -83.67 57.33
C THR UB 116 -14.51 -83.45 56.90
N LEU UB 117 -15.20 -82.64 57.64
CA LEU UB 117 -16.52 -82.25 57.22
C LEU UB 117 -16.43 -80.86 56.69
N ASN UB 118 -16.54 -80.78 55.39
CA ASN UB 118 -16.94 -79.54 54.81
C ASN UB 118 -18.43 -79.68 54.64
N LEU UB 119 -19.19 -78.79 55.23
CA LEU UB 119 -20.51 -78.62 54.68
C LEU UB 119 -20.20 -77.90 53.39
N ALA UB 120 -20.72 -78.40 52.30
CA ALA UB 120 -20.83 -77.49 51.19
C ALA UB 120 -21.77 -76.38 51.55
N ASP UB 121 -22.91 -76.74 52.11
CA ASP UB 121 -23.96 -75.77 52.23
C ASP UB 121 -25.00 -76.30 53.18
N ALA UB 122 -26.12 -75.60 53.20
CA ALA UB 122 -27.28 -75.92 53.99
C ALA UB 122 -27.94 -77.20 53.55
N GLN UB 123 -27.63 -77.67 52.36
CA GLN UB 123 -28.35 -78.74 51.74
C GLN UB 123 -27.52 -80.00 51.65
N SER UB 124 -26.22 -79.88 51.72
CA SER UB 124 -25.37 -81.03 51.46
C SER UB 124 -24.08 -80.85 52.21
N ILE UB 125 -23.65 -81.91 52.86
CA ILE UB 125 -22.39 -81.88 53.56
C ILE UB 125 -21.57 -83.04 53.05
N ARG UB 126 -20.29 -83.01 53.39
CA ARG UB 126 -19.37 -83.99 52.87
C ARG UB 126 -18.23 -84.15 53.84
N ILE UB 127 -18.10 -85.34 54.32
CA ILE UB 127 -17.19 -85.68 55.38
C ILE UB 127 -16.40 -86.90 55.00
N SER UB 128 -15.11 -86.82 55.16
CA SER UB 128 -14.44 -88.07 55.40
C SER UB 128 -14.23 -88.21 56.88
N ASP UB 129 -14.33 -89.44 57.30
CA ASP UB 129 -13.79 -89.86 58.56
C ASP UB 129 -12.29 -89.62 58.67
N ARG UB 130 -11.59 -89.65 57.54
CA ARG UB 130 -10.19 -90.00 57.59
C ARG UB 130 -9.64 -89.74 56.21
N THR UB 131 -8.42 -89.24 56.12
CA THR UB 131 -7.96 -88.57 54.92
C THR UB 131 -6.44 -88.56 54.90
N TYR UB 132 -5.84 -88.77 53.75
CA TYR UB 132 -4.38 -88.66 53.67
C TYR UB 132 -3.92 -87.87 52.48
N LYS UB 133 -2.97 -87.01 52.74
CA LYS UB 133 -2.44 -86.15 51.71
C LYS UB 133 -0.97 -86.43 51.55
N VAL UB 134 -0.60 -86.96 50.41
CA VAL UB 134 0.81 -87.10 50.13
C VAL UB 134 1.27 -85.74 49.66
N ALA UB 135 2.27 -85.22 50.33
CA ALA UB 135 2.91 -83.99 49.92
C ALA UB 135 4.39 -84.29 49.78
N LYS UB 136 5.03 -83.53 48.88
CA LYS UB 136 6.48 -83.48 48.68
C LYS UB 136 7.07 -84.87 48.46
N GLN UB 137 6.72 -85.44 47.31
CA GLN UB 137 6.95 -86.84 46.97
C GLN UB 137 8.45 -87.20 47.07
N ALA UB 138 8.69 -88.49 47.38
CA ALA UB 138 10.01 -89.02 47.65
C ALA UB 138 11.00 -88.73 46.55
N HIS UB 139 12.24 -88.50 46.92
CA HIS UB 139 13.17 -88.01 45.92
C HIS UB 139 14.59 -88.37 46.32
N PHE UB 140 15.49 -88.38 45.34
CA PHE UB 140 16.90 -88.53 45.64
C PHE UB 140 17.36 -87.32 46.42
N ILE UB 141 17.96 -87.52 47.57
CA ILE UB 141 18.53 -86.41 48.28
C ILE UB 141 20.02 -86.64 48.26
N THR UB 142 20.79 -85.56 48.26
CA THR UB 142 22.20 -85.77 48.55
C THR UB 142 22.44 -85.76 50.03
N THR UB 143 22.40 -84.59 50.61
CA THR UB 143 22.70 -84.47 52.00
C THR UB 143 21.39 -84.38 52.74
N PRO UB 144 21.22 -85.18 53.78
CA PRO UB 144 19.95 -85.24 54.48
C PRO UB 144 19.68 -83.95 55.23
N PRO UB 145 18.43 -83.66 55.53
CA PRO UB 145 18.10 -82.39 56.15
C PRO UB 145 18.61 -82.29 57.57
N THR UB 146 18.71 -81.08 58.04
CA THR UB 146 19.06 -80.82 59.42
C THR UB 146 17.85 -80.24 60.09
N TRP UB 147 18.06 -79.52 61.15
CA TRP UB 147 17.06 -78.54 61.52
C TRP UB 147 17.46 -77.12 61.20
N ARG UB 148 18.76 -76.81 61.19
CA ARG UB 148 19.23 -75.43 61.13
C ARG UB 148 18.86 -74.79 59.83
N GLN UB 149 18.63 -75.62 58.84
CA GLN UB 149 17.88 -75.27 57.67
C GLN UB 149 16.51 -74.72 57.99
N TYR UB 150 15.92 -75.01 59.15
CA TYR UB 150 14.53 -74.67 59.39
C TYR UB 150 14.40 -73.78 60.60
N LEU UB 151 15.40 -73.79 61.45
CA LEU UB 151 15.22 -73.13 62.72
C LEU UB 151 16.23 -72.06 62.99
N TRP UB 152 17.37 -72.08 62.33
CA TRP UB 152 18.34 -71.03 62.56
C TRP UB 152 17.74 -69.73 62.11
N MET UB 153 17.27 -68.96 63.06
CA MET UB 153 16.68 -67.69 62.75
C MET UB 153 17.78 -66.78 62.26
N ASP UB 154 17.47 -65.96 61.28
CA ASP UB 154 18.43 -65.00 60.79
C ASP UB 154 18.64 -63.96 61.85
N TYR UB 155 19.86 -63.54 62.00
CA TYR UB 155 20.18 -62.42 62.84
C TYR UB 155 20.96 -61.41 62.03
N VAL UB 156 20.46 -60.20 61.99
CA VAL UB 156 21.24 -59.06 61.57
C VAL UB 156 21.18 -58.05 62.68
N LYS UB 157 22.15 -57.15 62.72
CA LYS UB 157 22.11 -56.11 63.73
C LYS UB 157 21.92 -54.75 63.09
N PRO UB 158 20.80 -54.09 63.28
CA PRO UB 158 20.75 -52.65 62.98
C PRO UB 158 20.79 -51.82 64.26
N GLU UB 159 21.59 -50.75 64.24
CA GLU UB 159 21.45 -49.61 65.15
C GLU UB 159 21.19 -48.32 64.41
N ALA UB 160 20.56 -48.38 63.25
CA ALA UB 160 20.40 -47.21 62.39
C ALA UB 160 19.13 -46.45 62.75
N PRO UB 161 19.25 -45.21 63.24
CA PRO UB 161 18.03 -44.44 63.51
C PRO UB 161 17.50 -43.80 62.24
N LYS UB 173 9.69 -37.41 72.82
CA LYS UB 173 10.88 -37.74 73.59
C LYS UB 173 10.60 -38.88 74.58
N GLU UB 174 9.66 -38.67 75.50
CA GLU UB 174 9.22 -39.80 76.29
C GLU UB 174 8.43 -40.77 75.44
N ILE UB 175 7.76 -40.27 74.41
CA ILE UB 175 7.14 -41.16 73.45
C ILE UB 175 8.19 -41.92 72.69
N TRP UB 176 9.35 -41.28 72.44
CA TRP UB 176 10.47 -42.00 71.84
C TRP UB 176 10.88 -43.18 72.70
N CYS UB 177 11.09 -42.94 73.99
CA CYS UB 177 11.60 -44.01 74.82
C CYS UB 177 10.56 -45.11 75.02
N ILE UB 178 9.31 -44.73 75.30
CA ILE UB 178 8.34 -45.77 75.57
C ILE UB 178 7.90 -46.51 74.31
N TYR UB 179 7.89 -45.87 73.15
CA TYR UB 179 7.44 -46.62 72.01
C TYR UB 179 8.57 -47.44 71.46
N THR UB 180 9.79 -47.04 71.75
CA THR UB 180 10.88 -47.93 71.47
C THR UB 180 10.80 -49.18 72.34
N GLU UB 181 10.43 -49.06 73.61
CA GLU UB 181 10.25 -50.34 74.29
C GLU UB 181 9.02 -51.09 73.85
N ARG UB 182 8.00 -50.37 73.41
CA ARG UB 182 6.83 -50.99 72.83
C ARG UB 182 7.21 -51.91 71.70
N GLY UB 183 7.84 -51.32 70.69
CA GLY UB 183 8.29 -52.08 69.56
C GLY UB 183 9.33 -53.09 69.92
N TRP UB 184 10.11 -52.81 70.95
CA TRP UB 184 11.04 -53.80 71.49
C TRP UB 184 10.32 -55.07 71.86
N LYS UB 185 9.25 -54.94 72.65
CA LYS UB 185 8.39 -56.08 72.95
C LYS UB 185 7.76 -56.68 71.72
N ASN UB 186 7.40 -55.81 70.79
CA ASN UB 186 6.63 -56.24 69.64
C ASN UB 186 7.47 -57.08 68.70
N GLY UB 187 8.67 -56.63 68.42
CA GLY UB 187 9.56 -57.41 67.61
C GLY UB 187 9.94 -58.70 68.28
N ILE UB 188 10.10 -58.65 69.61
CA ILE UB 188 10.34 -59.86 70.39
C ILE UB 188 9.27 -60.89 70.11
N ASP UB 189 8.02 -60.53 70.31
CA ASP UB 189 7.10 -61.63 70.27
C ASP UB 189 6.64 -61.96 68.87
N GLN UB 190 6.80 -61.04 67.92
CA GLN UB 190 6.54 -61.49 66.56
C GLN UB 190 7.63 -62.46 66.12
N ALA UB 191 8.85 -62.27 66.61
CA ALA UB 191 9.89 -63.24 66.33
C ALA UB 191 9.59 -64.56 66.99
N ASN UB 192 8.96 -64.51 68.15
CA ASN UB 192 8.59 -65.72 68.85
C ASN UB 192 7.59 -66.50 68.05
N THR UB 193 6.62 -65.81 67.50
CA THR UB 193 5.67 -66.46 66.63
C THR UB 193 6.33 -67.01 65.40
N ILE UB 194 7.30 -66.27 64.88
CA ILE UB 194 8.05 -66.74 63.72
C ILE UB 194 8.74 -68.04 64.03
N LEU UB 195 9.39 -68.06 65.17
CA LEU UB 195 10.02 -69.24 65.70
C LEU UB 195 9.07 -70.39 65.82
N GLU UB 196 7.90 -70.11 66.36
CA GLU UB 196 6.86 -71.08 66.55
C GLU UB 196 6.48 -71.71 65.24
N GLU UB 197 6.38 -70.88 64.22
CA GLU UB 197 6.03 -71.35 62.91
C GLU UB 197 7.13 -72.21 62.33
N ASN UB 198 8.37 -71.87 62.64
CA ASN UB 198 9.48 -72.66 62.15
C ASN UB 198 9.43 -74.05 62.72
N ILE UB 199 9.10 -74.09 64.00
CA ILE UB 199 8.96 -75.34 64.71
C ILE UB 199 7.88 -76.17 64.10
N ALA UB 200 6.76 -75.54 63.82
CA ALA UB 200 5.63 -76.25 63.26
C ALA UB 200 5.95 -76.80 61.90
N ARG UB 201 6.77 -76.06 61.15
CA ARG UB 201 7.18 -76.53 59.85
C ARG UB 201 8.01 -77.78 59.98
N ILE UB 202 8.91 -77.78 60.95
CA ILE UB 202 9.74 -78.96 61.04
C ILE UB 202 8.95 -80.15 61.58
N LYS UB 203 7.91 -79.88 62.40
CA LYS UB 203 6.99 -80.91 62.81
C LYS UB 203 6.42 -81.61 61.62
N GLU UB 204 5.72 -80.83 60.83
CA GLU UB 204 4.85 -81.39 59.82
C GLU UB 204 5.65 -82.09 58.77
N ASP UB 205 6.89 -81.64 58.56
CA ASP UB 205 7.82 -82.43 57.80
C ASP UB 205 8.04 -83.77 58.45
N PHE UB 206 8.49 -83.74 59.69
CA PHE UB 206 9.07 -84.94 60.26
C PHE UB 206 8.02 -86.00 60.44
N GLY UB 207 6.90 -85.56 60.97
CA GLY UB 207 5.73 -86.37 61.07
C GLY UB 207 5.27 -86.86 59.72
N GLY UB 208 5.44 -86.05 58.69
CA GLY UB 208 5.04 -86.50 57.38
C GLY UB 208 5.84 -87.69 56.89
N MET UB 209 7.16 -87.62 57.00
CA MET UB 209 7.90 -88.79 56.53
C MET UB 209 7.74 -89.97 57.45
N ILE UB 210 7.48 -89.71 58.73
CA ILE UB 210 7.09 -90.76 59.65
C ILE UB 210 5.90 -91.49 59.10
N LEU UB 211 4.89 -90.73 58.71
CA LEU UB 211 3.68 -91.30 58.19
C LEU UB 211 3.90 -91.99 56.88
N TYR UB 212 4.92 -91.59 56.14
CA TYR UB 212 5.22 -92.36 54.95
C TYR UB 212 5.68 -93.74 55.33
N ARG UB 213 6.59 -93.80 56.28
CA ARG UB 213 7.06 -95.09 56.73
C ARG UB 213 5.95 -95.85 57.41
N LYS UB 214 5.01 -95.13 57.97
CA LYS UB 214 3.84 -95.72 58.54
C LYS UB 214 3.00 -96.43 57.53
N LEU UB 215 2.55 -95.73 56.52
CA LEU UB 215 1.63 -96.37 55.60
C LEU UB 215 2.33 -97.32 54.69
N LEU UB 216 3.62 -97.13 54.56
CA LEU UB 216 4.40 -98.14 53.93
C LEU UB 216 4.42 -99.37 54.78
N ALA UB 217 4.48 -99.18 56.09
CA ALA UB 217 4.31 -100.32 56.96
C ALA UB 217 2.88 -100.79 56.97
N MET UB 218 1.96 -99.96 56.56
CA MET UB 218 0.58 -100.35 56.61
C MET UB 218 0.08 -100.87 55.30
N ASN UB 219 0.96 -100.99 54.32
CA ASN UB 219 0.64 -101.24 52.93
C ASN UB 219 -0.30 -100.17 52.40
N MET UB 220 -0.26 -99.01 53.00
CA MET UB 220 -1.22 -98.02 52.59
C MET UB 220 -0.60 -97.07 51.62
N VAL UB 221 0.72 -97.06 51.55
CA VAL UB 221 1.39 -96.45 50.41
C VAL UB 221 2.36 -97.46 49.83
N SER UB 222 2.89 -97.10 48.69
CA SER UB 222 3.77 -97.91 47.85
C SER UB 222 5.23 -97.48 48.09
N PRO UB 223 6.20 -98.32 47.76
CA PRO UB 223 7.58 -97.89 47.87
C PRO UB 223 7.97 -96.97 46.73
N PRO UB 224 9.13 -96.34 46.81
CA PRO UB 224 9.75 -95.87 45.59
C PRO UB 224 10.37 -97.04 44.84
N TYR UB 225 9.77 -97.35 43.70
CA TYR UB 225 10.23 -98.41 42.82
C TYR UB 225 11.20 -97.78 41.84
N VAL UB 226 12.45 -98.23 41.86
CA VAL UB 226 13.49 -97.58 41.06
C VAL UB 226 14.00 -98.55 40.01
N SER UB 227 14.83 -98.04 39.11
CA SER UB 227 15.70 -98.86 38.28
C SER UB 227 17.07 -98.20 38.31
N HIS UB 228 18.04 -98.92 38.83
CA HIS UB 228 19.43 -98.55 38.64
C HIS UB 228 19.90 -99.33 37.43
N THR UB 229 20.22 -98.60 36.38
CA THR UB 229 20.87 -99.23 35.24
C THR UB 229 22.32 -98.80 35.25
N ASP UB 230 23.21 -99.76 35.03
CA ASP UB 230 24.62 -99.47 35.16
C ASP UB 230 25.29 -99.55 33.81
N LEU UB 231 26.40 -98.84 33.69
CA LEU UB 231 27.21 -98.77 32.51
C LEU UB 231 28.64 -99.05 32.91
N GLY UB 232 29.36 -99.72 32.02
CA GLY UB 232 30.74 -100.08 32.29
C GLY UB 232 31.67 -98.92 32.12
N VAL UB 233 32.82 -99.18 31.52
CA VAL UB 233 33.70 -98.08 31.16
C VAL UB 233 33.01 -97.25 30.09
N THR UB 234 32.82 -95.98 30.41
CA THR UB 234 32.16 -95.11 29.47
C THR UB 234 33.08 -93.96 29.18
N GLY UB 235 33.25 -93.66 27.91
CA GLY UB 235 33.95 -92.48 27.51
C GLY UB 235 35.01 -92.74 26.48
N ASP UB 236 35.60 -91.65 26.02
CA ASP UB 236 36.39 -91.61 24.80
C ASP UB 236 37.87 -91.61 25.12
N GLY UB 237 38.69 -91.34 24.10
CA GLY UB 237 40.11 -91.24 24.30
C GLY UB 237 40.55 -90.04 25.13
N SER UB 238 39.68 -89.04 25.27
CA SER UB 238 40.05 -87.95 26.16
C SER UB 238 39.34 -87.99 27.49
N GLU UB 239 38.22 -88.67 27.56
CA GLU UB 239 37.50 -88.70 28.79
C GLU UB 239 37.00 -90.11 28.92
N ILE UB 240 37.22 -90.76 30.04
CA ILE UB 240 36.49 -91.98 30.31
C ILE UB 240 35.88 -91.92 31.69
N HIS UB 241 34.91 -92.78 31.88
CA HIS UB 241 34.37 -93.06 33.19
C HIS UB 241 34.29 -94.56 33.29
N ILE UB 242 34.98 -95.11 34.27
CA ILE UB 242 35.18 -96.53 34.40
C ILE UB 242 33.90 -97.24 34.80
N ASP UB 243 33.09 -96.63 35.65
CA ASP UB 243 31.77 -97.19 35.90
C ASP UB 243 30.74 -96.11 36.11
N ASP UB 244 29.75 -96.09 35.25
CA ASP UB 244 28.67 -95.12 35.35
C ASP UB 244 27.39 -95.80 35.74
N ARG UB 245 27.03 -95.69 36.99
CA ARG UB 245 25.68 -96.04 37.36
C ARG UB 245 24.80 -94.84 37.14
N VAL UB 246 23.63 -95.07 36.57
CA VAL UB 246 22.57 -94.08 36.57
C VAL UB 246 21.38 -94.71 37.25
N LEU UB 247 20.70 -93.91 38.04
CA LEU UB 247 19.60 -94.40 38.84
C LEU UB 247 18.41 -93.54 38.56
N ARG UB 248 17.37 -94.15 38.06
CA ARG UB 248 16.12 -93.45 37.93
C ARG UB 248 15.17 -94.06 38.92
N ILE UB 249 14.34 -93.20 39.46
CA ILE UB 249 13.28 -93.63 40.34
C ILE UB 249 12.10 -93.80 39.42
N THR UB 250 11.76 -95.05 39.13
CA THR UB 250 10.72 -95.29 38.15
C THR UB 250 9.36 -94.93 38.71
N ALA UB 251 8.92 -95.62 39.76
CA ALA UB 251 7.60 -95.41 40.32
C ALA UB 251 7.72 -94.78 41.70
N LEU UB 252 7.06 -93.64 41.88
CA LEU UB 252 7.11 -92.93 43.15
C LEU UB 252 6.26 -93.62 44.20
N PRO UB 253 6.49 -93.30 45.46
CA PRO UB 253 5.50 -93.65 46.48
C PRO UB 253 4.15 -93.00 46.21
N GLU UB 254 3.10 -93.72 46.57
CA GLU UB 254 1.72 -93.29 46.33
C GLU UB 254 0.78 -94.12 47.21
N LEU UB 255 -0.33 -93.50 47.61
CA LEU UB 255 -1.32 -94.19 48.42
C LEU UB 255 -2.04 -95.25 47.60
N ASN UB 256 -1.98 -96.50 48.05
CA ASN UB 256 -2.74 -97.51 47.34
C ASN UB 256 -4.21 -97.33 47.64
N VAL UB 257 -5.06 -97.79 46.73
CA VAL UB 257 -6.48 -97.55 46.89
C VAL UB 257 -7.24 -98.82 47.14
N ASN UB 258 -6.73 -99.96 46.72
CA ASN UB 258 -7.36 -101.19 47.11
C ASN UB 258 -6.90 -101.46 48.52
N SER UB 259 -7.79 -101.14 49.45
CA SER UB 259 -7.47 -101.22 50.85
C SER UB 259 -7.49 -102.63 51.37
N ALA UB 260 -7.97 -103.57 50.58
CA ALA UB 260 -8.02 -104.96 50.96
C ALA UB 260 -6.66 -105.52 51.25
N GLU UB 261 -5.64 -104.97 50.63
CA GLU UB 261 -4.29 -105.45 50.70
C GLU UB 261 -3.53 -104.72 51.76
N TRP UB 262 -4.23 -104.02 52.62
CA TRP UB 262 -3.56 -103.24 53.63
C TRP UB 262 -3.02 -104.12 54.72
N ARG UB 263 -2.51 -103.46 55.74
CA ARG UB 263 -1.84 -104.15 56.80
C ARG UB 263 -2.34 -103.49 58.06
N ALA UB 264 -3.10 -104.21 58.87
CA ALA UB 264 -3.72 -103.61 60.03
C ALA UB 264 -3.19 -104.29 61.27
N ALA UB 265 -2.33 -103.58 61.98
CA ALA UB 265 -1.61 -104.18 63.09
C ALA UB 265 -2.37 -103.94 64.38
N VAL UB 266 -2.72 -105.01 65.04
CA VAL UB 266 -3.16 -104.94 66.41
C VAL UB 266 -1.92 -104.88 67.26
N ALA UB 267 -2.00 -104.28 68.43
CA ALA UB 267 -0.84 -104.26 69.30
C ALA UB 267 -1.23 -104.79 70.66
N LYS UB 268 -0.22 -105.06 71.50
CA LYS UB 268 -0.45 -105.69 72.78
C LYS UB 268 0.32 -105.01 73.91
N PHE VB 25 35.98 -81.08 97.70
CA PHE VB 25 34.61 -80.67 97.38
C PHE VB 25 34.45 -80.50 95.88
N LYS VB 26 33.29 -80.89 95.36
CA LYS VB 26 33.05 -80.92 93.94
C LYS VB 26 32.09 -79.82 93.51
N LYS VB 27 31.75 -79.87 92.23
CA LYS VB 27 30.92 -78.91 91.54
C LYS VB 27 29.83 -79.64 90.79
N PRO VB 28 28.71 -78.98 90.50
CA PRO VB 28 27.65 -79.60 89.73
C PRO VB 28 28.07 -79.80 88.28
N PRO VB 29 27.35 -80.65 87.56
CA PRO VB 29 27.68 -80.88 86.15
C PRO VB 29 27.45 -79.65 85.32
N ILE VB 30 28.09 -79.65 84.16
CA ILE VB 30 28.15 -78.44 83.38
C ILE VB 30 26.95 -78.33 82.45
N ASN VB 31 26.70 -79.34 81.65
CA ASN VB 31 25.56 -79.31 80.73
C ASN VB 31 24.31 -79.94 81.32
N ASN VB 32 24.06 -79.65 82.57
CA ASN VB 32 22.99 -80.34 83.28
C ASN VB 32 21.63 -79.78 82.90
N PRO VB 33 20.63 -80.61 82.76
CA PRO VB 33 19.28 -80.10 82.58
C PRO VB 33 18.79 -79.59 83.93
N SER VB 34 19.15 -78.37 84.32
CA SER VB 34 18.65 -77.80 85.56
C SER VB 34 17.44 -76.94 85.30
N ASP VB 35 16.81 -77.18 84.17
CA ASP VB 35 15.66 -76.40 83.80
C ASP VB 35 14.55 -77.36 83.43
N ASP VB 36 13.37 -76.96 83.84
CA ASP VB 36 12.21 -77.82 83.79
C ASP VB 36 11.84 -78.20 82.37
N ALA VB 37 12.08 -77.35 81.40
CA ALA VB 37 11.84 -77.81 80.05
C ALA VB 37 12.89 -78.80 79.64
N THR VB 38 14.12 -78.49 80.01
CA THR VB 38 15.27 -79.19 79.50
C THR VB 38 15.32 -80.61 79.93
N ILE VB 39 14.85 -80.86 81.14
CA ILE VB 39 14.78 -82.24 81.58
C ILE VB 39 13.84 -83.02 80.67
N LYS VB 40 12.70 -82.42 80.33
CA LYS VB 40 11.75 -83.10 79.48
C LYS VB 40 12.27 -83.24 78.09
N LEU VB 41 13.06 -82.25 77.68
CA LEU VB 41 13.73 -82.31 76.40
C LEU VB 41 14.61 -83.53 76.31
N ALA VB 42 15.46 -83.69 77.30
CA ALA VB 42 16.44 -84.75 77.23
C ALA VB 42 15.79 -86.11 77.37
N GLU VB 43 14.73 -86.17 78.16
CA GLU VB 43 13.92 -87.37 78.21
C GLU VB 43 13.33 -87.71 76.86
N ALA VB 44 12.81 -86.71 76.17
CA ALA VB 44 12.28 -86.91 74.85
C ALA VB 44 13.36 -87.39 73.90
N ALA VB 45 14.56 -86.85 74.06
CA ALA VB 45 15.69 -87.25 73.23
C ALA VB 45 16.01 -88.70 73.46
N VAL VB 46 15.98 -89.11 74.71
CA VAL VB 46 16.27 -90.49 75.05
C VAL VB 46 15.23 -91.39 74.43
N SER VB 47 13.98 -91.00 74.58
CA SER VB 47 12.85 -91.76 74.07
C SER VB 47 12.90 -91.88 72.58
N VAL VB 48 13.29 -90.80 71.93
CA VAL VB 48 13.21 -90.83 70.50
C VAL VB 48 14.35 -91.65 69.97
N SER VB 49 15.47 -91.55 70.64
CA SER VB 49 16.69 -92.18 70.24
C SER VB 49 16.60 -93.67 70.38
N ASP VB 50 16.15 -94.12 71.52
CA ASP VB 50 16.10 -95.54 71.64
C ASP VB 50 14.97 -96.10 70.82
N SER VB 51 13.81 -95.44 70.81
CA SER VB 51 12.72 -95.97 70.05
C SER VB 51 13.02 -96.02 68.57
N MET VB 52 13.84 -95.09 68.08
CA MET VB 52 14.29 -95.32 66.71
C MET VB 52 15.34 -96.41 66.68
N LEU VB 53 16.01 -96.68 67.79
CA LEU VB 53 16.93 -97.80 67.74
C LEU VB 53 16.18 -99.09 67.58
N GLU VB 54 14.97 -99.17 68.15
CA GLU VB 54 14.32 -100.44 67.92
C GLU VB 54 13.62 -100.44 66.61
N MET VB 55 13.26 -99.25 66.10
CA MET VB 55 12.93 -99.12 64.69
C MET VB 55 14.00 -99.75 63.84
N ALA VB 56 15.24 -99.40 64.11
CA ALA VB 56 16.35 -99.98 63.36
C ALA VB 56 16.52 -101.44 63.67
N LYS VB 57 16.18 -101.86 64.87
CA LYS VB 57 16.38 -103.23 65.23
C LYS VB 57 15.45 -104.10 64.44
N VAL VB 58 14.22 -103.66 64.32
CA VAL VB 58 13.28 -104.49 63.62
C VAL VB 58 13.49 -104.30 62.14
N GLU VB 59 14.10 -103.19 61.74
CA GLU VB 59 14.34 -103.04 60.33
C GLU VB 59 15.61 -103.74 59.87
N LYS VB 60 16.53 -104.00 60.78
CA LYS VB 60 17.89 -104.33 60.41
C LYS VB 60 17.99 -105.80 60.10
N VAL VB 61 18.15 -106.13 58.85
CA VAL VB 61 18.31 -107.52 58.47
C VAL VB 61 19.76 -107.92 58.66
N ILE VB 62 19.98 -109.17 59.03
CA ILE VB 62 21.29 -109.67 59.44
C ILE VB 62 21.64 -110.84 58.52
N THR VB 63 22.93 -111.15 58.39
CA THR VB 63 23.34 -112.47 57.95
C THR VB 63 23.94 -113.25 59.11
N PRO VB 64 23.73 -114.57 59.15
CA PRO VB 64 24.44 -115.37 60.12
C PRO VB 64 25.84 -115.66 59.62
N PRO VB 65 26.84 -115.63 60.50
CA PRO VB 65 28.20 -115.94 60.07
C PRO VB 65 28.39 -117.39 59.68
N SER VB 66 27.43 -118.26 60.01
CA SER VB 66 27.44 -119.61 59.47
C SER VB 66 26.81 -119.69 58.10
N LYS VB 67 26.04 -118.70 57.71
CA LYS VB 67 25.46 -118.70 56.38
C LYS VB 67 25.70 -117.37 55.72
N ASP VB 68 26.95 -116.93 55.78
CA ASP VB 68 27.35 -115.65 55.22
C ASP VB 68 27.95 -115.77 53.83
N ASN VB 69 28.31 -116.98 53.40
CA ASN VB 69 28.59 -117.34 52.00
C ASN VB 69 29.82 -116.69 51.38
N THR VB 70 30.59 -115.92 52.14
CA THR VB 70 31.73 -115.23 51.57
C THR VB 70 32.96 -116.14 51.55
N LEU VB 71 34.02 -115.66 50.93
CA LEU VB 71 35.24 -116.45 50.77
C LEU VB 71 35.97 -116.56 52.08
N THR VB 72 36.54 -117.72 52.32
CA THR VB 72 37.33 -117.89 53.52
C THR VB 72 38.77 -117.54 53.24
N ILE VB 73 39.53 -117.49 54.31
CA ILE VB 73 40.96 -117.28 54.18
C ILE VB 73 41.56 -118.65 53.88
N PRO VB 74 42.23 -118.82 52.75
CA PRO VB 74 42.67 -120.15 52.34
C PRO VB 74 44.03 -120.54 52.84
N ASN VB 75 44.58 -119.76 53.79
CA ASN VB 75 45.72 -120.02 54.67
C ASN VB 75 46.98 -120.57 54.00
N ALA VB 76 47.21 -120.29 52.73
CA ALA VB 76 48.48 -120.69 52.13
C ALA VB 76 49.54 -119.65 52.46
N TYR VB 77 50.76 -120.13 52.68
CA TYR VB 77 51.81 -119.18 52.98
C TYR VB 77 52.23 -118.39 51.77
N ASN VB 78 51.99 -118.93 50.59
CA ASN VB 78 52.13 -118.11 49.39
C ASN VB 78 51.04 -117.06 49.33
N LEU VB 79 49.91 -117.33 49.94
CA LEU VB 79 48.89 -116.32 50.06
C LEU VB 79 49.20 -115.33 51.16
N GLN VB 80 50.10 -115.69 52.06
CA GLN VB 80 50.33 -114.92 53.28
C GLN VB 80 51.01 -113.58 53.02
N ALA VB 81 51.42 -113.31 51.79
CA ALA VB 81 52.07 -112.06 51.45
C ALA VB 81 51.10 -110.90 51.55
N ARG VB 82 51.47 -109.89 52.33
CA ARG VB 82 50.80 -108.60 52.29
C ARG VB 82 51.20 -107.96 50.97
N ALA VB 83 50.25 -107.36 50.28
CA ALA VB 83 50.54 -106.78 48.99
C ALA VB 83 50.09 -105.32 48.95
N SER VB 84 50.19 -104.68 47.79
CA SER VB 84 49.66 -103.34 47.60
C SER VB 84 49.22 -103.22 46.16
N VAL VB 85 48.05 -102.60 45.94
CA VAL VB 85 47.50 -102.51 44.60
C VAL VB 85 46.43 -101.42 44.59
N ASP VB 86 46.36 -100.72 43.46
CA ASP VB 86 45.21 -99.89 43.15
C ASP VB 86 44.85 -100.08 41.69
N TRP VB 87 43.57 -100.29 41.44
CA TRP VB 87 43.14 -100.65 40.13
C TRP VB 87 41.63 -100.62 40.09
N SER VB 88 41.10 -100.37 38.92
CA SER VB 88 39.71 -100.67 38.71
C SER VB 88 39.57 -101.29 37.33
N GLY VB 89 38.47 -101.99 37.15
CA GLY VB 89 38.13 -102.48 35.85
C GLY VB 89 37.68 -103.91 35.98
N PRO VB 90 38.03 -104.74 35.00
CA PRO VB 90 37.50 -106.11 34.98
C PRO VB 90 38.41 -107.05 35.73
N ILE VB 91 37.78 -107.93 36.49
CA ILE VB 91 38.40 -108.50 37.66
C ILE VB 91 39.38 -109.61 37.33
N GLU VB 92 39.16 -110.29 36.21
CA GLU VB 92 39.77 -111.58 35.94
C GLU VB 92 41.25 -111.44 35.65
N GLU VB 93 41.66 -110.37 35.01
CA GLU VB 93 43.06 -110.14 34.76
C GLU VB 93 43.79 -109.80 36.03
N LEU VB 94 43.14 -109.06 36.92
CA LEU VB 94 43.71 -108.74 38.21
C LEU VB 94 43.92 -110.01 39.02
N THR VB 95 42.96 -110.93 38.93
CA THR VB 95 43.07 -112.19 39.64
C THR VB 95 44.21 -113.02 39.10
N ALA VB 96 44.35 -113.07 37.79
CA ALA VB 96 45.48 -113.78 37.22
C ALA VB 96 46.78 -113.19 37.69
N ARG VB 97 46.84 -111.86 37.77
CA ARG VB 97 48.07 -111.21 38.15
C ARG VB 97 48.42 -111.44 39.61
N ILE VB 98 47.45 -111.40 40.51
CA ILE VB 98 47.77 -111.76 41.88
C ILE VB 98 48.06 -113.24 42.03
N ALA VB 99 47.44 -114.10 41.20
CA ALA VB 99 47.69 -115.53 41.31
C ALA VB 99 49.12 -115.86 41.00
N LYS VB 100 49.62 -115.30 39.92
CA LYS VB 100 51.02 -115.49 39.64
C LYS VB 100 51.92 -114.62 40.48
N ALA VB 101 51.38 -113.59 41.14
CA ALA VB 101 52.18 -112.96 42.16
C ALA VB 101 52.36 -113.89 43.33
N ALA VB 102 51.31 -114.60 43.68
CA ALA VB 102 51.35 -115.50 44.82
C ALA VB 102 51.67 -116.90 44.41
N HIS VB 103 52.25 -117.07 43.23
CA HIS VB 103 52.79 -118.34 42.75
C HIS VB 103 51.72 -119.37 42.57
N PHE VB 104 50.52 -118.93 42.25
CA PHE VB 104 49.45 -119.89 42.13
C PHE VB 104 49.02 -119.95 40.68
N ARG VB 105 48.60 -121.13 40.31
CA ARG VB 105 47.92 -121.19 39.05
C ARG VB 105 46.47 -120.76 39.22
N PHE VB 106 45.87 -120.36 38.10
CA PHE VB 106 44.59 -119.66 38.00
C PHE VB 106 43.79 -120.32 36.89
N ARG VB 107 42.66 -120.90 37.24
CA ARG VB 107 41.64 -121.23 36.26
C ARG VB 107 40.39 -120.42 36.49
N VAL VB 108 39.82 -120.02 35.39
CA VAL VB 108 38.53 -119.37 35.35
C VAL VB 108 37.57 -120.35 34.70
N LEU VB 109 36.39 -120.48 35.29
CA LEU VB 109 35.35 -121.36 34.81
C LEU VB 109 34.10 -120.52 34.63
N GLY VB 110 33.41 -120.73 33.52
CA GLY VB 110 32.26 -119.92 33.19
C GLY VB 110 32.56 -119.06 31.99
N LYS VB 111 31.65 -118.15 31.69
CA LYS VB 111 31.83 -117.21 30.59
C LYS VB 111 31.94 -115.82 31.17
N SER VB 112 32.95 -115.10 30.78
CA SER VB 112 32.96 -113.70 31.09
C SER VB 112 31.93 -113.00 30.20
N PRO VB 113 31.10 -112.13 30.75
CA PRO VB 113 29.94 -111.64 30.04
C PRO VB 113 30.34 -110.55 29.05
N SER VB 114 29.35 -110.12 28.27
CA SER VB 114 29.54 -108.98 27.39
C SER VB 114 29.85 -107.74 28.20
N VAL VB 115 29.06 -107.47 29.22
CA VAL VB 115 29.50 -106.45 30.17
C VAL VB 115 30.60 -107.03 31.04
N PRO VB 116 31.69 -106.31 31.26
CA PRO VB 116 32.70 -106.82 32.16
C PRO VB 116 32.24 -106.55 33.56
N VAL VB 117 32.58 -107.46 34.44
CA VAL VB 117 32.25 -107.29 35.83
C VAL VB 117 33.39 -106.52 36.49
N LEU VB 118 33.03 -105.43 37.15
CA LEU VB 118 34.00 -104.40 37.46
C LEU VB 118 34.16 -104.26 38.94
N ILE VB 119 35.38 -104.13 39.39
CA ILE VB 119 35.64 -103.85 40.77
C ILE VB 119 36.70 -102.78 40.82
N SER VB 120 37.09 -102.43 42.04
CA SER VB 120 37.95 -101.28 42.24
C SER VB 120 38.59 -101.42 43.60
N ILE VB 121 39.91 -101.45 43.63
CA ILE VB 121 40.69 -101.70 44.83
C ILE VB 121 41.71 -100.59 44.99
N SER VB 122 41.90 -100.13 46.22
CA SER VB 122 42.93 -99.15 46.52
C SER VB 122 43.52 -99.51 47.89
N THR VB 123 44.71 -100.08 47.90
CA THR VB 123 45.34 -100.45 49.14
C THR VB 123 46.84 -100.40 49.05
N LYS VB 124 47.47 -100.08 50.17
CA LYS VB 124 48.91 -100.01 50.25
C LYS VB 124 49.52 -101.13 51.07
N ASP VB 125 48.71 -101.86 51.82
CA ASP VB 125 49.22 -102.97 52.61
C ASP VB 125 48.07 -103.93 52.84
N GLU VB 126 47.99 -105.00 52.08
CA GLU VB 126 46.93 -105.96 52.32
C GLU VB 126 47.41 -107.34 51.96
N SER VB 127 47.06 -108.28 52.82
CA SER VB 127 47.22 -109.66 52.42
C SER VB 127 46.31 -109.98 51.25
N LEU VB 128 46.84 -110.82 50.39
CA LEU VB 128 46.17 -111.26 49.19
C LEU VB 128 44.88 -111.98 49.47
N ALA VB 129 44.79 -112.63 50.62
CA ALA VB 129 43.57 -113.33 50.96
C ALA VB 129 42.43 -112.34 51.19
N GLU VB 130 42.69 -111.27 51.92
CA GLU VB 130 41.64 -110.29 52.11
C GLU VB 130 41.37 -109.55 50.83
N ILE VB 131 42.39 -109.41 50.00
CA ILE VB 131 42.20 -108.90 48.66
C ILE VB 131 41.19 -109.75 47.91
N LEU VB 132 41.41 -111.06 47.92
CA LEU VB 132 40.49 -111.99 47.28
C LEU VB 132 39.13 -111.98 47.92
N ARG VB 133 39.10 -111.72 49.22
CA ARG VB 133 37.84 -111.62 49.94
C ARG VB 133 37.03 -110.49 49.40
N ASP VB 134 37.68 -109.36 49.18
CA ASP VB 134 36.96 -108.23 48.63
C ASP VB 134 36.57 -108.48 47.19
N ILE VB 135 37.41 -109.23 46.52
CA ILE VB 135 37.17 -109.56 45.13
C ILE VB 135 35.91 -110.38 44.99
N ASP VB 136 35.77 -111.39 45.82
CA ASP VB 136 34.61 -112.25 45.73
C ASP VB 136 33.37 -111.54 46.21
N TYR VB 137 33.56 -110.65 47.18
CA TYR VB 137 32.49 -109.85 47.72
C TYR VB 137 31.92 -108.94 46.66
N GLN VB 138 32.77 -108.19 46.02
CA GLN VB 138 32.31 -107.29 45.00
C GLN VB 138 31.97 -108.03 43.73
N ALA VB 139 32.42 -109.26 43.60
CA ALA VB 139 31.90 -110.13 42.56
C ALA VB 139 30.43 -110.40 42.80
N GLY VB 140 30.10 -110.79 44.03
CA GLY VB 140 28.73 -111.01 44.39
C GLY VB 140 28.13 -112.15 43.61
N LYS VB 141 27.08 -111.85 42.85
CA LYS VB 141 26.37 -112.87 42.11
C LYS VB 141 26.88 -113.10 40.72
N LYS VB 142 27.60 -112.14 40.18
CA LYS VB 142 28.13 -112.33 38.85
C LYS VB 142 29.19 -113.40 38.84
N ALA VB 143 30.01 -113.43 39.88
CA ALA VB 143 31.12 -114.36 39.90
C ALA VB 143 31.49 -114.67 41.33
N SER VB 144 32.44 -115.57 41.45
CA SER VB 144 32.82 -116.11 42.73
C SER VB 144 34.24 -116.59 42.67
N ILE VB 145 34.80 -116.78 43.84
CA ILE VB 145 36.14 -117.28 43.97
C ILE VB 145 36.06 -118.63 44.63
N HIS VB 146 36.58 -119.63 43.96
CA HIS VB 146 37.05 -120.77 44.71
C HIS VB 146 38.56 -120.74 44.74
N VAL VB 147 39.12 -121.50 45.66
CA VAL VB 147 40.55 -121.51 45.88
C VAL VB 147 40.95 -122.84 46.50
N TYR VB 148 41.98 -123.45 45.95
CA TYR VB 148 42.45 -124.74 46.46
C TYR VB 148 43.94 -124.59 46.78
N PRO VB 149 44.30 -124.44 48.05
CA PRO VB 149 45.72 -124.34 48.39
C PRO VB 149 46.43 -125.66 48.36
N ASN VB 150 45.69 -126.77 48.31
CA ASN VB 150 46.33 -128.07 48.16
C ASN VB 150 46.93 -128.22 46.76
N SER VB 151 46.31 -127.61 45.77
CA SER VB 151 46.86 -127.55 44.43
C SER VB 151 47.26 -126.15 44.05
N GLN VB 152 47.13 -125.19 44.98
CA GLN VB 152 47.68 -123.84 44.89
C GLN VB 152 47.17 -123.06 43.68
N VAL VB 153 45.87 -122.76 43.73
CA VAL VB 153 45.14 -122.23 42.59
C VAL VB 153 44.01 -121.34 43.10
N VAL VB 154 43.85 -120.22 42.43
CA VAL VB 154 42.57 -119.53 42.49
C VAL VB 154 41.77 -119.82 41.22
N GLU VB 155 40.46 -119.91 41.42
CA GLU VB 155 39.55 -120.23 40.35
C GLU VB 155 38.44 -119.18 40.38
N LEU VB 156 38.23 -118.55 39.24
CA LEU VB 156 37.16 -117.58 39.09
C LEU VB 156 35.97 -118.23 38.42
N ARG VB 157 34.87 -118.27 39.12
CA ARG VB 157 33.68 -118.91 38.59
C ARG VB 157 32.65 -117.86 38.25
N TYR VB 158 32.15 -117.90 37.04
CA TYR VB 158 31.10 -116.97 36.67
C TYR VB 158 29.76 -117.55 37.04
N ALA VB 159 28.71 -116.78 36.79
CA ALA VB 159 27.36 -117.27 37.00
C ALA VB 159 26.85 -117.93 35.71
N ILE WB 272 19.04 -88.90 29.67
CA ILE WB 272 20.29 -89.33 30.25
C ILE WB 272 20.96 -88.20 31.00
N PRO WB 273 21.21 -88.44 32.27
CA PRO WB 273 21.87 -87.45 33.10
C PRO WB 273 23.30 -87.21 32.67
N PRO WB 274 23.88 -86.08 33.04
CA PRO WB 274 25.32 -85.89 32.85
C PRO WB 274 26.09 -86.63 33.92
N SER WB 275 27.34 -86.97 33.58
CA SER WB 275 28.19 -87.78 34.43
C SER WB 275 28.47 -87.08 35.72
N ALA WB 276 29.19 -85.97 35.58
CA ALA WB 276 29.43 -85.01 36.59
C ALA WB 276 29.87 -83.78 35.85
N ASN WB 277 30.38 -82.82 36.57
CA ASN WB 277 31.10 -81.79 35.88
C ASN WB 277 32.49 -82.29 35.60
N ASP WB 278 33.01 -81.94 34.45
CA ASP WB 278 34.44 -82.05 34.33
C ASP WB 278 35.14 -80.91 34.99
N LEU WB 279 34.43 -79.84 35.29
CA LEU WB 279 35.05 -78.82 36.10
C LEU WB 279 35.27 -79.31 37.50
N LEU WB 280 34.50 -80.32 37.92
CA LEU WB 280 34.89 -81.07 39.10
C LEU WB 280 36.26 -81.68 38.93
N LEU WB 281 36.63 -82.09 37.74
CA LEU WB 281 37.96 -82.66 37.62
C LEU WB 281 39.02 -81.59 37.76
N HIS WB 282 38.66 -80.35 37.46
CA HIS WB 282 39.61 -79.26 37.64
C HIS WB 282 39.67 -78.83 39.07
N VAL WB 283 38.53 -78.67 39.69
CA VAL WB 283 38.56 -78.21 41.05
C VAL WB 283 38.76 -79.36 41.99
N LEU WB 284 38.93 -80.55 41.45
CA LEU WB 284 39.39 -81.68 42.23
C LEU WB 284 40.73 -81.37 42.82
N GLU WB 285 41.57 -80.78 42.04
CA GLU WB 285 42.80 -80.19 42.52
C GLU WB 285 42.55 -78.71 42.72
N GLY WB 286 43.60 -78.01 43.05
CA GLY WB 286 43.40 -76.66 43.45
C GLY WB 286 43.24 -75.64 42.35
N VAL WB 287 43.03 -76.01 41.09
CA VAL WB 287 42.75 -74.94 40.15
C VAL WB 287 41.31 -74.48 40.36
N PRO WB 288 41.06 -73.19 40.30
CA PRO WB 288 39.72 -72.73 40.12
C PRO WB 288 39.24 -73.10 38.73
N PRO WB 289 37.95 -73.10 38.49
CA PRO WB 289 37.46 -73.23 37.14
C PRO WB 289 37.84 -71.99 36.35
N PRO WB 290 37.82 -72.06 35.03
CA PRO WB 290 37.96 -70.84 34.23
C PRO WB 290 36.88 -69.82 34.57
N GLY WB 291 37.30 -68.57 34.70
CA GLY WB 291 36.41 -67.48 34.98
C GLY WB 291 35.75 -67.55 36.33
N SER WB 292 36.51 -67.69 37.39
CA SER WB 292 35.87 -67.93 38.66
C SER WB 292 36.24 -66.86 39.65
N ARG WB 293 35.48 -66.80 40.72
CA ARG WB 293 35.77 -65.80 41.70
C ARG WB 293 36.14 -66.56 42.96
N ARG WB 294 37.27 -66.20 43.53
CA ARG WB 294 37.71 -66.84 44.75
C ARG WB 294 36.79 -66.44 45.87
N LEU WB 295 36.01 -67.39 46.33
CA LEU WB 295 35.14 -67.10 47.43
C LEU WB 295 35.96 -67.13 48.69
N VAL WB 296 35.88 -66.04 49.42
CA VAL WB 296 36.70 -65.83 50.59
C VAL WB 296 36.19 -66.77 51.65
N VAL WB 297 36.94 -67.84 51.89
CA VAL WB 297 36.55 -68.84 52.86
C VAL WB 297 37.18 -68.46 54.19
N SER WB 298 36.35 -68.26 55.20
CA SER WB 298 36.88 -67.89 56.50
C SER WB 298 36.44 -68.92 57.53
N GLY WB 299 37.44 -69.48 58.21
CA GLY WB 299 37.22 -70.44 59.27
C GLY WB 299 37.63 -71.86 58.96
N GLY WB 300 38.24 -72.11 57.82
CA GLY WB 300 38.45 -73.49 57.42
C GLY WB 300 39.33 -73.57 56.20
N ASP WB 301 39.61 -74.80 55.79
CA ASP WB 301 40.67 -75.07 54.83
C ASP WB 301 40.09 -75.38 53.47
N ALA WB 302 38.85 -75.07 53.27
CA ALA WB 302 38.26 -75.51 52.03
C ALA WB 302 38.31 -74.32 51.12
N ARG WB 303 38.51 -74.55 49.85
CA ARG WB 303 38.53 -73.36 49.02
C ARG WB 303 37.41 -73.41 48.01
N ALA WB 304 36.83 -72.25 47.78
CA ALA WB 304 35.59 -72.17 47.04
C ALA WB 304 35.72 -71.17 45.93
N TRP WB 305 35.16 -71.52 44.80
CA TRP WB 305 35.06 -70.62 43.68
C TRP WB 305 33.64 -70.50 43.22
N LEU WB 306 33.29 -69.26 42.93
CA LEU WB 306 32.05 -68.95 42.27
C LEU WB 306 32.32 -69.10 40.79
N SER WB 307 31.71 -70.10 40.19
CA SER WB 307 31.87 -70.24 38.75
C SER WB 307 30.75 -69.50 38.05
N ASN WB 308 29.52 -69.97 38.21
CA ASN WB 308 28.36 -69.33 37.61
C ASN WB 308 27.16 -69.64 38.49
N GLU WB 309 27.01 -68.83 39.54
CA GLU WB 309 26.13 -69.04 40.71
C GLU WB 309 26.50 -70.31 41.50
N LYS WB 310 27.33 -71.16 40.95
CA LYS WB 310 27.57 -72.48 41.48
C LYS WB 310 28.93 -72.37 42.11
N MET WB 311 28.99 -72.49 43.41
CA MET WB 311 30.32 -72.63 43.94
C MET WB 311 30.75 -74.05 43.67
N TYR WB 312 32.01 -74.16 43.35
CA TYR WB 312 32.67 -75.43 43.36
C TYR WB 312 33.57 -75.30 44.54
N VAL WB 313 33.48 -76.23 45.44
CA VAL WB 313 34.35 -76.18 46.60
C VAL WB 313 35.19 -77.44 46.62
N ARG WB 314 36.48 -77.24 46.81
CA ARG WB 314 37.37 -78.33 47.14
C ARG WB 314 37.42 -78.38 48.64
N THR WB 315 37.51 -79.58 49.16
CA THR WB 315 37.88 -79.79 50.53
C THR WB 315 38.33 -81.22 50.70
N ASN WB 316 38.67 -81.53 51.92
CA ASN WB 316 38.62 -82.92 52.33
C ASN WB 316 37.53 -83.12 53.36
N LEU WB 317 36.92 -82.05 53.86
CA LEU WB 317 35.93 -82.14 54.92
C LEU WB 317 34.60 -82.63 54.39
N THR WB 318 33.68 -82.91 55.29
CA THR WB 318 32.50 -83.66 54.89
C THR WB 318 31.30 -82.75 54.83
N ILE WB 319 30.84 -82.44 53.61
CA ILE WB 319 29.82 -81.42 53.43
C ILE WB 319 28.49 -81.92 53.98
N LEU WB 320 27.82 -81.04 54.70
CA LEU WB 320 26.63 -81.42 55.43
C LEU WB 320 25.40 -80.65 55.02
N SER WB 321 25.39 -79.33 55.17
CA SER WB 321 24.08 -78.70 55.00
C SER WB 321 23.58 -78.63 53.57
N PRO WB 322 24.27 -78.00 52.62
CA PRO WB 322 23.53 -77.59 51.43
C PRO WB 322 23.37 -78.68 50.38
N GLY WB 323 24.33 -79.54 50.12
CA GLY WB 323 24.12 -80.53 49.09
C GLY WB 323 24.39 -80.01 47.70
N TRP WB 324 25.17 -80.77 46.99
CA TRP WB 324 25.78 -80.38 45.74
C TRP WB 324 24.90 -80.82 44.61
N LEU WB 325 25.15 -80.29 43.43
CA LEU WB 325 24.65 -81.01 42.30
C LEU WB 325 25.58 -82.10 41.88
N ALA WB 326 26.86 -81.88 42.08
CA ALA WB 326 27.71 -82.99 41.71
C ALA WB 326 28.76 -83.12 42.77
N SER WB 327 29.01 -84.35 43.13
CA SER WB 327 30.04 -84.59 44.08
C SER WB 327 31.10 -85.44 43.44
N MET WB 328 32.22 -85.43 44.09
CA MET WB 328 33.46 -85.70 43.47
C MET WB 328 34.46 -85.98 44.52
N THR WB 329 35.22 -87.03 44.32
CA THR WB 329 36.37 -87.05 45.17
C THR WB 329 37.53 -87.53 44.33
N SER WB 330 38.70 -87.34 44.89
CA SER WB 330 39.93 -87.60 44.21
C SER WB 330 40.26 -89.06 44.40
N ALA WB 331 41.49 -89.40 44.08
CA ALA WB 331 41.99 -90.68 44.55
C ALA WB 331 42.20 -90.67 46.04
N ASP WB 332 42.54 -89.51 46.62
CA ASP WB 332 42.89 -89.48 48.02
C ASP WB 332 41.77 -88.95 48.91
N GLY WB 333 40.54 -88.95 48.42
CA GLY WB 333 39.50 -88.41 49.25
C GLY WB 333 39.35 -86.91 49.19
N THR WB 334 39.92 -86.27 48.19
CA THR WB 334 39.65 -84.86 48.06
C THR WB 334 38.35 -84.65 47.37
N HIS WB 335 37.44 -83.99 48.03
CA HIS WB 335 36.16 -83.81 47.42
C HIS WB 335 36.16 -82.54 46.64
N ALA WB 336 35.46 -82.61 45.54
CA ALA WB 336 34.94 -81.44 44.90
C ALA WB 336 33.42 -81.57 44.93
N TYR WB 337 32.79 -80.46 45.26
CA TYR WB 337 31.36 -80.41 45.26
C TYR WB 337 30.94 -79.23 44.41
N GLU WB 338 30.17 -79.54 43.38
CA GLU WB 338 29.51 -78.56 42.55
C GLU WB 338 28.20 -78.29 43.23
N MET WB 339 28.18 -77.17 43.93
CA MET WB 339 27.38 -76.82 45.08
C MET WB 339 26.64 -75.53 44.79
N GLN WB 340 25.40 -75.50 45.25
CA GLN WB 340 24.60 -74.35 45.13
C GLN WB 340 25.09 -73.30 46.11
N LYS WB 341 24.61 -72.08 45.95
CA LYS WB 341 25.33 -71.01 46.62
C LYS WB 341 24.90 -70.94 48.07
N SER WB 342 25.84 -71.16 48.92
CA SER WB 342 25.50 -70.82 50.27
C SER WB 342 26.40 -69.71 50.75
N PRO WB 343 25.88 -68.83 51.59
CA PRO WB 343 26.77 -68.03 52.41
C PRO WB 343 27.39 -68.82 53.54
N VAL WB 344 26.75 -69.90 53.97
CA VAL WB 344 27.09 -70.56 55.21
C VAL WB 344 27.19 -72.05 54.92
N LEU WB 345 28.30 -72.64 55.29
CA LEU WB 345 28.61 -73.98 54.88
C LEU WB 345 28.73 -74.86 56.09
N LEU WB 346 28.30 -76.09 55.94
CA LEU WB 346 28.40 -77.01 57.04
C LEU WB 346 29.25 -78.19 56.67
N VAL WB 347 30.27 -78.45 57.45
CA VAL WB 347 30.89 -79.75 57.36
C VAL WB 347 30.88 -80.38 58.72
N SER WB 348 31.06 -81.68 58.71
CA SER WB 348 31.49 -82.36 59.92
C SER WB 348 32.98 -82.49 59.80
N TRP WB 349 33.62 -82.22 60.92
CA TRP WB 349 35.06 -82.18 61.01
C TRP WB 349 35.56 -83.51 61.56
N HIS WB 350 35.13 -83.85 62.76
CA HIS WB 350 35.58 -85.08 63.38
C HIS WB 350 34.46 -85.74 64.17
N GLY WB 351 33.27 -85.77 63.61
CA GLY WB 351 32.12 -86.00 64.45
C GLY WB 351 31.68 -84.78 65.21
N LYS WB 352 32.55 -83.80 65.39
CA LYS WB 352 32.20 -82.43 65.64
C LYS WB 352 31.77 -81.82 64.31
N VAL WB 353 30.93 -80.80 64.36
CA VAL WB 353 30.38 -80.17 63.16
C VAL WB 353 30.74 -78.70 63.15
N MET WB 354 31.16 -78.21 61.99
CA MET WB 354 31.60 -76.85 61.82
C MET WB 354 30.70 -76.11 60.84
N GLN WB 355 30.20 -74.97 61.31
CA GLN WB 355 29.72 -73.91 60.44
C GLN WB 355 30.92 -73.23 59.83
N LEU WB 356 30.74 -72.67 58.64
CA LEU WB 356 31.80 -71.96 57.93
C LEU WB 356 31.21 -70.79 57.18
N LYS WB 357 31.81 -69.63 57.29
CA LYS WB 357 31.26 -68.49 56.57
C LYS WB 357 32.04 -68.29 55.29
N VAL WB 358 31.35 -67.86 54.24
CA VAL WB 358 32.03 -67.44 53.03
C VAL WB 358 31.71 -65.98 52.79
N GLU WB 359 32.52 -65.37 51.95
CA GLU WB 359 32.29 -64.01 51.50
C GLU WB 359 32.26 -64.02 49.99
N GLY WB 360 31.29 -63.33 49.42
CA GLY WB 360 31.11 -63.34 47.99
C GLY WB 360 30.57 -64.69 47.59
N LEU XB 41 34.31 -60.82 65.29
CA LEU XB 41 35.60 -61.22 64.76
C LEU XB 41 36.00 -62.61 65.26
N PRO XB 42 36.63 -63.41 64.39
CA PRO XB 42 37.07 -64.76 64.80
C PRO XB 42 38.20 -64.72 65.82
N CYS XB 43 38.54 -65.91 66.35
CA CYS XB 43 39.32 -66.01 67.57
C CYS XB 43 40.82 -65.93 67.32
N ARG XB 44 41.49 -65.13 68.15
CA ARG XB 44 42.91 -65.33 68.38
C ARG XB 44 43.06 -66.48 69.36
N VAL XB 45 42.67 -66.24 70.61
CA VAL XB 45 42.62 -67.27 71.61
C VAL XB 45 41.27 -67.94 71.52
N ASP XB 46 41.26 -69.24 71.73
CA ASP XB 46 40.01 -69.99 71.87
C ASP XB 46 39.58 -70.03 73.34
N GLY XB 47 39.49 -68.85 73.94
CA GLY XB 47 39.13 -68.71 75.33
C GLY XB 47 40.14 -69.30 76.29
N ALA XB 48 41.42 -69.23 75.96
CA ALA XB 48 42.43 -69.84 76.82
C ALA XB 48 43.70 -69.03 76.73
N CYS XB 49 44.56 -69.20 77.72
CA CYS XB 49 45.85 -68.56 77.67
C CYS XB 49 46.93 -69.56 78.09
N ASP XB 50 48.00 -69.54 77.31
CA ASP XB 50 49.11 -70.44 77.54
C ASP XB 50 49.78 -70.14 78.87
N ALA XB 51 49.69 -68.89 79.32
CA ALA XB 51 50.17 -68.53 80.65
C ALA XB 51 49.39 -69.26 81.73
N THR XB 52 48.09 -69.36 81.58
CA THR XB 52 47.29 -70.12 82.53
C THR XB 52 47.67 -71.58 82.50
N ILE XB 53 47.88 -72.08 81.29
CA ILE XB 53 48.33 -73.44 81.08
C ILE XB 53 49.61 -73.73 81.83
N ILE XB 54 50.60 -72.85 81.67
CA ILE XB 54 51.86 -73.11 82.31
C ILE XB 54 51.79 -72.87 83.80
N LYS XB 55 50.92 -71.96 84.25
CA LYS XB 55 50.63 -71.83 85.67
C LYS XB 55 50.13 -73.13 86.24
N MET XB 56 49.33 -73.86 85.45
CA MET XB 56 48.82 -75.14 85.92
C MET XB 56 49.99 -76.09 86.13
N MET XB 57 50.72 -76.39 85.01
CA MET XB 57 51.73 -77.47 85.06
C MET XB 57 52.77 -77.21 86.12
N THR XB 58 53.17 -75.93 86.27
CA THR XB 58 54.03 -75.55 87.37
C THR XB 58 53.43 -75.96 88.70
N ASP XB 59 52.19 -75.58 88.96
CA ASP XB 59 51.70 -75.77 90.31
C ASP XB 59 51.34 -77.22 90.59
N LEU XB 60 50.90 -77.94 89.58
CA LEU XB 60 50.48 -79.33 89.79
C LEU XB 60 51.64 -80.29 89.70
N ASN XB 61 52.76 -79.80 89.24
CA ASN XB 61 53.93 -80.62 89.42
C ASN XB 61 54.70 -80.18 90.65
N LYS XB 62 54.49 -78.95 91.13
CA LYS XB 62 54.82 -78.60 92.50
C LYS XB 62 54.06 -79.49 93.46
N LYS XB 63 52.82 -79.74 93.11
CA LYS XB 63 51.96 -80.70 93.77
C LYS XB 63 52.18 -82.10 93.26
N GLY XB 64 53.05 -82.26 92.28
CA GLY XB 64 53.61 -83.55 91.98
C GLY XB 64 52.80 -84.39 91.05
N ILE XB 65 51.58 -84.00 90.74
CA ILE XB 65 50.77 -84.82 89.87
C ILE XB 65 51.27 -84.60 88.45
N LYS XB 66 51.72 -85.67 87.84
CA LYS XB 66 52.77 -85.49 86.86
C LYS XB 66 52.17 -85.26 85.49
N VAL XB 67 52.55 -84.14 84.89
CA VAL XB 67 52.17 -83.81 83.53
C VAL XB 67 53.31 -84.22 82.63
N ALA XB 68 53.05 -85.10 81.69
CA ALA XB 68 53.93 -85.26 80.54
C ALA XB 68 53.41 -84.39 79.41
N SER XB 69 54.34 -83.75 78.73
CA SER XB 69 53.98 -82.83 77.66
C SER XB 69 54.93 -83.08 76.51
N VAL XB 70 54.62 -84.08 75.70
CA VAL XB 70 55.64 -84.78 74.95
C VAL XB 70 55.24 -84.88 73.50
N GLY XB 71 56.10 -84.37 72.63
CA GLY XB 71 55.80 -84.28 71.22
C GLY XB 71 54.57 -83.43 71.07
N GLN XB 72 53.48 -84.06 70.67
CA GLN XB 72 52.22 -83.35 70.68
C GLN XB 72 51.27 -83.94 71.69
N ASN XB 73 51.58 -85.10 72.22
CA ASN XB 73 50.65 -85.75 73.11
C ASN XB 73 50.94 -85.34 74.54
N TYR XB 74 49.89 -85.24 75.31
CA TYR XB 74 50.02 -84.76 76.66
C TYR XB 74 49.34 -85.75 77.57
N LEU XB 75 49.99 -86.01 78.69
CA LEU XB 75 49.65 -87.10 79.59
C LEU XB 75 49.67 -86.56 81.01
N ILE XB 76 48.79 -87.07 81.85
CA ILE XB 76 48.97 -86.89 83.28
C ILE XB 76 48.92 -88.25 83.96
N SER XB 77 49.95 -88.51 84.72
CA SER XB 77 50.00 -89.66 85.60
C SER XB 77 49.70 -89.14 86.99
N ILE XB 78 48.95 -89.94 87.73
CA ILE XB 78 48.48 -89.58 89.05
C ILE XB 78 48.67 -90.80 89.93
N PRO XB 79 49.20 -90.66 91.12
CA PRO XB 79 49.06 -91.73 92.11
C PRO XB 79 47.61 -91.90 92.48
N ALA XB 80 47.13 -93.14 92.43
CA ALA XB 80 45.75 -93.40 92.80
C ALA XB 80 45.49 -93.25 94.29
N SER XB 81 46.54 -93.21 95.09
CA SER XB 81 46.39 -93.13 96.54
C SER XB 81 45.78 -91.82 96.99
N ALA XB 82 46.06 -90.75 96.27
CA ALA XB 82 45.46 -89.48 96.61
C ALA XB 82 43.98 -89.44 96.30
N LEU XB 83 43.48 -90.37 95.50
CA LEU XB 83 42.12 -90.30 94.98
C LEU XB 83 41.21 -91.40 95.49
N PHE XB 84 41.51 -92.63 95.14
CA PHE XB 84 40.70 -93.70 95.64
C PHE XB 84 41.21 -94.09 96.99
N ALA XB 85 40.35 -94.70 97.78
CA ALA XB 85 40.85 -95.27 99.00
C ALA XB 85 41.40 -96.65 98.69
N ASP XB 86 41.86 -97.29 99.74
CA ASP XB 86 42.55 -98.56 99.70
C ASP XB 86 41.70 -99.65 99.05
N GLN XB 87 42.12 -100.06 97.85
CA GLN XB 87 41.43 -101.07 97.04
C GLN XB 87 40.00 -100.69 96.70
N SER XB 88 39.67 -99.42 96.79
CA SER XB 88 38.30 -99.05 96.58
C SER XB 88 38.25 -98.39 95.23
N PRO XB 89 37.22 -98.55 94.51
CA PRO XB 89 36.91 -97.62 93.43
C PRO XB 89 36.10 -96.46 93.96
N ARG XB 90 36.52 -95.91 95.08
CA ARG XB 90 35.71 -94.94 95.78
C ARG XB 90 36.57 -93.74 96.08
N LEU XB 91 36.11 -92.60 95.61
CA LEU XB 91 36.86 -91.37 95.72
C LEU XB 91 36.51 -90.68 97.01
N ASN XB 92 37.31 -89.69 97.37
CA ASN XB 92 36.96 -88.90 98.53
C ASN XB 92 36.61 -87.48 98.17
N TRP XB 93 36.65 -86.62 99.17
CA TRP XB 93 35.97 -85.34 99.11
C TRP XB 93 36.85 -84.26 98.50
N ALA XB 94 37.93 -83.91 99.20
CA ALA XB 94 38.75 -82.75 98.85
C ALA XB 94 39.52 -82.97 97.57
N SER XB 95 39.55 -84.21 97.09
CA SER XB 95 40.06 -84.57 95.79
C SER XB 95 39.39 -83.82 94.66
N TYR XB 96 38.13 -83.49 94.81
CA TYR XB 96 37.37 -83.03 93.67
C TYR XB 96 37.72 -81.64 93.22
N SER XB 97 38.29 -80.82 94.10
CA SER XB 97 38.91 -79.57 93.67
C SER XB 97 39.99 -79.85 92.66
N LEU XB 98 40.82 -80.84 92.96
CA LEU XB 98 41.91 -81.19 92.08
C LEU XB 98 41.39 -81.83 90.80
N LEU XB 99 40.38 -82.68 90.93
CA LEU XB 99 39.81 -83.35 89.76
C LEU XB 99 39.15 -82.37 88.82
N ASN XB 100 38.53 -81.36 89.36
CA ASN XB 100 37.85 -80.44 88.50
C ASN XB 100 38.82 -79.46 87.88
N GLU XB 101 39.91 -79.15 88.58
CA GLU XB 101 40.88 -78.28 87.93
C GLU XB 101 41.72 -79.02 86.90
N ILE XB 102 41.76 -80.35 87.00
CA ILE XB 102 42.15 -81.16 85.85
C ILE XB 102 41.25 -80.90 84.67
N ALA XB 103 39.93 -81.02 84.88
CA ALA XB 103 39.02 -80.82 83.75
C ALA XB 103 39.10 -79.40 83.21
N ALA XB 104 39.38 -78.46 84.10
CA ALA XB 104 39.64 -77.08 83.72
C ALA XB 104 40.82 -77.01 82.79
N PHE XB 105 41.85 -77.77 83.08
CA PHE XB 105 42.93 -77.80 82.14
C PHE XB 105 42.54 -78.51 80.85
N LEU XB 106 41.67 -79.50 80.97
CA LEU XB 106 41.30 -80.27 79.80
C LEU XB 106 40.55 -79.46 78.79
N LYS XB 107 39.84 -78.47 79.27
CA LYS XB 107 39.27 -77.46 78.41
C LYS XB 107 40.29 -76.64 77.66
N GLN XB 108 41.55 -76.63 78.06
CA GLN XB 108 42.46 -75.71 77.40
C GLN XB 108 42.84 -76.11 76.00
N PHE XB 109 42.46 -77.29 75.53
CA PHE XB 109 42.85 -77.65 74.18
C PHE XB 109 41.70 -78.16 73.38
N ARG XB 110 41.77 -77.93 72.10
CA ARG XB 110 40.89 -78.62 71.18
C ARG XB 110 41.41 -80.05 71.17
N LYS XB 111 40.54 -81.01 71.42
CA LYS XB 111 40.94 -82.40 71.45
C LYS XB 111 39.81 -83.31 71.00
N ILE XB 112 40.17 -84.55 70.70
CA ILE XB 112 39.26 -85.48 70.05
C ILE XB 112 38.92 -86.64 70.96
N ALA XB 113 39.93 -87.39 71.36
CA ALA XB 113 39.73 -88.60 72.12
C ALA XB 113 40.58 -88.50 73.36
N ILE XB 114 40.05 -88.99 74.46
CA ILE XB 114 40.79 -89.04 75.71
C ILE XB 114 40.80 -90.48 76.18
N THR XB 115 41.98 -91.00 76.45
CA THR XB 115 42.07 -92.34 76.98
C THR XB 115 42.47 -92.26 78.43
N VAL XB 116 41.74 -92.96 79.27
CA VAL XB 116 42.13 -93.11 80.66
C VAL XB 116 42.32 -94.58 80.95
N THR XB 117 43.44 -94.87 81.57
CA THR XB 117 43.66 -96.17 82.14
C THR XB 117 44.11 -95.98 83.57
N SER XB 118 43.94 -97.01 84.35
CA SER XB 118 44.40 -96.96 85.72
C SER XB 118 45.12 -98.25 86.01
N TYR XB 119 46.05 -98.21 86.93
CA TYR XB 119 46.74 -99.41 87.31
C TYR XB 119 46.78 -99.53 88.80
N SER XB 120 46.74 -100.75 89.27
CA SER XB 120 46.76 -100.99 90.70
C SER XB 120 47.72 -102.11 91.00
N SER XB 121 48.46 -101.94 92.09
CA SER XB 121 49.33 -102.98 92.62
C SER XB 121 48.52 -104.23 92.92
N LYS XB 122 49.13 -105.38 92.62
CA LYS XB 122 48.43 -106.65 92.61
C LYS XB 122 48.02 -107.02 94.02
N TYR XB 123 46.72 -107.20 94.21
CA TYR XB 123 46.22 -107.32 95.57
C TYR XB 123 45.66 -108.70 95.89
N VAL XB 124 44.64 -109.15 95.18
CA VAL XB 124 44.07 -110.44 95.50
C VAL XB 124 43.95 -111.33 94.27
N SER XB 125 43.21 -110.91 93.26
CA SER XB 125 42.91 -111.85 92.19
C SER XB 125 42.72 -111.10 90.90
N VAL XB 126 43.35 -111.62 89.84
CA VAL XB 126 43.65 -110.89 88.63
C VAL XB 126 42.40 -110.30 88.00
N LYS XB 127 41.31 -111.02 88.16
CA LYS XB 127 39.99 -110.52 87.92
C LYS XB 127 39.71 -109.28 88.72
N ARG XB 128 40.03 -109.25 90.01
CA ARG XB 128 39.57 -108.08 90.75
C ARG XB 128 40.52 -106.93 90.60
N GLU XB 129 41.79 -107.14 90.27
CA GLU XB 129 42.55 -105.91 90.09
C GLU XB 129 42.22 -105.30 88.74
N ARG XB 130 41.94 -106.16 87.75
CA ARG XB 130 41.26 -105.70 86.55
C ARG XB 130 40.00 -104.94 86.88
N ALA XB 131 39.18 -105.51 87.75
CA ALA XB 131 37.93 -104.89 88.08
C ALA XB 131 38.13 -103.60 88.83
N LEU XB 132 39.06 -103.57 89.76
CA LEU XB 132 39.22 -102.41 90.61
C LEU XB 132 39.74 -101.25 89.79
N THR XB 133 40.71 -101.52 88.96
CA THR XB 133 41.18 -100.52 88.04
C THR XB 133 40.12 -100.10 87.06
N LEU XB 134 39.36 -101.06 86.54
CA LEU XB 134 38.35 -100.76 85.53
C LEU XB 134 37.27 -99.89 86.09
N ALA XB 135 36.87 -100.19 87.31
CA ALA XB 135 35.88 -99.37 87.99
C ALA XB 135 36.45 -98.02 88.34
N ARG XB 136 37.71 -97.99 88.77
CA ARG XB 136 38.34 -96.74 89.16
C ARG XB 136 38.40 -95.79 87.98
N SER XB 137 38.80 -96.35 86.85
CA SER XB 137 38.84 -95.64 85.59
C SER XB 137 37.47 -95.17 85.19
N ARG XB 138 36.49 -96.05 85.23
CA ARG XB 138 35.19 -95.66 84.74
C ARG XB 138 34.52 -94.66 85.66
N VAL XB 139 34.86 -94.61 86.95
CA VAL XB 139 34.18 -93.67 87.80
C VAL XB 139 34.78 -92.28 87.67
N VAL XB 140 36.10 -92.20 87.50
CA VAL XB 140 36.60 -90.87 87.32
C VAL XB 140 36.31 -90.40 85.90
N SER XB 141 36.18 -91.33 84.96
CA SER XB 141 35.80 -91.02 83.60
C SER XB 141 34.38 -90.52 83.52
N GLU XB 142 33.49 -91.19 84.23
CA GLU XB 142 32.12 -90.74 84.35
C GLU XB 142 32.09 -89.34 84.90
N TYR XB 143 32.92 -89.08 85.93
CA TYR XB 143 32.89 -87.77 86.54
C TYR XB 143 33.36 -86.71 85.59
N LEU XB 144 34.42 -86.96 84.88
CA LEU XB 144 34.86 -85.86 84.07
C LEU XB 144 34.10 -85.76 82.77
N TRP XB 145 33.54 -86.86 82.28
CA TRP XB 145 32.63 -86.78 81.15
C TRP XB 145 31.42 -85.98 81.49
N SER XB 146 30.91 -86.18 82.68
CA SER XB 146 29.87 -85.32 83.19
C SER XB 146 30.37 -83.90 83.29
N GLN XB 147 31.63 -83.76 83.66
CA GLN XB 147 32.21 -82.45 83.75
C GLN XB 147 32.52 -81.97 82.35
N GLY XB 148 33.34 -80.94 82.25
CA GLY XB 148 33.68 -80.47 80.93
C GLY XB 148 34.57 -81.45 80.19
N VAL XB 149 34.00 -82.13 79.21
CA VAL XB 149 34.76 -82.86 78.21
C VAL XB 149 34.58 -82.25 76.86
N ASP XB 150 35.70 -81.98 76.24
CA ASP XB 150 35.72 -81.50 74.88
C ASP XB 150 36.16 -82.60 73.95
N SER XB 151 36.35 -83.79 74.49
CA SER XB 151 36.64 -84.92 73.65
C SER XB 151 35.40 -85.33 72.90
N ARG XB 152 35.61 -86.01 71.79
CA ARG XB 152 34.48 -86.70 71.22
C ARG XB 152 34.36 -88.09 71.78
N ILE XB 153 35.49 -88.68 72.12
CA ILE XB 153 35.52 -90.07 72.55
C ILE XB 153 36.29 -90.13 73.86
N ILE XB 154 35.81 -90.90 74.81
CA ILE XB 154 36.63 -91.27 75.93
C ILE XB 154 36.71 -92.79 75.98
N PHE XB 155 37.90 -93.31 75.77
CA PHE XB 155 38.18 -94.72 76.01
C PHE XB 155 38.61 -94.89 77.45
N THR XB 156 38.15 -95.94 78.10
CA THR XB 156 38.47 -96.18 79.50
C THR XB 156 38.72 -97.65 79.78
N GLN XB 157 39.80 -97.88 80.56
CA GLN XB 157 40.16 -99.16 81.13
C GLN XB 157 41.28 -99.01 82.16
N GLY XB 158 41.66 -100.14 82.73
CA GLY XB 158 42.74 -100.17 83.69
C GLY XB 158 43.13 -101.61 83.93
N LEU XB 159 44.38 -101.82 84.32
CA LEU XB 159 44.87 -103.16 84.52
C LEU XB 159 45.55 -103.30 85.88
N GLY XB 160 45.63 -104.52 86.35
CA GLY XB 160 46.15 -104.69 87.68
C GLY XB 160 47.65 -104.59 87.78
N SER XB 161 48.19 -103.39 87.51
CA SER XB 161 49.63 -103.13 87.37
C SER XB 161 50.31 -104.20 86.54
N ASP XB 162 49.68 -104.59 85.44
CA ASP XB 162 50.23 -105.61 84.57
C ASP XB 162 51.47 -105.11 83.88
N LYS XB 163 51.62 -103.81 83.86
CA LYS XB 163 52.75 -103.11 83.31
C LYS XB 163 53.18 -102.15 84.40
N PRO XB 164 53.83 -102.64 85.44
CA PRO XB 164 54.28 -101.77 86.51
C PRO XB 164 55.42 -100.91 86.00
N ILE XB 165 55.39 -99.63 86.32
CA ILE XB 165 56.46 -98.75 85.89
C ILE XB 165 57.59 -98.71 86.90
N THR XB 166 57.33 -99.19 88.10
CA THR XB 166 58.41 -99.54 89.00
C THR XB 166 58.22 -100.99 89.38
N SER XB 167 59.33 -101.64 89.65
CA SER XB 167 59.23 -102.90 90.37
C SER XB 167 59.63 -102.75 91.83
N TYR XB 168 60.04 -101.55 92.26
CA TYR XB 168 60.02 -101.28 93.69
C TYR XB 168 58.57 -101.35 94.15
N THR XB 169 58.28 -102.38 94.93
CA THR XB 169 56.93 -102.84 95.17
C THR XB 169 56.58 -102.72 96.64
N LEU XB 170 56.85 -101.52 97.18
CA LEU XB 170 56.81 -101.18 98.61
C LEU XB 170 55.56 -101.65 99.33
N GLY XB 171 54.44 -101.79 98.63
CA GLY XB 171 53.29 -102.48 99.16
C GLY XB 171 52.16 -102.53 98.15
N GLY XB 172 50.97 -102.27 98.66
CA GLY XB 172 49.80 -102.27 97.83
C GLY XB 172 49.52 -100.86 97.38
N ASP XB 173 48.60 -100.19 98.06
CA ASP XB 173 48.04 -98.97 97.53
C ASP XB 173 48.81 -97.73 97.96
N ARG XB 174 50.03 -97.88 98.46
CA ARG XB 174 50.91 -96.75 98.42
C ARG XB 174 51.96 -96.86 97.34
N SER XB 175 51.91 -97.91 96.54
CA SER XB 175 52.79 -97.99 95.39
C SER XB 175 52.38 -96.95 94.34
N PRO XB 176 53.35 -96.41 93.62
CA PRO XB 176 53.02 -95.67 92.41
C PRO XB 176 52.48 -96.54 91.29
N ASN XB 177 52.59 -97.86 91.36
CA ASN XB 177 51.92 -98.68 90.37
C ASN XB 177 50.41 -98.70 90.61
N ALA XB 178 49.98 -98.32 91.79
CA ALA XB 178 48.63 -97.84 91.99
C ALA XB 178 48.61 -96.40 91.54
N ARG XB 179 47.81 -96.14 90.50
CA ARG XB 179 47.96 -94.96 89.68
C ARG XB 179 46.82 -94.90 88.70
N VAL XB 180 46.67 -93.75 88.10
CA VAL XB 180 45.70 -93.55 87.04
C VAL XB 180 46.30 -92.55 86.08
N GLU XB 181 46.07 -92.77 84.80
CA GLU XB 181 46.80 -92.09 83.77
C GLU XB 181 45.84 -91.70 82.66
N ILE XB 182 46.05 -90.51 82.12
CA ILE XB 182 45.19 -89.96 81.09
C ILE XB 182 46.06 -89.46 79.97
N THR XB 183 45.80 -89.95 78.78
CA THR XB 183 46.50 -89.47 77.60
C THR XB 183 45.52 -88.76 76.69
N PHE XB 184 46.04 -87.77 75.99
CA PHE XB 184 45.38 -87.27 74.81
C PHE XB 184 46.46 -86.72 73.90
N ARG XB 185 46.06 -86.42 72.67
CA ARG XB 185 46.84 -85.60 71.77
C ARG XB 185 46.08 -84.31 71.53
N ARG XB 186 46.74 -83.17 71.78
CA ARG XB 186 46.09 -81.89 71.55
C ARG XB 186 45.80 -81.76 70.07
N ALA XB 187 44.53 -81.67 69.75
CA ALA XB 187 44.13 -81.63 68.35
C ALA XB 187 44.48 -80.27 67.79
N VAL XB 188 45.35 -80.27 66.79
CA VAL XB 188 45.82 -79.15 65.96
C VAL XB 188 46.08 -77.84 66.71
N UNK YB 1 22.80 -147.97 124.76
CA UNK YB 1 23.25 -146.58 124.74
C UNK YB 1 22.87 -145.87 123.44
N UNK YB 2 23.55 -146.23 122.35
CA UNK YB 2 23.37 -145.55 121.08
C UNK YB 2 22.08 -145.99 120.38
N UNK YB 3 21.95 -145.60 119.12
CA UNK YB 3 20.76 -145.96 118.35
C UNK YB 3 21.20 -146.93 117.25
N UNK YB 4 20.92 -148.22 117.45
CA UNK YB 4 21.30 -149.28 116.53
C UNK YB 4 20.17 -150.29 116.42
N UNK YB 5 19.26 -150.05 115.49
CA UNK YB 5 18.23 -151.01 115.11
C UNK YB 5 17.79 -150.69 113.69
N UNK YB 6 17.32 -151.72 112.98
CA UNK YB 6 16.61 -151.56 111.72
C UNK YB 6 15.23 -152.16 111.97
N UNK YB 7 14.38 -151.37 112.60
CA UNK YB 7 13.20 -151.85 113.30
C UNK YB 7 12.17 -150.74 113.32
N UNK YB 8 11.26 -150.82 114.27
CA UNK YB 8 10.49 -149.68 114.71
C UNK YB 8 10.98 -149.36 116.13
N UNK YB 9 12.02 -148.54 116.23
CA UNK YB 9 12.43 -148.04 117.54
C UNK YB 9 11.33 -147.17 118.14
N UNK YB 10 10.74 -146.31 117.29
CA UNK YB 10 9.43 -145.67 117.44
C UNK YB 10 9.32 -144.65 118.56
N UNK YB 11 10.26 -144.66 119.48
CA UNK YB 11 10.15 -143.87 120.70
C UNK YB 11 11.58 -143.70 121.20
N UNK YB 12 12.17 -142.57 120.86
CA UNK YB 12 13.45 -142.20 121.41
C UNK YB 12 13.38 -140.69 121.63
N UNK YB 13 12.86 -140.32 122.79
CA UNK YB 13 13.06 -138.97 123.33
C UNK YB 13 14.23 -139.05 124.31
N UNK YB 14 15.36 -139.51 123.79
CA UNK YB 14 16.50 -139.89 124.60
C UNK YB 14 17.78 -139.35 123.97
N UNK YB 15 18.75 -139.00 124.83
CA UNK YB 15 20.06 -138.53 124.41
C UNK YB 15 21.08 -139.66 124.56
N UNK YB 16 21.87 -139.87 123.51
CA UNK YB 16 22.84 -140.96 123.47
C UNK YB 16 24.09 -140.63 124.28
N UNK YB 17 24.96 -141.64 124.42
CA UNK YB 17 26.01 -141.70 125.42
C UNK YB 17 27.38 -141.25 124.89
N UNK YB 18 28.39 -141.40 125.74
CA UNK YB 18 29.77 -141.33 125.29
C UNK YB 18 30.09 -142.57 124.49
N UNK YB 19 30.84 -142.36 123.41
CA UNK YB 19 31.14 -143.37 122.39
C UNK YB 19 29.86 -144.04 121.88
N UNK YB 20 28.84 -143.24 121.64
CA UNK YB 20 27.57 -143.77 121.17
C UNK YB 20 27.49 -143.66 119.65
N UNK YB 21 27.76 -144.78 119.01
CA UNK YB 21 27.67 -144.87 117.55
C UNK YB 21 26.21 -145.10 117.17
N UNK YB 22 25.44 -144.02 117.20
CA UNK YB 22 24.02 -144.09 116.90
C UNK YB 22 23.87 -144.22 115.40
N UNK YB 23 24.01 -145.45 114.92
CA UNK YB 23 23.91 -145.79 113.50
C UNK YB 23 22.55 -146.42 113.17
N UNK YB 24 21.47 -145.70 113.44
CA UNK YB 24 20.15 -146.30 113.39
C UNK YB 24 19.64 -146.45 111.96
N UNK YB 25 18.81 -147.48 111.76
CA UNK YB 25 17.98 -147.64 110.57
C UNK YB 25 16.55 -147.99 110.99
N UNK YB 26 16.20 -147.71 112.25
CA UNK YB 26 14.91 -148.12 112.77
C UNK YB 26 13.88 -147.03 112.58
N UNK YB 27 12.61 -147.44 112.56
CA UNK YB 27 11.53 -146.48 112.49
C UNK YB 27 11.39 -145.85 113.87
N UNK YB 28 11.74 -144.56 113.96
CA UNK YB 28 11.62 -143.79 115.20
C UNK YB 28 10.54 -142.74 114.96
N UNK YB 29 9.32 -143.05 115.39
CA UNK YB 29 8.20 -142.13 115.21
C UNK YB 29 8.35 -140.92 116.09
N UNK YB 30 8.48 -141.14 117.40
CA UNK YB 30 8.85 -140.06 118.31
C UNK YB 30 10.37 -140.00 118.33
N UNK YB 31 10.92 -139.32 117.32
CA UNK YB 31 12.35 -139.22 117.16
C UNK YB 31 12.84 -137.87 117.64
N UNK YB 32 13.71 -137.90 118.65
CA UNK YB 32 14.41 -136.71 119.10
C UNK YB 32 15.75 -137.21 119.66
N UNK YB 33 16.78 -137.18 118.82
CA UNK YB 33 18.06 -137.81 119.15
C UNK YB 33 19.13 -136.74 119.32
N UNK YB 34 19.45 -136.43 120.57
CA UNK YB 34 20.56 -135.53 120.88
C UNK YB 34 21.77 -136.34 121.34
N UNK YB 35 22.41 -137.00 120.37
CA UNK YB 35 23.55 -137.87 120.64
C UNK YB 35 24.76 -137.06 121.12
N UNK YB 36 25.62 -137.71 121.91
CA UNK YB 36 26.67 -136.97 122.61
C UNK YB 36 28.07 -137.24 122.11
N UNK YB 37 28.42 -138.47 121.74
CA UNK YB 37 29.78 -138.73 121.32
C UNK YB 37 29.77 -139.89 120.36
N UNK YB 38 30.67 -139.82 119.38
CA UNK YB 38 30.81 -140.77 118.28
C UNK YB 38 29.52 -140.97 117.52
N UNK YB 39 28.75 -139.89 117.37
CA UNK YB 39 27.43 -139.98 116.74
C UNK YB 39 27.60 -140.35 115.28
N UNK YB 40 26.94 -141.43 114.88
CA UNK YB 40 27.27 -142.15 113.65
C UNK YB 40 26.03 -142.34 112.80
N UNK YB 41 25.27 -141.26 112.63
CA UNK YB 41 23.98 -141.28 111.96
C UNK YB 41 24.09 -141.64 110.48
N UNK YB 42 23.33 -142.66 110.07
CA UNK YB 42 23.13 -143.02 108.65
C UNK YB 42 21.78 -143.71 108.54
N UNK YB 43 20.76 -142.97 108.17
CA UNK YB 43 19.40 -143.49 108.22
C UNK YB 43 18.59 -143.13 106.97
N UNK YB 44 17.56 -143.94 106.73
CA UNK YB 44 16.62 -143.72 105.63
C UNK YB 44 15.21 -143.77 106.21
N UNK YB 45 14.73 -142.63 106.67
CA UNK YB 45 13.46 -142.56 107.38
C UNK YB 45 12.79 -141.20 107.17
N UNK YB 46 11.83 -140.91 108.04
CA UNK YB 46 11.14 -139.63 108.05
C UNK YB 46 10.93 -139.23 109.50
N UNK YB 47 11.70 -138.27 109.99
CA UNK YB 47 11.65 -137.84 111.37
C UNK YB 47 10.57 -136.80 111.61
N UNK YB 48 10.31 -135.98 110.60
CA UNK YB 48 9.27 -134.94 110.51
C UNK YB 48 9.48 -133.77 111.45
N UNK YB 49 10.38 -133.88 112.42
CA UNK YB 49 10.61 -132.78 113.34
C UNK YB 49 12.03 -132.78 113.87
N UNK YB 50 13.01 -133.18 113.07
CA UNK YB 50 14.35 -133.36 113.63
C UNK YB 50 14.95 -132.00 113.96
N UNK YB 51 14.94 -131.70 115.24
CA UNK YB 51 15.67 -130.58 115.79
C UNK YB 51 16.90 -131.20 116.42
N UNK YB 52 17.89 -131.45 115.58
CA UNK YB 52 19.08 -132.15 116.02
C UNK YB 52 20.09 -131.18 116.64
N UNK YB 53 20.72 -131.62 117.71
CA UNK YB 53 21.90 -130.98 118.29
C UNK YB 53 23.07 -131.94 118.11
N UNK YB 54 24.25 -131.38 117.83
CA UNK YB 54 25.40 -132.22 117.51
C UNK YB 54 26.64 -131.78 118.26
N UNK YB 55 27.25 -132.71 118.99
CA UNK YB 55 28.57 -132.57 119.59
C UNK YB 55 29.61 -133.19 118.66
N UNK YB 56 30.84 -133.37 119.17
CA UNK YB 56 31.96 -133.82 118.35
C UNK YB 56 31.81 -135.26 117.90
N UNK YB 57 32.55 -135.60 116.83
CA UNK YB 57 32.52 -136.90 116.16
C UNK YB 57 31.10 -137.26 115.71
N UNK YB 58 30.39 -136.27 115.23
CA UNK YB 58 29.05 -136.48 114.71
C UNK YB 58 29.19 -136.59 113.20
N UNK YB 59 29.48 -137.80 112.75
CA UNK YB 59 29.27 -138.16 111.36
C UNK YB 59 27.78 -138.39 111.21
N UNK YB 60 27.15 -137.57 110.38
CA UNK YB 60 25.70 -137.64 110.22
C UNK YB 60 25.39 -137.78 108.74
N UNK YB 61 24.37 -138.60 108.44
CA UNK YB 61 23.98 -138.90 107.07
C UNK YB 61 22.51 -139.34 107.10
N UNK YB 62 21.63 -138.52 106.54
CA UNK YB 62 20.21 -138.75 106.75
C UNK YB 62 19.37 -138.41 105.52
N UNK YB 63 18.21 -139.07 105.42
CA UNK YB 63 17.17 -138.79 104.43
C UNK YB 63 15.82 -138.51 105.08
N UNK YB 64 15.83 -137.90 106.26
CA UNK YB 64 14.64 -137.63 107.04
C UNK YB 64 14.50 -136.13 107.29
N UNK YB 65 13.27 -135.71 107.58
CA UNK YB 65 12.98 -134.28 107.68
C UNK YB 65 13.54 -133.69 108.96
N UNK YB 66 14.30 -132.62 108.82
CA UNK YB 66 14.82 -131.91 109.97
C UNK YB 66 14.13 -130.57 110.10
N UNK YB 67 14.13 -130.07 111.31
CA UNK YB 67 13.53 -128.79 111.56
C UNK YB 67 14.55 -127.80 112.08
N UNK YB 68 15.41 -128.23 112.98
CA UNK YB 68 16.41 -127.34 113.50
C UNK YB 68 17.72 -128.09 113.56
N UNK YB 69 18.81 -127.35 113.45
CA UNK YB 69 20.14 -127.93 113.61
C UNK YB 69 21.01 -126.99 114.42
N UNK YB 70 21.62 -127.53 115.47
CA UNK YB 70 22.49 -126.76 116.36
C UNK YB 70 23.81 -127.49 116.53
N UNK YB 71 24.89 -126.73 116.54
CA UNK YB 71 26.23 -127.28 116.51
C UNK YB 71 27.08 -126.79 117.67
N UNK YB 72 27.73 -127.73 118.37
CA UNK YB 72 28.53 -127.40 119.54
C UNK YB 72 30.02 -127.28 119.25
N UNK YB 73 30.70 -128.35 118.82
CA UNK YB 73 32.16 -128.31 118.76
C UNK YB 73 32.71 -128.43 117.35
N UNK YB 74 32.54 -129.58 116.69
CA UNK YB 74 33.09 -129.86 115.37
C UNK YB 74 32.48 -131.17 114.87
N UNK YB 75 31.86 -131.14 113.69
CA UNK YB 75 31.11 -132.29 113.22
C UNK YB 75 31.08 -132.30 111.70
N UNK YB 76 30.50 -133.37 111.15
CA UNK YB 76 30.47 -133.61 109.72
C UNK YB 76 29.08 -134.11 109.35
N UNK YB 77 28.30 -133.25 108.72
CA UNK YB 77 26.93 -133.62 108.38
C UNK YB 77 26.77 -133.83 106.87
N UNK YB 78 25.84 -134.73 106.53
CA UNK YB 78 25.46 -135.05 105.15
C UNK YB 78 24.00 -135.46 105.20
N UNK YB 79 23.11 -134.50 104.97
CA UNK YB 79 21.70 -134.72 105.26
C UNK YB 79 20.80 -134.27 104.13
N UNK YB 80 19.55 -134.72 104.17
CA UNK YB 80 18.48 -134.37 103.22
C UNK YB 80 17.16 -134.07 103.97
N UNK YB 81 16.94 -132.80 104.31
CA UNK YB 81 15.74 -132.34 104.99
C UNK YB 81 14.78 -131.62 104.03
N UNK YB 82 13.58 -131.30 104.53
CA UNK YB 82 12.60 -130.76 103.60
C UNK YB 82 11.89 -129.50 104.07
N UNK YB 83 11.53 -129.39 105.34
CA UNK YB 83 10.52 -128.42 105.72
C UNK YB 83 11.09 -127.08 106.15
N UNK YB 84 11.81 -127.05 107.26
CA UNK YB 84 12.29 -125.79 107.78
C UNK YB 84 13.61 -126.04 108.46
N UNK YB 85 14.35 -124.97 108.68
CA UNK YB 85 15.65 -125.11 109.29
C UNK YB 85 15.93 -123.84 110.06
N UNK YB 86 15.90 -123.96 111.36
CA UNK YB 86 16.49 -122.96 112.24
C UNK YB 86 17.91 -123.42 112.43
N UNK YB 87 18.87 -122.61 111.99
CA UNK YB 87 20.27 -122.99 112.01
C UNK YB 87 21.03 -122.21 113.06
N UNK YB 88 21.83 -122.91 113.87
CA UNK YB 88 22.67 -122.25 114.85
C UNK YB 88 23.94 -123.06 115.06
N UNK YB 89 25.11 -122.42 114.93
CA UNK YB 89 26.33 -123.17 114.72
C UNK YB 89 27.49 -122.68 115.58
N UNK YB 90 28.45 -123.60 115.80
CA UNK YB 90 29.78 -123.24 116.27
C UNK YB 90 30.81 -124.24 115.72
N UNK YB 91 31.65 -123.77 114.78
CA UNK YB 91 32.94 -124.36 114.43
C UNK YB 91 32.84 -125.76 113.86
N UNK YB 92 31.93 -126.01 112.94
CA UNK YB 92 31.81 -127.36 112.41
C UNK YB 92 31.73 -127.33 110.89
N UNK YB 93 31.32 -128.46 110.33
CA UNK YB 93 31.15 -128.58 108.89
C UNK YB 93 29.90 -129.39 108.60
N UNK YB 94 29.03 -128.84 107.78
CA UNK YB 94 27.80 -129.53 107.49
C UNK YB 94 27.54 -129.44 106.01
N UNK YB 95 26.94 -130.48 105.49
CA UNK YB 95 26.49 -130.51 104.12
C UNK YB 95 25.04 -130.97 104.11
N UNK YB 96 24.23 -130.27 103.31
CA UNK YB 96 22.83 -130.59 103.16
C UNK YB 96 22.51 -130.62 101.69
N UNK YB 97 21.45 -131.35 101.33
CA UNK YB 97 21.19 -131.62 99.92
C UNK YB 97 19.87 -131.06 99.40
N UNK YB 98 18.74 -131.53 99.93
CA UNK YB 98 17.46 -131.44 99.24
C UNK YB 98 16.81 -130.08 99.44
N UNK YB 99 15.67 -129.88 98.80
CA UNK YB 99 14.95 -128.61 98.85
C UNK YB 99 14.35 -128.45 100.24
N UNK YB 100 14.91 -127.54 101.02
CA UNK YB 100 14.38 -127.18 102.32
C UNK YB 100 14.26 -125.66 102.44
N UNK YB 101 13.90 -125.20 103.62
CA UNK YB 101 13.72 -123.77 103.87
C UNK YB 101 14.47 -123.40 105.14
N UNK YB 102 15.72 -122.99 104.97
CA UNK YB 102 16.44 -122.39 106.07
C UNK YB 102 15.78 -121.07 106.38
N UNK YB 103 15.09 -121.02 107.52
CA UNK YB 103 14.50 -119.78 107.93
C UNK YB 103 15.58 -118.75 108.23
N UNK YB 104 16.55 -119.13 109.04
CA UNK YB 104 17.62 -118.21 109.39
C UNK YB 104 18.88 -118.98 109.72
N UNK YB 105 20.00 -118.27 109.62
CA UNK YB 105 21.29 -118.78 110.08
C UNK YB 105 21.99 -117.69 110.90
N UNK YB 106 22.44 -118.08 112.08
CA UNK YB 106 23.17 -117.19 112.97
C UNK YB 106 24.44 -117.91 113.40
N UNK YB 107 25.59 -117.33 113.08
CA UNK YB 107 26.88 -117.97 113.32
C UNK YB 107 27.76 -117.04 114.13
N UNK YB 108 28.22 -117.52 115.28
CA UNK YB 108 29.21 -116.80 116.05
C UNK YB 108 30.60 -117.39 115.88
N UNK YB 109 30.74 -118.39 115.01
CA UNK YB 109 31.99 -119.17 114.96
C UNK YB 109 32.21 -119.68 113.54
N UNK YB 110 33.03 -120.73 113.41
CA UNK YB 110 33.58 -121.18 112.13
C UNK YB 110 32.70 -122.28 111.55
N UNK YB 111 31.91 -121.93 110.55
CA UNK YB 111 30.95 -122.86 109.97
C UNK YB 111 31.32 -123.13 108.54
N UNK YB 112 31.46 -124.40 108.20
CA UNK YB 112 31.55 -124.83 106.82
C UNK YB 112 30.18 -125.38 106.44
N UNK YB 113 29.22 -124.48 106.26
CA UNK YB 113 27.86 -124.88 105.98
C UNK YB 113 27.62 -124.90 104.50
N UNK YB 114 27.06 -126.01 104.02
CA UNK YB 114 26.80 -126.16 102.60
C UNK YB 114 25.42 -126.73 102.42
N UNK YB 115 24.81 -126.41 101.29
CA UNK YB 115 23.55 -127.01 100.89
C UNK YB 115 23.47 -126.98 99.38
N UNK YB 116 23.28 -128.14 98.78
CA UNK YB 116 23.16 -128.27 97.35
C UNK YB 116 21.87 -127.67 96.81
N UNK YB 117 20.76 -127.82 97.52
CA UNK YB 117 19.53 -127.16 97.13
C UNK YB 117 18.95 -126.52 98.37
N UNK YB 118 18.32 -125.37 98.18
CA UNK YB 118 17.61 -124.68 99.24
C UNK YB 118 16.61 -123.75 98.58
N UNK YB 119 15.33 -124.14 98.59
CA UNK YB 119 14.28 -123.29 98.04
C UNK YB 119 13.55 -122.63 99.19
N UNK YB 120 14.22 -121.67 99.80
CA UNK YB 120 13.63 -120.88 100.87
C UNK YB 120 13.21 -119.54 100.29
N UNK YB 121 12.85 -118.62 101.16
CA UNK YB 121 12.48 -117.29 100.72
C UNK YB 121 13.32 -116.18 101.32
N UNK YB 122 13.30 -116.06 102.65
CA UNK YB 122 13.96 -114.95 103.31
C UNK YB 122 15.07 -115.54 104.16
N UNK YB 123 16.21 -115.73 103.55
CA UNK YB 123 17.36 -116.24 104.27
C UNK YB 123 17.97 -115.06 104.98
N UNK YB 124 17.77 -115.00 106.27
CA UNK YB 124 18.40 -113.97 107.09
C UNK YB 124 19.60 -114.60 107.74
N UNK YB 125 20.75 -114.00 107.53
CA UNK YB 125 22.01 -114.50 108.05
C UNK YB 125 22.69 -113.43 108.85
N UNK YB 126 22.98 -113.72 110.11
CA UNK YB 126 23.79 -112.85 110.93
C UNK YB 126 25.11 -113.54 111.25
N UNK YB 127 26.20 -112.80 111.08
CA UNK YB 127 27.53 -113.38 111.15
C UNK YB 127 28.38 -112.66 112.19
N UNK YB 128 29.17 -113.46 112.91
CA UNK YB 128 30.06 -112.96 113.95
C UNK YB 128 31.41 -113.67 113.83
N UNK YB 129 32.28 -113.08 113.02
CA UNK YB 129 33.73 -113.15 112.97
C UNK YB 129 34.39 -114.39 112.34
N UNK YB 130 33.67 -115.48 112.04
CA UNK YB 130 34.49 -116.61 111.59
C UNK YB 130 33.95 -117.46 110.46
N UNK YB 131 32.64 -117.56 110.25
CA UNK YB 131 32.11 -118.61 109.41
C UNK YB 131 32.40 -118.40 107.94
N UNK YB 132 32.23 -119.46 107.18
CA UNK YB 132 32.33 -119.37 105.72
C UNK YB 132 31.35 -120.40 105.18
N UNK YB 133 30.13 -119.96 104.96
CA UNK YB 133 29.10 -120.86 104.47
C UNK YB 133 28.91 -120.62 102.99
N UNK YB 134 28.59 -121.67 102.29
CA UNK YB 134 28.35 -121.59 100.86
C UNK YB 134 27.18 -122.52 100.58
N UNK YB 135 25.99 -121.97 100.53
CA UNK YB 135 24.81 -122.73 100.17
C UNK YB 135 24.15 -122.01 99.00
N UNK YB 136 23.66 -122.78 98.03
CA UNK YB 136 23.20 -122.16 96.78
C UNK YB 136 22.22 -123.06 96.03
N UNK YB 137 20.92 -122.73 96.10
CA UNK YB 137 20.08 -122.99 94.93
C UNK YB 137 19.24 -121.81 94.45
N UNK YB 138 18.24 -121.41 95.24
CA UNK YB 138 17.20 -120.49 94.75
C UNK YB 138 16.40 -119.93 95.94
N UNK YB 139 16.55 -118.64 96.21
CA UNK YB 139 15.85 -117.98 97.32
C UNK YB 139 15.02 -116.82 96.80
N UNK YB 140 14.47 -116.05 97.73
CA UNK YB 140 13.77 -114.83 97.35
C UNK YB 140 14.36 -113.59 97.97
N UNK YB 141 14.58 -113.58 99.27
CA UNK YB 141 15.05 -112.38 99.95
C UNK YB 141 16.24 -112.80 100.78
N UNK YB 142 17.43 -112.50 100.28
CA UNK YB 142 18.64 -112.83 101.00
C UNK YB 142 19.14 -111.60 101.72
N UNK YB 143 19.07 -111.62 103.03
CA UNK YB 143 19.55 -110.50 103.82
C UNK YB 143 20.64 -110.99 104.76
N UNK YB 144 21.73 -110.24 104.84
CA UNK YB 144 22.89 -110.69 105.60
C UNK YB 144 23.49 -109.53 106.37
N UNK YB 145 23.43 -109.63 107.68
CA UNK YB 145 24.16 -108.75 108.57
C UNK YB 145 25.47 -109.43 108.91
N UNK YB 146 26.52 -109.08 108.18
CA UNK YB 146 27.84 -109.58 108.50
C UNK YB 146 28.49 -108.56 109.41
N UNK YB 147 28.13 -108.62 110.69
CA UNK YB 147 28.80 -107.81 111.69
C UNK YB 147 30.01 -108.56 112.22
N UNK YB 148 30.97 -108.75 111.34
CA UNK YB 148 31.82 -109.93 111.40
C UNK YB 148 33.24 -109.60 110.93
N UNK YB 149 34.03 -110.65 110.74
CA UNK YB 149 35.29 -110.61 110.01
C UNK YB 149 35.45 -111.85 109.16
N UNK YB 150 34.37 -112.28 108.52
CA UNK YB 150 34.30 -113.64 108.01
C UNK YB 150 34.03 -113.65 106.51
N UNK YB 151 33.77 -114.83 105.99
CA UNK YB 151 33.56 -115.02 104.57
C UNK YB 151 32.16 -115.53 104.33
N UNK YB 152 31.63 -115.20 103.17
CA UNK YB 152 30.24 -115.50 102.85
C UNK YB 152 30.21 -115.81 101.36
N UNK YB 153 30.33 -117.08 101.04
CA UNK YB 153 30.35 -117.48 99.65
C UNK YB 153 28.94 -117.80 99.17
N UNK YB 154 28.66 -117.42 97.94
CA UNK YB 154 27.37 -117.71 97.34
C UNK YB 154 27.49 -117.71 95.83
N UNK YB 155 27.17 -118.83 95.23
CA UNK YB 155 26.78 -118.91 93.83
C UNK YB 155 25.29 -119.11 93.72
N UNK YB 156 24.53 -118.37 94.55
CA UNK YB 156 23.09 -118.57 94.75
C UNK YB 156 22.29 -117.52 93.98
N UNK YB 157 21.11 -117.91 93.48
CA UNK YB 157 20.25 -117.04 92.68
C UNK YB 157 18.96 -116.69 93.43
N UNK YB 158 18.96 -115.53 94.10
CA UNK YB 158 17.75 -114.99 94.71
C UNK YB 158 17.26 -113.76 93.96
N UNK YB 159 16.00 -113.40 94.15
CA UNK YB 159 15.50 -112.22 93.47
C UNK YB 159 15.95 -110.95 94.14
N UNK YB 160 15.83 -110.86 95.46
CA UNK YB 160 16.09 -109.63 96.18
C UNK YB 160 17.15 -109.87 97.22
N UNK YB 161 18.01 -108.89 97.39
CA UNK YB 161 19.10 -109.03 98.34
C UNK YB 161 19.27 -107.74 99.11
N UNK YB 162 19.61 -107.89 100.37
CA UNK YB 162 20.05 -106.78 101.21
C UNK YB 162 21.18 -107.33 102.05
N UNK YB 163 22.40 -107.00 101.65
CA UNK YB 163 23.60 -107.50 102.30
C UNK YB 163 24.40 -106.32 102.82
N UNK YB 164 24.69 -106.32 104.11
CA UNK YB 164 25.46 -105.26 104.73
C UNK YB 164 26.59 -105.88 105.55
N UNK YB 165 27.81 -105.39 105.33
CA UNK YB 165 29.01 -105.88 106.00
C UNK YB 165 29.72 -104.78 106.76
N UNK YB 166 30.08 -105.06 108.01
CA UNK YB 166 30.49 -104.04 108.97
C UNK YB 166 31.95 -103.68 108.90
N UNK YB 167 32.87 -104.65 108.92
CA UNK YB 167 34.31 -104.35 108.95
C UNK YB 167 35.06 -105.58 108.45
N UNK YB 168 35.59 -105.48 107.23
CA UNK YB 168 36.57 -106.43 106.67
C UNK YB 168 36.04 -107.85 106.56
N UNK YB 169 34.83 -107.99 106.04
CA UNK YB 169 34.36 -109.30 105.67
C UNK YB 169 34.43 -109.44 104.16
N UNK YB 170 34.23 -110.66 103.70
CA UNK YB 170 34.33 -110.95 102.28
C UNK YB 170 33.04 -111.65 101.87
N UNK YB 171 32.33 -111.05 100.92
CA UNK YB 171 31.05 -111.59 100.52
C UNK YB 171 31.01 -111.74 99.02
N UNK YB 172 30.61 -112.92 98.58
CA UNK YB 172 30.38 -113.21 97.18
C UNK YB 172 28.91 -113.57 97.05
N UNK YB 173 28.17 -112.74 96.35
CA UNK YB 173 26.73 -112.90 96.22
C UNK YB 173 26.28 -112.81 94.77
N UNK YB 174 24.99 -113.03 94.57
CA UNK YB 174 24.35 -112.90 93.25
C UNK YB 174 22.84 -112.72 93.44
N UNK YB 175 22.25 -111.76 92.72
CA UNK YB 175 20.81 -111.43 92.83
C UNK YB 175 20.15 -111.35 91.45
N UNK YB 176 18.85 -111.62 91.40
CA UNK YB 176 18.14 -111.56 90.13
C UNK YB 176 17.52 -110.19 89.90
N UNK YB 177 16.58 -109.79 90.75
CA UNK YB 177 15.88 -108.54 90.55
C UNK YB 177 16.54 -107.37 91.25
N UNK YB 178 16.86 -107.51 92.53
CA UNK YB 178 17.34 -106.36 93.29
C UNK YB 178 18.59 -106.75 94.05
N UNK YB 179 19.63 -105.95 93.90
CA UNK YB 179 20.80 -106.04 94.75
C UNK YB 179 20.81 -104.83 95.66
N UNK YB 180 20.91 -105.09 96.95
CA UNK YB 180 21.00 -104.02 97.93
C UNK YB 180 22.26 -104.30 98.70
N UNK YB 181 23.22 -103.39 98.64
CA UNK YB 181 24.55 -103.68 99.11
C UNK YB 181 25.14 -102.51 99.87
N UNK YB 182 25.61 -102.80 101.07
CA UNK YB 182 26.28 -101.81 101.90
C UNK YB 182 27.57 -102.39 102.45
N UNK YB 183 28.68 -101.66 102.27
CA UNK YB 183 29.98 -102.12 102.73
C UNK YB 183 30.64 -101.08 103.61
N UNK YB 184 31.34 -101.54 104.64
CA UNK YB 184 32.18 -100.65 105.43
C UNK YB 184 33.48 -101.37 105.71
N UNK YB 185 34.59 -100.82 105.21
CA UNK YB 185 35.95 -101.35 105.37
C UNK YB 185 36.08 -102.80 104.90
N UNK YB 186 35.24 -103.24 103.97
CA UNK YB 186 35.12 -104.65 103.67
C UNK YB 186 35.09 -104.84 102.15
N UNK YB 187 34.92 -106.07 101.72
CA UNK YB 187 34.91 -106.38 100.30
C UNK YB 187 33.62 -107.07 99.94
N UNK YB 188 32.90 -106.49 99.03
CA UNK YB 188 31.72 -107.14 98.48
C UNK YB 188 32.11 -107.58 97.10
N UNK YB 189 32.59 -108.80 96.99
CA UNK YB 189 32.89 -109.37 95.70
C UNK YB 189 31.56 -109.70 95.06
N UNK YB 190 30.87 -108.69 94.58
CA UNK YB 190 29.51 -108.85 94.12
C UNK YB 190 29.58 -109.55 92.78
N UNK YB 191 29.57 -110.86 92.83
CA UNK YB 191 30.11 -111.69 91.77
C UNK YB 191 29.26 -111.68 90.51
N UNK YB 192 28.10 -111.09 90.53
CA UNK YB 192 27.28 -111.04 89.33
C UNK YB 192 26.60 -109.69 89.28
N UNK YB 193 25.65 -109.57 88.35
CA UNK YB 193 24.91 -108.34 88.12
C UNK YB 193 23.41 -108.57 88.29
N UNK YB 194 22.74 -107.68 89.03
CA UNK YB 194 21.30 -107.74 89.28
C UNK YB 194 20.53 -107.02 88.18
N UNK YB 195 19.20 -107.19 88.21
CA UNK YB 195 18.36 -106.36 87.36
C UNK YB 195 18.44 -104.92 87.79
N UNK YB 196 18.48 -104.67 89.09
CA UNK YB 196 18.71 -103.33 89.58
C UNK YB 196 19.63 -103.46 90.76
N UNK YB 197 20.82 -102.92 90.62
CA UNK YB 197 21.85 -103.07 91.62
C UNK YB 197 21.98 -101.75 92.35
N UNK YB 198 22.28 -101.84 93.64
CA UNK YB 198 22.48 -100.64 94.43
C UNK YB 198 23.48 -100.94 95.51
N UNK YB 199 24.39 -100.01 95.75
CA UNK YB 199 25.42 -100.22 96.75
C UNK YB 199 25.89 -98.87 97.27
N UNK YB 200 26.43 -98.88 98.47
CA UNK YB 200 27.19 -97.75 98.99
C UNK YB 200 28.34 -98.27 99.83
N UNK YB 201 29.50 -97.62 99.70
CA UNK YB 201 30.71 -98.03 100.38
C UNK YB 201 31.15 -96.96 101.36
N UNK YB 202 31.44 -97.36 102.58
CA UNK YB 202 31.83 -96.49 103.68
C UNK YB 202 33.35 -96.43 103.76
N UNK YB 203 33.87 -95.98 104.91
CA UNK YB 203 35.29 -95.79 105.15
C UNK YB 203 36.09 -97.03 104.82
N UNK YB 204 36.91 -96.90 103.78
CA UNK YB 204 37.82 -97.93 103.26
C UNK YB 204 37.09 -99.17 102.74
N UNK YB 205 35.90 -98.99 102.18
CA UNK YB 205 35.10 -100.12 101.72
C UNK YB 205 35.17 -100.26 100.21
N UNK YB 206 34.96 -101.49 99.73
CA UNK YB 206 35.08 -101.80 98.30
C UNK YB 206 34.05 -102.85 97.89
N UNK YB 207 33.06 -102.44 97.12
CA UNK YB 207 32.09 -103.37 96.57
C UNK YB 207 32.48 -103.76 95.15
N UNK YB 208 33.43 -104.68 95.09
CA UNK YB 208 33.94 -105.12 93.81
C UNK YB 208 32.87 -105.96 93.14
N UNK YB 209 32.10 -105.35 92.26
CA UNK YB 209 31.04 -106.06 91.57
C UNK YB 209 31.68 -106.99 90.55
N UNK YB 210 32.12 -108.14 91.03
CA UNK YB 210 33.04 -108.97 90.28
C UNK YB 210 32.30 -109.86 89.29
N UNK YB 211 31.69 -109.24 88.31
CA UNK YB 211 31.08 -110.03 87.25
C UNK YB 211 32.17 -110.68 86.40
N UNK YB 212 31.80 -111.75 85.73
CA UNK YB 212 32.77 -112.51 84.95
C UNK YB 212 33.03 -111.80 83.63
N UNK YB 213 34.12 -111.05 83.57
CA UNK YB 213 34.55 -110.45 82.32
C UNK YB 213 34.92 -111.54 81.33
N UNK YB 214 34.83 -111.18 80.05
CA UNK YB 214 34.92 -112.10 78.92
C UNK YB 214 33.92 -113.24 79.06
N UNK YB 215 32.66 -112.88 78.95
CA UNK YB 215 31.65 -113.88 78.78
C UNK YB 215 31.51 -114.22 77.30
N UNK YB 216 30.51 -115.04 76.97
CA UNK YB 216 30.19 -115.23 75.57
C UNK YB 216 29.01 -114.38 75.15
N UNK YB 217 28.06 -114.13 76.06
CA UNK YB 217 27.09 -113.05 75.91
C UNK YB 217 26.63 -112.57 77.28
N UNK YB 218 27.36 -111.64 77.88
CA UNK YB 218 26.85 -110.96 79.06
C UNK YB 218 26.28 -109.64 78.62
N UNK YB 219 25.00 -109.41 78.91
CA UNK YB 219 24.41 -108.12 78.65
C UNK YB 219 25.02 -107.08 79.56
N UNK YB 220 25.20 -105.87 79.05
CA UNK YB 220 25.91 -104.85 79.80
C UNK YB 220 24.98 -104.10 80.73
N UNK YB 221 25.57 -103.21 81.53
CA UNK YB 221 24.83 -102.44 82.53
C UNK YB 221 23.99 -101.40 81.83
N UNK YB 222 22.68 -101.42 82.07
CA UNK YB 222 21.76 -100.55 81.35
C UNK YB 222 21.73 -99.17 82.01
N UNK YB 223 20.96 -98.26 81.42
CA UNK YB 223 20.80 -96.93 81.96
C UNK YB 223 20.09 -96.95 83.29
N UNK YB 224 19.19 -97.88 83.47
CA UNK YB 224 18.65 -98.12 84.78
C UNK YB 224 19.65 -98.80 85.70
N UNK YB 225 20.61 -99.54 85.17
CA UNK YB 225 21.60 -100.17 86.00
C UNK YB 225 22.89 -99.39 86.04
N UNK YB 226 22.90 -98.19 85.46
CA UNK YB 226 24.12 -97.39 85.35
C UNK YB 226 24.42 -96.79 86.71
N UNK YB 227 25.39 -97.39 87.39
CA UNK YB 227 25.88 -96.89 88.65
C UNK YB 227 27.28 -96.34 88.48
N UNK YB 228 27.80 -95.75 89.54
CA UNK YB 228 29.21 -95.44 89.59
C UNK YB 228 29.94 -96.61 90.21
N UNK ZB 1 22.37 -135.79 89.62
CA UNK ZB 1 23.19 -134.78 88.97
C UNK ZB 1 22.56 -133.42 89.17
N UNK ZB 2 21.27 -133.42 89.45
CA UNK ZB 2 20.55 -132.20 89.73
C UNK ZB 2 19.57 -132.46 90.86
N UNK ZB 3 19.41 -131.46 91.72
CA UNK ZB 3 18.30 -131.47 92.65
C UNK ZB 3 17.15 -130.84 91.88
N UNK ZB 4 16.55 -131.65 91.02
CA UNK ZB 4 15.71 -131.20 89.94
C UNK ZB 4 14.24 -131.34 90.34
N UNK ZB 5 13.39 -130.69 89.58
CA UNK ZB 5 11.96 -130.83 89.75
C UNK ZB 5 11.35 -131.51 88.54
N UNK ZB 6 10.30 -132.30 88.78
CA UNK ZB 6 9.52 -132.92 87.73
C UNK ZB 6 8.50 -131.96 87.12
N UNK ZB 7 8.53 -130.69 87.53
CA UNK ZB 7 7.67 -129.64 87.00
C UNK ZB 7 8.21 -129.19 85.65
N UNK ZB 8 7.73 -128.05 85.17
CA UNK ZB 8 8.14 -127.58 83.84
C UNK ZB 8 9.57 -127.05 83.88
N UNK ZB 9 10.53 -127.97 84.03
CA UNK ZB 9 11.95 -127.78 83.73
C UNK ZB 9 12.65 -126.72 84.61
N UNK ZB 10 12.62 -126.93 85.93
CA UNK ZB 10 13.41 -126.15 86.87
C UNK ZB 10 14.22 -127.09 87.74
N UNK ZB 11 15.43 -126.66 88.13
CA UNK ZB 11 16.33 -127.54 88.86
C UNK ZB 11 17.38 -126.75 89.62
N UNK ZB 12 17.51 -127.05 90.91
CA UNK ZB 12 18.86 -126.95 91.44
C UNK ZB 12 19.68 -128.05 90.78
N UNK ZB 13 20.98 -127.80 90.64
CA UNK ZB 13 21.76 -128.71 89.83
C UNK ZB 13 23.19 -128.74 90.31
N UNK ZB 14 23.75 -129.95 90.36
CA UNK ZB 14 24.96 -130.18 91.12
C UNK ZB 14 26.13 -130.48 90.20
N UNK ZB 15 26.30 -129.67 89.16
CA UNK ZB 15 27.51 -129.80 88.34
C UNK ZB 15 28.72 -129.24 89.07
N UNK ZB 16 28.83 -127.92 89.15
CA UNK ZB 16 29.72 -127.25 90.09
C UNK ZB 16 28.92 -126.33 90.99
N UNK ZB 17 28.17 -125.42 90.40
CA UNK ZB 17 27.10 -124.69 91.04
C UNK ZB 17 26.13 -124.34 89.94
N UNK ZB 18 25.04 -125.08 89.80
CA UNK ZB 18 24.25 -124.96 88.59
C UNK ZB 18 22.77 -124.88 88.92
N UNK ZB 19 22.02 -124.21 88.05
CA UNK ZB 19 20.56 -124.13 88.17
C UNK ZB 19 20.02 -124.59 86.82
N UNK ZB 20 19.78 -125.89 86.70
CA UNK ZB 20 19.38 -126.46 85.42
C UNK ZB 20 17.90 -126.19 85.20
N UNK ZB 21 17.60 -125.23 84.33
CA UNK ZB 21 16.23 -124.90 84.00
C UNK ZB 21 16.09 -124.78 82.50
N UNK ZB 22 15.11 -125.51 81.95
CA UNK ZB 22 14.78 -125.39 80.53
C UNK ZB 22 13.45 -124.66 80.39
N UNK ZB 23 12.91 -124.58 79.17
CA UNK ZB 23 11.85 -123.63 78.84
C UNK ZB 23 10.44 -124.22 78.77
N UNK ZB 24 10.31 -125.53 78.49
CA UNK ZB 24 9.05 -126.29 78.48
C UNK ZB 24 8.05 -125.75 77.46
N UNK ZB 25 8.56 -125.18 76.36
CA UNK ZB 25 7.74 -124.82 75.22
C UNK ZB 25 8.19 -125.53 73.95
N UNK ZB 26 9.50 -125.70 73.76
CA UNK ZB 26 10.01 -126.64 72.79
C UNK ZB 26 10.31 -128.00 73.41
N UNK ZB 27 10.27 -128.10 74.74
CA UNK ZB 27 10.34 -129.34 75.53
C UNK ZB 27 11.64 -130.12 75.29
N UNK ZB 28 12.76 -129.49 75.66
CA UNK ZB 28 14.06 -130.16 75.62
C UNK ZB 28 14.49 -130.62 77.02
N UNK ZB 29 13.61 -131.38 77.66
CA UNK ZB 29 13.84 -131.84 79.04
C UNK ZB 29 14.43 -133.25 79.05
N UNK ZB 30 15.59 -133.40 78.43
CA UNK ZB 30 16.27 -134.69 78.42
C UNK ZB 30 17.24 -134.87 79.59
N UNK ZB 31 17.46 -133.79 80.35
CA UNK ZB 31 18.35 -133.77 81.53
C UNK ZB 31 19.78 -134.19 81.19
N UNK ZB 32 20.31 -133.68 80.09
CA UNK ZB 32 21.73 -133.83 79.77
C UNK ZB 32 22.18 -132.55 79.08
N UNK ZB 33 22.56 -131.55 79.88
CA UNK ZB 33 22.92 -130.23 79.37
C UNK ZB 33 23.99 -129.65 80.28
N UNK ZB 34 24.78 -128.74 79.71
CA UNK ZB 34 26.00 -128.23 80.35
C UNK ZB 34 25.91 -126.71 80.47
N UNK ZB 35 25.69 -126.23 81.69
CA UNK ZB 35 25.58 -124.80 81.94
C UNK ZB 35 26.86 -124.29 82.62
N UNK ZB 36 27.43 -123.21 82.07
CA UNK ZB 36 28.63 -122.60 82.65
C UNK ZB 36 28.51 -121.08 82.67
N UNK ZB 37 29.34 -120.45 83.48
CA UNK ZB 37 29.19 -119.03 83.86
C UNK ZB 37 30.05 -118.08 83.00
N UNK ZB 38 29.97 -118.19 81.69
CA UNK ZB 38 30.42 -117.12 80.79
C UNK ZB 38 29.41 -116.98 79.67
N UNK ZB 39 28.14 -117.19 79.99
CA UNK ZB 39 27.00 -117.26 79.07
C UNK ZB 39 27.21 -118.31 77.98
N UNK ZB 40 27.37 -119.55 78.43
CA UNK ZB 40 27.47 -120.71 77.54
C UNK ZB 40 26.73 -121.89 78.19
N UNK ZB 41 25.63 -122.30 77.55
CA UNK ZB 41 24.86 -123.47 77.98
C UNK ZB 41 24.70 -124.41 76.79
N UNK ZB 42 25.54 -125.44 76.74
CA UNK ZB 42 25.50 -126.42 75.67
C UNK ZB 42 24.48 -127.49 76.01
N UNK ZB 43 23.31 -127.39 75.40
CA UNK ZB 43 22.27 -128.42 75.51
C UNK ZB 43 22.36 -129.33 74.28
N UNK ZB 44 21.35 -130.18 74.09
CA UNK ZB 44 21.43 -131.22 73.06
C UNK ZB 44 20.69 -130.85 71.78
N UNK ZB 45 19.35 -130.78 71.82
CA UNK ZB 45 18.56 -130.57 70.61
C UNK ZB 45 18.66 -129.13 70.11
N UNK ZB 46 18.52 -128.17 71.00
CA UNK ZB 46 18.63 -126.75 70.69
C UNK ZB 46 19.27 -126.06 71.90
N UNK ZB 47 19.11 -124.75 71.99
CA UNK ZB 47 19.53 -124.00 73.17
C UNK ZB 47 18.33 -123.77 74.08
N UNK ZB 48 18.50 -124.09 75.37
CA UNK ZB 48 17.42 -124.02 76.34
C UNK ZB 48 17.86 -123.23 77.57
N UNK ZB 49 16.91 -122.52 78.18
CA UNK ZB 49 17.19 -121.65 79.32
C UNK ZB 49 15.93 -121.46 80.14
N UNK ZB 50 16.07 -120.70 81.24
CA UNK ZB 50 14.94 -120.43 82.12
C UNK ZB 50 14.04 -119.34 81.52
N UNK ZB 51 12.86 -119.18 82.12
CA UNK ZB 51 11.81 -118.31 81.58
C UNK ZB 51 12.17 -116.86 81.87
N UNK ZB 52 12.42 -116.10 80.80
CA UNK ZB 52 12.70 -114.66 80.90
C UNK ZB 52 12.12 -113.89 79.73
N UNK AC 1 47.83 -66.28 74.35
CA UNK AC 1 48.01 -66.16 72.90
C UNK AC 1 49.15 -67.05 72.46
N UNK AC 2 50.34 -66.47 72.47
CA UNK AC 2 51.60 -67.19 72.49
C UNK AC 2 52.45 -66.57 73.59
N UNK AC 3 51.81 -65.67 74.35
CA UNK AC 3 52.50 -64.75 75.21
C UNK AC 3 52.89 -65.44 76.50
N UNK AC 4 54.12 -65.16 76.94
CA UNK AC 4 54.76 -65.67 78.14
C UNK AC 4 55.03 -67.17 78.09
N UNK AC 5 54.63 -67.88 77.04
CA UNK AC 5 55.06 -69.26 76.89
C UNK AC 5 56.52 -69.25 76.49
N UNK AC 6 56.78 -68.67 75.33
CA UNK AC 6 58.01 -67.98 75.03
C UNK AC 6 57.63 -66.97 73.97
N UNK AC 7 58.59 -66.52 73.19
CA UNK AC 7 58.26 -65.64 72.10
C UNK AC 7 57.41 -66.38 71.06
N UNK AC 8 56.49 -65.66 70.44
CA UNK AC 8 55.72 -66.23 69.35
C UNK AC 8 56.66 -66.47 68.20
N UNK AC 9 57.19 -67.69 68.12
CA UNK AC 9 58.34 -67.95 67.27
C UNK AC 9 57.95 -67.87 65.81
N UNK AC 10 57.15 -68.79 65.35
CA UNK AC 10 56.52 -68.60 64.07
C UNK AC 10 55.06 -68.31 64.36
N UNK AC 11 54.27 -68.19 63.31
CA UNK AC 11 52.83 -68.22 63.43
C UNK AC 11 52.43 -69.28 62.42
N UNK AC 12 52.30 -70.51 62.88
CA UNK AC 12 52.38 -71.66 62.01
C UNK AC 12 51.19 -71.68 61.08
N UNK AC 13 51.48 -71.69 59.79
CA UNK AC 13 50.44 -71.83 58.81
C UNK AC 13 49.83 -73.21 58.91
N UNK AC 14 48.57 -73.28 58.49
CA UNK AC 14 47.69 -74.41 58.75
C UNK AC 14 47.62 -74.73 60.24
N UNK AC 15 47.64 -73.68 61.06
CA UNK AC 15 47.67 -73.84 62.50
C UNK AC 15 47.35 -72.51 63.16
N UNK AC 16 47.57 -72.48 64.46
CA UNK AC 16 47.53 -71.27 65.26
C UNK AC 16 48.88 -70.58 65.15
N UNK AC 17 49.16 -69.66 66.06
CA UNK AC 17 50.51 -69.15 66.18
C UNK AC 17 51.41 -70.22 66.81
N UNK AC 18 52.71 -69.94 66.80
CA UNK AC 18 53.70 -70.84 67.40
C UNK AC 18 54.54 -70.05 68.39
N UNK AC 19 54.29 -70.24 69.67
CA UNK AC 19 55.20 -69.72 70.66
C UNK AC 19 56.52 -70.48 70.60
N UNK AC 20 57.57 -69.89 71.15
CA UNK AC 20 58.85 -70.59 71.16
C UNK AC 20 58.96 -71.57 72.31
N UNK AC 21 57.89 -71.75 73.08
CA UNK AC 21 57.79 -72.88 73.98
C UNK AC 21 57.11 -74.04 73.29
N UNK AC 22 55.93 -73.84 72.72
CA UNK AC 22 55.19 -74.91 72.06
C UNK AC 22 54.29 -74.30 71.00
N UNK AC 23 53.48 -75.16 70.35
CA UNK AC 23 52.50 -74.70 69.39
C UNK AC 23 51.44 -73.93 70.14
N UNK AC 24 51.26 -72.67 69.79
CA UNK AC 24 50.50 -71.79 70.64
C UNK AC 24 49.01 -71.92 70.38
N UNK AC 25 48.24 -71.16 71.15
CA UNK AC 25 46.79 -71.19 71.05
C UNK AC 25 46.22 -70.02 70.27
N UNK AC 26 47.02 -68.99 70.03
CA UNK AC 26 46.56 -67.84 69.26
C UNK AC 26 46.34 -68.26 67.82
N UNK AC 27 45.08 -68.40 67.43
CA UNK AC 27 44.73 -68.93 66.13
C UNK AC 27 45.21 -67.98 65.03
N UNK AC 28 45.90 -68.52 64.04
CA UNK AC 28 46.65 -67.67 63.12
C UNK AC 28 45.78 -67.12 62.00
N UNK AC 29 45.24 -67.97 61.16
CA UNK AC 29 44.75 -67.55 59.85
C UNK AC 29 43.25 -67.28 59.86
N UNK AC 30 42.80 -66.55 58.85
CA UNK AC 30 41.38 -66.51 58.58
C UNK AC 30 40.91 -67.83 58.02
N UNK AC 31 41.79 -68.55 57.35
CA UNK AC 31 41.48 -69.90 56.90
C UNK AC 31 41.77 -70.90 58.00
N UNK AC 32 42.22 -70.44 59.16
CA UNK AC 32 42.44 -71.35 60.25
C UNK AC 32 41.11 -71.75 60.86
N UNK AC 33 41.11 -72.86 61.60
CA UNK AC 33 39.88 -73.40 62.18
C UNK AC 33 39.63 -72.77 63.54
N UNK AC 34 39.45 -71.47 63.52
CA UNK AC 34 38.77 -70.79 64.61
C UNK AC 34 37.36 -71.35 64.65
N UNK AC 35 36.87 -71.60 65.85
CA UNK AC 35 35.60 -72.33 66.02
C UNK AC 35 34.43 -71.42 65.67
N UNK AC 36 33.78 -71.73 64.55
CA UNK AC 36 32.59 -71.03 64.13
C UNK AC 36 31.35 -71.84 64.46
N UNK AC 37 30.46 -71.24 65.25
CA UNK AC 37 29.18 -71.85 65.54
C UNK AC 37 28.03 -70.85 65.53
N UNK AC 38 28.29 -69.58 65.24
CA UNK AC 38 27.23 -68.57 65.29
C UNK AC 38 27.36 -67.63 64.10
N UNK AC 39 26.70 -67.98 63.00
CA UNK AC 39 26.58 -67.05 61.90
C UNK AC 39 25.67 -65.90 62.29
N UNK AC 40 25.81 -64.78 61.58
CA UNK AC 40 24.97 -63.61 61.87
C UNK AC 40 24.70 -62.88 60.57
N UNK AC 41 23.59 -63.21 59.91
CA UNK AC 41 23.28 -62.61 58.63
C UNK AC 41 21.79 -62.74 58.34
N UNK AC 42 21.38 -62.08 57.27
CA UNK AC 42 20.01 -62.20 56.80
C UNK AC 42 19.94 -63.35 55.81
N UNK AC 43 18.92 -64.19 55.99
CA UNK AC 43 18.69 -65.41 55.22
C UNK AC 43 19.90 -66.36 55.27
N UNK AC 44 20.67 -66.24 56.35
CA UNK AC 44 21.74 -67.16 56.65
C UNK AC 44 21.14 -68.48 57.06
N UNK AC 45 21.79 -69.56 56.67
CA UNK AC 45 21.39 -70.96 56.81
C UNK AC 45 20.14 -71.28 55.99
N UNK AC 46 19.45 -70.28 55.46
CA UNK AC 46 18.72 -70.42 54.24
C UNK AC 46 19.71 -70.06 53.16
N UNK AC 47 19.29 -70.12 51.92
CA UNK AC 47 20.04 -69.35 50.95
C UNK AC 47 19.89 -67.89 51.29
N UNK AC 48 20.94 -67.12 51.04
CA UNK AC 48 20.95 -65.72 51.41
C UNK AC 48 20.04 -64.91 50.50
N UNK AC 49 20.16 -63.60 50.55
CA UNK AC 49 19.20 -62.73 49.88
C UNK AC 49 19.41 -62.76 48.37
N UNK AC 50 18.39 -63.20 47.64
CA UNK AC 50 18.31 -62.85 46.22
C UNK AC 50 18.10 -61.35 46.16
N UNK AC 51 19.16 -60.61 45.90
CA UNK AC 51 19.12 -59.17 46.12
C UNK AC 51 18.44 -58.39 45.01
N UNK AC 52 17.55 -59.02 44.24
CA UNK AC 52 16.92 -58.41 43.08
C UNK AC 52 15.90 -57.32 43.41
N UNK AC 53 15.34 -57.29 44.62
CA UNK AC 53 14.24 -56.38 44.92
C UNK AC 53 14.65 -55.29 45.90
N UNK AC 54 13.64 -54.57 46.43
CA UNK AC 54 13.83 -53.55 47.48
C UNK AC 54 12.57 -53.44 48.35
N UNK AC 55 12.64 -53.97 49.57
CA UNK AC 55 11.51 -53.89 50.50
C UNK AC 55 12.06 -53.88 51.93
N UNK AC 56 11.17 -53.65 52.90
CA UNK AC 56 11.57 -53.82 54.29
C UNK AC 56 11.88 -55.27 54.57
N UNK AC 57 10.96 -56.16 54.20
CA UNK AC 57 11.30 -57.57 54.17
C UNK AC 57 12.21 -57.87 52.99
N UNK AC 58 12.97 -58.94 53.12
CA UNK AC 58 13.92 -59.34 52.09
C UNK AC 58 13.58 -60.74 51.65
N UNK AC 59 13.72 -61.01 50.36
CA UNK AC 59 13.52 -62.34 49.84
C UNK AC 59 14.85 -63.07 49.79
N UNK AC 60 14.84 -64.33 50.17
CA UNK AC 60 16.04 -65.13 50.08
C UNK AC 60 16.32 -65.50 48.63
N UNK AC 61 17.51 -66.05 48.40
CA UNK AC 61 17.72 -66.76 47.15
C UNK AC 61 16.94 -68.06 47.12
N UNK AC 62 16.58 -68.58 48.29
CA UNK AC 62 15.58 -69.61 48.40
C UNK AC 62 14.18 -69.04 48.48
N UNK AC 63 14.03 -67.73 48.23
CA UNK AC 63 12.75 -67.03 48.19
C UNK AC 63 11.98 -67.13 49.50
N UNK AC 64 12.69 -67.20 50.60
CA UNK AC 64 12.08 -67.12 51.90
C UNK AC 64 12.08 -65.66 52.31
N UNK AC 65 11.02 -65.24 52.97
CA UNK AC 65 10.91 -63.85 53.38
C UNK AC 65 11.72 -63.63 54.64
N UNK AC 66 12.68 -62.72 54.58
CA UNK AC 66 13.45 -62.38 55.76
C UNK AC 66 12.59 -61.50 56.65
N UNK AC 67 11.66 -62.14 57.36
CA UNK AC 67 10.85 -61.41 58.30
C UNK AC 67 11.67 -60.97 59.49
N UNK AC 68 12.71 -61.71 59.82
CA UNK AC 68 13.67 -61.25 60.81
C UNK AC 68 14.45 -60.04 60.34
N UNK AC 69 14.51 -59.82 59.03
CA UNK AC 69 15.13 -58.64 58.50
C UNK AC 69 14.09 -57.74 57.86
N UNK AC 70 12.86 -57.78 58.35
CA UNK AC 70 11.82 -56.96 57.77
C UNK AC 70 11.69 -55.62 58.48
N LYS BC 24 5.19 -69.16 106.17
CA LYS BC 24 6.12 -69.27 105.05
C LYS BC 24 5.95 -70.59 104.33
N PHE BC 25 5.50 -70.55 103.08
CA PHE BC 25 5.15 -71.76 102.36
C PHE BC 25 5.84 -71.80 101.01
N LYS BC 26 6.07 -73.01 100.50
CA LYS BC 26 6.78 -73.16 99.25
C LYS BC 26 6.48 -74.49 98.59
N LYS BC 27 6.31 -74.45 97.28
CA LYS BC 27 6.31 -75.67 96.50
C LYS BC 27 7.74 -76.13 96.29
N PRO BC 28 8.00 -77.44 96.29
CA PRO BC 28 9.37 -77.92 96.39
C PRO BC 28 10.20 -77.67 95.13
N PRO BC 29 9.81 -78.14 93.91
CA PRO BC 29 10.81 -78.08 92.85
C PRO BC 29 10.91 -76.70 92.23
N ILE BC 30 12.00 -76.04 92.56
CA ILE BC 30 12.25 -74.68 92.16
C ILE BC 30 13.46 -74.70 91.25
N ASN BC 31 13.22 -74.64 89.94
CA ASN BC 31 14.28 -74.82 88.96
C ASN BC 31 14.92 -73.50 88.58
N ASN BC 32 15.67 -73.53 87.51
CA ASN BC 32 16.13 -72.31 86.92
C ASN BC 32 15.03 -71.72 86.04
N PRO BC 33 15.09 -70.42 85.79
CA PRO BC 33 14.13 -69.83 84.85
C PRO BC 33 14.32 -70.40 83.45
N SER BC 34 13.20 -70.58 82.77
CA SER BC 34 13.18 -71.17 81.45
C SER BC 34 12.93 -70.09 80.40
N ASP BC 35 12.66 -70.52 79.16
CA ASP BC 35 12.07 -69.61 78.20
C ASP BC 35 11.11 -70.35 77.28
N ASP BC 36 10.23 -69.55 76.68
CA ASP BC 36 9.18 -70.05 75.80
C ASP BC 36 9.73 -70.81 74.62
N ALA BC 37 10.90 -70.41 74.18
CA ALA BC 37 11.55 -71.07 73.07
C ALA BC 37 11.80 -72.52 73.38
N THR BC 38 12.54 -72.79 74.45
CA THR BC 38 12.79 -74.18 74.74
C THR BC 38 11.57 -74.87 75.24
N ILE BC 39 10.59 -74.11 75.66
CA ILE BC 39 9.33 -74.69 76.02
C ILE BC 39 8.64 -75.27 74.79
N LYS BC 40 8.44 -74.45 73.75
CA LYS BC 40 7.73 -74.86 72.55
C LYS BC 40 8.50 -75.90 71.82
N LEU BC 41 9.82 -75.88 71.98
CA LEU BC 41 10.60 -77.03 71.59
C LEU BC 41 10.19 -78.28 72.30
N ALA BC 42 9.96 -78.19 73.59
CA ALA BC 42 9.71 -79.41 74.33
C ALA BC 42 8.37 -80.01 73.95
N GLU BC 43 7.34 -79.18 73.83
CA GLU BC 43 6.12 -79.88 73.45
C GLU BC 43 6.10 -80.22 71.98
N ALA BC 44 6.93 -79.59 71.15
CA ALA BC 44 7.21 -80.21 69.85
C ALA BC 44 7.71 -81.63 70.03
N ALA BC 45 8.68 -81.77 70.91
CA ALA BC 45 9.43 -83.00 71.00
C ALA BC 45 8.57 -84.13 71.52
N VAL BC 46 7.66 -83.83 72.42
CA VAL BC 46 6.95 -84.93 73.01
C VAL BC 46 5.94 -85.48 72.03
N SER BC 47 5.43 -84.62 71.18
CA SER BC 47 4.46 -84.99 70.19
C SER BC 47 5.11 -85.84 69.12
N VAL BC 48 6.30 -85.43 68.71
CA VAL BC 48 6.94 -86.28 67.74
C VAL BC 48 7.40 -87.56 68.38
N SER BC 49 7.70 -87.51 69.68
CA SER BC 49 8.23 -88.63 70.39
C SER BC 49 7.22 -89.74 70.47
N ASP BC 50 6.04 -89.41 70.94
CA ASP BC 50 5.09 -90.48 71.09
C ASP BC 50 4.48 -90.92 69.78
N SER BC 51 4.42 -89.99 68.82
CA SER BC 51 4.11 -90.42 67.47
C SER BC 51 5.08 -91.47 66.99
N MET BC 52 6.36 -91.26 67.21
CA MET BC 52 7.27 -92.25 66.69
C MET BC 52 7.34 -93.44 67.61
N LEU BC 53 6.86 -93.27 68.82
CA LEU BC 53 6.80 -94.38 69.75
C LEU BC 53 5.80 -95.40 69.26
N GLU BC 54 4.57 -94.96 69.10
CA GLU BC 54 3.55 -95.84 68.55
C GLU BC 54 3.88 -96.33 67.17
N MET BC 55 4.56 -95.50 66.39
CA MET BC 55 5.19 -95.96 65.18
C MET BC 55 6.01 -97.19 65.42
N ALA BC 56 6.96 -97.09 66.33
CA ALA BC 56 7.89 -98.18 66.58
C ALA BC 56 7.17 -99.43 67.01
N LYS BC 57 6.13 -99.25 67.81
CA LYS BC 57 5.23 -100.33 68.15
C LYS BC 57 4.64 -100.96 66.91
N VAL BC 58 4.19 -100.13 65.98
CA VAL BC 58 3.36 -100.74 64.98
C VAL BC 58 4.22 -101.45 63.98
N GLU BC 59 5.46 -101.01 63.81
CA GLU BC 59 6.32 -101.85 63.00
C GLU BC 59 6.78 -103.09 63.72
N LYS BC 60 7.06 -102.99 65.02
CA LYS BC 60 7.58 -104.18 65.65
C LYS BC 60 6.53 -105.23 65.85
N VAL BC 61 5.27 -104.88 65.62
CA VAL BC 61 4.22 -105.87 65.57
C VAL BC 61 3.79 -106.24 64.16
N ILE BC 62 3.92 -105.35 63.17
CA ILE BC 62 3.64 -105.80 61.81
C ILE BC 62 4.73 -106.74 61.34
N THR BC 63 5.91 -106.62 61.91
CA THR BC 63 7.03 -107.43 61.51
C THR BC 63 7.63 -108.00 62.78
N PRO BC 64 7.78 -109.31 62.85
CA PRO BC 64 8.43 -109.92 63.97
C PRO BC 64 9.93 -109.88 63.76
N PRO BC 65 10.67 -109.28 64.66
CA PRO BC 65 12.14 -109.32 64.58
C PRO BC 65 12.65 -110.69 64.97
N SER BC 66 13.31 -111.36 64.02
CA SER BC 66 13.70 -112.75 64.26
C SER BC 66 15.04 -112.85 64.96
N LYS BC 67 16.07 -112.17 64.46
CA LYS BC 67 17.43 -112.38 64.95
C LYS BC 67 18.04 -111.09 65.47
N ASP BC 68 19.32 -111.16 65.81
CA ASP BC 68 20.02 -110.00 66.32
C ASP BC 68 21.32 -109.76 65.60
N ASN BC 69 22.16 -108.90 66.17
CA ASN BC 69 23.50 -108.76 65.67
C ASN BC 69 24.53 -109.22 66.68
N THR BC 70 24.12 -109.73 67.82
CA THR BC 70 25.13 -110.24 68.71
C THR BC 70 25.69 -111.57 68.24
N LEU BC 71 24.98 -112.26 67.37
CA LEU BC 71 25.55 -113.47 66.80
C LEU BC 71 26.71 -113.16 65.89
N THR BC 72 26.61 -112.09 65.14
CA THR BC 72 27.70 -111.71 64.29
C THR BC 72 28.63 -110.75 64.99
N ILE BC 73 28.22 -110.22 66.14
CA ILE BC 73 29.09 -109.43 67.00
C ILE BC 73 29.05 -110.03 68.39
N PRO BC 74 29.80 -111.06 68.70
CA PRO BC 74 29.95 -111.48 70.09
C PRO BC 74 31.03 -110.66 70.78
N ASN BC 75 31.04 -110.77 72.09
CA ASN BC 75 31.98 -110.00 72.88
C ASN BC 75 33.32 -110.71 72.96
N ALA BC 76 34.32 -110.00 73.47
CA ALA BC 76 35.61 -110.60 73.71
C ALA BC 76 36.33 -109.82 74.80
N TYR BC 77 37.23 -110.51 75.50
CA TYR BC 77 38.11 -109.77 76.36
C TYR BC 77 38.99 -108.91 75.48
N ASN BC 78 39.15 -107.66 75.89
CA ASN BC 78 39.62 -106.42 75.27
C ASN BC 78 38.54 -105.85 74.36
N LEU BC 79 37.46 -106.56 74.11
CA LEU BC 79 36.30 -105.91 73.57
C LEU BC 79 35.40 -105.40 74.67
N GLN BC 80 35.60 -105.87 75.88
CA GLN BC 80 34.82 -105.29 76.95
C GLN BC 80 35.45 -104.05 77.56
N ALA BC 81 36.31 -103.33 76.84
CA ALA BC 81 36.68 -102.04 77.40
C ALA BC 81 35.52 -101.08 77.21
N ARG BC 82 35.63 -99.91 77.80
CA ARG BC 82 34.43 -99.10 77.78
C ARG BC 82 34.70 -97.79 77.09
N ALA BC 83 33.62 -97.18 76.61
CA ALA BC 83 33.76 -95.95 75.86
C ALA BC 83 32.57 -95.04 76.11
N SER BC 84 32.80 -93.74 75.88
CA SER BC 84 31.76 -92.71 76.01
C SER BC 84 31.87 -91.72 74.85
N VAL BC 85 30.80 -91.57 74.08
CA VAL BC 85 30.85 -91.10 72.70
C VAL BC 85 29.91 -89.94 72.51
N ASP BC 86 30.37 -88.89 71.84
CA ASP BC 86 29.49 -88.11 70.97
C ASP BC 86 30.10 -87.97 69.58
N TRP BC 87 29.25 -88.05 68.58
CA TRP BC 87 29.73 -88.24 67.23
C TRP BC 87 28.64 -87.95 66.24
N SER BC 88 29.03 -87.35 65.14
CA SER BC 88 28.09 -87.12 64.07
C SER BC 88 28.69 -87.42 62.72
N GLY BC 89 29.95 -87.76 62.64
CA GLY BC 89 30.60 -87.85 61.38
C GLY BC 89 30.27 -89.12 60.64
N PRO BC 90 31.11 -89.41 59.66
CA PRO BC 90 30.99 -90.66 58.93
C PRO BC 90 31.46 -91.82 59.76
N ILE BC 91 31.29 -92.98 59.18
CA ILE BC 91 31.40 -94.18 59.98
C ILE BC 91 32.84 -94.62 60.09
N GLU BC 92 33.65 -94.35 59.07
CA GLU BC 92 34.91 -95.05 58.94
C GLU BC 92 35.95 -94.55 59.89
N GLU BC 93 36.03 -93.23 60.05
CA GLU BC 93 36.98 -92.68 61.02
C GLU BC 93 36.65 -93.15 62.41
N LEU BC 94 35.36 -93.22 62.70
CA LEU BC 94 34.91 -93.65 64.00
C LEU BC 94 35.27 -95.12 64.23
N THR BC 95 35.03 -95.97 63.24
CA THR BC 95 35.33 -97.37 63.44
C THR BC 95 36.81 -97.68 63.37
N ALA BC 96 37.59 -96.85 62.71
CA ALA BC 96 39.02 -96.99 62.84
C ALA BC 96 39.46 -96.63 64.25
N ARG BC 97 38.84 -95.61 64.84
CA ARG BC 97 39.24 -95.21 66.17
C ARG BC 97 38.92 -96.25 67.20
N ILE BC 98 37.82 -96.96 67.00
CA ILE BC 98 37.56 -98.01 67.97
C ILE BC 98 38.47 -99.20 67.72
N ALA BC 99 38.81 -99.48 66.46
CA ALA BC 99 39.71 -100.59 66.19
C ALA BC 99 41.07 -100.33 66.77
N LYS BC 100 41.51 -99.08 66.72
CA LYS BC 100 42.82 -98.74 67.23
C LYS BC 100 42.82 -98.73 68.74
N ALA BC 101 41.71 -98.42 69.39
CA ALA BC 101 41.75 -98.50 70.83
C ALA BC 101 41.41 -99.88 71.33
N ALA BC 102 40.92 -100.75 70.46
CA ALA BC 102 40.69 -102.12 70.83
C ALA BC 102 41.74 -103.03 70.27
N HIS BC 103 42.76 -102.44 69.66
CA HIS BC 103 43.91 -103.13 69.11
C HIS BC 103 43.49 -104.10 68.01
N PHE BC 104 42.36 -103.82 67.40
CA PHE BC 104 41.86 -104.63 66.31
C PHE BC 104 42.38 -104.06 65.02
N ARG BC 105 42.77 -104.95 64.15
CA ARG BC 105 42.94 -104.59 62.78
C ARG BC 105 41.59 -104.28 62.18
N PHE BC 106 41.47 -103.10 61.60
CA PHE BC 106 40.29 -102.73 60.86
C PHE BC 106 40.44 -103.06 59.40
N ARG BC 107 39.36 -103.51 58.79
CA ARG BC 107 39.34 -103.92 57.42
C ARG BC 107 38.04 -103.42 56.84
N VAL BC 108 38.05 -103.04 55.58
CA VAL BC 108 36.84 -102.65 54.87
C VAL BC 108 36.56 -103.68 53.80
N LEU BC 109 35.33 -103.72 53.32
CA LEU BC 109 34.93 -104.77 52.42
C LEU BC 109 33.85 -104.24 51.49
N GLY BC 110 34.11 -104.34 50.19
CA GLY BC 110 33.28 -103.59 49.26
C GLY BC 110 33.68 -102.14 49.18
N LYS BC 111 33.28 -101.49 48.10
CA LYS BC 111 33.64 -100.09 47.91
C LYS BC 111 32.63 -99.18 48.58
N SER BC 112 33.08 -98.00 48.97
CA SER BC 112 32.19 -97.07 49.64
C SER BC 112 31.26 -96.40 48.64
N PRO BC 113 30.02 -96.12 49.04
CA PRO BC 113 29.15 -95.33 48.20
C PRO BC 113 29.67 -93.91 48.12
N SER BC 114 29.34 -93.27 47.02
CA SER BC 114 29.70 -91.88 46.84
C SER BC 114 29.08 -90.98 47.88
N VAL BC 115 27.79 -91.18 48.16
CA VAL BC 115 27.19 -90.45 49.25
C VAL BC 115 27.75 -91.07 50.52
N PRO BC 116 28.10 -90.26 51.50
CA PRO BC 116 28.61 -90.82 52.74
C PRO BC 116 27.45 -91.30 53.58
N VAL BC 117 27.67 -92.40 54.26
CA VAL BC 117 26.78 -92.79 55.33
C VAL BC 117 27.36 -92.21 56.61
N LEU BC 118 26.54 -91.47 57.32
CA LEU BC 118 26.99 -90.70 58.45
C LEU BC 118 26.17 -91.15 59.63
N ILE BC 119 26.83 -91.42 60.73
CA ILE BC 119 26.06 -91.78 61.90
C ILE BC 119 26.35 -90.78 62.98
N SER BC 120 25.47 -90.76 63.95
CA SER BC 120 25.64 -89.86 65.05
C SER BC 120 25.34 -90.67 66.30
N ILE BC 121 26.35 -90.87 67.13
CA ILE BC 121 26.20 -91.66 68.32
C ILE BC 121 26.46 -90.76 69.50
N SER BC 122 25.56 -90.79 70.47
CA SER BC 122 25.71 -89.99 71.66
C SER BC 122 25.32 -90.87 72.83
N THR BC 123 26.32 -91.47 73.46
CA THR BC 123 26.11 -92.37 74.56
C THR BC 123 27.21 -92.21 75.58
N LYS BC 124 26.99 -92.77 76.76
CA LYS BC 124 27.95 -92.60 77.84
C LYS BC 124 28.18 -93.92 78.54
N ASP BC 125 29.45 -94.29 78.66
CA ASP BC 125 29.95 -95.49 79.34
C ASP BC 125 29.35 -96.77 78.74
N GLU BC 126 29.72 -97.05 77.51
CA GLU BC 126 29.24 -98.24 76.85
C GLU BC 126 30.39 -99.12 76.43
N SER BC 127 30.24 -100.39 76.71
CA SER BC 127 31.20 -101.34 76.25
C SER BC 127 31.11 -101.46 74.76
N LEU BC 128 32.20 -101.93 74.21
CA LEU BC 128 32.47 -101.65 72.83
C LEU BC 128 31.67 -102.54 71.92
N ALA BC 129 31.36 -103.76 72.36
CA ALA BC 129 30.57 -104.63 71.51
C ALA BC 129 29.20 -104.05 71.29
N GLU BC 130 28.67 -103.41 72.31
CA GLU BC 130 27.38 -102.80 72.12
C GLU BC 130 27.43 -101.50 71.38
N ILE BC 131 28.48 -100.71 71.62
CA ILE BC 131 28.85 -99.62 70.72
C ILE BC 131 28.83 -100.11 69.29
N LEU BC 132 29.39 -101.25 69.06
CA LEU BC 132 29.48 -101.69 67.70
C LEU BC 132 28.13 -102.16 67.20
N ARG BC 133 27.36 -102.80 68.07
CA ARG BC 133 26.03 -103.24 67.68
C ARG BC 133 25.14 -102.08 67.31
N ASP BC 134 25.22 -101.01 68.06
CA ASP BC 134 24.29 -99.96 67.71
C ASP BC 134 24.79 -99.12 66.58
N ILE BC 135 26.10 -99.07 66.35
CA ILE BC 135 26.43 -98.34 65.14
C ILE BC 135 26.10 -99.17 63.93
N ASP BC 136 26.14 -100.49 64.05
CA ASP BC 136 25.63 -101.31 62.98
C ASP BC 136 24.15 -101.10 62.77
N TYR BC 137 23.45 -100.90 63.85
CA TYR BC 137 22.05 -100.59 63.76
C TYR BC 137 21.84 -99.23 63.11
N GLN BC 138 22.61 -98.23 63.52
CA GLN BC 138 22.49 -96.90 62.95
C GLN BC 138 22.79 -96.89 61.48
N ALA BC 139 23.75 -97.68 61.06
CA ALA BC 139 23.97 -97.84 59.65
C ALA BC 139 23.29 -99.10 59.16
N GLY BC 140 21.99 -99.17 59.44
CA GLY BC 140 21.18 -100.23 58.90
C GLY BC 140 21.14 -100.13 57.39
N LYS BC 141 21.29 -101.26 56.72
CA LYS BC 141 21.10 -101.43 55.28
C LYS BC 141 22.03 -100.60 54.42
N LYS BC 142 23.04 -100.00 54.99
CA LYS BC 142 23.97 -99.27 54.17
C LYS BC 142 25.34 -99.81 54.49
N ALA BC 143 25.58 -100.07 55.76
CA ALA BC 143 26.84 -100.61 56.22
C ALA BC 143 26.57 -101.85 57.06
N SER BC 144 27.63 -102.63 57.28
CA SER BC 144 27.58 -103.80 58.14
C SER BC 144 28.90 -103.95 58.88
N ILE BC 145 28.89 -104.67 60.00
CA ILE BC 145 30.11 -104.90 60.74
C ILE BC 145 30.18 -106.41 60.93
N HIS BC 146 31.35 -106.97 60.74
CA HIS BC 146 31.61 -108.28 61.27
C HIS BC 146 32.86 -108.22 62.11
N VAL BC 147 32.91 -109.04 63.15
CA VAL BC 147 34.09 -109.14 64.00
C VAL BC 147 34.60 -110.56 63.89
N TYR BC 148 35.89 -110.69 63.66
CA TYR BC 148 36.55 -111.96 63.84
C TYR BC 148 37.51 -111.80 65.00
N PRO BC 149 37.09 -112.21 66.20
CA PRO BC 149 37.92 -112.09 67.39
C PRO BC 149 38.75 -113.33 67.67
N ASN BC 150 38.65 -114.36 66.84
CA ASN BC 150 39.73 -115.32 66.79
C ASN BC 150 41.01 -114.64 66.35
N SER BC 151 40.89 -113.76 65.38
CA SER BC 151 41.89 -112.78 65.02
C SER BC 151 41.65 -111.52 65.86
N GLN BC 152 42.21 -110.40 65.47
CA GLN BC 152 41.77 -109.12 66.00
C GLN BC 152 41.27 -108.41 64.79
N VAL BC 153 40.08 -108.73 64.35
CA VAL BC 153 39.64 -108.26 63.06
C VAL BC 153 38.28 -107.65 63.25
N VAL BC 154 38.13 -106.41 62.85
CA VAL BC 154 36.84 -105.83 62.60
C VAL BC 154 36.77 -105.40 61.14
N GLU BC 155 35.78 -105.90 60.44
CA GLU BC 155 35.57 -105.52 59.06
C GLU BC 155 34.26 -104.76 58.94
N LEU BC 156 34.30 -103.75 58.09
CA LEU BC 156 33.15 -102.93 57.78
C LEU BC 156 32.80 -103.21 56.33
N ARG BC 157 31.60 -103.70 56.11
CA ARG BC 157 31.14 -104.06 54.78
C ARG BC 157 30.22 -102.98 54.26
N TYR BC 158 30.28 -102.73 52.97
CA TYR BC 158 29.39 -101.75 52.38
C TYR BC 158 28.24 -102.42 51.65
N ALA BC 159 27.26 -101.61 51.29
CA ALA BC 159 26.12 -102.07 50.52
C ALA BC 159 26.51 -102.26 49.05
N LYS BC 160 25.51 -102.67 48.26
CA LYS BC 160 25.73 -103.28 46.94
C LYS BC 160 25.04 -102.50 45.85
N ILE BC 161 24.98 -101.19 45.96
CA ILE BC 161 24.40 -100.42 44.90
C ILE BC 161 25.39 -99.41 44.40
N ALA CC 58 -28.33 -25.75 65.73
CA ALA CC 58 -26.98 -25.53 65.24
C ALA CC 58 -25.97 -25.97 66.27
N LEU CC 59 -25.48 -24.99 67.05
CA LEU CC 59 -24.79 -25.25 68.33
C LEU CC 59 -25.67 -26.10 69.20
N LYS CC 60 -26.93 -25.74 69.15
CA LYS CC 60 -28.06 -26.53 69.54
C LYS CC 60 -27.95 -27.98 69.09
N GLU CC 61 -28.00 -28.22 67.78
CA GLU CC 61 -28.12 -29.59 67.28
C GLU CC 61 -26.87 -30.38 67.57
N THR CC 62 -25.71 -29.73 67.56
CA THR CC 62 -24.54 -30.48 67.92
C THR CC 62 -24.45 -30.73 69.41
N ALA CC 63 -25.04 -29.89 70.26
CA ALA CC 63 -25.09 -30.25 71.66
C ALA CC 63 -25.98 -31.46 71.89
N LEU CC 64 -27.09 -31.49 71.16
CA LEU CC 64 -27.93 -32.67 71.08
C LEU CC 64 -27.14 -33.89 70.64
N SER CC 65 -26.44 -33.77 69.53
CA SER CC 65 -25.82 -34.93 68.93
C SER CC 65 -24.58 -35.36 69.69
N VAL CC 66 -23.95 -34.43 70.41
CA VAL CC 66 -22.97 -34.77 71.41
C VAL CC 66 -23.59 -35.65 72.45
N GLY CC 67 -24.79 -35.30 72.90
CA GLY CC 67 -25.46 -36.22 73.79
C GLY CC 67 -25.87 -37.53 73.17
N ALA CC 68 -26.21 -37.51 71.88
CA ALA CC 68 -26.96 -38.60 71.25
C ALA CC 68 -26.18 -39.89 71.27
N GLN CC 69 -25.03 -39.89 70.62
CA GLN CC 69 -24.14 -41.03 70.66
C GLN CC 69 -23.64 -41.32 72.06
N ALA CC 70 -23.52 -40.30 72.91
CA ALA CC 70 -22.99 -40.49 74.25
C ALA CC 70 -23.87 -41.38 75.09
N GLY CC 71 -25.13 -40.99 75.23
CA GLY CC 71 -26.08 -41.83 75.93
C GLY CC 71 -26.33 -43.13 75.21
N LEU CC 72 -26.27 -43.12 73.87
CA LEU CC 72 -26.46 -44.33 73.10
C LEU CC 72 -25.42 -45.39 73.44
N ALA CC 73 -24.16 -45.01 73.40
CA ALA CC 73 -23.12 -45.98 73.66
C ALA CC 73 -23.02 -46.27 75.15
N TRP CC 74 -23.37 -45.29 75.97
CA TRP CC 74 -23.40 -45.50 77.41
C TRP CC 74 -24.39 -46.61 77.74
N ARG CC 75 -25.56 -46.49 77.16
CA ARG CC 75 -26.59 -47.50 77.28
C ARG CC 75 -26.14 -48.84 76.74
N ALA CC 76 -25.40 -48.81 75.62
CA ALA CC 76 -24.95 -50.04 74.99
C ALA CC 76 -24.01 -50.80 75.89
N LYS CC 77 -23.11 -50.08 76.55
CA LYS CC 77 -22.22 -50.74 77.50
C LYS CC 77 -23.01 -51.31 78.65
N ILE CC 78 -24.06 -50.61 79.09
CA ILE CC 78 -24.84 -51.08 80.22
C ILE CC 78 -25.52 -52.39 79.88
N ILE CC 79 -26.34 -52.36 78.82
CA ILE CC 79 -27.05 -53.55 78.34
C ILE CC 79 -26.13 -54.71 78.04
N ASP CC 80 -24.90 -54.42 77.67
CA ASP CC 80 -23.96 -55.49 77.47
C ASP CC 80 -23.58 -56.15 78.79
N GLU CC 81 -23.40 -55.40 79.90
CA GLU CC 81 -23.11 -56.19 81.10
C GLU CC 81 -24.31 -56.93 81.62
N GLN CC 82 -25.53 -56.42 81.44
CA GLN CC 82 -26.59 -57.25 82.03
C GLN CC 82 -26.88 -58.44 81.16
N LEU CC 83 -26.60 -58.34 79.87
CA LEU CC 83 -26.54 -59.51 79.03
C LEU CC 83 -25.58 -60.53 79.59
N ASN CC 84 -24.39 -60.08 79.96
CA ASN CC 84 -23.38 -61.01 80.42
C ASN CC 84 -23.75 -61.67 81.73
N LYS CC 85 -24.34 -60.94 82.66
CA LYS CC 85 -24.63 -61.60 83.92
C LYS CC 85 -25.79 -62.56 83.80
N GLN CC 86 -26.69 -62.36 82.86
CA GLN CC 86 -27.77 -63.32 82.77
C GLN CC 86 -27.58 -64.24 81.59
N ALA CC 87 -26.33 -64.32 81.13
CA ALA CC 87 -25.98 -65.16 80.00
C ALA CC 87 -26.40 -66.60 80.21
N ARG CC 88 -26.18 -67.11 81.42
CA ARG CC 88 -26.67 -68.42 81.80
C ARG CC 88 -28.15 -68.54 81.64
N ASN CC 89 -28.83 -67.50 82.02
CA ASN CC 89 -30.26 -67.53 82.03
C ASN CC 89 -30.74 -67.45 80.63
N LEU CC 90 -29.98 -66.75 79.79
CA LEU CC 90 -30.34 -66.53 78.42
C LEU CC 90 -30.43 -67.82 77.63
N ASP CC 91 -29.35 -68.58 77.58
CA ASP CC 91 -29.41 -69.85 76.88
C ASP CC 91 -30.20 -70.87 77.66
N ALA CC 92 -30.29 -70.65 78.97
CA ALA CC 92 -31.05 -71.52 79.84
C ALA CC 92 -32.49 -71.47 79.39
N ILE CC 93 -32.92 -70.31 78.95
CA ILE CC 93 -34.09 -70.25 78.10
C ILE CC 93 -33.78 -70.90 76.76
N TYR CC 94 -32.85 -70.33 76.02
CA TYR CC 94 -32.73 -70.60 74.58
C TYR CC 94 -31.73 -71.70 74.27
N ASP CC 95 -32.11 -72.87 74.72
CA ASP CC 95 -31.45 -74.12 74.35
C ASP CC 95 -31.85 -74.51 72.93
N PHE CC 96 -31.04 -74.11 71.97
CA PHE CC 96 -31.40 -74.31 70.56
C PHE CC 96 -31.28 -75.75 70.15
N ASN CC 97 -30.26 -76.41 70.66
CA ASN CC 97 -29.93 -77.79 70.31
C ASN CC 97 -31.06 -78.73 70.64
N SER CC 98 -31.83 -78.40 71.66
CA SER CC 98 -33.05 -79.10 71.94
C SER CC 98 -34.01 -79.01 70.79
N LEU CC 99 -33.93 -77.95 70.03
CA LEU CC 99 -34.79 -77.78 68.90
C LEU CC 99 -34.17 -78.25 67.62
N VAL CC 100 -32.87 -78.47 67.58
CA VAL CC 100 -32.30 -78.85 66.30
C VAL CC 100 -32.62 -80.31 66.00
N LEU CC 101 -32.38 -80.69 64.77
CA LEU CC 101 -32.82 -81.97 64.29
C LEU CC 101 -31.70 -82.98 64.26
N GLU CC 102 -32.00 -84.11 63.63
CA GLU CC 102 -31.22 -85.34 63.65
C GLU CC 102 -29.86 -85.19 63.00
N HIS CC 103 -29.78 -84.44 61.93
CA HIS CC 103 -28.57 -84.32 61.16
C HIS CC 103 -28.09 -82.90 61.28
N ASN CC 104 -28.21 -82.41 62.53
CA ASN CC 104 -28.23 -81.01 62.97
C ASN CC 104 -28.82 -80.08 61.91
N ILE CC 105 -30.02 -80.43 61.52
CA ILE CC 105 -30.81 -79.58 60.66
C ILE CC 105 -31.46 -78.56 61.56
N LEU CC 106 -31.08 -77.33 61.42
CA LEU CC 106 -31.82 -76.28 62.09
C LEU CC 106 -33.21 -76.19 61.47
N PRO CC 107 -34.26 -76.31 62.26
CA PRO CC 107 -35.62 -76.41 61.74
C PRO CC 107 -36.14 -75.06 61.31
N PRO CC 108 -37.10 -75.00 60.38
CA PRO CC 108 -37.55 -73.71 59.86
C PRO CC 108 -38.42 -72.97 60.85
N VAL CC 109 -38.61 -71.67 60.62
CA VAL CC 109 -39.39 -70.87 61.53
C VAL CC 109 -40.79 -70.69 60.93
N LEU CC 110 -41.81 -71.07 61.67
CA LEU CC 110 -43.14 -71.07 61.12
C LEU CC 110 -43.93 -69.95 61.76
N LEU CC 111 -44.89 -69.42 61.02
CA LEU CC 111 -45.60 -68.23 61.46
C LEU CC 111 -47.10 -68.46 61.51
N GLU CC 112 -47.65 -68.08 62.64
CA GLU CC 112 -49.05 -68.17 63.00
C GLU CC 112 -49.84 -67.06 62.33
N GLY CC 113 -51.12 -67.31 62.07
CA GLY CC 113 -52.03 -66.27 61.64
C GLY CC 113 -53.47 -66.46 62.06
N ARG CC 114 -54.03 -65.46 62.71
CA ARG CC 114 -55.47 -65.45 62.91
C ARG CC 114 -56.10 -64.20 62.36
N ASN CC 115 -57.36 -64.40 61.98
CA ASN CC 115 -58.31 -63.45 61.41
C ASN CC 115 -57.65 -62.45 60.47
N THR CC 116 -56.90 -63.00 59.56
CA THR CC 116 -56.23 -62.23 58.54
C THR CC 116 -57.31 -61.68 57.65
N LEU CC 117 -57.86 -60.56 58.04
CA LEU CC 117 -58.80 -59.90 57.19
C LEU CC 117 -58.09 -58.74 56.56
N ASN CC 118 -57.80 -58.90 55.30
CA ASN CC 118 -57.59 -57.75 54.48
C ASN CC 118 -58.93 -57.47 53.87
N LEU CC 119 -59.45 -56.29 54.09
CA LEU CC 119 -60.43 -55.85 53.13
C LEU CC 119 -59.56 -55.53 51.93
N ALA CC 120 -59.92 -56.08 50.79
CA ALA CC 120 -59.40 -55.43 49.61
C ALA CC 120 -59.95 -54.03 49.54
N ASP CC 121 -61.26 -53.91 49.73
CA ASP CC 121 -61.89 -52.67 49.41
C ASP CC 121 -63.26 -52.65 50.04
N ALA CC 122 -64.03 -51.67 49.60
CA ALA CC 122 -65.40 -51.45 50.01
C ALA CC 122 -66.33 -52.55 49.52
N GLN CC 123 -65.88 -53.32 48.56
CA GLN CC 123 -66.74 -54.24 47.86
C GLN CC 123 -66.41 -55.67 48.17
N SER CC 124 -65.21 -55.94 48.64
CA SER CC 124 -64.78 -57.31 48.79
C SER CC 124 -63.75 -57.38 49.90
N ILE CC 125 -63.91 -58.36 50.76
CA ILE CC 125 -62.96 -58.56 51.81
C ILE CC 125 -62.48 -59.99 51.72
N ARG CC 126 -61.41 -60.27 52.45
CA ARG CC 126 -60.79 -61.57 52.35
C ARG CC 126 -60.08 -61.85 53.65
N ILE CC 127 -60.51 -62.91 54.28
CA ILE CC 127 -60.10 -63.26 55.60
C ILE CC 127 -59.72 -64.73 55.63
N SER CC 128 -58.56 -65.00 56.18
CA SER CC 128 -58.47 -66.32 56.77
C SER CC 128 -58.72 -66.21 58.23
N ASP CC 129 -59.35 -67.23 58.72
CA ASP CC 129 -59.35 -67.52 60.13
C ASP CC 129 -57.95 -67.72 60.68
N ARG CC 130 -57.03 -68.21 59.86
CA ARG CC 130 -55.90 -68.93 60.38
C ARG CC 130 -54.95 -69.14 59.23
N THR CC 131 -53.65 -69.05 59.50
CA THR CC 131 -52.69 -68.82 58.44
C THR CC 131 -51.31 -69.27 58.91
N TYR CC 132 -50.53 -69.88 58.04
CA TYR CC 132 -49.17 -70.23 58.42
C TYR CC 132 -48.16 -69.88 57.37
N LYS CC 133 -47.08 -69.32 57.83
CA LYS CC 133 -46.03 -68.88 56.95
C LYS CC 133 -44.75 -69.61 57.29
N VAL CC 134 -44.31 -70.45 56.39
CA VAL CC 134 -43.00 -71.06 56.59
C VAL CC 134 -41.99 -70.02 56.16
N ALA CC 135 -41.09 -69.70 57.06
CA ALA CC 135 -39.98 -68.83 56.75
C ALA CC 135 -38.72 -69.58 57.11
N LYS CC 136 -37.63 -69.24 56.40
CA LYS CC 136 -36.27 -69.68 56.67
C LYS CC 136 -36.16 -71.19 56.81
N GLN CC 137 -36.37 -71.86 55.67
CA GLN CC 137 -36.55 -73.30 55.58
C GLN CC 137 -35.37 -74.06 56.19
N ALA CC 138 -35.68 -75.27 56.70
CA ALA CC 138 -34.75 -76.11 57.43
C ALA CC 138 -33.46 -76.36 56.68
N HIS CC 139 -32.37 -76.45 57.40
CA HIS CC 139 -31.09 -76.47 56.72
C HIS CC 139 -30.04 -77.15 57.59
N PHE CC 140 -28.98 -77.62 56.95
CA PHE CC 140 -27.84 -78.13 57.70
C PHE CC 140 -27.22 -76.98 58.46
N ILE CC 141 -27.06 -77.12 59.75
CA ILE CC 141 -26.36 -76.09 60.48
C ILE CC 141 -25.08 -76.75 60.98
N THR CC 142 -24.03 -75.98 61.11
CA THR CC 142 -22.90 -76.53 61.85
C THR CC 142 -23.08 -76.29 63.32
N THR CC 143 -22.87 -75.08 63.73
CA THR CC 143 -22.93 -74.76 65.12
C THR CC 143 -24.27 -74.12 65.39
N PRO CC 144 -24.98 -74.60 66.40
CA PRO CC 144 -26.33 -74.14 66.66
C PRO CC 144 -26.33 -72.71 67.14
N PRO CC 145 -27.43 -72.00 66.99
CA PRO CC 145 -27.45 -70.59 67.31
C PRO CC 145 -27.34 -70.35 68.82
N THR CC 146 -26.95 -69.16 69.16
CA THR CC 146 -26.91 -68.74 70.55
C THR CC 146 -27.98 -67.70 70.73
N TRP CC 147 -27.83 -66.87 71.72
CA TRP CC 147 -28.48 -65.58 71.63
C TRP CC 147 -27.54 -64.45 71.31
N ARG CC 148 -26.26 -64.55 71.69
CA ARG CC 148 -25.36 -63.41 71.64
C ARG CC 148 -25.11 -62.97 70.23
N GLN CC 149 -25.35 -63.89 69.31
CA GLN CC 149 -25.58 -63.58 67.94
C GLN CC 149 -26.71 -62.58 67.73
N TYR CC 150 -27.65 -62.44 68.66
CA TYR CC 150 -28.84 -61.66 68.41
C TYR CC 150 -28.97 -60.54 69.41
N LEU CC 151 -28.30 -60.67 70.53
CA LEU CC 151 -28.58 -59.75 71.59
C LEU CC 151 -27.37 -59.00 72.07
N TRP CC 152 -26.18 -59.49 71.82
CA TRP CC 152 -25.00 -58.76 72.23
C TRP CC 152 -24.97 -57.46 71.46
N MET CC 153 -25.38 -56.40 72.14
CA MET CC 153 -25.39 -55.10 71.53
C MET CC 153 -23.94 -54.69 71.32
N ASP CC 154 -23.68 -54.03 70.21
CA ASP CC 154 -22.36 -53.53 69.96
C ASP CC 154 -22.09 -52.40 70.90
N TYR CC 155 -20.88 -52.35 71.40
CA TYR CC 155 -20.43 -51.21 72.17
C TYR CC 155 -19.17 -50.68 71.56
N VAL CC 156 -19.18 -49.41 71.23
CA VAL CC 156 -17.97 -48.67 70.96
C VAL CC 156 -17.97 -47.48 71.88
N LYS CC 157 -16.80 -46.92 72.14
CA LYS CC 157 -16.75 -45.73 72.97
C LYS CC 157 -16.26 -44.55 72.16
N PRO CC 158 -17.09 -43.55 71.90
CA PRO CC 158 -16.56 -42.26 71.46
C PRO CC 158 -16.57 -41.24 72.58
N GLU CC 159 -15.49 -40.48 72.70
CA GLU CC 159 -15.46 -39.20 73.39
C GLU CC 159 -15.03 -38.07 72.48
N ALA CC 160 -15.32 -38.17 71.19
CA ALA CC 160 -14.83 -37.21 70.20
C ALA CC 160 -15.80 -36.04 70.06
N PRO CC 161 -15.40 -34.83 70.42
CA PRO CC 161 -16.28 -33.69 70.20
C PRO CC 161 -16.21 -33.20 68.77
N LYS CC 173 -23.84 -22.72 75.53
CA LYS CC 173 -23.09 -23.23 76.67
C LYS CC 173 -24.01 -23.99 77.65
N GLU CC 174 -25.03 -23.33 78.18
CA GLU CC 174 -26.02 -24.09 78.91
C GLU CC 174 -26.84 -24.94 77.95
N ILE CC 175 -27.00 -24.48 76.72
CA ILE CC 175 -27.60 -25.32 75.71
C ILE CC 175 -26.72 -26.51 75.42
N TRP CC 176 -25.39 -26.32 75.48
CA TRP CC 176 -24.47 -27.44 75.36
C TRP CC 176 -24.75 -28.48 76.41
N CYS CC 177 -24.82 -28.05 77.66
CA CYS CC 177 -24.95 -29.02 78.73
C CYS CC 177 -26.32 -29.70 78.70
N ILE CC 178 -27.38 -28.92 78.53
CA ILE CC 178 -28.70 -29.53 78.58
C ILE CC 178 -29.01 -30.35 77.33
N TYR CC 179 -28.49 -29.99 76.16
CA TYR CC 179 -28.84 -30.80 75.03
C TYR CC 179 -27.96 -32.01 74.95
N THR CC 180 -26.81 -31.95 75.58
CA THR CC 180 -26.06 -33.16 75.77
C THR CC 180 -26.80 -34.12 76.69
N GLU CC 181 -27.43 -33.64 77.76
CA GLU CC 181 -28.22 -34.63 78.47
C GLU CC 181 -29.47 -35.05 77.75
N ARG CC 182 -30.02 -34.17 76.92
CA ARG CC 182 -31.14 -34.52 76.07
C ARG CC 182 -30.80 -35.72 75.23
N GLY CC 183 -29.77 -35.57 74.41
CA GLY CC 183 -29.32 -36.65 73.57
C GLY CC 183 -28.83 -37.83 74.36
N TRP CC 184 -28.31 -37.59 75.56
CA TRP CC 184 -27.96 -38.68 76.46
C TRP CC 184 -29.16 -39.56 76.71
N LYS CC 185 -30.28 -38.96 77.09
CA LYS CC 185 -31.52 -39.70 77.23
C LYS CC 185 -31.98 -40.32 75.92
N ASN CC 186 -31.75 -39.61 74.85
CA ASN CC 186 -32.28 -40.01 73.56
C ASN CC 186 -31.58 -41.24 73.03
N GLY CC 187 -30.26 -41.24 73.11
CA GLY CC 187 -29.50 -42.40 72.72
C GLY CC 187 -29.79 -43.57 73.61
N ILE CC 188 -30.00 -43.30 74.90
CA ILE CC 188 -30.41 -44.33 75.83
C ILE CC 188 -31.65 -45.03 75.33
N ASP CC 189 -32.70 -44.29 75.09
CA ASP CC 189 -33.90 -45.04 74.87
C ASP CC 189 -34.06 -45.50 73.45
N GLN CC 190 -33.34 -44.89 72.50
CA GLN CC 190 -33.36 -45.51 71.19
C GLN CC 190 -32.60 -46.82 71.23
N ALA CC 191 -31.57 -46.91 72.06
CA ALA CC 191 -30.90 -48.19 72.23
C ALA CC 191 -31.80 -49.19 72.89
N ASN CC 192 -32.66 -48.71 73.79
CA ASN CC 192 -33.59 -49.58 74.45
C ASN CC 192 -34.56 -50.18 73.46
N THR CC 193 -35.04 -49.36 72.56
CA THR CC 193 -35.89 -49.86 71.49
C THR CC 193 -35.15 -50.83 70.62
N ILE CC 194 -33.89 -50.55 70.35
CA ILE CC 194 -33.06 -51.43 69.55
C ILE CC 194 -32.99 -52.80 70.20
N LEU CC 195 -32.72 -52.78 71.49
CA LEU CC 195 -32.69 -53.95 72.32
C LEU CC 195 -33.99 -54.72 72.24
N GLU CC 196 -35.08 -53.99 72.36
CA GLU CC 196 -36.41 -54.54 72.30
C GLU CC 196 -36.62 -55.29 71.01
N GLU CC 197 -36.14 -54.69 69.93
CA GLU CC 197 -36.27 -55.30 68.64
C GLU CC 197 -35.42 -56.55 68.53
N ASN CC 198 -34.28 -56.54 69.18
CA ASN CC 198 -33.41 -57.71 69.17
C ASN CC 198 -34.10 -58.86 69.84
N ILE CC 199 -34.76 -58.54 70.94
CA ILE CC 199 -35.50 -59.52 71.69
C ILE CC 199 -36.60 -60.09 70.86
N ALA CC 200 -37.31 -59.23 70.17
CA ALA CC 200 -38.43 -59.67 69.36
C ALA CC 200 -37.96 -60.57 68.24
N ARG CC 201 -36.78 -60.27 67.71
CA ARG CC 201 -36.21 -61.10 66.67
C ARG CC 201 -35.94 -62.49 67.19
N ILE CC 202 -35.39 -62.56 68.40
CA ILE CC 202 -35.08 -63.89 68.87
C ILE CC 202 -36.34 -64.64 69.25
N LYS CC 203 -37.40 -63.91 69.66
CA LYS CC 203 -38.70 -64.52 69.86
C LYS CC 203 -39.13 -65.25 68.64
N GLU CC 204 -39.29 -64.47 67.58
CA GLU CC 204 -39.99 -64.94 66.41
C GLU CC 204 -39.23 -66.06 65.75
N ASP CC 205 -37.91 -66.03 65.90
CA ASP CC 205 -37.14 -67.21 65.57
C ASP CC 205 -37.57 -68.39 66.40
N PHE CC 206 -37.50 -68.25 67.72
CA PHE CC 206 -37.55 -69.42 68.56
C PHE CC 206 -38.90 -70.06 68.50
N GLY CC 207 -39.91 -69.19 68.60
CA GLY CC 207 -41.27 -69.59 68.39
C GLY CC 207 -41.49 -70.18 67.04
N GLY CC 208 -40.77 -69.69 66.03
CA GLY CC 208 -40.94 -70.26 64.72
C GLY CC 208 -40.51 -71.71 64.63
N MET CC 209 -39.32 -72.02 65.16
CA MET CC 209 -38.94 -73.43 65.08
C MET CC 209 -39.75 -74.30 66.02
N ILE CC 210 -40.23 -73.70 67.12
CA ILE CC 210 -41.19 -74.38 67.96
C ILE CC 210 -42.36 -74.81 67.14
N LEU CC 211 -42.90 -73.88 66.38
CA LEU CC 211 -44.05 -74.16 65.56
C LEU CC 211 -43.75 -75.15 64.46
N TYR CC 212 -42.49 -75.24 64.05
CA TYR CC 212 -42.16 -76.28 63.11
C TYR CC 212 -42.33 -77.62 63.76
N ARG CC 213 -41.79 -77.76 64.95
CA ARG CC 213 -41.94 -79.00 65.67
C ARG CC 213 -43.38 -79.25 66.03
N LYS CC 214 -44.13 -78.17 66.17
CA LYS CC 214 -45.55 -78.26 66.40
C LYS CC 214 -46.27 -78.88 65.25
N LEU CC 215 -46.16 -78.29 64.08
CA LEU CC 215 -46.95 -78.81 63.00
C LEU CC 215 -46.41 -80.09 62.47
N LEU CC 216 -45.15 -80.33 62.74
CA LEU CC 216 -44.63 -81.63 62.49
C LEU CC 216 -45.27 -82.61 63.44
N ALA CC 217 -45.50 -82.18 64.67
CA ALA CC 217 -46.29 -83.01 65.55
C ALA CC 217 -47.74 -83.01 65.15
N MET CC 218 -48.16 -82.05 64.38
CA MET CC 218 -49.56 -81.99 64.03
C MET CC 218 -49.83 -82.60 62.69
N ASN CC 219 -48.82 -83.18 62.07
CA ASN CC 219 -48.82 -83.59 60.68
C ASN CC 219 -49.16 -82.44 59.76
N MET CC 220 -48.88 -81.24 60.21
CA MET CC 220 -49.29 -80.12 59.42
C MET CC 220 -48.14 -79.62 58.60
N VAL CC 221 -46.93 -80.02 58.96
CA VAL CC 221 -45.81 -79.89 58.04
C VAL CC 221 -45.13 -81.24 57.91
N SER CC 222 -44.22 -81.30 56.97
CA SER CC 222 -43.49 -82.48 56.54
C SER CC 222 -42.11 -82.47 57.20
N PRO CC 223 -41.42 -83.61 57.28
CA PRO CC 223 -40.07 -83.61 57.80
C PRO CC 223 -39.10 -83.09 56.75
N PRO CC 224 -37.85 -82.83 57.13
CA PRO CC 224 -36.80 -82.84 56.13
C PRO CC 224 -36.46 -84.27 55.74
N TYR CC 225 -36.81 -84.62 54.52
CA TYR CC 225 -36.52 -85.92 53.95
C TYR CC 225 -35.16 -85.84 53.27
N VAL CC 226 -34.20 -86.62 53.74
CA VAL CC 226 -32.83 -86.48 53.26
C VAL CC 226 -32.43 -87.76 52.53
N SER CC 227 -31.26 -87.72 51.90
CA SER CC 227 -30.54 -88.92 51.48
C SER CC 227 -29.09 -88.72 51.88
N HIS CC 228 -28.61 -89.56 52.76
CA HIS CC 228 -27.17 -89.67 52.99
C HIS CC 228 -26.71 -90.78 52.08
N THR CC 229 -25.88 -90.42 51.12
CA THR CC 229 -25.21 -91.43 50.33
C THR CC 229 -23.76 -91.48 50.76
N ASP CC 230 -23.24 -92.67 50.94
CA ASP CC 230 -21.91 -92.80 51.48
C ASP CC 230 -20.97 -93.35 50.43
N LEU CC 231 -19.70 -93.04 50.61
CA LEU CC 231 -18.63 -93.47 49.75
C LEU CC 231 -17.55 -94.08 50.61
N GLY CC 232 -16.89 -95.09 50.09
CA GLY CC 232 -15.85 -95.79 50.81
C GLY CC 232 -14.56 -95.01 50.83
N VAL CC 233 -13.45 -95.73 50.66
CA VAL CC 233 -12.18 -95.04 50.49
C VAL CC 233 -12.23 -94.28 49.18
N THR CC 234 -12.04 -92.99 49.28
CA THR CC 234 -12.09 -92.16 48.09
C THR CC 234 -10.78 -91.42 47.99
N GLY CC 235 -10.19 -91.46 46.82
CA GLY CC 235 -9.04 -90.65 46.54
C GLY CC 235 -7.90 -91.43 45.94
N ASP CC 236 -6.87 -90.67 45.59
CA ASP CC 236 -5.82 -91.13 44.68
C ASP CC 236 -4.57 -91.51 45.46
N GLY CC 237 -3.48 -91.72 44.75
CA GLY CC 237 -2.22 -92.00 45.38
C GLY CC 237 -1.63 -90.85 46.17
N SER CC 238 -2.08 -89.63 45.92
CA SER CC 238 -1.63 -88.53 46.75
C SER CC 238 -2.63 -88.09 47.78
N GLU CC 239 -3.89 -88.37 47.55
CA GLU CC 239 -4.88 -87.93 48.49
C GLU CC 239 -5.85 -89.07 48.61
N ILE CC 240 -6.19 -89.50 49.79
CA ILE CC 240 -7.33 -90.37 49.94
C ILE CC 240 -8.23 -89.84 51.03
N HIS CC 241 -9.45 -90.31 50.99
CA HIS CC 241 -10.38 -90.14 52.09
C HIS CC 241 -11.00 -91.49 52.31
N ILE CC 242 -10.83 -92.01 53.52
CA ILE CC 242 -11.18 -93.37 53.84
C ILE CC 242 -12.69 -93.56 53.89
N ASP CC 243 -13.43 -92.58 54.36
CA ASP CC 243 -14.89 -92.64 54.23
C ASP CC 243 -15.49 -91.29 53.99
N ASP CC 244 -16.14 -91.15 52.85
CA ASP CC 244 -16.80 -89.92 52.50
C ASP CC 244 -18.30 -90.09 52.53
N ARG CC 245 -18.92 -89.62 53.58
CA ARG CC 245 -20.35 -89.46 53.53
C ARG CC 245 -20.66 -88.12 52.90
N VAL CC 246 -21.64 -88.11 52.02
CA VAL CC 246 -22.25 -86.88 51.57
C VAL CC 246 -23.72 -86.96 51.91
N LEU CC 247 -24.25 -85.85 52.35
CA LEU CC 247 -25.64 -85.81 52.80
C LEU CC 247 -26.33 -84.70 52.06
N ARG CC 248 -27.34 -85.07 51.31
CA ARG CC 248 -28.19 -84.08 50.71
C ARG CC 248 -29.52 -84.15 51.41
N ILE CC 249 -30.12 -83.00 51.56
CA ILE CC 249 -31.45 -82.90 52.09
C ILE CC 249 -32.33 -82.89 50.86
N THR CC 250 -32.99 -84.01 50.62
CA THR CC 250 -33.75 -84.13 49.38
C THR CC 250 -34.99 -83.26 49.43
N ALA CC 251 -35.90 -83.57 50.34
CA ALA CC 251 -37.17 -82.87 50.44
C ALA CC 251 -37.21 -82.02 51.70
N LEU CC 252 -37.46 -80.73 51.54
CA LEU CC 252 -37.50 -79.82 52.68
C LEU CC 252 -38.79 -79.98 53.46
N PRO CC 253 -38.82 -79.49 54.69
CA PRO CC 253 -40.09 -79.32 55.37
C PRO CC 253 -41.00 -78.38 54.61
N GLU CC 254 -42.30 -78.64 54.68
CA GLU CC 254 -43.32 -77.89 53.98
C GLU CC 254 -44.69 -78.19 54.58
N LEU CC 255 -45.58 -77.20 54.55
CA LEU CC 255 -46.94 -77.38 55.06
C LEU CC 255 -47.72 -78.33 54.17
N ASN CC 256 -48.23 -79.41 54.74
CA ASN CC 256 -49.07 -80.28 53.93
C ASN CC 256 -50.41 -79.60 53.72
N VAL CC 257 -51.08 -79.97 52.64
CA VAL CC 257 -52.32 -79.29 52.32
C VAL CC 257 -53.52 -80.19 52.44
N ASN CC 258 -53.34 -81.50 52.33
CA ASN CC 258 -54.43 -82.38 52.62
C ASN CC 258 -54.51 -82.46 54.12
N SER CC 259 -55.43 -81.72 54.68
CA SER CC 259 -55.54 -81.59 56.11
C SER CC 259 -56.20 -82.79 56.75
N ALA CC 260 -56.74 -83.69 55.93
CA ALA CC 260 -57.37 -84.89 56.43
C ALA CC 260 -56.42 -85.76 57.21
N GLU CC 261 -55.15 -85.68 56.88
CA GLU CC 261 -54.13 -86.52 57.44
C GLU CC 261 -53.47 -85.84 58.61
N TRP CC 262 -54.09 -84.80 59.11
CA TRP CC 262 -53.49 -84.08 60.20
C TRP CC 262 -53.60 -84.83 61.49
N ARG CC 263 -53.19 -84.15 62.54
CA ARG CC 263 -53.10 -84.78 63.84
C ARG CC 263 -53.66 -83.75 64.79
N ALA CC 264 -54.81 -84.02 65.38
CA ALA CC 264 -55.48 -83.05 66.21
C ALA CC 264 -55.57 -83.57 67.62
N ALA CC 265 -54.74 -83.03 68.49
CA ALA CC 265 -54.59 -83.57 69.82
C ALA CC 265 -55.54 -82.85 70.77
N VAL CC 266 -56.40 -83.61 71.39
CA VAL CC 266 -57.14 -83.12 72.53
C VAL CC 266 -56.22 -83.27 73.73
N ALA CC 267 -56.41 -82.45 74.73
CA ALA CC 267 -55.59 -82.59 75.92
C ALA CC 267 -56.49 -82.68 77.14
N LYS CC 268 -55.91 -83.06 78.27
CA LYS CC 268 -56.68 -83.32 79.48
C LYS CC 268 -56.04 -82.68 80.70
N PHE DC 25 -22.08 -66.20 112.04
CA PHE DC 25 -23.08 -65.44 111.30
C PHE DC 25 -22.80 -65.50 109.80
N LYS DC 26 -23.86 -65.68 109.03
CA LYS DC 26 -23.73 -65.94 107.61
C LYS DC 26 -24.05 -64.72 106.76
N LYS DC 27 -23.87 -64.90 105.47
CA LYS DC 27 -24.11 -63.92 104.44
C LYS DC 27 -25.17 -64.43 103.48
N PRO DC 28 -25.88 -63.53 102.80
CA PRO DC 28 -26.88 -63.95 101.84
C PRO DC 28 -26.24 -64.53 100.60
N PRO DC 29 -27.03 -65.22 99.77
CA PRO DC 29 -26.51 -65.68 98.49
C PRO DC 29 -26.14 -64.53 97.60
N ILE DC 30 -25.18 -64.79 96.73
CA ILE DC 30 -24.60 -63.74 95.94
C ILE DC 30 -25.36 -63.55 94.64
N ASN DC 31 -25.59 -64.62 93.89
CA ASN DC 31 -26.36 -64.54 92.65
C ASN DC 31 -27.84 -64.82 92.86
N ASN DC 32 -28.38 -64.24 93.91
CA ASN DC 32 -29.78 -64.45 94.23
C ASN DC 32 -30.70 -63.66 93.29
N PRO DC 33 -31.84 -64.19 92.97
CA PRO DC 33 -32.85 -63.36 92.31
C PRO DC 33 -33.47 -62.44 93.34
N SER DC 34 -32.82 -61.32 93.66
CA SER DC 34 -33.29 -60.40 94.68
C SER DC 34 -33.95 -59.20 94.02
N ASP DC 35 -34.42 -59.44 92.82
CA ASP DC 35 -34.95 -58.36 92.03
C ASP DC 35 -36.13 -58.91 91.27
N ASP DC 36 -37.19 -58.11 91.25
CA ASP DC 36 -38.50 -58.60 90.91
C ASP DC 36 -38.62 -59.07 89.48
N ALA DC 37 -37.75 -58.60 88.59
CA ALA DC 37 -37.75 -59.29 87.31
C ALA DC 37 -36.93 -60.56 87.37
N THR DC 38 -35.88 -60.55 88.17
CA THR DC 38 -34.89 -61.60 88.11
C THR DC 38 -35.41 -62.88 88.69
N ILE DC 39 -36.27 -62.76 89.67
CA ILE DC 39 -37.04 -63.91 90.04
C ILE DC 39 -37.78 -64.46 88.86
N LYS DC 40 -38.48 -63.59 88.13
CA LYS DC 40 -39.44 -64.05 87.15
C LYS DC 40 -38.75 -64.72 86.00
N LEU DC 41 -37.59 -64.19 85.65
CA LEU DC 41 -36.79 -64.88 84.67
C LEU DC 41 -36.35 -66.23 85.20
N ALA DC 42 -36.03 -66.30 86.50
CA ALA DC 42 -35.48 -67.55 86.97
C ALA DC 42 -36.50 -68.66 86.98
N GLU DC 43 -37.73 -68.37 87.39
CA GLU DC 43 -38.67 -69.48 87.24
C GLU DC 43 -39.07 -69.69 85.79
N ALA DC 44 -38.98 -68.67 84.95
CA ALA DC 44 -39.18 -68.91 83.53
C ALA DC 44 -38.18 -69.92 82.99
N ALA DC 45 -36.93 -69.78 83.44
CA ALA DC 45 -35.87 -70.70 83.10
C ALA DC 45 -36.18 -72.09 83.59
N VAL DC 46 -36.67 -72.20 84.82
CA VAL DC 46 -36.84 -73.53 85.31
C VAL DC 46 -38.02 -74.19 84.63
N SER DC 47 -38.99 -73.37 84.25
CA SER DC 47 -40.16 -73.84 83.55
C SER DC 47 -39.79 -74.38 82.19
N VAL DC 48 -38.94 -73.65 81.49
CA VAL DC 48 -38.60 -74.10 80.17
C VAL DC 48 -37.74 -75.34 80.23
N SER DC 49 -36.92 -75.44 81.27
CA SER DC 49 -36.03 -76.55 81.39
C SER DC 49 -36.79 -77.82 81.67
N ASP DC 50 -37.81 -77.73 82.49
CA ASP DC 50 -38.56 -78.93 82.72
C ASP DC 50 -39.35 -79.30 81.50
N SER DC 51 -39.95 -78.32 80.85
CA SER DC 51 -40.78 -78.64 79.70
C SER DC 51 -39.96 -79.22 78.59
N MET DC 52 -38.73 -78.75 78.45
CA MET DC 52 -37.87 -79.36 77.46
C MET DC 52 -37.41 -80.70 77.96
N LEU DC 53 -37.38 -80.91 79.27
CA LEU DC 53 -37.08 -82.24 79.75
C LEU DC 53 -38.15 -83.22 79.35
N GLU DC 54 -39.39 -82.79 79.42
CA GLU DC 54 -40.40 -83.74 79.04
C GLU DC 54 -40.55 -83.85 77.54
N MET DC 55 -40.31 -82.76 76.82
CA MET DC 55 -40.01 -82.80 75.41
C MET DC 55 -39.07 -83.94 75.08
N ALA DC 56 -37.93 -83.97 75.74
CA ALA DC 56 -36.96 -85.00 75.51
C ALA DC 56 -37.45 -86.36 75.95
N LYS DC 57 -38.23 -86.38 77.02
CA LYS DC 57 -38.68 -87.65 77.52
C LYS DC 57 -39.63 -88.30 76.56
N VAL DC 58 -40.52 -87.51 76.00
CA VAL DC 58 -41.49 -88.08 75.11
C VAL DC 58 -40.87 -88.28 73.75
N GLU DC 59 -39.78 -87.60 73.46
CA GLU DC 59 -39.13 -87.86 72.20
C GLU DC 59 -38.13 -88.99 72.27
N LYS DC 60 -37.64 -89.31 73.46
CA LYS DC 60 -36.47 -90.17 73.61
C LYS DC 60 -36.90 -91.61 73.48
N VAL DC 61 -36.74 -92.18 72.30
CA VAL DC 61 -36.94 -93.61 72.15
C VAL DC 61 -35.63 -94.30 72.45
N ILE DC 62 -35.70 -95.36 73.24
CA ILE DC 62 -34.54 -96.14 73.59
C ILE DC 62 -34.84 -97.62 73.37
N THR DC 63 -33.91 -98.47 73.80
CA THR DC 63 -34.05 -99.91 73.68
C THR DC 63 -33.94 -100.58 75.04
N PRO DC 64 -34.64 -101.69 75.25
CA PRO DC 64 -34.47 -102.42 76.50
C PRO DC 64 -33.13 -103.10 76.54
N PRO DC 65 -32.45 -103.10 77.69
CA PRO DC 65 -31.19 -103.84 77.82
C PRO DC 65 -31.34 -105.34 77.65
N SER DC 66 -32.55 -105.87 77.80
CA SER DC 66 -32.77 -107.26 77.47
C SER DC 66 -32.95 -107.48 75.99
N LYS DC 67 -33.26 -106.44 75.23
CA LYS DC 67 -33.45 -106.62 73.81
C LYS DC 67 -32.64 -105.58 73.07
N ASP DC 68 -31.37 -105.50 73.41
CA ASP DC 68 -30.46 -104.54 72.81
C ASP DC 68 -29.52 -105.14 71.77
N ASN DC 69 -29.53 -106.47 71.60
CA ASN DC 69 -28.98 -107.19 70.44
C ASN DC 69 -27.48 -107.09 70.22
N THR DC 70 -26.75 -106.42 71.11
CA THR DC 70 -25.31 -106.26 70.89
C THR DC 70 -24.55 -107.48 71.38
N LEU DC 71 -23.26 -107.52 71.05
CA LEU DC 71 -22.42 -108.66 71.40
C LEU DC 71 -22.02 -108.60 72.85
N THR DC 72 -22.14 -109.74 73.51
CA THR DC 72 -21.71 -109.83 74.88
C THR DC 72 -20.22 -110.04 74.96
N ILE DC 73 -19.73 -110.01 76.18
CA ILE DC 73 -18.34 -110.31 76.44
C ILE DC 73 -18.22 -111.81 76.63
N PRO DC 74 -17.47 -112.50 75.77
CA PRO DC 74 -17.48 -113.96 75.76
C PRO DC 74 -16.52 -114.60 76.75
N ASN DC 75 -15.91 -113.81 77.62
CA ASN DC 75 -15.24 -114.22 78.87
C ASN DC 75 -14.12 -115.24 78.69
N ALA DC 76 -13.57 -115.42 77.49
CA ALA DC 76 -12.40 -116.27 77.35
C ALA DC 76 -11.16 -115.55 77.85
N TYR DC 77 -10.29 -116.29 78.51
CA TYR DC 77 -9.10 -115.64 79.05
C TYR DC 77 -8.11 -115.28 77.95
N ASN DC 78 -8.17 -115.99 76.83
CA ASN DC 78 -7.50 -115.50 75.63
C ASN DC 78 -8.09 -114.19 75.18
N LEU DC 79 -9.38 -114.01 75.42
CA LEU DC 79 -10.01 -112.76 75.06
C LEU DC 79 -9.79 -111.70 76.11
N GLN DC 80 -9.20 -112.08 77.25
CA GLN DC 80 -9.07 -111.19 78.39
C GLN DC 80 -7.79 -110.36 78.35
N ALA DC 81 -7.32 -110.02 77.17
CA ALA DC 81 -6.13 -109.21 77.10
C ALA DC 81 -6.47 -107.80 76.66
N ARG DC 82 -5.71 -106.84 77.19
CA ARG DC 82 -5.84 -105.45 76.78
C ARG DC 82 -4.93 -105.15 75.62
N ALA DC 83 -5.41 -104.31 74.71
CA ALA DC 83 -4.72 -104.11 73.43
C ALA DC 83 -4.74 -102.63 73.06
N SER DC 84 -4.26 -102.32 71.85
CA SER DC 84 -4.25 -100.95 71.34
C SER DC 84 -4.24 -100.98 69.82
N VAL DC 85 -5.26 -100.38 69.20
CA VAL DC 85 -5.37 -100.34 67.75
C VAL DC 85 -5.85 -98.98 67.32
N ASP DC 86 -5.17 -98.38 66.36
CA ASP DC 86 -5.68 -97.21 65.67
C ASP DC 86 -5.64 -97.54 64.19
N TRP DC 87 -6.81 -97.60 63.59
CA TRP DC 87 -6.96 -98.14 62.27
C TRP DC 87 -8.35 -97.89 61.80
N SER DC 88 -8.50 -97.68 60.51
CA SER DC 88 -9.82 -97.57 59.95
C SER DC 88 -9.84 -98.30 58.62
N GLY DC 89 -10.84 -99.10 58.42
CA GLY DC 89 -11.07 -99.66 57.13
C GLY DC 89 -11.94 -100.87 57.27
N PRO DC 90 -11.73 -101.84 56.42
CA PRO DC 90 -12.64 -102.97 56.33
C PRO DC 90 -12.35 -104.01 57.38
N ILE DC 91 -13.44 -104.53 57.93
CA ILE DC 91 -13.43 -105.09 59.27
C ILE DC 91 -12.71 -106.42 59.34
N GLU DC 92 -12.82 -107.22 58.28
CA GLU DC 92 -12.60 -108.65 58.38
C GLU DC 92 -11.14 -108.98 58.53
N GLU DC 93 -10.28 -108.18 57.91
CA GLU DC 93 -8.85 -108.33 58.08
C GLU DC 93 -8.43 -108.02 59.50
N LEU DC 94 -8.94 -106.90 60.03
CA LEU DC 94 -8.60 -106.46 61.36
C LEU DC 94 -9.03 -107.47 62.39
N THR DC 95 -10.24 -107.97 62.24
CA THR DC 95 -10.71 -108.94 63.21
C THR DC 95 -10.08 -110.30 63.03
N ALA DC 96 -9.63 -110.65 61.84
CA ALA DC 96 -8.85 -111.84 61.69
C ALA DC 96 -7.57 -111.73 62.49
N ARG DC 97 -6.95 -110.56 62.43
CA ARG DC 97 -5.76 -110.35 63.23
C ARG DC 97 -6.07 -110.23 64.71
N ILE DC 98 -7.28 -109.82 65.06
CA ILE DC 98 -7.71 -109.90 66.44
C ILE DC 98 -7.75 -111.34 66.91
N ALA DC 99 -8.38 -112.21 66.12
CA ALA DC 99 -8.51 -113.62 66.46
C ALA DC 99 -7.15 -114.26 66.56
N LYS DC 100 -6.28 -113.86 65.66
CA LYS DC 100 -4.91 -114.33 65.67
C LYS DC 100 -4.17 -113.83 66.88
N ALA DC 101 -4.42 -112.60 67.30
CA ALA DC 101 -3.81 -112.10 68.50
C ALA DC 101 -4.34 -112.83 69.71
N ALA DC 102 -5.61 -113.17 69.69
CA ALA DC 102 -6.24 -113.77 70.84
C ALA DC 102 -6.40 -115.25 70.70
N HIS DC 103 -5.61 -115.87 69.82
CA HIS DC 103 -5.51 -117.32 69.68
C HIS DC 103 -6.82 -117.94 69.32
N PHE DC 104 -7.61 -117.27 68.51
CA PHE DC 104 -8.89 -117.81 68.14
C PHE DC 104 -8.88 -118.07 66.65
N ARG DC 105 -9.59 -119.12 66.26
CA ARG DC 105 -9.75 -119.25 64.83
C ARG DC 105 -10.87 -118.33 64.40
N PHE DC 106 -10.81 -117.93 63.13
CA PHE DC 106 -11.66 -116.90 62.56
C PHE DC 106 -12.35 -117.48 61.35
N ARG DC 107 -13.64 -117.71 61.47
CA ARG DC 107 -14.40 -118.02 60.29
C ARG DC 107 -15.33 -116.87 59.99
N VAL DC 108 -15.48 -116.59 58.71
CA VAL DC 108 -16.39 -115.56 58.26
C VAL DC 108 -17.48 -116.23 57.47
N LEU DC 109 -18.72 -115.86 57.76
CA LEU DC 109 -19.85 -116.44 57.06
C LEU DC 109 -20.58 -115.34 56.32
N GLY DC 110 -20.95 -115.62 55.09
CA GLY DC 110 -21.60 -114.64 54.25
C GLY DC 110 -20.63 -114.09 53.23
N LYS DC 111 -21.14 -113.14 52.46
CA LYS DC 111 -20.38 -112.53 51.38
C LYS DC 111 -20.00 -111.13 51.78
N SER DC 112 -18.76 -110.80 51.60
CA SER DC 112 -18.41 -109.41 51.81
C SER DC 112 -18.88 -108.59 50.63
N PRO DC 113 -19.44 -107.42 50.88
CA PRO DC 113 -20.08 -106.64 49.81
C PRO DC 113 -19.01 -105.92 49.00
N SER DC 114 -19.46 -105.36 47.88
CA SER DC 114 -18.58 -104.57 47.02
C SER DC 114 -18.08 -103.34 47.76
N VAL DC 115 -18.98 -102.58 48.35
CA VAL DC 115 -18.50 -101.60 49.31
C VAL DC 115 -18.24 -102.35 50.61
N PRO DC 116 -17.05 -102.26 51.13
CA PRO DC 116 -16.77 -102.92 52.40
C PRO DC 116 -17.31 -102.08 53.52
N VAL DC 117 -17.71 -102.75 54.57
CA VAL DC 117 -18.05 -102.03 55.77
C VAL DC 117 -16.76 -101.60 56.47
N LEU DC 118 -16.69 -100.33 56.81
CA LEU DC 118 -15.44 -99.71 57.21
C LEU DC 118 -15.53 -99.31 58.66
N ILE DC 119 -14.58 -99.77 59.43
CA ILE DC 119 -14.64 -99.50 60.84
C ILE DC 119 -13.49 -98.64 61.20
N SER DC 120 -13.79 -97.43 61.61
CA SER DC 120 -12.80 -96.62 62.28
C SER DC 120 -12.72 -97.05 63.72
N ILE DC 121 -11.49 -97.19 64.21
CA ILE DC 121 -11.24 -97.51 65.60
C ILE DC 121 -9.88 -97.04 66.04
N SER DC 122 -9.85 -96.25 67.10
CA SER DC 122 -8.64 -95.58 67.54
C SER DC 122 -8.61 -95.63 69.05
N THR DC 123 -7.87 -96.57 69.58
CA THR DC 123 -7.87 -96.81 71.01
C THR DC 123 -6.55 -97.36 71.48
N LYS DC 124 -6.33 -97.20 72.78
CA LYS DC 124 -5.01 -97.22 73.36
C LYS DC 124 -4.84 -98.28 74.44
N ASP DC 125 -5.89 -98.64 75.18
CA ASP DC 125 -5.77 -99.63 76.26
C ASP DC 125 -7.15 -100.19 76.60
N GLU DC 126 -7.42 -101.41 76.14
CA GLU DC 126 -8.76 -101.97 76.18
C GLU DC 126 -8.78 -103.41 75.73
N SER DC 127 -9.84 -104.09 76.10
CA SER DC 127 -9.89 -105.52 75.93
C SER DC 127 -10.40 -105.92 74.58
N LEU DC 128 -9.91 -107.04 74.13
CA LEU DC 128 -10.24 -107.62 72.83
C LEU DC 128 -11.73 -107.86 72.66
N ALA DC 129 -12.40 -108.18 73.75
CA ALA DC 129 -13.84 -108.26 73.72
C ALA DC 129 -14.47 -106.92 73.41
N GLU DC 130 -13.94 -105.84 73.97
CA GLU DC 130 -14.53 -104.54 73.67
C GLU DC 130 -14.28 -104.14 72.25
N ILE DC 131 -13.18 -104.61 71.69
CA ILE DC 131 -13.01 -104.48 70.27
C ILE DC 131 -14.12 -105.16 69.52
N LEU DC 132 -14.37 -106.41 69.86
CA LEU DC 132 -15.41 -107.16 69.17
C LEU DC 132 -16.76 -106.50 69.35
N ARG DC 133 -16.97 -105.92 70.52
CA ARG DC 133 -18.22 -105.28 70.86
C ARG DC 133 -18.47 -104.09 69.96
N ASP DC 134 -17.54 -103.16 69.94
CA ASP DC 134 -17.88 -101.99 69.15
C ASP DC 134 -17.70 -102.19 67.66
N ILE DC 135 -16.97 -103.21 67.23
CA ILE DC 135 -17.01 -103.40 65.79
C ILE DC 135 -18.27 -104.11 65.40
N ASP DC 136 -18.87 -104.90 66.28
CA ASP DC 136 -20.16 -105.44 65.97
C ASP DC 136 -21.17 -104.32 65.95
N TYR DC 137 -20.97 -103.36 66.85
CA TYR DC 137 -21.82 -102.18 66.93
C TYR DC 137 -21.72 -101.37 65.66
N GLN DC 138 -20.53 -101.10 65.21
CA GLN DC 138 -20.40 -100.34 63.99
C GLN DC 138 -20.58 -101.20 62.77
N ALA DC 139 -20.60 -102.51 62.93
CA ALA DC 139 -21.09 -103.36 61.86
C ALA DC 139 -22.57 -103.16 61.71
N GLY DC 140 -23.24 -102.95 62.83
CA GLY DC 140 -24.66 -102.71 62.83
C GLY DC 140 -25.36 -103.93 62.30
N LYS DC 141 -26.14 -103.72 61.26
CA LYS DC 141 -26.89 -104.79 60.65
C LYS DC 141 -26.30 -105.25 59.35
N LYS DC 142 -25.31 -104.55 58.83
CA LYS DC 142 -24.66 -105.06 57.64
C LYS DC 142 -23.83 -106.28 57.98
N ALA DC 143 -23.31 -106.35 59.20
CA ALA DC 143 -22.58 -107.52 59.62
C ALA DC 143 -22.68 -107.67 61.13
N SER DC 144 -22.15 -108.78 61.61
CA SER DC 144 -22.31 -109.16 63.00
C SER DC 144 -21.15 -110.02 63.43
N ILE DC 145 -20.96 -110.05 64.73
CA ILE DC 145 -19.87 -110.78 65.33
C ILE DC 145 -20.46 -111.86 66.20
N HIS DC 146 -20.04 -113.08 65.96
CA HIS DC 146 -20.39 -114.17 66.86
C HIS DC 146 -19.11 -114.75 67.42
N VAL DC 147 -19.08 -114.94 68.73
CA VAL DC 147 -17.90 -115.53 69.36
C VAL DC 147 -18.32 -116.81 70.05
N TYR DC 148 -17.63 -117.90 69.75
CA TYR DC 148 -17.85 -119.15 70.47
C TYR DC 148 -16.57 -119.47 71.21
N PRO DC 149 -16.49 -119.18 72.51
CA PRO DC 149 -15.25 -119.41 73.24
C PRO DC 149 -15.02 -120.85 73.60
N ASN DC 150 -16.01 -121.72 73.42
CA ASN DC 150 -15.77 -123.13 73.66
C ASN DC 150 -14.85 -123.71 72.61
N SER DC 151 -15.10 -123.39 71.35
CA SER DC 151 -14.22 -123.78 70.27
C SER DC 151 -13.27 -122.65 69.88
N GLN DC 152 -13.32 -121.53 70.62
CA GLN DC 152 -12.34 -120.45 70.56
C GLN DC 152 -12.24 -119.86 69.16
N VAL DC 153 -13.34 -119.25 68.75
CA VAL DC 153 -13.51 -118.75 67.40
C VAL DC 153 -14.26 -117.43 67.45
N VAL DC 154 -13.86 -116.51 66.61
CA VAL DC 154 -14.77 -115.48 66.18
C VAL DC 154 -15.21 -115.75 64.75
N GLU DC 155 -16.48 -115.51 64.50
CA GLU DC 155 -17.10 -115.68 63.20
C GLU DC 155 -17.77 -114.38 62.80
N LEU DC 156 -17.44 -113.93 61.62
CA LEU DC 156 -18.05 -112.74 61.05
C LEU DC 156 -19.21 -113.15 60.16
N ARG DC 157 -20.38 -112.64 60.47
CA ARG DC 157 -21.57 -112.93 59.72
C ARG DC 157 -21.96 -111.68 58.97
N TYR DC 158 -22.29 -111.84 57.71
CA TYR DC 158 -22.74 -110.69 56.95
C TYR DC 158 -24.24 -110.61 56.99
N ALA DC 159 -24.80 -109.66 56.26
CA ALA DC 159 -26.23 -109.54 56.16
C ALA DC 159 -26.74 -110.38 54.99
N ILE EC 272 -21.71 -82.34 43.35
CA ILE EC 272 -20.90 -82.99 44.34
C ILE EC 272 -20.12 -82.00 45.14
N PRO EC 273 -20.31 -82.03 46.46
CA PRO EC 273 -19.60 -81.14 47.34
C PRO EC 273 -18.12 -81.43 47.38
N PRO EC 274 -17.30 -80.47 47.79
CA PRO EC 274 -15.89 -80.77 48.06
C PRO EC 274 -15.75 -81.48 49.40
N SER EC 275 -14.66 -82.23 49.51
CA SER EC 275 -14.41 -83.07 50.67
C SER EC 275 -14.25 -82.23 51.91
N ALA EC 276 -13.20 -81.45 51.90
CA ALA EC 276 -12.92 -80.42 52.83
C ALA EC 276 -11.90 -79.56 52.15
N ASN EC 277 -11.29 -78.67 52.89
CA ASN EC 277 -10.10 -78.06 52.37
C ASN EC 277 -8.95 -79.01 52.60
N ASP EC 278 -8.06 -79.07 51.66
CA ASP EC 278 -6.78 -79.62 52.02
C ASP EC 278 -5.93 -78.63 52.74
N LEU EC 279 -6.28 -77.36 52.69
CA LEU EC 279 -5.58 -76.44 53.56
C LEU EC 279 -5.94 -76.67 54.98
N LEU EC 280 -7.09 -77.30 55.23
CA LEU EC 280 -7.32 -77.87 56.54
C LEU EC 280 -6.27 -78.88 56.90
N LEU EC 281 -5.74 -79.63 55.94
CA LEU EC 281 -4.72 -80.58 56.31
C LEU EC 281 -3.44 -79.87 56.68
N HIS EC 282 -3.24 -78.66 56.16
CA HIS EC 282 -2.06 -77.90 56.52
C HIS EC 282 -2.24 -77.22 57.84
N VAL EC 283 -3.38 -76.60 58.04
CA VAL EC 283 -3.57 -75.90 59.28
C VAL EC 283 -4.04 -76.84 60.35
N LEU EC 284 -4.16 -78.11 60.01
CA LEU EC 284 -4.35 -79.14 61.00
C LEU EC 284 -3.20 -79.14 61.97
N GLU EC 285 -2.01 -79.00 61.44
CA GLU EC 285 -0.85 -78.71 62.24
C GLU EC 285 -0.60 -77.22 62.20
N GLY EC 286 0.49 -76.82 62.77
CA GLY EC 286 0.67 -75.41 62.95
C GLY EC 286 1.18 -74.65 61.76
N VAL EC 287 1.19 -75.19 60.54
CA VAL EC 287 1.58 -74.30 59.45
C VAL EC 287 0.39 -73.40 59.15
N PRO EC 288 0.63 -72.12 58.87
CA PRO EC 288 -0.36 -71.33 58.21
C PRO EC 288 -0.54 -71.82 56.79
N PRO EC 289 -1.64 -71.48 56.15
CA PRO EC 289 -1.76 -71.73 54.73
C PRO EC 289 -0.77 -70.84 53.99
N PRO EC 290 -0.45 -71.19 52.75
CA PRO EC 290 0.31 -70.25 51.91
C PRO EC 290 -0.39 -68.91 51.78
N GLY EC 291 0.39 -67.85 51.92
CA GLY EC 291 -0.11 -66.51 51.77
C GLY EC 291 -1.10 -66.08 52.84
N SER EC 292 -0.75 -66.24 54.10
CA SER EC 292 -1.75 -66.01 55.11
C SER EC 292 -1.32 -64.92 56.04
N ARG EC 293 -2.26 -64.41 56.80
CA ARG EC 293 -1.92 -63.37 57.72
C ARG EC 293 -2.20 -63.93 59.10
N ARG EC 294 -1.22 -63.81 59.97
CA ARG EC 294 -1.37 -64.30 61.32
C ARG EC 294 -2.36 -63.43 62.04
N LEU EC 295 -3.51 -63.98 62.31
CA LEU EC 295 -4.50 -63.22 63.04
C LEU EC 295 -4.11 -63.24 64.49
N VAL EC 296 -4.00 -62.04 65.04
CA VAL EC 296 -3.50 -61.86 66.39
C VAL EC 296 -4.59 -62.37 67.32
N VAL EC 297 -4.35 -63.54 67.88
CA VAL EC 297 -5.31 -64.15 68.78
C VAL EC 297 -4.97 -63.72 70.20
N SER EC 298 -5.91 -63.08 70.85
CA SER EC 298 -5.68 -62.63 72.21
C SER EC 298 -6.69 -63.24 73.14
N GLY EC 299 -6.18 -63.92 74.17
CA GLY EC 299 -7.00 -64.53 75.19
C GLY EC 299 -7.05 -66.04 75.18
N GLY EC 300 -6.28 -66.70 74.33
CA GLY EC 300 -6.46 -68.12 74.16
C GLY EC 300 -5.37 -68.71 73.30
N ASP EC 301 -5.43 -70.03 73.14
CA ASP EC 301 -4.32 -70.79 72.61
C ASP EC 301 -4.57 -71.19 71.16
N ALA EC 302 -5.53 -70.56 70.54
CA ALA EC 302 -5.87 -71.05 69.24
C ALA EC 302 -5.16 -70.14 68.28
N ARG EC 303 -4.71 -70.67 67.17
CA ARG EC 303 -4.07 -69.74 66.27
C ARG EC 303 -4.81 -69.66 64.96
N ALA EC 304 -4.87 -68.46 64.45
CA ALA EC 304 -5.76 -68.16 63.34
C ALA EC 304 -4.98 -67.49 62.23
N TRP EC 305 -5.31 -67.89 61.02
CA TRP EC 305 -4.78 -67.24 59.85
C TRP EC 305 -5.89 -66.80 58.94
N LEU EC 306 -5.68 -65.60 58.42
CA LEU EC 306 -6.51 -65.08 57.37
C LEU EC 306 -5.93 -65.60 56.08
N SER EC 307 -6.64 -66.47 55.41
CA SER EC 307 -6.17 -66.94 54.13
C SER EC 307 -6.72 -66.06 53.03
N ASN EC 308 -8.03 -66.10 52.84
CA ASN EC 308 -8.69 -65.28 51.83
C ASN EC 308 -10.11 -65.02 52.30
N GLU EC 309 -10.25 -64.02 53.16
CA GLU EC 309 -11.43 -63.71 53.99
C GLU EC 309 -11.76 -64.84 54.99
N LYS EC 310 -11.15 -66.00 54.84
CA LYS EC 310 -11.55 -67.18 55.54
C LYS EC 310 -10.46 -67.37 56.56
N MET EC 311 -10.80 -67.22 57.82
CA MET EC 311 -9.80 -67.65 58.76
C MET EC 311 -9.83 -69.15 58.79
N TYR EC 312 -8.66 -69.69 58.91
CA TYR EC 312 -8.51 -71.08 59.25
C TYR EC 312 -7.97 -70.99 60.65
N VAL EC 313 -8.62 -71.63 61.57
CA VAL EC 313 -8.13 -71.61 62.92
C VAL EC 313 -7.83 -73.03 63.35
N ARG EC 314 -6.65 -73.20 63.92
CA ARG EC 314 -6.32 -74.41 64.63
C ARG EC 314 -6.70 -74.16 66.07
N THR EC 315 -7.18 -75.20 66.70
CA THR EC 315 -7.29 -75.24 68.14
C THR EC 315 -7.43 -76.67 68.59
N ASN EC 316 -7.56 -76.81 69.88
CA ASN EC 316 -8.20 -78.00 70.40
C ASN EC 316 -9.53 -77.65 71.04
N LEU EC 317 -9.84 -76.37 71.19
CA LEU EC 317 -11.05 -75.93 71.88
C LEU EC 317 -12.27 -76.11 71.00
N THR EC 318 -13.44 -75.91 71.58
CA THR EC 318 -14.65 -76.34 70.90
C THR EC 318 -15.39 -75.14 70.35
N ILE EC 319 -15.37 -74.96 69.03
CA ILE EC 319 -15.88 -73.74 68.43
C ILE EC 319 -17.39 -73.69 68.57
N LEU EC 320 -17.89 -72.53 68.94
CA LEU EC 320 -19.28 -72.37 69.27
C LEU EC 320 -20.02 -71.37 68.41
N SER EC 321 -19.59 -70.11 68.41
CA SER EC 321 -20.51 -69.17 67.77
C SER EC 321 -20.54 -69.25 66.25
N PRO EC 322 -19.46 -69.05 65.51
CA PRO EC 322 -19.65 -68.70 64.11
C PRO EC 322 -19.89 -69.88 63.19
N GLY EC 323 -19.25 -71.02 63.34
CA GLY EC 323 -19.52 -72.08 62.41
C GLY EC 323 -18.72 -71.98 61.13
N TRP EC 324 -18.08 -73.06 60.79
CA TRP EC 324 -17.06 -73.14 59.77
C TRP EC 324 -17.70 -73.51 58.46
N LEU EC 325 -16.96 -73.34 57.39
CA LEU EC 325 -17.37 -74.09 56.24
C LEU EC 325 -16.79 -75.46 56.25
N ALA EC 326 -15.62 -75.61 56.84
CA ALA EC 326 -15.14 -76.97 56.88
C ALA EC 326 -14.53 -77.18 58.23
N SER EC 327 -14.83 -78.33 58.77
CA SER EC 327 -14.25 -78.69 60.03
C SER EC 327 -13.43 -79.92 59.85
N MET EC 328 -12.59 -80.11 60.83
CA MET EC 328 -11.41 -80.85 60.66
C MET EC 328 -10.89 -81.20 62.01
N THR EC 329 -10.52 -82.45 62.17
CA THR EC 329 -9.72 -82.65 63.35
C THR EC 329 -8.62 -83.60 62.99
N SER EC 330 -7.66 -83.66 63.86
CA SER EC 330 -6.46 -84.42 63.65
C SER EC 330 -6.72 -85.84 64.09
N ALA EC 331 -5.65 -86.60 64.22
CA ALA EC 331 -5.78 -87.84 64.96
C ALA EC 331 -5.99 -87.58 66.43
N ASP EC 332 -5.44 -86.49 66.96
CA ASP EC 332 -5.50 -86.27 68.39
C ASP EC 332 -6.55 -85.27 68.81
N GLY EC 333 -7.52 -84.99 67.95
CA GLY EC 333 -8.49 -84.01 68.35
C GLY EC 333 -8.08 -82.59 68.07
N THR EC 334 -7.09 -82.36 67.26
CA THR EC 334 -6.80 -80.99 66.92
C THR EC 334 -7.72 -80.55 65.81
N HIS EC 335 -8.47 -79.53 66.07
CA HIS EC 335 -9.39 -79.11 65.07
C HIS EC 335 -8.74 -78.07 64.20
N ALA EC 336 -9.10 -78.16 62.95
CA ALA EC 336 -8.99 -77.04 62.06
C ALA EC 336 -10.39 -76.70 61.61
N TYR EC 337 -10.66 -75.41 61.61
CA TYR EC 337 -11.94 -74.94 61.14
C TYR EC 337 -11.68 -73.88 60.08
N GLU EC 338 -12.19 -74.15 58.90
CA GLU EC 338 -12.20 -73.22 57.80
C GLU EC 338 -13.48 -72.42 57.99
N MET EC 339 -13.29 -71.24 58.52
CA MET EC 339 -14.20 -70.42 59.30
C MET EC 339 -14.34 -69.06 58.66
N GLN EC 340 -15.57 -68.58 58.70
CA GLN EC 340 -15.85 -67.28 58.19
C GLN EC 340 -15.31 -66.26 59.17
N LYS EC 341 -15.28 -65.00 58.74
CA LYS EC 341 -14.44 -64.09 59.49
C LYS EC 341 -15.19 -63.60 60.71
N SER EC 342 -14.66 -63.91 61.84
CA SER EC 342 -15.21 -63.22 62.96
C SER EC 342 -14.15 -62.36 63.59
N PRO EC 343 -14.54 -61.21 64.12
CA PRO EC 343 -13.69 -60.55 65.11
C PRO EC 343 -13.70 -61.25 66.44
N VAL EC 344 -14.77 -61.97 66.75
CA VAL EC 344 -15.04 -62.45 68.10
C VAL EC 344 -15.38 -63.91 68.02
N LEU EC 345 -14.68 -64.72 68.78
CA LEU EC 345 -14.76 -66.15 68.64
C LEU EC 345 -15.30 -66.76 69.90
N LEU EC 346 -16.07 -67.81 69.75
CA LEU EC 346 -16.60 -68.48 70.91
C LEU EC 346 -16.14 -69.90 70.95
N VAL EC 347 -15.55 -70.29 72.05
CA VAL EC 347 -15.40 -71.70 72.29
C VAL EC 347 -16.01 -72.01 73.63
N SER EC 348 -16.29 -73.27 73.82
CA SER EC 348 -16.48 -73.80 75.16
C SER EC 348 -15.15 -74.39 75.55
N TRP EC 349 -14.77 -74.09 76.78
CA TRP EC 349 -13.49 -74.46 77.33
C TRP EC 349 -13.67 -75.74 78.14
N HIS EC 350 -14.49 -75.69 79.17
CA HIS EC 350 -14.68 -76.85 80.02
C HIS EC 350 -16.12 -76.96 80.47
N GLY EC 351 -17.06 -76.74 79.56
CA GLY EC 351 -18.39 -76.45 80.00
C GLY EC 351 -18.58 -75.02 80.45
N LYS EC 352 -17.49 -74.34 80.79
CA LYS EC 352 -17.41 -72.89 80.77
C LYS EC 352 -17.22 -72.47 79.33
N VAL EC 353 -17.63 -71.25 79.00
CA VAL EC 353 -17.59 -70.76 77.63
C VAL EC 353 -16.75 -69.49 77.58
N MET EC 354 -15.88 -69.41 76.58
CA MET EC 354 -14.97 -68.30 76.42
C MET EC 354 -15.26 -67.55 75.14
N GLN EC 355 -15.43 -66.24 75.29
CA GLN EC 355 -15.26 -65.29 74.22
C GLN EC 355 -13.77 -65.13 73.96
N LEU EC 356 -13.42 -64.80 72.72
CA LEU EC 356 -12.03 -64.60 72.33
C LEU EC 356 -11.95 -63.49 71.31
N LYS EC 357 -11.03 -62.56 71.49
CA LYS EC 357 -10.93 -61.49 70.51
C LYS EC 357 -9.82 -61.79 69.54
N VAL EC 358 -10.00 -61.40 68.29
CA VAL EC 358 -8.93 -61.46 67.33
C VAL EC 358 -8.63 -60.05 66.86
N GLU EC 359 -7.47 -59.90 66.26
CA GLU EC 359 -7.08 -58.65 65.63
C GLU EC 359 -6.70 -58.97 64.19
N GLY EC 360 -7.17 -58.14 63.27
CA GLY EC 360 -6.95 -58.40 61.87
C GLY EC 360 -7.80 -59.56 61.45
N LEU FC 41 -7.82 -53.40 78.93
CA LEU FC 41 -6.65 -54.28 78.90
C LEU FC 41 -6.91 -55.58 79.64
N PRO FC 42 -6.39 -56.69 79.11
CA PRO FC 42 -6.57 -57.99 79.77
C PRO FC 42 -5.81 -58.09 81.10
N CYS FC 43 -6.07 -59.18 81.82
CA CYS FC 43 -5.73 -59.27 83.23
C CYS FC 43 -4.28 -59.69 83.48
N ARG FC 44 -3.63 -58.98 84.39
CA ARG FC 44 -2.49 -59.54 85.09
C ARG FC 44 -3.02 -60.46 86.18
N VAL FC 45 -3.62 -59.87 87.20
CA VAL FC 45 -4.29 -60.61 88.24
C VAL FC 45 -5.72 -60.84 87.79
N ASP FC 46 -6.24 -62.01 88.10
CA ASP FC 46 -7.65 -62.30 87.93
C ASP FC 46 -8.45 -61.91 89.16
N GLY FC 47 -8.28 -60.66 89.58
CA GLY FC 47 -8.94 -60.13 90.76
C GLY FC 47 -8.49 -60.79 92.04
N ALA FC 48 -7.23 -61.17 92.15
CA ALA FC 48 -6.77 -61.87 93.34
C ALA FC 48 -5.32 -61.51 93.58
N CYS FC 49 -4.87 -61.73 94.80
CA CYS FC 49 -3.47 -61.53 95.12
C CYS FC 49 -2.97 -62.69 95.95
N ASP FC 50 -1.79 -63.15 95.56
CA ASP FC 50 -1.16 -64.28 96.23
C ASP FC 50 -0.82 -63.92 97.67
N ALA FC 51 -0.59 -62.63 97.93
CA ALA FC 51 -0.39 -62.18 99.30
C ALA FC 51 -1.64 -62.40 100.15
N THR FC 52 -2.81 -62.13 99.59
CA THR FC 52 -4.03 -62.42 100.31
C THR FC 52 -4.20 -63.90 100.56
N ILE FC 53 -3.87 -64.67 99.54
CA ILE FC 53 -3.88 -66.12 99.63
C ILE FC 53 -3.02 -66.61 100.78
N ILE FC 54 -1.79 -66.12 100.85
CA ILE FC 54 -0.91 -66.62 101.90
C ILE FC 54 -1.30 -66.06 103.24
N LYS FC 55 -1.89 -64.86 103.29
CA LYS FC 55 -2.48 -64.36 104.52
C LYS FC 55 -3.53 -65.31 105.03
N MET FC 56 -4.30 -65.92 104.10
CA MET FC 56 -5.31 -66.85 104.52
C MET FC 56 -4.65 -68.04 105.19
N MET FC 57 -3.80 -68.77 104.41
CA MET FC 57 -3.29 -70.06 104.89
C MET FC 57 -2.55 -69.92 106.19
N THR FC 58 -1.79 -68.81 106.32
CA THR FC 58 -1.19 -68.49 107.60
C THR FC 58 -2.22 -68.43 108.70
N ASP FC 59 -3.27 -67.65 108.50
CA ASP FC 59 -4.13 -67.40 109.63
C ASP FC 59 -5.05 -68.59 109.93
N LEU FC 60 -5.43 -69.34 108.92
CA LEU FC 60 -6.33 -70.46 109.12
C LEU FC 60 -5.60 -71.71 109.51
N ASN FC 61 -4.30 -71.70 109.39
CA ASN FC 61 -3.58 -72.76 110.03
C ASN FC 61 -3.07 -72.34 111.39
N LYS FC 62 -2.97 -71.03 111.63
CA LYS FC 62 -2.91 -70.53 113.00
C LYS FC 62 -4.16 -70.92 113.74
N LYS FC 63 -5.27 -70.86 113.05
CA LYS FC 63 -6.55 -71.36 113.49
C LYS FC 63 -6.70 -72.84 113.21
N GLY FC 64 -5.71 -73.45 112.60
CA GLY FC 64 -5.57 -74.88 112.63
C GLY FC 64 -6.34 -75.62 111.58
N ILE FC 65 -7.23 -74.95 110.87
CA ILE FC 65 -8.00 -75.65 109.87
C ILE FC 65 -7.10 -75.88 108.67
N LYS FC 66 -6.89 -77.14 108.35
CA LYS FC 66 -5.63 -77.48 107.75
C LYS FC 66 -5.71 -77.36 106.24
N VAL FC 67 -4.82 -76.57 105.68
CA VAL FC 67 -4.69 -76.42 104.25
C VAL FC 67 -3.55 -77.34 103.81
N ALA FC 68 -3.83 -78.27 102.93
CA ALA FC 68 -2.80 -78.91 102.16
C ALA FC 68 -2.66 -78.17 100.84
N SER FC 69 -1.41 -77.99 100.42
CA SER FC 69 -1.13 -77.25 99.21
C SER FC 69 -0.06 -78.02 98.46
N VAL FC 70 -0.46 -79.01 97.70
CA VAL FC 70 0.41 -80.12 97.40
C VAL FC 70 0.40 -80.40 95.90
N GLY FC 71 1.59 -80.36 95.31
CA GLY FC 71 1.73 -80.47 93.89
C GLY FC 71 0.97 -79.35 93.25
N GLN FC 72 -0.12 -79.68 92.60
CA GLN FC 72 -1.00 -78.65 92.13
C GLN FC 72 -2.33 -78.71 92.83
N ASN FC 73 -2.61 -79.78 93.55
CA ASN FC 73 -3.91 -79.92 94.16
C ASN FC 73 -3.90 -79.33 95.54
N TYR FC 74 -5.01 -78.77 95.93
CA TYR FC 74 -5.09 -78.07 97.19
C TYR FC 74 -6.29 -78.61 97.93
N LEU FC 75 -6.10 -78.81 99.22
CA LEU FC 75 -7.02 -79.54 100.07
C LEU FC 75 -7.20 -78.77 101.35
N ILE FC 76 -8.39 -78.80 101.91
CA ILE FC 76 -8.55 -78.39 103.30
C ILE FC 76 -9.26 -79.49 104.05
N SER FC 77 -8.63 -79.90 105.14
CA SER FC 77 -9.22 -80.80 106.10
C SER FC 77 -9.69 -79.95 107.25
N ILE FC 78 -10.84 -80.31 107.79
CA ILE FC 78 -11.49 -79.57 108.85
C ILE FC 78 -11.98 -80.58 109.86
N PRO FC 79 -11.77 -80.36 111.14
CA PRO FC 79 -12.53 -81.11 112.14
C PRO FC 79 -14.00 -80.76 112.03
N ALA FC 80 -14.84 -81.78 111.97
CA ALA FC 80 -16.29 -81.55 111.89
C ALA FC 80 -16.87 -81.02 113.18
N SER FC 81 -16.13 -81.12 114.29
CA SER FC 81 -16.61 -80.71 115.59
C SER FC 81 -16.83 -79.22 115.67
N ALA FC 82 -16.02 -78.44 114.98
CA ALA FC 82 -16.21 -77.02 114.98
C ALA FC 82 -17.43 -76.60 114.20
N LEU FC 83 -18.00 -77.49 113.38
CA LEU FC 83 -19.05 -77.12 112.45
C LEU FC 83 -20.39 -77.77 112.75
N PHE FC 84 -20.45 -79.07 112.64
CA PHE FC 84 -21.69 -79.74 112.96
C PHE FC 84 -21.72 -79.97 114.44
N ALA FC 85 -22.93 -80.12 114.97
CA ALA FC 85 -23.01 -80.53 116.33
C ALA FC 85 -22.90 -82.05 116.36
N ASP FC 86 -23.00 -82.58 117.57
CA ASP FC 86 -22.80 -83.98 117.88
C ASP FC 86 -23.77 -84.87 117.11
N GLN FC 87 -23.22 -85.63 116.16
CA GLN FC 87 -23.97 -86.53 115.27
C GLN FC 87 -25.03 -85.82 114.46
N SER FC 88 -24.90 -84.51 114.30
CA SER FC 88 -25.95 -83.80 113.63
C SER FC 88 -25.40 -83.45 112.26
N PRO FC 89 -26.20 -83.44 111.28
CA PRO FC 89 -25.85 -82.70 110.07
C PRO FC 89 -26.32 -81.27 110.18
N ARG FC 90 -26.05 -80.66 111.32
CA ARG FC 90 -26.63 -79.36 111.61
C ARG FC 90 -25.53 -78.44 112.05
N LEU FC 91 -25.42 -77.34 111.34
CA LEU FC 91 -24.35 -76.39 111.55
C LEU FC 91 -24.77 -75.37 112.58
N ASN FC 92 -23.80 -74.63 113.08
CA ASN FC 92 -24.16 -73.55 113.99
C ASN FC 92 -23.87 -72.18 113.37
N TRP FC 93 -23.82 -71.20 114.25
CA TRP FC 93 -23.96 -69.82 113.83
C TRP FC 93 -22.64 -69.19 113.43
N ALA FC 94 -21.73 -69.04 114.40
CA ALA FC 94 -20.50 -68.27 114.21
C ALA FC 94 -19.53 -68.98 113.28
N SER FC 95 -19.81 -70.24 112.97
CA SER FC 95 -19.14 -71.00 111.94
C SER FC 95 -19.15 -70.33 110.60
N TYR FC 96 -20.22 -69.61 110.29
CA TYR FC 96 -20.44 -69.20 108.92
C TYR FC 96 -19.51 -68.10 108.47
N SER FC 97 -18.96 -67.32 109.41
CA SER FC 97 -17.85 -66.43 109.07
C SER FC 97 -16.70 -67.23 108.49
N LEU FC 98 -16.38 -68.33 109.15
CA LEU FC 98 -15.29 -69.17 108.71
C LEU FC 98 -15.64 -69.86 107.41
N LEU FC 99 -16.87 -70.33 107.28
CA LEU FC 99 -17.30 -71.02 106.08
C LEU FC 99 -17.30 -70.11 104.87
N ASN FC 100 -17.66 -68.87 105.09
CA ASN FC 100 -17.71 -67.99 103.95
C ASN FC 100 -16.33 -67.50 103.59
N GLU FC 101 -15.43 -67.38 104.55
CA GLU FC 101 -14.09 -66.99 104.17
C GLU FC 101 -13.32 -68.15 103.54
N ILE FC 102 -13.76 -69.38 103.79
CA ILE FC 102 -13.39 -70.48 102.92
C ILE FC 102 -13.79 -70.22 101.49
N ALA FC 103 -15.07 -69.90 101.27
CA ALA FC 103 -15.51 -69.65 99.90
C ALA FC 103 -14.82 -68.48 99.27
N ALA FC 104 -14.47 -67.49 100.09
CA ALA FC 104 -13.64 -66.37 99.68
C ALA FC 104 -12.31 -66.85 99.18
N PHE FC 105 -11.73 -67.81 99.87
CA PHE FC 105 -10.52 -68.34 99.33
C PHE FC 105 -10.77 -69.16 98.08
N LEU FC 106 -11.92 -69.80 98.00
CA LEU FC 106 -12.22 -70.65 96.86
C LEU FC 106 -12.33 -69.87 95.58
N LYS FC 107 -12.75 -68.63 95.70
CA LYS FC 107 -12.68 -67.70 94.61
C LYS FC 107 -11.28 -67.40 94.14
N GLN FC 108 -10.25 -67.68 94.92
CA GLN FC 108 -8.93 -67.23 94.51
C GLN FC 108 -8.36 -68.01 93.35
N PHE FC 109 -8.97 -69.09 92.91
CA PHE FC 109 -8.39 -69.82 91.81
C PHE FC 109 -9.39 -70.11 90.72
N ARG FC 110 -8.89 -70.18 89.52
CA ARG FC 110 -9.68 -70.74 88.45
C ARG FC 110 -9.70 -72.23 88.75
N LYS FC 111 -10.88 -72.83 88.82
CA LYS FC 111 -11.02 -74.24 89.11
C LYS FC 111 -12.23 -74.83 88.42
N ILE FC 112 -12.25 -76.16 88.38
CA ILE FC 112 -13.22 -76.89 87.57
C ILE FC 112 -14.18 -77.68 88.43
N ALA FC 113 -13.64 -78.60 89.22
CA ALA FC 113 -14.44 -79.51 90.00
C ALA FC 113 -13.97 -79.41 91.43
N ILE FC 114 -14.92 -79.50 92.34
CA ILE FC 114 -14.61 -79.51 93.75
C ILE FC 114 -15.23 -80.74 94.35
N THR FC 115 -14.42 -81.54 95.04
CA THR FC 115 -14.96 -82.71 95.71
C THR FC 115 -14.95 -82.45 97.20
N VAL FC 116 -16.07 -82.70 97.82
CA VAL FC 116 -16.15 -82.68 99.26
C VAL FC 116 -16.57 -84.05 99.75
N THR FC 117 -15.85 -84.53 100.73
CA THR FC 117 -16.25 -85.68 101.48
C THR FC 117 -16.16 -85.34 102.95
N SER FC 118 -16.88 -86.09 103.73
CA SER FC 118 -16.81 -85.90 105.16
C SER FC 118 -16.69 -87.27 105.80
N TYR FC 119 -16.10 -87.31 106.97
CA TYR FC 119 -16.00 -88.57 107.67
C TYR FC 119 -16.40 -88.37 109.09
N SER FC 120 -17.00 -89.41 109.65
CA SER FC 120 -17.44 -89.35 111.02
C SER FC 120 -17.04 -90.62 111.74
N SER FC 121 -16.62 -90.46 112.98
CA SER FC 121 -16.34 -91.57 113.87
C SER FC 121 -17.58 -92.44 114.02
N LYS FC 122 -17.35 -93.75 114.06
CA LYS FC 122 -18.42 -94.72 113.95
C LYS FC 122 -19.30 -94.66 115.18
N TYR FC 123 -20.58 -94.40 114.97
CA TYR FC 123 -21.44 -94.09 116.08
C TYR FC 123 -22.50 -95.13 116.35
N VAL FC 124 -23.38 -95.40 115.40
CA VAL FC 124 -24.44 -96.36 115.65
C VAL FC 124 -24.52 -97.41 114.55
N SER FC 125 -24.77 -97.01 113.31
CA SER FC 125 -25.07 -98.01 112.31
C SER FC 125 -24.63 -97.52 110.96
N VAL FC 126 -23.97 -98.42 110.23
CA VAL FC 126 -23.12 -98.07 109.10
C VAL FC 126 -23.86 -97.27 108.05
N LYS FC 127 -25.14 -97.58 107.92
CA LYS FC 127 -26.08 -96.78 107.20
C LYS FC 127 -26.12 -95.36 107.74
N ARG FC 128 -26.18 -95.18 109.07
CA ARG FC 128 -26.37 -93.80 109.48
C ARG FC 128 -25.08 -93.03 109.54
N GLU FC 129 -23.93 -93.68 109.65
CA GLU FC 129 -22.77 -92.79 109.60
C GLU FC 129 -22.49 -92.41 108.17
N ARG FC 130 -22.76 -93.33 107.23
CA ARG FC 130 -22.90 -92.94 105.83
C ARG FC 130 -23.86 -91.79 105.66
N ALA FC 131 -25.02 -91.89 106.27
CA ALA FC 131 -26.03 -90.88 106.12
C ALA FC 131 -25.60 -89.57 106.75
N LEU FC 132 -24.99 -89.64 107.92
CA LEU FC 132 -24.68 -88.44 108.66
C LEU FC 132 -23.60 -87.68 107.93
N THR FC 133 -22.59 -88.39 107.49
CA THR FC 133 -21.57 -87.80 106.67
C THR FC 133 -22.11 -87.28 105.37
N LEU FC 134 -22.99 -88.05 104.73
CA LEU FC 134 -23.52 -87.69 103.44
C LEU FC 134 -24.34 -86.43 103.51
N ALA FC 135 -25.14 -86.34 104.56
CA ALA FC 135 -25.92 -85.15 104.80
C ALA FC 135 -25.03 -83.99 105.17
N ARG FC 136 -24.01 -84.24 105.99
CA ARG FC 136 -23.11 -83.19 106.42
C ARG FC 136 -22.40 -82.56 105.23
N SER FC 137 -21.93 -83.44 104.35
CA SER FC 137 -21.32 -83.05 103.11
C SER FC 137 -22.28 -82.27 102.24
N ARG FC 138 -23.48 -82.80 102.06
CA ARG FC 138 -24.38 -82.15 101.13
C ARG FC 138 -24.87 -80.83 101.68
N VAL FC 139 -24.90 -80.62 102.99
CA VAL FC 139 -25.42 -79.36 103.48
C VAL FC 139 -24.36 -78.28 103.40
N VAL FC 140 -23.11 -78.63 103.66
CA VAL FC 140 -22.13 -77.57 103.51
C VAL FC 140 -21.85 -77.33 102.03
N SER FC 141 -22.04 -78.36 101.21
CA SER FC 141 -21.91 -78.23 99.78
C SER FC 141 -22.98 -77.37 99.19
N GLU FC 142 -24.22 -77.58 99.65
CA GLU FC 142 -25.32 -76.72 99.26
C GLU FC 142 -24.99 -75.29 99.63
N TYR FC 143 -24.45 -75.09 100.84
CA TYR FC 143 -24.18 -73.74 101.27
C TYR FC 143 -23.13 -73.08 100.42
N LEU FC 144 -22.07 -73.78 100.12
CA LEU FC 144 -21.07 -73.05 99.38
C LEU FC 144 -21.37 -73.00 97.89
N TRP FC 145 -22.12 -73.95 97.37
CA TRP FC 145 -22.62 -73.84 96.01
C TRP FC 145 -23.52 -72.66 95.84
N SER FC 146 -24.37 -72.45 96.83
CA SER FC 146 -25.14 -71.23 96.88
C SER FC 146 -24.23 -70.05 97.00
N GLN FC 147 -23.14 -70.21 97.73
CA GLN FC 147 -22.19 -69.14 97.87
C GLN FC 147 -21.38 -69.08 96.60
N GLY FC 148 -20.26 -68.39 96.66
CA GLY FC 148 -19.43 -68.32 95.48
C GLY FC 148 -18.76 -69.64 95.18
N VAL FC 149 -19.26 -70.32 94.15
CA VAL FC 149 -18.55 -71.43 93.53
C VAL FC 149 -18.13 -71.08 92.13
N ASP FC 150 -16.87 -71.29 91.89
CA ASP FC 150 -16.31 -71.13 90.57
C ASP FC 150 -16.05 -72.48 89.94
N SER FC 151 -16.44 -73.53 90.63
CA SER FC 151 -16.35 -74.85 90.05
C SER FC 151 -17.41 -75.01 88.99
N ARG FC 152 -17.16 -75.93 88.08
CA ARG FC 152 -18.25 -76.36 87.25
C ARG FC 152 -18.99 -77.50 87.88
N ILE FC 153 -18.28 -78.32 88.63
CA ILE FC 153 -18.85 -79.53 89.19
C ILE FC 153 -18.53 -79.55 90.67
N ILE FC 154 -19.49 -79.94 91.50
CA ILE FC 154 -19.18 -80.30 92.85
C ILE FC 154 -19.66 -81.72 93.09
N PHE FC 155 -18.71 -82.61 93.33
CA PHE FC 155 -19.01 -83.95 93.78
C PHE FC 155 -19.06 -83.94 95.30
N THR FC 156 -20.02 -84.66 95.86
CA THR FC 156 -20.20 -84.69 97.31
C THR FC 156 -20.55 -86.07 97.81
N GLN FC 157 -19.88 -86.45 98.91
CA GLN FC 157 -20.15 -87.64 99.70
C GLN FC 157 -19.37 -87.61 101.02
N GLY FC 158 -19.57 -88.66 101.80
CA GLY FC 158 -18.88 -88.81 103.06
C GLY FC 158 -19.09 -90.23 103.55
N LEU FC 159 -18.15 -90.72 104.34
CA LEU FC 159 -18.23 -92.08 104.83
C LEU FC 159 -18.03 -92.12 106.33
N GLY FC 160 -18.51 -93.19 106.94
CA GLY FC 160 -18.47 -93.23 108.37
C GLY FC 160 -17.10 -93.56 108.94
N SER FC 161 -16.13 -92.67 108.73
CA SER FC 161 -14.72 -92.89 109.04
C SER FC 161 -14.24 -94.26 108.59
N ASP FC 162 -14.64 -94.65 107.39
CA ASP FC 162 -14.27 -95.95 106.86
C ASP FC 162 -12.80 -95.99 106.55
N LYS FC 163 -12.21 -94.83 106.45
CA LYS FC 163 -10.80 -94.64 106.23
C LYS FC 163 -10.38 -93.63 107.29
N PRO FC 164 -10.25 -94.08 108.53
CA PRO FC 164 -9.83 -93.18 109.59
C PRO FC 164 -8.37 -92.83 109.39
N ILE FC 165 -8.04 -91.56 109.54
CA ILE FC 165 -6.66 -91.15 109.41
C ILE FC 165 -5.91 -91.24 110.70
N THR FC 166 -6.61 -91.36 111.81
CA THR FC 166 -6.01 -91.83 113.03
C THR FC 166 -6.79 -93.04 113.47
N SER FC 167 -6.10 -93.93 114.17
CA SER FC 167 -6.81 -94.92 114.94
C SER FC 167 -6.80 -94.60 116.43
N TYR FC 168 -6.13 -93.52 116.84
CA TYR FC 168 -6.45 -92.97 118.14
C TYR FC 168 -7.88 -92.50 118.12
N THR FC 169 -8.72 -93.22 118.86
CA THR FC 169 -10.16 -93.19 118.70
C THR FC 169 -10.83 -92.67 119.96
N LEU FC 170 -10.32 -91.52 120.43
CA LEU FC 170 -10.62 -90.90 121.73
C LEU FC 170 -12.11 -90.82 122.05
N GLY FC 171 -12.96 -90.75 121.05
CA GLY FC 171 -14.38 -90.96 121.24
C GLY FC 171 -15.14 -90.87 119.93
N GLY FC 172 -16.25 -90.17 120.00
CA GLY FC 172 -17.08 -89.98 118.85
C GLY FC 172 -16.73 -88.68 118.19
N ASP FC 173 -17.50 -87.65 118.46
CA ASP FC 173 -17.44 -86.44 117.66
C ASP FC 173 -16.42 -85.44 118.18
N ARG FC 174 -15.53 -85.84 119.05
CA ARG FC 174 -14.33 -85.05 119.19
C ARG FC 174 -13.13 -85.69 118.52
N SER FC 175 -13.32 -86.82 117.86
CA SER FC 175 -12.26 -87.39 117.07
C SER FC 175 -11.98 -86.51 115.85
N PRO FC 176 -10.72 -86.45 115.43
CA PRO FC 176 -10.43 -85.92 114.10
C PRO FC 176 -10.92 -86.79 112.97
N ASN FC 177 -11.29 -88.05 113.21
CA ASN FC 177 -11.92 -88.80 112.14
C ASN FC 177 -13.34 -88.33 111.88
N ALA FC 178 -13.91 -87.60 112.81
CA ALA FC 178 -15.02 -86.71 112.51
C ALA FC 178 -14.42 -85.44 111.93
N ARG FC 179 -14.76 -85.17 110.69
CA ARG FC 179 -13.99 -84.30 109.83
C ARG FC 179 -14.74 -84.11 108.53
N VAL FC 180 -14.31 -83.10 107.80
CA VAL FC 180 -14.82 -82.86 106.47
C VAL FC 180 -13.68 -82.29 105.66
N GLU FC 181 -13.61 -82.69 104.41
CA GLU FC 181 -12.44 -82.49 103.59
C GLU FC 181 -12.87 -82.07 102.20
N ILE FC 182 -12.13 -81.13 101.64
CA ILE FC 182 -12.43 -80.57 100.34
C ILE FC 182 -11.16 -80.60 99.51
N THR FC 183 -11.25 -81.21 98.36
CA THR FC 183 -10.15 -81.23 97.42
C THR FC 183 -10.53 -80.46 96.19
N PHE FC 184 -9.53 -79.83 95.59
CA PHE FC 184 -9.62 -79.40 94.21
C PHE FC 184 -8.22 -79.40 93.64
N ARG FC 185 -8.14 -79.26 92.33
CA ARG FC 185 -6.91 -78.91 91.65
C ARG FC 185 -7.08 -77.53 91.04
N ARG FC 186 -6.18 -76.62 91.37
CA ARG FC 186 -6.23 -75.27 90.81
C ARG FC 186 -6.05 -75.37 89.32
N ALA FC 187 -7.08 -74.97 88.58
CA ALA FC 187 -7.04 -75.10 87.15
C ALA FC 187 -6.11 -74.06 86.59
N VAL FC 188 -5.06 -74.52 85.92
CA VAL FC 188 -4.03 -73.79 85.18
C VAL FC 188 -3.54 -72.50 85.84
N UNK GC 1 -64.57 -119.01 140.04
CA UNK GC 1 -63.69 -117.86 140.04
C UNK GC 1 -63.41 -117.35 138.62
N UNK GC 2 -62.64 -118.10 137.84
CA UNK GC 2 -62.21 -117.67 136.53
C UNK GC 2 -63.32 -117.85 135.49
N UNK GC 3 -62.97 -117.69 134.22
CA UNK GC 3 -63.94 -117.82 133.14
C UNK GC 3 -63.58 -119.07 132.36
N UNK GC 4 -64.34 -120.15 132.58
CA UNK GC 4 -64.11 -121.45 131.95
C UNK GC 4 -65.45 -122.08 131.57
N UNK GC 5 -65.94 -121.76 130.37
CA UNK GC 5 -67.09 -122.43 129.78
C UNK GC 5 -66.98 -122.28 128.27
N UNK GC 6 -67.57 -123.24 127.56
CA UNK GC 6 -67.80 -123.13 126.12
C UNK GC 6 -69.32 -123.23 125.97
N UNK GC 7 -69.98 -122.11 126.20
CA UNK GC 7 -71.39 -122.07 126.52
C UNK GC 7 -71.93 -120.72 126.10
N UNK GC 8 -73.04 -120.33 126.71
CA UNK GC 8 -73.46 -118.95 126.76
C UNK GC 8 -73.30 -118.51 128.21
N UNK GC 9 -72.09 -118.04 128.57
CA UNK GC 9 -71.92 -117.43 129.89
C UNK GC 9 -72.77 -116.17 130.00
N UNK GC 10 -72.77 -115.37 128.93
CA UNK GC 10 -73.76 -114.34 128.58
C UNK GC 10 -73.81 -113.14 129.50
N UNK GC 11 -73.22 -113.24 130.68
CA UNK GC 11 -73.37 -112.22 131.70
C UNK GC 11 -72.17 -112.40 132.62
N UNK GC 12 -71.16 -111.58 132.39
CA UNK GC 12 -70.02 -111.51 133.29
C UNK GC 12 -69.63 -110.04 133.31
N UNK GC 13 -70.28 -109.30 134.20
CA UNK GC 13 -69.79 -107.99 134.64
C UNK GC 13 -69.03 -108.22 135.94
N UNK GC 14 -68.03 -109.09 135.87
CA UNK GC 14 -67.36 -109.63 137.04
C UNK GC 14 -65.86 -109.64 136.82
N UNK GC 15 -65.11 -109.43 137.90
CA UNK GC 15 -63.64 -109.46 137.88
C UNK GC 15 -63.17 -110.79 138.47
N UNK GC 16 -62.24 -111.43 137.76
CA UNK GC 16 -61.74 -112.75 138.14
C UNK GC 16 -60.72 -112.66 139.28
N UNK GC 17 -60.33 -113.83 139.79
CA UNK GC 17 -59.68 -114.00 141.08
C UNK GC 17 -58.16 -114.09 140.99
N UNK GC 18 -57.54 -114.38 142.13
CA UNK GC 18 -56.15 -114.81 142.14
C UNK GC 18 -56.07 -116.22 141.63
N UNK GC 19 -55.04 -116.47 140.82
CA UNK GC 19 -54.85 -117.71 140.08
C UNK GC 19 -56.07 -118.05 139.24
N UNK GC 20 -56.65 -117.04 138.60
CA UNK GC 20 -57.85 -117.25 137.80
C UNK GC 20 -57.46 -117.43 136.34
N UNK GC 21 -57.43 -118.69 135.93
CA UNK GC 21 -57.15 -119.04 134.54
C UNK GC 21 -58.43 -118.89 133.73
N UNK GC 22 -58.75 -117.65 133.41
CA UNK GC 22 -59.97 -117.34 132.67
C UNK GC 22 -59.74 -117.73 131.22
N UNK GC 23 -59.91 -119.01 130.93
CA UNK GC 23 -59.73 -119.59 129.59
C UNK GC 23 -61.08 -119.83 128.91
N UNK GC 24 -61.88 -118.78 128.74
CA UNK GC 24 -63.25 -118.97 128.32
C UNK GC 24 -63.38 -119.22 126.82
N UNK GC 25 -64.41 -119.99 126.47
CA UNK GC 25 -64.90 -120.13 125.10
C UNK GC 25 -66.41 -119.94 125.06
N UNK GC 26 -66.97 -119.32 126.10
CA UNK GC 26 -68.41 -119.20 126.22
C UNK GC 26 -68.91 -117.92 125.58
N UNK GC 27 -70.18 -117.94 125.20
CA UNK GC 27 -70.80 -116.72 124.69
C UNK GC 27 -71.08 -115.81 125.88
N UNK GC 28 -70.34 -114.70 125.95
CA UNK GC 28 -70.53 -113.70 127.00
C UNK GC 28 -71.06 -112.43 126.32
N UNK GC 29 -72.38 -112.27 126.36
CA UNK GC 29 -73.02 -111.13 125.73
C UNK GC 29 -72.70 -109.85 126.50
N UNK GC 30 -73.03 -109.83 127.79
CA UNK GC 30 -72.57 -108.76 128.66
C UNK GC 30 -71.18 -109.15 129.17
N UNK GC 31 -70.19 -108.89 128.33
CA UNK GC 31 -68.82 -109.26 128.63
C UNK GC 31 -68.04 -108.05 129.11
N UNK GC 32 -67.55 -108.14 130.34
CA UNK GC 32 -66.63 -107.15 130.89
C UNK GC 32 -65.77 -107.90 131.89
N UNK GC 33 -64.60 -108.36 131.43
CA UNK GC 33 -63.75 -109.26 132.22
C UNK GC 33 -62.47 -108.54 132.63
N UNK GC 34 -62.42 -108.10 133.88
CA UNK GC 34 -61.20 -107.53 134.44
C UNK GC 34 -60.52 -108.56 135.34
N UNK GC 35 -59.90 -109.55 134.70
CA UNK GC 35 -59.26 -110.66 135.41
C UNK GC 35 -58.03 -110.17 136.17
N UNK GC 36 -57.70 -110.87 137.27
CA UNK GC 36 -56.69 -110.35 138.19
C UNK GC 36 -55.38 -111.12 138.19
N UNK GC 37 -55.40 -112.44 138.08
CA UNK GC 37 -54.16 -113.19 138.16
C UNK GC 37 -54.30 -114.46 137.37
N UNK GC 38 -53.20 -114.85 136.73
CA UNK GC 38 -53.10 -116.00 135.84
C UNK GC 38 -54.13 -115.95 134.73
N UNK GC 39 -54.40 -114.75 134.22
CA UNK GC 39 -55.44 -114.57 133.21
C UNK GC 39 -55.02 -115.27 131.93
N UNK GC 40 -55.88 -116.15 131.44
CA UNK GC 40 -55.49 -117.16 130.47
C UNK GC 40 -56.44 -117.14 129.29
N UNK GC 41 -56.70 -115.95 128.77
CA UNK GC 41 -57.69 -115.72 127.73
C UNK GC 41 -57.30 -116.39 126.41
N UNK GC 42 -58.23 -117.18 125.86
CA UNK GC 42 -58.14 -117.75 124.51
C UNK GC 42 -59.57 -118.01 124.03
N UNK GC 43 -60.12 -117.08 123.27
CA UNK GC 43 -61.54 -117.15 122.94
C UNK GC 43 -61.80 -116.83 121.47
N UNK GC 44 -62.93 -117.31 120.98
CA UNK GC 44 -63.40 -117.06 119.61
C UNK GC 44 -64.84 -116.57 119.71
N UNK GC 45 -65.00 -115.26 119.88
CA UNK GC 45 -66.31 -114.67 120.13
C UNK GC 45 -66.39 -113.26 119.58
N UNK GC 46 -67.38 -112.52 120.06
CA UNK GC 46 -67.56 -111.12 119.71
C UNK GC 46 -68.01 -110.39 120.97
N UNK GC 47 -67.11 -109.62 121.58
CA UNK GC 47 -67.39 -108.92 122.83
C UNK GC 47 -68.06 -107.58 122.59
N UNK GC 48 -67.73 -106.94 121.47
CA UNK GC 48 -68.27 -105.69 120.95
C UNK GC 48 -67.94 -104.47 121.79
N UNK GC 49 -67.44 -104.64 123.01
CA UNK GC 49 -67.10 -103.50 123.84
C UNK GC 49 -65.97 -103.82 124.81
N UNK GC 50 -65.01 -104.65 124.40
CA UNK GC 50 -64.03 -105.11 125.39
C UNK GC 50 -63.11 -103.95 125.75
N UNK GC 51 -63.37 -103.41 126.92
CA UNK GC 51 -62.47 -102.48 127.56
C UNK GC 51 -61.75 -103.29 128.62
N UNK GC 52 -60.72 -104.00 128.18
CA UNK GC 52 -60.01 -104.91 129.05
C UNK GC 52 -58.94 -104.19 129.86
N UNK GC 53 -58.83 -104.57 131.12
CA UNK GC 53 -57.71 -104.21 131.97
C UNK GC 53 -56.94 -105.48 132.29
N UNK GC 54 -55.61 -105.38 132.35
CA UNK GC 54 -54.78 -106.58 132.51
C UNK GC 54 -53.71 -106.38 133.57
N UNK GC 55 -53.70 -107.28 134.55
CA UNK GC 55 -52.63 -107.43 135.53
C UNK GC 55 -51.65 -108.51 135.07
N UNK GC 56 -50.76 -108.94 135.95
CA UNK GC 56 -49.68 -109.86 135.59
C UNK GC 56 -50.20 -111.25 135.26
N UNK GC 57 -49.36 -112.00 134.53
CA UNK GC 57 -49.65 -113.34 134.01
C UNK GC 57 -50.92 -113.34 133.18
N UNK GC 58 -51.09 -112.30 132.38
CA UNK GC 58 -52.23 -112.20 131.49
C UNK GC 58 -51.72 -112.65 130.12
N UNK GC 59 -51.76 -113.95 129.91
CA UNK GC 59 -51.70 -114.50 128.57
C UNK GC 59 -53.06 -114.29 127.96
N UNK GC 60 -53.12 -113.52 126.89
CA UNK GC 60 -54.39 -113.19 126.29
C UNK GC 60 -54.32 -113.52 124.80
N UNK GC 61 -55.43 -114.04 124.28
CA UNK GC 61 -55.52 -114.48 122.89
C UNK GC 61 -57.00 -114.45 122.49
N UNK GC 62 -57.35 -113.53 121.59
CA UNK GC 62 -58.76 -113.28 121.35
C UNK GC 62 -59.06 -112.95 119.89
N UNK GC 63 -60.31 -113.24 119.49
CA UNK GC 63 -60.87 -112.87 118.18
C UNK GC 63 -62.16 -112.07 118.33
N UNK GC 64 -62.26 -111.26 119.38
CA UNK GC 64 -63.44 -110.49 119.70
C UNK GC 64 -63.12 -109.01 119.74
N UNK GC 65 -64.15 -108.19 119.58
CA UNK GC 65 -63.95 -106.75 119.43
C UNK GC 65 -63.59 -106.11 120.76
N UNK GC 66 -62.50 -105.37 120.77
CA UNK GC 66 -62.10 -104.63 121.95
C UNK GC 66 -62.29 -103.15 121.72
N UNK GC 67 -62.45 -102.44 122.80
CA UNK GC 67 -62.60 -101.00 122.72
C UNK GC 67 -61.49 -100.28 123.43
N UNK GC 68 -61.11 -100.77 124.60
CA UNK GC 68 -60.05 -100.13 125.34
C UNK GC 68 -59.16 -101.22 125.89
N UNK GC 69 -57.89 -100.87 126.08
CA UNK GC 69 -56.94 -101.79 126.71
C UNK GC 69 -56.05 -101.00 127.66
N UNK GC 70 -55.98 -101.48 128.90
CA UNK GC 70 -55.19 -100.83 129.94
C UNK GC 70 -54.31 -101.87 130.61
N UNK GC 71 -53.06 -101.49 130.90
CA UNK GC 71 -52.04 -102.42 131.35
C UNK GC 71 -51.43 -101.98 132.67
N UNK GC 72 -51.36 -102.91 133.63
CA UNK GC 72 -50.85 -102.59 134.96
C UNK GC 72 -49.39 -103.00 135.16
N UNK GC 73 -49.04 -104.28 135.08
CA UNK GC 73 -47.70 -104.70 135.49
C UNK GC 73 -46.86 -105.26 134.36
N UNK GC 74 -47.24 -106.41 133.80
CA UNK GC 74 -46.48 -107.11 132.76
C UNK GC 74 -47.34 -108.24 132.22
N UNK GC 75 -47.56 -108.26 130.91
CA UNK GC 75 -48.51 -109.21 130.34
C UNK GC 75 -48.13 -109.52 128.90
N UNK GC 76 -48.87 -110.45 128.31
CA UNK GC 76 -48.59 -110.95 126.96
C UNK GC 76 -49.91 -111.08 126.22
N UNK GC 77 -50.14 -110.17 125.28
CA UNK GC 77 -51.40 -110.18 124.55
C UNK GC 77 -51.21 -110.62 123.11
N UNK GC 78 -52.25 -111.26 122.57
CA UNK GC 78 -52.33 -111.72 121.19
C UNK GC 78 -53.80 -111.65 120.80
N UNK GC 79 -54.19 -110.55 120.20
CA UNK GC 79 -55.61 -110.27 120.04
C UNK GC 79 -55.95 -109.79 118.63
N UNK GC 80 -57.25 -109.84 118.32
CA UNK GC 80 -57.83 -109.38 117.04
C UNK GC 80 -59.11 -108.56 117.28
N UNK GC 81 -58.96 -107.24 117.40
CA UNK GC 81 -60.07 -106.32 117.61
C UNK GC 81 -60.41 -105.55 116.34
N UNK GC 82 -61.51 -104.80 116.37
CA UNK GC 82 -61.95 -104.18 115.13
C UNK GC 82 -62.27 -102.70 115.21
N UNK GC 83 -62.91 -102.22 116.28
CA UNK GC 83 -63.59 -100.94 116.21
C UNK GC 83 -62.72 -99.78 116.67
N UNK GC 84 -62.36 -99.75 117.94
CA UNK GC 84 -61.65 -98.61 118.46
C UNK GC 84 -60.73 -99.11 119.55
N UNK GC 85 -59.76 -98.28 119.90
CA UNK GC 85 -58.81 -98.67 120.91
C UNK GC 85 -58.32 -97.43 121.60
N UNK GC 86 -58.75 -97.26 122.82
CA UNK GC 86 -58.12 -96.33 123.73
C UNK GC 86 -57.05 -97.15 124.44
N UNK GC 87 -55.79 -96.77 124.25
CA UNK GC 87 -54.67 -97.54 124.76
C UNK GC 87 -54.00 -96.82 125.92
N UNK GC 88 -53.76 -97.55 127.01
CA UNK GC 88 -53.03 -96.98 128.14
C UNK GC 88 -52.24 -98.09 128.83
N UNK GC 89 -50.94 -97.86 129.01
CA UNK GC 89 -50.04 -98.98 129.30
C UNK GC 89 -49.07 -98.69 130.44
N UNK GC 90 -48.59 -99.79 131.04
CA UNK GC 90 -47.39 -99.76 131.88
C UNK GC 90 -46.67 -101.11 131.79
N UNK GC 91 -45.49 -101.10 131.14
CA UNK GC 91 -44.44 -102.12 131.29
C UNK GC 91 -44.86 -103.52 130.86
N UNK GC 92 -45.51 -103.66 129.72
CA UNK GC 92 -45.96 -104.99 129.32
C UNK GC 92 -45.59 -105.24 127.87
N UNK GC 93 -46.20 -106.28 127.31
CA UNK GC 93 -46.01 -106.63 125.92
C UNK GC 93 -47.32 -107.08 125.32
N UNK GC 94 -47.68 -106.46 124.21
CA UNK GC 94 -48.95 -106.79 123.60
C UNK GC 94 -48.74 -106.93 122.12
N UNK GC 95 -49.50 -107.85 121.54
CA UNK GC 95 -49.55 -108.00 120.10
C UNK GC 95 -51.00 -107.99 119.67
N UNK GC 96 -51.27 -107.26 118.59
CA UNK GC 96 -52.60 -107.17 118.02
C UNK GC 96 -52.49 -107.41 116.53
N UNK GC 97 -53.60 -107.83 115.92
CA UNK GC 97 -53.53 -108.30 114.53
C UNK GC 97 -54.38 -107.49 113.56
N UNK GC 98 -55.71 -107.47 113.74
CA UNK GC 98 -56.63 -107.14 112.67
C UNK GC 98 -56.81 -105.64 112.51
N UNK GC 99 -57.58 -105.24 111.52
CA UNK GC 99 -57.80 -103.83 111.21
C UNK GC 99 -58.66 -103.23 112.31
N UNK GC 100 -58.05 -102.38 113.13
CA UNK GC 100 -58.76 -101.63 114.15
C UNK GC 100 -58.37 -100.15 114.07
N UNK GC 101 -58.86 -99.38 115.02
CA UNK GC 101 -58.60 -97.94 115.06
C UNK GC 101 -58.13 -97.56 116.45
N UNK GC 102 -56.83 -97.59 116.66
CA UNK GC 102 -56.28 -97.03 117.88
C UNK GC 102 -56.50 -95.54 117.82
N UNK GC 103 -57.40 -95.06 118.65
CA UNK GC 103 -57.62 -93.63 118.73
C UNK GC 103 -56.37 -92.94 119.25
N UNK GC 104 -55.85 -93.42 120.38
CA UNK GC 104 -54.68 -92.81 120.96
C UNK GC 104 -53.90 -93.84 121.76
N UNK GC 105 -52.62 -93.53 121.96
CA UNK GC 105 -51.77 -94.30 122.86
C UNK GC 105 -50.99 -93.34 123.74
N UNK GC 106 -51.03 -93.60 125.05
CA UNK GC 106 -50.31 -92.81 126.04
C UNK GC 106 -49.54 -93.77 126.92
N UNK GC 107 -48.22 -93.63 126.93
CA UNK GC 107 -47.37 -94.57 127.64
C UNK GC 107 -46.47 -93.81 128.59
N UNK GC 108 -46.53 -94.15 129.87
CA UNK GC 108 -45.61 -93.63 130.86
C UNK GC 108 -44.52 -94.63 131.21
N UNK GC 109 -44.49 -95.78 130.53
CA UNK GC 109 -43.64 -96.88 130.97
C UNK GC 109 -43.23 -97.72 129.75
N UNK GC 110 -42.83 -98.96 130.00
CA UNK GC 110 -42.14 -99.80 129.01
C UNK GC 110 -43.15 -100.69 128.29
N UNK GC 111 -43.46 -100.33 127.05
CA UNK GC 111 -44.49 -101.02 126.30
C UNK GC 111 -43.86 -101.68 125.09
N UNK GC 112 -44.08 -102.97 124.95
CA UNK GC 112 -43.78 -103.67 123.72
C UNK GC 112 -45.09 -103.85 122.98
N UNK GC 113 -45.58 -102.76 122.41
CA UNK GC 113 -46.88 -102.79 121.75
C UNK GC 113 -46.69 -103.02 120.27
N UNK GC 114 -47.44 -103.99 119.74
CA UNK GC 114 -47.34 -104.35 118.35
C UNK GC 114 -48.74 -104.51 117.78
N UNK GC 115 -48.86 -104.23 116.49
CA UNK GC 115 -50.08 -104.50 115.76
C UNK GC 115 -49.73 -104.75 114.31
N UNK GC 116 -50.14 -105.91 113.81
CA UNK GC 116 -49.90 -106.27 112.43
C UNK GC 116 -50.71 -105.43 111.45
N UNK GC 117 -51.95 -105.11 111.77
CA UNK GC 117 -52.71 -104.20 110.93
C UNK GC 117 -53.35 -103.18 111.85
N UNK GC 118 -53.46 -101.95 111.35
CA UNK GC 118 -54.15 -100.88 112.06
C UNK GC 118 -54.56 -99.85 111.01
N UNK GC 119 -55.82 -99.83 110.64
CA UNK GC 119 -56.32 -98.84 109.69
C UNK GC 119 -57.07 -97.77 110.48
N UNK GC 120 -56.31 -96.95 111.18
CA UNK GC 120 -56.85 -95.82 111.92
C UNK GC 120 -56.60 -94.57 111.10
N UNK GC 121 -56.84 -93.42 111.71
CA UNK GC 121 -56.59 -92.16 111.04
C UNK GC 121 -55.63 -91.26 111.78
N UNK GC 122 -55.96 -90.87 112.99
CA UNK GC 122 -55.15 -89.89 113.72
C UNK GC 122 -54.61 -90.61 114.95
N UNK GC 123 -53.48 -91.26 114.77
CA UNK GC 123 -52.82 -91.93 115.87
C UNK GC 123 -52.05 -90.87 116.61
N UNK GC 124 -52.56 -90.49 117.77
CA UNK GC 124 -51.88 -89.55 118.64
C UNK GC 124 -51.19 -90.37 119.71
N UNK GC 125 -49.89 -90.20 119.82
CA UNK GC 125 -49.08 -90.95 120.76
C UNK GC 125 -48.32 -89.98 121.63
N UNK GC 126 -48.50 -90.09 122.93
CA UNK GC 126 -47.70 -89.34 123.88
C UNK GC 126 -46.84 -90.32 124.68
N UNK GC 127 -45.56 -89.99 124.81
CA UNK GC 127 -44.58 -90.92 125.36
C UNK GC 127 -43.86 -90.30 126.53
N UNK GC 128 -43.63 -91.13 127.56
CA UNK GC 128 -42.94 -90.73 128.78
C UNK GC 128 -41.94 -91.82 129.17
N UNK GC 129 -40.73 -91.68 128.63
CA UNK GC 129 -39.44 -92.20 129.06
C UNK GC 129 -39.11 -93.68 128.80
N UNK GC 130 -40.05 -94.54 128.40
CA UNK GC 130 -39.58 -95.93 128.35
C UNK GC 130 -40.06 -96.79 127.20
N UNK GC 131 -41.21 -96.53 126.59
CA UNK GC 131 -41.83 -97.52 125.73
C UNK GC 131 -41.08 -97.70 124.41
N UNK GC 132 -41.39 -98.81 123.75
CA UNK GC 132 -40.88 -99.05 122.41
C UNK GC 132 -41.96 -99.81 121.68
N UNK GC 133 -42.85 -99.09 121.03
CA UNK GC 133 -43.95 -99.71 120.33
C UNK GC 133 -43.63 -99.72 118.85
N UNK GC 134 -44.10 -100.76 118.18
CA UNK GC 134 -43.90 -100.90 116.76
C UNK GC 134 -45.18 -101.48 116.22
N UNK GC 135 -46.04 -100.61 115.72
CA UNK GC 135 -47.28 -101.04 115.07
C UNK GC 135 -47.30 -100.41 113.69
N UNK GC 136 -47.73 -101.18 112.68
CA UNK GC 136 -47.58 -100.70 111.30
C UNK GC 136 -48.58 -101.40 110.36
N UNK GC 137 -49.66 -100.70 109.98
CA UNK GC 137 -50.17 -100.92 108.64
C UNK GC 137 -50.38 -99.67 107.78
N UNK GC 138 -51.36 -98.83 108.17
CA UNK GC 138 -51.84 -97.75 107.28
C UNK GC 138 -52.68 -96.76 108.08
N UNK GC 139 -52.18 -95.54 108.27
CA UNK GC 139 -52.88 -94.50 109.00
C UNK GC 139 -53.08 -93.27 108.13
N UNK GC 140 -53.56 -92.19 108.75
CA UNK GC 140 -53.67 -90.93 108.05
C UNK GC 140 -52.86 -89.83 108.71
N UNK GC 141 -53.03 -89.61 110.00
CA UNK GC 141 -52.37 -88.50 110.67
C UNK GC 141 -51.67 -89.08 111.88
N UNK GC 142 -50.38 -89.27 111.77
CA UNK GC 142 -49.60 -89.80 112.87
C UNK GC 142 -48.91 -88.65 113.59
N UNK GC 143 -49.34 -88.38 114.81
CA UNK GC 143 -48.73 -87.32 115.59
C UNK GC 143 -48.19 -87.92 116.87
N UNK GC 144 -46.97 -87.54 117.23
CA UNK GC 144 -46.30 -88.14 118.38
C UNK GC 144 -45.57 -87.09 119.17
N UNK GC 145 -46.01 -86.90 120.39
CA UNK GC 145 -45.29 -86.11 121.38
C UNK GC 145 -44.45 -87.07 122.18
N UNK GC 146 -43.19 -87.20 121.81
CA UNK GC 146 -42.26 -88.01 122.59
C UNK GC 146 -41.59 -87.06 123.56
N UNK GC 147 -42.27 -86.76 124.66
CA UNK GC 147 -41.66 -85.99 125.74
C UNK GC 147 -40.98 -86.95 126.69
N UNK GC 148 -39.94 -87.60 126.20
CA UNK GC 148 -39.60 -88.94 126.66
C UNK GC 148 -38.09 -89.15 126.63
N UNK GC 149 -37.69 -90.40 126.82
CA UNK GC 149 -36.35 -90.90 126.54
C UNK GC 149 -36.41 -92.28 125.90
N UNK GC 150 -37.34 -92.49 124.99
CA UNK GC 150 -37.74 -93.83 124.63
C UNK GC 150 -37.58 -94.06 123.13
N UNK GC 151 -38.09 -95.18 122.67
CA UNK GC 151 -37.95 -95.59 121.29
C UNK GC 151 -39.31 -95.69 120.66
N UNK GC 152 -39.37 -95.45 119.36
CA UNK GC 152 -40.62 -95.39 118.64
C UNK GC 152 -40.35 -95.96 117.27
N UNK GC 153 -40.60 -97.25 117.13
CA UNK GC 153 -40.34 -97.91 115.86
C UNK GC 153 -41.58 -97.87 114.99
N UNK GC 154 -41.36 -97.69 113.70
CA UNK GC 154 -42.46 -97.69 112.75
C UNK GC 154 -41.94 -98.03 111.37
N UNK GC 155 -42.46 -99.10 110.80
CA UNK GC 155 -42.43 -99.34 109.38
C UNK GC 155 -43.82 -99.10 108.80
N UNK GC 156 -44.47 -98.03 109.27
CA UNK GC 156 -45.88 -97.74 109.00
C UNK GC 156 -46.04 -96.67 107.92
N UNK GC 157 -47.09 -96.78 107.10
CA UNK GC 157 -47.33 -95.87 105.98
C UNK GC 157 -48.58 -95.01 106.23
N UNK GC 158 -48.36 -93.80 106.75
CA UNK GC 158 -49.42 -92.80 106.89
C UNK GC 158 -49.22 -91.66 105.88
N UNK GC 159 -50.29 -90.92 105.63
CA UNK GC 159 -50.15 -89.80 104.70
C UNK GC 159 -49.47 -88.61 105.36
N UNK GC 160 -49.92 -88.23 106.55
CA UNK GC 160 -49.46 -87.01 107.18
C UNK GC 160 -48.87 -87.34 108.54
N UNK GC 161 -47.80 -86.66 108.88
CA UNK GC 161 -47.13 -86.91 110.14
C UNK GC 161 -46.74 -85.61 110.79
N UNK GC 162 -46.83 -85.59 112.11
CA UNK GC 162 -46.30 -84.52 112.93
C UNK GC 162 -45.68 -85.21 114.14
N UNK GC 163 -44.38 -85.35 114.13
CA UNK GC 163 -43.65 -86.04 115.19
C UNK GC 163 -42.66 -85.08 115.81
N UNK GC 164 -42.76 -84.90 117.12
CA UNK GC 164 -41.87 -84.02 117.85
C UNK GC 164 -41.29 -84.77 119.04
N UNK GC 165 -39.97 -84.72 119.19
CA UNK GC 165 -39.25 -85.42 120.25
C UNK GC 165 -38.44 -84.43 121.09
N UNK GC 166 -38.56 -84.56 122.42
CA UNK GC 166 -38.10 -83.54 123.34
C UNK GC 166 -36.63 -83.65 123.72
N UNK GC 167 -36.15 -84.82 124.14
CA UNK GC 167 -34.77 -84.97 124.60
C UNK GC 167 -34.38 -86.44 124.50
N UNK GC 168 -33.54 -86.76 123.50
CA UNK GC 168 -32.84 -88.04 123.39
C UNK GC 168 -33.78 -89.23 123.26
N UNK GC 169 -34.76 -89.11 122.39
CA UNK GC 169 -35.55 -90.27 122.02
C UNK GC 169 -35.12 -90.73 120.64
N UNK GC 170 -35.60 -91.90 120.26
CA UNK GC 170 -35.23 -92.48 118.99
C UNK GC 170 -36.50 -92.83 118.26
N UNK GC 171 -36.68 -92.25 117.08
CA UNK GC 171 -37.90 -92.45 116.33
C UNK GC 171 -37.59 -92.88 114.91
N UNK GC 172 -38.23 -93.95 114.49
CA UNK GC 172 -38.16 -94.43 113.13
C UNK GC 172 -39.56 -94.36 112.56
N UNK GC 173 -39.74 -93.50 111.58
CA UNK GC 173 -41.05 -93.24 111.02
C UNK GC 173 -41.02 -93.31 109.49
N UNK GC 174 -42.21 -93.17 108.90
CA UNK GC 174 -42.38 -93.13 107.44
C UNK GC 174 -43.71 -92.47 107.11
N UNK GC 175 -43.73 -91.53 106.14
CA UNK GC 175 -44.92 -90.78 105.75
C UNK GC 175 -45.11 -90.79 104.24
N UNK GC 176 -46.37 -90.65 103.78
CA UNK GC 176 -46.64 -90.64 102.35
C UNK GC 176 -46.65 -89.22 101.81
N UNK GC 177 -47.59 -88.41 102.27
CA UNK GC 177 -47.72 -87.06 101.72
C UNK GC 177 -46.91 -86.04 102.48
N UNK GC 178 -47.03 -85.99 103.80
CA UNK GC 178 -46.41 -84.93 104.56
C UNK GC 178 -45.63 -85.51 105.72
N UNK GC 179 -44.37 -85.11 105.84
CA UNK GC 179 -43.59 -85.36 107.03
C UNK GC 179 -43.41 -84.06 107.76
N UNK GC 180 -43.76 -84.07 109.03
CA UNK GC 180 -43.58 -82.91 109.87
C UNK GC 180 -42.75 -83.39 111.05
N UNK GC 181 -41.57 -82.83 111.20
CA UNK GC 181 -40.60 -83.41 112.10
C UNK GC 181 -39.88 -82.34 112.90
N UNK GC 182 -39.87 -82.52 114.21
CA UNK GC 182 -39.16 -81.62 115.11
C UNK GC 182 -38.35 -82.43 116.11
N UNK GC 183 -37.06 -82.12 116.23
CA UNK GC 183 -36.18 -82.85 117.12
C UNK GC 183 -35.46 -81.90 118.06
N UNK GC 184 -35.28 -82.33 119.31
CA UNK GC 184 -34.43 -81.59 120.24
C UNK GC 184 -33.59 -82.60 121.00
N UNK GC 185 -32.27 -82.52 120.82
CA UNK GC 185 -31.28 -83.39 121.47
C UNK GC 185 -31.54 -84.87 121.21
N UNK GC 186 -32.19 -85.22 120.11
CA UNK GC 186 -32.71 -86.57 119.93
C UNK GC 186 -32.38 -87.03 118.51
N UNK GC 187 -32.83 -88.23 118.17
CA UNK GC 187 -32.56 -88.79 116.86
C UNK GC 187 -33.87 -89.12 116.18
N UNK GC 188 -34.07 -88.55 115.02
CA UNK GC 188 -35.19 -88.90 114.18
C UNK GC 188 -34.62 -89.72 113.06
N UNK GC 189 -34.59 -91.01 113.23
CA UNK GC 189 -34.16 -91.90 112.17
C UNK GC 189 -35.29 -91.95 111.18
N UNK GC 190 -35.43 -90.89 110.39
CA UNK GC 190 -36.58 -90.71 109.54
C UNK GC 190 -36.40 -91.65 108.37
N UNK GC 191 -36.87 -92.87 108.55
CA UNK GC 191 -36.40 -94.03 107.81
C UNK GC 191 -36.80 -94.02 106.34
N UNK GC 192 -37.65 -93.10 105.92
CA UNK GC 192 -38.03 -93.06 104.53
C UNK GC 192 -38.16 -91.61 104.12
N UNK GC 193 -38.71 -91.41 102.92
CA UNK GC 193 -38.90 -90.08 102.35
C UNK GC 193 -40.36 -89.80 102.04
N UNK GC 194 -40.86 -88.63 102.44
CA UNK GC 194 -42.24 -88.20 102.21
C UNK GC 194 -42.38 -87.52 100.85
N UNK GC 195 -43.64 -87.28 100.46
CA UNK GC 195 -43.87 -86.43 99.31
C UNK GC 195 -43.40 -85.01 99.60
N UNK GC 196 -43.65 -84.53 100.81
CA UNK GC 196 -43.12 -83.25 101.21
C UNK GC 196 -42.66 -83.43 102.64
N UNK GC 197 -41.36 -83.29 102.83
CA UNK GC 197 -40.76 -83.53 104.12
C UNK GC 197 -40.39 -82.20 104.73
N UNK GC 198 -40.50 -82.11 106.05
CA UNK GC 198 -40.12 -80.90 106.73
C UNK GC 198 -39.62 -81.27 108.12
N UNK GC 199 -38.55 -80.62 108.53
CA UNK GC 199 -37.96 -80.92 109.83
C UNK GC 199 -37.23 -79.70 110.33
N UNK GC 200 -37.08 -79.63 111.65
CA UNK GC 200 -36.13 -78.69 112.26
C UNK GC 200 -35.51 -79.35 113.48
N UNK GC 201 -34.21 -79.12 113.67
CA UNK GC 201 -33.46 -79.73 114.75
C UNK GC 201 -32.95 -78.66 115.70
N UNK GC 202 -33.18 -78.88 116.98
CA UNK GC 202 -32.82 -77.97 118.06
C UNK GC 202 -31.46 -78.35 118.62
N UNK GC 203 -31.16 -77.85 119.83
CA UNK GC 203 -29.88 -78.05 120.50
C UNK GC 203 -29.51 -79.51 120.58
N UNK GC 204 -28.44 -79.85 119.84
CA UNK GC 204 -27.84 -81.19 119.75
C UNK GC 204 -28.78 -82.23 119.15
N UNK GC 205 -29.64 -81.82 118.22
CA UNK GC 205 -30.61 -82.72 117.64
C UNK GC 205 -30.19 -83.18 116.25
N UNK GC 206 -30.67 -84.36 115.85
CA UNK GC 206 -30.29 -84.97 114.58
C UNK GC 206 -31.45 -85.73 113.97
N UNK GC 207 -31.99 -85.20 112.88
CA UNK GC 207 -33.04 -85.89 112.14
C UNK GC 207 -32.43 -86.66 110.98
N UNK GC 208 -31.87 -87.81 111.31
CA UNK GC 208 -31.22 -88.63 110.32
C UNK GC 208 -32.29 -89.23 109.42
N UNK GC 209 -32.53 -88.61 108.28
CA UNK GC 209 -33.54 -89.10 107.36
C UNK GC 209 -33.01 -90.35 106.70
N UNK GC 210 -33.15 -91.45 107.41
CA UNK GC 210 -32.41 -92.66 107.09
C UNK GC 210 -33.11 -93.47 106.01
N UNK GC 211 -33.17 -92.91 104.82
CA UNK GC 211 -33.70 -93.68 103.71
C UNK GC 211 -32.72 -94.78 103.32
N UNK GC 212 -33.25 -95.80 102.67
CA UNK GC 212 -32.43 -96.96 102.33
C UNK GC 212 -31.58 -96.64 101.11
N UNK GC 213 -30.32 -96.28 101.33
CA UNK GC 213 -29.39 -96.09 100.23
C UNK GC 213 -29.17 -97.42 99.53
N UNK GC 214 -28.77 -97.32 98.26
CA UNK GC 214 -28.70 -98.44 97.32
C UNK GC 214 -30.03 -99.18 97.24
N UNK GC 215 -31.00 -98.47 96.69
CA UNK GC 215 -32.22 -99.14 96.30
C UNK GC 215 -32.06 -99.71 94.89
N UNK GC 216 -33.15 -100.24 94.34
CA UNK GC 216 -33.12 -100.61 92.94
C UNK GC 216 -33.77 -99.54 92.08
N UNK GC 217 -34.78 -98.85 92.60
CA UNK GC 217 -35.24 -97.58 92.04
C UNK GC 217 -35.86 -96.71 93.13
N UNK GC 218 -35.03 -95.95 93.84
CA UNK GC 218 -35.58 -94.94 94.71
C UNK GC 218 -35.52 -93.61 93.98
N UNK GC 219 -36.66 -92.96 93.82
CA UNK GC 219 -36.67 -91.63 93.25
C UNK GC 219 -36.01 -90.66 94.22
N UNK GC 220 -35.29 -89.69 93.66
CA UNK GC 220 -34.50 -88.80 94.50
C UNK GC 220 -35.34 -87.63 95.00
N UNK GC 221 -34.72 -86.82 95.86
CA UNK GC 221 -35.39 -85.68 96.49
C UNK GC 221 -35.59 -84.59 95.45
N UNK GC 222 -36.83 -84.17 95.25
CA UNK GC 222 -37.15 -83.23 94.20
C UNK GC 222 -36.89 -81.80 94.67
N UNK GC 223 -37.10 -80.84 93.76
CA UNK GC 223 -36.93 -79.44 94.09
C UNK GC 223 -37.94 -78.98 95.11
N UNK GC 224 -39.12 -79.55 95.08
CA UNK GC 224 -40.05 -79.34 96.16
C UNK GC 224 -39.64 -80.09 97.42
N UNK GC 225 -38.88 -81.18 97.30
CA UNK GC 225 -38.45 -81.89 98.48
C UNK GC 225 -37.02 -81.53 98.86
N UNK GC 226 -36.44 -80.55 98.20
CA UNK GC 226 -35.04 -80.18 98.41
C UNK GC 226 -34.93 -79.45 99.73
N UNK GC 227 -34.45 -80.16 100.73
CA UNK GC 227 -34.20 -79.58 102.03
C UNK GC 227 -32.69 -79.53 102.27
N UNK GC 228 -32.31 -78.92 103.38
CA UNK GC 228 -30.95 -79.04 103.86
C UNK GC 228 -30.88 -80.22 104.78
N UNK HC 1 -51.11 -114.57 105.90
CA UNK HC 1 -49.85 -114.01 105.43
C UNK HC 1 -49.99 -112.51 105.25
N UNK HC 2 -51.24 -112.07 105.10
CA UNK HC 2 -51.52 -110.66 104.99
C UNK HC 2 -52.79 -110.37 105.76
N UNK HC 3 -52.82 -109.20 106.40
CA UNK HC 3 -54.08 -108.69 106.92
C UNK HC 3 -54.68 -107.93 105.75
N UNK HC 4 -55.27 -108.69 104.84
CA UNK HC 4 -55.59 -108.25 103.50
C UNK HC 4 -57.06 -107.86 103.42
N UNK HC 5 -57.40 -107.17 102.35
CA UNK HC 5 -58.78 -106.84 102.07
C UNK HC 5 -59.24 -107.56 100.82
N UNK HC 6 -60.52 -107.93 100.79
CA UNK HC 6 -61.16 -108.50 99.63
C UNK HC 6 -61.59 -107.44 98.63
N UNK HC 7 -61.23 -106.19 98.86
CA UNK HC 7 -61.49 -105.07 97.97
C UNK HC 7 -60.48 -105.10 96.82
N UNK HC 8 -60.38 -104.01 96.08
CA UNK HC 8 -59.50 -103.97 94.91
C UNK HC 8 -58.04 -103.89 95.34
N UNK HC 9 -57.55 -105.00 95.90
CA UNK HC 9 -56.13 -105.31 96.06
C UNK HC 9 -55.36 -104.35 96.98
N UNK HC 10 -55.82 -104.24 98.24
CA UNK HC 10 -55.08 -103.55 99.29
C UNK HC 10 -54.90 -104.47 100.49
N UNK HC 11 -53.77 -104.34 101.18
CA UNK HC 11 -53.47 -105.26 102.26
C UNK HC 11 -52.46 -104.68 103.22
N UNK HC 12 -52.77 -104.72 104.51
CA UNK HC 12 -51.68 -104.91 105.43
C UNK HC 12 -51.14 -106.31 105.22
N UNK HC 13 -49.86 -106.50 105.46
CA UNK HC 13 -49.26 -107.76 105.07
C UNK HC 13 -48.10 -108.10 105.99
N UNK HC 14 -48.03 -109.36 106.35
CA UNK HC 14 -47.23 -109.78 107.48
C UNK HC 14 -46.05 -110.61 107.03
N UNK HC 15 -45.32 -110.13 106.01
CA UNK HC 15 -44.07 -110.79 105.65
C UNK HC 15 -42.97 -110.48 106.66
N UNK HC 16 -42.44 -109.25 106.61
CA UNK HC 16 -41.66 -108.70 107.71
C UNK HC 16 -42.29 -107.40 108.19
N UNK HC 17 -42.50 -106.47 107.28
CA UNK HC 17 -43.38 -105.33 107.46
C UNK HC 17 -43.82 -104.96 106.07
N UNK HC 18 -45.03 -105.37 105.68
CA UNK HC 18 -45.37 -105.26 104.27
C UNK HC 18 -46.77 -104.69 104.09
N UNK HC 19 -46.98 -104.03 102.95
CA UNK HC 19 -48.28 -103.50 102.58
C UNK HC 19 -48.58 -104.06 101.19
N UNK HC 20 -49.22 -105.22 101.15
CA UNK HC 20 -49.43 -105.92 99.89
C UNK HC 20 -50.61 -105.28 99.17
N UNK HC 21 -50.32 -104.48 98.16
CA UNK HC 21 -51.35 -103.85 97.36
C UNK HC 21 -51.03 -104.02 95.88
N UNK HC 22 -52.02 -104.52 95.14
CA UNK HC 22 -51.90 -104.62 93.69
C UNK HC 22 -52.80 -103.57 93.04
N UNK HC 23 -52.94 -103.61 91.71
CA UNK HC 23 -53.47 -102.50 90.94
C UNK HC 23 -54.92 -102.64 90.49
N UNK HC 24 -55.42 -103.88 90.36
CA UNK HC 24 -56.82 -104.20 90.02
C UNK HC 24 -57.25 -103.64 88.66
N UNK HC 25 -56.30 -103.50 87.75
CA UNK HC 25 -56.62 -103.16 86.36
C UNK HC 25 -56.12 -104.24 85.40
N UNK HC 26 -54.95 -104.82 85.65
CA UNK HC 26 -54.56 -106.06 85.02
C UNK HC 26 -54.92 -107.28 85.86
N UNK HC 27 -55.35 -107.06 87.11
CA UNK HC 27 -55.93 -108.07 88.02
C UNK HC 27 -54.97 -109.23 88.31
N UNK HC 28 -53.85 -108.90 88.94
CA UNK HC 28 -52.89 -109.92 89.40
C UNK HC 28 -53.05 -110.16 90.91
N UNK HC 29 -54.27 -110.47 91.32
CA UNK HC 29 -54.58 -110.66 92.74
C UNK HC 29 -54.56 -112.15 93.11
N UNK HC 30 -53.40 -112.77 92.91
CA UNK HC 30 -53.24 -114.18 93.27
C UNK HC 30 -52.74 -114.36 94.70
N UNK HC 31 -52.36 -113.27 95.38
CA UNK HC 31 -51.87 -113.25 96.76
C UNK HC 31 -50.64 -114.14 96.96
N UNK HC 32 -49.70 -114.06 96.03
CA UNK HC 32 -48.38 -114.69 96.21
C UNK HC 32 -47.35 -113.78 95.56
N UNK HC 33 -46.87 -112.80 96.32
CA UNK HC 33 -45.95 -111.79 95.79
C UNK HC 33 -45.03 -111.36 96.92
N UNK HC 34 -43.85 -110.87 96.54
CA UNK HC 34 -42.75 -110.63 97.47
C UNK HC 34 -42.34 -109.17 97.38
N UNK HC 35 -42.69 -108.38 98.40
CA UNK HC 35 -42.36 -106.96 98.43
C UNK HC 35 -41.21 -106.71 99.41
N UNK HC 36 -40.17 -106.00 98.96
CA UNK HC 36 -39.04 -105.67 99.83
C UNK HC 36 -38.62 -104.22 99.62
N UNK HC 37 -37.87 -103.69 100.59
CA UNK HC 37 -37.60 -102.24 100.72
C UNK HC 37 -36.28 -101.80 100.09
N UNK HC 38 -36.04 -102.17 98.84
CA UNK HC 38 -35.04 -101.50 98.03
C UNK HC 38 -35.59 -101.32 96.62
N UNK HC 39 -36.90 -101.07 96.53
CA UNK HC 39 -37.69 -100.99 95.31
C UNK HC 39 -37.57 -102.28 94.48
N UNK HC 40 -37.99 -103.38 95.10
CA UNK HC 40 -38.07 -104.67 94.44
C UNK HC 40 -39.32 -105.41 94.94
N UNK HC 41 -40.28 -105.61 94.04
CA UNK HC 41 -41.49 -106.38 94.33
C UNK HC 41 -41.63 -107.46 93.27
N UNK HC 42 -41.23 -108.68 93.61
CA UNK HC 42 -41.32 -109.81 92.70
C UNK HC 42 -42.71 -110.42 92.83
N UNK HC 43 -43.57 -110.12 91.86
CA UNK HC 43 -44.87 -110.75 91.75
C UNK HC 43 -44.79 -111.88 90.73
N UNK HC 44 -45.94 -112.42 90.32
CA UNK HC 44 -45.95 -113.63 89.50
C UNK HC 44 -46.17 -113.35 88.01
N UNK HC 45 -47.34 -112.88 87.61
CA UNK HC 45 -47.67 -112.72 86.20
C UNK HC 45 -46.93 -111.52 85.59
N UNK HC 46 -46.97 -110.39 86.28
CA UNK HC 46 -46.29 -109.17 85.85
C UNK HC 46 -45.80 -108.46 87.11
N UNK HC 47 -45.50 -107.17 86.99
CA UNK HC 47 -45.18 -106.34 88.15
C UNK HC 47 -46.43 -105.57 88.59
N UNK HC 48 -46.73 -105.64 89.89
CA UNK HC 48 -47.93 -105.03 90.44
C UNK HC 48 -47.59 -104.17 91.65
N UNK HC 49 -48.35 -103.09 91.83
CA UNK HC 49 -48.10 -102.12 92.90
C UNK HC 49 -49.39 -101.39 93.24
N UNK HC 50 -49.29 -100.48 94.22
CA UNK HC 50 -50.44 -99.70 94.65
C UNK HC 50 -50.72 -98.57 93.67
N UNK HC 51 -51.88 -97.94 93.83
CA UNK HC 51 -52.38 -96.93 92.90
C UNK HC 51 -51.63 -95.62 93.09
N UNK HC 52 -50.86 -95.22 92.08
CA UNK HC 52 -50.13 -93.95 92.11
C UNK HC 52 -50.07 -93.32 90.73
N UNK IC 1 -0.10 -60.88 92.29
CA UNK IC 1 0.49 -61.12 91.00
C UNK IC 1 1.33 -62.38 91.02
N UNK IC 2 2.60 -62.18 91.36
CA UNK IC 2 3.48 -63.23 91.86
C UNK IC 2 4.15 -62.68 93.10
N UNK IC 3 3.68 -61.51 93.52
CA UNK IC 3 4.38 -60.67 94.47
C UNK IC 3 4.15 -61.18 95.87
N UNK IC 4 5.22 -61.20 96.65
CA UNK IC 4 5.31 -61.64 98.04
C UNK IC 4 5.05 -63.12 98.23
N UNK IC 5 4.73 -63.87 97.17
CA UNK IC 5 4.68 -65.32 97.30
C UNK IC 5 6.10 -65.83 97.40
N UNK IC 6 6.86 -65.59 96.34
CA UNK IC 6 8.28 -65.38 96.39
C UNK IC 6 8.57 -64.52 95.16
N UNK IC 7 9.80 -64.55 94.69
CA UNK IC 7 10.10 -63.84 93.47
C UNK IC 7 9.37 -64.48 92.29
N UNK IC 8 8.95 -63.65 91.34
CA UNK IC 8 8.36 -64.18 90.12
C UNK IC 8 9.43 -64.91 89.35
N UNK IC 9 9.51 -66.22 89.58
CA UNK IC 9 10.69 -66.98 89.17
C UNK IC 9 10.77 -67.08 87.66
N UNK IC 10 9.85 -67.78 87.06
CA UNK IC 10 9.69 -67.67 85.63
C UNK IC 10 8.40 -66.91 85.41
N UNK IC 11 8.03 -66.77 84.15
CA UNK IC 11 6.68 -66.35 83.82
C UNK IC 11 6.23 -67.41 82.83
N UNK IC 12 5.56 -68.43 83.35
CA UNK IC 12 5.48 -69.70 82.66
C UNK IC 12 4.65 -69.55 81.41
N UNK IC 13 5.26 -69.90 80.28
CA UNK IC 13 4.54 -69.92 79.04
C UNK IC 13 3.49 -71.00 79.07
N UNK IC 14 2.45 -70.78 78.29
CA UNK IC 14 1.19 -71.52 78.35
C UNK IC 14 0.63 -71.51 79.76
N UNK IC 15 0.78 -70.37 80.44
CA UNK IC 15 0.36 -70.25 81.83
C UNK IC 15 0.35 -68.77 82.21
N UNK IC 16 0.21 -68.55 83.50
CA UNK IC 16 0.38 -67.25 84.13
C UNK IC 16 1.85 -67.03 84.40
N UNK IC 17 2.17 -66.08 85.24
CA UNK IC 17 3.54 -65.98 85.75
C UNK IC 17 3.80 -67.11 86.73
N UNK IC 18 5.06 -67.26 87.11
CA UNK IC 18 5.49 -68.26 88.08
C UNK IC 18 6.25 -67.58 89.21
N UNK IC 19 5.61 -67.44 90.36
CA UNK IC 19 6.34 -67.02 91.53
C UNK IC 19 7.28 -68.14 91.96
N UNK IC 20 8.29 -67.80 92.77
CA UNK IC 20 9.19 -68.82 93.26
C UNK IC 20 8.63 -69.54 94.47
N UNK IC 21 7.40 -69.24 94.87
CA UNK IC 21 6.68 -70.08 95.79
C UNK IC 21 5.86 -71.11 95.04
N UNK IC 22 5.02 -70.68 94.10
CA UNK IC 22 4.16 -71.59 93.35
C UNK IC 22 3.84 -70.97 91.99
N UNK IC 23 3.01 -71.65 91.22
CA UNK IC 23 2.55 -71.12 89.95
C UNK IC 23 1.64 -69.93 90.25
N UNK IC 24 2.01 -68.78 89.73
CA UNK IC 24 1.40 -67.55 90.19
C UNK IC 24 0.09 -67.29 89.49
N UNK IC 25 -0.56 -66.19 89.88
CA UNK IC 25 -1.84 -65.81 89.35
C UNK IC 25 -1.73 -64.70 88.31
N UNK IC 26 -0.60 -64.02 88.24
CA UNK IC 26 -0.41 -62.96 87.25
C UNK IC 26 -0.35 -63.58 85.87
N UNK IC 27 -1.43 -63.41 85.11
CA UNK IC 27 -1.57 -64.06 83.81
C UNK IC 27 -0.52 -63.53 82.85
N UNK IC 28 0.19 -64.44 82.19
CA UNK IC 28 1.40 -64.05 81.48
C UNK IC 28 1.11 -63.49 80.10
N UNK IC 29 0.57 -64.30 79.21
CA UNK IC 29 0.62 -64.02 77.78
C UNK IC 29 -0.64 -63.31 77.29
N UNK IC 30 -0.52 -62.71 76.12
CA UNK IC 30 -1.72 -62.29 75.40
C UNK IC 30 -2.44 -63.49 74.84
N UNK IC 31 -1.71 -64.57 74.56
CA UNK IC 31 -2.32 -65.83 74.18
C UNK IC 31 -2.70 -66.63 75.40
N UNK IC 32 -2.47 -66.10 76.59
CA UNK IC 32 -2.88 -66.81 77.78
C UNK IC 32 -4.37 -66.66 77.97
N UNK IC 33 -4.96 -67.55 78.77
CA UNK IC 33 -6.40 -67.57 78.98
C UNK IC 33 -6.79 -66.65 80.12
N UNK IC 34 -6.49 -65.37 79.92
CA UNK IC 34 -7.16 -64.32 80.65
C UNK IC 34 -8.63 -64.42 80.30
N UNK IC 35 -9.50 -64.28 81.30
CA UNK IC 35 -10.93 -64.55 81.12
C UNK IC 35 -11.57 -63.41 80.33
N UNK IC 36 -11.95 -63.73 79.10
CA UNK IC 36 -12.67 -62.80 78.24
C UNK IC 36 -14.15 -63.12 78.24
N UNK IC 37 -14.95 -62.14 78.64
CA UNK IC 37 -16.40 -62.27 78.56
C UNK IC 37 -17.08 -60.99 78.09
N UNK IC 38 -16.34 -59.94 77.78
CA UNK IC 38 -16.96 -58.67 77.38
C UNK IC 38 -16.20 -58.08 76.21
N UNK IC 39 -16.62 -58.42 75.00
CA UNK IC 39 -16.09 -57.74 73.83
C UNK IC 39 -16.63 -56.31 73.80
N UNK IC 40 -15.94 -55.45 73.06
CA UNK IC 40 -16.35 -54.05 72.95
C UNK IC 40 -15.99 -53.54 71.56
N UNK IC 41 -16.93 -53.66 70.63
CA UNK IC 41 -16.66 -53.26 69.25
C UNK IC 41 -17.95 -53.00 68.52
N UNK IC 42 -17.81 -52.46 67.32
CA UNK IC 42 -18.96 -52.27 66.44
C UNK IC 42 -19.15 -53.51 65.60
N UNK IC 43 -20.40 -53.96 65.52
CA UNK IC 43 -20.82 -55.18 64.84
C UNK IC 43 -20.08 -56.41 65.37
N UNK IC 44 -19.64 -56.32 66.63
CA UNK IC 44 -19.07 -57.44 67.34
C UNK IC 44 -20.18 -58.41 67.66
N UNK IC 45 -19.85 -59.68 67.61
CA UNK IC 45 -20.73 -60.84 67.74
C UNK IC 45 -21.75 -60.94 66.60
N UNK IC 46 -21.88 -59.91 65.79
CA UNK IC 46 -22.25 -60.06 64.41
C UNK IC 46 -20.94 -60.23 63.69
N UNK IC 47 -21.01 -60.40 62.38
CA UNK IC 47 -19.82 -60.11 61.64
C UNK IC 47 -19.54 -58.63 61.78
N UNK IC 48 -18.26 -58.27 61.80
CA UNK IC 48 -17.86 -56.89 62.01
C UNK IC 48 -18.15 -56.05 60.78
N UNK IC 49 -17.61 -54.84 60.74
CA UNK IC 49 -17.99 -53.88 59.71
C UNK IC 49 -17.41 -54.26 58.36
N UNK IC 50 -18.27 -54.52 57.39
CA UNK IC 50 -17.84 -54.46 56.00
C UNK IC 50 -17.50 -53.01 55.72
N UNK IC 51 -16.22 -52.68 55.75
CA UNK IC 51 -15.82 -51.28 55.80
C UNK IC 51 -15.87 -50.57 54.46
N UNK IC 52 -16.68 -51.04 53.51
CA UNK IC 52 -16.72 -50.51 52.16
C UNK IC 52 -17.35 -49.13 52.03
N UNK IC 53 -18.17 -48.69 52.99
CA UNK IC 53 -18.92 -47.45 52.83
C UNK IC 53 -18.44 -46.37 53.79
N UNK IC 54 -19.24 -45.29 53.90
CA UNK IC 54 -19.01 -44.18 54.83
C UNK IC 54 -20.34 -43.54 55.25
N UNK IC 55 -20.80 -43.80 56.47
CA UNK IC 55 -22.03 -43.22 56.97
C UNK IC 55 -21.92 -43.09 58.49
N UNK IC 56 -22.90 -42.41 59.11
CA UNK IC 56 -22.98 -42.41 60.55
C UNK IC 56 -23.28 -43.81 61.05
N UNK IC 57 -24.30 -44.44 60.50
CA UNK IC 57 -24.48 -45.87 60.72
C UNK IC 57 -23.45 -46.64 59.93
N UNK IC 58 -23.16 -47.84 60.41
CA UNK IC 58 -22.17 -48.70 59.77
C UNK IC 58 -22.84 -50.00 59.38
N UNK IC 59 -22.46 -50.54 58.25
CA UNK IC 59 -22.95 -51.84 57.81
C UNK IC 59 -21.99 -52.93 58.26
N UNK IC 60 -22.54 -54.02 58.74
CA UNK IC 60 -21.71 -55.14 59.12
C UNK IC 60 -21.19 -55.86 57.89
N UNK IC 61 -20.26 -56.77 58.10
CA UNK IC 61 -19.97 -57.75 57.06
C UNK IC 61 -21.11 -58.73 56.90
N UNK IC 62 -21.93 -58.87 57.94
CA UNK IC 62 -23.21 -59.52 57.83
C UNK IC 62 -24.29 -58.55 57.40
N UNK IC 63 -23.92 -57.34 56.99
CA UNK IC 63 -24.81 -56.30 56.47
C UNK IC 63 -25.89 -55.92 57.47
N UNK IC 64 -25.57 -55.97 58.74
CA UNK IC 64 -26.46 -55.46 59.77
C UNK IC 64 -26.06 -54.01 60.01
N UNK IC 65 -27.05 -53.17 60.25
CA UNK IC 65 -26.78 -51.76 60.46
C UNK IC 65 -26.33 -51.56 61.89
N UNK IC 66 -25.13 -51.00 62.06
CA UNK IC 66 -24.63 -50.68 63.38
C UNK IC 66 -25.34 -49.43 63.85
N UNK IC 67 -26.58 -49.61 64.27
CA UNK IC 67 -27.33 -48.50 64.83
C UNK IC 67 -26.76 -48.08 66.17
N UNK IC 68 -26.17 -49.03 66.91
CA UNK IC 68 -25.41 -48.69 68.10
C UNK IC 68 -24.17 -47.89 67.78
N UNK IC 69 -23.69 -47.96 66.55
CA UNK IC 69 -22.58 -47.14 66.12
C UNK IC 69 -23.03 -46.12 65.11
N UNK IC 70 -24.28 -45.70 65.17
CA UNK IC 70 -24.78 -44.74 64.22
C UNK IC 70 -24.63 -43.30 64.72
N LYS JC 24 -47.96 -43.97 108.65
CA LYS JC 24 -46.81 -44.65 108.07
C LYS JC 24 -47.21 -45.99 107.49
N PHE JC 25 -47.29 -46.09 106.17
CA PHE JC 25 -47.81 -47.28 105.53
C PHE JC 25 -46.83 -47.78 104.48
N LYS JC 26 -46.85 -49.08 104.23
CA LYS JC 26 -45.90 -49.68 103.31
C LYS JC 26 -46.40 -51.00 102.80
N LYS JC 27 -46.17 -51.25 101.52
CA LYS JC 27 -46.38 -52.56 100.97
C LYS JC 27 -45.22 -53.48 101.34
N PRO JC 28 -45.46 -54.78 101.46
CA PRO JC 28 -44.41 -55.69 101.91
C PRO JC 28 -43.26 -55.83 100.93
N PRO JC 29 -43.45 -56.28 99.66
CA PRO JC 29 -42.27 -56.72 98.92
C PRO JC 29 -41.52 -55.57 98.33
N ILE JC 30 -40.39 -55.27 98.94
CA ILE JC 30 -39.55 -54.15 98.52
C ILE JC 30 -38.21 -54.69 98.04
N ASN JC 31 -38.09 -54.89 96.72
CA ASN JC 31 -36.92 -55.53 96.17
C ASN JC 31 -35.84 -54.53 95.83
N ASN JC 32 -34.88 -54.99 95.07
CA ASN JC 32 -33.92 -54.11 94.47
C ASN JC 32 -34.52 -53.49 93.22
N PRO JC 33 -33.99 -52.37 92.76
CA PRO JC 33 -34.46 -51.79 91.50
C PRO JC 33 -34.12 -52.70 90.34
N SER JC 34 -35.08 -52.90 89.44
CA SER JC 34 -34.83 -53.63 88.22
C SER JC 34 -34.40 -52.68 87.12
N ASP JC 35 -34.25 -53.22 85.92
CA ASP JC 35 -34.24 -52.36 84.76
C ASP JC 35 -35.09 -52.94 83.65
N ASP JC 36 -35.41 -52.05 82.72
CA ASP JC 36 -36.25 -52.33 81.57
C ASP JC 36 -35.75 -53.50 80.76
N ALA JC 37 -34.43 -53.65 80.71
CA ALA JC 37 -33.80 -54.71 79.97
C ALA JC 37 -34.31 -56.05 80.45
N THR JC 38 -33.99 -56.38 81.68
CA THR JC 38 -34.41 -57.65 82.22
C THR JC 38 -35.89 -57.75 82.36
N ILE JC 39 -36.54 -56.60 82.43
CA ILE JC 39 -37.99 -56.58 82.39
C ILE JC 39 -38.47 -57.19 81.09
N LYS JC 40 -38.05 -56.60 79.98
CA LYS JC 40 -38.60 -57.01 78.71
C LYS JC 40 -38.10 -58.38 78.33
N LEU JC 41 -36.95 -58.75 78.86
CA LEU JC 41 -36.52 -60.14 78.85
C LEU JC 41 -37.51 -61.03 79.54
N ALA JC 42 -38.03 -60.60 80.68
CA ALA JC 42 -38.89 -61.50 81.42
C ALA JC 42 -40.20 -61.72 80.70
N GLU JC 43 -40.78 -60.66 80.14
CA GLU JC 43 -42.01 -61.00 79.44
C GLU JC 43 -41.78 -61.62 78.09
N ALA JC 44 -40.56 -61.50 77.55
CA ALA JC 44 -40.21 -62.43 76.50
C ALA JC 44 -40.30 -63.85 76.99
N ALA JC 45 -39.69 -64.06 78.13
CA ALA JC 45 -39.41 -65.39 78.59
C ALA JC 45 -40.67 -66.11 78.95
N VAL JC 46 -41.61 -65.39 79.52
CA VAL JC 46 -42.76 -66.10 80.03
C VAL JC 46 -43.63 -66.54 78.90
N SER JC 47 -43.72 -65.71 77.88
CA SER JC 47 -44.50 -66.00 76.70
C SER JC 47 -43.93 -67.19 75.98
N VAL JC 48 -42.62 -67.22 75.84
CA VAL JC 48 -42.08 -68.37 75.15
C VAL JC 48 -42.19 -69.60 76.02
N SER JC 49 -42.14 -69.40 77.34
CA SER JC 49 -42.26 -70.50 78.28
C SER JC 49 -43.62 -71.14 78.21
N ASP JC 50 -44.65 -70.35 78.10
CA ASP JC 50 -45.93 -70.99 78.15
C ASP JC 50 -46.29 -71.60 76.82
N SER JC 51 -45.75 -71.03 75.74
CA SER JC 51 -45.80 -71.77 74.49
C SER JC 51 -45.13 -73.11 74.59
N MET JC 52 -43.99 -73.15 75.23
CA MET JC 52 -43.39 -74.42 75.64
C MET JC 52 -44.27 -75.29 76.48
N LEU JC 53 -45.05 -74.69 77.37
CA LEU JC 53 -45.84 -75.53 78.24
C LEU JC 53 -46.93 -76.22 77.46
N GLU JC 54 -47.66 -75.46 76.67
CA GLU JC 54 -48.68 -76.04 75.84
C GLU JC 54 -48.14 -76.96 74.76
N MET JC 55 -46.98 -76.61 74.19
CA MET JC 55 -46.25 -77.52 73.34
C MET JC 55 -46.03 -78.84 73.98
N ALA JC 56 -45.56 -78.81 75.22
CA ALA JC 56 -45.24 -80.02 75.91
C ALA JC 56 -46.47 -80.86 76.11
N LYS JC 57 -47.59 -80.20 76.42
CA LYS JC 57 -48.84 -80.92 76.56
C LYS JC 57 -49.24 -81.57 75.25
N VAL JC 58 -49.12 -80.82 74.16
CA VAL JC 58 -49.73 -81.33 72.96
C VAL JC 58 -48.89 -82.45 72.40
N GLU JC 59 -47.59 -82.37 72.59
CA GLU JC 59 -46.79 -83.49 72.15
C GLU JC 59 -46.95 -84.68 73.06
N LYS JC 60 -47.15 -84.44 74.34
CA LYS JC 60 -47.15 -85.56 75.24
C LYS JC 60 -48.47 -86.29 75.19
N VAL JC 61 -49.45 -85.69 74.54
CA VAL JC 61 -50.65 -86.45 74.27
C VAL JC 61 -50.66 -87.01 72.86
N ILE JC 62 -50.05 -86.33 71.89
CA ILE JC 62 -50.00 -86.92 70.55
C ILE JC 62 -49.12 -88.15 70.54
N THR JC 63 -48.17 -88.22 71.47
CA THR JC 63 -47.32 -89.38 71.57
C THR JC 63 -47.39 -89.86 73.01
N PRO JC 64 -47.80 -91.09 73.22
CA PRO JC 64 -47.72 -91.68 74.52
C PRO JC 64 -46.30 -92.13 74.81
N PRO JC 65 -45.71 -91.68 75.89
CA PRO JC 65 -44.37 -92.17 76.28
C PRO JC 65 -44.47 -93.58 76.84
N SER JC 66 -43.80 -94.53 76.18
CA SER JC 66 -44.03 -95.93 76.50
C SER JC 66 -43.16 -96.43 77.64
N LYS JC 67 -41.92 -95.94 77.76
CA LYS JC 67 -41.02 -96.53 78.74
C LYS JC 67 -40.00 -95.50 79.21
N ASP JC 68 -39.41 -95.80 80.36
CA ASP JC 68 -38.46 -94.91 80.99
C ASP JC 68 -37.05 -95.21 80.50
N ASN JC 69 -36.07 -94.60 81.14
CA ASN JC 69 -34.69 -94.97 80.92
C ASN JC 69 -34.03 -95.43 82.20
N THR JC 70 -34.79 -95.64 83.25
CA THR JC 70 -34.20 -96.15 84.46
C THR JC 70 -33.88 -97.63 84.35
N LEU JC 71 -34.49 -98.33 83.41
CA LEU JC 71 -34.09 -99.72 83.21
C LEU JC 71 -32.73 -99.77 82.55
N THR JC 72 -32.47 -98.83 81.66
CA THR JC 72 -31.16 -98.74 81.06
C THR JC 72 -30.18 -98.08 82.00
N ILE JC 73 -30.67 -97.23 82.89
CA ILE JC 73 -29.81 -96.64 83.90
C ILE JC 73 -30.39 -96.96 85.26
N PRO JC 74 -30.08 -98.09 85.85
CA PRO JC 74 -30.47 -98.32 87.23
C PRO JC 74 -29.43 -97.81 88.18
N ASN JC 75 -29.83 -97.65 89.43
CA ASN JC 75 -28.98 -97.00 90.40
C ASN JC 75 -28.09 -98.02 91.11
N ALA JC 76 -27.05 -97.52 91.76
CA ALA JC 76 -26.11 -98.41 92.43
C ALA JC 76 -25.40 -97.68 93.54
N TYR JC 77 -25.01 -98.42 94.55
CA TYR JC 77 -24.27 -97.77 95.64
C TYR JC 77 -22.93 -97.33 95.09
N ASN JC 78 -22.51 -96.14 95.51
CA ASN JC 78 -21.48 -95.24 95.00
C ASN JC 78 -21.92 -94.58 93.70
N LEU JC 79 -23.01 -95.02 93.08
CA LEU JC 79 -23.66 -94.14 92.12
C LEU JC 79 -24.64 -93.22 92.79
N GLN JC 80 -25.02 -93.53 94.01
CA GLN JC 80 -25.80 -92.56 94.75
C GLN JC 80 -25.00 -91.46 95.40
N ALA JC 81 -23.74 -91.25 95.02
CA ALA JC 81 -23.11 -90.01 95.45
C ALA JC 81 -23.77 -88.85 94.73
N ARG JC 82 -23.59 -87.68 95.27
CA ARG JC 82 -24.37 -86.62 94.67
C ARG JC 82 -23.47 -85.61 94.03
N ALA JC 83 -24.07 -84.83 93.16
CA ALA JC 83 -23.30 -83.79 92.50
C ALA JC 83 -24.21 -82.63 92.16
N SER JC 84 -23.59 -81.44 92.06
CA SER JC 84 -24.28 -80.23 91.64
C SER JC 84 -23.43 -79.53 90.59
N VAL JC 85 -24.01 -79.27 89.42
CA VAL JC 85 -23.23 -79.06 88.20
C VAL JC 85 -23.80 -77.94 87.37
N ASP JC 86 -22.93 -77.09 86.84
CA ASP JC 86 -23.20 -76.42 85.59
C ASP JC 86 -22.20 -76.81 84.51
N TRP JC 87 -22.69 -76.85 83.28
CA TRP JC 87 -21.92 -77.35 82.17
C TRP JC 87 -22.52 -76.82 80.92
N SER JC 88 -21.72 -76.65 79.90
CA SER JC 88 -22.25 -76.30 78.60
C SER JC 88 -21.49 -76.95 77.47
N GLY JC 89 -20.48 -77.72 77.77
CA GLY JC 89 -19.59 -78.16 76.75
C GLY JC 89 -20.07 -79.41 76.09
N PRO JC 90 -19.11 -80.18 75.63
CA PRO JC 90 -19.42 -81.45 74.99
C PRO JC 90 -19.67 -82.49 76.06
N ILE JC 91 -19.97 -83.67 75.57
CA ILE JC 91 -20.55 -84.67 76.42
C ILE JC 91 -19.49 -85.54 77.07
N GLU JC 92 -18.45 -85.85 76.32
CA GLU JC 92 -17.56 -86.92 76.72
C GLU JC 92 -16.64 -86.54 77.85
N GLU JC 93 -16.17 -85.29 77.84
CA GLU JC 93 -15.37 -84.78 78.94
C GLU JC 93 -16.15 -84.84 80.23
N LEU JC 94 -17.39 -84.43 80.14
CA LEU JC 94 -18.27 -84.44 81.28
C LEU JC 94 -18.52 -85.87 81.75
N THR JC 95 -18.75 -86.79 80.82
CA THR JC 95 -19.06 -88.15 81.26
C THR JC 95 -17.84 -88.91 81.74
N ALA JC 96 -16.65 -88.52 81.29
CA ALA JC 96 -15.48 -89.05 81.95
C ALA JC 96 -15.38 -88.54 83.38
N ARG JC 97 -15.72 -87.28 83.60
CA ARG JC 97 -15.59 -86.71 84.93
C ARG JC 97 -16.51 -87.38 85.93
N ILE JC 98 -17.70 -87.71 85.48
CA ILE JC 98 -18.60 -88.39 86.39
C ILE JC 98 -18.18 -89.84 86.59
N ALA JC 99 -17.63 -90.49 85.54
CA ALA JC 99 -17.29 -91.89 85.73
C ALA JC 99 -16.07 -92.04 86.62
N LYS JC 100 -15.17 -91.07 86.55
CA LYS JC 100 -14.03 -91.09 87.44
C LYS JC 100 -14.43 -90.72 88.85
N ALA JC 101 -15.46 -89.90 89.03
CA ALA JC 101 -15.86 -89.71 90.42
C ALA JC 101 -16.62 -90.91 90.94
N ALA JC 102 -17.29 -91.63 90.07
CA ALA JC 102 -18.05 -92.80 90.47
C ALA JC 102 -17.25 -94.05 90.43
N HIS JC 103 -15.97 -93.93 90.07
CA HIS JC 103 -15.05 -95.05 89.93
C HIS JC 103 -15.60 -96.06 88.95
N PHE JC 104 -16.25 -95.57 87.92
CA PHE JC 104 -16.68 -96.44 86.85
C PHE JC 104 -15.72 -96.27 85.70
N ARG JC 105 -15.30 -97.40 85.17
CA ARG JC 105 -14.63 -97.37 83.89
C ARG JC 105 -15.60 -96.88 82.83
N PHE JC 106 -15.16 -95.89 82.08
CA PHE JC 106 -15.96 -95.30 81.02
C PHE JC 106 -15.47 -95.79 79.68
N ARG JC 107 -16.36 -96.36 78.91
CA ARG JC 107 -16.04 -96.74 77.56
C ARG JC 107 -17.08 -96.15 76.63
N VAL JC 108 -16.77 -96.21 75.35
CA VAL JC 108 -17.56 -95.56 74.33
C VAL JC 108 -17.63 -96.47 73.11
N LEU JC 109 -18.82 -96.61 72.54
CA LEU JC 109 -19.04 -97.40 71.34
C LEU JC 109 -19.50 -96.51 70.21
N GLY JC 110 -19.03 -96.82 69.01
CA GLY JC 110 -19.34 -96.00 67.87
C GLY JC 110 -18.47 -94.77 67.81
N LYS JC 111 -18.30 -94.20 66.63
CA LYS JC 111 -17.40 -93.07 66.50
C LYS JC 111 -18.15 -91.76 66.64
N SER JC 112 -17.44 -90.76 67.13
CA SER JC 112 -18.06 -89.46 67.34
C SER JC 112 -18.37 -88.80 66.00
N PRO JC 113 -19.48 -88.10 65.90
CA PRO JC 113 -19.72 -87.30 64.70
C PRO JC 113 -18.83 -86.08 64.75
N SER JC 114 -18.64 -85.51 63.57
CA SER JC 114 -17.81 -84.32 63.43
C SER JC 114 -18.40 -83.16 64.20
N VAL JC 115 -19.70 -82.94 64.07
CA VAL JC 115 -20.36 -81.99 64.94
C VAL JC 115 -20.38 -82.62 66.33
N PRO JC 116 -20.02 -81.87 67.37
CA PRO JC 116 -20.06 -82.43 68.70
C PRO JC 116 -21.46 -82.42 69.27
N VAL JC 117 -21.77 -83.50 69.98
CA VAL JC 117 -22.97 -83.51 70.78
C VAL JC 117 -22.69 -82.62 71.97
N LEU JC 118 -23.24 -81.43 71.93
CA LEU JC 118 -22.99 -80.47 72.97
C LEU JC 118 -24.19 -80.46 73.89
N ILE JC 119 -23.93 -80.49 75.17
CA ILE JC 119 -25.03 -80.48 76.11
C ILE JC 119 -24.73 -79.46 77.18
N SER JC 120 -25.78 -79.07 77.85
CA SER JC 120 -25.63 -78.05 78.87
C SER JC 120 -26.50 -78.46 80.02
N ILE JC 121 -25.90 -79.12 80.99
CA ILE JC 121 -26.59 -79.52 82.18
C ILE JC 121 -26.31 -78.50 83.24
N SER JC 122 -27.36 -77.97 83.83
CA SER JC 122 -27.24 -76.95 84.85
C SER JC 122 -28.27 -77.28 85.91
N THR JC 123 -27.80 -77.83 87.01
CA THR JC 123 -28.70 -78.31 88.05
C THR JC 123 -27.96 -78.31 89.36
N LYS JC 124 -28.67 -78.70 90.41
CA LYS JC 124 -28.06 -78.62 91.71
C LYS JC 124 -28.56 -79.78 92.57
N ASP JC 125 -27.61 -80.61 93.01
CA ASP JC 125 -27.76 -81.60 94.07
C ASP JC 125 -28.79 -82.67 93.74
N GLU JC 126 -28.44 -83.51 92.78
CA GLU JC 126 -29.13 -84.78 92.74
C GLU JC 126 -28.12 -85.87 92.50
N SER JC 127 -28.62 -87.08 92.55
CA SER JC 127 -27.78 -88.20 92.43
C SER JC 127 -27.35 -88.31 91.00
N LEU JC 128 -26.29 -89.04 90.87
CA LEU JC 128 -25.67 -89.18 89.59
C LEU JC 128 -26.51 -89.93 88.61
N ALA JC 129 -27.29 -90.91 89.07
CA ALA JC 129 -28.10 -91.71 88.15
C ALA JC 129 -29.12 -90.84 87.44
N GLU JC 130 -29.65 -89.89 88.16
CA GLU JC 130 -30.56 -88.97 87.52
C GLU JC 130 -29.82 -87.98 86.68
N ILE JC 131 -28.61 -87.63 87.08
CA ILE JC 131 -27.80 -86.80 86.23
C ILE JC 131 -27.52 -87.49 84.92
N LEU JC 132 -27.28 -88.79 84.97
CA LEU JC 132 -27.15 -89.53 83.72
C LEU JC 132 -28.43 -89.55 82.95
N ARG JC 133 -29.53 -89.67 83.65
CA ARG JC 133 -30.79 -89.76 82.96
C ARG JC 133 -31.07 -88.49 82.21
N ASP JC 134 -30.82 -87.36 82.82
CA ASP JC 134 -31.13 -86.15 82.09
C ASP JC 134 -30.06 -85.85 81.07
N ILE JC 135 -28.87 -86.36 81.27
CA ILE JC 135 -27.88 -86.28 80.23
C ILE JC 135 -28.31 -87.06 79.03
N ASP JC 136 -28.80 -88.26 79.25
CA ASP JC 136 -29.28 -89.09 78.17
C ASP JC 136 -30.45 -88.46 77.47
N TYR JC 137 -31.29 -87.81 78.23
CA TYR JC 137 -32.38 -87.11 77.62
C TYR JC 137 -31.89 -85.91 76.84
N GLN JC 138 -30.94 -85.15 77.41
CA GLN JC 138 -30.48 -83.96 76.74
C GLN JC 138 -29.71 -84.31 75.49
N ALA JC 139 -29.01 -85.42 75.50
CA ALA JC 139 -28.51 -86.00 74.26
C ALA JC 139 -29.50 -87.04 73.76
N GLY JC 140 -30.72 -86.58 73.61
CA GLY JC 140 -31.74 -87.35 72.95
C GLY JC 140 -31.25 -87.67 71.56
N LYS JC 141 -31.32 -88.95 71.19
CA LYS JC 141 -31.13 -89.51 69.83
C LYS JC 141 -29.90 -89.02 69.10
N LYS JC 142 -28.91 -88.57 69.84
CA LYS JC 142 -27.58 -88.42 69.33
C LYS JC 142 -26.61 -89.26 70.11
N ALA JC 143 -26.86 -89.45 71.41
CA ALA JC 143 -26.03 -90.29 72.24
C ALA JC 143 -26.93 -91.15 73.11
N SER JC 144 -26.34 -92.16 73.73
CA SER JC 144 -27.07 -92.93 74.73
C SER JC 144 -26.10 -93.40 75.79
N ILE JC 145 -26.62 -93.55 76.99
CA ILE JC 145 -25.86 -94.07 78.12
C ILE JC 145 -26.35 -95.46 78.42
N HIS JC 146 -25.44 -96.41 78.47
CA HIS JC 146 -25.75 -97.67 79.09
C HIS JC 146 -24.82 -97.84 80.27
N VAL JC 147 -25.34 -98.38 81.36
CA VAL JC 147 -24.56 -98.53 82.57
C VAL JC 147 -24.56 -100.00 82.91
N TYR JC 148 -23.38 -100.56 83.12
CA TYR JC 148 -23.29 -101.91 83.66
C TYR JC 148 -22.60 -101.81 85.02
N PRO JC 149 -23.38 -101.70 86.09
CA PRO JC 149 -22.81 -101.53 87.43
C PRO JC 149 -22.57 -102.84 88.16
N ASN JC 150 -22.95 -103.98 87.57
CA ASN JC 150 -22.35 -105.22 88.01
C ASN JC 150 -20.85 -105.18 87.75
N SER JC 151 -20.48 -104.62 86.61
CA SER JC 151 -19.12 -104.20 86.33
C SER JC 151 -18.96 -102.77 86.83
N GLN JC 152 -17.95 -102.07 86.38
CA GLN JC 152 -17.98 -100.64 86.53
C GLN JC 152 -17.94 -100.12 85.13
N VAL JC 153 -19.07 -100.14 84.47
CA VAL JC 153 -19.11 -99.69 83.11
C VAL JC 153 -20.07 -98.55 83.02
N VAL JC 154 -19.58 -97.41 82.58
CA VAL JC 154 -20.39 -96.39 81.97
C VAL JC 154 -20.00 -96.39 80.50
N GLU JC 155 -20.93 -96.76 79.63
CA GLU JC 155 -20.62 -96.74 78.21
C GLU JC 155 -21.51 -95.71 77.52
N LEU JC 156 -20.90 -95.00 76.61
CA LEU JC 156 -21.55 -94.00 75.79
C LEU JC 156 -21.65 -94.57 74.39
N ARG JC 157 -22.85 -94.73 73.89
CA ARG JC 157 -23.03 -95.23 72.54
C ARG JC 157 -23.37 -94.05 71.65
N TYR JC 158 -22.62 -93.87 70.58
CA TYR JC 158 -22.91 -92.78 69.68
C TYR JC 158 -24.05 -93.14 68.76
N ALA JC 159 -24.63 -92.12 68.14
CA ALA JC 159 -25.53 -92.36 67.04
C ALA JC 159 -24.73 -92.81 65.83
N LYS JC 160 -25.44 -93.42 64.89
CA LYS JC 160 -24.74 -94.07 63.80
C LYS JC 160 -25.17 -93.47 62.48
N ILE JC 161 -25.19 -92.15 62.41
CA ILE JC 161 -25.32 -91.49 61.14
C ILE JC 161 -24.31 -90.36 61.08
N ALA KC 58 -52.08 -1.90 55.41
CA ALA KC 58 -50.66 -2.20 55.35
C ALA KC 58 -50.18 -2.69 56.69
N LEU KC 59 -49.61 -1.77 57.49
CA LEU KC 59 -49.42 -1.95 58.93
C LEU KC 59 -50.74 -2.30 59.56
N LYS KC 60 -51.73 -1.61 59.07
CA LYS KC 60 -53.13 -1.91 59.17
C LYS KC 60 -53.40 -3.40 58.93
N GLU KC 61 -53.19 -3.88 57.70
CA GLU KC 61 -53.64 -5.22 57.35
C GLU KC 61 -52.86 -6.27 58.10
N THR KC 62 -51.60 -6.01 58.38
CA THR KC 62 -50.90 -6.98 59.19
C THR KC 62 -51.30 -6.94 60.65
N ALA KC 63 -51.76 -5.81 61.15
CA ALA KC 63 -52.30 -5.83 62.51
C ALA KC 63 -53.59 -6.65 62.57
N LEU KC 64 -54.41 -6.49 61.53
CA LEU KC 64 -55.55 -7.37 61.31
C LEU KC 64 -55.15 -8.82 61.27
N SER KC 65 -54.18 -9.15 60.44
CA SER KC 65 -53.86 -10.55 60.20
C SER KC 65 -53.09 -11.15 61.36
N VAL KC 66 -52.40 -10.32 62.13
CA VAL KC 66 -51.90 -10.73 63.44
C VAL KC 66 -53.05 -11.16 64.31
N GLY KC 67 -54.11 -10.38 64.31
CA GLY KC 67 -55.28 -10.84 65.03
C GLY KC 67 -55.94 -12.07 64.45
N ALA KC 68 -55.89 -12.22 63.13
CA ALA KC 68 -56.77 -13.14 62.41
C ALA KC 68 -56.52 -14.57 62.82
N GLN KC 69 -55.32 -15.05 62.57
CA GLN KC 69 -54.93 -16.38 63.01
C GLN KC 69 -54.94 -16.50 64.52
N ALA KC 70 -54.71 -15.41 65.25
CA ALA KC 70 -54.65 -15.48 66.71
C ALA KC 70 -55.99 -15.86 67.31
N GLY KC 71 -57.02 -15.09 67.00
CA GLY KC 71 -58.35 -15.44 67.43
C GLY KC 71 -58.83 -16.73 66.83
N LEU KC 72 -58.42 -17.02 65.58
CA LEU KC 72 -58.81 -18.26 64.92
C LEU KC 72 -58.33 -19.48 65.69
N ALA KC 73 -57.06 -19.51 66.01
CA ALA KC 73 -56.52 -20.67 66.70
C ALA KC 73 -56.92 -20.66 68.15
N TRP KC 74 -57.12 -19.48 68.72
CA TRP KC 74 -57.60 -19.36 70.09
C TRP KC 74 -58.95 -20.03 70.20
N ARG KC 75 -59.83 -19.70 69.27
CA ARG KC 75 -61.14 -20.30 69.15
C ARG KC 75 -61.04 -21.79 68.93
N ALA KC 76 -60.08 -22.22 68.11
CA ALA KC 76 -59.92 -23.63 67.80
C ALA KC 76 -59.58 -24.43 69.03
N LYS KC 77 -58.70 -23.90 69.86
CA LYS KC 77 -58.38 -24.57 71.10
C LYS KC 77 -59.59 -24.64 71.99
N ILE KC 78 -60.41 -23.57 71.99
CA ILE KC 78 -61.57 -23.55 72.87
C ILE KC 78 -62.56 -24.64 72.46
N ILE KC 79 -63.01 -24.58 71.20
CA ILE KC 79 -63.92 -25.57 70.66
C ILE KC 79 -63.42 -26.99 70.79
N ASP KC 80 -62.12 -27.17 70.80
CA ASP KC 80 -61.59 -28.49 71.02
C ASP KC 80 -61.82 -28.96 72.46
N GLU KC 81 -61.70 -28.07 73.48
CA GLU KC 81 -62.03 -28.66 74.78
C GLU KC 81 -63.52 -28.87 74.98
N GLN KC 82 -64.38 -28.07 74.36
CA GLN KC 82 -65.77 -28.41 74.67
C GLN KC 82 -66.22 -29.61 73.89
N LEU KC 83 -65.58 -29.86 72.74
CA LEU KC 83 -65.72 -31.15 72.10
C LEU KC 83 -65.35 -32.27 73.04
N ASN KC 84 -64.22 -32.13 73.72
CA ASN KC 84 -63.77 -33.20 74.58
C ASN KC 84 -64.67 -33.43 75.77
N LYS KC 85 -65.20 -32.38 76.37
CA LYS KC 85 -66.02 -32.66 77.53
C LYS KC 85 -67.37 -33.23 77.15
N GLN KC 86 -67.86 -32.97 75.97
CA GLN KC 86 -69.13 -33.57 75.64
C GLN KC 86 -68.97 -34.72 74.68
N ALA KC 87 -67.76 -35.26 74.66
CA ALA KC 87 -67.43 -36.38 73.80
C ALA KC 87 -68.36 -37.54 74.01
N ARG KC 88 -68.66 -37.84 75.27
CA ARG KC 88 -69.66 -38.83 75.62
C ARG KC 88 -70.99 -38.54 75.01
N ASN KC 89 -71.34 -37.29 75.04
CA ASN KC 89 -72.64 -36.89 74.60
C ASN KC 89 -72.68 -36.96 73.10
N LEU KC 90 -71.53 -36.71 72.49
CA LEU KC 90 -71.41 -36.68 71.05
C LEU KC 90 -71.73 -38.02 70.43
N ASP KC 91 -71.01 -39.06 70.80
CA ASP KC 91 -71.32 -40.36 70.26
C ASP KC 91 -72.58 -40.91 70.85
N ALA KC 92 -72.94 -40.42 72.04
CA ALA KC 92 -74.16 -40.82 72.70
C ALA KC 92 -75.32 -40.44 71.82
N ILE KC 93 -75.18 -39.32 71.13
CA ILE KC 93 -75.98 -39.10 69.96
C ILE KC 93 -75.58 -40.07 68.87
N TYR KC 94 -74.35 -39.97 68.40
CA TYR KC 94 -73.95 -40.55 67.12
C TYR KC 94 -73.34 -41.93 67.27
N ASP KC 95 -74.22 -42.82 67.69
CA ASP KC 95 -73.96 -44.26 67.68
C ASP KC 95 -74.08 -44.80 66.25
N PHE KC 96 -72.95 -44.86 65.57
CA PHE KC 96 -72.98 -45.24 64.15
C PHE KC 96 -73.25 -46.69 63.95
N ASN KC 97 -72.71 -47.51 64.84
CA ASN KC 97 -72.79 -48.96 64.75
C ASN KC 97 -74.22 -49.44 64.80
N SER KC 98 -75.07 -48.70 65.48
CA SER KC 98 -76.49 -48.91 65.44
C SER KC 98 -77.01 -48.79 64.03
N LEU KC 99 -76.37 -47.97 63.23
CA LEU KC 99 -76.79 -47.80 61.86
C LEU KC 99 -76.05 -48.69 60.91
N VAL KC 100 -74.95 -49.29 61.32
CA VAL KC 100 -74.22 -50.08 60.34
C VAL KC 100 -74.94 -51.40 60.11
N LEU KC 101 -74.52 -52.08 59.06
CA LEU KC 101 -75.26 -53.24 58.60
C LEU KC 101 -74.58 -54.54 59.04
N GLU KC 102 -75.07 -55.63 58.48
CA GLU KC 102 -74.80 -57.00 58.88
C GLU KC 102 -73.35 -57.40 58.68
N HIS KC 103 -72.74 -56.94 57.62
CA HIS KC 103 -71.41 -57.35 57.27
C HIS KC 103 -70.52 -56.14 57.38
N ASN KC 104 -70.78 -55.39 58.46
CA ASN KC 104 -70.44 -53.99 58.73
C ASN KC 104 -70.36 -53.17 57.44
N ILE KC 105 -71.46 -53.22 56.72
CA ILE KC 105 -71.64 -52.37 55.57
C ILE KC 105 -72.12 -51.04 56.10
N LEU KC 106 -71.30 -50.03 55.96
CA LEU KC 106 -71.78 -48.69 56.26
C LEU KC 106 -72.83 -48.32 55.21
N PRO KC 107 -74.03 -47.95 55.65
CA PRO KC 107 -75.15 -47.76 54.71
C PRO KC 107 -75.05 -46.43 54.01
N PRO KC 108 -75.64 -46.28 52.82
CA PRO KC 108 -75.45 -45.05 52.04
C PRO KC 108 -76.25 -43.90 52.62
N VAL KC 109 -75.90 -42.68 52.21
CA VAL KC 109 -76.58 -41.51 52.73
C VAL KC 109 -77.60 -41.04 51.70
N LEU KC 110 -78.84 -40.95 52.12
CA LEU KC 110 -79.91 -40.66 51.16
C LEU KC 110 -80.40 -39.26 51.40
N LEU KC 111 -80.88 -38.62 50.34
CA LEU KC 111 -81.22 -37.22 50.39
C LEU KC 111 -82.66 -36.97 49.99
N GLU KC 112 -83.33 -36.22 50.84
CA GLU KC 112 -84.72 -35.81 50.75
C GLU KC 112 -84.86 -34.67 49.74
N GLY KC 113 -86.03 -34.58 49.11
CA GLY KC 113 -86.37 -33.44 48.31
C GLY KC 113 -87.84 -33.09 48.27
N ARG KC 114 -88.18 -31.86 48.58
CA ARG KC 114 -89.52 -31.37 48.33
C ARG KC 114 -89.51 -30.13 47.46
N ASN KC 115 -90.62 -30.02 46.73
CA ASN KC 115 -90.98 -28.98 45.79
C ASN KC 115 -89.79 -28.43 45.01
N THR KC 116 -89.06 -29.36 44.45
CA THR KC 116 -87.93 -29.05 43.63
C THR KC 116 -88.48 -28.40 42.38
N LEU KC 117 -88.69 -27.11 42.46
CA LEU KC 117 -89.07 -26.39 41.28
C LEU KC 117 -87.86 -25.66 40.80
N ASN KC 118 -87.33 -26.15 39.71
CA ASN KC 118 -86.52 -25.30 38.89
C ASN KC 118 -87.46 -24.77 37.86
N LEU KC 119 -87.58 -23.47 37.77
CA LEU KC 119 -88.05 -22.97 36.50
C LEU KC 119 -86.85 -23.18 35.62
N ALA KC 120 -87.05 -23.82 34.49
CA ALA KC 120 -86.05 -23.61 33.48
C ALA KC 120 -86.05 -22.16 33.08
N ASP KC 121 -87.23 -21.62 32.84
CA ASP KC 121 -87.28 -20.34 32.20
C ASP KC 121 -88.67 -19.79 32.34
N ALA KC 122 -88.91 -18.72 31.60
CA ALA KC 122 -90.17 -18.04 31.52
C ALA KC 122 -91.26 -18.87 30.87
N GLN KC 123 -90.86 -19.93 30.20
CA GLN KC 123 -91.77 -20.67 29.35
C GLN KC 123 -92.06 -22.04 29.91
N SER KC 124 -91.19 -22.55 30.76
CA SER KC 124 -91.32 -23.93 31.19
C SER KC 124 -90.71 -24.07 32.56
N ILE KC 125 -91.42 -24.75 33.42
CA ILE KC 125 -90.92 -25.02 34.75
C ILE KC 125 -90.96 -26.50 34.96
N ARG KC 126 -90.30 -26.94 36.01
CA ARG KC 126 -90.15 -28.35 36.27
C ARG KC 126 -89.96 -28.56 37.75
N ILE KC 127 -90.88 -29.29 38.31
CA ILE KC 127 -90.99 -29.47 39.73
C ILE KC 127 -91.16 -30.94 40.03
N SER KC 128 -90.36 -31.43 40.95
CA SER KC 128 -90.88 -32.56 41.66
C SER KC 128 -91.46 -32.08 42.97
N ASP KC 129 -92.52 -32.75 43.33
CA ASP KC 129 -92.99 -32.72 44.69
C ASP KC 129 -91.94 -33.21 45.69
N ARG KC 130 -91.07 -34.11 45.24
CA ARG KC 130 -90.45 -35.01 46.18
C ARG KC 130 -89.35 -35.73 45.42
N THR KC 131 -88.23 -35.98 46.08
CA THR KC 131 -87.00 -36.27 45.36
C THR KC 131 -86.04 -36.99 46.29
N TYR KC 132 -85.32 -37.99 45.79
CA TYR KC 132 -84.32 -38.64 46.61
C TYR KC 132 -83.02 -38.84 45.91
N LYS KC 133 -81.96 -38.53 46.63
CA LYS KC 133 -80.63 -38.62 46.09
C LYS KC 133 -79.84 -39.61 46.89
N VAL KC 134 -79.48 -40.72 46.28
CA VAL KC 134 -78.58 -41.63 46.95
C VAL KC 134 -77.21 -41.05 46.75
N ALA KC 135 -76.51 -40.83 47.85
CA ALA KC 135 -75.13 -40.42 47.82
C ALA KC 135 -74.34 -41.42 48.65
N LYS KC 136 -73.07 -41.58 48.29
CA LYS KC 136 -72.05 -42.33 49.01
C LYS KC 136 -72.53 -43.75 49.34
N GLN KC 137 -72.64 -44.54 48.28
CA GLN KC 137 -73.27 -45.86 48.29
C GLN KC 137 -72.64 -46.79 49.33
N ALA KC 138 -73.48 -47.72 49.83
CA ALA KC 138 -73.12 -48.63 50.92
C ALA KC 138 -71.85 -49.39 50.63
N HIS KC 139 -71.09 -49.66 51.68
CA HIS KC 139 -69.77 -50.20 51.44
C HIS KC 139 -69.29 -50.96 52.66
N PHE KC 140 -68.34 -51.86 52.45
CA PHE KC 140 -67.68 -52.51 53.58
C PHE KC 140 -66.93 -51.46 54.37
N ILE KC 141 -67.18 -51.37 55.64
CA ILE KC 141 -66.37 -50.48 56.45
C ILE KC 141 -65.60 -51.37 57.40
N THR KC 142 -64.40 -50.95 57.78
CA THR KC 142 -63.79 -51.64 58.90
C THR KC 142 -64.26 -51.06 60.19
N THR KC 143 -63.76 -49.91 60.52
CA THR KC 143 -64.07 -49.30 61.77
C THR KC 143 -65.13 -48.26 61.53
N PRO KC 144 -66.20 -48.29 62.30
CA PRO KC 144 -67.32 -47.41 62.07
C PRO KC 144 -66.95 -45.96 62.38
N PRO KC 145 -67.65 -45.01 61.80
CA PRO KC 145 -67.27 -43.62 61.96
C PRO KC 145 -67.49 -43.13 63.38
N THR KC 146 -66.82 -42.04 63.70
CA THR KC 146 -67.01 -41.39 64.97
C THR KC 146 -67.65 -40.06 64.68
N TRP KC 147 -67.49 -39.13 65.59
CA TRP KC 147 -67.61 -37.75 65.16
C TRP KC 147 -66.27 -37.04 65.04
N ARG KC 148 -65.27 -37.44 65.82
CA ARG KC 148 -64.04 -36.66 65.93
C ARG KC 148 -63.30 -36.61 64.64
N GLN KC 149 -63.58 -37.59 63.79
CA GLN KC 149 -63.32 -37.51 62.39
C GLN KC 149 -63.94 -36.29 61.73
N TYR KC 150 -64.98 -35.69 62.29
CA TYR KC 150 -65.71 -34.65 61.59
C TYR KC 150 -65.71 -33.37 62.38
N LEU KC 151 -65.45 -33.46 63.66
CA LEU KC 151 -65.66 -32.29 64.47
C LEU KC 151 -64.45 -31.85 65.23
N TRP KC 152 -63.47 -32.72 65.42
CA TRP KC 152 -62.27 -32.31 66.10
C TRP KC 152 -61.58 -31.26 65.26
N MET KC 153 -61.77 -30.02 65.66
CA MET KC 153 -61.16 -28.94 64.93
C MET KC 153 -59.66 -29.01 65.15
N ASP KC 154 -58.90 -28.72 64.12
CA ASP KC 154 -57.47 -28.70 64.26
C ASP KC 154 -57.09 -27.53 65.12
N TYR KC 155 -56.12 -27.73 65.96
CA TYR KC 155 -55.52 -26.66 66.71
C TYR KC 155 -54.04 -26.66 66.47
N VAL KC 156 -53.52 -25.54 66.02
CA VAL KC 156 -52.10 -25.27 66.09
C VAL KC 156 -51.94 -23.97 66.82
N LYS KC 157 -50.76 -23.75 67.37
CA LYS KC 157 -50.52 -22.48 68.04
C LYS KC 157 -49.46 -21.69 67.31
N PRO KC 158 -49.79 -20.57 66.70
CA PRO KC 158 -48.74 -19.61 66.31
C PRO KC 158 -48.70 -18.42 67.26
N GLU KC 159 -47.49 -18.02 67.63
CA GLU KC 159 -47.21 -16.69 68.16
C GLU KC 159 -46.19 -15.95 67.32
N ALA KC 160 -46.14 -16.22 66.02
CA ALA KC 160 -45.10 -15.69 65.14
C ALA KC 160 -45.54 -14.34 64.58
N PRO KC 161 -44.85 -13.25 64.92
CA PRO KC 161 -45.19 -11.96 64.31
C PRO KC 161 -44.57 -11.83 62.93
N LYS KC 173 -49.60 1.61 65.75
CA LYS KC 173 -49.40 1.15 67.12
C LYS KC 173 -50.75 0.91 67.82
N GLU KC 174 -51.58 1.94 67.93
CA GLU KC 174 -52.93 1.68 68.38
C GLU KC 174 -53.70 0.94 67.31
N ILE KC 175 -53.36 1.16 66.04
CA ILE KC 175 -53.93 0.34 64.99
C ILE KC 175 -53.46 -1.08 65.13
N TRP KC 176 -52.22 -1.29 65.59
CA TRP KC 176 -51.76 -2.63 65.89
C TRP KC 176 -52.64 -3.30 66.90
N CYS KC 177 -52.90 -2.62 68.02
CA CYS KC 177 -53.64 -3.27 69.08
C CYS KC 177 -55.09 -3.50 68.68
N ILE KC 178 -55.73 -2.49 68.10
CA ILE KC 178 -57.14 -2.66 67.79
C ILE KC 178 -57.38 -3.59 66.60
N TYR KC 179 -56.47 -3.66 65.64
CA TYR KC 179 -56.76 -4.54 64.54
C TYR KC 179 -56.38 -5.94 64.88
N THR KC 180 -55.49 -6.08 65.83
CA THR KC 180 -55.28 -7.40 66.37
C THR KC 180 -56.51 -7.89 67.11
N GLU KC 181 -57.21 -7.04 67.86
CA GLU KC 181 -58.45 -7.58 68.39
C GLU KC 181 -59.53 -7.74 67.34
N ARG KC 182 -59.50 -6.93 66.30
CA ARG KC 182 -60.40 -7.09 65.18
C ARG KC 182 -60.29 -8.49 64.62
N GLY KC 183 -59.09 -8.83 64.18
CA GLY KC 183 -58.84 -10.14 63.63
C GLY KC 183 -59.02 -11.23 64.66
N TRP KC 184 -58.78 -10.91 65.93
CA TRP KC 184 -59.08 -11.83 67.00
C TRP KC 184 -60.54 -12.25 66.95
N LYS KC 185 -61.44 -11.29 66.90
CA LYS KC 185 -62.85 -11.57 66.70
C LYS KC 185 -63.12 -12.29 65.40
N ASN KC 186 -62.39 -11.91 64.37
CA ASN KC 186 -62.67 -12.39 63.04
C ASN KC 186 -62.31 -13.86 62.89
N GLY KC 187 -61.15 -14.23 63.39
CA GLY KC 187 -60.77 -15.62 63.39
C GLY KC 187 -61.68 -16.45 64.26
N ILE KC 188 -62.11 -15.86 65.37
CA ILE KC 188 -63.08 -16.50 66.24
C ILE KC 188 -64.31 -16.90 65.45
N ASP KC 189 -64.94 -15.94 64.81
CA ASP KC 189 -66.21 -16.32 64.29
C ASP KC 189 -66.14 -17.00 62.95
N GLN KC 190 -65.03 -16.84 62.23
CA GLN KC 190 -64.91 -17.69 61.05
C GLN KC 190 -64.69 -19.13 61.46
N ALA KC 191 -64.02 -19.35 62.59
CA ALA KC 191 -63.91 -20.69 63.10
C ALA KC 191 -65.25 -21.23 63.55
N ASN KC 192 -66.08 -20.33 64.05
CA ASN KC 192 -67.41 -20.74 64.47
C ASN KC 192 -68.22 -21.21 63.30
N THR KC 193 -68.13 -20.49 62.21
CA THR KC 193 -68.78 -20.93 60.99
C THR KC 193 -68.22 -22.23 60.50
N ILE KC 194 -66.91 -22.40 60.63
CA ILE KC 194 -66.27 -23.64 60.23
C ILE KC 194 -66.85 -24.78 61.01
N LEU KC 195 -66.93 -24.58 62.31
CA LEU KC 195 -67.54 -25.52 63.23
C LEU KC 195 -68.95 -25.86 62.82
N GLU KC 196 -69.71 -24.83 62.51
CA GLU KC 196 -71.08 -24.96 62.08
C GLU KC 196 -71.18 -25.87 60.87
N GLU KC 197 -70.27 -25.67 59.95
CA GLU KC 197 -70.24 -26.47 58.76
C GLU KC 197 -69.90 -27.90 59.06
N ASN KC 198 -69.04 -28.10 60.05
CA ASN KC 198 -68.65 -29.45 60.43
C ASN KC 198 -69.85 -30.18 60.96
N ILE KC 199 -70.63 -29.46 61.75
CA ILE KC 199 -71.83 -30.01 62.33
C ILE KC 199 -72.80 -30.37 61.25
N ALA KC 200 -72.96 -29.50 60.28
CA ALA KC 200 -73.90 -29.75 59.21
C ALA KC 200 -73.48 -30.95 58.40
N ARG KC 201 -72.19 -31.14 58.26
CA ARG KC 201 -71.69 -32.29 57.55
C ARG KC 201 -72.06 -33.56 58.27
N ILE KC 202 -71.91 -33.54 59.59
CA ILE KC 202 -72.22 -34.77 60.27
C ILE KC 202 -73.72 -35.02 60.31
N LYS KC 203 -74.53 -33.93 60.27
CA LYS KC 203 -75.97 -34.07 60.12
C LYS KC 203 -76.28 -34.88 58.91
N GLU KC 204 -75.87 -34.33 57.78
CA GLU KC 204 -76.35 -34.80 56.50
C GLU KC 204 -75.88 -36.20 56.24
N ASP KC 205 -74.72 -36.54 56.80
CA ASP KC 205 -74.36 -37.94 56.86
C ASP KC 205 -75.37 -38.74 57.63
N PHE KC 206 -75.61 -38.36 58.87
CA PHE KC 206 -76.27 -39.25 59.78
C PHE KC 206 -77.71 -39.45 59.36
N GLY KC 207 -78.34 -38.33 59.04
CA GLY KC 207 -79.64 -38.33 58.45
C GLY KC 207 -79.68 -39.10 57.17
N GLY KC 208 -78.60 -39.07 56.40
CA GLY KC 208 -78.61 -39.82 55.18
C GLY KC 208 -78.69 -41.32 55.38
N MET KC 209 -77.88 -41.85 56.30
CA MET KC 209 -77.99 -43.29 56.48
C MET KC 209 -79.27 -43.66 57.21
N ILE KC 210 -79.79 -42.74 58.02
CA ILE KC 210 -81.11 -42.91 58.58
C ILE KC 210 -82.10 -43.14 57.49
N LEU KC 211 -82.06 -42.27 56.49
CA LEU KC 211 -82.98 -42.36 55.38
C LEU KC 211 -82.75 -43.59 54.56
N TYR KC 212 -81.54 -44.13 54.58
CA TYR KC 212 -81.36 -45.40 53.91
C TYR KC 212 -82.16 -46.46 54.61
N ARG KC 213 -82.02 -46.51 55.92
CA ARG KC 213 -82.78 -47.47 56.68
C ARG KC 213 -84.26 -47.19 56.58
N LYS KC 214 -84.60 -45.94 56.36
CA LYS KC 214 -85.96 -45.55 56.14
C LYS KC 214 -86.52 -46.15 54.89
N LEU KC 215 -85.92 -45.88 53.76
CA LEU KC 215 -86.52 -46.35 52.54
C LEU KC 215 -86.34 -47.81 52.35
N LEU KC 216 -85.36 -48.36 53.04
CA LEU KC 216 -85.28 -49.78 53.10
C LEU KC 216 -86.44 -50.30 53.90
N ALA KC 217 -86.82 -49.58 54.93
CA ALA KC 217 -88.05 -49.93 55.60
C ALA KC 217 -89.25 -49.59 54.76
N MET KC 218 -89.10 -48.73 53.80
CA MET KC 218 -90.24 -48.34 53.02
C MET KC 218 -90.34 -49.09 51.74
N ASN KC 219 -89.47 -50.06 51.53
CA ASN KC 219 -89.25 -50.73 50.27
C ASN KC 219 -88.90 -49.75 49.19
N MET KC 220 -88.36 -48.61 49.57
CA MET KC 220 -88.13 -47.61 48.56
C MET KC 220 -86.70 -47.66 48.12
N VAL KC 221 -85.84 -48.32 48.88
CA VAL KC 221 -84.54 -48.72 48.36
C VAL KC 221 -84.38 -50.20 48.60
N SER KC 222 -83.33 -50.73 48.00
CA SER KC 222 -82.96 -52.13 47.97
C SER KC 222 -81.89 -52.40 49.02
N PRO KC 223 -81.70 -53.65 49.44
CA PRO KC 223 -80.60 -53.95 50.35
C PRO KC 223 -79.28 -53.98 49.62
N PRO KC 224 -78.17 -54.02 50.35
CA PRO KC 224 -76.95 -54.56 49.74
C PRO KC 224 -77.05 -56.07 49.64
N TYR KC 225 -77.15 -56.54 48.42
CA TYR KC 225 -77.20 -57.96 48.11
C TYR KC 225 -75.77 -58.42 47.90
N VAL KC 226 -75.30 -59.34 48.73
CA VAL KC 226 -73.90 -59.73 48.69
C VAL KC 226 -73.78 -61.18 48.28
N SER KC 227 -72.54 -61.62 48.04
CA SER KC 227 -72.20 -63.03 48.01
C SER KC 227 -70.93 -63.20 48.83
N HIS KC 228 -71.02 -63.95 49.91
CA HIS KC 228 -69.84 -64.44 50.59
C HIS KC 228 -69.56 -65.80 49.99
N THR KC 229 -68.44 -65.91 49.32
CA THR KC 229 -67.97 -67.21 48.90
C THR KC 229 -66.79 -67.59 49.77
N ASP KC 230 -66.79 -68.83 50.23
CA ASP KC 230 -65.78 -69.23 51.18
C ASP KC 230 -64.85 -70.25 50.55
N LEU KC 231 -63.65 -70.31 51.09
CA LEU KC 231 -62.60 -71.20 50.67
C LEU KC 231 -62.07 -71.91 51.89
N GLY KC 232 -61.69 -73.15 51.71
CA GLY KC 232 -61.20 -73.96 52.80
C GLY KC 232 -59.77 -73.63 53.15
N VAL KC 233 -58.98 -74.65 53.42
CA VAL KC 233 -57.55 -74.44 53.58
C VAL KC 233 -56.98 -73.98 52.26
N THR KC 234 -56.39 -72.81 52.27
CA THR KC 234 -55.82 -72.28 51.05
C THR KC 234 -54.36 -71.99 51.29
N GLY KC 235 -53.54 -72.46 50.39
CA GLY KC 235 -52.15 -72.09 50.41
C GLY KC 235 -51.23 -73.28 50.29
N ASP KC 236 -49.95 -72.96 50.19
CA ASP KC 236 -48.93 -73.88 49.74
C ASP KC 236 -48.15 -74.45 50.91
N GLY KC 237 -47.03 -75.12 50.60
CA GLY KC 237 -46.17 -75.62 51.63
C GLY KC 237 -45.45 -74.57 52.44
N SER KC 238 -45.38 -73.35 51.93
CA SER KC 238 -44.80 -72.29 52.75
C SER KC 238 -45.82 -71.37 53.34
N GLU KC 239 -47.00 -71.30 52.76
CA GLU KC 239 -47.98 -70.39 53.28
C GLU KC 239 -49.28 -71.14 53.19
N ILE KC 240 -50.05 -71.20 54.26
CA ILE KC 240 -51.42 -71.64 54.12
C ILE KC 240 -52.33 -70.66 54.80
N HIS KC 241 -53.59 -70.74 54.43
CA HIS KC 241 -54.65 -70.07 55.14
C HIS KC 241 -55.74 -71.11 55.31
N ILE KC 242 -56.09 -71.38 56.54
CA ILE KC 242 -56.97 -72.48 56.89
C ILE KC 242 -58.40 -72.20 56.48
N ASP KC 243 -58.85 -70.97 56.58
CA ASP KC 243 -60.15 -70.62 56.00
C ASP KC 243 -60.15 -69.23 55.43
N ASP KC 244 -60.39 -69.13 54.14
CA ASP KC 244 -60.46 -67.86 53.45
C ASP KC 244 -61.88 -67.57 53.03
N ARG KC 245 -62.54 -66.73 53.77
CA ARG KC 245 -63.77 -66.17 53.25
C ARG KC 245 -63.42 -64.95 52.42
N VAL KC 246 -64.06 -64.83 51.28
CA VAL KC 246 -64.06 -63.60 50.53
C VAL KC 246 -65.50 -63.16 50.38
N LEU KC 247 -65.72 -61.89 50.51
CA LEU KC 247 -67.06 -61.35 50.48
C LEU KC 247 -67.11 -60.25 49.44
N ARG KC 248 -67.95 -60.45 48.46
CA ARG KC 248 -68.21 -59.40 47.53
C ARG KC 248 -69.61 -58.93 47.76
N ILE KC 249 -69.79 -57.64 47.59
CA ILE KC 249 -71.10 -57.04 47.66
C ILE KC 249 -71.56 -57.02 46.21
N THR KC 250 -72.47 -57.91 45.89
CA THR KC 250 -72.86 -58.06 44.49
C THR KC 250 -73.70 -56.87 44.06
N ALA KC 251 -74.87 -56.70 44.67
CA ALA KC 251 -75.78 -55.64 44.26
C ALA KC 251 -75.87 -54.58 45.36
N LEU KC 252 -75.60 -53.34 44.99
CA LEU KC 252 -75.62 -52.25 45.94
C LEU KC 252 -77.04 -51.85 46.29
N PRO KC 253 -77.23 -51.13 47.39
CA PRO KC 253 -78.50 -50.45 47.60
C PRO KC 253 -78.79 -49.45 46.50
N GLU KC 254 -80.07 -49.30 46.18
CA GLU KC 254 -80.54 -48.43 45.10
C GLU KC 254 -82.03 -48.19 45.28
N LEU KC 255 -82.48 -47.01 44.84
CA LEU KC 255 -83.89 -46.66 44.92
C LEU KC 255 -84.69 -47.49 43.93
N ASN KC 256 -85.68 -48.23 44.42
CA ASN KC 256 -86.52 -48.96 43.48
C ASN KC 256 -87.43 -47.97 42.79
N VAL KC 257 -87.88 -48.34 41.60
CA VAL KC 257 -88.67 -47.40 40.83
C VAL KC 257 -90.10 -47.86 40.66
N ASN KC 258 -90.35 -49.15 40.75
CA ASN KC 258 -91.73 -49.59 40.76
C ASN KC 258 -92.22 -49.33 42.17
N SER KC 259 -92.94 -48.25 42.33
CA SER KC 259 -93.39 -47.80 43.61
C SER KC 259 -94.55 -48.59 44.14
N ALA KC 260 -95.14 -49.44 43.29
CA ALA KC 260 -96.26 -50.27 43.68
C ALA KC 260 -95.90 -51.20 44.81
N GLU KC 261 -94.65 -51.57 44.90
CA GLU KC 261 -94.17 -52.54 45.85
C GLU KC 261 -93.65 -51.86 47.07
N TRP KC 262 -93.98 -50.61 47.24
CA TRP KC 262 -93.48 -49.88 48.38
C TRP KC 262 -94.18 -50.28 49.64
N ARG KC 263 -93.85 -49.56 50.69
CA ARG KC 263 -94.34 -49.90 52.00
C ARG KC 263 -94.74 -48.57 52.61
N ALA KC 264 -96.02 -48.38 52.84
CA ALA KC 264 -96.50 -47.09 53.31
C ALA KC 264 -97.14 -47.26 54.66
N ALA KC 265 -96.44 -46.82 55.68
CA ALA KC 265 -96.85 -47.09 57.04
C ALA KC 265 -97.70 -45.94 57.55
N VAL KC 266 -98.91 -46.27 57.94
CA VAL KC 266 -99.70 -45.36 58.73
C VAL KC 266 -99.26 -45.52 60.16
N ALA KC 267 -99.41 -44.49 60.96
CA ALA KC 267 -99.03 -44.62 62.36
C ALA KC 267 -100.20 -44.19 63.22
N LYS KC 268 -100.10 -44.48 64.52
CA LYS KC 268 -101.20 -44.24 65.44
C LYS KC 268 -100.74 -43.58 66.74
N PHE LC 25 -72.90 -31.60 105.07
CA PHE LC 25 -73.29 -30.85 103.88
C PHE LC 25 -72.69 -31.45 102.61
N LYS LC 26 -73.49 -31.47 101.57
CA LYS LC 26 -73.08 -32.08 100.32
C LYS LC 26 -72.84 -31.01 99.27
N LYS LC 27 -72.59 -31.48 98.05
CA LYS LC 27 -72.07 -30.71 96.93
C LYS LC 27 -72.92 -31.05 95.72
N PRO LC 28 -73.03 -30.14 94.74
CA PRO LC 28 -73.71 -30.53 93.53
C PRO LC 28 -72.85 -31.42 92.65
N PRO LC 29 -73.47 -32.10 91.70
CA PRO LC 29 -72.71 -33.02 90.87
C PRO LC 29 -71.73 -32.29 89.97
N ILE LC 30 -70.69 -33.01 89.61
CA ILE LC 30 -69.57 -32.36 88.96
C ILE LC 30 -69.82 -32.24 87.47
N ASN LC 31 -70.13 -33.34 86.81
CA ASN LC 31 -70.65 -33.26 85.45
C ASN LC 31 -72.17 -33.36 85.47
N ASN LC 32 -72.76 -32.40 86.11
CA ASN LC 32 -74.19 -32.27 85.98
C ASN LC 32 -74.52 -31.45 84.73
N PRO LC 33 -75.65 -31.72 84.11
CA PRO LC 33 -76.11 -30.81 83.05
C PRO LC 33 -76.64 -29.55 83.72
N SER LC 34 -75.76 -28.62 84.06
CA SER LC 34 -76.17 -27.40 84.73
C SER LC 34 -76.26 -26.25 83.77
N ASP LC 35 -76.61 -26.53 82.53
CA ASP LC 35 -76.55 -25.47 81.57
C ASP LC 35 -77.58 -25.73 80.51
N ASP LC 36 -78.11 -24.66 79.97
CA ASP LC 36 -79.38 -24.71 79.30
C ASP LC 36 -79.29 -25.39 77.95
N ALA LC 37 -78.17 -25.28 77.27
CA ALA LC 37 -78.08 -26.11 76.08
C ALA LC 37 -77.84 -27.54 76.46
N THR LC 38 -77.02 -27.70 77.48
CA THR LC 38 -76.49 -28.99 77.84
C THR LC 38 -77.53 -29.93 78.32
N ILE LC 39 -78.52 -29.39 79.00
CA ILE LC 39 -79.62 -30.23 79.39
C ILE LC 39 -80.31 -30.77 78.16
N LYS LC 40 -80.58 -29.91 77.19
CA LYS LC 40 -81.32 -30.31 76.02
C LYS LC 40 -80.54 -31.31 75.21
N LEU LC 41 -79.22 -31.12 75.20
CA LEU LC 41 -78.31 -32.14 74.73
C LEU LC 41 -78.56 -33.45 75.42
N ALA LC 42 -78.63 -33.41 76.74
CA ALA LC 42 -78.65 -34.65 77.48
C ALA LC 42 -79.95 -35.41 77.29
N GLU LC 43 -81.07 -34.72 77.28
CA GLU LC 43 -82.26 -35.49 76.99
C GLU LC 43 -82.42 -35.82 75.52
N ALA LC 44 -81.78 -35.07 74.64
CA ALA LC 44 -81.67 -35.53 73.29
C ALA LC 44 -80.90 -36.83 73.23
N ALA LC 45 -79.86 -36.92 74.06
CA ALA LC 45 -79.07 -38.14 74.13
C ALA LC 45 -79.90 -39.28 74.65
N VAL LC 46 -80.77 -39.02 75.61
CA VAL LC 46 -81.50 -40.17 76.09
C VAL LC 46 -82.58 -40.51 75.10
N SER LC 47 -83.03 -39.52 74.34
CA SER LC 47 -84.02 -39.75 73.32
C SER LC 47 -83.47 -40.61 72.21
N VAL LC 48 -82.28 -40.27 71.73
CA VAL LC 48 -81.67 -41.14 70.75
C VAL LC 48 -81.38 -42.49 71.32
N SER LC 49 -80.97 -42.55 72.57
CA SER LC 49 -80.61 -43.78 73.22
C SER LC 49 -81.78 -44.73 73.33
N ASP LC 50 -82.90 -44.21 73.76
CA ASP LC 50 -84.02 -45.11 73.84
C ASP LC 50 -84.53 -45.43 72.47
N SER LC 51 -84.58 -44.45 71.60
CA SER LC 51 -85.22 -44.68 70.34
C SER LC 51 -84.41 -45.63 69.50
N MET LC 52 -83.10 -45.60 69.68
CA MET LC 52 -82.33 -46.69 69.12
C MET LC 52 -82.55 -47.97 69.89
N LEU LC 53 -82.98 -47.91 71.13
CA LEU LC 53 -83.23 -49.18 71.79
C LEU LC 53 -84.48 -49.84 71.23
N GLU LC 54 -85.53 -49.07 70.99
CA GLU LC 54 -86.60 -49.83 70.36
C GLU LC 54 -86.41 -50.02 68.88
N MET LC 55 -85.63 -49.18 68.19
CA MET LC 55 -85.00 -49.59 66.94
C MET LC 55 -84.47 -51.02 67.04
N ALA LC 56 -83.64 -51.25 68.05
CA ALA LC 56 -83.05 -52.54 68.31
C ALA LC 56 -84.10 -53.58 68.61
N LYS LC 57 -85.12 -53.18 69.35
CA LYS LC 57 -86.13 -54.14 69.74
C LYS LC 57 -86.89 -54.62 68.54
N VAL LC 58 -87.22 -53.69 67.65
CA VAL LC 58 -88.12 -54.08 66.59
C VAL LC 58 -87.34 -54.74 65.48
N GLU LC 59 -86.05 -54.45 65.35
CA GLU LC 59 -85.31 -55.30 64.44
C GLU LC 59 -84.94 -56.65 65.02
N LYS LC 60 -84.86 -56.77 66.34
CA LYS LC 60 -84.19 -57.90 66.96
C LYS LC 60 -85.01 -59.17 66.77
N VAL LC 61 -84.52 -60.06 65.91
CA VAL LC 61 -85.04 -61.42 65.89
C VAL LC 61 -84.30 -62.20 66.95
N ILE LC 62 -85.05 -62.96 67.74
CA ILE LC 62 -84.46 -63.96 68.60
C ILE LC 62 -85.21 -65.26 68.39
N THR LC 63 -84.68 -66.32 68.98
CA THR LC 63 -85.34 -67.62 68.97
C THR LC 63 -85.66 -68.05 70.40
N PRO LC 64 -86.75 -68.79 70.62
CA PRO LC 64 -87.05 -69.23 71.98
C PRO LC 64 -86.08 -70.31 72.41
N PRO LC 65 -85.76 -70.40 73.70
CA PRO LC 65 -84.95 -71.51 74.18
C PRO LC 65 -85.69 -72.82 74.11
N SER LC 66 -87.00 -72.81 73.90
CA SER LC 66 -87.71 -74.04 73.59
C SER LC 66 -87.42 -74.49 72.17
N LYS LC 67 -87.16 -73.56 71.27
CA LYS LC 67 -86.94 -73.91 69.88
C LYS LC 67 -85.64 -73.35 69.39
N ASP LC 68 -84.59 -73.55 70.19
CA ASP LC 68 -83.27 -73.07 69.82
C ASP LC 68 -82.42 -74.12 69.11
N ASN LC 69 -82.82 -75.38 69.16
CA ASN LC 69 -82.34 -76.50 68.33
C ASN LC 69 -80.88 -76.88 68.56
N THR LC 70 -80.21 -76.34 69.57
CA THR LC 70 -78.81 -76.65 69.76
C THR LC 70 -78.63 -77.93 70.58
N LEU LC 71 -77.38 -78.37 70.71
CA LEU LC 71 -77.09 -79.63 71.38
C LEU LC 71 -77.27 -79.51 72.88
N THR LC 72 -77.90 -80.52 73.45
CA THR LC 72 -77.99 -80.54 74.89
C THR LC 72 -76.73 -81.09 75.51
N ILE LC 73 -76.66 -80.94 76.82
CA ILE LC 73 -75.57 -81.51 77.57
C ILE LC 73 -75.93 -82.96 77.82
N PRO LC 74 -75.10 -83.91 77.41
CA PRO LC 74 -75.51 -85.31 77.43
C PRO LC 74 -75.30 -85.99 78.76
N ASN LC 75 -74.87 -85.24 79.78
CA ASN LC 75 -74.75 -85.58 81.20
C ASN LC 75 -74.05 -86.90 81.49
N ALA LC 76 -73.14 -87.36 80.65
CA ALA LC 76 -72.36 -88.53 80.99
C ALA LC 76 -71.15 -88.13 81.80
N TYR LC 77 -70.86 -88.91 82.82
CA TYR LC 77 -69.74 -88.59 83.68
C TYR LC 77 -68.42 -88.74 82.98
N ASN LC 78 -68.36 -89.65 82.01
CA ASN LC 78 -67.21 -89.70 81.12
C ASN LC 78 -67.15 -88.46 80.26
N LEU LC 79 -68.29 -87.87 79.98
CA LEU LC 79 -68.31 -86.62 79.24
C LEU LC 79 -68.09 -85.44 80.15
N GLN LC 80 -67.97 -85.68 81.45
CA GLN LC 80 -67.82 -84.62 82.44
C GLN LC 80 -66.35 -84.32 82.72
N ALA LC 81 -65.55 -84.38 81.70
CA ALA LC 81 -64.12 -84.13 81.84
C ALA LC 81 -63.77 -82.78 81.24
N ARG LC 82 -63.08 -81.94 82.02
CA ARG LC 82 -62.58 -80.67 81.55
C ARG LC 82 -61.33 -80.92 80.71
N ALA LC 83 -61.29 -80.36 79.51
CA ALA LC 83 -60.23 -80.65 78.54
C ALA LC 83 -59.61 -79.34 78.07
N SER LC 84 -58.65 -79.44 77.15
CA SER LC 84 -57.93 -78.26 76.69
C SER LC 84 -57.52 -78.45 75.25
N VAL LC 85 -58.15 -77.75 74.30
CA VAL LC 85 -57.84 -77.99 72.90
C VAL LC 85 -57.73 -76.68 72.18
N ASP LC 86 -56.67 -76.50 71.43
CA ASP LC 86 -56.65 -75.55 70.33
C ASP LC 86 -56.37 -76.30 69.06
N TRP LC 87 -57.31 -76.22 68.15
CA TRP LC 87 -57.15 -76.85 66.86
C TRP LC 87 -58.14 -76.22 65.90
N SER LC 88 -57.74 -76.20 64.65
CA SER LC 88 -58.65 -75.80 63.63
C SER LC 88 -58.71 -76.82 62.53
N GLY LC 89 -59.88 -76.96 61.93
CA GLY LC 89 -59.93 -77.64 60.66
C GLY LC 89 -61.19 -78.45 60.56
N PRO LC 90 -61.08 -79.67 60.07
CA PRO LC 90 -62.28 -80.46 59.79
C PRO LC 90 -62.72 -81.31 60.97
N ILE LC 91 -64.03 -81.24 61.18
CA ILE LC 91 -64.70 -81.56 62.43
C ILE LC 91 -64.49 -83.01 62.92
N GLU LC 92 -64.58 -83.96 62.01
CA GLU LC 92 -64.83 -85.35 62.35
C GLU LC 92 -63.67 -85.97 63.08
N GLU LC 93 -62.47 -85.50 62.82
CA GLU LC 93 -61.31 -86.07 63.46
C GLU LC 93 -61.15 -85.55 64.88
N LEU LC 94 -61.49 -84.28 65.10
CA LEU LC 94 -61.60 -83.80 66.47
C LEU LC 94 -62.61 -84.60 67.24
N THR LC 95 -63.76 -84.86 66.62
CA THR LC 95 -64.81 -85.54 67.34
C THR LC 95 -64.42 -86.96 67.66
N ALA LC 96 -63.75 -87.62 66.72
CA ALA LC 96 -63.22 -88.94 66.97
C ALA LC 96 -62.27 -88.92 68.15
N ARG LC 97 -61.39 -87.94 68.21
CA ARG LC 97 -60.45 -87.98 69.32
C ARG LC 97 -61.06 -87.57 70.64
N ILE LC 98 -61.99 -86.63 70.67
CA ILE LC 98 -62.64 -86.39 71.95
C ILE LC 98 -63.55 -87.51 72.38
N ALA LC 99 -64.13 -88.26 71.44
CA ALA LC 99 -64.87 -89.46 71.81
C ALA LC 99 -63.95 -90.47 72.43
N LYS LC 100 -62.78 -90.61 71.84
CA LYS LC 100 -61.76 -91.49 72.36
C LYS LC 100 -61.29 -91.03 73.71
N ALA LC 101 -61.18 -89.74 73.89
CA ALA LC 101 -60.81 -89.16 75.15
C ALA LC 101 -61.90 -89.38 76.18
N ALA LC 102 -63.14 -89.33 75.74
CA ALA LC 102 -64.24 -89.42 76.67
C ALA LC 102 -64.79 -90.81 76.77
N HIS LC 103 -64.07 -91.79 76.22
CA HIS LC 103 -64.42 -93.21 76.25
C HIS LC 103 -65.75 -93.43 75.57
N PHE LC 104 -65.95 -92.77 74.46
CA PHE LC 104 -67.19 -92.95 73.72
C PHE LC 104 -66.85 -93.46 72.35
N ARG LC 105 -67.72 -94.31 71.82
CA ARG LC 105 -67.49 -94.65 70.43
C ARG LC 105 -68.13 -93.56 69.58
N PHE LC 106 -67.71 -93.54 68.32
CA PHE LC 106 -67.96 -92.41 67.41
C PHE LC 106 -68.52 -92.97 66.12
N ARG LC 107 -69.78 -92.70 65.86
CA ARG LC 107 -70.30 -93.05 64.57
C ARG LC 107 -70.66 -91.78 63.84
N VAL LC 108 -70.33 -91.75 62.56
CA VAL LC 108 -70.63 -90.63 61.70
C VAL LC 108 -71.48 -91.16 60.55
N LEU LC 109 -72.53 -90.45 60.22
CA LEU LC 109 -73.42 -90.79 59.13
C LEU LC 109 -73.66 -89.55 58.29
N GLY LC 110 -74.08 -89.79 57.08
CA GLY LC 110 -74.02 -88.78 56.07
C GLY LC 110 -72.72 -88.89 55.32
N LYS LC 111 -72.49 -87.92 54.45
CA LYS LC 111 -71.29 -87.87 53.64
C LYS LC 111 -70.53 -86.59 53.96
N SER LC 112 -69.27 -86.73 54.20
CA SER LC 112 -68.50 -85.51 54.32
C SER LC 112 -68.26 -84.92 52.94
N PRO LC 113 -68.41 -83.61 52.79
CA PRO LC 113 -68.34 -83.00 51.48
C PRO LC 113 -66.88 -82.81 51.09
N SER LC 114 -66.69 -82.42 49.83
CA SER LC 114 -65.37 -82.06 49.35
C SER LC 114 -64.83 -80.87 50.12
N VAL LC 115 -65.65 -79.85 50.33
CA VAL LC 115 -65.22 -78.85 51.28
C VAL LC 115 -65.47 -79.42 52.67
N PRO LC 116 -64.49 -79.36 53.54
CA PRO LC 116 -64.68 -79.87 54.88
C PRO LC 116 -65.41 -78.84 55.70
N VAL LC 117 -65.99 -79.32 56.78
CA VAL LC 117 -66.65 -78.44 57.72
C VAL LC 117 -65.59 -77.95 58.68
N LEU LC 118 -65.22 -76.69 58.54
CA LEU LC 118 -64.02 -76.21 59.18
C LEU LC 118 -64.31 -75.57 60.51
N ILE LC 119 -63.39 -75.79 61.44
CA ILE LC 119 -63.61 -75.55 62.85
C ILE LC 119 -62.46 -74.70 63.30
N SER LC 120 -62.68 -73.89 64.33
CA SER LC 120 -61.58 -73.32 65.09
C SER LC 120 -61.98 -73.30 66.54
N ILE LC 121 -61.24 -74.03 67.37
CA ILE LC 121 -61.45 -74.07 68.80
C ILE LC 121 -60.14 -73.78 69.49
N SER LC 122 -60.17 -72.95 70.51
CA SER LC 122 -58.99 -72.77 71.35
C SER LC 122 -59.44 -72.57 72.79
N THR LC 123 -59.12 -73.52 73.65
CA THR LC 123 -59.50 -73.46 75.05
C THR LC 123 -58.46 -74.13 75.92
N LYS LC 124 -58.38 -73.61 77.14
CA LYS LC 124 -57.35 -73.99 78.09
C LYS LC 124 -57.87 -74.91 79.18
N ASP LC 125 -59.14 -74.81 79.57
CA ASP LC 125 -59.73 -75.79 80.48
C ASP LC 125 -61.23 -75.78 80.32
N GLU LC 126 -61.79 -76.85 79.75
CA GLU LC 126 -63.21 -76.83 79.47
C GLU LC 126 -63.73 -78.23 79.23
N SER LC 127 -64.97 -78.44 79.62
CA SER LC 127 -65.55 -79.75 79.47
C SER LC 127 -65.90 -80.08 78.03
N LEU LC 128 -65.74 -81.35 77.72
CA LEU LC 128 -66.00 -81.91 76.42
C LEU LC 128 -67.43 -81.70 75.95
N ALA LC 129 -68.36 -81.56 76.88
CA ALA LC 129 -69.74 -81.34 76.51
C ALA LC 129 -69.92 -80.00 75.82
N GLU LC 130 -69.39 -78.93 76.37
CA GLU LC 130 -69.59 -77.69 75.65
C GLU LC 130 -68.62 -77.55 74.52
N ILE LC 131 -67.57 -78.36 74.52
CA ILE LC 131 -66.88 -78.56 73.26
C ILE LC 131 -67.82 -79.08 72.20
N LEU LC 132 -68.59 -80.10 72.54
CA LEU LC 132 -69.58 -80.65 71.63
C LEU LC 132 -70.65 -79.63 71.28
N ARG LC 133 -70.96 -78.77 72.25
CA ARG LC 133 -71.98 -77.75 72.01
C ARG LC 133 -71.51 -76.77 70.97
N ASP LC 134 -70.28 -76.30 71.13
CA ASP LC 134 -69.75 -75.38 70.18
C ASP LC 134 -69.51 -76.05 68.85
N ILE LC 135 -69.25 -77.35 68.88
CA ILE LC 135 -68.92 -77.99 67.63
C ILE LC 135 -70.19 -78.15 66.82
N ASP LC 136 -71.30 -78.38 67.50
CA ASP LC 136 -72.56 -78.50 66.78
C ASP LC 136 -73.00 -77.15 66.30
N TYR LC 137 -72.69 -76.13 67.10
CA TYR LC 137 -72.99 -74.76 66.73
C TYR LC 137 -72.23 -74.36 65.48
N GLN LC 138 -70.95 -74.64 65.46
CA GLN LC 138 -70.18 -74.28 64.29
C GLN LC 138 -70.45 -75.23 63.16
N ALA LC 139 -71.03 -76.38 63.44
CA ALA LC 139 -71.47 -77.26 62.39
C ALA LC 139 -72.67 -76.67 61.68
N GLY LC 140 -73.69 -76.33 62.45
CA GLY LC 140 -74.83 -75.63 61.92
C GLY LC 140 -75.61 -76.49 60.95
N LYS LC 141 -75.75 -76.00 59.74
CA LYS LC 141 -76.60 -76.65 58.76
C LYS LC 141 -75.91 -77.82 58.09
N LYS LC 142 -74.61 -77.73 57.89
CA LYS LC 142 -73.91 -78.74 57.14
C LYS LC 142 -73.84 -80.06 57.89
N ALA LC 143 -73.73 -80.00 59.21
CA ALA LC 143 -73.62 -81.19 60.00
C ALA LC 143 -74.16 -80.92 61.38
N SER LC 144 -74.26 -81.97 62.17
CA SER LC 144 -74.76 -81.85 63.51
C SER LC 144 -74.31 -83.00 64.37
N ILE LC 145 -74.57 -82.84 65.65
CA ILE LC 145 -74.15 -83.79 66.65
C ILE LC 145 -75.37 -84.36 67.29
N HIS LC 146 -75.49 -85.67 67.26
CA HIS LC 146 -76.24 -86.32 68.29
C HIS LC 146 -75.28 -87.03 69.23
N VAL LC 147 -75.84 -87.50 70.33
CA VAL LC 147 -75.05 -88.14 71.38
C VAL LC 147 -75.97 -89.05 72.17
N TYR LC 148 -75.51 -90.27 72.41
CA TYR LC 148 -76.31 -91.26 73.12
C TYR LC 148 -75.49 -91.77 74.29
N PRO LC 149 -75.73 -91.27 75.51
CA PRO LC 149 -75.04 -91.81 76.67
C PRO LC 149 -75.63 -93.08 77.17
N ASN LC 150 -76.74 -93.55 76.59
CA ASN LC 150 -77.19 -94.90 76.90
C ASN LC 150 -76.32 -95.93 76.22
N SER LC 151 -75.88 -95.64 75.01
CA SER LC 151 -74.98 -96.51 74.28
C SER LC 151 -73.62 -95.88 74.07
N GLN LC 152 -73.35 -94.72 74.68
CA GLN LC 152 -72.01 -94.18 74.88
C GLN LC 152 -71.30 -93.88 73.56
N VAL LC 153 -71.91 -92.99 72.81
CA VAL LC 153 -71.47 -92.68 71.45
C VAL LC 153 -71.75 -91.22 71.14
N VAL LC 154 -70.84 -90.60 70.42
CA VAL LC 154 -71.18 -89.38 69.72
C VAL LC 154 -71.38 -89.68 68.23
N GLU LC 155 -72.26 -88.89 67.64
CA GLU LC 155 -72.81 -89.20 66.34
C GLU LC 155 -72.76 -87.94 65.49
N LEU LC 156 -72.02 -88.01 64.40
CA LEU LC 156 -71.90 -86.88 63.50
C LEU LC 156 -72.77 -87.12 62.28
N ARG LC 157 -73.77 -86.28 62.12
CA ARG LC 157 -74.69 -86.40 61.02
C ARG LC 157 -74.40 -85.30 60.01
N TYR LC 158 -74.31 -85.67 58.76
CA TYR LC 158 -74.13 -84.67 57.73
C TYR LC 158 -75.48 -84.28 57.16
N ALA LC 159 -75.47 -83.31 56.27
CA ALA LC 159 -76.68 -82.95 55.56
C ALA LC 159 -76.91 -83.94 54.43
N ILE MC 272 -59.76 -61.28 42.51
CA ILE MC 272 -59.53 -61.93 43.78
C ILE MC 272 -58.69 -61.07 44.69
N PRO MC 273 -59.23 -60.77 45.85
CA PRO MC 273 -58.52 -59.96 46.83
C PRO MC 273 -57.30 -60.68 47.37
N PRO MC 274 -56.35 -59.93 47.93
CA PRO MC 274 -55.26 -60.58 48.67
C PRO MC 274 -55.73 -60.99 50.04
N SER MC 275 -55.04 -62.01 50.57
CA SER MC 275 -55.43 -62.62 51.84
C SER MC 275 -55.33 -61.63 52.97
N ALA MC 276 -54.10 -61.22 53.22
CA ALA MC 276 -53.75 -60.14 54.07
C ALA MC 276 -52.34 -59.79 53.67
N ASN MC 277 -51.69 -58.98 54.47
CA ASN MC 277 -50.27 -58.88 54.29
C ASN MC 277 -49.63 -60.05 54.99
N ASP MC 278 -48.59 -60.58 54.39
CA ASP MC 278 -47.74 -61.41 55.20
C ASP MC 278 -46.82 -60.58 56.05
N LEU MC 279 -46.68 -59.30 55.75
CA LEU MC 279 -45.97 -58.47 56.69
C LEU MC 279 -46.75 -58.29 57.96
N LEU MC 280 -48.07 -58.48 57.89
CA LEU MC 280 -48.82 -58.67 59.10
C LEU MC 280 -48.33 -59.85 59.88
N LEU MC 281 -47.86 -60.91 59.22
CA LEU MC 281 -47.38 -62.02 60.00
C LEU MC 281 -46.07 -61.65 60.69
N HIS MC 282 -45.34 -60.70 60.14
CA HIS MC 282 -44.11 -60.27 60.77
C HIS MC 282 -44.39 -59.31 61.89
N VAL MC 283 -45.25 -58.35 61.64
CA VAL MC 283 -45.52 -57.39 62.67
C VAL MC 283 -46.55 -57.90 63.63
N LEU MC 284 -47.01 -59.12 63.41
CA LEU MC 284 -47.80 -59.82 64.39
C LEU MC 284 -47.02 -59.96 65.67
N GLU MC 285 -45.78 -60.28 65.54
CA GLU MC 285 -44.85 -60.21 66.64
C GLU MC 285 -44.10 -58.90 66.52
N GLY MC 286 -43.13 -58.72 67.36
CA GLY MC 286 -42.52 -57.44 67.44
C GLY MC 286 -41.48 -57.12 66.40
N VAL MC 287 -41.33 -57.88 65.32
CA VAL MC 287 -40.38 -57.39 64.32
C VAL MC 287 -41.04 -56.26 63.55
N PRO MC 288 -40.31 -55.21 63.25
CA PRO MC 288 -40.76 -54.31 62.22
C PRO MC 288 -40.70 -55.01 60.88
N PRO MC 289 -41.41 -54.49 59.88
CA PRO MC 289 -41.21 -54.98 58.54
C PRO MC 289 -39.81 -54.61 58.06
N PRO MC 290 -39.32 -55.27 57.03
CA PRO MC 290 -38.09 -54.81 56.39
C PRO MC 290 -38.21 -53.39 55.90
N GLY MC 291 -37.18 -52.59 56.17
CA GLY MC 291 -37.11 -51.22 55.73
C GLY MC 291 -38.14 -50.32 56.37
N SER MC 292 -38.23 -50.30 57.68
CA SER MC 292 -39.32 -49.59 58.28
C SER MC 292 -38.79 -48.50 59.19
N ARG MC 293 -39.68 -47.59 59.54
CA ARG MC 293 -39.26 -46.53 60.41
C ARG MC 293 -40.07 -46.68 61.67
N ARG MC 294 -39.39 -46.68 62.79
CA ARG MC 294 -40.06 -46.80 64.07
C ARG MC 294 -40.83 -45.54 64.33
N LEU MC 295 -42.14 -45.67 64.27
CA LEU MC 295 -42.94 -44.51 64.56
C LEU MC 295 -42.99 -44.35 66.05
N VAL MC 296 -42.63 -43.15 66.48
CA VAL MC 296 -42.48 -42.84 67.88
C VAL MC 296 -43.88 -42.80 68.46
N VAL MC 297 -44.23 -43.85 69.19
CA VAL MC 297 -45.54 -43.95 69.79
C VAL MC 297 -45.47 -43.35 71.18
N SER MC 298 -46.28 -42.34 71.43
CA SER MC 298 -46.27 -41.70 72.74
C SER MC 298 -47.64 -41.78 73.35
N GLY MC 299 -47.70 -42.35 74.56
CA GLY MC 299 -48.92 -42.46 75.31
C GLY MC 299 -49.49 -43.86 75.45
N GLY MC 300 -48.79 -44.88 74.97
CA GLY MC 300 -49.40 -46.19 74.91
C GLY MC 300 -48.40 -47.24 74.52
N ASP MC 301 -48.87 -48.47 74.48
CA ASP MC 301 -47.99 -49.63 74.42
C ASP MC 301 -47.97 -50.22 73.03
N ALA MC 302 -48.44 -49.48 72.06
CA ALA MC 302 -48.57 -50.11 70.77
C ALA MC 302 -47.36 -49.68 70.01
N ARG MC 303 -46.85 -50.53 69.16
CA ARG MC 303 -45.70 -50.05 68.42
C ARG MC 303 -45.99 -50.03 66.95
N ALA MC 304 -45.49 -48.98 66.31
CA ALA MC 304 -45.88 -48.68 64.96
C ALA MC 304 -44.64 -48.51 64.09
N TRP MC 305 -44.76 -49.03 62.90
CA TRP MC 305 -43.74 -48.84 61.89
C TRP MC 305 -44.33 -48.28 60.63
N LEU MC 306 -43.60 -47.34 60.09
CA LEU MC 306 -43.87 -46.82 58.77
C LEU MC 306 -43.19 -47.75 57.81
N SER MC 307 -43.96 -48.49 57.04
CA SER MC 307 -43.35 -49.34 56.04
C SER MC 307 -43.24 -48.57 54.73
N ASN MC 308 -44.38 -48.26 54.13
CA ASN MC 308 -44.41 -47.51 52.88
C ASN MC 308 -45.73 -46.75 52.83
N GLU MC 309 -45.74 -45.59 53.49
CA GLU MC 309 -46.91 -44.78 53.86
C GLU MC 309 -47.86 -45.53 54.81
N LYS MC 310 -47.69 -46.82 54.99
CA LYS MC 310 -48.63 -47.66 55.65
C LYS MC 310 -48.01 -47.94 56.98
N MET MC 311 -48.60 -47.45 58.04
CA MET MC 311 -48.09 -47.95 59.28
C MET MC 311 -48.66 -49.33 59.47
N TYR MC 312 -47.82 -50.16 60.02
CA TYR MC 312 -48.27 -51.42 60.55
C TYR MC 312 -48.12 -51.20 62.02
N VAL MC 313 -49.18 -51.43 62.74
CA VAL MC 313 -49.11 -51.27 64.17
C VAL MC 313 -49.44 -52.60 64.82
N ARG MC 314 -48.59 -52.99 65.76
CA ARG MC 314 -48.90 -54.07 66.66
C ARG MC 314 -49.55 -53.41 67.86
N THR MC 315 -50.51 -54.12 68.42
CA THR MC 315 -51.01 -53.82 69.74
C THR MC 315 -51.75 -55.01 70.26
N ASN MC 316 -52.27 -54.84 71.45
CA ASN MC 316 -53.39 -55.65 71.86
C ASN MC 316 -54.64 -54.79 71.99
N LEU MC 317 -54.52 -53.48 71.90
CA LEU MC 317 -55.62 -52.57 72.10
C LEU MC 317 -56.55 -52.55 70.91
N THR MC 318 -57.69 -51.90 71.05
CA THR MC 318 -58.75 -52.07 70.06
C THR MC 318 -58.85 -50.84 69.18
N ILE MC 319 -58.40 -50.96 67.94
CA ILE MC 319 -58.28 -49.80 67.08
C ILE MC 319 -59.66 -49.28 66.71
N LEU MC 320 -59.80 -47.97 66.77
CA LEU MC 320 -61.09 -47.34 66.62
C LEU MC 320 -61.17 -46.36 65.46
N SER MC 321 -60.35 -45.32 65.46
CA SER MC 321 -60.67 -44.30 64.47
C SER MC 321 -60.32 -44.68 63.04
N PRO MC 322 -59.08 -44.98 62.68
CA PRO MC 322 -58.75 -44.88 61.26
C PRO MC 322 -59.13 -46.09 60.44
N GLY MC 323 -58.99 -47.32 60.90
CA GLY MC 323 -59.35 -48.43 60.06
C GLY MC 323 -58.25 -48.82 59.10
N TRP MC 324 -57.96 -50.09 59.10
CA TRP MC 324 -56.80 -50.68 58.48
C TRP MC 324 -57.15 -51.12 57.08
N LEU MC 325 -56.14 -51.40 56.31
CA LEU MC 325 -56.45 -52.21 55.16
C LEU MC 325 -56.42 -53.66 55.52
N ALA MC 326 -55.58 -54.04 56.45
CA ALA MC 326 -55.63 -55.43 56.79
C ALA MC 326 -55.52 -55.53 58.28
N SER MC 327 -56.33 -56.39 58.82
CA SER MC 327 -56.27 -56.64 60.22
C SER MC 327 -55.91 -58.08 60.45
N MET MC 328 -55.49 -58.29 61.67
CA MET MC 328 -54.65 -59.38 61.96
C MET MC 328 -54.67 -59.58 63.44
N THR MC 329 -54.81 -60.82 63.84
CA THR MC 329 -54.48 -60.99 65.22
C THR MC 329 -53.72 -62.28 65.35
N SER MC 330 -53.12 -62.44 66.50
CA SER MC 330 -52.25 -63.55 66.76
C SER MC 330 -53.09 -64.70 67.24
N ALA MC 331 -52.43 -65.70 67.79
CA ALA MC 331 -53.17 -66.66 68.56
C ALA MC 331 -53.67 -66.06 69.86
N ASP MC 332 -52.93 -65.10 70.41
CA ASP MC 332 -53.30 -64.58 71.73
C ASP MC 332 -54.00 -63.24 71.66
N GLY MC 333 -54.55 -62.88 70.52
CA GLY MC 333 -55.19 -61.59 70.47
C GLY MC 333 -54.26 -60.43 70.20
N THR MC 334 -53.06 -60.70 69.73
CA THR MC 334 -52.23 -59.58 69.35
C THR MC 334 -52.60 -59.12 67.96
N HIS MC 335 -53.00 -57.89 67.86
CA HIS MC 335 -53.41 -57.43 66.58
C HIS MC 335 -52.23 -56.85 65.87
N ALA MC 336 -52.25 -57.07 64.58
CA ALA MC 336 -51.52 -56.25 63.66
C ALA MC 336 -52.54 -55.62 62.75
N TYR MC 337 -52.34 -54.33 62.52
CA TYR MC 337 -53.19 -53.60 61.61
C TYR MC 337 -52.30 -52.93 60.60
N GLU MC 338 -52.55 -53.27 59.34
CA GLU MC 338 -51.94 -52.61 58.21
C GLU MC 338 -52.85 -51.46 57.89
N MET MC 339 -52.42 -50.30 58.32
CA MET MC 339 -53.17 -49.10 58.67
C MET MC 339 -52.65 -47.93 57.88
N GLN MC 340 -53.58 -47.11 57.47
CA GLN MC 340 -53.25 -45.91 56.77
C GLN MC 340 -52.68 -44.92 57.76
N LYS MC 341 -52.10 -43.86 57.24
CA LYS MC 341 -51.23 -43.10 58.10
C LYS MC 341 -52.07 -42.16 58.95
N SER MC 342 -51.99 -42.37 60.22
CA SER MC 342 -52.55 -41.33 61.02
C SER MC 342 -51.46 -40.72 61.87
N PRO MC 343 -51.55 -39.42 62.12
CA PRO MC 343 -50.83 -38.86 63.25
C PRO MC 343 -51.45 -39.23 64.58
N VAL MC 344 -52.73 -39.51 64.60
CA VAL MC 344 -53.51 -39.60 65.83
C VAL MC 344 -54.30 -40.88 65.80
N LEU MC 345 -54.16 -41.68 66.83
CA LEU MC 345 -54.69 -43.02 66.82
C LEU MC 345 -55.73 -43.17 67.90
N LEU MC 346 -56.74 -43.95 67.62
CA LEU MC 346 -57.77 -44.17 68.62
C LEU MC 346 -57.86 -45.62 68.95
N VAL MC 347 -57.75 -45.93 70.22
CA VAL MC 347 -58.18 -47.24 70.65
C VAL MC 347 -59.19 -47.07 71.74
N SER MC 348 -59.93 -48.12 71.96
CA SER MC 348 -60.64 -48.27 73.21
C SER MC 348 -59.76 -49.14 74.07
N TRP MC 349 -59.65 -48.72 75.32
CA TRP MC 349 -58.78 -49.34 76.29
C TRP MC 349 -59.59 -50.30 77.13
N HIS MC 350 -60.60 -49.80 77.83
CA HIS MC 350 -61.41 -50.63 78.69
C HIS MC 350 -62.86 -50.22 78.66
N GLY MC 351 -63.38 -49.93 77.48
CA GLY MC 351 -64.59 -49.17 77.43
C GLY MC 351 -64.38 -47.69 77.64
N LYS MC 352 -63.26 -47.30 78.24
CA LYS MC 352 -62.68 -45.99 78.10
C LYS MC 352 -61.97 -45.95 76.76
N VAL MC 353 -61.83 -44.77 76.19
CA VAL MC 353 -61.25 -44.60 74.86
C VAL MC 353 -60.04 -43.68 74.95
N MET MC 354 -58.97 -44.07 74.28
CA MET MC 354 -57.72 -43.35 74.30
C MET MC 354 -57.37 -42.82 72.92
N GLN MC 355 -57.11 -41.52 72.88
CA GLN MC 355 -56.33 -40.90 71.82
C GLN MC 355 -54.88 -41.25 72.04
N LEU MC 356 -54.11 -41.31 70.96
CA LEU MC 356 -52.70 -41.62 71.01
C LEU MC 356 -51.96 -40.83 69.95
N LYS MC 357 -50.86 -40.19 70.32
CA LYS MC 357 -50.13 -39.42 69.33
C LYS MC 357 -48.97 -40.25 68.80
N VAL MC 358 -48.68 -40.08 67.53
CA VAL MC 358 -47.47 -40.66 66.97
C VAL MC 358 -46.59 -39.54 66.47
N GLU MC 359 -45.32 -39.87 66.28
CA GLU MC 359 -44.37 -38.95 65.67
C GLU MC 359 -43.77 -39.66 64.47
N GLY MC 360 -43.64 -38.94 63.37
CA GLY MC 360 -43.16 -39.53 62.16
C GLY MC 360 -44.22 -40.45 61.61
N LEU NC 41 -46.89 -31.08 77.31
CA LEU NC 41 -46.14 -32.25 77.74
C LEU NC 41 -47.03 -33.23 78.49
N PRO NC 42 -46.80 -34.54 78.28
CA PRO NC 42 -47.58 -35.56 78.99
C PRO NC 42 -47.29 -35.60 80.48
N CYS NC 43 -48.10 -36.39 81.20
CA CYS NC 43 -48.19 -36.28 82.65
C CYS NC 43 -47.11 -37.06 83.39
N ARG NC 44 -46.50 -36.39 84.37
CA ARG NC 44 -45.86 -37.11 85.46
C ARG NC 44 -46.94 -37.58 86.42
N VAL NC 45 -47.55 -36.64 87.12
CA VAL NC 45 -48.69 -36.91 87.97
C VAL NC 45 -49.93 -36.80 87.12
N ASP NC 46 -50.88 -37.68 87.37
CA ASP NC 46 -52.21 -37.56 86.78
C ASP NC 46 -53.13 -36.71 87.65
N GLY NC 47 -52.65 -35.50 87.96
CA GLY NC 47 -53.37 -34.57 88.81
C GLY NC 47 -53.53 -35.05 90.23
N ALA NC 48 -52.56 -35.76 90.78
CA ALA NC 48 -52.70 -36.30 92.12
C ALA NC 48 -51.33 -36.35 92.77
N CYS NC 49 -51.33 -36.42 94.09
CA CYS NC 49 -50.09 -36.59 94.81
C CYS NC 49 -50.25 -37.65 95.88
N ASP NC 50 -49.25 -38.51 95.94
CA ASP NC 50 -49.26 -39.61 96.89
C ASP NC 50 -49.20 -39.08 98.31
N ALA NC 51 -48.63 -37.89 98.50
CA ALA NC 51 -48.66 -37.24 99.80
C ALA NC 51 -50.07 -36.91 100.22
N THR NC 52 -50.88 -36.43 99.30
CA THR NC 52 -52.27 -36.18 99.61
C THR NC 52 -53.01 -37.46 99.95
N ILE NC 53 -52.70 -38.49 99.18
CA ILE NC 53 -53.23 -39.82 99.41
C ILE NC 53 -52.94 -40.29 100.83
N ILE NC 54 -51.68 -40.18 101.24
CA ILE NC 54 -51.34 -40.69 102.54
C ILE NC 54 -51.86 -39.78 103.65
N LYS NC 55 -51.97 -38.48 103.37
CA LYS NC 55 -52.66 -37.58 104.28
C LYS NC 55 -54.08 -38.04 104.53
N MET NC 56 -54.72 -38.57 103.48
CA MET NC 56 -56.08 -39.06 103.65
C MET NC 56 -56.07 -40.22 104.61
N MET NC 57 -55.35 -41.31 104.23
CA MET NC 57 -55.46 -42.57 104.99
C MET NC 57 -55.08 -42.38 106.43
N THR NC 58 -54.06 -41.56 106.68
CA THR NC 58 -53.75 -41.17 108.05
C THR NC 58 -54.94 -40.58 108.74
N ASP NC 59 -55.57 -39.58 108.14
CA ASP NC 59 -56.56 -38.86 108.90
C ASP NC 59 -57.86 -39.63 109.02
N LEU NC 60 -58.21 -40.43 108.02
CA LEU NC 60 -59.46 -41.16 108.05
C LEU NC 60 -59.34 -42.47 108.78
N ASN NC 61 -58.13 -42.86 109.09
CA ASN NC 61 -58.02 -43.94 110.02
C ASN NC 61 -57.77 -43.41 111.42
N LYS NC 62 -57.29 -42.18 111.55
CA LYS NC 62 -57.43 -41.44 112.79
C LYS NC 62 -58.89 -41.27 113.14
N LYS NC 63 -59.69 -41.04 112.12
CA LYS NC 63 -61.13 -41.02 112.19
C LYS NC 63 -61.70 -42.42 112.05
N GLY NC 64 -60.86 -43.41 111.85
CA GLY NC 64 -61.23 -44.77 112.07
C GLY NC 64 -61.91 -45.45 110.92
N ILE NC 65 -62.28 -44.71 109.89
CA ILE NC 65 -62.95 -45.34 108.77
C ILE NC 65 -61.91 -46.08 107.96
N LYS NC 66 -62.07 -47.38 107.86
CA LYS NC 66 -60.90 -48.20 107.73
C LYS NC 66 -60.52 -48.38 106.28
N VAL NC 67 -59.30 -48.02 105.95
CA VAL NC 67 -58.75 -48.22 104.63
C VAL NC 67 -57.93 -49.49 104.68
N ALA NC 68 -58.27 -50.46 103.86
CA ALA NC 68 -57.36 -51.53 103.52
C ALA NC 68 -56.63 -51.16 102.25
N SER NC 69 -55.34 -51.45 102.23
CA SER NC 69 -54.51 -51.09 101.09
C SER NC 69 -53.60 -52.27 100.83
N VAL NC 70 -54.11 -53.24 100.09
CA VAL NC 70 -53.63 -54.61 100.20
C VAL NC 70 -53.34 -55.17 98.82
N GLY NC 71 -52.09 -55.61 98.63
CA GLY NC 71 -51.63 -56.05 97.35
C GLY NC 71 -51.76 -54.90 96.39
N GLN NC 72 -52.69 -55.03 95.46
CA GLN NC 72 -53.00 -53.90 94.62
C GLN NC 72 -54.41 -53.41 94.87
N ASN NC 73 -55.21 -54.18 95.57
CA ASN NC 73 -56.59 -53.80 95.74
C ASN NC 73 -56.74 -52.97 97.00
N TYR NC 74 -57.66 -52.03 96.95
CA TYR NC 74 -57.82 -51.10 98.03
C TYR NC 74 -59.28 -51.09 98.40
N LEU NC 75 -59.52 -51.06 99.70
CA LEU NC 75 -60.83 -51.30 100.28
C LEU NC 75 -61.06 -50.25 101.34
N ILE NC 76 -62.29 -49.81 101.50
CA ILE NC 76 -62.66 -49.10 102.71
C ILE NC 76 -63.88 -49.76 103.32
N SER NC 77 -63.74 -50.10 104.59
CA SER NC 77 -64.83 -50.57 105.39
C SER NC 77 -65.27 -49.39 106.25
N ILE NC 78 -66.57 -49.28 106.43
CA ILE NC 78 -67.18 -48.17 107.13
C ILE NC 78 -68.24 -48.76 108.04
N PRO NC 79 -68.32 -48.35 109.29
CA PRO NC 79 -69.53 -48.62 110.07
C PRO NC 79 -70.70 -47.87 109.46
N ALA NC 80 -71.80 -48.59 109.24
CA ALA NC 80 -72.99 -47.96 108.68
C ALA NC 80 -73.67 -47.02 109.66
N SER NC 81 -73.33 -47.11 110.94
CA SER NC 81 -73.97 -46.31 111.97
C SER NC 81 -73.68 -44.85 111.82
N ALA NC 82 -72.49 -44.51 111.34
CA ALA NC 82 -72.17 -43.12 111.12
C ALA NC 82 -72.92 -42.52 109.95
N LEU NC 83 -73.52 -43.36 109.10
CA LEU NC 83 -74.10 -42.89 107.85
C LEU NC 83 -75.60 -43.04 107.77
N PHE NC 84 -76.08 -44.26 107.79
CA PHE NC 84 -77.51 -44.44 107.76
C PHE NC 84 -78.02 -44.34 109.18
N ALA NC 85 -79.28 -44.02 109.30
CA ALA NC 85 -79.87 -44.10 110.61
C ALA NC 85 -80.31 -45.53 110.84
N ASP NC 86 -80.89 -45.75 111.99
CA ASP NC 86 -81.28 -47.05 112.51
C ASP NC 86 -82.26 -47.75 111.58
N GLN NC 87 -81.77 -48.82 110.92
CA GLN NC 87 -82.52 -49.62 109.96
C GLN NC 87 -83.02 -48.81 108.77
N SER NC 88 -82.41 -47.66 108.52
CA SER NC 88 -82.93 -46.84 107.47
C SER NC 88 -81.96 -46.95 106.33
N PRO NC 89 -82.40 -46.91 105.16
CA PRO NC 89 -81.52 -46.57 104.05
C PRO NC 89 -81.47 -45.07 103.85
N ARG NC 90 -81.32 -44.34 104.94
CA ARG NC 90 -81.48 -42.91 104.89
C ARG NC 90 -80.28 -42.29 105.55
N LEU NC 91 -79.60 -41.44 104.80
CA LEU NC 91 -78.37 -40.82 105.23
C LEU NC 91 -78.68 -39.54 105.96
N ASN NC 92 -77.67 -39.02 106.66
CA ASN NC 92 -77.86 -37.73 107.28
C ASN NC 92 -76.98 -36.67 106.65
N TRP NC 93 -76.81 -35.59 107.39
CA TRP NC 93 -76.35 -34.35 106.79
C TRP NC 93 -74.84 -34.24 106.77
N ALA NC 94 -74.22 -34.16 107.95
CA ALA NC 94 -72.81 -33.86 108.10
C ALA NC 94 -71.94 -34.99 107.60
N SER NC 95 -72.53 -36.14 107.36
CA SER NC 95 -71.92 -37.27 106.69
C SER NC 95 -71.35 -36.93 105.33
N TYR NC 96 -71.97 -36.00 104.63
CA TYR NC 96 -71.67 -35.83 103.23
C TYR NC 96 -70.34 -35.18 102.98
N SER NC 97 -69.81 -34.42 103.96
CA SER NC 97 -68.43 -33.99 103.89
C SER NC 97 -67.51 -35.19 103.80
N LEU NC 98 -67.77 -36.19 104.64
CA LEU NC 98 -66.96 -37.38 104.67
C LEU NC 98 -67.17 -38.19 103.39
N LEU NC 99 -68.41 -38.29 102.94
CA LEU NC 99 -68.72 -39.06 101.74
C LEU NC 99 -68.08 -38.46 100.51
N ASN NC 100 -68.03 -37.14 100.46
CA ASN NC 100 -67.49 -36.54 99.28
C ASN NC 100 -65.97 -36.57 99.32
N GLU NC 101 -65.38 -36.53 100.51
CA GLU NC 101 -63.92 -36.65 100.54
C GLU NC 101 -63.47 -38.09 100.31
N ILE NC 102 -64.36 -39.04 100.54
CA ILE NC 102 -64.18 -40.37 99.97
C ILE NC 102 -64.07 -40.30 98.46
N ALA NC 103 -65.05 -39.66 97.82
CA ALA NC 103 -65.01 -39.59 96.36
C ALA NC 103 -63.80 -38.83 95.85
N ALA NC 104 -63.37 -37.86 96.64
CA ALA NC 104 -62.13 -37.13 96.38
C ALA NC 104 -60.96 -38.08 96.39
N PHE NC 105 -60.96 -39.01 97.33
CA PHE NC 105 -59.90 -39.98 97.26
C PHE NC 105 -60.08 -40.92 96.09
N LEU NC 106 -61.32 -41.19 95.71
CA LEU NC 106 -61.57 -42.13 94.64
C LEU NC 106 -61.07 -41.63 93.32
N LYS NC 107 -61.05 -40.34 93.17
CA LYS NC 107 -60.38 -39.71 92.06
C LYS NC 107 -58.89 -39.94 92.04
N GLN NC 108 -58.27 -40.35 93.13
CA GLN NC 108 -56.82 -40.40 93.10
C GLN NC 108 -56.26 -41.54 92.29
N PHE NC 109 -57.07 -42.46 91.79
CA PHE NC 109 -56.51 -43.55 91.02
C PHE NC 109 -57.22 -43.75 89.72
N ARG NC 110 -56.49 -44.20 88.75
CA ARG NC 110 -57.09 -44.72 87.54
C ARG NC 110 -57.71 -46.04 87.98
N LYS NC 111 -59.00 -46.22 87.72
CA LYS NC 111 -59.69 -47.44 88.11
C LYS NC 111 -60.80 -47.78 87.14
N ILE NC 112 -61.27 -49.01 87.24
CA ILE NC 112 -62.17 -49.58 86.25
C ILE NC 112 -63.54 -49.85 86.84
N ALA NC 113 -63.57 -50.70 87.85
CA ALA NC 113 -64.83 -51.16 88.43
C ALA NC 113 -64.75 -50.91 89.91
N ILE NC 114 -65.86 -50.51 90.49
CA ILE NC 114 -65.98 -50.31 91.91
C ILE NC 114 -67.12 -51.16 92.41
N THR NC 115 -66.85 -52.00 93.40
CA THR NC 115 -67.90 -52.79 93.99
C THR NC 115 -68.21 -52.25 95.36
N VAL NC 116 -69.47 -52.02 95.62
CA VAL NC 116 -69.91 -51.67 96.95
C VAL NC 116 -70.90 -52.72 97.42
N THR NC 117 -70.66 -53.18 98.63
CA THR NC 117 -71.64 -53.98 99.33
C THR NC 117 -71.82 -53.39 100.71
N SER NC 118 -72.94 -53.71 101.30
CA SER NC 118 -73.19 -53.26 102.65
C SER NC 118 -73.72 -54.43 103.43
N TYR NC 119 -73.51 -54.41 104.73
CA TYR NC 119 -74.04 -55.47 105.55
C TYR NC 119 -74.72 -54.87 106.75
N SER NC 120 -75.75 -55.55 107.19
CA SER NC 120 -76.50 -55.07 108.33
C SER NC 120 -76.77 -56.22 109.27
N SER NC 121 -76.66 -55.94 110.56
CA SER NC 121 -77.04 -56.88 111.60
C SER NC 121 -78.49 -57.29 111.45
N LYS NC 122 -78.75 -58.57 111.69
CA LYS NC 122 -80.02 -59.18 111.36
C LYS NC 122 -81.11 -58.60 112.23
N TYR NC 123 -82.12 -58.03 111.59
CA TYR NC 123 -83.08 -57.25 112.35
C TYR NC 123 -84.47 -57.85 112.36
N VAL NC 124 -85.10 -58.03 111.22
CA VAL NC 124 -86.45 -58.56 111.23
C VAL NC 124 -86.60 -59.75 110.28
N SER NC 125 -86.35 -59.55 108.99
CA SER NC 125 -86.71 -60.61 108.05
C SER NC 125 -85.78 -60.56 106.86
N VAL NC 126 -85.29 -61.74 106.48
CA VAL NC 126 -84.11 -61.91 105.65
C VAL NC 126 -84.23 -61.17 104.35
N LYS NC 127 -85.45 -61.10 103.85
CA LYS NC 127 -85.85 -60.21 102.79
C LYS NC 127 -85.52 -58.78 103.14
N ARG NC 128 -85.86 -58.31 104.34
CA ARG NC 128 -85.66 -56.88 104.52
C ARG NC 128 -84.25 -56.54 104.90
N GLU NC 129 -83.48 -57.47 105.45
CA GLU NC 129 -82.11 -56.99 105.67
C GLU NC 129 -81.34 -57.01 104.37
N ARG NC 130 -81.67 -57.98 103.49
CA ARG NC 130 -81.28 -57.87 102.10
C ARG NC 130 -81.70 -56.55 101.51
N ALA NC 131 -82.95 -56.17 101.73
CA ALA NC 131 -83.46 -54.97 101.15
C ALA NC 131 -82.79 -53.74 101.73
N LEU NC 132 -82.58 -53.74 103.04
CA LEU NC 132 -82.07 -52.56 103.70
C LEU NC 132 -80.65 -52.32 103.29
N THR NC 133 -79.86 -53.37 103.28
CA THR NC 133 -78.52 -53.30 102.76
C THR NC 133 -78.49 -52.92 101.30
N LEU NC 134 -79.38 -53.52 100.50
CA LEU NC 134 -79.38 -53.29 99.07
C LEU NC 134 -79.71 -51.85 98.76
N ALA NC 135 -80.68 -51.31 99.48
CA ALA NC 135 -81.03 -49.93 99.32
C ALA NC 135 -79.92 -49.03 99.83
N ARG NC 136 -79.31 -49.39 100.94
CA ARG NC 136 -78.25 -48.59 101.53
C ARG NC 136 -77.09 -48.47 100.57
N SER NC 137 -76.73 -49.60 99.99
CA SER NC 137 -75.71 -49.68 98.97
C SER NC 137 -76.07 -48.86 97.76
N ARG NC 138 -77.28 -49.03 97.26
CA ARG NC 138 -77.63 -48.34 96.04
C ARG NC 138 -77.77 -46.85 96.25
N VAL NC 139 -78.07 -46.38 97.45
CA VAL NC 139 -78.23 -44.95 97.61
C VAL NC 139 -76.88 -44.28 97.76
N VAL NC 140 -75.94 -44.91 98.45
CA VAL NC 140 -74.65 -44.26 98.50
C VAL NC 140 -73.94 -44.43 97.17
N SER NC 141 -74.24 -45.50 96.44
CA SER NC 141 -73.69 -45.71 95.12
C SER NC 141 -74.21 -44.71 94.14
N GLU NC 142 -75.51 -44.44 94.19
CA GLU NC 142 -76.10 -43.40 93.39
C GLU NC 142 -75.42 -42.08 93.68
N TYR NC 143 -75.17 -41.81 94.97
CA TYR NC 143 -74.59 -40.54 95.31
C TYR NC 143 -73.18 -40.42 94.78
N LEU NC 144 -72.39 -41.44 94.91
CA LEU NC 144 -71.04 -41.21 94.46
C LEU NC 144 -70.90 -41.38 92.96
N TRP NC 145 -71.78 -42.16 92.32
CA TRP NC 145 -71.83 -42.19 90.88
C TRP NC 145 -72.17 -40.85 90.31
N SER NC 146 -73.13 -40.20 90.94
CA SER NC 146 -73.42 -38.83 90.61
C SER NC 146 -72.21 -37.97 90.89
N GLN NC 147 -71.49 -38.29 91.94
CA GLN NC 147 -70.30 -37.56 92.26
C GLN NC 147 -69.20 -38.01 91.31
N GLY NC 148 -67.97 -37.67 91.66
CA GLY NC 148 -66.89 -38.11 90.80
C GLY NC 148 -66.68 -39.60 90.87
N VAL NC 149 -67.08 -40.29 89.81
CA VAL NC 149 -66.66 -41.67 89.57
C VAL NC 149 -65.79 -41.75 88.35
N ASP NC 150 -64.67 -42.38 88.54
CA ASP NC 150 -63.76 -42.67 87.46
C ASP NC 150 -63.82 -44.13 87.10
N SER NC 151 -64.72 -44.85 87.75
CA SER NC 151 -64.94 -46.23 87.37
C SER NC 151 -65.67 -46.29 86.05
N ARG NC 152 -65.53 -47.41 85.38
CA ARG NC 152 -66.43 -47.65 84.29
C ARG NC 152 -67.67 -48.36 84.77
N ILE NC 153 -67.52 -49.18 85.80
CA ILE NC 153 -68.59 -50.03 86.28
C ILE NC 153 -68.70 -49.84 87.77
N ILE NC 154 -69.91 -49.74 88.28
CA ILE NC 154 -70.12 -49.89 89.70
C ILE NC 154 -71.10 -51.02 89.91
N PHE NC 155 -70.62 -52.07 90.55
CA PHE NC 155 -71.48 -53.15 91.02
C PHE NC 155 -71.93 -52.81 92.44
N THR NC 156 -73.19 -53.08 92.73
CA THR NC 156 -73.73 -52.75 94.04
C THR NC 156 -74.67 -53.83 94.55
N GLN NC 157 -74.47 -54.15 95.84
CA GLN NC 157 -75.34 -55.02 96.62
C GLN NC 157 -75.00 -54.95 98.11
N GLY NC 158 -75.74 -55.71 98.89
CA GLY NC 158 -75.49 -55.80 100.32
C GLY NC 158 -76.31 -56.95 100.86
N LEU NC 159 -75.83 -57.52 101.97
CA LEU NC 159 -76.51 -58.66 102.55
C LEU NC 159 -76.75 -58.45 104.04
N GLY NC 160 -77.71 -59.17 104.56
CA GLY NC 160 -78.06 -58.94 105.93
C GLY NC 160 -77.10 -59.53 106.94
N SER NC 161 -75.86 -59.02 106.95
CA SER NC 161 -74.74 -59.58 107.71
C SER NC 161 -74.67 -61.10 107.60
N ASP NC 162 -74.86 -61.60 106.39
CA ASP NC 162 -74.83 -63.02 106.13
C ASP NC 162 -73.44 -63.57 106.32
N LYS NC 163 -72.47 -62.67 106.29
CA LYS NC 163 -71.08 -62.96 106.51
C LYS NC 163 -70.63 -61.93 107.53
N PRO NC 164 -71.00 -62.13 108.80
CA PRO NC 164 -70.59 -61.19 109.82
C PRO NC 164 -69.10 -61.35 110.07
N ILE NC 165 -68.41 -60.22 110.18
CA ILE NC 165 -66.99 -60.29 110.45
C ILE NC 165 -66.69 -60.33 111.93
N THR NC 166 -67.66 -59.99 112.75
CA THR NC 166 -67.60 -60.36 114.13
C THR NC 166 -68.84 -61.17 114.44
N SER NC 167 -68.71 -62.06 115.40
CA SER NC 167 -69.90 -62.61 116.02
C SER NC 167 -70.17 -62.00 117.38
N TYR NC 168 -69.31 -61.11 117.87
CA TYR NC 168 -69.74 -60.23 118.94
C TYR NC 168 -70.87 -59.38 118.40
N THR NC 169 -72.06 -59.64 118.92
CA THR NC 169 -73.31 -59.22 118.30
C THR NC 169 -74.07 -58.28 119.22
N LEU NC 170 -73.33 -57.26 119.70
CA LEU NC 170 -73.73 -56.32 120.77
C LEU NC 170 -75.12 -55.74 120.59
N GLY NC 171 -75.61 -55.63 119.36
CA GLY NC 171 -77.00 -55.35 119.12
C GLY NC 171 -77.32 -55.33 117.63
N GLY NC 172 -78.09 -54.32 117.26
CA GLY NC 172 -78.47 -54.15 115.89
C GLY NC 172 -77.52 -53.17 115.24
N ASP NC 173 -77.94 -51.92 115.14
CA ASP NC 173 -77.24 -50.98 114.28
C ASP NC 173 -76.13 -50.24 114.97
N ARG NC 174 -75.69 -50.70 116.13
CA ARG NC 174 -74.37 -50.29 116.56
C ARG NC 174 -73.34 -51.38 116.38
N SER NC 175 -73.73 -52.51 115.82
CA SER NC 175 -72.76 -53.53 115.47
C SER NC 175 -71.88 -53.06 114.32
N PRO NC 176 -70.62 -53.45 114.31
CA PRO NC 176 -69.82 -53.31 113.10
C PRO NC 176 -70.26 -54.22 111.97
N ASN NC 177 -71.10 -55.22 112.21
CA ASN NC 177 -71.63 -55.96 111.09
C ASN NC 177 -72.68 -55.16 110.34
N ALA NC 178 -73.19 -54.11 110.96
CA ALA NC 178 -73.80 -53.01 110.23
C ALA NC 178 -72.66 -52.14 109.73
N ARG NC 179 -72.55 -52.05 108.42
CA ARG NC 179 -71.34 -51.63 107.77
C ARG NC 179 -71.59 -51.50 106.29
N VAL NC 180 -70.66 -50.86 105.63
CA VAL NC 180 -70.69 -50.73 104.19
C VAL NC 180 -69.25 -50.72 103.72
N GLU NC 181 -69.00 -51.38 102.61
CA GLU NC 181 -67.66 -51.70 102.19
C GLU NC 181 -67.54 -51.47 100.70
N ILE NC 182 -66.38 -50.93 100.31
CA ILE NC 182 -66.12 -50.59 98.92
C ILE NC 182 -64.78 -51.16 98.55
N THR NC 183 -64.75 -51.96 97.50
CA THR NC 183 -63.52 -52.49 96.98
C THR NC 183 -63.27 -51.92 95.61
N PHE NC 184 -61.99 -51.75 95.30
CA PHE NC 184 -61.56 -51.62 93.92
C PHE NC 184 -60.15 -52.14 93.83
N ARG NC 185 -59.69 -52.30 92.61
CA ARG NC 185 -58.27 -52.48 92.32
C ARG NC 185 -57.79 -51.28 91.54
N ARG NC 186 -56.74 -50.63 92.05
CA ARG NC 186 -56.19 -49.47 91.36
C ARG NC 186 -55.67 -49.93 90.01
N ALA NC 187 -56.26 -49.40 88.95
CA ALA NC 187 -55.89 -49.83 87.62
C ALA NC 187 -54.53 -49.25 87.29
N VAL NC 188 -53.58 -50.14 87.04
CA VAL NC 188 -52.20 -49.91 86.59
C VAL NC 188 -51.48 -48.72 87.23
N UNK OC 1 -136.85 -62.86 123.43
CA UNK OC 1 -135.65 -62.04 123.60
C UNK OC 1 -134.86 -61.93 122.30
N UNK OC 2 -134.21 -63.02 121.91
CA UNK OC 2 -133.32 -63.02 120.75
C UNK OC 2 -134.10 -63.05 119.44
N UNK OC 3 -133.37 -63.28 118.35
CA UNK OC 3 -134.02 -63.34 117.04
C UNK OC 3 -133.90 -64.78 116.54
N UNK OC 4 -135.01 -65.52 116.63
CA UNK OC 4 -135.07 -66.92 116.24
C UNK OC 4 -136.40 -67.19 115.52
N UNK OC 5 -136.39 -67.00 114.19
CA UNK OC 5 -137.50 -67.41 113.34
C UNK OC 5 -136.95 -67.61 111.94
N UNK OC 6 -137.60 -68.49 111.18
CA UNK OC 6 -137.39 -68.62 109.74
C UNK OC 6 -138.75 -68.29 109.11
N UNK OC 7 -139.02 -67.00 109.01
CA UNK OC 7 -140.36 -66.49 108.84
C UNK OC 7 -140.27 -65.15 108.13
N UNK OC 8 -141.30 -64.34 108.31
CA UNK OC 8 -141.22 -62.91 108.07
C UNK OC 8 -141.33 -62.26 109.44
N UNK OC 9 -140.18 -62.09 110.11
CA UNK OC 9 -140.17 -61.30 111.35
C UNK OC 9 -140.53 -59.86 111.05
N UNK OC 10 -139.97 -59.33 109.96
CA UNK OC 10 -140.42 -58.15 109.19
C UNK OC 10 -140.30 -56.82 109.92
N UNK OC 11 -140.12 -56.86 111.23
CA UNK OC 11 -140.19 -55.65 112.04
C UNK OC 11 -139.42 -55.97 113.31
N UNK OC 12 -138.16 -55.55 113.33
CA UNK OC 12 -137.36 -55.64 114.53
C UNK OC 12 -136.52 -54.37 114.54
N UNK OC 13 -137.09 -53.31 115.08
CA UNK OC 13 -136.32 -52.15 115.51
C UNK OC 13 -136.07 -52.30 117.01
N UNK OC 14 -135.45 -53.43 117.35
CA UNK OC 14 -135.35 -53.89 118.73
C UNK OC 14 -133.94 -54.38 119.01
N UNK OC 15 -133.48 -54.18 120.24
CA UNK OC 15 -132.17 -54.64 120.71
C UNK OC 15 -132.36 -55.90 121.55
N UNK OC 16 -131.55 -56.92 121.25
CA UNK OC 16 -131.66 -58.22 121.91
C UNK OC 16 -131.02 -58.19 123.31
N UNK OC 17 -131.20 -59.30 124.03
CA UNK OC 17 -131.02 -59.39 125.48
C UNK OC 17 -129.66 -59.93 125.89
N UNK OC 18 -129.50 -60.14 127.19
CA UNK OC 18 -128.42 -60.95 127.70
C UNK OC 18 -128.69 -62.41 127.38
N UNK OC 19 -127.62 -63.10 126.99
CA UNK OC 19 -127.66 -64.47 126.48
C UNK OC 19 -128.66 -64.61 125.34
N UNK OC 20 -128.66 -63.63 124.44
CA UNK OC 20 -129.61 -63.64 123.33
C UNK OC 20 -128.92 -64.22 122.10
N UNK OC 21 -129.20 -65.49 121.85
CA UNK OC 21 -128.69 -66.18 120.67
C UNK OC 21 -129.57 -65.83 119.47
N UNK OC 22 -129.35 -64.64 118.94
CA UNK OC 22 -130.15 -64.15 117.81
C UNK OC 22 -129.67 -64.88 116.57
N UNK OC 23 -130.19 -66.08 116.38
CA UNK OC 23 -129.87 -66.94 115.24
C UNK OC 23 -130.97 -66.92 114.19
N UNK OC 24 -131.28 -65.75 113.67
CA UNK OC 24 -132.47 -65.59 112.84
C UNK OC 24 -132.27 -66.12 111.42
N UNK OC 25 -133.37 -66.60 110.84
CA UNK OC 25 -133.47 -66.86 109.40
C UNK OC 25 -134.76 -66.25 108.85
N UNK OC 26 -135.34 -65.30 109.59
CA UNK OC 26 -136.63 -64.74 109.22
C UNK OC 26 -136.46 -63.53 108.34
N UNK OC 27 -137.51 -63.25 107.56
CA UNK OC 27 -137.51 -62.04 106.75
C UNK OC 27 -137.78 -60.86 107.69
N UNK OC 28 -136.75 -60.03 107.87
CA UNK OC 28 -136.86 -58.82 108.68
C UNK OC 28 -136.73 -57.63 107.75
N UNK OC 29 -137.87 -57.08 107.34
CA UNK OC 29 -137.88 -55.96 106.42
C UNK OC 29 -137.37 -54.70 107.11
N UNK OC 30 -138.01 -54.33 108.21
CA UNK OC 30 -137.46 -53.28 109.08
C UNK OC 30 -136.49 -53.93 110.04
N UNK OC 31 -135.27 -54.16 109.54
CA UNK OC 31 -134.24 -54.85 110.31
C UNK OC 31 -133.27 -53.83 110.88
N UNK OC 32 -133.19 -53.81 112.21
CA UNK OC 32 -132.17 -53.04 112.91
C UNK OC 32 -131.92 -53.79 114.22
N UNK OC 33 -130.90 -54.66 114.22
CA UNK OC 33 -130.67 -55.58 115.32
C UNK OC 33 -129.38 -55.22 116.04
N UNK OC 34 -129.52 -54.55 117.19
CA UNK OC 34 -128.37 -54.27 118.05
C UNK OC 34 -128.37 -55.24 119.23
N UNK OC 35 -127.98 -56.48 118.93
CA UNK OC 35 -127.96 -57.55 119.92
C UNK OC 35 -126.90 -57.30 120.99
N UNK OC 36 -127.14 -57.82 122.20
CA UNK OC 36 -126.30 -57.44 123.34
C UNK OC 36 -125.39 -58.55 123.85
N UNK OC 37 -125.84 -59.81 123.88
CA UNK OC 37 -124.99 -60.84 124.43
C UNK OC 37 -125.34 -62.15 123.76
N UNK OC 38 -124.31 -62.97 123.57
CA UNK OC 38 -124.37 -64.26 122.89
C UNK OC 38 -124.97 -64.14 121.50
N UNK OC 39 -124.68 -63.04 120.81
CA UNK OC 39 -125.26 -62.77 119.51
C UNK OC 39 -124.78 -63.81 118.51
N UNK OC 40 -125.73 -64.48 117.87
CA UNK OC 40 -125.46 -65.74 117.18
C UNK OC 40 -125.98 -65.69 115.76
N UNK OC 41 -125.66 -64.61 115.06
CA UNK OC 41 -126.20 -64.31 113.74
C UNK OC 41 -125.72 -65.32 112.69
N UNK OC 42 -126.67 -65.91 111.97
CA UNK OC 42 -126.42 -66.74 110.79
C UNK OC 42 -127.67 -66.66 109.90
N UNK OC 43 -127.64 -65.80 108.91
CA UNK OC 43 -128.85 -65.51 108.14
C UNK OC 43 -128.57 -65.43 106.64
N UNK OC 44 -129.63 -65.66 105.87
CA UNK OC 44 -129.59 -65.57 104.40
C UNK OC 44 -130.75 -64.66 103.98
N UNK OC 45 -130.49 -63.36 103.95
CA UNK OC 45 -131.54 -62.38 103.69
C UNK OC 45 -130.97 -61.15 103.01
N UNK OC 46 -131.74 -60.06 103.06
CA UNK OC 46 -131.32 -58.77 102.52
C UNK OC 46 -131.83 -57.71 103.49
N UNK OC 47 -130.92 -57.13 104.27
CA UNK OC 47 -131.27 -56.14 105.28
C UNK OC 47 -131.36 -54.74 104.69
N UNK OC 48 -130.54 -54.46 103.68
CA UNK OC 48 -130.45 -53.24 102.88
C UNK OC 48 -129.96 -52.03 103.66
N UNK OC 49 -129.91 -52.09 104.98
CA UNK OC 49 -129.44 -50.95 105.75
C UNK OC 49 -128.79 -51.38 107.06
N UNK OC 50 -128.10 -52.52 107.09
CA UNK OC 50 -127.64 -53.03 108.37
C UNK OC 50 -126.52 -52.15 108.89
N UNK OC 51 -126.88 -51.33 109.85
CA UNK OC 51 -125.93 -50.58 110.65
C UNK OC 51 -125.84 -51.34 111.96
N UNK OC 52 -125.05 -52.39 111.95
CA UNK OC 52 -124.95 -53.27 113.09
C UNK OC 52 -123.96 -52.74 114.12
N UNK OC 53 -124.34 -52.88 115.39
CA UNK OC 53 -123.44 -52.69 116.52
C UNK OC 53 -123.27 -54.04 117.20
N UNK OC 54 -122.04 -54.32 117.67
CA UNK OC 54 -121.75 -55.64 118.22
C UNK OC 54 -121.02 -55.55 119.54
N UNK OC 55 -121.58 -56.21 120.56
CA UNK OC 55 -120.93 -56.45 121.84
C UNK OC 55 -120.30 -57.84 121.84
N UNK OC 56 -119.88 -58.33 123.00
CA UNK OC 56 -119.12 -59.57 123.10
C UNK OC 56 -119.96 -60.79 122.77
N UNK OC 57 -119.27 -61.88 122.44
CA UNK OC 57 -119.86 -63.15 122.00
C UNK OC 57 -120.77 -62.96 120.80
N UNK OC 58 -120.35 -62.09 119.89
CA UNK OC 58 -121.10 -61.86 118.67
C UNK OC 58 -120.44 -62.70 117.60
N UNK OC 59 -120.85 -63.95 117.53
CA UNK OC 59 -120.61 -64.76 116.35
C UNK OC 59 -121.61 -64.29 115.31
N UNK OC 60 -121.11 -63.78 114.20
CA UNK OC 60 -121.97 -63.21 113.19
C UNK OC 60 -121.62 -63.85 111.85
N UNK OC 61 -122.66 -64.12 111.05
CA UNK OC 61 -122.50 -64.78 109.76
C UNK OC 61 -123.71 -64.41 108.90
N UNK OC 62 -123.48 -63.64 107.85
CA UNK OC 62 -124.60 -63.03 107.13
C UNK OC 62 -124.36 -62.94 105.63
N UNK OC 63 -125.46 -62.93 104.88
CA UNK OC 63 -125.50 -62.68 103.44
C UNK OC 63 -126.42 -61.52 103.07
N UNK OC 64 -126.52 -60.53 103.95
CA UNK OC 64 -127.42 -59.39 103.78
C UNK OC 64 -126.62 -58.10 103.76
N UNK OC 65 -127.23 -57.06 103.19
CA UNK OC 65 -126.52 -55.82 102.97
C UNK OC 65 -126.33 -55.05 104.27
N UNK OC 66 -125.10 -54.67 104.56
CA UNK OC 66 -124.80 -53.86 105.71
C UNK OC 66 -124.41 -52.46 105.28
N UNK OC 67 -124.61 -51.54 106.17
CA UNK OC 67 -124.24 -50.16 105.89
C UNK OC 67 -123.18 -49.67 106.85
N UNK OC 68 -123.33 -49.99 108.13
CA UNK OC 68 -122.35 -49.55 109.09
C UNK OC 68 -122.07 -50.71 110.02
N UNK OC 69 -120.85 -50.73 110.56
CA UNK OC 69 -120.49 -51.72 111.56
C UNK OC 69 -119.67 -51.07 112.66
N UNK OC 70 -120.11 -51.28 113.90
CA UNK OC 70 -119.47 -50.70 115.06
C UNK OC 70 -119.20 -51.79 116.09
N UNK OC 71 -118.03 -51.73 116.71
CA UNK OC 71 -117.57 -52.81 117.58
C UNK OC 71 -117.22 -52.30 118.97
N UNK OC 72 -117.73 -52.99 119.99
CA UNK OC 72 -117.53 -52.58 121.37
C UNK OC 72 -116.41 -53.34 122.07
N UNK OC 73 -116.50 -54.66 122.25
CA UNK OC 73 -115.56 -55.35 123.11
C UNK OC 73 -114.68 -56.36 122.38
N UNK OC 74 -115.26 -57.44 121.86
CA UNK OC 74 -114.54 -58.52 121.20
C UNK OC 74 -115.54 -59.44 120.53
N UNK OC 75 -115.40 -59.67 119.23
CA UNK OC 75 -116.43 -60.39 118.48
C UNK OC 75 -115.79 -61.08 117.29
N UNK OC 76 -116.62 -61.85 116.58
CA UNK OC 76 -116.17 -62.69 115.47
C UNK OC 76 -117.20 -62.57 114.35
N UNK OC 77 -116.85 -61.85 113.30
CA UNK OC 77 -117.77 -61.64 112.21
C UNK OC 77 -117.37 -62.40 110.96
N UNK OC 78 -118.38 -62.80 110.18
CA UNK OC 78 -118.23 -63.49 108.92
C UNK OC 78 -119.42 -63.08 108.06
N UNK OC 79 -119.24 -62.05 107.25
CA UNK OC 79 -120.38 -61.41 106.61
C UNK OC 79 -120.14 -61.15 105.12
N UNK OC 80 -121.25 -60.89 104.40
CA UNK OC 80 -121.26 -60.55 102.98
C UNK OC 80 -122.20 -59.36 102.71
N UNK OC 81 -121.64 -58.15 102.73
CA UNK OC 81 -122.38 -56.91 102.48
C UNK OC 81 -122.07 -56.36 101.08
N UNK OC 82 -122.82 -55.33 100.68
CA UNK OC 82 -122.66 -54.88 99.30
C UNK OC 82 -122.47 -53.38 99.12
N UNK OC 83 -123.18 -52.53 99.87
CA UNK OC 83 -123.33 -51.15 99.44
C UNK OC 83 -122.27 -50.23 100.04
N UNK OC 84 -122.29 -50.04 101.34
CA UNK OC 84 -121.40 -49.08 101.95
C UNK OC 84 -121.04 -49.59 103.32
N UNK OC 85 -119.97 -49.03 103.86
CA UNK OC 85 -119.53 -49.47 105.17
C UNK OC 85 -118.85 -48.30 105.85
N UNK OC 86 -119.52 -47.77 106.85
CA UNK OC 86 -118.87 -46.89 107.81
C UNK OC 86 -118.38 -47.84 108.89
N UNK OC 87 -117.06 -47.89 109.09
CA UNK OC 87 -116.47 -48.83 110.01
C UNK OC 87 -115.93 -48.12 111.25
N UNK OC 88 -116.26 -48.65 112.43
CA UNK OC 88 -115.72 -48.10 113.67
C UNK OC 88 -115.56 -49.21 114.68
N UNK OC 89 -114.37 -49.35 115.25
CA UNK OC 89 -114.03 -50.60 115.93
C UNK OC 89 -113.36 -50.38 117.29
N UNK OC 90 -113.46 -51.42 118.12
CA UNK OC 90 -112.61 -51.58 119.29
C UNK OC 90 -112.39 -53.06 119.59
N UNK OC 91 -111.16 -53.54 119.36
CA UNK OC 91 -110.60 -54.76 119.94
C UNK OC 91 -111.34 -56.04 119.55
N UNK OC 92 -111.66 -56.20 118.29
CA UNK OC 92 -112.40 -57.39 117.91
C UNK OC 92 -111.77 -58.04 116.69
N UNK OC 93 -112.52 -58.94 116.07
CA UNK OC 93 -112.09 -59.62 114.86
C UNK OC 93 -113.26 -59.77 113.92
N UNK OC 94 -113.08 -59.32 112.69
CA UNK OC 94 -114.17 -59.39 111.76
C UNK OC 94 -113.62 -59.89 110.43
N UNK OC 95 -114.46 -60.62 109.73
CA UNK OC 95 -114.17 -61.06 108.39
C UNK OC 95 -115.35 -60.72 107.51
N UNK OC 96 -115.05 -60.18 106.34
CA UNK OC 96 -116.06 -59.81 105.36
C UNK OC 96 -115.64 -60.36 104.01
N UNK OC 97 -116.61 -60.58 103.13
CA UNK OC 97 -116.34 -61.31 101.90
C UNK OC 97 -116.57 -60.50 100.62
N UNK OC 98 -117.80 -60.06 100.36
CA UNK OC 98 -118.24 -59.70 99.01
C UNK OC 98 -117.82 -58.28 98.65
N UNK OC 99 -118.12 -57.88 97.42
CA UNK OC 99 -117.75 -56.58 96.93
C UNK OC 99 -118.61 -55.53 97.61
N UNK OC 100 -118.01 -54.76 98.50
CA UNK OC 100 -118.66 -53.63 99.14
C UNK OC 100 -117.79 -52.39 99.03
N UNK OC 101 -118.22 -51.31 99.70
CA UNK OC 101 -117.50 -50.04 99.66
C UNK OC 101 -117.34 -49.55 101.08
N UNK OC 102 -116.22 -49.91 101.71
CA UNK OC 102 -115.86 -49.30 102.97
C UNK OC 102 -115.54 -47.85 102.69
N UNK OC 103 -116.42 -46.97 103.12
CA UNK OC 103 -116.15 -45.55 102.98
C UNK OC 103 -114.93 -45.17 103.81
N UNK OC 104 -114.93 -45.54 105.07
CA UNK OC 104 -113.82 -45.19 105.94
C UNK OC 104 -113.69 -46.22 107.05
N UNK OC 105 -112.49 -46.27 107.62
CA UNK OC 105 -112.23 -47.04 108.82
C UNK OC 105 -111.44 -46.19 109.81
N UNK OC 106 -111.93 -46.14 111.04
CA UNK OC 106 -111.28 -45.42 112.12
C UNK OC 106 -111.15 -46.37 113.31
N UNK OC 107 -109.92 -46.62 113.73
CA UNK OC 107 -109.65 -47.61 114.78
C UNK OC 107 -108.85 -46.95 115.88
N UNK OC 108 -109.37 -47.00 117.10
CA UNK OC 108 -108.63 -46.58 118.27
C UNK OC 108 -108.09 -47.77 119.05
N UNK OC 109 -108.28 -48.98 118.55
CA UNK OC 109 -108.00 -50.17 119.35
C UNK OC 109 -107.58 -51.31 118.42
N UNK OC 110 -107.72 -52.55 118.93
CA UNK OC 110 -107.12 -53.74 118.31
C UNK OC 110 -108.13 -54.42 117.40
N UNK OC 111 -107.95 -54.23 116.09
CA UNK OC 111 -108.91 -54.75 115.12
C UNK OC 111 -108.23 -55.79 114.26
N UNK OC 112 -108.85 -56.96 114.18
CA UNK OC 112 -108.48 -57.96 113.21
C UNK OC 112 -109.52 -57.89 112.10
N UNK OC 113 -109.43 -56.85 111.29
CA UNK OC 113 -110.42 -56.63 110.26
C UNK OC 113 -109.95 -57.21 108.95
N UNK OC 114 -110.80 -58.00 108.32
CA UNK OC 114 -110.46 -58.65 107.07
C UNK OC 114 -111.60 -58.50 106.10
N UNK OC 115 -111.28 -58.49 104.82
CA UNK OC 115 -112.27 -58.52 103.77
C UNK OC 115 -111.64 -59.16 102.55
N UNK OC 116 -112.27 -60.22 102.07
CA UNK OC 116 -111.81 -60.91 100.88
C UNK OC 116 -111.97 -60.10 99.61
N UNK OC 117 -113.07 -59.36 99.47
CA UNK OC 117 -113.23 -58.47 98.35
C UNK OC 117 -113.70 -57.13 98.89
N UNK OC 118 -113.24 -56.06 98.27
CA UNK OC 118 -113.69 -54.71 98.58
C UNK OC 118 -113.42 -53.85 97.36
N UNK OC 119 -114.45 -53.52 96.60
CA UNK OC 119 -114.31 -52.66 95.44
C UNK OC 119 -114.82 -51.27 95.84
N UNK OC 120 -114.05 -50.58 96.66
CA UNK OC 120 -114.35 -49.22 97.06
C UNK OC 120 -113.48 -48.29 96.23
N UNK OC 121 -113.47 -47.03 96.61
CA UNK OC 121 -112.63 -46.07 95.92
C UNK OC 121 -111.65 -45.36 96.84
N UNK OC 122 -112.16 -44.64 97.83
CA UNK OC 122 -111.29 -43.81 98.68
C UNK OC 122 -111.38 -44.39 100.08
N UNK OC 123 -110.54 -45.36 100.34
CA UNK OC 123 -110.46 -45.96 101.66
C UNK OC 123 -109.61 -45.04 102.50
N UNK OC 124 -110.26 -44.30 103.37
CA UNK OC 124 -109.56 -43.45 104.31
C UNK OC 124 -109.51 -44.19 105.62
N UNK OC 125 -108.31 -44.39 106.14
CA UNK OC 125 -108.10 -45.12 107.36
C UNK OC 125 -107.32 -44.27 108.33
N UNK OC 126 -107.87 -44.06 109.51
CA UNK OC 126 -107.15 -43.40 110.59
C UNK OC 126 -106.93 -44.40 111.71
N UNK OC 127 -105.70 -44.44 112.20
CA UNK OC 127 -105.29 -45.47 113.14
C UNK OC 127 -104.75 -44.87 114.42
N UNK OC 128 -105.09 -45.50 115.54
CA UNK OC 128 -104.67 -45.08 116.87
C UNK OC 128 -104.25 -46.30 117.68
N UNK OC 129 -102.97 -46.65 117.55
CA UNK OC 129 -102.10 -47.41 118.43
C UNK OC 129 -102.25 -48.94 118.44
N UNK OC 130 -103.27 -49.56 117.85
CA UNK OC 130 -103.32 -51.00 118.10
C UNK OC 130 -103.73 -51.90 116.95
N UNK OC 131 -104.50 -51.44 115.98
CA UNK OC 131 -105.16 -52.37 115.08
C UNK OC 131 -104.20 -53.03 114.11
N UNK OC 132 -104.68 -54.11 113.49
CA UNK OC 132 -103.93 -54.75 112.42
C UNK OC 132 -104.97 -55.31 111.47
N UNK OC 133 -105.34 -54.50 110.50
CA UNK OC 133 -106.35 -54.90 109.55
C UNK OC 133 -105.67 -55.31 108.26
N UNK OC 134 -106.26 -56.28 107.59
CA UNK OC 134 -105.75 -56.77 106.33
C UNK OC 134 -106.95 -57.03 105.46
N UNK OC 135 -107.29 -56.08 104.63
CA UNK OC 135 -108.37 -56.25 103.66
C UNK OC 135 -107.81 -55.94 102.29
N UNK OC 136 -108.19 -56.73 101.28
CA UNK OC 136 -107.52 -56.62 99.98
C UNK OC 136 -108.39 -57.17 98.85
N UNK OC 137 -109.02 -56.28 98.08
CA UNK OC 137 -109.20 -56.61 96.66
C UNK OC 137 -108.73 -55.55 95.66
N UNK OC 138 -109.42 -54.41 95.61
CA UNK OC 138 -109.25 -53.44 94.51
C UNK OC 138 -109.88 -52.11 94.89
N UNK OC 139 -109.07 -51.08 95.09
CA UNK OC 139 -109.54 -49.75 95.46
C UNK OC 139 -109.06 -48.72 94.45
N UNK OC 140 -109.29 -47.45 94.75
CA UNK OC 140 -108.76 -46.39 93.93
C UNK OC 140 -107.85 -45.45 94.69
N UNK OC 141 -108.27 -44.94 95.84
CA UNK OC 141 -107.49 -43.96 96.56
C UNK OC 141 -107.39 -44.46 97.98
N UNK OC 142 -106.25 -45.02 98.31
CA UNK OC 142 -106.04 -45.52 99.66
C UNK OC 142 -105.22 -44.50 100.43
N UNK OC 143 -105.84 -43.88 101.41
CA UNK OC 143 -105.14 -42.90 102.24
C UNK OC 143 -105.21 -43.36 103.69
N UNK OC 144 -104.07 -43.29 104.36
CA UNK OC 144 -104.00 -43.81 105.72
C UNK OC 144 -103.19 -42.88 106.60
N UNK OC 145 -103.86 -42.31 107.59
CA UNK OC 145 -103.21 -41.59 108.66
C UNK OC 145 -103.00 -42.58 109.80
N UNK OC 146 -101.80 -43.14 109.87
CA UNK OC 146 -101.46 -44.00 110.98
C UNK OC 146 -100.78 -43.12 112.02
N UNK OC 147 -101.60 -42.41 112.79
CA UNK OC 147 -101.08 -41.64 113.92
C UNK OC 147 -101.05 -42.55 115.15
N UNK OC 148 -100.20 -43.57 115.08
CA UNK OC 148 -100.49 -44.82 115.76
C UNK OC 148 -99.19 -45.46 116.25
N UNK OC 149 -99.31 -46.71 116.70
CA UNK OC 149 -98.19 -47.62 116.91
C UNK OC 149 -98.55 -49.02 116.44
N UNK OC 150 -99.21 -49.13 115.31
CA UNK OC 150 -99.93 -50.34 114.98
C UNK OC 150 -99.45 -50.91 113.65
N UNK OC 151 -100.18 -51.91 113.17
CA UNK OC 151 -99.81 -52.62 111.96
C UNK OC 151 -100.91 -52.43 110.94
N UNK OC 152 -100.52 -52.47 109.67
CA UNK OC 152 -101.41 -52.18 108.58
C UNK OC 152 -101.01 -53.09 107.43
N UNK OC 153 -101.63 -54.24 107.36
CA UNK OC 153 -101.28 -55.20 106.32
C UNK OC 153 -102.15 -54.99 105.10
N UNK OC 154 -101.53 -55.13 103.93
CA UNK OC 154 -102.28 -55.02 102.69
C UNK OC 154 -101.53 -55.76 101.60
N UNK OC 155 -102.21 -56.73 101.02
CA UNK OC 155 -101.90 -57.25 99.69
C UNK OC 155 -102.91 -56.74 98.68
N UNK OC 156 -103.25 -55.45 98.79
CA UNK OC 156 -104.35 -54.82 98.06
C UNK OC 156 -103.82 -54.01 96.87
N UNK OC 157 -104.59 -53.96 95.78
CA UNK OC 157 -104.20 -53.28 94.55
C UNK OC 157 -105.09 -52.05 94.29
N UNK OC 158 -104.63 -50.88 94.72
CA UNK OC 158 -105.27 -49.60 94.40
C UNK OC 158 -104.43 -48.81 93.41
N UNK OC 159 -105.07 -47.85 92.75
CA UNK OC 159 -104.31 -47.04 91.80
C UNK OC 159 -103.47 -46.00 92.51
N UNK OC 160 -104.07 -45.26 93.44
CA UNK OC 160 -103.41 -44.13 94.07
C UNK OC 160 -103.36 -44.33 95.56
N UNK OC 161 -102.25 -43.94 96.15
CA UNK OC 161 -102.08 -44.11 97.58
C UNK OC 161 -101.46 -42.88 98.19
N UNK OC 162 -101.90 -42.57 99.39
CA UNK OC 162 -101.27 -41.55 100.23
C UNK OC 162 -101.29 -42.12 101.64
N UNK OC 163 -100.15 -42.65 102.07
CA UNK OC 163 -100.02 -43.28 103.36
C UNK OC 163 -98.97 -42.55 104.17
N UNK OC 164 -99.36 -42.08 105.35
CA UNK OC 164 -98.45 -41.37 106.23
C UNK OC 164 -98.51 -41.99 107.62
N UNK OC 165 -97.35 -42.30 108.18
CA UNK OC 165 -97.22 -42.94 109.49
C UNK OC 165 -96.38 -42.09 110.44
N UNK OC 166 -96.89 -41.91 111.65
CA UNK OC 166 -96.38 -40.90 112.57
C UNK OC 166 -95.21 -41.35 113.41
N UNK OC 167 -95.29 -42.50 114.08
CA UNK OC 167 -94.22 -42.95 114.98
C UNK OC 167 -94.34 -44.46 115.16
N UNK OC 168 -93.43 -45.21 114.53
CA UNK OC 168 -93.21 -46.63 114.80
C UNK OC 168 -94.42 -47.50 114.50
N UNK OC 169 -95.03 -47.27 113.35
CA UNK OC 169 -96.03 -48.19 112.86
C UNK OC 169 -95.43 -49.03 111.74
N UNK OC 170 -96.16 -50.06 111.36
CA UNK OC 170 -95.67 -50.98 110.34
C UNK OC 170 -96.73 -51.08 109.28
N UNK OC 171 -96.38 -50.73 108.05
CA UNK OC 171 -97.35 -50.71 106.97
C UNK OC 171 -96.82 -51.50 105.80
N UNK OC 172 -97.65 -52.39 105.30
CA UNK OC 172 -97.39 -53.15 104.10
C UNK OC 172 -98.47 -52.78 103.10
N UNK OC 173 -98.08 -52.13 102.02
CA UNK OC 173 -99.02 -51.62 101.04
C UNK OC 173 -98.60 -52.01 99.64
N UNK OC 174 -99.45 -51.65 98.67
CA UNK OC 174 -99.19 -51.86 97.24
C UNK OC 174 -100.09 -50.92 96.43
N UNK OC 175 -99.52 -50.25 95.42
CA UNK OC 175 -100.22 -49.27 94.59
C UNK OC 175 -99.98 -49.54 93.10
N UNK OC 176 -100.95 -49.14 92.25
CA UNK OC 176 -100.80 -49.34 90.82
C UNK OC 176 -100.18 -48.12 90.15
N UNK OC 177 -100.87 -46.99 90.19
CA UNK OC 177 -100.38 -45.81 89.50
C UNK OC 177 -99.51 -44.93 90.36
N UNK OC 178 -99.96 -44.59 91.56
CA UNK OC 178 -99.24 -43.62 92.37
C UNK OC 178 -99.05 -44.15 93.76
N UNK OC 179 -97.82 -44.11 94.24
CA UNK OC 179 -97.52 -44.34 95.63
C UNK OC 179 -97.12 -43.03 96.25
N UNK OC 180 -97.77 -42.67 97.33
CA UNK OC 180 -97.45 -41.47 98.06
C UNK OC 180 -97.18 -41.92 99.48
N UNK OC 181 -95.97 -41.71 99.96
CA UNK OC 181 -95.54 -42.35 101.18
C UNK OC 181 -94.75 -41.40 102.05
N UNK OC 182 -95.16 -41.30 103.30
CA UNK OC 182 -94.45 -40.48 104.29
C UNK OC 182 -94.28 -41.27 105.57
N UNK OC 183 -93.04 -41.33 106.06
CA UNK OC 183 -92.74 -42.09 107.27
C UNK OC 183 -92.02 -41.22 108.29
N UNK OC 184 -92.35 -41.41 109.57
CA UNK OC 184 -91.58 -40.78 110.64
C UNK OC 184 -91.37 -41.82 111.72
N UNK OC 185 -90.11 -42.16 111.97
CA UNK OC 185 -89.69 -43.14 112.99
C UNK OC 185 -90.36 -44.49 112.83
N UNK OC 186 -90.77 -44.86 111.62
CA UNK OC 186 -91.64 -46.00 111.42
C UNK OC 186 -91.12 -46.82 110.24
N UNK OC 187 -91.85 -47.87 109.90
CA UNK OC 187 -91.45 -48.75 108.82
C UNK OC 187 -92.54 -48.82 107.79
N UNK OC 188 -92.21 -48.47 106.57
CA UNK OC 188 -93.12 -48.63 105.46
C UNK OC 188 -92.58 -49.79 104.68
N UNK OC 189 -93.04 -50.98 104.98
CA UNK OC 189 -92.66 -52.15 104.23
C UNK OC 189 -93.43 -52.06 102.92
N UNK OC 190 -92.98 -51.20 102.03
CA UNK OC 190 -93.73 -50.88 100.84
C UNK OC 190 -93.56 -52.05 99.89
N UNK OC 191 -94.46 -53.02 100.03
CA UNK OC 191 -94.22 -54.38 99.61
C UNK OC 191 -94.17 -54.55 98.10
N UNK OC 192 -94.52 -53.53 97.34
CA UNK OC 192 -94.47 -53.66 95.90
C UNK OC 192 -93.99 -52.36 95.33
N UNK OC 193 -94.08 -52.26 94.00
CA UNK OC 193 -93.63 -51.07 93.26
C UNK OC 193 -94.78 -50.46 92.46
N UNK OC 194 -94.94 -49.13 92.56
CA UNK OC 194 -95.96 -48.37 91.85
C UNK OC 194 -95.49 -47.97 90.45
N UNK OC 195 -96.43 -47.47 89.66
CA UNK OC 195 -96.04 -46.83 88.41
C UNK OC 195 -95.22 -45.59 88.68
N UNK OC 196 -95.60 -44.83 89.69
CA UNK OC 196 -94.79 -43.70 90.11
C UNK OC 196 -94.83 -43.70 91.62
N UNK OC 197 -93.67 -43.92 92.20
CA UNK OC 197 -93.56 -44.06 93.63
C UNK OC 197 -92.94 -42.80 94.19
N UNK OC 198 -93.37 -42.41 95.37
CA UNK OC 198 -92.80 -41.24 96.02
C UNK OC 198 -92.84 -41.45 97.51
N UNK OC 199 -91.77 -41.08 98.19
CA UNK OC 199 -91.70 -41.25 99.62
C UNK OC 199 -90.76 -40.22 100.21
N UNK OC 200 -90.96 -39.94 101.49
CA UNK OC 200 -89.96 -39.22 102.27
C UNK OC 200 -89.95 -39.77 103.69
N UNK OC 201 -88.76 -39.89 104.26
CA UNK OC 201 -88.58 -40.46 105.59
C UNK OC 201 -88.02 -39.41 106.53
N UNK OC 202 -88.64 -39.28 107.69
CA UNK OC 202 -88.30 -38.32 108.72
C UNK OC 202 -87.35 -38.96 109.73
N UNK OC 203 -87.24 -38.34 110.91
CA UNK OC 203 -86.34 -38.75 111.98
C UNK OC 203 -86.53 -40.22 112.32
N UNK OC 204 -85.48 -41.00 112.02
CA UNK OC 204 -85.37 -42.44 112.27
C UNK OC 204 -86.41 -43.26 111.51
N UNK OC 205 -86.79 -42.82 110.31
CA UNK OC 205 -87.82 -43.49 109.54
C UNK OC 205 -87.22 -44.34 108.43
N UNK OC 206 -87.95 -45.38 108.02
CA UNK OC 206 -87.47 -46.31 107.01
C UNK OC 206 -88.61 -46.81 106.14
N UNK OC 207 -88.62 -46.38 104.89
CA UNK OC 207 -89.59 -46.87 103.92
C UNK OC 207 -88.99 -48.00 103.10
N UNK OC 208 -88.98 -49.17 103.71
CA UNK OC 208 -88.41 -50.33 103.07
C UNK OC 208 -89.33 -50.77 101.96
N UNK OC 209 -89.01 -50.36 100.74
CA UNK OC 209 -89.84 -50.69 99.60
C UNK OC 209 -89.62 -52.17 99.28
N UNK OC 210 -90.31 -53.00 100.02
CA UNK OC 210 -89.97 -54.41 100.09
C UNK OC 210 -90.58 -55.19 98.93
N UNK OC 211 -90.12 -54.89 97.73
CA UNK OC 211 -90.57 -55.68 96.59
C UNK OC 211 -89.95 -57.07 96.67
N UNK OC 212 -90.60 -58.01 95.99
CA UNK OC 212 -90.16 -59.40 96.06
C UNK OC 212 -88.97 -59.60 95.15
N UNK OC 213 -87.77 -59.59 95.73
CA UNK OC 213 -86.57 -59.91 94.98
C UNK OC 213 -86.63 -61.36 94.53
N UNK OC 214 -85.89 -61.64 93.45
CA UNK OC 214 -85.96 -62.90 92.71
C UNK OC 214 -87.38 -63.21 92.28
N UNK OC 215 -87.87 -62.39 91.38
CA UNK OC 215 -89.09 -62.75 90.69
C UNK OC 215 -88.75 -63.60 89.48
N UNK OC 216 -89.76 -63.90 88.67
CA UNK OC 216 -89.47 -64.54 87.39
C UNK OC 216 -89.46 -63.52 86.26
N UNK OC 217 -90.29 -62.48 86.35
CA UNK OC 217 -90.11 -61.27 85.54
C UNK OC 217 -90.67 -60.05 86.27
N UNK OC 218 -89.87 -59.45 87.13
CA UNK OC 218 -90.24 -58.15 87.67
C UNK OC 218 -89.53 -57.08 86.85
N UNK OC 219 -90.30 -56.18 86.27
CA UNK OC 219 -89.70 -55.04 85.59
C UNK OC 219 -89.03 -54.14 86.61
N UNK OC 220 -87.91 -53.55 86.23
CA UNK OC 220 -87.12 -52.78 87.16
C UNK OC 220 -87.60 -51.34 87.25
N UNK OC 221 -87.01 -50.59 88.17
CA UNK OC 221 -87.39 -49.20 88.42
C UNK OC 221 -86.91 -48.34 87.26
N UNK OC 222 -87.84 -47.62 86.63
CA UNK OC 222 -87.52 -46.86 85.43
C UNK OC 222 -86.92 -45.51 85.81
N UNK OC 223 -86.54 -44.74 84.79
CA UNK OC 223 -85.99 -43.41 85.01
C UNK OC 223 -87.03 -42.48 85.59
N UNK OC 224 -88.28 -42.67 85.24
CA UNK OC 224 -89.33 -41.99 85.94
C UNK OC 224 -89.55 -42.55 87.33
N UNK OC 225 -89.21 -43.80 87.58
CA UNK OC 225 -89.39 -44.35 88.91
C UNK OC 225 -88.09 -44.36 89.68
N UNK OC 226 -87.04 -43.75 89.15
CA UNK OC 226 -85.72 -43.77 89.75
C UNK OC 226 -85.73 -42.85 90.96
N UNK OC 227 -85.81 -43.45 92.13
CA UNK OC 227 -85.74 -42.71 93.38
C UNK OC 227 -84.43 -43.05 94.08
N UNK OC 228 -84.19 -42.37 95.18
CA UNK OC 228 -83.13 -42.78 96.09
C UNK OC 228 -83.71 -43.71 97.11
N UNK PC 1 -114.17 -69.72 95.24
CA UNK PC 1 -112.72 -69.65 95.14
C UNK PC 1 -112.29 -68.25 94.79
N UNK PC 2 -113.23 -67.50 94.21
CA UNK PC 2 -112.97 -66.13 93.87
C UNK PC 2 -114.23 -65.32 94.17
N UNK PC 3 -114.04 -64.10 94.65
CA UNK PC 3 -115.13 -63.14 94.68
C UNK PC 3 -115.10 -62.49 93.31
N UNK PC 4 -115.64 -63.20 92.35
CA UNK PC 4 -115.43 -62.96 90.94
C UNK PC 4 -116.59 -62.19 90.35
N UNK PC 5 -116.37 -61.65 89.17
CA UNK PC 5 -117.43 -60.98 88.44
C UNK PC 5 -117.74 -61.78 87.17
N UNK PC 6 -119.02 -61.74 86.78
CA UNK PC 6 -119.48 -62.32 85.53
C UNK PC 6 -119.23 -61.41 84.35
N UNK PC 7 -118.55 -60.29 84.56
CA UNK PC 7 -118.17 -59.34 83.53
C UNK PC 7 -116.96 -59.89 82.77
N UNK PC 8 -116.30 -59.04 81.99
CA UNK PC 8 -115.18 -59.50 81.17
C UNK PC 8 -113.96 -59.77 82.03
N UNK PC 9 -114.02 -60.84 82.84
CA UNK PC 9 -112.89 -61.52 83.46
C UNK PC 9 -112.14 -60.66 84.48
N UNK PC 10 -112.84 -60.18 85.51
CA UNK PC 10 -112.22 -59.54 86.67
C UNK PC 10 -112.71 -60.22 87.94
N UNK PC 11 -111.83 -60.29 88.95
CA UNK PC 11 -112.17 -61.04 90.16
C UNK PC 11 -111.31 -60.60 91.32
N UNK PC 12 -111.95 -60.29 92.44
CA UNK PC 12 -111.29 -60.61 93.68
C UNK PC 12 -111.21 -62.12 93.78
N UNK PC 13 -110.19 -62.62 94.44
CA UNK PC 13 -109.98 -64.05 94.38
C UNK PC 13 -109.29 -64.53 95.65
N UNK PC 14 -109.76 -65.67 96.14
CA UNK PC 14 -109.49 -66.08 97.50
C UNK PC 14 -108.57 -67.28 97.54
N UNK PC 15 -107.48 -67.24 96.77
CA UNK PC 15 -106.48 -68.30 96.89
C UNK PC 15 -105.66 -68.13 98.16
N UNK PC 16 -104.75 -67.15 98.17
CA UNK PC 16 -104.16 -66.64 99.39
C UNK PC 16 -104.43 -65.15 99.52
N UNK PC 17 -104.04 -64.39 98.51
CA UNK PC 17 -104.50 -63.03 98.28
C UNK PC 17 -104.39 -62.83 96.78
N UNK PC 18 -105.52 -62.93 96.07
CA UNK PC 18 -105.41 -63.02 94.63
C UNK PC 18 -106.43 -62.10 93.96
N UNK PC 19 -106.08 -61.65 92.75
CA UNK PC 19 -106.98 -60.84 91.93
C UNK PC 19 -107.06 -61.55 90.59
N UNK PC 20 -108.02 -62.46 90.46
CA UNK PC 20 -108.11 -63.30 89.27
C UNK PC 20 -108.76 -62.49 88.16
N UNK PC 21 -107.94 -62.03 87.21
CA UNK PC 21 -108.44 -61.29 86.07
C UNK PC 21 -107.83 -61.84 84.80
N UNK PC 22 -108.67 -62.16 83.83
CA UNK PC 22 -108.21 -62.58 82.51
C UNK PC 22 -108.50 -61.47 81.51
N UNK PC 23 -108.27 -61.72 80.22
CA UNK PC 23 -108.16 -60.66 79.21
C UNK PC 23 -109.40 -60.46 78.34
N UNK PC 24 -110.23 -61.50 78.17
CA UNK PC 24 -111.51 -61.47 77.44
C UNK PC 24 -111.35 -61.07 75.96
N UNK PC 25 -110.20 -61.40 75.39
CA UNK PC 25 -109.99 -61.27 73.96
C UNK PC 25 -109.65 -62.60 73.31
N UNK PC 26 -108.86 -63.44 73.98
CA UNK PC 26 -108.76 -64.85 73.64
C UNK PC 26 -109.73 -65.71 74.42
N UNK PC 27 -110.37 -65.14 75.45
CA UNK PC 27 -111.48 -65.73 76.21
C UNK PC 27 -111.09 -67.04 76.90
N UNK PC 28 -110.14 -66.94 77.84
CA UNK PC 28 -109.75 -68.07 78.67
C UNK PC 28 -110.38 -67.96 80.06
N UNK PC 29 -111.69 -67.82 80.09
CA UNK PC 29 -112.43 -67.64 81.34
C UNK PC 29 -113.01 -68.96 81.85
N UNK PC 30 -112.12 -69.92 82.10
CA UNK PC 30 -112.55 -71.20 82.63
C UNK PC 30 -112.55 -71.25 84.15
N UNK PC 31 -112.03 -70.20 84.80
CA UNK PC 31 -111.95 -70.06 86.27
C UNK PC 31 -111.19 -71.22 86.92
N UNK PC 32 -110.06 -71.60 86.33
CA UNK PC 32 -109.15 -72.53 86.99
C UNK PC 32 -107.73 -72.11 86.63
N UNK PC 33 -107.17 -71.19 87.39
CA UNK PC 33 -105.86 -70.62 87.09
C UNK PC 33 -105.19 -70.26 88.42
N UNK PC 34 -103.86 -70.23 88.38
CA UNK PC 34 -103.03 -70.14 89.59
C UNK PC 34 -102.14 -68.91 89.48
N UNK PC 35 -102.47 -67.88 90.25
CA UNK PC 35 -101.70 -66.64 90.26
C UNK PC 35 -100.85 -66.55 91.53
N UNK PC 36 -99.54 -66.27 91.37
CA UNK PC 36 -98.64 -66.13 92.51
C UNK PC 36 -97.71 -64.92 92.31
N UNK PC 37 -97.12 -64.47 93.40
CA UNK PC 37 -96.43 -63.17 93.47
C UNK PC 37 -94.91 -63.28 93.26
N UNK PC 38 -94.48 -63.93 92.19
CA UNK PC 38 -93.13 -63.75 91.67
C UNK PC 38 -93.18 -63.69 90.16
N UNK PC 39 -94.25 -63.10 89.65
CA UNK PC 39 -94.62 -63.03 88.22
C UNK PC 39 -94.72 -64.43 87.60
N UNK PC 40 -95.65 -65.22 88.17
CA UNK PC 40 -95.97 -66.54 87.64
C UNK PC 40 -97.48 -66.76 87.79
N UNK PC 41 -98.18 -66.84 86.65
CA UNK PC 41 -99.60 -67.15 86.61
C UNK PC 41 -99.82 -68.33 85.67
N UNK PC 42 -99.96 -69.52 86.24
CA UNK PC 42 -100.17 -70.73 85.47
C UNK PC 42 -101.67 -70.87 85.20
N UNK PC 43 -102.08 -70.53 83.98
CA UNK PC 43 -103.44 -70.75 83.53
C UNK PC 43 -103.48 -72.04 82.70
N UNK PC 44 -104.59 -72.28 82.00
CA UNK PC 44 -104.79 -73.57 81.34
C UNK PC 44 -104.48 -73.55 79.84
N UNK PC 45 -105.27 -72.83 79.05
CA UNK PC 45 -105.13 -72.86 77.60
C UNK PC 45 -103.90 -72.08 77.14
N UNK PC 46 -103.73 -70.88 77.66
CA UNK PC 46 -102.59 -70.01 77.36
C UNK PC 46 -102.24 -69.25 78.63
N UNK PC 47 -101.51 -68.15 78.50
CA UNK PC 47 -101.25 -67.24 79.60
C UNK PC 47 -102.23 -66.07 79.55
N UNK PC 48 -102.87 -65.79 80.68
CA UNK PC 48 -103.91 -64.77 80.76
C UNK PC 48 -103.62 -63.82 81.92
N UNK PC 49 -103.99 -62.55 81.74
CA UNK PC 49 -103.73 -61.52 82.73
C UNK PC 49 -104.74 -60.38 82.58
N UNK PC 50 -104.61 -59.37 83.44
CA UNK PC 50 -105.49 -58.21 83.41
C UNK PC 50 -105.09 -57.27 82.28
N UNK PC 51 -105.97 -56.31 82.00
CA UNK PC 51 -105.82 -55.40 80.85
C UNK PC 51 -104.76 -54.36 81.16
N UNK PC 52 -103.66 -54.41 80.41
CA UNK PC 52 -102.57 -53.42 80.55
C UNK PC 52 -101.93 -53.12 79.20
N UNK QC 1 -45.89 -37.45 93.23
CA UNK QC 1 -45.10 -38.13 92.21
C UNK QC 1 -44.80 -39.56 92.65
N UNK QC 2 -43.68 -39.69 93.35
CA UNK QC 2 -43.40 -40.82 94.22
C UNK QC 2 -42.93 -40.25 95.54
N UNK QC 3 -43.04 -38.93 95.66
CA UNK QC 3 -42.36 -38.17 96.68
C UNK QC 3 -43.13 -38.27 97.98
N UNK QC 4 -42.37 -38.45 99.06
CA UNK QC 4 -42.81 -38.58 100.44
C UNK QC 4 -43.62 -39.84 100.71
N UNK QC 5 -43.90 -40.66 99.69
CA UNK QC 5 -44.50 -41.97 99.96
C UNK QC 5 -43.42 -42.86 100.56
N UNK QC 6 -42.39 -43.08 99.78
CA UNK QC 6 -41.04 -43.32 100.25
C UNK QC 6 -40.17 -42.87 99.10
N UNK QC 7 -38.94 -43.38 99.05
CA UNK QC 7 -38.10 -43.07 97.91
C UNK QC 7 -38.68 -43.69 96.65
N UNK QC 8 -38.51 -43.01 95.53
CA UNK QC 8 -38.92 -43.57 94.25
C UNK QC 8 -38.01 -44.74 93.96
N UNK QC 9 -38.46 -45.93 94.33
CA UNK QC 9 -37.57 -47.08 94.42
C UNK QC 9 -37.14 -47.52 93.03
N UNK QC 10 -38.06 -48.03 92.25
CA UNK QC 10 -37.79 -48.18 90.84
C UNK QC 10 -38.60 -47.12 90.14
N UNK QC 11 -38.58 -47.16 88.82
CA UNK QC 11 -39.54 -46.42 88.03
C UNK QC 11 -40.06 -47.48 87.07
N UNK QC 12 -41.16 -48.11 87.46
CA UNK QC 12 -41.51 -49.41 86.93
C UNK QC 12 -41.86 -49.29 85.47
N UNK QC 13 -41.15 -50.04 84.65
CA UNK QC 13 -41.48 -50.10 83.25
C UNK QC 13 -42.81 -50.78 83.06
N UNK QC 14 -43.46 -50.43 81.96
CA UNK QC 14 -44.87 -50.71 81.70
C UNK QC 14 -45.74 -50.21 82.85
N UNK QC 15 -45.38 -49.07 83.42
CA UNK QC 15 -46.07 -48.52 84.57
C UNK QC 15 -45.66 -47.08 84.77
N UNK QC 16 -46.04 -46.55 85.91
CA UNK QC 16 -45.61 -45.27 86.41
C UNK QC 16 -44.26 -45.47 87.10
N UNK QC 17 -43.86 -44.48 87.89
CA UNK QC 17 -42.74 -44.71 88.80
C UNK QC 17 -43.16 -45.62 89.94
N UNK QC 18 -42.17 -46.07 90.71
CA UNK QC 18 -42.41 -46.91 91.87
C UNK QC 18 -41.78 -46.27 93.10
N UNK QC 19 -42.60 -45.70 93.96
CA UNK QC 19 -42.10 -45.29 95.25
C UNK QC 19 -41.78 -46.52 96.08
N UNK QC 20 -40.96 -46.33 97.12
CA UNK QC 20 -40.64 -47.46 97.99
C UNK QC 20 -41.72 -47.70 99.03
N UNK QC 21 -42.81 -46.96 98.98
CA UNK QC 21 -44.00 -47.32 99.71
C UNK QC 21 -44.92 -48.18 98.85
N UNK QC 22 -45.27 -47.72 97.66
CA UNK QC 22 -46.16 -48.47 96.77
C UNK QC 22 -45.87 -48.09 95.33
N UNK QC 23 -46.66 -48.62 94.41
CA UNK QC 23 -46.56 -48.27 93.01
C UNK QC 23 -47.02 -46.83 92.87
N UNK QC 24 -46.13 -45.98 92.37
CA UNK QC 24 -46.37 -44.56 92.48
C UNK QC 24 -47.26 -44.06 91.36
N UNK QC 25 -47.56 -42.77 91.41
CA UNK QC 25 -48.43 -42.13 90.44
C UNK QC 25 -47.68 -41.35 89.38
N UNK QC 26 -46.39 -41.08 89.60
CA UNK QC 26 -45.58 -40.38 88.62
C UNK QC 26 -45.40 -41.26 87.41
N UNK QC 27 -46.11 -40.94 86.32
CA UNK QC 27 -46.12 -41.77 85.13
C UNK QC 27 -44.74 -41.81 84.50
N UNK QC 28 -44.25 -43.02 84.20
CA UNK QC 28 -42.84 -43.18 83.88
C UNK QC 28 -42.54 -42.87 82.42
N UNK QC 29 -43.09 -43.64 81.51
CA UNK QC 29 -42.57 -43.71 80.15
C UNK QC 29 -43.31 -42.77 79.21
N UNK QC 30 -42.67 -42.49 78.07
CA UNK QC 30 -43.41 -41.90 76.97
C UNK QC 30 -44.34 -42.91 76.34
N UNK QC 31 -44.01 -44.18 76.44
CA UNK QC 31 -44.90 -45.24 76.03
C UNK QC 31 -45.86 -45.61 77.14
N UNK QC 32 -45.75 -44.94 78.27
CA UNK QC 32 -46.69 -45.22 79.35
C UNK QC 32 -48.03 -44.58 79.02
N UNK QC 33 -49.08 -45.06 79.69
CA UNK QC 33 -50.43 -44.59 79.43
C UNK QC 33 -50.75 -43.36 80.28
N UNK QC 34 -49.97 -42.32 80.04
CA UNK QC 34 -50.39 -40.98 80.41
C UNK QC 34 -51.66 -40.70 79.61
N UNK QC 35 -52.65 -40.08 80.26
CA UNK QC 35 -53.97 -39.94 79.66
C UNK QC 35 -53.94 -38.86 78.58
N UNK QC 36 -54.07 -39.30 77.34
CA UNK QC 36 -54.16 -38.39 76.20
C UNK QC 36 -55.60 -38.24 75.76
N UNK QC 37 -56.08 -37.00 75.77
CA UNK QC 37 -57.40 -36.70 75.25
C UNK QC 37 -57.44 -35.41 74.44
N UNK QC 38 -56.31 -34.73 74.26
CA UNK QC 38 -56.31 -33.45 73.55
C UNK QC 38 -55.11 -33.37 72.63
N UNK QC 39 -55.29 -33.83 71.39
CA UNK QC 39 -54.28 -33.60 70.38
C UNK QC 39 -54.23 -32.13 70.02
N UNK QC 40 -53.11 -31.69 69.46
CA UNK QC 40 -52.96 -30.29 69.07
C UNK QC 40 -52.08 -30.23 67.82
N UNK QC 41 -52.72 -30.25 66.64
CA UNK QC 41 -51.98 -30.26 65.40
C UNK QC 41 -52.86 -29.78 64.27
N UNK QC 42 -52.22 -29.58 63.12
CA UNK QC 42 -52.95 -29.24 61.90
C UNK QC 42 -53.34 -30.51 61.19
N UNK QC 43 -54.61 -30.57 60.77
CA UNK QC 43 -55.23 -31.72 60.13
C UNK QC 43 -55.15 -32.96 61.01
N UNK QC 44 -55.05 -32.74 62.31
CA UNK QC 44 -55.12 -33.81 63.29
C UNK QC 44 -56.55 -34.29 63.35
N UNK QC 45 -56.70 -35.60 63.54
CA UNK QC 45 -57.94 -36.37 63.52
C UNK QC 45 -58.58 -36.39 62.14
N UNK QC 46 -58.13 -35.56 61.21
CA UNK QC 46 -58.15 -35.89 59.81
C UNK QC 46 -56.85 -36.61 59.58
N UNK QC 47 -56.63 -37.02 58.34
CA UNK QC 47 -55.25 -37.28 57.99
C UNK QC 47 -54.51 -35.96 58.04
N UNK QC 48 -53.25 -36.01 58.43
CA UNK QC 48 -52.45 -34.81 58.60
C UNK QC 48 -52.10 -34.20 57.26
N UNK QC 49 -51.17 -33.26 57.26
CA UNK QC 49 -50.89 -32.48 56.06
C UNK QC 49 -50.15 -33.30 55.02
N UNK QC 50 -50.77 -33.48 53.86
CA UNK QC 50 -49.99 -33.85 52.69
C UNK QC 50 -49.10 -32.67 52.37
N UNK QC 51 -47.84 -32.75 52.77
CA UNK QC 51 -47.00 -31.56 52.79
C UNK QC 51 -46.44 -31.18 51.42
N UNK QC 52 -47.08 -31.58 50.33
CA UNK QC 52 -46.58 -31.36 48.98
C UNK QC 52 -46.61 -29.91 48.51
N UNK QC 53 -47.44 -29.05 49.10
CA UNK QC 53 -47.64 -27.71 48.57
C UNK QC 53 -47.08 -26.64 49.50
N UNK QC 54 -47.43 -25.37 49.23
CA UNK QC 54 -47.07 -24.21 50.07
C UNK QC 54 -48.14 -23.12 49.95
N UNK QC 55 -48.96 -22.97 50.99
CA UNK QC 55 -50.00 -21.93 51.00
C UNK QC 55 -50.25 -21.52 52.45
N UNK QC 56 -51.04 -20.47 52.64
CA UNK QC 56 -51.50 -20.12 53.98
C UNK QC 56 -52.40 -21.23 54.51
N UNK QC 57 -53.39 -21.62 53.73
CA UNK QC 57 -54.12 -22.83 54.04
C UNK QC 57 -53.26 -24.04 53.72
N UNK QC 58 -53.56 -25.15 54.38
CA UNK QC 58 -52.81 -26.37 54.20
C UNK QC 58 -53.78 -27.46 53.77
N UNK QC 59 -53.32 -28.33 52.88
CA UNK QC 59 -54.12 -29.46 52.47
C UNK QC 59 -53.76 -30.67 53.32
N UNK QC 60 -54.77 -31.42 53.71
CA UNK QC 60 -54.52 -32.63 54.47
C UNK QC 60 -54.00 -33.71 53.55
N UNK QC 61 -53.54 -34.81 54.14
CA UNK QC 61 -53.36 -36.02 53.36
C UNK QC 61 -54.69 -36.61 52.96
N UNK QC 62 -55.75 -36.28 53.70
CA UNK QC 62 -57.10 -36.51 53.26
C UNK QC 62 -57.62 -35.37 52.41
N UNK QC 63 -56.72 -34.45 52.00
CA UNK QC 63 -57.02 -33.33 51.10
C UNK QC 63 -58.12 -32.42 51.65
N UNK QC 64 -58.19 -32.30 52.96
CA UNK QC 64 -59.06 -31.33 53.59
C UNK QC 64 -58.26 -30.07 53.77
N UNK QC 65 -58.90 -28.94 53.59
CA UNK QC 65 -58.21 -27.66 53.72
C UNK QC 65 -58.11 -27.30 55.19
N UNK QC 66 -56.88 -27.12 55.66
CA UNK QC 66 -56.67 -26.68 57.03
C UNK QC 66 -56.98 -25.20 57.10
N UNK QC 67 -58.28 -24.89 57.13
CA UNK QC 67 -58.69 -23.53 57.30
C UNK QC 67 -58.39 -23.03 58.69
N UNK QC 68 -58.38 -23.92 59.68
CA UNK QC 68 -57.90 -23.58 61.00
C UNK QC 68 -56.42 -23.30 61.00
N UNK QC 69 -55.69 -23.77 60.01
CA UNK QC 69 -54.28 -23.44 59.87
C UNK QC 69 -54.06 -22.56 58.66
N UNK QC 70 -55.06 -21.78 58.27
CA UNK QC 70 -54.90 -20.95 57.11
C UNK QC 70 -54.39 -19.55 57.47
N LYS RC 24 -87.08 -4.00 91.82
CA LYS RC 24 -86.26 -5.18 91.60
C LYS RC 24 -87.04 -6.28 90.94
N PHE RC 25 -86.49 -6.85 89.87
CA PHE RC 25 -87.25 -7.75 89.03
C PHE RC 25 -86.36 -8.83 88.44
N LYS RC 26 -86.90 -10.03 88.30
CA LYS RC 26 -86.10 -11.15 87.80
C LYS RC 26 -86.97 -12.27 87.28
N LYS RC 27 -86.55 -12.85 86.17
CA LYS RC 27 -87.10 -14.10 85.71
C LYS RC 27 -86.51 -15.25 86.53
N PRO RC 28 -87.25 -16.34 86.68
CA PRO RC 28 -86.79 -17.42 87.57
C PRO RC 28 -85.56 -18.13 87.07
N PRO RC 29 -85.54 -18.77 85.86
CA PRO RC 29 -84.41 -19.65 85.60
C PRO RC 29 -83.23 -18.85 85.15
N ILE RC 30 -82.33 -18.66 86.08
CA ILE RC 30 -81.11 -17.90 85.87
C ILE RC 30 -79.98 -18.90 85.97
N ASN RC 31 -79.33 -19.15 84.83
CA ASN RC 31 -78.51 -20.34 84.65
C ASN RC 31 -77.04 -19.96 84.49
N ASN RC 32 -76.19 -20.97 84.40
CA ASN RC 32 -74.84 -20.78 83.94
C ASN RC 32 -74.83 -20.35 82.49
N PRO RC 33 -73.79 -19.63 82.08
CA PRO RC 33 -73.65 -19.27 80.68
C PRO RC 33 -73.40 -20.49 79.80
N SER RC 34 -73.67 -20.32 78.52
CA SER RC 34 -73.44 -21.33 77.50
C SER RC 34 -72.52 -20.77 76.43
N ASP RC 35 -72.31 -21.53 75.36
CA ASP RC 35 -71.76 -20.93 74.16
C ASP RC 35 -72.48 -21.41 72.92
N ASP RC 36 -72.24 -20.69 71.85
CA ASP RC 36 -72.83 -20.98 70.54
C ASP RC 36 -72.53 -22.38 70.07
N ALA RC 37 -71.35 -22.87 70.42
CA ALA RC 37 -70.93 -24.19 70.06
C ALA RC 37 -71.92 -25.21 70.55
N THR RC 38 -72.11 -25.28 71.85
CA THR RC 38 -73.05 -26.22 72.38
C THR RC 38 -74.47 -25.89 71.99
N ILE RC 39 -74.71 -24.63 71.67
CA ILE RC 39 -76.03 -24.23 71.22
C ILE RC 39 -76.34 -24.90 69.90
N LYS RC 40 -75.41 -24.80 68.97
CA LYS RC 40 -75.69 -25.35 67.66
C LYS RC 40 -75.61 -26.85 67.69
N LEU RC 41 -74.84 -27.39 68.62
CA LEU RC 41 -74.90 -28.81 68.90
C LEU RC 41 -76.29 -29.22 69.32
N ALA RC 42 -76.90 -28.45 70.20
CA ALA RC 42 -78.19 -28.83 70.73
C ALA RC 42 -79.22 -28.84 69.65
N GLU RC 43 -79.23 -27.79 68.86
CA GLU RC 43 -80.23 -27.73 67.83
C GLU RC 43 -79.95 -28.69 66.70
N ALA RC 44 -78.70 -29.06 66.51
CA ALA RC 44 -78.39 -30.21 65.69
C ALA RC 44 -79.10 -31.42 66.23
N ALA RC 45 -78.92 -31.64 67.51
CA ALA RC 45 -79.26 -32.90 68.11
C ALA RC 45 -80.74 -33.13 68.11
N VAL RC 46 -81.48 -32.06 68.29
CA VAL RC 46 -82.90 -32.28 68.46
C VAL RC 46 -83.52 -32.59 67.12
N SER RC 47 -82.99 -31.99 66.08
CA SER RC 47 -83.45 -32.22 64.73
C SER RC 47 -83.14 -33.64 64.32
N VAL RC 48 -81.94 -34.08 64.65
CA VAL RC 48 -81.65 -35.45 64.27
C VAL RC 48 -82.41 -36.40 65.17
N SER RC 49 -82.73 -35.97 66.38
CA SER RC 49 -83.41 -36.79 67.34
C SER RC 49 -84.80 -37.11 66.88
N ASP RC 50 -85.53 -36.09 66.51
CA ASP RC 50 -86.88 -36.41 66.14
C ASP RC 50 -86.98 -36.98 64.74
N SER RC 51 -85.98 -36.73 63.90
CA SER RC 51 -85.92 -37.51 62.69
C SER RC 51 -85.76 -38.98 62.99
N MET RC 52 -84.89 -39.34 63.92
CA MET RC 52 -84.79 -40.76 64.18
C MET RC 52 -85.95 -41.23 65.06
N LEU RC 53 -86.66 -40.29 65.65
CA LEU RC 53 -87.82 -40.67 66.40
C LEU RC 53 -88.95 -41.09 65.49
N GLU RC 54 -89.19 -40.31 64.46
CA GLU RC 54 -90.20 -40.70 63.50
C GLU RC 54 -89.77 -41.94 62.75
N MET RC 55 -88.46 -42.07 62.52
CA MET RC 55 -87.91 -43.35 62.12
C MET RC 55 -88.37 -44.49 62.98
N ALA RC 56 -88.27 -44.31 64.29
CA ALA RC 56 -88.65 -45.36 65.20
C ALA RC 56 -90.13 -45.66 65.08
N LYS RC 57 -90.94 -44.61 64.98
CA LYS RC 57 -92.37 -44.79 64.81
C LYS RC 57 -92.68 -45.59 63.58
N VAL RC 58 -92.08 -45.19 62.47
CA VAL RC 58 -92.48 -45.76 61.22
C VAL RC 58 -91.99 -47.17 61.10
N GLU RC 59 -90.92 -47.50 61.78
CA GLU RC 59 -90.47 -48.85 61.65
C GLU RC 59 -91.26 -49.75 62.56
N LYS RC 60 -91.69 -49.24 63.72
CA LYS RC 60 -92.37 -50.14 64.61
C LYS RC 60 -93.80 -50.32 64.19
N VAL RC 61 -94.27 -49.50 63.26
CA VAL RC 61 -95.56 -49.76 62.67
C VAL RC 61 -95.47 -50.49 61.35
N ILE RC 62 -94.37 -50.38 60.62
CA ILE RC 62 -94.28 -51.21 59.43
C ILE RC 62 -94.00 -52.64 59.81
N THR RC 63 -93.35 -52.86 60.95
CA THR RC 63 -93.00 -54.19 61.36
C THR RC 63 -93.50 -54.34 62.78
N PRO RC 64 -94.42 -55.26 63.01
CA PRO RC 64 -94.83 -55.59 64.34
C PRO RC 64 -93.74 -56.36 65.04
N PRO RC 65 -93.36 -55.95 66.25
CA PRO RC 65 -92.40 -56.76 67.03
C PRO RC 65 -93.08 -58.02 67.55
N SER RC 66 -92.36 -59.15 67.46
CA SER RC 66 -92.96 -60.43 67.79
C SER RC 66 -92.84 -60.74 69.28
N LYS RC 67 -91.62 -60.71 69.81
CA LYS RC 67 -91.43 -61.11 71.20
C LYS RC 67 -90.21 -60.44 71.78
N ASP RC 68 -90.15 -60.45 73.10
CA ASP RC 68 -89.07 -59.84 73.85
C ASP RC 68 -87.91 -60.82 73.98
N ASN RC 69 -86.87 -60.39 74.67
CA ASN RC 69 -85.77 -61.29 74.98
C ASN RC 69 -85.73 -61.69 76.43
N THR RC 70 -86.73 -61.31 77.21
CA THR RC 70 -86.73 -61.78 78.59
C THR RC 70 -87.05 -63.25 78.68
N LEU RC 71 -87.68 -63.81 77.67
CA LEU RC 71 -87.95 -65.24 77.70
C LEU RC 71 -86.69 -66.05 77.47
N THR RC 72 -85.70 -65.47 76.82
CA THR RC 72 -84.38 -66.06 76.79
C THR RC 72 -83.49 -65.54 77.90
N ILE RC 73 -83.76 -64.36 78.44
CA ILE RC 73 -82.98 -63.87 79.55
C ILE RC 73 -83.94 -63.55 80.68
N PRO RC 74 -84.26 -64.49 81.53
CA PRO RC 74 -85.04 -64.19 82.72
C PRO RC 74 -84.11 -63.93 83.88
N ASN RC 75 -84.70 -63.51 84.99
CA ASN RC 75 -83.92 -63.01 86.10
C ASN RC 75 -83.65 -64.12 87.11
N ALA RC 76 -82.82 -63.81 88.10
CA ALA RC 76 -82.56 -64.74 89.18
C ALA RC 76 -82.03 -63.99 90.38
N TYR RC 77 -82.22 -64.57 91.56
CA TYR RC 77 -81.52 -64.04 92.72
C TYR RC 77 -80.05 -64.28 92.47
N ASN RC 78 -79.25 -63.25 92.72
CA ASN RC 78 -77.88 -62.89 92.34
C ASN RC 78 -77.85 -62.40 90.90
N LEU RC 79 -78.95 -62.42 90.17
CA LEU RC 79 -78.99 -61.61 88.96
C LEU RC 79 -79.65 -60.28 89.23
N GLN RC 80 -80.36 -60.16 90.33
CA GLN RC 80 -80.88 -58.85 90.66
C GLN RC 80 -79.91 -57.99 91.43
N ALA RC 81 -78.61 -58.24 91.35
CA ALA RC 81 -77.72 -57.21 91.85
C ALA RC 81 -77.77 -56.03 90.89
N ARG RC 82 -77.27 -54.91 91.34
CA ARG RC 82 -77.44 -53.78 90.45
C ARG RC 82 -76.10 -53.29 89.99
N ALA RC 83 -76.12 -52.54 88.91
CA ALA RC 83 -74.90 -51.99 88.38
C ALA RC 83 -75.19 -50.69 87.64
N SER RC 84 -74.15 -49.87 87.52
CA SER RC 84 -74.20 -48.60 86.78
C SER RC 84 -72.95 -48.46 85.92
N VAL RC 85 -73.16 -48.23 84.62
CA VAL RC 85 -72.20 -48.57 83.57
C VAL RC 85 -71.95 -47.36 82.70
N ASP RC 86 -70.69 -47.10 82.39
CA ASP RC 86 -70.37 -46.54 81.09
C ASP RC 86 -69.31 -47.35 80.37
N TRP RC 87 -69.49 -47.48 79.07
CA TRP RC 87 -68.68 -48.43 78.34
C TRP RC 87 -68.62 -48.00 76.90
N SER RC 88 -67.55 -48.38 76.25
CA SER RC 88 -67.47 -48.23 74.81
C SER RC 88 -66.70 -49.35 74.16
N GLY RC 89 -66.23 -50.30 74.90
CA GLY RC 89 -65.31 -51.26 74.38
C GLY RC 89 -66.07 -52.38 73.74
N PRO RC 90 -65.39 -53.48 73.56
CA PRO RC 90 -66.01 -54.65 72.95
C PRO RC 90 -66.82 -55.40 73.98
N ILE RC 91 -67.38 -56.49 73.51
CA ILE RC 91 -68.39 -57.17 74.29
C ILE RC 91 -67.78 -58.09 75.32
N GLU RC 92 -66.56 -58.58 75.10
CA GLU RC 92 -66.18 -59.83 75.72
C GLU RC 92 -65.83 -59.64 77.17
N GLU RC 93 -64.86 -58.78 77.45
CA GLU RC 93 -64.43 -58.53 78.80
C GLU RC 93 -65.52 -57.86 79.61
N LEU RC 94 -66.40 -57.17 78.91
CA LEU RC 94 -67.53 -56.57 79.56
C LEU RC 94 -68.42 -57.65 80.15
N THR RC 95 -68.83 -58.60 79.30
CA THR RC 95 -69.67 -59.70 79.77
C THR RC 95 -68.96 -60.58 80.76
N ALA RC 96 -67.65 -60.69 80.63
CA ALA RC 96 -66.87 -61.41 81.61
C ALA RC 96 -66.95 -60.75 82.97
N ARG RC 97 -66.82 -59.43 83.03
CA ARG RC 97 -66.91 -58.74 84.30
C ARG RC 97 -68.28 -58.85 84.90
N ILE RC 98 -69.28 -58.90 84.03
CA ILE RC 98 -70.63 -59.10 84.50
C ILE RC 98 -70.80 -60.47 85.13
N ALA RC 99 -70.39 -61.52 84.42
CA ALA RC 99 -70.53 -62.88 84.94
C ALA RC 99 -69.68 -63.08 86.17
N LYS RC 100 -68.57 -62.35 86.23
CA LYS RC 100 -67.73 -62.29 87.41
C LYS RC 100 -68.49 -61.78 88.60
N ALA RC 101 -69.13 -60.63 88.47
CA ALA RC 101 -69.89 -60.12 89.61
C ALA RC 101 -71.13 -60.94 89.89
N ALA RC 102 -71.64 -61.63 88.88
CA ALA RC 102 -72.80 -62.50 89.04
C ALA RC 102 -72.45 -63.84 89.57
N HIS RC 103 -71.15 -64.13 89.66
CA HIS RC 103 -70.63 -65.46 89.92
C HIS RC 103 -71.21 -66.46 88.93
N PHE RC 104 -71.29 -66.03 87.68
CA PHE RC 104 -71.73 -66.91 86.63
C PHE RC 104 -70.54 -67.32 85.82
N ARG RC 105 -70.49 -68.58 85.46
CA ARG RC 105 -69.60 -69.01 84.43
C ARG RC 105 -70.02 -68.40 83.11
N PHE RC 106 -69.06 -67.81 82.42
CA PHE RC 106 -69.30 -67.21 81.13
C PHE RC 106 -68.65 -68.05 80.05
N ARG RC 107 -69.39 -68.31 79.00
CA ARG RC 107 -68.86 -69.09 77.91
C ARG RC 107 -69.32 -68.47 76.61
N VAL RC 108 -68.67 -68.87 75.53
CA VAL RC 108 -68.99 -68.36 74.21
C VAL RC 108 -69.38 -69.52 73.31
N LEU RC 109 -69.97 -69.18 72.17
CA LEU RC 109 -70.30 -70.13 71.12
C LEU RC 109 -69.95 -69.55 69.77
N GLY RC 110 -69.30 -70.36 68.95
CA GLY RC 110 -68.92 -69.91 67.63
C GLY RC 110 -67.71 -69.00 67.65
N LYS RC 111 -67.21 -68.73 66.45
CA LYS RC 111 -66.00 -67.93 66.32
C LYS RC 111 -66.30 -66.45 66.37
N SER RC 112 -65.46 -65.72 67.06
CA SER RC 112 -65.61 -64.28 67.06
C SER RC 112 -65.19 -63.72 65.70
N PRO RC 113 -65.92 -62.75 65.18
CA PRO RC 113 -65.56 -62.18 63.89
C PRO RC 113 -64.31 -61.36 64.01
N SER RC 114 -63.65 -61.20 62.87
CA SER RC 114 -62.41 -60.45 62.81
C SER RC 114 -62.64 -58.99 63.16
N VAL RC 115 -63.62 -58.37 62.53
CA VAL RC 115 -64.05 -57.08 63.07
C VAL RC 115 -64.70 -57.31 64.42
N PRO RC 116 -64.35 -56.54 65.45
CA PRO RC 116 -65.00 -56.73 66.74
C PRO RC 116 -66.40 -56.20 66.72
N VAL RC 117 -67.27 -56.90 67.43
CA VAL RC 117 -68.54 -56.33 67.79
C VAL RC 117 -68.30 -55.41 68.97
N LEU RC 118 -68.70 -54.17 68.81
CA LEU RC 118 -68.39 -53.15 69.79
C LEU RC 118 -69.70 -52.55 70.24
N ILE RC 119 -69.81 -52.34 71.54
CA ILE RC 119 -70.99 -51.69 72.05
C ILE RC 119 -70.57 -50.56 72.93
N SER RC 120 -71.56 -49.82 73.33
CA SER RC 120 -71.33 -48.75 74.25
C SER RC 120 -72.59 -48.64 75.10
N ILE RC 121 -72.57 -49.30 76.24
CA ILE RC 121 -73.68 -49.24 77.18
C ILE RC 121 -73.40 -48.10 78.13
N SER RC 122 -74.38 -47.24 78.32
CA SER RC 122 -74.26 -46.12 79.24
C SER RC 122 -75.56 -46.00 80.00
N THR RC 123 -75.52 -46.26 81.30
CA THR RC 123 -76.70 -46.39 82.11
C THR RC 123 -76.34 -46.23 83.58
N LYS RC 124 -77.37 -46.05 84.40
CA LYS RC 124 -77.14 -45.79 85.80
C LYS RC 124 -78.16 -46.56 86.63
N ASP RC 125 -77.66 -47.29 87.64
CA ASP RC 125 -78.43 -48.12 88.57
C ASP RC 125 -79.36 -49.09 87.84
N GLU RC 126 -78.76 -49.99 87.11
CA GLU RC 126 -79.53 -50.91 86.33
C GLU RC 126 -79.27 -52.32 86.81
N SER RC 127 -80.30 -53.12 86.84
CA SER RC 127 -80.05 -54.46 87.26
C SER RC 127 -79.45 -55.21 86.12
N LEU RC 128 -78.91 -56.36 86.45
CA LEU RC 128 -78.01 -57.02 85.55
C LEU RC 128 -78.73 -57.60 84.36
N ALA RC 129 -79.90 -58.18 84.58
CA ALA RC 129 -80.58 -58.92 83.52
C ALA RC 129 -81.00 -58.01 82.40
N GLU RC 130 -81.54 -56.87 82.76
CA GLU RC 130 -81.87 -55.88 81.76
C GLU RC 130 -80.63 -55.20 81.21
N ILE RC 131 -79.54 -55.12 81.97
CA ILE RC 131 -78.29 -54.69 81.37
C ILE RC 131 -77.90 -55.62 80.25
N LEU RC 132 -78.01 -56.91 80.50
CA LEU RC 132 -77.77 -57.90 79.47
C LEU RC 132 -78.72 -57.76 78.32
N ARG RC 133 -79.96 -57.45 78.63
CA ARG RC 133 -80.93 -57.28 77.56
C ARG RC 133 -80.54 -56.13 76.66
N ASP RC 134 -80.04 -55.07 77.26
CA ASP RC 134 -79.52 -53.97 76.48
C ASP RC 134 -78.31 -54.36 75.70
N ILE RC 135 -77.51 -55.20 76.30
CA ILE RC 135 -76.29 -55.61 75.66
C ILE RC 135 -76.61 -56.38 74.41
N ASP RC 136 -77.54 -57.30 74.51
CA ASP RC 136 -78.02 -58.03 73.37
C ASP RC 136 -78.60 -57.12 72.32
N TYR RC 137 -79.43 -56.21 72.77
CA TYR RC 137 -80.07 -55.28 71.88
C TYR RC 137 -79.06 -54.41 71.17
N GLN RC 138 -78.07 -53.93 71.88
CA GLN RC 138 -77.03 -53.15 71.24
C GLN RC 138 -76.18 -54.04 70.36
N ALA RC 139 -76.08 -55.33 70.69
CA ALA RC 139 -75.46 -56.29 69.81
C ALA RC 139 -76.55 -56.99 69.00
N GLY RC 140 -77.41 -56.18 68.45
CA GLY RC 140 -78.31 -56.58 67.39
C GLY RC 140 -77.67 -57.39 66.29
N LYS RC 141 -78.10 -58.64 66.15
CA LYS RC 141 -77.81 -59.58 65.06
C LYS RC 141 -76.34 -59.89 64.86
N LYS RC 142 -75.45 -59.34 65.64
CA LYS RC 142 -74.06 -59.73 65.58
C LYS RC 142 -73.71 -60.67 66.72
N ALA RC 143 -74.27 -60.41 67.90
CA ALA RC 143 -74.04 -61.26 69.06
C ALA RC 143 -75.37 -61.62 69.70
N SER RC 144 -75.32 -62.63 70.56
CA SER RC 144 -76.49 -63.01 71.33
C SER RC 144 -76.09 -63.49 72.70
N ILE RC 145 -76.97 -63.23 73.65
CA ILE RC 145 -76.80 -63.65 75.03
C ILE RC 145 -77.83 -64.72 75.34
N HIS RC 146 -77.37 -65.84 75.84
CA HIS RC 146 -78.27 -66.81 76.41
C HIS RC 146 -77.83 -67.09 77.82
N VAL RC 147 -78.78 -67.24 78.71
CA VAL RC 147 -78.46 -67.43 80.11
C VAL RC 147 -79.07 -68.75 80.56
N TYR RC 148 -78.26 -69.58 81.21
CA TYR RC 148 -78.79 -70.76 81.87
C TYR RC 148 -78.51 -70.61 83.36
N PRO RC 149 -79.46 -70.08 84.12
CA PRO RC 149 -79.25 -69.87 85.56
C PRO RC 149 -79.72 -71.03 86.41
N ASN RC 150 -80.24 -72.11 85.80
CA ASN RC 150 -80.22 -73.37 86.52
C ASN RC 150 -78.79 -73.77 86.83
N SER RC 151 -77.92 -73.56 85.87
CA SER RC 151 -76.48 -73.56 86.03
C SER RC 151 -76.05 -72.16 86.47
N GLN RC 152 -74.81 -71.85 86.34
CA GLN RC 152 -74.41 -70.45 86.34
C GLN RC 152 -73.82 -70.25 84.99
N VAL RC 153 -74.66 -70.04 84.01
CA VAL RC 153 -74.16 -69.87 82.67
C VAL RC 153 -74.67 -68.56 82.14
N VAL RC 154 -73.77 -67.72 81.71
CA VAL RC 154 -74.06 -66.79 80.64
C VAL RC 154 -73.21 -67.21 79.46
N GLU RC 155 -73.79 -67.08 78.27
CA GLU RC 155 -73.08 -67.50 77.08
C GLU RC 155 -73.34 -66.50 75.98
N LEU RC 156 -72.33 -66.35 75.15
CA LEU RC 156 -72.27 -65.31 74.15
C LEU RC 156 -72.10 -66.04 72.82
N ARG RC 157 -73.18 -66.14 72.06
CA ARG RC 157 -73.14 -66.82 70.78
C ARG RC 157 -72.86 -65.78 69.71
N TYR RC 158 -71.82 -66.01 68.92
CA TYR RC 158 -71.57 -65.09 67.84
C TYR RC 158 -72.43 -65.39 66.64
N ALA RC 159 -72.52 -64.42 65.75
CA ALA RC 159 -73.11 -64.66 64.45
C ALA RC 159 -72.17 -65.50 63.61
N LYS RC 160 -72.73 -66.02 62.52
CA LYS RC 160 -72.00 -67.04 61.80
C LYS RC 160 -71.79 -66.60 60.36
N ILE RC 161 -71.33 -65.38 60.21
CA ILE RC 161 -70.88 -64.94 58.92
C ILE RC 161 -69.57 -64.20 59.09
N ALA SC 58 -62.30 25.24 35.59
CA ALA SC 58 -61.11 24.53 36.02
C ALA SC 58 -61.22 24.20 37.49
N LEU SC 59 -60.60 25.06 38.33
CA LEU SC 59 -60.89 25.13 39.76
C LEU SC 59 -62.37 25.32 39.96
N LYS SC 60 -62.87 26.17 39.11
CA LYS SC 60 -64.26 26.32 38.78
C LYS SC 60 -64.97 24.98 38.63
N GLU SC 61 -64.61 24.22 37.59
CA GLU SC 61 -65.38 23.03 37.26
C GLU SC 61 -65.26 21.96 38.33
N THR SC 62 -64.11 21.89 38.97
CA THR SC 62 -64.03 20.94 40.05
C THR SC 62 -64.77 21.40 41.29
N ALA SC 63 -64.94 22.70 41.51
CA ALA SC 63 -65.80 23.12 42.60
C ALA SC 63 -67.24 22.75 42.33
N LEU SC 64 -67.65 22.93 41.07
CA LEU SC 64 -68.92 22.42 40.58
C LEU SC 64 -69.05 20.93 40.83
N SER SC 65 -68.07 20.16 40.40
CA SER SC 65 -68.21 18.71 40.43
C SER SC 65 -68.04 18.16 41.83
N VAL SC 66 -67.33 18.89 42.69
CA VAL SC 66 -67.38 18.62 44.12
C VAL SC 66 -68.80 18.76 44.61
N GLY SC 67 -69.49 19.80 44.19
CA GLY SC 67 -70.89 19.86 44.54
C GLY SC 67 -71.75 18.80 43.92
N ALA SC 68 -71.39 18.37 42.70
CA ALA SC 68 -72.32 17.63 41.84
C ALA SC 68 -72.71 16.30 42.46
N GLN SC 69 -71.72 15.45 42.66
CA GLN SC 69 -71.95 14.19 43.33
C GLN SC 69 -72.42 14.39 44.77
N ALA SC 70 -72.03 15.49 45.42
CA ALA SC 70 -72.39 15.72 46.81
C ALA SC 70 -73.89 15.87 46.99
N GLY SC 71 -74.46 16.84 46.28
CA GLY SC 71 -75.89 16.99 46.30
C GLY SC 71 -76.61 15.82 45.70
N LEU SC 72 -76.00 15.17 44.70
CA LEU SC 72 -76.60 13.99 44.08
C LEU SC 72 -76.81 12.86 45.08
N ALA SC 73 -75.77 12.52 45.81
CA ALA SC 73 -75.87 11.43 46.75
C ALA SC 73 -76.63 11.85 47.99
N TRP SC 74 -76.54 13.14 48.33
CA TRP SC 74 -77.30 13.67 49.44
C TRP SC 74 -78.78 13.47 49.18
N ARG SC 75 -79.19 13.86 47.99
CA ARG SC 75 -80.55 13.66 47.52
C ARG SC 75 -80.93 12.20 47.50
N ALA SC 76 -79.99 11.35 47.09
CA ALA SC 76 -80.26 9.91 46.99
C ALA SC 76 -80.56 9.32 48.34
N LYS SC 77 -79.81 9.73 49.35
CA LYS SC 77 -80.08 9.26 50.69
C LYS SC 77 -81.44 9.75 51.15
N ILE SC 78 -81.81 10.98 50.77
CA ILE SC 78 -83.08 11.53 51.21
C ILE SC 78 -84.23 10.73 50.63
N ILE SC 79 -84.27 10.66 49.30
CA ILE SC 79 -85.29 9.90 48.59
C ILE SC 79 -85.38 8.45 49.03
N ASP SC 80 -84.26 7.89 49.47
CA ASP SC 80 -84.32 6.55 49.99
C ASP SC 80 -85.07 6.49 51.32
N GLU SC 81 -84.93 7.49 52.22
CA GLU SC 81 -85.79 7.31 53.41
C GLU SC 81 -87.24 7.60 53.13
N GLN SC 82 -87.57 8.47 52.19
CA GLN SC 82 -89.01 8.64 52.06
C GLN SC 82 -89.64 7.48 51.31
N LEU SC 83 -88.84 6.83 50.47
CA LEU SC 83 -89.24 5.53 49.95
C LEU SC 83 -89.56 4.58 51.08
N ASN SC 84 -88.67 4.52 52.07
CA ASN SC 84 -88.87 3.56 53.13
C ASN SC 84 -90.08 3.86 53.98
N LYS SC 85 -90.35 5.12 54.27
CA LYS SC 85 -91.49 5.35 55.12
C LYS SC 85 -92.81 5.14 54.40
N GLN SC 86 -92.84 5.29 53.09
CA GLN SC 86 -94.10 5.04 52.43
C GLN SC 86 -94.09 3.72 51.71
N ALA SC 87 -93.18 2.85 52.13
CA ALA SC 87 -93.05 1.53 51.55
C ALA SC 87 -94.36 0.77 51.57
N ARG SC 88 -95.07 0.85 52.68
CA ARG SC 88 -96.40 0.28 52.80
C ARG SC 88 -97.33 0.83 51.76
N ASN SC 89 -97.22 2.11 51.55
CA ASN SC 89 -98.12 2.78 50.67
C ASN SC 89 -97.78 2.41 49.26
N LEU SC 90 -96.50 2.18 49.03
CA LEU SC 90 -95.99 1.87 47.71
C LEU SC 90 -96.57 0.58 47.16
N ASP SC 91 -96.38 -0.52 47.86
CA ASP SC 91 -96.97 -1.75 47.38
C ASP SC 91 -98.46 -1.77 47.59
N ALA SC 92 -98.93 -0.95 48.54
CA ALA SC 92 -100.34 -0.83 48.81
C ALA SC 92 -101.02 -0.31 47.57
N ILE SC 93 -100.31 0.55 46.84
CA ILE SC 93 -100.64 0.76 45.46
C ILE SC 93 -100.32 -0.49 44.67
N TYR SC 94 -99.06 -0.86 44.61
CA TYR SC 94 -98.55 -1.80 43.60
C TYR SC 94 -98.53 -3.23 44.08
N ASP SC 95 -99.74 -3.71 44.29
CA ASP SC 95 -100.00 -5.12 44.51
C ASP SC 95 -99.92 -5.89 43.19
N PHE SC 96 -98.74 -6.43 42.92
CA PHE SC 96 -98.51 -7.06 41.62
C PHE SC 96 -99.21 -8.39 41.49
N ASN SC 97 -99.25 -9.13 42.59
CA ASN SC 97 -99.81 -10.47 42.63
C ASN SC 97 -101.27 -10.48 42.27
N SER SC 98 -101.96 -9.39 42.55
CA SER SC 98 -103.29 -9.17 42.08
C SER SC 98 -103.34 -9.20 40.57
N LEU SC 99 -102.26 -8.79 39.94
CA LEU SC 99 -102.21 -8.79 38.51
C LEU SC 99 -101.60 -10.03 37.94
N VAL SC 100 -100.93 -10.84 38.74
CA VAL SC 100 -100.29 -12.00 38.14
C VAL SC 100 -101.32 -13.06 37.83
N LEU SC 101 -100.91 -14.04 37.05
CA LEU SC 101 -101.85 -14.99 36.51
C LEU SC 101 -101.81 -16.30 37.28
N GLU SC 102 -102.48 -17.30 36.70
CA GLU SC 102 -102.82 -18.57 37.31
C GLU SC 102 -101.60 -19.41 37.63
N HIS SC 103 -100.61 -19.40 36.78
CA HIS SC 103 -99.46 -20.25 36.93
C HIS SC 103 -98.28 -19.36 37.20
N ASN SC 104 -98.54 -18.36 38.05
CA ASN SC 104 -97.81 -17.10 38.26
C ASN SC 104 -97.12 -16.63 37.00
N ILE SC 105 -97.92 -16.49 35.97
CA ILE SC 105 -97.49 -15.89 34.73
C ILE SC 105 -97.59 -14.40 34.94
N LEU SC 106 -96.47 -13.72 34.96
CA LEU SC 106 -96.52 -12.28 34.94
C LEU SC 106 -97.04 -11.84 33.59
N PRO SC 107 -98.12 -11.05 33.56
CA PRO SC 107 -98.79 -10.72 32.31
C PRO SC 107 -98.04 -9.67 31.53
N PRO SC 108 -98.21 -9.59 30.21
CA PRO SC 108 -97.40 -8.67 29.42
C PRO SC 108 -97.87 -7.22 29.58
N VAL SC 109 -97.03 -6.29 29.17
CA VAL SC 109 -97.36 -4.88 29.32
C VAL SC 109 -97.85 -4.36 27.97
N LEU SC 110 -99.04 -3.81 27.95
CA LEU SC 110 -99.64 -3.43 26.68
C LEU SC 110 -99.65 -1.92 26.59
N LEU SC 111 -99.57 -1.40 25.37
CA LEU SC 111 -99.41 0.01 25.17
C LEU SC 111 -100.51 0.59 24.30
N GLU SC 112 -101.07 1.67 24.80
CA GLU SC 112 -102.15 2.44 24.21
C GLU SC 112 -101.62 3.34 23.11
N GLY SC 113 -102.47 3.64 22.12
CA GLY SC 113 -102.14 4.64 21.14
C GLY SC 113 -103.34 5.39 20.59
N ARG SC 114 -103.30 6.72 20.65
CA ARG SC 114 -104.26 7.51 19.92
C ARG SC 114 -103.59 8.48 18.98
N ASN SC 115 -104.35 8.76 17.92
CA ASN SC 115 -104.06 9.66 16.81
C ASN SC 115 -102.59 9.64 16.40
N THR SC 116 -102.11 8.44 16.22
CA THR SC 116 -100.76 8.23 15.77
C THR SC 116 -100.69 8.74 14.36
N LEU SC 117 -100.44 10.01 14.22
CA LEU SC 117 -100.22 10.55 12.92
C LEU SC 117 -98.75 10.78 12.77
N ASN SC 118 -98.16 9.94 11.98
CA ASN SC 118 -96.92 10.31 11.38
C ASN SC 118 -97.30 10.87 10.04
N LEU SC 119 -96.93 12.11 9.78
CA LEU SC 119 -96.84 12.44 8.38
C LEU SC 119 -95.59 11.70 7.98
N ALA SC 120 -95.68 10.93 6.92
CA ALA SC 120 -94.43 10.62 6.27
C ALA SC 120 -93.82 11.89 5.73
N ASP SC 121 -94.63 12.70 5.07
CA ASP SC 121 -94.06 13.77 4.32
C ASP SC 121 -95.16 14.73 3.94
N ALA SC 122 -94.80 15.64 3.06
CA ALA SC 122 -95.67 16.64 2.49
C ALA SC 122 -96.76 16.05 1.63
N GLN SC 123 -96.60 14.81 1.22
CA GLN SC 123 -97.44 14.22 0.22
C GLN SC 123 -98.32 13.14 0.80
N SER SC 124 -97.95 12.58 1.94
CA SER SC 124 -98.67 11.43 2.44
C SER SC 124 -98.54 11.40 3.94
N ILE SC 125 -99.65 11.16 4.59
CA ILE SC 125 -99.64 11.04 6.03
C ILE SC 125 -100.26 9.70 6.37
N ARG SC 126 -100.09 9.32 7.63
CA ARG SC 126 -100.53 8.01 8.06
C ARG SC 126 -100.83 8.07 9.53
N ILE SC 127 -102.06 7.78 9.84
CA ILE SC 127 -102.60 7.94 11.16
C ILE SC 127 -103.35 6.68 11.55
N SER SC 128 -103.05 6.18 12.72
CA SER SC 128 -104.11 5.42 13.34
C SER SC 128 -104.81 6.32 14.33
N ASP SC 129 -106.08 6.09 14.40
CA ASP SC 129 -106.87 6.54 15.52
C ASP SC 129 -106.37 5.97 16.85
N ARG SC 130 -105.77 4.78 16.81
CA ARG SC 130 -105.78 3.95 17.98
C ARG SC 130 -104.84 2.80 17.70
N THR SC 131 -104.11 2.36 18.70
CA THR SC 131 -102.90 1.58 18.46
C THR SC 131 -102.55 0.81 19.72
N TYR SC 132 -102.12 -0.43 19.59
CA TYR SC 132 -101.67 -1.17 20.76
C TYR SC 132 -100.37 -1.89 20.54
N LYS SC 133 -99.51 -1.77 21.52
CA LYS SC 133 -98.20 -2.37 21.45
C LYS SC 133 -98.05 -3.35 22.58
N VAL SC 134 -97.95 -4.62 22.24
CA VAL SC 134 -97.64 -5.60 23.24
C VAL SC 134 -96.15 -5.52 23.45
N ALA SC 135 -95.74 -5.30 24.68
CA ALA SC 135 -94.36 -5.33 25.06
C ALA SC 135 -94.23 -6.32 26.19
N LYS SC 136 -93.04 -6.92 26.28
CA LYS SC 136 -92.59 -7.78 27.38
C LYS SC 136 -93.59 -8.89 27.68
N GLN SC 137 -93.68 -9.81 26.73
CA GLN SC 137 -94.71 -10.84 26.67
C GLN SC 137 -94.75 -11.68 27.95
N ALA SC 138 -95.96 -12.20 28.25
CA ALA SC 138 -96.25 -12.92 29.49
C ALA SC 138 -95.30 -14.08 29.71
N HIS SC 139 -94.99 -14.33 30.97
CA HIS SC 139 -93.93 -15.28 31.23
C HIS SC 139 -94.10 -15.88 32.61
N PHE SC 140 -93.49 -17.04 32.82
CA PHE SC 140 -93.44 -17.61 34.16
C PHE SC 140 -92.61 -16.70 35.03
N ILE SC 141 -93.14 -16.27 36.14
CA ILE SC 141 -92.33 -15.52 37.08
C ILE SC 141 -92.20 -16.39 38.30
N THR SC 142 -91.09 -16.27 39.00
CA THR SC 142 -91.07 -16.87 40.32
C THR SC 142 -91.65 -15.92 41.34
N THR SC 143 -90.87 -14.93 41.68
CA THR SC 143 -91.29 -14.01 42.69
C THR SC 143 -91.81 -12.77 42.01
N PRO SC 144 -92.99 -12.32 42.41
CA PRO SC 144 -93.63 -11.21 41.72
C PRO SC 144 -92.88 -9.91 41.98
N PRO SC 145 -93.01 -8.94 41.10
CA PRO SC 145 -92.24 -7.72 41.24
C PRO SC 145 -92.64 -6.90 42.44
N THR SC 146 -91.75 -6.03 42.86
CA THR SC 146 -92.04 -5.10 43.91
C THR SC 146 -92.07 -3.73 43.30
N TRP SC 147 -91.84 -2.72 44.10
CA TRP SC 147 -91.35 -1.49 43.52
C TRP SC 147 -89.88 -1.25 43.75
N ARG SC 148 -89.33 -1.76 44.86
CA ARG SC 148 -87.99 -1.37 45.27
C ARG SC 148 -86.95 -1.82 44.29
N GLN SC 149 -87.31 -2.81 43.51
CA GLN SC 149 -86.68 -3.13 42.27
C GLN SC 149 -86.63 -1.94 41.32
N TYR SC 150 -87.51 -0.94 41.46
CA TYR SC 150 -87.62 0.09 40.45
C TYR SC 150 -87.37 1.45 41.04
N LEU SC 151 -87.52 1.55 42.34
CA LEU SC 151 -87.51 2.87 42.92
C LEU SC 151 -86.49 3.07 43.98
N TRP SC 152 -85.97 2.02 44.57
CA TRP SC 152 -84.92 2.18 45.55
C TRP SC 152 -83.72 2.77 44.87
N MET SC 153 -83.56 4.07 45.05
CA MET SC 153 -82.43 4.74 44.45
C MET SC 153 -81.18 4.28 45.15
N ASP SC 154 -80.13 4.11 44.40
CA ASP SC 154 -78.86 3.73 44.99
C ASP SC 154 -78.34 4.89 45.79
N TYR SC 155 -77.76 4.58 46.92
CA TYR SC 155 -77.06 5.55 47.71
C TYR SC 155 -75.67 5.06 47.97
N VAL SC 156 -74.70 5.85 47.60
CA VAL SC 156 -73.35 5.69 48.08
C VAL SC 156 -72.94 7.02 48.69
N LYS SC 157 -71.96 6.98 49.57
CA LYS SC 157 -71.49 8.23 50.14
C LYS SC 157 -70.05 8.50 49.71
N PRO SC 158 -69.79 9.51 48.91
CA PRO SC 158 -68.42 10.01 48.79
C PRO SC 158 -68.23 11.31 49.57
N GLU SC 159 -67.10 11.40 50.27
CA GLU SC 159 -66.52 12.66 50.72
C GLU SC 159 -65.12 12.87 50.17
N ALA SC 160 -64.82 12.33 49.00
CA ALA SC 160 -63.47 12.34 48.45
C ALA SC 160 -63.24 13.60 47.65
N PRO SC 161 -62.34 14.49 48.07
CA PRO SC 161 -62.02 15.66 47.25
C PRO SC 161 -61.05 15.30 46.14
N LYS SC 173 -61.64 29.91 45.74
CA LYS SC 173 -62.00 29.71 47.13
C LYS SC 173 -63.48 30.03 47.39
N GLU SC 174 -63.90 31.27 47.11
CA GLU SC 174 -65.32 31.53 47.13
C GLU SC 174 -65.99 30.85 45.95
N ILE SC 175 -65.26 30.68 44.84
CA ILE SC 175 -65.77 29.87 43.76
C ILE SC 175 -65.88 28.44 44.19
N TRP SC 176 -64.96 27.97 45.05
CA TRP SC 176 -65.09 26.64 45.62
C TRP SC 176 -66.40 26.49 46.36
N CYS SC 177 -66.70 27.43 47.26
CA CYS SC 177 -67.87 27.26 48.09
C CYS SC 177 -69.15 27.41 47.26
N ILE SC 178 -69.21 28.41 46.39
CA ILE SC 178 -70.46 28.61 45.68
C ILE SC 178 -70.67 27.58 44.58
N TYR SC 179 -69.62 27.04 43.97
CA TYR SC 179 -69.89 26.08 42.93
C TYR SC 179 -70.13 24.73 43.52
N THR SC 180 -69.63 24.52 44.72
CA THR SC 180 -70.06 23.35 45.44
C THR SC 180 -71.53 23.41 45.78
N GLU SC 181 -72.05 24.57 46.18
CA GLU SC 181 -73.51 24.55 46.33
C GLU SC 181 -74.25 24.51 45.02
N ARG SC 182 -73.66 25.05 43.96
CA ARG SC 182 -74.22 24.92 42.63
C ARG SC 182 -74.46 23.47 42.29
N GLY SC 183 -73.38 22.70 42.29
CA GLY SC 183 -73.46 21.30 42.00
C GLY SC 183 -74.28 20.55 43.02
N TRP SC 184 -74.30 21.04 44.25
CA TRP SC 184 -75.19 20.49 45.27
C TRP SC 184 -76.62 20.53 44.80
N LYS SC 185 -77.07 21.69 44.35
CA LYS SC 185 -78.39 21.80 43.73
C LYS SC 185 -78.53 20.94 42.51
N ASN SC 186 -77.47 20.86 41.73
CA ASN SC 186 -77.52 20.22 40.44
C ASN SC 186 -77.68 18.73 40.58
N GLY SC 187 -76.89 18.12 41.46
CA GLY SC 187 -77.03 16.71 41.71
C GLY SC 187 -78.37 16.40 42.33
N ILE SC 188 -78.86 17.31 43.19
CA ILE SC 188 -80.19 17.17 43.75
C ILE SC 188 -81.22 17.01 42.66
N ASP SC 189 -81.27 17.96 41.74
CA ASP SC 189 -82.42 17.88 40.89
C ASP SC 189 -82.21 16.94 39.72
N GLN SC 190 -80.97 16.61 39.38
CA GLN SC 190 -80.85 15.55 38.40
C GLN SC 190 -81.26 14.22 39.01
N ALA SC 191 -81.04 14.05 40.32
CA ALA SC 191 -81.54 12.87 40.98
C ALA SC 191 -83.05 12.86 41.02
N ASN SC 192 -83.62 14.05 41.13
CA ASN SC 192 -85.07 14.16 41.14
C ASN SC 192 -85.65 13.72 39.83
N THR SC 193 -85.01 14.13 38.75
CA THR SC 193 -85.42 13.68 37.44
C THR SC 193 -85.24 12.19 37.30
N ILE SC 194 -84.17 11.67 37.86
CA ILE SC 194 -83.91 10.24 37.82
C ILE SC 194 -85.04 9.50 38.49
N LEU SC 195 -85.40 9.99 39.66
CA LEU SC 195 -86.52 9.48 40.43
C LEU SC 195 -87.79 9.51 39.63
N GLU SC 196 -88.03 10.62 38.97
CA GLU SC 196 -89.20 10.82 38.14
C GLU SC 196 -89.28 9.77 37.07
N GLU SC 197 -88.13 9.48 36.48
CA GLU SC 197 -88.06 8.48 35.45
C GLU SC 197 -88.34 7.11 36.00
N ASN SC 198 -87.90 6.86 37.22
CA ASN SC 198 -88.13 5.58 37.85
C ASN SC 198 -89.61 5.36 38.04
N ILE SC 199 -90.26 6.43 38.46
CA ILE SC 199 -91.69 6.40 38.66
C ILE SC 199 -92.40 6.12 37.38
N ALA SC 200 -91.97 6.78 36.32
CA ALA SC 200 -92.61 6.61 35.04
C ALA SC 200 -92.44 5.19 34.54
N ARG SC 201 -91.31 4.60 34.85
CA ARG SC 201 -91.07 3.24 34.46
C ARG SC 201 -92.04 2.32 35.15
N ILE SC 202 -92.26 2.56 36.44
CA ILE SC 202 -93.14 1.65 37.11
C ILE SC 202 -94.59 1.87 36.68
N LYS SC 203 -94.92 3.12 36.28
CA LYS SC 203 -96.22 3.38 35.68
C LYS SC 203 -96.46 2.48 34.53
N GLU SC 204 -95.59 2.63 33.54
CA GLU SC 204 -95.84 2.08 32.22
C GLU SC 204 -95.84 0.58 32.29
N ASP SC 205 -95.07 0.03 33.23
CA ASP SC 205 -95.24 -1.37 33.54
C ASP SC 205 -96.63 -1.65 34.02
N PHE SC 206 -97.05 -0.96 35.08
CA PHE SC 206 -98.21 -1.42 35.81
C PHE SC 206 -99.45 -1.26 34.98
N GLY SC 207 -99.54 -0.10 34.35
CA GLY SC 207 -100.56 0.17 33.38
C GLY SC 207 -100.51 -0.79 32.24
N GLY SC 208 -99.33 -1.26 31.86
CA GLY SC 208 -99.26 -2.20 30.78
C GLY SC 208 -99.91 -3.53 31.11
N MET SC 209 -99.61 -4.08 32.29
CA MET SC 209 -100.26 -5.35 32.58
C MET SC 209 -101.74 -5.16 32.89
N ILE SC 210 -102.10 -3.98 33.39
CA ILE SC 210 -103.51 -3.63 33.50
C ILE SC 210 -104.17 -3.77 32.17
N LEU SC 211 -103.57 -3.18 31.17
CA LEU SC 211 -104.12 -3.21 29.84
C LEU SC 211 -104.13 -4.60 29.25
N TYR SC 212 -103.23 -5.45 29.73
CA TYR SC 212 -103.33 -6.84 29.29
C TYR SC 212 -104.60 -7.45 29.80
N ARG SC 213 -104.86 -7.25 31.08
CA ARG SC 213 -106.08 -7.77 31.66
C ARG SC 213 -107.28 -7.08 31.06
N LYS SC 214 -107.08 -5.86 30.61
CA LYS SC 214 -108.12 -5.14 29.92
C LYS SC 214 -108.49 -5.79 28.63
N LEU SC 215 -107.55 -5.95 27.74
CA LEU SC 215 -107.92 -6.46 26.43
C LEU SC 215 -108.22 -7.92 26.47
N LEU SC 216 -107.71 -8.58 27.48
CA LEU SC 216 -108.15 -9.91 27.74
C LEU SC 216 -109.59 -9.88 28.15
N ALA SC 217 -109.96 -8.88 28.93
CA ALA SC 217 -111.38 -8.71 29.20
C ALA SC 217 -112.10 -8.20 27.98
N MET SC 218 -111.41 -7.64 27.04
CA MET SC 218 -112.08 -7.10 25.89
C MET SC 218 -112.10 -8.03 24.73
N ASN SC 219 -111.59 -9.25 24.92
CA ASN SC 219 -111.29 -10.20 23.88
C ASN SC 219 -110.34 -9.61 22.87
N MET SC 220 -109.56 -8.64 23.28
CA MET SC 220 -108.73 -7.98 22.31
C MET SC 220 -107.35 -8.55 22.35
N VAL SC 221 -107.01 -9.26 23.41
CA VAL SC 221 -105.85 -10.13 23.38
C VAL SC 221 -106.28 -11.51 23.82
N SER SC 222 -105.36 -12.44 23.66
CA SER SC 222 -105.51 -13.86 23.90
C SER SC 222 -104.92 -14.22 25.26
N PRO SC 223 -105.29 -15.34 25.85
CA PRO SC 223 -104.67 -15.76 27.09
C PRO SC 223 -103.29 -16.34 26.84
N PRO SC 224 -102.50 -16.56 27.88
CA PRO SC 224 -101.44 -17.55 27.77
C PRO SC 224 -102.02 -18.94 27.80
N TYR SC 225 -101.95 -19.61 26.66
CA TYR SC 225 -102.40 -20.99 26.51
C TYR SC 225 -101.22 -21.89 26.82
N VAL SC 226 -101.34 -22.72 27.84
CA VAL SC 226 -100.21 -23.50 28.31
C VAL SC 226 -100.50 -24.97 28.12
N SER SC 227 -99.48 -25.81 28.34
CA SER SC 227 -99.66 -27.23 28.58
C SER SC 227 -98.79 -27.59 29.76
N HIS SC 228 -99.43 -28.04 30.83
CA HIS SC 228 -98.72 -28.71 31.90
C HIS SC 228 -98.78 -30.18 31.59
N THR SC 229 -97.63 -30.76 31.32
CA THR SC 229 -97.55 -32.20 31.21
C THR SC 229 -96.86 -32.73 32.45
N ASP SC 230 -97.41 -33.77 33.02
CA ASP SC 230 -96.91 -34.26 34.28
C ASP SC 230 -96.25 -35.61 34.10
N LEU SC 231 -95.34 -35.92 35.00
CA LEU SC 231 -94.60 -37.15 35.04
C LEU SC 231 -94.69 -37.71 36.43
N GLY SC 232 -94.74 -39.03 36.52
CA GLY SC 232 -94.86 -39.69 37.79
C GLY SC 232 -93.57 -39.75 38.55
N VAL SC 233 -93.28 -40.88 39.16
CA VAL SC 233 -91.98 -41.07 39.76
C VAL SC 233 -90.95 -41.09 38.65
N THR SC 234 -90.01 -40.17 38.72
CA THR SC 234 -88.99 -40.10 37.70
C THR SC 234 -87.65 -40.21 38.37
N GLY SC 235 -86.82 -41.08 37.83
CA GLY SC 235 -85.45 -41.15 38.27
C GLY SC 235 -85.01 -42.57 38.58
N ASP SC 236 -83.72 -42.67 38.88
CA ASP SC 236 -83.00 -43.92 38.87
C ASP SC 236 -82.81 -44.44 40.29
N GLY SC 237 -81.97 -45.46 40.42
CA GLY SC 237 -81.64 -45.98 41.73
C GLY SC 237 -80.85 -45.04 42.61
N SER SC 238 -80.22 -44.03 42.02
CA SER SC 238 -79.55 -43.06 42.87
C SER SC 238 -80.31 -41.76 43.00
N GLU SC 239 -81.19 -41.47 42.07
CA GLU SC 239 -81.89 -40.22 42.14
C GLU SC 239 -83.30 -40.55 41.72
N ILE SC 240 -84.29 -40.16 42.48
CA ILE SC 240 -85.64 -40.18 41.94
C ILE SC 240 -86.31 -38.85 42.19
N HIS SC 241 -87.36 -38.63 41.45
CA HIS SC 241 -88.27 -37.55 41.70
C HIS SC 241 -89.65 -38.15 41.61
N ILE SC 242 -90.39 -38.04 42.69
CA ILE SC 242 -91.66 -38.74 42.84
C ILE SC 242 -92.74 -38.13 41.96
N ASP SC 243 -92.74 -36.82 41.79
CA ASP SC 243 -93.63 -36.24 40.78
C ASP SC 243 -92.99 -35.06 40.10
N ASP SC 244 -92.83 -35.17 38.80
CA ASP SC 244 -92.26 -34.10 38.00
C ASP SC 244 -93.32 -33.50 37.11
N ARG SC 245 -93.82 -32.36 37.50
CA ARG SC 245 -94.59 -31.58 36.55
C ARG SC 245 -93.62 -30.72 35.77
N VAL SC 246 -93.85 -30.65 34.47
CA VAL SC 246 -93.22 -29.66 33.63
C VAL SC 246 -94.32 -28.86 32.98
N LEU SC 247 -94.11 -27.57 32.90
CA LEU SC 247 -95.12 -26.67 32.38
C LEU SC 247 -94.51 -25.86 31.28
N ARG SC 248 -95.05 -25.99 30.10
CA ARG SC 248 -94.67 -25.14 29.02
C ARG SC 248 -95.83 -24.22 28.74
N ILE SC 249 -95.49 -23.00 28.39
CA ILE SC 249 -96.47 -22.05 27.96
C ILE SC 249 -96.50 -22.19 26.46
N THR SC 250 -97.54 -22.82 25.95
CA THR SC 250 -97.57 -23.12 24.52
C THR SC 250 -97.79 -21.86 23.72
N ALA SC 251 -98.94 -21.22 23.90
CA ALA SC 251 -99.29 -20.04 23.10
C ALA SC 251 -99.29 -18.80 23.99
N LEU SC 252 -98.52 -17.80 23.60
CA LEU SC 252 -98.41 -16.58 24.38
C LEU SC 252 -99.64 -15.72 24.21
N PRO SC 253 -99.85 -14.77 25.10
CA PRO SC 253 -100.81 -13.70 24.82
C PRO SC 253 -100.43 -12.91 23.59
N GLU SC 254 -101.44 -12.46 22.84
CA GLU SC 254 -101.27 -11.73 21.61
C GLU SC 254 -102.57 -11.02 21.25
N LEU SC 255 -102.46 -9.88 20.58
CA LEU SC 255 -103.62 -9.12 20.16
C LEU SC 255 -104.36 -9.86 19.06
N ASN SC 256 -105.64 -10.16 19.27
CA ASN SC 256 -106.39 -10.77 18.19
C ASN SC 256 -106.67 -9.73 17.14
N VAL SC 257 -106.89 -10.18 15.91
CA VAL SC 257 -107.06 -9.22 14.83
C VAL SC 257 -108.46 -9.27 14.26
N ASN SC 258 -109.16 -10.38 14.40
CA ASN SC 258 -110.55 -10.37 14.01
C ASN SC 258 -111.28 -9.69 15.16
N SER SC 259 -111.59 -8.43 14.95
CA SER SC 259 -112.18 -7.61 15.97
C SER SC 259 -113.64 -7.90 16.16
N ALA SC 260 -114.24 -8.68 15.28
CA ALA SC 260 -115.64 -9.03 15.37
C ALA SC 260 -115.95 -9.78 16.64
N GLU SC 261 -114.97 -10.48 17.17
CA GLU SC 261 -115.14 -11.34 18.32
C GLU SC 261 -114.77 -10.60 19.57
N TRP SC 262 -114.67 -9.30 19.49
CA TRP SC 262 -114.28 -8.54 20.64
C TRP SC 262 -115.40 -8.43 21.64
N ARG SC 263 -115.13 -7.65 22.67
CA ARG SC 263 -116.04 -7.54 23.77
C ARG SC 263 -116.10 -6.06 24.07
N ALA SC 264 -117.24 -5.46 23.86
CA ALA SC 264 -117.35 -4.01 24.00
C ALA SC 264 -118.35 -3.70 25.09
N ALA SC 265 -117.85 -3.29 26.22
CA ALA SC 265 -118.67 -3.13 27.40
C ALA SC 265 -119.17 -1.70 27.48
N VAL SC 266 -120.48 -1.56 27.50
CA VAL SC 266 -121.09 -0.32 27.88
C VAL SC 266 -121.13 -0.30 29.40
N ALA SC 267 -121.12 0.87 29.99
CA ALA SC 267 -121.20 0.92 31.43
C ALA SC 267 -122.34 1.85 31.83
N LYS SC 268 -122.69 1.82 33.11
CA LYS SC 268 -123.86 2.56 33.59
C LYS SC 268 -123.55 3.31 34.89
N PHE TC 25 -104.84 13.88 78.87
CA PHE TC 25 -104.66 14.54 77.58
C PHE TC 25 -103.89 13.64 76.62
N LYS TC 26 -104.34 13.58 75.38
CA LYS TC 26 -103.78 12.66 74.40
C LYS TC 26 -102.88 13.38 73.41
N LYS TC 27 -102.41 12.61 72.45
CA LYS TC 27 -101.49 13.03 71.41
C LYS TC 27 -102.09 12.70 70.06
N PRO TC 28 -101.65 13.38 69.00
CA PRO TC 28 -102.05 12.98 67.66
C PRO TC 28 -101.41 11.65 67.29
N PRO TC 29 -101.93 10.97 66.29
CA PRO TC 29 -101.32 9.74 65.83
C PRO TC 29 -99.98 10.01 65.20
N ILE TC 30 -99.18 8.97 65.15
CA ILE TC 30 -97.78 9.15 64.80
C ILE TC 30 -97.60 9.08 63.29
N ASN TC 31 -97.98 7.95 62.68
CA ASN TC 31 -97.95 7.85 61.22
C ASN TC 31 -99.31 8.20 60.64
N ASN TC 32 -99.75 9.39 60.96
CA ASN TC 32 -100.99 9.87 60.38
C ASN TC 32 -100.73 10.49 59.02
N PRO TC 33 -101.74 10.51 58.15
CA PRO TC 33 -101.61 11.30 56.92
C PRO TC 33 -101.74 12.77 57.25
N SER TC 34 -100.67 13.39 57.72
CA SER TC 34 -100.70 14.81 58.09
C SER TC 34 -99.93 15.63 57.10
N ASP TC 35 -100.06 15.30 55.83
CA ASP TC 35 -99.33 15.99 54.80
C ASP TC 35 -100.11 15.91 53.51
N ASP TC 36 -100.12 17.04 52.82
CA ASP TC 36 -101.13 17.29 51.81
C ASP TC 36 -101.01 16.37 50.62
N ALA TC 37 -99.82 15.88 50.31
CA ALA TC 37 -99.83 14.87 49.28
C ALA TC 37 -100.21 13.53 49.84
N THR TC 38 -99.77 13.28 51.05
CA THR TC 38 -99.88 11.98 51.65
C THR TC 38 -101.29 11.59 51.90
N ILE TC 39 -102.11 12.56 52.19
CA ILE TC 39 -103.51 12.28 52.34
C ILE TC 39 -104.09 11.74 51.05
N LYS TC 40 -103.71 12.34 49.92
CA LYS TC 40 -104.22 11.90 48.66
C LYS TC 40 -103.62 10.57 48.28
N LEU TC 41 -102.37 10.37 48.68
CA LEU TC 41 -101.75 9.07 48.54
C LEU TC 41 -102.54 8.01 49.25
N ALA TC 42 -102.86 8.27 50.49
CA ALA TC 42 -103.43 7.26 51.36
C ALA TC 42 -104.80 6.86 50.89
N GLU TC 43 -105.58 7.84 50.50
CA GLU TC 43 -106.88 7.44 50.00
C GLU TC 43 -106.79 6.85 48.62
N ALA TC 44 -105.79 7.24 47.84
CA ALA TC 44 -105.58 6.59 46.57
C ALA TC 44 -105.27 5.14 46.80
N ALA TC 45 -104.52 4.87 47.85
CA ALA TC 45 -104.23 3.50 48.22
C ALA TC 45 -105.49 2.77 48.61
N VAL TC 46 -106.38 3.43 49.31
CA VAL TC 46 -107.54 2.67 49.73
C VAL TC 46 -108.44 2.47 48.54
N SER TC 47 -108.41 3.41 47.61
CA SER TC 47 -109.13 3.28 46.38
C SER TC 47 -108.60 2.13 45.57
N VAL TC 48 -107.30 2.03 45.46
CA VAL TC 48 -106.77 0.98 44.62
C VAL TC 48 -107.00 -0.36 45.27
N SER TC 49 -106.97 -0.41 46.58
CA SER TC 49 -107.09 -1.68 47.25
C SER TC 49 -108.50 -2.17 47.18
N ASP TC 50 -109.45 -1.27 47.36
CA ASP TC 50 -110.82 -1.69 47.22
C ASP TC 50 -111.14 -2.06 45.80
N SER TC 51 -110.58 -1.35 44.85
CA SER TC 51 -110.93 -1.64 43.50
C SER TC 51 -110.29 -2.93 43.05
N MET TC 52 -109.15 -3.27 43.64
CA MET TC 52 -108.69 -4.64 43.52
C MET TC 52 -109.57 -5.60 44.31
N LEU TC 53 -110.31 -5.10 45.27
CA LEU TC 53 -111.20 -6.05 45.91
C LEU TC 53 -112.37 -6.38 45.00
N GLU TC 54 -112.89 -5.41 44.27
CA GLU TC 54 -113.97 -5.89 43.40
C GLU TC 54 -113.49 -6.53 42.11
N MET TC 55 -112.30 -6.17 41.61
CA MET TC 55 -111.49 -7.05 40.77
C MET TC 55 -111.65 -8.49 41.20
N ALA TC 56 -111.34 -8.75 42.46
CA ALA TC 56 -111.40 -10.10 42.99
C ALA TC 56 -112.80 -10.64 43.14
N LYS TC 57 -113.75 -9.78 43.51
CA LYS TC 57 -115.13 -10.21 43.62
C LYS TC 57 -115.58 -10.77 42.31
N VAL TC 58 -115.43 -9.97 41.27
CA VAL TC 58 -115.99 -10.33 40.01
C VAL TC 58 -115.16 -11.39 39.34
N GLU TC 59 -113.93 -11.60 39.79
CA GLU TC 59 -113.19 -12.67 39.18
C GLU TC 59 -113.27 -13.96 39.96
N LYS TC 60 -113.71 -13.91 41.20
CA LYS TC 60 -113.56 -15.06 42.08
C LYS TC 60 -114.66 -16.06 41.81
N VAL TC 61 -114.30 -17.25 41.35
CA VAL TC 61 -115.26 -18.33 41.28
C VAL TC 61 -115.46 -18.87 42.69
N ILE TC 62 -116.70 -19.19 43.03
CA ILE TC 62 -117.04 -19.75 44.33
C ILE TC 62 -117.80 -21.03 44.07
N THR TC 63 -117.45 -22.10 44.76
CA THR TC 63 -118.34 -23.24 44.75
C THR TC 63 -119.33 -23.15 45.92
N PRO TC 64 -120.59 -23.51 45.70
CA PRO TC 64 -121.52 -23.54 46.81
C PRO TC 64 -121.26 -24.78 47.66
N PRO TC 65 -121.37 -24.67 48.98
CA PRO TC 65 -121.19 -25.84 49.82
C PRO TC 65 -122.29 -26.87 49.67
N SER TC 66 -123.37 -26.54 48.97
CA SER TC 66 -124.39 -27.52 48.66
C SER TC 66 -123.93 -28.51 47.61
N LYS TC 67 -123.09 -28.10 46.69
CA LYS TC 67 -122.58 -29.02 45.69
C LYS TC 67 -121.10 -28.87 45.55
N ASP TC 68 -120.42 -28.83 46.68
CA ASP TC 68 -118.97 -28.78 46.69
C ASP TC 68 -118.30 -30.13 46.46
N ASN TC 69 -119.07 -31.22 46.46
CA ASN TC 69 -118.69 -32.53 45.94
C ASN TC 69 -117.57 -33.26 46.67
N THR TC 70 -117.10 -32.73 47.79
CA THR TC 70 -116.01 -33.42 48.47
C THR TC 70 -116.54 -34.48 49.43
N LEU TC 71 -115.63 -35.25 49.99
CA LEU TC 71 -115.99 -36.33 50.90
C LEU TC 71 -116.42 -35.77 52.24
N THR TC 72 -117.44 -36.41 52.81
CA THR TC 72 -117.89 -36.03 54.12
C THR TC 72 -117.08 -36.78 55.17
N ILE TC 73 -117.34 -36.40 56.41
CA ILE TC 73 -116.87 -37.20 57.51
C ILE TC 73 -117.85 -38.36 57.66
N PRO TC 74 -117.38 -39.60 57.58
CA PRO TC 74 -118.29 -40.74 57.56
C PRO TC 74 -118.72 -41.18 58.95
N ASN TC 75 -118.25 -40.47 59.98
CA ASN TC 75 -118.71 -40.53 61.37
C ASN TC 75 -118.67 -41.91 62.01
N ALA TC 76 -117.90 -42.86 61.47
CA ALA TC 76 -117.71 -44.12 62.16
C ALA TC 76 -116.72 -43.94 63.29
N TYR TC 77 -117.00 -44.54 64.44
CA TYR TC 77 -116.10 -44.41 65.56
C TYR TC 77 -114.80 -45.17 65.33
N ASN TC 78 -114.85 -46.24 64.53
CA ASN TC 78 -113.64 -46.85 64.05
C ASN TC 78 -112.85 -45.91 63.18
N LEU TC 79 -113.55 -45.08 62.43
CA LEU TC 79 -112.86 -44.08 61.64
C LEU TC 79 -112.36 -42.95 62.51
N GLN TC 80 -112.96 -42.74 63.66
CA GLN TC 80 -112.56 -41.65 64.53
C GLN TC 80 -111.32 -42.06 65.28
N ALA TC 81 -110.18 -41.63 64.76
CA ALA TC 81 -108.89 -41.84 65.40
C ALA TC 81 -107.87 -40.94 64.74
N ARG TC 82 -107.11 -40.20 65.56
CA ARG TC 82 -105.99 -39.42 65.07
C ARG TC 82 -104.88 -40.38 64.63
N ALA TC 83 -104.15 -40.00 63.59
CA ALA TC 83 -103.08 -40.84 63.04
C ALA TC 83 -101.87 -39.98 62.69
N SER TC 84 -100.90 -40.57 62.00
CA SER TC 84 -99.70 -39.84 61.60
C SER TC 84 -99.10 -40.50 60.37
N VAL TC 85 -99.14 -39.82 59.23
CA VAL TC 85 -98.63 -40.39 57.99
C VAL TC 85 -97.83 -39.33 57.25
N ASP TC 86 -96.62 -39.69 56.84
CA ASP TC 86 -95.93 -38.96 55.80
C ASP TC 86 -95.54 -39.95 54.74
N TRP TC 87 -95.94 -39.64 53.51
CA TRP TC 87 -95.86 -40.60 52.44
C TRP TC 87 -96.22 -39.93 51.13
N SER TC 88 -95.58 -40.37 50.08
CA SER TC 88 -95.95 -39.90 48.76
C SER TC 88 -96.02 -41.11 47.84
N GLY TC 89 -97.11 -41.23 47.11
CA GLY TC 89 -97.09 -42.10 45.98
C GLY TC 89 -98.50 -42.45 45.61
N PRO TC 90 -98.73 -43.70 45.23
CA PRO TC 90 -100.04 -44.07 44.70
C PRO TC 90 -101.00 -44.51 45.78
N ILE TC 91 -102.23 -44.07 45.60
CA ILE TC 91 -103.14 -43.84 46.70
C ILE TC 91 -103.66 -45.14 47.30
N GLU TC 92 -103.83 -46.16 46.47
CA GLU TC 92 -104.61 -47.34 46.81
C GLU TC 92 -103.94 -48.17 47.88
N GLU TC 93 -102.61 -48.21 47.86
CA GLU TC 93 -101.86 -48.85 48.91
C GLU TC 93 -102.06 -48.14 50.23
N LEU TC 94 -102.00 -46.81 50.20
CA LEU TC 94 -102.11 -46.02 51.41
C LEU TC 94 -103.49 -46.15 52.02
N THR TC 95 -104.50 -46.16 51.18
CA THR TC 95 -105.83 -46.28 51.72
C THR TC 95 -106.15 -47.68 52.19
N ALA TC 96 -105.53 -48.70 51.60
CA ALA TC 96 -105.63 -50.01 52.22
C ALA TC 96 -105.03 -49.99 53.60
N ARG TC 97 -103.90 -49.31 53.74
CA ARG TC 97 -103.22 -49.23 55.02
C ARG TC 97 -104.03 -48.49 56.06
N ILE TC 98 -104.67 -47.40 55.68
CA ILE TC 98 -105.51 -46.76 56.66
C ILE TC 98 -106.80 -47.51 56.88
N ALA TC 99 -107.24 -48.31 55.91
CA ALA TC 99 -108.47 -49.07 56.08
C ALA TC 99 -108.26 -50.13 57.14
N LYS TC 100 -107.13 -50.80 57.06
CA LYS TC 100 -106.81 -51.77 58.09
C LYS TC 100 -106.42 -51.07 59.39
N ALA TC 101 -105.93 -49.84 59.31
CA ALA TC 101 -105.79 -49.07 60.53
C ALA TC 101 -107.13 -48.80 61.17
N ALA TC 102 -108.13 -48.55 60.36
CA ALA TC 102 -109.42 -48.16 60.87
C ALA TC 102 -110.34 -49.33 61.06
N HIS TC 103 -109.83 -50.54 60.83
CA HIS TC 103 -110.61 -51.78 60.82
C HIS TC 103 -111.68 -51.71 59.76
N PHE TC 104 -111.38 -51.04 58.68
CA PHE TC 104 -112.32 -50.97 57.59
C PHE TC 104 -111.85 -51.88 56.49
N ARG TC 105 -112.78 -52.54 55.85
CA ARG TC 105 -112.45 -53.31 54.68
C ARG TC 105 -112.33 -52.33 53.51
N PHE TC 106 -111.61 -52.73 52.48
CA PHE TC 106 -111.29 -51.85 51.35
C PHE TC 106 -111.63 -52.53 50.04
N ARG TC 107 -112.66 -52.06 49.36
CA ARG TC 107 -112.78 -52.36 47.95
C ARG TC 107 -112.16 -51.25 47.15
N VAL TC 108 -111.60 -51.61 46.02
CA VAL TC 108 -111.28 -50.67 44.97
C VAL TC 108 -112.08 -51.08 43.75
N LEU TC 109 -112.77 -50.11 43.16
CA LEU TC 109 -113.60 -50.33 42.00
C LEU TC 109 -113.05 -49.49 40.87
N GLY TC 110 -112.98 -50.07 39.70
CA GLY TC 110 -112.43 -49.41 38.54
C GLY TC 110 -111.07 -49.94 38.20
N LYS TC 111 -110.41 -49.25 37.29
CA LYS TC 111 -109.08 -49.64 36.82
C LYS TC 111 -108.08 -48.59 37.25
N SER TC 112 -107.03 -49.02 37.87
CA SER TC 112 -105.97 -48.07 38.10
C SER TC 112 -105.21 -47.83 36.80
N PRO TC 113 -104.83 -46.60 36.53
CA PRO TC 113 -104.22 -46.29 35.23
C PRO TC 113 -102.76 -46.69 35.22
N SER TC 114 -102.17 -46.61 34.03
CA SER TC 114 -100.74 -46.85 33.89
C SER TC 114 -99.95 -45.81 34.65
N VAL TC 115 -100.28 -44.54 34.47
CA VAL TC 115 -99.70 -43.56 35.38
C VAL TC 115 -100.52 -43.65 36.67
N PRO TC 116 -99.86 -43.83 37.79
CA PRO TC 116 -100.57 -43.91 39.05
C PRO TC 116 -100.93 -42.53 39.49
N VAL TC 117 -102.03 -42.44 40.20
CA VAL TC 117 -102.43 -41.18 40.78
C VAL TC 117 -101.71 -41.02 42.11
N LEU TC 118 -101.02 -39.90 42.27
CA LEU TC 118 -100.01 -39.79 43.31
C LEU TC 118 -100.41 -38.76 44.33
N ILE TC 119 -100.36 -39.15 45.58
CA ILE TC 119 -100.74 -38.25 46.63
C ILE TC 119 -99.51 -38.09 47.48
N SER TC 120 -99.35 -36.91 48.07
CA SER TC 120 -98.31 -36.66 49.04
C SER TC 120 -98.98 -36.13 50.29
N ILE TC 121 -98.83 -36.85 51.39
CA ILE TC 121 -99.44 -36.48 52.65
C ILE TC 121 -98.37 -36.46 53.72
N SER TC 122 -98.29 -35.38 54.47
CA SER TC 122 -97.30 -35.26 55.53
C SER TC 122 -97.98 -34.67 56.76
N THR TC 123 -98.32 -35.52 57.71
CA THR TC 123 -98.91 -35.07 58.95
C THR TC 123 -98.55 -36.01 60.07
N LYS TC 124 -98.65 -35.47 61.28
CA LYS TC 124 -98.21 -36.18 62.44
C LYS TC 124 -99.27 -36.37 63.50
N ASP TC 125 -100.41 -35.69 63.40
CA ASP TC 125 -101.50 -35.87 64.36
C ASP TC 125 -102.81 -35.47 63.71
N GLU TC 126 -103.58 -36.44 63.25
CA GLU TC 126 -104.70 -36.12 62.39
C GLU TC 126 -105.59 -37.32 62.18
N SER TC 127 -106.87 -37.06 61.99
CA SER TC 127 -107.78 -38.17 61.93
C SER TC 127 -107.95 -38.72 60.53
N LEU TC 128 -108.32 -39.99 60.53
CA LEU TC 128 -108.42 -40.78 59.32
C LEU TC 128 -109.46 -40.25 58.36
N ALA TC 129 -110.47 -39.58 58.91
CA ALA TC 129 -111.52 -39.07 58.06
C ALA TC 129 -111.00 -37.95 57.16
N GLU TC 130 -110.30 -37.00 57.72
CA GLU TC 130 -109.83 -35.95 56.85
C GLU TC 130 -108.58 -36.38 56.11
N ILE TC 131 -107.96 -37.49 56.52
CA ILE TC 131 -107.08 -38.19 55.58
C ILE TC 131 -107.85 -38.57 54.33
N LEU TC 132 -108.99 -39.22 54.52
CA LEU TC 132 -109.79 -39.69 53.39
C LEU TC 132 -110.29 -38.54 52.55
N ARG TC 133 -110.67 -37.46 53.23
CA ARG TC 133 -111.11 -36.26 52.54
C ARG TC 133 -109.98 -35.68 51.73
N ASP TC 134 -108.78 -35.71 52.28
CA ASP TC 134 -107.66 -35.11 51.58
C ASP TC 134 -107.29 -35.88 50.35
N ILE TC 135 -107.28 -37.19 50.47
CA ILE TC 135 -106.89 -37.95 49.32
C ILE TC 135 -108.00 -38.01 48.31
N ASP TC 136 -109.25 -37.86 48.74
CA ASP TC 136 -110.32 -37.83 47.78
C ASP TC 136 -110.25 -36.54 46.99
N TYR TC 137 -109.93 -35.45 47.68
CA TYR TC 137 -109.76 -34.17 47.00
C TYR TC 137 -108.57 -34.21 46.07
N GLN TC 138 -107.47 -34.75 46.53
CA GLN TC 138 -106.31 -34.80 45.69
C GLN TC 138 -106.44 -35.85 44.63
N ALA TC 139 -107.38 -36.77 44.78
CA ALA TC 139 -107.73 -37.67 43.69
C ALA TC 139 -108.50 -36.91 42.64
N GLY TC 140 -109.54 -36.21 43.07
CA GLY TC 140 -110.30 -35.34 42.22
C GLY TC 140 -111.01 -36.11 41.14
N LYS TC 141 -110.56 -35.91 39.91
CA LYS TC 141 -111.28 -36.42 38.77
C LYS TC 141 -110.89 -37.85 38.43
N LYS TC 142 -109.62 -38.18 38.60
CA LYS TC 142 -109.16 -39.47 38.17
C LYS TC 142 -109.71 -40.59 39.04
N ALA TC 143 -109.92 -40.31 40.31
CA ALA TC 143 -110.52 -41.30 41.20
C ALA TC 143 -111.19 -40.58 42.35
N SER TC 144 -111.82 -41.35 43.20
CA SER TC 144 -112.63 -40.81 44.27
C SER TC 144 -112.79 -41.84 45.36
N ILE TC 145 -113.26 -41.34 46.49
CA ILE TC 145 -113.48 -42.16 47.66
C ILE TC 145 -114.95 -42.24 47.91
N HIS TC 146 -115.46 -43.44 48.00
CA HIS TC 146 -116.69 -43.66 48.70
C HIS TC 146 -116.41 -44.43 49.97
N VAL TC 147 -117.33 -44.33 50.90
CA VAL TC 147 -117.17 -44.94 52.22
C VAL TC 147 -118.54 -45.27 52.82
N TYR TC 148 -118.67 -46.50 53.30
CA TYR TC 148 -119.93 -46.96 53.88
C TYR TC 148 -119.63 -47.48 55.28
N PRO TC 149 -119.89 -46.70 56.33
CA PRO TC 149 -119.62 -47.17 57.68
C PRO TC 149 -120.59 -48.23 58.15
N ASN TC 150 -121.74 -48.36 57.49
CA ASN TC 150 -122.67 -49.42 57.85
C ASN TC 150 -122.13 -50.78 57.50
N SER TC 151 -121.37 -50.87 56.42
CA SER TC 151 -120.68 -52.08 56.08
C SER TC 151 -119.22 -52.05 56.49
N GLN TC 152 -118.78 -50.94 57.10
CA GLN TC 152 -117.42 -50.73 57.56
C GLN TC 152 -116.41 -50.93 56.44
N VAL TC 153 -116.64 -50.25 55.33
CA VAL TC 153 -115.80 -50.39 54.15
C VAL TC 153 -115.47 -49.00 53.62
N VAL TC 154 -114.27 -48.87 53.09
CA VAL TC 154 -113.92 -47.80 52.18
C VAL TC 154 -113.74 -48.37 50.78
N GLU TC 155 -113.90 -47.51 49.79
CA GLU TC 155 -113.89 -47.96 48.42
C GLU TC 155 -113.29 -46.87 47.54
N LEU TC 156 -112.29 -47.26 46.76
CA LEU TC 156 -111.64 -46.36 45.83
C LEU TC 156 -112.22 -46.58 44.45
N ARG TC 157 -112.98 -45.63 43.97
CA ARG TC 157 -113.57 -45.73 42.66
C ARG TC 157 -112.73 -44.93 41.68
N TYR TC 158 -112.41 -45.54 40.56
CA TYR TC 158 -111.61 -44.85 39.57
C TYR TC 158 -112.53 -44.16 38.59
N ALA TC 159 -111.96 -43.54 37.59
CA ALA TC 159 -112.75 -42.98 36.51
C ALA TC 159 -113.03 -44.06 35.47
N ILE UC 272 -86.46 -30.44 27.21
CA ILE UC 272 -86.82 -30.86 28.55
C ILE UC 272 -86.00 -30.12 29.57
N PRO UC 273 -86.70 -29.43 30.47
CA PRO UC 273 -86.03 -28.70 31.52
C PRO UC 273 -85.33 -29.61 32.51
N PRO UC 274 -84.37 -29.10 33.26
CA PRO UC 274 -83.81 -29.88 34.38
C PRO UC 274 -84.76 -29.84 35.56
N SER UC 275 -84.64 -30.87 36.39
CA SER UC 275 -85.54 -31.07 37.52
C SER UC 275 -85.39 -29.95 38.51
N ALA UC 276 -84.22 -29.89 39.09
CA ALA UC 276 -83.75 -28.81 39.90
C ALA UC 276 -82.25 -28.99 39.94
N ASN UC 277 -81.60 -28.27 40.81
CA ASN UC 277 -80.25 -28.65 41.09
C ASN UC 277 -80.27 -29.78 42.08
N ASP UC 278 -79.36 -30.71 41.90
CA ASP UC 278 -79.11 -31.57 43.03
C ASP UC 278 -78.22 -30.90 44.04
N LEU UC 279 -77.56 -29.83 43.67
CA LEU UC 279 -76.88 -29.07 44.69
C LEU UC 279 -77.86 -28.40 45.61
N LEU UC 280 -79.08 -28.18 45.14
CA LEU UC 280 -80.16 -27.88 46.06
C LEU UC 280 -80.34 -28.97 47.08
N LEU UC 281 -80.11 -30.23 46.72
CA LEU UC 281 -80.28 -31.25 47.74
C LEU UC 281 -79.17 -31.16 48.76
N HIS UC 282 -78.03 -30.61 48.37
CA HIS UC 282 -76.94 -30.45 49.32
C HIS UC 282 -77.16 -29.24 50.18
N VAL UC 283 -77.53 -28.15 49.57
CA VAL UC 283 -77.70 -26.96 50.35
C VAL UC 283 -79.06 -26.92 50.97
N LEU UC 284 -79.85 -27.97 50.74
CA LEU UC 284 -81.07 -28.17 51.49
C LEU UC 284 -80.76 -28.27 52.95
N GLU UC 285 -79.73 -28.98 53.27
CA GLU UC 285 -79.15 -28.96 54.59
C GLU UC 285 -77.99 -27.99 54.58
N GLY UC 286 -77.28 -27.95 55.68
CA GLY UC 286 -76.30 -26.92 55.80
C GLY UC 286 -74.98 -27.16 55.13
N VAL UC 287 -74.82 -28.13 54.25
CA VAL UC 287 -73.53 -28.17 53.56
C VAL UC 287 -73.53 -27.07 52.50
N PRO UC 288 -72.42 -26.38 52.34
CA PRO UC 288 -72.23 -25.62 51.13
C PRO UC 288 -72.06 -26.56 49.96
N PRO UC 289 -72.24 -26.08 48.74
CA PRO UC 289 -71.89 -26.88 47.60
C PRO UC 289 -70.37 -27.05 47.56
N PRO UC 290 -69.88 -28.03 46.82
CA PRO UC 290 -68.45 -28.11 46.56
C PRO UC 290 -67.93 -26.84 45.90
N GLY UC 291 -66.80 -26.36 46.41
CA GLY UC 291 -66.14 -25.19 45.88
C GLY UC 291 -66.92 -23.92 46.05
N SER UC 292 -67.33 -23.61 47.25
CA SER UC 292 -68.23 -22.48 47.40
C SER UC 292 -67.62 -21.45 48.30
N ARG UC 293 -68.18 -20.26 48.25
CA ARG UC 293 -67.66 -19.21 49.10
C ARG UC 293 -68.78 -18.84 50.04
N ARG UC 294 -68.47 -18.83 51.32
CA ARG UC 294 -69.45 -18.47 52.31
C ARG UC 294 -69.78 -17.01 52.18
N LEU UC 295 -70.97 -16.74 51.72
CA LEU UC 295 -71.38 -15.37 51.60
C LEU UC 295 -71.76 -14.88 52.98
N VAL UC 296 -71.13 -13.79 53.36
CA VAL UC 296 -71.27 -13.26 54.70
C VAL UC 296 -72.66 -12.68 54.79
N VAL UC 297 -73.53 -13.39 55.48
CA VAL UC 297 -74.91 -12.96 55.63
C VAL UC 297 -75.01 -12.15 56.91
N SER UC 298 -75.44 -10.91 56.77
CA SER UC 298 -75.55 -10.05 57.94
C SER UC 298 -76.98 -9.58 58.08
N GLY UC 299 -77.55 -9.83 59.25
CA GLY UC 299 -78.89 -9.42 59.58
C GLY UC 299 -79.93 -10.51 59.68
N GLY UC 300 -79.53 -11.78 59.56
CA GLY UC 300 -80.53 -12.82 59.44
C GLY UC 300 -79.89 -14.19 59.50
N ASP UC 301 -80.74 -15.19 59.45
CA ASP UC 301 -80.34 -16.55 59.79
C ASP UC 301 -80.16 -17.40 58.55
N ALA UC 302 -80.06 -16.77 57.42
CA ALA UC 302 -80.05 -17.58 56.22
C ALA UC 302 -78.61 -17.71 55.86
N ARG UC 303 -78.22 -18.83 55.31
CA ARG UC 303 -76.83 -18.88 54.94
C ARG UC 303 -76.69 -19.07 53.45
N ALA UC 304 -75.70 -18.40 52.91
CA ALA UC 304 -75.58 -18.27 51.48
C ALA UC 304 -74.19 -18.67 51.04
N TRP UC 305 -74.15 -19.37 49.93
CA TRP UC 305 -72.90 -19.70 49.29
C TRP UC 305 -72.89 -19.26 47.86
N LEU UC 306 -71.76 -18.71 47.49
CA LEU UC 306 -71.47 -18.43 46.10
C LEU UC 306 -70.92 -19.70 45.52
N SER UC 307 -71.67 -20.31 44.62
CA SER UC 307 -71.16 -21.50 43.96
C SER UC 307 -70.44 -21.09 42.70
N ASN UC 308 -71.19 -20.58 41.72
CA ASN UC 308 -70.62 -20.13 40.46
C ASN UC 308 -71.53 -19.03 39.91
N GLU UC 309 -71.30 -17.81 40.40
CA GLU UC 309 -72.17 -16.62 40.29
C GLU UC 309 -73.54 -16.84 40.96
N LYS UC 310 -73.87 -18.06 41.32
CA LYS UC 310 -75.21 -18.41 41.72
C LYS UC 310 -75.09 -18.60 43.21
N MET UC 311 -75.73 -17.74 43.96
CA MET UC 311 -75.79 -18.09 45.35
C MET UC 311 -76.83 -19.17 45.49
N TYR UC 312 -76.52 -20.09 46.35
CA TYR UC 312 -77.50 -21.01 46.84
C TYR UC 312 -77.69 -20.55 48.25
N VAL UC 313 -78.92 -20.28 48.61
CA VAL UC 313 -79.17 -19.87 49.97
C VAL UC 313 -80.11 -20.86 50.61
N ARG UC 314 -79.74 -21.29 51.81
CA ARG UC 314 -80.64 -22.02 52.67
C ARG UC 314 -81.31 -20.96 53.52
N THR UC 315 -82.57 -21.21 53.81
CA THR UC 315 -83.26 -20.51 54.86
C THR UC 315 -84.50 -21.28 55.23
N ASN UC 316 -85.22 -20.72 56.17
CA ASN UC 316 -86.61 -21.05 56.27
C ASN UC 316 -87.47 -19.85 55.91
N LEU UC 317 -86.86 -18.68 55.72
CA LEU UC 317 -87.60 -17.45 55.48
C LEU UC 317 -88.11 -17.41 54.04
N THR UC 318 -88.94 -16.42 53.74
CA THR UC 318 -89.67 -16.47 52.49
C THR UC 318 -89.10 -15.49 51.50
N ILE UC 319 -88.41 -15.99 50.48
CA ILE UC 319 -87.66 -15.12 49.58
C ILE UC 319 -88.61 -14.30 48.74
N LEU UC 320 -88.30 -13.02 48.62
CA LEU UC 320 -89.19 -12.07 48.00
C LEU UC 320 -88.62 -11.39 46.79
N SER UC 321 -87.52 -10.66 46.94
CA SER UC 321 -87.17 -9.82 45.79
C SER UC 321 -86.61 -10.58 44.60
N PRO UC 322 -85.50 -11.31 44.69
CA PRO UC 322 -84.80 -11.60 43.45
C PRO UC 322 -85.34 -12.79 42.67
N GLY UC 323 -85.78 -13.87 43.30
CA GLY UC 323 -86.27 -14.98 42.50
C GLY UC 323 -85.15 -15.88 42.01
N TRP UC 324 -85.35 -17.14 42.22
CA TRP UC 324 -84.35 -18.17 42.08
C TRP UC 324 -84.44 -18.75 40.69
N LEU UC 325 -83.42 -19.48 40.31
CA LEU UC 325 -83.69 -20.39 39.22
C LEU UC 325 -84.25 -21.67 39.72
N ALA UC 326 -83.88 -22.08 40.90
CA ALA UC 326 -84.51 -23.29 41.36
C ALA UC 326 -84.85 -23.11 42.81
N SER UC 327 -86.02 -23.56 43.14
CA SER UC 327 -86.43 -23.51 44.51
C SER UC 327 -86.68 -24.91 44.99
N MET UC 328 -86.70 -24.98 46.29
CA MET UC 328 -86.40 -26.19 46.96
C MET UC 328 -86.88 -26.07 48.36
N THR UC 329 -87.55 -27.09 48.83
CA THR UC 329 -87.69 -27.07 50.25
C THR UC 329 -87.50 -28.47 50.74
N SER UC 330 -87.31 -28.56 52.03
CA SER UC 330 -87.00 -29.81 52.68
C SER UC 330 -88.29 -30.52 52.98
N ALA UC 331 -88.19 -31.54 53.82
CA ALA UC 331 -89.41 -32.05 54.41
C ALA UC 331 -89.98 -31.07 55.40
N ASP UC 332 -89.14 -30.27 56.06
CA ASP UC 332 -89.64 -29.41 57.12
C ASP UC 332 -89.78 -27.97 56.70
N GLY UC 333 -89.84 -27.70 55.40
CA GLY UC 333 -89.94 -26.32 55.01
C GLY UC 333 -88.63 -25.58 54.94
N THR UC 334 -87.53 -26.29 54.91
CA THR UC 334 -86.29 -25.57 54.70
C THR UC 334 -86.08 -25.33 53.24
N HIS UC 335 -85.98 -24.08 52.88
CA HIS UC 335 -85.84 -23.79 51.49
C HIS UC 335 -84.39 -23.76 51.14
N ALA UC 336 -84.14 -24.23 49.95
CA ALA UC 336 -82.95 -23.88 49.22
C ALA UC 336 -83.40 -23.16 47.98
N TYR UC 337 -82.71 -22.08 47.69
CA TYR UC 337 -82.97 -21.33 46.48
C TYR UC 337 -81.67 -21.18 45.74
N GLU UC 338 -81.66 -21.68 44.53
CA GLU UC 338 -80.60 -21.50 43.59
C GLU UC 338 -80.92 -20.21 42.87
N MET UC 339 -80.24 -19.17 43.29
CA MET UC 339 -80.59 -17.76 43.26
C MET UC 339 -79.49 -16.99 42.56
N GLN UC 340 -79.94 -16.03 41.78
CA GLN UC 340 -79.04 -15.16 41.10
C GLN UC 340 -78.43 -14.21 42.11
N LYS UC 341 -77.39 -13.51 41.69
CA LYS UC 341 -76.58 -12.87 42.72
C LYS UC 341 -77.23 -11.58 43.14
N SER UC 342 -77.58 -11.53 44.39
CA SER UC 342 -77.93 -10.23 44.85
C SER UC 342 -76.96 -9.82 45.93
N PRO UC 343 -76.66 -8.53 46.01
CA PRO UC 343 -76.11 -7.99 47.25
C PRO UC 343 -77.15 -7.88 48.33
N VAL UC 344 -78.41 -7.75 47.97
CA VAL UC 344 -79.47 -7.33 48.88
C VAL UC 344 -80.62 -8.29 48.73
N LEU UC 345 -81.05 -8.86 49.84
CA LEU UC 345 -82.00 -9.95 49.79
C LEU UC 345 -83.27 -9.55 50.50
N LEU UC 346 -84.37 -10.02 49.98
CA LEU UC 346 -85.63 -9.71 50.61
C LEU UC 346 -86.32 -10.97 51.05
N VAL UC 347 -86.67 -11.03 52.31
CA VAL UC 347 -87.63 -12.03 52.71
C VAL UC 347 -88.77 -11.34 53.40
N SER UC 348 -89.87 -12.05 53.48
CA SER UC 348 -90.89 -11.71 54.44
C SER UC 348 -90.63 -12.60 55.63
N TRP UC 349 -90.73 -11.99 56.79
CA TRP UC 349 -90.42 -12.63 58.06
C TRP UC 349 -91.71 -13.10 58.68
N HIS UC 350 -92.62 -12.19 58.96
CA HIS UC 350 -93.87 -12.55 59.60
C HIS UC 350 -95.01 -11.73 59.07
N GLY UC 351 -95.07 -11.55 57.76
CA GLY UC 351 -95.87 -10.47 57.24
C GLY UC 351 -95.22 -9.12 57.35
N LYS UC 352 -94.25 -8.97 58.23
CA LYS UC 352 -93.22 -7.96 58.15
C LYS UC 352 -92.21 -8.42 57.12
N VAL UC 353 -91.51 -7.47 56.49
CA VAL UC 353 -90.58 -7.77 55.41
C VAL UC 353 -89.20 -7.26 55.79
N MET UC 354 -88.19 -8.08 55.55
CA MET UC 354 -86.83 -7.78 55.90
C MET UC 354 -85.96 -7.69 54.65
N GLN UC 355 -85.26 -6.57 54.56
CA GLN UC 355 -84.06 -6.45 53.75
C GLN UC 355 -82.94 -7.17 54.46
N LEU UC 356 -81.98 -7.68 53.69
CA LEU UC 356 -80.84 -8.39 54.23
C LEU UC 356 -79.61 -8.09 53.39
N LYS UC 357 -78.50 -7.75 54.03
CA LYS UC 357 -77.32 -7.46 53.24
C LYS UC 357 -76.42 -8.69 53.21
N VAL UC 358 -75.75 -8.89 52.08
CA VAL UC 358 -74.73 -9.91 52.03
C VAL UC 358 -73.41 -9.23 51.71
N GLU UC 359 -72.33 -9.96 51.97
CA GLU UC 359 -71.00 -9.53 51.60
C GLU UC 359 -70.39 -10.61 50.76
N GLY UC 360 -69.72 -10.21 49.68
CA GLY UC 360 -69.17 -11.16 48.75
C GLY UC 360 -70.30 -11.81 47.99
N LEU VC 41 -73.61 0.99 61.01
CA LEU VC 41 -73.46 -0.24 61.78
C LEU VC 41 -74.80 -0.74 62.32
N PRO VC 42 -74.99 -2.06 62.32
CA PRO VC 42 -76.24 -2.64 62.83
C PRO VC 42 -76.40 -2.44 64.34
N CYS VC 43 -77.59 -2.79 64.83
CA CYS VC 43 -78.03 -2.36 66.16
C CYS VC 43 -77.52 -3.25 67.27
N ARG VC 44 -77.02 -2.61 68.33
CA ARG VC 44 -76.99 -3.24 69.64
C ARG VC 44 -78.38 -3.16 70.24
N VAL VC 45 -78.80 -1.95 70.60
CA VAL VC 45 -80.14 -1.69 71.05
C VAL VC 45 -80.99 -1.40 69.83
N ASP VC 46 -82.22 -1.87 69.86
CA ASP VC 46 -83.20 -1.50 68.86
C ASP VC 46 -83.96 -0.24 69.29
N GLY VC 47 -83.21 0.81 69.61
CA GLY VC 47 -83.76 2.05 70.07
C GLY VC 47 -84.47 1.96 71.40
N ALA VC 48 -83.98 1.12 72.31
CA ALA VC 48 -84.66 0.95 73.59
C ALA VC 48 -83.63 0.62 74.64
N CYS VC 49 -84.02 0.82 75.89
CA CYS VC 49 -83.15 0.45 76.99
C CYS VC 49 -83.96 -0.27 78.05
N ASP VC 50 -83.37 -1.35 78.53
CA ASP VC 50 -84.02 -2.17 79.53
C ASP VC 50 -84.17 -1.41 80.83
N ALA VC 51 -83.29 -0.44 81.07
CA ALA VC 51 -83.44 0.46 82.22
C ALA VC 51 -84.71 1.27 82.12
N THR VC 52 -85.03 1.77 80.93
CA THR VC 52 -86.27 2.48 80.75
C THR VC 52 -87.46 1.58 80.97
N ILE VC 53 -87.34 0.37 80.45
CA ILE VC 53 -88.34 -0.66 80.64
C ILE VC 53 -88.62 -0.90 82.11
N ILE VC 54 -87.57 -1.09 82.89
CA ILE VC 54 -87.80 -1.38 84.29
C ILE VC 54 -88.24 -0.15 85.06
N LYS VC 55 -87.83 1.04 84.62
CA LYS VC 55 -88.38 2.27 85.15
C LYS VC 55 -89.88 2.32 84.97
N MET VC 56 -90.35 1.79 83.83
CA MET VC 56 -91.79 1.77 83.60
C MET VC 56 -92.45 0.88 84.63
N MET VC 57 -92.08 -0.42 84.62
CA MET VC 57 -92.82 -1.41 85.43
C MET VC 57 -92.81 -1.04 86.89
N THR VC 58 -91.67 -0.52 87.38
CA THR VC 58 -91.62 0.02 88.71
C THR VC 58 -92.68 1.08 88.92
N ASP VC 59 -92.73 2.07 88.04
CA ASP VC 59 -93.58 3.20 88.36
C ASP VC 59 -95.05 2.90 88.13
N LEU VC 60 -95.36 2.04 87.17
CA LEU VC 60 -96.75 1.74 86.86
C LEU VC 60 -97.29 0.63 87.73
N ASN VC 61 -96.42 -0.03 88.45
CA ASN VC 61 -96.96 -0.86 89.48
C ASN VC 61 -96.93 -0.16 90.82
N LYS VC 62 -96.11 0.88 90.96
CA LYS VC 62 -96.31 1.87 92.01
C LYS VC 62 -97.66 2.51 91.84
N LYS VC 63 -98.02 2.77 90.60
CA LYS VC 63 -99.32 3.22 90.19
C LYS VC 63 -100.29 2.07 90.02
N GLY VC 64 -99.82 0.85 90.21
CA GLY VC 64 -100.69 -0.26 90.44
C GLY VC 64 -101.22 -0.93 89.21
N ILE VC 65 -101.01 -0.35 88.05
CA ILE VC 65 -101.53 -0.97 86.84
C ILE VC 65 -100.63 -2.13 86.50
N LYS VC 66 -101.20 -3.32 86.50
CA LYS VC 66 -100.39 -4.46 86.84
C LYS VC 66 -99.73 -5.03 85.61
N VAL VC 67 -98.42 -5.14 85.66
CA VAL VC 67 -97.64 -5.76 84.62
C VAL VC 67 -97.35 -7.18 85.07
N ALA VC 68 -97.78 -8.15 84.30
CA ALA VC 68 -97.24 -9.49 84.39
C ALA VC 68 -96.10 -9.63 83.39
N SER VC 69 -95.04 -10.29 83.83
CA SER VC 69 -93.87 -10.44 82.99
C SER VC 69 -93.39 -11.87 83.15
N VAL VC 70 -93.98 -12.77 82.40
CA VAL VC 70 -94.05 -14.16 82.81
C VAL VC 70 -93.61 -15.06 81.67
N GLY VC 71 -92.61 -15.87 81.95
CA GLY VC 71 -91.98 -16.69 80.93
C GLY VC 71 -91.44 -15.78 79.87
N GLN VC 72 -92.07 -15.82 78.71
CA GLN VC 72 -91.73 -14.85 77.70
C GLN VC 72 -92.89 -13.93 77.42
N ASN VC 73 -94.06 -14.26 77.90
CA ASN VC 73 -95.22 -13.46 77.57
C ASN VC 73 -95.41 -12.38 78.62
N TYR VC 74 -95.88 -11.24 78.17
CA TYR VC 74 -96.00 -10.10 79.04
C TYR VC 74 -97.41 -9.57 78.91
N LEU VC 75 -97.97 -9.21 80.04
CA LEU VC 75 -99.38 -8.92 80.19
C LEU VC 75 -99.52 -7.65 81.00
N ILE VC 76 -100.51 -6.85 80.70
CA ILE VC 76 -100.94 -5.82 81.64
C ILE VC 76 -102.42 -5.94 81.89
N SER VC 77 -102.75 -6.04 83.16
CA SER VC 77 -104.12 -5.98 83.62
C SER VC 77 -104.33 -4.58 84.14
N ILE VC 78 -105.51 -4.05 83.88
CA ILE VC 78 -105.86 -2.68 84.23
C ILE VC 78 -107.26 -2.74 84.79
N PRO VC 79 -107.54 -2.07 85.90
CA PRO VC 79 -108.92 -1.80 86.26
C PRO VC 79 -109.55 -0.87 85.23
N ALA VC 80 -110.72 -1.27 84.74
CA ALA VC 80 -111.42 -0.45 83.76
C ALA VC 80 -111.98 0.84 84.36
N SER VC 81 -112.05 0.92 85.69
CA SER VC 81 -112.63 2.07 86.36
C SER VC 81 -111.81 3.33 86.16
N ALA VC 82 -110.50 3.18 86.06
CA ALA VC 82 -109.67 4.33 85.81
C ALA VC 82 -109.82 4.87 84.40
N LEU VC 83 -110.41 4.10 83.50
CA LEU VC 83 -110.43 4.43 82.09
C LEU VC 83 -111.81 4.73 81.54
N PHE VC 84 -112.67 3.75 81.53
CA PHE VC 84 -114.01 3.99 81.06
C PHE VC 84 -114.81 4.54 82.21
N ALA VC 85 -115.87 5.24 81.88
CA ALA VC 85 -116.78 5.61 82.93
C ALA VC 85 -117.73 4.44 83.15
N ASP VC 86 -118.64 4.66 84.08
CA ASP VC 86 -119.60 3.67 84.56
C ASP VC 86 -120.45 3.12 83.44
N GLN VC 87 -120.22 1.85 83.11
CA GLN VC 87 -120.90 1.12 82.03
C GLN VC 87 -120.75 1.77 80.67
N SER VC 88 -119.73 2.62 80.52
CA SER VC 88 -119.63 3.32 79.28
C SER VC 88 -118.48 2.68 78.53
N PRO VC 89 -118.55 2.62 77.27
CA PRO VC 89 -117.33 2.43 76.48
C PRO VC 89 -116.71 3.77 76.15
N ARG VC 90 -116.62 4.63 77.15
CA ARG VC 90 -116.25 6.01 76.89
C ARG VC 90 -115.14 6.36 77.84
N LEU VC 91 -114.03 6.79 77.27
CA LEU VC 91 -112.84 7.09 78.01
C LEU VC 91 -112.86 8.53 78.47
N ASN VC 92 -111.97 8.85 79.39
CA ASN VC 92 -111.86 10.25 79.77
C ASN VC 92 -110.53 10.83 79.36
N TRP VC 93 -110.20 11.96 79.99
CA TRP VC 93 -109.19 12.85 79.46
C TRP VC 93 -107.80 12.50 79.91
N ALA VC 94 -107.54 12.63 81.22
CA ALA VC 94 -106.20 12.52 81.78
C ALA VC 94 -105.67 11.10 81.71
N SER VC 95 -106.55 10.15 81.42
CA SER VC 95 -106.20 8.79 81.11
C SER VC 95 -105.21 8.65 79.99
N TYR VC 96 -105.26 9.56 79.02
CA TYR VC 96 -104.54 9.34 77.79
C TYR VC 96 -103.04 9.50 77.92
N SER VC 97 -102.58 10.24 78.92
CA SER VC 97 -101.17 10.21 79.28
C SER VC 97 -100.74 8.81 79.62
N LEU VC 98 -101.55 8.14 80.42
CA LEU VC 98 -101.25 6.79 80.83
C LEU VC 98 -101.37 5.83 79.67
N LEU VC 99 -102.40 6.02 78.84
CA LEU VC 99 -102.61 5.14 77.70
C LEU VC 99 -101.49 5.26 76.68
N ASN VC 100 -100.98 6.45 76.51
CA ASN VC 100 -99.96 6.60 75.52
C ASN VC 100 -98.62 6.13 76.07
N GLU VC 101 -98.40 6.24 77.37
CA GLU VC 101 -97.14 5.70 77.87
C GLU VC 101 -97.18 4.19 77.96
N ILE VC 102 -98.37 3.60 77.99
CA ILE VC 102 -98.50 2.19 77.65
C ILE VC 102 -97.98 1.91 76.27
N ALA VC 103 -98.46 2.66 75.26
CA ALA VC 103 -98.00 2.42 73.89
C ALA VC 103 -96.52 2.65 73.74
N ALA VC 104 -96.00 3.61 74.52
CA ALA VC 104 -94.58 3.85 74.60
C ALA VC 104 -93.85 2.64 75.10
N PHE VC 105 -94.42 1.96 76.07
CA PHE VC 105 -93.80 0.73 76.46
C PHE VC 105 -93.97 -0.34 75.39
N LEU VC 106 -95.07 -0.30 74.67
CA LEU VC 106 -95.33 -1.33 73.68
C LEU VC 106 -94.35 -1.29 72.55
N LYS VC 107 -93.84 -0.12 72.27
CA LYS VC 107 -92.71 0.03 71.38
C LYS VC 107 -91.44 -0.63 71.87
N GLN VC 108 -91.33 -0.97 73.15
CA GLN VC 108 -90.05 -1.47 73.60
C GLN VC 108 -89.72 -2.86 73.14
N PHE VC 109 -90.63 -3.57 72.50
CA PHE VC 109 -90.29 -4.91 72.07
C PHE VC 109 -90.65 -5.16 70.63
N ARG VC 110 -89.88 -6.01 70.02
CA ARG VC 110 -90.29 -6.55 68.74
C ARG VC 110 -91.41 -7.51 69.09
N LYS VC 111 -92.57 -7.34 68.45
CA LYS VC 111 -93.72 -8.19 68.72
C LYS VC 111 -94.56 -8.38 67.49
N ILE VC 112 -95.44 -9.37 67.55
CA ILE VC 112 -96.18 -9.84 66.39
C ILE VC 112 -97.66 -9.56 66.53
N ALA VC 113 -98.26 -10.13 67.55
CA ALA VC 113 -99.70 -10.07 67.74
C ALA VC 113 -99.95 -9.54 69.13
N ILE VC 114 -100.97 -8.72 69.26
CA ILE VC 114 -101.38 -8.21 70.55
C ILE VC 114 -102.84 -8.55 70.73
N THR VC 115 -103.16 -9.21 71.84
CA THR VC 115 -104.54 -9.52 72.13
C THR VC 115 -105.00 -8.63 73.27
N VAL VC 116 -106.12 -7.98 73.06
CA VAL VC 116 -106.76 -7.25 74.14
C VAL VC 116 -108.14 -7.84 74.38
N THR VC 117 -108.42 -8.09 75.63
CA THR VC 117 -109.76 -8.41 76.07
C THR VC 117 -110.09 -7.51 77.23
N SER VC 118 -111.37 -7.35 77.46
CA SER VC 118 -111.81 -6.58 78.59
C SER VC 118 -112.90 -7.34 79.27
N TYR VC 119 -113.06 -7.11 80.56
CA TYR VC 119 -114.12 -7.77 81.28
C TYR VC 119 -114.85 -6.76 82.12
N SER VC 120 -116.13 -7.00 82.27
CA SER VC 120 -116.96 -6.09 83.05
C SER VC 120 -117.85 -6.89 83.96
N SER VC 121 -118.00 -6.39 85.19
CA SER VC 121 -118.95 -6.95 86.14
C SER VC 121 -120.36 -6.91 85.57
N LYS VC 122 -121.10 -7.98 85.85
CA LYS VC 122 -122.36 -8.24 85.19
C LYS VC 122 -123.37 -7.20 85.58
N TYR VC 123 -123.91 -6.49 84.60
CA TYR VC 123 -124.70 -5.32 84.90
C TYR VC 123 -126.16 -5.47 84.53
N VAL VC 124 -126.48 -5.69 83.27
CA VAL VC 124 -127.89 -5.78 82.89
C VAL VC 124 -128.16 -7.04 82.07
N SER VC 125 -127.53 -7.20 80.92
CA SER VC 125 -127.95 -8.27 80.04
C SER VC 125 -126.79 -8.76 79.22
N VAL VC 126 -126.66 -10.07 79.16
CA VAL VC 126 -125.43 -10.76 78.77
C VAL VC 126 -124.92 -10.30 77.43
N LYS VC 127 -125.86 -9.98 76.56
CA LYS VC 127 -125.62 -9.26 75.34
C LYS VC 127 -124.92 -7.95 75.62
N ARG VC 128 -125.39 -7.16 76.59
CA ARG VC 128 -124.77 -5.84 76.67
C ARG VC 128 -123.49 -5.87 77.46
N GLU VC 129 -123.26 -6.84 78.32
CA GLU VC 129 -121.93 -6.77 78.92
C GLU VC 129 -120.89 -7.29 77.94
N ARG VC 130 -121.28 -8.28 77.12
CA ARG VC 130 -120.52 -8.57 75.93
C ARG VC 130 -120.28 -7.34 75.10
N ALA VC 131 -121.32 -6.58 74.86
CA ALA VC 131 -121.21 -5.42 74.02
C ALA VC 131 -120.34 -4.36 74.65
N LEU VC 132 -120.51 -4.14 75.96
CA LEU VC 132 -119.82 -3.05 76.62
C LEU VC 132 -118.34 -3.34 76.66
N THR VC 133 -118.01 -4.56 77.02
CA THR VC 133 -116.63 -5.00 76.96
C THR VC 133 -116.07 -4.96 75.56
N LEU VC 134 -116.86 -5.42 74.59
CA LEU VC 134 -116.40 -5.50 73.22
C LEU VC 134 -116.12 -4.13 72.66
N ALA VC 135 -116.98 -3.19 72.97
CA ALA VC 135 -116.78 -1.83 72.56
C ALA VC 135 -115.61 -1.21 73.30
N ARG VC 136 -115.49 -1.51 74.59
CA ARG VC 136 -114.42 -0.95 75.40
C ARG VC 136 -113.07 -1.39 74.86
N SER VC 137 -112.98 -2.67 74.55
CA SER VC 137 -111.82 -3.26 73.94
C SER VC 137 -111.53 -2.63 72.60
N ARG VC 138 -112.55 -2.53 71.75
CA ARG VC 138 -112.28 -2.05 70.41
C ARG VC 138 -111.95 -0.58 70.41
N VAL VC 139 -112.38 0.20 71.40
CA VAL VC 139 -112.07 1.62 71.35
C VAL VC 139 -110.67 1.87 71.85
N VAL VC 140 -110.23 1.14 72.87
CA VAL VC 140 -108.86 1.39 73.26
C VAL VC 140 -107.91 0.74 72.27
N SER VC 141 -108.36 -0.33 71.60
CA SER VC 141 -107.58 -0.96 70.56
C SER VC 141 -107.43 -0.08 69.35
N GLU VC 142 -108.52 0.57 68.96
CA GLU VC 142 -108.47 1.56 67.90
C GLU VC 142 -107.49 2.64 68.26
N TYR VC 143 -107.52 3.09 69.52
CA TYR VC 143 -106.64 4.17 69.90
C TYR VC 143 -105.20 3.75 69.84
N LEU VC 144 -104.87 2.59 70.33
CA LEU VC 144 -103.46 2.31 70.32
C LEU VC 144 -102.99 1.79 68.98
N TRP VC 145 -103.87 1.20 68.18
CA TRP VC 145 -103.52 0.88 66.81
C TRP VC 145 -103.23 2.11 66.02
N SER VC 146 -104.03 3.13 66.23
CA SER VC 146 -103.71 4.43 65.68
C SER VC 146 -102.41 4.93 66.24
N GLN VC 147 -102.17 4.64 67.51
CA GLN VC 147 -100.93 5.04 68.11
C GLN VC 147 -99.85 4.10 67.63
N GLY VC 148 -98.72 4.11 68.31
CA GLY VC 148 -97.67 3.21 67.91
C GLY VC 148 -98.01 1.76 68.20
N VAL VC 149 -98.32 1.02 67.15
CA VAL VC 149 -98.36 -0.44 67.20
C VAL VC 149 -97.28 -1.03 66.35
N ASP VC 150 -96.54 -1.92 66.97
CA ASP VC 150 -95.53 -2.67 66.28
C ASP VC 150 -96.00 -4.10 66.08
N SER VC 151 -97.24 -4.37 66.47
CA SER VC 151 -97.80 -5.66 66.18
C SER VC 151 -98.11 -5.77 64.71
N ARG VC 152 -98.20 -7.00 64.25
CA ARG VC 152 -98.80 -7.18 62.95
C ARG VC 152 -100.28 -7.37 63.08
N ILE VC 153 -100.71 -7.98 64.18
CA ILE VC 153 -102.10 -8.35 64.37
C ILE VC 153 -102.54 -7.82 65.72
N ILE VC 154 -103.73 -7.26 65.78
CA ILE VC 154 -104.35 -7.04 67.07
C ILE VC 154 -105.69 -7.76 67.08
N PHE VC 155 -105.80 -8.76 67.94
CA PHE VC 155 -107.07 -9.40 68.21
C PHE VC 155 -107.74 -8.66 69.37
N THR VC 156 -109.04 -8.46 69.26
CA THR VC 156 -109.77 -7.73 70.28
C THR VC 156 -111.12 -8.35 70.57
N GLN VC 157 -111.42 -8.43 71.87
CA GLN VC 157 -112.71 -8.82 72.43
C GLN VC 157 -112.77 -8.56 73.92
N GLY VC 158 -113.92 -8.88 74.49
CA GLY VC 158 -114.12 -8.74 75.92
C GLY VC 158 -115.40 -9.45 76.29
N LEU VC 159 -115.48 -9.89 77.54
CA LEU VC 159 -116.63 -10.63 77.99
C LEU VC 159 -117.17 -10.06 79.29
N GLY VC 160 -118.44 -10.34 79.55
CA GLY VC 160 -119.04 -9.72 80.70
C GLY VC 160 -118.66 -10.36 82.02
N SER VC 161 -117.38 -10.25 82.38
CA SER VC 161 -116.77 -10.95 83.52
C SER VC 161 -117.21 -12.40 83.58
N ASP VC 162 -117.21 -13.07 82.44
CA ASP VC 162 -117.62 -14.45 82.37
C ASP VC 162 -116.61 -15.33 83.05
N LYS VC 163 -115.43 -14.80 83.24
CA LYS VC 163 -114.33 -15.43 83.94
C LYS VC 163 -113.85 -14.40 84.94
N PRO VC 164 -114.60 -14.21 86.02
CA PRO VC 164 -114.19 -13.24 87.02
C PRO VC 164 -112.97 -13.78 87.75
N ILE VC 165 -111.98 -12.91 87.96
CA ILE VC 165 -110.79 -13.34 88.69
C ILE VC 165 -110.95 -13.17 90.17
N THR VC 166 -111.93 -12.39 90.59
CA THR VC 166 -112.39 -12.46 91.96
C THR VC 166 -113.86 -12.78 91.92
N SER VC 167 -114.31 -13.45 92.97
CA SER VC 167 -115.73 -13.48 93.21
C SER VC 167 -116.14 -12.55 94.34
N TYR VC 168 -115.19 -11.87 94.99
CA TYR VC 168 -115.56 -10.71 95.76
C TYR VC 168 -116.13 -9.68 94.81
N THR VC 169 -117.43 -9.47 94.93
CA THR VC 169 -118.25 -8.83 93.89
C THR VC 169 -118.84 -7.54 94.41
N LEU VC 170 -117.96 -6.70 95.00
CA LEU VC 170 -118.28 -5.50 95.76
C LEU VC 170 -119.29 -4.58 95.08
N GLY VC 171 -119.35 -4.58 93.75
CA GLY VC 171 -120.43 -3.96 93.04
C GLY VC 171 -120.30 -4.15 91.55
N GLY VC 172 -120.54 -3.06 90.84
CA GLY VC 172 -120.46 -3.07 89.41
C GLY VC 172 -119.08 -2.58 89.00
N ASP VC 173 -119.00 -1.31 88.64
CA ASP VC 173 -117.81 -0.83 87.95
C ASP VC 173 -116.74 -0.32 88.90
N ARG VC 174 -116.82 -0.63 90.17
CA ARG VC 174 -115.62 -0.56 90.96
C ARG VC 174 -115.02 -1.92 91.24
N SER VC 175 -115.61 -2.98 90.71
CA SER VC 175 -115.00 -4.29 90.81
C SER VC 175 -113.73 -4.34 89.96
N PRO VC 176 -112.73 -5.09 90.41
CA PRO VC 176 -111.64 -5.45 89.51
C PRO VC 176 -112.04 -6.40 88.40
N ASN VC 177 -113.21 -7.03 88.47
CA ASN VC 177 -113.65 -7.80 87.31
C ASN VC 177 -114.11 -6.89 86.18
N ALA VC 178 -114.36 -5.63 86.49
CA ALA VC 178 -114.34 -4.59 85.50
C ALA VC 178 -112.87 -4.21 85.29
N ARG VC 179 -112.38 -4.43 84.10
CA ARG VC 179 -110.96 -4.55 83.84
C ARG VC 179 -110.75 -4.65 82.35
N VAL VC 180 -109.51 -4.47 81.97
CA VAL VC 180 -109.10 -4.65 80.58
C VAL VC 180 -107.68 -5.15 80.62
N GLU VC 181 -107.38 -6.06 79.72
CA GLU VC 181 -106.18 -6.86 79.80
C GLU VC 181 -105.58 -7.00 78.41
N ILE VC 182 -104.26 -6.92 78.37
CA ILE VC 182 -103.51 -6.97 77.11
C ILE VC 182 -102.41 -7.98 77.26
N THR VC 183 -102.39 -8.94 76.37
CA THR VC 183 -101.31 -9.91 76.34
C THR VC 183 -100.52 -9.74 75.07
N PHE VC 184 -99.24 -10.03 75.17
CA PHE VC 184 -98.43 -10.32 74.01
C PHE VC 184 -97.32 -11.25 74.44
N ARG VC 185 -96.62 -11.79 73.47
CA ARG VC 185 -95.35 -12.44 73.67
C ARG VC 185 -94.28 -11.62 72.97
N ARG VC 186 -93.25 -11.22 73.72
CA ARG VC 186 -92.16 -10.45 73.12
C ARG VC 186 -91.48 -11.32 72.08
N ALA VC 187 -91.54 -10.88 70.84
CA ALA VC 187 -91.00 -11.66 69.76
C ALA VC 187 -89.50 -11.59 69.81
N VAL VC 188 -88.88 -12.76 69.99
CA VAL VC 188 -87.44 -13.04 70.00
C VAL VC 188 -86.56 -12.01 70.71
N UNK WC 1 -178.03 8.03 78.56
CA UNK WC 1 -176.71 8.46 79.02
C UNK WC 1 -175.62 8.06 78.04
N UNK WC 2 -175.30 6.76 77.99
CA UNK WC 2 -174.19 6.26 77.19
C UNK WC 2 -174.55 6.19 75.72
N UNK WC 3 -173.69 5.53 74.94
CA UNK WC 3 -173.93 5.41 73.50
C UNK WC 3 -174.19 3.93 73.23
N UNK WC 4 -175.47 3.60 73.01
CA UNK WC 4 -175.93 2.23 72.77
C UNK WC 4 -177.00 2.23 71.69
N UNK WC 5 -176.58 2.14 70.42
CA UNK WC 5 -177.48 1.93 69.31
C UNK WC 5 -176.68 1.28 68.19
N UNK WC 6 -177.36 0.51 67.35
CA UNK WC 6 -176.83 0.04 66.08
C UNK WC 6 -177.76 0.62 65.02
N UNK WC 7 -177.52 1.88 64.70
CA UNK WC 7 -178.50 2.74 64.06
C UNK WC 7 -177.75 3.81 63.28
N UNK WC 8 -178.43 4.91 63.02
CA UNK WC 8 -177.79 6.16 62.69
C UNK WC 8 -178.02 7.08 63.89
N UNK WC 9 -177.13 7.03 64.87
CA UNK WC 9 -177.18 8.01 65.95
C UNK WC 9 -176.90 9.40 65.41
N UNK WC 10 -175.92 9.51 64.51
CA UNK WC 10 -175.70 10.57 63.53
C UNK WC 10 -175.33 11.93 64.12
N UNK WC 11 -175.53 12.12 65.41
CA UNK WC 11 -175.38 13.42 66.03
C UNK WC 11 -175.15 13.14 67.51
N UNK WC 12 -173.88 13.16 67.89
CA UNK WC 12 -173.52 13.08 69.29
C UNK WC 12 -172.32 13.99 69.43
N UNK WC 13 -172.60 15.27 69.65
CA UNK WC 13 -171.62 16.21 70.20
C UNK WC 13 -171.87 16.30 71.70
N UNK WC 14 -171.79 15.13 72.34
CA UNK WC 14 -172.24 14.95 73.72
C UNK WC 14 -171.22 14.12 74.48
N UNK WC 15 -171.08 14.42 75.77
CA UNK WC 15 -170.19 13.68 76.68
C UNK WC 15 -171.04 12.73 77.54
N UNK WC 16 -170.60 11.48 77.62
CA UNK WC 16 -171.32 10.45 78.34
C UNK WC 16 -171.13 10.56 79.86
N UNK WC 17 -171.87 9.74 80.59
CA UNK WC 17 -172.14 9.90 82.01
C UNK WC 17 -171.23 9.05 82.90
N UNK WC 18 -171.52 9.08 84.20
CA UNK WC 18 -170.97 8.10 85.11
C UNK WC 18 -171.63 6.76 84.87
N UNK WC 19 -170.82 5.71 84.92
CA UNK WC 19 -171.20 4.35 84.57
C UNK WC 19 -171.83 4.29 83.18
N UNK WC 20 -171.24 5.02 82.23
CA UNK WC 20 -171.78 5.07 80.88
C UNK WC 20 -171.04 4.08 80.01
N UNK WC 21 -171.68 2.93 79.81
CA UNK WC 21 -171.15 1.89 78.94
C UNK WC 21 -171.49 2.24 77.49
N UNK WC 22 -170.73 3.17 76.93
CA UNK WC 22 -170.96 3.63 75.58
C UNK WC 22 -170.45 2.55 74.63
N UNK WC 23 -171.29 1.55 74.40
CA UNK WC 23 -170.99 0.42 73.52
C UNK WC 23 -171.69 0.56 72.18
N UNK WC 24 -171.41 1.65 71.46
CA UNK WC 24 -172.20 1.98 70.28
C UNK WC 24 -171.81 1.13 69.07
N UNK WC 25 -172.81 0.90 68.21
CA UNK WC 25 -172.62 0.40 66.86
C UNK WC 25 -173.40 1.25 65.86
N UNK WC 26 -173.78 2.46 66.26
CA UNK WC 26 -174.64 3.30 65.45
C UNK WC 26 -173.82 4.19 64.54
N UNK WC 27 -174.44 4.62 63.45
CA UNK WC 27 -173.81 5.58 62.56
C UNK WC 27 -173.88 6.94 63.24
N UNK WC 28 -172.72 7.44 63.67
CA UNK WC 28 -172.62 8.77 64.27
C UNK WC 28 -171.82 9.64 63.32
N UNK WC 29 -172.54 10.41 62.50
CA UNK WC 29 -171.89 11.29 61.52
C UNK WC 29 -171.19 12.44 62.21
N UNK WC 30 -171.92 13.20 63.01
CA UNK WC 30 -171.30 14.18 63.88
C UNK WC 30 -170.91 13.48 65.17
N UNK WC 31 -169.78 12.80 65.13
CA UNK WC 31 -169.30 12.00 66.25
C UNK WC 31 -168.23 12.76 67.01
N UNK WC 32 -168.51 13.03 68.28
CA UNK WC 32 -167.51 13.57 69.19
C UNK WC 32 -167.91 13.06 70.58
N UNK WC 33 -167.31 11.95 70.99
CA UNK WC 33 -167.72 11.24 72.20
C UNK WC 33 -166.63 11.34 73.26
N UNK WC 34 -166.83 12.24 74.22
CA UNK WC 34 -165.94 12.34 75.38
C UNK WC 34 -166.59 11.67 76.58
N UNK WC 35 -166.61 10.33 76.56
CA UNK WC 35 -167.25 9.54 77.61
C UNK WC 35 -166.49 9.66 78.92
N UNK WC 36 -167.21 9.50 80.04
CA UNK WC 36 -166.64 9.82 81.34
C UNK WC 36 -166.36 8.62 82.23
N UNK WC 37 -167.20 7.60 82.24
CA UNK WC 37 -166.96 6.49 83.14
C UNK WC 37 -167.56 5.24 82.53
N UNK WC 38 -166.87 4.12 82.77
CA UNK WC 38 -167.20 2.81 82.23
C UNK WC 38 -167.32 2.82 80.72
N UNK WC 39 -166.48 3.61 80.06
CA UNK WC 39 -166.56 3.77 78.62
C UNK WC 39 -166.23 2.45 77.93
N UNK WC 40 -167.13 1.98 77.09
CA UNK WC 40 -167.16 0.59 76.66
C UNK WC 40 -167.21 0.51 75.15
N UNK WC 41 -166.35 1.28 74.49
CA UNK WC 41 -166.37 1.43 73.04
C UNK WC 41 -166.02 0.15 72.32
N UNK WC 42 -166.88 -0.26 71.38
CA UNK WC 42 -166.63 -1.35 70.43
C UNK WC 42 -167.48 -1.09 69.19
N UNK WC 43 -166.89 -0.48 68.18
CA UNK WC 43 -167.66 -0.01 67.03
C UNK WC 43 -166.98 -0.33 65.71
N UNK WC 44 -167.79 -0.38 64.65
CA UNK WC 44 -167.32 -0.60 63.28
C UNK WC 44 -167.92 0.50 62.42
N UNK WC 45 -167.22 1.63 62.33
CA UNK WC 45 -167.75 2.81 61.66
C UNK WC 45 -166.62 3.65 61.08
N UNK WC 46 -166.93 4.90 60.76
CA UNK WC 46 -165.97 5.87 60.28
C UNK WC 46 -166.30 7.21 60.90
N UNK WC 47 -165.50 7.63 61.88
CA UNK WC 47 -165.73 8.86 62.62
C UNK WC 47 -165.16 10.07 61.90
N UNK WC 48 -164.06 9.87 61.19
CA UNK WC 48 -163.32 10.81 60.34
C UNK WC 48 -162.67 11.95 61.09
N UNK WC 49 -163.01 12.15 62.36
CA UNK WC 49 -162.39 13.22 63.13
C UNK WC 49 -162.32 12.89 64.61
N UNK WC 50 -162.10 11.63 64.98
CA UNK WC 50 -162.22 11.28 66.38
C UNK WC 50 -161.05 11.86 67.15
N UNK WC 51 -161.34 12.94 67.86
CA UNK WC 51 -160.44 13.50 68.84
C UNK WC 51 -160.99 13.04 70.17
N UNK WC 52 -160.64 11.81 70.53
CA UNK WC 52 -161.19 11.20 71.73
C UNK WC 52 -160.39 11.60 72.96
N UNK WC 53 -161.12 11.85 74.05
CA UNK WC 53 -160.55 11.98 75.38
C UNK WC 53 -161.05 10.81 76.22
N UNK WC 54 -160.20 10.28 77.08
CA UNK WC 54 -160.55 9.07 77.82
C UNK WC 54 -160.21 9.19 79.30
N UNK WC 55 -161.23 8.97 80.14
CA UNK WC 55 -161.08 8.81 81.58
C UNK WC 55 -161.00 7.32 81.92
N UNK WC 56 -161.12 6.98 83.21
CA UNK WC 56 -160.90 5.61 83.67
C UNK WC 56 -162.01 4.67 83.20
N UNK WC 57 -161.67 3.37 83.22
CA UNK WC 57 -162.53 2.28 82.75
C UNK WC 57 -162.95 2.49 81.31
N UNK WC 58 -162.03 2.98 80.50
CA UNK WC 58 -162.28 3.18 79.09
C UNK WC 58 -161.69 1.97 78.38
N UNK WC 59 -162.49 0.92 78.30
CA UNK WC 59 -162.24 -0.14 77.36
C UNK WC 59 -162.69 0.38 76.00
N UNK WC 60 -161.75 0.49 75.08
CA UNK WC 60 -162.05 1.06 73.78
C UNK WC 60 -161.60 0.09 72.70
N UNK WC 61 -162.41 0.00 71.64
CA UNK WC 61 -162.16 -0.94 70.54
C UNK WC 61 -162.88 -0.39 69.31
N UNK WC 62 -162.10 0.04 68.32
CA UNK WC 62 -162.69 0.79 67.22
C UNK WC 62 -162.03 0.50 65.88
N UNK WC 63 -162.83 0.69 64.81
CA UNK WC 63 -162.37 0.63 63.42
C UNK WC 63 -162.70 1.92 62.66
N UNK WC 64 -162.67 3.05 63.35
CA UNK WC 64 -163.03 4.34 62.78
C UNK WC 64 -161.86 5.31 62.90
N UNK WC 65 -161.87 6.34 62.07
CA UNK WC 65 -160.74 7.24 61.95
C UNK WC 65 -160.66 8.17 63.16
N UNK WC 66 -159.50 8.19 63.79
CA UNK WC 66 -159.25 9.10 64.89
C UNK WC 66 -158.29 10.19 64.47
N UNK WC 67 -158.39 11.29 65.15
CA UNK WC 67 -157.49 12.40 64.87
C UNK WC 67 -156.63 12.73 66.07
N UNK WC 68 -157.22 12.74 67.25
CA UNK WC 68 -156.46 13.05 68.44
C UNK WC 68 -156.86 12.06 69.51
N UNK WC 69 -155.93 11.79 70.42
CA UNK WC 69 -156.23 10.97 71.58
C UNK WC 69 -155.56 11.56 72.81
N UNK WC 70 -156.37 11.74 73.85
CA UNK WC 70 -155.90 12.33 75.10
C UNK WC 70 -156.33 11.44 76.25
N UNK WC 71 -155.43 11.27 77.22
CA UNK WC 71 -155.62 10.29 78.29
C UNK WC 71 -155.51 10.95 79.67
N UNK WC 72 -156.49 10.67 80.52
CA UNK WC 72 -156.53 11.28 81.85
C UNK WC 72 -155.99 10.38 82.95
N UNK WC 73 -156.60 9.21 83.22
CA UNK WC 73 -156.22 8.45 84.42
C UNK WC 73 -155.60 7.10 84.11
N UNK WC 74 -156.36 6.17 83.54
CA UNK WC 74 -155.91 4.80 83.25
C UNK WC 74 -156.95 4.11 82.39
N UNK WC 75 -156.55 3.60 81.25
CA UNK WC 75 -157.52 3.09 80.28
C UNK WC 75 -156.88 2.00 79.43
N UNK WC 76 -157.70 1.39 78.57
CA UNK WC 76 -157.29 0.25 77.76
C UNK WC 76 -157.87 0.44 76.37
N UNK WC 77 -157.01 0.79 75.42
CA UNK WC 77 -157.48 1.06 74.07
C UNK WC 77 -157.04 -0.03 73.10
N UNK WC 78 -157.88 -0.26 72.08
CA UNK WC 78 -157.64 -1.21 71.01
C UNK WC 78 -158.34 -0.64 69.78
N UNK WC 79 -157.59 0.09 68.96
CA UNK WC 79 -158.21 0.91 67.93
C UNK WC 79 -157.50 0.77 66.59
N UNK WC 80 -158.20 1.21 65.53
CA UNK WC 80 -157.71 1.23 64.15
C UNK WC 80 -158.05 2.57 63.47
N UNK WC 81 -157.13 3.54 63.54
CA UNK WC 81 -157.29 4.85 62.93
C UNK WC 81 -156.44 4.99 61.67
N UNK WC 82 -156.63 6.10 60.95
CA UNK WC 82 -155.96 6.18 59.66
C UNK WC 82 -155.21 7.48 59.39
N UNK WC 83 -155.74 8.63 59.79
CA UNK WC 83 -155.28 9.88 59.20
C UNK WC 83 -154.17 10.54 60.01
N UNK WC 84 -154.48 10.98 61.21
CA UNK WC 84 -153.50 11.74 61.98
C UNK WC 84 -153.73 11.43 63.44
N UNK WC 85 -152.73 11.74 64.24
CA UNK WC 85 -152.83 11.46 65.66
C UNK WC 85 -152.00 12.48 66.39
N UNK WC 86 -152.68 13.38 67.06
CA UNK WC 86 -152.06 14.19 68.09
C UNK WC 86 -152.24 13.39 69.36
N UNK WC 87 -151.13 12.99 69.97
CA UNK WC 87 -151.19 12.11 71.14
C UNK WC 87 -150.79 12.86 72.39
N UNK WC 88 -151.58 12.72 73.46
CA UNK WC 88 -151.25 13.31 74.74
C UNK WC 88 -151.78 12.43 75.86
N UNK WC 89 -150.91 12.05 76.80
CA UNK WC 89 -151.23 10.94 77.67
C UNK WC 89 -150.91 11.21 79.14
N UNK WC 90 -151.61 10.45 79.99
CA UNK WC 90 -151.22 10.28 81.40
C UNK WC 90 -151.62 8.89 81.90
N UNK WC 91 -150.63 8.03 82.12
CA UNK WC 91 -150.71 6.84 82.97
C UNK WC 91 -151.72 5.80 82.50
N UNK WC 92 -151.74 5.48 81.23
CA UNK WC 92 -152.71 4.52 80.75
C UNK WC 92 -152.04 3.48 79.87
N UNK WC 93 -152.87 2.73 79.14
CA UNK WC 93 -152.39 1.73 78.21
C UNK WC 93 -153.24 1.76 76.94
N UNK WC 94 -152.57 1.87 75.81
CA UNK WC 94 -153.33 1.95 74.59
C UNK WC 94 -152.65 1.05 73.57
N UNK WC 95 -153.48 0.48 72.71
CA UNK WC 95 -153.00 -0.29 71.59
C UNK WC 95 -153.70 0.21 70.34
N UNK WC 96 -152.93 0.38 69.28
CA UNK WC 96 -153.43 0.82 68.01
C UNK WC 96 -152.89 -0.10 66.93
N UNK WC 97 -153.60 -0.17 65.80
CA UNK WC 97 -153.28 -1.19 64.80
C UNK WC 97 -152.85 -0.64 63.45
N UNK WC 98 -153.73 0.10 62.76
CA UNK WC 98 -153.62 0.28 61.31
C UNK WC 98 -152.66 1.41 60.97
N UNK WC 99 -152.45 1.61 59.68
CA UNK WC 99 -151.52 2.62 59.20
C UNK WC 99 -152.11 3.99 59.45
N UNK WC 100 -151.53 4.71 60.40
CA UNK WC 100 -151.89 6.09 60.68
C UNK WC 100 -150.64 6.96 60.74
N UNK WC 101 -150.83 8.22 61.11
CA UNK WC 101 -149.74 9.17 61.18
C UNK WC 101 -149.79 9.88 62.53
N UNK WC 102 -149.10 9.34 63.51
CA UNK WC 102 -148.89 10.05 64.75
C UNK WC 102 -148.01 11.24 64.45
N UNK WC 103 -148.61 12.42 64.48
CA UNK WC 103 -147.82 13.62 64.29
C UNK WC 103 -146.83 13.78 65.43
N UNK WC 104 -147.30 13.69 66.66
CA UNK WC 104 -146.43 13.86 67.80
C UNK WC 104 -146.97 13.08 68.99
N UNK WC 105 -146.07 12.79 69.92
CA UNK WC 105 -146.43 12.24 71.21
C UNK WC 105 -145.70 12.99 72.31
N UNK WC 106 -146.45 13.43 73.30
CA UNK WC 106 -145.91 14.13 74.47
C UNK WC 106 -146.45 13.46 75.72
N UNK WC 107 -145.54 12.94 76.54
CA UNK WC 107 -145.95 12.16 77.70
C UNK WC 107 -145.29 12.74 78.94
N UNK WC 108 -146.11 13.11 79.92
CA UNK WC 108 -145.60 13.51 81.22
C UNK WC 108 -145.76 12.40 82.25
N UNK WC 109 -146.22 11.23 81.84
CA UNK WC 109 -146.61 10.19 82.80
C UNK WC 109 -146.38 8.82 82.18
N UNK WC 110 -147.07 7.81 82.73
CA UNK WC 110 -146.80 6.39 82.47
C UNK WC 110 -147.69 5.89 81.35
N UNK WC 111 -147.11 5.73 80.16
CA UNK WC 111 -147.89 5.35 78.99
C UNK WC 111 -147.42 4.00 78.50
N UNK WC 112 -148.36 3.08 78.35
CA UNK WC 112 -148.12 1.84 77.65
C UNK WC 112 -148.73 1.99 76.26
N UNK WC 113 -148.06 2.77 75.43
CA UNK WC 113 -148.59 3.07 74.11
C UNK WC 113 -148.01 2.11 73.09
N UNK WC 114 -148.89 1.51 72.31
CA UNK WC 114 -148.47 0.54 71.31
C UNK WC 114 -149.19 0.83 70.01
N UNK WC 115 -148.54 0.49 68.90
CA UNK WC 115 -149.15 0.54 67.60
C UNK WC 115 -148.49 -0.49 66.71
N UNK WC 116 -149.29 -1.38 66.16
CA UNK WC 116 -148.80 -2.42 65.27
C UNK WC 116 -148.33 -1.87 63.94
N UNK WC 117 -149.01 -0.88 63.39
CA UNK WC 117 -148.52 -0.22 62.18
C UNK WC 117 -148.62 1.27 62.41
N UNK WC 118 -147.67 2.00 61.86
CA UNK WC 118 -147.68 3.45 61.89
C UNK WC 118 -146.79 3.93 60.74
N UNK WC 119 -147.40 4.39 59.65
CA UNK WC 119 -146.65 4.91 58.52
C UNK WC 119 -146.72 6.43 58.58
N UNK WC 120 -146.01 7.01 59.54
CA UNK WC 120 -145.91 8.44 59.68
C UNK WC 120 -144.58 8.88 59.09
N UNK WC 121 -144.23 10.13 59.32
CA UNK WC 121 -142.95 10.63 58.85
C UNK WC 121 -142.07 11.19 59.96
N UNK WC 122 -142.54 12.21 60.66
CA UNK WC 122 -141.71 12.88 61.64
C UNK WC 122 -142.36 12.65 63.00
N UNK WC 123 -142.02 11.55 63.61
CA UNK WC 123 -142.53 11.24 64.93
C UNK WC 123 -141.67 12.01 65.91
N UNK WC 124 -142.22 13.08 66.45
CA UNK WC 124 -141.55 13.84 67.47
C UNK WC 124 -142.12 13.41 68.81
N UNK WC 125 -141.26 12.96 69.69
CA UNK WC 125 -141.66 12.46 70.99
C UNK WC 125 -140.92 13.22 72.07
N UNK WC 126 -141.66 13.83 72.97
CA UNK WC 126 -141.08 14.44 74.16
C UNK WC 126 -141.53 13.68 75.38
N UNK WC 127 -140.59 13.37 76.25
CA UNK WC 127 -140.83 12.47 77.36
C UNK WC 127 -140.48 13.13 78.69
N UNK WC 128 -141.32 12.87 79.69
CA UNK WC 128 -141.16 13.41 81.04
C UNK WC 128 -141.43 12.31 82.05
N UNK WC 129 -140.38 11.57 82.38
CA UNK WC 129 -140.10 10.77 83.58
C UNK WC 129 -140.78 9.40 83.69
N UNK WC 130 -141.75 9.02 82.87
CA UNK WC 130 -142.37 7.74 83.24
C UNK WC 130 -142.74 6.78 82.11
N UNK WC 131 -143.01 7.25 80.89
CA UNK WC 131 -143.69 6.41 79.92
C UNK WC 131 -142.79 5.30 79.39
N UNK WC 132 -143.43 4.32 78.77
CA UNK WC 132 -142.70 3.28 78.07
C UNK WC 132 -143.57 2.88 76.89
N UNK WC 133 -143.35 3.54 75.78
CA UNK WC 133 -144.15 3.29 74.59
C UNK WC 133 -143.34 2.43 73.65
N UNK WC 134 -144.03 1.58 72.92
CA UNK WC 134 -143.38 0.71 71.95
C UNK WC 134 -144.32 0.64 70.77
N UNK WC 135 -144.07 1.47 69.78
CA UNK WC 135 -144.83 1.44 68.54
C UNK WC 135 -143.84 1.28 67.40
N UNK WC 136 -144.19 0.45 66.41
CA UNK WC 136 -143.20 0.08 65.39
C UNK WC 136 -143.88 -0.40 64.10
N UNK WC 137 -143.91 0.48 63.08
CA UNK WC 137 -143.80 -0.08 61.72
C UNK WC 137 -142.73 0.55 60.83
N UNK WC 138 -142.94 1.83 60.44
CA UNK WC 138 -142.14 2.44 59.36
C UNK WC 138 -142.34 3.96 59.38
N UNK WC 139 -141.31 4.71 59.73
CA UNK WC 139 -141.35 6.16 59.79
C UNK WC 139 -140.29 6.77 58.89
N UNK WC 140 -140.13 8.08 58.98
CA UNK WC 140 -139.06 8.75 58.27
C UNK WC 140 -138.11 9.49 59.18
N UNK WC 141 -138.63 10.32 60.08
CA UNK WC 141 -137.77 11.15 60.90
C UNK WC 141 -138.24 10.95 62.33
N UNK WC 142 -137.52 10.14 63.07
CA UNK WC 142 -137.87 9.89 64.46
C UNK WC 142 -136.98 10.74 65.34
N UNK WC 143 -137.58 11.72 66.00
CA UNK WC 143 -136.85 12.58 66.90
C UNK WC 143 -137.45 12.47 68.28
N UNK WC 144 -136.60 12.34 69.29
CA UNK WC 144 -137.08 12.10 70.65
C UNK WC 144 -136.27 12.91 71.64
N UNK WC 145 -136.93 13.83 72.30
CA UNK WC 145 -136.39 14.52 73.45
C UNK WC 145 -136.85 13.78 74.68
N UNK WC 146 -136.00 12.90 75.19
CA UNK WC 146 -136.30 12.22 76.44
C UNK WC 146 -135.66 13.05 77.53
N UNK WC 147 -136.35 14.12 77.93
CA UNK WC 147 -135.94 14.90 79.09
C UNK WC 147 -136.55 14.31 80.34
N UNK WC 148 -136.14 13.09 80.66
CA UNK WC 148 -137.01 12.14 81.33
C UNK WC 148 -136.23 11.26 82.27
N UNK WC 149 -136.88 10.22 82.77
CA UNK WC 149 -136.26 9.08 83.44
C UNK WC 149 -136.94 7.79 83.02
N UNK WC 150 -137.27 7.66 81.75
CA UNK WC 150 -138.26 6.68 81.32
C UNK WC 150 -137.67 5.74 80.29
N UNK WC 151 -138.54 4.93 79.71
CA UNK WC 151 -138.13 3.91 78.76
C UNK WC 151 -138.77 4.20 77.42
N UNK WC 152 -138.09 3.79 76.36
CA UNK WC 152 -138.50 4.11 75.01
C UNK WC 152 -138.14 2.91 74.15
N UNK WC 153 -139.09 2.01 73.99
CA UNK WC 153 -138.83 0.80 73.24
C UNK WC 153 -139.20 1.02 71.78
N UNK WC 154 -138.39 0.45 70.90
CA UNK WC 154 -138.67 0.53 69.48
C UNK WC 154 -137.97 -0.61 68.77
N UNK WC 155 -138.77 -1.42 68.09
CA UNK WC 155 -138.31 -2.28 67.01
C UNK WC 155 -138.76 -1.70 65.68
N UNK WC 156 -138.64 -0.37 65.54
CA UNK WC 156 -139.20 0.40 64.43
C UNK WC 156 -138.13 0.76 63.41
N UNK WC 157 -138.50 0.80 62.12
CA UNK WC 157 -137.58 1.08 61.02
C UNK WC 157 -137.87 2.43 60.38
N UNK WC 158 -137.15 3.47 60.81
CA UNK WC 158 -137.20 4.78 60.17
C UNK WC 158 -135.89 5.07 59.43
N UNK WC 159 -135.94 6.01 58.50
CA UNK WC 159 -134.73 6.34 57.78
C UNK WC 159 -133.80 7.20 58.61
N UNK WC 160 -134.32 8.26 59.22
CA UNK WC 160 -133.50 9.23 59.91
C UNK WC 160 -133.94 9.34 61.35
N UNK WC 161 -132.97 9.50 62.23
CA UNK WC 161 -133.27 9.57 63.64
C UNK WC 161 -132.43 10.65 64.29
N UNK WC 162 -133.04 11.32 65.25
CA UNK WC 162 -132.35 12.24 66.13
C UNK WC 162 -132.95 12.01 67.51
N UNK WC 163 -132.23 11.26 68.34
CA UNK WC 163 -132.70 10.90 69.66
C UNK WC 163 -131.72 11.43 70.69
N UNK WC 164 -132.22 12.22 71.63
CA UNK WC 164 -131.39 12.79 72.68
C UNK WC 164 -132.05 12.51 74.03
N UNK WC 165 -131.26 11.97 74.97
CA UNK WC 165 -131.73 11.62 76.30
C UNK WC 165 -130.94 12.34 77.38
N UNK WC 166 -131.66 12.92 78.33
CA UNK WC 166 -131.10 13.89 79.26
C UNK WC 166 -130.42 13.29 80.48
N UNK WC 167 -131.09 12.38 81.20
CA UNK WC 167 -130.53 11.82 82.43
C UNK WC 167 -131.23 10.49 82.72
N UNK WC 168 -130.50 9.39 82.51
CA UNK WC 168 -130.87 8.05 82.96
C UNK WC 168 -132.18 7.55 82.37
N UNK WC 169 -132.34 7.72 81.07
CA UNK WC 169 -133.43 7.05 80.39
C UNK WC 169 -132.88 5.87 79.61
N UNK WC 170 -133.80 5.04 79.12
CA UNK WC 170 -133.42 3.84 78.42
C UNK WC 170 -134.12 3.85 77.08
N UNK WC 171 -133.34 3.82 76.01
CA UNK WC 171 -133.90 3.91 74.68
C UNK WC 171 -133.39 2.78 73.82
N UNK WC 172 -134.31 2.10 73.18
CA UNK WC 172 -134.02 1.07 72.21
C UNK WC 172 -134.59 1.53 70.88
N UNK WC 173 -133.71 1.80 69.93
CA UNK WC 173 -134.11 2.36 68.64
C UNK WC 173 -133.49 1.58 67.49
N UNK WC 174 -133.87 1.98 66.27
CA UNK WC 174 -133.33 1.41 65.04
C UNK WC 174 -133.57 2.39 63.88
N UNK WC 175 -132.55 2.64 63.06
CA UNK WC 175 -132.61 3.58 61.95
C UNK WC 175 -132.09 2.97 60.64
N UNK WC 176 -132.57 3.46 59.50
CA UNK WC 176 -132.12 2.93 58.22
C UNK WC 176 -130.96 3.74 57.67
N UNK WC 177 -131.19 5.01 57.37
CA UNK WC 177 -130.15 5.82 56.76
C UNK WC 177 -129.30 6.54 57.77
N UNK WC 178 -129.90 7.25 58.71
CA UNK WC 178 -129.12 8.10 59.61
C UNK WC 178 -129.53 7.82 61.04
N UNK WC 179 -128.54 7.58 61.88
CA UNK WC 179 -128.73 7.57 63.32
C UNK WC 179 -128.07 8.79 63.90
N UNK WC 180 -128.83 9.55 64.66
CA UNK WC 180 -128.31 10.72 65.33
C UNK WC 180 -128.62 10.50 66.80
N UNK WC 181 -127.58 10.43 67.62
CA UNK WC 181 -127.76 9.95 68.97
C UNK WC 181 -126.95 10.76 69.95
N UNK WC 182 -127.62 11.25 70.98
CA UNK WC 182 -126.97 11.99 72.05
C UNK WC 182 -127.44 11.47 73.40
N UNK WC 183 -126.48 11.14 74.27
CA UNK WC 183 -126.81 10.59 75.58
C UNK WC 183 -126.14 11.39 76.68
N UNK WC 184 -126.84 11.56 77.80
CA UNK WC 184 -126.22 12.13 78.99
C UNK WC 184 -126.71 11.33 80.18
N UNK WC 185 -125.76 10.68 80.87
CA UNK WC 185 -126.01 9.86 82.06
C UNK WC 185 -127.04 8.76 81.83
N UNK WC 186 -127.20 8.29 80.59
CA UNK WC 186 -128.34 7.46 80.23
C UNK WC 186 -127.84 6.30 79.39
N UNK WC 187 -128.77 5.47 78.92
CA UNK WC 187 -128.42 4.32 78.13
C UNK WC 187 -129.16 4.37 76.81
N UNK WC 188 -128.40 4.36 75.74
CA UNK WC 188 -128.97 4.24 74.41
C UNK WC 188 -128.68 2.84 73.97
N UNK WC 189 -129.60 1.94 74.23
CA UNK WC 189 -129.47 0.58 73.75
C UNK WC 189 -129.77 0.63 72.27
N UNK WC 190 -128.82 1.12 71.50
CA UNK WC 190 -129.06 1.39 70.09
C UNK WC 190 -129.06 0.07 69.38
N UNK WC 191 -130.24 -0.53 69.32
CA UNK WC 191 -130.40 -1.96 69.13
C UNK WC 191 -130.01 -2.45 67.75
N UNK WC 192 -129.76 -1.54 66.82
CA UNK WC 192 -129.37 -1.99 65.50
C UNK WC 192 -128.32 -1.04 64.97
N UNK WC 193 -128.00 -1.17 63.69
CA UNK WC 193 -126.99 -0.36 63.02
C UNK WC 193 -127.58 0.40 61.84
N UNK WC 194 -127.27 1.69 61.74
CA UNK WC 194 -127.74 2.57 60.67
C UNK WC 194 -126.80 2.52 59.47
N UNK WC 195 -127.25 3.11 58.35
CA UNK WC 195 -126.33 3.32 57.24
C UNK WC 195 -125.23 4.28 57.64
N UNK WC 196 -125.57 5.31 58.39
CA UNK WC 196 -124.57 6.20 58.94
C UNK WC 196 -125.00 6.51 60.34
N UNK WC 197 -124.21 6.08 61.29
CA UNK WC 197 -124.55 6.21 62.69
C UNK WC 197 -123.69 7.31 63.28
N UNK WC 198 -124.26 8.04 64.23
CA UNK WC 198 -123.51 9.08 64.90
C UNK WC 198 -124.03 9.21 66.31
N UNK WC 199 -123.14 9.38 67.25
CA UNK WC 199 -123.51 9.47 68.65
C UNK WC 199 -122.47 10.27 69.40
N UNK WC 200 -122.89 10.86 70.51
CA UNK WC 200 -121.96 11.39 71.50
C UNK WC 200 -122.53 11.16 72.89
N UNK WC 201 -121.65 10.79 73.82
CA UNK WC 201 -122.05 10.49 75.19
C UNK WC 201 -121.44 11.49 76.15
N UNK WC 202 -122.27 12.03 77.03
CA UNK WC 202 -121.91 13.03 78.01
C UNK WC 202 -121.56 12.36 79.33
N UNK WC 203 -121.56 13.15 80.41
CA UNK WC 203 -121.18 12.71 81.76
C UNK WC 203 -121.97 11.47 82.17
N UNK WC 204 -121.22 10.36 82.29
CA UNK WC 204 -121.70 9.05 82.71
C UNK WC 204 -122.71 8.44 81.73
N UNK WC 205 -122.56 8.72 80.45
CA UNK WC 205 -123.52 8.25 79.46
C UNK WC 205 -122.97 7.06 78.69
N UNK WC 206 -123.89 6.22 78.17
CA UNK WC 206 -123.52 5.00 77.48
C UNK WC 206 -124.47 4.71 76.34
N UNK WC 207 -123.99 4.84 75.11
CA UNK WC 207 -124.78 4.49 73.94
C UNK WC 207 -124.42 3.09 73.48
N UNK WC 208 -124.98 2.12 74.17
CA UNK WC 208 -124.71 0.74 73.87
C UNK WC 208 -125.39 0.38 72.56
N UNK WC 209 -124.63 0.43 71.48
CA UNK WC 209 -125.18 0.13 70.17
C UNK WC 209 -125.41 -1.37 70.09
N UNK WC 210 -126.53 -1.79 70.64
CA UNK WC 210 -126.74 -3.19 70.96
C UNK WC 210 -127.25 -3.96 69.76
N UNK WC 211 -126.40 -4.07 68.74
CA UNK WC 211 -126.77 -4.90 67.62
C UNK WC 211 -126.74 -6.37 68.03
N UNK WC 212 -127.46 -7.18 67.28
CA UNK WC 212 -127.58 -8.60 67.62
C UNK WC 212 -126.33 -9.33 67.16
N UNK WC 213 -125.41 -9.56 68.10
CA UNK WC 213 -124.25 -10.39 67.82
C UNK WC 213 -124.69 -11.82 67.52
N UNK WC 214 -123.84 -12.52 66.78
CA UNK WC 214 -124.14 -13.82 66.19
C UNK WC 214 -125.41 -13.76 65.35
N UNK WC 215 -125.31 -13.03 64.26
CA UNK WC 215 -126.34 -13.13 63.25
C UNK WC 215 -126.01 -14.28 62.31
N UNK WC 216 -126.80 -14.41 61.24
CA UNK WC 216 -126.43 -15.36 60.20
C UNK WC 216 -125.75 -14.65 59.04
N UNK WC 217 -126.15 -13.41 58.75
CA UNK WC 217 -125.34 -12.50 57.93
C UNK WC 217 -125.61 -11.05 58.32
N UNK WC 218 -124.90 -10.55 59.32
CA UNK WC 218 -124.93 -9.13 59.57
C UNK WC 218 -123.70 -8.51 58.93
N UNK WC 219 -123.90 -7.56 58.04
CA UNK WC 219 -122.79 -6.83 57.48
C UNK WC 219 -122.14 -5.98 58.56
N UNK WC 220 -120.82 -5.86 58.51
CA UNK WC 220 -120.11 -5.19 59.58
C UNK WC 220 -120.05 -3.69 59.34
N UNK WC 221 -119.50 -2.98 60.33
CA UNK WC 221 -119.42 -1.52 60.31
C UNK WC 221 -118.38 -1.10 59.28
N UNK WC 222 -118.79 -0.28 58.32
CA UNK WC 222 -117.90 0.09 57.22
C UNK WC 222 -116.99 1.23 57.63
N UNK WC 223 -116.10 1.63 56.73
CA UNK WC 223 -115.20 2.74 56.97
C UNK WC 223 -115.95 4.05 57.09
N UNK WC 224 -117.04 4.17 56.37
CA UNK WC 224 -117.94 5.28 56.61
C UNK WC 224 -118.72 5.11 57.90
N UNK WC 225 -118.92 3.89 58.38
CA UNK WC 225 -119.63 3.69 59.63
C UNK WC 225 -118.68 3.45 60.78
N UNK WC 226 -117.38 3.60 60.55
CA UNK WC 226 -116.37 3.30 61.56
C UNK WC 226 -116.38 4.40 62.59
N UNK WC 227 -116.98 4.11 63.73
CA UNK WC 227 -116.99 5.02 64.85
C UNK WC 227 -116.14 4.46 65.97
N UNK WC 228 -115.98 5.25 67.02
CA UNK WC 228 -115.43 4.72 68.25
C UNK WC 228 -116.55 4.24 69.12
N UNK XC 1 -152.38 -11.10 59.99
CA UNK XC 1 -151.04 -11.50 60.38
C UNK XC 1 -150.06 -10.40 60.04
N UNK XC 2 -150.47 -9.55 59.11
CA UNK XC 2 -149.67 -8.41 58.73
C UNK XC 2 -150.58 -7.22 58.50
N UNK XC 3 -150.11 -6.05 58.89
CA UNK XC 3 -150.75 -4.81 58.46
C UNK XC 3 -150.12 -4.51 57.11
N UNK XC 4 -150.59 -5.22 56.10
CA UNK XC 4 -149.92 -5.36 54.83
C UNK XC 4 -150.53 -4.41 53.81
N UNK XC 5 -149.81 -4.23 52.71
CA UNK XC 5 -150.32 -3.46 51.60
C UNK XC 5 -150.52 -4.36 50.40
N UNK XC 6 -151.54 -4.03 49.61
CA UNK XC 6 -151.81 -4.70 48.34
C UNK XC 6 -150.93 -4.17 47.22
N UNK XC 7 -149.99 -3.30 47.53
CA UNK XC 7 -149.03 -2.75 46.58
C UNK XC 7 -147.93 -3.79 46.34
N UNK XC 8 -146.82 -3.36 45.74
CA UNK XC 8 -145.76 -4.30 45.39
C UNK XC 8 -145.00 -4.74 46.64
N UNK XC 9 -145.67 -5.53 47.48
CA UNK XC 9 -145.07 -6.38 48.52
C UNK XC 9 -144.37 -5.59 49.63
N UNK XC 10 -145.12 -4.71 50.31
CA UNK XC 10 -144.66 -4.05 51.53
C UNK XC 10 -145.69 -4.26 52.64
N UNK XC 11 -145.22 -4.38 53.88
CA UNK XC 11 -146.11 -4.72 54.98
C UNK XC 11 -145.51 -4.32 56.31
N UNK XC 12 -146.29 -3.60 57.10
CA UNK XC 12 -146.15 -3.84 58.52
C UNK XC 12 -146.65 -5.24 58.81
N UNK XC 13 -146.10 -5.87 59.82
CA UNK XC 13 -146.40 -7.29 59.99
C UNK XC 13 -146.32 -7.66 61.46
N UNK XC 14 -147.27 -8.48 61.87
CA UNK XC 14 -147.54 -8.64 63.30
C UNK XC 14 -147.16 -10.04 63.76
N UNK XC 15 -145.97 -10.50 63.39
CA UNK XC 15 -145.48 -11.75 63.95
C UNK XC 15 -145.03 -11.57 65.40
N UNK XC 16 -143.88 -10.94 65.61
CA UNK XC 16 -143.51 -10.38 66.90
C UNK XC 16 -143.25 -8.89 66.78
N UNK XC 17 -142.36 -8.52 65.87
CA UNK XC 17 -142.23 -7.17 65.36
C UNK XC 17 -141.64 -7.32 63.97
N UNK XC 18 -142.49 -7.23 62.94
CA UNK XC 18 -142.03 -7.65 61.64
C UNK XC 18 -142.42 -6.63 60.57
N UNK XC 19 -141.62 -6.57 59.51
CA UNK XC 19 -141.91 -5.73 58.36
C UNK XC 19 -141.85 -6.65 57.15
N UNK XC 20 -143.00 -7.24 56.80
CA UNK XC 20 -143.04 -8.23 55.74
C UNK XC 20 -143.03 -7.53 54.40
N UNK XC 21 -141.88 -7.55 53.74
CA UNK XC 21 -141.74 -6.95 52.42
C UNK XC 21 -141.02 -7.92 51.50
N UNK XC 22 -141.63 -8.18 50.34
CA UNK XC 22 -141.00 -8.98 49.31
C UNK XC 22 -140.58 -8.07 48.14
N UNK XC 23 -140.11 -8.65 47.04
CA UNK XC 23 -139.36 -7.92 46.02
C UNK XC 23 -140.16 -7.54 44.78
N UNK XC 24 -141.22 -8.29 44.45
CA UNK XC 24 -142.15 -8.03 43.34
C UNK XC 24 -141.46 -8.02 41.97
N UNK XC 25 -140.38 -8.80 41.84
CA UNK XC 25 -139.74 -9.05 40.55
C UNK XC 25 -139.74 -10.53 40.20
N UNK XC 26 -139.51 -11.40 41.19
CA UNK XC 26 -139.82 -12.81 41.04
C UNK XC 26 -141.22 -13.16 41.55
N UNK XC 27 -141.88 -12.21 42.24
CA UNK XC 27 -143.29 -12.26 42.65
C UNK XC 27 -143.59 -13.45 43.57
N UNK XC 28 -142.96 -13.44 44.74
CA UNK XC 28 -143.25 -14.44 45.77
C UNK XC 28 -144.16 -13.85 46.86
N UNK XC 29 -145.29 -13.31 46.43
CA UNK XC 29 -146.23 -12.65 47.34
C UNK XC 29 -147.35 -13.59 47.76
N UNK XC 30 -146.98 -14.71 48.39
CA UNK XC 30 -147.96 -15.66 48.88
C UNK XC 30 -148.39 -15.38 50.32
N UNK XC 31 -147.73 -14.42 50.98
CA UNK XC 31 -148.03 -14.00 52.37
C UNK XC 31 -147.95 -15.17 53.36
N UNK XC 32 -146.91 -15.99 53.23
CA UNK XC 32 -146.60 -17.00 54.25
C UNK XC 32 -145.08 -17.11 54.33
N UNK XC 33 -144.47 -16.26 55.13
CA UNK XC 33 -143.02 -16.18 55.24
C UNK XC 33 -142.66 -15.78 56.66
N UNK XC 34 -141.45 -16.15 57.07
CA UNK XC 34 -141.01 -16.06 58.46
C UNK XC 34 -139.76 -15.20 58.54
N UNK XC 35 -139.90 -13.98 59.03
CA UNK XC 35 -138.77 -13.07 59.16
C UNK XC 35 -138.33 -12.97 60.63
N UNK XC 36 -137.03 -13.14 60.88
CA UNK XC 36 -136.48 -13.04 62.23
C UNK XC 36 -135.18 -12.24 62.23
N UNK XC 37 -134.79 -11.76 63.41
CA UNK XC 37 -133.74 -10.75 63.56
C UNK XC 37 -132.36 -11.35 63.88
N UNK XC 38 -131.90 -12.32 63.09
CA UNK XC 38 -130.49 -12.68 63.04
C UNK XC 38 -130.10 -12.93 61.60
N UNK XC 39 -130.70 -12.16 60.69
CA UNK XC 39 -130.61 -12.29 59.23
C UNK XC 39 -131.02 -13.69 58.77
N UNK XC 40 -132.28 -14.02 59.07
CA UNK XC 40 -132.90 -15.26 58.60
C UNK XC 40 -134.36 -14.98 58.27
N UNK XC 41 -134.70 -15.09 56.97
CA UNK XC 41 -136.07 -14.95 56.50
C UNK XC 41 -136.41 -16.18 55.66
N UNK XC 42 -137.11 -17.13 56.29
CA UNK XC 42 -137.53 -18.35 55.61
C UNK XC 42 -138.84 -18.08 54.89
N UNK XC 43 -138.75 -17.90 53.57
CA UNK XC 43 -139.92 -17.80 52.71
C UNK XC 43 -140.18 -19.16 52.06
N UNK XC 44 -141.06 -19.20 51.06
CA UNK XC 44 -141.50 -20.48 50.51
C UNK XC 44 -140.81 -20.86 49.22
N UNK XC 45 -141.04 -20.13 48.13
CA UNK XC 45 -140.52 -20.51 46.82
C UNK XC 45 -139.02 -20.26 46.71
N UNK XC 46 -138.59 -19.08 47.14
CA UNK XC 46 -137.18 -18.68 47.15
C UNK XC 46 -136.95 -17.81 48.37
N UNK XC 47 -135.87 -17.03 48.37
CA UNK XC 47 -135.63 -16.03 49.40
C UNK XC 47 -136.07 -14.67 48.90
N UNK XC 48 -136.87 -13.97 49.70
CA UNK XC 48 -137.44 -12.68 49.33
C UNK XC 48 -137.18 -11.64 50.41
N UNK XC 49 -137.01 -10.39 49.99
CA UNK XC 49 -136.67 -9.30 50.89
C UNK XC 49 -137.14 -7.97 50.29
N UNK XC 50 -136.90 -6.89 51.03
CA UNK XC 50 -137.28 -5.55 50.59
C UNK XC 50 -136.27 -5.02 49.56
N UNK XC 51 -136.64 -3.93 48.90
CA UNK XC 51 -135.87 -3.38 47.79
C UNK XC 51 -134.63 -2.67 48.31
N UNK XC 52 -133.45 -3.20 47.99
CA UNK XC 52 -132.18 -2.59 48.37
C UNK XC 52 -131.13 -2.79 47.29
N UNK YC 1 -79.34 -1.93 76.88
CA UNK YC 1 -78.59 -3.00 76.26
C UNK YC 1 -78.92 -4.32 76.92
N UNK YC 2 -78.15 -4.63 77.96
CA UNK YC 2 -78.52 -5.59 78.99
C UNK YC 2 -78.26 -4.92 80.33
N UNK YC 3 -77.95 -3.64 80.26
CA UNK YC 3 -77.35 -2.91 81.35
C UNK YC 3 -78.43 -2.52 82.34
N UNK YC 4 -78.10 -2.68 83.62
CA UNK YC 4 -78.92 -2.39 84.79
C UNK YC 4 -80.15 -3.27 84.91
N UNK YC 5 -80.41 -4.16 83.95
CA UNK YC 5 -81.46 -5.16 84.15
C UNK YC 5 -80.96 -6.17 85.15
N UNK YC 6 -79.89 -6.86 84.78
CA UNK YC 6 -78.89 -7.36 85.69
C UNK YC 6 -77.63 -7.44 84.84
N UNK YC 7 -76.70 -8.29 85.24
CA UNK YC 7 -75.52 -8.47 84.42
C UNK YC 7 -75.91 -9.15 83.11
N UNK YC 8 -75.21 -8.79 82.04
CA UNK YC 8 -75.42 -9.46 80.76
C UNK YC 8 -74.93 -10.88 80.91
N UNK YC 9 -75.84 -11.78 81.24
CA UNK YC 9 -75.45 -13.11 81.73
C UNK YC 9 -74.84 -13.92 80.61
N UNK YC 10 -75.63 -14.30 79.64
CA UNK YC 10 -75.05 -14.79 78.42
C UNK YC 10 -75.24 -13.72 77.37
N UNK YC 11 -74.86 -14.03 76.16
CA UNK YC 11 -75.26 -13.23 75.00
C UNK YC 11 -75.84 -14.25 74.06
N UNK YC 12 -77.15 -14.45 74.14
CA UNK YC 12 -77.77 -15.67 73.66
C UNK YC 12 -77.64 -15.76 72.16
N UNK YC 13 -77.03 -16.83 71.70
CA UNK YC 13 -76.96 -17.08 70.29
C UNK YC 13 -78.35 -17.37 69.75
N UNK YC 14 -78.52 -17.07 68.47
CA UNK YC 14 -79.81 -16.98 67.80
C UNK YC 14 -80.73 -16.04 68.54
N UNK YC 15 -80.17 -14.95 69.07
CA UNK YC 15 -80.92 -14.00 69.87
C UNK YC 15 -80.11 -12.73 70.04
N UNK YC 16 -80.59 -11.88 70.93
CA UNK YC 16 -79.89 -10.71 71.41
C UNK YC 16 -78.94 -11.14 72.52
N UNK YC 17 -78.45 -10.18 73.29
CA UNK YC 17 -77.77 -10.53 74.52
C UNK YC 17 -78.77 -11.03 75.55
N UNK YC 18 -78.25 -11.57 76.64
CA UNK YC 18 -79.06 -12.05 77.75
C UNK YC 18 -78.61 -11.39 79.04
N UNK YC 19 -79.39 -10.43 79.52
CA UNK YC 19 -79.15 -9.93 80.85
C UNK YC 19 -79.50 -11.00 81.87
N UNK YC 20 -78.99 -10.85 83.09
CA UNK YC 20 -79.33 -11.82 84.13
C UNK YC 20 -80.66 -11.52 84.79
N UNK YC 21 -81.38 -10.52 84.30
CA UNK YC 21 -82.77 -10.35 84.64
C UNK YC 21 -83.66 -11.07 83.64
N UNK YC 22 -83.49 -10.78 82.35
CA UNK YC 22 -84.31 -11.40 81.31
C UNK YC 22 -83.52 -11.43 80.00
N UNK YC 23 -84.17 -11.90 78.94
CA UNK YC 23 -83.56 -11.88 77.62
C UNK YC 23 -83.45 -10.43 77.18
N UNK YC 24 -82.23 -10.00 76.90
CA UNK YC 24 -81.99 -8.58 76.78
C UNK YC 24 -82.32 -8.07 75.39
N UNK YC 25 -82.16 -6.77 75.20
CA UNK YC 25 -82.47 -6.13 73.94
C UNK YC 25 -81.24 -5.85 73.10
N UNK YC 26 -80.04 -5.92 73.69
CA UNK YC 26 -78.81 -5.70 72.96
C UNK YC 26 -78.61 -6.83 71.97
N UNK YC 27 -78.85 -6.54 70.70
CA UNK YC 27 -78.82 -7.56 69.66
C UNK YC 27 -77.42 -8.13 69.53
N UNK YC 28 -77.31 -9.46 69.53
CA UNK YC 28 -76.01 -10.09 69.71
C UNK YC 28 -75.23 -10.19 68.39
N UNK YC 29 -75.74 -10.94 67.44
CA UNK YC 29 -74.91 -11.43 66.34
C UNK YC 29 -75.01 -10.54 65.12
N UNK YC 30 -74.04 -10.69 64.22
CA UNK YC 30 -74.20 -10.15 62.88
C UNK YC 30 -75.22 -10.96 62.11
N UNK YC 31 -75.37 -12.23 62.43
CA UNK YC 31 -76.42 -13.05 61.87
C UNK YC 31 -77.71 -12.88 62.64
N UNK YC 32 -77.71 -12.05 63.68
CA UNK YC 32 -78.93 -11.81 64.41
C UNK YC 32 -79.83 -10.89 63.60
N UNK YC 33 -81.11 -10.89 63.94
CA UNK YC 33 -82.11 -10.11 63.21
C UNK YC 33 -82.21 -8.70 63.78
N UNK YC 34 -81.08 -8.00 63.69
CA UNK YC 34 -81.11 -6.56 63.75
C UNK YC 34 -81.93 -6.09 62.56
N UNK YC 35 -82.79 -5.09 62.79
CA UNK YC 35 -83.77 -4.69 61.78
C UNK YC 35 -83.08 -3.92 60.66
N UNK YC 36 -83.02 -4.54 59.49
CA UNK YC 36 -82.48 -3.91 58.30
C UNK YC 36 -83.60 -3.44 57.40
N UNK YC 37 -83.61 -2.14 57.13
CA UNK YC 37 -84.55 -1.57 56.19
C UNK YC 37 -83.93 -0.54 55.27
N UNK YC 38 -82.63 -0.26 55.39
CA UNK YC 38 -82.00 0.79 54.59
C UNK YC 38 -80.65 0.32 54.10
N UNK YC 39 -80.63 -0.31 52.94
CA UNK YC 39 -79.36 -0.60 52.29
C UNK YC 39 -78.72 0.69 51.81
N UNK YC 40 -77.41 0.66 51.60
CA UNK YC 40 -76.69 1.83 51.12
C UNK YC 40 -75.55 1.38 50.22
N UNK YC 41 -75.80 1.31 48.92
CA UNK YC 41 -74.80 0.82 47.99
C UNK YC 41 -75.12 1.31 46.59
N UNK YC 42 -74.17 1.06 45.69
CA UNK YC 42 -74.38 1.34 44.29
C UNK YC 42 -74.97 0.12 43.62
N UNK YC 43 -76.01 0.36 42.82
CA UNK YC 43 -76.79 -0.67 42.13
C UNK YC 43 -77.38 -1.68 43.12
N UNK YC 44 -77.58 -1.24 44.36
CA UNK YC 44 -78.27 -2.01 45.37
C UNK YC 44 -79.73 -2.03 45.02
N UNK YC 45 -80.36 -3.17 45.29
CA UNK YC 45 -81.74 -3.53 44.94
C UNK YC 45 -81.95 -3.64 43.43
N UNK YC 46 -81.01 -3.20 42.63
CA UNK YC 46 -80.75 -3.79 41.34
C UNK YC 46 -79.76 -4.89 41.61
N UNK YC 47 -79.37 -5.59 40.57
CA UNK YC 47 -78.12 -6.30 40.71
C UNK YC 47 -77.02 -5.28 40.86
N UNK YC 48 -76.01 -5.62 41.64
CA UNK YC 48 -74.92 -4.69 41.94
C UNK YC 48 -74.04 -4.50 40.72
N UNK YC 49 -72.88 -3.89 40.92
CA UNK YC 49 -72.04 -3.47 39.81
C UNK YC 49 -71.38 -4.68 39.16
N UNK YC 50 -71.67 -4.91 37.88
CA UNK YC 50 -70.78 -5.73 37.07
C UNK YC 50 -69.49 -4.95 36.94
N UNK YC 51 -68.49 -5.31 37.73
CA UNK YC 51 -67.33 -4.45 37.89
C UNK YC 51 -66.33 -4.53 36.75
N UNK YC 52 -66.74 -4.93 35.56
CA UNK YC 52 -65.85 -5.16 34.44
C UNK YC 52 -65.26 -3.89 33.83
N UNK YC 53 -65.87 -2.72 34.02
CA UNK YC 53 -65.45 -1.52 33.31
C UNK YC 53 -64.82 -0.50 34.26
N UNK YC 54 -64.65 0.74 33.75
CA UNK YC 54 -64.15 1.89 34.53
C UNK YC 54 -64.71 3.19 33.95
N UNK YC 55 -65.68 3.78 34.64
CA UNK YC 55 -66.26 5.06 34.22
C UNK YC 55 -66.75 5.82 35.44
N UNK YC 56 -67.16 7.08 35.25
CA UNK YC 56 -67.82 7.80 36.33
C UNK YC 56 -69.14 7.14 36.65
N UNK YC 57 -69.95 6.91 35.65
CA UNK YC 57 -71.11 6.05 35.83
C UNK YC 57 -70.66 4.60 35.94
N UNK YC 58 -71.48 3.80 36.58
CA UNK YC 58 -71.18 2.39 36.78
C UNK YC 58 -72.30 1.57 36.18
N UNK YC 59 -71.94 0.44 35.59
CA UNK YC 59 -72.94 -0.48 35.06
C UNK YC 59 -73.26 -1.53 36.09
N UNK YC 60 -74.54 -1.85 36.22
CA UNK YC 60 -74.93 -2.90 37.14
C UNK YC 60 -74.58 -4.26 36.56
N UNK YC 61 -74.69 -5.29 37.39
CA UNK YC 61 -74.74 -6.63 36.85
C UNK YC 61 -76.02 -6.88 36.10
N UNK YC 62 -77.05 -6.11 36.41
CA UNK YC 62 -78.23 -6.02 35.58
C UNK YC 62 -78.08 -4.99 34.49
N UNK YC 63 -76.86 -4.47 34.30
CA UNK YC 63 -76.49 -3.52 33.24
C UNK YC 63 -77.32 -2.24 33.31
N UNK YC 64 -77.70 -1.84 34.51
CA UNK YC 64 -78.33 -0.54 34.71
C UNK YC 64 -77.22 0.44 35.01
N UNK YC 65 -77.37 1.65 34.51
CA UNK YC 65 -76.36 2.67 34.71
C UNK YC 65 -76.53 3.27 36.09
N UNK YC 66 -75.49 3.18 36.91
CA UNK YC 66 -75.52 3.82 38.23
C UNK YC 66 -75.33 5.30 38.03
N UNK YC 67 -76.39 5.96 37.61
CA UNK YC 67 -76.35 7.40 37.48
C UNK YC 67 -76.29 8.07 38.84
N UNK YC 68 -76.85 7.43 39.85
CA UNK YC 68 -76.66 7.88 41.22
C UNK YC 68 -75.23 7.72 41.68
N UNK YC 69 -74.47 6.86 41.03
CA UNK YC 69 -73.06 6.73 41.33
C UNK YC 69 -72.23 7.23 40.17
N UNK YC 70 -72.74 8.17 39.40
CA UNK YC 70 -72.01 8.68 38.26
C UNK YC 70 -71.17 9.90 38.61
N LYS ZC 24 -104.09 41.18 58.82
CA LYS ZC 24 -103.76 39.79 59.06
C LYS ZC 24 -104.70 38.90 58.27
N PHE ZC 25 -104.15 37.84 57.65
CA PHE ZC 25 -104.92 37.10 56.67
C PHE ZC 25 -104.35 35.70 56.52
N LYS ZC 26 -105.21 34.72 56.24
CA LYS ZC 26 -104.78 33.34 56.14
C LYS ZC 26 -105.77 32.48 55.36
N LYS ZC 27 -105.26 31.72 54.40
CA LYS ZC 27 -106.03 30.61 53.87
C LYS ZC 27 -106.04 29.48 54.90
N PRO ZC 28 -107.11 28.70 54.95
CA PRO ZC 28 -107.32 27.78 56.07
C PRO ZC 28 -106.30 26.65 56.14
N PRO ZC 29 -106.16 25.74 55.12
CA PRO ZC 29 -105.43 24.51 55.41
C PRO ZC 29 -103.95 24.74 55.38
N ILE ZC 30 -103.37 24.80 56.57
CA ILE ZC 30 -101.94 25.05 56.73
C ILE ZC 30 -101.33 23.74 57.20
N ASN ZC 31 -100.69 23.04 56.26
CA ASN ZC 31 -100.30 21.66 56.43
C ASN ZC 31 -98.81 21.58 56.75
N ASN ZC 32 -98.32 20.37 56.94
CA ASN ZC 32 -96.91 20.11 56.91
C ASN ZC 32 -96.39 20.27 55.50
N PRO ZC 33 -95.13 20.68 55.35
CA PRO ZC 33 -94.55 20.77 54.01
C PRO ZC 33 -94.28 19.38 53.45
N SER ZC 34 -94.71 19.16 52.22
CA SER ZC 34 -94.45 17.92 51.52
C SER ZC 34 -93.18 18.04 50.67
N ASP ZC 35 -92.97 17.06 49.80
CA ASP ZC 35 -91.89 17.20 48.83
C ASP ZC 35 -92.30 16.65 47.48
N ASP ZC 36 -91.44 16.93 46.51
CA ASP ZC 36 -91.68 16.62 45.11
C ASP ZC 36 -91.89 15.15 44.87
N ALA ZC 37 -91.17 14.33 45.64
CA ALA ZC 37 -91.23 12.90 45.44
C ALA ZC 37 -92.61 12.41 45.75
N THR ZC 38 -93.09 12.73 46.93
CA THR ZC 38 -94.40 12.27 47.33
C THR ZC 38 -95.46 12.91 46.49
N ILE ZC 39 -95.15 14.07 45.94
CA ILE ZC 39 -96.03 14.69 44.98
C ILE ZC 39 -96.17 13.80 43.76
N LYS ZC 40 -95.07 13.57 43.06
CA LYS ZC 40 -95.14 12.92 41.78
C LYS ZC 40 -95.56 11.49 41.90
N LEU ZC 41 -95.31 10.90 43.06
CA LEU ZC 41 -95.96 9.67 43.43
C LEU ZC 41 -97.45 9.83 43.52
N ALA ZC 42 -97.94 10.95 44.03
CA ALA ZC 42 -99.39 11.03 44.16
C ALA ZC 42 -100.06 11.14 42.82
N GLU ZC 43 -99.46 11.87 41.90
CA GLU ZC 43 -100.12 11.88 40.60
C GLU ZC 43 -99.94 10.59 39.86
N ALA ZC 44 -98.80 9.93 40.08
CA ALA ZC 44 -98.63 8.56 39.65
C ALA ZC 44 -99.77 7.71 40.13
N ALA ZC 45 -100.02 7.80 41.42
CA ALA ZC 45 -101.00 7.00 42.11
C ALA ZC 45 -102.38 7.27 41.58
N VAL ZC 46 -102.67 8.52 41.32
CA VAL ZC 46 -104.05 8.80 41.03
C VAL ZC 46 -104.34 8.41 39.60
N SER ZC 47 -103.35 8.56 38.74
CA SER ZC 47 -103.47 8.17 37.36
C SER ZC 47 -103.64 6.68 37.24
N VAL ZC 48 -102.85 5.95 37.99
CA VAL ZC 48 -103.01 4.52 37.91
C VAL ZC 48 -104.28 4.11 38.61
N SER ZC 49 -104.69 4.88 39.61
CA SER ZC 49 -105.80 4.54 40.45
C SER ZC 49 -107.08 4.58 39.67
N ASP ZC 50 -107.31 5.68 39.01
CA ASP ZC 50 -108.55 5.75 38.27
C ASP ZC 50 -108.50 4.95 36.98
N SER ZC 51 -107.29 4.77 36.42
CA SER ZC 51 -107.14 3.84 35.34
C SER ZC 51 -107.66 2.48 35.73
N MET ZC 52 -107.23 2.00 36.89
CA MET ZC 52 -107.68 0.68 37.26
C MET ZC 52 -109.10 0.73 37.78
N LEU ZC 53 -109.55 1.91 38.17
CA LEU ZC 53 -110.93 2.04 38.59
C LEU ZC 53 -111.85 1.75 37.43
N GLU ZC 54 -111.62 2.42 36.33
CA GLU ZC 54 -112.45 2.14 35.18
C GLU ZC 54 -112.22 0.74 34.64
N MET ZC 55 -111.01 0.24 34.78
CA MET ZC 55 -110.75 -1.18 34.57
C MET ZC 55 -111.73 -2.02 35.36
N ALA ZC 56 -111.90 -1.70 36.64
CA ALA ZC 56 -112.83 -2.46 37.46
C ALA ZC 56 -114.25 -2.31 36.98
N LYS ZC 57 -114.61 -1.10 36.55
CA LYS ZC 57 -115.93 -0.87 35.98
C LYS ZC 57 -116.16 -1.75 34.78
N VAL ZC 58 -115.21 -1.73 33.88
CA VAL ZC 58 -115.43 -2.36 32.60
C VAL ZC 58 -115.45 -3.86 32.74
N GLU ZC 59 -114.73 -4.41 33.70
CA GLU ZC 59 -114.83 -5.85 33.83
C GLU ZC 59 -116.11 -6.21 34.55
N LYS ZC 60 -116.56 -5.38 35.47
CA LYS ZC 60 -117.70 -5.83 36.23
C LYS ZC 60 -118.97 -5.63 35.47
N VAL ZC 61 -118.89 -4.91 34.37
CA VAL ZC 61 -119.99 -4.88 33.46
C VAL ZC 61 -119.83 -5.86 32.32
N ILE ZC 62 -118.61 -6.29 31.99
CA ILE ZC 62 -118.58 -7.32 30.97
C ILE ZC 62 -118.93 -8.64 31.60
N THR ZC 63 -118.70 -8.78 32.88
CA THR ZC 63 -118.95 -10.02 33.55
C THR ZC 63 -119.81 -9.75 34.75
N PRO ZC 64 -120.94 -10.41 34.85
CA PRO ZC 64 -121.76 -10.30 36.02
C PRO ZC 64 -121.24 -11.21 37.11
N PRO ZC 65 -121.17 -10.72 38.35
CA PRO ZC 65 -120.83 -11.60 39.48
C PRO ZC 65 -122.05 -12.41 39.90
N SER ZC 66 -121.90 -13.72 39.98
CA SER ZC 66 -123.05 -14.58 40.25
C SER ZC 66 -123.38 -14.62 41.73
N LYS ZC 67 -122.38 -14.80 42.59
CA LYS ZC 67 -122.65 -14.94 44.01
C LYS ZC 67 -121.42 -14.59 44.82
N ASP ZC 68 -121.63 -14.55 46.13
CA ASP ZC 68 -120.64 -14.11 47.10
C ASP ZC 68 -119.82 -15.29 47.60
N ASN ZC 69 -119.19 -15.09 48.74
CA ASN ZC 69 -118.66 -16.19 49.52
C ASN ZC 69 -119.16 -16.20 50.95
N THR ZC 70 -120.18 -15.43 51.26
CA THR ZC 70 -120.74 -15.57 52.58
C THR ZC 70 -121.50 -16.88 52.72
N LEU ZC 71 -121.96 -17.45 51.62
CA LEU ZC 71 -122.60 -18.76 51.68
C LEU ZC 71 -121.61 -19.83 52.07
N THR ZC 72 -120.36 -19.67 51.72
CA THR ZC 72 -119.38 -20.63 52.12
C THR ZC 72 -118.60 -20.15 53.32
N ILE ZC 73 -118.71 -18.87 53.66
CA ILE ZC 73 -118.18 -18.34 54.90
C ILE ZC 73 -119.28 -17.58 55.60
N PRO ZC 74 -120.12 -18.23 56.38
CA PRO ZC 74 -121.05 -17.49 57.23
C PRO ZC 74 -120.42 -17.18 58.57
N ASN ZC 75 -121.05 -16.26 59.28
CA ASN ZC 75 -120.49 -15.81 60.53
C ASN ZC 75 -120.87 -16.75 61.66
N ALA ZC 76 -120.22 -16.57 62.81
CA ALA ZC 76 -120.59 -17.33 63.98
C ALA ZC 76 -120.17 -16.55 65.21
N TYR ZC 77 -120.79 -16.87 66.33
CA TYR ZC 77 -120.31 -16.29 67.57
C TYR ZC 77 -118.95 -16.88 67.83
N ASN ZC 78 -118.06 -16.02 68.35
CA ASN ZC 78 -116.59 -16.03 68.44
C ASN ZC 78 -115.94 -15.87 67.08
N LEU ZC 79 -116.71 -15.90 65.99
CA LEU ZC 79 -116.20 -15.36 64.75
C LEU ZC 79 -116.51 -13.89 64.62
N GLN ZC 80 -117.46 -13.41 65.38
CA GLN ZC 80 -117.67 -11.98 65.39
C GLN ZC 80 -116.71 -11.24 66.30
N ALA ZC 81 -115.75 -11.92 66.91
CA ALA ZC 81 -114.62 -11.16 67.41
C ALA ZC 81 -113.86 -10.59 66.23
N ARG ZC 82 -113.09 -9.56 66.51
CA ARG ZC 82 -112.54 -8.80 65.40
C ARG ZC 82 -111.07 -8.62 65.59
N ALA ZC 83 -110.45 -8.05 64.55
CA ALA ZC 83 -109.02 -7.85 64.55
C ALA ZC 83 -108.66 -6.73 63.59
N SER ZC 84 -107.42 -6.23 63.77
CA SER ZC 84 -106.79 -5.18 62.95
C SER ZC 84 -105.39 -5.64 62.53
N VAL ZC 85 -105.09 -5.61 61.23
CA VAL ZC 85 -103.91 -6.29 60.73
C VAL ZC 85 -103.13 -5.45 59.74
N ASP ZC 86 -101.83 -5.70 59.72
CA ASP ZC 86 -101.04 -5.55 58.50
C ASP ZC 86 -100.26 -6.84 58.25
N TRP ZC 87 -100.10 -7.15 56.98
CA TRP ZC 87 -99.54 -8.45 56.66
C TRP ZC 87 -98.97 -8.37 55.27
N SER ZC 88 -97.96 -9.18 55.04
CA SER ZC 88 -97.49 -9.37 53.68
C SER ZC 88 -97.04 -10.79 53.43
N GLY ZC 89 -97.09 -11.63 54.43
CA GLY ZC 89 -96.47 -12.90 54.31
C GLY ZC 89 -97.34 -13.87 53.55
N PRO ZC 90 -97.01 -15.13 53.67
CA PRO ZC 90 -97.82 -16.17 53.09
C PRO ZC 90 -99.03 -16.41 53.96
N ILE ZC 91 -99.88 -17.28 53.46
CA ILE ZC 91 -101.23 -17.21 53.94
C ILE ZC 91 -101.43 -18.13 55.12
N GLU ZC 92 -100.60 -19.17 55.24
CA GLU ZC 92 -100.94 -20.23 56.18
C GLU ZC 92 -100.60 -19.84 57.59
N GLU ZC 93 -99.46 -19.18 57.76
CA GLU ZC 93 -99.09 -18.62 59.04
C GLU ZC 93 -100.15 -17.67 59.54
N LEU ZC 94 -100.65 -16.87 58.63
CA LEU ZC 94 -101.69 -15.93 58.95
C LEU ZC 94 -102.99 -16.65 59.34
N THR ZC 95 -103.40 -17.64 58.55
CA THR ZC 95 -104.68 -18.28 58.83
C THR ZC 95 -104.63 -19.21 60.01
N ALA ZC 96 -103.46 -19.74 60.35
CA ALA ZC 96 -103.34 -20.42 61.61
C ALA ZC 96 -103.49 -19.44 62.76
N ARG ZC 97 -102.92 -18.25 62.62
CA ARG ZC 97 -103.03 -17.27 63.69
C ARG ZC 97 -104.45 -16.86 63.92
N ILE ZC 98 -105.24 -16.78 62.85
CA ILE ZC 98 -106.61 -16.38 63.10
C ILE ZC 98 -107.40 -17.55 63.67
N ALA ZC 99 -107.10 -18.78 63.23
CA ALA ZC 99 -107.89 -19.90 63.74
C ALA ZC 99 -107.59 -20.16 65.20
N LYS ZC 100 -106.35 -19.92 65.58
CA LYS ZC 100 -106.00 -20.06 66.98
C LYS ZC 100 -106.59 -18.95 67.81
N ALA ZC 101 -106.74 -17.74 67.25
CA ALA ZC 101 -107.44 -16.79 68.10
C ALA ZC 101 -108.94 -16.98 68.05
N ALA ZC 102 -109.42 -17.69 67.05
CA ALA ZC 102 -110.84 -17.94 66.88
C ALA ZC 102 -111.26 -19.24 67.52
N HIS ZC 103 -110.30 -19.96 68.08
CA HIS ZC 103 -110.51 -21.27 68.67
C HIS ZC 103 -111.13 -22.20 67.66
N PHE ZC 104 -110.65 -22.12 66.44
CA PHE ZC 104 -111.05 -23.05 65.42
C PHE ZC 104 -109.88 -23.94 65.11
N ARG ZC 105 -110.16 -25.22 64.97
CA ARG ZC 105 -109.22 -26.12 64.37
C ARG ZC 105 -109.02 -25.73 62.92
N PHE ZC 106 -107.76 -25.54 62.56
CA PHE ZC 106 -107.39 -25.20 61.19
C PHE ZC 106 -106.88 -26.44 60.49
N ARG ZC 107 -107.34 -26.66 59.27
CA ARG ZC 107 -106.86 -27.79 58.51
C ARG ZC 107 -106.64 -27.36 57.08
N VAL ZC 108 -105.89 -28.18 56.37
CA VAL ZC 108 -105.40 -27.88 55.04
C VAL ZC 108 -105.85 -28.99 54.12
N LEU ZC 109 -106.41 -28.61 52.98
CA LEU ZC 109 -106.84 -29.56 51.97
C LEU ZC 109 -106.02 -29.36 50.72
N GLY ZC 110 -105.49 -30.46 50.18
CA GLY ZC 110 -104.66 -30.34 49.00
C GLY ZC 110 -103.24 -29.95 49.35
N LYS ZC 111 -102.28 -30.23 48.46
CA LYS ZC 111 -100.89 -29.92 48.75
C LYS ZC 111 -100.51 -28.54 48.27
N SER ZC 112 -99.47 -27.99 48.89
CA SER ZC 112 -99.09 -26.62 48.62
C SER ZC 112 -98.39 -26.50 47.27
N PRO ZC 113 -98.58 -25.39 46.57
CA PRO ZC 113 -97.74 -25.11 45.41
C PRO ZC 113 -96.35 -24.81 45.86
N SER ZC 114 -95.42 -25.03 44.95
CA SER ZC 114 -94.03 -24.77 45.26
C SER ZC 114 -93.79 -23.28 45.44
N VAL ZC 115 -94.39 -22.46 44.60
CA VAL ZC 115 -94.33 -21.03 44.89
C VAL ZC 115 -95.29 -20.71 46.02
N PRO ZC 116 -94.96 -19.77 46.88
CA PRO ZC 116 -95.91 -19.39 47.92
C PRO ZC 116 -96.94 -18.45 47.34
N VAL ZC 117 -98.20 -18.77 47.58
CA VAL ZC 117 -99.21 -17.75 47.38
C VAL ZC 117 -99.12 -16.81 48.58
N LEU ZC 118 -98.95 -15.54 48.29
CA LEU ZC 118 -98.71 -14.55 49.32
C LEU ZC 118 -99.81 -13.54 49.26
N ILE ZC 119 -100.28 -13.11 50.40
CA ILE ZC 119 -101.25 -12.05 50.42
C ILE ZC 119 -100.71 -10.94 51.26
N SER ZC 120 -101.37 -9.81 51.15
CA SER ZC 120 -101.03 -8.70 51.99
C SER ZC 120 -102.35 -8.05 52.39
N ILE ZC 121 -102.91 -8.53 53.47
CA ILE ZC 121 -104.07 -7.91 54.06
C ILE ZC 121 -103.59 -6.78 54.94
N SER ZC 122 -104.18 -5.62 54.76
CA SER ZC 122 -103.86 -4.49 55.62
C SER ZC 122 -105.16 -3.74 55.85
N THR ZC 123 -105.69 -3.85 57.06
CA THR ZC 123 -106.97 -3.26 57.39
C THR ZC 123 -107.10 -3.03 58.88
N LYS ZC 124 -108.14 -2.32 59.26
CA LYS ZC 124 -108.31 -1.89 60.63
C LYS ZC 124 -109.72 -2.21 61.14
N ASP ZC 125 -109.79 -3.04 62.19
CA ASP ZC 125 -110.97 -3.24 63.02
C ASP ZC 125 -112.17 -3.79 62.25
N GLU ZC 126 -112.01 -4.97 61.70
CA GLU ZC 126 -113.15 -5.65 61.14
C GLU ZC 126 -113.04 -7.13 61.43
N SER ZC 127 -114.17 -7.79 61.36
CA SER ZC 127 -114.18 -9.07 62.00
C SER ZC 127 -113.57 -10.12 61.16
N LEU ZC 128 -113.49 -11.25 61.81
CA LEU ZC 128 -112.69 -12.30 61.30
C LEU ZC 128 -113.30 -12.91 60.09
N ALA ZC 129 -114.63 -13.00 60.06
CA ALA ZC 129 -115.30 -13.63 58.93
C ALA ZC 129 -115.03 -12.90 57.64
N GLU ZC 130 -114.96 -11.59 57.71
CA GLU ZC 130 -114.82 -10.90 56.46
C GLU ZC 130 -113.38 -10.60 56.16
N ILE ZC 131 -112.51 -10.53 57.16
CA ILE ZC 131 -111.11 -10.54 56.79
C ILE ZC 131 -110.79 -11.87 56.20
N LEU ZC 132 -111.44 -12.92 56.64
CA LEU ZC 132 -111.29 -14.20 56.02
C LEU ZC 132 -111.85 -14.18 54.62
N ARG ZC 133 -112.95 -13.46 54.45
CA ARG ZC 133 -113.52 -13.33 53.13
C ARG ZC 133 -112.55 -12.68 52.17
N ASP ZC 134 -111.99 -11.55 52.54
CA ASP ZC 134 -111.10 -10.89 51.61
C ASP ZC 134 -109.77 -11.58 51.51
N ILE ZC 135 -109.42 -12.37 52.51
CA ILE ZC 135 -108.31 -13.27 52.36
C ILE ZC 135 -108.59 -14.24 51.24
N ASP ZC 136 -109.77 -14.83 51.26
CA ASP ZC 136 -110.16 -15.77 50.24
C ASP ZC 136 -110.23 -15.12 48.89
N TYR ZC 137 -110.60 -13.87 48.89
CA TYR ZC 137 -110.64 -13.15 47.64
C TYR ZC 137 -109.23 -12.85 47.16
N GLN ZC 138 -108.34 -12.41 48.05
CA GLN ZC 138 -107.00 -12.08 47.63
C GLN ZC 138 -106.25 -13.34 47.21
N ALA ZC 139 -106.61 -14.48 47.76
CA ALA ZC 139 -106.19 -15.75 47.21
C ALA ZC 139 -107.06 -16.00 45.99
N GLY ZC 140 -106.68 -15.36 44.90
CA GLY ZC 140 -107.53 -15.45 43.75
C GLY ZC 140 -107.23 -16.72 43.01
N LYS ZC 141 -108.06 -17.74 43.23
CA LYS ZC 141 -108.05 -18.99 42.48
C LYS ZC 141 -106.74 -19.74 42.62
N LYS ZC 142 -106.02 -19.45 43.66
CA LYS ZC 142 -104.90 -20.26 44.04
C LYS ZC 142 -105.12 -20.88 45.40
N ALA ZC 143 -105.85 -20.20 46.26
CA ALA ZC 143 -106.25 -20.80 47.52
C ALA ZC 143 -107.70 -20.44 47.80
N SER ZC 144 -108.32 -21.23 48.67
CA SER ZC 144 -109.71 -21.01 49.05
C SER ZC 144 -109.90 -21.36 50.51
N ILE ZC 145 -110.88 -20.72 51.12
CA ILE ZC 145 -111.23 -20.96 52.51
C ILE ZC 145 -112.63 -21.54 52.53
N HIS ZC 146 -112.79 -22.65 53.21
CA HIS ZC 146 -114.11 -23.01 53.65
C HIS ZC 146 -114.07 -23.06 55.16
N VAL ZC 147 -115.20 -22.83 55.78
CA VAL ZC 147 -115.30 -22.89 57.23
C VAL ZC 147 -116.50 -23.75 57.57
N TYR ZC 148 -116.30 -24.73 58.44
CA TYR ZC 148 -117.45 -25.41 58.99
C TYR ZC 148 -117.47 -25.11 60.48
N PRO ZC 149 -118.31 -24.18 60.91
CA PRO ZC 149 -118.44 -23.84 62.33
C PRO ZC 149 -119.57 -24.56 63.03
N ASN ZC 150 -120.30 -25.44 62.36
CA ASN ZC 150 -121.00 -26.47 63.08
C ASN ZC 150 -120.03 -27.42 63.74
N SER ZC 151 -118.92 -27.66 63.09
CA SER ZC 151 -117.70 -28.16 63.69
C SER ZC 151 -116.92 -26.96 64.21
N GLN ZC 152 -115.64 -27.08 64.40
CA GLN ZC 152 -114.84 -25.88 64.53
C GLN ZC 152 -113.71 -26.05 63.58
N VAL ZC 153 -113.94 -25.85 62.30
CA VAL ZC 153 -112.82 -25.93 61.39
C VAL ZC 153 -112.82 -24.75 60.47
N VAL ZC 154 -111.62 -24.29 60.22
CA VAL ZC 154 -111.27 -23.49 59.08
C VAL ZC 154 -110.41 -24.35 58.19
N GLU ZC 155 -110.91 -24.72 57.03
CA GLU ZC 155 -110.13 -25.51 56.10
C GLU ZC 155 -109.66 -24.62 54.95
N LEU ZC 156 -108.44 -24.86 54.52
CA LEU ZC 156 -107.80 -24.07 53.49
C LEU ZC 156 -107.47 -25.01 52.34
N ARG ZC 157 -108.15 -24.85 51.23
CA ARG ZC 157 -108.00 -25.72 50.09
C ARG ZC 157 -107.03 -25.08 49.11
N TYR ZC 158 -105.98 -25.78 48.74
CA TYR ZC 158 -105.14 -25.27 47.68
C TYR ZC 158 -105.75 -25.56 46.32
N ALA ZC 159 -105.25 -24.83 45.33
CA ALA ZC 159 -105.54 -25.16 43.96
C ALA ZC 159 -104.76 -26.40 43.56
N LYS ZC 160 -105.14 -26.97 42.44
CA LYS ZC 160 -104.65 -28.29 42.10
C LYS ZC 160 -103.93 -28.26 40.77
N ILE ZC 161 -103.05 -27.28 40.61
CA ILE ZC 161 -102.17 -27.29 39.48
C ILE ZC 161 -100.75 -27.08 39.95
N ARG AD 99 -106.85 88.23 29.37
CA ARG AD 99 -106.40 87.18 30.27
C ARG AD 99 -107.23 85.89 30.12
N ASP AD 100 -108.45 86.01 29.62
CA ASP AD 100 -109.30 84.88 29.25
C ASP AD 100 -110.09 85.21 28.00
N SER AD 101 -109.58 86.13 27.19
CA SER AD 101 -110.32 86.64 26.07
C SER AD 101 -110.21 85.69 24.88
N LYS AD 102 -110.64 86.17 23.72
CA LYS AD 102 -110.55 85.39 22.49
C LYS AD 102 -109.13 85.00 22.16
N ARG AD 103 -108.20 85.95 22.26
CA ARG AD 103 -106.81 85.63 21.96
C ARG AD 103 -106.26 84.66 23.00
N LYS AD 104 -106.72 84.77 24.23
CA LYS AD 104 -106.23 83.88 25.25
C LYS AD 104 -106.70 82.47 25.00
N ILE AD 105 -107.97 82.33 24.68
CA ILE AD 105 -108.51 81.00 24.54
C ILE AD 105 -108.04 80.37 23.25
N ILE AD 106 -107.71 81.15 22.23
CA ILE AD 106 -107.06 80.50 21.11
C ILE AD 106 -105.59 80.22 21.40
N ARG AD 107 -104.94 81.00 22.27
CA ARG AD 107 -103.56 80.71 22.63
C ARG AD 107 -103.43 79.38 23.34
N ASP AD 108 -104.20 79.20 24.39
CA ASP AD 108 -104.10 77.91 25.03
C ASP AD 108 -104.90 76.83 24.30
N LEU AD 109 -105.74 77.21 23.34
CA LEU AD 109 -106.23 76.24 22.39
C LEU AD 109 -105.12 75.60 21.61
N GLN AD 110 -104.22 76.40 21.05
CA GLN AD 110 -103.14 75.77 20.31
C GLN AD 110 -102.10 75.21 21.25
N LYS AD 111 -102.11 75.62 22.52
CA LYS AD 111 -101.40 74.82 23.51
C LYS AD 111 -102.00 73.44 23.61
N GLN AD 112 -103.30 73.35 23.51
CA GLN AD 112 -103.97 72.08 23.36
C GLN AD 112 -104.16 71.71 21.90
N ASP AD 113 -103.38 72.35 21.03
CA ASP AD 113 -103.17 72.10 19.59
C ASP AD 113 -104.39 71.60 18.85
N ILE AD 114 -105.48 72.31 18.93
CA ILE AD 114 -106.60 72.01 18.08
C ILE AD 114 -106.61 73.08 17.04
N GLN AD 115 -106.43 72.71 15.79
CA GLN AD 115 -105.93 73.69 14.84
C GLN AD 115 -106.99 74.69 14.48
N TYR AD 116 -106.72 75.94 14.86
CA TYR AD 116 -107.72 76.98 14.80
C TYR AD 116 -107.44 77.82 13.59
N VAL AD 117 -108.49 78.06 12.82
CA VAL AD 117 -108.42 78.90 11.65
C VAL AD 117 -109.31 80.09 11.93
N GLU AD 118 -108.72 81.28 12.02
CA GLU AD 118 -109.49 82.48 11.77
C GLU AD 118 -109.07 83.05 10.44
N TYR AD 119 -110.07 83.28 9.61
CA TYR AD 119 -109.94 83.65 8.21
C TYR AD 119 -111.33 84.10 7.84
N GLY AD 120 -111.43 85.27 7.20
CA GLY AD 120 -112.67 85.73 6.63
C GLY AD 120 -113.70 85.89 7.72
N ASP AD 121 -114.86 85.29 7.51
CA ASP AD 121 -115.65 84.93 8.67
C ASP AD 121 -115.53 83.45 8.97
N THR AD 122 -115.25 82.63 7.97
CA THR AD 122 -115.37 81.20 8.15
C THR AD 122 -114.20 80.69 8.97
N ARG AD 123 -114.46 80.49 10.23
CA ARG AD 123 -113.46 79.96 11.13
C ARG AD 123 -113.61 78.46 11.12
N THR AD 124 -112.47 77.79 11.18
CA THR AD 124 -112.44 76.36 10.93
C THR AD 124 -111.60 75.69 11.99
N LEU AD 125 -112.12 74.64 12.55
CA LEU AD 125 -111.35 73.89 13.51
C LEU AD 125 -111.01 72.52 12.99
N ILE AD 126 -109.76 72.15 13.18
CA ILE AD 126 -109.24 70.90 12.70
C ILE AD 126 -108.87 70.07 13.88
N ILE AD 127 -109.34 68.84 13.86
CA ILE AD 127 -109.34 68.02 15.05
C ILE AD 127 -108.59 66.74 14.78
N PRO AD 128 -107.53 66.49 15.52
CA PRO AD 128 -106.92 65.17 15.56
C PRO AD 128 -107.91 64.20 16.19
N THR AD 129 -108.59 63.48 15.30
CA THR AD 129 -109.56 62.46 15.68
C THR AD 129 -109.02 61.47 16.66
N ASP AD 130 -107.78 61.07 16.44
CA ASP AD 130 -107.14 60.02 17.20
C ASP AD 130 -107.12 60.33 18.69
N LYS AD 131 -106.48 61.42 19.08
CA LYS AD 131 -106.41 61.66 20.49
C LYS AD 131 -107.61 62.42 20.98
N TYR AD 132 -108.52 62.76 20.09
CA TYR AD 132 -109.86 63.13 20.54
C TYR AD 132 -110.85 62.02 20.29
N PHE AD 133 -110.39 60.80 20.38
CA PHE AD 133 -111.27 59.67 20.39
C PHE AD 133 -110.64 58.56 21.18
N MET AD 134 -111.43 57.57 21.53
CA MET AD 134 -110.83 56.27 21.58
C MET AD 134 -110.73 55.69 20.18
N PHE AD 135 -109.69 54.89 19.98
CA PHE AD 135 -109.28 54.39 18.68
C PHE AD 135 -110.38 53.61 17.99
N SER AD 136 -110.55 53.90 16.70
CA SER AD 136 -111.40 53.14 15.77
C SER AD 136 -112.83 53.09 16.25
N SER AD 137 -113.21 54.10 17.00
CA SER AD 137 -114.41 54.03 17.79
C SER AD 137 -115.14 55.32 17.57
N PRO AD 138 -116.46 55.31 17.69
CA PRO AD 138 -117.16 56.56 17.89
C PRO AD 138 -116.98 57.15 19.28
N ARG AD 139 -116.27 56.52 20.19
CA ARG AD 139 -116.30 57.01 21.54
C ARG AD 139 -115.23 58.07 21.78
N LEU AD 140 -115.71 59.24 22.13
CA LEU AD 140 -114.90 60.42 22.36
C LEU AD 140 -113.90 60.19 23.46
N ASN AD 141 -112.69 60.63 23.20
CA ASN AD 141 -111.69 60.61 24.23
C ASN AD 141 -112.05 61.64 25.27
N GLU AD 142 -112.83 61.21 26.24
CA GLU AD 142 -113.31 62.14 27.24
C GLU AD 142 -112.25 62.63 28.21
N ILE AD 143 -111.04 62.06 28.17
CA ILE AD 143 -109.97 62.64 28.98
C ILE AD 143 -109.59 64.02 28.45
N CYS AD 144 -109.86 64.29 27.19
CA CYS AD 144 -109.43 65.55 26.60
C CYS AD 144 -110.47 66.64 26.76
N TYR AD 145 -111.07 66.67 27.95
CA TYR AD 145 -112.15 67.61 28.21
C TYR AD 145 -111.79 69.10 28.13
N PRO AD 146 -110.68 69.62 28.71
CA PRO AD 146 -110.61 71.08 28.93
C PRO AD 146 -110.50 71.87 27.65
N GLY AD 147 -109.83 71.28 26.66
CA GLY AD 147 -109.86 71.83 25.33
C GLY AD 147 -111.25 71.91 24.78
N LEU AD 148 -112.06 70.87 24.98
CA LEU AD 148 -113.40 70.85 24.42
C LEU AD 148 -114.29 71.86 25.09
N ASN AD 149 -114.07 72.07 26.38
CA ASN AD 149 -114.74 73.15 27.09
C ASN AD 149 -114.41 74.48 26.45
N ASN AD 150 -113.14 74.64 26.14
CA ASN AD 150 -112.71 75.89 25.56
C ASN AD 150 -113.14 76.01 24.11
N VAL AD 151 -113.31 74.86 23.44
CA VAL AD 151 -113.92 74.81 22.12
C VAL AD 151 -115.27 75.45 22.14
N ILE AD 152 -116.07 75.04 23.09
CA ILE AD 152 -117.42 75.56 23.09
C ILE AD 152 -117.39 77.01 23.57
N ARG AD 153 -116.43 77.33 24.44
CA ARG AD 153 -116.26 78.68 24.94
C ARG AD 153 -115.96 79.66 23.84
N LEU AD 154 -115.06 79.30 22.95
CA LEU AD 154 -114.76 80.17 21.83
C LEU AD 154 -115.88 80.12 20.79
N LEU AD 155 -116.49 78.95 20.61
CA LEU AD 155 -117.53 78.77 19.61
C LEU AD 155 -118.75 79.61 19.89
N ASN AD 156 -118.98 79.93 21.15
CA ASN AD 156 -120.11 80.75 21.50
C ASN AD 156 -119.91 82.20 21.10
N PHE AD 157 -118.69 82.58 20.75
CA PHE AD 157 -118.43 83.93 20.30
C PHE AD 157 -118.95 84.14 18.89
N TYR AD 158 -119.40 83.09 18.21
CA TYR AD 158 -120.01 83.19 16.89
C TYR AD 158 -121.33 82.46 16.92
N PRO AD 159 -122.26 82.93 17.77
CA PRO AD 159 -123.38 82.07 18.16
C PRO AD 159 -124.53 82.08 17.18
N GLN AD 160 -124.30 82.45 15.94
CA GLN AD 160 -125.37 82.41 14.97
C GLN AD 160 -124.96 81.67 13.74
N SER AD 161 -123.67 81.60 13.48
CA SER AD 161 -123.15 80.98 12.30
C SER AD 161 -123.44 79.50 12.24
N THR AD 162 -123.89 79.07 11.10
CA THR AD 162 -124.05 77.65 10.87
C THR AD 162 -122.73 77.03 10.47
N ILE AD 163 -122.63 75.72 10.71
CA ILE AD 163 -121.36 75.04 10.87
C ILE AD 163 -121.33 73.81 9.97
N TYR AD 164 -120.46 73.82 8.97
CA TYR AD 164 -119.94 72.58 8.41
C TYR AD 164 -119.04 71.92 9.43
N VAL AD 165 -119.18 70.62 9.61
CA VAL AD 165 -118.13 69.81 10.24
C VAL AD 165 -117.93 68.56 9.42
N ALA AD 166 -116.75 67.98 9.51
CA ALA AD 166 -116.38 66.93 8.58
C ALA AD 166 -115.38 65.95 9.19
N GLY AD 167 -115.71 64.67 9.06
CA GLY AD 167 -114.92 63.60 9.62
C GLY AD 167 -113.95 63.09 8.57
N PHE AD 168 -112.79 62.63 9.01
CA PHE AD 168 -111.78 62.26 8.04
C PHE AD 168 -110.94 61.09 8.48
N THR AD 169 -110.54 60.31 7.50
CA THR AD 169 -109.95 59.01 7.72
C THR AD 169 -108.58 59.05 7.09
N ASP AD 170 -108.01 57.87 6.91
CA ASP AD 170 -106.99 57.73 5.91
C ASP AD 170 -107.35 56.56 5.00
N ASN AD 171 -106.39 56.23 4.16
CA ASN AD 171 -106.47 55.47 2.92
C ASN AD 171 -106.84 54.01 3.07
N VAL AD 172 -107.25 53.58 4.23
CA VAL AD 172 -107.18 52.16 4.55
C VAL AD 172 -108.56 51.53 4.63
N GLY AD 173 -108.63 50.24 4.35
CA GLY AD 173 -109.88 49.52 4.46
C GLY AD 173 -110.83 49.85 3.32
N SER AD 174 -112.05 49.38 3.47
CA SER AD 174 -113.07 49.65 2.46
C SER AD 174 -113.43 51.11 2.42
N ARG AD 175 -113.78 51.56 1.22
CA ARG AD 175 -114.35 52.88 1.07
C ARG AD 175 -115.63 52.98 1.88
N SER AD 176 -116.41 51.89 1.89
CA SER AD 176 -117.63 51.83 2.64
C SER AD 176 -117.33 51.96 4.10
N HIS AD 177 -116.30 51.26 4.55
CA HIS AD 177 -115.80 51.43 5.88
C HIS AD 177 -115.44 52.86 6.24
N LYS AD 178 -114.61 53.48 5.42
CA LYS AD 178 -114.06 54.78 5.76
C LYS AD 178 -115.15 55.80 5.86
N ARG AD 179 -116.04 55.75 4.87
CA ARG AD 179 -117.33 56.37 4.92
C ARG AD 179 -117.98 56.17 6.26
N LYS AD 180 -118.22 54.92 6.65
CA LYS AD 180 -119.09 54.65 7.78
C LYS AD 180 -118.49 55.12 9.08
N LEU AD 181 -117.22 54.87 9.27
CA LEU AD 181 -116.57 55.26 10.50
C LEU AD 181 -116.50 56.76 10.60
N SER AD 182 -116.24 57.41 9.48
CA SER AD 182 -116.22 58.86 9.49
C SER AD 182 -117.58 59.43 9.81
N GLN AD 183 -118.65 58.79 9.36
CA GLN AD 183 -119.97 59.29 9.75
C GLN AD 183 -120.22 59.07 11.22
N ALA AD 184 -119.67 58.00 11.78
CA ALA AD 184 -119.82 57.81 13.20
C ALA AD 184 -119.16 58.93 13.97
N GLN AD 185 -117.96 59.28 13.53
CA GLN AD 185 -117.17 60.29 14.20
C GLN AD 185 -117.80 61.65 14.03
N ALA AD 186 -118.35 61.85 12.85
CA ALA AD 186 -119.08 63.06 12.56
C ALA AD 186 -120.27 63.20 13.48
N GLU AD 187 -121.05 62.13 13.60
CA GLU AD 187 -122.28 62.24 14.34
C GLU AD 187 -122.00 62.44 15.80
N THR AD 188 -120.95 61.81 16.31
CA THR AD 188 -120.71 62.00 17.71
C THR AD 188 -120.21 63.38 18.03
N MET AD 189 -119.47 64.00 17.14
CA MET AD 189 -119.10 65.34 17.54
C MET AD 189 -120.21 66.32 17.33
N MET AD 190 -121.08 66.09 16.37
CA MET AD 190 -122.15 67.05 16.23
C MET AD 190 -123.19 66.87 17.31
N THR AD 191 -123.47 65.64 17.70
CA THR AD 191 -124.31 65.43 18.85
C THR AD 191 -123.68 65.94 20.10
N PHE AD 192 -122.36 65.87 20.17
CA PHE AD 192 -121.66 66.54 21.22
C PHE AD 192 -122.00 68.00 21.22
N LEU AD 193 -122.05 68.62 20.05
CA LEU AD 193 -122.43 70.02 19.99
C LEU AD 193 -123.88 70.27 20.35
N TRP AD 194 -124.77 69.47 19.83
CA TRP AD 194 -126.19 69.63 20.10
C TRP AD 194 -126.48 69.40 21.56
N ALA AD 195 -125.66 68.57 22.18
CA ALA AD 195 -125.56 68.46 23.61
C ALA AD 195 -124.86 69.63 24.25
N ASN AD 196 -123.94 70.28 23.57
CA ASN AD 196 -123.34 71.46 24.15
C ASN AD 196 -124.34 72.58 24.23
N GLY AD 197 -125.41 72.49 23.47
CA GLY AD 197 -126.48 73.42 23.64
C GLY AD 197 -126.46 74.33 22.46
N ILE AD 198 -126.14 73.77 21.31
CA ILE AD 198 -126.13 74.52 20.08
C ILE AD 198 -127.31 74.07 19.25
N ALA AD 199 -127.91 75.04 18.56
CA ALA AD 199 -129.14 74.81 17.83
C ALA AD 199 -128.90 73.85 16.70
N ALA AD 200 -129.65 72.76 16.73
CA ALA AD 200 -129.42 71.64 15.85
C ALA AD 200 -129.67 71.97 14.39
N LYS AD 201 -130.31 73.08 14.10
CA LYS AD 201 -130.41 73.50 12.73
C LYS AD 201 -129.31 74.48 12.36
N ARG AD 202 -128.42 74.80 13.28
CA ARG AD 202 -127.18 75.43 12.85
C ARG AD 202 -126.14 74.41 12.42
N LEU AD 203 -126.41 73.12 12.58
CA LEU AD 203 -125.36 72.13 12.41
C LEU AD 203 -125.50 71.40 11.09
N LYS AD 204 -124.37 71.10 10.47
CA LYS AD 204 -124.36 70.17 9.34
C LYS AD 204 -123.01 69.46 9.28
N ALA AD 205 -123.06 68.16 9.07
CA ALA AD 205 -121.92 67.28 9.22
C ALA AD 205 -121.75 66.40 8.02
N GLU AD 206 -120.50 66.03 7.75
CA GLU AD 206 -120.21 64.97 6.81
C GLU AD 206 -118.87 64.36 7.13
N GLY AD 207 -118.82 63.05 7.18
CA GLY AD 207 -117.60 62.34 7.40
C GLY AD 207 -117.08 61.80 6.08
N TYR AD 208 -116.11 62.49 5.53
CA TYR AD 208 -115.48 62.07 4.30
C TYR AD 208 -114.42 61.04 4.63
N GLY AD 209 -114.58 59.87 4.05
CA GLY AD 209 -113.56 58.87 4.13
C GLY AD 209 -112.46 59.25 3.18
N ASP AD 210 -111.59 60.15 3.63
CA ASP AD 210 -110.30 60.52 3.05
C ASP AD 210 -110.33 61.00 1.61
N LYS AD 211 -111.48 61.36 1.06
CA LYS AD 211 -111.50 61.79 -0.33
C LYS AD 211 -110.98 63.22 -0.50
N ASN AD 212 -110.39 63.79 0.53
CA ASN AD 212 -109.91 65.15 0.56
C ASN AD 212 -108.42 65.26 0.81
N ALA AD 213 -107.95 64.78 1.97
CA ALA AD 213 -106.54 64.53 2.25
C ALA AD 213 -105.69 65.80 2.18
N ILE AD 214 -105.84 66.65 3.19
CA ILE AD 214 -104.99 67.83 3.38
C ILE AD 214 -103.51 67.48 3.46
N SER AD 215 -103.17 66.27 3.85
CA SER AD 215 -101.84 65.79 3.64
C SER AD 215 -101.94 64.56 2.76
N ASP AD 216 -100.82 63.90 2.59
CA ASP AD 216 -100.85 62.59 1.96
C ASP AD 216 -101.34 61.54 2.94
N ASN AD 217 -101.33 60.30 2.47
CA ASN AD 217 -101.41 59.18 3.38
C ASN AD 217 -100.21 58.27 3.29
N ALA AD 218 -99.43 58.38 2.23
CA ALA AD 218 -98.32 57.45 1.99
C ALA AD 218 -97.17 57.67 2.94
N ILE AD 219 -97.17 58.75 3.72
CA ILE AD 219 -96.20 58.87 4.78
C ILE AD 219 -97.00 59.04 6.07
N ILE AD 220 -96.33 58.75 7.16
CA ILE AD 220 -96.98 58.38 8.39
C ILE AD 220 -97.42 59.60 9.14
N HIS AD 221 -96.51 60.54 9.31
CA HIS AD 221 -96.85 61.84 9.86
C HIS AD 221 -97.91 62.53 9.03
N GLY AD 222 -97.87 62.32 7.72
CA GLY AD 222 -98.91 62.86 6.87
C GLY AD 222 -100.26 62.25 7.12
N SER AD 223 -100.30 60.94 7.33
CA SER AD 223 -101.57 60.30 7.63
C SER AD 223 -102.07 60.72 9.00
N ALA AD 224 -101.14 60.98 9.91
CA ALA AD 224 -101.47 61.50 11.23
C ALA AD 224 -102.13 62.84 11.11
N GLN AD 225 -101.61 63.66 10.21
CA GLN AD 225 -102.27 64.90 9.90
C GLN AD 225 -103.56 64.66 9.15
N ASN AD 226 -103.68 63.55 8.44
CA ASN AD 226 -104.86 63.29 7.65
C ASN AD 226 -106.08 62.96 8.49
N ARG AD 227 -105.92 62.27 9.61
CA ARG AD 227 -107.12 61.93 10.37
C ARG AD 227 -107.53 63.09 11.26
N ARG AD 228 -108.60 63.76 10.87
CA ARG AD 228 -108.89 65.11 11.33
C ARG AD 228 -110.38 65.34 11.23
N ILE AD 229 -110.82 66.47 11.78
CA ILE AD 229 -112.20 66.90 11.65
C ILE AD 229 -112.15 68.35 11.23
N GLU AD 230 -112.98 68.71 10.27
CA GLU AD 230 -113.15 70.08 9.81
C GLU AD 230 -114.31 70.71 10.56
N ILE AD 231 -114.16 71.97 10.90
CA ILE AD 231 -115.28 72.75 11.42
C ILE AD 231 -115.25 74.07 10.69
N GLN AD 232 -115.97 74.15 9.59
CA GLN AD 232 -116.21 75.44 8.96
C GLN AD 232 -117.40 76.05 9.66
N TRP AD 233 -117.33 77.32 9.96
CA TRP AD 233 -118.54 78.08 10.16
C TRP AD 233 -118.30 79.49 9.71
N PHE AD 234 -119.39 80.15 9.37
CA PHE AD 234 -119.29 81.44 8.75
C PHE AD 234 -119.30 82.46 9.85
N ARG BD 99 -73.20 120.23 -16.05
CA ARG BD 99 -73.41 119.30 -14.94
C ARG BD 99 -74.55 118.32 -15.21
N ASP BD 100 -75.48 118.69 -16.09
CA ASP BD 100 -76.53 117.82 -16.60
C ASP BD 100 -76.79 118.09 -18.06
N SER BD 101 -75.81 118.64 -18.75
CA SER BD 101 -75.99 119.11 -20.11
C SER BD 101 -75.90 117.94 -21.08
N LYS BD 102 -75.81 118.28 -22.37
CA LYS BD 102 -75.67 117.27 -23.41
C LYS BD 102 -74.44 116.41 -23.22
N ARG BD 103 -73.29 117.04 -22.93
CA ARG BD 103 -72.08 116.27 -22.72
C ARG BD 103 -72.19 115.42 -21.48
N LYS BD 104 -72.90 115.92 -20.48
CA LYS BD 104 -73.04 115.15 -19.26
C LYS BD 104 -73.89 113.91 -19.50
N ILE BD 105 -75.00 114.10 -20.19
CA ILE BD 105 -75.90 112.98 -20.36
C ILE BD 105 -75.35 111.99 -21.35
N ILE BD 106 -74.51 112.42 -22.29
CA ILE BD 106 -73.84 111.38 -23.06
C ILE BD 106 -72.71 110.74 -22.29
N ARG BD 107 -72.08 111.46 -21.34
CA ARG BD 107 -71.04 110.86 -20.53
C ARG BD 107 -71.57 109.73 -19.68
N ASP BD 108 -72.60 110.00 -18.93
CA ASP BD 108 -73.14 108.90 -18.16
C ASP BD 108 -74.03 107.98 -18.99
N LEU BD 109 -74.39 108.39 -20.21
CA LEU BD 109 -74.92 107.43 -21.15
C LEU BD 109 -73.93 106.34 -21.46
N GLN BD 110 -72.70 106.70 -21.78
CA GLN BD 110 -71.74 105.65 -22.06
C GLN BD 110 -71.25 105.00 -20.77
N LYS BD 111 -71.46 105.65 -19.64
CA LYS BD 111 -71.36 104.90 -18.38
C LYS BD 111 -72.41 103.82 -18.34
N GLN BD 112 -73.59 104.10 -18.84
CA GLN BD 112 -74.59 103.08 -19.07
C GLN BD 112 -74.49 102.49 -20.47
N ASP BD 113 -73.33 102.68 -21.10
CA ASP BD 113 -72.84 102.08 -22.35
C ASP BD 113 -73.92 101.83 -23.39
N ILE BD 114 -74.67 102.84 -23.74
CA ILE BD 114 -75.55 102.71 -24.88
C ILE BD 114 -74.91 103.50 -25.97
N GLN BD 115 -74.54 102.83 -27.05
CA GLN BD 115 -73.51 103.41 -27.88
C GLN BD 115 -74.01 104.58 -28.67
N TYR BD 116 -73.45 105.74 -28.35
CA TYR BD 116 -73.97 107.00 -28.85
C TYR BD 116 -73.10 107.45 -29.99
N VAL BD 117 -73.75 107.83 -31.07
CA VAL BD 117 -73.08 108.35 -32.23
C VAL BD 117 -73.54 109.77 -32.39
N GLU BD 118 -72.62 110.73 -32.24
CA GLU BD 118 -72.84 112.03 -32.84
C GLU BD 118 -71.91 112.16 -34.03
N TYR BD 119 -72.49 112.50 -35.15
CA TYR BD 119 -71.87 112.52 -36.47
C TYR BD 119 -72.87 113.28 -37.31
N GLY BD 120 -72.39 114.26 -38.06
CA GLY BD 120 -73.19 114.96 -39.05
C GLY BD 120 -74.35 115.62 -38.37
N ASP BD 121 -75.54 115.37 -38.88
CA ASP BD 121 -76.69 115.50 -38.00
C ASP BD 121 -77.18 114.16 -37.52
N THR BD 122 -76.93 113.10 -38.28
CA THR BD 122 -77.59 111.83 -38.01
C THR BD 122 -76.93 111.18 -36.81
N ARG BD 123 -77.57 111.33 -35.67
CA ARG BD 123 -77.11 110.72 -34.46
C ARG BD 123 -77.75 109.37 -34.36
N THR BD 124 -76.98 108.42 -33.87
CA THR BD 124 -77.38 107.03 -33.94
C THR BD 124 -77.13 106.37 -32.61
N LEU BD 125 -78.11 105.66 -32.13
CA LEU BD 125 -77.94 104.93 -30.90
C LEU BD 125 -77.97 103.45 -31.14
N ILE BD 126 -77.02 102.78 -30.52
CA ILE BD 126 -76.87 101.35 -30.68
C ILE BD 126 -77.15 100.71 -29.36
N ILE BD 127 -77.97 99.69 -29.40
CA ILE BD 127 -78.59 99.18 -28.19
C ILE BD 127 -78.28 97.70 -28.06
N PRO BD 128 -77.61 97.31 -27.00
CA PRO BD 128 -77.53 95.90 -26.62
C PRO BD 128 -78.92 95.43 -26.26
N THR BD 129 -79.55 94.77 -27.24
CA THR BD 129 -80.87 94.20 -27.09
C THR BD 129 -80.99 93.31 -25.89
N ASP BD 130 -79.96 92.51 -25.65
CA ASP BD 130 -79.95 91.51 -24.61
C ASP BD 130 -80.22 92.10 -23.25
N LYS BD 131 -79.38 93.00 -22.78
CA LYS BD 131 -79.61 93.50 -21.45
C LYS BD 131 -80.55 94.66 -21.46
N TYR BD 132 -81.02 95.07 -22.63
CA TYR BD 132 -82.21 95.90 -22.68
C TYR BD 132 -83.42 95.11 -23.11
N PHE BD 133 -83.45 93.85 -22.74
CA PHE BD 133 -84.64 93.06 -22.91
C PHE BD 133 -84.67 92.00 -21.84
N MET BD 134 -85.81 91.39 -21.66
CA MET BD 134 -85.74 90.01 -21.28
C MET BD 134 -85.47 89.16 -22.52
N PHE BD 135 -84.77 88.05 -22.28
CA PHE BD 135 -84.21 87.21 -23.32
C PHE BD 135 -85.28 86.66 -24.23
N SER BD 136 -84.99 86.71 -25.54
CA SER BD 136 -85.77 86.07 -26.61
C SER BD 136 -87.21 86.54 -26.61
N SER BD 137 -87.39 87.75 -26.13
CA SER BD 137 -88.71 88.21 -25.76
C SER BD 137 -88.86 89.58 -26.34
N PRO BD 138 -90.08 89.98 -26.66
CA PRO BD 138 -90.34 91.41 -26.83
C PRO BD 138 -90.34 92.18 -25.53
N ARG BD 139 -90.17 91.57 -24.38
CA ARG BD 139 -90.38 92.32 -23.16
C ARG BD 139 -89.13 93.02 -22.71
N LEU BD 140 -89.25 94.34 -22.65
CA LEU BD 140 -88.17 95.25 -22.30
C LEU BD 140 -87.65 94.96 -20.93
N ASN BD 141 -86.34 94.97 -20.82
CA ASN BD 141 -85.72 94.86 -19.52
C ASN BD 141 -85.98 96.13 -18.78
N GLU BD 142 -87.08 96.18 -18.07
CA GLU BD 142 -87.47 97.38 -17.38
C GLU BD 142 -86.60 97.72 -16.18
N ILE BD 143 -85.70 96.84 -15.76
CA ILE BD 143 -84.76 97.22 -14.72
C ILE BD 143 -83.79 98.28 -15.24
N CYS BD 144 -83.60 98.35 -16.55
CA CYS BD 144 -82.62 99.27 -17.10
C CYS BD 144 -83.22 100.63 -17.39
N TYR BD 145 -84.07 101.09 -16.48
CA TYR BD 145 -84.78 102.34 -16.67
C TYR BD 145 -83.93 103.60 -16.79
N PRO BD 146 -82.90 103.88 -15.94
CA PRO BD 146 -82.40 105.26 -15.86
C PRO BD 146 -81.68 105.71 -17.12
N GLY BD 147 -81.02 104.75 -17.77
CA GLY BD 147 -80.50 105.00 -19.09
C GLY BD 147 -81.58 105.38 -20.06
N LEU BD 148 -82.71 104.68 -20.02
CA LEU BD 148 -83.78 104.94 -20.98
C LEU BD 148 -84.40 106.29 -20.75
N ASN BD 149 -84.48 106.69 -19.48
CA ASN BD 149 -84.90 108.05 -19.15
C ASN BD 149 -83.97 109.05 -19.78
N ASN BD 150 -82.69 108.77 -19.68
CA ASN BD 150 -81.72 109.69 -20.22
C ASN BD 150 -81.67 109.62 -21.73
N VAL BD 151 -82.04 108.47 -22.29
CA VAL BD 151 -82.25 108.33 -23.73
C VAL BD 151 -83.24 109.32 -24.20
N ILE BD 152 -84.37 109.38 -23.52
CA ILE BD 152 -85.40 110.27 -24.02
C ILE BD 152 -85.00 111.70 -23.72
N ARG BD 153 -84.27 111.90 -22.62
CA ARG BD 153 -83.77 113.21 -22.23
C ARG BD 153 -82.87 113.80 -23.28
N LEU BD 154 -81.94 113.03 -23.79
CA LEU BD 154 -81.08 113.52 -24.84
C LEU BD 154 -81.81 113.58 -26.16
N LEU BD 155 -82.73 112.63 -26.41
CA LEU BD 155 -83.45 112.58 -27.67
C LEU BD 155 -84.33 113.79 -27.88
N ASN BD 156 -84.77 114.39 -26.80
CA ASN BD 156 -85.59 115.58 -26.93
C ASN BD 156 -84.80 116.78 -27.40
N PHE BD 157 -83.49 116.70 -27.37
CA PHE BD 157 -82.67 117.79 -27.86
C PHE BD 157 -82.68 117.86 -29.37
N TYR BD 158 -83.27 116.86 -30.04
CA TYR BD 158 -83.42 116.88 -31.49
C TYR BD 158 -84.87 116.60 -31.81
N PRO BD 159 -85.77 117.46 -31.36
CA PRO BD 159 -87.17 117.09 -31.26
C PRO BD 159 -87.95 117.23 -32.56
N GLN BD 160 -87.28 117.26 -33.69
CA GLN BD 160 -88.00 117.34 -34.95
C GLN BD 160 -87.56 116.28 -35.89
N SER BD 161 -86.35 115.78 -35.71
CA SER BD 161 -85.78 114.80 -36.59
C SER BD 161 -86.54 113.48 -36.57
N THR BD 162 -86.78 112.99 -37.76
CA THR BD 162 -87.34 111.67 -37.88
C THR BD 162 -86.27 110.60 -37.75
N ILE BD 163 -86.70 109.41 -37.37
CA ILE BD 163 -85.84 108.43 -36.74
C ILE BD 163 -85.99 107.09 -37.44
N TYR BD 164 -84.94 106.64 -38.10
CA TYR BD 164 -84.74 105.22 -38.33
C TYR BD 164 -84.45 104.54 -37.01
N VAL BD 165 -85.06 103.40 -36.75
CA VAL BD 165 -84.57 102.47 -35.73
C VAL BD 165 -84.60 101.07 -36.31
N ALA BD 166 -83.76 100.20 -35.78
CA ALA BD 166 -83.55 98.92 -36.42
C ALA BD 166 -83.15 97.83 -35.44
N GLY BD 167 -83.86 96.72 -35.51
CA GLY BD 167 -83.66 95.60 -34.63
C GLY BD 167 -82.69 94.62 -35.25
N PHE BD 168 -81.92 93.93 -34.42
CA PHE BD 168 -80.88 93.08 -34.97
C PHE BD 168 -80.65 91.83 -34.15
N THR BD 169 -80.29 90.78 -34.88
CA THR BD 169 -80.27 89.45 -34.34
C THR BD 169 -78.86 88.94 -34.49
N ASP BD 170 -78.70 87.64 -34.34
CA ASP BD 170 -77.57 87.00 -34.95
C ASP BD 170 -78.05 85.84 -35.79
N ASN BD 171 -77.08 85.06 -36.25
CA ASN BD 171 -77.09 84.12 -37.36
C ASN BD 171 -77.96 82.90 -37.18
N VAL BD 172 -78.79 82.86 -36.17
CA VAL BD 172 -79.29 81.59 -35.70
C VAL BD 172 -80.78 81.42 -36.00
N GLY BD 173 -81.21 80.18 -36.15
CA GLY BD 173 -82.61 79.91 -36.38
C GLY BD 173 -83.04 80.26 -37.79
N SER BD 174 -84.35 80.21 -38.00
CA SER BD 174 -84.89 80.56 -39.31
C SER BD 174 -84.70 82.02 -39.61
N ARG BD 175 -84.54 82.30 -40.90
CA ARG BD 175 -84.56 83.66 -41.37
C ARG BD 175 -85.89 84.31 -41.03
N SER BD 176 -86.97 83.53 -41.15
CA SER BD 176 -88.29 83.98 -40.84
C SER BD 176 -88.37 84.31 -39.38
N HIS BD 177 -87.80 83.45 -38.55
CA HIS BD 177 -87.66 83.74 -37.14
C HIS BD 177 -86.94 85.04 -36.85
N LYS BD 178 -85.76 85.20 -37.42
CA LYS BD 178 -84.90 86.31 -37.05
C LYS BD 178 -85.55 87.61 -37.42
N ARG BD 179 -86.10 87.62 -38.63
CA ARG BD 179 -87.07 88.60 -39.07
C ARG BD 179 -88.09 88.88 -37.99
N LYS BD 180 -88.83 87.87 -37.57
CA LYS BD 180 -90.00 88.11 -36.76
C LYS BD 180 -89.66 88.65 -35.39
N LEU BD 181 -88.65 88.06 -34.79
CA LEU BD 181 -88.27 88.49 -33.46
C LEU BD 181 -87.71 89.89 -33.49
N SER BD 182 -86.96 90.18 -34.54
CA SER BD 182 -86.44 91.52 -34.68
C SER BD 182 -87.55 92.54 -34.86
N GLN BD 183 -88.61 92.16 -35.57
CA GLN BD 183 -89.72 93.09 -35.67
C GLN BD 183 -90.43 93.28 -34.35
N ALA BD 184 -90.46 92.22 -33.55
CA ALA BD 184 -91.04 92.39 -32.22
C ALA BD 184 -90.26 93.39 -31.41
N GLN BD 185 -88.94 93.27 -31.47
CA GLN BD 185 -88.06 94.12 -30.70
C GLN BD 185 -88.12 95.54 -31.20
N ALA BD 186 -88.21 95.65 -32.52
CA ALA BD 186 -88.38 96.94 -33.14
C ALA BD 186 -89.65 97.60 -32.68
N GLU BD 187 -90.75 96.86 -32.71
CA GLU BD 187 -92.02 97.49 -32.41
C GLU BD 187 -92.09 97.88 -30.97
N THR BD 188 -91.50 97.09 -30.10
CA THR BD 188 -91.60 97.49 -28.72
C THR BD 188 -90.75 98.69 -28.39
N MET BD 189 -89.64 98.87 -29.07
CA MET BD 189 -88.95 100.09 -28.72
C MET BD 189 -89.56 101.30 -29.37
N MET BD 190 -90.15 101.13 -30.53
CA MET BD 190 -90.75 102.32 -31.11
C MET BD 190 -92.04 102.69 -30.40
N THR BD 191 -92.82 101.70 -29.99
CA THR BD 191 -93.96 101.99 -29.15
C THR BD 191 -93.55 102.53 -27.84
N PHE BD 192 -92.40 102.09 -27.34
CA PHE BD 192 -91.83 102.73 -26.20
C PHE BD 192 -91.62 104.19 -26.46
N LEU BD 193 -91.14 104.54 -27.64
CA LEU BD 193 -90.99 105.95 -27.97
C LEU BD 193 -92.30 106.70 -28.12
N TRP BD 194 -93.25 106.09 -28.82
CA TRP BD 194 -94.53 106.73 -29.03
C TRP BD 194 -95.26 106.88 -27.72
N ALA BD 195 -94.98 106.01 -26.79
CA ALA BD 195 -95.31 106.17 -25.40
C ALA BD 195 -94.46 107.18 -24.70
N ASN BD 196 -93.21 107.39 -25.12
CA ASN BD 196 -92.42 108.42 -24.49
C ASN BD 196 -92.96 109.79 -24.85
N GLY BD 197 -93.75 109.85 -25.91
CA GLY BD 197 -94.44 111.07 -26.19
C GLY BD 197 -93.79 111.67 -27.41
N ILE BD 198 -93.38 110.81 -28.32
CA ILE BD 198 -92.78 111.26 -29.55
C ILE BD 198 -93.77 111.02 -30.66
N ALA BD 199 -93.80 111.96 -31.61
CA ALA BD 199 -94.78 111.96 -32.66
C ALA BD 199 -94.60 110.77 -33.55
N ALA BD 200 -95.65 109.98 -33.65
CA ALA BD 200 -95.60 108.68 -34.29
C ALA BD 200 -95.31 108.76 -35.77
N LYS BD 201 -95.43 109.93 -36.37
CA LYS BD 201 -95.00 110.07 -37.74
C LYS BD 201 -93.58 110.57 -37.84
N ARG BD 202 -92.91 110.80 -36.71
CA ARG BD 202 -91.47 110.94 -36.79
C ARG BD 202 -90.76 109.58 -36.75
N LEU BD 203 -91.49 108.50 -36.55
CA LEU BD 203 -90.85 107.22 -36.27
C LEU BD 203 -90.88 106.31 -37.48
N LYS BD 204 -89.79 105.57 -37.67
CA LYS BD 204 -89.80 104.47 -38.63
C LYS BD 204 -88.81 103.40 -38.17
N ALA BD 205 -89.26 102.15 -38.25
CA ALA BD 205 -88.57 101.03 -37.65
C ALA BD 205 -88.41 99.90 -38.64
N GLU BD 206 -87.34 99.14 -38.45
CA GLU BD 206 -87.19 97.87 -39.13
C GLU BD 206 -86.28 96.97 -38.33
N GLY BD 207 -86.71 95.73 -38.13
CA GLY BD 207 -85.91 94.76 -37.44
C GLY BD 207 -85.28 93.83 -38.46
N TYR BD 208 -84.02 94.08 -38.75
CA TYR BD 208 -83.26 93.24 -39.66
C TYR BD 208 -82.76 92.04 -38.90
N GLY BD 209 -83.15 90.87 -39.37
CA GLY BD 209 -82.60 89.65 -38.85
C GLY BD 209 -81.22 89.48 -39.44
N ASP BD 210 -80.25 90.16 -38.83
CA ASP BD 210 -78.80 90.00 -39.00
C ASP BD 210 -78.28 90.16 -40.42
N LYS BD 211 -79.03 90.72 -41.34
CA LYS BD 211 -78.53 90.85 -42.70
C LYS BD 211 -77.53 91.98 -42.84
N ASN BD 212 -77.08 92.55 -41.74
CA ASN BD 212 -76.19 93.69 -41.71
C ASN BD 212 -74.88 93.40 -41.00
N ALA BD 213 -74.94 93.06 -39.71
CA ALA BD 213 -73.83 92.46 -38.96
C ALA BD 213 -72.60 93.38 -38.90
N ILE BD 214 -72.72 94.42 -38.07
CA ILE BD 214 -71.60 95.30 -37.75
C ILE BD 214 -70.41 94.56 -37.16
N SER BD 215 -70.63 93.41 -36.56
CA SER BD 215 -69.55 92.52 -36.28
C SER BD 215 -69.82 91.23 -36.99
N ASP BD 216 -68.99 90.23 -36.74
CA ASP BD 216 -69.30 88.90 -37.20
C ASP BD 216 -70.37 88.26 -36.33
N ASN BD 217 -70.66 87.00 -36.63
CA ASN BD 217 -71.36 86.18 -35.69
C ASN BD 217 -70.58 84.96 -35.29
N ALA BD 218 -69.55 84.60 -36.04
CA ALA BD 218 -68.82 83.36 -35.81
C ALA BD 218 -67.95 83.42 -34.57
N ILE BD 219 -67.80 84.58 -33.95
CA ILE BD 219 -67.17 84.64 -32.66
C ILE BD 219 -68.18 85.28 -31.72
N ILE BD 220 -67.97 85.05 -30.44
CA ILE BD 220 -69.01 85.15 -29.47
C ILE BD 220 -69.20 86.58 -29.03
N HIS BD 221 -68.09 87.22 -28.67
CA HIS BD 221 -68.09 88.63 -28.40
C HIS BD 221 -68.59 89.42 -29.59
N GLY BD 222 -68.28 88.95 -30.80
CA GLY BD 222 -68.78 89.59 -31.98
C GLY BD 222 -70.28 89.46 -32.12
N SER BD 223 -70.83 88.30 -31.80
CA SER BD 223 -72.27 88.13 -31.85
C SER BD 223 -72.95 88.96 -30.77
N ALA BD 224 -72.25 89.11 -29.65
CA ALA BD 224 -72.74 89.97 -28.57
C ALA BD 224 -72.82 91.40 -29.03
N GLN BD 225 -71.84 91.81 -29.79
CA GLN BD 225 -71.93 93.11 -30.43
C GLN BD 225 -72.96 93.12 -31.52
N ASN BD 226 -73.25 91.96 -32.11
CA ASN BD 226 -74.19 91.91 -33.22
C ASN BD 226 -75.64 92.15 -32.78
N ARG BD 227 -76.03 91.69 -31.61
CA ARG BD 227 -77.42 91.88 -31.24
C ARG BD 227 -77.64 93.27 -30.65
N ARG BD 228 -78.27 94.13 -31.43
CA ARG BD 228 -78.18 95.56 -31.24
C ARG BD 228 -79.41 96.21 -31.83
N ILE BD 229 -79.57 97.50 -31.58
CA ILE BD 229 -80.62 98.28 -32.19
C ILE BD 229 -79.96 99.54 -32.72
N GLU BD 230 -80.32 99.92 -33.93
CA GLU BD 230 -79.88 101.14 -34.56
C GLU BD 230 -80.91 102.23 -34.30
N ILE BD 231 -80.43 103.44 -34.06
CA ILE BD 231 -81.31 104.59 -34.01
C ILE BD 231 -80.63 105.67 -34.84
N GLN BD 232 -80.95 105.74 -36.11
CA GLN BD 232 -80.56 106.89 -36.90
C GLN BD 232 -81.61 107.95 -36.70
N TRP BD 233 -81.18 109.17 -36.53
CA TRP BD 233 -82.06 110.28 -36.81
C TRP BD 233 -81.24 111.43 -37.30
N PHE BD 234 -81.89 112.30 -38.04
CA PHE BD 234 -81.20 113.35 -38.74
C PHE BD 234 -81.14 114.52 -37.81
N ARG CD 99 -19.62 130.51 -51.31
CA ARG CD 99 -20.43 129.93 -50.24
C ARG CD 99 -21.72 129.31 -50.76
N ASP CD 100 -22.19 129.75 -51.93
CA ASP CD 100 -23.31 129.16 -52.64
C ASP CD 100 -23.05 129.18 -54.14
N SER CD 101 -21.79 129.26 -54.53
CA SER CD 101 -21.43 129.47 -55.92
C SER CD 101 -21.50 128.15 -56.67
N LYS CD 102 -20.96 128.17 -57.89
CA LYS CD 102 -20.90 126.98 -58.73
C LYS CD 102 -20.14 125.84 -58.06
N ARG CD 103 -18.97 126.15 -57.49
CA ARG CD 103 -18.21 125.11 -56.82
C ARG CD 103 -18.94 124.61 -55.60
N LYS CD 104 -19.68 125.49 -54.94
CA LYS CD 104 -20.40 125.07 -53.76
C LYS CD 104 -21.51 124.13 -54.12
N ILE CD 105 -22.27 124.48 -55.16
CA ILE CD 105 -23.42 123.69 -55.49
C ILE CD 105 -23.01 122.40 -56.15
N ILE CD 106 -21.86 122.35 -56.80
CA ILE CD 106 -21.42 121.02 -57.21
C ILE CD 106 -20.82 120.23 -56.05
N ARG CD 107 -20.27 120.92 -55.03
CA ARG CD 107 -19.77 120.21 -53.86
C ARG CD 107 -20.86 119.49 -53.12
N ASP CD 108 -21.90 120.21 -52.77
CA ASP CD 108 -22.97 119.50 -52.10
C ASP CD 108 -23.86 118.75 -53.07
N LEU CD 109 -23.72 119.00 -54.38
CA LEU CD 109 -24.28 118.06 -55.34
C LEU CD 109 -23.69 116.68 -55.20
N GLN CD 110 -22.38 116.58 -55.14
CA GLN CD 110 -21.81 115.26 -54.98
C GLN CD 110 -21.94 114.77 -53.55
N LYS CD 111 -22.20 115.68 -52.62
CA LYS CD 111 -22.71 115.20 -51.33
C LYS CD 111 -24.04 114.51 -51.51
N GLN CD 112 -24.87 115.03 -52.39
CA GLN CD 112 -26.07 114.34 -52.81
C GLN CD 112 -25.81 113.47 -54.04
N ASP CD 113 -24.53 113.17 -54.29
CA ASP CD 113 -23.97 112.21 -55.24
C ASP CD 113 -24.74 112.08 -56.54
N ILE CD 114 -24.98 113.17 -57.21
CA ILE CD 114 -25.51 113.09 -58.56
C ILE CD 114 -24.36 113.41 -59.46
N GLN CD 115 -23.97 112.45 -60.29
CA GLN CD 115 -22.62 112.50 -60.80
C GLN CD 115 -22.45 113.59 -61.84
N TYR CD 116 -21.61 114.56 -61.47
CA TYR CD 116 -21.52 115.79 -62.23
C TYR CD 116 -20.28 115.70 -63.07
N VAL CD 117 -20.43 116.03 -64.34
CA VAL CD 117 -19.34 116.08 -65.27
C VAL CD 117 -19.21 117.52 -65.71
N GLU CD 118 -18.10 118.15 -65.38
CA GLU CD 118 -17.67 119.30 -66.15
C GLU CD 118 -16.48 118.90 -66.99
N TYR CD 119 -16.58 119.16 -68.26
CA TYR CD 119 -15.66 118.73 -69.31
C TYR CD 119 -16.06 119.56 -70.49
N GLY CD 120 -15.08 120.17 -71.15
CA GLY CD 120 -15.30 120.85 -72.41
C GLY CD 120 -16.29 121.96 -72.22
N ASP CD 121 -17.31 121.98 -73.05
CA ASP CD 121 -18.52 122.63 -72.61
C ASP CD 121 -19.58 121.62 -72.18
N THR CD 122 -19.52 120.41 -72.69
CA THR CD 122 -20.62 119.49 -72.52
C THR CD 122 -20.58 118.93 -71.11
N ARG CD 123 -21.40 119.50 -70.26
CA ARG CD 123 -21.52 119.05 -68.91
C ARG CD 123 -22.61 118.00 -68.88
N THR CD 124 -22.38 116.98 -68.07
CA THR CD 124 -23.21 115.80 -68.12
C THR CD 124 -23.57 115.38 -66.72
N LEU CD 125 -24.83 115.11 -66.52
CA LEU CD 125 -25.26 114.63 -65.22
C LEU CD 125 -25.73 113.21 -65.30
N ILE CD 126 -25.29 112.43 -64.34
CA ILE CD 126 -25.61 111.03 -64.29
C ILE CD 126 -26.43 110.78 -63.07
N ILE CD 127 -27.53 110.08 -63.26
CA ILE CD 127 -28.58 110.04 -62.28
C ILE CD 127 -28.86 108.59 -61.91
N PRO CD 128 -28.68 108.25 -60.65
CA PRO CD 128 -29.20 107.00 -60.13
C PRO CD 128 -30.71 107.05 -60.18
N THR CD 129 -31.24 106.42 -61.24
CA THR CD 129 -32.67 106.32 -61.46
C THR CD 129 -33.41 105.77 -60.27
N ASP CD 130 -32.82 104.76 -59.64
CA ASP CD 130 -33.45 104.05 -58.55
C ASP CD 130 -33.85 104.96 -57.41
N LYS CD 131 -32.91 105.64 -56.80
CA LYS CD 131 -33.28 106.45 -55.68
C LYS CD 131 -33.72 107.82 -56.11
N TYR CD 132 -33.69 108.10 -57.40
CA TYR CD 132 -34.45 109.22 -57.91
C TYR CD 132 -35.70 108.76 -58.63
N PHE CD 133 -36.27 107.67 -58.17
CA PHE CD 133 -37.57 107.26 -58.62
C PHE CD 133 -38.25 106.50 -57.51
N MET CD 134 -39.54 106.31 -57.65
CA MET CD 134 -40.05 105.08 -57.12
C MET CD 134 -39.79 103.95 -58.11
N PHE CD 135 -39.60 102.76 -57.54
CA PHE CD 135 -39.13 101.59 -58.25
C PHE CD 135 -40.03 101.22 -59.40
N SER CD 136 -39.41 100.91 -60.55
CA SER CD 136 -40.04 100.32 -61.73
C SER CD 136 -41.16 101.20 -62.25
N SER CD 137 -41.04 102.48 -61.98
CA SER CD 137 -42.16 103.38 -62.10
C SER CD 137 -41.66 104.58 -62.84
N PRO CD 138 -42.53 105.25 -63.58
CA PRO CD 138 -42.22 106.63 -63.97
C PRO CD 138 -42.29 107.63 -62.83
N ARG CD 139 -42.66 107.23 -61.62
CA ARG CD 139 -42.92 108.25 -60.62
C ARG CD 139 -41.66 108.62 -59.87
N LEU CD 140 -41.32 109.89 -59.99
CA LEU CD 140 -40.13 110.48 -59.42
C LEU CD 140 -40.13 110.35 -57.92
N ASN CD 141 -38.98 109.97 -57.39
CA ASN CD 141 -38.82 109.96 -55.96
C ASN CD 141 -38.79 111.38 -55.48
N GLU CD 142 -39.96 111.89 -55.16
CA GLU CD 142 -40.08 113.28 -54.77
C GLU CD 142 -39.49 113.57 -53.40
N ILE CD 143 -39.11 112.56 -52.62
CA ILE CD 143 -38.41 112.85 -51.39
C ILE CD 143 -37.02 113.44 -51.67
N CYS CD 144 -36.49 113.19 -52.85
CA CYS CD 144 -35.14 113.63 -53.14
C CYS CD 144 -35.12 115.01 -53.75
N TYR CD 145 -35.97 115.88 -53.22
CA TYR CD 145 -36.11 117.22 -53.75
C TYR CD 145 -34.87 118.12 -53.72
N PRO CD 146 -34.08 118.24 -52.62
CA PRO CD 146 -33.16 119.39 -52.53
C PRO CD 146 -32.04 119.33 -53.53
N GLY CD 147 -31.60 118.11 -53.84
CA GLY CD 147 -30.69 117.91 -54.93
C GLY CD 147 -31.26 118.38 -56.24
N LEU CD 148 -32.53 118.09 -56.49
CA LEU CD 148 -33.15 118.45 -57.76
C LEU CD 148 -33.30 119.95 -57.89
N ASN CD 149 -33.56 120.61 -56.77
CA ASN CD 149 -33.56 122.06 -56.73
C ASN CD 149 -32.20 122.58 -57.12
N ASN CD 150 -31.17 121.95 -56.59
CA ASN CD 150 -29.84 122.40 -56.88
C ASN CD 150 -29.42 122.02 -58.28
N VAL CD 151 -30.00 120.94 -58.81
CA VAL CD 151 -29.85 120.58 -60.21
C VAL CD 151 -30.28 121.71 -61.08
N ILE CD 152 -31.45 122.24 -60.81
CA ILE CD 152 -31.93 123.28 -61.70
C ILE CD 152 -31.15 124.55 -61.43
N ARG CD 153 -30.71 124.74 -60.19
CA ARG CD 153 -29.91 125.89 -59.80
C ARG CD 153 -28.61 125.96 -60.56
N LEU CD 154 -27.92 124.85 -60.66
CA LEU CD 154 -26.68 124.83 -61.42
C LEU CD 154 -26.97 124.83 -62.91
N LEU CD 155 -28.05 124.17 -63.34
CA LEU CD 155 -28.39 124.08 -64.75
C LEU CD 155 -28.70 125.42 -65.36
N ASN CD 156 -29.17 126.36 -64.55
CA ASN CD 156 -29.46 127.68 -65.06
C ASN CD 156 -28.20 128.46 -65.37
N PHE CD 157 -27.06 127.99 -64.90
CA PHE CD 157 -25.81 128.67 -65.22
C PHE CD 157 -25.39 128.41 -66.65
N TYR CD 158 -26.09 127.53 -67.37
CA TYR CD 158 -25.83 127.28 -68.79
C TYR CD 158 -27.15 127.40 -69.53
N PRO CD 159 -27.77 128.57 -69.48
CA PRO CD 159 -29.19 128.66 -69.81
C PRO CD 159 -29.49 128.76 -71.28
N GLN CD 160 -28.58 128.36 -72.14
CA GLN CD 160 -28.85 128.39 -73.56
C GLN CD 160 -28.58 127.06 -74.19
N SER CD 161 -27.73 126.27 -73.58
CA SER CD 161 -27.32 125.02 -74.12
C SER CD 161 -28.46 124.02 -74.22
N THR CD 162 -28.53 123.39 -75.36
CA THR CD 162 -29.47 122.31 -75.52
C THR CD 162 -28.92 121.01 -74.95
N ILE CD 163 -29.82 120.11 -74.59
CA ILE CD 163 -29.56 119.07 -73.62
C ILE CD 163 -29.98 117.73 -74.18
N TYR CD 164 -29.01 116.86 -74.42
CA TYR CD 164 -29.27 115.43 -74.44
C TYR CD 164 -29.59 114.98 -73.02
N VAL CD 165 -30.62 114.15 -72.86
CA VAL CD 165 -30.78 113.35 -71.65
C VAL CD 165 -31.14 111.94 -72.06
N ALA CD 166 -30.83 110.98 -71.20
CA ALA CD 166 -30.92 109.59 -71.60
C ALA CD 166 -31.20 108.67 -70.42
N GLY CD 167 -32.21 107.83 -70.62
CA GLY CD 167 -32.66 106.91 -69.60
C GLY CD 167 -31.97 105.58 -69.77
N PHE CD 168 -31.74 104.87 -68.66
CA PHE CD 168 -30.95 103.66 -68.76
C PHE CD 168 -31.41 102.60 -67.80
N THR CD 169 -31.26 101.36 -68.25
CA THR CD 169 -31.86 100.23 -67.59
C THR CD 169 -30.72 99.30 -67.23
N ASP CD 170 -31.08 98.07 -66.91
CA ASP CD 170 -30.12 97.00 -67.05
C ASP CD 170 -30.73 95.88 -67.87
N ASN CD 171 -30.01 94.77 -67.91
CA ASN CD 171 -30.05 93.67 -68.86
C ASN CD 171 -31.31 92.84 -68.84
N VAL CD 172 -32.34 93.26 -68.16
CA VAL CD 172 -33.36 92.33 -67.74
C VAL CD 172 -34.68 92.56 -68.48
N GLY CD 173 -35.45 91.50 -68.64
CA GLY CD 173 -36.75 91.62 -69.27
C GLY CD 173 -36.63 91.79 -70.78
N SER CD 174 -37.78 92.10 -71.39
CA SER CD 174 -37.79 92.31 -72.83
C SER CD 174 -37.02 93.56 -73.21
N ARG CD 175 -36.43 93.49 -74.39
CA ARG CD 175 -35.85 94.68 -74.99
C ARG CD 175 -36.91 95.75 -75.17
N SER CD 176 -38.11 95.33 -75.54
CA SER CD 176 -39.23 96.21 -75.71
C SER CD 176 -39.57 96.85 -74.41
N HIS CD 177 -39.58 96.04 -73.35
CA HIS CD 177 -39.73 96.57 -72.02
C HIS CD 177 -38.71 97.61 -71.64
N LYS CD 178 -37.44 97.29 -71.81
CA LYS CD 178 -36.38 98.14 -71.32
C LYS CD 178 -36.41 99.47 -72.00
N ARG CD 179 -36.58 99.40 -73.32
CA ARG CD 179 -36.98 100.51 -74.14
C ARG CD 179 -38.09 101.31 -73.49
N LYS CD 180 -39.22 100.67 -73.22
CA LYS CD 180 -40.41 101.42 -72.87
C LYS CD 180 -40.28 102.08 -71.52
N LEU CD 181 -39.74 101.36 -70.56
CA LEU CD 181 -39.60 101.92 -69.23
C LEU CD 181 -38.61 103.05 -69.24
N SER CD 182 -37.54 102.89 -70.01
CA SER CD 182 -36.57 103.95 -70.11
C SER CD 182 -37.16 105.18 -70.75
N GLN CD 183 -38.06 105.01 -71.72
CA GLN CD 183 -38.70 106.20 -72.27
C GLN CD 183 -39.62 106.84 -71.27
N ALA CD 184 -40.23 106.04 -70.41
CA ALA CD 184 -41.06 106.63 -69.37
C ALA CD 184 -40.22 107.51 -68.46
N GLN CD 185 -39.07 106.98 -68.08
CA GLN CD 185 -38.18 107.67 -67.16
C GLN CD 185 -37.60 108.90 -67.80
N ALA CD 186 -37.30 108.77 -69.08
CA ALA CD 186 -36.82 109.88 -69.85
C ALA CD 186 -37.86 110.99 -69.89
N GLU CD 187 -39.10 110.62 -70.19
CA GLU CD 187 -40.10 111.64 -70.40
C GLU CD 187 -40.40 112.34 -69.11
N THR CD 188 -40.39 111.59 -68.01
CA THR CD 188 -40.72 112.29 -66.78
C THR CD 188 -39.62 113.21 -66.34
N MET CD 189 -38.37 112.91 -66.63
CA MET CD 189 -37.42 113.90 -66.20
C MET CD 189 -37.37 115.07 -67.13
N MET CD 190 -37.64 114.87 -68.40
CA MET CD 190 -37.62 116.03 -69.26
C MET CD 190 -38.83 116.90 -69.05
N THR CD 191 -39.99 116.31 -68.81
CA THR CD 191 -41.14 117.09 -68.43
C THR CD 191 -40.93 117.75 -67.11
N PHE CD 192 -40.19 117.09 -66.23
CA PHE CD 192 -39.75 117.74 -65.03
C PHE CD 192 -38.98 119.00 -65.37
N LEU CD 193 -38.11 118.93 -66.35
CA LEU CD 193 -37.40 120.13 -66.76
C LEU CD 193 -38.27 121.18 -67.41
N TRP CD 194 -39.14 120.77 -68.30
CA TRP CD 194 -40.02 121.70 -68.98
C TRP CD 194 -40.97 122.34 -68.00
N ALA CD 195 -41.26 121.63 -66.95
CA ALA CD 195 -41.89 122.16 -65.77
C ALA CD 195 -40.95 122.99 -64.92
N ASN CD 196 -39.65 122.72 -64.94
CA ASN CD 196 -38.75 123.58 -64.21
C ASN CD 196 -38.66 124.93 -64.87
N GLY CD 197 -39.06 125.02 -66.12
CA GLY CD 197 -39.17 126.31 -66.74
C GLY CD 197 -38.06 126.41 -67.73
N ILE CD 198 -37.75 125.31 -68.37
CA ILE CD 198 -36.71 125.28 -69.38
C ILE CD 198 -37.39 125.13 -70.73
N ALA CD 199 -36.83 125.81 -71.71
CA ALA CD 199 -37.44 125.90 -73.03
C ALA CD 199 -37.45 124.54 -73.68
N ALA CD 200 -38.66 124.12 -74.03
CA ALA CD 200 -38.89 122.75 -74.48
C ALA CD 200 -38.21 122.44 -75.79
N LYS CD 201 -37.74 123.44 -76.51
CA LYS CD 201 -36.94 123.15 -77.67
C LYS CD 201 -35.47 123.18 -77.36
N ARG CD 202 -35.08 123.42 -76.11
CA ARG CD 202 -33.72 123.09 -75.73
C ARG CD 202 -33.57 121.64 -75.34
N LEU CD 203 -34.65 120.88 -75.27
CA LEU CD 203 -34.61 119.56 -74.67
C LEU CD 203 -34.63 118.47 -75.72
N LYS CD 204 -33.86 117.41 -75.46
CA LYS CD 204 -34.00 116.19 -76.26
C LYS CD 204 -33.61 114.99 -75.40
N ALA CD 205 -34.43 113.95 -75.49
CA ALA CD 205 -34.37 112.82 -74.58
C ALA CD 205 -34.34 111.51 -75.34
N GLU CD 206 -33.70 110.53 -74.74
CA GLU CD 206 -33.84 109.16 -75.20
C GLU CD 206 -33.55 108.21 -74.06
N GLY CD 207 -34.42 107.23 -73.88
CA GLY CD 207 -34.21 106.22 -72.89
C GLY CD 207 -33.71 104.96 -73.54
N TYR CD 208 -32.41 104.75 -73.43
CA TYR CD 208 -31.79 103.56 -73.96
C TYR CD 208 -31.96 102.44 -72.95
N GLY CD 209 -32.59 101.37 -73.40
CA GLY CD 209 -32.67 100.18 -72.62
C GLY CD 209 -31.33 99.49 -72.70
N ASP CD 210 -30.38 99.94 -71.89
CA ASP CD 210 -29.09 99.33 -71.57
C ASP CD 210 -28.19 99.03 -72.74
N LYS CD 211 -28.42 99.59 -73.92
CA LYS CD 211 -27.56 99.28 -75.05
C LYS CD 211 -26.23 100.00 -74.99
N ASN CD 212 -25.92 100.63 -73.86
CA ASN CD 212 -24.73 101.42 -73.65
C ASN CD 212 -23.85 100.90 -72.54
N ALA CD 213 -24.36 100.86 -71.31
CA ALA CD 213 -23.77 100.13 -70.19
C ALA CD 213 -22.37 100.62 -69.83
N ILE CD 214 -22.33 101.80 -69.21
CA ILE CD 214 -21.10 102.35 -68.63
C ILE CD 214 -20.45 101.42 -67.61
N SER CD 215 -21.22 100.54 -67.00
CA SER CD 215 -20.63 99.44 -66.29
C SER CD 215 -21.14 98.18 -66.92
N ASP CD 216 -20.81 97.05 -66.31
CA ASP CD 216 -21.43 95.81 -66.70
C ASP CD 216 -22.85 95.72 -66.17
N ASN CD 217 -23.47 94.58 -66.42
CA ASN CD 217 -24.64 94.20 -65.66
C ASN CD 217 -24.47 92.91 -64.91
N ALA CD 218 -23.47 92.11 -65.25
CA ALA CD 218 -23.31 90.80 -64.67
C ALA CD 218 -22.85 90.84 -63.22
N ILE CD 219 -22.46 92.00 -62.72
CA ILE CD 219 -22.23 92.14 -61.30
C ILE CD 219 -23.15 93.24 -60.81
N ILE CD 220 -23.39 93.21 -59.52
CA ILE CD 220 -24.56 93.82 -58.94
C ILE CD 220 -24.34 95.30 -58.74
N HIS CD 221 -23.22 95.63 -58.12
CA HIS CD 221 -22.79 97.02 -58.01
C HIS CD 221 -22.64 97.65 -59.38
N GLY CD 222 -22.21 96.87 -60.35
CA GLY CD 222 -22.13 97.37 -61.71
C GLY CD 222 -23.48 97.67 -62.30
N SER CD 223 -24.46 96.82 -62.06
CA SER CD 223 -25.79 97.10 -62.55
C SER CD 223 -26.40 98.29 -61.83
N ALA CD 224 -26.03 98.46 -60.56
CA ALA CD 224 -26.45 99.62 -59.79
C ALA CD 224 -25.90 100.88 -60.41
N GLN CD 225 -24.67 100.81 -60.86
CA GLN CD 225 -24.13 101.91 -61.61
C GLN CD 225 -24.77 102.01 -62.98
N ASN CD 226 -25.27 100.90 -63.51
CA ASN CD 226 -25.84 100.92 -64.84
C ASN CD 226 -27.16 101.66 -64.92
N ARG CD 227 -27.99 101.58 -63.89
CA ARG CD 227 -29.29 102.26 -64.02
C ARG CD 227 -29.15 103.73 -63.68
N ARG CD 228 -29.20 104.57 -64.71
CA ARG CD 228 -28.66 105.92 -64.64
C ARG CD 228 -29.39 106.76 -65.67
N ILE CD 229 -29.14 108.07 -65.61
CA ILE CD 229 -29.65 108.99 -66.61
C ILE CD 229 -28.47 109.85 -67.02
N GLU CD 230 -28.33 110.06 -68.32
CA GLU CD 230 -27.35 110.95 -68.90
C GLU CD 230 -27.96 112.32 -69.10
N ILE CD 231 -27.18 113.35 -68.85
CA ILE CD 231 -27.56 114.70 -69.20
C ILE CD 231 -26.36 115.33 -69.87
N GLN CD 232 -26.28 115.22 -71.18
CA GLN CD 232 -25.31 116.01 -71.91
C GLN CD 232 -25.94 117.35 -72.18
N TRP CD 233 -25.17 118.40 -72.00
CA TRP CD 233 -25.50 119.64 -72.67
C TRP CD 233 -24.22 120.37 -72.98
N PHE CD 234 -24.30 121.22 -73.98
CA PHE CD 234 -23.14 121.84 -74.52
C PHE CD 234 -22.92 123.11 -73.76
N ARG DD 99 41.57 116.89 -68.38
CA ARG DD 99 40.35 116.82 -67.57
C ARG DD 99 39.11 116.52 -68.40
N ASP DD 100 39.16 116.84 -69.70
CA ASP DD 100 38.13 116.46 -70.67
C ASP DD 100 38.78 116.10 -72.00
N SER DD 101 40.04 115.70 -71.96
CA SER DD 101 40.80 115.50 -73.17
C SER DD 101 40.49 114.14 -73.77
N LYS DD 102 41.32 113.75 -74.75
CA LYS DD 102 41.17 112.45 -75.39
C LYS DD 102 41.28 111.30 -74.39
N ARG DD 103 42.28 111.35 -73.52
CA ARG DD 103 42.43 110.29 -72.53
C ARG DD 103 41.26 110.30 -71.56
N LYS DD 104 40.73 111.48 -71.27
CA LYS DD 104 39.63 111.55 -70.34
C LYS DD 104 38.39 110.93 -70.95
N ILE DD 105 38.11 111.28 -72.20
CA ILE DD 105 36.90 110.81 -72.80
C ILE DD 105 36.99 109.35 -73.14
N ILE DD 106 38.18 108.81 -73.38
CA ILE DD 106 38.23 107.37 -73.48
C ILE DD 106 38.18 106.70 -72.12
N ARG DD 107 38.63 107.38 -71.05
CA ARG DD 107 38.54 106.81 -69.72
C ARG DD 107 37.10 106.63 -69.30
N ASP DD 108 36.32 107.69 -69.38
CA ASP DD 108 34.94 107.48 -69.02
C ASP DD 108 34.14 106.85 -70.13
N LEU DD 109 34.69 106.75 -71.35
CA LEU DD 109 34.13 105.86 -72.33
C LEU DD 109 34.14 104.43 -71.86
N GLN DD 110 35.27 103.95 -71.37
CA GLN DD 110 35.27 102.58 -70.89
C GLN DD 110 34.61 102.46 -69.54
N LYS DD 111 34.44 103.57 -68.84
CA LYS DD 111 33.47 103.57 -67.75
C LYS DD 111 32.08 103.28 -68.26
N GLN DD 112 31.75 103.82 -69.42
CA GLN DD 112 30.55 103.45 -70.13
C GLN DD 112 30.81 102.31 -71.10
N ASP DD 113 31.92 101.59 -70.89
CA ASP DD 113 32.34 100.34 -71.51
C ASP DD 113 31.96 100.17 -72.96
N ILE DD 114 32.30 101.12 -73.79
CA ILE DD 114 32.15 100.92 -75.22
C ILE DD 114 33.53 100.68 -75.74
N GLN DD 115 33.77 99.51 -76.28
CA GLN DD 115 35.15 99.04 -76.33
C GLN DD 115 35.96 99.79 -77.36
N TYR DD 116 36.94 100.52 -76.86
CA TYR DD 116 37.66 101.47 -77.67
C TYR DD 116 38.98 100.85 -78.06
N VAL DD 117 39.29 100.93 -79.33
CA VAL DD 117 40.53 100.46 -79.87
C VAL DD 117 41.27 101.67 -80.40
N GLU DD 118 42.40 102.00 -79.78
CA GLU DD 118 43.39 102.78 -80.50
C GLU DD 118 44.56 101.88 -80.85
N TYR DD 119 44.89 101.89 -82.12
CA TYR DD 119 45.84 100.99 -82.76
C TYR DD 119 46.09 101.64 -84.11
N GLY DD 120 47.36 101.78 -84.47
CA GLY DD 120 47.73 102.22 -85.80
C GLY DD 120 47.17 103.58 -86.05
N ASP DD 121 46.49 103.74 -87.17
CA ASP DD 121 45.51 104.80 -87.22
C ASP DD 121 44.10 104.26 -87.03
N THR DD 122 43.87 103.01 -87.38
CA THR DD 122 42.51 102.52 -87.47
C THR DD 122 41.97 102.27 -86.06
N ARG DD 123 41.21 103.22 -85.60
CA ARG DD 123 40.57 103.12 -84.32
C ARG DD 123 39.23 102.47 -84.52
N THR DD 124 38.87 101.63 -83.58
CA THR DD 124 37.72 100.76 -83.76
C THR DD 124 36.87 100.78 -82.51
N LEU DD 125 35.60 100.95 -82.70
CA LEU DD 125 34.70 100.90 -81.57
C LEU DD 125 33.80 99.70 -81.65
N ILE DD 126 33.67 99.04 -80.52
CA ILE DD 126 32.88 97.83 -80.42
C ILE DD 126 31.73 98.10 -79.52
N ILE DD 127 30.55 97.73 -79.97
CA ILE DD 127 29.34 98.22 -79.37
C ILE DD 127 28.48 97.03 -78.97
N PRO DD 128 28.19 96.92 -77.69
CA PRO DD 128 27.14 96.01 -77.23
C PRO DD 128 25.81 96.49 -77.76
N THR DD 129 25.41 95.86 -78.86
CA THR DD 129 24.14 96.14 -79.52
C THR DD 129 22.97 96.10 -78.59
N ASP DD 130 22.97 95.13 -77.69
CA ASP DD 130 21.87 94.87 -76.79
C ASP DD 130 21.52 96.08 -75.95
N LYS DD 131 22.44 96.56 -75.15
CA LYS DD 131 22.09 97.65 -74.29
C LYS DD 131 22.28 98.96 -74.99
N TYR DD 132 22.76 98.95 -76.23
CA TYR DD 132 22.60 100.11 -77.07
C TYR DD 132 21.51 99.90 -78.10
N PHE DD 133 20.49 99.17 -77.72
CA PHE DD 133 19.30 99.07 -78.53
C PHE DD 133 18.14 98.80 -77.62
N MET DD 134 16.95 98.99 -78.15
CA MET DD 134 15.92 98.10 -77.69
C MET DD 134 16.02 96.77 -78.40
N PHE DD 135 15.63 95.72 -77.69
CA PHE DD 135 15.84 94.34 -78.09
C PHE DD 135 15.20 94.02 -79.41
N SER DD 136 15.97 93.31 -80.25
CA SER DD 136 15.51 92.71 -81.51
C SER DD 136 14.93 93.75 -82.45
N SER DD 137 15.42 94.96 -82.29
CA SER DD 137 14.77 96.11 -82.88
C SER DD 137 15.83 96.92 -83.53
N PRO DD 138 15.49 97.65 -84.58
CA PRO DD 138 16.34 98.76 -84.99
C PRO DD 138 16.32 99.95 -84.04
N ARG DD 139 15.53 99.94 -82.99
CA ARG DD 139 15.37 101.17 -82.24
C ARG DD 139 16.44 101.31 -81.17
N LEU DD 140 17.22 102.37 -81.31
CA LEU DD 140 18.33 102.68 -80.45
C LEU DD 140 17.89 102.87 -79.02
N ASN DD 141 18.65 102.28 -78.12
CA ASN DD 141 18.41 102.51 -76.72
C ASN DD 141 18.80 103.93 -76.41
N GLU DD 142 17.85 104.82 -76.55
CA GLU DD 142 18.12 106.23 -76.37
C GLU DD 142 18.38 106.61 -74.92
N ILE DD 143 18.16 105.72 -73.95
CA ILE DD 143 18.56 106.04 -72.59
C ILE DD 143 20.08 106.12 -72.48
N CYS DD 144 20.79 105.47 -73.39
CA CYS DD 144 22.24 105.42 -73.28
C CYS DD 144 22.91 106.58 -73.99
N TYR DD 145 22.30 107.75 -73.85
CA TYR DD 145 22.78 108.93 -74.56
C TYR DD 145 24.19 109.41 -74.22
N PRO DD 146 24.66 109.51 -72.94
CA PRO DD 146 25.85 110.33 -72.69
C PRO DD 146 27.11 109.73 -73.25
N GLY DD 147 27.16 108.40 -73.27
CA GLY DD 147 28.20 107.71 -73.99
C GLY DD 147 28.20 108.05 -75.45
N LEU DD 148 27.03 108.11 -76.07
CA LEU DD 148 26.95 108.36 -77.50
C LEU DD 148 27.36 109.78 -77.83
N ASN DD 149 27.04 110.70 -76.93
CA ASN DD 149 27.55 112.05 -77.04
C ASN DD 149 29.06 112.06 -77.04
N ASN DD 150 29.62 111.28 -76.14
CA ASN DD 150 31.05 111.24 -76.03
C ASN DD 150 31.67 110.46 -77.17
N VAL DD 151 30.92 109.52 -77.75
CA VAL DD 151 31.29 108.84 -78.97
C VAL DD 151 31.54 109.84 -80.05
N ILE DD 152 30.60 110.74 -80.23
CA ILE DD 152 30.78 111.66 -81.33
C ILE DD 152 31.85 112.67 -80.97
N ARG DD 153 31.97 112.98 -79.67
CA ARG DD 153 32.99 113.90 -79.17
C ARG DD 153 34.38 113.41 -79.48
N LEU DD 154 34.64 112.15 -79.23
CA LEU DD 154 35.94 111.60 -79.55
C LEU DD 154 36.08 111.39 -81.05
N LEU DD 155 35.00 111.01 -81.72
CA LEU DD 155 35.04 110.73 -83.15
C LEU DD 155 35.39 111.94 -83.97
N ASN DD 156 35.08 113.12 -83.45
CA ASN DD 156 35.41 114.33 -84.16
C ASN DD 156 36.90 114.62 -84.14
N PHE DD 157 37.65 113.94 -83.28
CA PHE DD 157 39.08 114.13 -83.25
C PHE DD 157 39.75 113.47 -84.43
N TYR DD 158 39.02 112.70 -85.24
CA TYR DD 158 39.54 112.11 -86.47
C TYR DD 158 38.60 112.45 -87.59
N PRO DD 159 38.43 113.74 -87.88
CA PRO DD 159 37.27 114.18 -88.65
C PRO DD 159 37.44 114.06 -90.15
N GLN DD 160 38.34 113.23 -90.62
CA GLN DD 160 38.48 113.04 -92.04
C GLN DD 160 38.44 111.60 -92.41
N SER DD 161 38.77 110.73 -91.48
CA SER DD 161 38.84 109.32 -91.72
C SER DD 161 37.50 108.73 -92.07
N THR DD 162 37.52 107.91 -93.10
CA THR DD 162 36.33 107.16 -93.44
C THR DD 162 36.24 105.91 -92.58
N ILE DD 163 35.01 105.42 -92.44
CA ILE DD 163 34.62 104.56 -91.33
C ILE DD 163 33.94 103.32 -91.85
N TYR DD 164 34.56 102.16 -91.67
CA TYR DD 164 33.83 100.92 -91.62
C TYR DD 164 33.00 100.88 -90.34
N VAL DD 165 31.76 100.46 -90.43
CA VAL DD 165 31.02 100.00 -89.26
C VAL DD 165 30.30 98.72 -89.60
N ALA DD 166 30.02 97.91 -88.59
CA ALA DD 166 29.57 96.56 -88.85
C ALA DD 166 28.67 96.03 -87.75
N GLY DD 167 27.53 95.50 -88.15
CA GLY DD 167 26.52 95.00 -87.25
C GLY DD 167 26.73 93.51 -87.04
N PHE DD 168 26.39 93.02 -85.85
CA PHE DD 168 26.71 91.63 -85.56
C PHE DD 168 25.68 90.98 -84.68
N THR DD 169 25.50 89.69 -84.93
CA THR DD 169 24.39 88.95 -84.38
C THR DD 169 24.99 87.82 -83.57
N ASP DD 170 24.16 86.85 -83.25
CA ASP DD 170 24.68 85.54 -82.95
C ASP DD 170 23.97 84.51 -83.82
N ASN DD 171 24.24 83.26 -83.50
CA ASN DD 171 24.08 82.05 -84.28
C ASN DD 171 22.65 81.65 -84.59
N VAL DD 172 21.69 82.49 -84.32
CA VAL DD 172 20.33 82.02 -84.15
C VAL DD 172 19.43 82.47 -85.30
N GLY DD 173 18.40 81.69 -85.58
CA GLY DD 173 17.46 82.05 -86.61
C GLY DD 173 18.02 81.85 -88.01
N SER DD 174 17.27 82.36 -88.98
CA SER DD 174 17.71 82.26 -90.36
C SER DD 174 18.93 83.11 -90.60
N ARG DD 175 19.76 82.63 -91.53
CA ARG DD 175 20.86 83.44 -92.01
C ARG DD 175 20.33 84.71 -92.64
N SER DD 176 19.19 84.60 -93.34
CA SER DD 176 18.55 85.72 -93.96
C SER DD 176 18.11 86.69 -92.91
N HIS DD 177 17.53 86.16 -91.83
CA HIS DD 177 17.23 86.96 -90.68
C HIS DD 177 18.41 87.71 -90.11
N LYS DD 178 19.49 87.00 -89.83
CA LYS DD 178 20.60 87.58 -89.11
C LYS DD 178 21.22 88.69 -89.91
N ARG DD 179 21.40 88.40 -91.20
CA ARG DD 179 21.64 89.38 -92.23
C ARG DD 179 20.75 90.58 -92.04
N LYS DD 180 19.43 90.39 -92.10
CA LYS DD 180 18.53 91.51 -92.21
C LYS DD 180 18.52 92.38 -90.98
N LEU DD 181 18.50 91.75 -89.83
CA LEU DD 181 18.47 92.50 -88.60
C LEU DD 181 19.76 93.25 -88.40
N SER DD 182 20.86 92.62 -88.77
CA SER DD 182 22.13 93.30 -88.66
C SER DD 182 22.19 94.50 -89.59
N GLN DD 183 21.58 94.40 -90.77
CA GLN DD 183 21.57 95.58 -91.62
C GLN DD 183 20.71 96.67 -91.05
N ALA DD 184 19.65 96.28 -90.34
CA ALA DD 184 18.83 97.29 -89.70
C ALA DD 184 19.65 98.04 -88.67
N GLN DD 185 20.39 97.30 -87.89
CA GLN DD 185 21.19 97.86 -86.81
C GLN DD 185 22.30 98.70 -87.35
N ALA DD 186 22.87 98.22 -88.44
CA ALA DD 186 23.89 98.96 -89.14
C ALA DD 186 23.36 100.28 -89.63
N GLU DD 187 22.20 100.25 -90.28
CA GLU DD 187 21.71 101.47 -90.89
C GLU DD 187 21.33 102.47 -89.85
N THR DD 188 20.79 102.01 -88.74
CA THR DD 188 20.41 103.00 -87.76
C THR DD 188 21.60 103.63 -87.09
N MET DD 189 22.69 102.91 -86.93
CA MET DD 189 23.78 103.64 -86.32
C MET DD 189 24.49 104.52 -87.31
N MET DD 190 24.50 104.15 -88.57
CA MET DD 190 25.16 105.04 -89.49
C MET DD 190 24.32 106.26 -89.79
N THR DD 191 23.00 106.10 -89.86
CA THR DD 191 22.15 107.25 -89.96
C THR DD 191 22.21 108.08 -88.72
N PHE DD 192 22.40 107.43 -87.58
CA PHE DD 192 22.71 108.16 -86.38
C PHE DD 192 23.92 109.02 -86.59
N LEU DD 193 24.94 108.50 -87.24
CA LEU DD 193 26.12 109.32 -87.52
C LEU DD 193 25.87 110.42 -88.51
N TRP DD 194 25.18 110.11 -89.59
CA TRP DD 194 24.91 111.09 -90.61
C TRP DD 194 24.01 112.19 -90.07
N ALA DD 195 23.21 111.83 -89.09
CA ALA DD 195 22.52 112.76 -88.24
C ALA DD 195 23.42 113.43 -87.24
N ASN DD 196 24.51 112.78 -86.81
CA ASN DD 196 25.43 113.46 -85.92
C ASN DD 196 26.15 114.56 -86.66
N GLY DD 197 26.15 114.50 -87.97
CA GLY DD 197 26.66 115.60 -88.72
C GLY DD 197 27.97 115.17 -89.31
N ILE DD 198 28.03 113.92 -89.69
CA ILE DD 198 29.22 113.37 -90.31
C ILE DD 198 28.93 113.14 -91.77
N ALA DD 199 29.92 113.42 -92.61
CA ALA DD 199 29.76 113.40 -94.04
C ALA DD 199 29.45 112.00 -94.51
N ALA DD 200 28.32 111.89 -95.18
CA ALA DD 200 27.75 110.60 -95.54
C ALA DD 200 28.61 109.83 -96.52
N LYS DD 201 29.57 110.47 -97.15
CA LYS DD 201 30.49 109.73 -97.95
C LYS DD 201 31.75 109.38 -97.19
N ARG DD 202 31.84 109.74 -95.91
CA ARG DD 202 32.85 109.11 -95.09
C ARG DD 202 32.37 107.79 -94.51
N LEU DD 203 31.11 107.42 -94.71
CA LEU DD 203 30.54 106.30 -93.99
C LEU DD 203 30.42 105.08 -94.86
N LYS DD 204 30.68 103.91 -94.27
CA LYS DD 204 30.34 102.65 -94.93
C LYS DD 204 30.04 101.60 -93.88
N ALA DD 205 28.98 100.86 -94.11
CA ALA DD 205 28.39 99.98 -93.11
C ALA DD 205 28.16 98.59 -93.68
N GLU DD 206 28.23 97.61 -92.80
CA GLU DD 206 27.76 96.27 -93.13
C GLU DD 206 27.38 95.55 -91.86
N GLY DD 207 26.22 94.93 -91.87
CA GLY DD 207 25.77 94.14 -90.75
C GLY DD 207 25.97 92.67 -91.08
N TYR DD 208 27.03 92.12 -90.54
CA TYR DD 208 27.31 90.71 -90.70
C TYR DD 208 26.50 89.93 -89.70
N GLY DD 209 25.69 89.03 -90.21
CA GLY DD 209 24.99 88.10 -89.36
C GLY DD 209 25.98 87.04 -88.93
N ASP DD 210 26.78 87.36 -87.93
CA ASP DD 210 27.62 86.46 -87.13
C ASP DD 210 28.65 85.67 -87.91
N LYS DD 211 28.94 86.02 -89.16
CA LYS DD 211 29.91 85.23 -89.91
C LYS DD 211 31.35 85.52 -89.50
N ASN DD 212 31.54 86.24 -88.40
CA ASN DD 212 32.83 86.67 -87.92
C ASN DD 212 33.15 86.15 -86.53
N ALA DD 213 32.34 86.53 -85.53
CA ALA DD 213 32.32 85.90 -84.21
C ALA DD 213 33.66 86.02 -83.47
N ILE DD 214 33.93 87.24 -83.00
CA ILE DD 214 35.07 87.50 -82.12
C ILE DD 214 35.06 86.65 -80.86
N SER DD 215 33.90 86.19 -80.43
CA SER DD 215 33.86 85.14 -79.46
C SER DD 215 33.13 83.98 -80.08
N ASP DD 216 32.88 82.96 -79.28
CA ASP DD 216 31.98 81.91 -79.72
C ASP DD 216 30.54 82.36 -79.65
N ASN DD 217 29.65 81.43 -79.96
CA ASN DD 217 28.27 81.59 -79.59
C ASN DD 217 27.76 80.50 -78.69
N ALA DD 218 28.48 79.38 -78.61
CA ALA DD 218 28.01 78.23 -77.86
C ALA DD 218 28.06 78.44 -76.36
N ILE DD 219 28.67 79.50 -75.89
CA ILE DD 219 28.55 79.85 -74.50
C ILE DD 219 27.97 81.25 -74.45
N ILE DD 220 27.39 81.57 -73.31
CA ILE DD 220 26.41 82.60 -73.20
C ILE DD 220 27.06 83.96 -73.10
N HIS DD 221 28.03 84.07 -72.19
CA HIS DD 221 28.85 85.26 -72.10
C HIS DD 221 29.57 85.51 -73.41
N GLY DD 222 29.96 84.45 -74.10
CA GLY DD 222 30.57 84.61 -75.40
C GLY DD 222 29.62 85.18 -76.43
N SER DD 223 28.38 84.73 -76.42
CA SER DD 223 27.40 85.28 -77.34
C SER DD 223 27.08 86.72 -77.00
N ALA DD 224 27.13 87.03 -75.70
CA ALA DD 224 26.95 88.40 -75.23
C ALA DD 224 28.05 89.28 -75.78
N GLN DD 225 29.26 88.76 -75.79
CA GLN DD 225 30.33 89.46 -76.45
C GLN DD 225 30.15 89.46 -77.94
N ASN DD 226 29.46 88.46 -78.49
CA ASN DD 226 29.31 88.37 -79.92
C ASN DD 226 28.40 89.44 -80.51
N ARG DD 227 27.35 89.82 -79.80
CA ARG DD 227 26.46 90.82 -80.40
C ARG DD 227 27.01 92.23 -80.19
N ARG DD 228 27.53 92.80 -81.27
CA ARG DD 228 28.46 93.92 -81.18
C ARG DD 228 28.37 94.71 -82.47
N ILE DD 229 29.03 95.85 -82.48
CA ILE DD 229 29.16 96.66 -83.68
C ILE DD 229 30.63 97.02 -83.79
N GLU DD 230 31.18 96.92 -84.99
CA GLU DD 230 32.52 97.31 -85.31
C GLU DD 230 32.51 98.73 -85.84
N ILE DD 231 33.50 99.52 -85.46
CA ILE DD 231 33.72 100.81 -86.06
C ILE DD 231 35.20 100.91 -86.38
N GLN DD 232 35.58 100.51 -87.56
CA GLN DD 232 36.92 100.79 -88.04
C GLN DD 232 36.89 102.18 -88.63
N TRP DD 233 37.90 102.97 -88.33
CA TRP DD 233 38.22 104.08 -89.19
C TRP DD 233 39.71 104.31 -89.16
N PHE DD 234 40.19 104.92 -90.22
CA PHE DD 234 41.60 105.04 -90.41
C PHE DD 234 42.03 106.32 -89.76
N ARG ED 99 96.32 82.34 -63.28
CA ARG ED 99 95.00 82.81 -62.90
C ARG ED 99 94.00 82.72 -64.06
N ASP ED 100 94.50 82.73 -65.30
CA ASP ED 100 93.72 82.49 -66.50
C ASP ED 100 94.53 81.70 -67.50
N SER ED 101 95.51 80.96 -67.02
CA SER ED 101 96.45 80.29 -67.89
C SER ED 101 95.87 78.99 -68.41
N LYS ED 102 96.73 78.16 -69.01
CA LYS ED 102 96.31 76.87 -69.53
C LYS ED 102 95.75 75.98 -68.44
N ARG ED 103 96.42 75.91 -67.30
CA ARG ED 103 95.92 75.08 -66.21
C ARG ED 103 94.62 75.64 -65.68
N LYS ED 104 94.47 76.95 -65.70
CA LYS ED 104 93.25 77.55 -65.20
C LYS ED 104 92.09 77.21 -66.10
N ILE ED 105 92.30 77.36 -67.40
CA ILE ED 105 91.20 77.16 -68.31
C ILE ED 105 90.88 75.70 -68.45
N ILE ED 106 91.83 74.80 -68.23
CA ILE ED 106 91.39 73.42 -68.16
C ILE ED 106 90.75 73.09 -66.82
N ARG ED 107 91.10 73.81 -65.75
CA ARG ED 107 90.45 73.59 -64.47
C ARG ED 107 88.98 73.93 -64.52
N ASP ED 108 88.68 75.13 -64.95
CA ASP ED 108 87.28 75.44 -65.04
C ASP ED 108 86.63 74.85 -66.29
N LEU ED 109 87.42 74.35 -67.24
CA LEU ED 109 86.87 73.48 -68.25
C LEU ED 109 86.25 72.24 -67.65
N GLN ED 110 86.97 71.56 -66.77
CA GLN ED 110 86.36 70.38 -66.20
C GLN ED 110 85.37 70.75 -65.12
N LYS ED 111 85.40 71.98 -64.63
CA LYS ED 111 84.24 72.49 -63.91
C LYS ED 111 83.04 72.53 -64.82
N GLN ED 112 83.24 72.90 -66.07
CA GLN ED 112 82.23 72.76 -67.09
C GLN ED 112 82.32 71.43 -67.80
N ASP ED 113 83.01 70.46 -67.17
CA ASP ED 113 83.11 69.04 -67.48
C ASP ED 113 83.11 68.70 -68.96
N ILE ED 114 83.98 69.31 -69.73
CA ILE ED 114 84.15 68.87 -71.09
C ILE ED 114 85.46 68.13 -71.11
N GLN ED 115 85.41 66.85 -71.41
CA GLN ED 115 86.49 66.00 -70.97
C GLN ED 115 87.76 66.24 -71.76
N TYR ED 116 88.76 66.73 -71.04
CA TYR ED 116 89.96 67.23 -71.67
C TYR ED 116 91.03 66.18 -71.54
N VAL ED 117 91.68 65.91 -72.65
CA VAL ED 117 92.78 64.97 -72.70
C VAL ED 117 94.00 65.77 -73.08
N GLU ED 118 94.97 65.87 -72.18
CA GLU ED 118 96.33 66.15 -72.62
C GLU ED 118 97.14 64.88 -72.47
N TYR ED 119 97.79 64.53 -73.56
CA TYR ED 119 98.50 63.27 -73.76
C TYR ED 119 99.31 63.54 -75.01
N GLY ED 120 100.60 63.21 -74.95
CA GLY ED 120 101.45 63.22 -76.13
C GLY ED 120 101.50 64.61 -76.68
N ASP ED 121 101.24 64.73 -77.98
CA ASP ED 121 100.74 66.00 -78.45
C ASP ED 121 99.24 65.96 -78.68
N THR ED 122 98.69 64.80 -78.95
CA THR ED 122 97.32 64.72 -79.42
C THR ED 122 96.38 64.95 -78.26
N ARG ED 123 95.90 66.16 -78.16
CA ARG ED 123 94.95 66.51 -77.14
C ARG ED 123 93.57 66.27 -77.71
N THR ED 124 92.69 65.80 -76.85
CA THR ED 124 91.42 65.29 -77.31
C THR ED 124 90.32 65.81 -76.41
N LEU ED 125 89.29 66.31 -77.02
CA LEU ED 125 88.16 66.77 -76.24
C LEU ED 125 86.94 65.91 -76.48
N ILE ED 126 86.29 65.57 -75.39
CA ILE ED 126 85.14 64.70 -75.43
C ILE ED 126 83.96 65.49 -74.98
N ILE ED 127 82.90 65.40 -75.75
CA ILE ED 127 81.81 66.34 -75.63
C ILE ED 127 80.52 65.58 -75.40
N PRO ED 128 79.87 65.83 -74.29
CA PRO ED 128 78.50 65.39 -74.10
C PRO ED 128 77.61 66.13 -75.08
N THR ED 129 77.32 65.43 -76.18
CA THR ED 129 76.47 65.94 -77.24
C THR ED 129 75.15 66.44 -76.73
N ASP ED 130 74.57 65.72 -75.79
CA ASP ED 130 73.25 66.00 -75.28
C ASP ED 130 73.13 67.40 -74.72
N LYS ED 131 73.90 67.74 -73.71
CA LYS ED 131 73.74 69.04 -73.14
C LYS ED 131 74.56 70.06 -73.88
N TYR ED 132 75.31 69.65 -74.88
CA TYR ED 132 75.80 70.61 -75.85
C TYR ED 132 75.04 70.52 -77.15
N PHE ED 133 73.77 70.22 -77.05
CA PHE ED 133 72.88 70.32 -78.18
C PHE ED 133 71.50 70.62 -77.68
N MET ED 134 70.64 71.03 -78.58
CA MET ED 134 69.27 70.60 -78.39
C MET ED 134 69.10 69.18 -78.88
N PHE ED 135 68.19 68.48 -78.23
CA PHE ED 135 68.01 67.05 -78.39
C PHE ED 135 67.68 66.66 -79.81
N SER ED 136 68.34 65.60 -80.28
CA SER ED 136 68.06 64.91 -81.55
C SER ED 136 68.16 65.86 -82.72
N SER ED 137 68.99 66.88 -82.56
CA SER ED 137 68.95 68.02 -83.42
C SER ED 137 70.37 68.33 -83.78
N PRO ED 138 70.60 68.91 -84.95
CA PRO ED 138 71.87 69.58 -85.18
C PRO ED 138 72.00 70.89 -84.43
N ARG ED 139 71.00 71.35 -83.69
CA ARG ED 139 71.10 72.69 -83.16
C ARG ED 139 71.80 72.71 -81.82
N LEU ED 140 72.92 73.44 -81.82
CA LEU ED 140 73.79 73.57 -80.68
C LEU ED 140 73.07 74.18 -79.50
N ASN ED 141 73.30 73.59 -78.34
CA ASN ED 141 72.79 74.17 -77.13
C ASN ED 141 73.55 75.44 -76.86
N GLU ED 142 73.04 76.53 -77.39
CA GLU ED 142 73.73 77.79 -77.27
C GLU ED 142 73.71 78.37 -75.86
N ILE ED 143 72.94 77.80 -74.94
CA ILE ED 143 73.05 78.26 -73.56
C ILE ED 143 74.40 77.90 -72.98
N CYS ED 144 75.06 76.89 -73.53
CA CYS ED 144 76.31 76.44 -72.95
C CYS ED 144 77.50 77.18 -73.53
N TYR ED 145 77.34 78.47 -73.72
CA TYR ED 145 78.36 79.29 -74.35
C TYR ED 145 79.71 79.37 -73.62
N PRO ED 146 79.82 79.60 -72.28
CA PRO ED 146 81.10 80.05 -71.74
C PRO ED 146 82.18 79.00 -71.80
N GLY ED 147 81.77 77.74 -71.66
CA GLY ED 147 82.65 76.63 -71.92
C GLY ED 147 83.17 76.66 -73.34
N LEU ED 148 82.30 76.92 -74.30
CA LEU ED 148 82.70 76.90 -75.70
C LEU ED 148 83.66 78.01 -76.03
N ASN ED 149 83.45 79.16 -75.37
CA ASN ED 149 84.41 80.25 -75.47
C ASN ED 149 85.75 79.80 -74.97
N ASN ED 150 85.74 79.09 -73.86
CA ASN ED 150 86.99 78.64 -73.29
C ASN ED 150 87.58 77.49 -74.08
N VAL ED 151 86.73 76.73 -74.77
CA VAL ED 151 87.17 75.74 -75.73
C VAL ED 151 88.04 76.37 -76.76
N ILE ED 152 87.55 77.45 -77.34
CA ILE ED 152 88.33 78.03 -78.41
C ILE ED 152 89.54 78.73 -77.82
N ARG ED 153 89.41 79.24 -76.60
CA ARG ED 153 90.50 79.90 -75.90
C ARG ED 153 91.67 78.96 -75.68
N LEU ED 154 91.39 77.76 -75.23
CA LEU ED 154 92.45 76.80 -75.05
C LEU ED 154 92.91 76.24 -76.39
N LEU ED 155 92.00 76.07 -77.34
CA LEU ED 155 92.32 75.51 -78.63
C LEU ED 155 93.28 76.36 -79.42
N ASN ED 156 93.27 77.65 -79.16
CA ASN ED 156 94.18 78.54 -79.84
C ASN ED 156 95.61 78.37 -79.37
N PHE ED 157 95.82 77.68 -78.25
CA PHE ED 157 97.16 77.44 -77.78
C PHE ED 157 97.85 76.38 -78.61
N TYR ED 158 97.14 75.73 -79.52
CA TYR ED 158 97.73 74.75 -80.44
C TYR ED 158 97.31 75.13 -81.85
N PRO ED 159 97.70 76.31 -82.30
CA PRO ED 159 97.01 76.91 -83.44
C PRO ED 159 97.53 76.44 -84.79
N GLN ED 160 98.17 75.30 -84.85
CA GLN ED 160 98.62 74.79 -86.12
C GLN ED 160 98.18 73.38 -86.33
N SER ED 161 97.92 72.67 -85.26
CA SER ED 161 97.55 71.29 -85.31
C SER ED 161 96.24 71.06 -86.02
N THR ED 162 96.25 70.08 -86.91
CA THR ED 162 95.02 69.67 -87.51
C THR ED 162 94.26 68.71 -86.61
N ILE ED 163 92.96 68.64 -86.83
CA ILE ED 163 92.01 68.20 -85.83
C ILE ED 163 91.10 67.14 -86.41
N TYR ED 164 91.21 65.91 -85.91
CA TYR ED 164 90.10 64.97 -85.96
C TYR ED 164 89.01 65.46 -85.03
N VAL ED 165 87.76 65.42 -85.48
CA VAL ED 165 86.62 65.46 -84.57
C VAL ED 165 85.62 64.40 -84.99
N ALA ED 166 84.81 63.96 -84.05
CA ALA ED 166 84.00 62.77 -84.30
C ALA ED 166 82.72 62.78 -83.48
N GLY ED 167 81.62 62.55 -84.18
CA GLY ED 167 80.30 62.55 -83.61
C GLY ED 167 79.91 61.15 -83.19
N PHE ED 168 79.11 61.05 -82.13
CA PHE ED 168 78.83 59.73 -81.61
C PHE ED 168 77.43 59.61 -81.05
N THR ED 169 76.90 58.41 -81.21
CA THR ED 169 75.50 58.16 -80.97
C THR ED 169 75.42 57.09 -79.90
N ASP ED 170 74.25 56.51 -79.77
CA ASP ED 170 74.18 55.19 -79.19
C ASP ED 170 73.42 54.27 -80.12
N ASN ED 171 73.14 53.09 -79.60
CA ASN ED 171 72.79 51.85 -80.27
C ASN ED 171 71.45 51.85 -80.98
N VAL ED 172 70.80 52.97 -81.12
CA VAL ED 172 69.38 52.97 -81.36
C VAL ED 172 69.04 53.42 -82.77
N GLY ED 173 67.92 52.94 -83.29
CA GLY ED 173 67.47 53.36 -84.60
C GLY ED 173 68.28 52.72 -85.71
N SER ED 174 68.06 53.21 -86.93
CA SER ED 174 68.80 52.70 -88.06
C SER ED 174 70.25 53.08 -87.99
N ARG ED 175 71.07 52.19 -88.54
CA ARG ED 175 72.47 52.51 -88.73
C ARG ED 175 72.60 53.73 -89.62
N SER ED 176 71.74 53.81 -90.63
CA SER ED 176 71.72 54.93 -91.54
C SER ED 176 71.38 56.19 -90.80
N HIS ED 177 70.39 56.08 -89.92
CA HIS ED 177 70.08 57.17 -89.01
C HIS ED 177 71.25 57.62 -88.17
N LYS ED 178 71.89 56.69 -87.49
CA LYS ED 178 72.89 57.05 -86.51
C LYS ED 178 74.05 57.72 -87.18
N ARG ED 179 74.46 57.14 -88.30
CA ARG ED 179 75.30 57.77 -89.28
C ARG ED 179 74.88 59.19 -89.53
N LYS ED 180 73.64 59.39 -89.98
CA LYS ED 180 73.26 60.69 -90.51
C LYS ED 180 73.21 61.75 -89.44
N LEU ED 181 72.67 61.40 -88.30
CA LEU ED 181 72.56 62.37 -87.23
C LEU ED 181 73.93 62.73 -86.70
N SER ED 182 74.80 61.74 -86.63
CA SER ED 182 76.14 62.00 -86.19
C SER ED 182 76.87 62.91 -87.16
N GLN ED 183 76.61 62.76 -88.46
CA GLN ED 183 77.25 63.68 -89.39
C GLN ED 183 76.68 65.07 -89.25
N ALA ED 184 75.41 65.18 -88.89
CA ALA ED 184 74.86 66.51 -88.65
C ALA ED 184 75.58 67.17 -87.49
N GLN ED 185 75.78 66.41 -86.44
CA GLN ED 185 76.39 66.92 -85.23
C GLN ED 185 77.84 67.26 -85.46
N ALA ED 186 78.47 66.42 -86.25
CA ALA ED 186 79.83 66.65 -86.66
C ALA ED 186 79.95 67.94 -87.42
N GLU ED 187 79.07 68.13 -88.41
CA GLU ED 187 79.22 69.27 -89.28
C GLU ED 187 78.95 70.54 -88.52
N THR ED 188 78.00 70.50 -87.60
CA THR ED 188 77.74 71.74 -86.91
C THR ED 188 78.85 72.10 -85.96
N MET ED 189 79.53 71.14 -85.38
CA MET ED 189 80.59 71.63 -84.54
C MET ED 189 81.80 72.04 -85.33
N MET ED 190 82.03 71.42 -86.47
CA MET ED 190 83.19 71.86 -87.22
C MET ED 190 82.93 73.19 -87.89
N THR ED 191 81.72 73.41 -88.37
CA THR ED 191 81.38 74.73 -88.86
C THR ED 191 81.39 75.73 -87.76
N PHE ED 192 81.03 75.30 -86.56
CA PHE ED 192 81.24 76.14 -85.41
C PHE ED 192 82.68 76.54 -85.30
N LEU ED 193 83.59 75.61 -85.51
CA LEU ED 193 85.00 75.96 -85.49
C LEU ED 193 85.43 76.86 -86.63
N TRP ED 194 85.00 76.55 -87.83
CA TRP ED 194 85.37 77.35 -88.98
C TRP ED 194 84.80 78.74 -88.87
N ALA ED 195 83.69 78.85 -88.17
CA ALA ED 195 83.17 80.09 -87.69
C ALA ED 195 83.94 80.66 -86.53
N ASN ED 196 84.58 79.82 -85.71
CA ASN ED 196 85.40 80.36 -84.64
C ASN ED 196 86.63 81.01 -85.21
N GLY ED 197 86.96 80.69 -86.44
CA GLY ED 197 88.02 81.40 -87.10
C GLY ED 197 89.18 80.49 -87.19
N ILE ED 198 88.91 79.22 -87.39
CA ILE ED 198 89.96 78.23 -87.54
C ILE ED 198 90.00 77.81 -88.99
N ALA ED 199 91.22 77.59 -89.47
CA ALA ED 199 91.47 77.32 -90.86
C ALA ED 199 90.83 76.02 -91.26
N ALA ED 200 89.94 76.12 -92.25
CA ALA ED 200 89.08 75.01 -92.64
C ALA ED 200 89.85 73.84 -93.20
N LYS ED 201 91.11 74.02 -93.55
CA LYS ED 201 91.90 72.88 -93.93
C LYS ED 201 92.70 72.33 -92.76
N ARG ED 202 92.55 72.91 -91.58
CA ARG ED 202 93.02 72.19 -90.40
C ARG ED 202 91.98 71.21 -89.87
N LEU ED 203 90.77 71.21 -90.44
CA LEU ED 203 89.67 70.49 -89.83
C LEU ED 203 89.37 69.20 -90.56
N LYS ED 204 89.03 68.17 -89.80
CA LYS ED 204 88.47 66.96 -90.40
C LYS ED 204 87.56 66.28 -89.39
N ALA ED 205 86.39 65.87 -89.87
CA ALA ED 205 85.30 65.43 -89.04
C ALA ED 205 84.76 64.09 -89.51
N GLU ED 206 84.24 63.33 -88.55
CA GLU ED 206 83.44 62.17 -88.88
C GLU ED 206 82.51 61.86 -87.72
N GLY ED 207 81.25 61.64 -88.06
CA GLY ED 207 80.28 61.27 -87.06
C GLY ED 207 80.03 59.77 -87.16
N TYR ED 208 80.63 59.05 -86.24
CA TYR ED 208 80.44 57.62 -86.16
C TYR ED 208 79.17 57.34 -85.39
N GLY ED 209 78.26 56.65 -86.04
CA GLY ED 209 77.09 56.15 -85.37
C GLY ED 209 77.49 54.96 -84.55
N ASP ED 210 78.04 55.23 -83.36
CA ASP ED 210 78.28 54.30 -82.26
C ASP ED 210 79.14 53.10 -82.58
N LYS ED 211 79.86 53.07 -83.68
CA LYS ED 211 80.65 51.90 -83.99
C LYS ED 211 81.93 51.82 -83.18
N ASN ED 212 82.06 52.66 -82.16
CA ASN ED 212 83.24 52.77 -81.33
C ASN ED 212 82.97 52.49 -79.86
N ALA ED 213 82.10 53.28 -79.23
CA ALA ED 213 81.49 52.98 -77.93
C ALA ED 213 82.54 52.84 -76.81
N ILE ED 214 83.09 54.00 -76.41
CA ILE ED 214 83.97 54.07 -75.23
C ILE ED 214 83.31 53.55 -73.97
N SER ED 215 82.00 53.56 -73.89
CA SER ED 215 81.33 52.79 -72.88
C SER ED 215 80.44 51.80 -73.58
N ASP ED 216 79.64 51.10 -72.80
CA ASP ED 216 78.59 50.29 -73.40
C ASP ED 216 77.44 51.16 -73.85
N ASN ED 217 76.39 50.49 -74.33
CA ASN ED 217 75.11 51.14 -74.45
C ASN ED 217 74.03 50.45 -73.65
N ALA ED 218 74.26 49.22 -73.22
CA ALA ED 218 73.24 48.43 -72.56
C ALA ED 218 72.95 48.92 -71.15
N ILE ED 219 73.74 49.84 -70.62
CA ILE ED 219 73.37 50.48 -69.39
C ILE ED 219 73.33 51.97 -69.68
N ILE ED 220 72.62 52.67 -68.82
CA ILE ED 220 72.06 53.96 -69.15
C ILE ED 220 73.11 55.04 -68.98
N HIS ED 221 73.75 55.04 -67.82
CA HIS ED 221 74.88 55.91 -67.60
C HIS ED 221 75.98 55.68 -68.62
N GLY ED 222 76.14 54.42 -69.03
CA GLY ED 222 77.09 54.12 -70.08
C GLY ED 222 76.72 54.72 -71.41
N SER ED 223 75.45 54.68 -71.76
CA SER ED 223 75.01 55.30 -73.01
C SER ED 223 75.13 56.80 -72.93
N ALA ED 224 74.94 57.35 -71.72
CA ALA ED 224 75.13 58.76 -71.49
C ALA ED 224 76.56 59.15 -71.74
N GLN ED 225 77.47 58.30 -71.30
CA GLN ED 225 78.85 58.50 -71.65
C GLN ED 225 79.10 58.24 -73.11
N ASN ED 226 78.28 57.41 -73.74
CA ASN ED 226 78.49 57.06 -75.14
C ASN ED 226 78.21 58.22 -76.08
N ARG ED 227 77.22 59.04 -75.81
CA ARG ED 227 76.92 60.10 -76.76
C ARG ED 227 77.86 61.30 -76.54
N ARG ED 228 78.81 61.45 -77.44
CA ARG ED 228 80.00 62.22 -77.17
C ARG ED 228 80.56 62.72 -78.49
N ILE ED 229 81.56 63.59 -78.40
CA ILE ED 229 82.28 64.05 -79.58
C ILE ED 229 83.75 63.93 -79.24
N GLU ED 230 84.53 63.42 -80.18
CA GLU ED 230 85.97 63.32 -80.09
C GLU ED 230 86.59 64.54 -80.73
N ILE ED 231 87.65 65.05 -80.14
CA ILE ED 231 88.46 66.07 -80.77
C ILE ED 231 89.90 65.65 -80.60
N GLN ED 232 90.43 64.91 -81.55
CA GLN ED 232 91.86 64.68 -81.58
C GLN ED 232 92.48 65.86 -82.30
N TRP ED 233 93.58 66.35 -81.77
CA TRP ED 233 94.48 67.11 -82.60
C TRP ED 233 95.89 66.88 -82.10
N PHE ED 234 96.82 67.10 -83.00
CA PHE ED 234 98.18 66.74 -82.74
C PHE ED 234 98.84 67.94 -82.13
N ARG FD 99 132.18 34.84 -37.23
CA ARG FD 99 131.04 35.75 -37.36
C ARG FD 99 130.42 35.73 -38.75
N ASP FD 100 131.21 35.34 -39.76
CA ASP FD 100 130.74 35.10 -41.11
C ASP FD 100 131.45 33.91 -41.72
N SER FD 101 131.96 33.03 -40.87
CA SER FD 101 132.80 31.94 -41.31
C SER FD 101 131.96 30.80 -41.86
N LYS FD 102 132.62 29.66 -42.07
CA LYS FD 102 131.94 28.46 -42.54
C LYS FD 102 130.83 28.02 -41.61
N ARG FD 103 131.10 28.00 -40.31
CA ARG FD 103 130.07 27.59 -39.35
C ARG FD 103 128.96 28.61 -39.32
N LYS FD 104 129.30 29.88 -39.53
CA LYS FD 104 128.26 30.89 -39.51
C LYS FD 104 127.34 30.74 -40.70
N ILE FD 105 127.93 30.55 -41.87
CA ILE FD 105 127.11 30.51 -43.05
C ILE FD 105 126.35 29.21 -43.13
N ILE FD 106 126.83 28.14 -42.53
CA ILE FD 106 125.93 26.99 -42.46
C ILE FD 106 124.89 27.16 -41.37
N ARG FD 107 125.18 27.94 -40.32
CA ARG FD 107 124.18 28.19 -39.29
C ARG FD 107 122.99 28.94 -39.84
N ASP FD 108 123.24 30.05 -40.48
CA ASP FD 108 122.10 30.74 -41.04
C ASP FD 108 121.65 30.13 -42.36
N LEU FD 109 122.45 29.24 -42.94
CA LEU FD 109 121.91 28.38 -43.98
C LEU FD 109 120.77 27.53 -43.49
N GLN FD 110 120.95 26.86 -42.35
CA GLN FD 110 119.84 26.06 -41.88
C GLN FD 110 118.79 26.93 -41.23
N LYS FD 111 119.13 28.17 -40.88
CA LYS FD 111 118.06 29.12 -40.63
C LYS FD 111 117.23 29.33 -41.88
N GLN FD 112 117.88 29.36 -43.02
CA GLN FD 112 117.18 29.33 -44.29
C GLN FD 112 117.00 27.91 -44.79
N ASP FD 113 117.12 26.94 -43.88
CA ASP FD 113 116.80 25.52 -43.98
C ASP FD 113 117.07 24.90 -45.34
N ILE FD 114 118.26 25.05 -45.85
CA ILE FD 114 118.63 24.31 -47.04
C ILE FD 114 119.55 23.23 -46.55
N GLN FD 115 119.15 21.98 -46.73
CA GLN FD 115 119.71 20.95 -45.88
C GLN FD 115 121.14 20.64 -46.24
N TYR FD 116 122.02 20.94 -45.30
CA TYR FD 116 123.45 20.93 -45.56
C TYR FD 116 124.01 19.66 -44.99
N VAL FD 117 124.79 18.97 -45.80
CA VAL FD 117 125.47 17.77 -45.39
C VAL FD 117 126.95 18.07 -45.45
N GLU FD 118 127.61 18.06 -44.30
CA GLU FD 118 129.04 17.83 -44.31
C GLU FD 118 129.31 16.44 -43.78
N TYR FD 119 130.06 15.69 -44.56
CA TYR FD 119 130.31 14.27 -44.39
C TYR FD 119 131.47 14.01 -45.34
N GLY FD 120 132.50 13.33 -44.84
CA GLY FD 120 133.58 12.85 -45.67
C GLY FD 120 134.26 14.02 -46.33
N ASP FD 121 134.40 13.94 -47.64
CA ASP FD 121 134.51 15.18 -48.38
C ASP FD 121 133.21 15.54 -49.07
N THR FD 122 132.38 14.56 -49.37
CA THR FD 122 131.25 14.80 -50.25
C THR FD 122 130.17 15.54 -49.47
N ARG FD 123 130.13 16.83 -49.67
CA ARG FD 123 129.13 17.64 -49.05
C ARG FD 123 127.96 17.72 -50.00
N THR FD 124 126.78 17.71 -49.41
CA THR FD 124 125.58 17.53 -50.19
C THR FD 124 124.53 18.53 -49.75
N LEU FD 125 123.93 19.18 -50.70
CA LEU FD 125 122.87 20.10 -50.39
C LEU FD 125 121.55 19.61 -50.91
N ILE FD 126 120.55 19.70 -50.06
CA ILE FD 126 119.22 19.23 -50.36
C ILE FD 126 118.32 20.42 -50.39
N ILE FD 127 117.54 20.49 -51.45
CA ILE FD 127 116.86 21.71 -51.79
C ILE FD 127 115.37 21.44 -51.90
N PRO FD 128 114.56 22.09 -51.08
CA PRO FD 128 113.13 22.14 -51.30
C PRO FD 128 112.85 22.88 -52.59
N THR FD 129 112.64 22.09 -53.64
CA THR FD 129 112.33 22.59 -54.96
C THR FD 129 111.18 23.56 -54.96
N ASP FD 130 110.16 23.25 -54.17
CA ASP FD 130 108.92 24.01 -54.14
C ASP FD 130 109.16 25.47 -53.80
N LYS FD 131 109.71 25.76 -52.65
CA LYS FD 131 109.86 27.14 -52.30
C LYS FD 131 111.14 27.70 -52.84
N TYR FD 132 111.94 26.88 -53.51
CA TYR FD 132 112.98 27.43 -54.36
C TYR FD 132 112.60 27.32 -55.82
N PHE FD 133 111.33 27.43 -56.10
CA PHE FD 133 110.87 27.56 -57.46
C PHE FD 133 109.59 28.34 -57.46
N MET FD 134 109.20 28.80 -58.62
CA MET FD 134 107.77 28.85 -58.82
C MET FD 134 107.25 27.48 -59.20
N PHE FD 135 106.02 27.23 -58.80
CA PHE FD 135 105.39 25.92 -58.85
C PHE FD 135 105.35 25.36 -60.26
N SER FD 136 105.71 24.07 -60.38
CA SER FD 136 105.55 23.26 -61.59
C SER FD 136 106.28 23.87 -62.76
N SER FD 137 107.33 24.61 -62.44
CA SER FD 137 107.92 25.50 -63.40
C SER FD 137 109.41 25.29 -63.32
N PRO FD 138 110.11 25.51 -64.41
CA PRO FD 138 111.55 25.73 -64.30
C PRO FD 138 111.92 27.07 -63.68
N ARG FD 139 110.99 27.93 -63.35
CA ARG FD 139 111.40 29.27 -62.96
C ARG FD 139 111.69 29.36 -61.48
N LEU FD 140 112.93 29.70 -61.20
CA LEU FD 140 113.47 29.81 -59.86
C LEU FD 140 112.71 30.82 -59.05
N ASN FD 141 112.42 30.44 -57.82
CA ASN FD 141 111.83 31.39 -56.90
C ASN FD 141 112.88 32.40 -56.54
N GLU FD 142 112.95 33.45 -57.32
CA GLU FD 142 113.98 34.45 -57.12
C GLU FD 142 113.79 35.29 -55.87
N ILE FD 143 112.65 35.18 -55.18
CA ILE FD 143 112.54 35.86 -53.89
C ILE FD 143 113.48 35.24 -52.88
N CYS FD 144 113.87 33.99 -53.08
CA CYS FD 144 114.69 33.32 -52.09
C CYS FD 144 116.17 33.52 -52.33
N TYR FD 145 116.51 34.75 -52.70
CA TYR FD 145 117.89 35.07 -53.05
C TYR FD 145 118.93 34.90 -51.95
N PRO FD 146 118.76 35.34 -50.67
CA PRO FD 146 119.93 35.50 -49.80
C PRO FD 146 120.55 34.18 -49.40
N GLY FD 147 119.71 33.17 -49.27
CA GLY FD 147 120.19 31.82 -49.12
C GLY FD 147 121.03 31.39 -50.29
N LEU FD 148 120.60 31.71 -51.51
CA LEU FD 148 121.32 31.27 -52.69
C LEU FD 148 122.66 31.96 -52.81
N ASN FD 149 122.69 33.22 -52.39
CA ASN FD 149 123.95 33.94 -52.29
C ASN FD 149 124.88 33.22 -51.34
N ASN FD 150 124.33 32.79 -50.23
CA ASN FD 150 125.15 32.13 -49.24
C ASN FD 150 125.50 30.71 -49.68
N VAL FD 151 124.65 30.12 -50.51
CA VAL FD 151 124.95 28.86 -51.17
C VAL FD 151 126.22 28.96 -51.95
N ILE FD 152 126.31 30.01 -52.75
CA ILE FD 152 127.50 30.10 -53.57
C ILE FD 152 128.67 30.50 -52.71
N ARG FD 153 128.40 31.28 -51.66
CA ARG FD 153 129.43 31.70 -50.72
C ARG FD 153 130.11 30.53 -50.04
N LEU FD 154 129.31 29.58 -49.57
CA LEU FD 154 129.89 28.40 -48.96
C LEU FD 154 130.47 27.47 -50.02
N LEU FD 155 129.84 27.39 -51.19
CA LEU FD 155 130.27 26.51 -52.25
C LEU FD 155 131.65 26.86 -52.77
N ASN FD 156 132.01 28.12 -52.67
CA ASN FD 156 133.32 28.52 -53.12
C ASN FD 156 134.43 28.04 -52.20
N PHE FD 157 134.08 27.57 -51.02
CA PHE FD 157 135.07 27.04 -50.10
C PHE FD 157 135.54 25.68 -50.55
N TYR FD 158 134.93 25.09 -51.57
CA TYR FD 158 135.37 23.82 -52.15
C TYR FD 158 135.49 24.01 -53.65
N PRO FD 159 136.36 24.90 -54.08
CA PRO FD 159 136.26 25.43 -55.43
C PRO FD 159 136.91 24.55 -56.49
N GLN FD 160 137.12 23.29 -56.22
CA GLN FD 160 137.69 22.41 -57.22
C GLN FD 160 136.85 21.19 -57.41
N SER FD 161 136.09 20.84 -56.40
CA SER FD 161 135.29 19.63 -56.43
C SER FD 161 134.22 19.67 -57.48
N THR FD 162 134.13 18.57 -58.21
CA THR FD 162 133.04 18.43 -59.13
C THR FD 162 131.78 17.94 -58.42
N ILE FD 163 130.64 18.23 -59.04
CA ILE FD 163 129.37 18.31 -58.34
C ILE FD 163 128.34 17.46 -59.07
N TYR FD 164 127.88 16.39 -58.43
CA TYR FD 164 126.57 15.84 -58.74
C TYR FD 164 125.51 16.81 -58.26
N VAL FD 165 124.49 17.05 -59.07
CA VAL FD 165 123.24 17.62 -58.58
C VAL FD 165 122.09 16.85 -59.19
N ALA FD 166 120.95 16.86 -58.50
CA ALA FD 166 119.89 15.95 -58.87
C ALA FD 166 118.52 16.50 -58.52
N GLY FD 167 117.63 16.46 -59.51
CA GLY FD 167 116.29 16.99 -59.38
C GLY FD 167 115.35 15.89 -58.96
N PHE FD 168 114.31 16.24 -58.20
CA PHE FD 168 113.46 15.20 -57.66
C PHE FD 168 112.01 15.62 -57.56
N THR FD 169 111.16 14.64 -57.76
CA THR FD 169 109.75 14.87 -57.95
C THR FD 169 109.03 14.11 -56.86
N ASP FD 170 107.74 13.94 -57.04
CA ASP FD 170 107.07 12.85 -56.38
C ASP FD 170 106.31 12.03 -57.40
N ASN FD 171 105.51 11.12 -56.88
CA ASN FD 171 104.94 9.92 -57.49
C ASN FD 171 103.92 10.18 -58.57
N VAL FD 172 103.77 11.39 -59.04
CA VAL FD 172 102.54 11.77 -59.72
C VAL FD 172 102.78 12.00 -61.21
N GLY FD 173 101.74 11.77 -62.00
CA GLY FD 173 101.83 12.03 -63.42
C GLY FD 173 102.63 10.97 -64.14
N SER FD 174 102.91 11.23 -65.41
CA SER FD 174 103.71 10.31 -66.20
C SER FD 174 105.13 10.24 -65.70
N ARG FD 175 105.70 9.06 -65.86
CA ARG FD 175 107.13 8.90 -65.63
C ARG FD 175 107.91 9.81 -66.55
N SER FD 176 107.43 9.94 -67.79
CA SER FD 176 108.03 10.79 -68.77
C SER FD 176 107.97 12.22 -68.31
N HIS FD 177 106.81 12.61 -67.79
CA HIS FD 177 106.67 13.90 -67.15
C HIS FD 177 107.65 14.14 -66.03
N LYS FD 178 107.72 13.23 -65.09
CA LYS FD 178 108.49 13.47 -63.88
C LYS FD 178 109.94 13.61 -64.21
N ARG FD 179 110.40 12.71 -65.08
CA ARG FD 179 111.64 12.84 -65.81
C ARG FD 179 111.82 14.25 -66.33
N LYS FD 180 110.90 14.71 -67.17
CA LYS FD 180 111.14 15.92 -67.92
C LYS FD 180 111.19 17.14 -67.05
N LEU FD 181 110.27 17.22 -66.10
CA LEU FD 181 110.22 18.38 -65.24
C LEU FD 181 111.44 18.41 -64.35
N SER FD 182 111.86 17.24 -63.89
CA SER FD 182 113.04 17.18 -63.07
C SER FD 182 114.27 17.60 -63.85
N GLN FD 183 114.33 17.27 -65.15
CA GLN FD 183 115.46 17.76 -65.92
C GLN FD 183 115.40 19.25 -66.10
N ALA FD 184 114.20 19.80 -66.18
CA ALA FD 184 114.10 21.25 -66.28
C ALA FD 184 114.67 21.90 -65.03
N GLN FD 185 114.31 21.35 -63.90
CA GLN FD 185 114.71 21.89 -62.61
C GLN FD 185 116.19 21.72 -62.41
N ALA FD 186 116.68 20.58 -62.86
CA ALA FD 186 118.09 20.31 -62.84
C ALA FD 186 118.85 21.33 -63.66
N GLU FD 187 118.39 21.57 -64.89
CA GLU FD 187 119.15 22.40 -65.77
C GLU FD 187 119.14 23.82 -65.28
N THR FD 188 118.03 24.25 -64.72
CA THR FD 188 118.05 25.63 -64.28
C THR FD 188 118.91 25.84 -63.07
N MET FD 189 119.04 24.86 -62.21
CA MET FD 189 119.94 25.16 -61.13
C MET FD 189 121.38 25.02 -61.53
N MET FD 190 121.67 24.14 -62.46
CA MET FD 190 123.07 24.06 -62.85
C MET FD 190 123.47 25.23 -63.70
N THR FD 191 122.60 25.71 -64.57
CA THR FD 191 122.87 26.93 -65.28
C THR FD 191 122.93 28.10 -64.34
N PHE FD 192 122.15 28.05 -63.28
CA PHE FD 192 122.31 29.00 -62.23
C PHE FD 192 123.72 28.97 -61.71
N LEU FD 193 124.27 27.79 -61.52
CA LEU FD 193 125.66 27.70 -61.08
C LEU FD 193 126.67 28.18 -62.11
N TRP FD 194 126.49 27.77 -63.35
CA TRP FD 194 127.40 28.16 -64.40
C TRP FD 194 127.34 29.66 -64.63
N ALA FD 195 126.20 30.22 -64.34
CA ALA FD 195 126.03 31.65 -64.18
C ALA FD 195 126.61 32.17 -62.89
N ASN FD 196 126.67 31.38 -61.84
CA ASN FD 196 127.31 31.86 -60.63
C ASN FD 196 128.80 31.98 -60.84
N GLY FD 197 129.32 31.32 -61.86
CA GLY FD 197 130.68 31.54 -62.22
C GLY FD 197 131.45 30.32 -61.83
N ILE FD 198 130.81 29.18 -61.98
CA ILE FD 198 131.45 27.91 -61.67
C ILE FD 198 131.73 27.21 -62.98
N ALA FD 199 132.88 26.54 -63.02
CA ALA FD 199 133.37 25.94 -64.23
C ALA FD 199 132.46 24.83 -64.68
N ALA FD 200 131.96 24.98 -65.89
CA ALA FD 200 130.90 24.12 -66.41
C ALA FD 200 131.33 22.68 -66.57
N LYS FD 201 132.62 22.41 -66.53
CA LYS FD 201 133.03 21.04 -66.51
C LYS FD 201 133.25 20.53 -65.10
N ARG FD 202 133.02 21.35 -64.09
CA ARG FD 202 132.87 20.77 -62.76
C ARG FD 202 131.46 20.29 -62.49
N LEU FD 203 130.53 20.53 -63.40
CA LEU FD 203 129.12 20.32 -63.10
C LEU FD 203 128.60 19.05 -63.75
N LYS FD 204 127.74 18.34 -63.03
CA LYS FD 204 126.97 17.26 -63.64
C LYS FD 204 125.65 17.11 -62.91
N ALA FD 205 124.58 16.97 -63.69
CA ALA FD 205 123.22 17.06 -63.21
C ALA FD 205 122.40 15.88 -63.67
N GLU FD 206 121.42 15.52 -62.87
CA GLU FD 206 120.38 14.60 -63.30
C GLU FD 206 119.13 14.84 -62.48
N GLY FD 207 118.00 14.94 -63.16
CA GLY FD 207 116.74 15.08 -62.51
C GLY FD 207 116.02 13.75 -62.51
N TYR FD 208 116.08 13.07 -61.38
CA TYR FD 208 115.39 11.82 -61.21
C TYR FD 208 113.94 12.10 -60.86
N GLY FD 209 113.06 11.59 -61.68
CA GLY FD 209 111.66 11.62 -61.38
C GLY FD 209 111.38 10.56 -60.35
N ASP FD 210 111.66 10.88 -59.09
CA ASP FD 210 111.26 10.18 -57.87
C ASP FD 210 111.69 8.73 -57.77
N LYS FD 211 112.64 8.27 -58.58
CA LYS FD 211 113.02 6.87 -58.50
C LYS FD 211 113.93 6.59 -57.31
N ASN FD 212 114.08 7.55 -56.40
CA ASN FD 212 114.94 7.46 -55.25
C ASN FD 212 114.22 7.59 -53.93
N ALA FD 213 113.54 8.71 -53.70
CA ALA FD 213 112.55 8.88 -52.63
C ALA FD 213 113.14 8.67 -51.23
N ILE FD 214 113.93 9.66 -50.80
CA ILE FD 214 114.44 9.72 -49.43
C ILE FD 214 113.33 9.69 -48.38
N SER FD 215 112.14 10.10 -48.73
CA SER FD 215 111.00 9.79 -47.91
C SER FD 215 110.05 8.99 -48.75
N ASP FD 216 108.87 8.73 -48.20
CA ASP FD 216 107.81 8.17 -49.00
C ASP FD 216 107.18 9.23 -49.88
N ASN FD 217 106.15 8.82 -50.60
CA ASN FD 217 105.25 9.78 -51.19
C ASN FD 217 103.82 9.62 -50.70
N ALA FD 218 103.49 8.49 -50.10
CA ALA FD 218 102.12 8.21 -49.71
C ALA FD 218 101.66 9.03 -48.53
N ILE FD 219 102.55 9.76 -47.88
CA ILE FD 219 102.11 10.73 -46.90
C ILE FD 219 102.67 12.06 -47.35
N ILE FD 220 102.05 13.11 -46.84
CA ILE FD 220 102.08 14.40 -47.47
C ILE FD 220 103.35 15.14 -47.09
N HIS FD 221 103.62 15.19 -45.80
CA HIS FD 221 104.88 15.71 -45.32
C HIS FD 221 106.05 14.94 -45.90
N GLY FD 222 105.87 13.65 -46.11
CA GLY FD 222 106.90 12.87 -46.76
C GLY FD 222 107.13 13.27 -48.20
N SER FD 223 106.06 13.53 -48.93
CA SER FD 223 106.21 13.98 -50.30
C SER FD 223 106.82 15.37 -50.36
N ALA FD 224 106.52 16.18 -49.34
CA ALA FD 224 107.12 17.49 -49.20
C ALA FD 224 108.61 17.37 -49.02
N GLN FD 225 109.01 16.39 -48.24
CA GLN FD 225 110.41 16.10 -48.14
C GLN FD 225 110.94 15.48 -49.41
N ASN FD 226 110.08 14.82 -50.18
CA ASN FD 226 110.53 14.15 -51.39
C ASN FD 226 110.92 15.12 -52.49
N ARG FD 227 110.24 16.24 -52.64
CA ARG FD 227 110.60 17.12 -53.75
C ARG FD 227 111.79 18.00 -53.37
N ARG FD 228 112.93 17.67 -53.92
CA ARG FD 228 114.21 18.09 -53.37
C ARG FD 228 115.23 18.12 -54.49
N ILE FD 229 116.40 18.65 -54.19
CA ILE FD 229 117.53 18.62 -55.11
C ILE FD 229 118.71 18.14 -54.31
N GLU FD 230 119.49 17.24 -54.90
CA GLU FD 230 120.73 16.74 -54.34
C GLU FD 230 121.88 17.56 -54.89
N ILE FD 231 122.85 17.84 -54.03
CA ILE FD 231 124.10 18.41 -54.48
C ILE FD 231 125.21 17.63 -53.82
N GLN FD 232 125.69 16.59 -54.47
CA GLN FD 232 126.89 15.95 -54.02
C GLN FD 232 128.05 16.71 -54.62
N TRP FD 233 129.07 16.95 -53.82
CA TRP FD 233 130.36 17.22 -54.39
C TRP FD 233 131.42 16.69 -53.47
N PHE FD 234 132.57 16.42 -54.04
CA PHE FD 234 133.60 15.73 -53.32
C PHE FD 234 134.44 16.78 -52.66
N ARG GD 99 140.81 -14.70 3.87
CA ARG GD 99 140.15 -13.54 3.29
C ARG GD 99 139.96 -13.66 1.77
N ASP GD 100 140.79 -14.47 1.12
CA ASP GD 100 140.65 -14.83 -0.29
C ASP GD 100 141.04 -16.29 -0.48
N SER GD 101 140.96 -17.08 0.56
CA SER GD 101 141.47 -18.44 0.54
C SER GD 101 140.46 -19.36 -0.13
N LYS GD 102 140.71 -20.66 0.01
CA LYS GD 102 139.81 -21.67 -0.54
C LYS GD 102 138.41 -21.55 0.03
N ARG GD 103 138.30 -21.39 1.35
CA ARG GD 103 136.99 -21.27 1.95
C ARG GD 103 136.32 -19.98 1.51
N LYS GD 104 137.12 -18.94 1.29
CA LYS GD 104 136.53 -17.69 0.87
C LYS GD 104 135.98 -17.80 -0.53
N ILE GD 105 136.75 -18.40 -1.42
CA ILE GD 105 136.33 -18.43 -2.79
C ILE GD 105 135.22 -19.43 -2.98
N ILE GD 106 135.12 -20.45 -2.15
CA ILE GD 106 133.89 -21.24 -2.24
C ILE GD 106 132.72 -20.55 -1.58
N ARG GD 107 132.97 -19.68 -0.57
CA ARG GD 107 131.87 -18.94 0.04
C ARG GD 107 131.22 -18.00 -0.94
N ASP GD 108 132.01 -17.17 -1.57
CA ASP GD 108 131.37 -16.31 -2.54
C ASP GD 108 131.11 -17.01 -3.87
N LEU GD 109 131.67 -18.21 -4.07
CA LEU GD 109 131.17 -19.07 -5.13
C LEU GD 109 129.72 -19.41 -4.93
N GLN GD 110 129.35 -19.85 -3.75
CA GLN GD 110 127.94 -20.17 -3.57
C GLN GD 110 127.12 -18.91 -3.39
N LYS GD 111 127.76 -17.79 -3.09
CA LYS GD 111 127.07 -16.52 -3.30
C LYS GD 111 126.73 -16.34 -4.76
N GLN GD 112 127.63 -16.74 -5.64
CA GLN GD 112 127.34 -16.83 -7.05
C GLN GD 112 126.81 -18.20 -7.43
N ASP GD 113 126.34 -18.95 -6.43
CA ASP GD 113 125.58 -20.21 -6.48
C ASP GD 113 125.98 -21.14 -7.60
N ILE GD 114 127.24 -21.46 -7.71
CA ILE GD 114 127.64 -22.51 -8.63
C ILE GD 114 127.96 -23.69 -7.77
N GLN GD 115 127.21 -24.77 -7.93
CA GLN GD 115 127.13 -25.71 -6.83
C GLN GD 115 128.40 -26.51 -6.68
N TYR GD 116 129.04 -26.29 -5.54
CA TYR GD 116 130.38 -26.79 -5.33
C TYR GD 116 130.30 -28.03 -4.48
N VAL GD 117 130.98 -29.06 -4.91
CA VAL GD 117 131.07 -30.30 -4.18
C VAL GD 117 132.52 -30.47 -3.79
N GLU GD 118 132.79 -30.44 -2.50
CA GLU GD 118 134.01 -31.08 -2.01
C GLU GD 118 133.61 -32.35 -1.29
N TYR GD 119 134.24 -33.43 -1.69
CA TYR GD 119 133.93 -34.80 -1.30
C TYR GD 119 135.13 -35.58 -1.79
N GLY GD 120 135.69 -36.41 -0.92
CA GLY GD 120 136.71 -37.36 -1.31
C GLY GD 120 137.90 -36.60 -1.82
N ASP GD 121 138.36 -36.99 -3.00
CA ASP GD 121 139.09 -36.02 -3.79
C ASP GD 121 138.24 -35.45 -4.90
N THR GD 122 137.23 -36.18 -5.35
CA THR GD 122 136.54 -35.79 -6.57
C THR GD 122 135.61 -34.62 -6.27
N ARG GD 123 136.09 -33.45 -6.60
CA ARG GD 123 135.30 -32.26 -6.43
C ARG GD 123 134.52 -32.04 -7.69
N THR GD 124 133.31 -31.57 -7.53
CA THR GD 124 132.37 -31.55 -8.64
C THR GD 124 131.66 -30.21 -8.67
N LEU GD 125 131.61 -29.63 -9.83
CA LEU GD 125 130.89 -28.38 -9.97
C LEU GD 125 129.67 -28.56 -10.83
N ILE GD 126 128.58 -27.99 -10.36
CA ILE GD 126 127.31 -28.10 -11.03
C ILE GD 126 126.92 -26.74 -11.48
N ILE GD 127 126.52 -26.66 -12.73
CA ILE GD 127 126.43 -25.38 -13.40
C ILE GD 127 125.02 -25.22 -13.95
N PRO GD 128 124.30 -24.20 -13.51
CA PRO GD 128 123.09 -23.78 -14.19
C PRO GD 128 123.45 -23.27 -15.56
N THR GD 129 123.27 -24.15 -16.54
CA THR GD 129 123.52 -23.87 -17.94
C THR GD 129 122.82 -22.62 -18.41
N ASP GD 130 121.59 -22.44 -17.98
CA ASP GD 130 120.74 -21.36 -18.43
C ASP GD 130 121.36 -20.00 -18.18
N LYS GD 131 121.64 -19.66 -16.95
CA LYS GD 131 122.17 -18.34 -16.72
C LYS GD 131 123.67 -18.32 -16.87
N TYR GD 132 124.28 -19.45 -17.14
CA TYR GD 132 125.63 -19.43 -17.67
C TYR GD 132 125.64 -19.72 -19.15
N PHE GD 133 124.61 -19.30 -19.84
CA PHE GD 133 124.61 -19.32 -21.28
C PHE GD 133 123.73 -18.21 -21.78
N MET GD 134 123.85 -17.91 -23.05
CA MET GD 134 122.64 -17.48 -23.71
C MET GD 134 121.81 -18.68 -24.08
N PHE GD 135 120.50 -18.46 -24.08
CA PHE GD 135 119.50 -19.51 -24.19
C PHE GD 135 119.65 -20.31 -25.47
N SER GD 136 119.55 -21.63 -25.33
CA SER GD 136 119.46 -22.60 -26.44
C SER GD 136 120.65 -22.49 -27.37
N SER GD 137 121.75 -22.05 -26.81
CA SER GD 137 122.86 -21.59 -27.61
C SER GD 137 124.09 -22.21 -27.03
N PRO GD 138 125.10 -22.44 -27.85
CA PRO GD 138 126.43 -22.64 -27.30
C PRO GD 138 127.07 -21.38 -26.74
N ARG GD 139 126.44 -20.23 -26.82
CA ARG GD 139 127.16 -19.03 -26.47
C ARG GD 139 127.06 -18.72 -24.99
N LEU GD 140 128.22 -18.71 -24.35
CA LEU GD 140 128.38 -18.50 -22.94
C LEU GD 140 127.83 -17.15 -22.52
N ASN GD 141 127.10 -17.17 -21.43
CA ASN GD 141 126.66 -15.93 -20.85
C ASN GD 141 127.86 -15.23 -20.27
N GLU GD 142 128.49 -14.41 -21.10
CA GLU GD 142 129.70 -13.75 -20.69
C GLU GD 142 129.49 -12.66 -19.67
N ILE GD 143 128.24 -12.28 -19.37
CA ILE GD 143 128.02 -11.35 -18.27
C ILE GD 143 128.38 -11.99 -16.94
N CYS GD 144 128.36 -13.31 -16.87
CA CYS GD 144 128.59 -13.99 -15.61
C CYS GD 144 130.05 -14.28 -15.38
N TYR GD 145 130.89 -13.32 -15.74
CA TYR GD 145 132.33 -13.50 -15.67
C TYR GD 145 132.91 -13.74 -14.26
N PRO GD 146 132.56 -13.01 -13.18
CA PRO GD 146 133.44 -13.04 -11.99
C PRO GD 146 133.43 -14.37 -11.28
N GLY GD 147 132.28 -15.04 -11.33
CA GLY GD 147 132.20 -16.40 -10.87
C GLY GD 147 133.13 -17.30 -11.66
N LEU GD 148 133.18 -17.13 -12.98
CA LEU GD 148 134.00 -17.99 -13.81
C LEU GD 148 135.47 -17.76 -13.57
N ASN GD 149 135.83 -16.51 -13.29
CA ASN GD 149 137.18 -16.20 -12.85
C ASN GD 149 137.51 -16.96 -11.59
N ASN GD 150 136.56 -16.96 -10.68
CA ASN GD 150 136.80 -17.62 -9.42
C ASN GD 150 136.74 -19.13 -9.56
N VAL GD 151 136.00 -19.61 -10.56
CA VAL GD 151 136.01 -21.01 -10.95
C VAL GD 151 137.39 -21.44 -11.28
N ILE GD 152 138.06 -20.66 -12.11
CA ILE GD 152 139.37 -21.10 -12.52
C ILE GD 152 140.34 -20.90 -11.37
N ARG GD 153 140.08 -19.89 -10.55
CA ARG GD 153 140.90 -19.60 -9.38
C ARG GD 153 140.91 -20.75 -8.40
N LEU GD 154 139.75 -21.30 -8.11
CA LEU GD 154 139.70 -22.45 -7.23
C LEU GD 154 140.17 -23.70 -7.94
N LEU GD 155 139.90 -23.83 -9.23
CA LEU GD 155 140.27 -25.01 -10.00
C LEU GD 155 141.76 -25.20 -10.08
N ASN GD 156 142.50 -24.11 -10.00
CA ASN GD 156 143.94 -24.21 -10.04
C ASN GD 156 144.51 -24.81 -8.77
N PHE GD 157 143.71 -24.89 -7.71
CA PHE GD 157 144.18 -25.49 -6.49
C PHE GD 157 144.25 -27.01 -6.61
N TYR GD 158 143.77 -27.58 -7.71
CA TYR GD 158 143.87 -29.01 -7.97
C TYR GD 158 144.46 -29.18 -9.36
N PRO GD 159 145.67 -28.69 -9.58
CA PRO GD 159 146.13 -28.46 -10.95
C PRO GD 159 146.69 -29.68 -11.63
N GLN GD 160 146.37 -30.87 -11.18
CA GLN GD 160 146.84 -32.06 -11.84
C GLN GD 160 145.72 -32.98 -12.16
N SER GD 161 144.64 -32.90 -11.42
CA SER GD 161 143.52 -33.77 -11.58
C SER GD 161 142.84 -33.64 -12.92
N THR GD 162 142.59 -34.78 -13.51
CA THR GD 162 141.80 -34.78 -14.73
C THR GD 162 140.32 -34.71 -14.41
N ILE GD 163 139.56 -34.24 -15.39
CA ILE GD 163 138.26 -33.64 -15.15
C ILE GD 163 137.23 -34.26 -16.09
N TYR GD 164 136.28 -35.00 -15.52
CA TYR GD 164 134.99 -35.18 -16.17
C TYR GD 164 134.24 -33.87 -16.17
N VAL GD 165 133.63 -33.50 -17.28
CA VAL GD 165 132.57 -32.51 -17.29
C VAL GD 165 131.43 -33.01 -18.15
N ALA GD 166 130.23 -32.51 -17.88
CA ALA GD 166 129.06 -33.12 -18.48
C ALA GD 166 127.92 -32.13 -18.65
N GLY GD 167 127.39 -32.09 -19.86
CA GLY GD 167 126.33 -31.18 -20.22
C GLY GD 167 124.99 -31.84 -20.02
N PHE GD 168 123.97 -31.05 -19.68
CA PHE GD 168 122.70 -31.65 -19.33
C PHE GD 168 121.53 -30.81 -19.76
N THR GD 169 120.47 -31.52 -20.12
CA THR GD 169 119.33 -30.92 -20.78
C THR GD 169 118.13 -31.18 -19.90
N ASP GD 170 116.96 -30.99 -20.48
CA ASP GD 170 115.80 -31.67 -19.96
C ASP GD 170 115.11 -32.41 -21.07
N ASN GD 171 113.94 -32.93 -20.74
CA ASN GD 171 113.17 -33.99 -21.37
C ASN GD 171 112.64 -33.67 -22.75
N VAL GD 172 113.05 -32.60 -23.37
CA VAL GD 172 112.26 -32.02 -24.44
C VAL GD 172 112.95 -32.18 -25.79
N GLY GD 173 112.16 -32.25 -26.84
CA GLY GD 173 112.71 -32.33 -28.18
C GLY GD 173 113.26 -33.71 -28.48
N SER GD 174 113.95 -33.81 -29.62
CA SER GD 174 114.55 -35.07 -30.00
C SER GD 174 115.67 -35.45 -29.06
N ARG GD 175 115.82 -36.76 -28.90
CA ARG GD 175 116.98 -37.28 -28.21
C ARG GD 175 118.25 -36.85 -28.93
N SER GD 176 118.20 -36.84 -30.26
CA SER GD 176 119.30 -36.44 -31.08
C SER GD 176 119.61 -34.99 -30.81
N HIS GD 177 118.56 -34.18 -30.74
CA HIS GD 177 118.71 -32.81 -30.32
C HIS GD 177 119.38 -32.64 -28.98
N LYS GD 178 118.87 -33.32 -27.97
CA LYS GD 178 119.32 -33.08 -26.61
C LYS GD 178 120.76 -33.44 -26.47
N ARG GD 179 121.09 -34.60 -27.04
CA ARG GD 179 122.46 -34.99 -27.34
C ARG GD 179 123.24 -33.84 -27.92
N LYS GD 180 122.80 -33.31 -29.05
CA LYS GD 180 123.64 -32.41 -29.82
C LYS GD 180 123.87 -31.10 -29.10
N LEU GD 181 122.82 -30.56 -28.52
CA LEU GD 181 122.95 -29.29 -27.85
C LEU GD 181 123.81 -29.44 -26.62
N SER GD 182 123.65 -30.55 -25.93
CA SER GD 182 124.48 -30.79 -24.77
C SER GD 182 125.93 -30.93 -25.14
N GLN GD 183 126.22 -31.52 -26.31
CA GLN GD 183 127.62 -31.57 -26.73
C GLN GD 183 128.14 -30.20 -27.08
N ALA GD 184 127.27 -29.34 -27.60
CA ALA GD 184 127.70 -27.99 -27.86
C ALA GD 184 128.10 -27.29 -26.58
N GLN GD 185 127.28 -27.46 -25.57
CA GLN GD 185 127.49 -26.81 -24.29
C GLN GD 185 128.70 -27.37 -23.60
N ALA GD 186 128.87 -28.67 -23.75
CA ALA GD 186 130.03 -29.34 -23.25
C ALA GD 186 131.28 -28.79 -23.87
N GLU GD 187 131.29 -28.69 -25.21
CA GLU GD 187 132.51 -28.31 -25.88
C GLU GD 187 132.85 -26.88 -25.57
N THR GD 188 131.85 -26.03 -25.45
CA THR GD 188 132.23 -24.67 -25.18
C THR GD 188 132.75 -24.48 -23.78
N MET GD 189 132.30 -25.26 -22.82
CA MET GD 189 132.92 -25.01 -21.54
C MET GD 189 134.27 -25.67 -21.44
N MET GD 190 134.48 -26.76 -22.13
CA MET GD 190 135.80 -27.33 -22.04
C MET GD 190 136.81 -26.53 -22.83
N THR GD 191 136.42 -26.01 -23.99
CA THR GD 191 137.28 -25.10 -24.69
C THR GD 191 137.49 -23.84 -23.91
N PHE GD 192 136.48 -23.43 -23.16
CA PHE GD 192 136.68 -22.37 -22.22
C PHE GD 192 137.79 -22.71 -21.26
N LEU GD 193 137.83 -23.95 -20.79
CA LEU GD 193 138.93 -24.34 -19.92
C LEU GD 193 140.26 -24.41 -20.62
N TRP GD 194 140.30 -24.99 -21.79
CA TRP GD 194 141.54 -25.12 -22.53
C TRP GD 194 142.07 -23.76 -22.92
N ALA GD 195 141.16 -22.83 -23.07
CA ALA GD 195 141.46 -21.42 -23.13
C ALA GD 195 141.81 -20.84 -21.78
N ASN GD 196 141.31 -21.38 -20.69
CA ASN GD 196 141.73 -20.87 -19.40
C ASN GD 196 143.17 -21.24 -19.13
N GLY GD 197 143.68 -22.22 -19.85
CA GLY GD 197 145.07 -22.50 -19.77
C GLY GD 197 145.23 -23.79 -19.03
N ILE GD 198 144.31 -24.69 -19.25
CA ILE GD 198 144.35 -26.00 -18.63
C ILE GD 198 144.71 -27.01 -19.69
N ALA GD 199 145.53 -27.97 -19.29
CA ALA GD 199 146.09 -28.94 -20.20
C ALA GD 199 145.00 -29.79 -20.80
N ALA GD 200 144.92 -29.76 -22.13
CA ALA GD 200 143.83 -30.35 -22.86
C ALA GD 200 143.76 -31.85 -22.72
N LYS GD 201 144.80 -32.48 -22.23
CA LYS GD 201 144.69 -33.88 -21.93
C LYS GD 201 144.34 -34.13 -20.49
N ARG GD 202 144.13 -33.08 -19.70
CA ARG GD 202 143.45 -33.30 -18.43
C ARG GD 202 141.94 -33.27 -18.59
N LEU GD 203 141.43 -32.96 -19.77
CA LEU GD 203 140.02 -32.68 -19.93
C LEU GD 203 139.28 -33.83 -20.57
N LYS GD 204 138.07 -34.09 -20.10
CA LYS GD 204 137.17 -34.99 -20.81
C LYS GD 204 135.73 -34.59 -20.53
N ALA GD 205 134.93 -34.56 -21.60
CA ALA GD 205 133.61 -33.98 -21.60
C ALA GD 205 132.60 -34.93 -22.17
N GLU GD 206 131.37 -34.81 -21.69
CA GLU GD 206 130.24 -35.43 -22.34
C GLU GD 206 128.97 -34.68 -22.00
N GLY GD 207 128.18 -34.39 -23.01
CA GLY GD 207 126.92 -33.75 -22.82
C GLY GD 207 125.81 -34.77 -22.92
N TYR GD 208 125.32 -35.18 -21.76
CA TYR GD 208 124.22 -36.11 -21.69
C TYR GD 208 122.93 -35.35 -21.86
N GLY GD 209 122.18 -35.74 -22.87
CA GLY GD 209 120.84 -35.22 -23.04
C GLY GD 209 119.95 -35.92 -22.05
N ASP GD 210 119.97 -35.43 -20.80
CA ASP GD 210 119.04 -35.72 -19.72
C ASP GD 210 118.90 -37.18 -19.33
N LYS GD 211 119.81 -38.06 -19.74
CA LYS GD 211 119.65 -39.45 -19.39
C LYS GD 211 120.04 -39.74 -17.95
N ASN GD 212 120.26 -38.71 -17.15
CA ASN GD 212 120.70 -38.81 -15.78
C ASN GD 212 119.73 -38.20 -14.78
N ALA GD 213 119.45 -36.91 -14.90
CA ALA GD 213 118.33 -36.24 -14.23
C ALA GD 213 118.41 -36.31 -12.71
N ILE GD 214 119.35 -35.53 -12.15
CA ILE GD 214 119.45 -35.35 -10.70
C ILE GD 214 118.17 -34.83 -10.06
N SER GD 215 117.33 -34.16 -10.83
CA SER GD 215 115.98 -33.95 -10.39
C SER GD 215 115.07 -34.58 -11.40
N ASP GD 216 113.78 -34.36 -11.24
CA ASP GD 216 112.84 -34.73 -12.27
C ASP GD 216 112.89 -33.74 -13.43
N ASN GD 217 112.01 -33.96 -14.39
CA ASN GD 217 111.69 -32.92 -15.34
C ASN GD 217 110.24 -32.54 -15.32
N ALA GD 218 109.38 -33.37 -14.75
CA ALA GD 218 107.94 -33.14 -14.79
C ALA GD 218 107.50 -31.99 -13.92
N ILE GD 219 108.37 -31.45 -13.09
CA ILE GD 219 108.05 -30.21 -12.42
C ILE GD 219 109.14 -29.22 -12.80
N ILE GD 220 108.80 -27.96 -12.63
CA ILE GD 220 109.45 -26.89 -13.35
C ILE GD 220 110.74 -26.51 -12.66
N HIS GD 221 110.66 -26.27 -11.36
CA HIS GD 221 111.84 -26.06 -10.55
C HIS GD 221 112.79 -27.25 -10.65
N GLY GD 222 112.23 -28.45 -10.77
CA GLY GD 222 113.06 -29.62 -10.96
C GLY GD 222 113.78 -29.61 -12.28
N SER GD 223 113.12 -29.20 -13.34
CA SER GD 223 113.78 -29.11 -14.63
C SER GD 223 114.82 -28.01 -14.63
N ALA GD 224 114.55 -26.95 -13.86
CA ALA GD 224 115.52 -25.88 -13.68
C ALA GD 224 116.76 -26.40 -13.01
N GLN GD 225 116.58 -27.26 -12.04
CA GLN GD 225 117.71 -27.94 -11.46
C GLN GD 225 118.31 -28.93 -12.42
N ASN GD 226 117.51 -29.45 -13.35
CA ASN GD 226 118.01 -30.45 -14.27
C ASN GD 226 119.00 -29.90 -15.29
N ARG GD 227 118.81 -28.68 -15.77
CA ARG GD 227 119.73 -28.20 -16.78
C ARG GD 227 121.00 -27.65 -16.13
N ARG GD 228 122.09 -28.42 -16.25
CA ARG GD 228 123.22 -28.29 -15.37
C ARG GD 228 124.45 -28.80 -16.10
N ILE GD 229 125.61 -28.59 -15.48
CA ILE GD 229 126.85 -29.14 -15.98
C ILE GD 229 127.54 -29.79 -14.79
N GLU GD 230 128.08 -30.97 -15.00
CA GLU GD 230 128.86 -31.69 -14.02
C GLU GD 230 130.33 -31.39 -14.25
N ILE GD 231 131.08 -31.24 -13.17
CA ILE GD 231 132.51 -31.16 -13.24
C ILE GD 231 133.05 -32.09 -12.17
N GLN GD 232 133.30 -33.33 -12.52
CA GLN GD 232 134.04 -34.21 -11.65
C GLN GD 232 135.51 -33.96 -11.92
N TRP GD 233 136.29 -33.88 -10.86
CA TRP GD 233 137.70 -34.13 -11.00
C TRP GD 233 138.22 -34.75 -9.74
N PHE GD 234 139.31 -35.46 -9.87
CA PHE GD 234 139.81 -36.26 -8.79
C PHE GD 234 140.75 -35.40 -8.01
N ARG HD 99 120.33 -54.95 50.51
CA ARG HD 99 120.30 -53.78 49.62
C ARG HD 99 120.49 -54.16 48.15
N ASP HD 100 121.14 -55.30 47.90
CA ASP HD 100 121.26 -55.89 46.57
C ASP HD 100 121.16 -57.40 46.66
N SER HD 101 120.53 -57.90 47.70
CA SER HD 101 120.52 -59.32 47.99
C SER HD 101 119.47 -60.02 47.13
N LYS HD 102 119.20 -61.28 47.48
CA LYS HD 102 118.19 -62.06 46.79
C LYS HD 102 116.81 -61.41 46.85
N ARG HD 103 116.42 -60.96 48.04
CA ARG HD 103 115.11 -60.31 48.17
C ARG HD 103 115.10 -59.01 47.40
N LYS HD 104 116.23 -58.33 47.34
CA LYS HD 104 116.26 -57.08 46.62
C LYS HD 104 116.10 -57.30 45.14
N ILE HD 105 116.82 -58.27 44.62
CA ILE HD 105 116.79 -58.48 43.19
C ILE HD 105 115.50 -59.10 42.76
N ILE HD 106 114.83 -59.86 43.63
CA ILE HD 106 113.49 -60.24 43.22
C ILE HD 106 112.49 -59.10 43.39
N ARG HD 107 112.74 -58.17 44.32
CA ARG HD 107 111.86 -57.02 44.47
C ARG HD 107 111.86 -56.15 43.24
N ASP HD 108 113.02 -55.75 42.81
CA ASP HD 108 113.02 -54.95 41.59
C ASP HD 108 112.90 -55.82 40.34
N LEU HD 109 113.04 -57.14 40.46
CA LEU HD 109 112.58 -58.00 39.40
C LEU HD 109 111.10 -57.85 39.15
N GLN HD 110 110.29 -57.90 40.18
CA GLN HD 110 108.88 -57.74 39.93
C GLN HD 110 108.52 -56.28 39.70
N LYS HD 111 109.42 -55.36 40.07
CA LYS HD 111 109.29 -54.03 39.52
C LYS HD 111 109.45 -54.05 38.01
N GLN HD 112 110.35 -54.89 37.52
CA GLN HD 112 110.44 -55.17 36.11
C GLN HD 112 109.59 -56.37 35.73
N ASP HD 113 108.63 -56.72 36.60
CA ASP HD 113 107.52 -57.68 36.44
C ASP HD 113 107.86 -58.90 35.61
N ILE HD 114 108.91 -59.60 35.95
CA ILE HD 114 109.15 -60.88 35.33
C ILE HD 114 108.79 -61.90 36.36
N GLN HD 115 107.78 -62.71 36.09
CA GLN HD 115 107.09 -63.33 37.19
C GLN HD 115 107.92 -64.43 37.83
N TYR HD 116 108.26 -64.18 39.09
CA TYR HD 116 109.24 -65.00 39.78
C TYR HD 116 108.49 -65.94 40.69
N VAL HD 117 108.86 -67.20 40.61
CA VAL HD 117 108.30 -68.23 41.44
C VAL HD 117 109.44 -68.74 42.30
N GLU HD 118 109.35 -68.53 43.61
CA GLU HD 118 110.08 -69.39 44.52
C GLU HD 118 109.10 -70.31 45.21
N TYR HD 119 109.39 -71.58 45.15
CA TYR HD 119 108.53 -72.68 45.56
C TYR HD 119 109.47 -73.86 45.58
N GLY HD 120 109.44 -74.62 46.66
CA GLY HD 120 110.14 -75.90 46.74
C GLY HD 120 111.61 -75.66 46.54
N ASP HD 121 112.20 -76.41 45.63
CA ASP HD 121 113.41 -75.89 45.02
C ASP HD 121 113.14 -75.32 43.64
N THR HD 122 112.11 -75.80 42.97
CA THR HD 122 111.94 -75.48 41.56
C THR HD 122 111.44 -74.06 41.43
N ARG HD 123 112.36 -73.18 41.14
CA ARG HD 123 112.03 -71.79 40.92
C ARG HD 123 111.75 -71.63 39.45
N THR HD 124 110.77 -70.80 39.16
CA THR HD 124 110.24 -70.72 37.81
C THR HD 124 110.08 -69.28 37.41
N LEU HD 125 110.55 -68.95 36.24
CA LEU HD 125 110.37 -67.60 35.75
C LEU HD 125 109.46 -67.59 34.56
N ILE HD 126 108.55 -66.63 34.59
CA ILE HD 126 107.55 -66.50 33.56
C ILE HD 126 107.78 -65.20 32.86
N ILE HD 127 107.80 -65.27 31.55
CA ILE HD 127 108.34 -64.19 30.75
C ILE HD 127 107.29 -63.73 29.76
N PRO HD 128 106.88 -62.48 29.84
CA PRO HD 128 106.12 -61.86 28.76
C PRO HD 128 107.00 -61.78 27.53
N THR HD 129 106.79 -62.75 26.65
CA THR HD 129 107.48 -62.85 25.39
C THR HD 129 107.43 -61.58 24.59
N ASP HD 130 106.26 -60.96 24.58
CA ASP HD 130 105.99 -59.79 23.76
C ASP HD 130 106.96 -58.67 24.05
N LYS HD 131 107.01 -58.17 25.27
CA LYS HD 131 107.87 -57.05 25.51
C LYS HD 131 109.26 -57.51 25.85
N TYR HD 132 109.49 -58.81 25.91
CA TYR HD 132 110.85 -59.30 25.84
C TYR HD 132 111.16 -59.88 24.49
N PHE HD 133 110.57 -59.32 23.46
CA PHE HD 133 110.95 -59.65 22.11
C PHE HD 133 110.68 -58.45 21.24
N MET HD 134 111.24 -58.47 20.05
CA MET HD 134 110.48 -57.85 19.00
C MET HD 134 109.42 -58.79 18.51
N PHE HD 135 108.31 -58.21 18.06
CA PHE HD 135 107.08 -58.90 17.74
C PHE HD 135 107.28 -59.95 16.67
N SER HD 136 106.69 -61.13 16.91
CA SER HD 136 106.57 -62.23 15.95
C SER HD 136 107.92 -62.68 15.45
N SER HD 137 108.92 -62.49 16.28
CA SER HD 137 110.29 -62.55 15.84
C SER HD 137 111.02 -63.38 16.85
N PRO HD 138 112.07 -64.07 16.42
CA PRO HD 138 113.05 -64.54 17.39
C PRO HD 138 113.91 -63.44 18.00
N ARG HD 139 113.77 -62.20 17.59
CA ARG HD 139 114.75 -61.22 18.03
C ARG HD 139 114.36 -60.60 19.35
N LEU HD 140 115.24 -60.80 20.32
CA LEU HD 140 115.06 -60.35 21.68
C LEU HD 140 114.92 -58.86 21.76
N ASN HD 141 113.98 -58.43 22.55
CA ASN HD 141 113.85 -57.01 22.82
C ASN HD 141 115.02 -56.59 23.67
N GLU HD 142 116.09 -56.20 23.01
CA GLU HD 142 117.30 -55.87 23.72
C GLU HD 142 117.21 -54.56 24.50
N ILE HD 143 116.15 -53.78 24.34
CA ILE HD 143 115.99 -52.62 25.20
C ILE HD 143 115.73 -53.05 26.63
N CYS HD 144 115.22 -54.26 26.83
CA CYS HD 144 114.86 -54.69 28.16
C CYS HD 144 116.01 -55.35 28.89
N TYR HD 145 117.19 -54.79 28.71
CA TYR HD 145 118.40 -55.37 29.28
C TYR HD 145 118.46 -55.49 30.80
N PRO HD 146 118.11 -54.46 31.63
CA PRO HD 146 118.56 -54.50 33.03
C PRO HD 146 117.90 -55.59 33.84
N GLY HD 147 116.64 -55.88 33.50
CA GLY HD 147 115.99 -57.04 34.04
C GLY HD 147 116.71 -58.30 33.70
N LEU HD 148 117.17 -58.44 32.45
CA LEU HD 148 117.83 -59.66 32.03
C LEU HD 148 119.16 -59.84 32.71
N ASN HD 149 119.85 -58.72 32.96
CA ASN HD 149 121.04 -58.75 33.77
C ASN HD 149 120.74 -59.29 35.14
N ASN HD 150 119.65 -58.82 35.70
CA ASN HD 150 119.29 -59.25 37.03
C ASN HD 150 118.74 -60.66 37.03
N VAL HD 151 118.18 -61.10 35.90
CA VAL HD 151 117.81 -62.48 35.69
C VAL HD 151 118.99 -63.36 35.88
N ILE HD 152 120.08 -63.01 35.22
CA ILE HD 152 121.21 -63.90 35.32
C ILE HD 152 121.85 -63.76 36.69
N ARG HD 153 121.75 -62.57 37.27
CA ARG HD 153 122.26 -62.30 38.61
C ARG HD 153 121.61 -63.17 39.65
N LEU HD 154 120.30 -63.28 39.60
CA LEU HD 154 119.61 -64.14 40.54
C LEU HD 154 119.80 -65.61 40.16
N LEU HD 155 119.85 -65.91 38.87
CA LEU HD 155 119.98 -67.27 38.40
C LEU HD 155 121.28 -67.92 38.82
N ASN HD 156 122.29 -67.11 39.02
CA ASN HD 156 123.56 -67.65 39.46
C ASN HD 156 123.52 -68.11 40.90
N PHE HD 157 122.50 -67.72 41.64
CA PHE HD 157 122.37 -68.17 43.02
C PHE HD 157 121.95 -69.62 43.08
N TYR HD 158 121.61 -70.24 41.96
CA TYR HD 158 121.27 -71.66 41.90
C TYR HD 158 122.11 -72.28 40.79
N PRO HD 159 123.43 -72.23 40.93
CA PRO HD 159 124.29 -72.43 39.77
C PRO HD 159 124.56 -73.89 39.44
N GLN HD 160 123.73 -74.80 39.88
CA GLN HD 160 123.92 -76.19 39.54
C GLN HD 160 122.68 -76.79 38.97
N SER HD 161 121.53 -76.23 39.31
CA SER HD 161 120.26 -76.74 38.90
C SER HD 161 120.07 -76.70 37.40
N THR HD 162 119.59 -77.79 36.88
CA THR HD 162 119.21 -77.82 35.49
C THR HD 162 117.82 -77.25 35.30
N ILE HD 163 117.57 -76.78 34.08
CA ILE HD 163 116.54 -75.79 33.82
C ILE HD 163 115.66 -76.25 32.67
N TYR HD 164 114.40 -76.54 32.98
CA TYR HD 164 113.36 -76.47 31.96
C TYR HD 164 113.14 -75.01 31.59
N VAL HD 165 113.02 -74.72 30.30
CA VAL HD 165 112.42 -73.47 29.85
C VAL HD 165 111.45 -73.78 28.72
N ALA HD 166 110.47 -72.90 28.53
CA ALA HD 166 109.37 -73.24 27.66
C ALA HD 166 108.74 -72.01 27.03
N GLY HD 167 108.60 -72.08 25.72
CA GLY HD 167 108.07 -70.99 24.93
C GLY HD 167 106.57 -71.16 24.76
N PHE HD 168 105.85 -70.04 24.66
CA PHE HD 168 104.41 -70.16 24.64
C PHE HD 168 103.77 -69.10 23.77
N THR HD 169 102.67 -69.52 23.17
CA THR HD 169 102.03 -68.76 22.12
C THR HD 169 100.62 -68.46 22.58
N ASP HD 170 99.79 -68.05 21.64
CA ASP HD 170 98.37 -68.23 21.83
C ASP HD 170 97.80 -68.95 20.63
N ASN HD 171 96.47 -69.00 20.62
CA ASN HD 171 95.59 -69.90 19.89
C ASN HD 171 95.59 -69.73 18.39
N VAL HD 172 96.50 -68.98 17.82
CA VAL HD 172 96.28 -68.44 16.50
C VAL HD 172 97.21 -69.07 15.47
N GLY HD 173 96.76 -69.11 14.23
CA GLY HD 173 97.59 -69.64 13.16
C GLY HD 173 97.67 -71.15 13.20
N SER HD 174 98.57 -71.68 12.38
CA SER HD 174 98.77 -73.11 12.34
C SER HD 174 99.39 -73.61 13.62
N ARG HD 175 99.02 -74.84 13.96
CA ARG HD 175 99.70 -75.53 15.04
C ARG HD 175 101.18 -75.66 14.74
N SER HD 176 101.49 -75.91 13.47
CA SER HD 176 102.85 -76.04 13.01
C SER HD 176 103.56 -74.73 13.20
N HIS HD 177 102.88 -73.65 12.85
CA HIS HD 177 103.38 -72.33 13.15
C HIS HD 177 103.68 -72.08 14.60
N LYS HD 178 102.71 -72.35 15.46
CA LYS HD 178 102.83 -71.98 16.85
C LYS HD 178 103.96 -72.72 17.50
N ARG HD 179 104.01 -74.02 17.19
CA ARG HD 179 105.18 -74.86 17.39
C ARG HD 179 106.44 -74.14 16.98
N LYS HD 180 106.53 -73.75 15.71
CA LYS HD 180 107.81 -73.33 15.17
C LYS HD 180 108.28 -72.03 15.77
N LEU HD 181 107.37 -71.08 15.92
CA LEU HD 181 107.74 -69.80 16.47
C LEU HD 181 108.13 -69.94 17.92
N SER HD 182 107.41 -70.79 18.64
CA SER HD 182 107.76 -71.02 20.02
C SER HD 182 109.12 -71.66 20.15
N GLN HD 183 109.49 -72.54 19.21
CA GLN HD 183 110.85 -73.08 19.28
C GLN HD 183 111.88 -72.05 18.97
N ALA HD 184 111.53 -71.09 18.11
CA ALA HD 184 112.47 -70.02 17.85
C ALA HD 184 112.73 -69.22 19.11
N GLN HD 185 111.65 -68.92 19.82
CA GLN HD 185 111.73 -68.11 21.01
C GLN HD 185 112.43 -68.85 22.11
N ALA HD 186 112.17 -70.14 22.16
CA ALA HD 186 112.86 -71.01 23.10
C ALA HD 186 114.34 -71.00 22.84
N GLU HD 187 114.72 -71.18 21.58
CA GLU HD 187 116.14 -71.35 21.30
C GLU HD 187 116.86 -70.05 21.55
N THR HD 188 116.23 -68.93 21.26
CA THR HD 188 116.97 -67.72 21.49
C THR HD 188 117.13 -67.41 22.95
N MET HD 189 116.19 -67.79 23.79
CA MET HD 189 116.49 -67.50 25.16
C MET HD 189 117.45 -68.48 25.76
N MET HD 190 117.44 -69.71 25.29
CA MET HD 190 118.41 -70.62 25.88
C MET HD 190 119.80 -70.34 25.37
N THR HD 191 119.94 -69.97 24.11
CA THR HD 191 121.23 -69.53 23.63
C THR HD 191 121.64 -68.27 24.29
N PHE HD 192 120.68 -67.42 24.62
CA PHE HD 192 120.97 -66.30 25.47
C PHE HD 192 121.59 -66.75 26.75
N LEU HD 193 121.07 -67.81 27.34
CA LEU HD 193 121.67 -68.33 28.56
C LEU HD 193 123.04 -68.94 28.35
N TRP HD 194 123.19 -69.74 27.32
CA TRP HD 194 124.46 -70.37 27.04
C TRP HD 194 125.51 -69.36 26.70
N ALA HD 195 125.06 -68.24 26.15
CA ALA HD 195 125.83 -67.04 26.05
C ALA HD 195 126.00 -66.32 27.36
N ASN HD 196 125.06 -66.44 28.29
CA ASN HD 196 125.26 -65.83 29.58
C ASN HD 196 126.36 -66.54 30.34
N GLY HD 197 126.66 -67.77 29.93
CA GLY HD 197 127.80 -68.42 30.49
C GLY HD 197 127.29 -69.51 31.38
N ILE HD 198 126.20 -70.12 30.97
CA ILE HD 198 125.62 -71.22 31.70
C ILE HD 198 125.88 -72.49 30.93
N ALA HD 199 126.16 -73.56 31.68
CA ALA HD 199 126.57 -74.82 31.11
C ALA HD 199 125.46 -75.40 30.28
N ALA HD 200 125.77 -75.62 29.02
CA ALA HD 200 124.77 -76.00 28.03
C ALA HD 200 124.15 -77.35 28.29
N LYS HD 201 124.74 -78.15 29.16
CA LYS HD 201 124.07 -79.36 29.55
C LYS HD 201 123.27 -79.18 30.82
N ARG HD 202 123.25 -77.98 31.39
CA ARG HD 202 122.21 -77.70 32.38
C ARG HD 202 120.91 -77.26 31.73
N LEU HD 203 120.88 -77.07 30.43
CA LEU HD 203 119.75 -76.40 29.80
C LEU HD 203 118.86 -77.41 29.08
N LYS HD 204 117.55 -77.18 29.15
CA LYS HD 204 116.62 -77.90 28.29
C LYS HD 204 115.39 -77.04 28.04
N ALA HD 205 114.98 -77.00 26.78
CA ALA HD 205 114.00 -76.06 26.30
C ALA HD 205 112.90 -76.75 25.53
N GLU HD 206 111.71 -76.17 25.57
CA GLU HD 206 110.65 -76.56 24.67
C GLU HD 206 109.70 -75.40 24.49
N GLY HD 207 109.36 -75.11 23.25
CA GLY HD 207 108.40 -74.09 22.96
C GLY HD 207 107.06 -74.74 22.61
N TYR HD 208 106.17 -74.73 23.58
CA TYR HD 208 104.85 -75.24 23.40
C TYR HD 208 104.00 -74.18 22.74
N GLY HD 209 103.46 -74.54 21.58
CA GLY HD 209 102.50 -73.69 20.93
C GLY HD 209 101.18 -73.87 21.65
N ASP HD 210 101.03 -73.16 22.78
CA ASP HD 210 99.80 -72.92 23.52
C ASP HD 210 99.07 -74.15 24.01
N LYS HD 211 99.67 -75.33 24.00
CA LYS HD 211 98.96 -76.51 24.44
C LYS HD 211 98.82 -76.60 25.95
N ASN HD 212 99.15 -75.52 26.66
CA ASN HD 212 99.16 -75.47 28.10
C ASN HD 212 98.23 -74.41 28.66
N ALA HD 213 98.47 -73.14 28.32
CA ALA HD 213 97.52 -72.04 28.51
C ALA HD 213 97.14 -71.82 29.98
N ILE HD 214 98.10 -71.26 30.73
CA ILE HD 214 97.87 -70.81 32.10
C ILE HD 214 96.73 -69.82 32.22
N SER HD 215 96.42 -69.10 31.17
CA SER HD 215 95.16 -68.40 31.12
C SER HD 215 94.40 -68.94 29.94
N ASP HD 216 93.27 -68.31 29.65
CA ASP HD 216 92.58 -68.59 28.41
C ASP HD 216 93.28 -67.92 27.24
N ASN HD 217 92.68 -68.07 26.08
CA ASN HD 217 93.01 -67.20 24.97
C ASN HD 217 91.82 -66.40 24.47
N ALA HD 218 90.61 -66.80 24.83
CA ALA HD 218 89.42 -66.17 24.30
C ALA HD 218 89.18 -64.79 24.85
N ILE HD 219 89.93 -64.36 25.85
CA ILE HD 219 89.90 -62.98 26.25
C ILE HD 219 91.32 -62.46 26.14
N ILE HD 220 91.41 -61.15 26.05
CA ILE HD 220 92.56 -60.50 25.47
C ILE HD 220 93.67 -60.38 26.49
N HIS HD 221 93.32 -59.88 27.67
CA HIS HD 221 94.24 -59.87 28.78
C HIS HD 221 94.70 -61.27 29.13
N GLY HD 222 93.82 -62.24 28.97
CA GLY HD 222 94.21 -63.61 29.18
C GLY HD 222 95.22 -64.11 28.17
N SER HD 223 95.04 -63.74 26.91
CA SER HD 223 96.02 -64.12 25.90
C SER HD 223 97.35 -63.42 26.13
N ALA HD 224 97.26 -62.19 26.65
CA ALA HD 224 98.45 -61.44 27.02
C ALA HD 224 99.21 -62.16 28.10
N GLN HD 225 98.48 -62.70 29.05
CA GLN HD 225 99.10 -63.55 30.03
C GLN HD 225 99.55 -64.87 29.43
N ASN HD 226 98.91 -65.29 28.35
CA ASN HD 226 99.25 -66.57 27.75
C ASN HD 226 100.60 -66.57 27.06
N ARG HD 227 100.99 -65.48 26.42
CA ARG HD 227 102.26 -65.52 25.71
C ARG HD 227 103.41 -65.25 26.68
N ARG HD 228 104.15 -66.31 26.99
CA ARG HD 228 104.97 -66.35 28.18
C ARG HD 228 106.10 -67.34 27.95
N ILE HD 229 107.05 -67.38 28.88
CA ILE HD 229 108.11 -68.37 28.87
C ILE HD 229 108.17 -68.91 30.27
N GLU HD 230 108.29 -70.23 30.38
CA GLU HD 230 108.50 -70.92 31.63
C GLU HD 230 109.98 -71.13 31.87
N ILE HD 231 110.40 -70.99 33.10
CA ILE HD 231 111.74 -71.37 33.49
C ILE HD 231 111.62 -72.17 34.77
N GLN HD 232 111.50 -73.47 34.65
CA GLN HD 232 111.62 -74.32 35.81
C GLN HD 232 113.10 -74.59 36.01
N TRP HD 233 113.55 -74.52 37.24
CA TRP HD 233 114.76 -75.21 37.59
C TRP HD 233 114.67 -75.67 39.01
N PHE HD 234 115.43 -76.69 39.32
CA PHE HD 234 115.31 -77.36 40.58
C PHE HD 234 116.25 -76.67 41.54
N ARG ID 99 75.47 -76.74 92.02
CA ARG ID 99 76.07 -75.82 91.05
C ARG ID 99 76.50 -76.53 89.78
N ASP ID 100 76.76 -77.85 89.86
CA ASP ID 100 77.03 -78.70 88.72
C ASP ID 100 76.38 -80.06 88.93
N SER ID 101 75.36 -80.13 89.76
CA SER ID 101 74.78 -81.39 90.17
C SER ID 101 73.83 -81.89 89.11
N LYS ID 102 73.06 -82.92 89.48
CA LYS ID 102 72.06 -83.49 88.59
C LYS ID 102 71.04 -82.47 88.14
N ARG ID 103 70.52 -81.67 89.08
CA ARG ID 103 69.54 -80.67 88.72
C ARG ID 103 70.18 -79.60 87.86
N LYS ID 104 71.44 -79.32 88.09
CA LYS ID 104 72.10 -78.31 87.30
C LYS ID 104 72.27 -78.77 85.87
N ILE ID 105 72.73 -80.00 85.71
CA ILE ID 105 73.02 -80.47 84.38
C ILE ID 105 71.75 -80.77 83.62
N ILE ID 106 70.65 -81.09 84.30
CA ILE ID 106 69.42 -81.13 83.54
C ILE ID 106 68.87 -79.73 83.26
N ARG ID 107 69.18 -78.75 84.11
CA ARG ID 107 68.73 -77.39 83.85
C ARG ID 107 69.37 -76.83 82.59
N ASP ID 108 70.67 -76.89 82.53
CA ASP ID 108 71.26 -76.40 81.29
C ASP ID 108 71.19 -77.42 80.17
N LEU ID 109 70.83 -78.67 80.47
CA LEU ID 109 70.39 -79.56 79.40
C LEU ID 109 69.20 -79.03 78.68
N GLN ID 110 68.17 -78.63 79.41
CA GLN ID 110 67.02 -78.10 78.70
C GLN ID 110 67.26 -76.69 78.21
N LYS ID 111 68.28 -76.02 78.75
CA LYS ID 111 68.78 -74.85 78.04
C LYS ID 111 69.31 -75.23 76.68
N GLN ID 112 69.97 -76.38 76.61
CA GLN ID 112 70.32 -76.96 75.33
C GLN ID 112 69.25 -77.90 74.82
N ASP ID 113 68.03 -77.76 75.37
CA ASP ID 113 66.76 -78.36 74.98
C ASP ID 113 66.85 -79.77 74.42
N ILE ID 114 67.46 -80.66 75.16
CA ILE ID 114 67.40 -82.06 74.78
C ILE ID 114 66.45 -82.68 75.75
N GLN ID 115 65.34 -83.20 75.26
CA GLN ID 115 64.20 -83.35 76.13
C GLN ID 115 64.39 -84.48 77.12
N TYR ID 116 64.45 -84.09 78.39
CA TYR ID 116 64.86 -85.00 79.43
C TYR ID 116 63.63 -85.48 80.15
N VAL ID 117 63.54 -86.79 80.32
CA VAL ID 117 62.47 -87.41 81.05
C VAL ID 117 63.08 -88.04 82.27
N GLU ID 118 62.72 -87.55 83.46
CA GLU ID 118 62.85 -88.37 84.64
C GLU ID 118 61.45 -88.79 85.06
N TYR ID 119 61.29 -90.08 85.24
CA TYR ID 119 60.03 -90.77 85.47
C TYR ID 119 60.45 -92.15 85.91
N GLY ID 120 59.88 -92.63 86.99
CA GLY ID 120 60.04 -94.01 87.42
C GLY ID 120 61.51 -94.26 87.69
N ASP ID 121 62.02 -95.31 87.10
CA ASP ID 121 63.44 -95.32 86.86
C ASP ID 121 63.77 -95.00 85.41
N THR ID 122 62.86 -95.27 84.49
CA THR ID 122 63.19 -95.22 83.09
C THR ID 122 63.27 -93.77 82.64
N ARG ID 123 64.48 -93.28 82.58
CA ARG ID 123 64.72 -91.94 82.12
C ARG ID 123 64.92 -92.00 80.63
N THR ID 124 64.41 -91.00 79.95
CA THR ID 124 64.31 -91.04 78.50
C THR ID 124 64.78 -89.73 77.93
N LEU ID 125 65.62 -89.81 76.95
CA LEU ID 125 66.06 -88.61 76.28
C LEU ID 125 65.56 -88.55 74.87
N ILE ID 126 65.07 -87.39 74.50
CA ILE ID 126 64.48 -87.17 73.20
C ILE ID 126 65.34 -86.18 72.48
N ILE ID 127 65.68 -86.52 71.26
CA ILE ID 127 66.75 -85.84 70.57
C ILE ID 127 66.22 -85.31 69.25
N PRO ID 128 66.28 -84.00 69.06
CA PRO ID 128 66.09 -83.42 67.74
C PRO ID 128 67.24 -83.86 66.85
N THR ID 129 66.94 -84.89 66.06
CA THR ID 129 67.88 -85.45 65.10
C THR ID 129 68.47 -84.41 64.19
N ASP ID 130 67.64 -83.49 63.75
CA ASP ID 130 68.03 -82.48 62.78
C ASP ID 130 69.22 -81.66 63.23
N LYS ID 131 69.09 -80.96 64.34
CA LYS ID 131 70.19 -80.13 64.73
C LYS ID 131 71.20 -80.90 65.54
N TYR ID 132 70.94 -82.17 65.80
CA TYR ID 132 72.01 -83.05 66.23
C TYR ID 132 72.45 -83.96 65.12
N PHE ID 133 72.39 -83.47 63.90
CA PHE ID 133 72.97 -84.16 62.79
C PHE ID 133 73.38 -83.15 61.75
N MET ID 134 74.19 -83.58 60.81
CA MET ID 134 74.01 -82.98 59.51
C MET ID 134 72.85 -83.66 58.81
N PHE ID 135 72.19 -82.87 57.97
CA PHE ID 135 70.92 -83.22 57.35
C PHE ID 135 71.02 -84.48 56.52
N SER ID 136 70.03 -85.35 56.68
CA SER ID 136 69.78 -86.53 55.85
C SER ID 136 70.98 -87.46 55.86
N SER ID 137 71.72 -87.41 56.95
CA SER ID 137 73.05 -87.97 56.97
C SER ID 137 73.15 -88.75 58.25
N PRO ID 138 73.97 -89.79 58.26
CA PRO ID 138 74.42 -90.32 59.53
C PRO ID 138 75.42 -89.43 60.26
N ARG ID 139 75.84 -88.31 59.70
CA ARG ID 139 76.93 -87.60 60.32
C ARG ID 139 76.45 -86.63 61.38
N LEU ID 140 76.91 -86.89 62.60
CA LEU ID 140 76.54 -86.14 63.77
C LEU ID 140 76.93 -84.69 63.64
N ASN ID 141 76.01 -83.83 64.04
CA ASN ID 141 76.31 -82.44 64.10
C ASN ID 141 77.28 -82.21 65.24
N GLU ID 142 78.55 -82.31 64.91
CA GLU ID 142 79.57 -82.20 65.94
C GLU ID 142 79.73 -80.80 66.51
N ILE ID 143 79.09 -79.79 65.92
CA ILE ID 143 79.12 -78.48 66.56
C ILE ID 143 78.34 -78.50 67.87
N CYS ID 144 77.43 -79.44 68.03
CA CYS ID 144 76.58 -79.46 69.21
C CYS ID 144 77.20 -80.27 70.33
N TYR ID 145 78.51 -80.13 70.48
CA TYR ID 145 79.25 -80.92 71.46
C TYR ID 145 78.85 -80.73 72.93
N PRO ID 146 78.67 -79.51 73.49
CA PRO ID 146 78.69 -79.39 74.96
C PRO ID 146 77.50 -80.04 75.63
N GLY ID 147 76.37 -80.00 74.93
CA GLY ID 147 75.23 -80.77 75.35
C GLY ID 147 75.53 -82.24 75.40
N LEU ID 148 76.23 -82.76 74.39
CA LEU ID 148 76.50 -84.19 74.33
C LEU ID 148 77.46 -84.61 75.42
N ASN ID 149 78.40 -83.72 75.75
CA ASN ID 149 79.25 -83.94 76.90
C ASN ID 149 78.42 -84.07 78.15
N ASN ID 150 77.46 -83.19 78.27
CA ASN ID 150 76.64 -83.21 79.46
C ASN ID 150 75.66 -84.36 79.43
N VAL ID 151 75.30 -84.83 78.24
CA VAL ID 151 74.54 -86.06 78.06
C VAL ID 151 75.24 -87.19 78.71
N ILE ID 152 76.52 -87.33 78.41
CA ILE ID 152 77.21 -88.47 78.95
C ILE ID 152 77.46 -88.25 80.43
N ARG ID 153 77.63 -86.98 80.82
CA ARG ID 153 77.82 -86.61 82.22
C ARG ID 153 76.66 -87.02 83.08
N LEU ID 154 75.45 -86.74 82.63
CA LEU ID 154 74.29 -87.15 83.39
C LEU ID 154 74.05 -88.64 83.24
N LEU ID 155 74.34 -89.20 82.07
CA LEU ID 155 74.10 -90.62 81.81
C LEU ID 155 74.94 -91.51 82.69
N ASN ID 156 76.08 -91.02 83.13
CA ASN ID 156 76.92 -91.81 84.00
C ASN ID 156 76.34 -91.93 85.40
N PHE ID 157 75.35 -91.11 85.72
CA PHE ID 157 74.72 -91.21 87.02
C PHE ID 157 73.81 -92.42 87.11
N TYR ID 158 73.59 -93.13 85.99
CA TYR ID 158 72.82 -94.36 85.98
C TYR ID 158 73.66 -95.42 85.28
N PRO ID 159 74.81 -95.75 85.83
CA PRO ID 159 75.83 -96.43 85.03
C PRO ID 159 75.66 -97.92 84.96
N GLN ID 160 74.48 -98.44 85.21
CA GLN ID 160 74.26 -99.86 85.09
C GLN ID 160 73.09 -100.16 84.22
N SER ID 161 72.17 -99.23 84.11
CA SER ID 161 70.95 -99.42 83.38
C SER ID 161 71.20 -99.63 81.90
N THR ID 162 70.52 -100.62 81.37
CA THR ID 162 70.54 -100.82 79.94
C THR ID 162 69.54 -99.91 79.26
N ILE ID 163 69.81 -99.64 77.99
CA ILE ID 163 69.30 -98.47 77.30
C ILE ID 163 68.64 -98.88 75.99
N TYR ID 164 67.33 -98.70 75.90
CA TYR ID 164 66.68 -98.53 74.61
C TYR ID 164 67.09 -97.19 74.03
N VAL ID 165 67.43 -97.14 72.75
CA VAL ID 165 67.45 -95.90 72.00
C VAL ID 165 66.77 -96.13 70.66
N ALA ID 166 66.24 -95.06 70.09
CA ALA ID 166 65.36 -95.23 68.94
C ALA ID 166 65.40 -94.02 68.02
N GLY ID 167 65.59 -94.31 66.74
CA GLY ID 167 65.71 -93.29 65.71
C GLY ID 167 64.35 -93.05 65.09
N PHE ID 168 64.11 -91.81 64.65
CA PHE ID 168 62.78 -91.48 64.18
C PHE ID 168 62.79 -90.50 63.05
N THR ID 169 61.82 -90.68 62.17
CA THR ID 169 61.79 -89.99 60.90
C THR ID 169 60.51 -89.21 60.86
N ASP ID 170 60.15 -88.78 59.66
CA ASP ID 170 58.76 -88.47 59.40
C ASP ID 170 58.31 -89.22 58.16
N ASN ID 171 57.12 -88.88 57.74
CA ASN ID 171 56.20 -89.59 56.86
C ASN ID 171 56.66 -89.76 55.43
N VAL ID 172 57.89 -89.44 55.12
CA VAL ID 172 58.24 -89.14 53.74
C VAL ID 172 59.12 -90.22 53.14
N GLY ID 173 59.04 -90.37 51.82
CA GLY ID 173 59.89 -91.33 51.14
C GLY ID 173 59.44 -92.76 51.37
N SER ID 174 60.27 -93.69 50.92
CA SER ID 174 59.97 -95.10 51.11
C SER ID 174 60.01 -95.49 52.57
N ARG ID 175 59.16 -96.45 52.90
CA ARG ID 175 59.24 -97.08 54.21
C ARG ID 175 60.61 -97.70 54.40
N SER ID 176 61.14 -98.29 53.34
CA SER ID 176 62.44 -98.90 53.36
C SER ID 176 63.48 -97.85 53.63
N HIS ID 177 63.34 -96.72 52.96
CA HIS ID 177 64.17 -95.57 53.26
C HIS ID 177 64.13 -95.14 54.70
N LYS ID 178 62.94 -94.92 55.22
CA LYS ID 178 62.80 -94.32 56.54
C LYS ID 178 63.39 -95.22 57.58
N ARG ID 179 63.07 -96.51 57.45
CA ARG ID 179 63.77 -97.59 58.10
C ARG ID 179 65.27 -97.39 58.03
N LYS ID 180 65.83 -97.31 56.83
CA LYS ID 180 67.26 -97.41 56.69
C LYS ID 180 67.98 -96.21 57.28
N LEU ID 181 67.44 -95.03 57.02
CA LEU ID 181 68.08 -93.84 57.52
C LEU ID 181 67.99 -93.79 59.02
N SER ID 182 66.87 -94.22 59.56
CA SER ID 182 66.73 -94.25 61.00
C SER ID 182 67.70 -95.23 61.62
N GLN ID 183 67.97 -96.35 60.95
CA GLN ID 183 68.98 -97.24 61.50
C GLN ID 183 70.35 -96.64 61.43
N ALA ID 184 70.61 -95.83 60.41
CA ALA ID 184 71.90 -95.16 60.35
C ALA ID 184 72.06 -94.23 61.54
N GLN ID 185 71.01 -93.49 61.83
CA GLN ID 185 71.04 -92.52 62.89
C GLN ID 185 71.12 -93.19 64.23
N ALA ID 186 70.42 -94.30 64.33
CA ALA ID 186 70.49 -95.12 65.52
C ALA ID 186 71.90 -95.61 65.76
N GLU ID 187 72.52 -96.16 64.71
CA GLU ID 187 73.81 -96.78 64.91
C GLU ID 187 74.84 -95.74 65.26
N THR ID 188 74.73 -94.57 64.65
CA THR ID 188 75.76 -93.61 64.98
C THR ID 188 75.63 -93.07 66.37
N MET ID 189 74.42 -92.97 66.90
CA MET ID 189 74.43 -92.50 68.26
C MET ID 189 74.79 -93.59 69.23
N MET ID 190 74.48 -94.82 68.92
CA MET ID 190 74.87 -95.84 69.88
C MET ID 190 76.37 -96.10 69.82
N THR ID 191 76.95 -96.06 68.64
CA THR ID 191 78.39 -96.13 68.55
C THR ID 191 79.02 -94.93 69.17
N PHE ID 192 78.36 -93.79 69.08
CA PHE ID 192 78.79 -92.66 69.85
C PHE ID 192 78.84 -93.00 71.31
N LEU ID 193 77.85 -93.71 71.81
CA LEU ID 193 77.89 -94.13 73.21
C LEU ID 193 78.97 -95.15 73.51
N TRP ID 194 79.09 -96.14 72.67
CA TRP ID 194 80.09 -97.18 72.88
C TRP ID 194 81.48 -96.61 72.79
N ALA ID 195 81.61 -95.55 72.02
CA ALA ID 195 82.75 -94.68 72.04
C ALA ID 195 82.80 -93.79 73.26
N ASN ID 196 81.66 -93.43 73.83
CA ASN ID 196 81.71 -92.65 75.06
C ASN ID 196 82.24 -93.49 76.19
N GLY ID 197 82.21 -94.80 76.03
CA GLY ID 197 82.85 -95.64 76.99
C GLY ID 197 81.78 -96.32 77.78
N ILE ID 198 80.71 -96.65 77.11
CA ILE ID 198 79.60 -97.35 77.74
C ILE ID 198 79.60 -98.77 77.22
N ALA ID 199 79.28 -99.69 78.13
CA ALA ID 199 79.37 -101.11 77.85
C ALA ID 199 78.39 -101.49 76.78
N ALA ID 200 78.93 -102.05 75.71
CA ALA ID 200 78.17 -102.31 74.50
C ALA ID 200 77.07 -103.32 74.70
N LYS ID 201 77.08 -104.07 75.78
CA LYS ID 201 75.96 -104.91 76.07
C LYS ID 201 74.97 -104.25 76.99
N ARG ID 202 75.20 -103.01 77.39
CA ARG ID 202 74.11 -102.24 77.97
C ARG ID 202 73.27 -101.57 76.89
N LEU ID 203 73.65 -101.65 75.63
CA LEU ID 203 73.03 -100.83 74.61
C LEU ID 203 72.07 -101.64 73.75
N LYS ID 204 70.96 -101.02 73.38
CA LYS ID 204 70.10 -101.60 72.35
C LYS ID 204 69.37 -100.48 71.63
N ALA ID 205 69.34 -100.57 70.31
CA ALA ID 205 68.91 -99.51 69.44
C ALA ID 205 67.90 -99.99 68.43
N GLU ID 206 67.03 -99.08 68.03
CA GLU ID 206 66.17 -99.31 66.88
C GLU ID 206 65.75 -97.99 66.28
N GLY ID 207 65.88 -97.87 64.98
CA GLY ID 207 65.45 -96.69 64.28
C GLY ID 207 64.13 -96.97 63.61
N TYR ID 208 63.07 -96.50 64.23
CA TYR ID 208 61.74 -96.63 63.69
C TYR ID 208 61.52 -95.52 62.68
N GLY ID 209 61.23 -95.92 61.46
CA GLY ID 209 60.82 -94.97 60.45
C GLY ID 209 59.38 -94.60 60.73
N ASP ID 210 59.20 -93.66 61.66
CA ASP ID 210 57.98 -92.93 61.95
C ASP ID 210 56.76 -93.76 62.30
N LYS ID 211 56.90 -95.04 62.61
CA LYS ID 211 55.73 -95.83 62.92
C LYS ID 211 55.18 -95.56 64.30
N ASN ID 212 55.66 -94.52 64.97
CA ASN ID 212 55.30 -94.17 66.32
C ASN ID 212 54.67 -92.79 66.44
N ALA ID 213 55.42 -91.74 66.06
CA ALA ID 213 54.89 -90.39 65.82
C ALA ID 213 54.25 -89.79 67.07
N ILE ID 214 55.10 -89.39 68.02
CA ILE ID 214 54.68 -88.62 69.19
C ILE ID 214 53.97 -87.33 68.83
N SER ID 215 54.21 -86.78 67.66
CA SER ID 215 53.35 -85.77 67.14
C SER ID 215 52.78 -86.28 65.83
N ASP ID 216 52.06 -85.42 65.14
CA ASP ID 216 51.68 -85.73 63.78
C ASP ID 216 52.85 -85.56 62.83
N ASN ID 217 52.57 -85.75 61.56
CA ASN ID 217 53.46 -85.27 60.53
C ASN ID 217 52.81 -84.28 59.60
N ALA ID 218 51.48 -84.22 59.59
CA ALA ID 218 50.77 -83.39 58.64
C ALA ID 218 50.89 -81.91 58.93
N ILE ID 219 51.45 -81.53 60.07
CA ILE ID 219 51.79 -80.15 60.30
C ILE ID 219 53.27 -80.11 60.59
N ILE ID 220 53.84 -78.94 60.40
CA ILE ID 220 55.24 -78.80 60.16
C ILE ID 220 56.01 -78.81 61.46
N HIS ID 221 55.56 -77.98 62.40
CA HIS ID 221 56.09 -78.02 63.74
C HIS ID 221 55.93 -79.39 64.37
N GLY ID 222 54.84 -80.07 64.03
CA GLY ID 222 54.66 -81.43 64.50
C GLY ID 222 55.66 -82.39 63.93
N SER ID 223 55.97 -82.26 62.65
CA SER ID 223 56.98 -83.11 62.05
C SER ID 223 58.36 -82.80 62.61
N ALA ID 224 58.58 -81.53 62.94
CA ALA ID 224 59.81 -81.10 63.60
C ALA ID 224 59.95 -81.77 64.93
N GLN ID 225 58.85 -81.87 65.66
CA GLN ID 225 58.86 -82.65 66.86
C GLN ID 225 58.97 -84.12 66.57
N ASN ID 226 58.53 -84.56 65.40
CA ASN ID 226 58.55 -85.97 65.09
C ASN ID 226 59.95 -86.52 64.86
N ARG ID 227 60.84 -85.74 64.27
CA ARG ID 227 62.17 -86.31 64.02
C ARG ID 227 63.04 -86.21 65.26
N ARG ID 228 63.24 -87.35 65.91
CA ARG ID 228 63.66 -87.38 67.30
C ARG ID 228 64.39 -88.69 67.54
N ILE ID 229 64.99 -88.81 68.72
CA ILE ID 229 65.60 -90.05 69.16
C ILE ID 229 65.10 -90.30 70.56
N GLU ID 230 64.72 -91.54 70.84
CA GLU ID 230 64.32 -91.99 72.15
C GLU ID 230 65.52 -92.57 72.86
N ILE ID 231 65.62 -92.31 74.16
CA ILE ID 231 66.59 -92.99 74.98
C ILE ID 231 65.86 -93.42 76.24
N GLN ID 232 65.33 -94.63 76.23
CA GLN ID 232 64.84 -95.22 77.45
C GLN ID 232 66.02 -95.87 78.13
N TRP ID 233 66.12 -95.70 79.43
CA TRP ID 233 66.88 -96.62 80.22
C TRP ID 233 66.26 -96.74 81.59
N PHE ID 234 66.51 -97.85 82.22
CA PHE ID 234 65.83 -98.18 83.44
C PHE ID 234 66.66 -97.62 84.57
N ARG JD 99 16.36 -75.00 119.01
CA ARG JD 99 17.49 -74.54 118.20
C ARG JD 99 17.98 -75.60 117.22
N ASP JD 100 17.73 -76.88 117.52
CA ASP JD 100 17.98 -77.99 116.61
C ASP JD 100 16.87 -79.02 116.74
N SER JD 101 15.71 -78.60 117.21
CA SER JD 101 14.63 -79.51 117.54
C SER JD 101 13.88 -79.92 116.28
N LYS JD 102 12.74 -80.57 116.48
CA LYS JD 102 11.89 -80.98 115.37
C LYS JD 102 11.45 -79.82 114.52
N ARG JD 103 11.00 -78.73 115.16
CA ARG JD 103 10.58 -77.57 114.38
C ARG JD 103 11.76 -76.95 113.67
N LYS JD 104 12.94 -77.02 114.27
CA LYS JD 104 14.09 -76.43 113.63
C LYS JD 104 14.47 -77.21 112.40
N ILE JD 105 14.48 -78.53 112.52
CA ILE JD 105 14.94 -79.33 111.42
C ILE JD 105 13.91 -79.38 110.32
N ILE JD 106 12.63 -79.22 110.64
CA ILE JD 106 11.73 -79.04 109.52
C ILE JD 106 11.80 -77.63 108.94
N ARG JD 107 12.17 -76.63 109.74
CA ARG JD 107 12.34 -75.28 109.20
C ARG JD 107 13.43 -75.22 108.17
N ASP JD 108 14.61 -75.69 108.54
CA ASP JD 108 15.64 -75.66 107.53
C ASP JD 108 15.52 -76.81 106.55
N LEU JD 109 14.68 -77.80 106.84
CA LEU JD 109 14.27 -78.73 105.80
C LEU JD 109 13.57 -78.03 104.67
N GLN JD 110 12.60 -77.19 104.97
CA GLN JD 110 11.94 -76.50 103.88
C GLN JD 110 12.79 -75.36 103.36
N LYS JD 111 13.79 -74.93 104.12
CA LYS JD 111 14.84 -74.14 103.49
C LYS JD 111 15.56 -74.94 102.43
N GLN JD 112 15.76 -76.22 102.69
CA GLN JD 112 16.23 -77.14 101.68
C GLN JD 112 15.07 -77.79 100.95
N ASP JD 113 13.88 -77.18 101.05
CA ASP JD 113 12.63 -77.44 100.32
C ASP JD 113 12.37 -78.89 99.98
N ILE JD 114 12.41 -79.75 100.96
CA ILE JD 114 11.97 -81.11 100.74
C ILE JD 114 10.64 -81.21 101.41
N GLN JD 115 9.59 -81.45 100.63
CA GLN JD 115 8.27 -81.07 101.10
C GLN JD 115 7.79 -81.98 102.20
N TYR JD 116 7.63 -81.38 103.37
CA TYR JD 116 7.40 -82.13 104.58
C TYR JD 116 5.93 -82.05 104.91
N VAL JD 117 5.35 -83.20 105.17
CA VAL JD 117 3.97 -83.31 105.57
C VAL JD 117 3.96 -83.83 106.99
N GLU JD 118 3.49 -83.02 107.93
CA GLU JD 118 2.99 -83.58 109.17
C GLU JD 118 1.48 -83.46 109.16
N TYR JD 119 0.84 -84.58 109.40
CA TYR JD 119 -0.59 -84.78 109.28
C TYR JD 119 -0.82 -86.11 109.98
N GLY JD 120 -1.80 -86.15 110.86
CA GLY JD 120 -2.24 -87.40 111.46
C GLY JD 120 -1.10 -88.02 112.21
N ASP JD 121 -0.84 -89.28 111.93
CA ASP JD 121 0.49 -89.77 112.17
C ASP JD 121 1.29 -89.86 110.89
N THR JD 122 0.62 -90.03 109.76
CA THR JD 122 1.33 -90.37 108.54
C THR JD 122 2.02 -89.14 108.00
N ARG JD 123 3.30 -89.06 108.28
CA ARG JD 123 4.11 -87.98 107.78
C ARG JD 123 4.68 -88.41 106.46
N THR JD 124 4.75 -87.45 105.55
CA THR JD 124 5.04 -87.78 104.17
C THR JD 124 6.07 -86.81 103.64
N LEU JD 125 7.07 -87.35 103.00
CA LEU JD 125 8.07 -86.50 102.39
C LEU JD 125 8.02 -86.59 100.89
N ILE JD 126 8.08 -85.43 100.27
CA ILE JD 126 7.99 -85.33 98.83
C ILE JD 126 9.30 -84.81 98.33
N ILE JD 127 9.82 -85.49 97.33
CA ILE JD 127 11.21 -85.31 96.96
C ILE JD 127 11.28 -84.94 95.49
N PRO JD 128 11.83 -83.77 95.19
CA PRO JD 128 12.23 -83.45 93.83
C PRO JD 128 13.34 -84.39 93.42
N THR JD 129 12.94 -85.42 92.68
CA THR JD 129 13.84 -86.42 92.15
C THR JD 129 14.98 -85.83 91.38
N ASP JD 130 14.69 -84.80 90.60
CA ASP JD 130 15.64 -84.19 89.70
C ASP JD 130 16.87 -83.69 90.43
N LYS JD 131 16.71 -82.77 91.36
CA LYS JD 131 17.89 -82.25 92.00
C LYS JD 131 18.29 -83.09 93.17
N TYR JD 132 17.54 -84.14 93.46
CA TYR JD 132 18.08 -85.19 94.31
C TYR JD 132 18.46 -86.41 93.50
N PHE JD 133 18.90 -86.19 92.28
CA PHE JD 133 19.49 -87.23 91.50
C PHE JD 133 20.49 -86.63 90.56
N MET JD 134 21.32 -87.47 89.99
CA MET JD 134 21.72 -87.14 88.64
C MET JD 134 20.64 -87.55 87.67
N PHE JD 135 20.55 -86.79 86.59
CA PHE JD 135 19.46 -86.87 85.63
C PHE JD 135 19.34 -88.24 85.01
N SER JD 136 18.09 -88.72 84.93
CA SER JD 136 17.69 -89.93 84.19
C SER JD 136 18.43 -91.15 84.68
N SER JD 137 18.82 -91.09 85.94
CA SER JD 137 19.80 -92.00 86.46
C SER JD 137 19.28 -92.51 87.77
N PRO JD 138 19.64 -93.71 88.15
CA PRO JD 138 19.52 -94.09 89.56
C PRO JD 138 20.52 -93.40 90.47
N ARG JD 139 21.44 -92.60 89.96
CA ARG JD 139 22.51 -92.14 90.83
C ARG JD 139 22.12 -90.87 91.57
N LEU JD 140 22.12 -90.99 92.88
CA LEU JD 140 21.73 -89.95 93.80
C LEU JD 140 22.61 -88.73 93.64
N ASN JD 141 21.98 -87.58 93.63
CA ASN JD 141 22.73 -86.35 93.64
C ASN JD 141 23.36 -86.20 95.00
N GLU JD 142 24.56 -86.74 95.12
CA GLU JD 142 25.23 -86.75 96.40
C GLU JD 142 25.71 -85.37 96.84
N ILE JD 143 25.65 -84.35 95.98
CA ILE JD 143 25.96 -83.00 96.46
C ILE JD 143 24.90 -82.53 97.44
N CYS JD 144 23.71 -83.10 97.38
CA CYS JD 144 22.63 -82.61 98.23
C CYS JD 144 22.58 -83.33 99.56
N TYR JD 145 23.76 -83.56 100.12
CA TYR JD 145 23.88 -84.31 101.35
C TYR JD 145 23.19 -83.71 102.59
N PRO JD 146 23.31 -82.39 102.93
CA PRO JD 146 22.97 -81.99 104.30
C PRO JD 146 21.50 -82.09 104.60
N GLY JD 147 20.68 -81.87 103.59
CA GLY JD 147 19.28 -82.15 103.69
C GLY JD 147 19.03 -83.60 103.98
N LEU JD 148 19.74 -84.51 103.32
CA LEU JD 148 19.50 -85.93 103.50
C LEU JD 148 19.92 -86.38 104.88
N ASN JD 149 20.97 -85.77 105.40
CA ASN JD 149 21.35 -85.99 106.78
C ASN JD 149 20.23 -85.60 107.70
N ASN JD 150 19.63 -84.46 107.41
CA ASN JD 150 18.57 -83.99 108.25
C ASN JD 150 17.29 -84.77 108.03
N VAL JD 151 17.13 -85.35 106.84
CA VAL JD 151 16.08 -86.29 106.56
C VAL JD 151 16.13 -87.43 107.52
N ILE JD 152 17.32 -88.00 107.67
CA ILE JD 152 17.38 -89.16 108.52
C ILE JD 152 17.27 -88.73 109.97
N ARG JD 153 17.77 -87.52 110.26
CA ARG JD 153 17.70 -86.94 111.60
C ARG JD 153 16.27 -86.80 112.07
N LEU JD 154 15.42 -86.26 111.22
CA LEU JD 154 14.02 -86.14 111.59
C LEU JD 154 13.32 -87.49 111.54
N LEU JD 155 13.70 -88.34 110.59
CA LEU JD 155 13.07 -89.64 110.42
C LEU JD 155 13.26 -90.53 111.62
N ASN JD 156 14.34 -90.34 112.34
CA ASN JD 156 14.58 -91.14 113.51
C ASN JD 156 13.64 -90.79 114.65
N PHE JD 157 12.95 -89.66 114.55
CA PHE JD 157 12.00 -89.29 115.58
C PHE JD 157 10.73 -90.13 115.48
N TYR JD 158 10.59 -90.95 114.44
CA TYR JD 158 9.47 -91.87 114.31
C TYR JD 158 10.04 -93.25 114.03
N PRO JD 159 10.82 -93.80 114.95
CA PRO JD 159 11.71 -94.89 114.61
C PRO JD 159 11.04 -96.25 114.64
N GLN JD 160 9.74 -96.32 114.55
CA GLN JD 160 9.08 -97.61 114.52
C GLN JD 160 8.15 -97.72 113.35
N SER JD 161 7.69 -96.60 112.85
CA SER JD 161 6.73 -96.56 111.77
C SER JD 161 7.28 -97.13 110.49
N THR JD 162 6.47 -97.97 109.88
CA THR JD 162 6.81 -98.44 108.57
C THR JD 162 6.42 -97.44 107.49
N ILE JD 163 7.09 -97.54 106.36
CA ILE JD 163 7.23 -96.44 105.44
C ILE JD 163 6.86 -96.89 104.03
N TYR JD 164 5.77 -96.35 103.49
CA TYR JD 164 5.61 -96.26 102.06
C TYR JD 164 6.60 -95.26 101.51
N VAL JD 165 7.27 -95.59 100.41
CA VAL JD 165 7.92 -94.59 99.58
C VAL JD 165 7.59 -94.87 98.13
N ALA JD 166 7.65 -93.85 97.30
CA ALA JD 166 7.12 -93.97 95.96
C ALA JD 166 7.82 -93.04 94.97
N GLY JD 167 8.25 -93.64 93.87
CA GLY JD 167 8.98 -92.95 92.84
C GLY JD 167 8.02 -92.43 91.78
N PHE JD 168 8.35 -91.31 91.16
CA PHE JD 168 7.40 -90.70 90.25
C PHE JD 168 8.07 -90.02 89.08
N THR JD 169 7.37 -90.08 87.97
CA THR JD 169 7.94 -89.70 86.69
C THR JD 169 7.08 -88.59 86.14
N ASP JD 170 7.24 -88.33 84.87
CA ASP JD 170 6.16 -87.69 84.14
C ASP JD 170 5.84 -88.50 82.91
N ASN JD 171 5.00 -87.92 82.08
CA ASN JD 171 4.17 -88.49 81.03
C ASN JD 171 4.91 -89.07 79.85
N VAL JD 172 6.21 -89.21 79.92
CA VAL JD 172 7.00 -89.32 78.72
C VAL JD 172 7.58 -90.72 78.55
N GLY JD 173 7.80 -91.11 77.30
CA GLY JD 173 8.41 -92.40 77.03
C GLY JD 173 7.45 -93.55 77.25
N SER JD 174 7.99 -94.75 77.21
CA SER JD 174 7.18 -95.93 77.43
C SER JD 174 6.68 -96.00 78.86
N ARG JD 175 5.49 -96.58 78.99
CA ARG JD 175 4.99 -96.91 80.30
C ARG JD 175 5.94 -97.86 81.00
N SER JD 176 6.51 -98.79 80.24
CA SER JD 176 7.45 -99.75 80.74
C SER JD 176 8.68 -99.04 81.22
N HIS JD 177 9.13 -98.07 80.44
CA HIS JD 177 10.19 -97.19 80.86
C HIS JD 177 9.92 -96.47 82.17
N LYS JD 178 8.79 -95.81 82.25
CA LYS JD 178 8.51 -94.94 83.38
C LYS JD 178 8.45 -95.73 84.64
N ARG JD 179 7.75 -96.86 84.54
CA ARG JD 179 7.82 -97.95 85.49
C ARG JD 179 9.24 -98.22 85.90
N LYS JD 180 10.10 -98.57 84.94
CA LYS JD 180 11.39 -99.11 85.29
C LYS JD 180 12.29 -98.10 85.94
N LEU JD 181 12.30 -96.89 85.41
CA LEU JD 181 13.15 -95.86 85.96
C LEU JD 181 12.69 -95.48 87.34
N SER JD 182 11.38 -95.43 87.53
CA SER JD 182 10.85 -95.13 88.83
C SER JD 182 11.20 -96.20 89.83
N GLN JD 183 11.24 -97.46 89.42
CA GLN JD 183 11.68 -98.48 90.35
C GLN JD 183 13.14 -98.34 90.67
N ALA JD 184 13.92 -97.89 89.71
CA ALA JD 184 15.33 -97.65 90.00
C ALA JD 184 15.48 -96.60 91.08
N GLN JD 185 14.73 -95.53 90.93
CA GLN JD 185 14.80 -94.41 91.84
C GLN JD 185 14.28 -94.78 93.20
N ALA JD 186 13.23 -95.59 93.19
CA ALA JD 186 12.69 -96.12 94.40
C ALA JD 186 13.71 -96.94 95.13
N GLU JD 187 14.36 -97.86 94.42
CA GLU JD 187 15.24 -98.79 95.08
C GLU JD 187 16.43 -98.06 95.63
N THR JD 188 16.92 -97.06 94.91
CA THR JD 188 18.08 -96.41 95.45
C THR JD 188 17.76 -95.58 96.66
N MET JD 189 16.58 -95.03 96.75
CA MET JD 189 16.38 -94.30 97.98
C MET JD 189 16.06 -95.22 99.13
N MET JD 190 15.44 -96.33 98.87
CA MET JD 190 15.18 -97.20 100.00
C MET JD 190 16.44 -97.91 100.46
N THR JD 191 17.30 -98.29 99.53
CA THR JD 191 18.59 -98.81 99.93
C THR JD 191 19.41 -97.76 100.59
N PHE JD 192 19.23 -96.51 100.18
CA PHE JD 192 19.80 -95.42 100.92
C PHE JD 192 19.33 -95.46 102.35
N LEU JD 193 18.06 -95.71 102.56
CA LEU JD 193 17.58 -95.83 103.93
C LEU JD 193 18.10 -97.04 104.68
N TRP JD 194 18.09 -98.18 104.03
CA TRP JD 194 18.56 -99.40 104.66
C TRP JD 194 20.04 -99.30 104.97
N ALA JD 195 20.73 -98.52 104.17
CA ALA JD 195 22.05 -98.04 104.48
C ALA JD 195 22.07 -96.98 105.54
N ASN JD 196 21.03 -96.18 105.68
CA ASN JD 196 21.02 -95.22 106.76
C ASN JD 196 20.89 -95.93 108.09
N GLY JD 197 20.44 -97.17 108.07
CA GLY JD 197 20.47 -97.95 109.27
C GLY JD 197 19.05 -98.09 109.73
N ILE JD 198 18.15 -98.21 108.78
CA ILE JD 198 16.75 -98.40 109.08
C ILE JD 198 16.39 -99.83 108.75
N ALA JD 199 15.54 -100.41 109.59
CA ALA JD 199 15.20 -101.81 109.51
C ALA JD 199 14.47 -102.09 108.23
N ALA JD 200 15.04 -103.00 107.45
CA ALA JD 200 14.61 -103.25 106.09
C ALA JD 200 13.21 -103.83 106.02
N LYS JD 201 12.67 -104.31 107.12
CA LYS JD 201 11.30 -104.69 107.12
C LYS JD 201 10.38 -103.59 107.59
N ARG JD 202 10.92 -102.42 107.91
CA ARG JD 202 10.05 -101.26 108.02
C ARG JD 202 9.82 -100.60 106.67
N LEU JD 203 10.48 -101.05 105.62
CA LEU JD 203 10.49 -100.32 104.36
C LEU JD 203 9.58 -100.96 103.34
N LYS JD 204 8.90 -100.13 102.56
CA LYS JD 204 8.21 -100.62 101.37
C LYS JD 204 8.14 -99.51 100.33
N ALA JD 205 8.44 -99.87 99.09
CA ALA JD 205 8.67 -98.92 98.02
C ALA JD 205 7.86 -99.27 96.80
N GLU JD 206 7.50 -98.25 96.04
CA GLU JD 206 6.98 -98.45 94.70
C GLU JD 206 7.22 -97.21 93.87
N GLY JD 207 7.74 -97.41 92.67
CA GLY JD 207 7.95 -96.32 91.76
C GLY JD 207 6.84 -96.33 90.73
N TYR JD 208 5.90 -95.44 90.91
CA TYR JD 208 4.82 -95.27 89.99
C TYR JD 208 5.28 -94.38 88.85
N GLY JD 209 5.21 -94.92 87.65
CA GLY JD 209 5.45 -94.14 86.48
C GLY JD 209 4.22 -93.29 86.23
N ASP JD 210 4.11 -92.18 86.94
CA ASP JD 210 3.21 -91.06 86.74
C ASP JD 210 1.73 -91.40 86.76
N LYS JD 211 1.33 -92.57 87.23
CA LYS JD 211 -0.09 -92.90 87.21
C LYS JD 211 -0.87 -92.18 88.31
N ASN JD 212 -0.25 -91.22 88.98
CA ASN JD 212 -0.83 -90.51 90.10
C ASN JD 212 -0.93 -89.01 89.86
N ALA JD 213 0.21 -88.34 89.65
CA ALA JD 213 0.27 -86.98 89.11
C ALA JD 213 -0.43 -85.95 90.00
N ILE JD 214 0.21 -85.65 91.13
CA ILE JD 214 -0.21 -84.56 92.02
C ILE JD 214 -0.30 -83.22 91.31
N SER JD 215 0.43 -83.03 90.23
CA SER JD 215 0.14 -81.93 89.36
C SER JD 215 -0.18 -82.50 88.00
N ASP JD 216 -0.33 -81.63 87.03
CA ASP JD 216 -0.43 -82.09 85.66
C ASP JD 216 0.95 -82.48 85.13
N ASN JD 217 0.97 -82.85 83.86
CA ASN JD 217 2.22 -82.87 83.14
C ASN JD 217 2.24 -81.95 81.94
N ALA JD 218 1.08 -81.49 81.50
CA ALA JD 218 0.99 -80.70 80.28
C ALA JD 218 1.53 -79.30 80.45
N ILE JD 219 1.85 -78.89 81.67
CA ILE JD 219 2.57 -77.64 81.83
C ILE JD 219 3.85 -78.00 82.60
N ILE JD 220 4.81 -77.12 82.48
CA ILE JD 220 6.19 -77.45 82.69
C ILE JD 220 6.52 -77.43 84.16
N HIS JD 221 6.15 -76.33 84.82
CA HIS JD 221 6.24 -76.25 86.26
C HIS JD 221 5.45 -77.34 86.93
N GLY JD 222 4.33 -77.72 86.33
CA GLY JD 222 3.57 -78.83 86.85
C GLY JD 222 4.28 -80.15 86.75
N SER JD 223 4.95 -80.38 85.63
CA SER JD 223 5.72 -81.60 85.48
C SER JD 223 6.91 -81.61 86.44
N ALA JD 224 7.46 -80.42 86.68
CA ALA JD 224 8.54 -80.27 87.65
C ALA JD 224 8.06 -80.66 89.02
N GLN JD 225 6.85 -80.27 89.35
CA GLN JD 225 6.26 -80.74 90.57
C GLN JD 225 5.92 -82.21 90.49
N ASN JD 226 5.69 -82.72 89.29
CA ASN JD 226 5.30 -84.12 89.15
C ASN JD 226 6.43 -85.08 89.45
N ARG JD 227 7.66 -84.75 89.10
CA ARG JD 227 8.72 -85.73 89.36
C ARG JD 227 9.19 -85.64 90.80
N ARG JD 228 8.81 -86.63 91.60
CA ARG JD 228 8.78 -86.49 93.04
C ARG JD 228 8.92 -87.88 93.64
N ILE JD 229 9.09 -87.93 94.95
CA ILE JD 229 9.08 -89.18 95.69
C ILE JD 229 8.16 -88.97 96.88
N GLU JD 230 7.31 -89.95 97.15
CA GLU JD 230 6.45 -89.97 98.29
C GLU JD 230 7.12 -90.73 99.42
N ILE JD 231 6.95 -90.26 100.64
CA ILE JD 231 7.36 -91.00 101.81
C ILE JD 231 6.21 -90.93 102.79
N GLN JD 232 5.32 -91.90 102.73
CA GLN JD 232 4.34 -92.05 103.78
C GLN JD 232 4.98 -92.86 104.87
N TRP JD 233 4.78 -92.46 106.11
CA TRP JD 233 4.92 -93.39 107.19
C TRP JD 233 3.95 -93.02 108.28
N PHE JD 234 3.62 -94.00 109.08
CA PHE JD 234 2.57 -93.85 110.04
C PHE JD 234 3.20 -93.35 111.31
N ARG KD 99 -43.34 -50.29 125.17
CA ARG KD 99 -41.95 -50.34 124.72
C ARG KD 99 -41.61 -51.68 124.06
N ASP KD 100 -42.36 -52.73 124.38
CA ASP KD 100 -42.28 -54.03 123.74
C ASP KD 100 -43.67 -54.64 123.61
N SER KD 101 -44.70 -53.80 123.63
CA SER KD 101 -46.06 -54.27 123.69
C SER KD 101 -46.54 -54.68 122.32
N LYS KD 102 -47.85 -54.90 122.20
CA LYS KD 102 -48.47 -55.26 120.93
C LYS KD 102 -48.23 -54.22 119.86
N ARG KD 103 -48.42 -52.93 120.21
CA ARG KD 103 -48.20 -51.88 119.23
C ARG KD 103 -46.73 -51.80 118.86
N LYS KD 104 -45.86 -52.09 119.81
CA LYS KD 104 -44.45 -52.02 119.53
C LYS KD 104 -44.05 -53.12 118.56
N ILE KD 105 -44.52 -54.33 118.82
CA ILE KD 105 -44.09 -55.43 118.01
C ILE KD 105 -44.75 -55.39 116.65
N ILE KD 106 -45.92 -54.79 116.52
CA ILE KD 106 -46.38 -54.58 115.16
C ILE KD 106 -45.68 -53.41 114.49
N ARG KD 107 -45.20 -52.42 115.27
CA ARG KD 107 -44.45 -51.33 114.67
C ARG KD 107 -43.15 -51.80 114.04
N ASP KD 108 -42.36 -52.51 114.81
CA ASP KD 108 -41.16 -53.00 114.19
C ASP KD 108 -41.40 -54.25 113.35
N LEU KD 109 -42.58 -54.86 113.45
CA LEU KD 109 -42.99 -55.80 112.43
C LEU KD 109 -43.07 -55.18 111.08
N GLN KD 110 -43.74 -54.04 110.97
CA GLN KD 110 -43.80 -53.42 109.65
C GLN KD 110 -42.50 -52.72 109.32
N LYS KD 111 -41.66 -52.47 110.31
CA LYS KD 111 -40.27 -52.16 109.98
C LYS KD 111 -39.62 -53.34 109.29
N GLN KD 112 -39.95 -54.55 109.73
CA GLN KD 112 -39.57 -55.73 109.01
C GLN KD 112 -40.65 -56.16 108.03
N ASP KD 113 -41.54 -55.21 107.68
CA ASP KD 113 -42.56 -55.23 106.62
C ASP KD 113 -43.19 -56.57 106.37
N ILE KD 114 -43.72 -57.19 107.39
CA ILE KD 114 -44.54 -58.37 107.18
C ILE KD 114 -45.94 -57.93 107.39
N GLN KD 115 -46.76 -58.01 106.35
CA GLN KD 115 -47.93 -57.16 106.33
C GLN KD 115 -48.98 -57.64 107.32
N TYR KD 116 -49.23 -56.79 108.30
CA TYR KD 116 -50.02 -57.17 109.45
C TYR KD 116 -51.40 -56.60 109.28
N VAL KD 117 -52.39 -57.44 109.46
CA VAL KD 117 -53.77 -57.05 109.41
C VAL KD 117 -54.33 -57.26 110.79
N GLU KD 118 -54.73 -56.16 111.45
CA GLU KD 118 -55.71 -56.29 112.51
C GLU KD 118 -57.03 -55.72 112.01
N TYR KD 119 -58.06 -56.53 112.15
CA TYR KD 119 -59.38 -56.32 111.59
C TYR KD 119 -60.23 -57.35 112.32
N GLY KD 120 -61.36 -56.91 112.84
CA GLY KD 120 -62.36 -57.82 113.40
C GLY KD 120 -61.74 -58.59 114.53
N ASP KD 121 -61.87 -59.90 114.48
CA ASP KD 121 -60.90 -60.70 115.19
C ASP KD 121 -59.87 -61.29 114.24
N THR KD 122 -60.23 -61.48 112.98
CA THR KD 122 -59.39 -62.25 112.09
C THR KD 122 -58.19 -61.43 111.67
N ARG KD 123 -57.09 -61.67 112.34
CA ARG KD 123 -55.86 -61.00 112.01
C ARG KD 123 -55.14 -61.84 110.99
N THR KD 124 -54.50 -61.16 110.07
CA THR KD 124 -53.98 -61.83 108.89
C THR KD 124 -52.58 -61.34 108.62
N LEU KD 125 -51.69 -62.27 108.38
CA LEU KD 125 -50.35 -61.89 108.04
C LEU KD 125 -50.02 -62.27 106.63
N ILE KD 126 -49.39 -61.34 105.94
CA ILE KD 126 -49.06 -61.50 104.55
C ILE KD 126 -47.57 -61.52 104.44
N ILE KD 127 -47.06 -62.50 103.73
CA ILE KD 127 -45.66 -62.83 103.80
C ILE KD 127 -45.07 -62.80 102.41
N PRO KD 128 -44.10 -61.93 102.19
CA PRO KD 128 -43.27 -62.03 101.00
C PRO KD 128 -42.47 -63.32 101.06
N THR KD 129 -42.99 -64.32 100.34
CA THR KD 129 -42.39 -65.63 100.22
C THR KD 129 -40.95 -65.56 99.81
N ASP KD 130 -40.66 -64.68 98.87
CA ASP KD 130 -39.34 -64.58 98.27
C ASP KD 130 -38.25 -64.33 99.30
N LYS KD 131 -38.33 -63.23 100.03
CA LYS KD 131 -37.27 -62.96 100.95
C LYS KD 131 -37.50 -63.64 102.27
N TYR KD 132 -38.62 -64.34 102.41
CA TYR KD 132 -38.73 -65.30 103.49
C TYR KD 132 -38.59 -66.71 102.97
N PHE KD 133 -37.80 -66.88 101.94
CA PHE KD 133 -37.41 -68.20 101.50
C PHE KD 133 -36.05 -68.12 100.87
N MET KD 134 -35.45 -69.27 100.68
CA MET KD 134 -34.61 -69.35 99.51
C MET KD 134 -35.47 -69.61 98.30
N PHE KD 135 -35.01 -69.09 97.16
CA PHE KD 135 -35.75 -69.04 95.93
C PHE KD 135 -36.18 -70.40 95.44
N SER KD 136 -37.44 -70.50 95.02
CA SER KD 136 -38.02 -71.65 94.32
C SER KD 136 -37.90 -72.91 95.15
N SER KD 137 -37.87 -72.72 96.45
CA SER KD 137 -37.43 -73.77 97.34
C SER KD 137 -38.43 -73.81 98.46
N PRO KD 138 -38.62 -74.96 99.06
CA PRO KD 138 -39.24 -74.99 100.39
C PRO KD 138 -38.34 -74.47 101.50
N ARG KD 139 -37.10 -74.09 101.23
CA ARG KD 139 -36.22 -73.81 102.35
C ARG KD 139 -36.32 -72.36 102.78
N LEU KD 140 -36.73 -72.21 104.03
CA LEU KD 140 -36.95 -70.93 104.66
C LEU KD 140 -35.70 -70.09 104.67
N ASN KD 141 -35.87 -68.83 104.34
CA ASN KD 141 -34.77 -67.91 104.46
C ASN KD 141 -34.51 -67.69 105.93
N GLU KD 142 -33.65 -68.51 106.48
CA GLU KD 142 -33.39 -68.45 107.90
C GLU KD 142 -32.60 -67.23 108.33
N ILE KD 143 -32.08 -66.44 107.40
CA ILE KD 143 -31.46 -65.18 107.81
C ILE KD 143 -32.51 -64.22 108.35
N CYS KD 144 -33.76 -64.39 107.97
CA CYS KD 144 -34.79 -63.45 108.37
C CYS KD 144 -35.43 -63.83 109.69
N TYR KD 145 -34.59 -64.29 110.61
CA TYR KD 145 -35.08 -64.78 111.89
C TYR KD 145 -35.82 -63.76 112.77
N PRO KD 146 -35.35 -62.51 112.99
CA PRO KD 146 -35.88 -61.73 114.14
C PRO KD 146 -37.33 -61.34 113.96
N GLY KD 147 -37.72 -61.10 112.72
CA GLY KD 147 -39.11 -60.92 112.40
C GLY KD 147 -39.91 -62.14 112.74
N LEU KD 148 -39.40 -63.33 112.43
CA LEU KD 148 -40.15 -64.55 112.68
C LEU KD 148 -40.30 -64.82 114.16
N ASN KD 149 -39.28 -64.46 114.93
CA ASN KD 149 -39.38 -64.49 116.37
C ASN KD 149 -40.50 -63.60 116.84
N ASN KD 150 -40.58 -62.43 116.26
CA ASN KD 150 -41.60 -61.50 116.67
C ASN KD 150 -42.96 -61.89 116.13
N VAL KD 151 -42.97 -62.62 115.01
CA VAL KD 151 -44.19 -63.25 114.51
C VAL KD 151 -44.78 -64.13 115.55
N ILE KD 152 -43.95 -64.99 116.12
CA ILE KD 152 -44.53 -65.91 117.07
C ILE KD 152 -44.85 -65.19 118.36
N ARG KD 153 -44.07 -64.14 118.66
CA ARG KD 153 -44.29 -63.32 119.84
C ARG KD 153 -45.64 -62.65 119.82
N LEU KD 154 -46.00 -62.08 118.69
CA LEU KD 154 -47.32 -61.47 118.58
C LEU KD 154 -48.39 -62.52 118.44
N LEU KD 155 -48.09 -63.63 117.75
CA LEU KD 155 -49.07 -64.68 117.53
C LEU KD 155 -49.52 -65.35 118.80
N ASN KD 156 -48.68 -65.32 119.81
CA ASN KD 156 -49.06 -65.91 121.09
C ASN KD 156 -50.08 -65.08 121.81
N PHE KD 157 -50.29 -63.83 121.38
CA PHE KD 157 -51.29 -63.00 122.01
C PHE KD 157 -52.69 -63.42 121.61
N TYR KD 158 -52.82 -64.35 120.67
CA TYR KD 158 -54.12 -64.91 120.28
C TYR KD 158 -54.01 -66.42 120.34
N PRO KD 159 -53.74 -66.97 121.51
CA PRO KD 159 -53.23 -68.34 121.58
C PRO KD 159 -54.30 -69.40 121.54
N GLN KD 160 -55.48 -69.09 121.04
CA GLN KD 160 -56.51 -70.10 120.94
C GLN KD 160 -57.06 -70.16 119.55
N SER KD 161 -56.97 -69.08 118.81
CA SER KD 161 -57.52 -68.98 117.49
C SER KD 161 -56.89 -69.93 116.52
N THR KD 162 -57.74 -70.60 115.77
CA THR KD 162 -57.25 -71.42 114.69
C THR KD 162 -56.96 -70.58 113.46
N ILE KD 163 -56.09 -71.10 112.61
CA ILE KD 163 -55.34 -70.30 111.67
C ILE KD 163 -55.46 -70.90 110.27
N TYR KD 164 -56.11 -70.18 109.37
CA TYR KD 164 -55.85 -70.33 107.95
C TYR KD 164 -54.46 -69.81 107.65
N VAL KD 165 -53.68 -70.54 106.86
CA VAL KD 165 -52.52 -69.96 106.18
C VAL KD 165 -52.53 -70.43 104.74
N ALA KD 166 -51.90 -69.65 103.87
CA ALA KD 166 -52.06 -69.88 102.45
C ALA KD 166 -50.84 -69.44 101.65
N GLY KD 167 -50.37 -70.34 100.81
CA GLY KD 167 -49.20 -70.12 99.99
C GLY KD 167 -49.60 -69.57 98.65
N PHE KD 168 -48.75 -68.75 98.06
CA PHE KD 168 -49.15 -68.08 96.82
C PHE KD 168 -48.00 -67.88 95.87
N THR KD 169 -48.36 -67.96 94.61
CA THR KD 169 -47.38 -68.04 93.54
C THR KD 169 -47.62 -66.84 92.64
N ASP KD 170 -47.04 -66.91 91.46
CA ASP KD 170 -47.59 -66.14 90.36
C ASP KD 170 -47.84 -67.05 89.19
N ASN KD 171 -48.17 -66.41 88.08
CA ASN KD 171 -48.84 -66.92 86.88
C ASN KD 171 -48.05 -67.93 86.07
N VAL KD 172 -46.96 -68.42 86.56
CA VAL KD 172 -45.96 -69.01 85.69
C VAL KD 172 -45.88 -70.52 85.86
N GLY KD 173 -45.48 -71.21 84.80
CA GLY KD 173 -45.30 -72.64 84.87
C GLY KD 173 -46.62 -73.38 84.89
N SER KD 174 -46.54 -74.68 85.15
CA SER KD 174 -47.74 -75.49 85.22
C SER KD 174 -48.59 -75.11 86.40
N ARG KD 175 -49.90 -75.27 86.22
CA ARG KD 175 -50.81 -75.16 87.33
C ARG KD 175 -50.47 -76.20 88.38
N SER KD 176 -50.08 -77.39 87.93
CA SER KD 176 -49.70 -78.46 88.81
C SER KD 176 -48.47 -78.06 89.59
N HIS KD 177 -47.52 -77.46 88.89
CA HIS KD 177 -46.38 -76.86 89.55
C HIS KD 177 -46.73 -75.85 90.61
N LYS KD 178 -47.54 -74.88 90.25
CA LYS KD 178 -47.79 -73.76 91.14
C LYS KD 178 -48.46 -74.22 92.40
N ARG KD 179 -49.45 -75.08 92.19
CA ARG KD 179 -50.01 -75.93 93.22
C ARG KD 179 -48.93 -76.52 94.09
N LYS KD 180 -48.03 -77.30 93.50
CA LYS KD 180 -47.15 -78.12 94.29
C LYS KD 180 -46.16 -77.31 95.09
N LEU KD 181 -45.60 -76.29 94.47
CA LEU KD 181 -44.62 -75.48 95.15
C LEU KD 181 -45.27 -74.70 96.27
N SER KD 182 -46.49 -74.23 96.01
CA SER KD 182 -47.20 -73.52 97.04
C SER KD 182 -47.52 -74.42 98.22
N GLN KD 183 -47.82 -75.70 97.96
CA GLN KD 183 -48.02 -76.59 99.09
C GLN KD 183 -46.75 -76.84 99.84
N ALA KD 184 -45.63 -76.84 99.14
CA ALA KD 184 -44.36 -76.98 99.84
C ALA KD 184 -44.15 -75.82 100.79
N GLN KD 185 -44.42 -74.63 100.30
CA GLN KD 185 -44.20 -73.42 101.07
C GLN KD 185 -45.16 -73.34 102.22
N ALA KD 186 -46.37 -73.78 101.95
CA ALA KD 186 -47.38 -73.87 102.98
C ALA KD 186 -46.94 -74.80 104.08
N GLU KD 187 -46.48 -75.99 103.71
CA GLU KD 187 -46.19 -76.98 104.72
C GLU KD 187 -45.01 -76.55 105.54
N THR KD 188 -44.04 -75.91 104.91
CA THR KD 188 -42.91 -75.54 105.72
C THR KD 188 -43.22 -74.42 106.68
N MET KD 189 -44.12 -73.53 106.33
CA MET KD 189 -44.38 -72.54 107.35
C MET KD 189 -45.29 -73.07 108.43
N MET KD 190 -46.18 -73.98 108.09
CA MET KD 190 -47.01 -74.49 109.16
C MET KD 190 -46.24 -75.43 110.07
N THR KD 191 -45.36 -76.23 109.51
CA THR KD 191 -44.47 -77.02 110.34
C THR KD 191 -43.55 -76.15 111.13
N PHE KD 192 -43.16 -75.02 110.55
CA PHE KD 192 -42.48 -74.02 111.32
C PHE KD 192 -43.29 -73.63 112.52
N LEU KD 193 -44.58 -73.44 112.35
CA LEU KD 193 -45.42 -73.13 113.49
C LEU KD 193 -45.57 -74.25 114.48
N TRP KD 194 -45.80 -75.45 113.99
CA TRP KD 194 -45.96 -76.59 114.86
C TRP KD 194 -44.69 -76.89 115.60
N ALA KD 195 -43.57 -76.52 115.00
CA ALA KD 195 -42.31 -76.41 115.66
C ALA KD 195 -42.20 -75.20 116.56
N ASN KD 196 -42.91 -74.12 116.27
CA ASN KD 196 -42.87 -73.01 117.20
C ASN KD 196 -43.59 -73.35 118.47
N GLY KD 197 -44.41 -74.38 118.43
CA GLY KD 197 -44.98 -74.87 119.66
C GLY KD 197 -46.43 -74.50 119.66
N ILE KD 198 -47.03 -74.53 118.48
CA ILE KD 198 -48.43 -74.23 118.35
C ILE KD 198 -49.16 -75.52 118.06
N ALA KD 199 -50.35 -75.64 118.65
CA ALA KD 199 -51.12 -76.86 118.61
C ALA KD 199 -51.53 -77.16 117.19
N ALA KD 200 -51.11 -78.34 116.73
CA ALA KD 200 -51.24 -78.73 115.35
C ALA KD 200 -52.68 -78.86 114.89
N LYS KD 201 -53.62 -78.92 115.81
CA LYS KD 201 -54.99 -78.87 115.40
C LYS KD 201 -55.56 -77.47 115.44
N ARG KD 202 -54.75 -76.47 115.80
CA ARG KD 202 -55.16 -75.12 115.49
C ARG KD 202 -54.78 -74.70 114.08
N LEU KD 203 -54.07 -75.54 113.35
CA LEU KD 203 -53.46 -75.10 112.10
C LEU KD 203 -54.22 -75.65 110.91
N LYS KD 204 -54.34 -74.82 109.87
CA LYS KD 204 -54.82 -75.32 108.58
C LYS KD 204 -54.22 -74.47 107.46
N ALA KD 205 -53.74 -75.15 106.43
CA ALA KD 205 -52.93 -74.55 105.40
C ALA KD 205 -53.45 -74.89 104.02
N GLU KD 206 -53.22 -73.98 103.09
CA GLU KD 206 -53.40 -74.28 101.69
C GLU KD 206 -52.52 -73.37 100.86
N GLY KD 207 -51.81 -73.95 99.92
CA GLY KD 207 -51.01 -73.18 99.00
C GLY KD 207 -51.72 -73.07 97.68
N TYR KD 208 -52.32 -71.92 97.46
CA TYR KD 208 -52.99 -71.63 96.22
C TYR KD 208 -51.96 -71.17 95.21
N GLY KD 209 -51.90 -71.89 94.11
CA GLY KD 209 -51.10 -71.47 93.00
C GLY KD 209 -51.84 -70.37 92.29
N ASP KD 210 -51.73 -69.15 92.82
CA ASP KD 210 -52.12 -67.87 92.22
C ASP KD 210 -53.56 -67.75 91.80
N LYS KD 211 -54.46 -68.61 92.24
CA LYS KD 211 -55.84 -68.51 91.80
C LYS KD 211 -56.59 -67.39 92.51
N ASN KD 212 -55.88 -66.54 93.25
CA ASN KD 212 -56.45 -65.48 94.04
C ASN KD 212 -55.96 -64.10 93.63
N ALA KD 213 -54.64 -63.85 93.72
CA ALA KD 213 -53.98 -62.72 93.09
C ALA KD 213 -54.50 -61.36 93.60
N ILE KD 214 -54.10 -61.04 94.85
CA ILE KD 214 -54.35 -59.72 95.43
C ILE KD 214 -53.79 -58.59 94.61
N SER KD 215 -52.78 -58.85 93.80
CA SER KD 215 -52.41 -57.92 92.77
C SER KD 215 -52.55 -58.63 91.46
N ASP KD 216 -52.12 -57.97 90.39
CA ASP KD 216 -51.99 -58.64 89.12
C ASP KD 216 -50.75 -59.52 89.11
N ASN KD 217 -50.52 -60.13 87.95
CA ASN KD 217 -49.21 -60.67 87.67
C ASN KD 217 -48.56 -60.06 86.46
N ALA KD 218 -49.33 -59.38 85.61
CA ALA KD 218 -48.82 -58.86 84.37
C ALA KD 218 -47.87 -57.68 84.55
N ILE KD 219 -47.77 -57.14 85.76
CA ILE KD 219 -46.73 -56.17 86.02
C ILE KD 219 -45.93 -56.72 87.17
N ILE KD 220 -44.71 -56.22 87.27
CA ILE KD 220 -43.65 -56.90 87.96
C ILE KD 220 -43.73 -56.67 89.44
N HIS KD 221 -43.86 -55.40 89.83
CA HIS KD 221 -44.13 -55.06 91.21
C HIS KD 221 -45.41 -55.71 91.71
N GLY KD 222 -46.38 -55.85 90.82
CA GLY KD 222 -47.60 -56.55 91.18
C GLY KD 222 -47.38 -58.02 91.44
N SER KD 223 -46.55 -58.66 90.63
CA SER KD 223 -46.25 -60.07 90.87
C SER KD 223 -45.43 -60.24 92.14
N ALA KD 224 -44.60 -59.23 92.43
CA ALA KD 224 -43.83 -59.21 93.67
C ALA KD 224 -44.76 -59.16 94.86
N GLN KD 225 -45.80 -58.36 94.73
CA GLN KD 225 -46.82 -58.37 95.74
C GLN KD 225 -47.62 -59.67 95.71
N ASN KD 226 -47.68 -60.33 94.56
CA ASN KD 226 -48.47 -61.53 94.45
C ASN KD 226 -47.87 -62.71 95.19
N ARG KD 227 -46.56 -62.84 95.22
CA ARG KD 227 -46.01 -64.01 95.90
C ARG KD 227 -45.94 -63.78 97.40
N ARG KD 228 -46.84 -64.43 98.13
CA ARG KD 228 -47.20 -64.01 99.47
C ARG KD 228 -47.72 -65.22 100.22
N ILE KD 229 -47.93 -65.04 101.51
CA ILE KD 229 -48.57 -66.05 102.34
C ILE KD 229 -49.64 -65.34 103.14
N GLU KD 230 -50.81 -65.95 103.22
CA GLU KD 230 -51.91 -65.49 104.02
C GLU KD 230 -51.86 -66.16 105.38
N ILE KD 231 -52.18 -65.42 106.43
CA ILE KD 231 -52.38 -66.00 107.73
C ILE KD 231 -53.65 -65.40 108.28
N GLN KD 232 -54.77 -66.04 108.04
CA GLN KD 232 -55.99 -65.68 108.74
C GLN KD 232 -55.98 -66.42 110.06
N TRP KD 233 -56.36 -65.72 111.11
CA TRP KD 233 -56.83 -66.41 112.28
C TRP KD 233 -57.87 -65.55 112.95
N PHE KD 234 -58.72 -66.21 113.70
CA PHE KD 234 -59.87 -65.56 114.26
C PHE KD 234 -59.47 -65.02 115.60
N ARG LD 99 -90.05 -8.01 109.17
CA ARG LD 99 -88.70 -8.57 109.21
C ARG LD 99 -88.68 -10.05 108.83
N ASP LD 100 -89.81 -10.74 109.02
CA ASP LD 100 -90.02 -12.11 108.56
C ASP LD 100 -91.44 -12.29 108.06
N SER LD 101 -92.07 -11.20 107.65
CA SER LD 101 -93.48 -11.22 107.32
C SER LD 101 -93.68 -11.74 105.91
N LYS LD 102 -94.91 -11.58 105.40
CA LYS LD 102 -95.23 -11.99 104.05
C LYS LD 102 -94.37 -11.30 103.01
N ARG LD 103 -94.20 -9.99 103.14
CA ARG LD 103 -93.37 -9.27 102.18
C ARG LD 103 -91.91 -9.70 102.30
N LYS LD 104 -91.50 -10.04 103.51
CA LYS LD 104 -90.13 -10.46 103.68
C LYS LD 104 -89.88 -11.79 103.03
N ILE LD 105 -90.79 -12.72 103.24
CA ILE LD 105 -90.58 -14.05 102.73
C ILE LD 105 -90.78 -14.10 101.24
N ILE LD 106 -91.59 -13.21 100.68
CA ILE LD 106 -91.56 -13.16 99.23
C ILE LD 106 -90.34 -12.41 98.70
N ARG LD 107 -89.78 -11.49 99.48
CA ARG LD 107 -88.56 -10.81 99.05
C ARG LD 107 -87.40 -11.76 98.93
N ASP LD 108 -87.15 -12.49 99.98
CA ASP LD 108 -86.06 -13.44 99.83
C ASP LD 108 -86.48 -14.70 99.10
N LEU LD 109 -87.78 -14.90 98.87
CA LEU LD 109 -88.20 -15.87 97.88
C LEU LD 109 -87.69 -15.54 96.50
N GLN LD 110 -87.86 -14.30 96.07
CA GLN LD 110 -87.35 -13.97 94.76
C GLN LD 110 -85.85 -13.78 94.79
N LYS LD 111 -85.27 -13.58 95.97
CA LYS LD 111 -83.84 -13.79 96.07
C LYS LD 111 -83.47 -15.23 95.75
N GLN LD 112 -84.29 -16.15 96.19
CA GLN LD 112 -84.19 -17.53 95.76
C GLN LD 112 -85.03 -17.80 94.53
N ASP LD 113 -85.41 -16.72 93.81
CA ASP LD 113 -86.03 -16.65 92.50
C ASP LD 113 -87.01 -17.77 92.19
N ILE LD 114 -87.98 -17.98 93.04
CA ILE LD 114 -89.06 -18.88 92.70
C ILE LD 114 -90.22 -18.00 92.40
N GLN LD 115 -90.71 -18.05 91.17
CA GLN LD 115 -91.47 -16.92 90.69
C GLN LD 115 -92.83 -16.84 91.33
N TYR LD 116 -93.03 -15.77 92.08
CA TYR LD 116 -94.18 -15.67 92.95
C TYR LD 116 -95.18 -14.75 92.28
N VAL LD 117 -96.42 -15.20 92.22
CA VAL LD 117 -97.50 -14.44 91.68
C VAL LD 117 -98.45 -14.18 92.82
N GLU LD 118 -98.60 -12.91 93.19
CA GLU LD 118 -99.82 -12.51 93.89
C GLU LD 118 -100.67 -11.70 92.93
N TYR LD 119 -101.91 -12.12 92.82
CA TYR LD 119 -102.88 -11.64 91.84
C TYR LD 119 -104.19 -12.20 92.35
N GLY LD 120 -105.20 -11.34 92.43
CA GLY LD 120 -106.55 -11.79 92.73
C GLY LD 120 -106.58 -12.45 94.08
N ASP LD 121 -107.14 -13.64 94.12
CA ASP LD 121 -106.73 -14.54 95.18
C ASP LD 121 -105.75 -15.59 94.69
N THR LD 122 -105.79 -15.92 93.40
CA THR LD 122 -105.07 -17.08 92.92
C THR LD 122 -103.59 -16.74 92.83
N ARG LD 123 -102.87 -17.16 93.83
CA ARG LD 123 -101.44 -16.98 93.86
C ARG LD 123 -100.81 -18.18 93.22
N THR LD 124 -99.75 -17.92 92.47
CA THR LD 124 -99.20 -18.94 91.61
C THR LD 124 -97.69 -18.96 91.76
N LEU LD 125 -97.16 -20.13 91.93
CA LEU LD 125 -95.73 -20.26 92.00
C LEU LD 125 -95.18 -21.00 90.82
N ILE LD 126 -94.11 -20.45 90.28
CA ILE LD 126 -93.49 -20.99 89.09
C ILE LD 126 -92.13 -21.47 89.48
N ILE LD 127 -91.82 -22.69 89.07
CA ILE LD 127 -90.69 -23.39 89.63
C ILE LD 127 -89.78 -23.82 88.51
N PRO LD 128 -88.54 -23.36 88.52
CA PRO LD 128 -87.50 -23.94 87.69
C PRO LD 128 -87.26 -25.37 88.12
N THR LD 129 -87.87 -26.28 87.39
CA THR LD 129 -87.76 -27.71 87.62
C THR LD 129 -86.33 -28.17 87.69
N ASP LD 130 -85.50 -27.62 86.81
CA ASP LD 130 -84.12 -28.04 86.65
C ASP LD 130 -83.34 -27.92 87.95
N LYS LD 131 -83.23 -26.73 88.49
CA LYS LD 131 -82.43 -26.60 89.67
C LYS LD 131 -83.24 -26.89 90.91
N TYR LD 132 -84.51 -27.18 90.76
CA TYR LD 132 -85.24 -27.84 91.83
C TYR LD 132 -85.47 -29.29 91.54
N PHE LD 133 -84.54 -29.90 90.85
CA PHE LD 133 -84.52 -31.33 90.69
C PHE LD 133 -83.11 -31.78 90.53
N MET LD 134 -82.90 -33.08 90.67
CA MET LD 134 -81.87 -33.64 89.84
C MET LD 134 -82.40 -33.88 88.45
N PHE LD 135 -81.50 -33.78 87.49
CA PHE LD 135 -81.81 -33.74 86.07
C PHE LD 135 -82.53 -35.00 85.62
N SER LD 136 -83.58 -34.79 84.82
CA SER LD 136 -84.31 -35.84 84.10
C SER LD 136 -84.88 -36.88 85.05
N SER LD 137 -85.13 -36.44 86.27
CA SER LD 137 -85.35 -37.37 87.35
C SER LD 137 -86.56 -36.88 88.08
N PRO LD 138 -87.29 -37.77 88.71
CA PRO LD 138 -88.21 -37.34 89.75
C PRO LD 138 -87.52 -36.90 91.04
N ARG LD 139 -86.21 -36.97 91.15
CA ARG LD 139 -85.62 -36.74 92.45
C ARG LD 139 -85.33 -35.28 92.67
N LEU LD 140 -85.98 -34.75 93.71
CA LEU LD 140 -85.91 -33.36 94.09
C LEU LD 140 -84.50 -32.96 94.42
N ASN LD 141 -84.12 -31.80 93.93
CA ASN LD 141 -82.85 -31.24 94.30
C ASN LD 141 -82.94 -30.80 95.74
N GLU LD 142 -82.61 -31.72 96.63
CA GLU LD 142 -82.73 -31.45 98.05
C GLU LD 142 -81.71 -30.45 98.57
N ILE LD 143 -80.71 -30.07 97.78
CA ILE LD 143 -79.84 -28.99 98.23
C ILE LD 143 -80.59 -27.67 98.31
N CYS LD 144 -81.68 -27.55 97.56
CA CYS LD 144 -82.38 -26.28 97.50
C CYS LD 144 -83.44 -26.17 98.58
N TYR LD 145 -83.11 -26.65 99.76
CA TYR LD 145 -84.05 -26.70 100.86
C TYR LD 145 -84.60 -25.35 101.34
N PRO LD 146 -83.82 -24.27 101.57
CA PRO LD 146 -84.34 -23.16 102.40
C PRO LD 146 -85.45 -22.40 101.72
N GLY LD 147 -85.37 -22.31 100.40
CA GLY LD 147 -86.47 -21.80 99.63
C GLY LD 147 -87.72 -22.62 99.83
N LEU LD 148 -87.59 -23.95 99.83
CA LEU LD 148 -88.74 -24.82 99.94
C LEU LD 148 -89.38 -24.72 101.31
N ASN LD 149 -88.54 -24.53 102.32
CA ASN LD 149 -89.04 -24.24 103.66
C ASN LD 149 -89.87 -22.98 103.63
N ASN LD 150 -89.36 -21.98 102.95
CA ASN LD 150 -90.06 -20.72 102.90
C ASN LD 150 -91.28 -20.79 102.00
N VAL LD 151 -91.25 -21.70 101.02
CA VAL LD 151 -92.42 -22.03 100.21
C VAL LD 151 -93.54 -22.46 101.09
N ILE LD 152 -93.25 -23.39 101.99
CA ILE LD 152 -94.34 -23.89 102.79
C ILE LD 152 -94.73 -22.85 103.82
N ARG LD 153 -93.74 -22.05 104.25
CA ARG LD 153 -93.97 -20.97 105.20
C ARG LD 153 -94.96 -19.95 104.68
N LEU LD 154 -94.78 -19.54 103.44
CA LEU LD 154 -95.72 -18.60 102.85
C LEU LD 154 -97.02 -19.29 102.48
N LEU LD 155 -96.94 -20.56 102.05
CA LEU LD 155 -98.12 -21.30 101.62
C LEU LD 155 -99.11 -21.51 102.75
N ASN LD 156 -98.61 -21.54 103.96
CA ASN LD 156 -99.50 -21.72 105.10
C ASN LD 156 -100.33 -20.48 105.37
N PHE LD 157 -99.96 -19.35 104.77
CA PHE LD 157 -100.74 -18.14 104.94
C PHE LD 157 -102.04 -18.21 104.16
N TYR LD 158 -102.23 -19.23 103.33
CA TYR LD 158 -103.47 -19.44 102.59
C TYR LD 158 -103.92 -20.87 102.85
N PRO LD 159 -104.18 -21.22 104.09
CA PRO LD 159 -104.21 -22.62 104.47
C PRO LD 159 -105.55 -23.31 104.20
N GLN LD 160 -106.36 -22.78 103.31
CA GLN LD 160 -107.60 -23.43 102.99
C GLN LD 160 -107.75 -23.61 101.51
N SER LD 161 -107.08 -22.77 100.74
CA SER LD 161 -107.18 -22.79 99.31
C SER LD 161 -106.68 -24.08 98.69
N THR LD 162 -107.48 -24.58 97.78
CA THR LD 162 -107.03 -25.72 97.01
C THR LD 162 -106.15 -25.27 95.85
N ILE LD 163 -105.31 -26.20 95.39
CA ILE LD 163 -104.11 -25.87 94.67
C ILE LD 163 -104.04 -26.68 93.38
N TYR LD 164 -104.13 -26.00 92.24
CA TYR LD 164 -103.57 -26.52 91.01
C TYR LD 164 -102.05 -26.50 91.13
N VAL LD 165 -101.39 -27.58 90.71
CA VAL LD 165 -99.97 -27.52 90.38
C VAL LD 165 -99.74 -28.25 89.07
N ALA LD 166 -98.67 -27.89 88.38
CA ALA LD 166 -98.52 -28.35 87.02
C ALA LD 166 -97.05 -28.45 86.61
N GLY LD 167 -96.72 -29.61 86.07
CA GLY LD 167 -95.37 -29.92 85.66
C GLY LD 167 -95.18 -29.57 84.21
N PHE LD 168 -93.96 -29.17 83.83
CA PHE LD 168 -93.76 -28.68 82.48
C PHE LD 168 -92.40 -29.04 81.94
N THR LD 169 -92.39 -29.26 80.64
CA THR LD 169 -91.26 -29.84 79.97
C THR LD 169 -90.82 -28.84 78.91
N ASP LD 170 -90.01 -29.32 77.99
CA ASP LD 170 -89.94 -28.66 76.71
C ASP LD 170 -90.15 -29.68 75.61
N ASN LD 171 -89.94 -29.22 74.39
CA ASN LD 171 -90.38 -29.74 73.11
C ASN LD 171 -89.81 -31.07 72.70
N VAL LD 172 -89.13 -31.77 73.58
CA VAL LD 172 -88.20 -32.79 73.14
C VAL LD 172 -88.69 -34.19 73.48
N GLY LD 173 -88.29 -35.16 72.68
CA GLY LD 173 -88.65 -36.53 72.96
C GLY LD 173 -90.09 -36.83 72.62
N SER LD 174 -90.53 -38.01 73.03
CA SER LD 174 -91.91 -38.40 72.78
C SER LD 174 -92.87 -37.55 73.59
N ARG LD 175 -94.04 -37.35 73.01
CA ARG LD 175 -95.14 -36.74 73.75
C ARG LD 175 -95.47 -37.59 74.96
N SER LD 176 -95.42 -38.91 74.78
CA SER LD 176 -95.67 -39.85 75.85
C SER LD 176 -94.65 -39.68 76.93
N HIS LD 177 -93.40 -39.54 76.51
CA HIS LD 177 -92.33 -39.20 77.44
C HIS LD 177 -92.59 -37.94 78.22
N LYS LD 178 -92.89 -36.85 77.53
CA LYS LD 178 -92.96 -35.55 78.16
C LYS LD 178 -94.06 -35.52 79.17
N ARG LD 179 -95.20 -36.07 78.76
CA ARG LD 179 -96.28 -36.48 79.62
C ARG LD 179 -95.75 -37.18 80.86
N LYS LD 180 -95.04 -38.30 80.67
CA LYS LD 180 -94.75 -39.16 81.79
C LYS LD 180 -93.80 -38.54 82.77
N LEU LD 181 -92.78 -37.88 82.26
CA LEU LD 181 -91.80 -37.27 83.13
C LEU LD 181 -92.42 -36.12 83.89
N SER LD 182 -93.27 -35.37 83.21
CA SER LD 182 -93.95 -34.29 83.88
C SER LD 182 -94.87 -34.80 84.97
N GLN LD 183 -95.50 -35.95 84.77
CA GLN LD 183 -96.31 -36.49 85.86
C GLN LD 183 -95.45 -36.94 87.01
N ALA LD 184 -94.25 -37.42 86.70
CA ALA LD 184 -93.35 -37.79 87.79
C ALA LD 184 -93.02 -36.58 88.63
N GLN LD 185 -92.71 -35.49 87.97
CA GLN LD 185 -92.31 -34.27 88.62
C GLN LD 185 -93.46 -33.67 89.39
N ALA LD 186 -94.63 -33.77 88.79
CA ALA LD 186 -95.84 -33.34 89.44
C ALA LD 186 -96.07 -34.12 90.71
N GLU LD 187 -95.96 -35.44 90.63
CA GLU LD 187 -96.32 -36.24 91.78
C GLU LD 187 -95.33 -36.03 92.90
N THR LD 188 -94.07 -35.85 92.56
CA THR LD 188 -93.15 -35.67 93.64
C THR LD 188 -93.30 -34.34 94.32
N MET LD 189 -93.70 -33.31 93.61
CA MET LD 189 -93.87 -32.10 94.38
C MET LD 189 -95.16 -32.11 95.16
N MET LD 190 -96.18 -32.76 94.65
CA MET LD 190 -97.39 -32.76 95.44
C MET LD 190 -97.27 -33.68 96.63
N THR LD 191 -96.60 -34.82 96.49
CA THR LD 191 -96.31 -35.63 97.64
C THR LD 191 -95.40 -34.94 98.58
N PHE LD 192 -94.50 -34.12 98.04
CA PHE LD 192 -93.75 -33.24 98.89
C PHE LD 192 -94.67 -32.38 99.71
N LEU LD 193 -95.72 -31.86 99.11
CA LEU LD 193 -96.68 -31.07 99.89
C LEU LD 193 -97.46 -31.88 100.89
N TRP LD 194 -97.95 -33.03 100.48
CA TRP LD 194 -98.73 -33.88 101.36
C TRP LD 194 -97.88 -34.37 102.50
N ALA LD 195 -96.60 -34.48 102.26
CA ALA LD 195 -95.60 -34.63 103.28
C ALA LD 195 -95.33 -33.35 104.03
N ASN LD 196 -95.51 -32.19 103.42
CA ASN LD 196 -95.35 -30.97 104.18
C ASN LD 196 -96.45 -30.82 105.18
N GLY LD 197 -97.54 -31.53 104.99
CA GLY LD 197 -98.55 -31.58 106.01
C GLY LD 197 -99.72 -30.79 105.50
N ILE LD 198 -99.95 -30.90 104.21
CA ILE LD 198 -101.07 -30.22 103.58
C ILE LD 198 -102.10 -31.26 103.23
N ALA LD 199 -103.36 -30.89 103.39
CA ALA LD 199 -104.46 -31.82 103.23
C ALA LD 199 -104.56 -32.27 101.81
N ALA LD 200 -104.47 -33.59 101.63
CA ALA LD 200 -104.34 -34.19 100.33
C ALA LD 200 -105.55 -33.97 99.45
N LYS LD 201 -106.66 -33.56 100.01
CA LYS LD 201 -107.78 -33.20 99.18
C LYS LD 201 -107.81 -31.72 98.89
N ARG LD 202 -106.84 -30.95 99.38
CA ARG LD 202 -106.65 -29.62 98.82
C ARG LD 202 -105.78 -29.64 97.57
N LEU LD 203 -105.23 -30.79 97.21
CA LEU LD 203 -104.20 -30.82 96.17
C LEU LD 203 -104.75 -31.34 94.86
N LYS LD 204 -104.30 -30.75 93.77
CA LYS LD 204 -104.55 -31.33 92.45
C LYS LD 204 -103.41 -30.95 91.51
N ALA LD 205 -102.94 -31.94 90.76
CA ALA LD 205 -101.72 -31.83 89.99
C ALA LD 205 -101.93 -32.27 88.57
N GLU LD 206 -101.15 -31.68 87.67
CA GLU LD 206 -101.04 -32.20 86.32
C GLU LD 206 -99.72 -31.78 85.73
N GLY LD 207 -99.02 -32.74 85.13
CA GLY LD 207 -97.79 -32.44 84.46
C GLY LD 207 -98.02 -32.40 82.96
N TYR LD 208 -98.11 -31.19 82.46
CA TYR LD 208 -98.27 -30.97 81.03
C TYR LD 208 -96.92 -31.06 80.37
N GLY LD 209 -96.81 -31.98 79.44
CA GLY LD 209 -95.65 -32.05 78.61
C GLY LD 209 -95.74 -30.95 77.57
N ASP LD 210 -95.37 -29.74 77.99
CA ASP LD 210 -95.10 -28.55 77.16
C ASP LD 210 -96.25 -28.09 76.29
N LYS LD 211 -97.47 -28.55 76.51
CA LYS LD 211 -98.56 -28.12 75.63
C LYS LD 211 -99.03 -26.71 75.94
N ASN LD 212 -98.30 -25.98 76.78
CA ASN LD 212 -98.65 -24.65 77.23
C ASN LD 212 -97.63 -23.60 76.86
N ALA LD 213 -96.39 -23.74 77.33
CA ALA LD 213 -95.22 -23.01 76.85
C ALA LD 213 -95.36 -21.49 77.03
N ILE LD 214 -95.24 -21.06 78.28
CA ILE LD 214 -95.17 -19.63 78.63
C ILE LD 214 -94.03 -18.91 77.91
N SER LD 215 -92.99 -19.62 77.51
CA SER LD 215 -92.08 -19.07 76.56
C SER LD 215 -92.08 -19.96 75.35
N ASP LD 216 -91.17 -19.69 74.42
CA ASP LD 216 -90.95 -20.62 73.34
C ASP LD 216 -90.14 -21.82 73.81
N ASN LD 217 -89.82 -22.69 72.87
CA ASN LD 217 -88.76 -23.64 73.08
C ASN LD 217 -87.64 -23.50 72.09
N ALA LD 218 -87.86 -22.81 70.98
CA ALA LD 218 -86.89 -22.74 69.91
C ALA LD 218 -85.69 -21.89 70.27
N ILE LD 219 -85.73 -21.17 71.38
CA ILE LD 219 -84.54 -20.52 71.86
C ILE LD 219 -84.31 -21.04 73.28
N ILE LD 220 -83.08 -20.90 73.71
CA ILE LD 220 -82.54 -21.72 74.76
C ILE LD 220 -82.94 -21.16 76.11
N HIS LD 221 -82.72 -19.88 76.30
CA HIS LD 221 -83.22 -19.19 77.48
C HIS LD 221 -84.72 -19.32 77.60
N GLY LD 222 -85.41 -19.33 76.46
CA GLY LD 222 -86.84 -19.55 76.48
C GLY LD 222 -87.22 -20.93 76.96
N SER LD 223 -86.49 -21.95 76.52
CA SER LD 223 -86.76 -23.29 76.99
C SER LD 223 -86.43 -23.44 78.46
N ALA LD 224 -85.42 -22.69 78.90
CA ALA LD 224 -85.06 -22.64 80.31
C ALA LD 224 -86.19 -22.08 81.12
N GLN LD 225 -86.82 -21.05 80.58
CA GLN LD 225 -88.02 -20.55 81.20
C GLN LD 225 -89.16 -21.52 81.05
N ASN LD 226 -89.13 -22.36 80.02
CA ASN LD 226 -90.23 -23.27 79.78
C ASN LD 226 -90.31 -24.40 80.79
N ARG LD 227 -89.19 -24.90 81.27
CA ARG LD 227 -89.28 -26.02 82.20
C ARG LD 227 -89.55 -25.51 83.61
N ARG LD 228 -90.78 -25.70 84.07
CA ARG LD 228 -91.32 -24.93 85.17
C ARG LD 228 -92.40 -25.75 85.84
N ILE LD 229 -92.89 -25.25 86.97
CA ILE LD 229 -94.03 -25.84 87.64
C ILE LD 229 -94.96 -24.70 87.98
N GLU LD 230 -96.25 -24.90 87.73
CA GLU LD 230 -97.29 -23.96 88.09
C GLU LD 230 -97.84 -24.34 89.45
N ILE LD 231 -98.16 -23.34 90.26
CA ILE LD 231 -98.89 -23.55 91.48
C ILE LD 231 -99.98 -22.49 91.52
N GLN LD 232 -101.14 -22.81 91.00
CA GLN LD 232 -102.29 -21.97 91.22
C GLN LD 232 -102.90 -22.38 92.54
N TRP LD 233 -103.28 -21.42 93.34
CA TRP LD 233 -104.27 -21.68 94.36
C TRP LD 233 -105.09 -20.43 94.56
N PHE LD 234 -106.28 -20.63 95.07
CA PHE LD 234 -107.23 -19.57 95.14
C PHE LD 234 -107.05 -18.91 96.48
N ARG MD 99 -112.89 41.97 74.57
CA ARG MD 99 -111.88 41.03 75.10
C ARG MD 99 -112.28 39.57 74.90
N ASP MD 100 -113.59 39.31 74.78
CA ASP MD 100 -114.13 38.01 74.43
C ASP MD 100 -115.34 38.17 73.53
N SER MD 101 -115.43 39.28 72.83
CA SER MD 101 -116.60 39.63 72.07
C SER MD 101 -116.60 38.91 70.73
N LYS MD 102 -117.50 39.33 69.85
CA LYS MD 102 -117.58 38.76 68.51
C LYS MD 102 -116.30 38.93 67.73
N ARG MD 103 -115.70 40.13 67.78
CA ARG MD 103 -114.46 40.34 67.07
C ARG MD 103 -113.35 39.52 67.68
N LYS MD 104 -113.41 39.34 68.99
CA LYS MD 104 -112.37 38.56 69.64
C LYS MD 104 -112.44 37.11 69.23
N ILE MD 105 -113.65 36.57 69.24
CA ILE MD 105 -113.78 35.16 68.96
C ILE MD 105 -113.58 34.88 67.50
N ILE MD 106 -113.86 35.83 66.62
CA ILE MD 106 -113.42 35.57 65.26
C ILE MD 106 -111.93 35.78 65.08
N ARG MD 107 -111.31 36.65 65.89
CA ARG MD 107 -109.86 36.82 65.80
C ARG MD 107 -109.12 35.55 66.15
N ASP MD 108 -109.42 35.01 67.31
CA ASP MD 108 -108.75 33.77 67.61
C ASP MD 108 -109.36 32.57 66.92
N LEU MD 109 -110.55 32.74 66.32
CA LEU MD 109 -111.01 31.75 65.35
C LEU MD 109 -110.07 31.63 64.18
N GLN MD 110 -109.68 32.74 63.59
CA GLN MD 110 -108.75 32.61 62.48
C GLN MD 110 -107.35 32.35 62.96
N LYS MD 111 -107.06 32.60 64.24
CA LYS MD 111 -105.87 32.00 64.82
C LYS MD 111 -105.96 30.49 64.78
N GLN MD 112 -107.15 29.96 65.02
CA GLN MD 112 -107.42 28.55 64.80
C GLN MD 112 -107.95 28.31 63.40
N ASP MD 113 -107.71 29.28 62.50
CA ASP MD 113 -107.91 29.26 61.04
C ASP MD 113 -109.10 28.46 60.56
N ILE MD 114 -110.26 28.72 61.09
CA ILE MD 114 -111.45 28.14 60.51
C ILE MD 114 -112.12 29.25 59.76
N GLN MD 115 -112.25 29.10 58.46
CA GLN MD 115 -112.40 30.29 57.64
C GLN MD 115 -113.78 30.89 57.80
N TYR MD 116 -113.77 32.11 58.34
CA TYR MD 116 -115.00 32.74 58.77
C TYR MD 116 -115.39 33.75 57.72
N VAL MD 117 -116.65 33.69 57.33
CA VAL MD 117 -117.22 34.63 56.39
C VAL MD 117 -118.28 35.39 57.13
N GLU MD 118 -118.07 36.69 57.31
CA GLU MD 118 -119.21 37.57 57.54
C GLU MD 118 -119.44 38.40 56.28
N TYR MD 119 -120.66 38.35 55.82
CA TYR MD 119 -121.10 38.90 54.54
C TYR MD 119 -122.62 38.87 54.67
N GLY MD 120 -123.25 39.99 54.34
CA GLY MD 120 -124.69 40.05 54.23
C GLY MD 120 -125.31 39.72 55.56
N ASP MD 121 -126.23 38.78 55.56
CA ASP MD 121 -126.47 38.05 56.77
C ASP MD 121 -125.83 36.67 56.73
N THR MD 122 -125.64 36.12 55.53
CA THR MD 122 -125.27 34.72 55.43
C THR MD 122 -123.80 34.57 55.79
N ARG MD 123 -123.56 34.16 57.00
CA ARG MD 123 -122.23 33.91 57.47
C ARG MD 123 -121.92 32.47 57.18
N THR MD 124 -120.68 32.23 56.80
CA THR MD 124 -120.30 30.94 56.26
C THR MD 124 -119.00 30.50 56.88
N LEU MD 125 -118.98 29.28 57.34
CA LEU MD 125 -117.75 28.73 57.88
C LEU MD 125 -117.20 27.64 57.01
N ILE MD 126 -115.91 27.72 56.78
CA ILE MD 126 -115.24 26.78 55.92
C ILE MD 126 -114.27 26.00 56.77
N ILE MD 127 -114.32 24.70 56.61
CA ILE MD 127 -113.70 23.81 57.58
C ILE MD 127 -112.74 22.90 56.85
N PRO MD 128 -111.46 22.96 57.21
CA PRO MD 128 -110.52 21.94 56.81
C PRO MD 128 -110.91 20.62 57.45
N THR MD 129 -111.60 19.81 56.66
CA THR MD 129 -112.04 18.49 57.06
C THR MD 129 -110.94 17.63 57.62
N ASP MD 130 -109.78 17.72 57.00
CA ASP MD 130 -108.65 16.88 57.33
C ASP MD 130 -108.25 17.03 58.79
N LYS MD 131 -107.86 18.21 59.22
CA LYS MD 131 -107.42 18.33 60.58
C LYS MD 131 -108.57 18.56 61.51
N TYR MD 132 -109.78 18.65 60.99
CA TYR MD 132 -110.94 18.48 61.85
C TYR MD 132 -111.58 17.14 61.65
N PHE MD 133 -110.77 16.14 61.36
CA PHE MD 133 -111.23 14.77 61.37
C PHE MD 133 -110.08 13.88 61.71
N MET MD 134 -110.38 12.65 62.05
CA MET MD 134 -109.43 11.64 61.66
C MET MD 134 -109.62 11.29 60.19
N PHE MD 135 -108.51 10.93 59.57
CA PHE MD 135 -108.41 10.75 58.13
C PHE MD 135 -109.38 9.71 57.61
N SER MD 136 -110.05 10.06 56.50
CA SER MD 136 -110.89 9.16 55.69
C SER MD 136 -112.00 8.55 56.52
N SER MD 137 -112.40 9.29 57.54
CA SER MD 137 -113.20 8.72 58.59
C SER MD 137 -114.31 9.69 58.85
N PRO MD 138 -115.45 9.21 59.29
CA PRO MD 138 -116.40 10.11 59.94
C PRO MD 138 -115.97 10.58 61.32
N ARG MD 139 -114.84 10.13 61.85
CA ARG MD 139 -114.57 10.43 63.25
C ARG MD 139 -113.87 11.76 63.39
N LEU MD 140 -114.53 12.65 64.10
CA LEU MD 140 -114.08 14.01 64.34
C LEU MD 140 -112.76 14.02 65.06
N ASN MD 141 -111.88 14.89 64.59
CA ASN MD 141 -110.65 15.09 65.29
C ASN MD 141 -110.96 15.82 66.57
N GLU MD 142 -111.21 15.05 67.61
CA GLU MD 142 -111.60 15.64 68.88
C GLU MD 142 -110.47 16.36 69.58
N ILE MD 143 -109.24 16.26 69.12
CA ILE MD 143 -108.18 17.08 69.72
C ILE MD 143 -108.42 18.56 69.40
N CYS MD 144 -109.16 18.84 68.35
CA CYS MD 144 -109.33 20.23 67.93
C CYS MD 144 -110.53 20.87 68.59
N TYR MD 145 -110.71 20.56 69.87
CA TYR MD 145 -111.87 21.03 70.61
C TYR MD 145 -112.02 22.56 70.75
N PRO MD 146 -110.99 23.37 71.11
CA PRO MD 146 -111.29 24.72 71.60
C PRO MD 146 -111.84 25.63 70.53
N GLY MD 147 -111.39 25.42 69.30
CA GLY MD 147 -112.00 26.07 68.17
C GLY MD 147 -113.45 25.72 68.04
N LEU MD 148 -113.80 24.45 68.22
CA LEU MD 148 -115.18 24.02 68.06
C LEU MD 148 -116.08 24.59 69.13
N ASN MD 149 -115.52 24.71 70.33
CA ASN MD 149 -116.22 25.41 71.39
C ASN MD 149 -116.52 26.84 70.99
N ASN MD 150 -115.53 27.46 70.40
CA ASN MD 150 -115.71 28.83 70.00
C ASN MD 150 -116.59 28.95 68.76
N VAL MD 151 -116.62 27.90 67.95
CA VAL MD 151 -117.57 27.78 66.85
C VAL MD 151 -118.96 27.90 67.37
N ILE MD 152 -119.26 27.13 68.40
CA ILE MD 152 -120.63 27.16 68.87
C ILE MD 152 -120.88 28.46 69.60
N ARG MD 153 -119.84 29.00 70.24
CA ARG MD 153 -119.91 30.27 70.94
C ARG MD 153 -120.30 31.40 70.03
N LEU MD 154 -119.67 31.48 68.87
CA LEU MD 154 -120.03 32.50 67.92
C LEU MD 154 -121.34 32.18 67.24
N LEU MD 155 -121.60 30.90 66.99
CA LEU MD 155 -122.80 30.48 66.29
C LEU MD 155 -124.06 30.82 67.06
N ASN MD 156 -123.95 30.88 68.37
CA ASN MD 156 -125.10 31.23 69.17
C ASN MD 156 -125.49 32.69 69.03
N PHE MD 157 -124.61 33.50 68.46
CA PHE MD 157 -124.94 34.89 68.25
C PHE MD 157 -125.91 35.06 67.10
N TYR MD 158 -126.22 34.00 66.37
CA TYR MD 158 -127.23 34.04 65.31
C TYR MD 158 -128.19 32.89 65.55
N PRO MD 159 -128.88 32.90 66.68
CA PRO MD 159 -129.50 31.68 67.17
C PRO MD 159 -130.86 31.39 66.56
N GLN MD 160 -131.18 31.95 65.42
CA GLN MD 160 -132.43 31.64 64.78
C GLN MD 160 -132.23 31.22 63.36
N SER MD 161 -131.15 31.64 62.76
CA SER MD 161 -130.87 31.36 61.37
C SER MD 161 -130.70 29.89 61.09
N THR MD 162 -131.35 29.47 60.03
CA THR MD 162 -131.14 28.12 59.57
C THR MD 162 -129.89 28.03 58.71
N ILE MD 163 -129.35 26.82 58.64
CA ILE MD 163 -127.95 26.61 58.31
C ILE MD 163 -127.84 25.57 57.21
N TYR MD 164 -127.38 25.99 56.03
CA TYR MD 164 -126.72 25.08 55.10
C TYR MD 164 -125.39 24.67 55.69
N VAL MD 165 -125.06 23.39 55.62
CA VAL MD 165 -123.69 22.93 55.76
C VAL MD 165 -123.40 21.92 54.68
N ALA MD 166 -122.12 21.78 54.33
CA ALA MD 166 -121.78 21.03 53.14
C ALA MD 166 -120.40 20.40 53.23
N GLY MD 167 -120.36 19.12 52.95
CA GLY MD 167 -119.14 18.33 53.03
C GLY MD 167 -118.46 18.30 51.68
N PHE MD 168 -117.14 18.23 51.68
CA PHE MD 168 -116.43 18.35 50.42
C PHE MD 168 -115.18 17.49 50.37
N THR MD 169 -114.92 17.02 49.17
CA THR MD 169 -113.92 16.00 48.96
C THR MD 169 -112.90 16.57 48.00
N ASP MD 170 -112.09 15.69 47.45
CA ASP MD 170 -111.46 16.02 46.18
C ASP MD 170 -111.73 14.91 45.19
N ASN MD 171 -111.04 15.01 44.07
CA ASN MD 171 -111.29 14.41 42.76
C ASN MD 171 -111.13 12.91 42.71
N VAL MD 172 -111.00 12.23 43.82
CA VAL MD 172 -110.40 10.91 43.80
C VAL MD 172 -111.43 9.83 44.12
N GLY MD 173 -111.20 8.64 43.61
CA GLY MD 173 -112.08 7.53 43.89
C GLY MD 173 -113.39 7.62 43.15
N SER MD 174 -114.31 6.73 43.51
CA SER MD 174 -115.62 6.75 42.88
C SER MD 174 -116.39 7.99 43.25
N ARG MD 175 -117.22 8.41 42.31
CA ARG MD 175 -118.18 9.46 42.59
C ARG MD 175 -119.10 9.03 43.72
N SER MD 176 -119.46 7.74 43.72
CA SER MD 176 -120.31 7.17 44.73
C SER MD 176 -119.62 7.24 46.06
N HIS MD 177 -118.33 6.90 46.05
CA HIS MD 177 -117.51 7.10 47.22
C HIS MD 177 -117.50 8.50 47.75
N LYS MD 178 -117.20 9.46 46.88
CA LYS MD 178 -116.98 10.82 47.32
C LYS MD 178 -118.22 11.39 47.92
N ARG MD 179 -119.33 11.14 47.22
CA ARG MD 179 -120.67 11.27 47.75
C ARG MD 179 -120.77 10.70 49.15
N LYS MD 180 -120.47 9.42 49.31
CA LYS MD 180 -120.81 8.75 50.54
C LYS MD 180 -120.00 9.25 51.71
N LEU MD 181 -118.72 9.44 51.49
CA LEU MD 181 -117.85 9.89 52.56
C LEU MD 181 -118.21 11.31 52.95
N SER MD 182 -118.54 12.12 51.96
CA SER MD 182 -118.94 13.47 52.26
C SER MD 182 -120.23 13.51 53.05
N GLN MD 183 -121.15 12.57 52.78
CA GLN MD 183 -122.34 12.55 53.61
C GLN MD 183 -122.04 12.10 55.00
N ALA MD 184 -121.05 11.23 55.15
CA ALA MD 184 -120.67 10.84 56.50
C ALA MD 184 -120.15 12.04 57.27
N GLN MD 185 -119.33 12.83 56.63
CA GLN MD 185 -118.71 13.98 57.25
C GLN MD 185 -119.74 15.03 57.54
N ALA MD 186 -120.66 15.17 56.62
CA ALA MD 186 -121.77 16.07 56.80
C ALA MD 186 -122.58 15.68 58.01
N GLU MD 187 -122.93 14.40 58.11
CA GLU MD 187 -123.84 13.99 59.16
C GLU MD 187 -123.16 14.13 60.49
N THR MD 188 -121.88 13.85 60.55
CA THR MD 188 -121.27 13.95 61.86
C THR MD 188 -121.13 15.38 62.31
N MET MD 189 -120.94 16.32 61.40
CA MET MD 189 -120.87 17.65 61.96
C MET MD 189 -122.24 18.20 62.27
N MET MD 190 -123.24 17.79 61.54
CA MET MD 190 -124.54 18.32 61.89
C MET MD 190 -125.08 17.67 63.16
N THR MD 191 -124.83 16.39 63.35
CA THR MD 191 -125.17 15.77 64.61
C THR MD 191 -124.35 16.34 65.72
N PHE MD 192 -123.12 16.72 65.41
CA PHE MD 192 -122.35 17.49 66.35
C PHE MD 192 -123.08 18.73 66.75
N LEU MD 193 -123.69 19.41 65.79
CA LEU MD 193 -124.48 20.59 66.13
C LEU MD 193 -125.74 20.28 66.92
N TRP MD 194 -126.47 19.27 66.49
CA TRP MD 194 -127.70 18.91 67.16
C TRP MD 194 -127.42 18.43 68.56
N ALA MD 195 -126.24 17.88 68.76
CA ALA MD 195 -125.66 17.66 70.05
C ALA MD 195 -125.17 18.92 70.70
N ASN MD 196 -124.76 19.93 69.96
CA ASN MD 196 -124.38 21.17 70.59
C ASN MD 196 -125.59 21.86 71.17
N GLY MD 197 -126.77 21.48 70.72
CA GLY MD 197 -127.96 21.94 71.36
C GLY MD 197 -128.60 22.93 70.42
N ILE MD 198 -128.51 22.64 69.15
CA ILE MD 198 -129.11 23.49 68.13
C ILE MD 198 -130.30 22.74 67.57
N ALA MD 199 -131.35 23.51 67.30
CA ALA MD 199 -132.62 22.94 66.89
C ALA MD 199 -132.49 22.26 65.57
N ALA MD 200 -132.83 20.98 65.56
CA ALA MD 200 -132.57 20.10 64.44
C ALA MD 200 -133.36 20.48 63.21
N LYS MD 201 -134.37 21.33 63.34
CA LYS MD 201 -135.02 21.83 62.16
C LYS MD 201 -134.44 23.16 61.72
N ARG MD 202 -133.43 23.68 62.41
CA ARG MD 202 -132.66 24.74 61.82
C ARG MD 202 -131.56 24.20 60.91
N LEU MD 203 -131.35 22.89 60.86
CA LEU MD 203 -130.18 22.34 60.22
C LEU MD 203 -130.51 21.75 58.87
N LYS MD 204 -129.60 21.94 57.91
CA LYS MD 204 -129.68 21.20 56.65
C LYS MD 204 -128.28 21.02 56.10
N ALA MD 205 -128.00 19.80 55.64
CA ALA MD 205 -126.66 19.38 55.29
C ALA MD 205 -126.64 18.73 53.93
N GLU MD 206 -125.48 18.86 53.27
CA GLU MD 206 -125.21 18.07 52.08
C GLU MD 206 -123.72 17.94 51.91
N GLY MD 207 -123.28 16.72 51.66
CA GLY MD 207 -121.88 16.47 51.39
C GLY MD 207 -121.69 16.28 49.90
N TYR MD 208 -121.21 17.32 49.26
CA TYR MD 208 -120.90 17.28 47.86
C TYR MD 208 -119.54 16.66 47.67
N GLY MD 209 -119.52 15.58 46.92
CA GLY MD 209 -118.27 14.98 46.52
C GLY MD 209 -117.70 15.83 45.40
N ASP MD 210 -117.05 16.92 45.78
CA ASP MD 210 -116.18 17.78 44.97
C ASP MD 210 -116.82 18.38 43.72
N LYS MD 211 -118.13 18.37 43.59
CA LYS MD 211 -118.72 18.91 42.37
C LYS MD 211 -118.75 20.43 42.38
N ASN MD 212 -118.05 21.06 43.31
CA ASN MD 212 -118.02 22.50 43.49
C ASN MD 212 -116.64 23.09 43.35
N ALA MD 213 -115.69 22.68 44.22
CA ALA MD 213 -114.26 22.90 44.05
C ALA MD 213 -113.90 24.39 44.01
N ILE MD 214 -113.96 25.03 45.19
CA ILE MD 214 -113.49 26.40 45.38
C ILE MD 214 -112.03 26.58 45.00
N SER MD 215 -111.25 25.52 45.02
CA SER MD 215 -109.97 25.56 44.36
C SER MD 215 -109.97 24.48 43.31
N ASP MD 216 -108.82 24.27 42.70
CA ASP MD 216 -108.66 23.11 41.85
C ASP MD 216 -108.47 21.85 42.68
N ASN MD 217 -108.24 20.75 41.98
CA ASN MD 217 -107.68 19.59 42.62
C ASN MD 217 -106.36 19.16 42.03
N ALA MD 218 -106.03 19.65 40.84
CA ALA MD 218 -104.85 19.20 40.13
C ALA MD 218 -103.56 19.71 40.76
N ILE MD 219 -103.64 20.62 41.72
CA ILE MD 219 -102.47 20.96 42.49
C ILE MD 219 -102.82 20.69 43.94
N ILE MD 220 -101.78 20.54 44.73
CA ILE MD 220 -101.86 19.84 45.98
C ILE MD 220 -102.38 20.74 47.06
N HIS MD 221 -101.78 21.92 47.18
CA HIS MD 221 -102.30 22.95 48.05
C HIS MD 221 -103.73 23.31 47.71
N GLY MD 222 -104.05 23.26 46.42
CA GLY MD 222 -105.42 23.50 46.01
C GLY MD 222 -106.38 22.44 46.47
N SER MD 223 -105.96 21.18 46.40
CA SER MD 223 -106.80 20.11 46.90
C SER MD 223 -106.94 20.18 48.41
N ALA MD 224 -105.88 20.65 49.07
CA ALA MD 224 -105.91 20.88 50.51
C ALA MD 224 -106.95 21.92 50.85
N GLN MD 225 -107.01 22.95 50.04
CA GLN MD 225 -108.07 23.91 50.18
C GLN MD 225 -109.41 23.32 49.78
N ASN MD 226 -109.40 22.32 48.90
CA ASN MD 226 -110.65 21.75 48.42
C ASN MD 226 -111.38 20.94 49.47
N ARG MD 227 -110.67 20.23 50.32
CA ARG MD 227 -111.39 19.40 51.30
C ARG MD 227 -111.83 20.25 52.49
N ARG MD 228 -113.12 20.55 52.55
CA ARG MD 228 -113.62 21.65 53.34
C ARG MD 228 -115.07 21.36 53.70
N ILE MD 229 -115.63 22.19 54.56
CA ILE MD 229 -117.03 22.13 54.89
C ILE MD 229 -117.55 23.55 54.80
N GLU MD 230 -118.71 23.70 54.18
CA GLU MD 230 -119.43 24.96 54.08
C GLU MD 230 -120.42 25.06 55.22
N ILE MD 231 -120.56 26.25 55.78
CA ILE MD 231 -121.62 26.53 56.72
C ILE MD 231 -122.22 27.85 56.30
N GLN MD 232 -123.24 27.80 55.48
CA GLN MD 232 -124.04 28.98 55.22
C GLN MD 232 -125.08 29.05 56.32
N TRP MD 233 -125.30 30.24 56.85
CA TRP MD 233 -126.54 30.50 57.52
C TRP MD 233 -126.89 31.95 57.33
N PHE MD 234 -128.17 32.22 57.44
CA PHE MD 234 -128.68 33.52 57.10
C PHE MD 234 -128.64 34.35 58.35
#